data_6QZP
#
_entry.id   6QZP
#
_cell.length_a   1
_cell.length_b   1
_cell.length_c   1
_cell.angle_alpha   90
_cell.angle_beta   90
_cell.angle_gamma   90
#
_symmetry.space_group_name_H-M   'P 1'
#
loop_
_entity.id
_entity.type
_entity.pdbx_description
1 polymer '28S rRNA (3773-MER)'
2 polymer '5S rRNA (120-MER)'
3 polymer '5.8S rRNA (156-MER)'
4 polymer '60S ribosomal protein L8'
5 polymer '60S ribosomal protein L3'
6 polymer '60S ribosomal protein L4'
7 polymer '60S ribosomal protein L5'
8 polymer '60S ribosomal protein L6'
9 polymer '60S ribosomal protein L7'
10 polymer '60S ribosomal protein L7a'
11 polymer '60S ribosomal protein L9'
12 polymer '60S ribosomal protein L10-like'
13 polymer '60S ribosomal protein L11'
14 polymer '60S ribosomal protein L13'
15 polymer '60S ribosomal protein L14'
16 polymer '60S ribosomal protein L15'
17 polymer '60S ribosomal protein L13a'
18 polymer '60S ribosomal protein L17'
19 polymer '60S ribosomal protein L18'
20 polymer '60S ribosomal protein L19'
21 polymer '60S ribosomal protein L18a'
22 polymer '60S ribosomal protein L21'
23 polymer '60S ribosomal protein L22'
24 polymer '60S ribosomal protein L23'
25 polymer '60S ribosomal protein L24'
26 polymer '60S ribosomal protein L23a'
27 polymer '60S ribosomal protein L26'
28 polymer '60S ribosomal protein L27'
29 polymer '60S ribosomal protein L27a'
30 polymer '60S ribosomal protein L29'
31 polymer '60S ribosomal protein L30'
32 polymer '60S ribosomal protein L31'
33 polymer '60S ribosomal protein L32'
34 polymer '60S ribosomal protein L35a'
35 polymer '60S ribosomal protein L34'
36 polymer '60S ribosomal protein L35'
37 polymer '60S ribosomal protein L36'
38 polymer '60S ribosomal protein L37'
39 polymer '60S ribosomal protein L38'
40 polymer '60S ribosomal protein L39'
41 polymer 'Ubiquitin-60S ribosomal protein L40'
42 polymer '60S ribosomal protein L41'
43 polymer '60S ribosomal protein L36a'
44 polymer '60S ribosomal protein L37a'
45 polymer '60S ribosomal protein L28'
46 polymer '60S ribosomal protein L10a'
47 polymer '18S rRNA (1740-MER)'
48 polymer 'E site tRNA (75-MER)'
49 polymer '40S ribosomal protein SA'
50 polymer '40S ribosomal protein S3a'
51 polymer '40S ribosomal protein S3'
52 polymer '40S ribosomal protein S4, X isoform'
53 polymer '40S ribosomal protein S5'
54 polymer '40S ribosomal protein S7'
55 polymer '40S ribosomal protein S8'
56 polymer '40S ribosomal protein S10'
57 polymer '40S ribosomal protein S11'
58 polymer '40S ribosomal protein S15'
59 polymer '40S ribosomal protein S16'
60 polymer '40S ribosomal protein S17'
61 polymer '40S ribosomal protein S18'
62 polymer '40S ribosomal protein S19'
63 polymer '40S ribosomal protein S20'
64 polymer '40S ribosomal protein S21'
65 polymer '40S ribosomal protein S23'
66 polymer '40S ribosomal protein S26'
67 polymer '40S ribosomal protein S28'
68 polymer '40S ribosomal protein S29'
69 polymer 'Receptor of activated protein C kinase 1'
70 polymer '40S ribosomal protein S2'
71 polymer '40S ribosomal protein S6'
72 polymer '40S ribosomal protein S9'
73 polymer '40S ribosomal protein S12'
74 polymer '40S ribosomal protein S13'
75 polymer '40S ribosomal protein S14'
76 polymer '40S ribosomal protein S15a'
77 polymer '40S ribosomal protein S24'
78 polymer '40S ribosomal protein S25'
79 polymer '40S ribosomal protein S27'
80 polymer '40S ribosomal protein S30'
81 polymer 'Ubiquitin-40S ribosomal protein S27a'
82 non-polymer 'MAGNESIUM ION'
83 non-polymer (3beta)-O~3~-[(2R)-2,6-dihydroxy-2-(2-methoxy-2-oxoethyl)-6-methylheptanoyl]cephalotaxine
84 non-polymer 'ZINC ION'
85 non-polymer 'HYGROMYCIN B'
86 water water
#
loop_
_entity_poly.entity_id
_entity_poly.type
_entity_poly.pdbx_seq_one_letter_code
_entity_poly.pdbx_strand_id
1 'polyribonucleotide'
;CGCGACCUCAGAUCAGACGUGGCGACCCGCUGAAUUUAAGCAUAUUAGUCAGCGGAGGAGAAGAAACUAACCAGGAUUCC
CUCAGUAACGGCGAGUGAACAGGGAAGAGCCCAGCGCCGAAUCCCCGCCCCGCGGCGGGGCGCGGGACAUGUGGCGUACG
GAAGACCCGCUCCCCGGCGCCGCUCGUGGGGGGCCCAAGUCCUUCUGAUCGAGGCCCAGCCCGUGGACGGUGUGAGGCCG
GUAGCGGCCCCCGGCGCGCCGGGCCCGGGUCUUCCCGGAGUCGGGUUGCUUGGGAAUGCAGCCCAAAGCGGGUGGUAAAC
UCCAUCUAAGGCUAAAUACCGGCACGAGACCGAUAGUCAACAAGUACCGUAA(OMG)GGAAAGUUGAAAAGAACUUUGAA
G(A2M)GAGAGUUCAAGAGGGCGUGAAACCGUUAAGAGGUAAACGGGUGGGGUCCGCGCAGUCCGCCCGGAGGAUUCAAC
CCGGCGGCGGGUCCGGCCGUGUCGGCGGCCCGGCGGAUCUUUCCCGCGCGGGGGACCGUCCCCCGACCGGCGACCGGCCG
CCGCCGGGCGCAUUUCCACCGCGGCGGUGCGCCGCGACCGGCUCCGGGACGGCU(2MG)GGAAGGCCCGGCGGGGAAGGU
GGCUCGGGGGCCCCCGAGUGUUACAGCCCCCCCGGCAGCAGCACUCGCCGAAUCCCGGGGCCGAGGGAGCGAGACCCGUC
GCCGC(2MG)CUCUCCCCCCUCCCGGCGCGCCGGGGGGGGCCGGGCCACCCCUCCCACGGCGCGACCGCUCGGGGCGGAC
UGUCCCCAGUGCGCCCCGGGCGGGUCGCGCCGUCGGGCCCGGGGGAGGCCACGCGCGCGUCCCCCGAAGAGGGGGACGGC
GGAGCGAGCGCACGGGGUCGGCGGCGACGUCGGCUACCCACCCGACCC(OMG)UCUUG(1MA)AAC(A2M)CGGACCAAG
GAGUCUAACACGUGCGCGAGUCGGGGGCUCGCACGAAAGCCGCCGUGGCGCAAUGAAGGUGAAGGCCGGCGCGCUCGCCG
GCCGAGGUGGGAUCCCGAGGCCUCUCCAGUCCGCCGAGGG(JMH)GCACCACCGGCCCGUCUCGCCCGCCGCGCCGGGGA
GGUGGAGCACGAGCGCACGUGUUAG(2MG)ACCC(OMG)A(A2M)AGAUGGUGA(A2M)CUAUGCCUGGGCAGGGCGAAG
CCAGAGGAAACUCUGGUGGAGGUCCG(PSU)AGCGGUCCUGACGUGCAAAUCGGUCGUCCGACCUGGGUAUAG(OMG)GG
CGAAAGACUAAUCGAACCAUCUAGUAGCUGGUUCCCUCCGAAGUUUCCC(PSU)CAGGA(PSU)AGCUGGCGCUCUCGCA
GACCCGACGCCCGCCACGCAGUUUUAUCCGGUAAAGCGAAUGAUUAGAGGUCUUGGGGCCGAAACGAUCUCAACCUAUUC
UCAAACUUUAAAUGGGUAAGAAGCCCGGCUCGCUGGCGUGGAGCCGGGCGUGGAAUGCGAGUGCCUAGUGGGCCAC
(B8H)UUUGG(UR3)AAGC(A2M)GAACUGGCGCU(OMG)CGGGAUGAACCGAACGCCGGGUUAAGGCGCCCGAUGCCGA
CGCUCAUCAGACCCCAGAAAAGGUGUUGGUUGAUAUAGACAGCAGGACGGUGGCCAUGGAAGUCGGAAUCCGCUAAGGAG
UGUGUAACAACUCACCUGCCGAAUCAACUAGCCCUGAAAAUGGAUG(OMG)CGCUGGAGCGUCGGGCCCAUACCCGGCCG
UCGCCGGCAGUCGAGAGUGGACGGGAGCGGCGGGCCGGAGCCCCGCGGACGCUACGCCGCGACGAGUAGGAGGGCCGCUG
CGGUGAGCCUUGAAGCCUAGGGCGCGGGCCCGGGUGGAGCCGCCGCAGGUGCAGAUCUUGGUGGUAGU(A2M)(OMG)
(OMC)AAAUAUUCAAACGAGAACUUUGAAGGCCGAAGUGG(A2M)GAAGGGUUCCAUGUGAACAG(OMC)A(OMG)UUGA
ACAUGGGUCAGUCGGUCCUGAGAGAUGGGCGAGCGCCGUUCCGAAGGGACGGGCGAUGGCCUCCGUUGCCCUCGGCCGA
(PSU)CGAAAGGGAGUCGGGUUCAGAUCCCCGAAUCCGGAGUGGCGGAGAUGGGCGCCGCGAGGCGUCCAGUGCGGUAAC
GCGACCGAUCCCGGAGAAGCCGGCGGGAGCCCCGGGGAGAGUUCUCUUUUCUUUGUGAAGGGCAGGGCGCCCUGGAAUGG
GUUCGCCCCGAGAGAGGGGCCCGUGCCUUGGAAAGCGUCGCGGUUCCGGCGGCGUCCGGUGAGCUCUCGCUGGCCCUUGA
AAAUCCGGGGGAGAGGGUGUAAAUCUCGC(OMG)CCGGGCCGUACCCAUAUCCGCAGCAGGUCU(OMC)CAAGGUGAACA
GCCUCUGGCAUGUUGGAACAAUGUAGGUAAGGGAAGUCGGCAAGC(OMC)GGAUCCGUAACUUCGGGAUAAGGAUUGGCU
CUAAGGGCUGGGUCGGUCGCGGCCGGCGCCUAGCAGCCGACUUAGAACUGGUGCGGACCAGGGGAAUCCGACUGUUUAAU
UAAAACAAAGCAUCGCGAAGGCCCGCGGCGGGUGUUGACGCGAUGUGAUUUCUGCC(OMC)AGUGCUCUGAAUG(PSU)C
A(A2M)AGUG(A2M)AGAAA(PSU)UCAAUGAAGCGCGGGUAAACGGCGGGAGUAAC(B8H)A(PSU)GACUCUCUUAAG
GUAGC(5MC)AA(A2M)UGCCUC(OMG)UCAUCUAAUUAGUGACGCGCAUGAAUGGAUGA(A2M)CGAGAUUCCCACUGU
CCCUACCUACUAUCCAGCGAAACCAC(A2M)G(OMC)CAAGGGAACGGGCUUGG(OMC)GGAAUCAGCGG(OMG)GAAAG
AAGA(OMC)CCUGUUGAGCUUGACUCUAGUCUGGCACGGUGAAGAGACAUGAGAGGUGUAGAAUAAGUGGGAGGCCCCCG
GCGCCCCCCCGGUGUCCCCGCGAGGGGCCCGGGGCGGGGUCCGCCGGCCCUGCGGGCCGCCGGUGAAAUACCACUACUCU
GAUCGUUUUUUCACUGACCCGG(5MU)GAGGCGGGGGGGCGAGCCCCGAGGGGCUCUCGCUUCUGGCGCCAAGCGCCCGG
CCGCGCGCCGGCCGGGCGCGACCCGCUCCGGGGACAGUGCCAGGUGGGGAGUUUGACUG(OMG)GGCGGUACACCUGUCA
AACGGUA(6MZ)CGCAGGUGUCCUAAGGCGAGCUCAGGGAGGACAGAAACCUCCCGUGGAGCAGAAGGGCAAAAGCUCGC
UUGA(PSU)CU(B8H)GAUUUUCAG(OMU)ACGAAUACAGACCGUGAAAGCGGGGCCU(5MC)ACGAUCCUUCUGACCUU
UUGGGUUUUAAGCAGGA(OMG)GUGUCAGAAAAGUUACCACAGGGAUAACUGGC(PSU)UGUGGCGGCCA(1MA)GCGUU
CAUAGCGACGUCGCUUUUUGA(PSU)CCUU(5MC)GA(PSU)GUCGGCUCUUCCUAUCAUUGUGAAGCAGAAUU(B8T)A
CCAAGCGUU(OMG)GAUUG(PSU)UCACCCACUAAUAGGGAACGUG(A2M)GCUGGG(UR3)(PSU)UAGA(OMC)CGUC
GUGAGACAGGUUAGUUUUACCCUACUGAUG(A2M)UGUGUUGUUGCCAUGGUAAUCCUGC(UR3)CAGUACGAGAGGAAC
CGCAGGU(OMU)CA(OMG)ACAU(PSU)UGGUGUA(PSU)(OMG)UGCUUGGCUGAGGAGCCAAUGGGGCGAAGCUAC
(B8T)AUCUGUGGGAUUAUGACUGAACGCCUCUAAGUCAGAAUCCCGCCCAGGCGGAACGAUACGGCAGCGCCGCGGAGC
CUCGGUUGGCCUCGGAUAGCCGGUCCCCCGCCGGGGUCCGGU(OMG)C(2MG)GAGUGCCCUUCGUCCUGGGAAACGGGG
CGCGGCCGGAGAGGCGGCCGCCCCCUCGCCCGUCACGCACCGCACGUUCGUGGGGAACCUGGCGCUAAACCAUUCGUAGA
CGACCUGCUUCUGGGUCGGGGUUUCGUACGUAGCAGAGCAGCUCCCUCGCUGCGAUCUAUUGAAAGUCAGCCCUCGACAC
AAGGGUUUGU
;
L5
2 'polyribonucleotide'
;GUCUACGGCCAUACCACCCUGAACGCGCCCGAUCUCGUCUGAUCUCGGAAGCUAAGCAGGGUCGGGCCUGGUUAGUACUU
GGAUGGGAGACCGCCUGGGAAUACCGGGUGCUGUAGGCUU
;
L7
3 'polyribonucleotide'
;CGACUCUUAGCGG(OMU)GGAUCACUCGGCUCGUGCGUCGAUGAAGAACGCAGCUAGCUGCGAGAAUUAAUGUGAAUUGC
AGGACACAUUGAUCAUCGACACUUCGAACGCACUUGCGGCCCCGGGUUCCUCCCGGGGCUACGCCUGUCUGAGCGUCGCU
;
L8
4 'polypeptide(L)'
;GRVIRGQRKGAGSVFRAHVKHRKGAARLRAVDFAERHGYIKGIVKDIIHDPGRGAPLAKVVFRDPYRFKKRTELFIAAEG
IHTGQFVYCGKKAQLNIGNVLPVGTMPEGTIVCCLEEKPGDRGKLARASGNYATVISHNPETKKTRVKLPSGSKKVISSA
NRAVVGVVAGGGRIDKPILKAGRAYHKYKAKRNCWPRVRGVAMNPVEHPFGGGNHQHIGKPSTIRRDAPAGRKVGLIAAR
RTGRLRGT
;
LA
5 'polypeptide(L)'
;SHRKFSAPRHGSLGFLPRKRSSRHRGKVKSFPKDDPSKPVHLTAFLGYKAGMTHIVREVDRPGSKVNKKEVVEAVTIVET
PPMVVVGIVGYVETPRGLRTFKTVFAEHISDECKRRFYKNWHKSKKKAFTKYCKKWQDEDGKKQLEKDFSSMKKYCQVIR
VIAHTQMRLLPLRQKKAHLMEIQVNGGTVAEKLDWARERLEQQVPVNQVFGQDEMIDVIGVTKGKGYKGVTSRWHTKKLP
RKTHRGLRKVACIGAWHPARVAFSVARAGQKGYHHRTEINKKIYKIGQGYLIKDGKLIKNNASTDYDLSDKSINPLGGFV
HYGEVTNDFVMLKGCVVGTKKRVLTLRKSLLVQTKRRALEKIDLKFIDTTSKFGHGRFQTMEEKKAFMGPLKKDRIAKEE
GA
;
LB
6 'polypeptide(L)'
;MACARPLISVYSEKGESSGKNVTLPAVFKAPIRPDIVNFVHTNLRKNNRQPYAVSELAGHQTSAESWGTGRAVARIPRVR
GGGTHRSGQGAFGNMCRGGRMFAPTKTWRRWHRRVNTTQKRYAICSALAASALPALVMSKGHRIEEVPELPLVVEDKVEG
YKKTKEAVLLLKKLKAWNDIKKVYASQRMRAGKGKMRNRRRIQRRGPCIIYNEDNGIIKAFRNIPGITLLNVSKLNILKL
APGGHVGRFCIWTESAFRKLDELYGTWRKAASLKSNYNLPMHKMINTDLSRILKSPEIQRALRAPRKKIHRRVLKKNPLK
NLRIMLKLNPYA(MLZ)TMRRNTILRQARNHKLRVDKAAAAAAALQAKSDEK
;
LC
7 'polypeptide(L)'
;GFVKVVKNKAYFKRYQVKFRRRREGKTDYYARKRLVIQDKNKYNTPKYRMIVRVTNRDIICQIAYARIEGDMIVCAAYAH
ELPKYGVKVGLTNYAAAYCTGLLLARRLLNRFGMDKIYEGQVEVTGDEYNVESIDGQPGAFTCYLDAGLARTTTGNKVFG
ALKGAVDGGLSIPHSTKRFPGYDSESKEFNAEVHRKHIMGQNVADYMRYLMEEDEDAYKKQFSQYIKNSVTPDMMEEMYK
KAHAAIRENPVYEKKPKKEVKKKRWNRPKMSLAQKKDRVAQKKASFLRAQERA
;
LD
8 'polypeptide(L)'
;PHCSRNPVLVRGIGRYSRSAMYSRKAMYKRKYSAAVLATVTKPVGGDKNGGTRVVKLRKMPRYYPTEDVPRKLLSHGKKP
FSQHVRKLRASITPGTILIILTGRHRGKRVVFLKQLASGLLLVTGPLVLNRVPLRRTHQKFVIATSTKIDISNVKIPKHL
TDAYFKKKKLRKPRHQEGEIFDTEKEKYEITEQRKIDQKAVDSQILPKIKAIPQLQGYLRSVFALTNGIYPHKLVF
;
LE
9 'polypeptide(L)'
;NFAELKIKRLRKKFAQKMLRKARRKLIYEKAKHYHKEYRQMYRTEIRMARMARKAGNFYVPAEPKLAFVIRIRGINGVSP
KVRKVLQLLRLRQIFNGTFVKLNKASINMLRIVEPYIAWGYPNLKSVNELIYKRGYGKINKKRIALTDNALIARSLGKYG
IICMEDLIHEIYTVGKRFKEANNFLWPFKLSSPRGGMKKKTTHFVEGGDAGNREDQINRLIRRMN
;
LF
10 'polypeptide(L)'
;KVVNPLFEKRPKNFGIGQDIQPKRDLTRFVKWPRYIRLQRQRAILYKRLKVPPAINQFTQALDRQTATQLLKLAHKYRPE
TKQEKKQRLLARAEKKAAGKGDVPTKRPPVLRAGVNTVTTLVENKKAQLVVIAHDVDPIELVVFLPALCRKMGVPYCIIK
GKARLGRLVHRKTCTTVAFTQVNSEDKGALAKLVEAIRTNYNDRYDEIRRHWGGNVLGPKSVARIAKLEKAKAKELATKL
G
;
LG
11 'polypeptide(L)'
;MKTILSNQTVDIPENVDITLKGRTVIVKGPRGTLRRDFNHINVELSLLGKKKKRLRVDKWWGNRKELATVRTICSHVQNM
IKGVTLGFRYKMRSVYAHFPINVVIQENGSLVEIRNFLGEKYIRRVRMRPGVACSVSQAQKDELILEGNDIELVSNSAAL
IQQATTVKNKDIRKFLDGIYVSEKGTVQQA
;
LH
12 'polypeptide(L)'
;GRRPARCYRYCKNKPYPKSRFCRGVPDAKIRIFDLGRKKAKVDEFPLGGHMVSDEYEQLSSEALEAARICANKYMVKSCG
RDGFHMRVRLHPFHVIRINKMLSCAGADRLQTGMRGAFGKPQGTVARVHIGQVIMSIRTKLQNEEHVIEALRRAKFKFPG
RQKIHISKKWGFTKFNADEFEDMVAKKCLIPDGCGVKYVPSHGPLDKWRVLHS
;
LI
13 'polypeptide(L)'
;QDQGEKENPMRELRIRKLCLNICVGESGDRLTRAAKVLEQLTGQTPVFSKARYTVRSFGIRRNEKIAVHCTVRGAKAEEI
LEKGLKVREYELRKNNFSDTGNFGFGIQEHIDLGIKYDPSIGIYGLDFYVVLGRPGFSIADKKRRTGCIGAKHRISKEEA
MRWFQQKYDGIILPGK
;
LJ
14 'polypeptide(L)'
;APSRNGMVLKPHFHKDWQRRVATWFNQPARKIRRRKARQAKARRIAPRPASGPIRPIVRCPTVRYHTKVRAGRGFSLEEL
RVAGIHKKVARTIGISVDPRRRNKSTESLQANVQRLKEYRSKLILFPRKPSAPKKGDSSAEELKLATQLTGPVMPVRNVY
KKEKARVITEEEKNFKAFASLRMARANARLFGIRAKRAKEAAEQDVEKKK
;
LL
15 'polypeptide(L)'
;VFRRFVEVGRVAYVSFGPHAGKLVAIVDVIDQNRALVDGPCTQVRRQAMPFKCMQLTDFILKFPHSAHQKYVRQAWQKAD
INTKWAATRWAKKIEARERKAKMTDFDRFKVMKAKKMRNRIIKNEVKKLQKAALLKASP
;
LM
16 'polypeptide(L)'
;GAYKYIQELWRKKQSDVMRFLLRVRCWQYRQLSALHRAPRPTRPDKARRLGYKAKQGYVIYRIRVRRGGRKRPVPKGATY
GKPVHHGVNQLKFARSLQSVAEERAGRHCGALRVLNSYWVGEDSTYKFFEVILIDPFHKAIRRNPDTQWITKPVHKHREM
RGLTSAGRKSRGLGKGHKFHHTIGGSRRAAWRRRNTLQLHRYR
;
LN
17 'polypeptide(L)'
;EVQVLVLDGRGHLLGRLAAIVAKQVLLGRKVVVVRCEGINISGNFYRNKLKYLAFLRKRMNTNPSRGPYHFRAPSRIFWR
TVRGMLPHKTKRGQAALDRLKVFDGIPPPYDKKKRMVVPAALKVVRLKPTRKFAYLGRLAHEVGWKYQAVTATLEEKRKE
KAKIHYRKKKQLMRLRKQAEKNVEKKIDKYTEVLKTHGLLV
;
LO
18 'polypeptide(L)'
;VRYSLDPENPTKSCKSRGSNLRVHFKNTRETAQAIKGMHIRKATKYLKDVTLQKQCVPFRRYNGGVGRCAQAKQWGWTQG
RWPKKSAEFLLHMLKNAESNAELKGLDVDSLVIEHIQVNKAPKMRRRTYRAHGRINPYMSSPCHIEMILTEKE
;
LP
19 'polypeptide(L)'
;GVDIRHNKDRKVRRKEPKSQDIYLRLLVKLYRFLARRTNSTFNQVVLKRLFMSRTNRPPLSLSRMIRKMKLPGRENKTAV
VVGTITDDVRVQEVPKLKVCALRVTSRARSRILRAGGKILTFDQLALDSPKGCGTVLLSGPRKGREVYRHFGKAPGTPHS
HTKPYVRSKGRKFERARGRRASRGYKN
;
LQ
20 'polypeptide(L)'
;SMLRLQKRLASSVLRCGKKKVWLDPNETNEIANANSRQQIRKLIKDGLIIRKPVTVHSRARCRKNTLARRKGRHMGIGKR
KGTANARMPEKVTWMRRMRILRRLLRRYRESKKIDRHMYHSLYLKVKGNVFKNKRILMEHIHKLKADKARKKLLADQAEA
RRSKTKEARKRREERLQAKKEEIIKTL
;
LR
21 'polypeptide(L)'
;KASGTLREYKVVGRCLPTPKCHTPPLYRMRIFAPNHVVAKSRFWYFVSQLKKMKKSSGEIVYCGQVFEKSPLRVKNFGIW
LRYDSRSGTHNMYREYRDLTTAGAVTQCYRDMGARHRARAHSIQIMKVEEIAASKCRRPAVKQFHDSKIKFPLPHRVLRR
QHKPRFTTKRPNTFF
;
LS
22 'polypeptide(L)'
;TNTKGKRRGTRYMFSRPFRKHGVVPLATYMRIYKKGDIVDIKGMGTVQKGMPHKCYHGKTGRVYNVTQHAVGIVVNKQVK
GKILAKRINVRIEHIKHSKSRDSFLKRVKENDQKKKEAKEKGTWVQLKRQPAPPREAHFVRTNGKEPELLEPIPYEFMA
;
LT
23 'polypeptide(L)'
;QVLKFTLDCTHPVEDGIMDAANFEQFLQERIKVNGKAGNLGGGVVTIERSKSKITVTSEVPFSKRYLKYLTKKYLKKNNL
RDWLRVVANSKESYELRYFQI
;
LU
24 'polypeptide(L)'
;SGAKFRISLGLPVGAVINCADNTGAKNLYIISVKGIKGRLNRLPAAGVGDMVMATVKKGKPELRKKVHPAVVIRQRKSYR
RKDGVFLYFEDNAGVIVNNKGEMKGSAITGPVAKECADLWPRIASNAGSIA
;
LV
25 'polypeptide(L)'
;MKVELCSFSGYKIYPGHGRRYARTDGKVFQFLNAKCESAFLSKRNPRQINWTVLYRRKHKKGQSEEIQKKRTRRAVKFQR
AITGASLADIMAKRNQKPEVRKAQREQAIRAAKEAKKAKQASKK
;
LW
26 'polypeptide(L)'
;KKKIRTSPTFRRPKTLRLRRQPKYPRKSAPRRNKLDHYAIIKFPLTTESAMKKIEDNNTLVFIVDVKANKHQIKQAVKKL
YDIDVAKVNTLIRPDGEKKAYVRLAPDYDALDVANKIGII
;
LX
27 'polypeptide(L)'
;MKFNPFVTSDRSKNRKRHFNAPSHIRRKIMSSPLSKELRQKYNVRSMPIRKDDEVQVVRGHYKGQQIGKVVQVYRKKYVI
YIERVQREKANGTTVHVGIHPSKVVITRLKLDKDRKKILERKAKSRQVGKEKGK
;
LY
28 'polypeptide(L)'
;GKFMKPGKVVLVLAGRYSGRKAVIVKNIDDGTSDRPYSHALVAGIDRYPRKVTAAMGKKKIAKRSKIKSFVKVYNYNHLM
PTRYSVDIPLDKTVVNKDVFRDPALKRKARREAKVKFEERYKTGKNKWFFQKLRF
;
LZ
29 'polypeptide(L)'
;PSRLRKTRKLRGHVSHGHGRIGKHRKHPGGRGNAGGLHHHRINFDKYHPGYFGKVGMKHYHLKRNQSFCPTVNLDKLWTL
VSEQTRVNAAKNKTGAAPIIDVVRSGYYKVLGKGKLPKQPVIVKAKFFSRRAEEKIKSVGGACVLVA
;
La
30 'polypeptide(L)'
;AKSKNHTTHNQSRKWHRNGIKKPRSQRYESLKGVDPKFLRNMRFAKKHNKKGLKKMQANNAKAMSARAEAIKALVASRKL
DRLAYIAHPKLGKRARARIAKGLRLCRPK
;
Lb
31 'polypeptide(L)'
;KSLESINSRLQLVMKSGKYVLGYKQTLKMIRQGKAKLVILANNCPALRKSEIEYYAMLAKTGVHHYSGNNIELGTACGKY
YRVCTLAIIDPGDSDIIR
;
Lc
32 'polypeptide(L)'
;NEVVTREYTINIHKRIHGVGFKKRAPRALKEIRKFAMKEMGTPDVRIDTRLNKAVWAKGIRNVPYRIRVRLSRKRNEDED
SPNKLYTLVTYVPVTTFKNLQTVNVDE
;
Ld
33 'polypeptide(L)'
;AALRPLVKPKIVKKRTKKFIRHQSDRYVKIKRNWRKPRGIDNRVRRRFKGQILMPNIGYGSNKKTKHMLPSGFRKFLVHN
VKELEVLLMCNKSYCAEIAHNVSSKNRKAIVERAAQLAIRVTNPNARL
;
Le
34 'polypeptide(L)'
;SGRLWSKAIFAGYKRGLRNQREHTALLKIEGVYARDETEFYLGKRCAYVYKAKNNTVTPGGKPNKTRVIWGKVTRAHGNS
GMVRAKFRSNLPAKAIGHRIRVMLYPSRI
;
Lf
35 'polypeptide(L)'
;VQRLTYRRRLSYNTASNKTRLSRTPGNRIVYLYTKKVGKAPKSACGVCPGRLRGVRAVRPKVLMRLSKTKKHVSRAYGGS
MCAKCVRDRIKRAFLIEEQKIVVKVLKAQAQSQK
;
Lg
36 'polypeptide(L)'
;AKIKARDLRGKKKEELLKQLDDLKVELSQLRVAKVTGGAASKLSKIRVVRKSIARVLTVINQTQKENLRKFYKGKKYKPL
DLRPKKTRAMRRRLNKHEENLKTKKQQRKERLYPLRKYAVKA
;
Lh
37 'polypeptide(L)'
;ALRYPMAVGLNKGHKVTKNVSKPRHSRRRGRLTKHTKFVRDMIREVCGFAPYERRAMELLKVSKDKRALKFIKKRVGTHI
RAKRKREELSNVLAAMRKAAAK
;
Li
38 'polypeptide(L)'
;TKGTSSFGKRRNKTHTLCRRCGSKAYHLQKSTCGKCGYPAKRKRKYNWSAKAKRRNTTGTGRMRHLKIVYRRFRHGFREG
TTPKPK
;
Lj
39 'polypeptide(L)' PRKIEEIKDFLLTARRKDAKSVKIKKNKDNVKFKVRCSRYLYTLVITDKEKAEKLKQSLPPGLAVKELK Lk
40 'polypeptide(L)' SSHKTFRIKRFLAKKQKQNRPIPQWIRMKTGNKIRYNSKRRHWRRTKLGL Ll
41 'polypeptide(L)' IIEPSLRQLAQKYNCDKMICR(MLZ)CYARLHPRAVNCRKKKCGHTNNLRPKKKVK Lm
42 'polypeptide(L)' MRAKWRKKRMRRLKRKRRKMRQRS Ln
43 'polypeptide(L)'
;VNVPKTRRTFCKKCGKHQPHKVTQYKKGKDSLYAQGKRRYDRKQSGYGGQTKPIFRKKAKTTKKIVLRLECVEPNCRSKR
MLAIKRCKHFELGGDKKRKGQVIQF
;
Lo
44 'polypeptide(L)'
;AKRTKKVGIVGKYGTRYGASLRKMVKKIEISQHAKYTCSFCGKTKMKRRAVGIWHCGSCMKTVAGGAWTYNTTSAVTVKS
AIRRLKELKDQ
;
Lp
45 'polypeptide(L)'
;SAHLQWMVVRNCSSFLIKRNKQTYSTEPNNLKARNSFRYNGLIHRKTVGVEPAADGKGVVVVIKRRSGQRKPATSYVRTT
INKNARATLSSIRHMIRKNKYRPDLRMAAIRRASAILRSQKPVMV
;
Lr
46 'polypeptide(L)'
;MSSKVSRDTLYEAVREVLHGNQRKRRKFLETVELQISLKNYDPQKDKRFSGTVRLKSTPRPKFSVCVLGDQQHCDEAKAV
DIPHMDIEALKKLNKNKKLVKKLAKKYDAFLASESLIKQIPRILGPGLNKAGKFPSLLTHNENMVAKVDEVKSTIKFQMK
KVLCLAVAVGHVKMTDDELVYNIHLAVNFLVSLLKKNWQNVRALYIKSTMGKPQRLY
;
Lz
47 'polyribonucleotide'
;UACCUGGUUGAUCCUGCCAGUAGCAU(A2M)UGCUUGUCUCAAAGAUUAAGCCAUGCAUGUCUAAGUACGCACGGCCGGU
ACAGUGAAACUGCGAAUGGCUCAUUAAAUCAGUUAUGGU(OMU)CC(PSU)U(OMU)GGUCGCUCGCUCCUCUCCCACUU
GGAUAACUGUGGUA(A2M)UUCUAG(A2M)GCUAAUA(OMC)AUGCCGACGGGCGCUGACCCCCUUCGCGGGGGGGAUGC
GUGCAUUUAUCAGUGGUGACUCUAGAUAACCUCGGGCCGAUCGCACGCCCCCCGUGGCGGCGACGACCCAUUCGAACGUC
UGCCCUAUCAACUUUCGAUGGUAGUCGCCGUGCCUACCAUGGUGACCACGGGUGACGGGGAAUCAGGGUUCGAUUCCGGA
GAGGGAGCCUGAGAAACGGCUACCACAUCCAAGGAAGGCAGCAGGCGCGC(A2M)AAUUACCCACUCCCGACCCGGGGA
(OMG)GUAGUGA(OMC)GAAAAAUAACAAUACAGGACUCUUUCGAGGCCCUGUAAUUGGAAUGAGUCCACUUUAAAUCCU
UUAACGAGGAUCCAUUGGAGGGCAAGUCUGG(PSU)GCCAGCAGCCGCGGUAAUUCCAGCUCCAAUA(OMG)CGUAUAUU
AAAGUUGCUGCAGUU(A2M)AAAAGCUCGUAGUU(OMG)GAUCUUGGGAGCGGGCGUCCCCGCCCUCUCGGCCGGGGCCC
GAAGCGUUUACUUUGAAAAAA(5MU)UAGAGUG(PSU)(PSU)CAAAGCAGGCCCGAGCCGCCUGGAUACCGCAGCUAGG
AAUAAUGGAAUAGGACCGCGGUUCUAUUUUGUUGGUUUUCGGAACUGAGGCCAUGAUUAAGAGGGACGGCCGGGGGCAUU
CGUAUUGCGCCGCUAGAGGUGAAAUUCUUGGACCGGCGCAAGACGGACCAGAGCGAAAGCAUUUGCCAAGAAUGUUUUCA
UUAAUCAAGA(A2M)CGAAAGUCGGAGGUUCGAAGACGAUCAGAUACCGUCGUAGUUCCGACCA(PSU)AAACGAUGCCG
ACCGGCGAUGCGGCGGCGUUAUUCCCAUGACCCGCCGGGCAGCUUCCGGGAAACCAAAGUCUUUGGGUUCCGGGGGGAGU
AUGGUUGCAAAGCUGAAACUUAAAGGAAUUGACGGAAGGGCACCAC(JMH)AGGAGUGGAGCCUGCGGCUUAAU(PSU)U
GAC(B8N)CAACACGGGAAACCUCACCCGGCCCGGACACGGACAGGAUUGACAGAUUGAUAGCUCUUUCUCGAUUCCGUG
GGUGGUGGUGCAUGGC(4AC)GUUCUUAGUUGGUGGAGCGAUUUGUCUGGUUAAUUC(5MC)GAUAACGAACGAGACUCU
GGCAUGCUAACUAGUUACGCGACCCCCGAGCGGUCGGCGUCCCCCAACUUCUUAGAGGGACAAGUGGCGUUCAGCCACCC
GAGAUUGAGCAAUAACAGGUCUGUGAUGCCCUUAGAUGUCCGGGGCUGCACGCGCGCUACACUGACUGGCUCAGCGUGUG
CCUACCCUACGCCGGCAGGCGCGGGUAACCCGUUGAACCCCAUUCGUGAUGGGGAUCGGGGAUUGCAAUUAUUCCCCAUG
AACGAGGAAUUCCCAGUAAGUGCGGGUCAUAAGCUUGCGUUGAUU(A2M)AGUCCCUGCCCUUUGUACACACCG(OMC)C
CGUCG(OMC)UACUACCGAUUGGAUGGUUUAGUGAGGCCCUCGGAUCGGCCCCGCCGGGGUCGGCCCACGGCCCUGGCGG
AGCGCUGAGAAGACGGUCGAACUUG(M7A)CUAUCUAGAGGAAGUAAAAGUCG(UR3)A(6MZ)CAAGGUUUC(4AC)GU
AGGUG(MA6)(MA6)CCUGCGGAAGGAUCAUUA
;
S2
48 'polyribonucleotide' AGCAGAGUGGCGCAGCGGAAGCGUGCUGGGCCCAUAACCCAGAGGUCGAUGGAUCGAAACCAUCCUCUGCUACCA S6
49 'polypeptide(L)'
;GALDVLQMKEEDVLKFLAAGTHLGGTNLDFQMEQYIYKRKSDGIYIINLKRTWEKLLLAARAIVAIENPADVSVISSRNT
GQRAVLKFAAATGATPIAGRFTPGTFTNQIQAAFREPRLLVVTDPRADHQPLTEASYVNLPTIALCNTDSPLRYVDIAIP
CNNKGAHSVGLMWWMLAREVLRMRGTISREHPWEVMPDLYFYRDPEEIEKEEQAAAEKAVT
;
SA
50 'polypeptide(L)'
;VVDPFSKKDWYDVKAPAMFNIRNIGKTLVTRTQGTKIASDGLKGRVFEVSLADLQNDEVAFRKFKLITEDVQGKNCLTNF
HGMDLTRDKMCSMVKKWQTMIEAHVDVKTTDGYLLRLFCVGFTKKRNNQIRKTSYAQHQQVRQIRKKMMEIMTREVQTND
LKEVVNKLIPDSIGKDIEKACQSIYPLHDVFVRKVKMLKKPKFELGKLMELHGE
;
SB
51 'polypeptide(L)'
;MAVQISKKRKFVADGIFKAELNEFLTRELAEDGYSGVEVRVTPTRTEIIILATRTQNVLGEKGRRIRELTAVVQKRFGFP
EGSVELYAEKVATRGLCAIAQAESLRYKLLGGLAVRRACYGVLRFIMESGAKGCEVVVSGKLRGQRAKSMKFVDGLMIHS
GDPVNYYVDTAVRHVLLRQGVLGIKVKIMLPWDPTGKIGPKKPLPDHVSIVEPKDEILPTTPISEQK
;
SD
52 'polypeptide(L)'
;ARGPKKHLKRVAAPKHWMLDKLTGVFAPRPSTGPHKLRECLPLIIFLRNRLKYALTGDEVKKICMQRFIKIDGKVRTDIT
YPAGFMDVISIDKTGENFRLIYDTKGRFAVHRITPEEAKYKLCKVRKIFVGTKGIPHLVTHDARTIRYPDPLIKVNDTIQ
IDLETGKITDFIKFDTGNLCMVTGGANLGRIGVITNRERHPGSFDVVHVKDANGNSFATRLSNIFVIGKGNKPWISLPRG
KGIRLTIAEERDKRLAAKQSSG
;
SE
53 'polypeptide(L)'
;DIKLFGKWSTDDVQINDISLQDYIAVKEKYAKYLPHSAGRYAAKRFRKAQCPIVERLTNSMMMHGRNNGKKLMTVRIVKH
AFEIIHLLTGENPLQVLVNAIINSGPREDSTRIGRAGTVRRQAVDVSPLRRVNQAIWLLCTGAREAAFRNIKTIAECLAD
ELINAAKGSSNSYAIKKKDELERVAKSNR
;
SF
54 'polypeptide(L)'
;SAKIVKPNGEKPDEFESGISQALLELEMNSDLKAQLRELNITAAKEIEVGGGRKAIIIFVPVPQLKSFQKIQVRLVRELE
KKFSGKHVVFIAQRRILPKPTRKKNKQKRPRSRTLTAVHDAILEDLVFPSEIVGKRIRVKLDGSRLIKVHLDKAQQNNVE
HKVETFSGVYKKLTGKDVNFEFPEFQ
;
SH
55 'polypeptide(L)'
;GISRDNWHKRRKTGGKRKPYHKKRKYELGRPAANTKIGPRRIHTVRVRGGNKKYRALRLDVGNFSWGSECCTRKTRIIDV
VYNASNNELVRTKTLVKNCIVLIDSTPYRQWYESHYALPLGRKKGAKLTPEEEEILNKKRSKKIQKKYDERKKNAKISSL
LEEQFQQGKLLACIASRPGQCGRADGYVLEGKELEFYLRKIKARKG
;
SI
56 'polypeptide(L)'
;MLMPKKNRIAIYELLFKEGVMVAKKDVHMPKHPELADKNVPNLHVMKAMQSLKSRGYVKEQFAWRHFYWYLTNEGIQYLR
DYLHLPPEIVPATLRRSR
;
SK
57 'polypeptide(L)'
;ADIQTERAYQKQPTIFQNKKRVLLGETGKEKLPRYYKNIGLGFKTPKEAIEGTYIDKKCPFTGNVSIRGRILSGVVTKMK
MQRTIVIRRDYLHYIRKYNRFEKRHKNMSVHLSPCFRDVQIGDIVTVGECRPLSKTVRFNVLKVTKAAGTKKQ
;
SL
58 'polypeptide(L)'
;RTFRKFTYRGVDLDQLLDMSYEQLMQLYSARQRRRLNRGLRRKQHSLLKRLRKAKKEAPPMEKPEVVKTHLRDMIILPEM
VGSMVGVYNGKTFNQVEIKPEMIGHYLGEFSITYKPVKHGRPGIGAT
;
SP
59 'polypeptide(L)'
;PLQSVQVFGRKKTATAVAHCKRGNGLIKVNGRPLEMIEPRTLQYKLLEPVLLLGKERFAGVDIRVRVKGGGHVAQIYAIR
QSISKALVAYYQKYVDEASKKEIKDILIQYDRTLLVADPRRCESKKFGGPGARARYQKSYR
;
SQ
60 'polypeptide(L)'
;MGRVRTKTVKKAARVIIEKYYTRLGNDFHTNKRVCEEIAIIPSKKLRNKIAGYVTHLMKRIQRGPVRGISIKLQEEERER
RDNYVPEVSALDQEIIEVDPDTKEMLKLLDFGSLSNLQVTQPTVGMNFKTPRGPV
;
SR
61 'polypeptide(L)'
;MSLVIPEKFQHILRVLNTNIDGRRKIAFAITAIKGVGRRYAHVVLRKADIDLTKRAGELTEDEVERVITIMQNPRQYKIP
DWFLNRQKDVKDGKYSQVLANGLDNKLREDLERLKKIRAHRGLRHFWGLRVRGQHTKTTGRRGRT
;
SS
62 'polypeptide(L)'
;PGVTVKDVNQQEFVRALAAFLKKSGKLKVPEWVDTVKLAKHKELAPYDENWFYTRAASTARHLYLRGGAGVGSMTKIYGG
RQRNGVMPSHFSRGSKSVARRVLQALEGLKMVEKDQDGGRKLTPQGQRDLDRIAGQVAAANKK
;
ST
63 'polypeptide(L)'
;IHRIRITLTSRNVKSLEKVCADLIRGAKEKNLKVKGPVRMPTKTLRITTRKTPCGEGSKTWDRFQMRIHKRLIDLHSPSE
IVKQITSISIEPGVEVEVTIADA
;
SU
64 'polypeptide(L)'
;MQNDAGEFVDLYVPRKCSASNRIIGAKDHASIQMNVAEVDKVTGRFNGQFKTYAICGAIRRMGESDDSILRLAKADGIVS
KNF
;
SV
65 'polypeptide(L)'
;GKCRGLRTARKLRSHRRDQKWHDKQYKKAHLGTALKANPFGGASHAKGIVLEKVGVEAKQPNSAIRKCVRVQLIKNGKKI
TAFVPNDGCLNFIEENDEVLVAGFGRKGHAVGDIPGVRFKVVKVANVSLLALYKGKKERPR
;
SX
66 'polypeptide(L)'
;TKKRRNNGRAKKGRGHVQPIRCTNCARCVPKDKAIKKFVIRNIVEAAAVRDISEASVFDAYVLPKLYVKLHYCVSCAIHS
KVVRNRSREARKDRTPPPRFRP
;
Sa
67 'polypeptide(L)' RVQPIKLARVTKVLGRTGSQGQCTQVRVEFMDDTSRSIIRNVKGPVREGDVLTLLESEREARRL Sc
68 'polypeptide(L)' GHQQLYWSHPRKFGQGSRSCRVCSNRHGLIRKYGLNMCRQCFRQYAKDIGFIKLD Sd
69 'polypeptide(L)'
;TEQMTLRGTLKGHNGWVTQIATTPQFPDMILSASRDKTIIMWKLTRDETNYGIPQRALRGHSHFVSDVVISSDGQFALSG
SWDGTLRLWDLTTGTTTRRFVGHTKDVLSVAFSSDNRQIVSGSRDKTIKLWNTLGVCKYTVQDESHSEWVSCVRFSPNSS
NPIIVSCGWDKLVKVWNLANCKLKTNHIGHTGYLNTVTVSPDGSLCASGGKDGQAMLWDLNEGKHLYTLDGGDIINALCF
SPNRYWLCAATGPSIKIWDLEGKIIVDELKQEVISTSSKAEPPQCTSLAWSADGQTLFAGYTDNLVRVWQVTI
;
Sg
70 'polypeptide(L)'
;EWMPVTKLGRLVKDMKIKSLEEIYLFSLPIKESEIIDFFLGASLKDEVLKIMPVQKQTRAGQRTRFKAFVAIGDYNGHVG
LGVKCSKEVATAIRGAIILAKLSIVPVRRGYWGNKIGKPHTVPCKVTGRCGSVLVRLIPAPRGTGIVSAPVPKKLLMMAG
IDDCYTSARGCTATLGNFAKATFDAISKTYSYLTPDLWKETVFTKSPYQEFTDHLVKTHTRV
;
SC
71 'polypeptide(L)'
;MKLNISFPATGCQKLIEVDDERKLRTFYEKRMATEVAADALGEEWKGYVVRISGGNDKQGFPMKQGVLTHGRVRLLLSKG
HSCYRPRRTGERKRKSVRGCIVDANLSVLNLVIVKKGEKDIPGLTDTTVPRRLGPKRASRIRKLFNLSKEDDVRQYVVRK
PLNKEGKKPRTKAPKIQRLVTPRVLQHKRRRIALKKQRTKKNKEEAAEYAKLLAKRMKEAKEKRQEQIAKRRRLSSL
;
SG
72 'polypeptide(L)'
;PVARSWVCRKTYVTPRRPFEKSRLDQELKLIGEYGLRNKREVWRVKFTLAKIRKAARELLTLDEKDPRRLFEGNALLRRL
VRIGVLDEGKMKLDYILGLKIEDFLERRLQTQVFKLGLAKSIHHARVLIRQRHIRVRKQVVNIPSFIVRLDSQKHIDFSL
RSPYGGGRPGRVKRKNAKKGQGGAG
;
SJ
73 'polypeptide(L)'
;VMDVNTALQEVLKTALIHDGLARGIREAAKALDKRQAHLCVLASNCDEPMYVKLVEALCAEHQINLIKVDDNKKLGEWVG
LCKIDREGKPRKVVGCSCVVVKDYGKESQAKDVIEEYFKCKK
;
SM
74 'polypeptide(L)'
;GRMHAPGKGLSQSALPYRRSVPTWLKLTSDDVKEQIYKLAKKGLTPSQIGVILRDSHGVAQVRFVTGNKILRILKSKGLA
PDLPEDLYHLIKKAVAVRKHLERNRKDKDAKFRLILIESRIHRLARYYKTKRVLPPNWKYESSTASALVA
;
SN
75 'polypeptide(L)'
;EQVISLGPQVAEGENVFGVCHIFASFNDTFVHVTDLSGKETICRVTGGMKVKADRDESSPYAAMLAAQDVAQRCKELGIT
ALHIKLRATGGNRTKTPGPGAQSALRALARSGMKIGRIEDVTPIPSDSTRRKGGRRGRRL
;
SO
76 'polypeptide(L)'
;VRMNVLADALKSINNAEKRGKRQVLIRPCSKVIVRFLTVMMKHGYIGEFEIIDDHRAGKIVVNLTGRLNKCGVISPRFDV
QLKDLEKWQNNLLPSRQFGFIVLTTSAGIMDHEEARRKHTGGKILGFFF
;
SW
77 'polypeptide(L)'
;NDTVTIRTRKFMTNRLLQRKQMVIDVLHPGKATVPKTEIREKLAKMYKTTPDVIFVFGFRTHFGGGKTTGFGMIYDSLDY
AKKNEPKHRLARHGLYEKKKTSRKQRKERKNRMKKVRGTAKANVGAGKKPK
;
SY
78 'polypeptide(L)' RDKLNNLVLFDKATYDKLCKEVPNYKLITPAVVSERLKIRGSLARAALQELLSKGLIKLVSKHRAQVIYTRNTKG SZ
79 'polypeptide(L)'
;PLAKDLLHPSPEEEKRKHKKKRLVQSPNSYFMDVKCPGCYKITTVFSHAQTVVLCVGCSTVLCQPTGGKARLTEGCSFRR
KQH
;
Sb
80 'polypeptide(L)' VHGSLARAGKVRGQTPKVAKQEKKKKKTGRAKRRMQYNRRFVNVVPTFGKKKGPNANS Se
81 'polypeptide(L)' YTTPKKNKHKRKKVKLAVLKYYKVDENGKISRLRRECPSDECGAGVFMASHFDRHYCGKCCLTYCFN Sf
#
loop_
_chem_comp.id
_chem_comp.type
_chem_comp.name
_chem_comp.formula
1MA RNA linking 6-HYDRO-1-METHYLADENOSINE-5'-MONOPHOSPHATE 'C11 H16 N5 O7 P'
2MG RNA linking 2N-METHYLGUANOSINE-5'-MONOPHOSPHATE 'C11 H16 N5 O8 P'
4AC RNA linking N(4)-ACETYLCYTIDINE-5'-MONOPHOSPHATE 'C11 H16 N3 O9 P'
5MC RNA linking 5-METHYLCYTIDINE-5'-MONOPHOSPHATE 'C10 H16 N3 O8 P'
5MU RNA linking '5-METHYLURIDINE 5'-MONOPHOSPHATE' 'C10 H15 N2 O9 P'
6MZ RNA linking N6-METHYLADENOSINE-5'-MONOPHOSPHATE 'C11 H16 N5 O7 P'
A RNA linking ADENOSINE-5'-MONOPHOSPHATE 'C10 H14 N5 O7 P'
A2M RNA linking '2'-O-methyladenosine 5'-(dihydrogen phosphate)' 'C11 H16 N5 O7 P'
B8H RNA linking '[(2~{R},3~{S},4~{R},5~{S})-5-[1-methyl-2,4-bis(oxidanylidene)pyrimidin-5-yl]-3,4-bis(oxidanyl)oxolan-2-yl]methyl dihydrogen phosphate' 'C10 H15 N2 O9 P'
B8N RNA linking '(2~{R})-2-azanyl-4-[5-[(2~{S},3~{R},4~{S},5~{R})-3,4-bis(oxidanyl)-5-(phosphonooxymethyl)oxolan-2-yl]-3-methyl-2,6-bis(oxidanylidene)pyrimidin-1-yl]butanoic acid' 'C14 H22 N3 O11 P'
B8T RNA linking '4-methyl, cytidine-5'-monophosphate' 'C10 H16 N3 O8 P'
C RNA linking CYTIDINE-5'-MONOPHOSPHATE 'C9 H14 N3 O8 P'
G RNA linking GUANOSINE-5'-MONOPHOSPHATE 'C10 H14 N5 O8 P'
HMT non-polymer (3beta)-O~3~-[(2R)-2,6-dihydroxy-2-(2-methoxy-2-oxoethyl)-6-methylheptanoyl]cephalotaxine 'C29 H39 N O9'
HYG non-polymer 'HYGROMYCIN B' 'C20 H37 N3 O13'
JMH RNA linking '3-Methylcytidine- 5'-monophosphate' 'C10 H16 N3 O8 P'
M7A RNA linking '7-methyl, adenosine-5'-monophosphate' 'C11 H18 N5 O7 P'
MA6 RNA linking 6N-DIMETHYLADENOSINE-5'-MONOPHOSHATE 'C12 H18 N5 O7 P'
MG non-polymer 'MAGNESIUM ION' 'Mg 2'
OMC RNA linking O2'-METHYLYCYTIDINE-5'-MONOPHOSPHATE 'C10 H16 N3 O8 P'
OMG RNA linking O2'-METHYLGUANOSINE-5'-MONOPHOSPHATE 'C11 H16 N5 O8 P'
OMU RNA linking 'O2'-METHYLURIDINE 5'-MONOPHOSPHATE' 'C10 H15 N2 O9 P'
PSU RNA linking PSEUDOURIDINE-5'-MONOPHOSPHATE 'C9 H13 N2 O9 P'
U RNA linking URIDINE-5'-MONOPHOSPHATE 'C9 H13 N2 O9 P'
UR3 RNA linking 3-METHYLURIDINE-5'-MONOPHOSHATE 'C10 H15 N2 O9 P'
ZN non-polymer 'ZINC ION' 'Zn 2'
#
# COMPACT_ATOMS: atom_id res chain seq x y z
P OMG A 373 52.33 16.22 34.26
OP1 OMG A 373 52.40 17.45 35.09
OP2 OMG A 373 53.63 15.56 34.06
O5' OMG A 373 51.28 15.16 34.85
C5' OMG A 373 51.71 14.05 35.63
C4' OMG A 373 51.28 12.79 34.91
O4' OMG A 373 51.95 12.73 33.66
C3' OMG A 373 51.71 11.52 35.60
O3' OMG A 373 50.87 11.14 36.69
C2' OMG A 373 51.66 10.56 34.43
O2' OMG A 373 50.33 10.15 34.16
CM2 OMG A 373 50.29 9.10 33.19
C1' OMG A 373 52.14 11.39 33.26
N9 OMG A 373 53.56 11.09 33.15
C8 OMG A 373 54.60 11.90 33.37
N7 OMG A 373 55.77 11.25 33.19
C5 OMG A 373 55.48 9.99 32.86
C6 OMG A 373 56.22 8.77 32.53
O6 OMG A 373 57.47 8.77 32.52
N1 OMG A 373 55.54 7.66 32.24
C2 OMG A 373 54.21 7.64 32.23
N2 OMG A 373 53.57 6.50 31.93
N3 OMG A 373 53.47 8.72 32.53
C4 OMG A 373 54.03 9.89 32.84
P A2M A 398 82.44 -22.57 39.25
OP1 A2M A 398 81.22 -22.06 39.96
O5' A2M A 398 82.46 -24.18 39.34
C5' A2M A 398 81.24 -24.90 39.52
C4' A2M A 398 81.47 -26.37 39.20
O4' A2M A 398 82.45 -26.54 38.17
C3' A2M A 398 82.02 -27.16 40.36
O3' A2M A 398 81.01 -27.52 41.31
C2' A2M A 398 82.63 -28.35 39.67
O2' A2M A 398 81.59 -29.27 39.33
C1' A2M A 398 83.21 -27.74 38.43
CM' A2M A 398 82.06 -30.42 38.62
N9 A2M A 398 84.64 -27.41 38.65
C8 A2M A 398 85.16 -26.21 38.95
N7 A2M A 398 86.51 -26.27 39.09
C5 A2M A 398 86.87 -27.54 38.88
C6 A2M A 398 88.14 -28.29 38.88
N6 A2M A 398 89.32 -27.68 39.13
N1 A2M A 398 88.09 -29.61 38.61
C2 A2M A 398 86.92 -30.24 38.36
N3 A2M A 398 85.73 -29.62 38.34
C4 A2M A 398 85.64 -28.29 38.60
OP2 A2M A 398 83.70 -21.99 39.82
P 2MG A 607 -17.89 -65.99 91.07
OP1 2MG A 607 -18.12 -65.73 89.61
OP2 2MG A 607 -17.90 -64.81 92.01
O5' 2MG A 607 -19.01 -67.01 91.54
C5' 2MG A 607 -19.62 -67.89 90.61
C4' 2MG A 607 -20.31 -69.06 91.25
O4' 2MG A 607 -20.85 -69.90 90.19
C3' 2MG A 607 -19.42 -69.96 92.11
O3' 2MG A 607 -20.23 -70.60 93.11
C2' 2MG A 607 -18.97 -71.01 91.10
O2' 2MG A 607 -18.57 -72.23 91.68
C1' 2MG A 607 -20.24 -71.18 90.26
N9 2MG A 607 -19.99 -71.63 88.89
C8 2MG A 607 -20.38 -72.80 88.34
N7 2MG A 607 -19.97 -72.88 87.05
C5 2MG A 607 -19.29 -71.77 86.76
C6 2MG A 607 -18.57 -71.21 85.59
O6 2MG A 607 -18.53 -71.85 84.52
N1 2MG A 607 -18.00 -70.01 85.70
C2 2MG A 607 -18.04 -69.30 86.84
N2 2MG A 607 -17.44 -68.10 86.89
CM2 2MG A 607 -16.34 -67.86 87.80
N3 2MG A 607 -18.68 -69.75 87.95
C4 2MG A 607 -19.29 -70.94 87.98
P 2MG A 714 17.75 -62.08 121.90
OP1 2MG A 714 16.84 -63.27 121.99
OP2 2MG A 714 17.46 -60.84 122.72
O5' 2MG A 714 19.22 -62.57 122.23
C5' 2MG A 714 19.78 -63.68 121.55
C4' 2MG A 714 21.21 -63.92 121.95
O4' 2MG A 714 22.08 -62.97 121.29
C3' 2MG A 714 21.53 -63.73 123.43
O3' 2MG A 714 21.10 -64.79 124.26
C2' 2MG A 714 23.03 -63.51 123.39
O2' 2MG A 714 23.70 -64.73 123.14
C1' 2MG A 714 23.15 -62.63 122.15
N9 2MG A 714 23.02 -61.21 122.51
C8 2MG A 714 21.97 -60.41 122.29
N7 2MG A 714 22.20 -59.16 122.77
C5 2MG A 714 23.43 -59.16 123.32
C6 2MG A 714 24.30 -58.19 124.01
O6 2MG A 714 23.92 -57.01 124.20
N1 2MG A 714 25.50 -58.61 124.42
C2 2MG A 714 25.93 -59.87 124.24
N2 2MG A 714 27.16 -60.22 124.68
CM2 2MG A 714 27.64 -61.57 124.48
N3 2MG A 714 25.18 -60.81 123.62
C4 2MG A 714 23.96 -60.52 123.15
P OMG A 913 32.29 -25.90 56.39
OP1 OMG A 913 32.44 -25.61 57.85
OP2 OMG A 913 31.01 -26.55 55.98
O5' OMG A 913 32.53 -24.57 55.57
C5' OMG A 913 33.09 -23.44 56.22
C4' OMG A 913 33.28 -22.34 55.20
O4' OMG A 913 33.84 -22.82 53.99
C3' OMG A 913 31.98 -21.74 54.75
O3' OMG A 913 31.49 -20.81 55.70
C2' OMG A 913 32.46 -21.06 53.49
O2' OMG A 913 33.32 -20.00 53.86
CM2 OMG A 913 33.68 -19.22 52.73
C1' OMG A 913 33.29 -22.14 52.87
N9 OMG A 913 32.41 -23.04 52.12
C8 OMG A 913 31.99 -24.25 52.48
N7 OMG A 913 31.18 -24.78 51.53
C5 OMG A 913 31.09 -23.89 50.53
C6 OMG A 913 30.41 -23.77 49.24
O6 OMG A 913 29.71 -24.68 48.80
N1 OMG A 913 30.58 -22.67 48.52
C2 OMG A 913 31.34 -21.67 48.95
N2 OMG A 913 31.47 -20.57 48.20
N3 OMG A 913 31.98 -21.70 50.12
C4 OMG A 913 31.90 -22.76 50.94
P 1MA A 919 20.71 -27.68 52.99
OP1 1MA A 919 21.33 -28.04 54.28
OP2 1MA A 919 20.70 -26.21 52.71
O5' 1MA A 919 21.37 -28.45 51.77
C5' 1MA A 919 21.73 -29.82 51.84
C4' 1MA A 919 22.89 -30.12 50.90
O4' 1MA A 919 22.75 -29.42 49.67
C3' 1MA A 919 24.21 -29.67 51.48
O3' 1MA A 919 25.18 -30.68 51.16
C2' 1MA A 919 24.49 -28.39 50.72
O2' 1MA A 919 25.88 -28.09 50.65
C1' 1MA A 919 23.93 -28.72 49.36
N9 1MA A 919 23.63 -27.53 48.55
C8 1MA A 919 23.73 -26.26 48.95
N7 1MA A 919 23.36 -25.42 47.97
C5 1MA A 919 23.01 -26.16 46.92
C6 1MA A 919 22.54 -25.89 45.56
N6 1MA A 919 22.36 -24.62 45.17
N1 1MA A 919 22.28 -26.99 44.74
CM1 1MA A 919 21.80 -26.81 43.39
C2 1MA A 919 22.46 -28.23 45.18
N3 1MA A 919 22.90 -28.51 46.41
C4 1MA A 919 23.19 -27.55 47.30
P A2M A 923 23.75 -27.99 39.93
OP1 A2M A 923 24.26 -28.35 41.29
O5' A2M A 923 24.66 -26.87 39.26
C5' A2M A 923 25.84 -26.37 39.87
C4' A2M A 923 25.57 -24.92 40.25
O4' A2M A 923 24.63 -24.95 41.31
C3' A2M A 923 26.76 -24.15 40.75
O3' A2M A 923 27.37 -23.36 39.71
C2' A2M A 923 26.14 -23.28 41.82
O2' A2M A 923 25.51 -22.14 41.25
C1' A2M A 923 25.00 -24.08 42.36
CM' A2M A 923 25.55 -21.00 42.07
N9 A2M A 923 25.44 -24.87 43.52
C8 A2M A 923 25.63 -26.20 43.57
N7 A2M A 923 26.05 -26.59 44.78
C5 A2M A 923 26.15 -25.49 45.55
C6 A2M A 923 26.51 -25.18 46.93
N6 A2M A 923 26.90 -26.14 47.79
N1 A2M A 923 26.46 -23.91 47.33
C2 A2M A 923 26.08 -22.93 46.49
N3 A2M A 923 25.73 -23.14 45.24
C4 A2M A 923 25.74 -24.37 44.71
OP2 A2M A 923 22.31 -27.62 39.96
N1 JMH A 1053 4.83 1.49 113.42
C2 JMH A 1053 5.98 0.95 112.80
C5 JMH A 1053 3.53 -0.31 112.57
C1' JMH A 1053 4.96 2.75 114.19
C2' JMH A 1053 4.97 4.00 113.30
C3' JMH A 1053 3.52 4.42 113.38
C4 JMH A 1053 4.63 -0.88 111.95
C4' JMH A 1053 3.18 4.14 114.82
C5' JMH A 1053 1.72 4.01 115.14
C6 JMH A 1053 3.65 0.87 113.29
C31 JMH A 1053 7.06 -0.82 111.41
N3 JMH A 1053 5.87 -0.24 112.06
N4 JMH A 1053 4.51 -2.02 111.24
O2 JMH A 1053 7.09 1.51 112.90
O2' JMH A 1053 5.82 4.97 113.91
O3' JMH A 1053 3.28 5.77 113.00
O4' JMH A 1053 3.86 2.87 115.07
O5' JMH A 1053 1.05 3.24 114.16
OP1 JMH A 1053 -1.40 3.57 114.63
OP2 JMH A 1053 -0.51 1.38 113.53
P JMH A 1053 -0.33 2.52 114.50
P 2MG A 1114 34.45 10.74 55.48
OP1 2MG A 1114 35.61 10.83 56.44
OP2 2MG A 1114 34.60 11.29 54.08
O5' 2MG A 1114 34.04 9.21 55.34
C5' 2MG A 1114 33.35 8.75 54.19
C4' 2MG A 1114 33.96 7.48 53.63
O4' 2MG A 1114 35.37 7.69 53.39
C3' 2MG A 1114 33.83 6.25 54.51
O3' 2MG A 1114 33.55 5.11 53.73
C2' 2MG A 1114 35.20 6.11 55.16
O2' 2MG A 1114 35.59 4.78 55.41
C1' 2MG A 1114 36.15 6.79 54.16
N9 2MG A 1114 37.19 7.59 54.81
C8 2MG A 1114 37.56 8.79 54.35
N7 2MG A 1114 38.54 9.34 55.11
C5 2MG A 1114 38.81 8.46 56.10
C6 2MG A 1114 39.74 8.43 57.24
O6 2MG A 1114 40.50 9.39 57.46
N1 2MG A 1114 39.73 7.36 58.04
C2 2MG A 1114 38.90 6.33 57.82
N2 2MG A 1114 38.93 5.26 58.65
CM2 2MG A 1114 38.15 4.08 58.35
N3 2MG A 1114 38.04 6.29 56.79
C4 2MG A 1114 37.92 7.32 55.90
P OMG A 1119 37.40 -0.87 46.60
OP1 OMG A 1119 38.42 0.05 45.99
OP2 OMG A 1119 36.57 -0.37 47.75
O5' OMG A 1119 36.37 -1.29 45.46
C5' OMG A 1119 36.78 -2.17 44.43
C4' OMG A 1119 35.60 -2.74 43.70
O4' OMG A 1119 34.85 -3.61 44.59
C3' OMG A 1119 34.57 -1.72 43.25
O3' OMG A 1119 34.97 -1.00 42.11
C2' OMG A 1119 33.33 -2.59 43.07
O2' OMG A 1119 33.40 -3.32 41.86
CM2 OMG A 1119 32.13 -3.86 41.51
C1' OMG A 1119 33.49 -3.58 44.23
N9 OMG A 1119 32.69 -3.17 45.40
C8 OMG A 1119 33.07 -2.36 46.41
N7 OMG A 1119 32.07 -2.19 47.29
C5 OMG A 1119 31.01 -2.90 46.85
C6 OMG A 1119 29.62 -3.16 47.30
O6 OMG A 1119 29.18 -2.66 48.35
N1 OMG A 1119 28.86 -3.94 46.55
C2 OMG A 1119 29.29 -4.50 45.42
N2 OMG A 1119 28.45 -5.28 44.72
N3 OMG A 1119 30.54 -4.31 44.95
C4 OMG A 1119 31.43 -3.53 45.60
P A2M A 1121 33.04 1.76 36.64
OP1 A2M A 1121 34.21 1.29 35.82
O5' A2M A 1121 31.81 2.07 35.67
C5' A2M A 1121 31.39 1.02 34.82
C4' A2M A 1121 29.95 1.26 34.40
O4' A2M A 1121 29.05 1.10 35.48
C3' A2M A 1121 29.72 2.68 33.94
O3' A2M A 1121 30.15 2.83 32.59
C2' A2M A 1121 28.22 2.83 34.09
O2' A2M A 1121 27.58 2.55 32.86
C1' A2M A 1121 27.84 1.76 35.11
CM' A2M A 1121 26.96 3.69 32.28
N9 A2M A 1121 27.23 2.42 36.29
C8 A2M A 1121 25.92 2.34 36.59
N7 A2M A 1121 25.64 3.05 37.71
C5 A2M A 1121 26.79 3.58 38.16
C6 A2M A 1121 27.19 4.42 39.29
N6 A2M A 1121 26.28 4.84 40.20
N1 A2M A 1121 28.49 4.76 39.38
C2 A2M A 1121 29.39 4.35 38.48
N3 A2M A 1121 29.09 3.57 37.43
C4 A2M A 1121 27.83 3.17 37.21
OP2 A2M A 1121 33.40 2.96 37.48
P A2M A 1131 50.18 13.40 12.94
OP1 A2M A 1131 50.90 14.70 13.19
O5' A2M A 1131 50.69 12.29 13.96
C5' A2M A 1131 52.08 12.06 14.22
C4' A2M A 1131 52.59 10.83 13.50
O4' A2M A 1131 53.90 10.51 13.98
C3' A2M A 1131 51.75 9.61 13.81
O3' A2M A 1131 51.91 8.68 12.73
C2' A2M A 1131 52.42 9.03 15.04
O2' A2M A 1131 52.25 7.64 15.13
C1' A2M A 1131 53.87 9.32 14.77
CM' A2M A 1131 50.96 7.28 15.60
N9 A2M A 1131 54.69 9.54 15.98
C8 A2M A 1131 54.49 10.49 16.90
N7 A2M A 1131 55.43 10.45 17.88
C5 A2M A 1131 56.27 9.46 17.58
C6 A2M A 1131 57.48 8.87 18.18
N6 A2M A 1131 58.00 9.35 19.33
N1 A2M A 1131 58.06 7.83 17.54
C2 A2M A 1131 57.57 7.34 16.40
N3 A2M A 1131 56.47 7.83 15.80
C4 A2M A 1131 55.79 8.87 16.32
OP2 A2M A 1131 50.34 12.96 11.51
N1 PSU A 1179 49.09 -2.93 -14.33
C2 PSU A 1179 49.90 -1.87 -14.39
N3 PSU A 1179 51.22 -2.00 -14.46
C4 PSU A 1179 51.77 -3.21 -14.48
C5 PSU A 1179 50.91 -4.38 -14.42
C6 PSU A 1179 49.54 -4.18 -14.35
O2 PSU A 1179 49.42 -0.72 -14.37
O4 PSU A 1179 52.99 -3.34 -14.54
C1' PSU A 1179 51.52 -5.72 -14.44
C2' PSU A 1179 52.02 -6.05 -13.07
O2' PSU A 1179 53.20 -6.84 -13.20
C3' PSU A 1179 50.89 -6.83 -12.45
C4' PSU A 1179 50.19 -7.48 -13.62
O3' PSU A 1179 51.32 -7.82 -11.52
O4' PSU A 1179 50.55 -6.71 -14.75
C5' PSU A 1179 48.68 -7.44 -13.43
O5' PSU A 1179 48.19 -8.69 -12.97
P PSU A 1179 46.66 -9.03 -13.28
OP1 PSU A 1179 46.29 -10.34 -12.66
OP2 PSU A 1179 45.86 -7.81 -12.95
P OMG A 1222 34.16 17.98 26.55
OP1 OMG A 1222 35.09 18.66 27.50
OP2 OMG A 1222 33.06 17.11 27.09
O5' OMG A 1222 33.50 19.11 25.63
C5' OMG A 1222 32.11 19.41 25.73
C4' OMG A 1222 31.39 19.09 24.44
O4' OMG A 1222 31.31 17.66 24.28
C3' OMG A 1222 29.95 19.60 24.37
O3' OMG A 1222 29.63 19.85 23.01
C2' OMG A 1222 29.17 18.40 24.85
O2' OMG A 1222 27.82 18.38 24.46
CM2 OMG A 1222 27.08 19.41 25.13
C1' OMG A 1222 29.96 17.25 24.25
N9 OMG A 1222 29.86 15.99 24.98
C8 OMG A 1222 30.92 15.38 25.55
N7 OMG A 1222 30.56 14.23 26.16
C5 OMG A 1222 29.23 14.09 25.97
C6 OMG A 1222 28.23 13.09 26.37
O6 OMG A 1222 28.55 12.08 27.03
N1 OMG A 1222 26.96 13.29 25.99
C2 OMG A 1222 26.60 14.37 25.28
N2 OMG A 1222 25.30 14.50 24.93
N3 OMG A 1222 27.47 15.32 24.88
C4 OMG A 1222 28.78 15.25 25.20
N1 PSU A 1274 5.02 1.00 47.14
C2 PSU A 1274 3.71 0.99 47.41
N3 PSU A 1274 3.23 0.59 48.58
C4 PSU A 1274 4.05 0.19 49.55
C5 PSU A 1274 5.49 0.20 49.28
C6 PSU A 1274 5.91 0.60 48.04
O2 PSU A 1274 2.92 1.36 46.53
O4 PSU A 1274 3.59 -0.18 50.64
C1' PSU A 1274 6.48 -0.24 50.27
C2' PSU A 1274 7.33 -1.28 49.60
O2' PSU A 1274 7.26 -2.48 50.36
C3' PSU A 1274 8.72 -0.67 49.52
C4' PSU A 1274 8.68 0.38 50.60
O3' PSU A 1274 9.74 -1.61 49.77
O4' PSU A 1274 7.34 0.84 50.59
C5' PSU A 1274 9.68 1.50 50.40
O5' PSU A 1274 9.28 2.32 49.32
P PSU A 1274 10.26 3.46 48.77
OP1 PSU A 1274 10.15 4.68 49.60
OP2 PSU A 1274 11.58 2.78 48.58
N1 PSU A 1280 9.84 -2.88 63.36
C2 PSU A 1280 9.24 -4.03 62.91
N3 PSU A 1280 7.87 -4.18 62.99
C4 PSU A 1280 7.11 -3.17 63.52
C5 PSU A 1280 7.71 -2.01 63.97
C6 PSU A 1280 9.09 -1.89 63.86
O2 PSU A 1280 9.92 -4.93 62.44
O4 PSU A 1280 5.90 -3.32 63.59
C1' PSU A 1280 6.88 -0.90 64.55
C2' PSU A 1280 6.54 -1.21 66.01
O2' PSU A 1280 5.26 -0.66 66.30
C3' PSU A 1280 7.63 -0.43 66.73
C4' PSU A 1280 7.72 0.82 65.89
O3' PSU A 1280 7.38 -0.20 68.09
O4' PSU A 1280 7.56 0.33 64.54
C5' PSU A 1280 9.00 1.60 66.00
O5' PSU A 1280 10.11 0.81 65.65
P PSU A 1280 11.57 1.44 65.60
OP1 PSU A 1280 11.64 2.35 66.76
OP2 PSU A 1280 12.54 0.35 65.42
N1 B8H A 1453 -5.10 -31.91 57.32
C2 B8H A 1453 -4.90 -30.60 57.77
C4 B8H A 1453 -6.34 -30.91 59.56
C1' B8H A 1453 -7.50 -33.19 59.89
C2' B8H A 1453 -8.95 -32.97 59.44
C3' B8H A 1453 -9.12 -34.10 58.45
C4' B8H A 1453 -8.34 -35.23 59.10
C5 B8H A 1453 -6.57 -32.30 59.12
C5' B8H A 1453 -7.88 -36.34 58.20
C6 B8H A 1453 -5.90 -32.74 57.98
CN1 B8H A 1453 -4.42 -32.40 56.12
N3 B8H A 1453 -5.51 -30.13 58.86
O2 B8H A 1453 -4.13 -29.83 57.14
O2' B8H A 1453 -9.79 -33.16 60.57
O3' B8H A 1453 -10.47 -34.43 58.16
O4 B8H A 1453 -6.92 -30.48 60.58
O4' B8H A 1453 -7.19 -34.55 59.69
O5' B8H A 1453 -6.98 -35.86 57.20
OP1 B8H A 1453 -6.58 -38.12 56.23
OP2 B8H A 1453 -5.14 -36.07 55.51
P B8H A 1453 -5.88 -36.83 56.58
P UR3 A 1459 -10.63 -27.11 35.91
OP1 UR3 A 1459 -10.97 -26.72 34.49
OP2 UR3 A 1459 -11.63 -26.89 37.02
O5' UR3 A 1459 -10.24 -28.65 35.91
C5' UR3 A 1459 -11.00 -29.61 36.62
C4' UR3 A 1459 -10.39 -30.98 36.48
O4' UR3 A 1459 -9.78 -31.10 35.16
C1' UR3 A 1459 -8.62 -31.89 35.24
N1 UR3 A 1459 -7.46 -31.10 34.77
C6 UR3 A 1459 -7.62 -29.80 34.52
C2 UR3 A 1459 -6.19 -31.69 34.54
O2 UR3 A 1459 -5.96 -32.90 34.74
N3 UR3 A 1459 -5.13 -30.88 34.08
C3U UR3 A 1459 -3.81 -31.48 33.86
C4 UR3 A 1459 -5.34 -29.51 33.84
O4 UR3 A 1459 -4.41 -28.79 33.43
C5 UR3 A 1459 -6.59 -28.98 34.06
C2' UR3 A 1459 -8.48 -32.37 36.69
O2' UR3 A 1459 -9.12 -33.63 36.81
C3' UR3 A 1459 -9.25 -31.30 37.43
O3' UR3 A 1459 -9.69 -31.73 38.71
P A2M A 1464 3.75 -24.02 44.80
OP1 A2M A 1464 5.07 -23.33 44.96
O5' A2M A 1464 2.56 -22.94 44.82
C5' A2M A 1464 2.59 -21.83 43.92
C4' A2M A 1464 1.23 -21.15 43.89
O4' A2M A 1464 0.22 -22.03 43.38
C3' A2M A 1464 0.71 -20.79 45.27
O3' A2M A 1464 1.28 -19.60 45.79
C2' A2M A 1464 -0.77 -20.65 45.01
O2' A2M A 1464 -1.06 -19.39 44.42
C1' A2M A 1464 -1.03 -21.76 44.02
CM' A2M A 1464 -2.46 -19.13 44.41
N9 A2M A 1464 -1.50 -22.93 44.79
C8 A2M A 1464 -0.79 -24.02 45.11
N7 A2M A 1464 -1.54 -24.90 45.83
C5 A2M A 1464 -2.75 -24.34 45.99
C6 A2M A 1464 -4.00 -24.72 46.66
N6 A2M A 1464 -4.13 -25.89 47.33
N1 A2M A 1464 -5.03 -23.85 46.60
C2 A2M A 1464 -4.93 -22.67 45.96
N3 A2M A 1464 -3.82 -22.28 45.33
C4 A2M A 1464 -2.72 -23.05 45.32
OP2 A2M A 1464 3.51 -25.04 45.89
P OMG A 1476 20.81 -33.12 61.74
OP1 OMG A 1476 21.01 -31.93 60.84
OP2 OMG A 1476 19.97 -34.21 61.16
O5' OMG A 1476 22.19 -33.72 62.22
C5' OMG A 1476 22.27 -35.12 62.36
C4' OMG A 1476 22.97 -35.50 63.65
O4' OMG A 1476 22.57 -34.67 64.72
C3' OMG A 1476 22.59 -36.89 64.08
O3' OMG A 1476 23.49 -37.84 63.54
C2' OMG A 1476 22.64 -36.84 65.59
O2' OMG A 1476 23.95 -37.00 66.07
CM2 OMG A 1476 24.05 -36.79 67.47
C1' OMG A 1476 22.26 -35.43 65.88
N9 OMG A 1476 20.83 -35.44 66.13
C8 OMG A 1476 19.88 -34.86 65.38
N7 OMG A 1476 18.66 -35.06 65.92
C5 OMG A 1476 18.83 -35.79 67.03
C6 OMG A 1476 17.97 -36.35 68.07
O6 OMG A 1476 16.76 -36.18 68.01
N1 OMG A 1476 18.54 -37.04 69.06
C2 OMG A 1476 19.85 -37.22 69.12
N2 OMG A 1476 20.37 -37.93 70.15
N3 OMG A 1476 20.70 -36.74 68.21
C4 OMG A 1476 20.26 -36.02 67.16
P OMG A 1643 16.13 -55.99 45.55
OP1 OMG A 1643 15.29 -55.78 44.35
OP2 OMG A 1643 15.42 -56.62 46.69
O5' OMG A 1643 17.45 -56.81 45.19
C5' OMG A 1643 18.65 -56.17 44.77
C4' OMG A 1643 19.86 -56.97 45.21
O4' OMG A 1643 20.15 -56.68 46.57
C3' OMG A 1643 19.63 -58.47 45.22
O3' OMG A 1643 19.93 -59.06 43.97
C2' OMG A 1643 20.56 -58.96 46.30
O2' OMG A 1643 21.90 -59.00 45.82
CM2 OMG A 1643 22.82 -59.42 46.81
C1' OMG A 1643 20.52 -57.84 47.30
N9 OMG A 1643 19.52 -58.20 48.31
C8 OMG A 1643 18.27 -57.75 48.39
N7 OMG A 1643 17.62 -58.30 49.43
C5 OMG A 1643 18.47 -59.12 50.05
C6 OMG A 1643 18.45 -60.01 51.21
O6 OMG A 1643 17.41 -60.10 51.89
N1 OMG A 1643 19.53 -60.70 51.51
C2 OMG A 1643 20.65 -60.60 50.80
N2 OMG A 1643 21.71 -61.32 51.16
N3 OMG A 1643 20.76 -59.81 49.72
C4 OMG A 1643 19.71 -59.06 49.31
P A2M A 1821 54.40 -34.20 22.48
OP1 A2M A 1821 53.76 -35.15 21.51
O5' A2M A 1821 53.67 -32.77 22.39
C5' A2M A 1821 52.25 -32.69 22.37
C4' A2M A 1821 51.83 -31.23 22.40
O4' A2M A 1821 52.23 -30.61 23.61
C3' A2M A 1821 52.46 -30.41 21.30
O3' A2M A 1821 51.73 -30.45 20.07
C2' A2M A 1821 52.40 -29.03 21.89
O2' A2M A 1821 51.14 -28.43 21.65
C1' A2M A 1821 52.60 -29.25 23.36
CM' A2M A 1821 51.18 -27.02 21.81
N9 A2M A 1821 54.01 -29.06 23.77
C8 A2M A 1821 54.82 -30.04 24.17
N7 A2M A 1821 56.06 -29.59 24.47
C5 A2M A 1821 56.04 -28.26 24.27
C6 A2M A 1821 57.02 -27.17 24.39
N6 A2M A 1821 58.28 -27.42 24.82
N1 A2M A 1821 56.61 -25.93 24.07
C2 A2M A 1821 55.37 -25.69 23.64
N3 A2M A 1821 54.43 -26.63 23.51
C4 A2M A 1821 54.70 -27.92 23.79
OP2 A2M A 1821 55.87 -34.07 22.26
P OMG A 1822 52.48 -30.74 18.68
OP1 OMG A 1822 51.52 -30.46 17.57
OP2 OMG A 1822 53.12 -32.10 18.78
O5' OMG A 1822 53.64 -29.66 18.62
C5' OMG A 1822 53.36 -28.30 18.30
C4' OMG A 1822 54.44 -27.38 18.82
O4' OMG A 1822 54.83 -27.79 20.15
C3' OMG A 1822 55.75 -27.37 18.03
O3' OMG A 1822 55.68 -26.57 16.87
C2' OMG A 1822 56.73 -26.86 19.07
O2' OMG A 1822 56.64 -25.44 19.20
CM2 OMG A 1822 57.56 -24.90 20.13
C1' OMG A 1822 56.19 -27.48 20.35
N9 OMG A 1822 56.89 -28.72 20.72
C8 OMG A 1822 56.42 -29.97 20.58
N7 OMG A 1822 57.31 -30.89 21.04
C5 OMG A 1822 58.38 -30.21 21.48
C6 OMG A 1822 59.68 -30.56 22.09
O6 OMG A 1822 59.99 -31.76 22.30
N1 OMG A 1822 60.51 -29.57 22.41
C2 OMG A 1822 60.19 -28.29 22.22
N2 OMG A 1822 61.09 -27.34 22.56
N3 OMG A 1822 59.02 -27.89 21.66
C4 OMG A 1822 58.10 -28.80 21.28
N1 OMC A 1823 61.23 -27.76 18.20
C2 OMC A 1823 62.32 -28.39 18.85
N3 OMC A 1823 62.25 -29.68 19.21
C4 OMC A 1823 61.14 -30.40 18.96
C5 OMC A 1823 60.06 -29.82 18.32
C6 OMC A 1823 60.13 -28.48 17.96
O2 OMC A 1823 63.35 -27.73 19.09
N4 OMC A 1823 61.09 -31.71 19.32
C1' OMC A 1823 61.32 -26.34 17.81
C2' OMC A 1823 61.98 -26.13 16.44
O2' OMC A 1823 62.74 -24.93 16.49
CM2 OMC A 1823 63.98 -25.09 17.16
C3' OMC A 1823 60.77 -25.96 15.54
C4' OMC A 1823 59.81 -25.19 16.44
O4' OMC A 1823 60.02 -25.81 17.73
O3' OMC A 1823 61.04 -25.28 14.33
C5' OMC A 1823 58.36 -25.29 16.06
O5' OMC A 1823 57.97 -26.63 15.85
P OMC A 1823 56.46 -27.02 15.54
OP1 OMC A 1823 56.00 -26.13 14.42
OP2 OMC A 1823 56.37 -28.51 15.41
P A2M A 1859 77.11 -0.75 -1.64
OP1 A2M A 1859 78.51 -0.55 -1.13
O5' A2M A 1859 76.45 0.64 -2.05
C5' A2M A 1859 75.81 1.48 -1.10
C4' A2M A 1859 75.11 2.58 -1.87
O4' A2M A 1859 74.07 2.07 -2.69
C3' A2M A 1859 74.45 3.60 -0.98
O3' A2M A 1859 75.38 4.58 -0.53
C2' A2M A 1859 73.38 4.18 -1.87
O2' A2M A 1859 73.96 5.17 -2.71
C1' A2M A 1859 72.98 2.99 -2.73
CM' A2M A 1859 73.39 6.45 -2.51
N9 A2M A 1859 71.76 2.34 -2.23
C8 A2M A 1859 71.69 1.10 -1.71
N7 A2M A 1859 70.43 0.79 -1.34
C5 A2M A 1859 69.66 1.85 -1.63
C6 A2M A 1859 68.23 2.20 -1.48
N6 A2M A 1859 67.35 1.32 -0.95
N1 A2M A 1859 67.84 3.42 -1.90
C2 A2M A 1859 68.70 4.30 -2.42
N3 A2M A 1859 70.00 4.05 -2.59
C4 A2M A 1859 70.54 2.87 -2.21
OP2 A2M A 1859 76.24 -1.45 -0.62
N1 OMC A 1880 70.12 -26.19 17.72
C2 OMC A 1880 71.17 -26.51 16.81
N3 OMC A 1880 71.44 -25.66 15.80
C4 OMC A 1880 70.74 -24.54 15.62
C5 OMC A 1880 69.71 -24.21 16.48
C6 OMC A 1880 69.42 -25.07 17.53
O2 OMC A 1880 71.86 -27.54 16.91
N4 OMC A 1880 71.04 -23.71 14.59
C1' OMC A 1880 69.76 -27.09 18.85
C2' OMC A 1880 70.82 -27.14 19.94
O2' OMC A 1880 70.83 -28.45 20.50
CM2 OMC A 1880 71.44 -29.40 19.62
C3' OMC A 1880 70.27 -26.14 20.95
C4' OMC A 1880 68.77 -26.32 20.83
O4' OMC A 1880 68.57 -26.63 19.43
O3' OMC A 1880 70.75 -26.35 22.26
C5' OMC A 1880 67.93 -25.13 21.19
O5' OMC A 1880 68.17 -24.69 22.52
P OMC A 1880 68.05 -23.16 22.91
OP1 OMC A 1880 67.96 -23.10 24.41
OP2 OMC A 1880 69.15 -22.40 22.20
P OMG A 1882 78.28 -25.60 22.13
OP1 OMG A 1882 79.10 -26.30 23.19
OP2 OMG A 1882 77.72 -24.24 22.43
O5' OMG A 1882 79.18 -25.53 20.82
C5' OMG A 1882 80.34 -24.72 20.78
C4' OMG A 1882 80.48 -24.01 19.46
O4' OMG A 1882 79.21 -24.03 18.76
C3' OMG A 1882 80.83 -22.54 19.55
O3' OMG A 1882 82.23 -22.32 19.71
C2' OMG A 1882 80.27 -21.97 18.26
O2' OMG A 1882 81.12 -22.27 17.16
CM2 OMG A 1882 80.68 -21.66 15.94
C1' OMG A 1882 78.99 -22.80 18.11
N9 OMG A 1882 77.81 -22.17 18.72
C8 OMG A 1882 77.35 -22.37 19.97
N7 OMG A 1882 76.23 -21.65 20.22
C5 OMG A 1882 75.94 -20.99 19.10
C6 OMG A 1882 74.88 -20.06 18.67
O6 OMG A 1882 73.97 -19.73 19.46
N1 OMG A 1882 74.92 -19.58 17.43
C2 OMG A 1882 75.90 -19.93 16.57
N2 OMG A 1882 75.87 -19.41 15.32
N3 OMG A 1882 76.89 -20.77 16.88
C4 OMG A 1882 76.97 -21.33 18.11
N1 PSU A 1966 57.81 38.34 10.13
C2 PSU A 1966 56.71 37.53 10.29
N3 PSU A 1966 56.67 36.63 11.33
C4 PSU A 1966 57.73 36.52 12.19
C5 PSU A 1966 58.84 37.34 12.03
C6 PSU A 1966 58.86 38.25 10.97
O2 PSU A 1966 55.77 37.62 9.51
O4 PSU A 1966 57.67 35.71 13.11
C1' PSU A 1966 60.01 37.26 12.97
C2' PSU A 1966 60.90 36.05 12.63
O2' PSU A 1966 61.37 35.50 13.85
C3' PSU A 1966 62.02 36.71 11.85
C4' PSU A 1966 62.19 38.04 12.57
O3' PSU A 1966 63.21 35.95 11.82
O4' PSU A 1966 60.82 38.41 12.92
C5' PSU A 1966 62.82 39.13 11.76
O5' PSU A 1966 61.99 39.53 10.68
P PSU A 1966 62.12 40.96 10.02
OP1 PSU A 1966 63.54 41.20 9.72
OP2 PSU A 1966 61.11 41.05 8.93
P OMG A 2231 96.69 34.31 -13.54
OP1 OMG A 2231 97.47 33.03 -13.44
OP2 OMG A 2231 95.20 34.32 -13.28
O5' OMG A 2231 97.33 35.35 -12.52
C5' OMG A 2231 98.72 35.63 -12.53
C4' OMG A 2231 99.07 36.78 -11.64
O4' OMG A 2231 98.39 37.98 -12.11
C3' OMG A 2231 98.64 36.67 -10.20
O3' OMG A 2231 99.51 35.86 -9.42
C2' OMG A 2231 98.58 38.11 -9.75
O2' OMG A 2231 99.88 38.63 -9.51
CM2 OMG A 2231 99.86 39.97 -9.02
C1' OMG A 2231 98.01 38.78 -11.00
N9 OMG A 2231 96.55 38.85 -10.96
C8 OMG A 2231 95.67 38.07 -11.63
N7 OMG A 2231 94.40 38.43 -11.34
C5 OMG A 2231 94.45 39.45 -10.47
C6 OMG A 2231 93.48 40.30 -9.75
O6 OMG A 2231 92.25 40.15 -9.89
N1 OMG A 2231 93.97 41.24 -8.93
C2 OMG A 2231 95.28 41.44 -8.76
N2 OMG A 2231 95.70 42.41 -7.91
N3 OMG A 2231 96.22 40.70 -9.37
C4 OMG A 2231 95.87 39.71 -10.22
N1 OMC A 2262 66.90 4.40 -6.41
C2 OMC A 2262 67.97 3.56 -6.05
N3 OMC A 2262 67.75 2.41 -5.40
C4 OMC A 2262 66.50 2.03 -5.07
C5 OMC A 2262 65.43 2.83 -5.39
C6 OMC A 2262 65.65 4.02 -6.07
O2 OMC A 2262 69.15 3.87 -6.33
N4 OMC A 2262 66.30 0.86 -4.40
C1' OMC A 2262 67.11 5.68 -7.11
C2' OMC A 2262 67.40 5.49 -8.62
O2' OMC A 2262 68.30 6.50 -9.03
CM2 OMC A 2262 69.66 6.14 -8.81
C3' OMC A 2262 66.01 5.71 -9.22
C4' OMC A 2262 65.45 6.80 -8.33
O4' OMC A 2262 65.93 6.45 -7.01
O3' OMC A 2262 66.05 6.07 -10.59
C5' OMC A 2262 63.94 6.90 -8.33
O5' OMC A 2262 63.37 5.63 -8.08
P OMC A 2262 61.80 5.47 -7.90
OP1 OMC A 2262 61.12 6.05 -9.10
OP2 OMC A 2262 61.54 4.03 -7.51
N1 OMC A 2319 38.01 -22.39 -20.37
C2 OMC A 2319 38.10 -21.18 -19.65
N3 OMC A 2319 38.86 -21.12 -18.55
C4 OMC A 2319 39.53 -22.20 -18.10
C5 OMC A 2319 39.44 -23.40 -18.78
C6 OMC A 2319 38.66 -23.47 -19.93
O2 OMC A 2319 37.50 -20.16 -20.03
N4 OMC A 2319 40.27 -22.10 -16.98
C1' OMC A 2319 37.15 -22.48 -21.59
C2' OMC A 2319 37.81 -21.86 -22.83
O2' OMC A 2319 36.79 -21.28 -23.63
CM2 OMC A 2319 36.27 -20.07 -23.11
C3' OMC A 2319 38.40 -23.08 -23.52
C4' OMC A 2319 37.35 -24.15 -23.22
O4' OMC A 2319 36.93 -23.85 -21.87
O3' OMC A 2319 38.61 -22.90 -24.91
C5' OMC A 2319 37.83 -25.57 -23.31
O5' OMC A 2319 38.96 -25.78 -22.48
P OMC A 2319 39.30 -27.22 -21.91
OP1 OMC A 2319 39.58 -28.15 -23.05
OP2 OMC A 2319 40.34 -27.03 -20.82
N1 OMC A 2486 -3.13 23.52 2.54
C2 OMC A 2486 -2.05 23.13 3.34
N3 OMC A 2486 -0.83 22.94 2.81
C4 OMC A 2486 -0.64 23.11 1.48
C5 OMC A 2486 -1.70 23.49 0.67
C6 OMC A 2486 -2.95 23.69 1.22
O2 OMC A 2486 -2.23 22.96 4.58
N4 OMC A 2486 0.59 22.93 0.96
C1' OMC A 2486 -4.45 23.71 3.16
C2' OMC A 2486 -5.42 24.56 2.37
O2' OMC A 2486 -5.15 25.94 2.53
CM2 OMC A 2486 -5.80 26.72 1.53
C3' OMC A 2486 -6.75 24.11 2.93
C4' OMC A 2486 -6.51 22.63 3.28
O4' OMC A 2486 -5.07 22.45 3.28
O3' OMC A 2486 -7.05 24.82 4.13
C5' OMC A 2486 -7.14 21.65 2.32
O5' OMC A 2486 -6.79 21.94 0.98
P OMC A 2486 -7.87 21.78 -0.19
OP1 OMC A 2486 -9.06 22.64 0.16
OP2 OMC A 2486 -7.15 22.00 -1.49
N1 PSU A 2500 -5.53 42.39 23.42
C2 PSU A 2500 -4.36 42.41 22.70
N3 PSU A 2500 -3.48 41.36 22.79
C4 PSU A 2500 -3.77 40.29 23.60
C5 PSU A 2500 -4.95 40.27 24.33
C6 PSU A 2500 -5.82 41.35 24.21
O2 PSU A 2500 -4.10 43.37 21.97
O4 PSU A 2500 -2.96 39.36 23.67
C1' PSU A 2500 -5.30 39.10 25.23
C2' PSU A 2500 -4.52 39.13 26.55
O2' PSU A 2500 -4.26 37.79 26.96
C3' PSU A 2500 -5.51 39.79 27.49
C4' PSU A 2500 -6.85 39.28 26.98
O3' PSU A 2500 -5.30 39.48 28.86
O4' PSU A 2500 -6.66 39.15 25.55
C5' PSU A 2500 -8.02 40.18 27.26
O5' PSU A 2500 -7.78 41.49 26.77
P PSU A 2500 -8.96 42.55 26.66
OP1 PSU A 2500 -9.54 42.72 28.01
OP2 PSU A 2500 -8.39 43.72 25.96
P A2M A 2503 4.33 44.43 35.03
OP1 A2M A 2503 4.12 44.19 36.50
O5' A2M A 2503 5.71 45.24 34.80
C5' A2M A 2503 6.88 44.86 35.51
C4' A2M A 2503 8.13 45.35 34.78
O4' A2M A 2503 8.09 44.98 33.40
C3' A2M A 2503 8.26 46.85 34.78
O3' A2M A 2503 8.88 47.38 35.95
C2' A2M A 2503 9.09 47.09 33.54
O2' A2M A 2503 10.48 46.92 33.82
C1' A2M A 2503 8.61 46.03 32.58
CM' A2M A 2503 11.31 47.27 32.71
N9 A2M A 2503 7.55 46.62 31.72
C8 A2M A 2503 6.23 46.64 31.95
N7 A2M A 2503 5.57 47.28 30.96
C5 A2M A 2503 6.49 47.71 30.08
C6 A2M A 2503 6.47 48.45 28.81
N6 A2M A 2503 5.31 48.89 28.27
N1 A2M A 2503 7.65 48.70 28.20
C2 A2M A 2503 8.81 48.25 28.74
N3 A2M A 2503 8.90 47.58 29.89
C4 A2M A 2503 7.79 47.28 30.59
OP2 A2M A 2503 3.17 45.17 34.41
P A2M A 2508 -3.45 63.53 39.33
OP1 A2M A 2508 -3.68 65.01 39.39
O5' A2M A 2508 -4.48 62.75 40.30
C5' A2M A 2508 -5.87 62.98 40.18
C4' A2M A 2508 -6.67 61.77 40.65
O4' A2M A 2508 -6.29 60.57 39.96
C3' A2M A 2508 -6.46 61.42 42.13
O3' A2M A 2508 -7.23 62.23 43.01
C2' A2M A 2508 -6.91 59.98 42.16
O2' A2M A 2508 -8.33 59.93 42.21
C1' A2M A 2508 -6.40 59.45 40.83
CM' A2M A 2508 -8.86 58.60 42.19
N9 A2M A 2508 -5.09 58.80 41.06
C8 A2M A 2508 -3.90 59.30 40.71
N7 A2M A 2508 -2.89 58.46 41.07
C5 A2M A 2508 -3.45 57.40 41.67
C6 A2M A 2508 -2.96 56.14 42.29
N6 A2M A 2508 -1.64 55.85 42.34
N1 A2M A 2508 -3.89 55.30 42.81
C2 A2M A 2508 -5.20 55.59 42.77
N3 A2M A 2508 -5.71 56.70 42.21
C4 A2M A 2508 -4.90 57.64 41.67
OP2 A2M A 2508 -2.03 63.17 39.68
N1 PSU A 2514 1.56 52.83 46.76
C2 PSU A 2514 0.45 53.64 46.61
N3 PSU A 2514 -0.73 53.32 47.23
C4 PSU A 2514 -0.80 52.19 48.03
C5 PSU A 2514 0.32 51.38 48.18
C6 PSU A 2514 1.49 51.74 47.53
O2 PSU A 2514 0.52 54.64 45.90
O4 PSU A 2514 -1.86 51.93 48.59
C1' PSU A 2514 0.28 50.14 49.05
C2' PSU A 2514 -0.42 48.98 48.37
O2' PSU A 2514 -1.09 48.22 49.36
C3' PSU A 2514 0.75 48.19 47.80
C4' PSU A 2514 1.82 48.39 48.86
O3' PSU A 2514 0.46 46.83 47.56
O4' PSU A 2514 1.59 49.73 49.35
C5' PSU A 2514 3.25 48.28 48.40
O5' PSU A 2514 3.78 49.55 48.05
P PSU A 2514 5.35 49.77 47.87
OP1 PSU A 2514 5.97 48.45 47.66
OP2 PSU A 2514 5.56 50.84 46.87
N1 B8H A 2547 -26.68 -15.54 -16.83
C2 B8H A 2547 -25.40 -15.83 -17.36
C4 B8H A 2547 -25.08 -17.55 -15.84
C1' B8H A 2547 -26.91 -18.07 -14.12
C2' B8H A 2547 -26.26 -17.61 -12.81
C3' B8H A 2547 -27.38 -16.82 -12.17
C4' B8H A 2547 -28.63 -17.56 -12.63
C5 B8H A 2547 -26.41 -17.26 -15.26
C5' B8H A 2547 -29.91 -16.78 -12.62
C6 B8H A 2547 -27.18 -16.24 -15.80
CN1 B8H A 2547 -27.45 -14.45 -17.42
N3 B8H A 2547 -24.65 -16.81 -16.86
O2 B8H A 2547 -24.98 -15.16 -18.31
O2' B8H A 2547 -25.94 -18.76 -12.04
O3' B8H A 2547 -27.27 -16.74 -10.76
O4 B8H A 2547 -24.36 -18.46 -15.39
O4' B8H A 2547 -28.31 -17.97 -13.97
O5' B8H A 2547 -30.19 -16.20 -13.89
OP1 B8H A 2547 -32.61 -16.59 -13.43
OP2 B8H A 2547 -31.87 -15.16 -15.45
P B8H A 2547 -31.64 -16.33 -14.54
N1 PSU A 2549 -24.73 -10.35 -12.34
C2 PSU A 2549 -25.05 -9.83 -13.58
N3 PSU A 2549 -24.05 -9.46 -14.45
C4 PSU A 2549 -22.73 -9.60 -14.10
C5 PSU A 2549 -22.41 -10.13 -12.85
C6 PSU A 2549 -23.44 -10.50 -11.99
O2 PSU A 2549 -26.22 -9.70 -13.90
O4 PSU A 2549 -21.86 -9.27 -14.90
C1' PSU A 2549 -20.98 -10.33 -12.41
C2' PSU A 2549 -20.24 -9.03 -12.10
O2' PSU A 2549 -18.89 -9.19 -12.46
C3' PSU A 2549 -20.38 -8.96 -10.59
C4' PSU A 2549 -20.32 -10.41 -10.16
O3' PSU A 2549 -19.39 -8.16 -9.95
O4' PSU A 2549 -20.97 -11.12 -11.25
C5' PSU A 2549 -21.00 -10.74 -8.85
O5' PSU A 2549 -20.93 -12.12 -8.55
P PSU A 2549 -22.15 -13.09 -8.86
OP1 PSU A 2549 -22.29 -14.06 -7.76
OP2 PSU A 2549 -23.31 -12.24 -9.23
P 5MC A 2567 3.01 -5.82 -13.02
OP1 5MC A 2567 3.90 -6.72 -13.82
OP2 5MC A 2567 1.68 -5.56 -13.66
O5' 5MC A 2567 2.82 -6.34 -11.53
C5' 5MC A 2567 3.95 -6.78 -10.79
C4' 5MC A 2567 3.57 -6.97 -9.33
O4' 5MC A 2567 2.75 -5.89 -8.87
C3' 5MC A 2567 2.77 -8.22 -9.10
O3' 5MC A 2567 3.65 -9.33 -8.86
C2' 5MC A 2567 1.92 -7.85 -7.91
O2' 5MC A 2567 2.63 -8.10 -6.69
C1' 5MC A 2567 1.73 -6.35 -8.01
N1 5MC A 2567 0.41 -6.02 -8.52
C2 5MC A 2567 -0.70 -6.21 -7.68
O2 5MC A 2567 -0.52 -6.66 -6.54
N3 5MC A 2567 -1.95 -5.92 -8.09
C4 5MC A 2567 -2.18 -5.45 -9.31
N4 5MC A 2567 -3.44 -5.17 -9.71
C5 5MC A 2567 -1.04 -5.24 -10.21
C6 5MC A 2567 0.22 -5.54 -9.75
CM5 5MC A 2567 -1.25 -4.70 -11.59
P A2M A 2570 10.65 -10.80 -5.58
OP1 A2M A 2570 11.85 -10.61 -6.48
O5' A2M A 2570 11.02 -10.45 -4.06
C5' A2M A 2570 11.76 -9.27 -3.78
C4' A2M A 2570 11.90 -9.06 -2.29
O4' A2M A 2570 13.18 -8.46 -2.07
C3' A2M A 2570 10.85 -8.06 -1.79
O3' A2M A 2570 10.33 -8.42 -0.50
C2' A2M A 2570 11.64 -6.78 -1.69
O2' A2M A 2570 11.11 -5.88 -0.73
C1' A2M A 2570 13.01 -7.28 -1.29
CM' A2M A 2570 10.60 -4.70 -1.35
N9 A2M A 2570 13.98 -6.20 -1.55
C8 A2M A 2570 13.95 -5.36 -2.58
N7 A2M A 2570 14.96 -4.46 -2.50
C5 A2M A 2570 15.65 -4.72 -1.38
C6 A2M A 2570 16.81 -4.16 -0.69
N6 A2M A 2570 17.45 -3.09 -1.21
N1 A2M A 2570 17.22 -4.72 0.47
C2 A2M A 2570 16.57 -5.77 0.98
N3 A2M A 2570 15.49 -6.33 0.42
C4 A2M A 2570 14.99 -5.86 -0.74
OP2 A2M A 2570 10.13 -12.21 -5.65
P OMG A 2577 0.83 -20.35 -2.66
OP1 OMG A 2577 1.64 -20.29 -3.93
OP2 OMG A 2577 0.93 -19.24 -1.65
O5' OMG A 2577 -0.70 -20.50 -3.10
C5' OMG A 2577 -1.73 -20.70 -2.13
C4' OMG A 2577 -3.00 -20.01 -2.54
O4' OMG A 2577 -2.81 -18.58 -2.49
C3' OMG A 2577 -3.47 -20.28 -3.96
O3' OMG A 2577 -4.19 -21.49 -4.07
C2' OMG A 2577 -4.32 -19.05 -4.27
O2' OMG A 2577 -5.61 -19.16 -3.70
CM2 OMG A 2577 -6.48 -18.12 -4.14
C1' OMG A 2577 -3.55 -17.96 -3.52
N9 OMG A 2577 -2.61 -17.23 -4.37
C8 OMG A 2577 -1.28 -17.15 -4.18
N7 OMG A 2577 -0.69 -16.40 -5.14
C5 OMG A 2577 -1.65 -15.98 -5.96
C6 OMG A 2577 -1.72 -15.15 -7.19
O6 OMG A 2577 -0.68 -14.65 -7.68
N1 OMG A 2577 -2.91 -14.94 -7.75
C2 OMG A 2577 -4.03 -15.47 -7.24
N2 OMG A 2577 -5.21 -15.22 -7.87
N3 OMG A 2577 -4.05 -16.24 -6.13
C4 OMG A 2577 -2.92 -16.52 -5.46
P A2M A 2610 22.80 -4.61 -22.65
OP1 A2M A 2610 23.18 -5.81 -23.48
O5' A2M A 2610 24.11 -3.83 -22.16
C5' A2M A 2610 24.95 -3.20 -23.13
C4' A2M A 2610 25.82 -2.17 -22.41
O4' A2M A 2610 25.04 -1.05 -22.01
C3' A2M A 2610 26.43 -2.71 -21.13
O3' A2M A 2610 27.64 -3.43 -21.33
C2' A2M A 2610 26.66 -1.44 -20.35
O2' A2M A 2610 27.88 -0.84 -20.78
C1' A2M A 2610 25.49 -0.58 -20.74
CM' A2M A 2610 28.33 0.17 -19.88
N9 A2M A 2610 24.44 -0.75 -19.72
C8 A2M A 2610 23.39 -1.60 -19.76
N7 A2M A 2610 22.63 -1.50 -18.64
C5 A2M A 2610 23.20 -0.57 -17.86
C6 A2M A 2610 22.93 0.03 -16.54
N6 A2M A 2610 21.85 -0.34 -15.81
N1 A2M A 2610 23.77 0.98 -16.09
C2 A2M A 2610 24.84 1.37 -16.80
N3 A2M A 2610 25.15 0.87 -18.00
C4 A2M A 2610 24.39 -0.09 -18.58
OP2 A2M A 2610 21.97 -4.99 -21.46
P A2M A 2652 44.18 -35.94 44.93
OP1 A2M A 2652 44.75 -37.25 45.38
O5' A2M A 2652 43.15 -36.16 43.73
C5' A2M A 2652 43.23 -37.28 42.85
C4' A2M A 2652 41.97 -38.09 43.03
O4' A2M A 2652 40.90 -37.21 43.35
C3' A2M A 2652 41.53 -38.87 41.82
O3' A2M A 2652 41.85 -40.25 41.97
C2' A2M A 2652 40.02 -38.74 41.83
O2' A2M A 2652 39.50 -39.84 42.56
C1' A2M A 2652 39.75 -37.43 42.55
CM' A2M A 2652 38.08 -39.87 42.60
N9 A2M A 2652 39.60 -36.33 41.57
C8 A2M A 2652 40.49 -35.34 41.38
N7 A2M A 2652 40.07 -34.48 40.42
C5 A2M A 2652 38.89 -34.93 39.98
C6 A2M A 2652 37.90 -34.49 38.97
N6 A2M A 2652 38.11 -33.37 38.23
N1 A2M A 2652 36.79 -35.23 38.81
C2 A2M A 2652 36.57 -36.34 39.55
N3 A2M A 2652 37.43 -36.79 40.47
C4 A2M A 2652 38.58 -36.14 40.74
OP2 A2M A 2652 45.26 -34.97 44.53
N1 OMC A 2654 34.38 -48.33 37.73
C2 OMC A 2654 33.41 -49.30 38.11
N3 OMC A 2654 33.00 -49.38 39.39
C4 OMC A 2654 33.49 -48.56 40.33
C5 OMC A 2654 34.44 -47.62 39.99
C6 OMC A 2654 34.88 -47.53 38.69
O2 OMC A 2654 32.91 -50.09 37.29
N4 OMC A 2654 33.06 -48.66 41.61
C1' OMC A 2654 34.87 -48.24 36.34
C2' OMC A 2654 33.83 -47.64 35.38
O2' OMC A 2654 34.08 -48.17 34.10
CM2 OMC A 2654 32.86 -48.47 33.42
C3' OMC A 2654 34.21 -46.17 35.44
C4' OMC A 2654 35.73 -46.22 35.47
O4' OMC A 2654 36.00 -47.38 36.30
O3' OMC A 2654 33.70 -45.40 34.36
C5' OMC A 2654 36.40 -45.03 36.06
O5' OMC A 2654 35.80 -44.72 37.31
P OMC A 2654 36.69 -44.29 38.56
OP1 OMC A 2654 35.74 -44.12 39.72
OP2 OMC A 2654 37.87 -45.22 38.67
N1 OMC A 2672 33.40 -56.48 41.53
C2 OMC A 2672 33.89 -55.61 42.53
N3 OMC A 2672 34.40 -56.12 43.68
C4 OMC A 2672 34.43 -57.44 43.89
C5 OMC A 2672 33.95 -58.31 42.93
C6 OMC A 2672 33.44 -57.80 41.75
O2 OMC A 2672 33.88 -54.38 42.36
N4 OMC A 2672 34.93 -57.93 45.05
C1' OMC A 2672 32.86 -55.92 40.27
C2' OMC A 2672 33.97 -55.52 39.29
O2' OMC A 2672 33.53 -54.37 38.57
CM2 OMC A 2672 34.14 -53.20 39.07
C3' OMC A 2672 34.02 -56.75 38.38
C4' OMC A 2672 32.56 -57.13 38.28
O4' OMC A 2672 32.07 -56.92 39.63
O3' OMC A 2672 34.62 -56.51 37.13
C5' OMC A 2672 32.29 -58.55 37.86
O5' OMC A 2672 30.92 -58.76 37.56
P OMC A 2672 30.00 -59.65 38.50
OP1 OMC A 2672 29.89 -61.02 37.91
OP2 OMC A 2672 30.51 -59.49 39.91
P OMG A 2684 28.74 -36.16 25.36
OP1 OMG A 2684 27.66 -35.18 25.00
OP2 OMG A 2684 30.17 -35.70 25.39
O5' OMG A 2684 28.37 -36.80 26.76
C5' OMG A 2684 28.61 -36.10 27.97
C4' OMG A 2684 29.23 -36.99 29.01
O4' OMG A 2684 30.19 -37.88 28.40
C3' OMG A 2684 30.04 -36.26 30.05
O3' OMG A 2684 29.23 -35.64 31.03
C2' OMG A 2684 30.95 -37.35 30.58
O2' OMG A 2684 30.23 -38.23 31.42
CM2 OMG A 2684 30.89 -38.40 32.67
C1' OMG A 2684 31.29 -38.08 29.28
N9 OMG A 2684 32.49 -37.53 28.64
C8 OMG A 2684 32.55 -36.91 27.46
N7 OMG A 2684 33.82 -36.52 27.18
C5 OMG A 2684 34.60 -36.88 28.22
C6 OMG A 2684 36.03 -36.78 28.56
O6 OMG A 2684 36.85 -36.23 27.80
N1 OMG A 2684 36.42 -37.28 29.74
C2 OMG A 2684 35.56 -37.88 30.58
N2 OMG A 2684 36.04 -38.36 31.75
N3 OMG A 2684 34.25 -38.01 30.32
C4 OMG A 2684 33.72 -37.54 29.17
N1 OMC A 2694 19.41 -13.05 27.86
C2 OMC A 2694 18.87 -14.14 28.56
N3 OMC A 2694 19.33 -14.48 29.78
C4 OMC A 2694 20.32 -13.79 30.36
C5 OMC A 2694 20.89 -12.71 29.68
C6 OMC A 2694 20.42 -12.37 28.42
O2 OMC A 2694 17.94 -14.83 28.09
N4 OMC A 2694 20.77 -14.14 31.58
C1' OMC A 2694 18.95 -12.65 26.51
C2' OMC A 2694 17.54 -12.07 26.49
O2' OMC A 2694 16.87 -12.54 25.33
CM2 OMC A 2694 16.02 -13.66 25.61
C3' OMC A 2694 17.80 -10.58 26.41
C4' OMC A 2694 19.07 -10.51 25.57
O4' OMC A 2694 19.83 -11.67 26.01
O3' OMC A 2694 16.73 -9.84 25.83
C5' OMC A 2694 19.89 -9.27 25.76
O5' OMC A 2694 19.98 -8.92 27.14
P OMC A 2694 21.15 -7.99 27.68
OP1 OMC A 2694 20.97 -6.61 27.12
OP2 OMC A 2694 21.22 -8.19 29.17
N1 5MU A 2868 42.36 55.89 1.21
C2 5MU A 2868 42.15 56.88 2.17
N3 5MU A 2868 41.81 56.59 3.42
C4 5MU A 2868 41.67 55.33 3.79
C5 5MU A 2868 41.90 54.26 2.81
C5M 5MU A 2868 41.75 52.81 3.19
C6 5MU A 2868 42.26 54.61 1.53
O2 5MU A 2868 42.27 58.08 1.84
O4 5MU A 2868 41.35 55.05 4.97
C1' 5MU A 2868 42.77 56.26 -0.14
C2' 5MU A 2868 44.26 55.96 -0.16
O2' 5MU A 2868 44.95 57.01 -0.84
C3' 5MU A 2868 44.37 54.66 -0.93
C4' 5MU A 2868 43.17 54.70 -1.84
O3' 5MU A 2868 45.61 54.51 -1.62
O4' 5MU A 2868 42.18 55.41 -1.12
C5' 5MU A 2868 42.65 53.31 -2.17
O5' 5MU A 2868 42.44 52.60 -0.95
P 5MU A 2868 41.27 51.51 -0.86
OP1 5MU A 2868 41.51 50.35 -1.79
OP2 5MU A 2868 41.03 51.07 0.55
P OMG A 2981 3.98 -16.03 35.56
OP1 OMG A 2981 2.93 -15.75 34.51
OP2 OMG A 2981 5.05 -17.06 35.28
O5' OMG A 2981 4.69 -14.67 35.95
C5' OMG A 2981 5.62 -14.61 37.01
C4' OMG A 2981 6.96 -14.08 36.55
O4' OMG A 2981 7.47 -14.95 35.50
C3' OMG A 2981 6.94 -12.70 35.92
O3' OMG A 2981 6.97 -11.66 36.87
C2' OMG A 2981 8.16 -12.73 35.00
O2' OMG A 2981 9.34 -12.48 35.75
CM2 OMG A 2981 10.53 -12.54 34.96
C1' OMG A 2981 8.16 -14.18 34.55
N9 OMG A 2981 7.52 -14.38 33.23
C8 OMG A 2981 6.45 -15.17 32.99
N7 OMG A 2981 6.10 -15.15 31.68
C5 OMG A 2981 6.97 -14.34 31.05
C6 OMG A 2981 7.17 -13.88 29.66
O6 OMG A 2981 6.41 -14.26 28.75
N1 OMG A 2981 8.17 -13.04 29.42
C2 OMG A 2981 9.00 -12.60 30.38
N2 OMG A 2981 9.99 -11.75 30.05
N3 OMG A 2981 8.87 -12.99 31.68
C4 OMG A 2981 7.90 -13.83 32.07
C2 6MZ A 3005 -8.46 -18.96 46.69
C4 6MZ A 3005 -7.51 -16.88 47.15
C5 6MZ A 3005 -8.68 -16.56 47.99
O1P 6MZ A 3005 -4.95 -10.17 49.74
O2P 6MZ A 3005 -6.62 -12.06 49.13
N9 6MZ A 3005 -6.72 -15.80 47.20
N3 6MZ A 3005 -7.47 -18.07 46.54
N1 6MZ A 3005 -9.55 -18.74 47.44
C6 6MZ A 3005 -9.72 -17.59 48.11
N6 6MZ A 3005 -10.81 -17.37 48.87
C9 6MZ A 3005 -11.82 -18.40 48.96
N7 6MZ A 3005 -8.48 -15.33 48.48
C8 6MZ A 3005 -7.30 -14.89 47.99
O5' 6MZ A 3005 -4.43 -11.92 48.05
C5' 6MZ A 3005 -3.53 -13.02 47.97
C4' 6MZ A 3005 -3.89 -13.96 46.85
O4' 6MZ A 3005 -4.48 -15.15 47.40
C1' 6MZ A 3005 -5.43 -15.68 46.50
C2' 6MZ A 3005 -5.50 -14.75 45.29
O2' 6MZ A 3005 -4.66 -15.28 44.28
C3' 6MZ A 3005 -4.92 -13.46 45.86
O3' 6MZ A 3005 -4.37 -12.61 44.87
P 6MZ A 3005 -5.22 -11.60 49.39
N1 PSU A 3078 -26.00 21.35 68.72
C2 PSU A 3078 -26.29 21.79 69.98
N3 PSU A 3078 -26.46 23.12 70.23
C4 PSU A 3078 -26.34 24.03 69.21
C5 PSU A 3078 -26.04 23.59 67.93
C6 PSU A 3078 -25.87 22.23 67.70
O2 PSU A 3078 -26.39 20.97 70.90
O4 PSU A 3078 -26.49 25.22 69.43
C1' PSU A 3078 -25.90 24.57 66.80
C2' PSU A 3078 -24.51 25.20 66.79
O2' PSU A 3078 -24.62 26.55 66.41
C3' PSU A 3078 -23.83 24.40 65.69
C4' PSU A 3078 -24.95 24.20 64.69
O3' PSU A 3078 -22.69 25.04 65.14
O4' PSU A 3078 -26.12 23.98 65.53
C5' PSU A 3078 -24.79 23.07 63.71
O5' PSU A 3078 -23.98 22.03 64.22
P PSU A 3078 -24.44 20.49 64.19
OP1 PSU A 3078 -23.21 19.69 64.10
OP2 PSU A 3078 -25.40 20.22 65.27
N1 B8H A 3081 -16.61 18.72 75.34
C2 B8H A 3081 -17.19 17.82 76.26
C4 B8H A 3081 -15.84 18.58 77.97
C1' B8H A 3081 -14.13 20.43 77.50
C2' B8H A 3081 -12.78 19.70 77.52
C3' B8H A 3081 -12.13 20.22 76.25
C4' B8H A 3081 -12.62 21.65 76.20
C5 B8H A 3081 -15.21 19.54 77.03
C5' B8H A 3081 -12.54 22.33 74.86
C6 B8H A 3081 -15.64 19.55 75.72
CN1 B8H A 3081 -17.08 18.74 73.96
N3 B8H A 3081 -16.80 17.78 77.53
O2 B8H A 3081 -18.10 17.06 75.88
O2' B8H A 3081 -12.05 20.12 78.66
O3' B8H A 3081 -10.72 20.10 76.23
O4 B8H A 3081 -15.46 18.53 79.16
O4' B8H A 3081 -13.99 21.55 76.65
O5' B8H A 3081 -13.19 21.57 73.85
OP1 B8H A 3081 -12.52 22.96 71.90
OP2 B8H A 3081 -14.49 21.27 71.72
P B8H A 3081 -13.70 22.26 72.52
N1 OMU A 3091 -1.34 4.74 65.87
C2 OMU A 3091 -1.35 5.05 64.49
N3 OMU A 3091 -1.88 4.21 63.61
C4 OMU A 3091 -2.41 3.05 64.00
C5 OMU A 3091 -2.42 2.71 65.33
C6 OMU A 3091 -1.86 3.57 66.25
O2 OMU A 3091 -0.87 6.12 64.05
O4 OMU A 3091 -2.90 2.28 63.15
C1' OMU A 3091 -0.74 5.67 66.88
C2' OMU A 3091 -1.61 6.91 67.10
O2' OMU A 3091 -0.76 7.98 67.51
CM2 OMU A 3091 0.08 8.47 66.46
C3' OMU A 3091 -2.47 6.46 68.26
C4' OMU A 3091 -1.47 5.70 69.10
O3' OMU A 3091 -3.16 7.48 68.93
O4' OMU A 3091 -0.66 4.99 68.12
C5' OMU A 3091 -2.04 4.72 70.09
O5' OMU A 3091 -1.02 3.96 70.71
P OMU A 3091 -1.29 3.15 72.05
OP1 OMU A 3091 0.04 2.68 72.58
OP2 OMU A 3091 -2.21 3.97 72.92
P 5MC A 3120 -19.23 1.51 59.20
OP1 5MC A 3120 -17.76 1.23 59.19
OP2 5MC A 3120 -19.79 2.51 60.17
O5' 5MC A 3120 -19.65 1.97 57.74
C5' 5MC A 3120 -19.37 3.28 57.28
C4' 5MC A 3120 -18.82 3.26 55.87
O4' 5MC A 3120 -19.72 2.53 55.03
C3' 5MC A 3120 -18.72 4.62 55.19
O3' 5MC A 3120 -17.54 5.31 55.55
C2' 5MC A 3120 -18.80 4.27 53.70
O2' 5MC A 3120 -17.50 4.09 53.16
C1' 5MC A 3120 -19.53 2.93 53.69
N1 5MC A 3120 -20.84 2.98 53.03
C2 5MC A 3120 -20.93 2.92 51.61
O2 5MC A 3120 -19.89 2.83 50.93
N3 5MC A 3120 -22.12 2.96 50.98
C4 5MC A 3120 -23.27 3.04 51.69
N4 5MC A 3120 -24.46 3.08 51.06
C5 5MC A 3120 -23.19 3.10 53.17
C6 5MC A 3120 -21.94 3.07 53.78
CM5 5MC A 3120 -24.43 3.21 54.01
P OMG A 3155 -12.55 21.77 51.37
OP1 OMG A 3155 -13.52 21.06 50.47
OP2 OMG A 3155 -11.76 20.98 52.37
O5' OMG A 3155 -11.53 22.57 50.46
C5' OMG A 3155 -11.99 23.46 49.45
C4' OMG A 3155 -10.83 24.13 48.75
O4' OMG A 3155 -10.23 25.12 49.63
C3' OMG A 3155 -9.68 23.23 48.37
O3' OMG A 3155 -9.91 22.52 47.17
C2' OMG A 3155 -8.49 24.18 48.32
O2' OMG A 3155 -8.48 24.87 47.07
CM2 OMG A 3155 -7.29 25.65 46.92
C1' OMG A 3155 -8.84 25.17 49.42
N9 OMG A 3155 -8.17 24.85 50.70
C8 OMG A 3155 -8.73 24.20 51.72
N7 OMG A 3155 -7.87 24.06 52.75
C5 OMG A 3155 -6.71 24.64 52.37
C6 OMG A 3155 -5.39 24.86 52.99
O6 OMG A 3155 -5.14 24.43 54.13
N1 OMG A 3155 -4.45 25.48 52.27
C2 OMG A 3155 -4.68 25.93 51.03
N2 OMG A 3155 -3.68 26.56 50.38
N3 OMG A 3155 -5.88 25.78 50.41
C4 OMG A 3155 -6.91 25.15 51.02
N1 PSU A 3188 2.53 -32.28 33.44
C2 PSU A 3188 3.60 -33.11 33.24
N3 PSU A 3188 3.86 -34.13 34.11
C4 PSU A 3188 3.05 -34.33 35.21
C5 PSU A 3188 1.96 -33.49 35.42
C6 PSU A 3188 1.72 -32.46 34.51
O2 PSU A 3188 4.32 -32.94 32.25
O4 PSU A 3188 3.34 -35.27 35.96
C1' PSU A 3188 0.99 -33.57 36.57
C2' PSU A 3188 -0.32 -34.26 36.19
O2' PSU A 3188 -1.39 -33.50 36.71
C3' PSU A 3188 -0.21 -35.59 36.93
C4' PSU A 3188 0.54 -35.21 38.18
O3' PSU A 3188 -1.47 -36.18 37.20
O4' PSU A 3188 1.47 -34.19 37.74
C5' PSU A 3188 1.28 -36.33 38.87
O5' PSU A 3188 2.08 -37.05 37.97
P PSU A 3188 3.34 -37.88 38.48
OP1 PSU A 3188 2.85 -39.02 39.30
OP2 PSU A 3188 4.13 -38.12 37.26
P 1MA A 3200 -28.60 -53.78 23.06
OP1 1MA A 3200 -29.13 -54.68 24.14
OP2 1MA A 3200 -28.60 -54.26 21.62
O5' 1MA A 3200 -29.40 -52.40 23.11
C5' 1MA A 3200 -30.40 -52.12 22.15
C4' 1MA A 3200 -30.34 -50.69 21.69
O4' 1MA A 3200 -29.06 -50.11 22.04
C3' 1MA A 3200 -30.42 -50.48 20.19
O3' 1MA A 3200 -31.74 -50.57 19.70
C2' 1MA A 3200 -29.79 -49.10 20.02
O2' 1MA A 3200 -30.71 -48.08 20.34
C1' 1MA A 3200 -28.70 -49.13 21.08
N9 1MA A 3200 -27.37 -49.47 20.54
C8 1MA A 3200 -26.65 -50.53 20.91
N7 1MA A 3200 -25.47 -50.57 20.23
C5 1MA A 3200 -25.43 -49.51 19.41
C6 1MA A 3200 -24.49 -48.96 18.42
N6 1MA A 3200 -23.30 -49.55 18.16
N1 1MA A 3200 -24.85 -47.78 17.76
CM1 1MA A 3200 -23.94 -47.20 16.77
C2 1MA A 3200 -26.02 -47.18 18.01
N3 1MA A 3200 -26.92 -47.65 18.90
C4 1MA A 3200 -26.69 -48.78 19.61
N1 PSU A 3227 5.38 -24.71 33.87
C2 PSU A 3227 6.46 -25.57 33.75
N3 PSU A 3227 6.79 -26.43 34.77
C4 PSU A 3227 6.03 -26.43 35.91
C5 PSU A 3227 4.95 -25.58 36.04
C6 PSU A 3227 4.63 -24.72 35.00
O2 PSU A 3227 7.13 -25.55 32.72
O4 PSU A 3227 6.33 -27.21 36.83
C1' PSU A 3227 4.13 -25.59 37.29
C2' PSU A 3227 4.75 -24.70 38.39
O2' PSU A 3227 4.71 -25.41 39.62
C3' PSU A 3227 3.79 -23.51 38.41
C4' PSU A 3227 2.47 -24.12 38.02
O3' PSU A 3227 3.75 -22.87 39.67
O4' PSU A 3227 2.81 -25.14 37.07
C5' PSU A 3227 1.47 -23.17 37.43
O5' PSU A 3227 1.97 -22.57 36.24
P PSU A 3227 1.01 -21.76 35.26
OP1 PSU A 3227 0.37 -20.67 36.02
OP2 PSU A 3227 1.83 -21.44 34.07
P 5MC A 3232 23.58 -20.37 38.21
OP1 5MC A 3232 25.01 -20.19 38.62
OP2 5MC A 3232 22.62 -20.24 39.35
O5' 5MC A 3232 23.13 -19.40 37.02
C5' 5MC A 3232 24.05 -18.96 36.04
C4' 5MC A 3232 23.56 -17.63 35.50
O4' 5MC A 3232 22.17 -17.72 35.16
C3' 5MC A 3232 23.65 -16.48 36.48
O3' 5MC A 3232 24.94 -15.87 36.38
C2' 5MC A 3232 22.52 -15.57 36.06
O2' 5MC A 3232 22.96 -14.43 35.29
C1' 5MC A 3232 21.66 -16.39 35.11
N1 5MC A 3232 20.21 -16.28 35.31
C2 5MC A 3232 19.40 -16.35 34.16
O2 5MC A 3232 19.93 -16.48 33.05
N3 5MC A 3232 18.07 -16.26 34.19
C4 5MC A 3232 17.45 -16.11 35.36
N4 5MC A 3232 16.11 -16.02 35.42
C5 5MC A 3232 18.25 -16.05 36.58
C6 5MC A 3232 19.64 -16.13 36.51
CM5 5MC A 3232 17.48 -15.85 37.84
N1 PSU A 3235 22.09 -26.20 33.13
C2 PSU A 3235 21.11 -27.04 32.68
N3 PSU A 3235 21.35 -27.89 31.62
C4 PSU A 3235 22.58 -27.87 31.01
C5 PSU A 3235 23.56 -27.02 31.47
C6 PSU A 3235 23.30 -26.19 32.54
O2 PSU A 3235 20.00 -27.06 33.23
O4 PSU A 3235 22.80 -28.62 30.07
C1' PSU A 3235 24.89 -27.02 30.80
C2' PSU A 3235 25.10 -25.76 29.97
O2' PSU A 3235 24.51 -25.87 28.70
C3' PSU A 3235 26.62 -25.67 29.95
C4' PSU A 3235 27.02 -26.20 31.33
O3' PSU A 3235 27.11 -26.57 28.95
O4' PSU A 3235 25.90 -27.00 31.78
C5' PSU A 3235 27.36 -25.16 32.37
O5' PSU A 3235 26.62 -23.96 32.20
P PSU A 3235 26.29 -23.02 33.44
OP1 PSU A 3235 24.90 -23.30 33.85
OP2 PSU A 3235 27.39 -23.14 34.41
N1 B8T A 3268 -7.70 -59.62 11.89
C2 B8T A 3268 -7.46 -60.96 12.23
N3 B8T A 3268 -6.48 -61.65 11.61
C4 B8T A 3268 -5.71 -61.09 10.66
C5 B8T A 3268 -5.95 -59.76 10.30
C6 B8T A 3268 -6.95 -59.05 10.94
O2 B8T A 3268 -8.13 -61.52 13.11
C1' B8T A 3268 -8.78 -58.86 12.57
C2' B8T A 3268 -8.32 -58.34 13.94
C3' B8T A 3268 -7.97 -56.89 13.60
C4' B8T A 3268 -9.02 -56.54 12.57
C41 B8T A 3268 -3.71 -61.15 9.26
C5' B8T A 3268 -8.69 -55.37 11.68
N4 B8T A 3268 -4.74 -61.80 10.05
O2' B8T A 3268 -9.43 -58.38 14.82
O3' B8T A 3268 -7.96 -56.01 14.71
O4' B8T A 3268 -9.14 -57.75 11.79
O5' B8T A 3268 -7.32 -55.40 11.31
OP1 B8T A 3268 -6.82 -53.15 10.30
OP2 B8T A 3268 -5.58 -55.32 9.52
P B8T A 3268 -6.83 -54.63 10.00
P OMG A 3279 17.85 -43.01 0.22
OP1 OMG A 3279 18.66 -42.35 1.30
OP2 OMG A 3279 16.44 -42.54 0.02
O5' OMG A 3279 18.67 -42.82 -1.13
C5' OMG A 3279 18.79 -43.87 -2.06
C4' OMG A 3279 18.39 -43.44 -3.45
O4' OMG A 3279 17.15 -44.10 -3.82
C3' OMG A 3279 18.09 -41.98 -3.65
O3' OMG A 3279 19.25 -41.16 -3.74
C2' OMG A 3279 17.24 -41.99 -4.91
O2' OMG A 3279 18.05 -42.24 -6.04
CM2 OMG A 3279 17.59 -41.53 -7.18
C1' OMG A 3279 16.39 -43.23 -4.65
N9 OMG A 3279 15.14 -42.90 -3.94
C8 OMG A 3279 14.90 -43.08 -2.63
N7 OMG A 3279 13.66 -42.65 -2.29
C5 OMG A 3279 13.09 -42.19 -3.40
C6 OMG A 3279 11.78 -41.59 -3.75
O6 OMG A 3279 10.90 -41.41 -2.90
N1 OMG A 3279 11.58 -41.23 -5.03
C2 OMG A 3279 12.52 -41.40 -5.98
N2 OMG A 3279 12.22 -41.01 -7.23
N3 OMG A 3279 13.72 -41.94 -5.72
C4 OMG A 3279 14.06 -42.34 -4.48
N1 PSU A 3285 8.96 -26.20 6.28
C2 PSU A 3285 8.39 -25.61 7.38
N3 PSU A 3285 9.12 -25.42 8.54
C4 PSU A 3285 10.43 -25.81 8.57
C5 PSU A 3285 11.01 -26.41 7.46
C6 PSU A 3285 10.25 -26.59 6.31
O2 PSU A 3285 7.21 -25.25 7.33
O4 PSU A 3285 11.10 -25.65 9.59
C1' PSU A 3285 12.45 -26.84 7.51
C2' PSU A 3285 12.61 -28.27 8.04
O2' PSU A 3285 13.80 -28.32 8.81
C3' PSU A 3285 12.77 -29.06 6.75
C4' PSU A 3285 13.55 -28.10 5.88
O3' PSU A 3285 13.42 -30.30 6.93
O4' PSU A 3285 13.00 -26.80 6.21
C5' PSU A 3285 13.44 -28.33 4.40
O5' PSU A 3285 14.71 -28.66 3.84
P PSU A 3285 15.49 -27.62 2.92
OP1 PSU A 3285 16.33 -28.40 2.01
OP2 PSU A 3285 14.50 -26.68 2.39
P A2M A 3308 31.16 -29.97 20.64
OP1 A2M A 3308 31.29 -31.38 21.14
O5' A2M A 3308 32.61 -29.28 20.58
C5' A2M A 3308 33.36 -29.42 19.38
C4' A2M A 3308 34.84 -29.15 19.60
O4' A2M A 3308 35.07 -28.53 20.87
C3' A2M A 3308 35.68 -30.40 19.64
O3' A2M A 3308 35.91 -30.98 18.36
C2' A2M A 3308 36.92 -29.88 20.34
O2' A2M A 3308 37.72 -29.14 19.42
C1' A2M A 3308 36.32 -28.95 21.38
CM' A2M A 3308 38.92 -28.67 20.01
N9 A2M A 3308 36.15 -29.68 22.66
C8 A2M A 3308 35.05 -30.34 23.06
N7 A2M A 3308 35.22 -30.89 24.27
C5 A2M A 3308 36.47 -30.59 24.67
C6 A2M A 3308 37.29 -30.86 25.86
N6 A2M A 3308 36.78 -31.59 26.88
N1 A2M A 3308 38.54 -30.37 25.90
C2 A2M A 3308 39.03 -29.64 24.89
N3 A2M A 3308 38.34 -29.35 23.77
C4 A2M A 3308 37.07 -29.79 23.61
OP2 A2M A 3308 30.20 -29.16 21.46
P UR3 A 3315 14.91 -16.24 9.45
OP1 UR3 A 3315 14.24 -15.21 8.58
OP2 UR3 A 3315 16.34 -16.01 9.89
O5' UR3 A 3315 14.01 -16.49 10.72
C5' UR3 A 3315 14.12 -15.67 11.88
C4' UR3 A 3315 14.27 -16.50 13.12
O4' UR3 A 3315 15.09 -17.67 12.85
C1' UR3 A 3315 15.85 -17.99 13.99
N1 UR3 A 3315 17.30 -17.95 13.64
C6 UR3 A 3315 17.64 -17.53 12.42
C2 UR3 A 3315 18.32 -18.38 14.53
O2 UR3 A 3315 18.09 -18.81 15.68
N3 UR3 A 3315 19.66 -18.33 14.11
C3U UR3 A 3315 20.73 -18.75 15.01
C4 UR3 A 3315 19.98 -17.85 12.82
O4 UR3 A 3315 21.16 -17.80 12.45
C5 UR3 A 3315 18.96 -17.45 11.99
C2' UR3 A 3315 15.47 -16.99 15.09
O2' UR3 A 3315 14.42 -17.55 15.87
C3' UR3 A 3315 14.98 -15.82 14.26
O3' UR3 A 3315 14.13 -14.92 14.97
N1 PSU A 3316 16.50 -17.34 18.52
C2 PSU A 3316 17.36 -18.34 18.78
N3 PSU A 3316 18.68 -18.19 18.58
C4 PSU A 3316 19.18 -17.04 18.13
C5 PSU A 3316 18.25 -15.95 17.83
C6 PSU A 3316 16.91 -16.16 18.06
O2 PSU A 3316 16.91 -19.42 19.21
O4 PSU A 3316 20.41 -16.91 17.95
C1' PSU A 3316 18.73 -14.65 17.32
C2' PSU A 3316 19.08 -14.72 15.85
O2' PSU A 3316 20.40 -15.20 15.68
C3' PSU A 3316 18.88 -13.29 15.38
C4' PSU A 3316 17.89 -12.70 16.37
O3' PSU A 3316 20.09 -12.55 15.49
O4' PSU A 3316 17.71 -13.66 17.41
C5' PSU A 3316 16.62 -12.26 15.68
O5' PSU A 3316 15.50 -13.09 15.97
P PSU A 3316 14.40 -13.35 14.85
OP1 PSU A 3316 13.13 -12.64 15.26
OP2 PSU A 3316 15.06 -13.07 13.53
N1 OMC A 3321 15.28 -2.67 3.43
C2 OMC A 3321 14.51 -3.84 3.60
N3 OMC A 3321 14.27 -4.33 4.84
C4 OMC A 3321 14.75 -3.71 5.92
C5 OMC A 3321 15.52 -2.57 5.77
C6 OMC A 3321 15.77 -2.07 4.51
O2 OMC A 3321 14.03 -4.45 2.62
N4 OMC A 3321 14.52 -4.20 7.16
C1' OMC A 3321 15.56 -2.14 2.07
C2' OMC A 3321 14.37 -1.38 1.45
O2' OMC A 3321 14.46 -1.55 0.05
CM2 OMC A 3321 13.37 -2.24 -0.55
C3' OMC A 3321 14.74 0.04 1.82
C4' OMC A 3321 16.23 0.04 1.59
O4' OMC A 3321 16.63 -1.23 2.15
O3' OMC A 3321 14.06 1.04 1.07
C5' OMC A 3321 17.02 1.17 2.17
O5' OMC A 3321 16.89 1.22 3.58
P OMC A 3321 17.97 2.00 4.44
OP1 OMC A 3321 17.98 3.43 3.95
OP2 OMC A 3321 17.72 1.70 5.89
P A2M A 3356 56.36 -58.73 31.64
OP1 A2M A 3356 57.75 -59.19 31.96
O5' A2M A 3356 55.58 -58.28 32.96
C5' A2M A 3356 56.02 -57.13 33.69
C4' A2M A 3356 54.90 -56.74 34.64
O4' A2M A 3356 53.73 -56.37 33.92
C3' A2M A 3356 54.48 -57.92 35.49
O3' A2M A 3356 55.26 -57.94 36.70
C2' A2M A 3356 53.02 -57.67 35.76
O2' A2M A 3356 52.86 -56.91 36.96
C1' A2M A 3356 52.56 -56.85 34.58
CM' A2M A 3356 51.50 -56.77 37.35
N9 A2M A 3356 51.78 -57.68 33.63
C8 A2M A 3356 52.29 -58.33 32.57
N7 A2M A 3356 51.32 -58.99 31.90
C5 A2M A 3356 50.16 -58.75 32.53
C6 A2M A 3356 48.75 -59.15 32.35
N6 A2M A 3356 48.38 -59.95 31.32
N1 A2M A 3356 47.85 -58.69 33.25
C2 A2M A 3356 48.21 -57.90 34.27
N3 A2M A 3356 49.47 -57.51 34.49
C4 A2M A 3356 50.47 -57.89 33.67
OP2 A2M A 3356 55.56 -59.77 30.91
P UR3 A 3382 7.95 -73.40 -16.78
OP1 UR3 A 3382 7.58 -73.81 -18.17
OP2 UR3 A 3382 7.16 -72.32 -16.08
O5' UR3 A 3382 7.93 -74.69 -15.85
C5' UR3 A 3382 8.63 -75.87 -16.22
C4' UR3 A 3382 8.82 -76.79 -15.04
O4' UR3 A 3382 9.54 -76.10 -13.99
C1' UR3 A 3382 9.10 -76.53 -12.73
N1 UR3 A 3382 8.60 -75.34 -11.96
C6 UR3 A 3382 8.25 -74.22 -12.60
C2 UR3 A 3382 8.52 -75.41 -10.56
O2 UR3 A 3382 8.85 -76.45 -9.95
N3 UR3 A 3382 8.06 -74.30 -9.84
C3U UR3 A 3382 7.96 -74.35 -8.38
C4 UR3 A 3382 7.69 -73.13 -10.53
O4 UR3 A 3382 7.28 -72.14 -9.89
C5 UR3 A 3382 7.79 -73.10 -11.91
C2' UR3 A 3382 8.02 -77.59 -12.94
O2' UR3 A 3382 8.63 -78.86 -12.92
C3' UR3 A 3382 7.53 -77.26 -14.35
O3' UR3 A 3382 6.91 -78.34 -15.00
N1 OMU A 3405 21.98 -57.20 0.92
C2 OMU A 3405 22.15 -58.30 1.75
N3 OMU A 3405 22.80 -59.39 1.32
C4 OMU A 3405 23.28 -59.45 0.09
C5 OMU A 3405 23.13 -58.36 -0.77
C6 OMU A 3405 22.46 -57.24 -0.32
O2 OMU A 3405 21.71 -58.28 2.90
O4 OMU A 3405 23.86 -60.47 -0.29
C1' OMU A 3405 21.28 -56.02 1.43
C2' OMU A 3405 22.26 -55.14 2.16
O2' OMU A 3405 21.53 -54.30 3.03
CM2 OMU A 3405 21.08 -54.95 4.21
C3' OMU A 3405 22.81 -54.33 1.03
C4' OMU A 3405 21.54 -53.99 0.31
O3' OMU A 3405 23.58 -53.19 1.44
O4' OMU A 3405 20.81 -55.21 0.35
C5' OMU A 3405 21.79 -53.60 -1.14
O5' OMU A 3405 22.37 -54.71 -1.80
P OMU A 3405 22.75 -54.59 -3.33
OP1 OMU A 3405 22.93 -53.15 -3.69
OP2 OMU A 3405 23.92 -55.43 -3.70
P OMG A 3408 33.35 -57.14 7.95
OP1 OMG A 3408 33.76 -56.38 9.19
OP2 OMG A 3408 33.14 -56.42 6.64
O5' OMG A 3408 34.42 -58.29 7.69
C5' OMG A 3408 34.52 -59.37 8.60
C4' OMG A 3408 35.07 -60.60 7.92
O4' OMG A 3408 34.11 -61.14 6.99
C3' OMG A 3408 36.31 -60.40 7.08
O3' OMG A 3408 37.49 -60.26 7.84
C2' OMG A 3408 36.28 -61.62 6.18
O2' OMG A 3408 36.73 -62.76 6.88
CM2 OMG A 3408 37.00 -63.85 5.98
C1' OMG A 3408 34.78 -61.77 5.92
N9 OMG A 3408 34.38 -61.13 4.66
C8 OMG A 3408 33.83 -59.91 4.51
N7 OMG A 3408 33.59 -59.64 3.21
C5 OMG A 3408 34.00 -60.69 2.50
C6 OMG A 3408 34.04 -61.06 1.06
O6 OMG A 3408 33.62 -60.28 0.20
N1 OMG A 3408 34.55 -62.25 0.75
C2 OMG A 3408 35.01 -63.11 1.66
N2 OMG A 3408 35.51 -64.30 1.25
N3 OMG A 3408 35.00 -62.84 2.98
C4 OMG A 3408 34.52 -61.67 3.45
N1 PSU A 3413 43.20 -60.07 -11.38
C2 PSU A 3413 42.05 -59.70 -10.74
N3 PSU A 3413 40.82 -59.90 -11.34
C4 PSU A 3413 40.75 -60.48 -12.59
C5 PSU A 3413 41.93 -60.84 -13.24
C6 PSU A 3413 43.14 -60.63 -12.60
O2 PSU A 3413 42.10 -59.18 -9.64
O4 PSU A 3413 39.66 -60.65 -13.12
C1' PSU A 3413 41.86 -61.48 -14.59
C2' PSU A 3413 41.76 -60.43 -15.71
O2' PSU A 3413 40.93 -60.94 -16.73
C3' PSU A 3413 43.21 -60.34 -16.18
C4' PSU A 3413 43.72 -61.75 -16.00
O3' PSU A 3413 43.34 -59.87 -17.51
O4' PSU A 3413 43.02 -62.25 -14.82
C5' PSU A 3413 45.21 -61.88 -15.78
O5' PSU A 3413 45.61 -61.21 -14.59
P PSU A 3413 47.06 -61.37 -13.98
OP1 PSU A 3413 48.03 -61.35 -15.09
OP2 PSU A 3413 47.23 -60.42 -12.86
N1 PSU A 3421 63.94 -37.63 -11.52
C2 PSU A 3421 63.23 -36.54 -11.99
N3 PSU A 3421 61.89 -36.66 -12.29
C4 PSU A 3421 61.27 -37.87 -12.12
C5 PSU A 3421 61.97 -38.95 -11.64
C6 PSU A 3421 63.33 -38.82 -11.35
O2 PSU A 3421 63.80 -35.47 -12.16
O4 PSU A 3421 60.07 -37.99 -12.37
C1' PSU A 3421 61.26 -40.26 -11.46
C2' PSU A 3421 61.91 -41.37 -12.29
O2' PSU A 3421 60.91 -42.00 -13.07
C3' PSU A 3421 62.43 -42.33 -11.21
C4' PSU A 3421 61.52 -42.08 -10.03
O3' PSU A 3421 62.42 -43.68 -11.61
O4' PSU A 3421 61.20 -40.68 -10.11
C5' PSU A 3421 62.09 -42.40 -8.67
O5' PSU A 3421 61.30 -43.36 -7.99
P PSU A 3421 61.96 -44.62 -7.27
OP1 PSU A 3421 63.43 -44.51 -7.38
OP2 PSU A 3421 61.30 -44.65 -5.94
P OMG A 3422 63.69 -44.33 -12.37
OP1 OMG A 3422 64.77 -44.55 -11.36
OP2 OMG A 3422 63.97 -43.56 -13.64
O5' OMG A 3422 63.13 -45.75 -12.81
C5' OMG A 3422 63.91 -46.60 -13.63
C4' OMG A 3422 63.08 -47.28 -14.68
O4' OMG A 3422 61.68 -47.24 -14.34
C3' OMG A 3422 63.10 -46.67 -16.06
O3' OMG A 3422 64.31 -46.91 -16.76
C2' OMG A 3422 61.87 -47.28 -16.70
O2' OMG A 3422 62.12 -48.62 -17.10
CM2 OMG A 3422 60.99 -49.20 -17.75
C1' OMG A 3422 60.90 -47.30 -15.52
N9 OMG A 3422 59.96 -46.16 -15.55
C8 OMG A 3422 59.93 -45.09 -14.75
N7 OMG A 3422 58.92 -44.26 -15.09
C5 OMG A 3422 58.28 -44.80 -16.13
C6 OMG A 3422 57.11 -44.45 -16.98
O6 OMG A 3422 56.47 -43.41 -16.79
N1 OMG A 3422 56.77 -45.29 -17.95
C2 OMG A 3422 57.44 -46.42 -18.19
N2 OMG A 3422 57.03 -47.22 -19.20
N3 OMG A 3422 58.51 -46.82 -17.45
C4 OMG A 3422 58.96 -46.06 -16.43
N1 B8T A 3456 35.39 -50.07 -10.66
C2 B8T A 3456 36.42 -49.93 -11.60
N3 B8T A 3456 37.37 -49.00 -11.44
C4 B8T A 3456 37.35 -48.18 -10.40
C5 B8T A 3456 36.33 -48.29 -9.46
C6 B8T A 3456 35.35 -49.25 -9.60
O2 B8T A 3456 36.47 -50.68 -12.58
C1' B8T A 3456 34.37 -51.09 -10.88
C2' B8T A 3456 34.03 -51.95 -9.69
C3' B8T A 3456 32.67 -52.50 -10.07
C4' B8T A 3456 32.06 -51.37 -10.88
C41 B8T A 3456 38.06 -46.06 -9.49
C5' B8T A 3456 30.95 -50.60 -10.17
N4 B8T A 3456 38.31 -47.25 -10.26
O2' B8T A 3456 34.99 -52.98 -9.59
O3' B8T A 3456 32.77 -53.61 -10.97
O4' B8T A 3456 33.12 -50.47 -11.18
O5' B8T A 3456 31.41 -50.09 -8.93
OP1 B8T A 3456 30.95 -49.63 -6.44
OP2 B8T A 3456 29.14 -50.55 -7.94
P B8T A 3456 30.60 -50.49 -7.62
P OMG A 3574 9.92 -98.57 64.63
OP1 OMG A 3574 10.33 -99.64 65.62
OP2 OMG A 3574 8.66 -98.71 63.82
O5' OMG A 3574 9.89 -97.20 65.42
C5' OMG A 3574 10.96 -96.85 66.29
C4' OMG A 3574 11.79 -95.74 65.72
O4' OMG A 3574 11.00 -95.04 64.73
C3' OMG A 3574 12.25 -94.70 66.72
O3' OMG A 3574 13.53 -94.21 66.35
C2' OMG A 3574 11.19 -93.61 66.58
O2' OMG A 3574 11.63 -92.32 66.97
CM2 OMG A 3574 11.73 -92.20 68.39
C1' OMG A 3574 10.89 -93.67 65.09
N9 OMG A 3574 9.54 -93.22 64.73
C8 OMG A 3574 8.45 -94.01 64.74
N7 OMG A 3574 7.36 -93.32 64.35
C5 OMG A 3574 7.74 -92.07 64.10
C6 OMG A 3574 7.08 -90.82 63.65
O6 OMG A 3574 5.85 -90.79 63.42
N1 OMG A 3574 7.83 -89.72 63.51
C2 OMG A 3574 9.16 -89.73 63.75
N2 OMG A 3574 9.85 -88.59 63.58
N3 OMG A 3574 9.83 -90.83 64.16
C4 OMG A 3574 9.18 -92.00 64.35
P 2MG A 3576 16.79 -99.73 63.68
OP1 2MG A 3576 16.67 -101.01 62.91
OP2 2MG A 3576 15.93 -99.51 64.89
O5' 2MG A 3576 18.29 -99.60 64.16
C5' 2MG A 3576 19.35 -100.25 63.46
C4' 2MG A 3576 20.55 -100.47 64.32
O4' 2MG A 3576 20.72 -99.31 65.19
C3' 2MG A 3576 20.46 -101.68 65.26
O3' 2MG A 3576 21.77 -102.21 65.45
C2' 2MG A 3576 20.00 -101.05 66.57
O2' 2MG A 3576 20.31 -101.80 67.72
C1' 2MG A 3576 20.78 -99.75 66.53
N9 2MG A 3576 20.29 -98.69 67.41
C8 2MG A 3576 19.33 -97.77 67.23
N7 2MG A 3576 19.21 -96.98 68.33
C5 2MG A 3576 20.11 -97.40 69.24
C6 2MG A 3576 20.55 -97.04 70.61
O6 2MG A 3576 20.02 -96.10 71.23
N1 2MG A 3576 21.53 -97.77 71.16
C2 2MG A 3576 22.12 -98.79 70.52
N2 2MG A 3576 23.10 -99.52 71.07
CM2 2MG A 3576 23.69 -100.57 70.27
N3 2MG A 3576 21.76 -99.15 69.28
C4 2MG A 3576 20.79 -98.52 68.61
N1 OMU C 14 65.03 -25.80 47.83
C2 OMU C 14 63.92 -25.90 48.70
N3 OMU C 14 64.10 -25.99 50.02
C4 OMU C 14 65.32 -26.03 50.54
C5 OMU C 14 66.44 -25.93 49.73
C6 OMU C 14 66.26 -25.83 48.36
O2 OMU C 14 62.76 -25.89 48.25
O4 OMU C 14 65.47 -26.13 51.77
C1' OMU C 14 64.86 -25.72 46.37
C2' OMU C 14 64.47 -24.34 45.84
O2' OMU C 14 63.58 -24.51 44.74
CM2 OMU C 14 62.35 -25.14 45.04
C3' OMU C 14 65.81 -23.81 45.36
C4' OMU C 14 66.49 -25.06 44.83
O3' OMU C 14 65.69 -22.80 44.37
O4' OMU C 14 66.06 -26.10 45.75
C5' OMU C 14 68.00 -25.03 44.80
O5' OMU C 14 68.52 -24.61 46.05
P OMU C 14 70.05 -24.86 46.42
OP1 OMU C 14 70.89 -24.28 45.32
OP2 OMU C 14 70.26 -24.41 47.84
N GLY D 1 22.79 15.83 21.00
CA GLY D 1 23.64 15.28 19.96
C GLY D 1 24.96 16.01 19.83
N ARG D 2 25.61 15.83 18.69
CA ARG D 2 26.78 16.63 18.33
C ARG D 2 26.33 17.74 17.40
N VAL D 3 27.27 18.61 17.06
CA VAL D 3 26.92 19.73 16.18
C VAL D 3 26.86 19.22 14.75
N ILE D 4 26.05 19.88 13.94
CA ILE D 4 25.81 19.43 12.58
C ILE D 4 26.83 20.08 11.66
N ARG D 5 26.98 19.53 10.46
CA ARG D 5 27.80 20.21 9.47
C ARG D 5 26.97 21.29 8.79
N GLY D 6 27.64 22.38 8.43
CA GLY D 6 26.96 23.61 8.15
C GLY D 6 26.86 24.52 9.35
N GLN D 7 26.91 23.95 10.55
CA GLN D 7 27.22 24.67 11.77
C GLN D 7 28.73 24.70 12.01
N ARG D 8 29.45 23.73 11.47
CA ARG D 8 30.91 23.72 11.52
C ARG D 8 31.55 24.56 10.45
N LYS D 9 30.80 25.01 9.45
CA LYS D 9 31.38 25.77 8.34
C LYS D 9 31.77 27.18 8.74
N GLY D 10 31.18 27.74 9.79
CA GLY D 10 31.48 29.10 10.17
C GLY D 10 32.69 29.25 11.06
N ALA D 11 33.16 28.16 11.66
CA ALA D 11 34.44 28.20 12.35
C ALA D 11 35.62 28.12 11.40
N GLY D 12 35.38 27.74 10.15
CA GLY D 12 36.44 27.67 9.16
C GLY D 12 37.23 26.38 9.28
N SER D 13 38.53 26.50 9.00
CA SER D 13 39.62 25.55 9.23
C SER D 13 39.65 24.32 8.33
N VAL D 14 38.55 23.99 7.67
CA VAL D 14 38.52 23.00 6.60
C VAL D 14 37.65 23.64 5.51
N PHE D 15 36.85 24.60 5.94
CA PHE D 15 35.79 25.15 5.10
C PHE D 15 36.12 26.53 4.57
N ARG D 16 37.30 27.07 4.86
CA ARG D 16 37.66 28.35 4.28
C ARG D 16 38.12 28.14 2.84
N ALA D 17 38.09 29.23 2.07
CA ALA D 17 38.22 29.17 0.63
C ALA D 17 39.64 28.82 0.22
N HIS D 18 39.77 28.36 -1.02
CA HIS D 18 41.04 27.91 -1.59
C HIS D 18 41.58 29.05 -2.42
N VAL D 19 42.46 29.85 -1.82
CA VAL D 19 42.86 31.13 -2.41
C VAL D 19 44.34 31.16 -2.71
N LYS D 20 44.92 29.98 -2.99
CA LYS D 20 46.34 29.92 -3.31
C LYS D 20 46.63 30.49 -4.70
N HIS D 21 45.85 30.08 -5.70
CA HIS D 21 46.14 30.42 -7.09
C HIS D 21 45.29 31.55 -7.62
N ARG D 22 44.48 32.19 -6.77
CA ARG D 22 43.70 33.33 -7.22
C ARG D 22 44.61 34.54 -7.44
N LYS D 23 44.22 35.39 -8.39
CA LYS D 23 45.11 36.42 -8.91
C LYS D 23 45.01 37.74 -8.18
N GLY D 24 44.05 37.87 -7.26
CA GLY D 24 43.89 39.10 -6.51
C GLY D 24 42.44 39.54 -6.43
N ALA D 25 42.15 40.44 -5.51
CA ALA D 25 40.80 40.95 -5.38
C ALA D 25 40.43 41.73 -6.62
N ALA D 26 39.51 41.21 -7.42
CA ALA D 26 39.09 41.88 -8.65
C ALA D 26 38.14 43.02 -8.35
N ARG D 27 38.61 44.26 -8.53
CA ARG D 27 37.78 45.42 -8.26
C ARG D 27 38.21 46.66 -9.04
N LEU D 28 37.31 47.64 -9.09
CA LEU D 28 37.52 48.91 -9.78
C LEU D 28 38.58 49.76 -9.10
N ARG D 29 39.08 50.78 -9.79
CA ARG D 29 40.10 51.64 -9.22
C ARG D 29 39.52 52.71 -8.30
N ALA D 30 40.31 53.11 -7.30
CA ALA D 30 39.88 54.11 -6.33
C ALA D 30 39.64 55.47 -6.96
N VAL D 31 38.60 56.15 -6.49
CA VAL D 31 38.24 57.46 -7.02
C VAL D 31 39.31 58.47 -6.67
N ASP D 32 39.52 59.43 -7.58
CA ASP D 32 40.46 60.51 -7.37
C ASP D 32 39.92 61.75 -8.08
N PHE D 33 40.76 62.78 -8.20
CA PHE D 33 40.38 63.99 -8.94
C PHE D 33 40.16 63.68 -10.40
N ALA D 34 40.99 62.81 -10.97
CA ALA D 34 40.97 62.49 -12.40
C ALA D 34 39.75 61.68 -12.81
N GLU D 35 38.96 61.17 -11.87
CA GLU D 35 37.82 60.34 -12.20
C GLU D 35 36.48 60.94 -11.77
N ARG D 36 36.49 61.91 -10.86
CA ARG D 36 35.26 62.62 -10.50
C ARG D 36 35.12 63.97 -11.18
N HIS D 37 36.10 64.36 -12.00
CA HIS D 37 36.00 65.58 -12.80
C HIS D 37 36.12 65.31 -14.29
N GLY D 38 37.11 64.54 -14.71
CA GLY D 38 37.27 64.21 -16.11
C GLY D 38 37.31 62.71 -16.32
N TYR D 39 38.20 62.24 -17.19
CA TYR D 39 38.38 60.83 -17.42
C TYR D 39 39.86 60.49 -17.46
N ILE D 40 40.18 59.27 -17.04
CA ILE D 40 41.55 58.76 -17.07
C ILE D 40 41.62 57.63 -18.09
N LYS D 41 42.72 57.59 -18.83
CA LYS D 41 42.90 56.67 -19.94
C LYS D 41 43.78 55.50 -19.50
N GLY D 42 43.31 54.28 -19.78
CA GLY D 42 44.07 53.10 -19.41
C GLY D 42 43.89 52.02 -20.46
N ILE D 43 44.83 51.09 -20.45
CA ILE D 43 44.90 50.06 -21.47
C ILE D 43 44.85 48.69 -20.83
N VAL D 44 44.07 47.79 -21.42
CA VAL D 44 44.01 46.41 -20.98
C VAL D 44 45.16 45.64 -21.60
N LYS D 45 45.96 44.98 -20.76
CA LYS D 45 47.15 44.27 -21.18
C LYS D 45 46.98 42.76 -21.26
N ASP D 46 46.17 42.17 -20.38
CA ASP D 46 46.10 40.72 -20.30
C ASP D 46 44.72 40.31 -19.83
N ILE D 47 43.98 39.60 -20.69
CA ILE D 47 42.78 38.89 -20.27
C ILE D 47 43.21 37.57 -19.67
N ILE D 48 42.87 37.34 -18.41
CA ILE D 48 43.39 36.20 -17.67
C ILE D 48 42.25 35.30 -17.21
N HIS D 49 42.60 34.23 -16.51
CA HIS D 49 41.66 33.31 -15.90
C HIS D 49 41.92 33.24 -14.41
N ASP D 50 40.86 33.29 -13.61
CA ASP D 50 41.01 33.23 -12.17
C ASP D 50 40.39 31.95 -11.63
N PRO D 51 41.18 31.18 -10.90
CA PRO D 51 40.75 29.92 -10.32
C PRO D 51 39.43 30.00 -9.57
N GLY D 52 38.56 29.03 -9.80
CA GLY D 52 37.27 28.96 -9.15
C GLY D 52 36.48 30.25 -9.10
N ARG D 53 36.16 30.78 -10.29
CA ARG D 53 35.39 32.01 -10.41
C ARG D 53 34.71 32.14 -11.78
N GLY D 54 35.10 31.26 -12.71
CA GLY D 54 34.51 31.21 -14.04
C GLY D 54 34.12 32.48 -14.77
N ALA D 55 35.05 33.41 -14.89
CA ALA D 55 34.86 34.68 -15.59
C ALA D 55 36.26 35.27 -15.77
N PRO D 56 36.58 35.77 -16.95
CA PRO D 56 37.91 36.35 -17.12
C PRO D 56 38.04 37.68 -16.42
N LEU D 57 39.30 38.05 -16.18
CA LEU D 57 39.66 39.32 -15.54
C LEU D 57 40.51 40.10 -16.52
N ALA D 58 40.42 41.43 -16.44
CA ALA D 58 41.15 42.32 -17.33
C ALA D 58 42.26 43.00 -16.55
N LYS D 59 43.51 42.66 -16.87
CA LYS D 59 44.66 43.30 -16.25
C LYS D 59 44.89 44.63 -16.96
N VAL D 60 44.39 45.70 -16.37
CA VAL D 60 44.38 47.02 -16.99
C VAL D 60 45.44 47.90 -16.33
N VAL D 61 46.36 48.44 -17.13
CA VAL D 61 47.44 49.27 -16.65
C VAL D 61 47.08 50.73 -16.87
N PHE D 62 47.02 51.49 -15.79
CA PHE D 62 46.78 52.93 -15.85
C PHE D 62 48.08 53.70 -15.67
N ARG D 63 48.01 54.99 -15.95
CA ARG D 63 49.10 55.91 -15.74
C ARG D 63 48.84 56.67 -14.46
N ASP D 64 49.79 56.65 -13.55
CA ASP D 64 49.59 57.30 -12.25
C ASP D 64 49.64 58.82 -12.43
N PRO D 65 48.66 59.56 -11.93
CA PRO D 65 48.57 60.99 -12.24
C PRO D 65 49.34 61.91 -11.31
N TYR D 66 50.05 61.39 -10.32
CA TYR D 66 50.72 62.25 -9.36
C TYR D 66 52.23 62.04 -9.31
N ARG D 67 52.70 60.80 -9.40
CA ARG D 67 54.11 60.55 -9.59
C ARG D 67 54.29 59.53 -10.70
N PHE D 68 55.49 59.53 -11.26
CA PHE D 68 55.82 58.74 -12.45
C PHE D 68 55.86 57.27 -12.09
N LYS D 69 54.77 56.56 -12.40
CA LYS D 69 54.58 55.16 -12.04
C LYS D 69 53.44 54.64 -12.90
N LYS D 70 53.37 53.32 -13.05
CA LYS D 70 52.26 52.67 -13.70
C LYS D 70 51.52 51.80 -12.70
N ARG D 71 50.19 51.88 -12.73
CA ARG D 71 49.34 51.17 -11.79
C ARG D 71 48.52 50.14 -12.56
N THR D 72 48.62 48.88 -12.17
CA THR D 72 47.83 47.81 -12.78
C THR D 72 46.56 47.58 -11.97
N GLU D 73 45.55 47.05 -12.64
CA GLU D 73 44.25 46.79 -12.03
C GLU D 73 43.77 45.40 -12.42
N LEU D 74 42.64 45.00 -11.86
CA LEU D 74 42.08 43.66 -12.05
C LEU D 74 40.58 43.75 -12.32
N PHE D 75 40.18 44.55 -13.31
CA PHE D 75 38.78 44.76 -13.63
C PHE D 75 38.10 43.45 -14.04
N ILE D 76 36.78 43.41 -13.85
CA ILE D 76 35.96 42.30 -14.29
C ILE D 76 35.86 42.52 -15.79
N ALA D 77 36.08 41.48 -16.58
CA ALA D 77 36.11 41.61 -18.03
C ALA D 77 34.68 41.68 -18.56
N ALA D 78 34.28 42.85 -19.05
CA ALA D 78 33.06 42.97 -19.82
C ALA D 78 33.21 42.21 -21.13
N GLU D 79 32.11 41.66 -21.62
CA GLU D 79 32.18 40.76 -22.76
C GLU D 79 32.31 41.55 -24.05
N GLY D 80 33.41 41.32 -24.76
CA GLY D 80 33.74 42.05 -25.97
C GLY D 80 35.02 42.83 -25.89
N ILE D 81 35.64 42.93 -24.72
CA ILE D 81 36.91 43.65 -24.62
C ILE D 81 38.04 42.74 -25.10
N HIS D 82 39.18 43.35 -25.40
CA HIS D 82 40.32 42.63 -25.95
C HIS D 82 41.57 43.41 -25.61
N THR D 83 42.69 42.69 -25.49
CA THR D 83 43.94 43.28 -25.05
C THR D 83 44.51 44.23 -26.08
N GLY D 84 44.83 45.45 -25.65
CA GLY D 84 45.32 46.46 -26.55
C GLY D 84 44.34 47.57 -26.83
N GLN D 85 43.11 47.48 -26.34
CA GLN D 85 42.19 48.59 -26.49
C GLN D 85 42.27 49.50 -25.28
N PHE D 86 41.75 50.71 -25.43
CA PHE D 86 41.81 51.72 -24.39
C PHE D 86 40.48 51.72 -23.64
N VAL D 87 40.55 51.72 -22.32
CA VAL D 87 39.37 51.88 -21.48
C VAL D 87 39.47 53.21 -20.76
N TYR D 88 38.33 53.82 -20.51
CA TYR D 88 38.24 55.17 -19.99
C TYR D 88 37.41 55.19 -18.73
N CYS D 89 37.95 55.76 -17.66
CA CYS D 89 37.30 55.77 -16.36
C CYS D 89 37.09 57.21 -15.93
N GLY D 90 35.84 57.57 -15.67
CA GLY D 90 35.54 58.91 -15.20
C GLY D 90 34.19 59.36 -15.72
N LYS D 91 33.77 60.53 -15.25
CA LYS D 91 32.45 61.04 -15.59
C LYS D 91 32.36 61.58 -17.00
N LYS D 92 33.50 61.91 -17.62
CA LYS D 92 33.51 62.38 -19.00
C LYS D 92 33.82 61.25 -19.98
N ALA D 93 33.82 60.01 -19.52
CA ALA D 93 34.01 58.88 -20.42
C ALA D 93 32.80 58.67 -21.29
N GLN D 94 33.04 58.17 -22.50
CA GLN D 94 31.95 57.94 -23.43
C GLN D 94 31.28 56.59 -23.14
N LEU D 95 30.05 56.46 -23.62
CA LEU D 95 29.23 55.29 -23.32
C LEU D 95 29.60 54.17 -24.29
N ASN D 96 30.73 53.52 -24.00
CA ASN D 96 31.19 52.37 -24.75
C ASN D 96 31.38 51.20 -23.78
N ILE D 97 31.47 49.99 -24.34
CA ILE D 97 31.64 48.80 -23.52
C ILE D 97 33.05 48.76 -22.97
N GLY D 98 33.16 48.62 -21.64
CA GLY D 98 34.43 48.61 -20.96
C GLY D 98 34.72 49.86 -20.17
N ASN D 99 34.09 50.98 -20.52
CA ASN D 99 34.32 52.22 -19.80
C ASN D 99 33.67 52.18 -18.43
N VAL D 100 34.20 53.00 -17.52
CA VAL D 100 33.70 53.12 -16.16
C VAL D 100 33.26 54.57 -15.96
N LEU D 101 32.01 54.75 -15.55
CA LEU D 101 31.47 56.09 -15.35
C LEU D 101 30.32 56.00 -14.36
N PRO D 102 30.04 57.06 -13.61
CA PRO D 102 28.93 57.00 -12.65
C PRO D 102 27.59 56.91 -13.34
N VAL D 103 26.62 56.31 -12.64
CA VAL D 103 25.33 55.99 -13.24
C VAL D 103 24.47 57.23 -13.46
N GLY D 104 24.81 58.36 -12.85
CA GLY D 104 24.06 59.57 -13.11
C GLY D 104 24.28 60.13 -14.50
N THR D 105 25.46 59.90 -15.07
CA THR D 105 25.77 60.32 -16.44
C THR D 105 25.50 59.21 -17.44
N MET D 106 24.30 58.65 -17.40
CA MET D 106 23.90 57.57 -18.28
C MET D 106 22.47 57.76 -18.74
N PRO D 107 22.12 57.28 -19.93
CA PRO D 107 20.72 57.20 -20.30
C PRO D 107 20.02 56.06 -19.59
N GLU D 108 18.69 56.15 -19.53
CA GLU D 108 17.89 55.23 -18.73
C GLU D 108 17.54 53.94 -19.47
N GLY D 109 18.54 53.34 -20.10
CA GLY D 109 18.39 52.03 -20.70
C GLY D 109 19.70 51.26 -20.67
N THR D 110 20.69 51.80 -19.97
CA THR D 110 22.05 51.32 -20.08
C THR D 110 22.22 50.00 -19.36
N ILE D 111 22.89 49.06 -20.03
CA ILE D 111 23.23 47.77 -19.45
C ILE D 111 24.64 47.90 -18.87
N VAL D 112 24.74 47.92 -17.55
CA VAL D 112 26.03 47.97 -16.88
C VAL D 112 26.30 46.63 -16.23
N CYS D 113 27.55 46.40 -15.84
CA CYS D 113 27.92 45.06 -15.45
C CYS D 113 28.77 44.97 -14.19
N CYS D 114 29.15 46.07 -13.54
CA CYS D 114 29.81 45.94 -12.25
C CYS D 114 29.47 47.18 -11.43
N LEU D 115 28.40 47.09 -10.64
CA LEU D 115 27.94 48.23 -9.87
C LEU D 115 28.58 48.28 -8.49
N GLU D 116 28.25 49.37 -7.82
CA GLU D 116 28.63 49.56 -6.46
C GLU D 116 27.36 49.62 -5.60
N GLU D 117 27.56 49.85 -4.32
CA GLU D 117 26.44 49.98 -3.41
C GLU D 117 26.52 51.37 -2.78
N LYS D 118 27.71 51.73 -2.34
CA LYS D 118 27.99 53.02 -1.75
C LYS D 118 28.85 53.85 -2.71
N PRO D 119 28.65 55.16 -2.78
CA PRO D 119 29.46 55.97 -3.70
C PRO D 119 30.89 56.11 -3.23
N GLY D 120 31.70 55.10 -3.52
CA GLY D 120 33.09 55.13 -3.12
C GLY D 120 33.79 53.79 -3.03
N ASP D 121 33.04 52.70 -3.13
CA ASP D 121 33.66 51.38 -3.06
C ASP D 121 34.19 50.91 -4.42
N ARG D 122 34.63 49.66 -4.52
CA ARG D 122 35.20 49.21 -5.79
C ARG D 122 34.46 48.15 -6.62
N GLY D 123 33.13 48.22 -6.65
CA GLY D 123 32.37 47.29 -7.44
C GLY D 123 31.95 46.00 -6.77
N LYS D 124 30.65 45.88 -6.48
CA LYS D 124 30.13 44.70 -5.81
C LYS D 124 28.89 44.02 -6.40
N LEU D 125 28.17 44.66 -7.30
CA LEU D 125 26.96 44.05 -7.86
C LEU D 125 27.09 43.51 -9.27
N ALA D 126 26.33 42.47 -9.58
CA ALA D 126 26.29 41.83 -10.89
C ALA D 126 27.64 41.40 -11.44
N ARG D 127 28.57 41.00 -10.57
CA ARG D 127 29.90 40.62 -11.01
C ARG D 127 30.10 39.15 -11.35
N ALA D 128 29.12 38.28 -11.08
CA ALA D 128 29.26 36.89 -11.46
C ALA D 128 28.99 36.76 -12.95
N SER D 129 29.51 35.69 -13.55
CA SER D 129 29.64 35.57 -14.99
C SER D 129 28.28 35.52 -15.70
N GLY D 130 28.16 36.29 -16.77
CA GLY D 130 26.94 36.36 -17.54
C GLY D 130 25.86 37.26 -16.97
N ASN D 131 26.20 38.14 -16.03
CA ASN D 131 25.21 38.97 -15.35
C ASN D 131 25.41 40.43 -15.71
N TYR D 132 24.38 41.22 -15.39
CA TYR D 132 24.32 42.63 -15.73
C TYR D 132 23.21 43.28 -14.92
N ALA D 133 23.39 44.55 -14.60
CA ALA D 133 22.33 45.36 -14.01
C ALA D 133 21.95 46.45 -15.00
N THR D 134 20.68 46.83 -15.01
CA THR D 134 20.18 47.85 -15.92
C THR D 134 19.63 49.02 -15.13
N VAL D 135 20.10 50.23 -15.46
CA VAL D 135 19.61 51.43 -14.81
C VAL D 135 18.22 51.76 -15.34
N ILE D 136 17.30 52.05 -14.44
CA ILE D 136 15.90 52.22 -14.80
C ILE D 136 15.56 53.69 -14.94
N SER D 137 15.80 54.46 -13.88
CA SER D 137 15.38 55.85 -13.86
C SER D 137 16.43 56.69 -13.15
N HIS D 138 16.42 57.99 -13.47
CA HIS D 138 17.35 58.95 -12.90
C HIS D 138 16.53 59.98 -12.13
N ASN D 139 16.78 60.08 -10.83
CA ASN D 139 16.22 61.15 -10.03
C ASN D 139 17.33 62.18 -9.82
N PRO D 140 17.39 63.26 -10.63
CA PRO D 140 18.56 64.16 -10.60
C PRO D 140 18.70 64.95 -9.31
N GLU D 141 17.63 65.59 -8.85
CA GLU D 141 17.58 66.06 -7.48
C GLU D 141 17.37 64.84 -6.58
N THR D 142 17.88 64.95 -5.34
CA THR D 142 18.12 63.97 -4.26
C THR D 142 19.37 63.13 -4.60
N LYS D 143 19.91 63.24 -5.82
CA LYS D 143 21.12 62.56 -6.29
C LYS D 143 21.04 61.04 -6.08
N LYS D 144 19.94 60.47 -6.51
CA LYS D 144 19.71 59.03 -6.41
C LYS D 144 19.43 58.44 -7.79
N THR D 145 19.41 57.12 -7.83
CA THR D 145 19.30 56.39 -9.09
C THR D 145 18.70 55.02 -8.80
N ARG D 146 17.60 54.70 -9.47
CA ARG D 146 17.03 53.36 -9.38
C ARG D 146 17.70 52.48 -10.43
N VAL D 147 17.87 51.20 -10.09
CA VAL D 147 18.56 50.24 -10.95
C VAL D 147 17.95 48.87 -10.69
N LYS D 148 18.03 47.99 -11.70
CA LYS D 148 17.45 46.66 -11.62
C LYS D 148 18.57 45.63 -11.48
N LEU D 149 18.67 45.03 -10.30
CA LEU D 149 19.71 44.04 -10.04
C LEU D 149 19.41 42.71 -10.75
N PRO D 150 20.40 41.84 -10.80
CA PRO D 150 20.24 40.56 -11.50
C PRO D 150 19.14 39.60 -11.00
N SER D 151 18.68 39.72 -9.76
CA SER D 151 17.65 38.85 -9.23
C SER D 151 16.24 39.38 -9.47
N GLY D 152 16.13 40.57 -10.06
CA GLY D 152 14.82 41.14 -10.28
C GLY D 152 14.40 42.14 -9.25
N SER D 153 15.30 42.52 -8.36
CA SER D 153 14.94 43.46 -7.32
C SER D 153 15.46 44.86 -7.57
N LYS D 154 14.55 45.82 -7.54
CA LYS D 154 14.93 47.21 -7.70
C LYS D 154 15.70 47.69 -6.47
N LYS D 155 16.64 48.61 -6.69
CA LYS D 155 17.44 49.14 -5.60
C LYS D 155 17.82 50.59 -5.85
N VAL D 156 17.47 51.47 -4.93
CA VAL D 156 17.80 52.89 -5.06
C VAL D 156 19.24 53.08 -4.59
N ILE D 157 20.13 53.42 -5.53
CA ILE D 157 21.51 53.71 -5.22
C ILE D 157 21.77 55.17 -5.56
N SER D 158 22.96 55.65 -5.19
CA SER D 158 23.33 57.03 -5.43
C SER D 158 23.67 57.26 -6.90
N SER D 159 23.77 58.53 -7.26
CA SER D 159 24.12 58.92 -8.63
C SER D 159 25.62 59.04 -8.85
N ALA D 160 26.42 58.62 -7.87
CA ALA D 160 27.87 58.63 -8.00
C ALA D 160 28.46 57.23 -8.04
N ASN D 161 27.62 56.20 -7.95
CA ASN D 161 28.06 54.82 -8.09
C ASN D 161 28.57 54.57 -9.51
N ARG D 162 29.84 54.21 -9.61
CA ARG D 162 30.41 53.91 -10.92
C ARG D 162 30.00 52.52 -11.36
N ALA D 163 30.11 52.26 -12.64
CA ALA D 163 29.77 50.96 -13.19
C ALA D 163 30.45 50.78 -14.54
N VAL D 164 30.84 49.54 -14.81
CA VAL D 164 31.40 49.19 -16.11
C VAL D 164 30.26 48.91 -17.08
N VAL D 165 30.30 49.54 -18.24
CA VAL D 165 29.23 49.40 -19.23
C VAL D 165 29.37 48.08 -19.97
N GLY D 166 28.31 47.28 -19.96
CA GLY D 166 28.29 46.06 -20.73
C GLY D 166 27.69 44.88 -20.01
N VAL D 167 28.12 43.68 -20.40
CA VAL D 167 27.79 42.43 -19.71
C VAL D 167 29.13 41.74 -19.45
N VAL D 168 29.28 41.19 -18.25
CA VAL D 168 30.54 40.53 -17.89
C VAL D 168 30.75 39.30 -18.75
N ALA D 169 32.01 39.02 -19.05
CA ALA D 169 32.32 37.87 -19.89
C ALA D 169 32.27 36.60 -19.07
N GLY D 170 32.39 35.48 -19.76
CA GLY D 170 32.14 34.18 -19.17
C GLY D 170 30.82 33.58 -19.58
N GLY D 171 29.95 34.36 -20.23
CA GLY D 171 28.78 33.89 -20.95
C GLY D 171 27.78 33.02 -20.23
N GLY D 172 27.09 32.16 -20.98
CA GLY D 172 26.17 31.21 -20.41
C GLY D 172 26.87 29.95 -19.93
N ARG D 173 27.61 30.09 -18.83
CA ARG D 173 28.40 29.00 -18.30
C ARG D 173 27.53 27.87 -17.74
N ILE D 174 26.37 28.21 -17.17
CA ILE D 174 25.51 27.20 -16.55
C ILE D 174 24.69 26.40 -17.55
N ASP D 175 24.80 26.69 -18.85
CA ASP D 175 24.00 25.96 -19.83
C ASP D 175 24.59 24.61 -20.20
N LYS D 176 25.78 24.30 -19.77
CA LYS D 176 26.31 22.97 -20.03
C LYS D 176 26.12 22.10 -18.81
N PRO D 177 25.68 20.85 -18.99
CA PRO D 177 25.54 19.94 -17.86
C PRO D 177 26.94 19.49 -17.42
N ILE D 178 27.13 19.23 -16.14
CA ILE D 178 28.44 18.81 -15.65
C ILE D 178 28.76 17.33 -15.90
N LEU D 179 27.75 16.58 -16.32
CA LEU D 179 27.89 15.15 -16.63
C LEU D 179 28.48 14.21 -15.57
N LYS D 180 29.77 14.34 -15.28
CA LYS D 180 30.42 13.46 -14.32
C LYS D 180 30.55 14.02 -12.92
N ALA D 181 30.87 13.16 -11.98
CA ALA D 181 31.07 13.56 -10.60
C ALA D 181 32.46 14.14 -10.50
N GLY D 182 33.33 13.72 -11.41
CA GLY D 182 34.70 14.18 -11.49
C GLY D 182 34.83 15.61 -11.96
N ARG D 183 33.96 16.05 -12.86
CA ARG D 183 33.96 17.44 -13.25
C ARG D 183 33.35 18.33 -12.18
N ALA D 184 32.59 17.73 -11.27
CA ALA D 184 32.02 18.44 -10.13
C ALA D 184 33.11 18.56 -9.09
N TYR D 185 33.92 17.53 -8.95
CA TYR D 185 35.01 17.51 -7.99
C TYR D 185 36.05 18.57 -8.31
N HIS D 186 36.42 18.69 -9.59
CA HIS D 186 37.43 19.67 -9.99
C HIS D 186 36.89 21.08 -9.95
N LYS D 187 35.56 21.24 -10.07
CA LYS D 187 34.94 22.55 -9.95
C LYS D 187 35.07 23.11 -8.54
N TYR D 188 34.81 22.30 -7.53
CA TYR D 188 34.80 22.76 -6.15
C TYR D 188 36.14 22.60 -5.46
N LYS D 189 37.08 21.85 -6.03
CA LYS D 189 38.43 21.82 -5.48
C LYS D 189 39.12 23.17 -5.64
N ALA D 190 38.77 23.91 -6.69
CA ALA D 190 39.25 25.27 -6.84
C ALA D 190 38.58 26.24 -5.87
N LYS D 191 37.40 25.91 -5.34
CA LYS D 191 36.69 26.88 -4.53
C LYS D 191 36.82 26.66 -3.02
N ARG D 192 36.32 25.55 -2.50
CA ARG D 192 36.21 25.29 -1.06
C ARG D 192 35.72 23.87 -0.86
N ASN D 193 35.78 23.40 0.39
CA ASN D 193 35.32 22.05 0.72
C ASN D 193 33.83 22.13 1.02
N CYS D 194 33.01 21.97 -0.03
CA CYS D 194 31.58 21.91 0.17
C CYS D 194 30.87 20.91 -0.73
N TRP D 195 31.62 20.23 -1.59
CA TRP D 195 30.98 19.39 -2.57
C TRP D 195 30.18 18.16 -2.20
N PRO D 196 30.82 17.12 -1.68
CA PRO D 196 30.05 15.89 -1.47
C PRO D 196 29.06 16.08 -0.33
N ARG D 197 27.79 16.29 -0.70
CA ARG D 197 26.78 16.76 0.24
C ARG D 197 25.92 15.58 0.65
N VAL D 198 26.06 15.15 1.90
CA VAL D 198 25.27 14.06 2.44
C VAL D 198 23.91 14.61 2.85
N ARG D 199 22.85 13.91 2.44
CA ARG D 199 21.50 14.24 2.88
C ARG D 199 21.37 14.03 4.39
N GLY D 200 20.53 14.86 5.01
CA GLY D 200 20.36 14.76 6.44
C GLY D 200 19.57 13.53 6.87
N VAL D 201 18.70 13.02 6.00
CA VAL D 201 17.94 11.83 6.36
C VAL D 201 18.78 10.57 6.30
N ALA D 202 19.92 10.61 5.61
CA ALA D 202 20.86 9.50 5.56
C ALA D 202 21.79 9.45 6.76
N MET D 203 21.62 10.35 7.73
CA MET D 203 22.47 10.43 8.89
C MET D 203 21.78 9.79 10.09
N ASN D 204 22.38 9.92 11.22
CA ASN D 204 21.99 9.56 12.57
C ASN D 204 21.52 10.80 13.32
N PRO D 205 20.62 10.68 14.29
CA PRO D 205 20.03 11.88 14.92
C PRO D 205 20.98 12.70 15.78
N VAL D 206 22.19 12.24 16.08
CA VAL D 206 23.23 13.16 16.55
C VAL D 206 23.56 14.20 15.49
N GLU D 207 23.77 13.74 14.27
CA GLU D 207 24.48 14.47 13.23
C GLU D 207 23.60 15.48 12.51
N HIS D 208 22.29 15.38 12.64
CA HIS D 208 21.36 16.21 11.88
C HIS D 208 19.99 16.13 12.53
N PRO D 209 19.16 17.18 12.41
CA PRO D 209 17.78 17.09 12.91
C PRO D 209 16.90 16.12 12.14
N PHE D 210 17.25 15.77 10.91
CA PHE D 210 16.40 14.91 10.09
C PHE D 210 16.79 13.44 10.16
N GLY D 211 17.94 13.10 10.75
CA GLY D 211 18.42 11.73 10.72
C GLY D 211 17.65 10.81 11.64
N GLY D 212 17.86 9.52 11.43
CA GLY D 212 17.30 8.49 12.29
C GLY D 212 16.06 7.84 11.70
N GLY D 213 15.68 6.73 12.32
CA GLY D 213 14.46 6.03 11.98
C GLY D 213 14.74 4.72 11.27
N ASN D 214 13.70 3.89 11.21
CA ASN D 214 13.73 2.65 10.45
C ASN D 214 13.32 2.86 9.00
N HIS D 215 13.14 4.11 8.58
CA HIS D 215 13.00 4.51 7.20
C HIS D 215 13.72 5.84 7.05
N GLN D 216 13.93 6.28 5.81
CA GLN D 216 14.62 7.55 5.59
C GLN D 216 13.66 8.71 5.41
N HIS D 217 12.60 8.71 6.19
CA HIS D 217 11.67 9.80 6.16
C HIS D 217 12.22 10.96 7.00
N ILE D 218 11.63 12.14 6.83
CA ILE D 218 12.07 13.28 7.63
C ILE D 218 11.46 13.20 9.03
N GLY D 219 10.13 13.14 9.11
CA GLY D 219 9.44 12.95 10.35
C GLY D 219 8.87 14.20 10.97
N LYS D 220 9.14 15.36 10.37
CA LYS D 220 8.71 16.64 10.87
C LYS D 220 8.67 17.59 9.69
N PRO D 221 7.90 18.67 9.76
CA PRO D 221 7.88 19.63 8.64
C PRO D 221 9.24 20.24 8.40
N SER D 222 9.71 20.13 7.15
CA SER D 222 11.05 20.58 6.76
C SER D 222 11.10 22.05 6.45
N THR D 223 10.07 22.79 6.85
CA THR D 223 10.01 24.24 6.71
C THR D 223 10.20 24.82 8.11
N ILE D 224 11.35 25.43 8.33
CA ILE D 224 11.75 25.88 9.66
C ILE D 224 11.67 27.40 9.72
N ARG D 225 11.36 27.91 10.90
CA ARG D 225 11.11 29.33 11.12
C ARG D 225 12.43 30.12 11.08
N ARG D 226 12.28 31.45 11.02
CA ARG D 226 13.43 32.34 10.86
C ARG D 226 14.29 32.38 12.12
N ASP D 227 13.68 32.33 13.30
CA ASP D 227 14.39 32.48 14.56
C ASP D 227 14.70 31.14 15.23
N ALA D 228 14.88 30.09 14.44
CA ALA D 228 15.31 28.81 15.00
C ALA D 228 16.78 28.90 15.40
N PRO D 229 17.20 28.12 16.39
CA PRO D 229 18.61 28.16 16.80
C PRO D 229 19.53 27.53 15.76
N ALA D 230 20.80 27.88 15.86
CA ALA D 230 21.82 27.27 15.01
C ALA D 230 21.99 25.81 15.40
N GLY D 231 21.92 24.93 14.41
CA GLY D 231 21.83 23.51 14.65
C GLY D 231 20.44 22.94 14.50
N ARG D 232 19.45 23.80 14.29
CA ARG D 232 18.08 23.39 14.05
C ARG D 232 17.57 23.79 12.68
N LYS D 233 17.88 25.01 12.21
CA LYS D 233 17.32 25.46 10.93
C LYS D 233 18.03 24.78 9.77
N VAL D 234 17.64 23.53 9.55
CA VAL D 234 17.94 22.81 8.33
C VAL D 234 16.66 22.72 7.52
N GLY D 235 16.80 22.29 6.27
CA GLY D 235 15.63 22.21 5.43
C GLY D 235 15.36 23.52 4.72
N LEU D 236 14.08 23.85 4.57
CA LEU D 236 13.68 25.09 3.90
C LEU D 236 13.50 26.18 4.93
N ILE D 237 14.50 27.05 5.05
CA ILE D 237 14.47 28.12 6.05
C ILE D 237 13.53 29.27 5.78
N ALA D 238 12.49 29.39 6.61
CA ALA D 238 11.52 30.47 6.53
C ALA D 238 10.92 30.67 5.17
N ALA D 239 10.55 29.58 4.52
CA ALA D 239 9.98 29.64 3.20
C ALA D 239 8.58 30.20 3.30
N ARG D 240 8.23 31.16 2.45
CA ARG D 240 6.87 31.69 2.50
C ARG D 240 5.87 30.91 1.64
N ARG D 241 6.39 29.91 0.94
CA ARG D 241 5.66 29.00 0.09
C ARG D 241 6.58 27.86 -0.31
N THR D 242 5.98 26.76 -0.68
CA THR D 242 6.69 25.57 -1.16
C THR D 242 5.99 25.08 -2.42
N GLY D 243 6.50 24.01 -3.00
CA GLY D 243 5.80 23.34 -4.08
C GLY D 243 6.29 23.71 -5.45
N ARG D 244 5.57 23.21 -6.46
CA ARG D 244 6.03 23.12 -7.84
C ARG D 244 6.34 24.48 -8.49
N LEU D 245 5.76 25.53 -7.92
CA LEU D 245 5.95 26.89 -8.38
C LEU D 245 5.62 27.09 -9.85
N ARG D 246 4.33 26.97 -10.14
CA ARG D 246 3.77 27.18 -11.46
C ARG D 246 2.91 28.43 -11.47
N GLY D 247 3.01 29.20 -12.55
CA GLY D 247 2.10 30.29 -12.82
C GLY D 247 2.79 31.60 -13.12
N THR D 248 3.87 31.92 -12.42
CA THR D 248 4.64 33.13 -12.65
C THR D 248 6.02 33.01 -12.03
N SER E 1 16.25 -39.11 19.92
CA SER E 1 15.28 -39.36 18.85
C SER E 1 15.85 -40.33 17.84
N HIS E 2 14.99 -40.84 16.96
CA HIS E 2 15.42 -41.82 15.97
C HIS E 2 16.19 -41.13 14.84
N ARG E 3 16.74 -41.95 13.96
CA ARG E 3 17.55 -41.50 12.84
C ARG E 3 16.75 -41.00 11.65
N LYS E 4 15.70 -41.73 11.35
CA LYS E 4 14.79 -41.45 10.24
C LYS E 4 15.10 -42.24 8.96
N PHE E 5 16.28 -42.84 8.87
CA PHE E 5 16.64 -43.60 7.68
C PHE E 5 17.44 -44.82 8.13
N SER E 6 16.85 -45.96 7.93
CA SER E 6 17.46 -47.20 8.35
C SER E 6 18.64 -47.48 7.47
N ALA E 7 19.67 -48.07 8.07
CA ALA E 7 20.86 -48.43 7.36
C ALA E 7 21.53 -49.49 8.20
N PRO E 8 22.02 -50.54 7.57
CA PRO E 8 22.69 -51.61 8.31
C PRO E 8 24.00 -51.15 8.96
N ARG E 9 24.42 -51.89 9.97
CA ARG E 9 25.65 -51.55 10.67
C ARG E 9 26.85 -51.85 9.79
N HIS E 10 27.84 -50.97 9.82
CA HIS E 10 29.10 -51.22 9.15
C HIS E 10 29.90 -52.24 9.94
N GLY E 11 30.23 -53.37 9.31
CA GLY E 11 31.08 -54.37 9.93
C GLY E 11 30.32 -55.30 10.84
N SER E 12 30.92 -56.47 11.05
CA SER E 12 30.40 -57.42 12.03
C SER E 12 30.90 -57.09 13.42
N LEU E 13 30.07 -57.41 14.42
CA LEU E 13 30.55 -57.48 15.79
C LEU E 13 31.07 -58.86 16.14
N GLY E 14 30.88 -59.84 15.26
CA GLY E 14 31.27 -61.21 15.51
C GLY E 14 32.70 -61.54 15.19
N PHE E 15 33.45 -60.59 14.66
CA PHE E 15 34.87 -60.77 14.38
C PHE E 15 35.73 -59.84 15.21
N LEU E 16 35.30 -59.43 16.40
CA LEU E 16 36.10 -58.36 16.96
C LEU E 16 36.43 -58.52 18.44
N PRO E 17 37.63 -58.93 18.74
CA PRO E 17 38.66 -57.94 19.03
C PRO E 17 39.45 -57.84 17.74
N ARG E 18 39.56 -56.69 17.08
CA ARG E 18 40.30 -56.65 15.82
C ARG E 18 41.77 -56.30 16.09
N LYS E 19 42.40 -57.16 16.86
CA LYS E 19 43.79 -57.05 17.20
C LYS E 19 44.64 -57.86 16.23
N ARG E 20 45.96 -57.68 16.34
CA ARG E 20 46.89 -58.57 15.68
C ARG E 20 46.70 -59.98 16.20
N SER E 21 46.77 -60.96 15.29
CA SER E 21 46.66 -62.35 15.70
C SER E 21 47.81 -62.73 16.61
N SER E 22 47.50 -63.52 17.64
CA SER E 22 48.50 -63.95 18.63
C SER E 22 49.29 -65.16 18.17
N ARG E 23 49.27 -65.46 16.88
CA ARG E 23 49.93 -66.62 16.32
C ARG E 23 50.19 -66.33 14.85
N HIS E 24 50.86 -67.27 14.18
CA HIS E 24 51.19 -67.10 12.78
C HIS E 24 50.78 -68.29 11.91
N ARG E 25 50.61 -69.48 12.47
CA ARG E 25 50.26 -70.65 11.68
C ARG E 25 48.78 -70.64 11.30
N GLY E 26 47.92 -70.46 12.29
CA GLY E 26 46.49 -70.67 12.09
C GLY E 26 46.01 -71.83 12.92
N LYS E 27 45.41 -71.51 14.06
CA LYS E 27 44.85 -72.50 14.96
C LYS E 27 43.61 -73.12 14.34
N VAL E 28 43.47 -74.44 14.50
CA VAL E 28 42.35 -75.15 13.90
C VAL E 28 41.05 -74.81 14.60
N LYS E 29 41.03 -74.94 15.94
CA LYS E 29 39.96 -74.60 16.89
C LYS E 29 38.76 -75.52 16.84
N SER E 30 38.66 -76.37 15.81
CA SER E 30 37.55 -77.29 15.67
C SER E 30 37.96 -78.34 14.63
N PHE E 31 38.12 -79.55 15.04
CA PHE E 31 38.31 -80.63 14.10
C PHE E 31 36.97 -81.28 13.79
N PRO E 32 36.91 -82.06 12.72
CA PRO E 32 35.67 -82.72 12.34
C PRO E 32 35.24 -83.72 13.39
N LYS E 33 33.93 -83.86 13.58
CA LYS E 33 33.42 -84.81 14.56
C LYS E 33 33.92 -86.19 14.17
N ASP E 34 34.41 -86.95 15.15
CA ASP E 34 34.95 -88.26 14.88
C ASP E 34 34.00 -89.38 15.24
N ASP E 35 33.91 -90.37 14.34
CA ASP E 35 33.08 -91.55 14.53
C ASP E 35 33.88 -92.76 14.09
N PRO E 36 33.81 -93.83 14.86
CA PRO E 36 34.59 -95.05 14.61
C PRO E 36 34.28 -95.87 13.36
N SER E 37 33.18 -95.60 12.67
CA SER E 37 32.80 -96.42 11.52
C SER E 37 33.74 -96.22 10.33
N LYS E 38 34.39 -95.06 10.25
CA LYS E 38 35.25 -94.72 9.13
C LYS E 38 36.58 -95.45 9.24
N PRO E 39 37.35 -95.51 8.14
CA PRO E 39 38.76 -95.89 8.26
C PRO E 39 39.56 -94.78 8.93
N VAL E 40 40.81 -95.11 9.25
CA VAL E 40 41.65 -94.27 10.09
C VAL E 40 42.40 -93.29 9.20
N HIS E 41 42.34 -92.00 9.53
CA HIS E 41 42.86 -90.97 8.64
C HIS E 41 43.19 -89.70 9.43
N LEU E 42 43.87 -88.77 8.75
CA LEU E 42 44.09 -87.42 9.28
C LEU E 42 42.97 -86.49 8.85
N THR E 43 42.85 -85.37 9.55
CA THR E 43 41.79 -84.41 9.30
C THR E 43 42.26 -83.03 8.89
N ALA E 44 43.58 -82.79 8.85
CA ALA E 44 44.10 -81.50 8.46
C ALA E 44 45.46 -81.70 7.82
N PHE E 45 45.96 -80.65 7.19
CA PHE E 45 47.30 -80.67 6.62
C PHE E 45 47.82 -79.24 6.73
N LEU E 46 49.02 -78.99 6.23
CA LEU E 46 49.61 -77.67 6.41
C LEU E 46 50.47 -77.36 5.18
N GLY E 47 50.14 -76.28 4.46
CA GLY E 47 50.87 -75.89 3.28
C GLY E 47 51.04 -74.40 3.15
N TYR E 48 51.89 -73.96 2.21
CA TYR E 48 52.17 -72.53 2.01
C TYR E 48 51.53 -71.97 0.75
N LYS E 49 51.11 -70.71 0.81
CA LYS E 49 50.49 -70.06 -0.34
C LYS E 49 51.55 -69.66 -1.33
N ALA E 50 51.38 -70.08 -2.58
CA ALA E 50 52.36 -69.78 -3.62
C ALA E 50 51.95 -68.67 -4.56
N GLY E 51 50.65 -68.54 -4.81
CA GLY E 51 50.19 -67.52 -5.73
C GLY E 51 48.95 -68.01 -6.46
N MET E 52 48.42 -67.15 -7.31
CA MET E 52 47.17 -67.44 -8.00
C MET E 52 47.40 -67.66 -9.48
N THR E 53 46.32 -68.04 -10.16
CA THR E 53 46.24 -68.54 -11.52
C THR E 53 44.76 -68.57 -11.87
N HIS E 54 44.41 -68.41 -13.14
CA HIS E 54 43.07 -68.77 -13.57
C HIS E 54 43.12 -69.99 -14.47
N ILE E 55 42.05 -70.78 -14.43
CA ILE E 55 41.93 -72.00 -15.21
C ILE E 55 40.71 -71.88 -16.13
N VAL E 56 40.58 -72.86 -17.02
CA VAL E 56 39.42 -72.97 -17.90
C VAL E 56 38.86 -74.39 -17.76
N ARG E 57 37.59 -74.49 -17.40
CA ARG E 57 36.90 -75.77 -17.35
C ARG E 57 35.48 -75.57 -17.85
N GLU E 58 34.82 -76.67 -18.20
CA GLU E 58 33.41 -76.62 -18.53
C GLU E 58 32.57 -77.14 -17.37
N VAL E 59 31.30 -76.77 -17.37
CA VAL E 59 30.43 -76.89 -16.23
C VAL E 59 29.39 -77.97 -16.51
N ASP E 60 29.08 -78.78 -15.48
CA ASP E 60 27.94 -79.69 -15.51
C ASP E 60 26.98 -79.26 -14.39
N ARG E 61 26.15 -78.26 -14.68
CA ARG E 61 24.99 -77.94 -13.88
C ARG E 61 23.75 -78.05 -14.75
N PRO E 62 23.01 -79.17 -14.69
CA PRO E 62 21.84 -79.36 -15.56
C PRO E 62 20.70 -78.42 -15.17
N GLY E 63 20.35 -77.52 -16.10
CA GLY E 63 19.36 -76.49 -15.87
C GLY E 63 19.93 -75.10 -15.74
N SER E 64 21.24 -74.94 -15.79
CA SER E 64 21.88 -73.65 -15.58
C SER E 64 22.07 -72.90 -16.90
N LYS E 65 22.58 -71.68 -16.77
CA LYS E 65 22.85 -70.84 -17.92
C LYS E 65 24.11 -71.28 -18.65
N VAL E 66 25.07 -71.86 -17.94
CA VAL E 66 26.39 -72.18 -18.49
C VAL E 66 26.64 -73.68 -18.45
N ASN E 67 25.58 -74.47 -18.58
CA ASN E 67 25.73 -75.90 -18.72
C ASN E 67 26.40 -76.22 -20.05
N LYS E 68 27.36 -77.15 -20.02
CA LYS E 68 28.17 -77.61 -21.15
C LYS E 68 28.94 -76.48 -21.82
N LYS E 69 29.20 -75.40 -21.08
CA LYS E 69 29.92 -74.24 -21.56
C LYS E 69 31.13 -74.02 -20.67
N GLU E 70 32.14 -73.37 -21.23
CA GLU E 70 33.47 -73.31 -20.62
C GLU E 70 33.64 -71.96 -19.93
N VAL E 71 34.00 -72.00 -18.65
CA VAL E 71 34.11 -70.80 -17.83
C VAL E 71 35.55 -70.66 -17.38
N VAL E 72 35.87 -69.47 -16.88
CA VAL E 72 37.20 -69.16 -16.36
C VAL E 72 37.06 -68.96 -14.86
N GLU E 73 37.51 -69.94 -14.09
CA GLU E 73 37.58 -69.84 -12.65
C GLU E 73 38.95 -69.35 -12.23
N ALA E 74 38.99 -68.61 -11.13
CA ALA E 74 40.25 -68.19 -10.53
C ALA E 74 40.64 -69.16 -9.43
N VAL E 75 41.88 -69.61 -9.45
CA VAL E 75 42.36 -70.58 -8.47
C VAL E 75 43.58 -70.02 -7.75
N THR E 76 43.96 -70.70 -6.68
CA THR E 76 45.19 -70.42 -5.96
C THR E 76 45.97 -71.72 -5.81
N ILE E 77 47.27 -71.58 -5.60
CA ILE E 77 48.16 -72.72 -5.46
C ILE E 77 48.79 -72.80 -4.09
N VAL E 78 48.67 -73.94 -3.44
CA VAL E 78 49.26 -74.12 -2.13
C VAL E 78 50.34 -75.19 -2.20
N GLU E 79 51.60 -74.81 -2.00
CA GLU E 79 52.67 -75.78 -2.06
C GLU E 79 52.60 -76.62 -0.81
N THR E 80 52.40 -77.92 -0.98
CA THR E 80 52.26 -78.82 0.15
C THR E 80 53.28 -79.95 0.05
N PRO E 81 54.48 -79.76 0.59
CA PRO E 81 55.40 -80.88 0.74
C PRO E 81 54.88 -81.83 1.82
N PRO E 82 55.32 -83.09 1.82
CA PRO E 82 54.79 -84.04 2.80
C PRO E 82 55.23 -83.71 4.22
N MET E 83 54.30 -83.89 5.15
CA MET E 83 54.56 -83.62 6.55
C MET E 83 55.09 -84.87 7.23
N VAL E 84 56.02 -84.69 8.15
CA VAL E 84 56.69 -85.79 8.82
C VAL E 84 56.09 -85.95 10.20
N VAL E 85 55.54 -87.13 10.48
CA VAL E 85 55.00 -87.45 11.80
C VAL E 85 56.16 -87.55 12.78
N VAL E 86 56.25 -86.60 13.70
CA VAL E 86 57.35 -86.55 14.64
C VAL E 86 56.92 -86.93 16.05
N GLY E 87 55.63 -86.90 16.36
CA GLY E 87 55.19 -87.25 17.69
C GLY E 87 53.74 -87.67 17.70
N ILE E 88 53.21 -87.75 18.92
CA ILE E 88 51.84 -88.22 19.16
C ILE E 88 51.41 -87.67 20.52
N VAL E 89 50.15 -87.30 20.65
CA VAL E 89 49.63 -86.74 21.90
C VAL E 89 48.17 -87.17 22.05
N GLY E 90 47.81 -87.60 23.24
CA GLY E 90 46.47 -88.06 23.54
C GLY E 90 45.81 -87.19 24.60
N TYR E 91 44.51 -86.96 24.45
CA TYR E 91 43.78 -86.09 25.35
C TYR E 91 42.75 -86.90 26.11
N VAL E 92 42.56 -86.58 27.38
CA VAL E 92 41.48 -87.15 28.18
C VAL E 92 40.40 -86.07 28.34
N GLU E 93 39.14 -86.47 28.28
CA GLU E 93 38.04 -85.53 28.36
C GLU E 93 37.56 -85.43 29.80
N THR E 94 37.49 -84.19 30.28
CA THR E 94 37.28 -83.83 31.68
C THR E 94 36.01 -82.99 31.79
N PRO E 95 35.42 -82.87 32.99
CA PRO E 95 34.31 -81.91 33.14
C PRO E 95 34.74 -80.46 33.13
N ARG E 96 36.04 -80.18 33.17
CA ARG E 96 36.55 -78.82 33.01
C ARG E 96 36.94 -78.49 31.58
N GLY E 97 36.93 -79.47 30.69
CA GLY E 97 37.35 -79.24 29.33
C GLY E 97 37.91 -80.47 28.65
N LEU E 98 39.12 -80.36 28.13
CA LEU E 98 39.79 -81.48 27.45
C LEU E 98 41.29 -81.28 27.68
N ARG E 99 41.82 -81.87 28.74
CA ARG E 99 43.22 -81.65 29.03
C ARG E 99 44.10 -82.66 28.32
N THR E 100 45.34 -82.28 28.09
CA THR E 100 46.31 -83.16 27.47
C THR E 100 46.92 -84.11 28.48
N PHE E 101 47.02 -85.38 28.10
CA PHE E 101 47.34 -86.46 29.02
C PHE E 101 48.81 -86.86 28.98
N LYS E 102 49.31 -87.24 27.82
CA LYS E 102 50.69 -87.67 27.66
C LYS E 102 51.06 -87.54 26.19
N THR E 103 52.27 -87.04 25.93
CA THR E 103 52.79 -86.99 24.58
C THR E 103 54.11 -87.75 24.50
N VAL E 104 54.32 -88.44 23.38
CA VAL E 104 55.50 -89.25 23.14
C VAL E 104 56.12 -88.78 21.83
N PHE E 105 57.17 -87.99 21.90
CA PHE E 105 57.93 -87.67 20.71
C PHE E 105 58.79 -88.85 20.28
N ALA E 106 59.19 -88.85 19.02
CA ALA E 106 59.94 -89.95 18.46
C ALA E 106 61.44 -89.73 18.59
N GLU E 107 62.19 -90.77 18.24
CA GLU E 107 63.63 -90.65 18.06
C GLU E 107 63.89 -90.05 16.67
N HIS E 108 65.14 -89.65 16.42
CA HIS E 108 65.63 -89.19 15.11
C HIS E 108 64.89 -87.95 14.62
N ILE E 109 64.59 -87.03 15.54
CA ILE E 109 63.94 -85.78 15.18
C ILE E 109 64.93 -84.93 14.38
N SER E 110 64.48 -84.41 13.24
CA SER E 110 65.36 -83.70 12.33
C SER E 110 65.72 -82.32 12.88
N ASP E 111 66.78 -81.73 12.29
CA ASP E 111 67.26 -80.44 12.77
C ASP E 111 66.31 -79.31 12.38
N GLU E 112 65.55 -79.47 11.30
CA GLU E 112 64.55 -78.47 10.95
C GLU E 112 63.31 -78.55 11.85
N CYS E 113 63.08 -79.70 12.50
CA CYS E 113 62.02 -79.77 13.49
C CYS E 113 62.48 -79.26 14.84
N LYS E 114 63.74 -79.51 15.19
CA LYS E 114 64.31 -78.99 16.43
C LYS E 114 64.60 -77.50 16.36
N ARG E 115 64.55 -76.93 15.17
CA ARG E 115 64.81 -75.52 14.99
C ARG E 115 63.70 -74.72 15.64
N ARG E 116 62.49 -75.25 15.58
CA ARG E 116 61.32 -74.60 16.17
C ARG E 116 61.47 -74.43 17.68
N PHE E 117 62.18 -75.32 18.33
CA PHE E 117 62.32 -75.29 19.79
C PHE E 117 63.37 -74.29 20.28
N TYR E 118 63.82 -73.38 19.43
CA TYR E 118 64.82 -72.39 19.79
C TYR E 118 64.45 -71.04 19.20
N LYS E 119 64.68 -69.97 19.96
CA LYS E 119 64.42 -68.63 19.45
C LYS E 119 65.70 -68.13 18.80
N ASN E 120 66.79 -68.85 18.98
CA ASN E 120 68.07 -68.45 18.40
C ASN E 120 68.88 -69.73 18.18
N TRP E 121 68.92 -70.18 16.92
CA TRP E 121 69.60 -71.42 16.55
C TRP E 121 71.10 -71.23 16.43
N HIS E 122 71.56 -70.01 16.15
CA HIS E 122 72.98 -69.73 15.96
C HIS E 122 73.76 -69.92 17.25
N LYS E 123 73.26 -69.37 18.36
CA LYS E 123 73.99 -69.41 19.61
C LYS E 123 73.62 -70.60 20.50
N SER E 124 72.72 -71.46 20.04
CA SER E 124 72.32 -72.61 20.85
C SER E 124 73.27 -73.78 20.60
N LYS E 125 73.18 -74.78 21.48
CA LYS E 125 74.03 -75.96 21.41
C LYS E 125 73.28 -77.20 20.97
N LYS E 126 72.07 -77.03 20.43
CA LYS E 126 71.31 -78.06 19.72
C LYS E 126 70.90 -79.21 20.63
N LYS E 127 70.75 -78.94 21.92
CA LYS E 127 70.63 -79.97 22.94
C LYS E 127 69.21 -80.51 23.11
N ALA E 128 68.24 -80.02 22.34
CA ALA E 128 66.85 -80.45 22.50
C ALA E 128 66.69 -81.91 22.09
N PHE E 129 65.93 -82.65 22.92
CA PHE E 129 65.64 -84.08 22.74
C PHE E 129 66.89 -84.95 22.69
N THR E 130 67.97 -84.51 23.33
CA THR E 130 69.17 -85.33 23.43
C THR E 130 69.20 -86.20 24.67
N LYS E 131 68.44 -85.84 25.71
CA LYS E 131 68.20 -86.74 26.82
C LYS E 131 67.02 -87.66 26.55
N TYR E 132 66.08 -87.21 25.72
CA TYR E 132 64.85 -87.95 25.46
C TYR E 132 65.02 -88.98 24.36
N CYS E 133 66.01 -88.84 23.50
CA CYS E 133 66.21 -89.82 22.43
C CYS E 133 66.82 -91.12 22.94
N LYS E 134 67.41 -91.12 24.13
CA LYS E 134 68.09 -92.30 24.63
C LYS E 134 67.16 -93.28 25.32
N LYS E 135 65.92 -92.92 25.58
CA LYS E 135 64.95 -93.86 26.14
C LYS E 135 64.18 -94.61 25.07
N TRP E 136 64.58 -94.49 23.80
CA TRP E 136 64.14 -95.38 22.74
C TRP E 136 65.11 -96.52 22.47
N GLN E 137 66.29 -96.49 23.08
CA GLN E 137 67.37 -97.45 22.81
C GLN E 137 67.89 -98.04 24.10
N ASP E 138 66.99 -98.27 25.05
CA ASP E 138 67.34 -98.61 26.42
C ASP E 138 66.54 -99.86 26.82
N GLU E 139 66.77 -100.36 28.03
CA GLU E 139 65.94 -101.44 28.59
C GLU E 139 64.93 -100.92 29.59
N ASP E 140 65.39 -100.28 30.68
CA ASP E 140 64.49 -99.72 31.67
C ASP E 140 64.11 -98.27 31.38
N GLY E 141 64.30 -97.82 30.14
CA GLY E 141 63.70 -96.60 29.64
C GLY E 141 62.75 -96.95 28.50
N LYS E 142 62.92 -98.15 27.97
CA LYS E 142 62.03 -98.65 26.91
C LYS E 142 60.61 -98.83 27.42
N LYS E 143 60.43 -99.73 28.39
CA LYS E 143 59.11 -100.22 28.76
C LYS E 143 58.25 -99.18 29.47
N GLN E 144 58.81 -98.04 29.87
CA GLN E 144 57.98 -96.93 30.31
C GLN E 144 57.27 -96.26 29.15
N LEU E 145 57.78 -96.40 27.93
CA LEU E 145 57.04 -95.93 26.76
C LEU E 145 55.91 -96.87 26.39
N GLU E 146 56.09 -98.18 26.59
CA GLU E 146 54.95 -99.09 26.49
C GLU E 146 54.07 -99.07 27.72
N LYS E 147 54.42 -98.29 28.75
CA LYS E 147 53.46 -97.83 29.73
C LYS E 147 52.90 -96.47 29.38
N ASP E 148 53.59 -95.71 28.52
CA ASP E 148 53.01 -94.48 27.98
C ASP E 148 52.08 -94.77 26.81
N PHE E 149 52.43 -95.73 25.95
CA PHE E 149 51.55 -96.18 24.88
C PHE E 149 50.49 -97.18 25.33
N SER E 150 50.29 -97.38 26.63
CA SER E 150 49.21 -98.22 27.11
C SER E 150 48.24 -97.49 28.02
N SER E 151 48.71 -96.50 28.78
CA SER E 151 47.80 -95.64 29.53
C SER E 151 47.09 -94.66 28.61
N MET E 152 47.78 -94.19 27.57
CA MET E 152 47.17 -93.34 26.56
C MET E 152 46.21 -94.13 25.69
N LYS E 153 46.29 -95.47 25.69
CA LYS E 153 45.30 -96.28 25.00
C LYS E 153 44.03 -96.45 25.84
N LYS E 154 44.17 -96.63 27.16
CA LYS E 154 43.04 -96.99 27.99
C LYS E 154 42.41 -95.81 28.71
N TYR E 155 43.01 -94.62 28.67
CA TYR E 155 42.42 -93.47 29.32
C TYR E 155 42.05 -92.34 28.37
N CYS E 156 42.66 -92.26 27.20
CA CYS E 156 42.40 -91.15 26.29
C CYS E 156 41.25 -91.47 25.36
N GLN E 157 40.55 -90.43 24.93
CA GLN E 157 39.47 -90.54 23.96
C GLN E 157 39.83 -89.93 22.63
N VAL E 158 40.67 -88.89 22.63
CA VAL E 158 41.11 -88.20 21.44
C VAL E 158 42.63 -88.20 21.44
N ILE E 159 43.23 -88.84 20.44
CA ILE E 159 44.68 -88.77 20.26
C ILE E 159 44.96 -87.92 19.03
N ARG E 160 46.09 -87.23 19.04
CA ARG E 160 46.50 -86.40 17.93
C ARG E 160 47.90 -86.80 17.47
N VAL E 161 48.30 -86.24 16.34
CA VAL E 161 49.61 -86.48 15.73
C VAL E 161 50.31 -85.15 15.59
N ILE E 162 51.46 -85.02 16.24
CA ILE E 162 52.31 -83.84 16.08
C ILE E 162 53.15 -84.05 14.83
N ALA E 163 52.92 -83.22 13.81
CA ALA E 163 53.65 -83.31 12.57
C ALA E 163 54.23 -81.95 12.22
N HIS E 164 55.31 -81.96 11.45
CA HIS E 164 55.96 -80.73 11.04
C HIS E 164 56.13 -80.72 9.53
N THR E 165 56.31 -79.53 9.00
CA THR E 165 56.58 -79.38 7.60
C THR E 165 58.10 -79.57 7.38
N GLN E 166 58.50 -79.61 6.14
CA GLN E 166 59.91 -79.79 5.81
C GLN E 166 60.37 -78.64 4.89
N MET E 167 60.91 -77.61 5.52
CA MET E 167 61.32 -76.40 4.82
C MET E 167 62.44 -76.54 3.79
N ARG E 168 63.25 -77.56 3.95
CA ARG E 168 64.37 -77.77 3.03
C ARG E 168 63.94 -78.01 1.59
N LEU E 169 62.68 -78.33 1.36
CA LEU E 169 62.15 -78.59 0.03
C LEU E 169 61.42 -77.39 -0.55
N LEU E 170 61.48 -76.24 0.12
CA LEU E 170 60.75 -75.05 -0.35
C LEU E 170 61.68 -73.93 -0.75
N PRO E 171 61.16 -72.95 -1.48
CA PRO E 171 62.00 -71.84 -1.92
C PRO E 171 62.08 -70.67 -0.97
N LEU E 172 61.62 -70.85 0.27
CA LEU E 172 61.59 -69.79 1.25
C LEU E 172 62.88 -69.57 2.02
N ARG E 173 63.05 -68.39 2.61
CA ARG E 173 64.26 -68.09 3.36
C ARG E 173 64.34 -68.85 4.69
N GLN E 174 63.21 -69.02 5.36
CA GLN E 174 63.17 -69.68 6.66
C GLN E 174 63.35 -71.19 6.63
N LYS E 175 64.22 -71.69 7.51
CA LYS E 175 64.50 -73.11 7.60
C LYS E 175 63.84 -73.76 8.82
N LYS E 176 63.08 -72.98 9.58
CA LYS E 176 62.37 -73.45 10.77
C LYS E 176 60.99 -73.98 10.39
N ALA E 177 60.72 -75.24 10.69
CA ALA E 177 59.47 -75.88 10.34
C ALA E 177 58.34 -75.39 11.23
N HIS E 178 57.14 -75.80 10.85
CA HIS E 178 55.94 -75.46 11.57
C HIS E 178 55.33 -76.73 12.14
N LEU E 179 55.39 -76.89 13.45
CA LEU E 179 54.76 -78.06 14.05
C LEU E 179 53.26 -77.83 14.20
N MET E 180 52.53 -78.93 14.26
CA MET E 180 51.07 -78.88 14.19
C MET E 180 50.48 -80.19 14.71
N GLU E 181 49.48 -80.09 15.58
CA GLU E 181 48.72 -81.26 15.99
C GLU E 181 47.55 -81.45 15.02
N ILE E 182 47.39 -82.68 14.53
CA ILE E 182 46.36 -83.04 13.56
C ILE E 182 45.70 -84.29 14.12
N GLN E 183 44.41 -84.20 14.45
CA GLN E 183 43.87 -85.34 15.17
C GLN E 183 43.51 -86.47 14.20
N VAL E 184 43.44 -87.68 14.75
CA VAL E 184 43.16 -88.87 13.97
C VAL E 184 41.76 -89.38 14.22
N ASN E 185 40.87 -89.12 13.28
CA ASN E 185 39.49 -89.57 13.44
C ASN E 185 39.27 -90.95 12.86
N GLY E 186 38.01 -91.34 12.74
CA GLY E 186 37.63 -92.62 12.17
C GLY E 186 38.22 -93.91 12.72
N GLY E 187 37.66 -94.39 13.82
CA GLY E 187 38.10 -95.64 14.41
C GLY E 187 38.09 -95.60 15.92
N THR E 188 38.36 -96.74 16.54
CA THR E 188 38.44 -96.84 17.99
C THR E 188 39.81 -96.33 18.44
N VAL E 189 39.93 -96.08 19.75
CA VAL E 189 41.14 -95.47 20.29
C VAL E 189 42.31 -96.45 20.24
N ALA E 190 42.03 -97.74 20.39
CA ALA E 190 43.10 -98.75 20.34
C ALA E 190 43.63 -98.97 18.93
N GLU E 191 42.86 -98.59 17.90
CA GLU E 191 43.33 -98.74 16.53
C GLU E 191 44.04 -97.50 16.02
N LYS E 192 43.49 -96.34 16.36
CA LYS E 192 44.05 -95.05 15.93
C LYS E 192 45.39 -94.71 16.57
N LEU E 193 45.69 -95.33 17.70
CA LEU E 193 46.97 -95.15 18.36
C LEU E 193 47.99 -96.19 17.91
N ASP E 194 47.51 -97.38 17.55
CA ASP E 194 48.34 -98.35 16.86
C ASP E 194 48.68 -97.86 15.46
N TRP E 195 47.77 -97.11 14.85
CA TRP E 195 48.00 -96.60 13.50
C TRP E 195 49.02 -95.48 13.50
N ALA E 196 49.06 -94.67 14.56
CA ALA E 196 49.85 -93.45 14.57
C ALA E 196 51.25 -93.65 15.13
N ARG E 197 51.69 -94.90 15.29
CA ARG E 197 53.10 -95.17 15.43
C ARG E 197 53.66 -95.90 14.22
N GLU E 198 52.80 -96.50 13.39
CA GLU E 198 53.21 -97.03 12.09
C GLU E 198 53.70 -95.90 11.19
N ARG E 199 53.10 -94.72 11.32
CA ARG E 199 53.46 -93.55 10.54
C ARG E 199 54.56 -92.73 11.21
N LEU E 200 55.02 -93.14 12.39
CA LEU E 200 55.92 -92.33 13.19
C LEU E 200 57.32 -92.40 12.59
N GLU E 201 57.95 -91.23 12.42
CA GLU E 201 59.15 -90.89 11.63
C GLU E 201 58.93 -90.96 10.13
N GLN E 202 57.77 -91.42 9.67
CA GLN E 202 57.50 -91.50 8.24
C GLN E 202 56.83 -90.22 7.75
N GLN E 203 56.77 -90.08 6.44
CA GLN E 203 56.09 -88.96 5.81
C GLN E 203 54.67 -89.35 5.45
N VAL E 204 53.79 -88.37 5.46
CA VAL E 204 52.45 -88.51 4.87
C VAL E 204 52.29 -87.42 3.82
N PRO E 205 51.87 -87.76 2.60
CA PRO E 205 51.63 -86.75 1.58
C PRO E 205 50.22 -86.18 1.68
N VAL E 206 50.00 -85.11 0.92
CA VAL E 206 48.67 -84.51 0.88
C VAL E 206 47.71 -85.37 0.07
N ASN E 207 48.24 -86.28 -0.76
CA ASN E 207 47.42 -87.21 -1.53
C ASN E 207 46.69 -88.19 -0.61
N GLN E 208 47.26 -88.51 0.55
CA GLN E 208 46.57 -89.39 1.50
C GLN E 208 45.53 -88.64 2.31
N VAL E 209 45.82 -87.42 2.74
CA VAL E 209 44.94 -86.70 3.65
C VAL E 209 43.74 -86.15 2.89
N PHE E 210 43.97 -85.47 1.78
CA PHE E 210 42.92 -84.85 0.99
C PHE E 210 42.84 -85.51 -0.38
N GLY E 211 41.62 -85.76 -0.83
CA GLY E 211 41.39 -86.38 -2.12
C GLY E 211 41.00 -85.37 -3.18
N GLN E 212 40.60 -85.91 -4.32
CA GLN E 212 40.15 -85.08 -5.44
C GLN E 212 38.79 -84.49 -5.12
N ASP E 213 38.53 -83.32 -5.72
CA ASP E 213 37.22 -82.63 -5.91
C ASP E 213 36.32 -82.62 -4.68
N GLU E 214 36.91 -82.50 -3.49
CA GLU E 214 36.16 -82.34 -2.26
C GLU E 214 36.36 -80.93 -1.70
N MET E 215 35.37 -80.44 -0.98
CA MET E 215 35.48 -79.14 -0.33
C MET E 215 36.13 -79.26 1.04
N ILE E 216 36.98 -78.30 1.35
CA ILE E 216 37.73 -78.25 2.59
C ILE E 216 37.51 -76.89 3.25
N ASP E 217 38.19 -76.68 4.37
CA ASP E 217 38.20 -75.40 5.07
C ASP E 217 39.62 -74.89 5.08
N VAL E 218 39.79 -73.59 4.91
CA VAL E 218 41.11 -72.96 4.87
C VAL E 218 41.23 -72.02 6.07
N ILE E 219 42.25 -72.25 6.89
CA ILE E 219 42.49 -71.49 8.11
C ILE E 219 43.84 -70.81 7.97
N GLY E 220 43.87 -69.50 8.18
CA GLY E 220 45.13 -68.79 8.07
C GLY E 220 45.04 -67.43 8.73
N VAL E 221 46.03 -66.61 8.43
CA VAL E 221 46.14 -65.26 8.99
C VAL E 221 46.12 -64.27 7.83
N THR E 222 45.23 -63.29 7.93
CA THR E 222 44.98 -62.27 6.90
C THR E 222 46.25 -61.47 6.59
N LYS E 223 46.36 -60.99 5.35
CA LYS E 223 47.36 -60.00 4.99
C LYS E 223 47.22 -58.76 5.86
N GLY E 224 48.33 -58.33 6.45
CA GLY E 224 48.31 -57.25 7.42
C GLY E 224 48.51 -55.90 6.78
N LYS E 225 47.77 -54.90 7.27
CA LYS E 225 47.72 -53.59 6.65
C LYS E 225 48.27 -52.46 7.50
N GLY E 226 48.42 -52.66 8.80
CA GLY E 226 48.90 -51.60 9.66
C GLY E 226 47.77 -50.90 10.40
N TYR E 227 48.12 -49.78 11.00
CA TYR E 227 47.17 -48.97 11.73
C TYR E 227 46.35 -48.19 10.71
N LYS E 228 45.04 -48.39 10.66
CA LYS E 228 44.21 -47.75 9.66
C LYS E 228 43.06 -47.00 10.32
N GLY E 229 42.51 -46.04 9.58
CA GLY E 229 41.40 -45.25 10.07
C GLY E 229 40.06 -45.95 9.89
N VAL E 230 39.00 -45.24 10.26
CA VAL E 230 37.67 -45.84 10.25
C VAL E 230 37.12 -46.01 8.84
N THR E 231 37.67 -45.29 7.86
CA THR E 231 37.17 -45.42 6.50
C THR E 231 37.77 -46.64 5.82
N SER E 232 38.99 -47.01 6.17
CA SER E 232 39.56 -48.24 5.64
C SER E 232 39.14 -49.44 6.45
N ARG E 233 39.13 -49.33 7.78
CA ARG E 233 38.93 -50.49 8.63
C ARG E 233 37.47 -50.89 8.70
N TRP E 234 36.56 -49.91 8.67
CA TRP E 234 35.14 -50.16 8.87
C TRP E 234 34.30 -49.82 7.65
N HIS E 235 34.87 -49.14 6.66
CA HIS E 235 34.21 -48.78 5.40
C HIS E 235 32.99 -47.90 5.65
N THR E 236 33.14 -46.93 6.55
CA THR E 236 32.09 -45.97 6.85
C THR E 236 31.98 -44.93 5.74
N LYS E 237 30.84 -44.25 5.71
CA LYS E 237 30.63 -43.17 4.77
C LYS E 237 31.54 -42.01 5.09
N LYS E 238 32.23 -41.48 4.08
CA LYS E 238 33.05 -40.30 4.27
C LYS E 238 32.20 -39.07 4.51
N LEU E 239 32.78 -38.12 5.03
CA LEU E 239 32.11 -36.87 5.37
C LEU E 239 32.26 -35.88 4.22
N PRO E 240 31.33 -34.92 4.09
CA PRO E 240 31.42 -33.97 2.97
C PRO E 240 32.68 -33.12 3.02
N ARG E 241 33.04 -32.59 1.84
CA ARG E 241 34.36 -32.03 1.59
C ARG E 241 34.66 -30.83 2.48
N LYS E 242 33.64 -30.07 2.85
CA LYS E 242 33.83 -28.91 3.71
C LYS E 242 33.65 -29.25 5.20
N THR E 243 34.32 -30.33 5.62
CA THR E 243 34.40 -30.72 7.01
C THR E 243 35.72 -30.22 7.58
N HIS E 244 35.68 -29.64 8.78
CA HIS E 244 36.82 -28.90 9.29
C HIS E 244 37.95 -29.81 9.76
N ARG E 245 37.70 -30.64 10.76
CA ARG E 245 38.79 -31.36 11.40
C ARG E 245 39.10 -32.71 10.78
N GLY E 246 38.40 -33.09 9.72
CA GLY E 246 38.72 -34.36 9.09
C GLY E 246 37.58 -35.04 8.35
N LEU E 247 37.87 -35.49 7.14
CA LEU E 247 36.87 -36.14 6.31
C LEU E 247 36.67 -37.59 6.73
N ARG E 248 37.77 -38.29 6.99
CA ARG E 248 37.79 -39.74 7.13
C ARG E 248 37.60 -40.16 8.59
N LYS E 249 36.53 -39.68 9.20
CA LYS E 249 36.24 -39.93 10.60
C LYS E 249 34.85 -40.51 10.75
N VAL E 250 34.49 -40.82 11.99
CA VAL E 250 33.12 -41.07 12.38
C VAL E 250 32.63 -39.83 13.10
N ALA E 251 31.48 -39.31 12.66
CA ALA E 251 31.03 -38.01 13.13
C ALA E 251 30.50 -38.08 14.56
N CYS E 252 29.54 -38.97 14.81
CA CYS E 252 28.93 -39.12 16.12
C CYS E 252 29.25 -40.50 16.68
N ILE E 253 30.05 -40.55 17.74
CA ILE E 253 30.29 -41.81 18.47
C ILE E 253 29.31 -41.86 19.64
N GLY E 254 28.08 -42.24 19.33
CA GLY E 254 27.09 -42.48 20.36
C GLY E 254 26.48 -41.22 20.95
N ALA E 255 25.46 -41.45 21.79
CA ALA E 255 24.60 -40.39 22.31
C ALA E 255 25.24 -39.69 23.51
N TRP E 256 24.47 -38.85 24.18
CA TRP E 256 24.93 -38.29 25.45
C TRP E 256 24.96 -39.37 26.52
N HIS E 257 23.86 -40.13 26.65
CA HIS E 257 23.69 -41.13 27.70
C HIS E 257 23.60 -42.57 27.19
N PRO E 258 24.70 -43.15 26.78
CA PRO E 258 25.20 -44.32 27.49
C PRO E 258 26.25 -43.81 28.47
N ALA E 259 26.61 -42.53 28.27
CA ALA E 259 27.59 -41.71 29.01
C ALA E 259 29.02 -42.17 28.77
N ARG E 260 29.21 -43.04 27.79
CA ARG E 260 30.45 -43.76 27.53
C ARG E 260 30.47 -44.05 26.03
N VAL E 261 31.66 -44.28 25.50
CA VAL E 261 31.79 -44.78 24.14
C VAL E 261 31.55 -46.28 24.16
N ALA E 262 30.61 -46.74 23.35
CA ALA E 262 30.29 -48.16 23.33
C ALA E 262 31.34 -48.95 22.56
N PHE E 263 31.28 -50.27 22.67
CA PHE E 263 32.25 -51.12 21.99
C PHE E 263 31.92 -51.30 20.52
N SER E 264 30.73 -50.88 20.09
CA SER E 264 30.20 -51.21 18.79
C SER E 264 30.30 -50.05 17.80
N VAL E 265 30.98 -48.98 18.15
CA VAL E 265 31.19 -47.87 17.24
C VAL E 265 32.51 -48.08 16.52
N ALA E 266 32.65 -47.40 15.39
CA ALA E 266 33.80 -47.61 14.52
C ALA E 266 34.98 -46.78 15.00
N ARG E 267 36.08 -47.45 15.29
CA ARG E 267 37.32 -46.84 15.76
C ARG E 267 38.45 -47.16 14.80
N ALA E 268 39.60 -46.53 15.05
CA ALA E 268 40.78 -46.66 14.21
C ALA E 268 41.84 -47.49 14.92
N GLY E 269 42.46 -48.41 14.19
CA GLY E 269 43.44 -49.30 14.79
C GLY E 269 43.98 -50.33 13.82
N GLN E 270 44.30 -51.50 14.32
CA GLN E 270 44.90 -52.56 13.51
C GLN E 270 43.89 -53.11 12.50
N LYS E 271 44.21 -52.95 11.22
CA LYS E 271 43.49 -53.60 10.13
C LYS E 271 44.38 -54.67 9.54
N GLY E 272 43.81 -55.83 9.25
CA GLY E 272 44.57 -56.93 8.69
C GLY E 272 45.32 -57.69 9.76
N TYR E 273 45.97 -58.76 9.31
CA TYR E 273 46.73 -59.71 10.14
C TYR E 273 45.81 -60.32 11.20
N HIS E 274 44.72 -60.91 10.72
CA HIS E 274 43.71 -61.50 11.58
C HIS E 274 43.57 -62.98 11.26
N HIS E 275 43.27 -63.77 12.28
CA HIS E 275 43.01 -65.19 12.11
C HIS E 275 41.60 -65.36 11.55
N ARG E 276 41.49 -65.94 10.36
CA ARG E 276 40.20 -66.07 9.68
C ARG E 276 40.05 -67.48 9.12
N THR E 277 39.13 -68.25 9.70
CA THR E 277 38.68 -69.52 9.15
C THR E 277 37.57 -69.25 8.16
N GLU E 278 37.68 -69.80 6.95
CA GLU E 278 36.65 -69.65 5.94
C GLU E 278 36.49 -70.96 5.19
N ILE E 279 35.24 -71.26 4.82
CA ILE E 279 34.83 -72.62 4.53
C ILE E 279 34.49 -72.78 3.05
N ASN E 280 34.29 -74.04 2.66
CA ASN E 280 33.77 -74.46 1.34
C ASN E 280 34.68 -74.04 0.19
N LYS E 281 35.98 -74.14 0.41
CA LYS E 281 36.95 -73.99 -0.68
C LYS E 281 37.15 -75.34 -1.35
N LYS E 282 37.06 -75.37 -2.67
CA LYS E 282 36.99 -76.62 -3.40
C LYS E 282 38.33 -76.93 -4.06
N ILE E 283 38.74 -78.19 -3.98
CA ILE E 283 39.99 -78.64 -4.58
C ILE E 283 39.73 -78.98 -6.05
N TYR E 284 40.46 -78.34 -6.95
CA TYR E 284 40.35 -78.68 -8.36
C TYR E 284 41.38 -79.67 -8.85
N LYS E 285 42.61 -79.61 -8.36
CA LYS E 285 43.63 -80.58 -8.72
C LYS E 285 44.65 -80.66 -7.59
N ILE E 286 45.14 -81.87 -7.32
CA ILE E 286 46.30 -82.07 -6.46
C ILE E 286 47.45 -82.48 -7.35
N GLY E 287 48.55 -81.72 -7.28
CA GLY E 287 49.69 -81.94 -8.15
C GLY E 287 50.57 -83.05 -7.66
N GLN E 288 51.71 -83.22 -8.34
CA GLN E 288 52.58 -84.35 -8.10
C GLN E 288 54.07 -83.97 -8.00
N GLY E 289 54.46 -82.80 -8.49
CA GLY E 289 55.82 -82.33 -8.26
C GLY E 289 56.81 -82.77 -9.31
N TYR E 290 58.06 -82.38 -9.10
CA TYR E 290 59.15 -82.70 -10.03
C TYR E 290 59.69 -84.09 -9.69
N LEU E 291 58.97 -85.10 -10.14
CA LEU E 291 59.41 -86.48 -10.01
C LEU E 291 60.58 -86.73 -10.96
N ILE E 292 61.41 -87.71 -10.61
CA ILE E 292 62.57 -88.09 -11.42
C ILE E 292 62.55 -89.60 -11.64
N LYS E 293 61.98 -90.01 -12.77
CA LYS E 293 62.05 -91.39 -13.26
C LYS E 293 63.04 -91.51 -14.43
N ASP E 294 63.38 -90.38 -15.03
CA ASP E 294 64.14 -90.24 -16.25
C ASP E 294 64.95 -88.95 -16.05
N GLY E 295 65.38 -88.32 -17.15
CA GLY E 295 65.65 -86.89 -17.09
C GLY E 295 64.40 -86.22 -16.55
N LYS E 296 64.57 -85.39 -15.50
CA LYS E 296 63.47 -85.09 -14.58
C LYS E 296 62.37 -84.27 -15.25
N LEU E 297 61.15 -84.75 -15.13
CA LEU E 297 60.02 -84.27 -15.92
C LEU E 297 59.20 -83.29 -15.10
N ILE E 298 58.77 -82.21 -15.75
CA ILE E 298 57.92 -81.20 -15.13
C ILE E 298 56.50 -81.42 -15.61
N LYS E 299 56.25 -82.61 -16.18
CA LYS E 299 54.98 -82.87 -16.88
C LYS E 299 53.83 -83.11 -15.90
N ASN E 300 54.08 -83.78 -14.77
CA ASN E 300 53.04 -84.16 -13.81
C ASN E 300 52.38 -82.98 -13.10
N ASN E 301 52.86 -81.76 -13.33
CA ASN E 301 52.16 -80.53 -13.01
C ASN E 301 51.20 -80.20 -14.14
N ALA E 302 50.85 -78.92 -14.32
CA ALA E 302 49.63 -78.52 -15.00
C ALA E 302 49.58 -78.86 -16.49
N SER E 303 49.40 -80.14 -16.78
CA SER E 303 48.93 -80.63 -18.07
C SER E 303 47.46 -81.00 -17.92
N THR E 304 46.68 -80.75 -18.96
CA THR E 304 45.25 -80.53 -18.80
C THR E 304 44.38 -81.70 -19.24
N ASP E 305 44.94 -82.68 -19.98
CA ASP E 305 44.34 -83.79 -20.72
C ASP E 305 43.63 -83.28 -21.99
N TYR E 306 43.59 -81.98 -22.21
CA TYR E 306 43.01 -81.41 -23.43
C TYR E 306 44.04 -80.64 -24.23
N ASP E 307 45.30 -80.66 -23.81
CA ASP E 307 46.41 -80.15 -24.61
C ASP E 307 47.53 -81.17 -24.81
N LEU E 308 47.77 -82.04 -23.82
CA LEU E 308 48.90 -82.98 -23.77
C LEU E 308 50.23 -82.25 -23.97
N SER E 309 50.38 -81.12 -23.28
CA SER E 309 51.60 -80.33 -23.35
C SER E 309 52.55 -80.78 -22.26
N ASP E 310 53.70 -80.10 -22.17
CA ASP E 310 54.76 -80.46 -21.23
C ASP E 310 55.18 -79.24 -20.43
N LYS E 311 54.20 -78.49 -19.94
CA LYS E 311 54.46 -77.36 -19.06
C LYS E 311 54.12 -77.73 -17.62
N SER E 312 54.66 -76.93 -16.70
CA SER E 312 54.40 -77.10 -15.28
C SER E 312 53.47 -75.99 -14.80
N ILE E 313 53.21 -76.00 -13.49
CA ILE E 313 52.35 -75.00 -12.87
C ILE E 313 53.05 -73.65 -12.74
N ASN E 314 54.34 -73.61 -12.99
CA ASN E 314 55.13 -72.41 -12.77
C ASN E 314 54.97 -71.44 -13.93
N PRO E 315 54.72 -70.16 -13.67
CA PRO E 315 54.70 -69.18 -14.75
C PRO E 315 56.08 -68.86 -15.28
N LEU E 316 56.16 -68.03 -16.32
CA LEU E 316 57.45 -67.55 -16.80
C LEU E 316 58.02 -66.57 -15.79
N GLY E 317 59.18 -66.90 -15.24
CA GLY E 317 59.76 -66.09 -14.18
C GLY E 317 59.28 -66.44 -12.79
N GLY E 318 58.66 -67.60 -12.60
CA GLY E 318 58.23 -68.05 -11.29
C GLY E 318 57.05 -67.29 -10.71
N PHE E 319 56.51 -67.80 -9.60
CA PHE E 319 55.51 -67.05 -8.85
C PHE E 319 56.17 -65.83 -8.22
N VAL E 320 55.52 -64.68 -8.35
CA VAL E 320 56.11 -63.43 -7.92
C VAL E 320 56.14 -63.37 -6.39
N HIS E 321 57.30 -63.00 -5.83
CA HIS E 321 57.63 -62.96 -4.41
C HIS E 321 57.59 -64.33 -3.73
N TYR E 322 57.57 -65.40 -4.51
CA TYR E 322 57.57 -66.70 -3.91
C TYR E 322 58.69 -67.62 -4.32
N GLY E 323 58.81 -67.86 -5.61
CA GLY E 323 59.78 -68.82 -6.10
C GLY E 323 59.17 -69.72 -7.16
N GLU E 324 59.41 -71.03 -7.05
CA GLU E 324 58.69 -71.99 -7.86
C GLU E 324 58.26 -73.15 -6.99
N VAL E 325 57.38 -73.98 -7.54
CA VAL E 325 56.76 -75.09 -6.84
C VAL E 325 57.37 -76.36 -7.40
N THR E 326 58.32 -76.94 -6.66
CA THR E 326 58.96 -78.17 -7.06
C THR E 326 58.37 -79.38 -6.36
N ASN E 327 57.32 -79.20 -5.56
CA ASN E 327 56.74 -80.24 -4.72
C ASN E 327 55.27 -80.45 -5.11
N ASP E 328 54.57 -81.23 -4.29
CA ASP E 328 53.14 -81.42 -4.45
C ASP E 328 52.41 -80.11 -4.19
N PHE E 329 51.26 -79.94 -4.84
CA PHE E 329 50.47 -78.73 -4.60
C PHE E 329 48.99 -79.07 -4.70
N VAL E 330 48.17 -78.25 -4.06
CA VAL E 330 46.73 -78.34 -4.13
C VAL E 330 46.22 -77.08 -4.81
N MET E 331 45.27 -77.25 -5.73
CA MET E 331 44.68 -76.14 -6.48
C MET E 331 43.30 -75.85 -5.91
N LEU E 332 43.17 -74.74 -5.21
CA LEU E 332 41.93 -74.34 -4.55
C LEU E 332 41.26 -73.23 -5.35
N LYS E 333 39.94 -73.35 -5.53
CA LYS E 333 39.21 -72.36 -6.33
C LYS E 333 38.90 -71.13 -5.48
N GLY E 334 39.38 -69.99 -5.93
CA GLY E 334 39.07 -68.72 -5.32
C GLY E 334 40.24 -68.15 -4.56
N CYS E 335 39.97 -67.04 -3.88
CA CYS E 335 40.98 -66.38 -3.07
C CYS E 335 41.09 -67.07 -1.71
N VAL E 336 42.27 -66.90 -1.10
CA VAL E 336 42.63 -67.53 0.17
C VAL E 336 43.39 -66.50 0.99
N VAL E 337 43.08 -66.42 2.30
CA VAL E 337 43.69 -65.43 3.18
C VAL E 337 45.20 -65.59 3.24
N GLY E 338 45.89 -64.47 3.47
CA GLY E 338 47.32 -64.45 3.66
C GLY E 338 48.04 -63.78 2.51
N THR E 339 49.32 -63.51 2.76
CA THR E 339 50.22 -63.02 1.73
C THR E 339 50.79 -64.21 0.99
N LYS E 340 51.76 -63.96 0.11
CA LYS E 340 52.57 -65.05 -0.40
C LYS E 340 53.51 -65.53 0.71
N LYS E 341 53.92 -66.78 0.57
CA LYS E 341 54.64 -67.54 1.60
C LYS E 341 53.95 -67.63 2.96
N ARG E 342 52.63 -67.48 2.97
CA ARG E 342 51.84 -67.55 4.19
C ARG E 342 51.49 -68.98 4.57
N VAL E 343 51.91 -69.42 5.76
CA VAL E 343 51.56 -70.76 6.20
C VAL E 343 50.06 -70.87 6.41
N LEU E 344 49.46 -71.92 5.85
CA LEU E 344 48.02 -72.08 5.80
C LEU E 344 47.63 -73.43 6.37
N THR E 345 46.72 -73.42 7.33
CA THR E 345 46.09 -74.64 7.82
C THR E 345 44.88 -74.96 6.94
N LEU E 346 44.92 -76.12 6.29
CA LEU E 346 43.82 -76.59 5.47
C LEU E 346 43.31 -77.90 6.05
N ARG E 347 42.05 -77.90 6.46
CA ARG E 347 41.46 -79.04 7.17
C ARG E 347 40.20 -79.50 6.47
N LYS E 348 39.76 -80.68 6.85
CA LYS E 348 38.57 -81.29 6.28
C LYS E 348 37.32 -80.57 6.81
N SER E 349 36.30 -80.49 5.95
CA SER E 349 35.09 -79.78 6.32
C SER E 349 34.29 -80.55 7.36
N LEU E 350 33.77 -79.82 8.34
CA LEU E 350 32.99 -80.40 9.43
C LEU E 350 31.50 -80.45 9.13
N LEU E 351 31.09 -80.23 7.89
CA LEU E 351 29.69 -80.28 7.50
C LEU E 351 29.41 -81.53 6.67
N VAL E 352 28.13 -81.73 6.38
CA VAL E 352 27.67 -82.85 5.57
C VAL E 352 27.31 -82.27 4.20
N GLN E 353 28.06 -82.66 3.18
CA GLN E 353 27.97 -82.05 1.86
C GLN E 353 26.86 -82.76 1.08
N THR E 354 25.74 -82.08 0.88
CA THR E 354 24.60 -82.64 0.17
C THR E 354 24.18 -81.85 -1.06
N LYS E 355 24.73 -80.66 -1.28
CA LYS E 355 24.28 -79.81 -2.38
C LYS E 355 24.77 -80.35 -3.72
N ARG E 356 24.16 -79.82 -4.79
CA ARG E 356 24.65 -80.09 -6.13
C ARG E 356 25.94 -79.32 -6.40
N ARG E 357 26.06 -78.13 -5.81
CA ARG E 357 27.28 -77.34 -5.95
C ARG E 357 28.45 -77.99 -5.23
N ALA E 358 28.18 -78.67 -4.11
CA ALA E 358 29.25 -79.21 -3.27
C ALA E 358 29.91 -80.41 -3.93
N LEU E 359 29.16 -81.49 -4.12
CA LEU E 359 29.68 -82.67 -4.81
C LEU E 359 29.59 -82.39 -6.30
N GLU E 360 30.75 -82.31 -6.95
CA GLU E 360 30.84 -81.92 -8.35
C GLU E 360 32.14 -82.46 -8.92
N LYS E 361 32.05 -83.52 -9.70
CA LYS E 361 33.23 -84.05 -10.38
C LYS E 361 33.56 -83.19 -11.60
N ILE E 362 34.80 -82.72 -11.67
CA ILE E 362 35.23 -81.76 -12.67
C ILE E 362 36.28 -82.41 -13.56
N ASP E 363 36.67 -81.67 -14.59
CA ASP E 363 37.86 -81.98 -15.38
C ASP E 363 38.39 -80.64 -15.89
N LEU E 364 39.63 -80.31 -15.53
CA LEU E 364 40.23 -79.09 -16.01
C LEU E 364 40.56 -79.22 -17.50
N LYS E 365 40.57 -78.09 -18.18
CA LYS E 365 40.77 -78.08 -19.62
C LYS E 365 41.93 -77.18 -20.05
N PHE E 366 42.31 -76.20 -19.23
CA PHE E 366 43.41 -75.31 -19.53
C PHE E 366 43.86 -74.64 -18.25
N ILE E 367 45.16 -74.66 -17.98
CA ILE E 367 45.76 -73.90 -16.88
C ILE E 367 46.64 -72.82 -17.49
N ASP E 368 46.41 -71.57 -17.09
CA ASP E 368 47.12 -70.43 -17.64
C ASP E 368 48.44 -70.23 -16.93
N THR E 369 49.55 -70.42 -17.64
CA THR E 369 50.88 -70.29 -17.06
C THR E 369 51.64 -69.12 -17.65
N THR E 370 50.94 -68.05 -18.03
CA THR E 370 51.60 -66.83 -18.46
C THR E 370 52.28 -66.15 -17.28
N SER E 371 53.18 -65.22 -17.59
CA SER E 371 53.94 -64.53 -16.56
C SER E 371 53.05 -63.56 -15.79
N LYS E 372 53.13 -63.61 -14.47
CA LYS E 372 52.39 -62.69 -13.62
C LYS E 372 53.21 -61.50 -13.19
N PHE E 373 54.44 -61.38 -13.70
CA PHE E 373 55.31 -60.23 -13.44
C PHE E 373 55.16 -59.18 -14.54
N GLY E 374 53.97 -59.09 -15.12
CA GLY E 374 53.67 -58.12 -16.15
C GLY E 374 52.32 -58.42 -16.74
N HIS E 375 52.18 -58.14 -18.03
CA HIS E 375 51.08 -58.68 -18.81
C HIS E 375 51.68 -59.85 -19.60
N GLY E 376 51.52 -61.04 -19.04
CA GLY E 376 52.15 -62.22 -19.62
C GLY E 376 51.45 -62.63 -20.92
N ARG E 377 52.24 -62.97 -21.92
CA ARG E 377 51.66 -63.32 -23.21
C ARG E 377 51.89 -64.74 -23.71
N PHE E 378 52.84 -65.45 -23.11
CA PHE E 378 53.14 -66.81 -23.54
C PHE E 378 53.02 -67.84 -22.43
N GLN E 379 52.52 -69.01 -22.78
CA GLN E 379 52.35 -70.10 -21.82
C GLN E 379 53.70 -70.71 -21.45
N THR E 380 54.40 -71.24 -22.44
CA THR E 380 55.66 -71.94 -22.23
C THR E 380 56.82 -71.08 -22.71
N MET E 381 58.04 -71.60 -22.52
CA MET E 381 59.21 -70.96 -23.09
C MET E 381 59.34 -71.30 -24.57
N GLU E 382 58.76 -72.43 -24.98
CA GLU E 382 58.84 -72.84 -26.37
C GLU E 382 57.93 -72.00 -27.26
N GLU E 383 56.85 -71.49 -26.68
CA GLU E 383 55.92 -70.67 -27.41
C GLU E 383 56.53 -69.30 -27.66
N LYS E 384 57.31 -68.83 -26.71
CA LYS E 384 57.93 -67.52 -26.81
C LYS E 384 59.06 -67.50 -27.83
N LYS E 385 59.84 -68.57 -27.84
CA LYS E 385 60.99 -68.68 -28.76
C LYS E 385 60.61 -69.18 -30.16
N ALA E 386 59.35 -69.49 -30.36
CA ALA E 386 58.87 -69.93 -31.68
C ALA E 386 58.20 -68.74 -32.35
N PHE E 387 57.48 -67.96 -31.56
CA PHE E 387 56.77 -66.77 -32.02
C PHE E 387 57.85 -65.77 -32.35
N MET E 388 58.38 -65.12 -31.33
CA MET E 388 59.50 -64.24 -31.56
C MET E 388 60.57 -65.24 -31.94
N GLY E 389 61.18 -65.12 -33.11
CA GLY E 389 62.21 -66.08 -33.53
C GLY E 389 63.59 -65.83 -32.97
N PRO E 390 64.64 -66.10 -33.75
CA PRO E 390 65.98 -65.79 -33.24
C PRO E 390 66.10 -64.30 -32.92
N LEU E 391 66.74 -64.02 -31.79
CA LEU E 391 66.95 -62.65 -31.32
C LEU E 391 68.38 -62.23 -31.63
N LYS E 392 68.76 -61.06 -31.11
CA LYS E 392 70.13 -60.57 -31.27
C LYS E 392 71.08 -61.24 -30.29
N LYS E 393 70.67 -61.36 -29.03
CA LYS E 393 71.52 -61.97 -28.01
C LYS E 393 71.67 -63.48 -28.21
N ASP E 394 70.76 -64.12 -28.95
CA ASP E 394 70.96 -65.50 -29.36
C ASP E 394 71.94 -65.59 -30.54
N ARG E 395 72.06 -64.51 -31.31
CA ARG E 395 72.77 -64.52 -32.59
C ARG E 395 74.27 -64.27 -32.45
N ILE E 396 74.69 -63.57 -31.39
CA ILE E 396 76.12 -63.30 -31.24
C ILE E 396 76.87 -64.56 -30.83
N ALA E 397 76.21 -65.47 -30.11
CA ALA E 397 76.79 -66.77 -29.80
C ALA E 397 76.46 -67.83 -30.84
N LYS E 398 75.72 -67.46 -31.89
CA LYS E 398 75.52 -68.37 -33.01
C LYS E 398 76.81 -68.53 -33.82
N GLU E 399 77.63 -67.48 -33.88
CA GLU E 399 78.94 -67.55 -34.51
C GLU E 399 80.07 -67.73 -33.52
N GLU E 400 80.04 -67.01 -32.39
CA GLU E 400 81.12 -67.09 -31.42
C GLU E 400 81.05 -68.36 -30.58
N GLY E 401 79.92 -69.05 -30.57
CA GLY E 401 79.81 -70.28 -29.81
C GLY E 401 79.06 -71.38 -30.58
N ALA E 402 79.10 -71.28 -31.91
CA ALA E 402 78.48 -72.22 -32.85
C ALA E 402 76.99 -72.44 -32.61
N MET F 1 37.42 12.53 113.35
CA MET F 1 38.34 13.41 114.04
C MET F 1 39.53 12.65 114.63
N ALA F 2 39.95 13.04 115.83
CA ALA F 2 41.08 12.39 116.49
C ALA F 2 40.60 11.39 117.55
N CYS F 3 40.61 10.10 117.24
CA CYS F 3 41.75 9.32 116.74
C CYS F 3 43.12 9.61 117.35
N ALA F 4 43.65 8.62 118.08
CA ALA F 4 44.95 8.75 118.71
C ALA F 4 46.07 8.34 117.76
N ARG F 5 46.84 9.34 117.35
CA ARG F 5 47.98 9.11 116.47
C ARG F 5 49.24 8.94 117.31
N PRO F 6 50.21 8.14 116.84
CA PRO F 6 51.40 7.89 117.67
C PRO F 6 52.40 9.03 117.63
N LEU F 7 53.44 8.93 118.44
CA LEU F 7 54.47 9.96 118.57
C LEU F 7 55.79 9.34 118.10
N ILE F 8 56.27 9.76 116.94
CA ILE F 8 57.40 9.10 116.30
C ILE F 8 58.61 10.02 116.35
N SER F 9 59.77 9.43 116.11
CA SER F 9 61.04 10.12 116.32
C SER F 9 61.76 10.38 115.01
N VAL F 10 62.74 11.27 115.09
CA VAL F 10 63.57 11.64 113.97
C VAL F 10 64.96 11.03 114.16
N TYR F 11 65.80 11.16 113.15
CA TYR F 11 67.17 10.66 113.21
C TYR F 11 68.14 11.68 112.67
N SER F 12 69.35 11.66 113.20
CA SER F 12 70.41 12.54 112.74
C SER F 12 71.13 11.89 111.55
N GLU F 13 72.21 12.54 111.09
CA GLU F 13 73.00 11.99 109.99
C GLU F 13 73.88 10.84 110.43
N LYS F 14 74.14 10.70 111.73
CA LYS F 14 74.97 9.62 112.24
C LYS F 14 74.20 8.32 112.44
N GLY F 15 72.87 8.32 112.22
CA GLY F 15 72.05 7.16 112.36
C GLY F 15 71.30 7.08 113.68
N GLU F 16 71.85 7.66 114.74
CA GLU F 16 71.17 7.71 116.02
C GLU F 16 70.20 8.89 116.06
N SER F 17 69.17 8.75 116.89
CA SER F 17 68.16 9.78 117.03
C SER F 17 68.72 11.02 117.73
N SER F 18 68.03 12.14 117.56
CA SER F 18 68.45 13.39 118.17
C SER F 18 67.52 13.83 119.31
N GLY F 19 66.67 12.93 119.79
CA GLY F 19 65.82 13.25 120.92
C GLY F 19 64.60 14.07 120.59
N LYS F 20 64.34 14.35 119.31
CA LYS F 20 63.17 15.12 118.90
C LYS F 20 62.07 14.16 118.47
N ASN F 21 60.86 14.38 118.97
CA ASN F 21 59.71 13.59 118.60
C ASN F 21 58.70 14.46 117.87
N VAL F 22 58.14 13.92 116.79
CA VAL F 22 57.11 14.57 116.01
C VAL F 22 55.88 13.67 116.04
N THR F 23 54.72 14.24 116.37
CA THR F 23 53.49 13.46 116.30
C THR F 23 53.16 13.16 114.85
N LEU F 24 52.63 11.96 114.62
CA LEU F 24 52.34 11.51 113.27
C LEU F 24 51.19 12.33 112.70
N PRO F 25 51.33 12.91 111.52
CA PRO F 25 50.20 13.59 110.89
C PRO F 25 49.12 12.61 110.47
N ALA F 26 47.91 13.13 110.31
CA ALA F 26 46.75 12.30 110.09
C ALA F 26 46.63 11.78 108.66
N VAL F 27 47.57 12.14 107.78
CA VAL F 27 47.59 11.62 106.43
C VAL F 27 47.88 10.12 106.44
N PHE F 28 48.72 9.68 107.39
CA PHE F 28 49.14 8.31 107.48
C PHE F 28 48.08 7.38 108.05
N LYS F 29 46.93 7.92 108.48
CA LYS F 29 45.79 7.11 108.87
C LYS F 29 44.59 7.37 107.98
N ALA F 30 44.83 7.82 106.74
CA ALA F 30 43.80 7.91 105.73
C ALA F 30 43.40 6.51 105.27
N PRO F 31 42.25 6.36 104.60
CA PRO F 31 41.91 5.06 104.02
C PRO F 31 42.86 4.66 102.91
N ILE F 32 43.35 3.43 102.98
CA ILE F 32 44.22 2.88 101.95
C ILE F 32 43.32 2.20 100.92
N ARG F 33 43.21 2.82 99.75
CA ARG F 33 42.29 2.42 98.70
C ARG F 33 43.10 2.11 97.45
N PRO F 34 43.53 0.85 97.28
CA PRO F 34 44.33 0.50 96.09
C PRO F 34 43.54 0.41 94.80
N ASP F 35 42.22 0.65 94.81
CA ASP F 35 41.47 0.77 93.58
C ASP F 35 41.40 2.21 93.07
N ILE F 36 41.34 3.18 93.97
CA ILE F 36 41.36 4.58 93.55
C ILE F 36 42.77 4.98 93.13
N VAL F 37 43.79 4.42 93.78
CA VAL F 37 45.17 4.66 93.36
C VAL F 37 45.42 4.03 91.99
N ASN F 38 44.91 2.83 91.77
CA ASN F 38 45.07 2.18 90.47
C ASN F 38 44.20 2.84 89.40
N PHE F 39 43.11 3.51 89.78
CA PHE F 39 42.32 4.27 88.83
C PHE F 39 43.04 5.56 88.44
N VAL F 40 43.54 6.31 89.44
CA VAL F 40 44.22 7.57 89.18
C VAL F 40 45.55 7.34 88.47
N HIS F 41 46.25 6.26 88.78
CA HIS F 41 47.51 5.97 88.09
C HIS F 41 47.27 5.54 86.66
N THR F 42 46.13 4.89 86.38
CA THR F 42 45.79 4.53 85.01
C THR F 42 45.57 5.77 84.14
N ASN F 43 44.91 6.78 84.69
CA ASN F 43 44.50 7.93 83.89
C ASN F 43 45.52 9.06 83.87
N LEU F 44 46.32 9.24 84.92
CA LEU F 44 47.30 10.30 84.88
C LEU F 44 48.59 9.90 84.17
N ARG F 45 48.73 8.61 83.92
CA ARG F 45 49.90 8.07 83.23
C ARG F 45 49.71 8.16 81.73
N LYS F 46 48.50 8.48 81.32
CA LYS F 46 48.22 8.76 79.91
C LYS F 46 48.53 10.19 79.51
N ASN F 47 48.79 11.07 80.47
CA ASN F 47 48.89 12.49 80.17
C ASN F 47 50.25 12.94 79.68
N ASN F 48 51.26 12.08 79.76
CA ASN F 48 52.61 12.43 79.32
C ASN F 48 52.99 11.73 78.02
N ARG F 49 52.02 11.18 77.31
CA ARG F 49 52.29 10.54 76.03
C ARG F 49 52.44 11.57 74.93
N GLN F 50 53.11 11.16 73.87
CA GLN F 50 53.15 11.94 72.65
C GLN F 50 52.30 11.25 71.58
N PRO F 51 51.73 12.01 70.64
CA PRO F 51 50.89 11.37 69.62
C PRO F 51 51.71 10.61 68.61
N TYR F 52 51.22 9.44 68.23
CA TYR F 52 51.70 8.74 67.06
C TYR F 52 50.57 8.63 66.06
N ALA F 53 50.92 8.75 64.78
CA ALA F 53 49.95 8.68 63.71
C ALA F 53 50.69 8.33 62.42
N VAL F 54 50.03 7.57 61.55
CA VAL F 54 50.59 7.27 60.25
C VAL F 54 50.27 8.44 59.32
N SER F 55 50.95 8.50 58.18
CA SER F 55 50.72 9.58 57.24
C SER F 55 49.37 9.41 56.54
N GLU F 56 48.71 10.55 56.29
CA GLU F 56 47.45 10.51 55.56
C GLU F 56 47.66 10.19 54.09
N LEU F 57 48.83 10.51 53.57
CA LEU F 57 49.17 10.28 52.17
C LEU F 57 49.71 8.88 51.91
N ALA F 58 49.85 8.06 52.95
CA ALA F 58 50.41 6.73 52.80
C ALA F 58 49.36 5.80 52.20
N GLY F 59 49.72 5.14 51.10
CA GLY F 59 48.82 4.23 50.43
C GLY F 59 47.87 4.85 49.44
N HIS F 60 47.79 6.19 49.36
CA HIS F 60 46.81 6.85 48.50
C HIS F 60 47.40 7.56 47.30
N GLN F 61 48.73 7.69 47.22
CA GLN F 61 49.35 8.39 46.10
C GLN F 61 49.77 7.38 45.03
N THR F 62 48.75 6.75 44.45
CA THR F 62 48.93 5.64 43.51
C THR F 62 48.18 5.83 42.19
N SER F 63 46.97 6.39 42.22
CA SER F 63 46.10 6.59 41.05
C SER F 63 45.82 5.26 40.32
N ALA F 64 45.11 4.39 41.03
CA ALA F 64 44.83 3.04 40.56
C ALA F 64 43.34 2.84 40.40
N GLU F 65 42.94 2.14 39.34
CA GLU F 65 41.54 1.85 39.06
C GLU F 65 41.30 0.35 39.12
N SER F 66 40.02 -0.02 39.10
CA SER F 66 39.58 -1.33 39.57
C SER F 66 39.53 -2.40 38.49
N TRP F 67 40.15 -2.16 37.32
CA TRP F 67 40.44 -3.16 36.28
C TRP F 67 39.21 -3.72 35.58
N GLY F 68 38.00 -3.37 36.02
CA GLY F 68 36.78 -3.95 35.48
C GLY F 68 36.40 -5.25 36.15
N THR F 69 35.57 -6.02 35.45
CA THR F 69 35.15 -7.32 35.96
C THR F 69 35.17 -8.43 34.92
N GLY F 70 35.35 -8.13 33.63
CA GLY F 70 35.41 -9.18 32.62
C GLY F 70 36.78 -9.77 32.42
N ARG F 71 37.73 -9.40 33.26
CA ARG F 71 39.10 -9.89 33.19
C ARG F 71 39.34 -10.73 34.44
N ALA F 72 39.83 -11.96 34.27
CA ALA F 72 39.70 -13.00 35.29
C ALA F 72 40.66 -12.82 36.47
N VAL F 73 40.51 -11.68 37.15
CA VAL F 73 41.23 -11.36 38.38
C VAL F 73 40.24 -10.74 39.35
N ALA F 74 40.69 -10.54 40.59
CA ALA F 74 39.84 -9.93 41.61
C ALA F 74 39.63 -8.45 41.30
N ARG F 75 38.59 -7.88 41.91
CA ARG F 75 38.11 -6.56 41.53
C ARG F 75 38.75 -5.44 42.35
N ILE F 76 39.93 -5.67 42.91
CA ILE F 76 40.67 -4.68 43.68
C ILE F 76 41.21 -3.63 42.72
N PRO F 77 41.37 -2.36 43.12
CA PRO F 77 42.12 -1.42 42.28
C PRO F 77 43.55 -1.84 42.04
N ARG F 78 44.00 -1.64 40.80
CA ARG F 78 45.28 -2.12 40.33
C ARG F 78 46.05 -0.98 39.69
N VAL F 79 47.38 -1.00 39.86
CA VAL F 79 48.23 0.07 39.39
C VAL F 79 48.31 0.04 37.87
N ARG F 80 48.10 1.21 37.27
CA ARG F 80 48.11 1.31 35.82
C ARG F 80 49.52 1.57 35.31
N GLY F 81 49.70 1.39 34.01
CA GLY F 81 51.00 1.59 33.43
C GLY F 81 51.38 0.34 32.69
N GLY F 82 52.56 -0.18 32.96
CA GLY F 82 52.97 -1.37 32.23
C GLY F 82 54.46 -1.55 32.05
N GLY F 83 55.26 -0.69 32.65
CA GLY F 83 56.70 -0.81 32.44
C GLY F 83 57.52 -1.38 33.58
N THR F 84 56.89 -1.65 34.71
CA THR F 84 57.60 -2.05 35.90
C THR F 84 56.85 -3.18 36.59
N HIS F 85 57.42 -3.68 37.69
CA HIS F 85 56.76 -4.72 38.47
C HIS F 85 55.47 -4.21 39.11
N ARG F 86 55.43 -2.92 39.44
CA ARG F 86 54.32 -2.35 40.20
C ARG F 86 53.03 -2.32 39.39
N SER F 87 53.11 -2.33 38.07
CA SER F 87 51.92 -2.23 37.23
C SER F 87 51.12 -3.52 37.27
N GLY F 88 49.79 -3.37 37.30
CA GLY F 88 48.91 -4.50 37.44
C GLY F 88 48.82 -5.09 38.84
N GLN F 89 49.50 -4.50 39.80
CA GLN F 89 49.47 -4.97 41.17
C GLN F 89 48.39 -4.24 41.96
N GLY F 90 47.81 -4.94 42.93
CA GLY F 90 46.73 -4.37 43.71
C GLY F 90 47.21 -3.27 44.64
N ALA F 91 46.39 -2.23 44.76
CA ALA F 91 46.67 -1.11 45.64
C ALA F 91 45.40 -0.76 46.41
N PHE F 92 45.51 0.23 47.29
CA PHE F 92 44.44 0.94 47.99
C PHE F 92 43.71 0.13 49.05
N GLY F 93 44.04 -1.14 49.24
CA GLY F 93 43.33 -1.96 50.19
C GLY F 93 44.11 -2.15 51.48
N ASN F 94 43.39 -2.55 52.53
CA ASN F 94 44.09 -2.91 53.76
C ASN F 94 44.84 -4.24 53.62
N MET F 95 44.45 -5.07 52.65
CA MET F 95 45.07 -6.36 52.44
C MET F 95 46.12 -6.36 51.35
N CYS F 96 46.23 -5.27 50.58
CA CYS F 96 47.21 -5.21 49.51
C CYS F 96 48.57 -4.81 50.03
N ARG F 97 49.61 -5.34 49.39
CA ARG F 97 50.97 -4.90 49.66
C ARG F 97 51.17 -3.49 49.15
N GLY F 98 51.61 -2.59 50.03
CA GLY F 98 51.81 -1.21 49.67
C GLY F 98 50.59 -0.34 49.78
N GLY F 99 49.45 -0.88 50.23
CA GLY F 99 48.26 -0.09 50.43
C GLY F 99 48.28 0.60 51.78
N ARG F 100 47.11 1.12 52.15
CA ARG F 100 46.96 1.74 53.45
C ARG F 100 46.57 0.69 54.48
N MET F 101 46.71 1.06 55.75
CA MET F 101 46.19 0.23 56.82
C MET F 101 44.69 0.44 56.97
N PHE F 102 44.03 -0.51 57.63
CA PHE F 102 42.65 -0.31 58.04
C PHE F 102 42.59 0.72 59.15
N ALA F 103 41.73 1.74 58.95
CA ALA F 103 41.42 2.80 59.89
C ALA F 103 42.70 3.46 60.38
N PRO F 104 43.33 4.32 59.55
CA PRO F 104 44.65 4.84 59.88
C PRO F 104 44.66 5.63 61.17
N THR F 105 45.78 5.55 61.88
CA THR F 105 45.88 6.12 63.20
C THR F 105 45.92 7.63 63.11
N LYS F 106 45.08 8.29 63.89
CA LYS F 106 44.90 9.73 63.80
C LYS F 106 45.66 10.43 64.91
N THR F 107 45.83 11.72 64.73
CA THR F 107 46.49 12.54 65.74
C THR F 107 45.57 12.75 66.94
N TRP F 108 44.27 12.82 66.66
CA TRP F 108 43.28 13.04 67.70
C TRP F 108 42.72 11.76 68.31
N ARG F 109 43.55 11.03 69.04
CA ARG F 109 43.16 9.78 69.68
C ARG F 109 42.61 10.02 71.09
N ARG F 110 42.51 11.28 71.54
CA ARG F 110 42.15 11.65 72.91
C ARG F 110 43.13 11.00 73.89
N TRP F 111 44.38 11.48 73.80
CA TRP F 111 45.48 10.87 74.53
C TRP F 111 45.40 11.14 76.02
N HIS F 112 44.73 12.21 76.41
CA HIS F 112 44.81 12.71 77.78
C HIS F 112 43.49 12.49 78.49
N ARG F 113 43.56 11.96 79.70
CA ARG F 113 42.40 11.84 80.58
C ARG F 113 42.50 12.91 81.65
N ARG F 114 41.36 13.22 82.26
CA ARG F 114 41.37 14.11 83.41
C ARG F 114 40.68 13.42 84.57
N VAL F 115 41.22 13.65 85.77
CA VAL F 115 40.71 13.07 87.00
C VAL F 115 40.26 14.23 87.87
N ASN F 116 39.20 14.04 88.64
CA ASN F 116 38.75 15.05 89.59
C ASN F 116 39.84 15.32 90.61
N THR F 117 39.96 16.57 91.03
CA THR F 117 41.00 16.98 91.95
C THR F 117 40.80 16.37 93.33
N THR F 118 39.55 16.12 93.71
CA THR F 118 39.27 15.45 94.98
C THR F 118 39.70 13.98 94.92
N GLN F 119 39.66 13.37 93.74
CA GLN F 119 40.17 12.02 93.58
C GLN F 119 41.69 12.00 93.48
N LYS F 120 42.30 13.05 92.93
CA LYS F 120 43.76 13.11 92.90
C LYS F 120 44.34 13.37 94.28
N ARG F 121 43.65 14.15 95.10
CA ARG F 121 44.07 14.30 96.49
C ARG F 121 43.72 13.09 97.33
N TYR F 122 42.72 12.31 96.91
CA TYR F 122 42.43 11.06 97.59
C TYR F 122 43.57 10.08 97.43
N ALA F 123 44.14 10.00 96.23
CA ALA F 123 45.15 9.00 95.94
C ALA F 123 46.48 9.31 96.61
N ILE F 124 46.79 10.58 96.82
CA ILE F 124 48.04 10.95 97.47
C ILE F 124 48.00 10.56 98.95
N CYS F 125 46.90 10.87 99.63
CA CYS F 125 46.79 10.48 101.03
C CYS F 125 46.50 9.01 101.22
N SER F 126 46.07 8.30 100.16
CA SER F 126 45.92 6.86 100.24
C SER F 126 47.22 6.12 99.90
N ALA F 127 48.17 6.79 99.28
CA ALA F 127 49.48 6.20 99.03
C ALA F 127 50.48 6.54 100.12
N LEU F 128 50.32 7.69 100.77
CA LEU F 128 51.15 8.00 101.93
C LEU F 128 50.73 7.22 103.15
N ALA F 129 49.44 6.89 103.27
CA ALA F 129 48.97 6.09 104.40
C ALA F 129 49.47 4.66 104.31
N ALA F 130 49.67 4.14 103.11
CA ALA F 130 50.23 2.81 102.93
C ALA F 130 51.75 2.81 102.99
N SER F 131 52.38 3.99 102.96
CA SER F 131 53.82 4.08 103.16
C SER F 131 54.21 3.86 104.62
N ALA F 132 53.26 3.95 105.55
CA ALA F 132 53.55 3.79 106.96
C ALA F 132 53.43 2.35 107.43
N LEU F 133 52.95 1.43 106.58
CA LEU F 133 52.69 0.07 106.99
C LEU F 133 53.79 -0.83 106.45
N PRO F 134 54.58 -1.50 107.32
CA PRO F 134 55.70 -2.32 106.84
C PRO F 134 55.29 -3.55 106.07
N ALA F 135 54.06 -4.06 106.27
CA ALA F 135 53.62 -5.21 105.49
C ALA F 135 53.30 -4.85 104.06
N LEU F 136 53.08 -3.57 103.76
CA LEU F 136 52.82 -3.15 102.39
C LEU F 136 54.09 -2.67 101.69
N VAL F 137 55.04 -2.11 102.42
CA VAL F 137 56.29 -1.67 101.80
C VAL F 137 57.18 -2.87 101.52
N MET F 138 57.20 -3.87 102.41
CA MET F 138 57.97 -5.08 102.14
C MET F 138 57.33 -5.91 101.03
N SER F 139 56.00 -5.88 100.91
CA SER F 139 55.33 -6.52 99.79
C SER F 139 55.58 -5.83 98.46
N LYS F 140 56.23 -4.68 98.53
CA LYS F 140 56.69 -3.97 97.36
C LYS F 140 58.13 -4.42 97.06
N GLY F 141 58.85 -4.92 98.07
CA GLY F 141 60.22 -5.37 97.95
C GLY F 141 61.20 -4.27 98.24
N HIS F 142 61.02 -3.56 99.34
CA HIS F 142 61.89 -2.42 99.63
C HIS F 142 63.07 -2.58 100.58
N ARG F 143 63.37 -3.83 100.91
CA ARG F 143 64.55 -4.23 101.69
C ARG F 143 64.67 -3.45 103.01
N ILE F 144 63.65 -3.57 103.83
CA ILE F 144 63.59 -2.85 105.10
C ILE F 144 63.48 -3.89 106.22
N GLU F 145 64.63 -4.35 106.70
CA GLU F 145 64.67 -5.17 107.90
C GLU F 145 65.82 -4.81 108.82
N GLU F 146 66.66 -3.83 108.46
CA GLU F 146 67.52 -3.15 109.41
C GLU F 146 67.13 -1.69 109.61
N VAL F 147 66.06 -1.23 108.98
CA VAL F 147 65.65 0.17 109.04
C VAL F 147 64.75 0.34 110.26
N PRO F 148 65.11 1.19 111.22
CA PRO F 148 64.16 1.54 112.28
C PRO F 148 63.22 2.62 111.77
N GLU F 149 62.00 2.64 112.35
CA GLU F 149 61.04 3.73 112.16
C GLU F 149 60.66 3.94 110.70
N LEU F 150 59.77 3.07 110.18
CA LEU F 150 59.39 3.11 108.77
C LEU F 150 58.90 4.47 108.26
N PRO F 151 58.05 5.26 108.96
CA PRO F 151 57.97 6.67 108.56
C PRO F 151 59.27 7.32 108.97
N LEU F 152 60.19 7.45 108.02
CA LEU F 152 61.60 7.64 108.33
C LEU F 152 61.92 9.11 108.15
N VAL F 153 61.96 9.83 109.26
CA VAL F 153 62.21 11.25 109.26
C VAL F 153 63.67 11.46 109.65
N VAL F 154 64.33 12.38 108.93
CA VAL F 154 65.73 12.69 109.15
C VAL F 154 65.83 14.21 109.28
N GLU F 155 66.95 14.68 109.81
CA GLU F 155 67.13 16.09 110.14
C GLU F 155 67.19 16.96 108.88
N ASP F 156 67.18 18.28 109.11
CA ASP F 156 67.15 19.27 108.06
C ASP F 156 68.54 19.66 107.57
N LYS F 157 69.60 19.15 108.20
CA LYS F 157 70.94 19.35 107.67
C LYS F 157 71.18 18.48 106.44
N VAL F 158 70.35 17.46 106.26
CA VAL F 158 70.35 16.63 105.05
C VAL F 158 70.08 17.47 103.81
N GLU F 159 69.21 18.47 103.93
CA GLU F 159 68.85 19.34 102.82
C GLU F 159 70.00 20.25 102.36
N GLY F 160 71.08 20.36 103.13
CA GLY F 160 72.18 21.24 102.77
C GLY F 160 73.41 20.52 102.26
N TYR F 161 73.26 19.26 101.85
CA TYR F 161 74.40 18.50 101.36
C TYR F 161 74.84 18.99 99.99
N LYS F 162 76.08 18.63 99.63
CA LYS F 162 76.68 19.07 98.38
C LYS F 162 77.30 17.95 97.56
N LYS F 163 77.67 16.83 98.17
CA LYS F 163 78.37 15.76 97.46
C LYS F 163 77.59 14.45 97.57
N THR F 164 77.87 13.57 96.62
CA THR F 164 77.27 12.23 96.61
C THR F 164 77.93 11.32 97.65
N LYS F 165 79.18 11.60 98.02
CA LYS F 165 79.88 10.80 99.02
C LYS F 165 79.19 10.84 100.37
N GLU F 166 78.87 12.05 100.85
CA GLU F 166 78.10 12.17 102.08
C GLU F 166 76.63 11.82 101.87
N ALA F 167 76.16 11.87 100.63
CA ALA F 167 74.78 11.50 100.34
C ALA F 167 74.60 9.99 100.36
N VAL F 168 75.59 9.25 99.82
CA VAL F 168 75.58 7.79 99.92
C VAL F 168 75.71 7.35 101.36
N LEU F 169 76.64 7.97 102.10
CA LEU F 169 76.94 7.61 103.48
C LEU F 169 75.77 7.87 104.42
N LEU F 170 74.87 8.79 104.08
CA LEU F 170 73.69 9.04 104.90
C LEU F 170 72.78 7.82 104.96
N LEU F 171 72.26 7.40 103.81
CA LEU F 171 71.37 6.25 103.76
C LEU F 171 72.11 4.93 103.81
N LYS F 172 73.43 4.95 103.98
CA LYS F 172 74.20 3.79 104.38
C LYS F 172 74.24 3.65 105.90
N LYS F 173 74.13 4.77 106.63
CA LYS F 173 73.97 4.75 108.08
C LYS F 173 72.52 4.61 108.51
N LEU F 174 71.57 4.96 107.65
CA LEU F 174 70.15 4.72 107.90
C LEU F 174 69.72 3.32 107.53
N LYS F 175 70.69 2.45 107.18
CA LYS F 175 70.49 1.04 106.87
C LYS F 175 69.57 0.81 105.68
N ALA F 176 69.51 1.79 104.77
CA ALA F 176 68.71 1.70 103.57
C ALA F 176 69.56 1.54 102.32
N TRP F 177 70.84 1.21 102.48
CA TRP F 177 71.70 0.98 101.32
C TRP F 177 71.41 -0.36 100.67
N ASN F 178 70.80 -1.30 101.39
CA ASN F 178 70.51 -2.61 100.82
C ASN F 178 69.44 -2.53 99.74
N ASP F 179 68.56 -1.53 99.80
CA ASP F 179 67.61 -1.33 98.72
C ASP F 179 68.27 -0.72 97.50
N ILE F 180 69.37 0.02 97.69
CA ILE F 180 70.11 0.57 96.57
C ILE F 180 70.89 -0.52 95.85
N LYS F 181 71.47 -1.45 96.62
CA LYS F 181 72.18 -2.57 96.01
C LYS F 181 71.24 -3.54 95.32
N LYS F 182 69.96 -3.48 95.66
CA LYS F 182 68.95 -4.29 95.00
C LYS F 182 68.63 -3.67 93.63
N VAL F 183 68.89 -2.37 93.47
CA VAL F 183 68.70 -1.67 92.23
C VAL F 183 69.91 -2.01 91.38
N TYR F 184 71.11 -1.86 91.94
CA TYR F 184 72.31 -2.24 91.20
C TYR F 184 72.25 -3.69 90.70
N ALA F 185 71.59 -4.57 91.45
CA ALA F 185 71.50 -5.97 91.04
C ALA F 185 70.61 -6.13 89.82
N SER F 186 69.49 -5.42 89.83
CA SER F 186 68.50 -5.48 88.77
C SER F 186 68.63 -4.45 87.63
N GLN F 187 69.84 -4.21 87.14
CA GLN F 187 70.04 -3.27 86.05
C GLN F 187 70.34 -4.15 84.84
N ARG F 188 69.27 -4.59 84.19
CA ARG F 188 69.36 -5.49 83.05
C ARG F 188 68.74 -4.83 81.83
N MET F 189 68.96 -5.46 80.69
CA MET F 189 68.52 -4.93 79.42
C MET F 189 67.05 -5.26 79.22
N ARG F 190 66.32 -4.37 78.54
CA ARG F 190 64.90 -4.57 78.27
C ARG F 190 64.64 -5.67 77.23
N ALA F 191 63.40 -6.12 77.10
CA ALA F 191 63.10 -7.17 76.14
C ALA F 191 62.17 -6.78 75.00
N GLY F 192 62.73 -6.45 73.84
CA GLY F 192 61.87 -6.16 72.72
C GLY F 192 62.28 -4.90 71.98
N LYS F 193 61.29 -4.24 71.37
CA LYS F 193 61.49 -3.07 70.52
C LYS F 193 61.74 -1.79 71.30
N GLY F 194 61.84 -1.87 72.61
CA GLY F 194 62.11 -0.67 73.38
C GLY F 194 63.55 -0.24 73.23
N LYS F 195 64.42 -1.15 72.84
CA LYS F 195 65.83 -0.83 72.70
C LYS F 195 66.13 0.19 71.60
N MET F 196 65.42 0.10 70.49
CA MET F 196 65.59 1.02 69.37
C MET F 196 64.80 2.30 69.55
N ARG F 197 64.01 2.41 70.61
CA ARG F 197 63.19 3.57 70.89
C ARG F 197 63.65 4.22 72.20
N ASN F 198 64.96 4.15 72.42
CA ASN F 198 65.75 4.82 73.45
C ASN F 198 65.50 4.30 74.86
N ARG F 199 64.64 3.31 75.04
CA ARG F 199 64.40 2.76 76.37
C ARG F 199 65.16 1.45 76.39
N ARG F 200 66.48 1.53 76.50
CA ARG F 200 67.34 0.37 76.38
C ARG F 200 67.65 -0.30 77.71
N ARG F 201 67.58 0.44 78.82
CA ARG F 201 67.87 -0.11 80.13
C ARG F 201 66.64 -0.02 81.02
N ILE F 202 66.46 -1.03 81.87
CA ILE F 202 65.42 -1.02 82.89
C ILE F 202 66.06 -1.33 84.23
N GLN F 203 65.47 -0.80 85.29
CA GLN F 203 65.97 -1.06 86.63
C GLN F 203 64.84 -1.07 87.64
N ARG F 204 65.18 -0.98 88.91
CA ARG F 204 64.19 -1.02 89.97
C ARG F 204 63.95 0.38 90.53
N ARG F 205 63.20 0.45 91.61
CA ARG F 205 62.89 1.70 92.27
C ARG F 205 63.49 1.64 93.65
N GLY F 206 64.00 2.76 94.14
CA GLY F 206 64.57 2.82 95.47
C GLY F 206 63.71 3.72 96.32
N PRO F 207 64.32 4.30 97.33
CA PRO F 207 63.60 5.19 98.26
C PRO F 207 63.33 6.57 97.67
N CYS F 208 62.17 7.12 98.03
CA CYS F 208 61.90 8.53 97.78
C CYS F 208 62.48 9.37 98.91
N ILE F 209 63.07 10.49 98.55
CA ILE F 209 63.55 11.47 99.51
C ILE F 209 62.65 12.70 99.37
N ILE F 210 61.99 13.06 100.46
CA ILE F 210 60.95 14.08 100.42
C ILE F 210 61.41 15.25 101.26
N TYR F 211 61.78 16.34 100.60
CA TYR F 211 62.37 17.51 101.21
C TYR F 211 61.35 18.63 101.29
N ASN F 212 61.77 19.74 101.90
CA ASN F 212 60.98 20.97 101.91
C ASN F 212 61.70 22.07 101.14
N GLU F 213 62.94 22.37 101.51
CA GLU F 213 63.76 23.33 100.78
C GLU F 213 64.79 22.58 99.95
N ASP F 214 65.22 23.22 98.86
CA ASP F 214 66.33 22.72 98.06
C ASP F 214 67.54 23.60 98.34
N ASN F 215 68.29 23.24 99.37
CA ASN F 215 69.56 23.88 99.68
C ASN F 215 70.75 23.05 99.23
N GLY F 216 70.52 22.13 98.28
CA GLY F 216 71.57 21.26 97.80
C GLY F 216 71.15 19.80 97.81
N ILE F 217 69.91 19.54 98.20
CA ILE F 217 69.45 18.17 98.44
C ILE F 217 69.29 17.39 97.14
N ILE F 218 68.87 18.06 96.08
CA ILE F 218 68.68 17.38 94.81
C ILE F 218 69.99 16.98 94.18
N LYS F 219 70.86 17.95 93.96
CA LYS F 219 72.16 17.67 93.34
C LYS F 219 72.94 16.59 94.10
N ALA F 220 72.96 16.67 95.42
CA ALA F 220 73.64 15.70 96.25
C ALA F 220 73.24 14.26 95.93
N PHE F 221 71.95 14.00 95.77
CA PHE F 221 71.47 12.66 95.42
C PHE F 221 71.60 12.46 93.91
N ARG F 222 70.50 12.49 93.17
CA ARG F 222 70.52 12.32 91.70
C ARG F 222 71.26 11.09 91.11
N ASN F 223 72.59 11.12 91.14
CA ASN F 223 73.45 10.06 90.63
C ASN F 223 73.22 8.64 91.13
N ILE F 224 72.70 8.47 92.34
CA ILE F 224 72.45 7.13 92.88
C ILE F 224 71.21 6.57 92.17
N PRO F 225 71.32 5.37 91.60
CA PRO F 225 70.20 4.84 90.81
C PRO F 225 69.02 4.43 91.68
N GLY F 226 67.85 4.93 91.30
CA GLY F 226 66.58 4.62 91.93
C GLY F 226 66.01 5.58 92.96
N ILE F 227 66.66 6.71 93.19
CA ILE F 227 66.23 7.66 94.21
C ILE F 227 65.45 8.80 93.56
N THR F 228 64.25 9.06 94.08
CA THR F 228 63.37 10.10 93.58
C THR F 228 63.26 11.23 94.61
N LEU F 229 63.32 12.47 94.14
CA LEU F 229 63.15 13.64 94.98
C LEU F 229 61.76 14.22 94.70
N LEU F 230 61.09 14.74 95.74
CA LEU F 230 59.66 14.99 95.58
C LEU F 230 59.12 16.38 95.91
N ASN F 231 59.76 17.13 96.82
CA ASN F 231 59.35 18.50 97.18
C ASN F 231 57.93 18.56 97.74
N VAL F 232 57.76 18.22 99.02
CA VAL F 232 56.50 17.90 99.73
C VAL F 232 55.33 18.85 99.49
N SER F 233 55.60 20.06 99.00
CA SER F 233 54.51 20.93 98.55
C SER F 233 53.78 20.34 97.35
N LYS F 234 54.49 19.58 96.50
CA LYS F 234 53.94 19.04 95.26
C LYS F 234 54.26 17.54 95.19
N LEU F 235 53.41 16.71 95.79
CA LEU F 235 53.59 15.28 95.64
C LEU F 235 53.11 14.82 94.27
N ASN F 236 53.46 13.58 93.92
CA ASN F 236 53.11 13.02 92.62
C ASN F 236 52.71 11.57 92.79
N ILE F 237 51.52 11.22 92.28
CA ILE F 237 51.04 9.85 92.41
C ILE F 237 51.77 8.91 91.46
N LEU F 238 52.41 9.42 90.42
CA LEU F 238 53.18 8.58 89.52
C LEU F 238 54.49 8.12 90.14
N LYS F 239 54.91 8.74 91.24
CA LYS F 239 56.18 8.45 91.87
C LYS F 239 56.04 7.99 93.31
N LEU F 240 54.89 8.20 93.95
CA LEU F 240 54.58 7.57 95.23
C LEU F 240 53.99 6.18 95.05
N ALA F 241 53.31 5.94 93.95
CA ALA F 241 52.84 4.62 93.55
C ALA F 241 53.31 4.41 92.12
N PRO F 242 54.49 3.81 91.93
CA PRO F 242 55.07 3.73 90.59
C PRO F 242 54.30 2.85 89.62
N GLY F 243 53.82 1.69 90.05
CA GLY F 243 53.09 0.81 89.18
C GLY F 243 51.58 0.83 89.37
N GLY F 244 51.05 1.85 90.03
CA GLY F 244 49.69 1.81 90.50
C GLY F 244 49.51 1.04 91.78
N HIS F 245 50.60 0.62 92.41
CA HIS F 245 50.57 -0.20 93.61
C HIS F 245 51.14 0.62 94.75
N VAL F 246 50.42 0.71 95.84
CA VAL F 246 50.87 1.49 96.97
C VAL F 246 51.94 0.73 97.73
N GLY F 247 52.85 1.48 98.37
CA GLY F 247 53.85 0.85 99.19
C GLY F 247 55.29 1.12 98.84
N ARG F 248 55.58 2.26 98.21
CA ARG F 248 56.97 2.61 97.94
C ARG F 248 57.60 3.22 99.18
N PHE F 249 58.82 2.78 99.48
CA PHE F 249 59.55 3.27 100.65
C PHE F 249 59.96 4.72 100.47
N CYS F 250 59.66 5.54 101.48
CA CYS F 250 59.92 6.97 101.44
C CYS F 250 60.70 7.39 102.67
N ILE F 251 61.65 8.30 102.47
CA ILE F 251 62.45 8.87 103.55
C ILE F 251 62.14 10.35 103.62
N TRP F 252 61.66 10.79 104.78
CA TRP F 252 61.21 12.16 104.99
C TRP F 252 62.33 12.99 105.60
N THR F 253 62.32 14.28 105.31
CA THR F 253 63.14 15.21 106.08
C THR F 253 62.29 15.77 107.23
N GLU F 254 62.89 16.64 108.04
CA GLU F 254 62.22 17.03 109.27
C GLU F 254 61.23 18.16 109.05
N SER F 255 61.56 19.11 108.17
CA SER F 255 60.64 20.20 107.87
C SER F 255 59.55 19.78 106.89
N ALA F 256 59.81 18.79 106.05
CA ALA F 256 58.78 18.29 105.16
C ALA F 256 57.73 17.48 105.90
N PHE F 257 58.14 16.79 106.97
CA PHE F 257 57.23 15.92 107.69
C PHE F 257 56.27 16.72 108.57
N ARG F 258 56.73 17.86 109.08
CA ARG F 258 55.87 18.72 109.88
C ARG F 258 54.87 19.51 109.04
N LYS F 259 55.13 19.65 107.73
CA LYS F 259 54.28 20.42 106.84
C LYS F 259 53.02 19.67 106.43
N LEU F 260 52.95 18.36 106.70
CA LEU F 260 51.83 17.53 106.27
C LEU F 260 50.53 17.86 107.00
N ASP F 261 50.61 18.45 108.19
CA ASP F 261 49.40 18.95 108.84
C ASP F 261 48.94 20.27 108.24
N GLU F 262 49.84 21.05 107.65
CA GLU F 262 49.48 22.29 106.98
C GLU F 262 49.00 22.04 105.55
N LEU F 263 49.29 20.87 104.99
CA LEU F 263 48.96 20.54 103.61
C LEU F 263 47.70 19.70 103.46
N TYR F 264 47.40 18.84 104.43
CA TYR F 264 46.22 18.00 104.37
C TYR F 264 45.35 18.09 105.59
N GLY F 265 45.88 18.56 106.73
CA GLY F 265 45.10 18.73 107.93
C GLY F 265 44.83 17.42 108.63
N THR F 266 44.31 17.55 109.85
CA THR F 266 43.76 16.41 110.56
C THR F 266 42.30 16.24 110.13
N TRP F 267 41.53 15.41 110.82
CA TRP F 267 40.12 15.35 110.52
C TRP F 267 39.33 16.44 111.21
N ARG F 268 39.90 17.09 112.22
CA ARG F 268 39.22 18.21 112.87
C ARG F 268 39.44 19.50 112.09
N LYS F 269 40.69 19.93 111.94
CA LYS F 269 41.00 21.13 111.20
C LYS F 269 41.25 20.79 109.74
N ALA F 270 40.94 21.76 108.87
CA ALA F 270 41.11 21.55 107.44
C ALA F 270 42.55 21.85 107.03
N ALA F 271 42.85 21.56 105.77
CA ALA F 271 44.14 21.92 105.21
C ALA F 271 44.25 23.43 105.07
N SER F 272 45.47 23.93 105.22
CA SER F 272 45.72 25.36 105.15
C SER F 272 46.27 25.81 103.80
N LEU F 273 46.80 24.89 103.00
CA LEU F 273 47.40 25.22 101.73
C LEU F 273 46.67 24.56 100.56
N LYS F 274 45.45 24.07 100.79
CA LYS F 274 44.63 23.51 99.72
C LYS F 274 43.19 24.02 99.77
N SER F 275 42.85 24.90 100.72
CA SER F 275 41.77 25.87 100.66
C SER F 275 40.34 25.34 100.71
N ASN F 276 40.15 24.05 100.48
CA ASN F 276 38.86 23.41 100.74
C ASN F 276 39.02 21.97 101.22
N TYR F 277 40.23 21.47 101.41
CA TYR F 277 40.43 20.04 101.52
C TYR F 277 40.44 19.58 102.97
N ASN F 278 39.80 18.45 103.20
CA ASN F 278 39.84 17.75 104.47
C ASN F 278 39.92 16.27 104.14
N LEU F 279 40.54 15.51 105.05
CA LEU F 279 40.82 14.10 104.80
C LEU F 279 39.51 13.31 104.71
N PRO F 280 39.47 12.27 103.88
CA PRO F 280 38.21 11.55 103.67
C PRO F 280 37.86 10.64 104.84
N MET F 281 36.56 10.55 105.09
CA MET F 281 36.03 9.74 106.18
C MET F 281 36.06 8.27 105.82
N HIS F 282 35.79 7.43 106.82
CA HIS F 282 35.84 5.99 106.69
C HIS F 282 34.44 5.41 106.56
N LYS F 283 34.33 4.32 105.80
CA LYS F 283 33.15 3.49 105.83
C LYS F 283 33.21 2.44 106.93
N MET F 284 34.39 2.23 107.50
CA MET F 284 34.60 1.17 108.49
C MET F 284 35.77 1.63 109.35
N ILE F 285 35.47 2.12 110.56
CA ILE F 285 36.50 2.69 111.42
C ILE F 285 37.22 1.65 112.26
N ASN F 286 36.81 0.38 112.19
CA ASN F 286 37.48 -0.70 112.91
C ASN F 286 37.63 -1.86 111.91
N THR F 287 38.75 -1.85 111.19
CA THR F 287 38.99 -2.81 110.11
C THR F 287 39.71 -4.06 110.60
N ASP F 288 39.18 -4.68 111.65
CA ASP F 288 39.81 -5.84 112.29
C ASP F 288 38.68 -6.83 112.54
N LEU F 289 38.45 -7.73 111.58
CA LEU F 289 37.35 -8.68 111.68
C LEU F 289 37.55 -9.63 112.87
N SER F 290 38.74 -10.17 113.02
CA SER F 290 38.98 -11.08 114.15
C SER F 290 39.08 -10.36 115.52
N ARG F 291 38.75 -9.07 115.61
CA ARG F 291 38.46 -8.39 116.87
C ARG F 291 36.98 -8.13 117.04
N ILE F 292 36.28 -7.80 115.96
CA ILE F 292 34.83 -7.72 115.98
C ILE F 292 34.19 -9.10 116.15
N LEU F 293 34.73 -10.12 115.47
CA LEU F 293 34.03 -11.40 115.42
C LEU F 293 34.14 -12.16 116.74
N LYS F 294 35.32 -12.22 117.35
CA LYS F 294 35.40 -12.85 118.67
C LYS F 294 35.29 -11.83 119.80
N SER F 295 34.28 -10.99 119.70
CA SER F 295 33.89 -10.07 120.76
C SER F 295 32.80 -10.72 121.63
N PRO F 296 32.74 -10.39 122.92
CA PRO F 296 31.67 -10.95 123.75
C PRO F 296 30.29 -10.39 123.45
N GLU F 297 30.20 -9.27 122.73
CA GLU F 297 28.93 -8.69 122.38
C GLU F 297 28.26 -9.39 121.20
N ILE F 298 29.04 -10.05 120.36
CA ILE F 298 28.52 -10.69 119.16
C ILE F 298 28.42 -12.20 119.31
N GLN F 299 29.43 -12.83 119.93
CA GLN F 299 29.40 -14.28 120.15
C GLN F 299 28.27 -14.72 121.05
N ARG F 300 27.75 -13.82 121.90
CA ARG F 300 26.54 -14.12 122.66
C ARG F 300 25.31 -14.18 121.77
N ALA F 301 25.26 -13.36 120.73
CA ALA F 301 24.06 -13.22 119.91
C ALA F 301 24.00 -14.22 118.76
N LEU F 302 25.02 -15.04 118.58
CA LEU F 302 25.04 -15.99 117.48
C LEU F 302 24.30 -17.26 117.86
N ARG F 303 24.25 -18.20 116.92
CA ARG F 303 23.77 -19.55 117.18
C ARG F 303 24.94 -20.53 117.06
N ALA F 304 24.74 -21.74 117.54
CA ALA F 304 25.81 -22.73 117.55
C ALA F 304 26.20 -23.20 116.16
N PRO F 305 27.49 -23.42 115.95
CA PRO F 305 27.95 -23.89 114.64
C PRO F 305 27.51 -25.32 114.38
N ARG F 306 27.29 -25.61 113.10
CA ARG F 306 26.93 -26.94 112.62
C ARG F 306 28.10 -27.48 111.82
N LYS F 307 28.96 -28.25 112.48
CA LYS F 307 30.18 -28.75 111.88
C LYS F 307 30.06 -30.17 111.37
N LYS F 308 28.95 -30.86 111.64
CA LYS F 308 28.75 -32.21 111.13
C LYS F 308 28.39 -32.17 109.65
N ILE F 309 29.12 -32.93 108.84
CA ILE F 309 28.93 -32.97 107.41
C ILE F 309 28.02 -34.14 107.08
N HIS F 310 26.81 -33.84 106.60
CA HIS F 310 25.84 -34.88 106.26
C HIS F 310 26.02 -35.23 104.79
N ARG F 311 26.83 -36.25 104.56
CA ARG F 311 27.13 -36.73 103.22
C ARG F 311 26.03 -37.59 102.66
N ARG F 312 26.06 -37.82 101.35
CA ARG F 312 25.04 -38.61 100.68
C ARG F 312 25.04 -40.03 101.23
N VAL F 313 23.87 -40.47 101.70
CA VAL F 313 23.71 -41.81 102.21
C VAL F 313 23.32 -42.74 101.07
N LEU F 314 24.02 -43.87 100.96
CA LEU F 314 23.68 -44.88 99.97
C LEU F 314 22.34 -45.51 100.31
N LYS F 315 21.42 -45.49 99.35
CA LYS F 315 20.12 -46.10 99.57
C LYS F 315 20.24 -47.60 99.43
N LYS F 316 20.37 -48.29 100.56
CA LYS F 316 20.19 -49.73 100.55
C LYS F 316 18.71 -50.02 100.45
N ASN F 317 18.38 -51.19 99.90
CA ASN F 317 17.02 -51.51 99.49
C ASN F 317 16.30 -52.23 100.61
N PRO F 318 15.26 -51.65 101.20
CA PRO F 318 14.31 -52.47 101.95
C PRO F 318 13.54 -53.35 100.98
N LEU F 319 13.02 -54.46 101.52
CA LEU F 319 12.44 -55.67 100.89
C LEU F 319 13.55 -56.56 100.34
N LYS F 320 14.79 -56.11 100.48
CA LYS F 320 15.97 -56.85 100.04
C LYS F 320 16.98 -56.89 101.19
N ASN F 321 17.09 -55.79 101.93
CA ASN F 321 17.99 -55.71 103.08
C ASN F 321 17.13 -55.77 104.32
N LEU F 322 17.28 -56.82 105.10
CA LEU F 322 16.47 -56.96 106.29
C LEU F 322 16.57 -55.80 107.28
N ARG F 323 17.76 -55.53 107.76
CA ARG F 323 17.90 -54.45 108.74
C ARG F 323 17.53 -53.05 108.28
N ILE F 324 17.51 -52.82 106.97
CA ILE F 324 17.05 -51.53 106.45
C ILE F 324 15.53 -51.46 106.50
N MET F 325 14.87 -52.58 106.27
CA MET F 325 13.42 -52.69 106.44
C MET F 325 13.02 -52.49 107.90
N LEU F 326 13.84 -52.95 108.83
CA LEU F 326 13.52 -52.83 110.25
C LEU F 326 13.81 -51.43 110.78
N LYS F 327 14.76 -50.73 110.15
CA LYS F 327 15.03 -49.33 110.47
C LYS F 327 13.87 -48.44 110.08
N LEU F 328 13.08 -48.85 109.10
CA LEU F 328 11.90 -48.14 108.63
C LEU F 328 10.60 -48.72 109.19
N ASN F 329 10.39 -50.02 109.03
CA ASN F 329 9.22 -50.71 109.55
C ASN F 329 9.68 -51.71 110.60
N PRO F 330 9.62 -51.39 111.88
CA PRO F 330 10.09 -52.34 112.91
C PRO F 330 9.15 -53.52 113.11
N TYR F 331 7.90 -53.41 112.67
CA TYR F 331 6.94 -54.51 112.78
C TYR F 331 7.19 -55.60 111.76
N ALA F 332 7.99 -55.31 110.73
CA ALA F 332 8.26 -56.25 109.64
C ALA F 332 9.04 -57.49 110.08
N MLZ F 333 9.69 -57.43 111.23
CA MLZ F 333 10.37 -58.58 111.79
CB MLZ F 333 11.27 -58.23 112.98
CG MLZ F 333 12.31 -59.29 113.24
CD MLZ F 333 13.25 -58.85 114.33
CE MLZ F 333 14.53 -59.69 114.29
NZ MLZ F 333 15.22 -59.78 115.56
CM MLZ F 333 15.74 -61.09 115.84
C MLZ F 333 9.37 -59.67 112.29
O MLZ F 333 9.60 -60.88 112.07
N THR F 334 8.30 -59.22 112.92
CA THR F 334 7.31 -60.11 113.48
C THR F 334 6.41 -60.67 112.39
N MET F 335 6.17 -59.87 111.35
CA MET F 335 5.49 -60.40 110.17
C MET F 335 6.34 -61.43 109.46
N ARG F 336 7.66 -61.20 109.41
CA ARG F 336 8.56 -62.17 108.81
C ARG F 336 8.64 -63.42 109.67
N ARG F 337 8.76 -63.27 110.98
CA ARG F 337 8.85 -64.41 111.88
C ARG F 337 7.55 -65.21 111.92
N ASN F 338 6.39 -64.55 111.79
CA ASN F 338 5.12 -65.28 111.79
C ASN F 338 4.94 -66.11 110.54
N THR F 339 5.30 -65.56 109.37
CA THR F 339 5.08 -66.31 108.14
C THR F 339 6.12 -67.39 107.92
N ILE F 340 7.28 -67.33 108.59
CA ILE F 340 8.22 -68.45 108.51
C ILE F 340 7.77 -69.57 109.43
N LEU F 341 7.21 -69.23 110.59
CA LEU F 341 6.65 -70.26 111.46
C LEU F 341 5.37 -70.85 110.90
N ARG F 342 4.56 -70.05 110.22
CA ARG F 342 3.29 -70.55 109.69
C ARG F 342 3.49 -71.43 108.47
N GLN F 343 4.45 -71.10 107.61
CA GLN F 343 4.69 -71.92 106.43
C GLN F 343 5.37 -73.23 106.80
N ALA F 344 6.25 -73.21 107.81
CA ALA F 344 6.86 -74.46 108.27
C ALA F 344 5.87 -75.34 109.01
N ARG F 345 4.92 -74.72 109.73
CA ARG F 345 3.87 -75.49 110.38
C ARG F 345 2.91 -76.09 109.37
N ASN F 346 2.59 -75.34 108.31
CA ASN F 346 1.71 -75.86 107.27
C ASN F 346 2.39 -76.96 106.47
N HIS F 347 3.69 -76.82 106.22
CA HIS F 347 4.41 -77.84 105.45
C HIS F 347 4.64 -79.10 106.27
N LYS F 348 4.77 -78.96 107.60
CA LYS F 348 4.86 -80.14 108.45
C LYS F 348 3.50 -80.80 108.66
N LEU F 349 2.41 -80.06 108.44
CA LEU F 349 1.07 -80.60 108.53
C LEU F 349 0.62 -81.29 107.25
N ARG F 350 1.13 -80.86 106.10
CA ARG F 350 0.76 -81.49 104.83
C ARG F 350 1.49 -82.80 104.61
N VAL F 351 2.72 -82.94 105.12
CA VAL F 351 3.43 -84.20 105.00
C VAL F 351 2.92 -85.26 105.95
N ASP F 352 2.09 -84.88 106.93
CA ASP F 352 1.38 -85.88 107.72
C ASP F 352 0.31 -86.57 106.88
N LYS F 353 -0.52 -85.79 106.20
CA LYS F 353 -1.60 -86.34 105.40
C LYS F 353 -1.09 -86.93 104.08
N ALA F 354 0.10 -86.55 103.63
CA ALA F 354 0.70 -87.22 102.50
C ALA F 354 1.21 -88.60 102.91
N ALA F 355 1.75 -88.71 104.12
CA ALA F 355 2.15 -90.01 104.66
C ALA F 355 0.96 -90.85 105.09
N ALA F 356 -0.21 -90.22 105.25
CA ALA F 356 -1.44 -90.97 105.53
C ALA F 356 -1.81 -91.88 104.37
N ALA F 357 -2.02 -91.29 103.18
CA ALA F 357 -2.47 -92.04 102.01
C ALA F 357 -1.41 -93.00 101.46
N ALA F 358 -0.15 -92.84 101.87
CA ALA F 358 0.85 -93.86 101.56
C ALA F 358 0.70 -95.05 102.51
N ALA F 359 0.53 -94.78 103.80
CA ALA F 359 0.30 -95.85 104.78
C ALA F 359 -1.12 -96.40 104.71
N ALA F 360 -2.07 -95.64 104.18
CA ALA F 360 -3.43 -96.16 104.04
C ALA F 360 -3.58 -96.99 102.78
N LEU F 361 -2.75 -96.75 101.77
CA LEU F 361 -2.76 -97.61 100.59
C LEU F 361 -2.23 -99.00 100.92
N GLN F 362 -1.22 -99.07 101.80
CA GLN F 362 -0.75 -100.34 102.33
C GLN F 362 -1.67 -100.89 103.42
N ALA F 363 -2.63 -100.10 103.91
CA ALA F 363 -3.65 -100.63 104.80
C ALA F 363 -4.77 -101.29 104.02
N LYS F 364 -5.12 -100.72 102.86
CA LYS F 364 -6.16 -101.31 102.03
C LYS F 364 -5.63 -102.43 101.14
N SER F 365 -4.31 -102.49 100.92
CA SER F 365 -3.75 -103.58 100.12
C SER F 365 -3.55 -104.84 100.93
N ASP F 366 -3.37 -104.72 102.25
CA ASP F 366 -3.17 -105.87 103.11
C ASP F 366 -4.48 -106.42 103.64
N GLU F 367 -5.42 -105.53 104.00
CA GLU F 367 -6.75 -105.97 104.41
C GLU F 367 -7.55 -106.52 103.24
N LYS F 368 -7.42 -105.86 102.08
CA LYS F 368 -8.04 -106.18 100.76
C LYS F 368 -9.48 -106.71 100.79
N GLY G 1 -61.12 -23.84 44.87
CA GLY G 1 -60.28 -23.69 43.70
C GLY G 1 -60.33 -22.29 43.14
N PHE G 2 -60.33 -21.31 44.05
CA PHE G 2 -60.38 -19.93 43.62
C PHE G 2 -59.12 -19.15 44.00
N VAL G 3 -58.87 -18.99 45.30
CA VAL G 3 -57.70 -18.24 45.71
C VAL G 3 -56.71 -19.17 46.38
N LYS G 4 -55.42 -18.88 46.18
CA LYS G 4 -54.39 -19.44 47.05
C LYS G 4 -54.59 -18.84 48.44
N VAL G 5 -54.96 -19.68 49.41
CA VAL G 5 -55.37 -19.18 50.71
C VAL G 5 -54.17 -18.59 51.46
N VAL G 6 -54.37 -17.41 52.02
CA VAL G 6 -53.26 -16.74 52.69
C VAL G 6 -53.11 -17.24 54.12
N LYS G 7 -54.21 -17.69 54.75
CA LYS G 7 -54.14 -18.26 56.08
C LYS G 7 -54.12 -19.79 56.00
N ASN G 8 -53.05 -20.29 55.40
CA ASN G 8 -52.82 -21.73 55.31
C ASN G 8 -52.14 -22.21 56.58
N LYS G 9 -51.60 -23.44 56.54
CA LYS G 9 -50.91 -23.98 57.71
C LYS G 9 -49.58 -23.28 57.94
N ALA G 10 -48.88 -22.91 56.86
CA ALA G 10 -47.60 -22.21 56.99
C ALA G 10 -47.77 -20.75 57.38
N TYR G 11 -48.99 -20.23 57.38
CA TYR G 11 -49.24 -18.89 57.91
C TYR G 11 -49.13 -18.88 59.43
N PHE G 12 -49.73 -19.86 60.09
CA PHE G 12 -49.74 -19.91 61.54
C PHE G 12 -48.43 -20.42 62.13
N LYS G 13 -47.66 -21.19 61.38
CA LYS G 13 -46.40 -21.73 61.88
C LYS G 13 -45.38 -20.64 62.15
N ARG G 14 -45.45 -19.53 61.41
CA ARG G 14 -44.55 -18.41 61.61
C ARG G 14 -45.31 -17.11 61.84
N TYR G 15 -46.52 -17.21 62.38
CA TYR G 15 -47.25 -16.04 62.83
C TYR G 15 -46.76 -15.69 64.23
N GLN G 16 -46.21 -14.50 64.38
CA GLN G 16 -45.80 -14.00 65.68
C GLN G 16 -46.91 -13.12 66.24
N VAL G 17 -47.43 -13.50 67.40
CA VAL G 17 -48.44 -12.67 68.05
C VAL G 17 -47.78 -11.44 68.65
N LYS G 18 -48.58 -10.42 68.87
CA LYS G 18 -48.11 -9.23 69.56
C LYS G 18 -48.17 -9.49 71.06
N PHE G 19 -47.84 -8.48 71.87
CA PHE G 19 -48.03 -8.61 73.31
C PHE G 19 -49.51 -8.68 73.62
N ARG G 20 -49.82 -9.23 74.81
CA ARG G 20 -51.20 -9.58 75.13
C ARG G 20 -52.09 -8.36 75.23
N ARG G 21 -51.63 -7.32 75.91
CA ARG G 21 -52.43 -6.11 76.05
C ARG G 21 -52.33 -5.18 74.85
N ARG G 22 -51.62 -5.62 73.82
CA ARG G 22 -51.56 -4.88 72.57
C ARG G 22 -52.64 -5.48 71.69
N ARG G 23 -52.70 -6.80 71.59
CA ARG G 23 -53.73 -7.46 70.79
C ARG G 23 -55.09 -7.48 71.47
N GLU G 24 -55.16 -7.10 72.75
CA GLU G 24 -56.42 -6.77 73.38
C GLU G 24 -56.82 -5.32 73.16
N GLY G 25 -55.94 -4.51 72.57
CA GLY G 25 -56.24 -3.14 72.26
C GLY G 25 -56.24 -2.19 73.43
N LYS G 26 -55.62 -2.58 74.54
CA LYS G 26 -55.62 -1.75 75.72
C LYS G 26 -54.43 -0.84 75.92
N THR G 27 -53.23 -1.35 75.73
CA THR G 27 -52.05 -0.52 75.94
C THR G 27 -51.29 -0.14 74.67
N ASP G 28 -50.38 0.81 74.85
CA ASP G 28 -49.53 1.33 73.79
C ASP G 28 -48.13 1.18 74.34
N TYR G 29 -47.38 0.21 73.83
CA TYR G 29 -46.05 -0.05 74.34
C TYR G 29 -44.99 0.88 73.77
N TYR G 30 -45.29 1.61 72.69
CA TYR G 30 -44.39 2.66 72.23
C TYR G 30 -44.30 3.78 73.25
N ALA G 31 -45.46 4.20 73.77
CA ALA G 31 -45.53 5.28 74.74
C ALA G 31 -45.34 4.81 76.16
N ARG G 32 -45.38 3.50 76.40
CA ARG G 32 -45.12 2.99 77.75
C ARG G 32 -43.63 2.84 78.00
N LYS G 33 -42.84 2.68 76.94
CA LYS G 33 -41.38 2.61 77.08
C LYS G 33 -40.81 3.97 77.50
N ARG G 34 -41.48 5.06 77.18
CA ARG G 34 -40.96 6.38 77.47
C ARG G 34 -41.56 7.01 78.72
N LEU G 35 -42.77 6.59 79.13
CA LEU G 35 -43.46 7.17 80.26
C LEU G 35 -43.16 6.48 81.58
N VAL G 36 -42.64 5.26 81.54
CA VAL G 36 -42.54 4.43 82.72
C VAL G 36 -41.09 4.20 83.16
N ILE G 37 -40.15 4.11 82.23
CA ILE G 37 -38.84 3.56 82.50
C ILE G 37 -37.96 4.60 83.17
N GLN G 38 -37.65 4.37 84.45
CA GLN G 38 -36.76 5.23 85.22
C GLN G 38 -35.34 5.20 84.62
N ASP G 39 -34.65 6.34 84.74
CA ASP G 39 -33.24 6.41 84.39
C ASP G 39 -32.43 5.51 85.32
N LYS G 40 -31.36 4.92 84.78
CA LYS G 40 -30.62 3.91 85.52
C LYS G 40 -29.71 4.48 86.61
N ASN G 41 -29.38 5.77 86.55
CA ASN G 41 -28.55 6.36 87.58
C ASN G 41 -29.37 6.95 88.74
N LYS G 42 -30.60 6.48 88.93
CA LYS G 42 -31.33 6.70 90.16
C LYS G 42 -31.58 5.40 90.92
N TYR G 43 -31.51 4.27 90.22
CA TYR G 43 -31.26 2.90 90.68
C TYR G 43 -32.40 2.22 91.45
N ASN G 44 -33.27 2.97 92.09
CA ASN G 44 -34.46 2.41 92.73
C ASN G 44 -35.63 3.38 92.79
N THR G 45 -35.52 4.57 92.23
CA THR G 45 -36.49 5.62 92.51
C THR G 45 -37.78 5.35 91.75
N PRO G 46 -38.93 5.28 92.43
CA PRO G 46 -40.18 5.02 91.73
C PRO G 46 -40.59 6.21 90.88
N LYS G 47 -40.94 5.93 89.63
CA LYS G 47 -41.34 6.95 88.67
C LYS G 47 -42.86 6.89 88.57
N TYR G 48 -43.53 7.69 89.39
CA TYR G 48 -44.97 7.62 89.50
C TYR G 48 -45.64 8.23 88.28
N ARG G 49 -46.74 7.62 87.85
CA ARG G 49 -47.49 8.12 86.71
C ARG G 49 -48.98 8.09 87.07
N MET G 50 -49.71 9.12 86.67
CA MET G 50 -51.13 9.26 86.96
C MET G 50 -51.90 8.65 85.79
N ILE G 51 -52.56 7.53 86.05
CA ILE G 51 -53.31 6.81 85.03
C ILE G 51 -54.76 7.24 85.13
N VAL G 52 -55.26 7.90 84.09
CA VAL G 52 -56.66 8.32 84.02
C VAL G 52 -57.33 7.63 82.84
N ARG G 53 -58.44 6.96 83.11
CA ARG G 53 -59.19 6.24 82.09
C ARG G 53 -60.65 6.62 82.18
N VAL G 54 -61.29 6.80 81.03
CA VAL G 54 -62.68 7.19 80.94
C VAL G 54 -63.43 6.03 80.30
N THR G 55 -64.29 5.37 81.08
CA THR G 55 -65.20 4.38 80.53
C THR G 55 -66.51 5.08 80.15
N ASN G 56 -67.55 4.32 79.85
CA ASN G 56 -68.81 4.94 79.46
C ASN G 56 -69.62 5.43 80.65
N ARG G 57 -69.44 4.83 81.82
CA ARG G 57 -70.20 5.22 83.00
C ARG G 57 -69.35 5.57 84.20
N ASP G 58 -68.02 5.60 84.07
CA ASP G 58 -67.18 5.79 85.25
C ASP G 58 -65.85 6.38 84.84
N ILE G 59 -65.27 7.18 85.74
CA ILE G 59 -63.93 7.72 85.61
C ILE G 59 -63.02 6.94 86.55
N ILE G 60 -61.88 6.49 86.03
CA ILE G 60 -60.90 5.75 86.81
C ILE G 60 -59.62 6.58 86.85
N CYS G 61 -59.16 6.89 88.05
CA CYS G 61 -57.94 7.66 88.25
C CYS G 61 -57.13 7.00 89.34
N GLN G 62 -55.82 6.82 89.09
CA GLN G 62 -54.96 6.08 90.00
C GLN G 62 -53.50 6.38 89.69
N ILE G 63 -52.65 6.27 90.70
CA ILE G 63 -51.21 6.46 90.56
C ILE G 63 -50.55 5.09 90.66
N ALA G 64 -49.68 4.78 89.69
CA ALA G 64 -48.96 3.53 89.70
C ALA G 64 -47.47 3.77 89.44
N TYR G 65 -46.64 2.89 89.99
CA TYR G 65 -45.25 2.79 89.63
C TYR G 65 -44.95 1.33 89.30
N ALA G 66 -43.96 1.11 88.45
CA ALA G 66 -43.74 -0.20 87.87
C ALA G 66 -42.59 -0.94 88.54
N ARG G 67 -42.73 -2.25 88.60
CA ARG G 67 -41.67 -3.19 88.93
C ARG G 67 -41.71 -4.32 87.90
N ILE G 68 -40.81 -5.29 88.04
CA ILE G 68 -40.70 -6.35 87.05
C ILE G 68 -41.84 -7.35 87.11
N GLU G 69 -42.65 -7.33 88.16
CA GLU G 69 -43.75 -8.27 88.33
C GLU G 69 -45.11 -7.62 88.10
N GLY G 70 -45.14 -6.39 87.60
CA GLY G 70 -46.38 -5.67 87.40
C GLY G 70 -46.36 -4.32 88.09
N ASP G 71 -47.34 -3.51 87.72
CA ASP G 71 -47.44 -2.16 88.26
C ASP G 71 -47.97 -2.18 89.68
N MET G 72 -47.41 -1.29 90.52
CA MET G 72 -47.81 -1.18 91.91
C MET G 72 -48.70 0.04 92.06
N ILE G 73 -49.99 -0.19 92.35
CA ILE G 73 -50.90 0.89 92.67
C ILE G 73 -50.58 1.41 94.06
N VAL G 74 -50.46 2.73 94.21
CA VAL G 74 -50.24 3.33 95.52
C VAL G 74 -51.55 3.91 96.03
N CYS G 75 -52.44 4.30 95.11
CA CYS G 75 -53.75 4.86 95.45
C CYS G 75 -54.61 4.82 94.19
N ALA G 76 -55.92 4.89 94.41
CA ALA G 76 -56.87 4.81 93.30
C ALA G 76 -58.16 5.52 93.67
N ALA G 77 -58.66 6.36 92.77
CA ALA G 77 -59.95 7.02 92.91
C ALA G 77 -60.88 6.53 91.81
N TYR G 78 -62.17 6.78 92.01
CA TYR G 78 -63.19 6.33 91.07
C TYR G 78 -64.30 7.37 91.02
N ALA G 79 -65.20 7.21 90.05
CA ALA G 79 -66.37 8.07 89.97
C ALA G 79 -67.61 7.47 90.62
N HIS G 80 -67.67 6.14 90.76
CA HIS G 80 -68.83 5.55 91.41
C HIS G 80 -68.77 5.68 92.94
N GLU G 81 -67.67 6.19 93.48
CA GLU G 81 -67.54 6.48 94.90
C GLU G 81 -67.84 7.93 95.22
N LEU G 82 -68.36 8.70 94.27
CA LEU G 82 -68.84 10.05 94.52
C LEU G 82 -70.18 10.18 95.27
N PRO G 83 -71.20 9.27 95.12
CA PRO G 83 -72.44 9.49 95.90
C PRO G 83 -72.38 9.23 97.41
N LYS G 84 -71.19 9.10 98.01
CA LYS G 84 -71.08 9.10 99.47
C LYS G 84 -71.00 10.52 100.05
N TYR G 85 -71.33 11.53 99.25
CA TYR G 85 -71.38 12.94 99.58
C TYR G 85 -71.99 13.66 98.39
N GLY G 86 -72.65 14.80 98.66
CA GLY G 86 -72.93 15.78 97.63
C GLY G 86 -73.72 15.37 96.41
N VAL G 87 -72.99 15.20 95.30
CA VAL G 87 -73.59 14.82 94.02
C VAL G 87 -74.19 13.41 94.09
N LYS G 88 -75.25 13.19 93.31
CA LYS G 88 -75.93 11.91 93.25
C LYS G 88 -75.88 11.27 91.87
N VAL G 89 -75.82 12.06 90.80
CA VAL G 89 -75.89 11.53 89.44
C VAL G 89 -75.28 12.60 88.53
N GLY G 90 -74.84 12.19 87.35
CA GLY G 90 -74.21 13.09 86.42
C GLY G 90 -72.71 12.86 86.34
N LEU G 91 -72.33 11.58 86.33
CA LEU G 91 -70.92 11.20 86.37
C LEU G 91 -70.35 11.26 84.95
N THR G 92 -69.11 10.75 84.81
CA THR G 92 -68.26 10.68 83.62
C THR G 92 -68.32 11.92 82.70
N ASN G 93 -68.36 13.09 83.31
CA ASN G 93 -68.29 14.34 82.56
C ASN G 93 -67.03 15.12 82.97
N TYR G 94 -66.93 16.37 82.55
CA TYR G 94 -65.74 17.14 82.89
C TYR G 94 -65.75 17.60 84.34
N ALA G 95 -66.93 17.70 84.93
CA ALA G 95 -67.01 18.11 86.32
C ALA G 95 -66.64 16.95 87.24
N ALA G 96 -67.22 15.79 87.02
CA ALA G 96 -66.91 14.64 87.86
C ALA G 96 -65.51 14.09 87.61
N ALA G 97 -64.90 14.44 86.48
CA ALA G 97 -63.49 14.15 86.29
C ALA G 97 -62.63 15.04 87.17
N TYR G 98 -63.09 16.27 87.44
CA TYR G 98 -62.35 17.18 88.29
C TYR G 98 -62.38 16.72 89.75
N CYS G 99 -63.56 16.33 90.24
CA CYS G 99 -63.69 15.89 91.62
C CYS G 99 -63.03 14.54 91.85
N THR G 100 -62.94 13.71 90.81
CA THR G 100 -62.20 12.46 90.94
C THR G 100 -60.71 12.72 91.07
N GLY G 101 -60.18 13.64 90.25
CA GLY G 101 -58.78 14.03 90.39
C GLY G 101 -58.50 14.83 91.65
N LEU G 102 -59.50 15.57 92.13
CA LEU G 102 -59.40 16.21 93.43
C LEU G 102 -59.35 15.17 94.54
N LEU G 103 -60.17 14.13 94.42
CA LEU G 103 -60.18 13.07 95.43
C LEU G 103 -58.92 12.22 95.34
N LEU G 104 -58.39 12.01 94.13
CA LEU G 104 -57.19 11.22 93.97
C LEU G 104 -55.96 11.92 94.57
N ALA G 105 -55.96 13.24 94.57
CA ALA G 105 -54.86 13.97 95.17
C ALA G 105 -54.88 13.88 96.69
N ARG G 106 -56.00 14.28 97.31
CA ARG G 106 -56.06 14.42 98.76
C ARG G 106 -56.04 13.08 99.48
N ARG G 107 -56.58 12.03 98.86
CA ARG G 107 -56.46 10.69 99.41
C ARG G 107 -55.02 10.19 99.38
N LEU G 108 -54.24 10.66 98.41
CA LEU G 108 -52.85 10.24 98.32
C LEU G 108 -51.98 10.90 99.39
N LEU G 109 -52.06 12.22 99.51
CA LEU G 109 -51.09 12.96 100.29
C LEU G 109 -51.28 12.84 101.80
N ASN G 110 -52.49 12.53 102.29
CA ASN G 110 -52.61 12.31 103.73
C ASN G 110 -52.12 10.93 104.14
N ARG G 111 -52.12 9.97 103.22
CA ARG G 111 -51.47 8.69 103.45
C ARG G 111 -49.98 8.87 103.71
N PHE G 112 -49.35 9.80 102.99
CA PHE G 112 -47.96 10.13 103.20
C PHE G 112 -47.75 11.02 104.41
N GLY G 113 -48.81 11.67 104.90
CA GLY G 113 -48.72 12.57 106.04
C GLY G 113 -48.81 14.03 105.68
N MET G 114 -49.02 14.37 104.41
CA MET G 114 -48.93 15.74 103.91
C MET G 114 -50.29 16.37 103.65
N ASP G 115 -51.27 16.17 104.53
CA ASP G 115 -52.55 16.85 104.33
C ASP G 115 -52.50 18.32 104.75
N LYS G 116 -51.76 18.63 105.81
CA LYS G 116 -51.74 19.97 106.38
C LYS G 116 -50.79 20.92 105.67
N ILE G 117 -50.05 20.44 104.68
CA ILE G 117 -49.29 21.29 103.76
C ILE G 117 -49.60 20.83 102.36
N TYR G 118 -49.33 21.72 101.39
CA TYR G 118 -49.67 21.54 99.97
C TYR G 118 -51.16 21.28 99.79
N GLU G 119 -51.97 22.27 100.15
CA GLU G 119 -53.41 22.16 99.94
C GLU G 119 -53.84 22.52 98.53
N GLY G 120 -52.90 22.69 97.60
CA GLY G 120 -53.22 23.12 96.26
C GLY G 120 -53.77 24.53 96.21
N GLN G 121 -55.07 24.64 95.93
CA GLN G 121 -55.72 25.94 95.83
C GLN G 121 -57.19 25.72 96.17
N VAL G 122 -57.57 26.11 97.38
CA VAL G 122 -58.91 25.80 97.90
C VAL G 122 -60.01 26.61 97.24
N GLU G 123 -59.67 27.70 96.55
CA GLU G 123 -60.63 28.44 95.75
C GLU G 123 -60.43 28.10 94.27
N VAL G 124 -61.54 27.95 93.56
CA VAL G 124 -61.50 27.52 92.16
C VAL G 124 -61.15 28.72 91.29
N THR G 125 -59.95 28.71 90.73
CA THR G 125 -59.50 29.74 89.79
C THR G 125 -58.83 29.02 88.64
N GLY G 126 -59.46 29.05 87.47
CA GLY G 126 -59.00 28.24 86.35
C GLY G 126 -57.82 28.78 85.58
N ASP G 127 -56.80 29.28 86.27
CA ASP G 127 -55.56 29.73 85.67
C ASP G 127 -54.51 28.67 85.98
N GLU G 128 -53.34 28.79 85.35
CA GLU G 128 -52.25 27.86 85.57
C GLU G 128 -51.72 27.99 87.00
N TYR G 129 -51.83 26.92 87.76
CA TYR G 129 -51.34 26.86 89.13
C TYR G 129 -50.47 25.62 89.27
N ASN G 130 -49.15 25.82 89.22
CA ASN G 130 -48.21 24.75 89.48
C ASN G 130 -47.78 24.78 90.94
N VAL G 131 -47.64 23.60 91.52
CA VAL G 131 -47.24 23.47 92.92
C VAL G 131 -45.73 23.62 93.02
N GLU G 132 -45.28 24.60 93.80
CA GLU G 132 -43.86 24.71 94.11
C GLU G 132 -43.56 24.01 95.42
N SER G 133 -42.28 23.76 95.64
CA SER G 133 -41.84 23.05 96.84
C SER G 133 -41.71 24.03 98.00
N ILE G 134 -42.40 23.73 99.10
CA ILE G 134 -42.25 24.52 100.32
C ILE G 134 -41.02 24.01 101.05
N ASP G 135 -39.97 24.84 101.09
CA ASP G 135 -38.70 24.41 101.66
C ASP G 135 -38.77 24.47 103.18
N GLY G 136 -38.02 23.56 103.82
CA GLY G 136 -38.19 23.31 105.23
C GLY G 136 -39.28 22.32 105.56
N GLN G 137 -39.87 21.71 104.54
CA GLN G 137 -40.98 20.77 104.60
C GLN G 137 -40.63 19.62 103.64
N PRO G 138 -41.30 18.46 103.71
CA PRO G 138 -41.06 17.44 102.68
C PRO G 138 -41.53 17.88 101.31
N GLY G 139 -40.95 17.26 100.28
CA GLY G 139 -41.17 17.69 98.92
C GLY G 139 -42.53 17.30 98.39
N ALA G 140 -42.88 17.90 97.26
CA ALA G 140 -44.17 17.69 96.63
C ALA G 140 -44.13 16.45 95.74
N PHE G 141 -45.27 15.77 95.67
CA PHE G 141 -45.39 14.51 94.94
C PHE G 141 -45.35 14.79 93.45
N THR G 142 -44.17 14.65 92.85
CA THR G 142 -44.02 14.81 91.42
C THR G 142 -44.60 13.60 90.71
N CYS G 143 -45.52 13.85 89.77
CA CYS G 143 -46.20 12.78 89.05
C CYS G 143 -46.36 13.20 87.59
N TYR G 144 -46.70 12.24 86.74
CA TYR G 144 -46.85 12.48 85.31
C TYR G 144 -48.15 11.84 84.85
N LEU G 145 -48.67 12.31 83.71
CA LEU G 145 -49.99 11.91 83.25
C LEU G 145 -49.88 10.77 82.26
N ASP G 146 -50.59 9.68 82.53
CA ASP G 146 -50.71 8.54 81.61
C ASP G 146 -52.08 8.66 80.94
N ALA G 147 -52.11 9.28 79.75
CA ALA G 147 -53.37 9.48 79.05
C ALA G 147 -53.87 8.20 78.40
N GLY G 148 -52.97 7.33 77.96
CA GLY G 148 -53.38 6.08 77.36
C GLY G 148 -53.60 6.18 75.87
N LEU G 149 -54.68 5.57 75.38
CA LEU G 149 -55.01 5.63 73.96
C LEU G 149 -55.99 6.74 73.61
N ALA G 150 -56.49 7.47 74.60
CA ALA G 150 -57.36 8.61 74.31
C ALA G 150 -56.55 9.73 73.66
N ARG G 151 -57.18 10.41 72.71
CA ARG G 151 -56.48 11.44 71.95
C ARG G 151 -56.44 12.73 72.75
N THR G 152 -55.25 13.28 72.90
CA THR G 152 -55.07 14.56 73.58
C THR G 152 -55.52 15.67 72.66
N THR G 153 -56.74 16.14 72.87
CA THR G 153 -57.26 17.30 72.16
C THR G 153 -57.78 18.27 73.20
N THR G 154 -57.86 19.55 72.83
CA THR G 154 -58.23 20.65 73.72
C THR G 154 -59.62 20.47 74.30
N GLY G 155 -59.69 20.20 75.60
CA GLY G 155 -60.94 19.98 76.27
C GLY G 155 -61.25 18.55 76.68
N ASN G 156 -60.25 17.67 76.70
CA ASN G 156 -60.47 16.27 77.00
C ASN G 156 -60.73 16.09 78.50
N LYS G 157 -61.52 15.05 78.84
CA LYS G 157 -61.83 14.77 80.23
C LYS G 157 -60.65 14.21 81.02
N VAL G 158 -59.55 13.85 80.36
CA VAL G 158 -58.37 13.42 81.11
C VAL G 158 -57.63 14.60 81.73
N PHE G 159 -57.91 15.81 81.27
CA PHE G 159 -57.31 17.01 81.84
C PHE G 159 -58.17 17.64 82.91
N GLY G 160 -59.44 17.23 83.03
CA GLY G 160 -60.19 17.56 84.23
C GLY G 160 -59.60 16.87 85.45
N ALA G 161 -59.15 15.63 85.29
CA ALA G 161 -58.46 14.93 86.36
C ALA G 161 -57.07 15.52 86.62
N LEU G 162 -56.40 15.99 85.56
CA LEU G 162 -55.10 16.62 85.76
C LEU G 162 -55.26 17.97 86.45
N LYS G 163 -56.30 18.71 86.12
CA LYS G 163 -56.53 19.99 86.79
C LYS G 163 -57.03 19.77 88.22
N GLY G 164 -57.78 18.69 88.45
CA GLY G 164 -58.20 18.37 89.79
C GLY G 164 -57.07 17.86 90.66
N ALA G 165 -56.10 17.18 90.06
CA ALA G 165 -54.94 16.71 90.83
C ALA G 165 -54.00 17.87 91.16
N VAL G 166 -53.74 18.75 90.20
CA VAL G 166 -52.80 19.84 90.41
C VAL G 166 -53.41 20.93 91.30
N ASP G 167 -54.73 21.03 91.37
CA ASP G 167 -55.38 21.91 92.33
C ASP G 167 -55.58 21.24 93.68
N GLY G 168 -55.41 19.92 93.74
CA GLY G 168 -55.47 19.19 94.99
C GLY G 168 -54.15 19.08 95.70
N GLY G 169 -53.08 19.62 95.14
CA GLY G 169 -51.79 19.67 95.80
C GLY G 169 -50.69 18.85 95.15
N LEU G 170 -50.92 18.20 94.01
CA LEU G 170 -49.90 17.39 93.38
C LEU G 170 -49.09 18.23 92.40
N SER G 171 -47.79 17.98 92.34
CA SER G 171 -46.90 18.66 91.42
C SER G 171 -46.86 17.90 90.11
N ILE G 172 -47.41 18.48 89.06
CA ILE G 172 -47.44 17.85 87.74
C ILE G 172 -46.98 18.85 86.70
N PRO G 173 -45.96 18.54 85.89
CA PRO G 173 -45.63 19.41 84.76
C PRO G 173 -46.72 19.33 83.69
N HIS G 174 -47.23 20.50 83.31
CA HIS G 174 -48.34 20.57 82.37
C HIS G 174 -48.28 21.90 81.63
N SER G 175 -49.33 22.18 80.85
CA SER G 175 -49.41 23.39 80.05
C SER G 175 -50.87 23.68 79.75
N THR G 176 -51.18 24.96 79.56
CA THR G 176 -52.55 25.43 79.36
C THR G 176 -53.06 25.21 77.94
N LYS G 177 -52.25 24.63 77.05
CA LYS G 177 -52.67 24.50 75.66
C LYS G 177 -53.78 23.48 75.48
N ARG G 178 -53.79 22.43 76.31
CA ARG G 178 -54.88 21.46 76.29
C ARG G 178 -55.66 21.62 77.60
N PHE G 179 -56.58 22.59 77.58
CA PHE G 179 -57.54 22.92 78.61
C PHE G 179 -58.76 23.50 77.91
N PRO G 180 -59.97 23.28 78.44
CA PRO G 180 -61.17 23.85 77.80
C PRO G 180 -61.20 25.37 77.70
N GLY G 181 -60.45 26.10 78.52
CA GLY G 181 -60.38 27.54 78.39
C GLY G 181 -59.50 28.04 77.25
N TYR G 182 -58.71 27.16 76.63
CA TYR G 182 -57.74 27.59 75.64
C TYR G 182 -58.40 27.93 74.31
N ASP G 183 -57.96 29.02 73.70
CA ASP G 183 -58.39 29.43 72.37
C ASP G 183 -57.29 29.10 71.37
N SER G 184 -57.67 28.40 70.30
CA SER G 184 -56.68 27.83 69.40
C SER G 184 -56.06 28.88 68.48
N GLU G 185 -56.89 29.70 67.84
CA GLU G 185 -56.41 30.55 66.75
C GLU G 185 -55.64 31.77 67.24
N SER G 186 -55.96 32.30 68.42
CA SER G 186 -55.34 33.51 68.92
C SER G 186 -54.20 33.25 69.90
N LYS G 187 -53.92 31.97 70.20
CA LYS G 187 -53.01 31.55 71.27
C LYS G 187 -53.36 32.22 72.59
N GLU G 188 -54.59 31.98 73.02
CA GLU G 188 -55.20 32.68 74.15
C GLU G 188 -55.78 31.67 75.12
N PHE G 189 -55.59 31.92 76.42
CA PHE G 189 -56.17 31.10 77.47
C PHE G 189 -57.12 31.97 78.27
N ASN G 190 -58.42 31.68 78.16
CA ASN G 190 -59.44 32.57 78.71
C ASN G 190 -59.47 32.52 80.23
N ALA G 191 -59.33 31.33 80.81
CA ALA G 191 -59.25 31.00 82.24
C ALA G 191 -60.55 31.23 83.00
N GLU G 192 -61.59 31.74 82.36
CA GLU G 192 -62.88 31.93 82.99
C GLU G 192 -63.95 31.00 82.45
N VAL G 193 -63.96 30.76 81.13
CA VAL G 193 -64.83 29.75 80.54
C VAL G 193 -64.40 28.35 80.97
N HIS G 194 -63.13 28.19 81.35
CA HIS G 194 -62.68 26.96 81.96
C HIS G 194 -63.35 26.73 83.31
N ARG G 195 -63.56 27.82 84.07
CA ARG G 195 -64.23 27.72 85.37
C ARG G 195 -65.71 27.36 85.22
N LYS G 196 -66.31 27.69 84.07
CA LYS G 196 -67.65 27.22 83.78
C LYS G 196 -67.74 25.70 83.58
N HIS G 197 -66.61 25.01 83.42
CA HIS G 197 -66.62 23.57 83.17
C HIS G 197 -66.21 22.72 84.36
N ILE G 198 -65.47 23.31 85.28
CA ILE G 198 -65.08 22.62 86.50
C ILE G 198 -66.30 22.54 87.43
N MET G 199 -67.25 23.47 87.27
CA MET G 199 -68.45 23.54 88.08
C MET G 199 -69.64 22.90 87.37
N GLY G 200 -69.55 22.75 86.05
CA GLY G 200 -70.61 22.13 85.29
C GLY G 200 -71.68 23.08 84.78
N GLN G 201 -71.26 24.28 84.39
CA GLN G 201 -72.17 25.28 83.88
C GLN G 201 -72.36 25.19 82.37
N ASN G 202 -71.58 24.38 81.67
CA ASN G 202 -71.92 24.08 80.28
C ASN G 202 -73.09 23.12 80.21
N VAL G 203 -73.17 22.19 81.15
CA VAL G 203 -74.31 21.29 81.23
C VAL G 203 -75.55 22.04 81.71
N ALA G 204 -75.38 22.95 82.67
CA ALA G 204 -76.52 23.65 83.26
C ALA G 204 -77.10 24.68 82.30
N ASP G 205 -76.27 25.31 81.47
CA ASP G 205 -76.80 26.17 80.42
C ASP G 205 -77.48 25.36 79.33
N TYR G 206 -76.98 24.13 79.09
CA TYR G 206 -77.64 23.24 78.15
C TYR G 206 -78.96 22.72 78.69
N MET G 207 -79.07 22.57 80.01
CA MET G 207 -80.35 22.22 80.62
C MET G 207 -81.36 23.36 80.52
N ARG G 208 -80.89 24.60 80.39
CA ARG G 208 -81.75 25.73 80.11
C ARG G 208 -81.85 26.05 78.61
N TYR G 209 -81.06 25.36 77.77
CA TYR G 209 -81.17 25.60 76.33
C TYR G 209 -82.18 24.65 75.69
N LEU G 210 -82.42 23.51 76.31
CA LEU G 210 -83.42 22.57 75.82
C LEU G 210 -84.71 22.59 76.63
N MET G 211 -84.93 23.62 77.44
CA MET G 211 -86.27 23.85 77.97
C MET G 211 -87.13 24.62 76.98
N GLU G 212 -86.51 25.43 76.11
CA GLU G 212 -87.27 26.15 75.09
C GLU G 212 -87.44 25.35 73.81
N GLU G 213 -86.56 24.39 73.54
CA GLU G 213 -86.66 23.61 72.31
C GLU G 213 -87.78 22.58 72.40
N ASP G 214 -87.65 21.64 73.33
CA ASP G 214 -88.63 20.59 73.53
C ASP G 214 -88.95 20.47 75.01
N GLU G 215 -89.93 19.64 75.32
CA GLU G 215 -90.32 19.32 76.69
C GLU G 215 -90.20 17.85 77.02
N ASP G 216 -90.60 16.97 76.11
CA ASP G 216 -90.47 15.54 76.33
C ASP G 216 -89.11 15.01 75.94
N ALA G 217 -88.40 15.70 75.04
CA ALA G 217 -87.04 15.29 74.70
C ALA G 217 -86.03 15.71 75.77
N TYR G 218 -86.30 16.83 76.46
CA TYR G 218 -85.44 17.26 77.55
C TYR G 218 -85.51 16.29 78.73
N LYS G 219 -86.69 15.78 79.04
CA LYS G 219 -86.84 14.84 80.13
C LYS G 219 -86.45 13.41 79.74
N LYS G 220 -86.18 13.17 78.46
CA LYS G 220 -85.63 11.89 78.02
C LYS G 220 -84.11 11.95 78.03
N GLN G 221 -83.54 13.11 77.70
CA GLN G 221 -82.10 13.32 77.78
C GLN G 221 -81.61 13.21 79.21
N PHE G 222 -82.06 14.12 80.07
CA PHE G 222 -81.68 14.09 81.48
C PHE G 222 -82.79 13.46 82.31
N SER G 223 -83.00 12.16 82.07
CA SER G 223 -84.05 11.46 82.80
C SER G 223 -83.64 11.08 84.21
N GLN G 224 -82.35 11.14 84.53
CA GLN G 224 -81.89 10.95 85.90
C GLN G 224 -81.61 12.26 86.61
N TYR G 225 -81.60 13.38 85.90
CA TYR G 225 -81.56 14.68 86.58
C TYR G 225 -82.94 15.09 87.08
N ILE G 226 -84.01 14.60 86.46
CA ILE G 226 -85.34 14.83 86.99
C ILE G 226 -85.52 14.04 88.29
N LYS G 227 -84.92 12.86 88.37
CA LYS G 227 -84.72 12.20 89.64
C LYS G 227 -83.73 13.01 90.47
N ASN G 228 -83.95 13.02 91.79
CA ASN G 228 -83.35 13.85 92.85
C ASN G 228 -83.77 15.32 92.76
N SER G 229 -84.67 15.67 91.82
CA SER G 229 -85.18 17.03 91.61
C SER G 229 -84.05 18.03 91.37
N VAL G 230 -83.11 17.65 90.51
CA VAL G 230 -81.96 18.50 90.21
C VAL G 230 -82.39 19.50 89.15
N THR G 231 -82.67 20.73 89.57
CA THR G 231 -83.04 21.81 88.66
C THR G 231 -81.82 22.23 87.85
N PRO G 232 -82.02 22.89 86.71
CA PRO G 232 -80.87 23.46 85.97
C PRO G 232 -80.10 24.55 86.74
N ASP G 233 -80.67 25.11 87.80
CA ASP G 233 -79.93 25.99 88.69
C ASP G 233 -79.21 25.14 89.74
N MET G 234 -78.68 25.81 90.78
CA MET G 234 -78.07 25.26 92.01
C MET G 234 -76.93 24.26 91.76
N MET G 235 -76.49 24.18 90.51
CA MET G 235 -75.44 23.23 90.13
C MET G 235 -74.03 23.74 90.40
N GLU G 236 -73.84 25.05 90.42
CA GLU G 236 -72.52 25.60 90.70
C GLU G 236 -72.19 25.29 92.15
N GLU G 237 -73.20 25.45 93.01
CA GLU G 237 -73.09 25.16 94.44
C GLU G 237 -73.26 23.67 94.72
N MET G 238 -73.74 22.91 93.73
CA MET G 238 -73.90 21.47 93.85
C MET G 238 -72.54 20.80 93.86
N TYR G 239 -71.61 21.38 93.11
CA TYR G 239 -70.26 20.85 93.02
C TYR G 239 -69.32 21.51 94.01
N LYS G 240 -69.73 22.66 94.54
CA LYS G 240 -68.93 23.38 95.54
C LYS G 240 -69.03 22.66 96.88
N LYS G 241 -70.16 22.01 97.12
CA LYS G 241 -70.36 21.25 98.34
C LYS G 241 -69.54 19.97 98.30
N ALA G 242 -69.33 19.45 97.10
CA ALA G 242 -68.57 18.23 96.89
C ALA G 242 -67.10 18.45 97.16
N HIS G 243 -66.61 19.64 96.86
CA HIS G 243 -65.21 19.97 97.08
C HIS G 243 -64.91 20.10 98.56
N ALA G 244 -65.92 20.41 99.37
CA ALA G 244 -65.66 20.54 100.80
C ALA G 244 -65.60 19.18 101.47
N ALA G 245 -66.43 18.23 101.04
CA ALA G 245 -66.39 16.88 101.61
C ALA G 245 -65.19 16.07 101.16
N ILE G 246 -64.53 16.49 100.08
CA ILE G 246 -63.28 15.85 99.67
C ILE G 246 -62.17 16.18 100.67
N ARG G 247 -61.92 17.47 100.89
CA ARG G 247 -60.84 17.89 101.77
C ARG G 247 -61.14 17.60 103.24
N GLU G 248 -62.40 17.38 103.59
CA GLU G 248 -62.72 17.01 104.97
C GLU G 248 -62.32 15.56 105.25
N ASN G 249 -62.90 14.62 104.51
CA ASN G 249 -62.64 13.19 104.72
C ASN G 249 -62.38 12.56 103.35
N PRO G 250 -61.11 12.50 102.93
CA PRO G 250 -60.77 11.78 101.70
C PRO G 250 -60.32 10.34 101.93
N VAL G 251 -60.28 9.89 103.19
CA VAL G 251 -59.81 8.55 103.50
C VAL G 251 -60.84 7.52 103.04
N TYR G 252 -60.39 6.54 102.27
CA TYR G 252 -61.28 5.55 101.68
C TYR G 252 -61.49 4.39 102.66
N GLU G 253 -62.75 4.12 102.97
CA GLU G 253 -63.15 2.91 103.68
C GLU G 253 -64.00 2.05 102.77
N LYS G 254 -63.85 0.74 102.90
CA LYS G 254 -64.58 -0.21 102.06
C LYS G 254 -65.42 -1.13 102.93
N LYS G 255 -66.43 -1.73 102.31
CA LYS G 255 -67.32 -2.63 103.01
C LYS G 255 -66.86 -4.06 102.79
N PRO G 256 -66.56 -4.82 103.83
CA PRO G 256 -66.11 -6.21 103.65
C PRO G 256 -67.28 -7.14 103.36
N LYS G 257 -66.93 -8.35 102.90
CA LYS G 257 -67.93 -9.33 102.51
C LYS G 257 -67.30 -10.71 102.53
N LYS G 258 -67.84 -11.61 103.36
CA LYS G 258 -67.38 -13.00 103.38
C LYS G 258 -68.52 -14.00 103.46
N GLU G 259 -69.78 -13.58 103.48
CA GLU G 259 -70.91 -14.48 103.57
C GLU G 259 -71.44 -14.86 102.18
N VAL G 260 -70.52 -15.27 101.31
CA VAL G 260 -70.84 -15.56 99.92
C VAL G 260 -70.65 -17.05 99.66
N LYS G 261 -71.24 -17.50 98.54
CA LYS G 261 -71.10 -18.87 98.09
C LYS G 261 -69.84 -19.01 97.23
N LYS G 262 -69.57 -20.23 96.78
CA LYS G 262 -68.48 -20.52 95.87
C LYS G 262 -69.03 -21.15 94.60
N LYS G 263 -70.21 -20.68 94.19
CA LYS G 263 -71.00 -21.33 93.17
C LYS G 263 -70.43 -21.09 91.79
N ARG G 264 -70.35 -22.15 90.98
CA ARG G 264 -69.81 -22.06 89.64
C ARG G 264 -70.81 -21.33 88.73
N TRP G 265 -70.35 -20.26 88.10
CA TRP G 265 -71.12 -19.58 87.06
C TRP G 265 -70.50 -19.81 85.68
N ASN G 266 -69.85 -20.95 85.52
CA ASN G 266 -69.18 -21.33 84.29
C ASN G 266 -69.45 -22.81 84.05
N ARG G 267 -68.59 -23.41 83.24
CA ARG G 267 -68.62 -24.83 82.96
C ARG G 267 -67.18 -25.29 83.14
N PRO G 268 -66.92 -26.30 83.96
CA PRO G 268 -65.54 -26.75 84.15
C PRO G 268 -64.99 -27.38 82.89
N LYS G 269 -63.67 -27.30 82.74
CA LYS G 269 -62.99 -27.84 81.58
C LYS G 269 -63.27 -29.33 81.47
N MET G 270 -63.54 -29.78 80.25
CA MET G 270 -63.88 -31.18 80.01
C MET G 270 -62.60 -32.01 80.00
N SER G 271 -62.60 -33.08 80.80
CA SER G 271 -61.39 -33.85 81.05
C SER G 271 -61.07 -34.77 79.88
N LEU G 272 -59.98 -35.53 80.03
CA LEU G 272 -59.50 -36.37 78.94
C LEU G 272 -60.40 -37.58 78.73
N ALA G 273 -60.89 -38.17 79.83
CA ALA G 273 -61.75 -39.34 79.72
C ALA G 273 -63.11 -39.00 79.12
N GLN G 274 -63.62 -37.80 79.37
CA GLN G 274 -64.88 -37.39 78.76
C GLN G 274 -64.70 -37.08 77.27
N LYS G 275 -63.56 -36.50 76.90
CA LYS G 275 -63.33 -36.13 75.51
C LYS G 275 -63.10 -37.34 74.62
N LYS G 276 -62.69 -38.48 75.16
CA LYS G 276 -62.31 -39.62 74.34
C LYS G 276 -63.45 -40.60 74.11
N ASP G 277 -64.34 -40.78 75.09
CA ASP G 277 -65.51 -41.61 74.81
C ASP G 277 -66.62 -40.83 74.13
N ARG G 278 -66.53 -39.49 74.10
CA ARG G 278 -67.50 -38.71 73.35
C ARG G 278 -67.39 -39.00 71.87
N VAL G 279 -66.17 -38.96 71.34
CA VAL G 279 -65.95 -39.30 69.93
C VAL G 279 -66.06 -40.79 69.67
N ALA G 280 -66.14 -41.61 70.71
CA ALA G 280 -66.39 -43.03 70.52
C ALA G 280 -67.87 -43.29 70.27
N GLN G 281 -68.76 -42.61 70.99
CA GLN G 281 -70.19 -42.74 70.78
C GLN G 281 -70.73 -41.75 69.76
N LYS G 282 -69.91 -40.79 69.31
CA LYS G 282 -70.20 -40.13 68.05
C LYS G 282 -70.08 -41.11 66.89
N LYS G 283 -69.10 -42.01 66.97
CA LYS G 283 -68.94 -43.05 65.96
C LYS G 283 -69.86 -44.24 66.20
N ALA G 284 -70.32 -44.40 67.43
CA ALA G 284 -71.23 -45.47 67.78
C ALA G 284 -72.65 -45.15 67.30
N SER G 285 -72.95 -43.86 67.19
CA SER G 285 -74.26 -43.43 66.73
C SER G 285 -74.16 -42.95 65.29
N PHE G 286 -73.26 -43.56 64.54
CA PHE G 286 -73.07 -43.23 63.13
C PHE G 286 -73.01 -44.53 62.37
N LEU G 287 -72.24 -45.47 62.91
CA LEU G 287 -72.11 -46.78 62.31
C LEU G 287 -73.45 -47.49 62.48
N ARG G 288 -74.04 -47.33 63.66
CA ARG G 288 -75.34 -47.90 63.94
C ARG G 288 -76.47 -47.01 63.43
N ALA G 289 -76.15 -45.78 63.06
CA ALA G 289 -77.13 -44.85 62.53
C ALA G 289 -77.53 -45.21 61.12
N GLN G 290 -76.54 -45.31 60.24
CA GLN G 290 -76.79 -45.62 58.83
C GLN G 290 -76.91 -47.09 58.46
N GLU G 291 -77.15 -47.96 59.44
CA GLU G 291 -77.30 -49.38 59.18
C GLU G 291 -78.78 -49.78 59.03
N ARG G 292 -79.65 -48.79 58.87
CA ARG G 292 -81.08 -49.02 58.75
C ARG G 292 -81.54 -49.22 57.31
N ALA G 293 -81.27 -48.22 56.48
CA ALA G 293 -81.64 -48.25 55.05
C ALA G 293 -83.10 -48.62 54.79
N PRO H 1 28.95 -68.12 131.61
CA PRO H 1 27.99 -67.68 130.59
C PRO H 1 27.02 -68.80 130.22
N HIS H 2 26.41 -68.70 129.04
CA HIS H 2 25.43 -69.67 128.58
C HIS H 2 25.35 -69.56 127.07
N CYS H 3 24.56 -70.45 126.45
CA CYS H 3 24.32 -70.41 125.01
C CYS H 3 23.27 -69.34 124.70
N SER H 4 22.79 -69.32 123.45
CA SER H 4 22.04 -68.17 122.97
C SER H 4 20.62 -68.10 123.54
N ARG H 5 20.00 -69.25 123.81
CA ARG H 5 18.61 -69.39 124.26
C ARG H 5 17.66 -68.72 123.26
N ASN H 6 17.99 -68.81 121.97
CA ASN H 6 17.21 -68.24 120.89
C ASN H 6 17.63 -68.94 119.61
N PRO H 7 17.01 -70.07 119.27
CA PRO H 7 17.41 -70.78 118.04
C PRO H 7 16.99 -70.01 116.80
N VAL H 8 17.91 -69.87 115.87
CA VAL H 8 17.59 -69.20 114.61
C VAL H 8 16.80 -70.14 113.72
N LEU H 9 15.80 -69.57 113.04
CA LEU H 9 15.10 -70.25 111.97
C LEU H 9 15.51 -69.76 110.59
N VAL H 10 15.83 -68.48 110.52
CA VAL H 10 16.28 -67.82 109.31
C VAL H 10 17.39 -66.84 109.73
N ARG H 11 18.43 -66.72 108.93
CA ARG H 11 19.54 -65.83 109.26
C ARG H 11 19.09 -64.41 109.59
N GLY H 12 19.33 -63.98 110.82
CA GLY H 12 18.97 -62.63 111.22
C GLY H 12 17.69 -62.50 112.02
N ILE H 13 17.02 -63.60 112.28
CA ILE H 13 15.77 -63.60 113.04
C ILE H 13 15.72 -64.85 113.91
N GLY H 14 15.61 -64.66 115.22
CA GLY H 14 15.44 -65.77 116.14
C GLY H 14 14.01 -66.27 116.17
N ARG H 15 13.82 -67.45 116.75
CA ARG H 15 12.50 -68.09 116.71
C ARG H 15 11.54 -67.45 117.70
N TYR H 16 12.02 -67.01 118.86
CA TYR H 16 11.15 -66.49 119.89
C TYR H 16 11.09 -64.97 119.84
N SER H 17 9.98 -64.41 120.31
CA SER H 17 9.69 -63.00 120.15
C SER H 17 10.42 -62.20 121.23
N ARG H 18 10.06 -60.91 121.35
CA ARG H 18 10.72 -60.01 122.28
C ARG H 18 10.14 -60.08 123.68
N SER H 19 8.89 -60.51 123.83
CA SER H 19 8.33 -60.77 125.14
C SER H 19 8.40 -62.23 125.54
N ALA H 20 8.47 -63.15 124.57
CA ALA H 20 8.75 -64.54 124.88
C ALA H 20 10.20 -64.77 125.29
N MET H 21 11.08 -63.80 125.03
CA MET H 21 12.46 -63.90 125.47
C MET H 21 12.68 -63.24 126.82
N TYR H 22 11.83 -62.27 127.18
CA TYR H 22 11.88 -61.64 128.48
C TYR H 22 11.56 -62.64 129.59
N SER H 23 10.82 -63.68 129.26
CA SER H 23 10.46 -64.70 130.23
C SER H 23 11.49 -65.83 130.24
N ARG H 24 11.96 -66.23 129.06
CA ARG H 24 12.95 -67.29 129.00
C ARG H 24 14.25 -66.88 129.68
N LYS H 25 14.64 -65.61 129.52
CA LYS H 25 15.79 -65.07 130.24
C LYS H 25 15.48 -64.78 131.70
N ALA H 26 14.19 -64.74 132.07
CA ALA H 26 13.70 -64.30 133.37
C ALA H 26 14.26 -62.93 133.76
N MET H 27 14.04 -61.97 132.88
CA MET H 27 14.44 -60.59 133.16
C MET H 27 13.43 -59.86 134.03
N TYR H 28 12.37 -60.54 134.44
CA TYR H 28 11.35 -59.92 135.30
C TYR H 28 11.91 -59.77 136.71
N LYS H 29 12.83 -60.66 137.07
CA LYS H 29 13.50 -60.58 138.36
C LYS H 29 14.99 -60.28 138.27
N ARG H 30 15.59 -60.42 137.09
CA ARG H 30 17.02 -60.19 136.92
C ARG H 30 17.28 -58.78 136.40
N LYS H 31 16.83 -57.80 137.19
CA LYS H 31 17.03 -56.39 136.88
C LYS H 31 17.91 -55.75 137.95
N TYR H 32 18.66 -54.73 137.55
CA TYR H 32 19.72 -54.16 138.38
C TYR H 32 19.65 -52.65 138.34
N SER H 33 19.23 -52.05 139.46
CA SER H 33 18.77 -50.67 139.49
C SER H 33 19.91 -49.65 139.46
N ALA H 34 20.76 -49.66 140.49
CA ALA H 34 21.75 -48.62 140.67
C ALA H 34 23.16 -49.23 140.61
N ALA H 35 24.16 -48.39 140.86
CA ALA H 35 25.55 -48.82 140.85
C ALA H 35 25.92 -49.47 142.17
N VAL H 36 49.44 -48.01 129.79
CA VAL H 36 49.16 -47.97 131.22
C VAL H 36 50.12 -48.91 131.97
N LEU H 37 50.81 -48.41 133.01
CA LEU H 37 50.84 -47.02 133.43
C LEU H 37 51.81 -46.22 132.55
N ALA H 38 51.66 -44.89 132.53
CA ALA H 38 52.37 -44.05 131.57
C ALA H 38 53.87 -44.05 131.82
N THR H 39 54.28 -43.58 133.00
CA THR H 39 55.68 -43.60 133.39
C THR H 39 55.90 -44.65 134.46
N VAL H 40 57.08 -45.25 134.44
CA VAL H 40 57.51 -46.19 135.47
C VAL H 40 58.67 -45.56 136.23
N THR H 41 58.57 -45.57 137.57
CA THR H 41 59.63 -45.02 138.40
C THR H 41 60.86 -45.92 138.35
N LYS H 42 61.99 -45.34 137.97
CA LYS H 42 63.21 -46.10 137.75
C LYS H 42 64.35 -45.48 138.55
N PRO H 43 65.25 -46.31 139.10
CA PRO H 43 66.21 -45.82 140.11
C PRO H 43 67.25 -44.87 139.54
N VAL H 44 68.01 -44.28 140.45
CA VAL H 44 69.03 -43.29 140.12
C VAL H 44 70.35 -43.83 139.54
N GLY H 45 71.37 -42.99 139.63
CA GLY H 45 72.70 -43.29 139.15
C GLY H 45 73.61 -42.21 139.72
N GLY H 46 73.64 -42.13 141.05
CA GLY H 46 74.45 -41.15 141.75
C GLY H 46 75.92 -41.47 141.87
N ASP H 47 76.63 -40.68 142.67
CA ASP H 47 76.02 -39.67 143.54
C ASP H 47 75.92 -38.31 142.86
N LYS H 48 75.30 -37.36 143.58
CA LYS H 48 75.04 -35.98 143.13
C LYS H 48 74.12 -35.88 141.91
N ASN H 49 73.23 -36.86 141.80
CA ASN H 49 72.25 -36.99 140.72
C ASN H 49 70.87 -37.36 141.28
N GLY H 50 70.68 -37.19 142.58
CA GLY H 50 69.46 -37.54 143.28
C GLY H 50 68.10 -37.36 142.62
N GLY H 51 67.26 -38.38 142.78
CA GLY H 51 65.92 -38.35 142.22
C GLY H 51 65.64 -39.46 141.22
N THR H 52 64.75 -40.38 141.59
CA THR H 52 64.41 -41.46 140.67
C THR H 52 63.69 -40.89 139.46
N ARG H 53 64.24 -41.14 138.28
CA ARG H 53 63.69 -40.60 137.05
C ARG H 53 62.32 -41.10 136.66
N VAL H 54 61.37 -40.18 136.54
CA VAL H 54 60.01 -40.54 136.13
C VAL H 54 60.04 -40.62 134.60
N VAL H 55 60.51 -41.76 134.12
CA VAL H 55 60.82 -41.95 132.70
C VAL H 55 59.68 -42.73 132.06
N LYS H 56 59.38 -42.39 130.81
CA LYS H 56 58.27 -42.96 130.08
C LYS H 56 58.77 -43.86 128.95
N LEU H 57 57.91 -44.79 128.56
CA LEU H 57 57.92 -45.34 127.22
C LEU H 57 56.92 -44.53 126.40
N ARG H 58 56.84 -44.82 125.10
CA ARG H 58 55.87 -44.23 124.17
C ARG H 58 56.06 -42.71 124.09
N LYS H 59 57.24 -42.34 123.61
CA LYS H 59 57.70 -40.95 123.64
C LYS H 59 57.23 -40.21 122.39
N MET H 60 57.74 -39.00 122.21
CA MET H 60 57.40 -38.16 121.07
C MET H 60 58.23 -38.57 119.85
N PRO H 61 57.70 -38.36 118.65
CA PRO H 61 58.48 -38.66 117.44
C PRO H 61 59.59 -37.65 117.23
N ARG H 62 60.72 -38.15 116.72
CA ARG H 62 61.85 -37.30 116.39
C ARG H 62 61.69 -36.56 115.07
N TYR H 63 60.72 -36.96 114.25
CA TYR H 63 60.57 -36.44 112.89
C TYR H 63 59.12 -36.62 112.47
N TYR H 64 58.59 -35.63 111.76
CA TYR H 64 57.27 -35.73 111.15
C TYR H 64 57.38 -35.72 109.62
N PRO H 65 56.47 -36.40 108.93
CA PRO H 65 56.41 -36.24 107.47
C PRO H 65 55.89 -34.86 107.09
N THR H 66 56.15 -34.45 105.86
CA THR H 66 55.77 -33.12 105.41
C THR H 66 54.26 -32.91 105.29
N GLU H 67 53.54 -34.00 105.13
CA GLU H 67 52.08 -33.96 105.05
C GLU H 67 51.60 -35.36 105.33
N ASP H 68 50.47 -35.45 106.02
CA ASP H 68 49.95 -36.75 106.42
C ASP H 68 48.56 -36.93 105.84
N VAL H 69 48.21 -38.20 105.58
CA VAL H 69 46.91 -38.55 105.03
C VAL H 69 45.84 -38.36 106.10
N PRO H 70 44.59 -38.23 105.66
CA PRO H 70 43.47 -38.17 106.61
C PRO H 70 43.03 -39.61 106.87
N ARG H 71 42.58 -39.93 108.08
CA ARG H 71 42.16 -41.30 108.38
C ARG H 71 40.86 -41.66 107.70
N LYS H 72 40.61 -42.95 107.51
CA LYS H 72 39.42 -43.42 106.81
C LYS H 72 38.22 -43.45 107.75
N LEU H 73 37.07 -43.54 107.12
CA LEU H 73 35.80 -43.71 107.79
C LEU H 73 35.64 -45.20 108.15
N LEU H 74 34.61 -45.51 108.90
CA LEU H 74 34.45 -46.86 109.41
C LEU H 74 33.53 -47.68 108.52
N SER H 75 33.86 -48.95 108.39
CA SER H 75 33.18 -49.83 107.44
C SER H 75 32.03 -50.73 107.85
N HIS H 76 32.11 -51.38 109.00
CA HIS H 76 31.09 -52.32 109.50
C HIS H 76 30.97 -53.56 108.59
N GLY H 77 31.84 -54.50 108.86
CA GLY H 77 31.96 -55.73 108.11
C GLY H 77 33.44 -55.79 107.74
N LYS H 78 33.72 -56.10 106.49
CA LYS H 78 35.08 -56.15 105.98
C LYS H 78 36.05 -56.92 106.87
N LYS H 79 35.64 -58.13 107.25
CA LYS H 79 36.47 -58.97 108.10
C LYS H 79 37.67 -59.49 107.34
N PRO H 80 38.76 -59.76 108.04
CA PRO H 80 39.94 -60.28 107.36
C PRO H 80 39.72 -61.69 106.84
N PHE H 81 40.65 -62.15 106.04
CA PHE H 81 40.55 -63.47 105.44
C PHE H 81 40.51 -64.59 106.45
N SER H 82 41.22 -64.43 107.56
CA SER H 82 41.24 -65.46 108.58
C SER H 82 39.95 -65.54 109.39
N GLN H 83 38.97 -64.69 109.09
CA GLN H 83 37.71 -64.65 109.82
C GLN H 83 36.51 -64.80 108.89
N HIS H 84 36.73 -65.10 107.61
CA HIS H 84 35.63 -65.29 106.67
C HIS H 84 34.93 -66.61 106.92
N VAL H 85 33.76 -66.76 106.32
CA VAL H 85 33.00 -68.00 106.38
C VAL H 85 33.45 -68.88 105.23
N ARG H 86 33.85 -70.10 105.56
CA ARG H 86 34.29 -71.07 104.58
C ARG H 86 33.14 -71.93 104.10
N LYS H 87 32.95 -71.98 102.80
CA LYS H 87 31.90 -72.81 102.22
C LYS H 87 32.52 -73.98 101.46
N LEU H 88 31.74 -75.03 101.30
CA LEU H 88 32.17 -76.22 100.59
C LEU H 88 31.06 -76.64 99.64
N ARG H 89 31.41 -76.88 98.38
CA ARG H 89 30.42 -77.26 97.38
C ARG H 89 29.86 -78.64 97.69
N ALA H 90 28.53 -78.77 97.51
CA ALA H 90 27.79 -79.93 98.00
C ALA H 90 28.19 -81.24 97.33
N SER H 91 28.73 -81.17 96.11
CA SER H 91 29.27 -82.39 95.50
C SER H 91 30.58 -82.80 96.14
N ILE H 92 31.32 -81.85 96.70
CA ILE H 92 32.60 -82.14 97.34
C ILE H 92 32.32 -82.61 98.77
N THR H 93 32.50 -83.89 99.02
CA THR H 93 32.32 -84.53 100.31
C THR H 93 33.55 -85.38 100.54
N PRO H 94 33.94 -85.63 101.82
CA PRO H 94 35.18 -86.39 102.06
C PRO H 94 35.15 -87.81 101.54
N GLY H 95 35.92 -88.03 100.47
CA GLY H 95 35.95 -89.31 99.79
C GLY H 95 35.82 -89.25 98.30
N THR H 96 35.35 -88.13 97.76
CA THR H 96 35.09 -88.05 96.33
C THR H 96 36.40 -87.96 95.54
N ILE H 97 36.33 -88.40 94.29
CA ILE H 97 37.46 -88.29 93.37
C ILE H 97 37.33 -86.96 92.63
N LEU H 98 38.30 -86.08 92.87
CA LEU H 98 38.32 -84.77 92.25
C LEU H 98 39.10 -84.83 90.93
N ILE H 99 39.01 -83.75 90.16
CA ILE H 99 39.80 -83.60 88.94
C ILE H 99 40.47 -82.23 88.98
N ILE H 100 41.79 -82.23 88.93
CA ILE H 100 42.55 -80.99 88.92
C ILE H 100 42.54 -80.42 87.51
N LEU H 101 42.31 -79.11 87.41
CA LEU H 101 42.17 -78.46 86.12
C LEU H 101 43.29 -77.47 85.78
N THR H 102 44.04 -76.98 86.76
CA THR H 102 44.86 -75.80 86.50
C THR H 102 46.28 -75.86 87.03
N GLY H 103 46.68 -76.91 87.74
CA GLY H 103 48.00 -76.94 88.36
C GLY H 103 49.10 -77.31 87.41
N ARG H 104 50.17 -77.87 87.97
CA ARG H 104 51.11 -78.65 87.18
C ARG H 104 50.59 -80.07 86.96
N HIS H 105 49.56 -80.44 87.72
CA HIS H 105 48.94 -81.76 87.67
C HIS H 105 47.56 -81.67 87.03
N ARG H 106 47.47 -80.97 85.91
CA ARG H 106 46.22 -80.80 85.20
C ARG H 106 45.68 -82.12 84.66
N GLY H 107 44.42 -82.40 84.97
CA GLY H 107 43.77 -83.60 84.51
C GLY H 107 43.88 -84.80 85.41
N LYS H 108 44.64 -84.69 86.51
CA LYS H 108 44.80 -85.82 87.41
C LYS H 108 43.53 -86.04 88.22
N ARG H 109 43.32 -87.30 88.60
CA ARG H 109 42.12 -87.74 89.31
C ARG H 109 42.52 -88.16 90.71
N VAL H 110 42.24 -87.31 91.69
CA VAL H 110 42.80 -87.40 93.03
C VAL H 110 41.68 -87.54 94.05
N VAL H 111 42.02 -88.14 95.20
CA VAL H 111 41.04 -88.48 96.24
C VAL H 111 41.03 -87.38 97.30
N PHE H 112 39.84 -86.96 97.71
CA PHE H 112 39.65 -85.77 98.54
C PHE H 112 39.68 -86.13 100.02
N LEU H 113 40.62 -85.52 100.75
CA LEU H 113 40.74 -85.64 102.19
C LEU H 113 39.97 -84.50 102.86
N LYS H 114 40.25 -84.25 104.15
CA LYS H 114 39.70 -83.15 104.93
C LYS H 114 39.88 -81.80 104.24
N GLN H 115 38.91 -80.90 104.44
CA GLN H 115 39.05 -79.51 104.01
C GLN H 115 39.79 -78.73 105.09
N LEU H 116 40.72 -77.88 104.66
CA LEU H 116 41.56 -77.13 105.58
C LEU H 116 40.84 -75.88 106.08
N ALA H 117 41.58 -75.00 106.75
CA ALA H 117 40.99 -73.83 107.40
C ALA H 117 40.91 -72.62 106.49
N SER H 118 41.80 -72.50 105.50
CA SER H 118 41.75 -71.39 104.57
C SER H 118 40.75 -71.60 103.44
N GLY H 119 39.97 -72.68 103.47
CA GLY H 119 39.08 -73.00 102.38
C GLY H 119 39.70 -73.82 101.29
N LEU H 120 41.01 -74.02 101.31
CA LEU H 120 41.66 -74.86 100.34
C LEU H 120 41.40 -76.33 100.67
N LEU H 121 41.46 -77.16 99.64
CA LEU H 121 41.13 -78.57 99.77
C LEU H 121 42.41 -79.37 99.92
N LEU H 122 42.63 -79.95 101.09
CA LEU H 122 43.74 -80.88 101.27
C LEU H 122 43.45 -82.14 100.47
N VAL H 123 44.18 -82.31 99.37
CA VAL H 123 43.93 -83.41 98.46
C VAL H 123 45.24 -84.16 98.28
N THR H 124 45.13 -85.45 97.98
CA THR H 124 46.28 -86.21 97.56
C THR H 124 45.91 -87.11 96.40
N GLY H 125 46.88 -87.33 95.53
CA GLY H 125 46.89 -88.52 94.74
C GLY H 125 47.50 -89.60 95.60
N PRO H 126 47.05 -90.82 95.42
CA PRO H 126 47.76 -91.94 96.04
C PRO H 126 49.06 -92.17 95.31
N LEU H 127 50.12 -91.48 95.75
CA LEU H 127 51.35 -91.11 95.04
C LEU H 127 51.93 -92.18 94.12
N VAL H 128 51.79 -93.46 94.51
CA VAL H 128 52.19 -94.56 93.67
C VAL H 128 51.33 -94.69 92.41
N LEU H 129 50.15 -94.07 92.38
CA LEU H 129 49.24 -94.21 91.24
C LEU H 129 49.39 -93.09 90.22
N ASN H 130 49.36 -91.82 90.66
CA ASN H 130 49.35 -90.73 89.68
C ASN H 130 50.25 -89.56 90.08
N ARG H 131 51.34 -89.87 90.77
CA ARG H 131 52.36 -88.89 91.13
C ARG H 131 51.97 -87.58 91.82
N VAL H 132 50.76 -87.50 92.35
CA VAL H 132 50.32 -86.31 93.05
C VAL H 132 50.52 -86.50 94.56
N PRO H 133 51.24 -85.62 95.25
CA PRO H 133 51.40 -85.76 96.71
C PRO H 133 50.23 -85.14 97.47
N LEU H 134 50.34 -85.10 98.80
CA LEU H 134 49.44 -84.26 99.59
C LEU H 134 49.71 -82.80 99.25
N ARG H 135 48.77 -82.16 98.57
CA ARG H 135 48.88 -80.75 98.23
C ARG H 135 47.58 -80.04 98.59
N ARG H 136 47.71 -78.78 98.96
CA ARG H 136 46.54 -77.92 98.97
C ARG H 136 46.12 -77.66 97.54
N THR H 137 44.83 -77.76 97.27
CA THR H 137 44.26 -77.32 96.00
C THR H 137 43.06 -76.45 96.31
N HIS H 138 42.59 -75.73 95.29
CA HIS H 138 41.56 -74.73 95.49
C HIS H 138 40.22 -75.25 94.99
N GLN H 139 39.16 -74.91 95.73
CA GLN H 139 37.81 -75.41 95.47
C GLN H 139 37.28 -74.96 94.12
N LYS H 140 37.60 -73.72 93.73
CA LYS H 140 37.00 -73.11 92.55
C LYS H 140 37.63 -73.60 91.27
N PHE H 141 38.73 -74.36 91.32
CA PHE H 141 39.46 -74.83 90.16
C PHE H 141 39.48 -76.35 90.08
N VAL H 142 38.41 -77.00 90.51
CA VAL H 142 38.38 -78.45 90.68
C VAL H 142 36.99 -78.97 90.30
N ILE H 143 36.95 -79.97 89.42
CA ILE H 143 35.71 -80.67 89.09
C ILE H 143 35.56 -81.86 90.04
N ALA H 144 34.44 -81.93 90.73
CA ALA H 144 34.12 -83.06 91.60
C ALA H 144 33.26 -84.06 90.84
N THR H 145 33.67 -85.32 90.83
CA THR H 145 32.95 -86.38 90.14
C THR H 145 31.89 -86.98 91.05
N SER H 146 31.32 -88.11 90.64
CA SER H 146 30.31 -88.82 91.42
C SER H 146 30.80 -90.22 91.78
N THR H 147 32.07 -90.33 92.17
CA THR H 147 32.64 -91.58 92.64
C THR H 147 33.29 -91.29 94.00
N LYS H 148 33.09 -92.19 94.96
CA LYS H 148 33.45 -91.90 96.34
C LYS H 148 34.33 -92.98 96.94
N ILE H 149 35.21 -92.57 97.84
CA ILE H 149 35.94 -93.44 98.72
C ILE H 149 35.33 -93.23 100.12
N ASP H 150 35.52 -94.20 101.00
CA ASP H 150 34.99 -94.11 102.36
C ASP H 150 36.14 -93.72 103.29
N ILE H 151 36.24 -92.43 103.60
CA ILE H 151 37.34 -91.90 104.42
C ILE H 151 36.84 -91.85 105.87
N SER H 152 35.66 -92.44 106.10
CA SER H 152 35.23 -92.74 107.45
C SER H 152 36.20 -93.73 108.08
N ASN H 153 36.69 -93.39 109.29
CA ASN H 153 37.76 -94.09 110.01
C ASN H 153 39.04 -94.14 109.17
N VAL H 154 39.58 -92.96 108.89
CA VAL H 154 40.90 -92.77 108.29
C VAL H 154 41.60 -91.67 109.07
N LYS H 155 42.77 -91.99 109.62
CA LYS H 155 43.49 -91.06 110.47
C LYS H 155 44.09 -89.91 109.68
N ILE H 156 44.00 -88.71 110.24
CA ILE H 156 44.64 -87.52 109.71
C ILE H 156 45.64 -87.02 110.74
N PRO H 157 46.92 -86.86 110.38
CA PRO H 157 47.86 -86.19 111.28
C PRO H 157 47.47 -84.74 111.49
N LYS H 158 47.39 -84.33 112.75
CA LYS H 158 46.82 -83.03 113.09
C LYS H 158 47.71 -81.85 112.74
N HIS H 159 49.00 -82.08 112.47
CA HIS H 159 49.85 -80.99 111.96
C HIS H 159 49.94 -81.03 110.43
N LEU H 160 48.77 -81.08 109.78
CA LEU H 160 48.64 -80.92 108.34
C LEU H 160 47.87 -79.64 108.02
N THR H 161 48.17 -78.57 108.74
CA THR H 161 47.42 -77.34 108.64
C THR H 161 47.88 -76.53 107.42
N ASP H 162 47.45 -75.27 107.36
CA ASP H 162 47.82 -74.40 106.23
C ASP H 162 49.27 -73.96 106.34
N ALA H 163 49.78 -73.73 107.55
CA ALA H 163 51.17 -73.37 107.73
C ALA H 163 52.11 -74.52 107.42
N TYR H 164 51.60 -75.76 107.45
CA TYR H 164 52.40 -76.92 107.06
C TYR H 164 52.70 -76.91 105.56
N PHE H 165 51.82 -76.32 104.74
CA PHE H 165 51.98 -76.31 103.31
C PHE H 165 52.40 -74.96 102.75
N LYS H 166 52.57 -73.95 103.60
CA LYS H 166 53.02 -72.65 103.15
C LYS H 166 54.49 -72.71 102.73
N LYS H 167 54.82 -72.01 101.65
CA LYS H 167 56.17 -72.03 101.09
C LYS H 167 57.14 -71.27 101.99
N LYS H 168 58.43 -71.49 101.72
CA LYS H 168 59.51 -70.86 102.49
C LYS H 168 60.44 -70.11 101.56
N LYS H 169 61.34 -69.32 102.14
CA LYS H 169 62.16 -68.38 101.39
C LYS H 169 63.64 -68.54 101.73
N LEU H 170 64.48 -68.02 100.84
CA LEU H 170 65.90 -67.82 101.11
C LEU H 170 66.28 -66.35 101.01
N ARG H 171 65.95 -65.69 99.90
CA ARG H 171 66.34 -64.31 99.65
C ARG H 171 65.54 -63.35 100.54
N LYS H 172 66.18 -62.27 101.00
CA LYS H 172 67.58 -61.92 100.74
C LYS H 172 68.30 -61.43 102.00
N PRO H 173 69.21 -62.27 102.53
CA PRO H 173 69.95 -61.89 103.74
C PRO H 173 71.16 -61.03 103.43
N ARG H 174 71.12 -59.77 103.87
CA ARG H 174 72.27 -58.86 104.02
C ARG H 174 72.97 -58.54 102.70
N HIS H 175 72.28 -58.64 101.57
CA HIS H 175 72.86 -58.34 100.27
C HIS H 175 72.29 -57.03 99.74
N GLN H 176 73.17 -56.12 99.31
CA GLN H 176 72.77 -54.85 98.72
C GLN H 176 73.18 -54.74 97.26
N GLU H 177 74.47 -54.95 96.97
CA GLU H 177 74.94 -55.02 95.60
C GLU H 177 75.14 -56.49 95.23
N GLY H 178 74.58 -56.90 94.11
CA GLY H 178 74.58 -58.30 93.76
C GLY H 178 74.98 -58.60 92.33
N GLU H 179 75.95 -59.51 92.18
CA GLU H 179 76.35 -60.02 90.87
C GLU H 179 76.42 -61.54 90.95
N ILE H 180 76.64 -62.06 92.16
CA ILE H 180 76.76 -63.49 92.36
C ILE H 180 75.39 -64.14 92.24
N PHE H 181 75.28 -65.13 91.37
CA PHE H 181 74.05 -65.86 91.13
C PHE H 181 73.80 -66.86 92.26
N ASP H 182 72.61 -67.47 92.23
CA ASP H 182 72.25 -68.55 93.15
C ASP H 182 71.43 -69.56 92.36
N THR H 183 72.08 -70.62 91.89
CA THR H 183 71.40 -71.71 91.20
C THR H 183 71.04 -72.84 92.16
N GLU H 184 70.78 -72.49 93.42
CA GLU H 184 70.29 -73.39 94.45
C GLU H 184 69.02 -72.81 95.03
N LYS H 185 68.33 -73.66 95.81
CA LYS H 185 67.06 -73.45 96.53
C LYS H 185 65.86 -73.44 95.57
N GLU H 186 66.10 -73.40 94.25
CA GLU H 186 65.03 -73.81 93.35
C GLU H 186 64.93 -75.33 93.28
N LYS H 187 66.00 -76.02 93.67
CA LYS H 187 65.97 -77.43 94.02
C LYS H 187 65.32 -77.53 95.39
N TYR H 188 63.99 -77.48 95.41
CA TYR H 188 63.24 -77.63 96.65
C TYR H 188 63.35 -79.07 97.14
N GLU H 189 64.09 -79.27 98.22
CA GLU H 189 64.27 -80.60 98.77
C GLU H 189 63.05 -81.01 99.58
N ILE H 190 62.50 -82.17 99.25
CA ILE H 190 61.38 -82.72 99.99
C ILE H 190 61.87 -83.15 101.37
N THR H 191 61.23 -82.64 102.41
CA THR H 191 61.65 -82.94 103.77
C THR H 191 61.15 -84.32 104.17
N GLU H 192 61.36 -84.69 105.44
CA GLU H 192 61.01 -86.04 105.85
C GLU H 192 59.61 -86.15 106.42
N GLN H 193 59.09 -85.09 107.05
CA GLN H 193 57.71 -85.15 107.51
C GLN H 193 56.72 -85.03 106.36
N ARG H 194 57.14 -84.47 105.22
CA ARG H 194 56.30 -84.52 104.03
C ARG H 194 56.20 -85.94 103.47
N LYS H 195 57.20 -86.78 103.75
CA LYS H 195 57.21 -88.15 103.28
C LYS H 195 56.58 -89.11 104.28
N ILE H 196 56.94 -89.01 105.55
CA ILE H 196 56.46 -90.01 106.52
C ILE H 196 55.01 -89.78 106.91
N ASP H 197 54.49 -88.55 106.79
CA ASP H 197 53.05 -88.36 106.92
C ASP H 197 52.32 -88.97 105.73
N GLN H 198 52.88 -88.80 104.53
CA GLN H 198 52.24 -89.33 103.34
C GLN H 198 52.29 -90.85 103.30
N LYS H 199 53.41 -91.44 103.76
CA LYS H 199 53.47 -92.88 103.93
C LYS H 199 52.47 -93.37 104.97
N ALA H 200 52.14 -92.53 105.95
CA ALA H 200 51.11 -92.88 106.92
C ALA H 200 49.72 -92.64 106.39
N VAL H 201 49.56 -91.74 105.42
CA VAL H 201 48.25 -91.51 104.82
C VAL H 201 47.92 -92.61 103.81
N ASP H 202 48.83 -92.88 102.86
CA ASP H 202 48.50 -93.82 101.80
C ASP H 202 48.57 -95.28 102.23
N SER H 203 49.03 -95.55 103.45
CA SER H 203 48.97 -96.93 103.96
C SER H 203 47.54 -97.38 104.20
N GLN H 204 46.64 -96.43 104.47
CA GLN H 204 45.24 -96.75 104.72
C GLN H 204 44.30 -96.25 103.63
N ILE H 205 44.74 -95.33 102.77
CA ILE H 205 43.93 -94.91 101.63
C ILE H 205 43.84 -96.02 100.58
N LEU H 206 44.99 -96.63 100.27
CA LEU H 206 45.03 -97.65 99.22
C LEU H 206 44.22 -98.93 99.45
N PRO H 207 44.14 -99.56 100.64
CA PRO H 207 43.33 -100.80 100.76
C PRO H 207 41.83 -100.62 100.59
N LYS H 208 41.33 -99.41 100.40
CA LYS H 208 39.95 -99.20 100.01
C LYS H 208 39.79 -98.90 98.52
N ILE H 209 40.86 -98.45 97.86
CA ILE H 209 40.84 -98.28 96.41
C ILE H 209 40.95 -99.63 95.71
N LYS H 210 41.82 -100.52 96.23
CA LYS H 210 41.91 -101.89 95.74
C LYS H 210 40.67 -102.72 96.03
N ALA H 211 39.75 -102.24 96.88
CA ALA H 211 38.56 -103.03 97.23
C ALA H 211 37.58 -103.10 96.07
N ILE H 212 37.32 -101.99 95.39
CA ILE H 212 36.33 -101.95 94.32
C ILE H 212 37.04 -101.95 92.97
N PRO H 213 36.51 -102.62 91.95
CA PRO H 213 37.32 -102.95 90.77
C PRO H 213 37.57 -101.78 89.85
N GLN H 214 38.72 -101.86 89.15
CA GLN H 214 39.13 -100.97 88.05
C GLN H 214 39.25 -99.52 88.49
N LEU H 215 39.51 -99.27 89.76
CA LEU H 215 39.67 -97.92 90.25
C LEU H 215 41.14 -97.48 90.24
N GLN H 216 42.06 -98.43 90.13
CA GLN H 216 43.49 -98.09 90.11
C GLN H 216 43.85 -97.34 88.83
N GLY H 217 43.52 -97.92 87.67
CA GLY H 217 43.80 -97.30 86.40
C GLY H 217 42.98 -96.06 86.13
N TYR H 218 41.82 -95.91 86.78
CA TYR H 218 41.05 -94.68 86.66
C TYR H 218 41.79 -93.50 87.28
N LEU H 219 42.34 -93.71 88.48
CA LEU H 219 43.14 -92.68 89.12
C LEU H 219 44.47 -92.47 88.42
N ARG H 220 44.95 -93.46 87.66
CA ARG H 220 46.19 -93.28 86.91
C ARG H 220 46.00 -92.41 85.69
N SER H 221 44.87 -92.55 85.00
CA SER H 221 44.66 -91.85 83.75
C SER H 221 44.35 -90.38 83.98
N VAL H 222 44.66 -89.57 82.98
CA VAL H 222 44.40 -88.14 83.03
C VAL H 222 43.09 -87.84 82.32
N PHE H 223 42.44 -86.76 82.74
CA PHE H 223 41.22 -86.32 82.09
C PHE H 223 41.56 -85.69 80.74
N ALA H 224 40.65 -85.87 79.78
CA ALA H 224 40.91 -85.42 78.41
C ALA H 224 39.59 -85.17 77.70
N LEU H 225 39.47 -83.99 77.10
CA LEU H 225 38.41 -83.73 76.14
C LEU H 225 38.83 -84.22 74.77
N THR H 226 37.88 -84.74 74.01
CA THR H 226 38.14 -85.35 72.71
C THR H 226 37.29 -84.65 71.64
N ASN H 227 37.29 -85.23 70.44
CA ASN H 227 36.41 -84.78 69.36
C ASN H 227 35.06 -85.48 69.39
N GLY H 228 34.69 -86.01 70.55
CA GLY H 228 33.39 -86.57 70.84
C GLY H 228 32.68 -85.66 71.83
N ILE H 229 32.90 -85.98 73.10
CA ILE H 229 32.28 -85.38 74.29
C ILE H 229 32.34 -83.86 74.33
N TYR H 230 31.38 -83.26 75.02
CA TYR H 230 31.32 -81.85 75.35
C TYR H 230 31.11 -81.71 76.85
N PRO H 231 31.74 -80.73 77.51
CA PRO H 231 31.68 -80.69 78.97
C PRO H 231 30.33 -80.28 79.53
N HIS H 232 29.46 -79.65 78.76
CA HIS H 232 28.15 -79.28 79.28
C HIS H 232 27.18 -80.45 79.29
N LYS H 233 27.46 -81.50 78.52
CA LYS H 233 26.55 -82.62 78.36
C LYS H 233 26.94 -83.81 79.23
N LEU H 234 28.21 -83.93 79.59
CA LEU H 234 28.69 -85.06 80.37
C LEU H 234 28.20 -84.99 81.82
N VAL H 235 28.36 -86.10 82.52
CA VAL H 235 27.99 -86.23 83.92
C VAL H 235 29.25 -86.29 84.75
N PHE H 236 29.37 -85.37 85.71
CA PHE H 236 30.41 -85.45 86.72
C PHE H 236 29.77 -85.64 88.08
N ASN I 1 31.39 -26.99 139.17
CA ASN I 1 31.12 -26.40 137.87
C ASN I 1 31.38 -27.44 136.78
N PHE I 2 32.51 -28.13 136.88
CA PHE I 2 32.94 -29.06 135.84
C PHE I 2 32.86 -30.52 136.30
N ALA I 3 32.32 -30.77 137.49
CA ALA I 3 32.12 -32.13 138.00
C ALA I 3 30.67 -32.59 137.88
N GLU I 4 29.72 -31.67 138.07
CA GLU I 4 28.32 -31.95 137.79
C GLU I 4 27.97 -31.75 136.32
N LEU I 5 28.97 -31.43 135.48
CA LEU I 5 28.76 -31.31 134.06
C LEU I 5 28.42 -32.65 133.42
N LYS I 6 28.87 -33.75 134.01
CA LYS I 6 28.50 -35.06 133.47
C LYS I 6 27.08 -35.45 133.87
N ILE I 7 26.67 -35.22 135.13
CA ILE I 7 25.37 -35.67 135.60
C ILE I 7 24.25 -34.81 135.00
N LYS I 8 24.60 -33.61 134.57
CA LYS I 8 23.63 -32.77 133.91
C LYS I 8 23.42 -33.33 132.52
N ARG I 9 24.52 -33.72 131.88
CA ARG I 9 24.49 -34.28 130.54
C ARG I 9 23.96 -35.71 130.53
N LEU I 10 24.55 -36.60 131.34
CA LEU I 10 24.06 -37.97 131.35
C LEU I 10 22.58 -38.05 131.73
N ARG I 11 21.83 -36.97 131.55
CA ARG I 11 20.38 -37.00 131.66
C ARG I 11 19.76 -36.45 130.37
N LYS I 12 20.50 -35.56 129.70
CA LYS I 12 20.07 -35.06 128.40
C LYS I 12 20.43 -36.02 127.27
N LYS I 13 21.26 -37.03 127.54
CA LYS I 13 21.52 -38.09 126.59
C LYS I 13 20.59 -39.28 126.80
N PHE I 14 20.14 -39.48 128.04
CA PHE I 14 19.26 -40.61 128.36
C PHE I 14 17.79 -40.27 128.18
N ALA I 15 17.40 -39.01 128.32
CA ALA I 15 16.02 -38.64 128.03
C ALA I 15 15.73 -38.69 126.54
N GLN I 16 16.76 -38.53 125.71
CA GLN I 16 16.62 -38.79 124.29
C GLN I 16 16.47 -40.28 124.03
N LYS I 17 17.05 -41.12 124.88
CA LYS I 17 16.89 -42.56 124.74
C LYS I 17 15.49 -43.02 125.16
N MET I 18 14.90 -42.37 126.17
CA MET I 18 13.51 -42.66 126.52
C MET I 18 12.56 -42.28 125.39
N LEU I 19 12.80 -41.13 124.75
CA LEU I 19 11.87 -40.63 123.75
C LEU I 19 11.92 -41.46 122.47
N ARG I 20 13.12 -41.90 122.06
CA ARG I 20 13.22 -42.76 120.89
C ARG I 20 12.59 -44.12 121.13
N LYS I 21 12.71 -44.66 122.34
CA LYS I 21 12.11 -45.95 122.64
C LYS I 21 10.59 -45.85 122.77
N ALA I 22 10.04 -44.66 122.90
CA ALA I 22 8.60 -44.45 122.83
C ALA I 22 8.13 -44.15 121.41
N ARG I 23 8.99 -43.58 120.57
CA ARG I 23 8.63 -43.34 119.18
C ARG I 23 8.71 -44.60 118.35
N ARG I 24 9.64 -45.50 118.67
CA ARG I 24 9.74 -46.77 117.95
C ARG I 24 8.62 -47.72 118.33
N LYS I 25 8.10 -47.63 119.56
CA LYS I 25 7.00 -48.49 119.94
C LYS I 25 5.68 -47.97 119.39
N LEU I 26 5.57 -46.66 119.18
CA LEU I 26 4.38 -46.10 118.58
C LEU I 26 4.27 -46.50 117.11
N ILE I 27 5.35 -46.36 116.34
CA ILE I 27 5.32 -46.76 114.93
C ILE I 27 5.38 -48.26 114.76
N TYR I 28 5.64 -49.02 115.83
CA TYR I 28 5.47 -50.47 115.78
C TYR I 28 3.99 -50.83 115.71
N GLU I 29 3.20 -50.39 116.68
CA GLU I 29 1.82 -50.85 116.76
C GLU I 29 0.87 -50.08 115.86
N LYS I 30 1.30 -48.98 115.26
CA LYS I 30 0.52 -48.42 114.16
C LYS I 30 0.61 -49.34 112.96
N ALA I 31 1.78 -49.91 112.70
CA ALA I 31 1.92 -50.92 111.65
C ALA I 31 1.20 -52.22 112.02
N LYS I 32 1.09 -52.52 113.32
CA LYS I 32 0.36 -53.70 113.74
C LYS I 32 -1.14 -53.48 113.63
N HIS I 33 -1.61 -52.25 113.85
CA HIS I 33 -3.01 -51.94 113.67
C HIS I 33 -3.37 -51.90 112.19
N TYR I 34 -2.44 -51.43 111.35
CA TYR I 34 -2.69 -51.39 109.91
C TYR I 34 -2.71 -52.79 109.31
N HIS I 35 -1.91 -53.70 109.86
CA HIS I 35 -1.94 -55.09 109.43
C HIS I 35 -3.29 -55.72 109.74
N LYS I 36 -3.87 -55.35 110.88
CA LYS I 36 -5.27 -55.69 111.15
C LYS I 36 -6.21 -54.96 110.20
N GLU I 37 -5.95 -53.67 109.96
CA GLU I 37 -6.86 -52.84 109.19
C GLU I 37 -6.83 -53.19 107.70
N TYR I 38 -5.71 -53.71 107.22
CA TYR I 38 -5.62 -54.11 105.82
C TYR I 38 -6.39 -55.40 105.53
N ARG I 39 -6.47 -56.32 106.50
CA ARG I 39 -7.28 -57.51 106.28
C ARG I 39 -8.74 -57.28 106.65
N GLN I 40 -9.07 -56.16 107.31
CA GLN I 40 -10.46 -55.76 107.46
C GLN I 40 -11.12 -55.53 106.12
N MET I 41 -10.43 -54.81 105.22
CA MET I 41 -11.01 -54.48 103.93
C MET I 41 -10.93 -55.64 102.96
N TYR I 42 -9.89 -56.47 103.05
CA TYR I 42 -9.73 -57.56 102.10
C TYR I 42 -10.71 -58.69 102.38
N ARG I 43 -10.99 -58.97 103.65
CA ARG I 43 -11.91 -60.04 103.97
C ARG I 43 -13.36 -59.61 103.93
N THR I 44 -13.62 -58.29 103.95
CA THR I 44 -15.00 -57.80 103.84
C THR I 44 -15.51 -57.91 102.41
N GLU I 45 -14.67 -57.53 101.44
CA GLU I 45 -15.04 -57.56 100.04
C GLU I 45 -15.26 -58.98 99.51
N ILE I 46 -14.67 -59.98 100.16
CA ILE I 46 -14.97 -61.37 99.87
C ILE I 46 -16.26 -61.78 100.55
N ARG I 47 -16.51 -61.25 101.75
CA ARG I 47 -17.73 -61.59 102.48
CA ARG I 47 -17.73 -61.59 102.48
C ARG I 47 -18.95 -60.90 101.90
N MET I 48 -18.79 -59.70 101.36
CA MET I 48 -19.89 -59.01 100.68
C MET I 48 -20.31 -59.75 99.42
N ALA I 49 -19.38 -60.40 98.73
CA ALA I 49 -19.70 -61.11 97.51
C ALA I 49 -20.36 -62.45 97.79
N ARG I 50 -19.86 -63.18 98.79
CA ARG I 50 -20.42 -64.50 99.12
C ARG I 50 -21.83 -64.38 99.66
N MET I 51 -22.11 -63.33 100.42
CA MET I 51 -23.43 -63.13 100.98
C MET I 51 -24.42 -62.66 99.93
N ALA I 52 -23.92 -61.98 98.90
CA ALA I 52 -24.78 -61.56 97.79
C ALA I 52 -25.11 -62.72 96.87
N ARG I 53 -24.22 -63.71 96.76
CA ARG I 53 -24.47 -64.85 95.90
C ARG I 53 -25.38 -65.89 96.54
N LYS I 54 -25.59 -65.82 97.86
CA LYS I 54 -26.53 -66.72 98.52
C LYS I 54 -27.96 -66.48 98.04
N ALA I 55 -28.39 -65.22 98.04
CA ALA I 55 -29.74 -64.87 97.63
C ALA I 55 -29.94 -64.92 96.12
N GLY I 56 -28.87 -65.01 95.35
CA GLY I 56 -28.95 -64.84 93.92
C GLY I 56 -28.68 -63.42 93.44
N ASN I 57 -28.43 -62.49 94.36
CA ASN I 57 -28.20 -61.10 94.01
C ASN I 57 -26.76 -60.90 93.57
N PHE I 58 -26.35 -59.64 93.42
CA PHE I 58 -24.99 -59.32 93.04
C PHE I 58 -24.41 -58.28 93.98
N TYR I 59 -23.10 -58.35 94.17
CA TYR I 59 -22.33 -57.33 94.88
C TYR I 59 -21.48 -56.56 93.89
N VAL I 60 -21.80 -55.28 93.72
CA VAL I 60 -20.98 -54.36 92.95
C VAL I 60 -19.98 -53.73 93.91
N PRO I 61 -18.68 -53.94 93.70
CA PRO I 61 -17.69 -53.26 94.56
C PRO I 61 -17.70 -51.77 94.33
N ALA I 62 -17.22 -51.04 95.34
CA ALA I 62 -17.09 -49.60 95.20
C ALA I 62 -16.04 -49.29 94.15
N GLU I 63 -16.31 -48.27 93.35
CA GLU I 63 -15.36 -47.85 92.33
C GLU I 63 -14.10 -47.32 93.00
N PRO I 64 -12.92 -47.82 92.62
CA PRO I 64 -11.72 -47.59 93.43
C PRO I 64 -11.22 -46.16 93.35
N LYS I 65 -10.61 -45.72 94.45
CA LYS I 65 -10.28 -44.32 94.66
C LYS I 65 -8.85 -43.97 94.30
N LEU I 66 -7.97 -44.96 94.21
CA LEU I 66 -6.58 -44.74 93.91
C LEU I 66 -6.26 -45.28 92.52
N ALA I 67 -5.55 -44.49 91.73
CA ALA I 67 -4.98 -44.98 90.48
C ALA I 67 -3.51 -44.61 90.42
N PHE I 68 -2.77 -45.36 89.64
CA PHE I 68 -1.34 -45.13 89.40
C PHE I 68 -1.14 -44.95 87.91
N VAL I 69 -0.79 -43.74 87.50
CA VAL I 69 -0.60 -43.42 86.09
C VAL I 69 0.87 -43.54 85.76
N ILE I 70 1.18 -43.92 84.53
CA ILE I 70 2.56 -44.08 84.05
C ILE I 70 2.65 -43.44 82.68
N ARG I 71 3.57 -42.49 82.49
CA ARG I 71 3.76 -41.93 81.16
C ARG I 71 4.58 -42.90 80.31
N ILE I 72 4.03 -43.31 79.18
CA ILE I 72 4.69 -44.28 78.32
C ILE I 72 5.24 -43.66 77.04
N ARG I 73 4.75 -42.49 76.65
CA ARG I 73 5.22 -41.81 75.45
C ARG I 73 6.18 -40.69 75.82
N GLY I 74 7.09 -40.35 74.93
CA GLY I 74 8.10 -39.36 75.21
C GLY I 74 7.62 -37.93 75.14
N ILE I 75 8.57 -37.02 74.96
CA ILE I 75 8.32 -35.58 75.04
C ILE I 75 8.35 -34.92 73.68
N ASN I 76 8.40 -35.70 72.59
CA ASN I 76 8.60 -35.17 71.25
C ASN I 76 7.28 -35.10 70.51
N GLY I 77 6.88 -33.89 70.12
CA GLY I 77 5.69 -33.67 69.35
C GLY I 77 4.41 -33.88 70.13
N VAL I 78 4.19 -33.08 71.16
CA VAL I 78 3.05 -33.21 72.05
C VAL I 78 2.19 -31.96 71.91
N SER I 79 0.89 -32.16 71.72
CA SER I 79 -0.06 -31.06 71.61
C SER I 79 -0.14 -30.29 72.93
N PRO I 80 -0.44 -28.98 72.90
CA PRO I 80 -0.23 -28.17 74.12
C PRO I 80 -1.25 -28.41 75.22
N LYS I 81 -2.45 -28.89 74.89
CA LYS I 81 -3.42 -29.20 75.93
C LYS I 81 -3.04 -30.48 76.65
N VAL I 82 -2.57 -31.47 75.90
CA VAL I 82 -2.04 -32.69 76.49
C VAL I 82 -0.80 -32.39 77.33
N ARG I 83 0.09 -31.52 76.80
CA ARG I 83 1.36 -31.23 77.47
C ARG I 83 1.16 -30.46 78.78
N LYS I 84 0.05 -29.72 78.89
CA LYS I 84 -0.27 -29.07 80.16
C LYS I 84 -0.71 -30.08 81.21
N VAL I 85 -1.41 -31.14 80.78
CA VAL I 85 -1.94 -32.11 81.73
C VAL I 85 -0.83 -32.97 82.31
N LEU I 86 0.18 -33.34 81.50
CA LEU I 86 1.26 -34.19 82.00
C LEU I 86 2.12 -33.47 83.03
N GLN I 87 2.19 -32.14 82.97
CA GLN I 87 2.96 -31.40 83.95
C GLN I 87 2.12 -30.96 85.15
N LEU I 88 0.80 -31.13 85.08
CA LEU I 88 -0.04 -31.06 86.27
C LEU I 88 -0.12 -32.38 86.99
N LEU I 89 0.25 -33.47 86.33
CA LEU I 89 0.34 -34.78 86.95
C LEU I 89 1.76 -35.11 87.39
N ARG I 90 2.71 -34.21 87.14
CA ARG I 90 4.15 -34.36 87.36
C ARG I 90 4.77 -35.47 86.52
N LEU I 91 4.14 -35.80 85.39
CA LEU I 91 4.69 -36.78 84.44
C LEU I 91 5.43 -36.06 83.33
N ARG I 92 6.60 -35.52 83.69
CA ARG I 92 7.41 -34.72 82.76
C ARG I 92 8.45 -35.56 82.03
N GLN I 93 8.33 -36.88 82.05
CA GLN I 93 9.38 -37.74 81.52
C GLN I 93 8.74 -39.08 81.21
N ILE I 94 9.37 -39.84 80.33
CA ILE I 94 8.89 -41.17 80.01
C ILE I 94 9.21 -42.09 81.18
N PHE I 95 8.26 -42.99 81.51
CA PHE I 95 8.31 -43.92 82.64
C PHE I 95 8.53 -43.18 83.96
N ASN I 96 7.60 -42.29 84.27
CA ASN I 96 7.73 -41.35 85.38
C ASN I 96 6.45 -41.34 86.20
N GLY I 97 6.02 -42.52 86.64
CA GLY I 97 4.72 -42.67 87.24
C GLY I 97 4.56 -42.00 88.60
N THR I 98 3.29 -41.79 88.96
CA THR I 98 2.90 -41.32 90.28
C THR I 98 1.44 -41.72 90.51
N PHE I 99 0.98 -41.54 91.75
CA PHE I 99 -0.39 -41.86 92.13
C PHE I 99 -1.31 -40.67 91.86
N VAL I 100 -2.57 -40.97 91.58
CA VAL I 100 -3.61 -39.94 91.46
C VAL I 100 -4.83 -40.34 92.27
N LYS I 101 -5.56 -39.33 92.73
CA LYS I 101 -6.78 -39.56 93.47
C LYS I 101 -7.86 -39.44 92.41
N LEU I 102 -8.77 -40.40 92.40
CA LEU I 102 -9.80 -40.46 91.37
C LEU I 102 -11.07 -39.78 91.83
N ASN I 103 -11.50 -38.78 91.07
CA ASN I 103 -12.77 -38.10 91.21
C ASN I 103 -13.19 -37.71 89.80
N LYS I 104 -14.31 -36.99 89.69
CA LYS I 104 -14.75 -36.61 88.35
C LYS I 104 -13.85 -35.54 87.74
N ALA I 105 -13.20 -34.73 88.58
CA ALA I 105 -12.29 -33.72 88.07
C ALA I 105 -10.97 -34.29 87.59
N SER I 106 -10.59 -35.51 88.01
CA SER I 106 -9.34 -36.10 87.58
C SER I 106 -9.48 -37.21 86.56
N ILE I 107 -10.63 -37.88 86.48
CA ILE I 107 -10.82 -38.89 85.44
C ILE I 107 -10.99 -38.22 84.08
N ASN I 108 -11.67 -37.07 84.05
CA ASN I 108 -11.86 -36.35 82.80
C ASN I 108 -10.60 -35.66 82.30
N MET I 109 -9.54 -35.59 83.11
CA MET I 109 -8.24 -35.17 82.62
C MET I 109 -7.25 -36.31 82.52
N LEU I 110 -7.66 -37.53 82.88
CA LEU I 110 -6.95 -38.74 82.45
C LEU I 110 -7.53 -39.29 81.16
N ARG I 111 -8.56 -38.65 80.62
CA ARG I 111 -9.10 -38.96 79.30
C ARG I 111 -8.54 -38.05 78.22
N ILE I 112 -8.17 -36.82 78.59
CA ILE I 112 -7.42 -35.94 77.69
C ILE I 112 -6.10 -36.60 77.32
N VAL I 113 -5.35 -37.06 78.32
CA VAL I 113 -4.14 -37.80 78.03
C VAL I 113 -4.49 -39.27 77.92
N GLU I 114 -5.14 -39.63 76.83
CA GLU I 114 -5.49 -41.03 76.65
C GLU I 114 -4.36 -41.85 76.00
N PRO I 115 -3.73 -41.45 74.88
CA PRO I 115 -2.68 -42.32 74.32
C PRO I 115 -1.36 -42.25 75.06
N TYR I 116 -1.14 -41.24 75.88
CA TYR I 116 0.17 -41.00 76.45
C TYR I 116 0.43 -41.75 77.75
N ILE I 117 -0.60 -42.22 78.45
CA ILE I 117 -0.38 -42.86 79.72
C ILE I 117 -0.97 -44.26 79.73
N ALA I 118 -0.46 -45.09 80.64
CA ALA I 118 -1.03 -46.37 81.00
C ALA I 118 -1.34 -46.33 82.49
N TRP I 119 -2.57 -46.63 82.87
CA TRP I 119 -2.94 -46.49 84.27
C TRP I 119 -3.92 -47.56 84.68
N GLY I 120 -4.17 -47.63 85.98
CA GLY I 120 -4.99 -48.67 86.56
C GLY I 120 -4.95 -48.60 88.06
N TYR I 121 -5.42 -49.67 88.70
CA TYR I 121 -5.67 -49.58 90.13
C TYR I 121 -4.68 -50.46 90.88
N PRO I 122 -3.78 -49.90 91.68
CA PRO I 122 -2.79 -50.74 92.35
C PRO I 122 -3.37 -51.42 93.57
N ASN I 123 -2.86 -52.63 93.84
CA ASN I 123 -3.19 -53.33 95.06
C ASN I 123 -2.18 -52.95 96.14
N LEU I 124 -2.23 -53.65 97.28
CA LEU I 124 -1.41 -53.27 98.42
C LEU I 124 0.06 -53.64 98.23
N LYS I 125 0.35 -54.68 97.45
CA LYS I 125 1.75 -55.02 97.21
C LYS I 125 2.42 -54.01 96.29
N SER I 126 1.66 -53.40 95.39
CA SER I 126 2.26 -52.43 94.47
C SER I 126 2.58 -51.12 95.16
N VAL I 127 1.71 -50.68 96.08
CA VAL I 127 2.00 -49.46 96.82
C VAL I 127 3.11 -49.70 97.84
N ASN I 128 3.29 -50.94 98.31
CA ASN I 128 4.43 -51.24 99.16
C ASN I 128 5.75 -51.20 98.38
N GLU I 129 5.78 -51.84 97.22
CA GLU I 129 7.03 -51.96 96.47
C GLU I 129 7.47 -50.65 95.83
N LEU I 130 6.55 -49.72 95.58
CA LEU I 130 6.98 -48.45 95.03
C LEU I 130 7.55 -47.52 96.10
N ILE I 131 6.97 -47.53 97.30
CA ILE I 131 7.44 -46.64 98.36
C ILE I 131 8.80 -47.10 98.88
N TYR I 132 8.96 -48.40 99.13
CA TYR I 132 10.20 -48.86 99.74
C TYR I 132 11.36 -48.89 98.76
N LYS I 133 11.10 -49.32 97.53
CA LYS I 133 12.17 -49.41 96.54
C LYS I 133 12.44 -48.13 95.76
N ARG I 134 11.39 -47.41 95.40
CA ARG I 134 11.55 -46.19 94.62
C ARG I 134 10.96 -44.98 95.29
N GLY I 135 10.88 -44.99 96.60
CA GLY I 135 10.30 -43.87 97.31
C GLY I 135 11.26 -42.76 97.66
N TYR I 136 11.09 -41.62 97.01
CA TYR I 136 11.91 -40.44 97.29
C TYR I 136 11.00 -39.33 97.77
N GLY I 137 11.55 -38.42 98.56
CA GLY I 137 10.73 -37.36 99.13
C GLY I 137 11.13 -36.01 98.55
N LYS I 138 10.16 -35.11 98.47
CA LYS I 138 10.42 -33.73 98.08
C LYS I 138 10.61 -32.92 99.36
N ILE I 139 11.86 -32.86 99.81
CA ILE I 139 12.24 -32.15 101.03
C ILE I 139 13.01 -30.92 100.61
N ASN I 140 12.48 -29.74 101.00
CA ASN I 140 12.89 -28.36 100.68
C ASN I 140 13.50 -28.20 99.28
N LYS I 141 12.70 -28.64 98.31
CA LYS I 141 12.97 -28.65 96.86
C LYS I 141 14.04 -29.63 96.38
N LYS I 142 14.47 -30.52 97.26
CA LYS I 142 15.47 -31.52 96.93
C LYS I 142 14.84 -32.91 96.88
N ARG I 143 15.44 -33.78 96.08
CA ARG I 143 14.97 -35.16 95.91
C ARG I 143 15.77 -36.05 96.84
N ILE I 144 15.23 -36.30 98.03
CA ILE I 144 15.97 -36.96 99.11
C ILE I 144 15.33 -38.32 99.37
N ALA I 145 16.15 -39.37 99.45
CA ALA I 145 15.66 -40.73 99.59
C ALA I 145 15.11 -40.99 100.97
N LEU I 146 14.05 -41.80 101.03
CA LEU I 146 13.45 -42.26 102.28
C LEU I 146 14.28 -43.41 102.83
N THR I 147 15.27 -43.07 103.64
CA THR I 147 16.07 -44.05 104.35
C THR I 147 15.91 -43.95 105.86
N ASP I 148 15.08 -43.03 106.34
CA ASP I 148 14.88 -42.81 107.76
C ASP I 148 13.44 -42.33 107.95
N ASN I 149 12.81 -42.78 109.05
CA ASN I 149 11.47 -42.32 109.40
C ASN I 149 11.46 -40.89 109.91
N ALA I 150 12.62 -40.30 110.20
CA ALA I 150 12.71 -38.92 110.63
C ALA I 150 12.74 -37.95 109.47
N LEU I 151 12.63 -38.44 108.23
CA LEU I 151 12.44 -37.61 107.06
C LEU I 151 10.99 -37.50 106.64
N ILE I 152 10.22 -38.57 106.80
CA ILE I 152 8.78 -38.51 106.58
C ILE I 152 8.14 -37.66 107.67
N ALA I 153 8.52 -37.91 108.93
CA ALA I 153 7.89 -37.25 110.06
C ALA I 153 8.22 -35.77 110.13
N ARG I 154 9.41 -35.38 109.69
CA ARG I 154 9.82 -33.98 109.81
C ARG I 154 9.05 -33.09 108.83
N SER I 155 8.53 -33.66 107.75
CA SER I 155 7.70 -32.95 106.79
C SER I 155 6.22 -33.26 106.92
N LEU I 156 5.85 -34.53 107.12
CA LEU I 156 4.46 -34.94 107.11
C LEU I 156 3.90 -35.27 108.48
N GLY I 157 4.70 -35.11 109.55
CA GLY I 157 4.23 -35.47 110.88
C GLY I 157 3.19 -34.54 111.44
N LYS I 158 3.14 -33.29 110.96
CA LYS I 158 2.12 -32.36 111.38
C LYS I 158 0.73 -32.73 110.87
N TYR I 159 0.65 -33.63 109.89
CA TYR I 159 -0.62 -34.19 109.47
C TYR I 159 -0.92 -35.52 110.12
N GLY I 160 0.03 -36.10 110.85
CA GLY I 160 -0.11 -37.40 111.46
C GLY I 160 0.73 -38.48 110.84
N ILE I 161 1.35 -38.22 109.69
CA ILE I 161 2.13 -39.22 108.97
C ILE I 161 3.53 -39.13 109.56
N ILE I 162 3.81 -39.98 110.55
CA ILE I 162 5.06 -39.89 111.30
C ILE I 162 6.03 -41.01 110.98
N CYS I 163 5.67 -41.91 110.08
CA CYS I 163 6.56 -42.98 109.67
C CYS I 163 6.28 -43.31 108.21
N MET I 164 7.05 -44.25 107.67
CA MET I 164 6.90 -44.65 106.28
C MET I 164 5.80 -45.69 106.11
N GLU I 165 5.28 -46.21 107.22
CA GLU I 165 4.09 -47.05 107.19
C GLU I 165 2.81 -46.21 107.18
N ASP I 166 2.84 -45.06 107.85
CA ASP I 166 1.73 -44.11 107.75
C ASP I 166 1.61 -43.53 106.35
N LEU I 167 2.73 -43.46 105.62
CA LEU I 167 2.69 -42.96 104.25
C LEU I 167 1.94 -43.93 103.35
N ILE I 168 2.14 -45.23 103.53
CA ILE I 168 1.43 -46.23 102.72
C ILE I 168 -0.05 -46.25 103.08
N HIS I 169 -0.38 -46.05 104.36
CA HIS I 169 -1.77 -46.06 104.79
C HIS I 169 -2.54 -44.85 104.26
N GLU I 170 -1.87 -43.74 104.00
CA GLU I 170 -2.54 -42.58 103.42
C GLU I 170 -2.53 -42.57 101.91
N ILE I 171 -1.72 -43.42 101.26
CA ILE I 171 -1.80 -43.55 99.81
C ILE I 171 -2.77 -44.66 99.41
N TYR I 172 -2.70 -45.81 100.07
CA TYR I 172 -3.56 -46.93 99.70
C TYR I 172 -5.01 -46.66 100.10
N THR I 173 -5.25 -46.53 101.40
CA THR I 173 -6.49 -45.90 101.86
C THR I 173 -6.36 -44.41 101.59
N VAL I 174 -7.10 -43.90 100.60
CA VAL I 174 -6.96 -42.50 100.23
C VAL I 174 -7.64 -41.68 101.31
N GLY I 175 -6.82 -41.13 102.22
CA GLY I 175 -7.32 -40.48 103.40
C GLY I 175 -7.60 -39.00 103.18
N LYS I 176 -7.82 -38.31 104.28
CA LYS I 176 -8.16 -36.90 104.23
C LYS I 176 -6.95 -36.02 103.97
N ARG I 177 -5.77 -36.62 104.01
CA ARG I 177 -4.54 -35.90 103.75
C ARG I 177 -3.75 -36.56 102.63
N PHE I 178 -4.45 -36.99 101.58
CA PHE I 178 -3.80 -37.62 100.44
C PHE I 178 -2.97 -36.61 99.65
N LYS I 179 -3.42 -35.37 99.62
CA LYS I 179 -2.74 -34.34 98.84
C LYS I 179 -1.33 -34.01 99.31
N GLU I 180 -1.12 -34.01 100.62
CA GLU I 180 0.21 -33.70 101.14
C GLU I 180 1.11 -34.92 101.14
N ALA I 181 0.54 -36.11 101.31
CA ALA I 181 1.35 -37.32 101.27
C ALA I 181 1.82 -37.64 99.85
N ASN I 182 0.98 -37.34 98.85
CA ASN I 182 1.35 -37.61 97.47
C ASN I 182 2.32 -36.56 96.94
N ASN I 183 2.14 -35.30 97.35
CA ASN I 183 3.01 -34.23 96.86
C ASN I 183 4.36 -34.28 97.55
N PHE I 184 4.42 -34.84 98.76
CA PHE I 184 5.72 -35.14 99.38
C PHE I 184 6.49 -36.16 98.56
N LEU I 185 5.80 -37.12 97.98
CA LEU I 185 6.43 -38.10 97.11
C LEU I 185 6.90 -37.43 95.83
N TRP I 186 8.18 -37.59 95.52
CA TRP I 186 8.66 -37.27 94.20
C TRP I 186 8.04 -38.27 93.23
N PRO I 187 7.71 -37.86 91.99
CA PRO I 187 7.14 -38.82 91.03
C PRO I 187 8.12 -39.93 90.69
N PHE I 188 7.61 -41.16 90.71
CA PHE I 188 8.46 -42.35 90.73
C PHE I 188 9.15 -42.54 89.39
N LYS I 189 10.45 -42.78 89.43
CA LYS I 189 11.27 -42.90 88.23
C LYS I 189 11.56 -44.37 88.01
N LEU I 190 10.83 -44.99 87.09
CA LEU I 190 10.86 -46.43 86.90
C LEU I 190 11.75 -46.77 85.70
N SER I 191 12.07 -48.05 85.58
CA SER I 191 12.92 -48.51 84.50
C SER I 191 12.09 -48.73 83.24
N SER I 192 12.74 -49.22 82.20
CA SER I 192 12.01 -49.78 81.08
C SER I 192 11.37 -51.10 81.53
N PRO I 193 10.20 -51.44 80.98
CA PRO I 193 9.54 -52.69 81.38
C PRO I 193 10.29 -53.91 80.85
N ARG I 194 10.61 -54.83 81.76
CA ARG I 194 11.36 -56.04 81.46
C ARG I 194 10.45 -57.05 80.79
N GLY I 195 10.51 -57.13 79.46
CA GLY I 195 9.73 -58.09 78.74
C GLY I 195 9.00 -57.51 77.55
N GLY I 196 9.28 -56.25 77.24
CA GLY I 196 8.62 -55.59 76.13
C GLY I 196 7.39 -54.84 76.55
N MET I 197 6.73 -54.23 75.56
CA MET I 197 5.53 -53.47 75.82
C MET I 197 4.27 -53.96 75.11
N LYS I 198 4.40 -54.60 73.93
CA LYS I 198 3.28 -55.02 73.09
C LYS I 198 2.43 -53.83 72.64
N LYS I 199 3.00 -53.07 71.69
CA LYS I 199 2.35 -51.99 70.94
C LYS I 199 1.95 -50.81 71.83
N LYS I 200 3.00 -50.07 72.24
CA LYS I 200 2.85 -48.83 72.99
C LYS I 200 1.91 -47.81 72.35
N THR I 201 1.82 -47.77 71.02
CA THR I 201 1.14 -46.68 70.33
C THR I 201 -0.37 -46.88 70.19
N THR I 202 -0.96 -47.86 70.87
CA THR I 202 -2.40 -48.06 70.78
C THR I 202 -2.94 -48.43 72.16
N HIS I 203 -4.26 -48.57 72.24
CA HIS I 203 -4.94 -48.73 73.51
C HIS I 203 -4.91 -50.19 73.96
N PHE I 204 -5.06 -50.40 75.28
CA PHE I 204 -4.93 -51.73 75.87
C PHE I 204 -6.02 -52.68 75.39
N VAL I 205 -7.27 -52.21 75.28
CA VAL I 205 -8.37 -53.12 74.96
C VAL I 205 -8.38 -53.53 73.50
N GLU I 206 -7.55 -52.90 72.66
CA GLU I 206 -7.36 -53.32 71.28
C GLU I 206 -5.95 -53.85 71.05
N GLY I 207 -5.29 -54.29 72.11
CA GLY I 207 -4.02 -54.96 71.99
C GLY I 207 -2.88 -54.32 72.74
N GLY I 208 -2.86 -53.00 72.81
CA GLY I 208 -1.67 -52.30 73.23
C GLY I 208 -1.51 -51.94 74.69
N ASP I 209 -1.21 -50.66 74.96
CA ASP I 209 -0.81 -50.22 76.28
C ASP I 209 -1.51 -48.98 76.79
N ALA I 210 -2.05 -48.13 75.92
CA ALA I 210 -2.53 -46.84 76.36
C ALA I 210 -3.82 -46.97 77.15
N GLY I 211 -4.06 -45.99 78.01
CA GLY I 211 -5.32 -45.95 78.72
C GLY I 211 -5.34 -46.83 79.95
N ASN I 212 -6.52 -47.36 80.23
CA ASN I 212 -6.83 -47.98 81.51
C ASN I 212 -6.92 -49.49 81.33
N ARG I 213 -5.90 -50.21 81.81
CA ARG I 213 -6.07 -51.59 82.23
C ARG I 213 -6.37 -51.57 83.72
N GLU I 214 -7.53 -52.09 84.12
CA GLU I 214 -8.03 -51.78 85.46
C GLU I 214 -7.25 -52.50 86.55
N ASP I 215 -7.32 -53.81 86.58
CA ASP I 215 -6.67 -54.57 87.64
C ASP I 215 -5.31 -55.11 87.23
N GLN I 216 -4.93 -54.95 85.96
CA GLN I 216 -3.67 -55.46 85.45
C GLN I 216 -2.62 -54.36 85.27
N ILE I 217 -2.71 -53.28 86.06
CA ILE I 217 -1.59 -52.35 86.13
C ILE I 217 -0.47 -52.95 86.98
N ASN I 218 -0.81 -53.91 87.86
CA ASN I 218 0.16 -54.45 88.79
C ASN I 218 1.17 -55.32 88.09
N ARG I 219 0.73 -56.08 87.08
CA ARG I 219 1.64 -56.86 86.25
C ARG I 219 2.64 -55.98 85.51
N LEU I 220 2.22 -54.78 85.12
CA LEU I 220 3.16 -53.84 84.51
C LEU I 220 4.15 -53.31 85.54
N ILE I 221 3.69 -53.12 86.79
CA ILE I 221 4.56 -52.54 87.82
C ILE I 221 5.64 -53.53 88.26
N ARG I 222 5.31 -54.83 88.33
CA ARG I 222 6.24 -55.83 88.83
C ARG I 222 7.46 -55.98 87.93
N ARG I 223 7.32 -55.73 86.64
CA ARG I 223 8.40 -55.87 85.70
C ARG I 223 8.92 -54.53 85.19
N MET I 224 8.65 -53.45 85.91
CA MET I 224 9.11 -52.13 85.50
C MET I 224 9.90 -51.46 86.61
N ASN I 225 9.54 -51.72 87.87
CA ASN I 225 10.29 -51.10 88.96
C ASN I 225 11.51 -51.93 89.38
N LYS J 1 67.54 91.12 -29.22
CA LYS J 1 68.93 91.34 -28.88
C LYS J 1 69.79 90.09 -29.09
N VAL J 2 70.87 89.96 -28.31
CA VAL J 2 71.92 88.98 -28.56
C VAL J 2 71.71 87.71 -27.75
N VAL J 3 70.46 87.47 -27.34
CA VAL J 3 70.14 86.28 -26.55
C VAL J 3 70.31 85.01 -27.40
N ASN J 4 70.58 83.91 -26.70
CA ASN J 4 70.81 82.62 -27.34
C ASN J 4 69.50 82.10 -27.93
N PRO J 5 69.45 81.78 -29.23
CA PRO J 5 68.22 81.24 -29.82
C PRO J 5 67.92 79.79 -29.43
N LEU J 6 68.80 79.13 -28.69
CA LEU J 6 68.54 77.79 -28.18
C LEU J 6 67.87 77.80 -26.81
N PHE J 7 67.40 78.94 -26.35
CA PHE J 7 66.68 79.05 -25.10
C PHE J 7 65.19 79.14 -25.43
N GLU J 8 64.40 78.23 -24.87
CA GLU J 8 63.07 77.97 -25.39
C GLU J 8 62.13 77.62 -24.25
N LYS J 9 60.95 78.23 -24.26
CA LYS J 9 59.91 77.85 -23.31
C LYS J 9 59.31 76.53 -23.76
N ARG J 10 59.31 75.53 -22.87
CA ARG J 10 58.53 74.31 -23.06
C ARG J 10 57.50 74.26 -21.92
N PRO J 11 56.35 74.93 -22.10
CA PRO J 11 55.37 75.03 -21.02
C PRO J 11 54.56 73.75 -20.88
N LYS J 12 54.84 72.99 -19.83
CA LYS J 12 54.01 71.84 -19.51
C LYS J 12 52.67 72.31 -18.95
N ASN J 13 51.65 71.48 -19.14
CA ASN J 13 50.32 71.79 -18.66
C ASN J 13 49.81 70.67 -17.77
N PHE J 14 48.83 70.98 -16.93
CA PHE J 14 48.47 70.12 -15.82
C PHE J 14 46.99 69.79 -15.84
N GLY J 15 46.48 69.46 -17.02
CA GLY J 15 45.14 68.92 -17.14
C GLY J 15 45.08 67.48 -16.69
N ILE J 16 43.87 66.92 -16.78
CA ILE J 16 43.67 65.52 -16.43
C ILE J 16 44.24 64.64 -17.53
N GLY J 17 45.04 63.64 -17.15
CA GLY J 17 45.65 62.73 -18.11
C GLY J 17 46.86 63.26 -18.83
N GLN J 18 47.13 64.56 -18.74
CA GLN J 18 48.31 65.21 -19.29
C GLN J 18 49.51 65.03 -18.36
N ASP J 19 50.53 65.89 -18.52
CA ASP J 19 51.73 65.85 -17.69
C ASP J 19 51.38 65.97 -16.21
N ILE J 20 52.06 65.17 -15.38
CA ILE J 20 51.60 64.83 -14.04
C ILE J 20 51.69 66.02 -13.09
N GLN J 21 51.07 65.89 -11.93
CA GLN J 21 50.84 67.02 -11.06
C GLN J 21 52.13 67.43 -10.34
N PRO J 22 52.30 68.71 -10.06
CA PRO J 22 53.48 69.16 -9.31
C PRO J 22 53.30 68.90 -7.83
N LYS J 23 54.32 69.28 -7.05
CA LYS J 23 54.26 69.14 -5.60
C LYS J 23 53.60 70.38 -5.01
N ARG J 24 52.27 70.37 -5.05
CA ARG J 24 51.49 71.45 -4.47
C ARG J 24 51.24 71.18 -2.99
N ASP J 25 50.90 72.24 -2.27
CA ASP J 25 50.75 72.18 -0.81
C ASP J 25 49.51 71.36 -0.47
N LEU J 26 49.72 70.20 0.15
CA LEU J 26 48.65 69.28 0.48
C LEU J 26 48.24 69.36 1.95
N THR J 27 48.56 70.47 2.63
CA THR J 27 48.49 70.53 4.09
C THR J 27 47.09 70.46 4.66
N ARG J 28 46.05 70.62 3.84
CA ARG J 28 44.70 70.40 4.34
C ARG J 28 44.38 68.91 4.42
N PHE J 29 44.95 68.11 3.51
CA PHE J 29 44.46 66.78 3.23
C PHE J 29 45.32 65.67 3.83
N VAL J 30 46.33 65.99 4.63
CA VAL J 30 47.29 64.96 5.04
C VAL J 30 46.71 64.11 6.16
N LYS J 31 47.28 62.91 6.30
CA LYS J 31 46.97 62.01 7.41
C LYS J 31 47.63 62.53 8.68
N TRP J 32 46.90 63.29 9.48
CA TRP J 32 47.49 63.77 10.72
C TRP J 32 47.49 62.65 11.76
N PRO J 33 48.45 62.66 12.68
CA PRO J 33 48.41 61.69 13.79
C PRO J 33 47.29 62.03 14.76
N ARG J 34 46.93 61.04 15.58
CA ARG J 34 45.70 61.10 16.34
C ARG J 34 45.84 61.83 17.67
N TYR J 35 46.93 62.58 17.88
CA TYR J 35 46.89 63.59 18.92
C TYR J 35 46.65 64.98 18.35
N ILE J 36 47.00 65.18 17.07
CA ILE J 36 46.74 66.47 16.42
C ILE J 36 45.29 66.57 16.01
N ARG J 37 44.75 65.48 15.52
CA ARG J 37 43.35 65.42 15.14
C ARG J 37 42.52 65.50 16.41
N LEU J 38 43.02 64.92 17.49
CA LEU J 38 42.28 64.93 18.74
C LEU J 38 42.10 66.35 19.26
N GLN J 39 43.09 67.22 19.07
CA GLN J 39 43.03 68.57 19.61
C GLN J 39 42.53 69.59 18.60
N ARG J 40 42.44 69.23 17.32
CA ARG J 40 41.74 70.09 16.37
C ARG J 40 40.25 69.82 16.38
N GLN J 41 39.84 68.56 16.48
CA GLN J 41 38.43 68.25 16.64
C GLN J 41 37.89 68.66 18.00
N ARG J 42 38.77 68.82 18.99
CA ARG J 42 38.30 69.35 20.28
C ARG J 42 37.96 70.83 20.17
N ALA J 43 38.78 71.59 19.43
CA ALA J 43 38.54 73.03 19.30
C ALA J 43 37.36 73.33 18.41
N ILE J 44 37.08 72.48 17.43
CA ILE J 44 35.86 72.60 16.63
C ILE J 44 34.64 72.28 17.48
N LEU J 45 34.78 71.38 18.45
CA LEU J 45 33.63 70.93 19.21
C LEU J 45 33.26 71.89 20.34
N TYR J 46 34.12 72.86 20.67
CA TYR J 46 33.69 73.95 21.54
C TYR J 46 32.96 75.06 20.79
N LYS J 47 32.77 74.93 19.48
CA LYS J 47 31.98 75.89 18.72
C LYS J 47 30.94 75.20 17.84
N ARG J 48 30.46 74.07 18.31
CA ARG J 48 29.40 73.33 17.64
C ARG J 48 28.30 73.01 18.64
N LEU J 49 28.62 73.11 19.93
CA LEU J 49 27.69 72.85 21.01
C LEU J 49 27.35 74.15 21.73
N LYS J 50 26.21 74.14 22.42
CA LYS J 50 25.86 75.23 23.33
C LYS J 50 26.84 75.25 24.50
N VAL J 51 27.71 76.25 24.54
CA VAL J 51 28.63 76.44 25.65
C VAL J 51 27.95 77.32 26.68
N PRO J 52 27.87 76.90 27.94
CA PRO J 52 27.18 77.69 28.96
C PRO J 52 27.94 78.95 29.31
N PRO J 53 27.27 79.96 29.88
CA PRO J 53 27.95 81.24 30.16
C PRO J 53 29.02 81.17 31.23
N ALA J 54 29.05 80.12 32.05
CA ALA J 54 30.15 79.95 32.99
C ALA J 54 31.41 79.41 32.33
N ILE J 55 31.34 79.02 31.05
CA ILE J 55 32.50 78.67 30.27
C ILE J 55 32.70 79.64 29.10
N ASN J 56 31.61 80.23 28.59
CA ASN J 56 31.69 81.24 27.54
C ASN J 56 32.45 82.48 28.00
N GLN J 57 32.34 82.83 29.28
CA GLN J 57 32.86 84.09 29.80
C GLN J 57 34.39 84.21 29.76
N PHE J 58 35.10 83.11 29.52
CA PHE J 58 36.55 83.13 29.36
C PHE J 58 36.96 83.23 27.89
N THR J 59 36.07 83.68 27.03
CA THR J 59 36.39 83.99 25.64
C THR J 59 36.46 85.49 25.39
N GLN J 60 35.60 86.26 26.05
CA GLN J 60 35.58 87.71 25.95
C GLN J 60 36.59 88.33 26.92
N ALA J 61 37.86 88.06 26.63
CA ALA J 61 38.96 88.56 27.45
C ALA J 61 39.19 90.06 27.18
N LEU J 62 40.21 90.60 27.85
CA LEU J 62 40.45 92.03 27.76
C LEU J 62 41.22 92.35 26.49
N ASP J 63 41.01 93.56 25.97
CA ASP J 63 41.59 94.00 24.71
C ASP J 63 43.12 94.04 24.79
N ARG J 64 43.75 93.89 23.63
CA ARG J 64 45.20 93.69 23.57
C ARG J 64 45.97 94.94 23.97
N GLN J 65 45.43 96.12 23.68
CA GLN J 65 46.13 97.35 24.05
C GLN J 65 46.03 97.61 25.55
N THR J 66 44.86 97.39 26.15
CA THR J 66 44.66 97.73 27.55
C THR J 66 44.99 96.58 28.49
N ALA J 67 45.20 95.36 27.99
CA ALA J 67 45.82 94.33 28.80
C ALA J 67 47.34 94.44 28.81
N THR J 68 47.91 95.11 27.81
CA THR J 68 49.36 95.32 27.79
C THR J 68 49.77 96.35 28.85
N GLN J 69 48.96 97.39 29.03
CA GLN J 69 49.26 98.42 30.03
C GLN J 69 49.08 97.87 31.44
N LEU J 70 48.22 96.86 31.61
CA LEU J 70 48.10 96.17 32.89
C LEU J 70 49.37 95.41 33.21
N LEU J 71 49.92 94.69 32.23
CA LEU J 71 51.14 93.92 32.44
C LEU J 71 52.34 94.84 32.58
N LYS J 72 52.30 96.02 31.96
CA LYS J 72 53.36 97.00 32.12
C LYS J 72 53.36 97.58 33.53
N LEU J 73 52.19 97.65 34.16
CA LEU J 73 52.10 98.09 35.54
C LEU J 73 52.46 96.98 36.51
N ALA J 74 51.91 95.79 36.28
CA ALA J 74 52.18 94.62 37.12
C ALA J 74 53.48 93.92 36.75
N HIS J 75 54.55 94.69 36.64
CA HIS J 75 55.86 94.19 36.26
C HIS J 75 56.85 94.65 37.33
N LYS J 76 56.51 95.76 37.98
CA LYS J 76 57.25 96.25 39.14
C LYS J 76 56.83 95.55 40.42
N TYR J 77 55.72 94.82 40.36
CA TYR J 77 55.18 94.12 41.53
C TYR J 77 55.30 92.61 41.46
N ARG J 78 56.19 92.13 40.61
CA ARG J 78 56.45 90.72 40.48
C ARG J 78 57.12 90.21 41.76
N PRO J 79 56.81 88.99 42.20
CA PRO J 79 57.47 88.44 43.39
C PRO J 79 58.94 88.20 43.13
N GLU J 80 59.75 88.34 44.18
CA GLU J 80 61.19 88.28 44.02
C GLU J 80 61.64 86.84 43.83
N THR J 81 62.73 86.68 43.10
CA THR J 81 63.32 85.37 42.92
C THR J 81 64.11 85.05 44.20
N LYS J 82 64.33 83.75 44.45
CA LYS J 82 65.10 83.34 45.61
C LYS J 82 66.54 83.84 45.54
N GLN J 83 67.08 83.98 44.32
CA GLN J 83 68.43 84.51 44.14
C GLN J 83 68.56 85.98 44.50
N GLU J 84 67.45 86.71 44.59
CA GLU J 84 67.46 88.01 45.24
C GLU J 84 67.08 87.91 46.71
N LYS J 85 66.24 86.91 47.04
CA LYS J 85 65.87 86.69 48.44
C LYS J 85 67.05 86.22 49.27
N LYS J 86 67.92 85.39 48.69
CA LYS J 86 69.10 84.95 49.44
C LYS J 86 70.13 86.07 49.56
N GLN J 87 70.25 86.90 48.52
CA GLN J 87 71.26 87.96 48.53
C GLN J 87 70.86 89.08 49.47
N ARG J 88 69.54 89.29 49.63
CA ARG J 88 69.05 90.24 50.61
C ARG J 88 69.34 89.78 52.03
N LEU J 89 69.00 88.53 52.35
CA LEU J 89 69.11 88.03 53.73
C LEU J 89 70.54 87.81 54.18
N LEU J 90 71.51 87.82 53.26
CA LEU J 90 72.91 87.90 53.69
C LEU J 90 73.26 89.30 54.18
N ALA J 91 72.48 90.31 53.81
CA ALA J 91 72.66 91.67 54.28
C ALA J 91 71.52 92.18 55.14
N ARG J 92 70.30 91.66 54.96
CA ARG J 92 69.17 92.13 55.75
C ARG J 92 69.21 91.56 57.17
N ALA J 93 69.50 90.27 57.30
CA ALA J 93 69.70 89.67 58.61
C ALA J 93 71.00 90.13 59.25
N GLU J 94 71.94 90.63 58.45
CA GLU J 94 73.15 91.25 58.98
C GLU J 94 72.84 92.54 59.75
N LYS J 95 71.72 93.19 59.42
CA LYS J 95 71.36 94.47 60.03
C LYS J 95 70.47 94.31 61.25
N LYS J 96 70.60 93.22 62.00
CA LYS J 96 69.90 93.10 63.29
C LYS J 96 70.81 93.55 64.42
N ALA J 97 71.94 92.86 64.61
CA ALA J 97 72.86 93.20 65.69
C ALA J 97 73.80 94.34 65.30
N ALA J 98 73.94 94.61 64.01
CA ALA J 98 74.73 95.73 63.51
C ALA J 98 73.92 96.43 62.43
N GLY J 99 73.13 97.43 62.79
CA GLY J 99 72.92 97.86 64.17
C GLY J 99 71.51 98.31 64.48
N LYS J 100 70.53 97.82 63.72
CA LYS J 100 69.18 98.35 63.80
C LYS J 100 68.34 97.69 64.88
N GLY J 101 68.44 96.37 65.06
CA GLY J 101 67.59 95.70 66.04
C GLY J 101 66.28 95.22 65.46
N ASP J 102 65.23 96.02 65.61
CA ASP J 102 63.90 95.66 65.10
C ASP J 102 63.89 95.56 63.58
N VAL J 103 64.14 96.67 62.90
CA VAL J 103 64.09 96.84 61.45
C VAL J 103 62.76 96.35 60.89
N PRO J 104 61.66 97.10 61.06
CA PRO J 104 60.35 96.61 60.59
C PRO J 104 60.24 96.56 59.07
N THR J 105 60.95 97.44 58.36
CA THR J 105 61.38 97.44 56.96
C THR J 105 60.25 97.50 55.93
N LYS J 106 58.98 97.44 56.37
CA LYS J 106 57.79 97.69 55.55
C LYS J 106 57.72 96.77 54.32
N ARG J 107 57.35 95.48 54.54
CA ARG J 107 57.12 94.44 53.54
C ARG J 107 56.43 94.97 52.29
N PRO J 108 57.09 94.89 51.13
CA PRO J 108 56.63 95.66 49.97
C PRO J 108 55.36 95.09 49.38
N PRO J 109 54.49 95.95 48.84
CA PRO J 109 53.28 95.44 48.19
C PRO J 109 53.58 94.80 46.84
N VAL J 110 53.47 93.48 46.78
CA VAL J 110 53.77 92.73 45.57
C VAL J 110 52.54 91.96 45.12
N LEU J 111 52.67 91.21 44.04
CA LEU J 111 51.56 90.40 43.54
C LEU J 111 51.37 89.17 44.39
N ARG J 112 50.18 88.59 44.34
CA ARG J 112 49.86 87.36 45.05
CA ARG J 112 49.83 87.37 45.06
C ARG J 112 49.19 86.41 44.07
N ALA J 113 49.84 85.28 43.83
CA ALA J 113 49.45 84.35 42.79
C ALA J 113 48.79 83.10 43.39
N GLY J 114 48.08 82.38 42.52
CA GLY J 114 47.45 81.14 42.90
C GLY J 114 45.96 81.30 43.14
N VAL J 115 45.15 80.35 42.65
CA VAL J 115 43.71 80.48 42.76
C VAL J 115 43.25 80.23 44.20
N ASN J 116 44.05 79.53 45.00
CA ASN J 116 43.70 79.28 46.38
C ASN J 116 44.10 80.44 47.28
N THR J 117 45.11 81.22 46.88
CA THR J 117 45.45 82.43 47.61
C THR J 117 44.45 83.54 47.33
N VAL J 118 44.16 83.79 46.05
CA VAL J 118 43.38 84.96 45.68
C VAL J 118 41.90 84.79 45.97
N THR J 119 41.43 83.56 46.21
CA THR J 119 40.06 83.37 46.63
C THR J 119 39.89 83.76 48.09
N THR J 120 40.92 83.54 48.91
CA THR J 120 40.90 83.99 50.29
C THR J 120 40.88 85.51 50.38
N LEU J 121 41.57 86.17 49.45
CA LEU J 121 41.67 87.64 49.47
C LEU J 121 40.34 88.30 49.14
N VAL J 122 39.63 87.78 48.15
CA VAL J 122 38.38 88.40 47.71
C VAL J 122 37.24 88.15 48.70
N GLU J 123 37.27 87.03 49.44
CA GLU J 123 36.22 86.72 50.41
C GLU J 123 36.24 87.64 51.64
N ASN J 124 37.27 88.46 51.81
CA ASN J 124 37.28 89.46 52.88
C ASN J 124 37.83 90.79 52.37
N LYS J 125 37.60 91.09 51.08
CA LYS J 125 37.77 92.42 50.49
C LYS J 125 39.21 92.90 50.49
N LYS J 126 40.18 91.97 50.51
CA LYS J 126 41.58 92.38 50.48
C LYS J 126 41.99 92.80 49.08
N ALA J 127 41.50 92.07 48.09
CA ALA J 127 41.85 92.30 46.69
C ALA J 127 41.40 93.63 46.11
N GLN J 128 42.15 94.10 45.13
CA GLN J 128 41.89 95.36 44.45
C GLN J 128 41.56 95.11 43.00
N LEU J 129 42.14 94.07 42.43
CA LEU J 129 41.94 93.69 41.04
C LEU J 129 42.35 92.24 40.91
N VAL J 130 41.49 91.43 40.30
CA VAL J 130 41.77 90.01 40.13
C VAL J 130 42.02 89.74 38.66
N VAL J 131 43.26 89.45 38.31
CA VAL J 131 43.67 89.11 36.96
C VAL J 131 43.50 87.61 36.74
N ILE J 132 42.65 87.22 35.79
CA ILE J 132 42.31 85.82 35.56
C ILE J 132 42.75 85.43 34.15
N ALA J 133 43.40 84.28 34.03
CA ALA J 133 43.74 83.71 32.72
C ALA J 133 42.53 83.00 32.12
N HIS J 134 42.52 82.88 30.80
CA HIS J 134 41.31 82.42 30.11
C HIS J 134 41.35 80.94 29.77
N ASP J 135 42.52 80.34 29.61
CA ASP J 135 42.63 79.00 29.05
C ASP J 135 43.21 77.98 30.04
N VAL J 136 42.70 77.98 31.27
CA VAL J 136 42.94 76.87 32.18
C VAL J 136 42.34 75.61 31.58
N ASP J 137 43.15 74.56 31.46
CA ASP J 137 42.75 73.43 30.62
C ASP J 137 41.72 72.55 31.34
N PRO J 138 41.83 72.29 32.67
CA PRO J 138 40.62 71.93 33.41
C PRO J 138 39.81 73.17 33.74
N ILE J 139 38.93 73.62 32.85
CA ILE J 139 38.27 74.89 33.08
C ILE J 139 37.08 74.66 34.01
N GLU J 140 37.40 74.51 35.29
CA GLU J 140 36.41 74.54 36.35
C GLU J 140 36.97 75.17 37.61
N LEU J 141 38.21 75.63 37.60
CA LEU J 141 38.86 76.19 38.78
C LEU J 141 38.64 77.68 38.92
N VAL J 142 38.18 78.35 37.87
CA VAL J 142 37.96 79.79 37.89
C VAL J 142 36.55 80.12 37.41
N VAL J 143 35.72 79.11 37.17
CA VAL J 143 34.36 79.34 36.69
C VAL J 143 33.48 80.03 37.72
N PHE J 144 33.89 80.04 38.99
CA PHE J 144 33.17 80.73 40.05
C PHE J 144 33.74 82.11 40.38
N LEU J 145 34.93 82.45 39.90
CA LEU J 145 35.52 83.74 40.24
C LEU J 145 34.85 84.97 39.60
N PRO J 146 34.37 84.95 38.35
CA PRO J 146 33.49 86.07 37.93
C PRO J 146 32.19 86.13 38.71
N ALA J 147 31.66 85.00 39.17
CA ALA J 147 30.52 85.03 40.06
C ALA J 147 30.90 85.60 41.42
N LEU J 148 32.08 85.24 41.93
CA LEU J 148 32.41 85.60 43.30
C LEU J 148 32.93 87.04 43.38
N CYS J 149 33.69 87.48 42.39
CA CYS J 149 34.20 88.85 42.41
C CYS J 149 33.11 89.87 42.13
N ARG J 150 31.98 89.47 41.55
CA ARG J 150 30.86 90.40 41.43
C ARG J 150 30.12 90.53 42.75
N LYS J 151 29.95 89.43 43.48
CA LYS J 151 29.16 89.49 44.70
C LYS J 151 29.94 90.18 45.83
N MET J 152 31.23 89.88 45.95
CA MET J 152 32.08 90.64 46.86
C MET J 152 32.33 92.05 46.35
N GLY J 153 32.37 92.24 45.03
CA GLY J 153 32.41 93.58 44.47
C GLY J 153 33.78 94.13 44.14
N VAL J 154 34.77 93.27 43.90
CA VAL J 154 36.07 93.76 43.46
C VAL J 154 36.09 93.66 41.94
N PRO J 155 36.91 94.44 41.24
CA PRO J 155 37.00 94.27 39.80
C PRO J 155 37.85 93.08 39.42
N TYR J 156 37.49 92.47 38.30
CA TYR J 156 38.19 91.32 37.77
C TYR J 156 38.30 91.49 36.27
N CYS J 157 39.38 90.97 35.69
CA CYS J 157 39.55 91.02 34.25
C CYS J 157 40.04 89.67 33.75
N ILE J 158 39.53 89.24 32.61
CA ILE J 158 40.02 88.06 31.92
C ILE J 158 41.16 88.51 31.02
N ILE J 159 42.28 87.81 31.09
CA ILE J 159 43.50 88.18 30.38
C ILE J 159 43.90 87.04 29.47
N LYS J 160 44.22 87.36 28.22
CA LYS J 160 44.47 86.39 27.16
C LYS J 160 45.85 85.80 27.37
N GLY J 161 45.92 84.73 28.16
CA GLY J 161 47.17 84.03 28.39
C GLY J 161 47.33 83.46 29.78
N LYS J 162 47.73 82.19 29.87
CA LYS J 162 48.03 81.54 31.15
C LYS J 162 49.51 81.53 31.44
N ALA J 163 50.34 81.28 30.43
CA ALA J 163 51.79 81.31 30.58
C ALA J 163 52.35 82.71 30.48
N ARG J 164 51.52 83.72 30.30
CA ARG J 164 51.98 85.10 30.36
C ARG J 164 51.78 85.69 31.75
N LEU J 165 50.77 85.22 32.48
CA LEU J 165 50.73 85.44 33.92
C LEU J 165 51.80 84.61 34.63
N GLY J 166 52.06 83.41 34.14
CA GLY J 166 53.08 82.57 34.75
C GLY J 166 54.49 83.07 34.56
N ARG J 167 54.73 83.78 33.46
CA ARG J 167 56.07 84.27 33.17
C ARG J 167 56.44 85.47 34.04
N LEU J 168 55.48 86.08 34.73
CA LEU J 168 55.75 87.15 35.66
C LEU J 168 55.69 86.73 37.12
N VAL J 169 55.56 85.43 37.39
CA VAL J 169 55.73 84.90 38.74
C VAL J 169 56.85 83.87 38.79
N HIS J 170 57.72 83.88 37.76
CA HIS J 170 58.91 83.04 37.63
C HIS J 170 58.61 81.55 37.60
N ARG J 171 57.41 81.17 37.20
CA ARG J 171 57.03 79.78 37.03
C ARG J 171 56.61 79.55 35.58
N LYS J 172 56.13 78.35 35.28
CA LYS J 172 55.67 78.09 33.91
C LYS J 172 54.31 78.73 33.66
N THR J 173 53.30 78.29 34.39
CA THR J 173 51.96 78.86 34.28
C THR J 173 51.53 79.46 35.60
N CYS J 174 50.49 80.29 35.52
CA CYS J 174 49.81 80.80 36.70
C CYS J 174 48.36 81.04 36.34
N THR J 175 47.46 80.56 37.19
CA THR J 175 46.04 80.65 36.88
C THR J 175 45.52 82.06 37.09
N THR J 176 45.63 82.57 38.32
CA THR J 176 45.11 83.88 38.68
C THR J 176 46.12 84.68 39.48
N VAL J 177 46.06 85.98 39.30
CA VAL J 177 46.93 86.91 39.99
C VAL J 177 46.02 87.98 40.58
N ALA J 178 46.29 88.39 41.81
CA ALA J 178 45.44 89.38 42.43
C ALA J 178 46.25 90.57 42.91
N PHE J 179 45.71 91.77 42.70
CA PHE J 179 46.35 92.99 43.12
C PHE J 179 45.77 93.39 44.44
N THR J 180 46.62 93.73 45.40
CA THR J 180 46.11 94.16 46.70
C THR J 180 46.45 95.62 46.92
N GLN J 181 47.43 95.87 47.78
CA GLN J 181 47.83 97.24 48.05
C GLN J 181 48.84 97.67 46.98
N VAL J 182 48.79 98.95 46.64
CA VAL J 182 49.69 99.50 45.64
C VAL J 182 50.43 100.70 46.23
N ASN J 183 51.65 100.92 45.77
CA ASN J 183 52.46 102.07 46.18
C ASN J 183 51.84 103.38 45.71
N SER J 184 52.17 104.45 46.44
CA SER J 184 51.54 105.74 46.21
C SER J 184 52.05 106.45 44.96
N GLU J 185 53.18 105.99 44.40
CA GLU J 185 53.71 106.61 43.20
C GLU J 185 52.91 106.25 41.96
N ASP J 186 52.13 105.16 42.00
CA ASP J 186 51.36 104.73 40.85
C ASP J 186 49.95 104.26 41.23
N LYS J 187 49.36 104.88 42.26
CA LYS J 187 47.96 104.61 42.59
C LYS J 187 47.03 105.14 41.51
N GLY J 188 47.41 106.23 40.85
CA GLY J 188 46.63 106.79 39.76
C GLY J 188 46.53 105.89 38.55
N ALA J 189 47.52 105.00 38.36
CA ALA J 189 47.43 103.99 37.31
C ALA J 189 46.34 102.96 37.59
N LEU J 190 45.99 102.75 38.86
CA LEU J 190 44.85 101.89 39.18
C LEU J 190 43.54 102.58 38.86
N ALA J 191 43.42 103.88 39.14
CA ALA J 191 42.25 104.65 38.75
C ALA J 191 42.38 105.19 37.33
N LYS J 192 42.80 104.32 36.44
CA LYS J 192 42.77 104.35 34.98
C LYS J 192 42.26 103.04 34.42
N LEU J 193 42.59 101.92 35.07
CA LEU J 193 42.20 100.59 34.65
C LEU J 193 40.91 100.12 35.29
N VAL J 194 40.71 100.41 36.59
CA VAL J 194 39.60 99.81 37.33
C VAL J 194 38.25 100.32 36.82
N GLU J 195 38.14 101.62 36.54
CA GLU J 195 36.92 102.10 35.92
C GLU J 195 36.84 101.77 34.44
N ALA J 196 37.94 101.33 33.83
CA ALA J 196 37.94 100.86 32.46
C ALA J 196 37.76 99.35 32.34
N ILE J 197 37.94 98.61 33.42
CA ILE J 197 37.70 97.17 33.42
C ILE J 197 36.27 96.84 33.81
N ARG J 198 35.78 97.39 34.92
CA ARG J 198 34.50 96.95 35.47
C ARG J 198 33.30 97.44 34.68
N THR J 199 33.50 98.36 33.73
CA THR J 199 32.46 98.62 32.74
C THR J 199 32.31 97.47 31.75
N ASN J 200 33.35 96.65 31.60
CA ASN J 200 33.26 95.48 30.74
C ASN J 200 32.84 94.21 31.47
N TYR J 201 33.09 94.12 32.78
CA TYR J 201 32.82 92.89 33.51
C TYR J 201 31.81 93.05 34.63
N ASN J 202 31.99 94.01 35.54
CA ASN J 202 31.14 94.08 36.72
C ASN J 202 29.83 94.81 36.44
N ASP J 203 29.89 95.92 35.70
CA ASP J 203 28.68 96.67 35.40
C ASP J 203 27.78 95.90 34.44
N ARG J 204 28.36 95.05 33.60
CA ARG J 204 27.60 94.13 32.76
C ARG J 204 27.99 92.69 33.11
N TYR J 205 27.32 92.14 34.13
CA TYR J 205 27.48 90.73 34.45
C TYR J 205 26.15 89.97 34.43
N ASP J 206 25.03 90.65 34.64
CA ASP J 206 23.74 90.05 34.34
C ASP J 206 23.56 89.81 32.84
N GLU J 207 24.25 90.58 32.01
CA GLU J 207 24.28 90.34 30.57
C GLU J 207 25.06 89.08 30.23
N ILE J 208 26.16 88.82 30.95
CA ILE J 208 27.00 87.66 30.68
C ILE J 208 26.27 86.37 30.99
N ARG J 209 25.48 86.34 32.07
CA ARG J 209 24.92 85.10 32.59
C ARG J 209 23.86 84.46 31.70
N ARG J 210 23.35 85.16 30.70
CA ARG J 210 22.50 84.53 29.69
C ARG J 210 23.15 84.55 28.31
N HIS J 211 24.41 85.01 28.22
CA HIS J 211 25.12 85.09 26.95
C HIS J 211 25.76 83.73 26.67
N TRP J 212 24.95 82.85 26.08
CA TRP J 212 25.42 81.55 25.63
C TRP J 212 26.43 81.69 24.50
N GLY J 213 27.30 80.70 24.39
CA GLY J 213 28.35 80.71 23.38
C GLY J 213 28.34 79.44 22.56
N GLY J 214 29.28 79.39 21.60
CA GLY J 214 29.31 78.28 20.68
C GLY J 214 28.14 78.32 19.73
N ASN J 215 27.76 77.14 19.25
CA ASN J 215 26.52 76.88 18.51
C ASN J 215 26.51 77.64 17.17
N VAL J 216 27.66 77.64 16.50
CA VAL J 216 27.71 77.97 15.09
C VAL J 216 27.99 76.68 14.32
N LEU J 217 27.87 76.74 13.01
CA LEU J 217 27.99 75.56 12.17
C LEU J 217 29.25 75.64 11.33
N GLY J 218 29.53 74.55 10.63
CA GLY J 218 30.68 74.45 9.76
C GLY J 218 30.57 75.38 8.57
N PRO J 219 31.72 75.76 8.00
CA PRO J 219 31.69 76.61 6.79
C PRO J 219 31.07 75.91 5.59
N LYS J 220 31.09 74.58 5.55
CA LYS J 220 30.34 73.86 4.54
C LYS J 220 28.86 73.81 4.87
N SER J 221 28.52 73.74 6.16
CA SER J 221 27.11 73.69 6.56
C SER J 221 26.44 75.05 6.43
N VAL J 222 27.15 76.13 6.77
CA VAL J 222 26.54 77.46 6.74
C VAL J 222 26.41 77.97 5.31
N ALA J 223 27.21 77.45 4.37
CA ALA J 223 27.13 77.85 2.97
C ALA J 223 26.27 76.91 2.14
N ARG J 224 25.82 75.80 2.72
CA ARG J 224 24.79 75.00 2.08
C ARG J 224 23.39 75.44 2.49
N ILE J 225 23.26 76.11 3.63
CA ILE J 225 22.00 76.73 4.00
C ILE J 225 21.97 78.21 3.59
N ALA J 226 22.82 78.61 2.66
CA ALA J 226 22.71 79.87 1.96
C ALA J 226 22.29 79.71 0.51
N LYS J 227 22.59 78.56 -0.10
CA LYS J 227 22.11 78.29 -1.46
C LYS J 227 20.62 77.98 -1.45
N LEU J 228 20.13 77.28 -0.42
CA LEU J 228 18.71 77.01 -0.30
C LEU J 228 17.92 78.28 0.04
N GLU J 229 18.54 79.23 0.75
CA GLU J 229 17.87 80.50 0.99
C GLU J 229 17.83 81.33 -0.29
N LYS J 230 18.97 81.48 -0.97
CA LYS J 230 19.05 82.29 -2.18
C LYS J 230 18.27 81.68 -3.34
N ALA J 231 18.04 80.35 -3.33
CA ALA J 231 17.11 79.77 -4.28
C ALA J 231 15.68 80.15 -3.93
N LYS J 232 15.35 80.17 -2.64
CA LYS J 232 14.03 80.61 -2.22
C LYS J 232 13.88 82.12 -2.33
N ALA J 233 14.93 82.87 -1.98
CA ALA J 233 14.88 84.33 -2.01
C ALA J 233 15.43 84.87 -3.33
N LYS J 234 14.88 84.34 -4.43
CA LYS J 234 15.06 84.97 -5.73
C LYS J 234 13.77 85.05 -6.54
N GLU J 235 12.72 84.33 -6.17
CA GLU J 235 11.41 84.54 -6.77
C GLU J 235 10.35 84.99 -5.78
N LEU J 236 10.50 84.70 -4.49
CA LEU J 236 9.50 85.08 -3.49
C LEU J 236 9.44 86.57 -3.26
N ALA J 237 10.52 87.32 -3.51
CA ALA J 237 10.43 88.76 -3.54
C ALA J 237 9.98 89.25 -4.91
N THR J 238 10.19 88.45 -5.95
CA THR J 238 9.77 88.77 -7.30
C THR J 238 8.28 88.52 -7.50
N LYS J 239 7.68 87.65 -6.67
CA LYS J 239 6.22 87.45 -6.67
C LYS J 239 5.49 88.74 -6.32
N LEU J 240 6.02 89.52 -5.39
CA LEU J 240 5.44 90.80 -5.04
C LEU J 240 6.07 91.91 -5.89
N GLY J 241 5.28 92.92 -6.19
CA GLY J 241 5.72 94.03 -7.02
C GLY J 241 5.73 93.73 -8.51
N MET K 1 -11.21 -78.18 53.79
CA MET K 1 -11.80 -79.45 53.40
C MET K 1 -10.81 -80.32 52.62
N LYS K 2 -10.35 -81.37 53.28
CA LYS K 2 -9.57 -82.42 52.63
C LYS K 2 -10.18 -83.76 53.03
N THR K 3 -10.59 -84.53 52.03
CA THR K 3 -11.28 -85.79 52.28
C THR K 3 -10.30 -86.82 52.82
N ILE K 4 -10.69 -87.47 53.91
CA ILE K 4 -9.82 -88.37 54.65
C ILE K 4 -9.47 -89.61 53.84
N LEU K 5 -10.41 -90.11 53.03
CA LEU K 5 -10.15 -91.32 52.25
C LEU K 5 -11.03 -91.33 51.01
N SER K 6 -10.43 -91.60 49.86
CA SER K 6 -11.17 -91.84 48.62
C SER K 6 -10.55 -93.04 47.92
N ASN K 7 -11.26 -94.16 47.91
CA ASN K 7 -10.79 -95.37 47.26
C ASN K 7 -11.56 -95.62 45.97
N GLN K 8 -10.96 -96.45 45.11
CA GLN K 8 -11.62 -96.92 43.89
C GLN K 8 -10.96 -98.21 43.46
N THR K 9 -11.67 -99.33 43.61
CA THR K 9 -11.12 -100.61 43.22
C THR K 9 -11.17 -100.78 41.70
N VAL K 10 -10.35 -101.69 41.20
CA VAL K 10 -10.27 -102.00 39.77
C VAL K 10 -10.31 -103.51 39.63
N ASP K 11 -11.32 -104.02 38.94
CA ASP K 11 -11.42 -105.45 38.70
C ASP K 11 -10.38 -105.88 37.67
N ILE K 12 -9.92 -107.12 37.81
CA ILE K 12 -8.86 -107.68 36.99
C ILE K 12 -9.30 -109.05 36.48
N PRO K 13 -9.27 -109.29 35.17
CA PRO K 13 -9.65 -110.61 34.65
C PRO K 13 -8.64 -111.70 34.97
N GLU K 14 -8.98 -112.93 34.59
CA GLU K 14 -8.18 -114.10 34.94
C GLU K 14 -6.99 -114.29 34.02
N ASN K 15 -7.03 -113.76 32.79
CA ASN K 15 -5.96 -114.01 31.84
C ASN K 15 -4.74 -113.13 32.09
N VAL K 16 -4.90 -112.07 32.87
CA VAL K 16 -3.79 -111.21 33.22
C VAL K 16 -3.37 -111.48 34.66
N ASP K 17 -2.18 -111.01 35.02
CA ASP K 17 -1.64 -111.18 36.36
C ASP K 17 -0.66 -110.04 36.59
N ILE K 18 -1.06 -109.05 37.39
CA ILE K 18 -0.28 -107.84 37.53
C ILE K 18 0.45 -107.85 38.86
N THR K 19 1.56 -107.12 38.91
CA THR K 19 2.40 -106.97 40.09
C THR K 19 2.59 -105.47 40.36
N LEU K 20 3.20 -105.17 41.51
CA LEU K 20 3.42 -103.79 41.92
C LEU K 20 4.85 -103.64 42.44
N LYS K 21 5.68 -102.89 41.70
CA LYS K 21 7.00 -102.50 42.19
C LYS K 21 6.86 -101.09 42.74
N GLY K 22 6.25 -100.98 43.92
CA GLY K 22 5.90 -99.70 44.47
C GLY K 22 4.77 -99.06 43.67
N ARG K 23 5.03 -97.88 43.12
CA ARG K 23 4.11 -97.24 42.20
C ARG K 23 4.54 -97.52 40.76
N THR K 24 4.48 -98.81 40.41
CA THR K 24 4.82 -99.26 39.07
C THR K 24 3.97 -100.48 38.77
N VAL K 25 3.01 -100.33 37.86
CA VAL K 25 2.09 -101.40 37.52
C VAL K 25 2.64 -102.14 36.31
N ILE K 26 2.78 -103.46 36.43
CA ILE K 26 3.30 -104.31 35.37
C ILE K 26 2.17 -105.27 35.00
N VAL K 27 1.48 -105.00 33.90
CA VAL K 27 0.36 -105.82 33.46
C VAL K 27 0.88 -106.81 32.43
N LYS K 28 0.53 -108.09 32.59
CA LYS K 28 1.07 -109.16 31.76
C LYS K 28 -0.09 -110.01 31.27
N GLY K 29 -0.41 -109.90 29.99
CA GLY K 29 -1.50 -110.66 29.41
C GLY K 29 -1.06 -111.63 28.33
N PRO K 30 -2.02 -112.15 27.58
CA PRO K 30 -1.69 -113.07 26.48
C PRO K 30 -1.14 -112.40 25.23
N ARG K 31 -1.20 -111.07 25.21
CA ARG K 31 -0.74 -110.27 24.07
C ARG K 31 0.56 -109.53 24.33
N GLY K 32 1.21 -109.84 25.45
CA GLY K 32 2.46 -109.18 25.78
C GLY K 32 2.50 -108.67 27.20
N THR K 33 3.16 -107.52 27.39
CA THR K 33 3.27 -106.93 28.72
C THR K 33 3.40 -105.42 28.59
N LEU K 34 3.03 -104.73 29.66
CA LEU K 34 3.13 -103.28 29.73
C LEU K 34 3.67 -102.88 31.09
N ARG K 35 4.11 -101.63 31.21
CA ARG K 35 4.80 -101.16 32.41
C ARG K 35 4.76 -99.65 32.42
N ARG K 36 4.17 -99.05 33.46
CA ARG K 36 4.21 -97.61 33.65
C ARG K 36 4.62 -97.27 35.08
N ASP K 37 5.53 -96.32 35.20
CA ASP K 37 5.93 -95.78 36.50
C ASP K 37 4.96 -94.70 36.94
N PHE K 38 4.35 -94.88 38.11
CA PHE K 38 3.43 -93.90 38.69
C PHE K 38 4.05 -93.15 39.86
N ASN K 39 5.37 -92.94 39.86
CA ASN K 39 6.04 -92.35 41.01
C ASN K 39 5.93 -90.82 41.07
N HIS K 40 5.00 -90.22 40.35
CA HIS K 40 4.73 -88.79 40.44
C HIS K 40 3.43 -88.46 41.15
N ILE K 41 2.58 -89.44 41.45
CA ILE K 41 1.34 -89.24 42.18
C ILE K 41 1.41 -90.04 43.48
N ASN K 42 1.23 -89.35 44.60
CA ASN K 42 1.30 -89.99 45.92
C ASN K 42 -0.02 -90.69 46.22
N VAL K 43 -0.12 -91.94 45.79
CA VAL K 43 -1.18 -92.84 46.19
C VAL K 43 -0.53 -94.14 46.64
N GLU K 44 -1.30 -94.98 47.32
CA GLU K 44 -0.88 -96.35 47.57
C GLU K 44 -1.73 -97.29 46.72
N LEU K 45 -1.07 -98.28 46.14
CA LEU K 45 -1.74 -99.31 45.37
C LEU K 45 -1.73 -100.61 46.16
N SER K 46 -2.67 -101.50 45.84
CA SER K 46 -2.81 -102.72 46.63
C SER K 46 -3.54 -103.77 45.81
N LEU K 47 -2.92 -104.94 45.64
CA LEU K 47 -3.65 -106.13 45.21
C LEU K 47 -4.31 -106.77 46.42
N LEU K 48 -5.61 -107.03 46.33
CA LEU K 48 -6.39 -107.46 47.48
C LEU K 48 -6.73 -108.94 47.45
N GLY K 49 -7.40 -109.41 46.41
CA GLY K 49 -7.92 -110.75 46.40
C GLY K 49 -6.88 -111.80 46.05
N LYS K 50 -7.36 -113.04 45.95
CA LYS K 50 -6.58 -114.14 45.41
C LYS K 50 -7.35 -114.99 44.43
N LYS K 51 -8.66 -114.79 44.28
CA LYS K 51 -9.46 -115.42 43.25
C LYS K 51 -9.95 -114.43 42.21
N LYS K 52 -10.36 -113.23 42.62
CA LYS K 52 -10.83 -112.21 41.69
C LYS K 52 -9.84 -111.05 41.51
N LYS K 53 -8.90 -110.87 42.44
CA LYS K 53 -7.72 -110.01 42.29
C LYS K 53 -8.10 -108.54 42.04
N ARG K 54 -8.70 -107.93 43.06
CA ARG K 54 -9.01 -106.51 42.97
C ARG K 54 -7.74 -105.67 43.04
N LEU K 55 -7.87 -104.38 42.71
CA LEU K 55 -6.76 -103.43 42.75
C LEU K 55 -7.29 -102.11 43.29
N ARG K 56 -7.01 -101.82 44.56
CA ARG K 56 -7.48 -100.61 45.21
C ARG K 56 -6.41 -99.53 45.22
N VAL K 57 -6.85 -98.28 45.17
CA VAL K 57 -5.99 -97.12 45.23
C VAL K 57 -6.61 -96.11 46.19
N ASP K 58 -5.85 -95.70 47.18
CA ASP K 58 -6.32 -94.77 48.21
C ASP K 58 -5.71 -93.40 47.99
N LYS K 59 -6.21 -92.41 48.70
CA LYS K 59 -5.64 -91.08 48.55
C LYS K 59 -5.20 -90.43 49.84
N TRP K 60 -5.94 -90.59 50.95
CA TRP K 60 -5.50 -90.21 52.30
C TRP K 60 -5.14 -88.73 52.48
N TRP K 61 -6.15 -87.89 52.68
CA TRP K 61 -6.06 -86.44 52.97
C TRP K 61 -5.59 -85.63 51.79
N GLY K 62 -6.27 -85.75 50.65
CA GLY K 62 -5.99 -84.93 49.49
C GLY K 62 -7.02 -83.82 49.35
N ASN K 63 -6.58 -82.68 48.81
CA ASN K 63 -7.48 -81.59 48.49
C ASN K 63 -8.16 -81.88 47.15
N ARG K 64 -8.85 -80.88 46.58
CA ARG K 64 -9.65 -81.09 45.38
C ARG K 64 -8.79 -81.43 44.16
N LYS K 65 -7.59 -80.86 44.08
CA LYS K 65 -6.75 -81.11 42.92
C LYS K 65 -5.97 -82.41 43.04
N GLU K 66 -5.63 -82.84 44.26
CA GLU K 66 -5.02 -84.14 44.44
C GLU K 66 -6.03 -85.27 44.30
N LEU K 67 -7.30 -84.99 44.58
CA LEU K 67 -8.32 -86.03 44.58
C LEU K 67 -8.72 -86.44 43.16
N ALA K 68 -8.38 -85.62 42.17
CA ALA K 68 -8.69 -85.92 40.77
C ALA K 68 -7.86 -87.07 40.22
N THR K 69 -6.69 -87.33 40.78
CA THR K 69 -5.77 -88.32 40.26
C THR K 69 -6.05 -89.73 40.77
N VAL K 70 -7.16 -89.96 41.46
CA VAL K 70 -7.46 -91.30 41.94
C VAL K 70 -8.15 -92.11 40.86
N ARG K 71 -9.02 -91.47 40.09
CA ARG K 71 -9.76 -92.16 39.03
C ARG K 71 -8.96 -92.23 37.74
N THR K 72 -7.94 -91.39 37.58
CA THR K 72 -7.13 -91.43 36.37
C THR K 72 -6.19 -92.63 36.38
N ILE K 73 -5.57 -92.90 37.53
CA ILE K 73 -4.70 -94.07 37.67
C ILE K 73 -5.49 -95.36 37.47
N CYS K 74 -6.77 -95.36 37.89
CA CYS K 74 -7.67 -96.44 37.53
C CYS K 74 -7.87 -96.52 36.02
N SER K 75 -8.00 -95.38 35.36
CA SER K 75 -8.24 -95.39 33.92
C SER K 75 -6.98 -95.74 33.14
N HIS K 76 -5.80 -95.46 33.69
CA HIS K 76 -4.58 -95.89 33.02
C HIS K 76 -4.37 -97.40 33.15
N VAL K 77 -4.76 -97.99 34.29
CA VAL K 77 -4.61 -99.43 34.47
C VAL K 77 -5.60 -100.19 33.60
N GLN K 78 -6.84 -99.70 33.51
CA GLN K 78 -7.85 -100.34 32.67
C GLN K 78 -7.54 -100.23 31.18
N ASN K 79 -6.67 -99.29 30.78
CA ASN K 79 -6.19 -99.25 29.41
C ASN K 79 -5.01 -100.19 29.20
N MET K 80 -4.34 -100.59 30.27
CA MET K 80 -3.30 -101.62 30.14
C MET K 80 -3.92 -103.00 30.05
N ILE K 81 -5.02 -103.21 30.77
CA ILE K 81 -5.68 -104.51 30.78
C ILE K 81 -6.35 -104.77 29.43
N LYS K 82 -7.04 -103.77 28.89
CA LYS K 82 -7.61 -103.91 27.56
C LYS K 82 -6.52 -103.89 26.49
N GLY K 83 -5.36 -103.32 26.78
CA GLY K 83 -4.26 -103.31 25.83
C GLY K 83 -3.65 -104.68 25.63
N VAL K 84 -3.59 -105.51 26.67
CA VAL K 84 -2.95 -106.81 26.58
C VAL K 84 -3.94 -107.96 26.51
N THR K 85 -5.23 -107.71 26.77
CA THR K 85 -6.24 -108.72 26.48
C THR K 85 -6.87 -108.53 25.11
N LEU K 86 -7.05 -107.28 24.69
CA LEU K 86 -7.76 -106.99 23.46
C LEU K 86 -6.94 -106.18 22.47
N GLY K 87 -6.14 -105.23 22.94
CA GLY K 87 -5.37 -104.37 22.07
C GLY K 87 -6.12 -103.11 21.70
N PHE K 88 -5.47 -102.29 20.88
CA PHE K 88 -6.06 -101.05 20.40
C PHE K 88 -5.97 -101.01 18.88
N ARG K 89 -7.11 -101.12 18.22
CA ARG K 89 -7.21 -101.06 16.77
C ARG K 89 -7.82 -99.72 16.37
N TYR K 90 -7.05 -98.90 15.67
CA TYR K 90 -7.55 -97.62 15.18
C TYR K 90 -7.66 -97.69 13.66
N LYS K 91 -8.87 -97.89 13.16
CA LYS K 91 -9.15 -97.74 11.75
C LYS K 91 -9.27 -96.25 11.44
N MET K 92 -8.44 -95.75 10.55
CA MET K 92 -8.47 -94.34 10.20
C MET K 92 -8.43 -94.17 8.69
N ARG K 93 -9.18 -93.20 8.20
CA ARG K 93 -9.67 -93.17 6.82
C ARG K 93 -9.16 -91.93 6.11
N SER K 94 -8.70 -92.10 4.88
CA SER K 94 -8.19 -90.99 4.08
C SER K 94 -9.32 -90.39 3.27
N VAL K 95 -9.55 -89.09 3.43
CA VAL K 95 -10.64 -88.37 2.79
C VAL K 95 -10.03 -87.38 1.80
N TYR K 96 -10.16 -87.67 0.51
CA TYR K 96 -9.64 -86.79 -0.53
C TYR K 96 -10.77 -86.26 -1.38
N ALA K 97 -10.47 -85.22 -2.15
CA ALA K 97 -11.43 -84.62 -3.07
C ALA K 97 -11.02 -84.78 -4.52
N HIS K 98 -9.80 -84.34 -4.88
CA HIS K 98 -9.32 -84.45 -6.25
C HIS K 98 -8.09 -85.34 -6.37
N PHE K 99 -7.11 -85.17 -5.49
CA PHE K 99 -5.87 -85.93 -5.58
C PHE K 99 -5.94 -87.09 -4.59
N PRO K 100 -5.95 -88.34 -5.05
CA PRO K 100 -5.90 -89.46 -4.11
C PRO K 100 -4.53 -89.54 -3.43
N ILE K 101 -4.54 -89.96 -2.18
CA ILE K 101 -3.35 -89.97 -1.35
C ILE K 101 -2.72 -91.35 -1.36
N ASN K 102 -1.45 -91.43 -1.73
CA ASN K 102 -0.69 -92.67 -1.73
C ASN K 102 0.01 -92.83 -0.39
N VAL K 103 -0.29 -93.92 0.31
CA VAL K 103 0.41 -94.29 1.53
C VAL K 103 1.06 -95.64 1.29
N VAL K 104 2.39 -95.65 1.25
CA VAL K 104 3.18 -96.88 1.15
C VAL K 104 3.78 -97.17 2.52
N ILE K 105 3.75 -98.43 2.92
CA ILE K 105 4.25 -98.85 4.22
C ILE K 105 5.71 -99.23 4.09
N GLN K 106 6.57 -98.50 4.81
CA GLN K 106 8.00 -98.81 4.86
C GLN K 106 8.24 -99.81 5.99
N GLU K 107 9.50 -99.96 6.42
CA GLU K 107 10.04 -101.12 7.14
C GLU K 107 9.22 -101.62 8.34
N ASN K 108 8.64 -102.81 8.17
CA ASN K 108 7.91 -103.56 9.20
C ASN K 108 6.77 -102.77 9.83
N GLY K 109 6.17 -101.84 9.08
CA GLY K 109 5.01 -101.13 9.57
C GLY K 109 5.29 -99.94 10.46
N SER K 110 6.55 -99.59 10.67
CA SER K 110 6.91 -98.50 11.57
C SER K 110 7.14 -97.18 10.84
N LEU K 111 6.78 -97.10 9.56
CA LEU K 111 6.98 -95.88 8.81
C LEU K 111 5.95 -95.84 7.68
N VAL K 112 5.34 -94.67 7.48
CA VAL K 112 4.43 -94.43 6.37
C VAL K 112 4.99 -93.29 5.53
N GLU K 113 4.63 -93.29 4.25
CA GLU K 113 5.00 -92.20 3.35
C GLU K 113 3.74 -91.69 2.67
N ILE K 114 3.40 -90.43 2.92
CA ILE K 114 2.20 -89.82 2.39
C ILE K 114 2.64 -88.86 1.29
N ARG K 115 2.40 -89.23 0.03
CA ARG K 115 3.00 -88.54 -1.10
C ARG K 115 2.07 -87.50 -1.73
N ASN K 116 0.92 -87.93 -2.24
CA ASN K 116 0.14 -87.10 -3.15
C ASN K 116 -0.96 -86.32 -2.41
N PHE K 117 -0.52 -85.50 -1.47
CA PHE K 117 -1.42 -84.72 -0.61
C PHE K 117 -1.68 -83.36 -1.25
N LEU K 118 -2.93 -83.13 -1.68
CA LEU K 118 -3.36 -81.94 -2.43
C LEU K 118 -2.54 -81.70 -3.68
N GLY K 119 -2.01 -82.77 -4.28
CA GLY K 119 -1.22 -82.63 -5.48
C GLY K 119 0.12 -81.97 -5.30
N GLU K 120 0.70 -82.04 -4.10
CA GLU K 120 2.01 -81.47 -3.90
C GLU K 120 3.07 -82.58 -3.91
N LYS K 121 4.29 -82.20 -4.24
CA LYS K 121 5.35 -83.16 -4.53
C LYS K 121 6.18 -83.52 -3.31
N TYR K 122 5.95 -82.89 -2.16
CA TYR K 122 6.65 -83.25 -0.94
C TYR K 122 6.19 -84.61 -0.43
N ILE K 123 7.13 -85.36 0.14
CA ILE K 123 6.86 -86.69 0.68
C ILE K 123 6.93 -86.59 2.18
N ARG K 124 5.83 -86.96 2.84
CA ARG K 124 5.73 -86.93 4.29
C ARG K 124 6.11 -88.27 4.87
N ARG K 125 7.21 -88.29 5.61
CA ARG K 125 7.70 -89.52 6.23
C ARG K 125 7.69 -89.33 7.73
N VAL K 126 6.69 -89.91 8.39
CA VAL K 126 6.52 -89.80 9.83
C VAL K 126 6.72 -91.17 10.48
N ARG K 127 7.56 -91.21 11.51
CA ARG K 127 7.94 -92.44 12.18
C ARG K 127 6.90 -92.84 13.22
N MET K 128 6.63 -94.12 13.31
CA MET K 128 5.74 -94.62 14.36
C MET K 128 6.48 -94.70 15.69
N ARG K 129 5.72 -94.48 16.77
CA ARG K 129 6.21 -94.79 18.10
C ARG K 129 6.44 -96.29 18.21
N PRO K 130 7.49 -96.73 18.91
CA PRO K 130 7.89 -98.15 18.86
C PRO K 130 6.87 -99.07 19.52
N GLY K 131 6.43 -100.07 18.77
CA GLY K 131 5.38 -100.97 19.20
C GLY K 131 4.07 -100.81 18.47
N VAL K 132 4.01 -99.97 17.44
CA VAL K 132 2.78 -99.71 16.69
C VAL K 132 2.95 -100.31 15.30
N ALA K 133 2.04 -101.18 14.90
CA ALA K 133 2.08 -101.86 13.61
C ALA K 133 1.07 -101.19 12.68
N CYS K 134 1.51 -100.16 11.95
CA CYS K 134 0.65 -99.46 11.02
C CYS K 134 0.65 -100.16 9.67
N SER K 135 -0.54 -100.47 9.15
CA SER K 135 -0.69 -101.24 7.93
C SER K 135 -1.76 -100.60 7.04
N VAL K 136 -1.95 -101.19 5.87
CA VAL K 136 -2.99 -100.78 4.91
C VAL K 136 -4.01 -101.90 4.83
N SER K 137 -5.30 -101.55 4.93
CA SER K 137 -6.37 -102.52 4.93
C SER K 137 -6.61 -103.08 3.53
N GLN K 138 -7.55 -104.02 3.46
CA GLN K 138 -7.93 -104.65 2.20
C GLN K 138 -9.45 -104.68 1.95
N ALA K 139 -10.28 -104.54 2.98
CA ALA K 139 -11.72 -104.56 2.79
C ALA K 139 -12.30 -103.19 2.49
N GLN K 140 -11.59 -102.12 2.86
CA GLN K 140 -11.95 -100.76 2.46
C GLN K 140 -11.05 -100.35 1.30
N LYS K 141 -11.32 -99.16 0.75
CA LYS K 141 -10.58 -98.77 -0.45
C LYS K 141 -9.28 -98.03 -0.12
N ASP K 142 -9.28 -97.10 0.84
CA ASP K 142 -8.03 -96.46 1.26
C ASP K 142 -8.17 -96.01 2.72
N GLU K 143 -7.68 -96.84 3.63
CA GLU K 143 -7.68 -96.48 5.04
C GLU K 143 -6.53 -97.19 5.73
N LEU K 144 -5.96 -96.53 6.72
CA LEU K 144 -4.83 -97.08 7.46
C LEU K 144 -5.31 -97.82 8.69
N ILE K 145 -4.55 -98.84 9.08
CA ILE K 145 -4.92 -99.72 10.18
C ILE K 145 -3.72 -99.99 11.08
N LEU K 146 -3.66 -99.32 12.22
CA LEU K 146 -2.49 -99.35 13.10
C LEU K 146 -2.82 -100.04 14.41
N GLU K 147 -1.99 -101.01 14.78
CA GLU K 147 -2.21 -101.89 15.92
C GLU K 147 -1.48 -101.34 17.15
N GLY K 148 -1.39 -102.15 18.20
CA GLY K 148 -0.60 -101.77 19.35
C GLY K 148 -1.19 -102.17 20.69
N ASN K 149 -0.47 -101.88 21.78
CA ASN K 149 -0.91 -102.21 23.12
C ASN K 149 -1.02 -101.03 24.05
N ASP K 150 -0.37 -99.90 23.74
CA ASP K 150 -0.33 -98.74 24.61
C ASP K 150 -1.13 -97.63 23.95
N ILE K 151 -2.22 -97.20 24.62
CA ILE K 151 -3.13 -96.22 24.03
C ILE K 151 -2.48 -94.83 23.92
N GLU K 152 -1.48 -94.52 24.74
CA GLU K 152 -0.77 -93.26 24.59
C GLU K 152 0.29 -93.32 23.50
N LEU K 153 0.56 -94.49 22.93
CA LEU K 153 1.46 -94.62 21.79
C LEU K 153 0.75 -94.88 20.48
N VAL K 154 -0.37 -95.60 20.50
CA VAL K 154 -1.14 -95.81 19.29
C VAL K 154 -1.83 -94.53 18.86
N SER K 155 -2.46 -93.84 19.81
CA SER K 155 -3.16 -92.61 19.48
C SER K 155 -2.21 -91.46 19.20
N ASN K 156 -1.00 -91.52 19.75
CA ASN K 156 0.00 -90.51 19.40
C ASN K 156 0.52 -90.73 17.99
N SER K 157 0.72 -92.00 17.60
CA SER K 157 1.15 -92.29 16.23
C SER K 157 0.05 -91.98 15.23
N ALA K 158 -1.21 -92.17 15.63
CA ALA K 158 -2.31 -91.76 14.78
C ALA K 158 -2.42 -90.25 14.69
N ALA K 159 -1.95 -89.53 15.71
CA ALA K 159 -1.94 -88.08 15.69
C ALA K 159 -0.71 -87.50 15.01
N LEU K 160 0.35 -88.29 14.83
CA LEU K 160 1.47 -87.82 14.03
C LEU K 160 1.10 -87.74 12.56
N ILE K 161 0.37 -88.74 12.06
CA ILE K 161 0.00 -88.78 10.66
C ILE K 161 -1.26 -87.98 10.38
N GLN K 162 -1.86 -87.37 11.39
CA GLN K 162 -2.96 -86.44 11.21
C GLN K 162 -2.51 -84.99 11.29
N GLN K 163 -1.58 -84.67 12.19
CA GLN K 163 -0.98 -83.33 12.21
C GLN K 163 -0.10 -83.09 10.99
N ALA K 164 0.42 -84.16 10.38
CA ALA K 164 1.30 -83.99 9.22
C ALA K 164 0.51 -83.58 7.99
N THR K 165 -0.69 -84.12 7.82
CA THR K 165 -1.52 -83.81 6.66
C THR K 165 -2.52 -82.72 7.01
N THR K 166 -1.99 -81.52 7.23
CA THR K 166 -2.79 -80.32 7.43
C THR K 166 -2.61 -79.38 6.25
N VAL K 167 -3.70 -78.73 5.86
CA VAL K 167 -3.71 -77.82 4.72
C VAL K 167 -3.35 -76.43 5.21
N LYS K 168 -2.38 -75.80 4.56
CA LYS K 168 -1.84 -74.53 5.01
C LYS K 168 -2.16 -73.43 4.00
N ASN K 169 -2.40 -72.23 4.52
CA ASN K 169 -2.71 -71.01 3.75
C ASN K 169 -3.95 -71.17 2.87
N LYS K 170 -4.86 -72.01 3.31
CA LYS K 170 -6.10 -72.15 2.60
C LYS K 170 -7.24 -72.10 3.60
N ASP K 171 -8.43 -72.19 3.07
CA ASP K 171 -9.60 -72.32 3.92
C ASP K 171 -9.58 -73.77 4.45
N ILE K 172 -10.07 -74.00 5.66
CA ILE K 172 -10.06 -75.37 6.16
C ILE K 172 -11.47 -75.90 6.30
N ARG K 173 -12.48 -75.18 5.74
CA ARG K 173 -13.97 -75.50 5.71
C ARG K 173 -14.24 -76.24 4.38
N LYS K 174 -13.76 -75.62 3.27
CA LYS K 174 -13.39 -76.34 2.07
C LYS K 174 -11.98 -76.89 2.27
N PHE K 175 -11.52 -77.70 1.31
CA PHE K 175 -10.24 -78.42 1.39
C PHE K 175 -10.29 -79.28 2.65
N LEU K 176 -11.19 -80.26 2.63
CA LEU K 176 -11.36 -81.18 3.75
C LEU K 176 -10.41 -82.36 3.68
N ASP K 177 -9.29 -82.23 2.98
CA ASP K 177 -8.41 -83.35 2.72
C ASP K 177 -7.53 -83.66 3.93
N GLY K 178 -7.01 -84.87 3.94
CA GLY K 178 -6.23 -85.38 5.06
C GLY K 178 -6.67 -86.78 5.45
N ILE K 179 -5.90 -87.35 6.36
CA ILE K 179 -6.20 -88.65 6.96
C ILE K 179 -6.66 -88.41 8.38
N TYR K 180 -7.86 -88.89 8.72
CA TYR K 180 -8.50 -88.61 9.99
C TYR K 180 -8.82 -89.91 10.70
N VAL K 181 -8.81 -89.85 12.03
CA VAL K 181 -9.17 -91.02 12.83
C VAL K 181 -10.67 -91.25 12.73
N SER K 182 -11.07 -92.41 12.21
CA SER K 182 -12.46 -92.69 11.93
C SER K 182 -13.15 -93.39 13.10
N GLU K 183 -12.60 -94.50 13.57
CA GLU K 183 -13.22 -95.23 14.67
C GLU K 183 -12.15 -95.90 15.51
N LYS K 184 -12.32 -95.81 16.83
CA LYS K 184 -11.40 -96.38 17.82
C LYS K 184 -11.97 -97.72 18.27
N GLY K 185 -11.46 -98.81 17.70
CA GLY K 185 -11.90 -100.14 18.02
C GLY K 185 -10.89 -100.91 18.85
N THR K 186 -11.19 -102.19 19.06
CA THR K 186 -10.28 -103.14 19.66
C THR K 186 -10.21 -104.38 18.78
N VAL K 187 -9.19 -105.17 18.99
CA VAL K 187 -9.04 -106.45 18.32
C VAL K 187 -9.67 -107.50 19.24
N GLN K 188 -10.18 -108.58 18.68
CA GLN K 188 -10.81 -109.64 19.48
C GLN K 188 -11.99 -109.14 20.31
N GLN K 189 -13.10 -108.85 19.66
CA GLN K 189 -14.29 -108.36 20.35
C GLN K 189 -14.71 -109.30 21.48
N ALA K 190 -14.52 -108.85 22.72
CA ALA K 190 -14.87 -109.67 23.86
C ALA K 190 -16.32 -110.16 23.81
N GLY L 1 -16.00 -31.37 22.09
CA GLY L 1 -16.21 -32.41 23.07
C GLY L 1 -16.06 -31.91 24.50
N ARG L 2 -16.21 -32.81 25.45
CA ARG L 2 -16.07 -32.49 26.87
C ARG L 2 -15.04 -33.42 27.50
N ARG L 3 -14.66 -33.07 28.74
CA ARG L 3 -13.71 -33.87 29.48
C ARG L 3 -14.33 -35.19 29.91
N PRO L 4 -13.52 -36.24 30.07
CA PRO L 4 -14.04 -37.50 30.62
C PRO L 4 -14.43 -37.36 32.07
N ALA L 5 -15.21 -38.33 32.55
CA ALA L 5 -15.73 -38.31 33.90
C ALA L 5 -14.69 -38.69 34.96
N ARG L 6 -13.44 -38.96 34.56
CA ARG L 6 -12.35 -39.08 35.51
C ARG L 6 -11.99 -37.75 36.15
N CYS L 7 -12.41 -36.63 35.55
CA CYS L 7 -12.04 -35.31 36.03
C CYS L 7 -13.02 -34.73 37.04
N TYR L 8 -14.28 -35.18 37.03
CA TYR L 8 -15.32 -34.64 37.89
C TYR L 8 -16.08 -35.75 38.58
N ARG L 9 -15.35 -36.71 39.14
CA ARG L 9 -15.94 -37.87 39.79
C ARG L 9 -16.11 -37.68 41.29
N TYR L 10 -15.20 -36.96 41.94
CA TYR L 10 -15.14 -36.90 43.38
C TYR L 10 -15.76 -35.61 43.90
N CYS L 11 -16.48 -35.71 45.01
CA CYS L 11 -17.15 -34.58 45.63
C CYS L 11 -16.14 -33.78 46.43
N LYS L 12 -15.69 -32.65 45.88
CA LYS L 12 -14.68 -31.86 46.57
C LYS L 12 -14.89 -30.35 46.50
N ASN L 13 -15.95 -29.86 45.84
CA ASN L 13 -16.07 -28.44 45.56
C ASN L 13 -17.45 -27.89 45.89
N LYS L 14 -17.96 -28.18 47.12
CA LYS L 14 -18.88 -27.32 47.87
C LYS L 14 -20.17 -26.93 47.14
N PRO L 15 -21.26 -27.76 47.27
CA PRO L 15 -22.43 -27.72 46.35
C PRO L 15 -22.92 -26.40 45.81
N TYR L 16 -23.04 -26.34 44.49
CA TYR L 16 -22.96 -25.09 43.73
C TYR L 16 -24.08 -25.08 42.71
N PRO L 17 -25.30 -24.76 43.12
CA PRO L 17 -26.44 -24.79 42.20
C PRO L 17 -26.43 -23.58 41.28
N LYS L 18 -27.31 -23.65 40.27
CA LYS L 18 -27.61 -22.46 39.47
C LYS L 18 -28.59 -21.59 40.24
N SER L 19 -28.21 -20.33 40.44
CA SER L 19 -28.95 -19.44 41.33
C SER L 19 -28.74 -18.01 40.87
N ARG L 20 -28.98 -17.05 41.76
CA ARG L 20 -28.71 -15.64 41.51
C ARG L 20 -27.23 -15.33 41.38
N PHE L 21 -26.36 -16.26 41.75
CA PHE L 21 -24.93 -16.05 41.77
C PHE L 21 -24.20 -16.93 40.75
N CYS L 22 -24.93 -17.70 39.95
CA CYS L 22 -24.35 -18.58 38.95
C CYS L 22 -25.31 -18.61 37.78
N ARG L 23 -24.90 -18.05 36.66
CA ARG L 23 -25.80 -17.78 35.55
C ARG L 23 -25.23 -18.33 34.25
N GLY L 24 -26.13 -18.65 33.33
CA GLY L 24 -25.74 -19.11 32.01
C GLY L 24 -25.12 -20.48 31.96
N VAL L 25 -25.56 -21.39 32.82
CA VAL L 25 -25.07 -22.76 32.79
C VAL L 25 -25.73 -23.46 31.59
N PRO L 26 -25.07 -24.43 30.97
CA PRO L 26 -25.76 -25.21 29.94
C PRO L 26 -26.82 -26.10 30.55
N ASP L 27 -27.84 -26.38 29.74
CA ASP L 27 -28.99 -27.14 30.21
C ASP L 27 -28.60 -28.60 30.43
N ALA L 28 -29.16 -29.20 31.48
CA ALA L 28 -28.88 -30.60 31.78
C ALA L 28 -29.52 -31.50 30.73
N LYS L 29 -28.86 -32.62 30.48
CA LYS L 29 -29.33 -33.49 29.40
C LYS L 29 -30.51 -34.36 29.83
N ILE L 30 -30.56 -34.78 31.08
CA ILE L 30 -31.67 -35.60 31.55
C ILE L 30 -32.85 -34.68 31.86
N ARG L 31 -33.87 -34.75 31.01
CA ARG L 31 -35.08 -33.95 31.16
C ARG L 31 -36.27 -34.76 31.63
N ILE L 32 -36.46 -35.95 31.07
CA ILE L 32 -37.50 -36.86 31.54
C ILE L 32 -36.95 -37.63 32.73
N PHE L 33 -37.69 -37.60 33.84
CA PHE L 33 -37.30 -38.33 35.04
C PHE L 33 -38.22 -39.50 35.36
N ASP L 34 -39.50 -39.40 35.05
CA ASP L 34 -40.44 -40.49 35.28
C ASP L 34 -40.83 -41.10 33.93
N LEU L 35 -40.91 -42.42 33.88
CA LEU L 35 -40.93 -43.09 32.59
C LEU L 35 -41.64 -44.44 32.72
N GLY L 36 -42.31 -44.84 31.64
CA GLY L 36 -43.07 -46.07 31.63
C GLY L 36 -44.55 -45.81 31.54
N ARG L 37 -45.35 -46.46 32.39
CA ARG L 37 -46.78 -46.18 32.49
C ARG L 37 -46.98 -45.44 33.81
N LYS L 38 -46.99 -44.10 33.71
CA LYS L 38 -46.96 -43.23 34.88
C LYS L 38 -48.28 -43.15 35.62
N LYS L 39 -49.36 -43.73 35.09
CA LYS L 39 -50.69 -43.58 35.67
C LYS L 39 -51.16 -44.84 36.41
N ALA L 40 -50.28 -45.82 36.62
CA ALA L 40 -50.66 -47.03 37.32
C ALA L 40 -50.86 -46.73 38.80
N LYS L 41 -51.98 -47.20 39.37
CA LYS L 41 -52.35 -46.63 40.65
C LYS L 41 -51.66 -47.29 41.84
N VAL L 42 -52.15 -48.44 42.29
CA VAL L 42 -51.55 -49.11 43.45
C VAL L 42 -51.37 -50.60 43.22
N ASP L 43 -52.46 -51.31 42.94
CA ASP L 43 -52.45 -52.77 42.86
C ASP L 43 -51.92 -53.29 41.54
N GLU L 44 -51.67 -52.41 40.58
CA GLU L 44 -51.18 -52.86 39.28
C GLU L 44 -49.69 -53.18 39.36
N PHE L 45 -48.91 -52.37 40.08
CA PHE L 45 -47.47 -52.56 40.23
C PHE L 45 -47.12 -52.75 41.70
N PRO L 46 -47.16 -53.99 42.21
CA PRO L 46 -46.89 -54.21 43.63
C PRO L 46 -45.41 -54.33 43.97
N LEU L 47 -44.58 -54.70 43.01
CA LEU L 47 -43.16 -54.93 43.27
C LEU L 47 -42.41 -53.61 43.25
N GLY L 48 -41.32 -53.55 44.01
CA GLY L 48 -40.42 -52.42 43.95
C GLY L 48 -38.96 -52.81 44.05
N GLY L 49 -38.18 -52.46 43.04
CA GLY L 49 -36.75 -52.76 43.04
C GLY L 49 -35.95 -51.49 42.85
N HIS L 50 -34.85 -51.37 43.58
CA HIS L 50 -34.06 -50.16 43.58
C HIS L 50 -32.67 -50.40 43.01
N MET L 51 -31.88 -49.34 43.02
CA MET L 51 -30.50 -49.37 42.57
C MET L 51 -29.73 -48.42 43.48
N VAL L 52 -29.11 -48.98 44.52
CA VAL L 52 -28.40 -48.20 45.50
C VAL L 52 -26.93 -48.17 45.12
N SER L 53 -26.25 -47.10 45.52
CA SER L 53 -24.82 -46.97 45.28
C SER L 53 -24.04 -47.45 46.49
N ASP L 54 -22.77 -47.77 46.27
CA ASP L 54 -21.84 -47.85 47.39
C ASP L 54 -20.56 -47.12 46.97
N GLU L 55 -20.63 -45.78 47.02
CA GLU L 55 -19.55 -44.79 46.91
C GLU L 55 -20.11 -43.40 47.17
N TYR L 56 -19.29 -42.51 47.70
CA TYR L 56 -19.63 -41.10 47.84
C TYR L 56 -18.98 -40.37 46.67
N GLU L 57 -19.72 -40.27 45.57
CA GLU L 57 -19.21 -39.71 44.32
C GLU L 57 -20.27 -38.77 43.77
N GLN L 58 -20.06 -38.34 42.53
CA GLN L 58 -21.04 -37.49 41.85
C GLN L 58 -21.29 -38.02 40.44
N LEU L 59 -22.54 -38.38 40.17
CA LEU L 59 -22.95 -38.90 38.88
C LEU L 59 -23.37 -37.73 37.99
N SER L 60 -23.15 -37.88 36.70
CA SER L 60 -23.37 -36.78 35.76
C SER L 60 -24.71 -36.92 35.05
N SER L 61 -25.17 -35.80 34.48
CA SER L 61 -26.43 -35.80 33.74
C SER L 61 -26.30 -36.54 32.43
N GLU L 62 -25.09 -36.62 31.88
CA GLU L 62 -24.85 -37.45 30.70
C GLU L 62 -24.97 -38.92 31.03
N ALA L 63 -24.55 -39.30 32.24
CA ALA L 63 -24.62 -40.71 32.65
C ALA L 63 -26.00 -41.09 33.15
N LEU L 64 -26.76 -40.14 33.70
CA LEU L 64 -28.09 -40.46 34.20
C LEU L 64 -29.08 -40.69 33.06
N GLU L 65 -28.96 -39.92 31.97
CA GLU L 65 -29.85 -40.12 30.84
C GLU L 65 -29.49 -41.39 30.08
N ALA L 66 -28.19 -41.64 29.91
CA ALA L 66 -27.73 -42.81 29.16
C ALA L 66 -28.11 -44.11 29.84
N ALA L 67 -28.04 -44.13 31.17
CA ALA L 67 -28.48 -45.30 31.92
C ALA L 67 -29.99 -45.40 32.03
N ARG L 68 -30.70 -44.27 31.90
CA ARG L 68 -32.16 -44.31 31.89
C ARG L 68 -32.68 -44.97 30.61
N ILE L 69 -32.01 -44.72 29.49
CA ILE L 69 -32.49 -45.22 28.21
C ILE L 69 -32.23 -46.71 28.05
N CYS L 70 -31.07 -47.19 28.51
CA CYS L 70 -30.77 -48.62 28.42
C CYS L 70 -31.62 -49.43 29.38
N ALA L 71 -31.92 -48.88 30.56
CA ALA L 71 -32.85 -49.53 31.47
C ALA L 71 -34.28 -49.47 30.98
N ASN L 72 -34.61 -48.49 30.13
CA ASN L 72 -35.94 -48.44 29.54
C ASN L 72 -36.10 -49.52 28.47
N LYS L 73 -35.09 -49.67 27.60
CA LYS L 73 -35.23 -50.50 26.41
C LYS L 73 -35.35 -51.98 26.73
N TYR L 74 -34.70 -52.45 27.80
CA TYR L 74 -34.83 -53.85 28.17
C TYR L 74 -36.21 -54.12 28.76
N MET L 75 -36.76 -53.17 29.52
CA MET L 75 -38.08 -53.35 30.09
C MET L 75 -39.19 -53.22 29.06
N VAL L 76 -38.93 -52.55 27.94
CA VAL L 76 -39.91 -52.53 26.86
C VAL L 76 -40.05 -53.91 26.24
N LYS L 77 -38.95 -54.51 25.83
CA LYS L 77 -38.99 -55.87 25.27
C LYS L 77 -38.81 -56.94 26.33
N SER L 78 -39.52 -56.77 27.44
CA SER L 78 -39.66 -57.84 28.42
C SER L 78 -41.10 -58.07 28.85
N CYS L 79 -41.87 -57.00 29.07
CA CYS L 79 -43.24 -57.10 29.53
C CYS L 79 -44.12 -56.05 28.86
N GLY L 80 -43.92 -55.84 27.57
CA GLY L 80 -44.65 -54.82 26.85
C GLY L 80 -44.11 -53.43 27.13
N ARG L 81 -44.73 -52.44 26.49
CA ARG L 81 -44.28 -51.06 26.61
C ARG L 81 -44.84 -50.35 27.84
N ASP L 82 -45.88 -50.88 28.47
CA ASP L 82 -46.48 -50.27 29.63
C ASP L 82 -46.73 -51.31 30.73
N GLY L 83 -45.75 -52.17 30.94
CA GLY L 83 -45.73 -53.09 32.07
C GLY L 83 -44.77 -52.71 33.16
N PHE L 84 -44.20 -51.50 33.10
CA PHE L 84 -43.16 -51.07 34.01
C PHE L 84 -43.37 -49.60 34.33
N HIS L 85 -42.61 -49.12 35.32
CA HIS L 85 -42.62 -47.71 35.69
C HIS L 85 -41.30 -47.40 36.40
N MET L 86 -40.35 -46.81 35.69
CA MET L 86 -39.12 -46.39 36.34
C MET L 86 -39.12 -44.89 36.59
N ARG L 87 -38.32 -44.49 37.56
CA ARG L 87 -38.25 -43.10 38.00
C ARG L 87 -36.86 -42.87 38.58
N VAL L 88 -36.03 -42.12 37.87
CA VAL L 88 -34.68 -41.83 38.35
C VAL L 88 -34.76 -40.81 39.48
N ARG L 89 -34.33 -41.23 40.67
CA ARG L 89 -34.48 -40.42 41.87
C ARG L 89 -33.24 -39.60 42.17
N LEU L 90 -32.75 -38.91 41.15
CA LEU L 90 -31.63 -37.98 41.24
C LEU L 90 -31.90 -36.79 40.35
N HIS L 91 -31.29 -35.66 40.69
CA HIS L 91 -31.43 -34.45 39.92
C HIS L 91 -30.07 -33.76 39.88
N PRO L 92 -29.55 -33.46 38.69
CA PRO L 92 -28.23 -32.83 38.59
C PRO L 92 -28.25 -31.36 38.95
N PHE L 93 -28.11 -31.06 40.24
CA PHE L 93 -28.16 -29.69 40.72
C PHE L 93 -26.79 -29.07 40.95
N HIS L 94 -25.75 -29.87 41.22
CA HIS L 94 -24.41 -29.34 41.39
C HIS L 94 -23.79 -29.08 40.02
N VAL L 95 -23.16 -27.91 39.88
CA VAL L 95 -22.70 -27.40 38.59
C VAL L 95 -21.19 -27.56 38.49
N ILE L 96 -20.73 -28.06 37.34
CA ILE L 96 -19.32 -28.33 37.04
C ILE L 96 -18.74 -27.17 36.25
N ARG L 97 -17.55 -26.72 36.63
CA ARG L 97 -16.85 -25.65 35.95
C ARG L 97 -15.73 -26.21 35.07
N ILE L 98 -15.16 -25.33 34.23
CA ILE L 98 -13.98 -25.67 33.44
C ILE L 98 -13.16 -24.40 33.26
N ASN L 99 -11.84 -24.53 33.39
CA ASN L 99 -10.93 -23.43 33.18
C ASN L 99 -10.89 -23.08 31.69
N LYS L 100 -10.40 -21.88 31.41
CA LYS L 100 -10.45 -21.35 30.05
C LYS L 100 -9.45 -22.08 29.13
N MET L 101 -9.67 -21.92 27.84
CA MET L 101 -8.93 -22.64 26.81
C MET L 101 -7.92 -21.70 26.17
N LEU L 102 -6.64 -21.89 26.49
CA LEU L 102 -5.58 -21.09 25.91
C LEU L 102 -5.35 -21.51 24.47
N SER L 103 -5.44 -20.57 23.53
CA SER L 103 -5.28 -20.88 22.12
C SER L 103 -4.05 -20.20 21.52
N CYS L 104 -3.97 -18.88 21.55
CA CYS L 104 -2.93 -18.14 20.85
C CYS L 104 -2.84 -16.74 21.41
N ALA L 105 -1.69 -16.32 21.91
CA ALA L 105 -0.49 -17.14 22.09
C ALA L 105 0.11 -16.86 23.46
N GLY L 106 -0.49 -15.92 24.18
CA GLY L 106 0.03 -15.45 25.45
C GLY L 106 -0.19 -13.97 25.64
N ALA L 107 -0.64 -13.29 24.58
CA ALA L 107 -0.98 -11.87 24.63
C ALA L 107 -2.47 -11.61 24.66
N ASP L 108 -3.24 -12.28 23.79
CA ASP L 108 -4.69 -12.15 23.75
C ASP L 108 -5.30 -13.43 24.30
N ARG L 109 -6.10 -13.31 25.37
CA ARG L 109 -6.44 -12.06 26.02
C ARG L 109 -6.32 -12.19 27.53
N LEU L 110 -5.74 -11.16 28.17
CA LEU L 110 -5.87 -10.83 29.59
C LEU L 110 -5.12 -11.76 30.54
N GLN L 111 -4.62 -12.89 30.05
CA GLN L 111 -4.14 -13.97 30.92
C GLN L 111 -3.41 -15.01 30.08
N THR L 112 -2.33 -15.55 30.63
CA THR L 112 -1.58 -16.60 29.97
C THR L 112 -1.07 -17.67 30.95
N GLY L 113 -1.79 -17.87 32.05
CA GLY L 113 -1.42 -18.89 33.01
C GLY L 113 -2.58 -19.33 33.89
N MET L 114 -2.33 -19.48 35.18
CA MET L 114 -3.37 -19.68 36.18
C MET L 114 -3.95 -18.36 36.69
N ARG L 115 -3.54 -17.23 36.12
CA ARG L 115 -4.10 -15.94 36.49
C ARG L 115 -5.56 -15.85 36.08
N GLY L 116 -6.42 -15.52 37.05
CA GLY L 116 -7.84 -15.36 36.81
C GLY L 116 -8.52 -16.64 36.40
N ALA L 117 -8.35 -17.69 37.20
CA ALA L 117 -8.74 -19.04 36.83
C ALA L 117 -9.87 -19.57 37.70
N PHE L 118 -10.89 -18.75 37.94
CA PHE L 118 -12.18 -19.26 38.38
C PHE L 118 -12.98 -19.56 37.12
N GLY L 119 -13.16 -20.85 36.84
CA GLY L 119 -13.66 -21.25 35.54
C GLY L 119 -15.13 -20.96 35.34
N LYS L 120 -15.56 -21.02 34.06
CA LYS L 120 -16.95 -20.89 33.66
C LYS L 120 -17.62 -22.25 33.68
N PRO L 121 -18.94 -22.31 33.91
CA PRO L 121 -19.61 -23.60 34.04
C PRO L 121 -19.75 -24.33 32.71
N GLN L 122 -19.72 -25.67 32.78
CA GLN L 122 -19.94 -26.49 31.60
C GLN L 122 -20.83 -27.69 31.82
N GLY L 123 -21.25 -27.99 33.04
CA GLY L 123 -22.02 -29.20 33.24
C GLY L 123 -22.75 -29.20 34.55
N THR L 124 -23.61 -30.22 34.72
CA THR L 124 -24.36 -30.44 35.95
C THR L 124 -24.22 -31.89 36.36
N VAL L 125 -23.81 -32.12 37.61
CA VAL L 125 -23.70 -33.45 38.16
C VAL L 125 -24.54 -33.55 39.42
N ALA L 126 -24.84 -34.78 39.81
CA ALA L 126 -25.60 -35.08 41.02
C ALA L 126 -24.76 -35.93 41.95
N ARG L 127 -24.60 -35.45 43.19
CA ARG L 127 -23.79 -36.15 44.18
C ARG L 127 -24.61 -37.20 44.91
N VAL L 128 -24.05 -38.40 45.08
CA VAL L 128 -24.73 -39.50 45.75
C VAL L 128 -24.01 -39.83 47.05
N HIS L 129 -24.76 -40.42 47.99
CA HIS L 129 -24.21 -40.91 49.24
C HIS L 129 -24.18 -42.44 49.21
N ILE L 130 -23.83 -43.04 50.35
CA ILE L 130 -23.75 -44.49 50.43
C ILE L 130 -25.15 -45.09 50.46
N GLY L 131 -25.94 -44.77 51.48
CA GLY L 131 -27.29 -45.27 51.48
C GLY L 131 -28.22 -44.32 50.75
N GLN L 132 -28.42 -44.57 49.46
CA GLN L 132 -29.20 -43.70 48.59
C GLN L 132 -29.54 -44.42 47.30
N VAL L 133 -30.82 -44.45 46.94
CA VAL L 133 -31.22 -45.09 45.69
C VAL L 133 -30.87 -44.18 44.52
N ILE L 134 -30.80 -44.78 43.33
CA ILE L 134 -30.58 -44.05 42.08
C ILE L 134 -31.73 -44.27 41.11
N MET L 135 -32.06 -45.52 40.83
CA MET L 135 -33.21 -45.87 40.04
C MET L 135 -34.16 -46.72 40.84
N SER L 136 -35.43 -46.69 40.45
CA SER L 136 -36.46 -47.46 41.11
C SER L 136 -37.47 -47.86 40.05
N ILE L 137 -37.77 -49.15 39.96
CA ILE L 137 -38.71 -49.68 38.98
C ILE L 137 -39.82 -50.42 39.72
N ARG L 138 -41.06 -50.11 39.39
CA ARG L 138 -42.20 -50.83 39.96
C ARG L 138 -42.92 -51.59 38.84
N THR L 139 -43.13 -52.88 39.07
CA THR L 139 -43.74 -53.81 38.11
C THR L 139 -44.62 -54.79 38.89
N LYS L 140 -45.09 -55.82 38.20
CA LYS L 140 -45.77 -56.93 38.86
C LYS L 140 -44.76 -57.77 39.63
N LEU L 141 -45.28 -58.68 40.46
CA LEU L 141 -44.42 -59.58 41.23
C LEU L 141 -43.79 -60.66 40.37
N GLN L 142 -44.35 -60.93 39.20
CA GLN L 142 -43.82 -61.93 38.29
C GLN L 142 -42.83 -61.35 37.29
N ASN L 143 -42.24 -60.20 37.60
CA ASN L 143 -41.20 -59.58 36.77
C ASN L 143 -39.95 -59.28 37.58
N GLU L 144 -39.71 -60.06 38.65
CA GLU L 144 -38.57 -59.79 39.52
C GLU L 144 -37.25 -60.13 38.84
N GLU L 145 -37.22 -61.14 37.99
CA GLU L 145 -36.00 -61.53 37.29
C GLU L 145 -35.71 -60.66 36.07
N HIS L 146 -36.45 -59.57 35.90
CA HIS L 146 -36.24 -58.61 34.82
C HIS L 146 -35.95 -57.21 35.32
N VAL L 147 -36.47 -56.84 36.49
CA VAL L 147 -36.07 -55.59 37.14
C VAL L 147 -34.62 -55.68 37.60
N ILE L 148 -34.22 -56.85 38.10
CA ILE L 148 -32.83 -57.09 38.47
C ILE L 148 -31.94 -57.02 37.23
N GLU L 149 -32.42 -57.58 36.11
CA GLU L 149 -31.62 -57.65 34.90
C GLU L 149 -31.52 -56.30 34.20
N ALA L 150 -32.61 -55.51 34.19
CA ALA L 150 -32.56 -54.21 33.56
C ALA L 150 -31.70 -53.21 34.33
N LEU L 151 -31.67 -53.35 35.66
CA LEU L 151 -30.83 -52.49 36.47
C LEU L 151 -29.40 -52.99 36.54
N ARG L 152 -29.17 -54.27 36.29
CA ARG L 152 -27.80 -54.77 36.19
C ARG L 152 -27.12 -54.23 34.94
N ARG L 153 -27.88 -54.02 33.87
CA ARG L 153 -27.34 -53.44 32.65
C ARG L 153 -27.13 -51.94 32.78
N ALA L 154 -27.92 -51.26 33.60
CA ALA L 154 -27.73 -49.83 33.84
C ALA L 154 -26.59 -49.54 34.80
N LYS L 155 -26.03 -50.57 35.45
CA LYS L 155 -24.84 -50.39 36.27
C LYS L 155 -23.61 -50.04 35.43
N PHE L 156 -23.60 -50.46 34.17
CA PHE L 156 -22.46 -50.26 33.28
C PHE L 156 -22.37 -48.86 32.71
N LYS L 157 -23.24 -47.94 33.12
CA LYS L 157 -23.19 -46.57 32.65
C LYS L 157 -22.80 -45.60 33.75
N PHE L 158 -22.38 -46.11 34.91
CA PHE L 158 -21.99 -45.29 36.04
C PHE L 158 -20.55 -45.62 36.47
N PRO L 159 -19.82 -44.66 37.02
CA PRO L 159 -18.43 -44.95 37.42
C PRO L 159 -18.31 -45.86 38.62
N GLY L 160 -19.11 -45.65 39.66
CA GLY L 160 -18.93 -46.33 40.92
C GLY L 160 -19.48 -47.73 40.94
N ARG L 161 -19.61 -48.25 42.15
CA ARG L 161 -20.10 -49.60 42.41
C ARG L 161 -21.50 -49.52 42.97
N GLN L 162 -22.45 -50.17 42.31
CA GLN L 162 -23.84 -50.13 42.72
C GLN L 162 -24.31 -51.52 43.12
N LYS L 163 -25.47 -51.56 43.77
CA LYS L 163 -26.08 -52.79 44.26
C LYS L 163 -27.55 -52.78 43.86
N ILE L 164 -28.06 -53.96 43.51
CA ILE L 164 -29.47 -54.11 43.14
C ILE L 164 -30.20 -54.69 44.32
N HIS L 165 -31.39 -54.15 44.61
CA HIS L 165 -32.05 -54.48 45.88
C HIS L 165 -33.55 -54.32 45.72
N ILE L 166 -34.28 -55.43 45.79
CA ILE L 166 -35.73 -55.38 45.89
C ILE L 166 -36.09 -54.89 47.28
N SER L 167 -37.03 -53.95 47.35
CA SER L 167 -37.41 -53.36 48.62
C SER L 167 -38.52 -54.17 49.29
N LYS L 168 -38.72 -53.89 50.58
CA LYS L 168 -39.87 -54.42 51.30
C LYS L 168 -41.11 -53.56 51.15
N LYS L 169 -40.98 -52.36 50.57
CA LYS L 169 -42.12 -51.48 50.43
C LYS L 169 -42.96 -51.83 49.21
N TRP L 170 -44.25 -51.55 49.32
CA TRP L 170 -45.21 -51.73 48.23
C TRP L 170 -45.02 -50.59 47.23
N GLY L 171 -44.37 -50.87 46.12
CA GLY L 171 -44.26 -49.87 45.07
C GLY L 171 -43.29 -48.76 45.44
N PHE L 172 -43.69 -47.51 45.16
CA PHE L 172 -42.88 -46.35 45.49
C PHE L 172 -43.34 -45.68 46.78
N THR L 173 -43.95 -46.43 47.67
CA THR L 173 -44.49 -45.89 48.90
C THR L 173 -43.46 -46.05 50.01
N LYS L 174 -43.87 -45.75 51.24
CA LYS L 174 -43.01 -45.90 52.41
C LYS L 174 -43.59 -46.89 53.42
N PHE L 175 -44.53 -47.73 52.98
CA PHE L 175 -45.18 -48.71 53.82
C PHE L 175 -44.84 -50.11 53.30
N ASN L 176 -44.69 -51.05 54.23
CA ASN L 176 -44.26 -52.40 53.90
C ASN L 176 -45.31 -53.13 53.06
N ALA L 177 -44.85 -54.17 52.36
CA ALA L 177 -45.69 -54.87 51.41
C ALA L 177 -46.70 -55.78 52.11
N ASP L 178 -46.27 -56.45 53.18
CA ASP L 178 -47.16 -57.37 53.89
C ASP L 178 -48.27 -56.65 54.62
N GLU L 179 -47.99 -55.45 55.13
CA GLU L 179 -48.98 -54.70 55.88
C GLU L 179 -49.90 -53.91 54.99
N PHE L 180 -49.53 -53.74 53.71
CA PHE L 180 -50.20 -52.77 52.83
C PHE L 180 -51.64 -53.16 52.54
N GLU L 181 -51.87 -54.42 52.15
CA GLU L 181 -53.19 -54.85 51.72
C GLU L 181 -54.20 -54.90 52.85
N ASP L 182 -53.74 -54.92 54.10
CA ASP L 182 -54.64 -54.83 55.24
C ASP L 182 -54.80 -53.41 55.74
N MET L 183 -53.80 -52.56 55.54
CA MET L 183 -53.96 -51.13 55.86
C MET L 183 -54.87 -50.43 54.87
N VAL L 184 -54.96 -50.94 53.64
CA VAL L 184 -55.96 -50.43 52.72
C VAL L 184 -57.36 -50.88 53.15
N ALA L 185 -57.45 -52.08 53.73
CA ALA L 185 -58.75 -52.59 54.17
C ALA L 185 -59.27 -51.84 55.39
N LYS L 186 -58.39 -51.47 56.32
CA LYS L 186 -58.80 -50.76 57.53
C LYS L 186 -58.81 -49.24 57.34
N LYS L 187 -58.73 -48.77 56.09
CA LYS L 187 -58.89 -47.37 55.68
C LYS L 187 -57.82 -46.44 56.26
N CYS L 188 -56.69 -46.98 56.73
CA CYS L 188 -55.59 -46.12 57.12
C CYS L 188 -54.85 -45.57 55.91
N LEU L 189 -54.88 -46.28 54.79
CA LEU L 189 -54.22 -45.87 53.56
C LEU L 189 -55.25 -45.74 52.44
N ILE L 190 -55.21 -44.62 51.74
CA ILE L 190 -56.17 -44.29 50.70
C ILE L 190 -55.41 -43.99 49.41
N PRO L 191 -55.64 -44.75 48.33
CA PRO L 191 -54.87 -44.55 47.11
C PRO L 191 -55.32 -43.35 46.31
N ASP L 192 -54.34 -42.66 45.71
CA ASP L 192 -54.62 -41.62 44.71
C ASP L 192 -53.44 -41.57 43.74
N GLY L 193 -53.58 -42.29 42.63
CA GLY L 193 -52.52 -42.29 41.64
C GLY L 193 -51.32 -43.10 42.08
N CYS L 194 -50.12 -42.60 41.74
CA CYS L 194 -48.88 -43.34 41.94
C CYS L 194 -48.52 -43.51 43.42
N GLY L 195 -49.04 -42.65 44.30
CA GLY L 195 -48.78 -42.73 45.71
C GLY L 195 -49.99 -43.19 46.51
N VAL L 196 -49.96 -42.89 47.80
CA VAL L 196 -51.05 -43.26 48.70
C VAL L 196 -51.11 -42.24 49.83
N LYS L 197 -52.34 -41.88 50.20
CA LYS L 197 -52.56 -41.01 51.36
C LYS L 197 -52.60 -41.82 52.64
N TYR L 198 -51.89 -41.37 53.65
CA TYR L 198 -52.02 -41.92 54.99
C TYR L 198 -53.03 -41.08 55.76
N VAL L 199 -54.08 -41.73 56.26
CA VAL L 199 -55.14 -41.04 56.98
C VAL L 199 -55.00 -41.36 58.47
N PRO L 200 -54.46 -40.44 59.27
CA PRO L 200 -54.33 -40.69 60.70
C PRO L 200 -55.64 -40.41 61.43
N SER L 201 -55.76 -41.01 62.60
CA SER L 201 -56.99 -40.84 63.38
C SER L 201 -56.87 -39.71 64.40
N HIS L 202 -56.44 -38.53 63.95
CA HIS L 202 -56.48 -37.35 64.84
C HIS L 202 -56.85 -36.08 64.09
N GLY L 203 -57.59 -36.20 62.99
CA GLY L 203 -58.11 -35.03 62.31
C GLY L 203 -59.48 -34.64 62.86
N PRO L 204 -60.21 -33.80 62.14
CA PRO L 204 -61.61 -33.60 62.48
C PRO L 204 -62.45 -34.79 62.05
N LEU L 205 -63.54 -35.02 62.78
CA LEU L 205 -64.33 -36.23 62.60
C LEU L 205 -65.23 -36.17 61.38
N ASP L 206 -65.42 -34.98 60.78
CA ASP L 206 -66.14 -34.91 59.52
C ASP L 206 -65.32 -35.47 58.37
N LYS L 207 -63.98 -35.41 58.47
CA LYS L 207 -63.14 -36.15 57.52
C LYS L 207 -63.32 -37.65 57.67
N TRP L 208 -63.60 -38.13 58.90
CA TRP L 208 -63.81 -39.55 59.12
C TRP L 208 -65.14 -40.01 58.54
N ARG L 209 -66.17 -39.17 58.63
CA ARG L 209 -67.52 -39.58 58.23
C ARG L 209 -67.62 -39.75 56.72
N VAL L 210 -66.94 -38.90 55.96
CA VAL L 210 -66.99 -39.01 54.51
C VAL L 210 -66.19 -40.23 54.05
N LEU L 211 -65.08 -40.50 54.72
CA LEU L 211 -64.24 -41.64 54.34
C LEU L 211 -64.89 -42.96 54.71
N HIS L 212 -65.52 -43.03 55.88
CA HIS L 212 -66.05 -44.29 56.41
C HIS L 212 -67.54 -44.43 56.13
N SER L 213 -67.98 -43.92 54.98
CA SER L 213 -69.36 -44.08 54.54
C SER L 213 -69.42 -44.89 53.26
N GLN M 1 -93.02 -18.07 67.09
CA GLN M 1 -93.09 -16.70 67.57
C GLN M 1 -92.14 -16.49 68.74
N ASP M 2 -91.98 -17.54 69.57
CA ASP M 2 -91.04 -17.48 70.66
C ASP M 2 -89.60 -17.47 70.17
N GLN M 3 -89.33 -18.09 69.03
CA GLN M 3 -88.04 -18.01 68.36
C GLN M 3 -88.02 -16.94 67.27
N GLY M 4 -89.18 -16.46 66.85
CA GLY M 4 -89.24 -15.47 65.78
C GLY M 4 -88.72 -14.12 66.19
N GLU M 5 -88.93 -13.72 67.44
CA GLU M 5 -88.46 -12.42 67.92
C GLU M 5 -87.52 -12.60 69.10
N LYS M 6 -86.23 -12.58 68.80
CA LYS M 6 -85.17 -12.24 69.73
C LYS M 6 -84.24 -11.19 69.15
N GLU M 7 -84.36 -10.91 67.85
CA GLU M 7 -83.59 -9.91 67.13
C GLU M 7 -84.15 -8.50 67.29
N ASN M 8 -85.36 -8.37 67.84
CA ASN M 8 -86.02 -7.07 68.00
C ASN M 8 -85.34 -5.98 68.85
N PRO M 9 -84.39 -6.25 69.79
CA PRO M 9 -83.63 -5.11 70.31
C PRO M 9 -82.42 -4.67 69.48
N MET M 10 -81.65 -5.61 68.90
CA MET M 10 -80.32 -5.25 68.43
C MET M 10 -79.92 -5.80 67.06
N ARG M 11 -80.74 -6.62 66.41
CA ARG M 11 -80.42 -7.12 65.07
C ARG M 11 -81.43 -6.52 64.11
N GLU M 12 -81.12 -5.32 63.61
CA GLU M 12 -81.96 -4.63 62.64
C GLU M 12 -81.06 -4.18 61.50
N LEU M 13 -81.36 -4.67 60.30
CA LEU M 13 -80.61 -4.27 59.11
C LEU M 13 -80.83 -2.79 58.82
N ARG M 14 -79.75 -2.01 58.82
CA ARG M 14 -79.88 -0.58 58.58
C ARG M 14 -78.64 -0.08 57.84
N ILE M 15 -78.84 0.98 57.07
CA ILE M 15 -77.82 1.55 56.21
C ILE M 15 -76.80 2.31 57.06
N ARG M 16 -75.52 2.20 56.70
CA ARG M 16 -74.47 3.01 57.30
C ARG M 16 -74.03 4.16 56.40
N LYS M 17 -73.53 3.83 55.21
CA LYS M 17 -72.97 4.80 54.28
C LYS M 17 -73.76 4.81 52.98
N LEU M 18 -73.44 5.76 52.12
CA LEU M 18 -74.12 5.84 50.83
C LEU M 18 -73.18 6.01 49.64
N CYS M 19 -72.01 6.65 49.82
CA CYS M 19 -70.83 6.55 48.95
C CYS M 19 -71.11 6.99 47.51
N LEU M 20 -71.31 8.30 47.35
CA LEU M 20 -71.33 8.91 46.02
C LEU M 20 -70.00 8.72 45.30
N ASN M 21 -70.06 8.78 43.97
CA ASN M 21 -68.86 8.80 43.14
C ASN M 21 -69.23 9.37 41.78
N ILE M 22 -68.41 10.30 41.30
CA ILE M 22 -68.45 10.76 39.91
C ILE M 22 -67.01 10.76 39.42
N CYS M 23 -66.69 9.85 38.51
CA CYS M 23 -65.34 9.71 37.99
C CYS M 23 -65.26 10.26 36.58
N VAL M 24 -64.30 11.16 36.34
CA VAL M 24 -64.04 11.67 35.02
C VAL M 24 -62.58 11.35 34.67
N GLY M 25 -62.16 11.71 33.46
CA GLY M 25 -60.77 11.56 33.06
C GLY M 25 -60.02 12.86 32.92
N GLU M 26 -60.62 14.00 33.24
CA GLU M 26 -60.04 15.31 32.96
C GLU M 26 -60.10 16.17 34.21
N SER M 27 -58.94 16.58 34.70
CA SER M 27 -58.88 17.61 35.73
C SER M 27 -59.19 18.97 35.11
N GLY M 28 -59.93 19.79 35.85
CA GLY M 28 -60.31 21.10 35.36
C GLY M 28 -61.81 21.33 35.44
N ASP M 29 -62.38 21.94 34.40
CA ASP M 29 -63.81 22.21 34.37
C ASP M 29 -64.65 20.95 34.27
N ARG M 30 -64.08 19.85 33.76
CA ARG M 30 -64.79 18.57 33.72
C ARG M 30 -64.94 17.92 35.08
N LEU M 31 -64.25 18.42 36.11
CA LEU M 31 -64.34 17.85 37.45
C LEU M 31 -64.91 18.83 38.47
N THR M 32 -64.58 20.12 38.35
CA THR M 32 -65.13 21.11 39.28
C THR M 32 -66.61 21.33 39.04
N ARG M 33 -67.03 21.38 37.78
CA ARG M 33 -68.45 21.43 37.47
C ARG M 33 -69.12 20.08 37.66
N ALA M 34 -68.33 18.99 37.70
CA ALA M 34 -68.84 17.71 38.15
C ALA M 34 -68.94 17.63 39.66
N ALA M 35 -68.08 18.37 40.37
CA ALA M 35 -68.24 18.56 41.80
C ALA M 35 -69.35 19.54 42.13
N LYS M 36 -69.79 20.34 41.15
CA LYS M 36 -70.84 21.33 41.39
C LYS M 36 -72.21 20.69 41.59
N VAL M 37 -72.43 19.48 41.08
CA VAL M 37 -73.75 18.88 41.22
C VAL M 37 -73.98 18.34 42.63
N LEU M 38 -72.92 18.05 43.39
CA LEU M 38 -73.07 17.34 44.65
C LEU M 38 -73.43 18.24 45.83
N GLU M 39 -73.33 19.55 45.70
CA GLU M 39 -73.72 20.42 46.81
C GLU M 39 -75.23 20.65 46.89
N GLN M 40 -76.01 20.06 45.99
CA GLN M 40 -77.46 20.24 46.00
C GLN M 40 -78.26 18.96 45.99
N LEU M 41 -77.71 17.85 45.48
CA LEU M 41 -78.40 16.57 45.61
C LEU M 41 -78.16 15.95 46.98
N THR M 42 -77.15 16.40 47.70
CA THR M 42 -76.93 16.07 49.10
C THR M 42 -77.03 17.28 50.01
N GLY M 43 -76.32 18.36 49.68
CA GLY M 43 -76.22 19.52 50.52
C GLY M 43 -74.89 19.67 51.24
N GLN M 44 -73.98 18.72 51.06
CA GLN M 44 -72.68 18.74 51.70
C GLN M 44 -71.64 19.31 50.74
N THR M 45 -70.38 19.31 51.19
CA THR M 45 -69.26 19.67 50.34
C THR M 45 -68.54 18.42 49.90
N PRO M 46 -68.42 18.15 48.60
CA PRO M 46 -67.72 16.92 48.18
C PRO M 46 -66.21 17.11 48.20
N VAL M 47 -65.52 16.03 48.55
CA VAL M 47 -64.07 16.03 48.63
C VAL M 47 -63.51 15.32 47.40
N PHE M 48 -62.37 15.81 46.93
CA PHE M 48 -61.77 15.31 45.70
C PHE M 48 -60.98 14.03 45.98
N SER M 49 -60.72 13.28 44.91
CA SER M 49 -59.86 12.11 44.95
C SER M 49 -58.90 12.15 43.78
N LYS M 50 -57.64 11.86 44.04
CA LYS M 50 -56.58 12.00 43.05
C LYS M 50 -56.13 10.64 42.56
N ALA M 51 -55.35 10.66 41.48
CA ALA M 51 -54.79 9.43 40.92
C ALA M 51 -53.66 8.91 41.80
N ARG M 52 -53.42 7.61 41.70
CA ARG M 52 -52.38 6.94 42.48
C ARG M 52 -51.14 6.64 41.67
N TYR M 53 -51.28 5.97 40.53
CA TYR M 53 -50.17 5.74 39.63
C TYR M 53 -50.67 5.86 38.19
N THR M 54 -49.78 6.33 37.31
CA THR M 54 -50.14 6.59 35.93
C THR M 54 -50.36 5.29 35.17
N VAL M 55 -51.12 5.39 34.07
CA VAL M 55 -51.41 4.25 33.21
C VAL M 55 -50.95 4.48 31.78
N ARG M 56 -51.15 5.71 31.25
CA ARG M 56 -50.67 6.23 29.96
C ARG M 56 -51.38 5.58 28.77
N SER M 57 -52.22 4.59 29.01
CA SER M 57 -52.92 3.91 27.91
C SER M 57 -54.09 4.72 27.39
N PHE M 58 -54.65 5.60 28.22
CA PHE M 58 -55.72 6.49 27.80
C PHE M 58 -55.50 7.91 28.32
N GLY M 59 -54.26 8.25 28.65
CA GLY M 59 -53.85 9.64 28.81
C GLY M 59 -54.14 10.33 30.13
N ILE M 60 -53.91 9.67 31.26
CA ILE M 60 -53.90 10.32 32.56
C ILE M 60 -52.61 9.97 33.27
N ARG M 61 -52.11 10.90 34.09
CA ARG M 61 -50.89 10.71 34.85
C ARG M 61 -51.18 10.88 36.33
N ARG M 62 -50.26 10.38 37.15
CA ARG M 62 -50.50 10.33 38.59
C ARG M 62 -50.44 11.71 39.22
N ASN M 63 -51.14 11.85 40.35
CA ASN M 63 -51.38 13.11 41.05
C ASN M 63 -52.08 14.15 40.15
N GLU M 64 -52.94 13.68 39.26
CA GLU M 64 -53.95 14.53 38.65
C GLU M 64 -55.21 14.49 39.51
N LYS M 65 -56.31 15.00 38.98
CA LYS M 65 -57.59 14.96 39.64
C LYS M 65 -58.53 14.13 38.77
N ILE M 66 -59.08 13.06 39.35
CA ILE M 66 -59.80 12.06 38.59
C ILE M 66 -61.27 11.99 38.97
N ALA M 67 -61.59 12.04 40.26
CA ALA M 67 -62.96 11.78 40.68
C ALA M 67 -63.30 12.60 41.91
N VAL M 68 -64.60 12.63 42.21
CA VAL M 68 -65.14 13.22 43.43
C VAL M 68 -65.97 12.14 44.10
N HIS M 69 -66.10 12.25 45.43
CA HIS M 69 -66.85 11.26 46.18
C HIS M 69 -67.37 11.86 47.48
N CYS M 70 -68.47 11.30 47.97
CA CYS M 70 -69.16 11.84 49.12
C CYS M 70 -69.88 10.70 49.83
N THR M 71 -69.82 10.71 51.16
CA THR M 71 -70.39 9.65 52.00
C THR M 71 -71.53 10.23 52.82
N VAL M 72 -72.76 9.82 52.49
CA VAL M 72 -73.97 10.35 53.11
C VAL M 72 -74.42 9.37 54.18
N ARG M 73 -74.79 9.89 55.36
CA ARG M 73 -75.11 9.06 56.51
C ARG M 73 -76.40 9.56 57.16
N GLY M 74 -76.89 8.77 58.12
CA GLY M 74 -77.95 9.23 58.99
C GLY M 74 -79.32 9.25 58.33
N ALA M 75 -80.17 10.15 58.81
CA ALA M 75 -81.52 10.31 58.27
C ALA M 75 -81.52 10.90 56.87
N LYS M 76 -80.42 11.58 56.49
CA LYS M 76 -80.31 12.13 55.14
C LYS M 76 -80.23 11.03 54.10
N ALA M 77 -79.54 9.93 54.41
CA ALA M 77 -79.12 8.97 53.39
C ALA M 77 -80.26 8.12 52.84
N GLU M 78 -81.43 8.10 53.48
CA GLU M 78 -82.53 7.32 52.92
C GLU M 78 -83.18 8.02 51.72
N GLU M 79 -83.41 9.33 51.82
CA GLU M 79 -84.12 10.05 50.79
C GLU M 79 -83.27 10.32 49.55
N ILE M 80 -81.96 10.11 49.62
CA ILE M 80 -81.15 10.01 48.41
C ILE M 80 -81.24 8.61 47.83
N LEU M 81 -81.19 7.59 48.69
CA LEU M 81 -81.28 6.20 48.25
C LEU M 81 -82.67 5.86 47.70
N GLU M 82 -83.70 6.61 48.07
CA GLU M 82 -84.99 6.47 47.39
C GLU M 82 -84.96 7.12 46.02
N LYS M 83 -84.11 8.11 45.80
CA LYS M 83 -83.94 8.73 44.49
C LYS M 83 -82.98 7.97 43.59
N GLY M 84 -82.59 6.75 43.96
CA GLY M 84 -81.77 5.93 43.09
C GLY M 84 -82.43 4.61 42.75
N LEU M 85 -83.27 4.10 43.65
CA LEU M 85 -83.99 2.87 43.37
C LEU M 85 -85.15 3.12 42.41
N LYS M 86 -85.81 4.27 42.56
CA LYS M 86 -86.93 4.62 41.69
C LYS M 86 -86.44 5.00 40.29
N VAL M 87 -85.20 5.47 40.18
CA VAL M 87 -84.58 5.64 38.87
C VAL M 87 -84.31 4.29 38.22
N ARG M 88 -83.87 3.32 39.02
CA ARG M 88 -83.68 1.96 38.55
C ARG M 88 -84.96 1.14 38.55
N GLU M 89 -86.12 1.79 38.77
CA GLU M 89 -87.46 1.20 38.62
C GLU M 89 -87.67 0.05 39.61
N TYR M 90 -87.00 0.16 40.77
CA TYR M 90 -86.94 -0.87 41.81
C TYR M 90 -86.46 -2.22 41.28
N GLU M 91 -85.56 -2.18 40.29
CA GLU M 91 -85.03 -3.37 39.64
C GLU M 91 -83.52 -3.29 39.57
N LEU M 92 -82.85 -4.21 40.27
CA LEU M 92 -81.42 -4.43 40.10
C LEU M 92 -81.17 -5.92 40.24
N ARG M 93 -80.05 -6.37 39.70
CA ARG M 93 -79.81 -7.80 39.52
C ARG M 93 -78.93 -8.35 40.64
N LYS M 94 -78.79 -9.69 40.65
CA LYS M 94 -78.11 -10.39 41.75
C LYS M 94 -76.62 -10.06 41.83
N ASN M 95 -75.98 -9.78 40.69
CA ASN M 95 -74.56 -9.50 40.69
C ASN M 95 -74.22 -8.12 41.23
N ASN M 96 -75.21 -7.26 41.48
CA ASN M 96 -74.93 -5.99 42.15
C ASN M 96 -74.54 -6.19 43.61
N PHE M 97 -75.00 -7.28 44.21
CA PHE M 97 -74.68 -7.59 45.60
C PHE M 97 -73.23 -8.06 45.71
N SER M 98 -72.73 -8.06 46.94
CA SER M 98 -71.37 -8.48 47.26
C SER M 98 -71.40 -9.66 48.20
N ASP M 99 -70.22 -10.22 48.49
CA ASP M 99 -70.12 -11.30 49.46
C ASP M 99 -70.44 -10.84 50.88
N THR M 100 -70.20 -9.57 51.17
CA THR M 100 -70.41 -9.03 52.52
C THR M 100 -71.77 -8.38 52.70
N GLY M 101 -72.64 -8.42 51.69
CA GLY M 101 -73.97 -7.87 51.83
C GLY M 101 -74.02 -6.37 51.60
N ASN M 102 -73.50 -5.94 50.46
CA ASN M 102 -73.52 -4.53 50.07
C ASN M 102 -73.93 -4.45 48.61
N PHE M 103 -74.69 -3.42 48.26
CA PHE M 103 -75.11 -3.27 46.89
C PHE M 103 -74.71 -1.91 46.33
N GLY M 104 -74.60 -1.89 45.01
CA GLY M 104 -74.32 -0.66 44.29
C GLY M 104 -74.99 -0.71 42.94
N PHE M 105 -75.25 0.47 42.39
CA PHE M 105 -75.90 0.58 41.09
C PHE M 105 -75.51 1.92 40.48
N GLY M 106 -75.68 2.03 39.17
CA GLY M 106 -75.22 3.18 38.43
C GLY M 106 -76.36 3.90 37.72
N ILE M 107 -76.12 5.17 37.39
CA ILE M 107 -77.11 6.05 36.79
C ILE M 107 -76.47 6.69 35.56
N GLN M 108 -77.17 6.62 34.43
CA GLN M 108 -76.61 7.09 33.17
C GLN M 108 -76.73 8.59 32.98
N GLU M 109 -77.52 9.27 33.81
CA GLU M 109 -77.87 10.67 33.57
C GLU M 109 -78.34 11.27 34.88
N HIS M 110 -77.60 12.26 35.40
CA HIS M 110 -77.77 12.63 36.81
C HIS M 110 -78.98 13.53 37.02
N ILE M 111 -79.68 13.91 35.96
CA ILE M 111 -80.82 14.81 36.09
C ILE M 111 -82.11 13.97 36.16
N ASP M 112 -81.99 12.64 36.26
CA ASP M 112 -83.17 11.82 36.51
C ASP M 112 -83.77 12.12 37.88
N LEU M 113 -83.06 11.74 38.96
CA LEU M 113 -83.38 12.19 40.32
C LEU M 113 -82.08 12.59 41.01
N GLY M 114 -81.64 13.83 40.84
CA GLY M 114 -82.26 14.78 39.93
C GLY M 114 -82.84 16.04 40.54
N ILE M 115 -82.29 17.16 40.08
CA ILE M 115 -82.75 18.51 40.45
C ILE M 115 -83.19 19.31 39.22
N LYS M 116 -82.31 20.09 38.62
CA LYS M 116 -82.70 20.85 37.43
C LYS M 116 -81.45 21.27 36.64
N TYR M 117 -81.41 20.90 35.36
CA TYR M 117 -80.29 21.24 34.50
C TYR M 117 -79.91 22.71 34.65
N ASP M 118 -78.66 22.96 35.02
CA ASP M 118 -78.17 24.32 35.19
C ASP M 118 -77.68 24.92 33.87
N PRO M 119 -77.18 26.14 33.93
CA PRO M 119 -76.68 26.83 32.73
C PRO M 119 -75.26 26.37 32.37
N SER M 120 -74.58 25.72 33.31
CA SER M 120 -73.23 25.24 33.08
C SER M 120 -72.96 23.95 33.85
N ILE M 121 -73.97 23.09 33.92
CA ILE M 121 -73.83 21.82 34.62
C ILE M 121 -73.74 20.69 33.59
N GLY M 122 -72.92 19.68 33.89
CA GLY M 122 -72.72 18.57 32.98
C GLY M 122 -73.89 17.62 32.83
N ILE M 123 -73.77 16.72 31.85
CA ILE M 123 -74.81 15.74 31.56
C ILE M 123 -74.33 14.40 32.12
N TYR M 124 -73.55 14.47 33.20
CA TYR M 124 -72.79 13.34 33.75
C TYR M 124 -73.71 12.23 34.30
N GLY M 125 -73.07 11.12 34.64
CA GLY M 125 -73.69 10.07 35.41
C GLY M 125 -72.91 9.80 36.68
N LEU M 126 -73.43 8.92 37.54
CA LEU M 126 -72.74 8.58 38.77
C LEU M 126 -73.23 7.26 39.34
N ASP M 127 -72.74 6.88 40.51
CA ASP M 127 -73.14 5.61 41.09
C ASP M 127 -73.19 5.59 42.61
N PHE M 128 -74.26 4.99 43.14
CA PHE M 128 -74.42 4.87 44.58
C PHE M 128 -74.05 3.46 45.03
N TYR M 129 -73.24 3.38 46.07
CA TYR M 129 -72.82 2.09 46.63
C TYR M 129 -73.16 2.09 48.11
N VAL M 130 -74.10 1.24 48.51
CA VAL M 130 -74.62 1.24 49.87
C VAL M 130 -73.83 0.28 50.74
N VAL M 131 -73.36 0.76 51.89
CA VAL M 131 -72.75 -0.09 52.90
C VAL M 131 -73.81 -0.33 53.96
N LEU M 132 -74.34 -1.54 53.98
CA LEU M 132 -75.46 -1.93 54.83
C LEU M 132 -74.92 -2.51 56.13
N GLY M 133 -75.28 -1.89 57.25
CA GLY M 133 -74.72 -2.29 58.53
C GLY M 133 -75.70 -2.85 59.54
N ARG M 134 -75.34 -2.74 60.81
CA ARG M 134 -76.09 -3.34 61.91
C ARG M 134 -75.67 -2.65 63.19
N PRO M 135 -76.56 -2.54 64.21
CA PRO M 135 -76.17 -1.86 65.45
C PRO M 135 -75.11 -2.60 66.26
N GLY M 136 -73.85 -2.34 65.93
CA GLY M 136 -72.74 -3.01 66.58
C GLY M 136 -71.54 -3.25 65.70
N PHE M 137 -71.61 -2.83 64.43
CA PHE M 137 -70.44 -2.93 63.56
C PHE M 137 -69.35 -1.94 63.90
N SER M 138 -69.64 -0.91 64.71
CA SER M 138 -68.70 0.18 64.94
C SER M 138 -67.66 -0.14 66.01
N ILE M 139 -67.48 -1.42 66.35
CA ILE M 139 -66.34 -1.83 67.17
C ILE M 139 -65.13 -2.20 66.32
N ALA M 140 -65.24 -2.14 65.01
CA ALA M 140 -64.14 -2.48 64.13
C ALA M 140 -63.35 -1.27 63.65
N ASP M 141 -63.82 -0.05 63.95
CA ASP M 141 -63.13 1.15 63.50
C ASP M 141 -62.98 2.17 64.64
N LYS M 142 -62.96 1.71 65.88
CA LYS M 142 -62.68 2.59 67.00
C LYS M 142 -61.18 2.57 67.31
N LYS M 143 -60.79 3.14 68.44
CA LYS M 143 -59.39 3.21 68.81
C LYS M 143 -59.05 2.36 70.01
N ARG M 144 -59.88 2.38 71.05
CA ARG M 144 -59.62 1.65 72.29
C ARG M 144 -60.39 0.34 72.24
N ARG M 145 -59.65 -0.77 72.17
CA ARG M 145 -60.16 -2.14 72.21
C ARG M 145 -61.12 -2.40 71.04
N THR M 146 -60.53 -2.36 69.85
CA THR M 146 -61.26 -2.73 68.64
C THR M 146 -61.11 -4.22 68.36
N GLY M 147 -61.97 -4.73 67.49
CA GLY M 147 -61.91 -6.14 67.17
C GLY M 147 -62.84 -6.49 66.03
N CYS M 148 -62.86 -7.78 65.70
CA CYS M 148 -63.73 -8.29 64.65
C CYS M 148 -65.18 -8.28 65.13
N ILE M 149 -66.11 -8.27 64.15
CA ILE M 149 -67.52 -8.03 64.43
C ILE M 149 -68.31 -9.32 64.61
N GLY M 150 -67.67 -10.47 64.62
CA GLY M 150 -68.36 -11.73 64.85
C GLY M 150 -68.48 -12.56 63.58
N ALA M 151 -69.31 -13.59 63.65
CA ALA M 151 -69.52 -14.50 62.53
C ALA M 151 -70.97 -14.60 62.10
N LYS M 152 -71.90 -14.68 63.05
CA LYS M 152 -73.32 -14.63 62.73
C LYS M 152 -73.87 -13.21 62.72
N HIS M 153 -73.11 -12.26 63.26
CA HIS M 153 -73.50 -10.85 63.28
C HIS M 153 -73.22 -10.17 61.96
N ARG M 154 -72.38 -10.77 61.12
CA ARG M 154 -72.01 -10.21 59.83
C ARG M 154 -73.17 -10.27 58.85
N ILE M 155 -73.11 -9.42 57.84
CA ILE M 155 -74.13 -9.37 56.80
C ILE M 155 -73.77 -10.36 55.72
N SER M 156 -74.74 -11.14 55.28
CA SER M 156 -74.56 -12.09 54.19
C SER M 156 -75.22 -11.55 52.93
N LYS M 157 -74.93 -12.19 51.80
CA LYS M 157 -75.52 -11.77 50.54
C LYS M 157 -77.00 -12.08 50.47
N GLU M 158 -77.41 -13.26 50.95
CA GLU M 158 -78.80 -13.68 50.80
C GLU M 158 -79.72 -12.95 51.77
N GLU M 159 -79.20 -12.47 52.90
CA GLU M 159 -80.03 -11.77 53.87
C GLU M 159 -79.97 -10.26 53.73
N ALA M 160 -79.22 -9.75 52.75
CA ALA M 160 -79.38 -8.37 52.35
C ALA M 160 -80.66 -8.19 51.53
N MET M 161 -81.13 -9.27 50.90
CA MET M 161 -82.46 -9.27 50.29
C MET M 161 -83.54 -9.12 51.33
N ARG M 162 -83.36 -9.73 52.50
CA ARG M 162 -84.32 -9.67 53.60
C ARG M 162 -84.40 -8.27 54.21
N TRP M 163 -83.45 -7.39 53.91
CA TRP M 163 -83.63 -5.97 54.17
C TRP M 163 -84.26 -5.24 52.99
N PHE M 164 -83.91 -5.64 51.77
CA PHE M 164 -84.24 -4.83 50.62
C PHE M 164 -85.68 -5.07 50.14
N GLN M 165 -86.14 -6.31 50.12
CA GLN M 165 -87.48 -6.60 49.65
C GLN M 165 -88.57 -6.22 50.65
N GLN M 166 -88.20 -5.82 51.86
CA GLN M 166 -89.16 -5.50 52.91
C GLN M 166 -89.22 -4.01 53.24
N LYS M 167 -88.10 -3.30 53.13
CA LYS M 167 -88.11 -1.86 53.35
C LYS M 167 -88.42 -1.08 52.09
N TYR M 168 -88.01 -1.58 50.92
CA TYR M 168 -88.16 -0.86 49.67
C TYR M 168 -88.83 -1.66 48.57
N ASP M 169 -89.17 -2.94 48.84
CA ASP M 169 -89.80 -3.98 48.01
C ASP M 169 -89.40 -3.95 46.53
N GLY M 170 -88.11 -3.72 46.27
CA GLY M 170 -87.58 -3.91 44.95
C GLY M 170 -87.39 -5.37 44.62
N ILE M 171 -87.24 -5.66 43.34
CA ILE M 171 -87.31 -7.03 42.86
C ILE M 171 -86.08 -7.34 42.02
N ILE M 172 -85.71 -8.62 41.99
CA ILE M 172 -84.51 -9.17 41.37
C ILE M 172 -85.08 -10.26 40.44
N LEU M 173 -84.23 -11.14 39.86
CA LEU M 173 -84.56 -12.15 38.86
C LEU M 173 -85.13 -11.44 37.63
N PRO M 174 -84.29 -11.00 36.67
CA PRO M 174 -83.01 -11.54 36.16
C PRO M 174 -81.76 -11.53 37.04
N GLY M 175 -81.32 -12.73 37.42
CA GLY M 175 -80.14 -12.83 38.26
C GLY M 175 -78.85 -12.66 37.49
N LYS M 176 -78.69 -13.42 36.42
CA LYS M 176 -77.49 -13.36 35.58
C LYS M 176 -77.43 -12.06 34.78
N ALA N 1 19.02 4.97 60.70
CA ALA N 1 17.73 4.59 61.26
C ALA N 1 17.71 4.77 62.78
N PRO N 2 16.73 5.52 63.28
CA PRO N 2 16.58 5.67 64.74
C PRO N 2 16.08 4.37 65.35
N SER N 3 16.80 3.93 66.39
CA SER N 3 16.58 2.64 67.04
C SER N 3 15.31 2.40 67.79
N ARG N 4 15.13 3.04 68.92
CA ARG N 4 13.94 2.84 69.70
C ARG N 4 13.58 4.11 70.39
N ASN N 5 14.55 4.75 71.04
CA ASN N 5 14.21 5.97 71.78
C ASN N 5 15.51 6.73 71.95
N GLY N 6 15.42 8.05 71.92
CA GLY N 6 16.59 8.88 72.09
C GLY N 6 16.38 10.21 71.40
N MET N 7 17.39 11.06 71.52
CA MET N 7 17.32 12.38 70.93
C MET N 7 17.42 12.29 69.41
N VAL N 8 16.90 13.30 68.74
CA VAL N 8 17.07 13.44 67.30
C VAL N 8 18.30 14.31 67.11
N LEU N 9 19.44 13.67 66.83
CA LEU N 9 20.71 14.37 66.80
C LEU N 9 21.01 14.86 65.39
N LYS N 10 21.70 15.98 65.30
CA LYS N 10 22.17 16.54 64.04
C LYS N 10 23.66 16.82 64.14
N PRO N 11 24.51 15.83 63.90
CA PRO N 11 25.96 16.05 63.98
C PRO N 11 26.45 16.81 62.75
N HIS N 12 27.15 17.90 62.99
CA HIS N 12 27.59 18.80 61.92
C HIS N 12 28.94 18.35 61.34
N PHE N 13 28.95 17.13 60.81
CA PHE N 13 30.16 16.54 60.26
C PHE N 13 29.99 16.17 58.78
N HIS N 14 29.16 16.93 58.07
CA HIS N 14 28.91 16.70 56.66
C HIS N 14 29.88 17.47 55.76
N LYS N 15 30.69 18.36 56.35
CA LYS N 15 31.35 19.41 55.61
C LYS N 15 32.87 19.18 55.57
N ASP N 16 33.29 17.91 55.53
CA ASP N 16 34.71 17.50 55.48
C ASP N 16 35.48 18.08 56.67
N TRP N 17 35.10 17.63 57.86
CA TRP N 17 35.55 18.27 59.09
C TRP N 17 37.01 17.97 59.43
N GLN N 18 37.52 16.80 59.03
CA GLN N 18 38.82 16.34 59.53
C GLN N 18 39.99 16.85 58.71
N ARG N 19 39.77 17.83 57.85
CA ARG N 19 40.89 18.56 57.26
C ARG N 19 41.20 19.80 58.08
N ARG N 20 40.17 20.45 58.61
CA ARG N 20 40.30 21.60 59.50
C ARG N 20 40.09 21.13 60.93
N VAL N 21 41.10 20.49 61.50
CA VAL N 21 41.08 20.11 62.91
C VAL N 21 42.24 20.81 63.60
N ALA N 22 41.90 21.70 64.53
CA ALA N 22 42.90 22.38 65.34
C ALA N 22 43.15 21.54 66.58
N THR N 23 44.23 20.75 66.56
CA THR N 23 44.63 20.05 67.77
C THR N 23 45.34 21.03 68.71
N TRP N 24 45.54 20.59 69.94
CA TRP N 24 45.99 21.44 71.03
C TRP N 24 47.24 20.87 71.69
N PHE N 25 48.14 20.31 70.90
CA PHE N 25 49.34 19.74 71.49
C PHE N 25 50.43 20.75 71.74
N ASN N 26 50.29 21.98 71.23
CA ASN N 26 51.15 23.08 71.63
C ASN N 26 50.55 23.89 72.77
N GLN N 27 49.57 23.34 73.49
CA GLN N 27 49.02 24.00 74.67
C GLN N 27 50.04 24.14 75.81
N PRO N 28 50.81 23.12 76.22
CA PRO N 28 51.85 23.40 77.22
C PRO N 28 53.03 24.16 76.65
N ALA N 29 53.19 24.17 75.32
CA ALA N 29 54.30 24.91 74.73
C ALA N 29 54.01 26.39 74.61
N ARG N 30 52.75 26.78 74.38
CA ARG N 30 52.45 28.21 74.35
C ARG N 30 52.28 28.80 75.74
N LYS N 31 51.93 27.99 76.74
CA LYS N 31 51.87 28.49 78.11
C LYS N 31 53.26 28.74 78.68
N ILE N 32 54.29 28.10 78.13
CA ILE N 32 55.66 28.43 78.48
C ILE N 32 56.14 29.64 77.68
N ARG N 33 55.72 29.74 76.42
CA ARG N 33 56.12 30.86 75.58
C ARG N 33 55.48 32.16 76.02
N ARG N 34 54.22 32.10 76.47
CA ARG N 34 53.57 33.28 77.03
C ARG N 34 54.16 33.65 78.38
N ARG N 35 54.63 32.66 79.15
CA ARG N 35 55.11 32.93 80.51
C ARG N 35 56.44 33.66 80.48
N LYS N 36 57.37 33.21 79.64
CA LYS N 36 58.64 33.89 79.52
C LYS N 36 58.58 35.10 78.60
N ALA N 37 57.44 35.36 77.96
CA ALA N 37 57.23 36.64 77.32
C ALA N 37 56.86 37.71 78.33
N ARG N 38 56.05 37.34 79.33
CA ARG N 38 55.80 38.23 80.46
C ARG N 38 57.07 38.49 81.25
N GLN N 39 57.85 37.43 81.50
CA GLN N 39 59.04 37.57 82.32
C GLN N 39 60.13 38.36 81.61
N ALA N 40 60.20 38.27 80.29
CA ALA N 40 61.11 39.14 79.55
C ALA N 40 60.60 40.59 79.57
N LYS N 41 59.28 40.77 79.47
CA LYS N 41 58.71 42.11 79.53
C LYS N 41 58.84 42.72 80.91
N ALA N 42 58.66 41.90 81.96
CA ALA N 42 58.68 42.43 83.32
C ALA N 42 60.08 42.83 83.78
N ARG N 43 61.13 42.27 83.20
CA ARG N 43 62.48 42.67 83.57
C ARG N 43 63.09 43.67 82.59
N ARG N 44 62.36 44.07 81.55
CA ARG N 44 62.79 45.24 80.80
C ARG N 44 62.37 46.52 81.50
N ILE N 45 61.06 46.70 81.69
CA ILE N 45 60.54 47.81 82.48
C ILE N 45 60.60 47.40 83.95
N ALA N 46 61.72 47.72 84.59
CA ALA N 46 62.03 47.17 85.91
C ALA N 46 61.27 47.80 87.08
N PRO N 47 61.04 49.14 87.15
CA PRO N 47 60.16 49.61 88.23
C PRO N 47 58.69 49.66 87.85
N ARG N 48 58.38 49.58 86.56
CA ARG N 48 57.00 49.71 86.11
C ARG N 48 56.23 48.42 86.42
N PRO N 49 54.96 48.52 86.81
CA PRO N 49 54.34 47.42 87.57
C PRO N 49 53.87 46.21 86.77
N ALA N 50 54.66 45.73 85.80
CA ALA N 50 54.58 44.38 85.23
C ALA N 50 53.26 43.98 84.56
N SER N 51 52.29 44.89 84.50
CA SER N 51 50.98 44.56 83.96
C SER N 51 50.43 45.65 83.05
N GLY N 52 51.15 46.75 82.89
CA GLY N 52 50.69 47.85 82.09
C GLY N 52 50.20 48.99 82.96
N PRO N 53 49.32 49.82 82.41
CA PRO N 53 48.79 50.96 83.17
C PRO N 53 47.70 50.56 84.15
N ILE N 54 47.11 51.55 84.80
CA ILE N 54 46.00 51.36 85.72
C ILE N 54 44.69 51.44 84.93
N ARG N 55 43.69 50.69 85.37
CA ARG N 55 42.39 50.67 84.72
C ARG N 55 41.33 51.28 85.65
N PRO N 56 40.25 51.83 85.10
CA PRO N 56 39.20 52.41 85.93
C PRO N 56 38.18 51.38 86.39
N ILE N 57 37.29 51.82 87.28
CA ILE N 57 36.14 51.01 87.66
C ILE N 57 35.04 51.25 86.64
N VAL N 58 34.42 50.17 86.17
CA VAL N 58 33.51 50.22 85.03
C VAL N 58 32.33 49.29 85.26
N ARG N 59 31.12 49.85 85.17
CA ARG N 59 29.89 49.09 85.38
C ARG N 59 29.57 48.29 84.13
N CYS N 60 29.22 47.01 84.30
CA CYS N 60 28.97 46.14 83.17
C CYS N 60 27.63 46.49 82.50
N PRO N 61 27.56 46.37 81.16
CA PRO N 61 26.42 46.94 80.44
C PRO N 61 25.22 46.04 80.11
N THR N 62 24.61 45.34 81.07
CA THR N 62 23.34 44.66 80.77
C THR N 62 22.57 44.54 82.09
N VAL N 63 21.30 44.13 82.00
CA VAL N 63 20.52 43.84 83.21
C VAL N 63 20.96 42.53 83.85
N ARG N 64 21.70 41.69 83.12
CA ARG N 64 22.26 40.48 83.73
C ARG N 64 23.45 40.83 84.62
N TYR N 65 24.33 41.69 84.13
CA TYR N 65 25.50 42.14 84.87
C TYR N 65 25.36 43.66 85.02
N HIS N 66 24.70 44.12 86.07
CA HIS N 66 24.87 45.51 86.47
C HIS N 66 24.90 45.64 87.98
N THR N 67 24.83 44.54 88.72
CA THR N 67 25.19 44.53 90.12
C THR N 67 26.69 44.29 90.30
N LYS N 68 27.36 43.77 89.28
CA LYS N 68 28.79 43.55 89.28
C LYS N 68 29.49 44.69 88.56
N VAL N 69 30.77 44.87 88.90
CA VAL N 69 31.56 45.96 88.37
C VAL N 69 32.93 45.38 88.05
N ARG N 70 33.64 46.00 87.11
CA ARG N 70 34.86 45.41 86.61
C ARG N 70 35.82 46.50 86.17
N ALA N 71 37.04 46.07 85.81
CA ALA N 71 38.05 46.97 85.26
C ALA N 71 37.78 47.18 83.78
N GLY N 72 37.69 48.44 83.37
CA GLY N 72 37.43 48.78 81.99
C GLY N 72 38.70 49.06 81.21
N ARG N 73 38.54 49.71 80.07
CA ARG N 73 39.70 49.95 79.22
C ARG N 73 40.50 51.15 79.70
N GLY N 74 39.86 52.28 79.92
CA GLY N 74 40.61 53.46 80.28
C GLY N 74 39.79 54.59 80.85
N PHE N 75 40.48 55.51 81.51
CA PHE N 75 39.84 56.65 82.16
C PHE N 75 39.33 57.65 81.12
N SER N 76 38.13 58.15 81.34
CA SER N 76 37.50 59.08 80.43
C SER N 76 38.14 60.46 80.54
N LEU N 77 37.97 61.27 79.50
CA LEU N 77 38.55 62.60 79.47
C LEU N 77 37.86 63.58 80.40
N GLU N 78 36.65 63.26 80.85
CA GLU N 78 35.99 64.06 81.87
C GLU N 78 36.74 63.98 83.19
N GLU N 79 37.24 62.80 83.55
CA GLU N 79 37.85 62.57 84.84
C GLU N 79 39.37 62.68 84.81
N LEU N 80 39.98 62.84 83.63
CA LEU N 80 41.35 63.33 83.59
C LEU N 80 41.43 64.79 83.95
N ARG N 81 40.41 65.58 83.61
CA ARG N 81 40.45 67.01 83.86
C ARG N 81 40.26 67.33 85.34
N VAL N 82 39.20 66.78 85.95
CA VAL N 82 38.91 67.08 87.35
C VAL N 82 39.80 66.33 88.32
N ALA N 83 40.63 65.42 87.82
CA ALA N 83 41.78 64.97 88.61
C ALA N 83 42.83 66.07 88.67
N GLY N 84 43.18 66.65 87.52
CA GLY N 84 44.04 67.80 87.49
C GLY N 84 45.27 67.64 86.62
N ILE N 85 45.25 66.66 85.73
CA ILE N 85 46.40 66.34 84.90
C ILE N 85 46.01 66.37 83.43
N HIS N 86 46.97 66.75 82.59
CA HIS N 86 46.78 66.78 81.15
C HIS N 86 46.65 65.36 80.60
N LYS N 87 45.93 65.23 79.49
CA LYS N 87 45.58 63.91 78.97
C LYS N 87 46.73 63.21 78.28
N LYS N 88 47.82 63.91 77.97
CA LYS N 88 48.90 63.32 77.19
C LYS N 88 50.13 62.98 78.01
N VAL N 89 50.24 63.51 79.24
CA VAL N 89 51.26 63.02 80.16
C VAL N 89 50.85 61.72 80.80
N ALA N 90 49.58 61.33 80.70
CA ALA N 90 49.04 60.25 81.50
C ALA N 90 49.49 58.87 81.02
N ARG N 91 49.68 58.67 79.72
CA ARG N 91 50.23 57.40 79.27
C ARG N 91 51.72 57.28 79.55
N THR N 92 52.40 58.39 79.77
CA THR N 92 53.80 58.34 80.21
C THR N 92 53.89 58.05 81.70
N ILE N 93 52.92 58.54 82.47
CA ILE N 93 52.77 58.15 83.86
C ILE N 93 52.18 56.74 83.96
N GLY N 94 51.44 56.30 82.95
CA GLY N 94 50.87 54.96 82.95
C GLY N 94 49.45 54.91 83.46
N ILE N 95 48.57 55.70 82.87
CA ILE N 95 47.22 55.91 83.40
C ILE N 95 46.12 55.41 82.45
N SER N 96 46.47 55.13 81.17
CA SER N 96 45.56 54.57 80.16
C SER N 96 44.34 55.45 79.87
N VAL N 97 44.53 56.53 79.13
CA VAL N 97 43.43 57.38 78.71
C VAL N 97 42.55 56.64 77.71
N ASP N 98 41.23 56.75 77.87
CA ASP N 98 40.25 56.31 76.86
C ASP N 98 39.54 57.55 76.35
N PRO N 99 39.67 57.91 75.07
CA PRO N 99 39.11 59.17 74.58
C PRO N 99 37.63 59.12 74.24
N ARG N 100 36.95 57.97 74.31
CA ARG N 100 35.57 57.90 73.87
C ARG N 100 34.62 57.31 74.90
N ARG N 101 35.06 57.05 76.12
CA ARG N 101 34.14 56.67 77.18
C ARG N 101 33.53 57.93 77.77
N ARG N 102 32.21 57.90 77.98
CA ARG N 102 31.48 59.05 78.49
C ARG N 102 31.02 58.79 79.92
N ASN N 103 30.69 59.88 80.60
CA ASN N 103 30.14 59.83 81.95
C ASN N 103 28.73 60.40 81.93
N LYS N 104 27.74 59.55 82.14
CA LYS N 104 26.37 60.02 82.29
C LYS N 104 26.00 60.30 83.74
N SER N 105 26.71 59.69 84.69
CA SER N 105 26.43 59.86 86.10
C SER N 105 27.64 60.47 86.80
N THR N 106 27.39 61.01 88.00
CA THR N 106 28.43 61.58 88.83
C THR N 106 28.93 60.57 89.87
N GLU N 107 28.13 59.54 90.15
CA GLU N 107 28.53 58.49 91.08
C GLU N 107 29.71 57.69 90.54
N SER N 108 29.63 57.24 89.30
CA SER N 108 30.74 56.53 88.69
C SER N 108 31.87 57.47 88.33
N LEU N 109 31.57 58.75 88.14
CA LEU N 109 32.61 59.73 87.83
C LEU N 109 33.54 59.94 89.02
N GLN N 110 32.97 60.28 90.18
CA GLN N 110 33.77 60.58 91.36
C GLN N 110 34.44 59.36 91.96
N ALA N 111 34.05 58.14 91.58
CA ALA N 111 34.78 56.96 92.00
C ALA N 111 36.11 56.85 91.26
N ASN N 112 36.10 57.10 89.95
CA ASN N 112 37.33 56.99 89.18
C ASN N 112 38.25 58.19 89.39
N VAL N 113 37.69 59.35 89.76
CA VAL N 113 38.53 60.49 90.14
C VAL N 113 39.29 60.19 91.41
N GLN N 114 38.61 59.59 92.40
CA GLN N 114 39.28 59.22 93.63
C GLN N 114 40.24 58.05 93.42
N ARG N 115 40.02 57.24 92.39
CA ARG N 115 41.03 56.27 91.98
C ARG N 115 42.25 56.95 91.38
N LEU N 116 42.07 58.10 90.73
CA LEU N 116 43.19 58.81 90.13
C LEU N 116 43.94 59.65 91.15
N LYS N 117 43.22 60.20 92.14
CA LYS N 117 43.90 60.90 93.21
C LYS N 117 44.70 59.94 94.08
N GLU N 118 44.26 58.68 94.17
CA GLU N 118 44.99 57.68 94.94
C GLU N 118 46.21 57.17 94.19
N TYR N 119 46.09 56.95 92.88
CA TYR N 119 47.22 56.45 92.10
C TYR N 119 48.31 57.51 91.93
N ARG N 120 47.90 58.77 91.78
CA ARG N 120 48.87 59.86 91.69
C ARG N 120 49.60 60.07 93.02
N SER N 121 48.99 59.66 94.13
CA SER N 121 49.68 59.70 95.41
C SER N 121 50.55 58.47 95.64
N LYS N 122 50.15 57.31 95.12
CA LYS N 122 50.78 56.04 95.47
C LYS N 122 51.90 55.65 94.50
N LEU N 123 52.31 56.54 93.59
CA LEU N 123 53.39 56.16 92.68
C LEU N 123 54.64 56.97 92.97
N ILE N 124 55.78 56.36 92.71
CA ILE N 124 57.08 57.00 92.81
C ILE N 124 57.56 57.30 91.40
N LEU N 125 57.84 58.56 91.12
CA LEU N 125 58.23 59.01 89.79
C LEU N 125 59.73 59.24 89.76
N PHE N 126 60.44 58.42 88.99
CA PHE N 126 61.88 58.58 88.86
C PHE N 126 62.18 59.78 87.95
N PRO N 127 63.27 60.50 88.20
CA PRO N 127 63.61 61.64 87.35
C PRO N 127 64.22 61.20 86.04
N ARG N 128 64.35 62.17 85.12
CA ARG N 128 64.92 61.88 83.81
C ARG N 128 66.42 61.66 83.89
N LYS N 129 67.09 62.27 84.87
CA LYS N 129 68.53 62.12 85.04
C LYS N 129 68.79 62.02 86.54
N PRO N 130 69.62 61.08 86.98
CA PRO N 130 69.95 61.00 88.42
C PRO N 130 70.73 62.21 88.92
N SER N 131 71.57 62.80 88.08
CA SER N 131 72.29 64.00 88.45
C SER N 131 71.47 65.27 88.26
N ALA N 132 70.20 65.15 87.90
CA ALA N 132 69.28 66.30 87.85
C ALA N 132 67.88 65.85 88.23
N PRO N 133 67.59 65.69 89.54
CA PRO N 133 66.20 65.46 89.96
C PRO N 133 65.41 66.76 89.97
N LYS N 134 64.54 66.94 88.99
CA LYS N 134 63.89 68.23 88.80
C LYS N 134 62.68 68.39 89.70
N LYS N 135 61.64 67.57 89.47
CA LYS N 135 60.46 67.60 90.31
C LYS N 135 59.95 66.19 90.64
N GLY N 136 60.79 65.17 90.49
CA GLY N 136 60.31 63.82 90.64
C GLY N 136 59.98 63.39 92.05
N ASP N 137 61.01 63.15 92.87
CA ASP N 137 60.87 62.56 94.21
C ASP N 137 62.18 62.78 94.95
N SER N 138 62.29 62.15 96.12
CA SER N 138 63.50 62.16 96.93
C SER N 138 64.35 60.94 96.63
N SER N 139 65.48 60.84 97.34
CA SER N 139 66.35 59.68 97.19
C SER N 139 65.95 58.55 98.13
N ALA N 140 65.38 58.87 99.29
CA ALA N 140 64.92 57.83 100.19
C ALA N 140 63.64 57.18 99.69
N GLU N 141 62.86 57.90 98.88
CA GLU N 141 61.66 57.32 98.30
C GLU N 141 61.98 56.29 97.23
N GLU N 142 63.07 56.48 96.50
CA GLU N 142 63.40 55.67 95.35
C GLU N 142 64.29 54.48 95.68
N LEU N 143 64.49 54.19 96.97
CA LEU N 143 65.20 52.99 97.40
C LEU N 143 64.34 52.07 98.26
N LYS N 144 63.72 52.60 99.31
CA LYS N 144 63.07 51.75 100.31
C LYS N 144 61.75 51.20 99.80
N LEU N 145 61.08 51.93 98.92
CA LEU N 145 59.89 51.44 98.21
C LEU N 145 60.07 51.73 96.72
N ALA N 146 60.80 50.84 96.05
CA ALA N 146 61.07 50.95 94.63
C ALA N 146 61.07 49.58 93.97
N THR N 147 60.31 48.66 94.53
CA THR N 147 60.21 47.32 93.97
C THR N 147 59.12 47.28 92.90
N GLN N 148 59.16 46.23 92.09
CA GLN N 148 58.21 46.10 90.99
C GLN N 148 56.94 45.43 91.49
N LEU N 149 55.80 46.01 91.15
CA LEU N 149 54.49 45.48 91.53
C LEU N 149 54.06 44.45 90.50
N THR N 150 53.26 43.49 90.94
CA THR N 150 52.69 42.49 90.05
C THR N 150 51.19 42.38 90.27
N GLY N 151 50.52 41.73 89.33
CA GLY N 151 49.07 41.73 89.30
C GLY N 151 48.55 43.06 88.79
N PRO N 152 47.25 43.27 88.87
CA PRO N 152 46.69 44.57 88.48
C PRO N 152 47.08 45.66 89.48
N VAL N 153 46.99 46.90 89.01
CA VAL N 153 47.29 48.05 89.83
C VAL N 153 46.01 48.47 90.55
N MET N 154 46.00 48.32 91.90
CA MET N 154 44.90 48.48 92.85
C MET N 154 43.61 47.87 92.29
N PRO N 155 43.52 46.54 92.28
CA PRO N 155 42.53 45.87 91.42
C PRO N 155 41.10 46.07 91.88
N VAL N 156 40.18 45.82 90.94
CA VAL N 156 38.77 46.07 91.19
C VAL N 156 38.23 45.02 92.15
N ARG N 157 37.31 45.45 93.01
CA ARG N 157 36.66 44.57 93.97
C ARG N 157 35.18 44.88 93.99
N ASN N 158 34.35 43.85 93.92
CA ASN N 158 32.91 44.05 94.06
C ASN N 158 32.62 44.30 95.54
N VAL N 159 32.54 45.57 95.90
CA VAL N 159 32.23 45.96 97.28
C VAL N 159 30.74 45.80 97.52
N TYR N 160 30.39 45.20 98.66
CA TYR N 160 28.99 44.99 99.04
C TYR N 160 28.78 45.57 100.41
N LYS N 161 28.06 46.68 100.49
CA LYS N 161 27.72 47.27 101.77
C LYS N 161 26.72 46.40 102.52
N LYS N 162 26.89 46.32 103.83
CA LYS N 162 26.01 45.56 104.68
C LYS N 162 25.14 46.51 105.50
N GLU N 163 23.86 46.23 105.56
CA GLU N 163 22.93 47.03 106.33
C GLU N 163 22.62 46.31 107.64
N LYS N 164 22.65 47.06 108.74
CA LYS N 164 22.28 46.52 110.03
C LYS N 164 20.78 46.26 110.08
N ALA N 165 20.40 45.39 111.01
CA ALA N 165 18.98 45.07 111.20
C ALA N 165 18.23 46.28 111.75
N ARG N 166 16.94 46.35 111.44
CA ARG N 166 16.12 47.47 111.89
C ARG N 166 14.71 46.98 112.15
N VAL N 167 13.98 47.78 112.92
CA VAL N 167 12.59 47.45 113.25
C VAL N 167 11.71 47.81 112.05
N ILE N 168 10.87 46.87 111.65
CA ILE N 168 9.93 47.11 110.54
C ILE N 168 8.80 47.98 111.09
N THR N 169 8.87 49.28 110.82
CA THR N 169 7.68 50.10 111.02
C THR N 169 6.65 49.73 109.95
N GLU N 170 5.38 49.93 110.27
CA GLU N 170 4.32 49.31 109.49
C GLU N 170 4.01 50.03 108.18
N GLU N 171 4.87 50.97 107.75
CA GLU N 171 4.76 51.47 106.38
C GLU N 171 5.34 50.47 105.39
N GLU N 172 6.35 49.69 105.79
CA GLU N 172 6.83 48.57 104.99
C GLU N 172 6.05 47.29 105.26
N LYS N 173 5.59 47.11 106.51
CA LYS N 173 4.84 45.90 106.86
C LYS N 173 3.46 45.90 106.20
N ASN N 174 2.90 47.08 105.93
CA ASN N 174 1.69 47.22 105.14
C ASN N 174 2.09 47.86 103.80
N PHE N 175 2.53 47.02 102.88
CA PHE N 175 2.93 47.46 101.55
C PHE N 175 2.73 46.29 100.60
N LYS N 176 1.88 46.47 99.60
CA LYS N 176 1.54 45.41 98.65
C LYS N 176 2.60 45.44 97.56
N ALA N 177 3.71 44.73 97.81
CA ALA N 177 4.82 44.74 96.86
C ALA N 177 4.52 43.98 95.58
N PHE N 178 3.61 43.01 95.63
CA PHE N 178 3.18 42.35 94.40
C PHE N 178 2.28 43.26 93.58
N ALA N 179 1.25 43.82 94.21
CA ALA N 179 0.28 44.64 93.49
C ALA N 179 0.86 45.99 93.07
N SER N 180 1.95 46.43 93.68
CA SER N 180 2.63 47.62 93.16
C SER N 180 3.51 47.28 91.97
N LEU N 181 3.87 46.00 91.79
CA LEU N 181 4.55 45.59 90.58
C LEU N 181 3.58 45.38 89.43
N ARG N 182 2.41 44.81 89.71
CA ARG N 182 1.45 44.50 88.66
C ARG N 182 0.76 45.75 88.14
N MET N 183 0.47 46.72 89.01
CA MET N 183 -0.14 47.96 88.54
C MET N 183 0.84 48.81 87.75
N ALA N 184 2.10 48.86 88.18
CA ALA N 184 3.08 49.66 87.47
C ALA N 184 3.54 48.99 86.18
N ARG N 185 3.43 47.65 86.11
CA ARG N 185 3.68 46.97 84.85
C ARG N 185 2.58 47.28 83.84
N ALA N 186 1.33 47.30 84.30
CA ALA N 186 0.20 47.68 83.45
C ALA N 186 -0.10 49.17 83.55
N ASN N 187 0.94 49.96 83.41
CA ASN N 187 0.89 51.39 83.15
C ASN N 187 1.75 51.78 81.97
N ALA N 188 2.93 51.16 81.83
CA ALA N 188 3.69 51.32 80.60
C ALA N 188 3.00 50.65 79.43
N ARG N 189 2.26 49.58 79.69
CA ARG N 189 1.38 48.96 78.71
C ARG N 189 0.23 49.87 78.30
N LEU N 190 -0.13 50.85 79.15
CA LEU N 190 -1.27 51.74 78.89
C LEU N 190 -0.88 53.21 78.93
N PHE N 191 0.40 53.54 78.81
CA PHE N 191 0.79 54.95 78.92
C PHE N 191 0.45 55.74 77.66
N GLY N 192 0.45 55.09 76.50
CA GLY N 192 0.20 55.78 75.26
C GLY N 192 -1.25 56.03 74.95
N ILE N 193 -2.08 54.98 74.98
CA ILE N 193 -3.47 55.11 74.56
C ILE N 193 -4.32 55.85 75.59
N ARG N 194 -3.91 55.88 76.85
CA ARG N 194 -4.61 56.73 77.81
C ARG N 194 -4.36 58.21 77.55
N ALA N 195 -3.25 58.56 76.90
CA ALA N 195 -3.03 59.95 76.50
C ALA N 195 -3.73 60.27 75.19
N LYS N 196 -3.97 59.27 74.33
CA LYS N 196 -4.66 59.53 73.08
C LYS N 196 -6.15 59.75 73.29
N ARG N 197 -6.78 58.92 74.13
CA ARG N 197 -8.19 59.11 74.46
C ARG N 197 -8.42 60.33 75.35
N ALA N 198 -7.36 60.86 75.97
CA ALA N 198 -7.48 62.09 76.74
C ALA N 198 -7.47 63.34 75.88
N LYS N 199 -7.08 63.22 74.61
CA LYS N 199 -7.09 64.37 73.71
C LYS N 199 -8.07 64.23 72.54
N GLU N 200 -8.62 63.03 72.31
CA GLU N 200 -9.68 62.91 71.32
C GLU N 200 -11.06 63.01 71.95
N ALA N 201 -11.19 62.72 73.25
CA ALA N 201 -12.39 63.08 73.99
C ALA N 201 -12.34 64.53 74.47
N ALA N 202 -11.16 65.14 74.47
CA ALA N 202 -11.04 66.55 74.83
C ALA N 202 -11.62 67.46 73.75
N GLU N 203 -11.57 67.03 72.49
CA GLU N 203 -12.19 67.80 71.43
C GLU N 203 -13.70 67.59 71.39
N GLN N 204 -14.16 66.44 71.88
CA GLN N 204 -15.58 66.26 72.18
C GLN N 204 -15.97 66.92 73.50
N ASP N 205 -14.99 67.28 74.33
CA ASP N 205 -15.22 68.12 75.48
C ASP N 205 -15.24 69.60 75.11
N VAL N 206 -14.61 69.98 73.99
CA VAL N 206 -14.83 71.29 73.41
C VAL N 206 -16.26 71.38 72.87
N GLU N 207 -16.81 70.27 72.40
CA GLU N 207 -18.17 70.21 71.86
C GLU N 207 -19.17 69.78 72.94
N LYS N 208 -18.95 70.22 74.18
CA LYS N 208 -19.86 69.93 75.28
C LYS N 208 -21.21 70.62 75.10
N LYS N 209 -21.28 71.70 74.33
CA LYS N 209 -22.53 72.41 74.06
C LYS N 209 -22.55 72.80 72.59
N LYS N 210 -23.50 72.24 71.85
CA LYS N 210 -23.71 72.63 70.47
C LYS N 210 -25.15 72.33 70.04
N VAL O 1 2.89 -100.90 52.82
CA VAL O 1 2.70 -99.49 53.16
C VAL O 1 1.49 -99.29 54.07
N PHE O 2 1.61 -98.31 54.95
CA PHE O 2 0.58 -97.95 55.88
C PHE O 2 0.04 -99.16 56.62
N ARG O 3 0.50 -99.29 57.86
CA ARG O 3 0.08 -100.37 58.74
C ARG O 3 -0.26 -99.77 60.11
N ARG O 4 0.47 -98.73 60.49
CA ARG O 4 0.24 -98.04 61.74
C ARG O 4 -0.72 -96.90 61.46
N PHE O 5 -1.95 -97.07 61.90
CA PHE O 5 -3.02 -96.11 61.67
C PHE O 5 -3.36 -95.33 62.94
N VAL O 6 -3.99 -94.19 62.76
CA VAL O 6 -4.64 -93.48 63.85
C VAL O 6 -6.09 -93.94 63.91
N GLU O 7 -6.48 -94.52 65.04
CA GLU O 7 -7.86 -94.95 65.23
C GLU O 7 -8.17 -94.93 66.71
N VAL O 8 -9.34 -95.46 67.08
CA VAL O 8 -9.79 -95.49 68.46
C VAL O 8 -9.07 -96.65 69.16
N GLY O 9 -8.19 -96.32 70.11
CA GLY O 9 -7.47 -97.31 70.85
C GLY O 9 -6.03 -97.50 70.43
N ARG O 10 -5.57 -96.78 69.41
CA ARG O 10 -4.17 -96.81 69.02
C ARG O 10 -3.30 -96.26 70.13
N VAL O 11 -2.38 -97.09 70.63
CA VAL O 11 -1.44 -96.63 71.64
C VAL O 11 -0.38 -95.80 70.96
N ALA O 12 -0.24 -94.55 71.36
CA ALA O 12 0.74 -93.65 70.79
C ALA O 12 1.85 -93.37 71.79
N TYR O 13 3.03 -93.09 71.26
CA TYR O 13 4.18 -92.70 72.07
C TYR O 13 4.45 -91.23 71.84
N VAL O 14 4.52 -90.47 72.93
CA VAL O 14 4.69 -89.03 72.85
C VAL O 14 6.17 -88.72 72.73
N SER O 15 6.54 -88.00 71.68
CA SER O 15 7.95 -87.74 71.39
C SER O 15 8.44 -86.43 71.99
N PHE O 16 7.60 -85.40 72.03
CA PHE O 16 7.96 -84.15 72.66
C PHE O 16 6.72 -83.51 73.25
N GLY O 17 6.94 -82.45 74.01
CA GLY O 17 5.87 -81.79 74.73
C GLY O 17 6.05 -81.92 76.21
N PRO O 18 5.01 -81.59 76.99
CA PRO O 18 5.11 -81.74 78.45
C PRO O 18 5.06 -83.17 78.91
N HIS O 19 4.55 -84.06 78.06
CA HIS O 19 4.45 -85.47 78.36
C HIS O 19 5.32 -86.28 77.43
N ALA O 20 6.57 -85.88 77.30
CA ALA O 20 7.49 -86.59 76.43
C ALA O 20 8.03 -87.84 77.10
N GLY O 21 7.98 -88.96 76.39
CA GLY O 21 8.41 -90.23 76.94
C GLY O 21 7.30 -91.02 77.60
N LYS O 22 6.05 -90.70 77.33
CA LYS O 22 4.90 -91.38 77.91
C LYS O 22 4.17 -92.16 76.82
N LEU O 23 3.77 -93.39 77.12
CA LEU O 23 2.78 -94.04 76.30
C LEU O 23 1.40 -93.50 76.64
N VAL O 24 0.51 -93.54 75.64
CA VAL O 24 -0.77 -92.89 75.78
C VAL O 24 -1.71 -93.50 74.76
N ALA O 25 -3.01 -93.44 75.04
CA ALA O 25 -4.02 -94.04 74.18
C ALA O 25 -4.84 -92.96 73.50
N ILE O 26 -5.25 -93.22 72.27
CA ILE O 26 -6.04 -92.29 71.49
C ILE O 26 -7.51 -92.61 71.72
N VAL O 27 -8.25 -91.61 72.21
CA VAL O 27 -9.66 -91.80 72.52
C VAL O 27 -10.56 -91.35 71.37
N ASP O 28 -10.34 -90.14 70.85
CA ASP O 28 -11.17 -89.62 69.77
C ASP O 28 -10.31 -88.69 68.93
N VAL O 29 -10.84 -88.30 67.78
CA VAL O 29 -10.09 -87.54 66.78
C VAL O 29 -10.74 -86.18 66.64
N ILE O 30 -10.04 -85.13 67.07
CA ILE O 30 -10.57 -83.76 67.05
C ILE O 30 -9.98 -83.07 65.83
N ASP O 31 -10.65 -83.24 64.67
CA ASP O 31 -10.55 -82.36 63.50
C ASP O 31 -9.11 -82.25 62.97
N GLN O 32 -8.60 -83.40 62.49
CA GLN O 32 -7.46 -83.54 61.58
C GLN O 32 -6.08 -83.24 62.19
N ASN O 33 -6.05 -82.53 63.30
CA ASN O 33 -4.76 -82.10 63.83
C ASN O 33 -4.62 -82.51 65.27
N ARG O 34 -5.73 -82.46 66.00
CA ARG O 34 -5.74 -82.79 67.42
C ARG O 34 -6.47 -84.09 67.64
N ALA O 35 -6.17 -84.73 68.77
CA ALA O 35 -6.86 -85.94 69.18
C ALA O 35 -7.12 -85.90 70.66
N LEU O 36 -8.31 -86.32 71.06
CA LEU O 36 -8.60 -86.53 72.47
C LEU O 36 -7.83 -87.75 72.94
N VAL O 37 -6.97 -87.57 73.94
CA VAL O 37 -5.85 -88.47 74.21
C VAL O 37 -5.73 -88.67 75.71
N ASP O 38 -5.68 -89.93 76.14
CA ASP O 38 -5.77 -90.28 77.57
C ASP O 38 -4.83 -91.43 77.88
N GLY O 39 -3.99 -91.28 78.89
CA GLY O 39 -3.11 -92.36 79.33
C GLY O 39 -3.48 -92.66 80.77
N PRO O 40 -4.29 -93.68 81.01
CA PRO O 40 -4.79 -93.93 82.37
C PRO O 40 -3.80 -94.64 83.27
N CYS O 41 -2.80 -95.32 82.72
CA CYS O 41 -1.84 -96.06 83.53
C CYS O 41 -0.43 -95.48 83.46
N THR O 42 -0.20 -94.46 82.63
CA THR O 42 1.12 -93.85 82.48
C THR O 42 1.15 -92.42 83.00
N GLN O 43 0.13 -92.06 83.78
CA GLN O 43 -0.01 -90.74 84.38
C GLN O 43 -0.07 -89.61 83.38
N VAL O 44 -1.12 -89.57 82.58
CA VAL O 44 -1.35 -88.53 81.58
C VAL O 44 -2.86 -88.31 81.52
N ARG O 45 -3.36 -87.25 82.12
CA ARG O 45 -4.80 -87.00 82.13
C ARG O 45 -5.36 -86.72 80.74
N ARG O 46 -6.65 -87.02 80.57
CA ARG O 46 -7.33 -86.86 79.29
C ARG O 46 -7.31 -85.41 78.83
N GLN O 47 -6.82 -85.20 77.61
CA GLN O 47 -6.62 -83.86 77.06
C GLN O 47 -6.53 -83.99 75.55
N ALA O 48 -6.28 -82.87 74.88
CA ALA O 48 -6.10 -82.83 73.44
C ALA O 48 -4.61 -82.73 73.13
N MET O 49 -4.13 -83.60 72.24
CA MET O 49 -2.76 -83.54 71.81
C MET O 49 -2.69 -83.55 70.29
N PRO O 50 -1.79 -82.76 69.70
CA PRO O 50 -1.60 -82.81 68.26
C PRO O 50 -0.95 -84.11 67.81
N PHE O 51 -1.17 -84.46 66.53
CA PHE O 51 -0.62 -85.69 65.98
C PHE O 51 0.86 -85.59 65.67
N LYS O 52 1.46 -84.41 65.78
CA LYS O 52 2.88 -84.25 65.52
C LYS O 52 3.72 -84.56 66.75
N CYS O 53 3.16 -84.43 67.95
CA CYS O 53 3.87 -84.82 69.15
C CYS O 53 3.97 -86.34 69.29
N MET O 54 2.97 -87.07 68.82
CA MET O 54 2.85 -88.48 69.09
C MET O 54 3.35 -89.32 67.92
N GLN O 55 3.76 -90.55 68.25
CA GLN O 55 4.29 -91.51 67.30
C GLN O 55 3.57 -92.84 67.50
N LEU O 56 3.07 -93.42 66.42
CA LEU O 56 2.19 -94.57 66.52
C LEU O 56 2.98 -95.83 66.82
N THR O 57 2.38 -96.72 67.62
CA THR O 57 2.98 -97.99 68.00
C THR O 57 2.22 -99.13 67.32
N ASP O 58 2.60 -100.35 67.67
CA ASP O 58 1.95 -101.53 67.12
C ASP O 58 0.70 -101.95 67.90
N PHE O 59 0.59 -101.53 69.15
CA PHE O 59 -0.45 -102.04 70.04
C PHE O 59 -1.74 -101.24 69.88
N ILE O 60 -2.86 -101.95 69.92
CA ILE O 60 -4.19 -101.37 69.76
C ILE O 60 -5.08 -101.90 70.87
N LEU O 61 -5.64 -100.99 71.67
CA LEU O 61 -6.57 -101.35 72.73
C LEU O 61 -7.99 -101.30 72.19
N LYS O 62 -8.82 -102.25 72.58
CA LYS O 62 -10.19 -102.30 72.12
C LYS O 62 -11.12 -101.76 73.21
N PHE O 63 -11.89 -100.72 72.87
CA PHE O 63 -12.90 -100.03 73.66
C PHE O 63 -13.65 -99.09 72.72
N PRO O 64 -14.91 -98.76 72.99
CA PRO O 64 -15.63 -97.81 72.13
C PRO O 64 -15.11 -96.40 72.30
N HIS O 65 -15.44 -95.56 71.31
CA HIS O 65 -14.90 -94.21 71.26
C HIS O 65 -15.57 -93.31 72.30
N SER O 66 -14.79 -92.35 72.81
CA SER O 66 -15.21 -91.38 73.83
C SER O 66 -15.70 -92.05 75.10
N ALA O 67 -15.13 -93.20 75.44
CA ALA O 67 -15.48 -93.87 76.68
C ALA O 67 -14.81 -93.17 77.86
N HIS O 68 -15.28 -93.48 79.06
CA HIS O 68 -14.71 -92.87 80.25
C HIS O 68 -13.36 -93.48 80.59
N GLN O 69 -12.69 -92.84 81.53
CA GLN O 69 -11.36 -93.21 81.94
C GLN O 69 -11.21 -94.60 82.52
N LYS O 70 -12.21 -95.09 83.23
CA LYS O 70 -12.07 -96.40 83.85
C LYS O 70 -12.20 -97.54 82.84
N TYR O 71 -12.77 -97.27 81.67
CA TYR O 71 -12.90 -98.30 80.65
C TYR O 71 -11.69 -98.36 79.74
N VAL O 72 -10.96 -97.25 79.60
CA VAL O 72 -9.69 -97.30 78.89
C VAL O 72 -8.55 -97.73 79.80
N ARG O 73 -8.80 -97.83 81.11
CA ARG O 73 -7.81 -98.32 82.06
C ARG O 73 -7.84 -99.83 82.19
N GLN O 74 -9.02 -100.42 82.30
CA GLN O 74 -9.11 -101.88 82.33
C GLN O 74 -9.00 -102.50 80.95
N ALA O 75 -8.97 -101.69 79.89
CA ALA O 75 -8.54 -102.16 78.58
C ALA O 75 -7.04 -102.02 78.40
N TRP O 76 -6.41 -101.09 79.13
CA TRP O 76 -4.95 -101.03 79.17
C TRP O 76 -4.40 -102.25 79.88
N GLN O 77 -5.07 -102.70 80.94
CA GLN O 77 -4.54 -103.78 81.78
C GLN O 77 -4.80 -105.15 81.19
N LYS O 78 -5.94 -105.35 80.52
CA LYS O 78 -6.10 -106.54 79.70
C LYS O 78 -5.20 -106.42 78.49
N ALA O 79 -4.39 -107.46 78.25
CA ALA O 79 -3.20 -107.41 77.39
C ALA O 79 -2.33 -106.23 77.77
N ASP O 80 -1.78 -106.32 78.98
CA ASP O 80 -1.12 -105.23 79.68
C ASP O 80 0.07 -104.63 78.94
N ILE O 81 -0.08 -103.36 78.57
CA ILE O 81 0.84 -102.70 77.64
C ILE O 81 2.20 -102.49 78.30
N ASN O 82 2.22 -102.17 79.59
CA ASN O 82 3.47 -101.84 80.28
C ASN O 82 4.41 -103.04 80.45
N THR O 83 3.94 -104.27 80.20
CA THR O 83 4.84 -105.40 80.06
C THR O 83 5.04 -105.82 78.61
N LYS O 84 4.11 -105.46 77.72
CA LYS O 84 4.36 -105.60 76.29
C LYS O 84 5.39 -104.58 75.82
N TRP O 85 5.12 -103.30 76.05
CA TRP O 85 6.16 -102.28 76.07
C TRP O 85 7.09 -102.56 77.24
N ALA O 86 8.32 -102.01 77.13
CA ALA O 86 9.50 -102.40 77.92
C ALA O 86 9.80 -103.89 77.77
N ALA O 87 9.44 -104.45 76.61
CA ALA O 87 9.95 -105.70 76.09
C ALA O 87 10.23 -105.66 74.60
N THR O 88 9.73 -104.64 73.90
CA THR O 88 10.01 -104.43 72.49
C THR O 88 11.33 -103.71 72.32
N ARG O 89 11.84 -103.72 71.08
CA ARG O 89 13.17 -103.16 70.82
C ARG O 89 13.16 -101.64 70.92
N TRP O 90 12.08 -101.00 70.48
CA TRP O 90 12.01 -99.55 70.54
C TRP O 90 11.87 -99.05 71.97
N ALA O 91 11.23 -99.83 72.83
CA ALA O 91 11.24 -99.49 74.25
C ALA O 91 12.62 -99.72 74.87
N LYS O 92 13.35 -100.73 74.39
CA LYS O 92 14.68 -100.99 74.92
C LYS O 92 15.71 -99.97 74.44
N LYS O 93 15.55 -99.47 73.22
CA LYS O 93 16.47 -98.44 72.71
C LYS O 93 16.29 -97.11 73.43
N ILE O 94 15.11 -96.85 73.99
CA ILE O 94 14.92 -95.65 74.79
C ILE O 94 15.66 -95.75 76.11
N GLU O 95 15.55 -96.89 76.80
CA GLU O 95 16.24 -97.02 78.08
C GLU O 95 17.74 -97.22 77.90
N ALA O 96 18.17 -97.77 76.78
CA ALA O 96 19.59 -97.89 76.46
C ALA O 96 20.11 -96.70 75.68
N ARG O 97 19.43 -95.57 75.74
CA ARG O 97 19.95 -94.29 75.28
C ARG O 97 19.99 -93.27 76.40
N GLU O 98 19.08 -93.37 77.37
CA GLU O 98 19.10 -92.48 78.51
C GLU O 98 20.09 -92.95 79.58
N ARG O 99 20.35 -94.26 79.68
CA ARG O 99 21.39 -94.70 80.60
C ARG O 99 22.78 -94.56 80.01
N LYS O 100 22.90 -94.19 78.74
CA LYS O 100 24.18 -93.72 78.22
C LYS O 100 24.40 -92.26 78.61
N ALA O 101 23.31 -91.49 78.75
CA ALA O 101 23.40 -90.16 79.33
C ALA O 101 23.57 -90.22 80.84
N LYS O 102 23.08 -91.27 81.49
CA LYS O 102 23.32 -91.49 82.92
C LYS O 102 24.61 -92.27 83.13
N MET O 103 25.71 -91.82 82.53
CA MET O 103 26.97 -92.55 82.60
C MET O 103 28.01 -91.63 83.21
N THR O 104 28.48 -91.98 84.40
CA THR O 104 29.44 -91.18 85.13
C THR O 104 30.81 -91.25 84.49
N ASP O 105 31.72 -90.42 84.99
CA ASP O 105 33.06 -90.34 84.44
C ASP O 105 33.86 -91.61 84.74
N PHE O 106 33.55 -92.29 85.84
CA PHE O 106 34.19 -93.57 86.15
C PHE O 106 33.57 -94.73 85.39
N ASP O 107 32.25 -94.67 85.11
CA ASP O 107 31.63 -95.64 84.23
C ASP O 107 32.15 -95.51 82.80
N ARG O 108 32.47 -94.29 82.38
CA ARG O 108 32.97 -94.07 81.04
C ARG O 108 34.40 -94.55 80.87
N PHE O 109 35.15 -94.60 81.97
CA PHE O 109 36.46 -95.23 81.94
C PHE O 109 36.33 -96.75 81.82
N LYS O 110 35.36 -97.34 82.52
CA LYS O 110 35.20 -98.79 82.51
C LYS O 110 34.68 -99.29 81.18
N VAL O 111 33.92 -98.47 80.46
CA VAL O 111 33.52 -98.83 79.10
C VAL O 111 34.71 -98.69 78.16
N MET O 112 35.57 -97.68 78.40
CA MET O 112 36.75 -97.44 77.58
C MET O 112 37.74 -98.61 77.65
N LYS O 113 37.81 -99.28 78.79
CA LYS O 113 38.69 -100.44 78.92
C LYS O 113 38.03 -101.69 78.36
N ALA O 114 36.73 -101.86 78.60
CA ALA O 114 36.03 -103.05 78.14
C ALA O 114 35.81 -103.04 76.63
N LYS O 115 35.64 -101.86 76.03
CA LYS O 115 35.49 -101.79 74.58
C LYS O 115 36.81 -102.03 73.86
N LYS O 116 37.90 -101.48 74.42
CA LYS O 116 39.20 -101.63 73.79
C LYS O 116 39.69 -103.08 73.85
N MET O 117 39.28 -103.82 74.88
CA MET O 117 39.58 -105.24 74.89
C MET O 117 38.68 -106.01 73.94
N ARG O 118 37.39 -105.66 73.89
CA ARG O 118 36.44 -106.40 73.06
C ARG O 118 36.71 -106.20 71.58
N ASN O 119 37.29 -105.07 71.20
CA ASN O 119 37.74 -104.85 69.83
C ASN O 119 39.12 -105.44 69.55
N ARG O 120 39.65 -106.28 70.44
CA ARG O 120 40.83 -107.09 70.15
C ARG O 120 40.47 -108.53 69.81
N ILE O 121 39.49 -109.10 70.50
CA ILE O 121 39.08 -110.47 70.20
C ILE O 121 38.29 -110.51 68.89
N ILE O 122 37.40 -109.54 68.68
CA ILE O 122 36.59 -109.50 67.47
C ILE O 122 37.46 -109.18 66.25
N LYS O 123 38.40 -108.24 66.40
CA LYS O 123 39.36 -107.94 65.34
C LYS O 123 40.29 -109.11 65.05
N ASN O 124 40.50 -110.01 66.01
CA ASN O 124 41.40 -111.13 65.79
C ASN O 124 40.76 -112.17 64.87
N GLU O 125 39.51 -112.56 65.14
CA GLU O 125 38.95 -113.66 64.38
C GLU O 125 38.45 -113.22 63.00
N VAL O 126 38.17 -111.93 62.81
CA VAL O 126 37.83 -111.47 61.47
C VAL O 126 39.05 -111.49 60.55
N LYS O 127 40.26 -111.55 61.10
CA LYS O 127 41.41 -111.93 60.31
C LYS O 127 41.45 -113.44 60.08
N LYS O 128 41.13 -114.23 61.11
CA LYS O 128 41.14 -115.67 60.98
C LYS O 128 39.96 -116.18 60.17
N LEU O 129 38.89 -115.41 60.03
CA LEU O 129 37.81 -115.75 59.13
C LEU O 129 37.95 -115.11 57.75
N GLN O 130 39.13 -114.56 57.44
CA GLN O 130 39.39 -114.10 56.08
C GLN O 130 40.76 -114.53 55.56
N LYS O 131 41.58 -115.20 56.37
CA LYS O 131 42.79 -115.82 55.84
C LYS O 131 42.71 -117.33 55.85
N ALA O 132 41.80 -117.92 56.63
CA ALA O 132 41.50 -119.34 56.53
C ALA O 132 40.30 -119.62 55.64
N ALA O 133 39.42 -118.64 55.45
CA ALA O 133 38.29 -118.78 54.54
C ALA O 133 38.68 -118.53 53.09
N LEU O 134 39.85 -117.95 52.83
CA LEU O 134 40.37 -117.84 51.47
C LEU O 134 41.17 -119.04 51.04
N LEU O 135 41.22 -120.10 51.84
CA LEU O 135 41.91 -121.32 51.44
C LEU O 135 41.09 -122.03 50.37
N LYS O 136 41.37 -121.69 49.11
CA LYS O 136 40.71 -122.28 47.95
C LYS O 136 41.78 -122.65 46.94
N ALA O 137 41.77 -123.91 46.48
CA ALA O 137 42.75 -124.39 45.51
C ALA O 137 42.07 -125.24 44.46
N SER O 138 40.92 -124.79 43.95
CA SER O 138 40.14 -125.55 43.00
C SER O 138 40.00 -124.78 41.69
N PRO O 139 40.04 -125.47 40.53
CA PRO O 139 39.89 -124.84 39.22
C PRO O 139 38.52 -124.22 38.99
N GLY P 1 39.78 79.49 50.83
CA GLY P 1 40.39 78.57 49.88
C GLY P 1 39.45 78.20 48.76
N ALA P 2 40.01 77.95 47.58
CA ALA P 2 39.21 77.65 46.39
C ALA P 2 39.04 76.16 46.15
N TYR P 3 39.40 75.31 47.11
CA TYR P 3 39.06 73.89 46.97
C TYR P 3 37.65 73.60 47.47
N LYS P 4 37.08 74.50 48.26
CA LYS P 4 35.73 74.31 48.77
C LYS P 4 34.69 74.60 47.71
N TYR P 5 35.04 75.40 46.71
CA TYR P 5 34.14 75.66 45.60
C TYR P 5 34.19 74.56 44.55
N ILE P 6 35.34 73.91 44.38
CA ILE P 6 35.43 72.81 43.42
C ILE P 6 34.72 71.59 43.99
N GLN P 7 34.71 71.45 45.32
CA GLN P 7 34.06 70.32 45.97
C GLN P 7 32.54 70.42 45.84
N GLU P 8 32.00 71.64 45.85
CA GLU P 8 30.57 71.82 45.69
C GLU P 8 30.13 71.83 44.23
N LEU P 9 31.03 72.15 43.31
CA LEU P 9 30.68 72.16 41.90
C LEU P 9 30.60 70.74 41.34
N TRP P 10 31.44 69.83 41.81
CA TRP P 10 31.36 68.42 41.43
C TRP P 10 30.22 67.68 42.12
N ARG P 11 29.47 68.34 42.98
CA ARG P 11 28.21 67.83 43.49
C ARG P 11 27.03 68.31 42.67
N LYS P 12 27.30 68.98 41.55
CA LYS P 12 26.28 69.52 40.66
C LYS P 12 26.41 68.91 39.28
N LYS P 13 26.56 67.58 39.20
CA LYS P 13 26.89 66.91 37.94
C LYS P 13 25.79 66.98 36.89
N GLN P 14 24.56 67.35 37.27
CA GLN P 14 23.47 67.50 36.32
C GLN P 14 23.23 68.95 35.94
N SER P 15 24.00 69.88 36.47
CA SER P 15 23.89 71.28 36.06
C SER P 15 24.44 71.47 34.66
N ASP P 16 23.95 72.53 33.98
CA ASP P 16 24.29 72.76 32.59
C ASP P 16 25.74 73.19 32.39
N VAL P 17 26.38 73.67 33.44
CA VAL P 17 27.82 73.93 33.38
C VAL P 17 28.59 72.62 33.46
N MET P 18 28.15 71.70 34.32
CA MET P 18 28.93 70.52 34.61
C MET P 18 28.62 69.35 33.70
N ARG P 19 27.41 69.28 33.14
CA ARG P 19 27.14 68.25 32.14
C ARG P 19 27.84 68.55 30.82
N PHE P 20 28.19 69.80 30.56
CA PHE P 20 28.95 70.12 29.36
C PHE P 20 30.39 69.64 29.46
N LEU P 21 31.00 69.83 30.63
CA LEU P 21 32.39 69.39 30.81
C LEU P 21 32.51 67.88 30.87
N LEU P 22 31.53 67.20 31.48
CA LEU P 22 31.58 65.75 31.58
C LEU P 22 31.25 65.03 30.28
N ARG P 23 30.84 65.76 29.24
CA ARG P 23 30.64 65.20 27.91
C ARG P 23 31.79 65.51 26.96
N VAL P 24 32.41 66.69 27.07
CA VAL P 24 33.52 67.01 26.20
C VAL P 24 34.79 66.29 26.66
N ARG P 25 34.89 65.97 27.95
CA ARG P 25 36.02 65.18 28.42
C ARG P 25 35.81 63.70 28.13
N CYS P 26 34.58 63.21 28.27
CA CYS P 26 34.27 61.82 27.95
C CYS P 26 34.44 61.54 26.46
N TRP P 27 34.18 62.54 25.62
CA TRP P 27 34.53 62.43 24.20
C TRP P 27 36.05 62.35 24.03
N GLN P 28 36.78 63.21 24.73
CA GLN P 28 38.24 63.27 24.62
C GLN P 28 38.88 61.99 25.15
N TYR P 29 38.33 61.44 26.22
CA TYR P 29 38.91 60.26 26.84
C TYR P 29 38.58 59.00 26.07
N ARG P 30 37.52 59.03 25.25
CA ARG P 30 37.13 57.89 24.45
C ARG P 30 38.04 57.70 23.24
N GLN P 31 38.71 58.76 22.80
CA GLN P 31 39.53 58.74 21.61
C GLN P 31 40.97 58.32 21.88
N LEU P 32 41.27 57.90 23.10
CA LEU P 32 42.61 57.53 23.51
C LEU P 32 42.63 56.05 23.87
N SER P 33 43.82 55.54 24.21
CA SER P 33 43.97 54.15 24.57
C SER P 33 43.41 53.90 25.97
N ALA P 34 43.29 52.61 26.31
CA ALA P 34 42.71 52.23 27.59
C ALA P 34 43.67 52.42 28.75
N LEU P 35 44.97 52.40 28.47
CA LEU P 35 46.01 52.74 29.43
C LEU P 35 46.64 54.03 28.95
N HIS P 36 46.55 55.08 29.77
CA HIS P 36 46.96 56.40 29.31
C HIS P 36 47.34 57.25 30.51
N ARG P 37 48.59 57.70 30.55
CA ARG P 37 49.03 58.58 31.63
C ARG P 37 48.47 59.98 31.44
N ALA P 38 47.87 60.52 32.49
CA ALA P 38 47.54 61.94 32.51
C ALA P 38 48.72 62.74 33.04
N PRO P 39 49.02 63.91 32.47
CA PRO P 39 50.16 64.69 32.95
C PRO P 39 49.91 65.41 34.26
N ARG P 40 48.68 65.42 34.74
CA ARG P 40 48.24 66.09 35.95
C ARG P 40 46.85 65.57 36.29
N PRO P 41 46.42 65.67 37.55
CA PRO P 41 45.06 65.21 37.87
C PRO P 41 43.99 66.10 37.25
N THR P 42 42.98 65.45 36.67
CA THR P 42 41.84 66.17 36.12
C THR P 42 41.04 66.84 37.24
N ARG P 43 40.89 66.14 38.36
CA ARG P 43 40.25 66.66 39.57
C ARG P 43 41.36 66.93 40.59
N PRO P 44 41.88 68.15 40.67
CA PRO P 44 43.02 68.40 41.55
C PRO P 44 42.65 68.43 43.03
N ASP P 45 41.37 68.56 43.38
CA ASP P 45 40.96 68.49 44.78
C ASP P 45 40.54 67.10 45.21
N LYS P 46 39.90 66.33 44.32
CA LYS P 46 39.53 64.96 44.66
C LYS P 46 40.75 64.08 44.77
N ALA P 47 41.77 64.35 43.96
CA ALA P 47 43.00 63.57 44.01
C ALA P 47 43.73 63.79 45.34
N ARG P 48 43.75 65.03 45.82
CA ARG P 48 44.60 65.34 46.96
C ARG P 48 43.95 65.02 48.31
N ARG P 49 42.63 64.86 48.36
CA ARG P 49 42.00 64.31 49.56
C ARG P 49 41.93 62.79 49.52
N LEU P 50 42.66 62.17 48.60
CA LEU P 50 42.88 60.73 48.56
C LEU P 50 44.36 60.38 48.59
N GLY P 51 45.23 61.36 48.85
CA GLY P 51 46.63 61.11 49.07
C GLY P 51 47.59 61.65 48.03
N TYR P 52 47.13 62.51 47.13
CA TYR P 52 48.01 63.05 46.08
C TYR P 52 48.62 64.36 46.55
N LYS P 53 49.92 64.48 46.35
CA LYS P 53 50.63 65.73 46.54
C LYS P 53 51.26 66.12 45.20
N ALA P 54 51.61 67.40 45.06
CA ALA P 54 52.25 67.85 43.84
C ALA P 54 53.77 67.76 43.93
N LYS P 55 54.26 66.58 44.28
CA LYS P 55 55.67 66.27 44.36
C LYS P 55 56.07 65.37 43.20
N GLN P 56 57.36 65.05 43.13
CA GLN P 56 57.87 64.15 42.12
C GLN P 56 57.77 62.72 42.63
N GLY P 57 57.26 61.83 41.78
CA GLY P 57 57.02 60.45 42.16
C GLY P 57 55.57 60.09 42.32
N TYR P 58 54.65 61.05 42.17
CA TYR P 58 53.22 60.79 42.13
C TYR P 58 52.74 61.00 40.70
N VAL P 59 52.23 59.96 40.07
CA VAL P 59 51.78 60.04 38.68
C VAL P 59 50.32 59.64 38.61
N ILE P 60 49.68 59.99 37.50
CA ILE P 60 48.25 59.78 37.29
C ILE P 60 48.06 59.00 35.99
N TYR P 61 47.31 57.90 36.06
CA TYR P 61 46.96 57.12 34.88
C TYR P 61 45.45 57.08 34.71
N ARG P 62 45.00 57.23 33.46
CA ARG P 62 43.59 57.23 33.14
C ARG P 62 43.21 55.87 32.56
N ILE P 63 42.27 55.19 33.20
CA ILE P 63 41.93 53.81 32.88
C ILE P 63 40.53 53.77 32.29
N ARG P 64 40.37 53.05 31.19
CA ARG P 64 39.09 52.88 30.51
C ARG P 64 38.62 51.46 30.73
N VAL P 65 37.43 51.31 31.30
CA VAL P 65 36.88 50.01 31.66
C VAL P 65 35.53 49.85 30.98
N ARG P 66 35.34 48.74 30.27
CA ARG P 66 34.04 48.39 29.71
C ARG P 66 33.04 48.16 30.83
N ARG P 67 31.91 48.86 30.76
CA ARG P 67 30.93 48.75 31.82
C ARG P 67 29.90 47.67 31.49
N GLY P 68 29.12 47.30 32.49
CA GLY P 68 28.17 46.21 32.39
C GLY P 68 28.50 45.10 33.37
N GLY P 69 27.76 44.01 33.24
CA GLY P 69 27.88 42.87 34.14
C GLY P 69 28.99 41.92 33.71
N ARG P 70 28.90 40.70 34.23
CA ARG P 70 29.89 39.66 33.95
C ARG P 70 29.20 38.47 33.30
N LYS P 71 29.31 38.37 31.98
CA LYS P 71 28.83 37.21 31.26
C LYS P 71 29.76 36.03 31.55
N ARG P 72 29.17 34.87 31.80
CA ARG P 72 29.94 33.73 32.30
C ARG P 72 30.73 33.09 31.16
N PRO P 73 32.05 32.94 31.32
CA PRO P 73 32.85 32.33 30.25
C PRO P 73 32.62 30.84 30.11
N VAL P 74 31.55 30.46 29.44
CA VAL P 74 31.21 29.06 29.24
C VAL P 74 30.92 28.88 27.75
N PRO P 75 31.38 27.79 27.11
CA PRO P 75 31.12 27.63 25.67
C PRO P 75 29.66 27.30 25.38
N LYS P 76 29.03 28.18 24.57
CA LYS P 76 27.65 28.04 24.09
C LYS P 76 26.63 27.94 25.22
N GLY P 77 26.91 28.58 26.35
CA GLY P 77 25.94 28.73 27.41
C GLY P 77 25.61 27.49 28.19
N ALA P 78 26.43 26.45 28.10
CA ALA P 78 26.12 25.16 28.69
C ALA P 78 26.94 24.96 29.96
N THR P 79 26.38 25.38 31.09
CA THR P 79 26.95 25.15 32.41
C THR P 79 26.30 23.89 32.95
N TYR P 80 27.06 22.80 32.99
CA TYR P 80 26.47 21.48 33.17
C TYR P 80 26.02 21.26 34.61
N GLY P 81 24.89 20.56 34.76
CA GLY P 81 24.45 20.09 36.06
C GLY P 81 23.72 21.09 36.92
N LYS P 82 22.60 20.65 37.53
CA LYS P 82 21.90 21.34 38.61
C LYS P 82 21.46 22.76 38.29
N PRO P 83 20.25 22.93 37.71
CA PRO P 83 19.76 24.23 37.18
C PRO P 83 19.96 25.52 37.98
N VAL P 84 20.31 25.43 39.26
CA VAL P 84 20.67 26.62 40.02
C VAL P 84 21.94 27.27 39.45
N HIS P 85 22.82 26.48 38.84
CA HIS P 85 24.02 27.02 38.20
C HIS P 85 23.88 27.14 36.69
N HIS P 86 22.66 27.08 36.17
CA HIS P 86 22.39 27.35 34.75
C HIS P 86 22.41 28.82 34.39
N GLY P 87 22.73 29.69 35.35
CA GLY P 87 22.76 31.11 35.07
C GLY P 87 23.98 31.48 34.26
N VAL P 88 23.76 32.19 33.16
CA VAL P 88 24.83 32.58 32.25
C VAL P 88 24.89 34.10 32.09
N ASN P 89 23.76 34.76 31.84
CA ASN P 89 23.76 36.16 31.44
C ASN P 89 23.71 37.13 32.62
N GLN P 90 22.68 37.06 33.45
CA GLN P 90 22.45 38.09 34.45
C GLN P 90 23.31 37.90 35.69
N LEU P 91 24.62 37.81 35.51
CA LEU P 91 25.55 37.57 36.60
C LEU P 91 26.38 38.82 36.84
N LYS P 92 26.78 39.01 38.10
CA LYS P 92 27.46 40.23 38.52
C LYS P 92 28.79 39.88 39.14
N PHE P 93 29.81 40.68 38.83
CA PHE P 93 31.15 40.44 39.34
C PHE P 93 31.30 41.05 40.73
N ALA P 94 32.10 40.39 41.56
CA ALA P 94 32.14 40.71 42.99
C ALA P 94 32.84 42.04 43.27
N ARG P 95 33.84 42.40 42.48
CA ARG P 95 34.53 43.67 42.65
C ARG P 95 33.93 44.70 41.70
N SER P 96 34.10 45.97 42.06
CA SER P 96 33.50 47.04 41.28
C SER P 96 34.37 47.35 40.06
N LEU P 97 33.89 48.27 39.22
CA LEU P 97 34.67 48.69 38.06
C LEU P 97 35.85 49.57 38.45
N GLN P 98 35.75 50.25 39.58
CA GLN P 98 36.89 51.02 40.06
C GLN P 98 37.96 50.10 40.63
N SER P 99 37.56 48.93 41.14
CA SER P 99 38.52 47.96 41.65
C SER P 99 39.29 47.28 40.52
N VAL P 100 38.65 47.12 39.35
CA VAL P 100 39.33 46.52 38.20
C VAL P 100 39.97 47.59 37.32
N ALA P 101 39.77 48.86 37.63
CA ALA P 101 40.53 49.94 37.01
C ALA P 101 41.85 50.17 37.71
N GLU P 102 41.86 50.05 39.04
CA GLU P 102 43.11 50.09 39.80
C GLU P 102 44.00 48.90 39.49
N GLU P 103 43.40 47.74 39.22
CA GLU P 103 44.17 46.53 38.99
C GLU P 103 44.84 46.54 37.63
N ARG P 104 44.19 47.11 36.62
CA ARG P 104 44.80 47.21 35.30
C ARG P 104 45.84 48.32 35.23
N ALA P 105 45.79 49.28 36.15
CA ALA P 105 46.82 50.31 36.21
C ALA P 105 48.09 49.79 36.86
N GLY P 106 47.95 48.99 37.92
CA GLY P 106 49.10 48.49 38.64
C GLY P 106 49.74 47.27 38.04
N ARG P 107 49.02 46.53 37.19
CA ARG P 107 49.61 45.39 36.51
C ARG P 107 50.49 45.84 35.35
N HIS P 108 50.11 46.92 34.68
CA HIS P 108 50.96 47.48 33.63
C HIS P 108 52.14 48.22 34.25
N CYS P 109 51.89 48.94 35.35
CA CYS P 109 52.95 49.66 36.05
C CYS P 109 53.34 48.86 37.29
N GLY P 110 54.13 47.81 37.06
CA GLY P 110 54.53 46.93 38.14
C GLY P 110 55.51 47.56 39.10
N ALA P 111 56.31 48.51 38.62
CA ALA P 111 57.30 49.20 39.45
C ALA P 111 56.72 50.37 40.23
N LEU P 112 55.40 50.52 40.23
CA LEU P 112 54.74 51.61 40.93
C LEU P 112 53.74 51.02 41.92
N ARG P 113 53.36 51.83 42.90
CA ARG P 113 52.42 51.43 43.94
C ARG P 113 51.10 52.15 43.70
N VAL P 114 50.01 51.38 43.63
CA VAL P 114 48.68 51.97 43.46
C VAL P 114 48.26 52.57 44.80
N LEU P 115 48.10 53.89 44.85
CA LEU P 115 47.61 54.50 46.08
C LEU P 115 46.09 54.42 46.14
N ASN P 116 45.41 55.12 45.23
CA ASN P 116 43.95 55.22 45.25
C ASN P 116 43.51 55.76 43.89
N SER P 117 42.19 55.90 43.72
CA SER P 117 41.64 56.30 42.43
C SER P 117 40.30 56.99 42.61
N TYR P 118 39.88 57.70 41.55
CA TYR P 118 38.64 58.45 41.56
C TYR P 118 38.00 58.42 40.16
N TRP P 119 36.84 59.07 40.05
CA TRP P 119 35.95 58.99 38.90
C TRP P 119 36.10 60.23 38.03
N VAL P 120 36.10 60.05 36.71
CA VAL P 120 36.22 61.21 35.81
C VAL P 120 35.19 61.28 34.69
N GLY P 121 34.21 60.37 34.67
CA GLY P 121 33.14 60.46 33.68
C GLY P 121 32.85 59.12 33.05
N GLU P 122 31.59 58.74 32.79
CA GLU P 122 31.49 57.37 32.33
C GLU P 122 31.41 57.17 30.82
N ASP P 123 30.19 56.91 30.30
CA ASP P 123 29.78 56.69 28.90
C ASP P 123 28.44 55.97 29.02
N SER P 124 27.94 55.39 27.92
CA SER P 124 27.09 54.20 28.03
C SER P 124 27.86 52.90 27.88
N THR P 125 29.02 52.92 27.22
CA THR P 125 29.80 51.72 26.94
C THR P 125 30.99 51.56 27.88
N TYR P 126 31.61 52.67 28.25
CA TYR P 126 32.85 52.70 29.00
C TYR P 126 32.61 53.37 30.34
N LYS P 127 33.66 53.38 31.16
CA LYS P 127 33.67 54.15 32.40
C LYS P 127 35.13 54.49 32.69
N PHE P 128 35.39 55.77 32.92
CA PHE P 128 36.75 56.28 33.02
C PHE P 128 37.10 56.57 34.47
N PHE P 129 38.31 56.18 34.87
CA PHE P 129 38.83 56.46 36.19
C PHE P 129 40.25 57.01 36.05
N GLU P 130 40.68 57.75 37.08
CA GLU P 130 42.07 58.16 37.18
C GLU P 130 42.65 57.59 38.47
N VAL P 131 43.79 56.92 38.35
CA VAL P 131 44.41 56.18 39.44
C VAL P 131 45.68 56.91 39.86
N ILE P 132 45.90 57.01 41.17
CA ILE P 132 47.06 57.68 41.74
C ILE P 132 48.12 56.63 42.02
N LEU P 133 49.24 56.74 41.33
CA LEU P 133 50.36 55.81 41.47
C LEU P 133 51.52 56.50 42.17
N ILE P 134 52.29 55.72 42.92
CA ILE P 134 53.44 56.21 43.67
C ILE P 134 54.65 55.40 43.24
N ASP P 135 55.76 56.09 42.97
CA ASP P 135 57.03 55.42 42.68
C ASP P 135 57.78 55.19 43.98
N PRO P 136 57.88 53.96 44.48
CA PRO P 136 58.39 53.73 45.84
C PRO P 136 59.90 53.82 45.98
N PHE P 137 60.64 54.19 44.93
CA PHE P 137 62.09 54.24 44.99
C PHE P 137 62.65 55.61 44.67
N HIS P 138 61.81 56.62 44.53
CA HIS P 138 62.31 57.97 44.36
C HIS P 138 62.72 58.54 45.71
N LYS P 139 63.77 59.36 45.71
CA LYS P 139 64.28 59.95 46.93
C LYS P 139 63.41 61.08 47.45
N ALA P 140 62.43 61.55 46.68
CA ALA P 140 61.48 62.52 47.19
C ALA P 140 60.40 61.89 48.06
N ILE P 141 60.32 60.56 48.06
CA ILE P 141 59.30 59.84 48.82
C ILE P 141 59.93 59.03 49.95
N ARG P 142 61.07 58.38 49.68
CA ARG P 142 61.74 57.57 50.69
C ARG P 142 62.42 58.41 51.76
N ARG P 143 62.73 59.68 51.47
CA ARG P 143 63.31 60.58 52.46
C ARG P 143 62.25 61.41 53.16
N ASN P 144 61.03 60.90 53.21
CA ASN P 144 59.92 61.62 53.82
C ASN P 144 59.10 60.65 54.66
N PRO P 145 58.92 60.92 55.95
CA PRO P 145 57.96 60.14 56.73
C PRO P 145 56.54 60.52 56.36
N ASP P 146 55.59 59.73 56.87
CA ASP P 146 54.15 59.73 56.60
C ASP P 146 53.80 59.35 55.16
N THR P 147 54.78 59.08 54.31
CA THR P 147 54.57 58.54 52.98
C THR P 147 55.50 57.39 52.63
N GLN P 148 56.50 57.11 53.46
CA GLN P 148 57.42 56.01 53.21
C GLN P 148 56.90 54.67 53.72
N TRP P 149 55.65 54.63 54.21
CA TRP P 149 55.02 53.36 54.56
C TRP P 149 54.75 52.51 53.33
N ILE P 150 54.54 53.14 52.18
CA ILE P 150 54.25 52.40 50.95
C ILE P 150 55.52 51.90 50.29
N THR P 151 56.68 52.36 50.73
CA THR P 151 57.97 51.92 50.23
C THR P 151 58.47 50.65 50.92
N LYS P 152 57.63 50.00 51.71
CA LYS P 152 57.74 48.74 52.44
C LYS P 152 57.24 47.60 51.58
N PRO P 153 57.85 46.40 51.65
CA PRO P 153 57.47 45.31 50.74
C PRO P 153 56.11 44.69 51.04
N VAL P 154 55.47 45.03 52.16
CA VAL P 154 54.15 44.49 52.45
C VAL P 154 53.06 45.20 51.66
N HIS P 155 53.37 46.36 51.07
CA HIS P 155 52.40 47.13 50.30
C HIS P 155 52.55 46.94 48.80
N LYS P 156 53.25 45.90 48.37
CA LYS P 156 53.38 45.61 46.94
C LYS P 156 52.08 45.03 46.41
N HIS P 157 51.60 45.60 45.31
CA HIS P 157 50.39 45.18 44.60
C HIS P 157 49.18 45.12 45.53
N ARG P 158 48.96 46.21 46.25
CA ARG P 158 47.85 46.29 47.19
C ARG P 158 46.49 46.40 46.50
N GLU P 159 46.46 46.65 45.20
CA GLU P 159 45.21 46.66 44.46
C GLU P 159 44.76 45.26 44.07
N MET P 160 45.66 44.28 44.15
CA MET P 160 45.34 42.91 43.77
C MET P 160 45.02 42.05 44.98
N ARG P 161 45.53 42.42 46.15
CA ARG P 161 45.09 41.83 47.40
C ARG P 161 43.87 42.53 47.96
N GLY P 162 43.41 43.58 47.31
CA GLY P 162 42.12 44.18 47.63
C GLY P 162 42.11 45.07 48.84
N LEU P 163 43.24 45.76 49.03
CA LEU P 163 43.49 46.67 50.14
C LEU P 163 43.66 48.14 49.81
N THR P 164 43.10 48.59 48.70
CA THR P 164 42.98 50.00 48.39
C THR P 164 41.63 50.50 48.89
N SER P 165 41.20 51.68 48.48
CA SER P 165 39.92 52.18 48.97
C SER P 165 38.74 51.56 48.24
N ALA P 166 38.84 51.39 46.91
CA ALA P 166 37.76 50.80 46.16
C ALA P 166 37.77 49.28 46.22
N GLY P 167 38.96 48.68 46.36
CA GLY P 167 39.05 47.23 46.43
C GLY P 167 38.62 46.63 47.75
N ARG P 168 38.57 47.46 48.78
CA ARG P 168 38.18 47.01 50.11
C ARG P 168 36.69 47.08 50.33
N LYS P 169 36.02 47.95 49.60
CA LYS P 169 34.57 48.09 49.75
C LYS P 169 33.81 46.87 49.25
N SER P 170 34.43 46.02 48.44
CA SER P 170 33.80 44.80 47.94
C SER P 170 34.10 43.59 48.80
N ARG P 171 34.66 43.81 49.99
CA ARG P 171 35.01 42.73 50.88
C ARG P 171 33.98 42.51 51.98
N GLY P 172 33.25 43.55 52.32
CA GLY P 172 32.23 43.42 53.36
C GLY P 172 32.82 43.46 54.75
N LEU P 173 33.81 44.30 54.97
CA LEU P 173 34.41 44.40 56.29
C LEU P 173 34.11 45.75 56.90
N GLY P 174 33.73 45.72 58.17
CA GLY P 174 33.37 46.91 58.90
C GLY P 174 32.94 46.51 60.29
N LYS P 175 32.71 47.51 61.12
CA LYS P 175 32.18 47.30 62.44
C LYS P 175 30.67 47.33 62.38
N GLY P 176 30.02 46.43 63.09
CA GLY P 176 28.58 46.48 63.13
C GLY P 176 27.96 45.10 63.26
N HIS P 177 26.64 45.11 63.37
CA HIS P 177 25.84 43.91 63.32
C HIS P 177 25.58 43.43 61.90
N LYS P 178 25.87 44.28 60.93
CA LYS P 178 25.70 43.90 59.52
C LYS P 178 26.89 43.10 59.04
N PHE P 179 28.08 43.45 59.50
CA PHE P 179 29.33 42.84 59.02
C PHE P 179 29.79 41.69 59.90
N HIS P 180 28.90 40.73 60.16
CA HIS P 180 29.28 39.53 60.88
C HIS P 180 29.97 38.51 59.99
N HIS P 181 29.98 38.72 58.68
CA HIS P 181 30.55 37.75 57.76
C HIS P 181 32.07 37.74 57.83
N THR P 182 32.66 38.88 58.13
CA THR P 182 34.10 39.12 58.09
C THR P 182 34.62 39.54 59.45
N ILE P 183 34.22 38.82 60.49
CA ILE P 183 34.44 39.28 61.86
C ILE P 183 35.72 38.65 62.40
N GLY P 184 36.58 38.18 61.49
CA GLY P 184 37.91 37.74 61.86
C GLY P 184 38.98 38.33 60.97
N GLY P 185 38.65 39.37 60.23
CA GLY P 185 39.59 40.02 59.35
C GLY P 185 39.21 39.95 57.88
N SER P 186 38.50 38.89 57.52
CA SER P 186 38.06 38.67 56.14
C SER P 186 36.97 37.63 56.18
N ARG P 187 36.39 37.36 55.00
CA ARG P 187 35.36 36.34 54.90
C ARG P 187 35.98 34.95 54.98
N ARG P 188 37.23 34.81 54.55
CA ARG P 188 37.90 33.50 54.59
C ARG P 188 38.40 33.20 56.00
N ALA P 189 38.86 34.22 56.72
CA ALA P 189 39.33 34.02 58.08
C ALA P 189 38.19 33.67 59.02
N ALA P 190 37.03 34.31 58.83
CA ALA P 190 35.87 33.99 59.64
C ALA P 190 35.33 32.61 59.30
N TRP P 191 35.41 32.21 58.02
CA TRP P 191 34.95 30.88 57.64
C TRP P 191 35.87 29.80 58.20
N ARG P 192 37.16 30.03 58.21
CA ARG P 192 38.10 29.04 58.71
C ARG P 192 38.04 28.86 60.22
N ARG P 193 37.60 29.88 60.94
CA ARG P 193 37.55 29.81 62.39
C ARG P 193 36.32 29.07 62.87
N ARG P 194 35.18 29.27 62.22
CA ARG P 194 33.93 28.65 62.63
C ARG P 194 33.69 27.32 61.94
N ASN P 195 34.70 26.78 61.25
CA ASN P 195 34.62 25.46 60.65
C ASN P 195 35.81 24.58 61.02
N THR P 196 36.69 25.05 61.91
CA THR P 196 37.62 24.16 62.56
C THR P 196 36.97 23.51 63.78
N LEU P 197 37.21 22.23 63.93
CA LEU P 197 36.74 21.48 65.09
C LEU P 197 37.85 21.53 66.15
N GLN P 198 37.65 22.36 67.17
CA GLN P 198 38.65 22.51 68.23
C GLN P 198 38.67 21.25 69.08
N LEU P 199 39.73 20.46 68.98
CA LEU P 199 39.87 19.24 69.74
C LEU P 199 40.99 19.44 70.73
N HIS P 200 40.63 19.69 71.98
CA HIS P 200 41.58 19.98 73.04
C HIS P 200 42.31 18.70 73.46
N ARG P 201 43.23 18.85 74.42
CA ARG P 201 43.86 17.66 74.97
C ARG P 201 42.90 16.91 75.88
N TYR P 202 42.06 17.64 76.61
CA TYR P 202 41.16 17.05 77.61
C TYR P 202 39.73 17.26 77.17
N ARG P 203 39.13 16.23 76.57
CA ARG P 203 37.72 16.22 76.25
C ARG P 203 36.89 15.49 77.31
N GLU Q 1 37.99 -79.03 65.66
CA GLU Q 1 37.26 -79.45 64.47
C GLU Q 1 37.69 -78.60 63.28
N VAL Q 2 38.82 -78.96 62.68
CA VAL Q 2 39.35 -78.22 61.54
C VAL Q 2 39.52 -79.12 60.34
N GLN Q 3 38.66 -80.13 60.24
CA GLN Q 3 38.56 -80.88 59.00
C GLN Q 3 37.63 -80.15 58.04
N VAL Q 4 37.57 -80.62 56.81
CA VAL Q 4 36.71 -80.02 55.81
C VAL Q 4 35.34 -80.67 55.87
N LEU Q 5 34.31 -79.85 55.65
CA LEU Q 5 32.94 -80.33 55.58
C LEU Q 5 32.60 -80.61 54.12
N VAL Q 6 32.18 -81.83 53.82
CA VAL Q 6 31.93 -82.24 52.45
C VAL Q 6 30.45 -82.56 52.33
N LEU Q 7 29.76 -81.89 51.40
CA LEU Q 7 28.31 -81.93 51.28
C LEU Q 7 27.94 -82.47 49.91
N ASP Q 8 27.22 -83.59 49.89
CA ASP Q 8 26.64 -84.11 48.65
C ASP Q 8 25.48 -83.22 48.26
N GLY Q 9 25.62 -82.47 47.16
CA GLY Q 9 24.62 -81.49 46.78
C GLY Q 9 23.35 -82.06 46.19
N ARG Q 10 23.27 -83.36 45.99
CA ARG Q 10 22.09 -83.95 45.34
C ARG Q 10 20.90 -83.94 46.29
N GLY Q 11 19.77 -83.45 45.81
CA GLY Q 11 18.55 -83.43 46.58
C GLY Q 11 18.37 -82.22 47.45
N HIS Q 12 19.26 -81.24 47.37
CA HIS Q 12 19.18 -80.02 48.16
C HIS Q 12 18.59 -78.89 47.34
N LEU Q 13 18.00 -77.93 48.04
CA LEU Q 13 17.48 -76.72 47.43
C LEU Q 13 18.59 -75.68 47.37
N LEU Q 14 18.52 -74.82 46.35
CA LEU Q 14 19.66 -73.96 46.00
C LEU Q 14 19.98 -72.95 47.09
N GLY Q 15 19.00 -72.15 47.49
CA GLY Q 15 19.26 -71.08 48.44
C GLY Q 15 19.14 -71.53 49.87
N ARG Q 16 18.40 -72.61 50.09
CA ARG Q 16 18.36 -73.22 51.42
C ARG Q 16 19.69 -73.82 51.80
N LEU Q 17 20.41 -74.39 50.83
CA LEU Q 17 21.77 -74.85 51.10
C LEU Q 17 22.77 -73.71 51.12
N ALA Q 18 22.55 -72.69 50.29
CA ALA Q 18 23.49 -71.58 50.18
C ALA Q 18 23.56 -70.76 51.45
N ALA Q 19 22.41 -70.58 52.12
CA ALA Q 19 22.38 -69.83 53.37
C ALA Q 19 23.05 -70.60 54.51
N ILE Q 20 22.96 -71.92 54.49
CA ILE Q 20 23.65 -72.74 55.48
C ILE Q 20 25.16 -72.69 55.26
N VAL Q 21 25.59 -72.80 54.00
CA VAL Q 21 27.01 -72.82 53.67
C VAL Q 21 27.65 -71.47 53.94
N ALA Q 22 26.99 -70.38 53.54
CA ALA Q 22 27.58 -69.04 53.66
C ALA Q 22 27.69 -68.54 55.09
N LYS Q 23 27.08 -69.22 56.06
CA LYS Q 23 27.29 -68.86 57.46
C LYS Q 23 28.38 -69.71 58.11
N GLN Q 24 28.49 -70.98 57.72
CA GLN Q 24 29.60 -71.82 58.16
C GLN Q 24 30.92 -71.30 57.61
N VAL Q 25 30.90 -70.82 56.37
CA VAL Q 25 32.04 -70.19 55.72
C VAL Q 25 32.56 -69.00 56.52
N LEU Q 26 31.66 -68.20 57.08
CA LEU Q 26 32.06 -67.05 57.90
C LEU Q 26 32.59 -67.43 59.27
N LEU Q 27 32.45 -68.68 59.68
CA LEU Q 27 32.89 -69.15 60.99
C LEU Q 27 34.12 -70.04 60.90
N GLY Q 28 35.03 -69.73 60.00
CA GLY Q 28 36.07 -70.69 59.65
C GLY Q 28 35.45 -71.72 58.74
N ARG Q 29 35.71 -73.00 59.02
CA ARG Q 29 34.95 -74.15 58.49
C ARG Q 29 35.02 -74.19 56.95
N LYS Q 30 36.20 -74.57 56.47
CA LYS Q 30 36.37 -74.93 55.06
C LYS Q 30 35.36 -75.99 54.67
N VAL Q 31 34.49 -75.66 53.72
CA VAL Q 31 33.41 -76.54 53.29
C VAL Q 31 33.53 -76.77 51.79
N VAL Q 32 33.30 -78.02 51.37
CA VAL Q 32 33.42 -78.43 49.98
C VAL Q 32 32.07 -78.97 49.54
N VAL Q 33 31.47 -78.32 48.55
CA VAL Q 33 30.17 -78.74 48.02
C VAL Q 33 30.43 -79.50 46.73
N VAL Q 34 30.23 -80.83 46.77
CA VAL Q 34 30.40 -81.67 45.61
C VAL Q 34 29.02 -82.02 45.06
N ARG Q 35 29.01 -82.46 43.79
CA ARG Q 35 27.84 -82.91 43.04
C ARG Q 35 26.77 -81.81 42.97
N CYS Q 36 27.06 -80.79 42.17
CA CYS Q 36 26.14 -79.71 41.97
C CYS Q 36 25.17 -80.05 40.85
N GLU Q 37 25.42 -81.14 40.15
CA GLU Q 37 24.49 -81.57 39.12
C GLU Q 37 23.09 -81.74 39.68
N GLY Q 38 22.98 -82.22 40.92
CA GLY Q 38 21.71 -82.60 41.51
C GLY Q 38 21.08 -81.61 42.47
N ILE Q 39 21.57 -80.37 42.54
CA ILE Q 39 20.91 -79.35 43.34
C ILE Q 39 19.57 -79.01 42.69
N ASN Q 40 18.52 -78.95 43.49
CA ASN Q 40 17.19 -78.63 43.00
C ASN Q 40 16.88 -77.16 43.25
N ILE Q 41 15.95 -76.63 42.45
CA ILE Q 41 15.39 -75.30 42.65
C ILE Q 41 13.88 -75.46 42.63
N SER Q 42 13.20 -74.85 43.59
CA SER Q 42 11.75 -74.94 43.68
C SER Q 42 11.09 -74.16 42.55
N GLY Q 43 9.84 -74.51 42.27
CA GLY Q 43 9.17 -74.04 41.08
C GLY Q 43 9.51 -74.89 39.87
N ASN Q 44 8.65 -74.83 38.86
CA ASN Q 44 8.81 -75.69 37.70
C ASN Q 44 10.01 -75.25 36.85
N PHE Q 45 10.32 -76.06 35.84
CA PHE Q 45 11.55 -75.89 35.08
C PHE Q 45 11.53 -74.61 34.25
N TYR Q 46 10.46 -74.40 33.48
CA TYR Q 46 10.45 -73.33 32.48
C TYR Q 46 10.49 -71.96 33.13
N ARG Q 47 9.92 -71.88 34.33
CA ARG Q 47 9.83 -70.70 35.16
C ARG Q 47 11.20 -70.33 35.67
N ASN Q 48 11.93 -71.36 36.09
CA ASN Q 48 13.27 -71.19 36.60
C ASN Q 48 14.27 -70.96 35.48
N LYS Q 49 13.95 -71.46 34.29
CA LYS Q 49 14.79 -71.27 33.13
C LYS Q 49 14.67 -69.83 32.65
N LEU Q 50 13.49 -69.23 32.85
CA LEU Q 50 13.22 -67.86 32.46
C LEU Q 50 13.89 -66.88 33.41
N LYS Q 51 14.18 -67.31 34.62
CA LYS Q 51 14.86 -66.47 35.58
C LYS Q 51 16.31 -66.36 35.16
N TYR Q 52 16.87 -67.46 34.70
CA TYR Q 52 18.26 -67.46 34.27
C TYR Q 52 18.44 -66.79 32.92
N LEU Q 53 17.43 -66.86 32.08
CA LEU Q 53 17.48 -66.22 30.77
C LEU Q 53 17.32 -64.71 30.91
N ALA Q 54 16.63 -64.28 31.97
CA ALA Q 54 16.44 -62.88 32.26
C ALA Q 54 17.69 -62.28 32.88
N PHE Q 55 18.54 -63.12 33.46
CA PHE Q 55 19.80 -62.73 34.05
C PHE Q 55 20.78 -62.52 32.93
N LEU Q 56 20.75 -63.42 31.94
CA LEU Q 56 21.62 -63.34 30.79
C LEU Q 56 21.41 -62.06 30.01
N ARG Q 57 20.24 -61.46 30.12
CA ARG Q 57 19.97 -60.21 29.43
C ARG Q 57 20.57 -59.00 30.12
N LYS Q 58 20.86 -59.08 31.42
CA LYS Q 58 21.56 -57.98 32.10
C LYS Q 58 23.00 -57.93 31.62
N ARG Q 59 23.39 -56.81 31.05
CA ARG Q 59 24.62 -56.76 30.27
C ARG Q 59 25.00 -55.31 30.05
N MET Q 60 26.24 -54.96 30.39
CA MET Q 60 26.74 -53.62 30.14
C MET Q 60 26.89 -53.43 28.64
N ASN Q 61 26.03 -52.60 28.04
CA ASN Q 61 26.01 -52.46 26.59
C ASN Q 61 27.24 -51.73 26.07
N THR Q 62 27.82 -50.86 26.87
CA THR Q 62 29.05 -50.17 26.50
C THR Q 62 30.20 -51.15 26.31
N ASN Q 63 30.40 -52.04 27.26
CA ASN Q 63 31.43 -53.05 27.14
C ASN Q 63 31.02 -54.25 27.98
N PRO Q 64 30.47 -55.29 27.36
CA PRO Q 64 30.05 -56.48 28.10
C PRO Q 64 31.19 -57.38 28.55
N SER Q 65 32.44 -57.06 28.19
CA SER Q 65 33.57 -57.74 28.79
C SER Q 65 33.76 -57.36 30.24
N ARG Q 66 33.19 -56.23 30.67
CA ARG Q 66 33.31 -55.73 32.02
C ARG Q 66 32.06 -55.95 32.85
N GLY Q 67 30.97 -56.40 32.24
CA GLY Q 67 29.69 -56.48 32.90
C GLY Q 67 29.57 -57.69 33.78
N PRO Q 68 28.33 -58.13 34.03
CA PRO Q 68 28.13 -59.33 34.85
C PRO Q 68 28.62 -60.57 34.12
N TYR Q 69 29.37 -61.40 34.85
CA TYR Q 69 29.93 -62.62 34.29
C TYR Q 69 28.93 -63.73 34.52
N HIS Q 70 28.28 -64.19 33.45
CA HIS Q 70 27.26 -65.21 33.56
C HIS Q 70 27.84 -66.61 33.52
N PHE Q 71 28.32 -67.09 34.65
CA PHE Q 71 28.89 -68.44 34.72
C PHE Q 71 27.78 -69.42 34.43
N ARG Q 72 28.09 -70.42 33.62
CA ARG Q 72 27.07 -71.39 33.22
C ARG Q 72 27.18 -72.79 33.81
N ALA Q 73 28.32 -73.15 34.37
CA ALA Q 73 28.49 -74.48 34.94
C ALA Q 73 27.80 -74.46 36.29
N PRO Q 74 27.07 -75.53 36.63
CA PRO Q 74 26.34 -75.60 37.89
C PRO Q 74 27.15 -75.22 39.13
N SER Q 75 28.37 -75.70 39.23
CA SER Q 75 29.22 -75.37 40.36
C SER Q 75 29.43 -73.88 40.48
N ARG Q 76 29.52 -73.18 39.37
CA ARG Q 76 29.74 -71.75 39.43
C ARG Q 76 28.45 -70.95 39.50
N ILE Q 77 27.32 -71.63 39.37
CA ILE Q 77 26.04 -71.00 39.55
C ILE Q 77 25.81 -71.02 41.06
N PHE Q 78 26.10 -72.15 41.70
CA PHE Q 78 26.00 -72.27 43.15
C PHE Q 78 27.04 -71.40 43.86
N TRP Q 79 28.22 -71.24 43.26
CA TRP Q 79 29.24 -70.35 43.81
C TRP Q 79 28.76 -68.90 43.84
N ARG Q 80 27.90 -68.52 42.92
CA ARG Q 80 27.42 -67.15 42.88
C ARG Q 80 26.25 -66.91 43.82
N THR Q 81 25.49 -67.93 44.13
CA THR Q 81 24.39 -67.75 45.07
C THR Q 81 24.91 -67.53 46.48
N VAL Q 82 25.99 -68.22 46.87
CA VAL Q 82 26.62 -67.93 48.14
C VAL Q 82 27.45 -66.66 48.07
N ARG Q 83 27.80 -66.19 46.89
CA ARG Q 83 28.56 -64.96 46.84
C ARG Q 83 27.67 -63.84 47.35
N GLY Q 84 26.43 -63.80 46.90
CA GLY Q 84 25.48 -62.79 47.31
C GLY Q 84 25.00 -62.91 48.74
N MET Q 85 25.46 -63.92 49.47
CA MET Q 85 25.14 -64.08 50.88
C MET Q 85 26.36 -63.86 51.77
N LEU Q 86 27.44 -63.32 51.21
CA LEU Q 86 28.68 -63.01 51.88
C LEU Q 86 29.03 -61.55 51.65
N PRO Q 87 29.70 -60.89 52.59
CA PRO Q 87 30.16 -59.51 52.32
C PRO Q 87 31.45 -59.51 51.50
N HIS Q 88 31.33 -59.81 50.21
CA HIS Q 88 32.48 -60.09 49.37
C HIS Q 88 33.18 -58.83 48.88
N LYS Q 89 32.78 -57.65 49.34
CA LYS Q 89 33.53 -56.43 49.09
C LYS Q 89 34.52 -56.11 50.20
N THR Q 90 34.57 -56.94 51.24
CA THR Q 90 35.52 -56.78 52.33
C THR Q 90 36.49 -57.95 52.35
N LYS Q 91 37.62 -57.76 53.03
CA LYS Q 91 38.61 -58.83 53.14
C LYS Q 91 38.14 -59.96 54.04
N ARG Q 92 37.17 -59.71 54.92
CA ARG Q 92 36.61 -60.79 55.73
C ARG Q 92 35.74 -61.70 54.89
N GLY Q 93 35.02 -61.15 53.93
CA GLY Q 93 34.16 -61.92 53.04
C GLY Q 93 34.83 -62.47 51.81
N GLN Q 94 36.01 -61.98 51.46
CA GLN Q 94 36.80 -62.59 50.40
C GLN Q 94 37.68 -63.71 50.91
N ALA Q 95 38.18 -63.60 52.13
CA ALA Q 95 38.83 -64.73 52.77
C ALA Q 95 37.82 -65.80 53.16
N ALA Q 96 36.57 -65.39 53.37
CA ALA Q 96 35.49 -66.34 53.56
C ALA Q 96 35.26 -67.15 52.29
N LEU Q 97 35.02 -66.46 51.17
CA LEU Q 97 34.68 -67.09 49.90
C LEU Q 97 35.78 -67.98 49.35
N ASP Q 98 37.03 -67.80 49.79
CA ASP Q 98 38.10 -68.72 49.41
C ASP Q 98 38.01 -70.06 50.12
N ARG Q 99 37.26 -70.15 51.23
CA ARG Q 99 37.15 -71.40 51.96
C ARG Q 99 36.18 -72.37 51.31
N LEU Q 100 35.31 -71.90 50.43
CA LEU Q 100 34.35 -72.75 49.74
C LEU Q 100 34.93 -73.21 48.41
N LYS Q 101 35.00 -74.53 48.22
CA LYS Q 101 35.46 -75.14 46.98
C LYS Q 101 34.29 -75.92 46.40
N VAL Q 102 33.85 -75.54 45.21
CA VAL Q 102 32.64 -76.09 44.61
C VAL Q 102 33.04 -76.92 43.42
N PHE Q 103 32.41 -78.10 43.28
CA PHE Q 103 32.73 -79.02 42.19
C PHE Q 103 31.49 -79.63 41.58
N ASP Q 104 31.60 -79.97 40.31
CA ASP Q 104 30.51 -80.64 39.59
C ASP Q 104 30.88 -82.11 39.71
N GLY Q 105 29.93 -82.94 40.09
CA GLY Q 105 30.25 -84.35 40.26
C GLY Q 105 31.07 -84.51 41.53
N ILE Q 106 31.97 -85.47 41.57
CA ILE Q 106 32.80 -85.69 42.74
C ILE Q 106 34.24 -85.98 42.32
N PRO Q 107 35.14 -85.01 42.47
CA PRO Q 107 36.53 -85.23 42.02
C PRO Q 107 37.29 -86.16 42.96
N PRO Q 108 38.40 -86.74 42.50
CA PRO Q 108 39.08 -87.80 43.27
C PRO Q 108 39.82 -87.34 44.52
N PRO Q 109 39.90 -86.06 44.89
CA PRO Q 109 40.12 -85.79 46.32
C PRO Q 109 38.97 -86.23 47.20
N TYR Q 110 37.73 -86.12 46.72
CA TYR Q 110 36.57 -86.29 47.57
C TYR Q 110 35.67 -87.45 47.20
N ASP Q 111 36.05 -88.30 46.23
CA ASP Q 111 35.21 -89.44 45.91
C ASP Q 111 35.34 -90.55 46.93
N LYS Q 112 36.49 -90.63 47.60
CA LYS Q 112 36.77 -91.64 48.61
C LYS Q 112 36.57 -91.09 50.02
N LYS Q 113 35.56 -90.23 50.19
CA LYS Q 113 35.24 -89.64 51.49
C LYS Q 113 33.75 -89.75 51.72
N LYS Q 114 33.34 -89.52 52.96
CA LYS Q 114 31.94 -89.55 53.35
C LYS Q 114 31.37 -88.15 53.23
N ARG Q 115 30.21 -88.03 52.61
CA ARG Q 115 29.55 -86.75 52.37
C ARG Q 115 28.46 -86.52 53.40
N MET Q 116 28.37 -85.28 53.88
CA MET Q 116 27.34 -84.90 54.83
C MET Q 116 26.11 -84.38 54.10
N VAL Q 117 24.98 -84.40 54.81
CA VAL Q 117 23.70 -83.97 54.26
C VAL Q 117 23.14 -82.89 55.17
N VAL Q 118 22.51 -81.88 54.59
CA VAL Q 118 21.83 -80.83 55.36
C VAL Q 118 20.33 -81.06 55.27
N PRO Q 119 19.69 -81.58 56.33
CA PRO Q 119 18.25 -81.83 56.26
C PRO Q 119 17.38 -80.59 56.21
N ALA Q 120 17.90 -79.42 56.59
CA ALA Q 120 17.13 -78.19 56.51
C ALA Q 120 17.04 -77.62 55.10
N ALA Q 121 17.74 -78.23 54.15
CA ALA Q 121 17.78 -77.74 52.78
C ALA Q 121 17.32 -78.77 51.76
N LEU Q 122 16.93 -79.96 52.18
CA LEU Q 122 16.57 -81.02 51.25
C LEU Q 122 15.21 -80.76 50.60
N LYS Q 123 15.06 -81.26 49.38
CA LYS Q 123 13.82 -81.08 48.63
C LYS Q 123 12.69 -81.92 49.23
N VAL Q 124 13.00 -83.08 49.81
CA VAL Q 124 11.97 -83.94 50.36
C VAL Q 124 11.43 -83.42 51.68
N VAL Q 125 12.14 -82.50 52.32
CA VAL Q 125 11.71 -81.96 53.60
C VAL Q 125 11.10 -80.56 53.46
N ARG Q 126 11.62 -79.72 52.59
CA ARG Q 126 11.20 -78.33 52.55
C ARG Q 126 10.25 -77.99 51.41
N LEU Q 127 9.82 -78.98 50.63
CA LEU Q 127 8.80 -78.78 49.62
C LEU Q 127 7.68 -79.80 49.80
N LYS Q 128 6.44 -79.35 49.64
CA LYS Q 128 5.33 -80.27 49.54
C LYS Q 128 5.50 -81.12 48.28
N PRO Q 129 5.17 -82.41 48.32
CA PRO Q 129 5.42 -83.26 47.16
C PRO Q 129 4.49 -83.02 45.99
N THR Q 130 3.41 -82.25 46.19
CA THR Q 130 2.58 -81.80 45.07
C THR Q 130 3.04 -80.44 44.53
N ARG Q 131 4.34 -80.28 44.36
CA ARG Q 131 4.94 -79.10 43.78
C ARG Q 131 5.91 -79.54 42.71
N LYS Q 132 6.48 -78.57 42.01
CA LYS Q 132 7.41 -78.86 40.94
C LYS Q 132 8.78 -78.31 41.29
N PHE Q 133 9.81 -78.87 40.65
CA PHE Q 133 11.19 -78.56 40.98
C PHE Q 133 12.03 -78.75 39.74
N ALA Q 134 13.00 -77.86 39.57
CA ALA Q 134 13.93 -77.93 38.45
C ALA Q 134 15.27 -78.44 38.93
N TYR Q 135 16.01 -79.08 38.03
CA TYR Q 135 17.35 -79.53 38.31
C TYR Q 135 18.36 -78.48 37.84
N LEU Q 136 19.36 -78.22 38.68
CA LEU Q 136 20.37 -77.25 38.31
C LEU Q 136 21.30 -77.78 37.23
N GLY Q 137 21.44 -79.11 37.15
CA GLY Q 137 22.22 -79.70 36.08
C GLY Q 137 21.50 -79.63 34.74
N ARG Q 138 20.18 -79.62 34.75
CA ARG Q 138 19.43 -79.57 33.48
C ARG Q 138 19.25 -78.15 32.97
N LEU Q 139 19.01 -77.19 33.84
CA LEU Q 139 18.87 -75.81 33.40
C LEU Q 139 20.22 -75.13 33.15
N ALA Q 140 21.33 -75.79 33.45
CA ALA Q 140 22.62 -75.35 32.95
C ALA Q 140 22.86 -75.86 31.53
N HIS Q 141 22.35 -77.06 31.22
CA HIS Q 141 22.53 -77.64 29.89
C HIS Q 141 21.80 -76.83 28.82
N GLU Q 142 20.54 -76.47 29.06
CA GLU Q 142 19.82 -75.65 28.08
C GLU Q 142 20.12 -74.16 28.20
N VAL Q 143 21.17 -73.82 28.93
CA VAL Q 143 21.56 -72.43 29.13
C VAL Q 143 22.95 -72.15 28.59
N GLY Q 144 23.73 -73.20 28.34
CA GLY Q 144 25.02 -73.06 27.73
C GLY Q 144 26.16 -73.90 28.26
N TRP Q 145 25.92 -74.67 29.32
CA TRP Q 145 26.96 -75.51 29.91
C TRP Q 145 27.30 -76.63 28.94
N LYS Q 146 28.59 -76.88 28.76
CA LYS Q 146 29.05 -77.83 27.76
C LYS Q 146 29.10 -79.26 28.27
N TYR Q 147 29.21 -79.48 29.57
CA TYR Q 147 29.76 -80.75 30.02
C TYR Q 147 28.84 -81.58 30.91
N GLN Q 148 27.57 -81.73 30.54
CA GLN Q 148 26.76 -82.69 31.30
C GLN Q 148 26.90 -84.11 30.76
N ALA Q 149 27.41 -84.27 29.55
CA ALA Q 149 27.54 -85.59 28.95
C ALA Q 149 28.84 -86.28 29.34
N VAL Q 150 29.90 -85.53 29.57
CA VAL Q 150 31.11 -86.14 30.10
C VAL Q 150 30.98 -86.34 31.61
N THR Q 151 30.16 -85.53 32.28
CA THR Q 151 29.94 -85.69 33.71
C THR Q 151 29.04 -86.89 34.00
N ALA Q 152 28.11 -87.18 33.10
CA ALA Q 152 27.25 -88.36 33.26
C ALA Q 152 28.04 -89.64 33.05
N THR Q 153 29.00 -89.64 32.13
CA THR Q 153 29.81 -90.84 31.90
C THR Q 153 30.90 -91.02 32.94
N LEU Q 154 31.26 -89.97 33.67
CA LEU Q 154 32.22 -90.10 34.77
C LEU Q 154 31.56 -90.34 36.11
N GLU Q 155 30.27 -90.03 36.25
CA GLU Q 155 29.55 -90.41 37.45
C GLU Q 155 28.98 -91.81 37.36
N GLU Q 156 28.79 -92.36 36.16
CA GLU Q 156 28.38 -93.75 36.05
C GLU Q 156 29.52 -94.68 36.44
N LYS Q 157 30.75 -94.37 36.00
CA LYS Q 157 31.88 -95.23 36.31
C LYS Q 157 32.37 -95.05 37.73
N ARG Q 158 32.04 -93.93 38.39
CA ARG Q 158 32.36 -93.80 39.80
C ARG Q 158 31.41 -94.66 40.64
N LYS Q 159 30.14 -94.73 40.23
CA LYS Q 159 29.18 -95.59 40.90
C LYS Q 159 29.42 -97.06 40.60
N GLU Q 160 30.17 -97.38 39.54
CA GLU Q 160 30.65 -98.74 39.37
C GLU Q 160 31.66 -99.09 40.45
N LYS Q 161 32.59 -98.18 40.74
CA LYS Q 161 33.56 -98.42 41.80
C LYS Q 161 32.95 -98.32 43.18
N ALA Q 162 31.84 -97.58 43.33
CA ALA Q 162 31.20 -97.45 44.62
C ALA Q 162 30.43 -98.71 45.01
N LYS Q 163 29.88 -99.43 44.04
CA LYS Q 163 29.26 -100.72 44.33
C LYS Q 163 30.29 -101.76 44.76
N ILE Q 164 31.49 -101.69 44.16
CA ILE Q 164 32.53 -102.67 44.44
C ILE Q 164 33.10 -102.47 45.84
N HIS Q 165 33.36 -101.22 46.22
CA HIS Q 165 33.82 -100.93 47.57
C HIS Q 165 32.76 -101.22 48.61
N TYR Q 166 31.48 -101.01 48.28
CA TYR Q 166 30.42 -101.29 49.24
C TYR Q 166 30.27 -102.78 49.48
N ARG Q 167 30.30 -103.58 48.41
CA ARG Q 167 30.15 -105.03 48.56
C ARG Q 167 31.35 -105.69 49.21
N LYS Q 168 32.50 -105.01 49.27
CA LYS Q 168 33.58 -105.47 50.12
C LYS Q 168 33.44 -104.97 51.55
N LYS Q 169 32.89 -103.77 51.74
CA LYS Q 169 32.63 -103.29 53.09
C LYS Q 169 31.46 -104.04 53.72
N LYS Q 170 30.48 -104.45 52.90
CA LYS Q 170 29.36 -105.22 53.39
C LYS Q 170 29.73 -106.68 53.64
N GLN Q 171 30.82 -107.16 53.00
CA GLN Q 171 31.23 -108.54 53.20
C GLN Q 171 32.01 -108.71 54.50
N LEU Q 172 32.81 -107.71 54.87
CA LEU Q 172 33.45 -107.73 56.19
C LEU Q 172 32.45 -107.55 57.31
N MET Q 173 31.33 -106.86 57.05
CA MET Q 173 30.35 -106.62 58.09
C MET Q 173 29.57 -107.89 58.42
N ARG Q 174 29.43 -108.80 57.46
CA ARG Q 174 28.84 -110.09 57.77
C ARG Q 174 29.88 -111.10 58.23
N LEU Q 175 31.16 -110.71 58.29
CA LEU Q 175 32.18 -111.49 58.97
C LEU Q 175 32.22 -111.18 60.47
N ARG Q 176 31.98 -109.92 60.84
CA ARG Q 176 31.92 -109.58 62.25
C ARG Q 176 30.67 -110.15 62.91
N LYS Q 177 29.59 -110.34 62.14
CA LYS Q 177 28.43 -111.04 62.67
C LYS Q 177 28.66 -112.54 62.76
N GLN Q 178 29.72 -113.05 62.15
CA GLN Q 178 30.14 -114.43 62.29
C GLN Q 178 31.19 -114.60 63.38
N ALA Q 179 32.09 -113.64 63.52
CA ALA Q 179 33.12 -113.70 64.55
C ALA Q 179 32.53 -113.54 65.94
N GLU Q 180 31.60 -112.58 66.10
CA GLU Q 180 30.94 -112.38 67.38
C GLU Q 180 30.03 -113.55 67.76
N LYS Q 181 29.67 -114.41 66.81
CA LYS Q 181 28.96 -115.63 67.15
C LYS Q 181 29.92 -116.73 67.61
N ASN Q 182 31.14 -116.77 67.06
CA ASN Q 182 32.10 -117.78 67.49
C ASN Q 182 32.72 -117.43 68.83
N VAL Q 183 33.46 -116.32 68.89
CA VAL Q 183 34.11 -115.91 70.14
C VAL Q 183 33.12 -115.02 70.89
N GLU Q 184 32.19 -115.67 71.57
CA GLU Q 184 31.26 -114.96 72.44
C GLU Q 184 31.31 -115.41 73.88
N LYS Q 185 31.75 -116.64 74.15
CA LYS Q 185 31.93 -117.08 75.53
C LYS Q 185 33.13 -116.41 76.19
N LYS Q 186 34.06 -115.88 75.40
CA LYS Q 186 35.22 -115.19 75.94
C LYS Q 186 35.08 -113.67 75.91
N ILE Q 187 33.91 -113.16 75.52
CA ILE Q 187 33.64 -111.72 75.64
C ILE Q 187 32.32 -111.52 76.37
N ASP Q 188 31.87 -112.54 77.12
CA ASP Q 188 30.65 -112.40 77.93
C ASP Q 188 30.81 -111.38 79.05
N LYS Q 189 32.02 -111.23 79.58
CA LYS Q 189 32.24 -110.19 80.57
C LYS Q 189 32.25 -108.82 79.92
N TYR Q 190 32.86 -108.70 78.74
CA TYR Q 190 33.02 -107.39 78.12
C TYR Q 190 31.75 -106.93 77.41
N THR Q 191 30.90 -107.86 76.97
CA THR Q 191 29.66 -107.45 76.33
C THR Q 191 28.57 -107.12 77.34
N GLU Q 192 28.77 -107.44 78.61
CA GLU Q 192 27.81 -107.11 79.66
C GLU Q 192 28.09 -105.75 80.27
N VAL Q 193 29.36 -105.33 80.28
CA VAL Q 193 29.73 -104.00 80.76
C VAL Q 193 29.19 -102.93 79.83
N LEU Q 194 29.34 -103.13 78.51
CA LEU Q 194 28.81 -102.18 77.55
C LEU Q 194 27.29 -102.24 77.47
N LYS Q 195 26.70 -103.40 77.75
CA LYS Q 195 25.24 -103.49 77.76
C LYS Q 195 24.64 -102.79 78.97
N THR Q 196 25.41 -102.63 80.04
CA THR Q 196 24.94 -101.99 81.24
C THR Q 196 24.87 -100.47 81.08
N HIS Q 197 25.69 -99.90 80.22
CA HIS Q 197 25.89 -98.45 80.17
C HIS Q 197 25.46 -97.84 78.85
N GLY Q 198 24.29 -98.28 78.38
CA GLY Q 198 23.67 -97.71 77.19
C GLY Q 198 24.13 -98.11 75.81
N LEU Q 199 24.90 -99.16 75.73
CA LEU Q 199 25.35 -99.64 74.43
C LEU Q 199 24.93 -101.10 74.23
N LEU Q 200 25.13 -101.61 73.03
CA LEU Q 200 24.79 -102.99 72.73
C LEU Q 200 23.40 -103.48 73.14
N VAL Q 201 22.39 -102.94 72.46
CA VAL Q 201 21.00 -103.35 72.61
C VAL Q 201 20.82 -104.78 72.12
N VAL R 1 81.43 -30.67 50.13
CA VAL R 1 81.10 -29.71 51.18
C VAL R 1 80.31 -30.38 52.29
N ARG R 2 79.12 -30.88 51.94
CA ARG R 2 78.21 -31.45 52.94
C ARG R 2 77.29 -32.42 52.19
N TYR R 3 77.52 -33.72 52.36
CA TYR R 3 76.73 -34.69 51.64
C TYR R 3 75.65 -35.29 52.52
N SER R 4 74.67 -35.89 51.89
CA SER R 4 73.88 -36.93 52.53
C SER R 4 74.68 -38.23 52.51
N LEU R 5 74.50 -39.04 53.55
CA LEU R 5 75.10 -40.37 53.70
C LEU R 5 76.62 -40.31 53.67
N ASP R 6 77.18 -39.75 54.75
CA ASP R 6 78.56 -40.03 55.10
C ASP R 6 78.79 -41.54 55.09
N PRO R 7 79.85 -42.03 54.43
CA PRO R 7 79.92 -43.44 54.06
C PRO R 7 80.16 -44.35 55.25
N GLU R 8 80.16 -45.66 54.96
CA GLU R 8 80.36 -46.66 56.01
C GLU R 8 81.78 -46.66 56.54
N ASN R 9 82.72 -46.09 55.81
CA ASN R 9 84.05 -45.75 56.29
C ASN R 9 84.65 -44.62 55.46
N PRO R 10 85.24 -43.57 56.09
CA PRO R 10 85.95 -42.53 55.35
C PRO R 10 87.40 -42.92 55.07
N THR R 11 87.60 -44.14 54.63
CA THR R 11 88.90 -44.75 54.38
C THR R 11 88.98 -45.35 52.99
N LYS R 12 87.90 -45.94 52.51
CA LYS R 12 87.86 -46.62 51.22
C LYS R 12 86.91 -45.94 50.25
N SER R 13 86.61 -44.66 50.47
CA SER R 13 85.58 -43.96 49.71
C SER R 13 86.14 -42.66 49.15
N CYS R 14 85.96 -42.48 47.84
CA CYS R 14 86.24 -41.22 47.18
C CYS R 14 84.91 -40.55 46.82
N LYS R 15 84.98 -39.28 46.45
CA LYS R 15 83.77 -38.50 46.21
C LYS R 15 84.05 -37.38 45.22
N SER R 16 82.99 -36.90 44.58
CA SER R 16 83.10 -35.81 43.63
C SER R 16 81.73 -35.19 43.44
N ARG R 17 81.66 -33.87 43.40
CA ARG R 17 80.38 -33.20 43.23
C ARG R 17 80.24 -32.50 41.90
N GLY R 18 79.17 -31.75 41.79
CA GLY R 18 78.81 -31.01 40.61
C GLY R 18 77.64 -30.13 40.96
N SER R 19 77.66 -28.87 40.54
CA SER R 19 76.64 -27.94 40.98
C SER R 19 76.34 -26.96 39.87
N ASN R 20 75.04 -26.63 39.74
CA ASN R 20 74.50 -25.75 38.70
C ASN R 20 74.87 -26.24 37.30
N LEU R 21 74.80 -27.55 37.13
CA LEU R 21 75.13 -28.18 35.86
C LEU R 21 73.95 -28.01 34.95
N ARG R 22 74.18 -27.59 33.72
CA ARG R 22 73.07 -27.37 32.80
C ARG R 22 72.78 -28.65 32.03
N VAL R 23 72.11 -29.58 32.70
CA VAL R 23 71.58 -30.79 32.09
C VAL R 23 70.09 -30.67 32.32
N HIS R 24 69.30 -31.64 31.91
CA HIS R 24 67.97 -31.76 32.47
C HIS R 24 68.04 -32.57 33.75
N PHE R 25 67.20 -32.19 34.73
CA PHE R 25 67.12 -32.97 35.96
C PHE R 25 66.51 -34.33 35.73
N LYS R 26 65.43 -34.39 34.93
CA LYS R 26 64.68 -35.63 34.77
C LYS R 26 65.44 -36.65 33.93
N ASN R 27 66.43 -36.22 33.16
CA ASN R 27 67.25 -37.14 32.40
C ASN R 27 68.49 -37.58 33.18
N THR R 28 69.04 -36.68 34.00
CA THR R 28 70.19 -37.03 34.82
C THR R 28 69.81 -37.99 35.93
N ARG R 29 68.60 -37.83 36.49
CA ARG R 29 68.13 -38.69 37.56
C ARG R 29 67.94 -40.12 37.08
N GLU R 30 67.24 -40.29 35.96
CA GLU R 30 66.99 -41.63 35.44
C GLU R 30 68.27 -42.31 34.96
N THR R 31 69.26 -41.52 34.54
CA THR R 31 70.56 -42.09 34.18
C THR R 31 71.32 -42.54 35.42
N ALA R 32 71.24 -41.76 36.50
CA ALA R 32 71.93 -42.10 37.74
C ALA R 32 71.32 -43.31 38.44
N GLN R 33 70.05 -43.60 38.20
CA GLN R 33 69.42 -44.77 38.82
C GLN R 33 69.87 -46.08 38.18
N ALA R 34 70.41 -46.05 36.97
CA ALA R 34 70.99 -47.24 36.36
C ALA R 34 72.47 -47.39 36.66
N ILE R 35 73.17 -46.29 36.91
CA ILE R 35 74.58 -46.32 37.27
C ILE R 35 74.79 -46.78 38.71
N LYS R 36 73.79 -46.59 39.56
CA LYS R 36 73.91 -46.86 41.00
C LYS R 36 74.08 -48.35 41.27
N GLY R 37 75.13 -48.69 42.02
CA GLY R 37 75.46 -50.05 42.34
C GLY R 37 76.45 -50.70 41.39
N MET R 38 76.68 -50.11 40.22
CA MET R 38 77.61 -50.69 39.28
C MET R 38 79.06 -50.49 39.70
N HIS R 39 79.92 -51.35 39.16
CA HIS R 39 81.35 -51.16 39.27
C HIS R 39 81.78 -50.10 38.26
N ILE R 40 82.87 -49.39 38.58
CA ILE R 40 83.27 -48.20 37.82
C ILE R 40 83.71 -48.57 36.40
N ARG R 41 84.26 -49.76 36.19
CA ARG R 41 84.55 -50.21 34.83
C ARG R 41 83.27 -50.58 34.10
N LYS R 42 82.31 -51.17 34.83
CA LYS R 42 81.01 -51.48 34.25
C LYS R 42 80.20 -50.22 34.02
N ALA R 43 80.29 -49.26 34.94
CA ALA R 43 79.52 -48.02 34.82
C ALA R 43 80.16 -47.02 33.87
N THR R 44 81.36 -47.30 33.35
CA THR R 44 81.93 -46.52 32.26
C THR R 44 81.68 -47.18 30.90
N LYS R 45 81.68 -48.51 30.87
CA LYS R 45 81.34 -49.23 29.64
C LYS R 45 79.87 -49.08 29.30
N TYR R 46 78.99 -49.11 30.30
CA TYR R 46 77.57 -48.91 30.06
C TYR R 46 77.27 -47.47 29.67
N LEU R 47 77.98 -46.52 30.26
CA LEU R 47 77.63 -45.12 30.07
C LEU R 47 78.20 -44.56 28.77
N LYS R 48 79.18 -45.23 28.18
CA LYS R 48 79.65 -44.91 26.84
C LYS R 48 78.88 -45.67 25.76
N ASP R 49 77.89 -46.48 26.14
CA ASP R 49 76.97 -47.09 25.19
C ASP R 49 75.65 -46.35 25.11
N VAL R 50 75.32 -45.55 26.12
CA VAL R 50 74.15 -44.69 26.05
C VAL R 50 74.38 -43.60 25.02
N THR R 51 75.60 -43.08 24.93
CA THR R 51 75.92 -42.07 23.93
C THR R 51 76.08 -42.67 22.53
N LEU R 52 76.26 -43.97 22.41
CA LEU R 52 76.34 -44.65 21.12
C LEU R 52 75.03 -45.30 20.73
N GLN R 53 74.01 -45.24 21.62
CA GLN R 53 72.68 -45.79 21.41
C GLN R 53 72.72 -47.31 21.20
N LYS R 54 73.50 -47.99 22.04
CA LYS R 54 73.58 -49.44 22.03
C LYS R 54 73.05 -50.08 23.31
N GLN R 55 72.97 -49.32 24.40
CA GLN R 55 72.36 -49.74 25.65
C GLN R 55 71.63 -48.52 26.19
N CYS R 56 70.36 -48.70 26.56
CA CYS R 56 69.50 -47.56 26.86
C CYS R 56 69.50 -47.26 28.34
N VAL R 57 68.69 -46.28 28.71
CA VAL R 57 68.44 -45.89 30.10
C VAL R 57 66.95 -46.00 30.34
N PRO R 58 66.48 -46.88 31.22
CA PRO R 58 65.05 -46.99 31.47
C PRO R 58 64.53 -45.79 32.26
N PHE R 59 63.48 -45.17 31.75
CA PHE R 59 62.84 -44.03 32.42
C PHE R 59 61.71 -44.61 33.26
N ARG R 60 61.90 -44.64 34.57
CA ARG R 60 60.96 -45.32 35.45
C ARG R 60 60.01 -44.38 36.17
N ARG R 61 60.44 -43.17 36.50
CA ARG R 61 59.59 -42.21 37.18
C ARG R 61 59.06 -41.13 36.25
N TYR R 62 59.95 -40.47 35.51
CA TYR R 62 59.56 -39.41 34.61
C TYR R 62 59.47 -40.01 33.21
N ASN R 63 58.35 -40.69 32.96
CA ASN R 63 58.17 -41.49 31.75
C ASN R 63 56.96 -41.07 30.92
N GLY R 64 56.38 -39.89 31.18
CA GLY R 64 55.21 -39.45 30.44
C GLY R 64 55.58 -39.06 29.03
N GLY R 65 54.99 -39.74 28.04
CA GLY R 65 55.29 -39.50 26.65
C GLY R 65 56.55 -40.15 26.13
N VAL R 66 57.33 -40.81 27.00
CA VAL R 66 58.57 -41.44 26.58
C VAL R 66 58.25 -42.67 25.76
N GLY R 67 58.91 -42.81 24.61
CA GLY R 67 58.61 -43.89 23.71
C GLY R 67 59.11 -45.22 24.22
N ARG R 68 58.52 -46.27 23.66
CA ARG R 68 58.80 -47.64 24.09
C ARG R 68 59.96 -48.20 23.29
N CYS R 69 60.96 -48.70 23.98
CA CYS R 69 62.21 -49.13 23.37
C CYS R 69 62.35 -50.65 23.46
N ALA R 70 63.22 -51.18 22.60
CA ALA R 70 63.52 -52.60 22.63
C ALA R 70 64.67 -52.92 23.58
N GLN R 71 65.57 -51.96 23.81
CA GLN R 71 66.71 -52.14 24.68
C GLN R 71 66.35 -52.07 26.16
N ALA R 72 65.10 -51.80 26.50
CA ALA R 72 64.68 -51.71 27.88
C ALA R 72 64.23 -53.06 28.46
N LYS R 73 64.17 -54.09 27.62
CA LYS R 73 63.90 -55.45 28.11
C LYS R 73 65.02 -55.95 29.03
N GLN R 74 66.24 -55.43 28.84
CA GLN R 74 67.36 -55.76 29.71
C GLN R 74 67.10 -55.36 31.15
N TRP R 75 66.36 -54.28 31.36
CA TRP R 75 66.11 -53.74 32.69
C TRP R 75 64.78 -54.18 33.27
N GLY R 76 64.02 -55.01 32.55
CA GLY R 76 62.71 -55.41 33.01
C GLY R 76 61.68 -54.31 32.94
N TRP R 77 61.80 -53.44 31.94
CA TRP R 77 60.98 -52.24 31.84
C TRP R 77 60.60 -52.06 30.38
N THR R 78 59.68 -51.13 30.11
CA THR R 78 59.14 -51.00 28.77
C THR R 78 59.72 -49.82 28.00
N GLN R 79 59.72 -48.63 28.61
CA GLN R 79 60.05 -47.40 27.91
C GLN R 79 61.36 -46.81 28.41
N GLY R 80 62.27 -46.52 27.49
CA GLY R 80 63.57 -45.99 27.82
C GLY R 80 64.11 -45.17 26.68
N ARG R 81 65.15 -44.40 26.99
CA ARG R 81 65.79 -43.52 26.00
C ARG R 81 67.30 -43.60 26.19
N TRP R 82 67.99 -42.68 25.52
CA TRP R 82 69.45 -42.59 25.56
C TRP R 82 69.85 -41.14 25.84
N PRO R 83 69.80 -40.70 27.10
CA PRO R 83 70.17 -39.32 27.40
C PRO R 83 71.66 -39.10 27.17
N LYS R 84 72.00 -38.38 26.09
CA LYS R 84 73.40 -38.26 25.69
C LYS R 84 74.12 -37.25 26.56
N LYS R 85 73.51 -36.10 26.80
CA LYS R 85 74.14 -35.08 27.62
C LYS R 85 74.36 -35.60 29.04
N SER R 86 73.39 -36.34 29.55
CA SER R 86 73.47 -36.89 30.90
C SER R 86 74.58 -37.90 31.01
N ALA R 87 74.79 -38.68 29.96
CA ALA R 87 75.84 -39.68 29.97
C ALA R 87 77.21 -39.02 30.04
N GLU R 88 77.37 -37.91 29.34
CA GLU R 88 78.63 -37.18 29.31
C GLU R 88 78.95 -36.45 30.60
N PHE R 89 77.92 -35.90 31.24
CA PHE R 89 78.13 -35.21 32.49
C PHE R 89 78.49 -36.22 33.57
N LEU R 90 77.94 -37.43 33.46
CA LEU R 90 78.24 -38.46 34.43
C LEU R 90 79.57 -39.13 34.11
N LEU R 91 79.98 -39.09 32.84
CA LEU R 91 81.24 -39.68 32.43
C LEU R 91 82.39 -38.81 32.90
N HIS R 92 82.21 -37.50 32.83
CA HIS R 92 83.25 -36.58 33.27
C HIS R 92 83.36 -36.60 34.78
N MET R 93 82.23 -36.81 35.45
CA MET R 93 82.18 -36.87 36.88
C MET R 93 82.69 -38.21 37.42
N LEU R 94 82.46 -39.29 36.68
CA LEU R 94 82.93 -40.60 37.11
C LEU R 94 84.45 -40.63 37.03
N LYS R 95 84.98 -40.01 35.99
CA LYS R 95 86.43 -39.95 35.79
C LYS R 95 87.11 -38.99 36.76
N ASN R 96 86.36 -38.02 37.27
CA ASN R 96 86.93 -37.08 38.23
C ASN R 96 86.89 -37.63 39.63
N ALA R 97 86.06 -38.64 39.87
CA ALA R 97 85.96 -39.26 41.18
C ALA R 97 87.08 -40.27 41.36
N GLU R 98 87.45 -40.94 40.29
CA GLU R 98 88.53 -41.92 40.36
C GLU R 98 89.91 -41.27 40.41
N SER R 99 90.05 -40.04 39.89
CA SER R 99 91.32 -39.34 40.06
C SER R 99 91.52 -38.89 41.50
N ASN R 100 90.42 -38.68 42.22
CA ASN R 100 90.50 -38.41 43.66
C ASN R 100 90.91 -39.67 44.42
N ALA R 101 90.41 -40.83 43.98
CA ALA R 101 90.82 -42.09 44.59
C ALA R 101 92.26 -42.44 44.24
N GLU R 102 92.75 -41.98 43.09
CA GLU R 102 94.13 -42.12 42.70
C GLU R 102 95.00 -40.97 43.21
N LEU R 103 94.52 -40.24 44.21
CA LEU R 103 95.26 -39.20 44.89
C LEU R 103 95.34 -39.43 46.40
N LYS R 104 94.37 -40.11 46.98
CA LYS R 104 94.42 -40.53 48.37
C LYS R 104 94.75 -42.01 48.52
N GLY R 105 95.20 -42.66 47.44
CA GLY R 105 95.68 -44.03 47.50
C GLY R 105 94.61 -45.10 47.57
N LEU R 106 93.82 -45.24 46.52
CA LEU R 106 92.86 -46.33 46.39
C LEU R 106 92.95 -46.91 45.00
N ASP R 107 93.12 -48.24 44.91
CA ASP R 107 93.19 -48.91 43.63
C ASP R 107 91.80 -49.01 43.00
N VAL R 108 91.73 -48.71 41.70
CA VAL R 108 90.46 -48.50 41.02
C VAL R 108 89.90 -49.79 40.44
N ASP R 109 90.46 -50.93 40.86
CA ASP R 109 89.95 -52.21 40.39
C ASP R 109 88.63 -52.57 41.06
N SER R 110 88.34 -52.02 42.23
CA SER R 110 87.14 -52.40 42.97
C SER R 110 86.43 -51.18 43.55
N LEU R 111 86.27 -50.13 42.75
CA LEU R 111 85.43 -48.99 43.13
C LEU R 111 84.00 -49.24 42.66
N VAL R 112 83.14 -49.54 43.60
CA VAL R 112 81.71 -49.70 43.35
C VAL R 112 81.01 -48.41 43.73
N ILE R 113 80.13 -47.93 42.85
CA ILE R 113 79.43 -46.67 43.10
C ILE R 113 78.37 -46.91 44.17
N GLU R 114 78.69 -46.51 45.40
CA GLU R 114 77.85 -46.84 46.54
C GLU R 114 76.66 -45.90 46.63
N HIS R 115 76.89 -44.60 46.46
CA HIS R 115 75.85 -43.59 46.57
C HIS R 115 75.96 -42.60 45.42
N ILE R 116 74.81 -42.21 44.90
CA ILE R 116 74.70 -41.15 43.89
C ILE R 116 73.30 -40.56 43.98
N GLN R 117 73.21 -39.24 44.01
CA GLN R 117 71.92 -38.59 43.98
C GLN R 117 72.03 -37.33 43.12
N VAL R 118 70.86 -36.77 42.81
CA VAL R 118 70.76 -35.57 41.99
C VAL R 118 69.73 -34.63 42.61
N ASN R 119 70.16 -33.42 42.90
CA ASN R 119 69.29 -32.40 43.46
C ASN R 119 69.01 -31.33 42.40
N LYS R 120 67.86 -30.69 42.51
CA LYS R 120 67.55 -29.58 41.64
C LYS R 120 68.35 -28.34 42.03
N ALA R 121 68.68 -27.55 41.02
CA ALA R 121 69.45 -26.33 41.14
C ALA R 121 68.52 -25.12 40.92
N PRO R 122 68.98 -23.89 41.20
CA PRO R 122 68.17 -22.73 40.82
C PRO R 122 67.97 -22.64 39.31
N LYS R 123 66.72 -22.45 38.91
CA LYS R 123 66.34 -22.41 37.51
C LYS R 123 66.88 -21.16 36.83
N MET R 124 67.22 -21.31 35.55
CA MET R 124 67.70 -20.21 34.73
C MET R 124 66.58 -19.70 33.86
N ARG R 125 66.44 -18.38 33.78
CA ARG R 125 65.23 -17.75 33.30
C ARG R 125 65.45 -17.14 31.91
N ARG R 126 64.70 -17.64 30.94
CA ARG R 126 64.57 -17.03 29.62
C ARG R 126 63.10 -16.80 29.34
N ARG R 127 62.81 -16.29 28.15
CA ARG R 127 61.46 -15.94 27.76
C ARG R 127 61.13 -16.54 26.41
N THR R 128 59.86 -16.85 26.21
CA THR R 128 59.33 -17.25 24.91
C THR R 128 58.17 -16.34 24.55
N TYR R 129 57.73 -16.42 23.29
CA TYR R 129 56.76 -15.49 22.74
C TYR R 129 55.57 -16.25 22.19
N ARG R 130 54.39 -15.89 22.64
CA ARG R 130 53.17 -16.65 22.36
C ARG R 130 52.20 -15.78 21.56
N ALA R 131 50.97 -16.26 21.41
CA ALA R 131 50.11 -15.86 20.29
C ALA R 131 49.64 -14.42 20.40
N HIS R 132 48.86 -14.09 21.42
CA HIS R 132 48.24 -12.76 21.46
C HIS R 132 49.01 -11.81 22.37
N GLY R 133 50.25 -11.55 21.98
CA GLY R 133 51.06 -10.53 22.62
C GLY R 133 51.50 -10.85 24.02
N ARG R 134 51.84 -12.11 24.29
CA ARG R 134 52.13 -12.59 25.63
C ARG R 134 53.54 -13.16 25.67
N ILE R 135 54.21 -12.98 26.81
CA ILE R 135 55.48 -13.63 27.08
C ILE R 135 55.28 -14.61 28.23
N ASN R 136 55.79 -15.82 28.06
CA ASN R 136 55.66 -16.91 29.00
C ASN R 136 57.04 -17.45 29.32
N PRO R 137 57.21 -18.14 30.46
CA PRO R 137 58.56 -18.59 30.84
C PRO R 137 59.12 -19.66 29.94
N TYR R 138 60.45 -19.69 29.87
CA TYR R 138 61.21 -20.66 29.09
C TYR R 138 62.33 -21.21 29.96
N MET R 139 61.95 -21.62 31.17
CA MET R 139 62.88 -21.87 32.26
C MET R 139 63.72 -23.11 32.03
N SER R 140 64.99 -23.04 32.41
CA SER R 140 65.88 -24.19 32.39
C SER R 140 65.86 -24.88 33.74
N SER R 141 66.08 -26.19 33.74
CA SER R 141 66.07 -27.00 34.96
C SER R 141 67.41 -27.70 35.14
N PRO R 142 68.41 -27.02 35.70
CA PRO R 142 69.71 -27.65 35.92
C PRO R 142 69.69 -28.51 37.17
N CYS R 143 70.83 -29.12 37.49
CA CYS R 143 70.87 -30.10 38.56
C CYS R 143 72.20 -30.06 39.29
N HIS R 144 72.14 -30.37 40.59
CA HIS R 144 73.31 -30.70 41.39
C HIS R 144 73.52 -32.20 41.34
N ILE R 145 74.77 -32.64 41.28
CA ILE R 145 75.05 -34.06 41.30
C ILE R 145 76.12 -34.30 42.36
N GLU R 146 76.09 -35.46 43.00
CA GLU R 146 77.08 -35.81 44.00
C GLU R 146 77.09 -37.31 44.15
N MET R 147 78.26 -37.90 44.30
CA MET R 147 78.33 -39.33 44.43
C MET R 147 79.51 -39.84 45.25
N ILE R 148 79.32 -41.02 45.82
CA ILE R 148 80.30 -41.72 46.64
C ILE R 148 80.68 -43.01 45.91
N LEU R 149 81.97 -43.34 45.92
CA LEU R 149 82.46 -44.58 45.32
C LEU R 149 83.30 -45.30 46.36
N THR R 150 82.83 -46.46 46.82
CA THR R 150 83.45 -47.16 47.94
C THR R 150 84.27 -48.35 47.45
N GLU R 151 85.53 -48.41 47.88
CA GLU R 151 86.41 -49.54 47.60
C GLU R 151 86.01 -50.73 48.46
N LYS R 152 85.33 -51.70 47.84
CA LYS R 152 85.11 -53.02 48.40
C LYS R 152 84.65 -53.95 47.29
N GLU R 153 85.34 -55.07 47.13
CA GLU R 153 84.92 -56.10 46.18
C GLU R 153 83.93 -57.05 46.82
N GLY S 1 15.24 -37.33 78.29
CA GLY S 1 14.31 -36.31 77.85
C GLY S 1 13.32 -35.91 78.91
N VAL S 2 13.32 -34.62 79.27
CA VAL S 2 12.47 -34.08 80.32
C VAL S 2 11.72 -32.86 79.78
N ASP S 3 10.50 -32.68 80.26
CA ASP S 3 9.61 -31.62 79.77
C ASP S 3 9.72 -30.38 80.67
N ILE S 4 10.89 -29.76 80.62
CA ILE S 4 11.17 -28.55 81.38
C ILE S 4 11.80 -27.50 80.48
N ARG S 5 11.74 -26.26 80.93
CA ARG S 5 12.37 -25.13 80.26
C ARG S 5 13.51 -24.58 81.11
N HIS S 6 14.50 -24.00 80.45
CA HIS S 6 15.73 -23.57 81.11
C HIS S 6 16.01 -22.09 80.98
N ASN S 7 15.05 -21.27 80.55
CA ASN S 7 15.33 -19.84 80.41
C ASN S 7 15.29 -19.11 81.75
N LYS S 8 14.69 -19.71 82.78
CA LYS S 8 14.59 -19.08 84.09
C LYS S 8 15.33 -19.90 85.15
N ASP S 9 16.35 -20.66 84.73
CA ASP S 9 17.09 -21.48 85.69
C ASP S 9 18.01 -20.63 86.55
N ARG S 10 18.65 -19.63 85.94
CA ARG S 10 19.67 -18.83 86.61
C ARG S 10 19.03 -17.53 87.06
N LYS S 11 18.77 -17.43 88.37
CA LYS S 11 18.25 -16.20 88.94
C LYS S 11 19.31 -15.10 88.84
N VAL S 12 18.89 -13.92 88.40
CA VAL S 12 19.79 -12.81 88.19
C VAL S 12 19.68 -11.88 89.40
N ARG S 13 20.71 -11.88 90.23
CA ARG S 13 20.69 -11.16 91.50
C ARG S 13 22.12 -11.02 91.98
N ARG S 14 22.39 -9.93 92.70
CA ARG S 14 23.71 -9.70 93.27
C ARG S 14 24.02 -10.71 94.36
N LYS S 15 25.18 -11.35 94.25
CA LYS S 15 25.67 -12.28 95.26
C LYS S 15 27.00 -11.87 95.87
N GLU S 16 27.76 -11.02 95.19
CA GLU S 16 28.86 -10.30 95.78
C GLU S 16 28.74 -8.86 95.29
N PRO S 17 29.34 -7.89 95.99
CA PRO S 17 29.39 -6.54 95.43
C PRO S 17 30.34 -6.50 94.24
N LYS S 18 29.95 -5.72 93.23
CA LYS S 18 30.77 -5.62 92.02
C LYS S 18 31.98 -4.73 92.23
N SER S 19 31.99 -3.95 93.31
CA SER S 19 33.08 -3.02 93.59
C SER S 19 34.33 -3.76 94.01
N GLN S 20 35.48 -3.19 93.65
CA GLN S 20 36.78 -3.60 94.17
C GLN S 20 37.14 -2.80 95.43
N ASP S 21 36.20 -1.98 95.91
CA ASP S 21 36.36 -1.22 97.14
C ASP S 21 36.53 -2.16 98.33
N ILE S 22 37.69 -2.09 98.97
CA ILE S 22 38.04 -3.10 99.95
C ILE S 22 37.39 -2.85 101.30
N TYR S 23 37.11 -1.59 101.65
CA TYR S 23 36.35 -1.31 102.86
C TYR S 23 34.90 -1.74 102.71
N LEU S 24 34.39 -1.72 101.48
CA LEU S 24 33.09 -2.33 101.23
C LEU S 24 33.18 -3.85 101.28
N ARG S 25 34.26 -4.42 100.70
CA ARG S 25 34.46 -5.86 100.73
C ARG S 25 34.74 -6.40 102.13
N LEU S 26 35.19 -5.56 103.06
CA LEU S 26 35.57 -6.04 104.37
C LEU S 26 34.40 -6.08 105.34
N LEU S 27 33.43 -5.17 105.20
CA LEU S 27 32.22 -5.23 106.01
C LEU S 27 31.11 -6.02 105.32
N VAL S 28 31.35 -6.52 104.11
CA VAL S 28 30.54 -7.62 103.60
C VAL S 28 30.95 -8.93 104.25
N LYS S 29 32.26 -9.10 104.53
CA LYS S 29 32.74 -10.27 105.26
C LYS S 29 32.19 -10.31 106.68
N LEU S 30 31.92 -9.15 107.27
CA LEU S 30 31.21 -9.10 108.55
C LEU S 30 29.77 -9.57 108.41
N TYR S 31 29.00 -8.93 107.53
CA TYR S 31 27.57 -9.18 107.48
C TYR S 31 27.19 -10.43 106.72
N ARG S 32 28.10 -11.04 105.97
CA ARG S 32 27.82 -12.38 105.45
C ARG S 32 27.93 -13.42 106.56
N PHE S 33 28.82 -13.18 107.53
CA PHE S 33 28.88 -14.02 108.73
C PHE S 33 27.64 -13.81 109.60
N LEU S 34 27.21 -12.56 109.76
CA LEU S 34 26.08 -12.28 110.64
C LEU S 34 24.76 -12.67 110.01
N ALA S 35 24.65 -12.69 108.68
CA ALA S 35 23.43 -13.18 108.08
C ALA S 35 23.31 -14.69 108.15
N ARG S 36 24.43 -15.38 108.30
CA ARG S 36 24.44 -16.84 108.35
C ARG S 36 24.25 -17.37 109.77
N ARG S 37 24.94 -16.78 110.73
CA ARG S 37 25.01 -17.26 112.10
C ARG S 37 23.98 -16.60 113.01
N THR S 38 22.92 -16.01 112.47
CA THR S 38 21.93 -15.33 113.28
C THR S 38 20.58 -15.52 112.61
N ASN S 39 19.55 -15.79 113.42
CA ASN S 39 18.19 -15.93 112.92
C ASN S 39 17.57 -14.62 112.44
N SER S 40 18.20 -13.48 112.73
CA SER S 40 17.62 -12.18 112.43
C SER S 40 17.63 -11.92 110.94
N THR S 41 16.49 -11.50 110.42
CA THR S 41 16.33 -11.12 109.03
C THR S 41 16.63 -9.65 108.80
N PHE S 42 17.06 -8.91 109.82
CA PHE S 42 17.59 -7.57 109.61
C PHE S 42 18.92 -7.62 108.87
N ASN S 43 19.83 -8.49 109.32
CA ASN S 43 21.15 -8.60 108.72
C ASN S 43 21.11 -9.14 107.30
N GLN S 44 20.06 -9.86 106.92
CA GLN S 44 19.95 -10.35 105.55
C GLN S 44 19.50 -9.25 104.60
N VAL S 45 18.75 -8.26 105.09
CA VAL S 45 18.38 -7.12 104.25
C VAL S 45 19.55 -6.13 104.16
N VAL S 46 20.33 -6.00 105.23
CA VAL S 46 21.49 -5.11 105.20
C VAL S 46 22.59 -5.69 104.31
N LEU S 47 22.77 -7.01 104.33
CA LEU S 47 23.77 -7.66 103.48
C LEU S 47 23.42 -7.52 102.00
N LYS S 48 22.14 -7.72 101.64
CA LYS S 48 21.78 -7.65 100.23
C LYS S 48 21.72 -6.23 99.70
N ARG S 49 21.70 -5.22 100.58
CA ARG S 49 21.78 -3.84 100.13
C ARG S 49 23.20 -3.31 100.10
N LEU S 50 24.15 -4.00 100.75
CA LEU S 50 25.56 -3.68 100.53
C LEU S 50 26.01 -4.17 99.16
N PHE S 51 25.32 -5.16 98.61
CA PHE S 51 25.70 -5.72 97.31
C PHE S 51 25.34 -4.77 96.18
N MET S 52 24.38 -3.88 96.40
CA MET S 52 23.69 -3.20 95.31
C MET S 52 24.56 -2.11 94.67
N SER S 53 24.06 -1.59 93.56
CA SER S 53 24.65 -0.50 92.82
C SER S 53 24.16 0.83 93.38
N ARG S 54 24.82 1.92 92.95
CA ARG S 54 24.50 3.23 93.51
C ARG S 54 23.12 3.71 93.07
N THR S 55 22.70 3.34 91.87
CA THR S 55 21.36 3.69 91.41
C THR S 55 20.29 2.93 92.17
N ASN S 56 20.62 1.73 92.65
CA ASN S 56 19.74 0.98 93.54
C ASN S 56 20.03 1.26 95.01
N ARG S 57 20.72 2.36 95.30
CA ARG S 57 21.10 2.72 96.66
C ARG S 57 21.15 4.23 96.76
N PRO S 58 19.99 4.90 96.77
CA PRO S 58 19.96 6.35 96.60
C PRO S 58 20.34 7.05 97.90
N PRO S 59 20.75 8.32 97.83
CA PRO S 59 21.04 9.06 99.06
C PRO S 59 19.77 9.35 99.84
N LEU S 60 19.95 9.58 101.14
CA LEU S 60 18.88 9.94 102.04
C LEU S 60 19.15 11.33 102.57
N SER S 61 18.19 12.23 102.43
CA SER S 61 18.42 13.58 102.89
C SER S 61 18.28 13.67 104.40
N LEU S 62 18.70 14.79 104.96
CA LEU S 62 18.65 14.97 106.41
C LEU S 62 17.23 15.22 106.88
N SER S 63 16.45 15.97 106.10
CA SER S 63 15.10 16.33 106.53
C SER S 63 14.12 15.17 106.36
N ARG S 64 14.35 14.29 105.38
CA ARG S 64 13.53 13.09 105.25
C ARG S 64 13.74 12.16 106.42
N MET S 65 14.95 12.17 106.98
CA MET S 65 15.28 11.28 108.08
C MET S 65 14.65 11.78 109.37
N ILE S 66 14.58 13.11 109.54
CA ILE S 66 13.89 13.72 110.69
C ILE S 66 12.41 13.39 110.64
N ARG S 67 11.81 13.40 109.44
CA ARG S 67 10.39 13.10 109.28
C ARG S 67 10.08 11.66 109.68
N LYS S 68 10.95 10.72 109.32
CA LYS S 68 10.68 9.32 109.63
C LYS S 68 11.10 8.94 111.05
N MET S 69 11.66 9.87 111.82
CA MET S 69 11.88 9.67 113.24
C MET S 69 10.81 10.33 114.10
N LYS S 70 10.09 11.30 113.55
CA LYS S 70 9.02 11.98 114.28
C LYS S 70 7.81 11.06 114.46
N LEU S 71 7.71 10.01 113.64
CA LEU S 71 6.65 9.01 113.71
C LEU S 71 6.61 8.34 115.09
N PRO S 72 5.42 7.98 115.59
CA PRO S 72 5.30 7.49 116.96
C PRO S 72 5.96 6.13 117.18
N GLY S 73 6.41 5.92 118.41
CA GLY S 73 7.10 4.71 118.79
C GLY S 73 8.58 4.69 118.46
N ARG S 74 9.06 5.60 117.61
CA ARG S 74 10.44 5.62 117.18
C ARG S 74 11.31 6.53 118.03
N GLU S 75 10.95 6.71 119.31
CA GLU S 75 11.82 7.39 120.25
C GLU S 75 13.08 6.56 120.47
N ASN S 76 14.23 7.24 120.42
CA ASN S 76 15.62 6.80 120.54
C ASN S 76 15.91 5.41 119.98
N LYS S 77 15.42 5.14 118.77
CA LYS S 77 15.86 4.02 117.97
C LYS S 77 17.02 4.44 117.08
N THR S 78 17.72 3.45 116.53
CA THR S 78 18.86 3.71 115.67
C THR S 78 18.38 3.81 114.23
N ALA S 79 18.54 4.98 113.62
CA ALA S 79 18.12 5.15 112.25
C ALA S 79 19.21 4.59 111.33
N VAL S 80 18.86 3.53 110.59
CA VAL S 80 19.84 2.76 109.83
C VAL S 80 19.54 2.94 108.35
N VAL S 81 20.44 3.61 107.65
CA VAL S 81 20.40 3.69 106.20
C VAL S 81 21.71 3.10 105.67
N VAL S 82 21.64 2.40 104.56
CA VAL S 82 22.82 1.92 103.86
C VAL S 82 22.92 2.74 102.57
N GLY S 83 23.84 3.70 102.58
CA GLY S 83 23.90 4.69 101.54
C GLY S 83 24.56 5.97 102.02
N THR S 84 24.00 7.12 101.62
CA THR S 84 24.62 8.41 101.90
C THR S 84 23.60 9.30 102.60
N ILE S 85 24.04 9.96 103.68
CA ILE S 85 23.26 11.02 104.33
C ILE S 85 23.73 12.35 103.74
N THR S 86 22.91 12.91 102.86
CA THR S 86 23.13 14.25 102.38
C THR S 86 22.47 15.24 103.33
N ASP S 87 22.65 16.53 103.06
CA ASP S 87 22.11 17.58 103.91
C ASP S 87 20.96 18.26 103.18
N ASP S 88 19.91 18.58 103.93
CA ASP S 88 18.81 19.37 103.40
C ASP S 88 18.86 20.73 104.09
N VAL S 89 19.01 21.78 103.28
CA VAL S 89 19.18 23.14 103.78
C VAL S 89 17.81 23.80 103.93
N ARG S 90 16.76 23.00 103.78
CA ARG S 90 15.39 23.45 103.89
C ARG S 90 14.79 23.20 105.26
N VAL S 91 15.52 22.52 106.15
CA VAL S 91 15.09 22.29 107.52
C VAL S 91 15.94 23.14 108.45
N GLN S 92 15.30 23.79 109.42
CA GLN S 92 15.99 24.74 110.28
C GLN S 92 16.38 24.19 111.64
N GLU S 93 15.83 23.05 112.05
CA GLU S 93 16.16 22.49 113.36
C GLU S 93 16.37 20.99 113.22
N VAL S 94 17.36 20.48 113.94
CA VAL S 94 17.73 19.06 113.91
C VAL S 94 17.72 18.54 115.34
N PRO S 95 16.97 17.49 115.64
CA PRO S 95 17.01 16.89 116.98
C PRO S 95 18.23 15.99 117.12
N LYS S 96 18.37 15.38 118.30
CA LYS S 96 19.44 14.42 118.48
C LYS S 96 19.12 13.12 117.77
N LEU S 97 20.02 12.68 116.91
CA LEU S 97 19.83 11.51 116.08
C LEU S 97 21.01 10.58 116.26
N LYS S 98 20.73 9.31 116.52
CA LYS S 98 21.75 8.26 116.55
C LYS S 98 21.59 7.49 115.25
N VAL S 99 22.52 7.70 114.32
CA VAL S 99 22.38 7.26 112.95
C VAL S 99 23.50 6.28 112.62
N CYS S 100 23.38 5.64 111.46
CA CYS S 100 24.39 4.73 110.94
C CYS S 100 24.28 4.71 109.43
N ALA S 101 25.40 4.98 108.75
CA ALA S 101 25.40 5.01 107.29
C ALA S 101 26.77 4.62 106.78
N LEU S 102 26.83 4.28 105.48
CA LEU S 102 28.12 4.03 104.84
C LEU S 102 28.91 5.32 104.70
N ARG S 103 28.24 6.45 104.53
CA ARG S 103 28.90 7.69 104.19
C ARG S 103 27.97 8.84 104.56
N VAL S 104 28.54 9.89 105.14
CA VAL S 104 27.80 11.09 105.54
C VAL S 104 28.57 12.29 105.01
N THR S 105 27.87 13.21 104.34
CA THR S 105 28.51 14.39 103.78
C THR S 105 28.99 15.32 104.88
N SER S 106 29.84 16.28 104.50
CA SER S 106 30.60 17.04 105.49
C SER S 106 29.74 18.03 106.26
N ARG S 107 28.67 18.54 105.65
CA ARG S 107 27.78 19.46 106.33
C ARG S 107 26.55 18.78 106.92
N ALA S 108 26.31 17.51 106.57
CA ALA S 108 25.34 16.72 107.31
C ALA S 108 25.97 16.12 108.57
N ARG S 109 27.26 15.79 108.51
CA ARG S 109 27.98 15.34 109.69
C ARG S 109 28.13 16.44 110.71
N SER S 110 28.30 17.68 110.26
CA SER S 110 28.50 18.79 111.20
C SER S 110 27.22 19.12 111.94
N ARG S 111 26.08 19.05 111.27
CA ARG S 111 24.82 19.44 111.89
C ARG S 111 24.28 18.37 112.83
N ILE S 112 24.57 17.09 112.57
CA ILE S 112 24.17 16.04 113.48
C ILE S 112 25.02 16.06 114.74
N LEU S 113 26.32 16.34 114.59
CA LEU S 113 27.23 16.34 115.72
C LEU S 113 27.08 17.59 116.59
N ARG S 114 26.69 18.72 116.01
CA ARG S 114 26.49 19.91 116.84
C ARG S 114 25.13 19.93 117.52
N ALA S 115 24.19 19.11 117.06
CA ALA S 115 22.89 18.98 117.70
C ALA S 115 22.88 17.92 118.79
N GLY S 116 24.04 17.38 119.16
CA GLY S 116 24.10 16.37 120.19
C GLY S 116 23.74 14.98 119.73
N GLY S 117 24.05 14.64 118.49
CA GLY S 117 23.78 13.32 117.97
C GLY S 117 25.03 12.46 117.88
N LYS S 118 24.82 11.23 117.42
CA LYS S 118 25.90 10.26 117.26
C LYS S 118 25.80 9.64 115.88
N ILE S 119 26.95 9.49 115.22
CA ILE S 119 27.02 8.88 113.90
C ILE S 119 27.82 7.59 114.02
N LEU S 120 27.19 6.47 113.71
CA LEU S 120 27.84 5.17 113.75
C LEU S 120 28.24 4.73 112.35
N THR S 121 28.95 3.61 112.29
CA THR S 121 29.24 2.92 111.06
C THR S 121 28.79 1.47 111.22
N PHE S 122 28.79 0.74 110.10
CA PHE S 122 28.24 -0.62 110.09
C PHE S 122 29.11 -1.63 110.82
N ASP S 123 30.37 -1.31 111.09
CA ASP S 123 31.17 -2.21 111.92
C ASP S 123 30.83 -2.05 113.39
N GLN S 124 30.57 -0.82 113.83
CA GLN S 124 30.18 -0.55 115.21
C GLN S 124 28.67 -0.53 115.41
N LEU S 125 27.89 -0.71 114.34
CA LEU S 125 26.50 -1.09 114.53
C LEU S 125 26.39 -2.56 114.90
N ALA S 126 27.37 -3.37 114.52
CA ALA S 126 27.39 -4.78 114.91
C ALA S 126 27.77 -4.95 116.37
N LEU S 127 28.36 -3.93 116.99
CA LEU S 127 28.63 -3.98 118.43
C LEU S 127 27.51 -3.34 119.24
N ASP S 128 26.82 -2.35 118.68
CA ASP S 128 25.67 -1.77 119.36
C ASP S 128 24.51 -2.75 119.37
N SER S 129 24.21 -3.34 118.23
CA SER S 129 23.15 -4.35 118.13
C SER S 129 23.51 -5.31 117.00
N PRO S 130 24.10 -6.46 117.32
CA PRO S 130 24.37 -7.45 116.26
C PRO S 130 23.10 -8.12 115.75
N LYS S 131 22.10 -8.29 116.60
CA LYS S 131 20.82 -8.84 116.19
C LYS S 131 20.03 -7.84 115.35
N GLY S 132 20.34 -6.55 115.45
CA GLY S 132 19.56 -5.53 114.79
C GLY S 132 18.39 -5.03 115.60
N CYS S 133 18.51 -5.01 116.93
CA CYS S 133 17.40 -4.67 117.80
C CYS S 133 17.32 -3.16 118.02
N GLY S 134 16.10 -2.64 118.00
CA GLY S 134 15.86 -1.23 118.22
C GLY S 134 16.36 -0.34 117.11
N THR S 135 16.14 -0.74 115.86
CA THR S 135 16.59 0.01 114.70
C THR S 135 15.42 0.32 113.78
N VAL S 136 15.57 1.38 113.00
CA VAL S 136 14.65 1.71 111.92
C VAL S 136 15.47 1.69 110.63
N LEU S 137 15.08 0.84 109.69
CA LEU S 137 15.84 0.65 108.47
C LEU S 137 15.22 1.53 107.38
N LEU S 138 15.87 2.65 107.09
CA LEU S 138 15.37 3.61 106.12
C LEU S 138 15.98 3.35 104.74
N SER S 139 15.50 4.11 103.77
CA SER S 139 15.94 4.01 102.39
C SER S 139 15.61 5.31 101.68
N GLY S 140 16.48 5.74 100.78
CA GLY S 140 16.27 6.97 100.05
C GLY S 140 15.24 6.79 98.96
N PRO S 141 14.91 7.88 98.28
CA PRO S 141 13.98 7.79 97.15
C PRO S 141 14.60 7.08 95.94
N ARG S 142 14.17 5.85 95.74
CA ARG S 142 14.71 5.05 94.67
C ARG S 142 14.33 5.52 93.30
N LYS S 143 13.04 5.49 93.02
CA LYS S 143 12.53 5.82 91.69
C LYS S 143 12.53 7.33 91.45
N GLY S 144 12.98 8.14 92.40
CA GLY S 144 13.09 9.55 92.11
C GLY S 144 14.45 9.94 91.59
N ARG S 145 14.59 9.94 90.27
CA ARG S 145 15.73 10.51 89.55
C ARG S 145 15.29 10.73 88.11
N GLU S 146 16.18 11.31 87.30
CA GLU S 146 15.80 11.87 86.00
C GLU S 146 15.38 10.80 85.00
N VAL S 147 15.91 9.58 85.12
CA VAL S 147 15.68 8.59 84.08
C VAL S 147 14.27 7.99 84.16
N TYR S 148 13.62 8.06 85.32
CA TYR S 148 12.30 7.47 85.47
C TYR S 148 11.19 8.33 84.90
N ARG S 149 11.49 9.59 84.56
CA ARG S 149 10.52 10.39 83.82
C ARG S 149 10.44 9.96 82.36
N HIS S 150 11.52 9.38 81.84
CA HIS S 150 11.55 8.88 80.48
C HIS S 150 11.08 7.45 80.36
N PHE S 151 10.85 6.77 81.49
CA PHE S 151 10.52 5.36 81.49
C PHE S 151 9.02 5.18 81.47
N GLY S 152 8.60 4.03 80.96
CA GLY S 152 7.19 3.71 80.88
C GLY S 152 6.69 3.68 79.45
N LYS S 153 5.40 3.95 79.31
CA LYS S 153 4.76 3.97 78.01
C LYS S 153 5.29 5.16 77.19
N ALA S 154 5.28 5.00 75.87
CA ALA S 154 5.94 5.91 74.95
C ALA S 154 5.32 7.31 75.00
N PRO S 155 6.11 8.36 74.71
CA PRO S 155 5.58 9.73 74.85
C PRO S 155 4.47 10.09 73.87
N GLY S 156 4.42 9.46 72.71
CA GLY S 156 3.41 9.83 71.72
C GLY S 156 2.21 8.92 71.72
N THR S 157 1.89 8.35 72.89
CA THR S 157 0.76 7.47 73.07
C THR S 157 -0.13 7.99 74.20
N PRO S 158 -1.44 7.82 74.07
CA PRO S 158 -2.33 8.20 75.18
C PRO S 158 -2.53 7.05 76.17
N HIS S 159 -2.55 7.38 77.47
CA HIS S 159 -2.29 8.71 78.00
C HIS S 159 -1.01 8.70 78.82
N SER S 160 0.13 8.91 78.16
CA SER S 160 1.43 8.83 78.81
C SER S 160 2.00 10.22 79.00
N HIS S 161 2.46 10.50 80.22
CA HIS S 161 3.14 11.75 80.54
C HIS S 161 4.65 11.54 80.56
N THR S 162 5.13 10.73 79.63
CA THR S 162 6.54 10.39 79.55
C THR S 162 7.34 11.57 79.01
N LYS S 163 8.40 11.91 79.71
CA LYS S 163 9.26 13.01 79.28
C LYS S 163 10.08 12.57 78.08
N PRO S 164 9.97 13.23 76.93
CA PRO S 164 10.71 12.81 75.75
C PRO S 164 12.18 13.21 75.83
N TYR S 165 12.98 12.62 74.95
CA TYR S 165 14.39 12.96 74.83
C TYR S 165 14.52 14.05 73.77
N VAL S 166 14.54 15.30 74.21
CA VAL S 166 14.70 16.44 73.31
C VAL S 166 16.03 17.10 73.63
N ARG S 167 16.77 17.51 72.59
CA ARG S 167 18.07 18.11 72.80
C ARG S 167 18.00 19.54 73.32
N SER S 168 16.84 20.19 73.25
CA SER S 168 16.70 21.56 73.74
C SER S 168 15.35 21.68 74.44
N LYS S 169 15.03 22.89 74.89
CA LYS S 169 13.78 23.15 75.60
C LYS S 169 13.29 24.52 75.16
N GLY S 170 12.44 24.54 74.13
CA GLY S 170 11.92 25.78 73.59
C GLY S 170 10.59 25.60 72.90
N ARG S 171 10.19 26.56 72.08
CA ARG S 171 8.93 26.46 71.36
C ARG S 171 9.09 25.76 70.01
N LYS S 172 10.32 25.63 69.51
CA LYS S 172 10.59 24.95 68.26
C LYS S 172 10.99 23.49 68.46
N PHE S 173 10.73 22.94 69.65
CA PHE S 173 11.24 21.62 70.00
C PHE S 173 10.09 20.77 70.53
N GLU S 174 9.44 20.07 69.61
CA GLU S 174 8.39 19.07 69.87
C GLU S 174 7.18 19.68 70.56
N ARG S 175 6.69 20.78 69.99
CA ARG S 175 5.45 21.41 70.40
C ARG S 175 4.38 21.33 69.31
N ALA S 176 4.77 20.94 68.10
CA ALA S 176 3.96 20.88 66.89
C ALA S 176 3.13 19.61 66.83
N ARG S 177 2.81 19.18 65.61
CA ARG S 177 1.95 18.05 65.24
C ARG S 177 2.10 16.82 66.12
N GLY S 178 1.00 16.45 66.78
CA GLY S 178 0.98 15.43 67.81
C GLY S 178 0.78 15.98 69.20
N ARG S 179 1.21 17.22 69.45
CA ARG S 179 1.11 17.85 70.75
C ARG S 179 -0.02 18.85 70.86
N ARG S 180 -0.74 19.11 69.78
CA ARG S 180 -1.81 20.11 69.79
C ARG S 180 -2.77 19.83 68.64
N ALA S 181 -4.05 20.14 68.87
CA ALA S 181 -5.07 19.81 67.90
C ALA S 181 -5.07 20.74 66.70
N SER S 182 -4.44 21.91 66.82
CA SER S 182 -4.34 22.82 65.68
C SER S 182 -3.34 22.32 64.65
N ARG S 183 -2.39 21.49 65.05
CA ARG S 183 -1.42 20.88 64.14
C ARG S 183 -1.72 19.38 64.13
N GLY S 184 -2.52 18.94 63.17
CA GLY S 184 -2.78 17.53 63.03
C GLY S 184 -3.65 16.93 64.13
N TYR S 185 -3.02 16.18 65.03
CA TYR S 185 -3.73 15.43 66.06
C TYR S 185 -3.15 15.77 67.42
N LYS S 186 -3.76 15.21 68.47
CA LYS S 186 -3.40 15.55 69.84
C LYS S 186 -3.08 14.32 70.69
N ASN S 187 -3.75 13.20 70.39
CA ASN S 187 -4.07 12.05 71.27
C ASN S 187 -3.90 12.15 72.80
N SER T 1 93.02 -20.64 9.85
CA SER T 1 91.94 -20.34 10.79
C SER T 1 90.75 -19.71 10.07
N MET T 2 90.46 -18.46 10.41
CA MET T 2 89.32 -17.73 9.86
C MET T 2 89.80 -16.70 8.86
N LEU T 3 89.13 -16.63 7.71
CA LEU T 3 89.56 -15.84 6.58
C LEU T 3 88.43 -14.95 6.07
N ARG T 4 87.62 -14.43 6.97
CA ARG T 4 86.52 -13.55 6.57
C ARG T 4 87.04 -12.16 6.21
N LEU T 5 88.04 -11.68 6.94
CA LEU T 5 88.65 -10.39 6.66
C LEU T 5 89.35 -10.38 5.31
N GLN T 6 90.01 -11.48 4.97
CA GLN T 6 90.83 -11.54 3.76
C GLN T 6 90.00 -11.76 2.51
N LYS T 7 88.79 -12.29 2.64
CA LYS T 7 87.89 -12.38 1.49
C LYS T 7 87.33 -11.01 1.13
N ARG T 8 87.08 -10.15 2.13
CA ARG T 8 86.51 -8.84 1.89
C ARG T 8 87.54 -7.87 1.29
N LEU T 9 88.76 -7.87 1.85
CA LEU T 9 89.80 -6.98 1.35
C LEU T 9 90.29 -7.39 -0.03
N ALA T 10 90.18 -8.67 -0.38
CA ALA T 10 90.60 -9.10 -1.70
C ALA T 10 89.62 -8.63 -2.76
N SER T 11 88.32 -8.75 -2.50
CA SER T 11 87.30 -8.34 -3.46
C SER T 11 87.20 -6.83 -3.63
N SER T 12 87.86 -6.05 -2.76
CA SER T 12 87.87 -4.60 -2.88
C SER T 12 89.09 -4.07 -3.62
N VAL T 13 90.21 -4.79 -3.59
CA VAL T 13 91.39 -4.39 -4.34
C VAL T 13 91.48 -5.07 -5.70
N LEU T 14 90.73 -6.14 -5.91
CA LEU T 14 90.72 -6.86 -7.18
C LEU T 14 89.52 -6.46 -8.04
N ARG T 15 88.68 -5.60 -7.49
CA ARG T 15 87.50 -5.08 -8.17
C ARG T 15 86.53 -6.12 -8.71
N CYS T 16 86.02 -6.95 -7.81
CA CYS T 16 85.06 -7.99 -8.13
C CYS T 16 84.18 -8.22 -6.91
N GLY T 17 83.45 -9.33 -6.90
CA GLY T 17 82.69 -9.76 -5.75
C GLY T 17 83.43 -10.81 -4.94
N LYS T 18 82.80 -11.21 -3.83
CA LYS T 18 83.32 -12.31 -3.05
C LYS T 18 83.12 -13.66 -3.73
N LYS T 19 82.29 -13.72 -4.79
CA LYS T 19 82.21 -14.90 -5.63
C LYS T 19 83.54 -15.21 -6.29
N LYS T 20 84.12 -14.22 -6.97
CA LYS T 20 85.24 -14.43 -7.87
C LYS T 20 86.58 -14.51 -7.18
N VAL T 21 86.64 -14.34 -5.86
CA VAL T 21 87.90 -14.35 -5.14
C VAL T 21 88.25 -15.78 -4.77
N TRP T 22 89.42 -16.24 -5.22
CA TRP T 22 89.91 -17.58 -4.93
C TRP T 22 91.08 -17.46 -3.96
N LEU T 23 90.97 -18.15 -2.83
CA LEU T 23 92.05 -18.26 -1.87
C LEU T 23 92.68 -19.64 -2.00
N ASP T 24 94.00 -19.69 -2.09
CA ASP T 24 94.70 -20.95 -2.32
C ASP T 24 94.67 -21.77 -1.02
N PRO T 25 94.03 -22.95 -1.01
CA PRO T 25 93.90 -23.69 0.26
C PRO T 25 95.18 -24.34 0.72
N ASN T 26 96.20 -24.46 -0.15
CA ASN T 26 97.48 -24.98 0.30
C ASN T 26 98.19 -23.98 1.20
N GLU T 27 98.35 -22.76 0.74
CA GLU T 27 98.97 -21.69 1.54
C GLU T 27 97.90 -20.92 2.31
N THR T 28 97.21 -21.63 3.20
CA THR T 28 96.12 -21.04 3.96
C THR T 28 96.58 -20.26 5.18
N ASN T 29 97.84 -20.39 5.58
CA ASN T 29 98.37 -19.64 6.72
C ASN T 29 99.05 -18.34 6.34
N GLU T 30 99.64 -18.27 5.13
CA GLU T 30 100.19 -17.00 4.66
C GLU T 30 99.10 -16.02 4.29
N ILE T 31 97.91 -16.52 3.95
CA ILE T 31 96.77 -15.62 3.75
C ILE T 31 96.29 -15.09 5.08
N ALA T 32 96.43 -15.88 6.16
CA ALA T 32 95.82 -15.56 7.45
C ALA T 32 96.47 -14.34 8.09
N ASN T 33 97.78 -14.21 7.97
CA ASN T 33 98.45 -13.00 8.46
C ASN T 33 98.59 -11.94 7.37
N ALA T 34 97.47 -11.62 6.71
CA ALA T 34 97.39 -10.52 5.76
C ALA T 34 96.23 -9.62 6.18
N ASN T 35 96.50 -8.71 7.11
CA ASN T 35 95.47 -7.87 7.72
C ASN T 35 95.37 -6.48 7.10
N SER T 36 96.25 -6.15 6.17
CA SER T 36 96.23 -4.86 5.49
C SER T 36 96.00 -5.11 4.00
N ARG T 37 95.79 -4.04 3.24
CA ARG T 37 95.58 -4.16 1.80
C ARG T 37 96.89 -4.19 1.02
N GLN T 38 97.96 -3.64 1.57
CA GLN T 38 99.29 -3.79 1.00
C GLN T 38 99.76 -5.23 0.98
N GLN T 39 99.35 -6.02 1.96
CA GLN T 39 99.68 -7.43 1.97
C GLN T 39 98.74 -8.25 1.08
N ILE T 40 97.51 -7.78 0.86
CA ILE T 40 96.61 -8.46 -0.08
C ILE T 40 97.11 -8.26 -1.51
N ARG T 41 97.64 -7.07 -1.80
CA ARG T 41 98.18 -6.78 -3.12
C ARG T 41 99.42 -7.61 -3.41
N LYS T 42 100.16 -7.93 -2.36
CA LYS T 42 101.38 -8.71 -2.50
C LYS T 42 101.05 -10.18 -2.77
N LEU T 43 99.99 -10.69 -2.15
CA LEU T 43 99.57 -12.07 -2.41
C LEU T 43 98.89 -12.22 -3.76
N ILE T 44 98.26 -11.17 -4.27
CA ILE T 44 97.72 -11.20 -5.63
C ILE T 44 98.86 -11.25 -6.64
N LYS T 45 99.93 -10.49 -6.40
CA LYS T 45 101.07 -10.49 -7.29
C LYS T 45 101.84 -11.80 -7.24
N ASP T 46 101.78 -12.51 -6.12
CA ASP T 46 102.51 -13.76 -5.96
C ASP T 46 101.73 -14.99 -6.38
N GLY T 47 100.45 -14.83 -6.75
CA GLY T 47 99.67 -15.97 -7.16
C GLY T 47 99.04 -16.75 -6.04
N LEU T 48 98.72 -16.10 -4.91
CA LEU T 48 98.00 -16.75 -3.83
C LEU T 48 96.53 -16.36 -3.79
N ILE T 49 96.17 -15.21 -4.35
CA ILE T 49 94.78 -14.79 -4.52
C ILE T 49 94.58 -14.49 -6.00
N ILE T 50 93.62 -15.17 -6.62
CA ILE T 50 93.42 -15.09 -8.06
C ILE T 50 91.95 -14.78 -8.32
N ARG T 51 91.70 -13.81 -9.19
CA ARG T 51 90.37 -13.57 -9.72
C ARG T 51 89.91 -14.77 -10.53
N LYS T 52 88.83 -15.41 -10.11
CA LYS T 52 88.28 -16.52 -10.89
C LYS T 52 87.59 -15.97 -12.15
N PRO T 53 87.68 -16.70 -13.26
CA PRO T 53 86.97 -16.27 -14.46
C PRO T 53 85.47 -16.46 -14.31
N VAL T 54 84.71 -15.64 -15.05
CA VAL T 54 83.26 -15.68 -14.95
C VAL T 54 82.74 -16.98 -15.56
N THR T 55 81.67 -17.51 -14.97
CA THR T 55 81.02 -18.66 -15.58
C THR T 55 80.32 -18.22 -16.86
N VAL T 56 80.27 -19.12 -17.82
CA VAL T 56 79.94 -18.71 -19.18
C VAL T 56 78.43 -18.58 -19.35
N HIS T 57 78.03 -17.66 -20.23
CA HIS T 57 76.65 -17.56 -20.69
C HIS T 57 76.75 -17.37 -22.20
N SER T 58 76.79 -18.49 -22.92
CA SER T 58 76.99 -18.45 -24.37
C SER T 58 75.70 -18.02 -25.06
N ARG T 59 75.84 -17.11 -26.02
CA ARG T 59 74.74 -16.74 -26.91
C ARG T 59 74.74 -17.53 -28.20
N ALA T 60 75.35 -18.72 -28.22
CA ALA T 60 75.50 -19.45 -29.47
C ALA T 60 74.18 -20.07 -29.92
N ARG T 61 73.39 -20.58 -28.99
CA ARG T 61 72.12 -21.19 -29.35
C ARG T 61 71.08 -20.14 -29.73
N CYS T 62 71.18 -18.93 -29.19
CA CYS T 62 70.25 -17.88 -29.58
C CYS T 62 70.77 -17.05 -30.74
N ARG T 63 72.02 -17.26 -31.17
CA ARG T 63 72.40 -16.86 -32.52
C ARG T 63 72.05 -17.93 -33.53
N LYS T 64 72.06 -19.20 -33.12
CA LYS T 64 71.66 -20.28 -34.02
C LYS T 64 70.15 -20.27 -34.25
N ASN T 65 69.38 -19.81 -33.27
CA ASN T 65 67.94 -19.66 -33.46
C ASN T 65 67.57 -18.36 -34.17
N THR T 66 68.37 -17.30 -33.98
CA THR T 66 68.10 -16.05 -34.70
C THR T 66 68.43 -16.19 -36.18
N LEU T 67 69.39 -17.03 -36.52
CA LEU T 67 69.68 -17.30 -37.93
C LEU T 67 68.60 -18.15 -38.59
N ALA T 68 67.83 -18.90 -37.80
CA ALA T 68 66.64 -19.56 -38.33
C ALA T 68 65.48 -18.59 -38.43
N ARG T 69 65.35 -17.68 -37.46
CA ARG T 69 64.29 -16.69 -37.49
C ARG T 69 64.55 -15.61 -38.53
N ARG T 70 65.80 -15.40 -38.91
CA ARG T 70 66.10 -14.52 -40.05
C ARG T 70 65.60 -15.15 -41.35
N LYS T 71 65.63 -16.48 -41.44
CA LYS T 71 65.13 -17.20 -42.61
C LYS T 71 63.62 -17.35 -42.60
N GLY T 72 62.97 -17.14 -41.46
CA GLY T 72 61.54 -17.33 -41.34
C GLY T 72 61.13 -18.51 -40.49
N ARG T 73 62.08 -19.25 -39.94
CA ARG T 73 61.75 -20.39 -39.10
C ARG T 73 61.39 -19.92 -37.70
N HIS T 74 60.61 -20.74 -37.00
CA HIS T 74 60.17 -20.54 -35.61
C HIS T 74 59.31 -19.31 -35.42
N MET T 75 58.88 -18.63 -36.49
CA MET T 75 58.06 -17.45 -36.35
C MET T 75 56.58 -17.83 -36.41
N GLY T 76 56.18 -18.50 -37.49
CA GLY T 76 54.95 -19.25 -37.61
C GLY T 76 53.64 -18.55 -37.26
N ILE T 77 52.66 -19.38 -36.95
CA ILE T 77 51.34 -18.94 -36.54
C ILE T 77 51.07 -19.42 -35.11
N GLY T 78 51.73 -20.50 -34.70
CA GLY T 78 51.57 -21.04 -33.38
C GLY T 78 52.61 -20.46 -32.44
N LYS T 79 53.71 -20.00 -33.00
CA LYS T 79 54.78 -19.43 -32.19
C LYS T 79 54.65 -17.92 -32.02
N ARG T 80 53.51 -17.34 -32.37
CA ARG T 80 53.30 -15.91 -32.17
C ARG T 80 52.13 -15.74 -31.21
N LYS T 81 52.34 -14.95 -30.14
CA LYS T 81 51.33 -14.76 -29.11
C LYS T 81 50.79 -13.36 -28.90
N GLY T 82 51.34 -12.39 -29.61
CA GLY T 82 50.87 -11.02 -29.50
C GLY T 82 50.06 -10.62 -30.71
N THR T 83 49.12 -9.68 -30.57
CA THR T 83 48.31 -9.28 -31.70
C THR T 83 49.18 -8.65 -32.78
N ALA T 84 48.62 -8.55 -33.98
CA ALA T 84 49.38 -8.09 -35.14
C ALA T 84 49.78 -6.63 -35.00
N ASN T 85 48.94 -5.82 -34.35
CA ASN T 85 49.27 -4.42 -34.09
C ASN T 85 50.23 -4.26 -32.92
N ALA T 86 50.41 -5.31 -32.12
CA ALA T 86 51.43 -5.31 -31.08
C ALA T 86 52.73 -5.90 -31.54
N ARG T 87 52.67 -6.84 -32.48
CA ARG T 87 53.84 -7.52 -32.99
C ARG T 87 54.56 -6.66 -34.03
N MET T 88 53.81 -6.05 -34.96
CA MET T 88 54.33 -5.08 -35.92
C MET T 88 53.29 -3.99 -36.07
N PRO T 89 53.50 -2.83 -35.44
CA PRO T 89 52.41 -1.84 -35.32
C PRO T 89 52.00 -1.21 -36.64
N GLU T 90 50.69 -1.06 -36.81
CA GLU T 90 50.14 -0.58 -38.08
C GLU T 90 50.36 0.91 -38.29
N LYS T 91 50.64 1.66 -37.24
CA LYS T 91 51.03 3.06 -37.42
C LYS T 91 52.44 3.16 -37.97
N VAL T 92 53.34 2.29 -37.50
CA VAL T 92 54.73 2.31 -37.96
C VAL T 92 54.81 1.82 -39.41
N THR T 93 53.90 0.94 -39.80
CA THR T 93 53.78 0.56 -41.21
C THR T 93 53.36 1.75 -42.06
N TRP T 94 52.37 2.53 -41.59
CA TRP T 94 51.97 3.74 -42.29
C TRP T 94 53.04 4.81 -42.24
N MET T 95 53.75 4.91 -41.12
CA MET T 95 54.74 5.97 -40.95
C MET T 95 55.94 5.75 -41.86
N ARG T 96 56.32 4.49 -42.08
CA ARG T 96 57.44 4.21 -42.97
C ARG T 96 57.00 4.26 -44.42
N ARG T 97 55.77 3.80 -44.71
CA ARG T 97 55.22 3.90 -46.06
C ARG T 97 55.04 5.35 -46.48
N MET T 98 54.76 6.23 -45.53
CA MET T 98 54.53 7.63 -45.89
C MET T 98 55.84 8.34 -46.20
N ARG T 99 56.90 8.01 -45.46
CA ARG T 99 58.19 8.67 -45.64
C ARG T 99 58.94 8.16 -46.87
N ILE T 100 58.75 6.89 -47.23
CA ILE T 100 59.35 6.36 -48.45
C ILE T 100 58.71 6.99 -49.68
N LEU T 101 57.38 7.05 -49.69
CA LEU T 101 56.66 7.57 -50.84
C LEU T 101 56.68 9.09 -50.92
N ARG T 102 57.15 9.79 -49.88
CA ARG T 102 57.37 11.22 -49.95
C ARG T 102 58.79 11.61 -50.30
N ARG T 103 59.77 10.74 -50.05
CA ARG T 103 61.14 11.06 -50.46
C ARG T 103 61.37 10.73 -51.92
N LEU T 104 60.50 9.94 -52.54
CA LEU T 104 60.52 9.79 -53.99
C LEU T 104 59.83 10.96 -54.68
N LEU T 105 58.75 11.47 -54.09
CA LEU T 105 58.06 12.62 -54.66
C LEU T 105 58.90 13.89 -54.60
N ARG T 106 59.74 14.04 -53.58
CA ARG T 106 60.67 15.16 -53.56
C ARG T 106 61.85 14.96 -54.50
N ARG T 107 62.08 13.72 -54.94
CA ARG T 107 63.23 13.40 -55.77
C ARG T 107 62.89 13.42 -57.26
N TYR T 108 61.61 13.27 -57.56
CA TYR T 108 61.10 13.32 -58.92
C TYR T 108 60.80 14.77 -59.25
N ARG T 109 60.60 15.60 -58.22
CA ARG T 109 60.30 17.01 -58.40
C ARG T 109 61.56 17.82 -58.66
N GLU T 110 62.69 17.43 -58.07
CA GLU T 110 63.95 18.12 -58.33
C GLU T 110 64.63 17.63 -59.59
N SER T 111 64.31 16.41 -60.04
CA SER T 111 64.90 15.85 -61.25
C SER T 111 64.02 16.06 -62.47
N LYS T 112 62.98 16.90 -62.35
CA LYS T 112 62.13 17.40 -63.44
C LYS T 112 61.36 16.28 -64.15
N LYS T 113 61.11 15.19 -63.44
CA LYS T 113 60.32 14.11 -63.97
C LYS T 113 58.86 14.55 -63.82
N ILE T 114 58.59 15.28 -62.74
CA ILE T 114 57.29 15.85 -62.45
C ILE T 114 57.48 17.33 -62.12
N ASP T 115 56.42 18.10 -62.31
CA ASP T 115 56.42 19.53 -62.03
C ASP T 115 55.75 19.81 -60.69
N ARG T 116 55.48 21.09 -60.43
CA ARG T 116 54.78 21.49 -59.21
C ARG T 116 53.39 20.87 -59.10
N HIS T 117 52.70 20.72 -60.23
CA HIS T 117 51.31 20.32 -60.21
C HIS T 117 51.12 18.82 -60.16
N MET T 118 51.99 18.05 -60.83
CA MET T 118 51.92 16.60 -60.72
C MET T 118 52.45 16.12 -59.38
N TYR T 119 53.28 16.92 -58.71
CA TYR T 119 53.66 16.64 -57.33
C TYR T 119 52.46 16.73 -56.40
N HIS T 120 51.78 17.88 -56.40
CA HIS T 120 50.76 18.17 -55.41
C HIS T 120 49.50 17.33 -55.64
N SER T 121 49.25 16.93 -56.89
CA SER T 121 48.12 16.03 -57.15
C SER T 121 48.42 14.61 -56.69
N LEU T 122 49.68 14.20 -56.74
CA LEU T 122 50.08 12.90 -56.24
C LEU T 122 50.40 12.91 -54.76
N TYR T 123 50.72 14.08 -54.18
CA TYR T 123 51.03 14.15 -52.76
C TYR T 123 49.80 13.89 -51.90
N LEU T 124 48.62 14.19 -52.42
CA LEU T 124 47.38 13.96 -51.69
C LEU T 124 46.80 12.58 -51.92
N LYS T 125 47.23 11.87 -52.96
CA LYS T 125 46.79 10.50 -53.17
C LYS T 125 47.60 9.51 -52.36
N VAL T 126 48.82 9.88 -51.96
CA VAL T 126 49.57 9.07 -51.01
C VAL T 126 48.99 9.26 -49.62
N LYS T 127 48.46 10.46 -49.32
CA LYS T 127 47.65 10.67 -48.13
C LYS T 127 46.41 9.79 -48.12
N GLY T 128 45.77 9.63 -49.26
CA GLY T 128 44.52 8.93 -49.35
C GLY T 128 44.61 7.43 -49.54
N ASN T 129 45.79 6.83 -49.34
CA ASN T 129 46.02 5.39 -49.39
C ASN T 129 45.65 4.80 -50.76
N VAL T 130 46.34 5.27 -51.79
CA VAL T 130 46.15 4.76 -53.14
C VAL T 130 47.31 3.88 -53.56
N PHE T 131 48.54 4.28 -53.23
CA PHE T 131 49.74 3.57 -53.66
C PHE T 131 50.30 2.78 -52.49
N LYS T 132 50.55 1.49 -52.71
CA LYS T 132 51.09 0.67 -51.63
C LYS T 132 52.59 0.89 -51.49
N ASN T 133 53.34 0.56 -52.52
CA ASN T 133 54.79 0.56 -52.42
C ASN T 133 55.41 1.59 -53.36
N LYS T 134 56.75 1.56 -53.41
CA LYS T 134 57.55 2.42 -54.28
C LYS T 134 57.37 2.07 -55.75
N ARG T 135 56.84 0.89 -56.07
CA ARG T 135 56.71 0.40 -57.43
C ARG T 135 55.37 0.76 -58.08
N ILE T 136 54.27 0.70 -57.32
CA ILE T 136 52.98 1.13 -57.85
C ILE T 136 52.96 2.63 -58.06
N LEU T 137 53.57 3.38 -57.14
CA LEU T 137 53.73 4.82 -57.31
C LEU T 137 54.63 5.15 -58.49
N MET T 138 55.60 4.30 -58.75
CA MET T 138 56.49 4.56 -59.85
C MET T 138 55.83 4.46 -61.19
N GLU T 139 55.18 3.33 -61.47
CA GLU T 139 54.61 3.10 -62.79
C GLU T 139 53.37 3.94 -63.07
N HIS T 140 52.69 4.44 -62.04
CA HIS T 140 51.60 5.38 -62.29
C HIS T 140 52.12 6.71 -62.78
N ILE T 141 53.30 7.14 -62.30
CA ILE T 141 53.91 8.35 -62.83
C ILE T 141 54.30 8.16 -64.28
N HIS T 142 54.72 6.95 -64.60
CA HIS T 142 55.16 6.57 -65.94
C HIS T 142 54.05 6.62 -66.96
N LYS T 143 52.84 6.27 -66.54
CA LYS T 143 51.69 6.36 -67.42
C LYS T 143 51.22 7.80 -67.57
N LEU T 144 51.28 8.58 -66.48
CA LEU T 144 50.88 9.97 -66.56
C LEU T 144 51.87 10.81 -67.35
N LYS T 145 53.17 10.48 -67.26
CA LYS T 145 54.18 11.19 -68.05
C LYS T 145 54.00 10.91 -69.54
N ALA T 146 53.48 9.73 -69.89
CA ALA T 146 53.24 9.42 -71.29
C ALA T 146 52.07 10.23 -71.84
N ASP T 147 51.04 10.45 -71.03
CA ASP T 147 49.87 11.18 -71.52
C ASP T 147 50.08 12.69 -71.47
N LYS T 148 50.91 13.19 -70.54
CA LYS T 148 51.29 14.59 -70.57
C LYS T 148 52.15 14.90 -71.78
N ALA T 149 52.91 13.91 -72.27
CA ALA T 149 53.63 14.07 -73.52
C ALA T 149 52.73 13.86 -74.73
N ARG T 150 51.70 13.02 -74.60
CA ARG T 150 50.84 12.76 -75.75
C ARG T 150 49.82 13.88 -75.97
N LYS T 151 49.26 14.42 -74.90
CA LYS T 151 48.40 15.60 -75.04
C LYS T 151 49.19 16.81 -75.52
N LYS T 152 50.47 16.89 -75.16
CA LYS T 152 51.32 17.94 -75.72
C LYS T 152 51.65 17.65 -77.17
N LEU T 153 51.65 16.38 -77.58
CA LEU T 153 51.95 16.04 -78.96
C LEU T 153 50.78 16.37 -79.88
N LEU T 154 49.56 16.26 -79.36
CA LEU T 154 48.38 16.55 -80.16
C LEU T 154 47.96 18.01 -80.11
N ALA T 155 48.32 18.74 -79.05
CA ALA T 155 48.01 20.15 -78.93
C ALA T 155 49.15 21.05 -79.41
N ASP T 156 50.13 20.50 -80.11
CA ASP T 156 51.18 21.28 -80.73
C ASP T 156 51.17 21.15 -82.25
N GLN T 157 50.85 19.97 -82.77
CA GLN T 157 50.57 19.88 -84.21
C GLN T 157 49.24 20.55 -84.55
N ALA T 158 48.32 20.61 -83.58
CA ALA T 158 47.13 21.43 -83.75
C ALA T 158 47.49 22.90 -83.78
N GLU T 159 48.31 23.35 -82.82
CA GLU T 159 48.75 24.73 -82.75
C GLU T 159 49.63 25.11 -83.93
N ALA T 160 50.34 24.13 -84.51
CA ALA T 160 51.05 24.36 -85.78
C ALA T 160 50.05 24.62 -86.91
N ARG T 161 49.01 23.78 -87.01
CA ARG T 161 47.96 24.01 -87.99
C ARG T 161 47.12 25.24 -87.65
N ARG T 162 47.01 25.59 -86.37
CA ARG T 162 46.18 26.70 -85.96
C ARG T 162 46.86 28.04 -86.15
N SER T 163 48.17 28.10 -85.96
CA SER T 163 48.95 29.29 -86.28
C SER T 163 49.43 29.29 -87.73
N LYS T 164 49.03 28.28 -88.52
CA LYS T 164 49.32 28.30 -89.95
C LYS T 164 48.39 29.23 -90.70
N THR T 165 47.18 29.43 -90.19
CA THR T 165 46.26 30.41 -90.75
C THR T 165 46.17 31.69 -89.92
N LYS T 166 46.75 31.69 -88.72
CA LYS T 166 46.72 32.89 -87.88
C LYS T 166 47.76 33.91 -88.31
N GLU T 167 48.75 33.52 -89.11
CA GLU T 167 49.72 34.47 -89.64
C GLU T 167 49.75 34.56 -91.16
N ALA T 168 49.48 33.45 -91.87
CA ALA T 168 49.55 33.49 -93.33
C ALA T 168 48.35 34.21 -93.92
N ARG T 169 47.16 34.00 -93.34
CA ARG T 169 45.99 34.74 -93.78
C ARG T 169 46.08 36.21 -93.40
N LYS T 170 46.78 36.52 -92.30
CA LYS T 170 47.06 37.90 -91.96
C LYS T 170 48.17 38.49 -92.80
N ARG T 171 48.99 37.66 -93.45
CA ARG T 171 49.85 38.15 -94.52
C ARG T 171 49.07 38.30 -95.81
N ARG T 172 48.13 37.38 -96.07
CA ARG T 172 47.33 37.42 -97.29
C ARG T 172 46.37 38.61 -97.28
N GLU T 173 45.94 39.05 -96.10
CA GLU T 173 45.04 40.19 -96.02
C GLU T 173 45.75 41.52 -96.22
N GLU T 174 47.09 41.52 -96.26
CA GLU T 174 47.88 42.72 -96.45
C GLU T 174 48.30 42.92 -97.90
N ARG T 175 47.91 42.02 -98.80
CA ARG T 175 48.34 42.10 -100.19
C ARG T 175 47.21 42.28 -101.18
N LEU T 176 46.01 41.74 -100.89
CA LEU T 176 44.88 42.06 -101.75
C LEU T 176 44.26 43.40 -101.39
N GLN T 177 44.61 43.95 -100.22
CA GLN T 177 44.25 45.32 -99.90
C GLN T 177 45.19 46.31 -100.59
N ALA T 178 46.38 45.85 -101.00
CA ALA T 178 47.27 46.66 -101.82
C ALA T 178 46.72 46.88 -103.22
N LYS T 179 45.80 46.02 -103.67
CA LYS T 179 45.01 46.31 -104.86
C LYS T 179 44.12 47.52 -104.65
N LYS T 180 43.70 47.77 -103.41
CA LYS T 180 42.95 48.97 -103.06
C LYS T 180 43.81 50.05 -102.42
N GLU T 181 45.07 49.76 -102.08
CA GLU T 181 45.98 50.82 -101.68
C GLU T 181 46.53 51.57 -102.88
N GLU T 182 46.77 50.89 -104.00
CA GLU T 182 47.39 51.50 -105.17
C GLU T 182 46.36 52.19 -106.07
N ILE T 183 45.50 53.01 -105.46
CA ILE T 183 44.45 53.73 -106.18
C ILE T 183 44.54 55.22 -105.89
N ILE T 184 44.50 55.57 -104.60
CA ILE T 184 44.25 56.97 -104.23
C ILE T 184 45.51 57.83 -104.34
N LYS T 185 46.71 57.25 -104.22
CA LYS T 185 47.91 58.05 -104.36
C LYS T 185 48.53 57.95 -105.74
N THR T 186 47.95 57.13 -106.62
CA THR T 186 48.44 57.00 -107.98
C THR T 186 47.49 57.58 -109.03
N LEU T 187 46.22 57.81 -108.65
CA LEU T 187 45.18 58.42 -109.50
C LEU T 187 44.94 57.69 -110.82
N LYS U 1 -9.33 -54.87 68.52
CA LYS U 1 -9.34 -56.04 69.39
C LYS U 1 -8.30 -57.07 68.95
N ALA U 2 -7.41 -57.42 69.86
CA ALA U 2 -6.43 -58.48 69.62
C ALA U 2 -7.00 -59.80 70.15
N SER U 3 -6.15 -60.82 70.21
CA SER U 3 -6.56 -62.18 70.58
C SER U 3 -5.38 -62.89 71.21
N GLY U 4 -5.43 -64.22 71.20
CA GLY U 4 -4.30 -65.08 71.53
C GLY U 4 -4.65 -66.39 72.21
N THR U 5 -5.64 -66.38 73.09
CA THR U 5 -6.50 -67.51 73.45
C THR U 5 -7.71 -66.94 74.18
N LEU U 6 -8.89 -67.10 73.59
CA LEU U 6 -10.03 -66.36 74.09
C LEU U 6 -10.68 -67.10 75.25
N ARG U 7 -11.12 -66.34 76.24
CA ARG U 7 -11.93 -66.85 77.33
C ARG U 7 -13.39 -66.64 76.97
N GLU U 8 -14.27 -66.82 77.95
CA GLU U 8 -15.67 -66.47 77.77
C GLU U 8 -16.15 -65.83 79.06
N TYR U 9 -16.79 -64.67 78.94
CA TYR U 9 -17.16 -63.88 80.10
C TYR U 9 -18.66 -63.63 80.11
N LYS U 10 -19.27 -63.81 81.29
CA LYS U 10 -20.65 -63.43 81.53
C LYS U 10 -20.65 -62.03 82.11
N VAL U 11 -20.91 -61.04 81.28
CA VAL U 11 -20.88 -59.64 81.72
C VAL U 11 -22.31 -59.17 81.89
N VAL U 12 -22.62 -58.64 83.07
CA VAL U 12 -23.96 -58.20 83.42
C VAL U 12 -23.89 -56.72 83.78
N GLY U 13 -24.81 -55.92 83.22
CA GLY U 13 -24.84 -54.50 83.50
C GLY U 13 -26.24 -53.94 83.40
N ARG U 14 -26.39 -52.70 83.89
CA ARG U 14 -27.66 -52.01 83.89
C ARG U 14 -27.41 -50.50 83.94
N CYS U 15 -28.44 -49.72 83.61
CA CYS U 15 -28.35 -48.27 83.66
C CYS U 15 -28.38 -47.76 85.09
N LEU U 16 -27.66 -46.67 85.34
CA LEU U 16 -27.62 -46.09 86.67
C LEU U 16 -28.99 -45.53 87.05
N PRO U 17 -29.50 -45.82 88.26
CA PRO U 17 -30.90 -45.50 88.57
C PRO U 17 -31.15 -44.02 88.78
N THR U 18 -31.77 -43.40 87.80
CA THR U 18 -32.24 -42.02 87.88
C THR U 18 -33.62 -42.01 88.53
N PRO U 19 -34.17 -40.82 88.86
CA PRO U 19 -35.60 -40.78 89.22
C PRO U 19 -36.56 -40.83 88.03
N LYS U 20 -36.29 -41.74 87.09
CA LYS U 20 -37.21 -42.11 86.02
C LYS U 20 -37.66 -43.55 86.19
N CYS U 21 -36.70 -44.47 86.28
CA CYS U 21 -36.93 -45.85 86.67
C CYS U 21 -36.00 -46.16 87.83
N HIS U 22 -36.55 -46.58 88.96
CA HIS U 22 -35.74 -46.78 90.16
C HIS U 22 -34.90 -48.04 90.08
N THR U 23 -35.38 -49.08 89.39
CA THR U 23 -34.60 -50.29 89.15
C THR U 23 -34.60 -50.56 87.65
N PRO U 24 -33.56 -50.13 86.93
CA PRO U 24 -33.47 -50.45 85.51
C PRO U 24 -33.14 -51.91 85.30
N PRO U 25 -33.54 -52.49 84.16
CA PRO U 25 -33.41 -53.95 84.00
C PRO U 25 -31.97 -54.40 83.78
N LEU U 26 -31.64 -55.55 84.38
CA LEU U 26 -30.35 -56.17 84.18
C LEU U 26 -30.28 -56.84 82.82
N TYR U 27 -29.15 -56.65 82.14
CA TYR U 27 -28.87 -57.30 80.87
C TYR U 27 -27.60 -58.11 81.00
N ARG U 28 -27.53 -59.24 80.30
CA ARG U 28 -26.33 -60.05 80.29
C ARG U 28 -25.95 -60.41 78.86
N MET U 29 -24.65 -60.58 78.64
CA MET U 29 -24.12 -61.04 77.37
C MET U 29 -23.06 -62.10 77.61
N ARG U 30 -22.81 -62.90 76.59
CA ARG U 30 -21.66 -63.78 76.55
C ARG U 30 -20.63 -63.17 75.61
N ILE U 31 -19.41 -63.03 76.09
CA ILE U 31 -18.38 -62.24 75.42
C ILE U 31 -17.08 -63.03 75.42
N PHE U 32 -16.49 -63.18 74.24
CA PHE U 32 -15.23 -63.90 74.08
C PHE U 32 -14.12 -62.88 73.91
N ALA U 33 -13.18 -62.87 74.85
CA ALA U 33 -12.18 -61.82 74.95
C ALA U 33 -10.90 -62.42 75.50
N PRO U 34 -9.76 -61.76 75.32
CA PRO U 34 -8.54 -62.22 76.01
C PRO U 34 -8.63 -62.12 77.53
N ASN U 35 -9.21 -61.04 78.05
CA ASN U 35 -9.31 -60.87 79.49
C ASN U 35 -10.50 -59.99 79.82
N HIS U 36 -10.76 -59.82 81.12
CA HIS U 36 -11.96 -59.15 81.57
C HIS U 36 -11.93 -57.65 81.35
N VAL U 37 -10.76 -57.07 81.10
CA VAL U 37 -10.67 -55.66 80.72
C VAL U 37 -11.32 -55.46 79.36
N VAL U 38 -10.97 -56.30 78.39
CA VAL U 38 -11.56 -56.22 77.06
C VAL U 38 -13.03 -56.65 77.11
N ALA U 39 -13.36 -57.58 78.00
CA ALA U 39 -14.74 -58.07 78.10
C ALA U 39 -15.68 -57.00 78.63
N LYS U 40 -15.21 -56.11 79.49
CA LYS U 40 -16.04 -54.99 79.93
C LYS U 40 -16.08 -53.87 78.90
N SER U 41 -15.09 -53.79 78.01
CA SER U 41 -15.10 -52.76 76.98
C SER U 41 -15.81 -53.21 75.72
N ARG U 42 -15.94 -54.51 75.49
CA ARG U 42 -16.80 -55.00 74.42
C ARG U 42 -18.25 -55.12 74.86
N PHE U 43 -18.53 -55.08 76.16
CA PHE U 43 -19.90 -55.07 76.63
C PHE U 43 -20.59 -53.75 76.27
N TRP U 44 -19.92 -52.63 76.53
CA TRP U 44 -20.50 -51.33 76.19
C TRP U 44 -20.43 -51.04 74.69
N TYR U 45 -19.81 -51.92 73.90
CA TYR U 45 -19.89 -51.80 72.44
C TYR U 45 -21.23 -52.27 71.93
N PHE U 46 -21.71 -53.42 72.41
CA PHE U 46 -22.94 -53.99 71.88
C PHE U 46 -24.18 -53.44 72.58
N VAL U 47 -24.08 -53.20 73.89
CA VAL U 47 -25.26 -52.73 74.62
C VAL U 47 -25.54 -51.26 74.29
N SER U 48 -24.57 -50.55 73.74
CA SER U 48 -24.84 -49.24 73.17
C SER U 48 -25.45 -49.34 71.79
N GLN U 49 -25.25 -50.45 71.08
CA GLN U 49 -25.92 -50.64 69.80
C GLN U 49 -27.32 -51.21 69.97
N LEU U 50 -27.52 -52.05 70.98
CA LEU U 50 -28.84 -52.66 71.21
C LEU U 50 -29.78 -51.69 71.91
N LYS U 51 -29.32 -51.15 73.03
CA LYS U 51 -30.09 -50.18 73.81
C LYS U 51 -29.35 -48.85 73.85
N LYS U 52 -30.06 -47.79 74.21
CA LYS U 52 -29.46 -46.45 74.28
C LYS U 52 -28.81 -46.30 75.66
N MET U 53 -27.67 -46.98 75.79
CA MET U 53 -26.98 -47.14 77.06
C MET U 53 -25.51 -46.83 76.85
N LYS U 54 -24.97 -45.88 77.59
CA LYS U 54 -23.53 -45.61 77.56
C LYS U 54 -22.90 -46.00 78.89
N LYS U 55 -21.57 -45.90 78.95
CA LYS U 55 -20.84 -46.35 80.13
C LYS U 55 -20.99 -45.37 81.29
N SER U 56 -21.07 -44.06 80.98
CA SER U 56 -21.22 -43.06 82.04
C SER U 56 -22.58 -43.17 82.73
N SER U 57 -23.62 -43.50 81.97
CA SER U 57 -24.93 -43.80 82.53
C SER U 57 -25.12 -45.32 82.61
N GLY U 58 -24.28 -45.96 83.41
CA GLY U 58 -24.34 -47.40 83.55
C GLY U 58 -23.20 -47.90 84.41
N GLU U 59 -23.28 -49.17 84.76
CA GLU U 59 -22.24 -49.81 85.56
C GLU U 59 -22.20 -51.30 85.25
N ILE U 60 -21.02 -51.88 85.36
CA ILE U 60 -20.86 -53.33 85.24
C ILE U 60 -21.25 -53.95 86.57
N VAL U 61 -22.31 -54.76 86.55
CA VAL U 61 -22.78 -55.40 87.77
C VAL U 61 -21.96 -56.63 88.09
N TYR U 62 -21.87 -57.56 87.13
CA TYR U 62 -21.12 -58.80 87.31
C TYR U 62 -20.31 -59.08 86.05
N CYS U 63 -18.99 -59.15 86.20
CA CYS U 63 -18.10 -59.63 85.15
C CYS U 63 -17.35 -60.84 85.69
N GLY U 64 -17.28 -61.89 84.89
CA GLY U 64 -16.67 -63.12 85.35
C GLY U 64 -16.61 -64.20 84.29
N GLN U 65 -15.61 -65.08 84.41
CA GLN U 65 -15.32 -66.06 83.37
C GLN U 65 -16.30 -67.23 83.40
N VAL U 66 -16.70 -67.68 82.23
CA VAL U 66 -17.57 -68.84 82.07
C VAL U 66 -16.70 -70.03 81.68
N PHE U 67 -16.59 -71.00 82.57
CA PHE U 67 -15.79 -72.18 82.31
C PHE U 67 -16.61 -73.21 81.56
N GLU U 68 -15.90 -74.09 80.84
CA GLU U 68 -16.54 -75.09 80.01
C GLU U 68 -17.20 -76.16 80.88
N LYS U 69 -18.44 -76.51 80.54
CA LYS U 69 -19.20 -77.45 81.37
C LYS U 69 -18.74 -78.89 81.16
N SER U 70 -18.25 -79.21 79.96
CA SER U 70 -17.68 -80.54 79.68
C SER U 70 -16.49 -80.37 78.75
N PRO U 71 -15.29 -80.19 79.31
CA PRO U 71 -14.11 -79.99 78.45
C PRO U 71 -13.43 -81.27 78.01
N LEU U 72 -14.11 -82.41 78.17
CA LEU U 72 -13.51 -83.69 77.83
C LEU U 72 -14.33 -84.49 76.82
N ARG U 73 -15.40 -83.93 76.29
CA ARG U 73 -16.12 -84.56 75.19
C ARG U 73 -16.01 -83.66 73.97
N VAL U 74 -15.98 -84.27 72.79
CA VAL U 74 -15.77 -83.53 71.55
C VAL U 74 -17.13 -83.07 71.05
N LYS U 75 -17.26 -81.76 70.83
CA LYS U 75 -18.53 -81.15 70.55
C LYS U 75 -18.47 -80.39 69.22
N ASN U 76 -19.63 -80.31 68.56
CA ASN U 76 -19.75 -79.62 67.29
C ASN U 76 -20.37 -78.25 67.56
N PHE U 77 -19.60 -77.19 67.30
CA PHE U 77 -20.04 -75.83 67.57
C PHE U 77 -20.42 -75.13 66.28
N GLY U 78 -21.69 -74.79 66.14
CA GLY U 78 -22.16 -73.97 65.05
C GLY U 78 -22.20 -72.52 65.50
N ILE U 79 -21.49 -71.66 64.77
CA ILE U 79 -21.29 -70.27 65.16
C ILE U 79 -21.95 -69.37 64.13
N TRP U 80 -22.95 -68.61 64.56
CA TRP U 80 -23.53 -67.55 63.76
C TRP U 80 -22.77 -66.27 64.04
N LEU U 81 -22.16 -65.70 63.00
CA LEU U 81 -21.37 -64.49 63.14
C LEU U 81 -21.79 -63.46 62.11
N ARG U 82 -21.12 -62.32 62.14
CA ARG U 82 -21.48 -61.16 61.33
C ARG U 82 -20.25 -60.27 61.24
N TYR U 83 -19.73 -60.09 60.03
CA TYR U 83 -18.52 -59.30 59.81
C TYR U 83 -18.78 -58.36 58.65
N ASP U 84 -17.82 -57.47 58.38
CA ASP U 84 -17.86 -56.65 57.18
C ASP U 84 -16.57 -56.81 56.40
N SER U 85 -16.71 -56.80 55.08
CA SER U 85 -15.65 -57.04 54.13
C SER U 85 -15.11 -55.70 53.62
N ARG U 86 -14.31 -55.74 52.55
CA ARG U 86 -13.99 -54.52 51.81
C ARG U 86 -15.24 -53.92 51.19
N SER U 87 -16.15 -54.78 50.73
CA SER U 87 -17.52 -54.43 50.38
C SER U 87 -18.38 -54.36 51.64
N GLY U 88 -19.70 -54.38 51.48
CA GLY U 88 -20.61 -54.34 52.61
C GLY U 88 -20.51 -55.55 53.52
N THR U 89 -21.33 -55.54 54.56
CA THR U 89 -21.27 -56.53 55.61
C THR U 89 -22.13 -57.76 55.31
N HIS U 90 -21.78 -58.87 55.95
CA HIS U 90 -22.30 -60.18 55.59
C HIS U 90 -22.58 -61.00 56.84
N ASN U 91 -23.52 -61.93 56.72
CA ASN U 91 -23.83 -62.88 57.76
C ASN U 91 -23.27 -64.24 57.37
N MET U 92 -22.87 -65.02 58.38
CA MET U 92 -22.32 -66.34 58.10
C MET U 92 -22.77 -67.35 59.17
N TYR U 93 -22.44 -68.61 58.88
CA TYR U 93 -22.62 -69.72 59.81
C TYR U 93 -21.46 -70.68 59.60
N ARG U 94 -20.63 -70.84 60.61
CA ARG U 94 -19.49 -71.74 60.52
C ARG U 94 -19.63 -72.84 61.56
N GLU U 95 -19.04 -73.99 61.27
CA GLU U 95 -19.06 -75.14 62.16
C GLU U 95 -17.64 -75.57 62.49
N TYR U 96 -17.40 -75.89 63.75
CA TYR U 96 -16.08 -76.28 64.23
C TYR U 96 -16.22 -77.46 65.18
N ARG U 97 -15.11 -78.16 65.36
CA ARG U 97 -14.97 -79.22 66.35
C ARG U 97 -13.91 -78.80 67.35
N ASP U 98 -14.29 -78.73 68.62
CA ASP U 98 -13.35 -78.33 69.67
C ASP U 98 -13.87 -78.90 70.99
N LEU U 99 -13.01 -78.87 72.00
CA LEU U 99 -13.39 -79.33 73.33
C LEU U 99 -14.08 -78.26 74.16
N THR U 100 -13.72 -77.00 73.99
CA THR U 100 -14.31 -75.90 74.75
C THR U 100 -15.07 -74.97 73.81
N THR U 101 -16.02 -74.23 74.37
CA THR U 101 -16.77 -73.24 73.61
C THR U 101 -15.88 -72.10 73.17
N ALA U 102 -15.11 -71.55 74.09
CA ALA U 102 -14.20 -70.45 73.78
C ALA U 102 -13.02 -70.88 72.92
N GLY U 103 -12.76 -72.18 72.80
CA GLY U 103 -11.75 -72.64 71.87
C GLY U 103 -12.22 -72.70 70.43
N ALA U 104 -13.50 -73.00 70.23
CA ALA U 104 -14.08 -72.97 68.90
C ALA U 104 -14.33 -71.56 68.40
N VAL U 105 -14.39 -70.58 69.29
CA VAL U 105 -14.52 -69.19 68.89
C VAL U 105 -13.16 -68.58 68.59
N THR U 106 -12.12 -69.01 69.31
CA THR U 106 -10.75 -68.70 68.91
C THR U 106 -10.44 -69.29 67.55
N GLN U 107 -10.90 -70.51 67.31
CA GLN U 107 -10.71 -71.17 66.03
C GLN U 107 -11.47 -70.48 64.90
N CYS U 108 -12.55 -69.76 65.23
CA CYS U 108 -13.27 -68.99 64.23
C CYS U 108 -12.53 -67.72 63.83
N TYR U 109 -11.90 -67.04 64.80
CA TYR U 109 -11.16 -65.81 64.50
C TYR U 109 -9.93 -66.09 63.64
N ARG U 110 -9.22 -67.18 63.88
CA ARG U 110 -8.08 -67.49 63.03
C ARG U 110 -8.51 -67.96 61.65
N ASP U 111 -9.72 -68.48 61.51
CA ASP U 111 -10.20 -68.96 60.22
C ASP U 111 -10.92 -67.87 59.43
N MET U 112 -11.44 -66.84 60.09
CA MET U 112 -11.98 -65.70 59.36
C MET U 112 -10.90 -64.75 58.90
N GLY U 113 -9.77 -64.71 59.61
CA GLY U 113 -8.62 -63.99 59.11
C GLY U 113 -7.88 -64.72 58.02
N ALA U 114 -7.87 -66.05 58.07
CA ALA U 114 -7.15 -66.84 57.07
C ALA U 114 -7.88 -66.80 55.73
N ARG U 115 -9.18 -67.04 55.73
CA ARG U 115 -9.91 -67.24 54.49
C ARG U 115 -10.48 -65.95 53.92
N HIS U 116 -10.81 -64.98 54.77
CA HIS U 116 -11.50 -63.78 54.32
C HIS U 116 -10.75 -62.49 54.61
N ARG U 117 -9.58 -62.58 55.26
CA ARG U 117 -8.78 -61.43 55.72
C ARG U 117 -9.61 -60.49 56.59
N ALA U 118 -10.42 -61.09 57.46
CA ALA U 118 -11.31 -60.35 58.34
C ALA U 118 -10.62 -60.15 59.69
N ARG U 119 -10.32 -58.91 60.02
CA ARG U 119 -9.66 -58.59 61.28
C ARG U 119 -10.66 -58.72 62.42
N ALA U 120 -10.12 -58.81 63.64
CA ALA U 120 -10.97 -59.14 64.79
C ALA U 120 -11.88 -58.00 65.20
N HIS U 121 -11.58 -56.76 64.82
CA HIS U 121 -12.50 -55.67 65.09
C HIS U 121 -13.69 -55.70 64.14
N SER U 122 -13.57 -56.38 63.01
CA SER U 122 -14.65 -56.48 62.03
C SER U 122 -15.68 -57.51 62.44
N ILE U 123 -15.26 -58.57 63.12
CA ILE U 123 -16.09 -59.74 63.35
C ILE U 123 -16.97 -59.51 64.57
N GLN U 124 -18.25 -59.86 64.45
CA GLN U 124 -19.18 -59.83 65.59
C GLN U 124 -19.84 -61.20 65.71
N ILE U 125 -19.32 -62.04 66.60
CA ILE U 125 -20.00 -63.29 66.95
C ILE U 125 -21.27 -62.96 67.71
N MET U 126 -22.40 -63.46 67.23
CA MET U 126 -23.68 -63.22 67.88
C MET U 126 -24.29 -64.45 68.52
N LYS U 127 -24.06 -65.64 67.98
CA LYS U 127 -24.60 -66.86 68.57
C LYS U 127 -23.59 -67.99 68.43
N VAL U 128 -23.47 -68.78 69.48
CA VAL U 128 -22.66 -70.00 69.44
C VAL U 128 -23.26 -71.05 70.35
N GLU U 129 -23.54 -72.23 69.80
CA GLU U 129 -24.22 -73.27 70.54
C GLU U 129 -23.77 -74.64 70.04
N GLU U 130 -23.97 -75.64 70.89
CA GLU U 130 -23.51 -77.01 70.64
C GLU U 130 -24.48 -77.69 69.69
N ILE U 131 -24.06 -77.86 68.44
CA ILE U 131 -24.86 -78.58 67.46
C ILE U 131 -24.61 -80.07 67.62
N ALA U 132 -25.66 -80.88 67.47
CA ALA U 132 -25.47 -82.32 67.45
C ALA U 132 -24.87 -82.76 66.12
N ALA U 133 -24.47 -84.02 66.05
CA ALA U 133 -23.83 -84.53 64.84
C ALA U 133 -24.83 -84.76 63.71
N SER U 134 -26.12 -84.88 64.03
CA SER U 134 -27.14 -85.09 63.01
C SER U 134 -27.72 -83.79 62.49
N LYS U 135 -27.29 -82.65 63.03
CA LYS U 135 -27.73 -81.34 62.56
C LYS U 135 -26.60 -80.51 61.96
N CYS U 136 -25.40 -81.06 61.86
CA CYS U 136 -24.31 -80.38 61.18
C CYS U 136 -24.57 -80.34 59.67
N ARG U 137 -24.01 -79.33 59.01
CA ARG U 137 -24.23 -79.16 57.59
C ARG U 137 -22.93 -79.09 56.82
N ARG U 138 -21.86 -78.68 57.47
CA ARG U 138 -20.61 -78.49 56.74
C ARG U 138 -19.87 -79.82 56.59
N PRO U 139 -19.31 -80.10 55.41
CA PRO U 139 -18.75 -81.43 55.16
C PRO U 139 -17.41 -81.68 55.86
N ALA U 140 -16.69 -80.64 56.26
CA ALA U 140 -15.42 -80.85 56.95
C ALA U 140 -15.64 -81.33 58.38
N VAL U 141 -16.75 -80.94 58.99
CA VAL U 141 -17.10 -81.41 60.33
C VAL U 141 -17.72 -82.80 60.26
N LYS U 142 -18.54 -83.06 59.24
CA LYS U 142 -19.29 -84.31 59.17
C LYS U 142 -18.42 -85.50 58.79
N GLN U 143 -17.22 -85.29 58.27
CA GLN U 143 -16.36 -86.41 57.94
C GLN U 143 -15.73 -87.06 59.16
N PHE U 144 -15.73 -86.39 60.30
CA PHE U 144 -15.23 -86.95 61.54
C PHE U 144 -16.34 -87.56 62.39
N HIS U 145 -17.54 -87.70 61.83
CA HIS U 145 -18.65 -88.33 62.51
C HIS U 145 -18.76 -89.79 62.08
N ASP U 146 -17.74 -90.55 62.47
CA ASP U 146 -17.72 -91.98 62.19
C ASP U 146 -17.20 -92.70 63.42
N SER U 147 -17.86 -93.79 63.77
CA SER U 147 -17.44 -94.58 64.92
C SER U 147 -16.19 -95.41 64.63
N LYS U 148 -15.75 -95.46 63.38
CA LYS U 148 -14.58 -96.22 62.96
C LYS U 148 -13.65 -95.35 62.14
N ILE U 149 -13.32 -94.17 62.68
CA ILE U 149 -12.30 -93.31 62.10
C ILE U 149 -10.96 -94.04 62.06
N LYS U 150 -10.37 -94.11 60.87
CA LYS U 150 -9.08 -94.76 60.70
C LYS U 150 -8.35 -94.09 59.55
N PHE U 151 -7.19 -93.52 59.85
CA PHE U 151 -6.36 -92.86 58.84
C PHE U 151 -4.92 -92.91 59.32
N PRO U 152 -3.96 -92.95 58.40
CA PRO U 152 -2.56 -92.85 58.81
C PRO U 152 -2.09 -91.41 58.83
N LEU U 153 -0.81 -91.22 59.11
CA LEU U 153 -0.13 -89.94 59.00
C LEU U 153 0.87 -90.13 57.86
N PRO U 154 0.49 -89.76 56.63
CA PRO U 154 1.15 -90.33 55.44
C PRO U 154 2.58 -89.91 55.18
N HIS U 155 2.83 -88.60 55.18
CA HIS U 155 4.12 -88.05 54.77
C HIS U 155 4.65 -87.25 55.95
N ARG U 156 5.34 -87.92 56.87
CA ARG U 156 5.83 -87.26 58.07
C ARG U 156 7.05 -86.43 57.71
N VAL U 157 6.90 -85.12 57.79
CA VAL U 157 7.96 -84.20 57.44
C VAL U 157 8.84 -83.98 58.66
N LEU U 158 10.16 -83.97 58.44
CA LEU U 158 11.12 -83.83 59.52
C LEU U 158 11.06 -82.44 60.13
N ARG U 159 10.86 -82.39 61.44
CA ARG U 159 10.81 -81.13 62.18
C ARG U 159 12.15 -80.74 62.80
N ARG U 160 12.91 -81.72 63.32
CA ARG U 160 14.25 -81.47 63.84
C ARG U 160 15.24 -81.37 62.69
N GLN U 161 15.16 -80.24 61.98
CA GLN U 161 15.99 -79.99 60.81
C GLN U 161 17.36 -79.46 61.18
N HIS U 162 17.55 -79.02 62.42
CA HIS U 162 18.78 -78.39 62.84
C HIS U 162 19.46 -79.11 63.99
N LYS U 163 18.91 -80.23 64.45
CA LYS U 163 19.53 -81.07 65.46
C LYS U 163 19.57 -82.50 64.93
N PRO U 164 20.64 -82.89 64.23
CA PRO U 164 21.81 -82.09 63.84
C PRO U 164 21.57 -81.32 62.55
N ARG U 165 22.36 -80.27 62.35
CA ARG U 165 22.28 -79.53 61.09
C ARG U 165 23.02 -80.27 59.98
N PHE U 166 24.13 -80.93 60.32
CA PHE U 166 24.92 -81.69 59.36
C PHE U 166 24.94 -83.14 59.82
N THR U 167 24.24 -84.00 59.08
CA THR U 167 24.24 -85.43 59.33
C THR U 167 24.67 -86.15 58.07
N THR U 168 24.97 -87.45 58.21
CA THR U 168 25.47 -88.22 57.08
C THR U 168 24.38 -89.02 56.37
N LYS U 169 23.19 -89.13 56.96
CA LYS U 169 22.15 -89.97 56.43
C LYS U 169 20.92 -89.15 56.08
N ARG U 170 20.26 -89.51 55.01
CA ARG U 170 19.09 -88.80 54.54
C ARG U 170 17.85 -89.30 55.28
N PRO U 171 16.92 -88.42 55.64
CA PRO U 171 15.87 -88.78 56.59
C PRO U 171 14.80 -89.67 55.99
N ASN U 172 13.98 -90.21 56.87
CA ASN U 172 12.86 -91.08 56.55
C ASN U 172 11.57 -90.30 56.72
N THR U 173 10.62 -90.53 55.82
CA THR U 173 9.31 -89.91 55.93
C THR U 173 8.20 -90.94 56.10
N PHE U 174 8.52 -92.22 56.07
CA PHE U 174 7.53 -93.29 56.22
C PHE U 174 7.61 -93.80 57.65
N PHE U 175 6.55 -93.58 58.42
CA PHE U 175 6.49 -94.11 59.78
C PHE U 175 5.14 -94.76 60.03
N THR V 1 -8.57 -10.57 51.51
CA THR V 1 -8.79 -9.59 52.57
C THR V 1 -10.25 -9.21 52.65
N ASN V 2 -10.75 -9.09 53.88
CA ASN V 2 -12.13 -8.70 54.12
C ASN V 2 -12.19 -7.31 54.70
N THR V 3 -13.26 -6.59 54.44
CA THR V 3 -13.36 -5.23 54.91
C THR V 3 -13.46 -5.14 56.43
N LYS V 4 -12.97 -4.03 56.99
CA LYS V 4 -12.97 -3.76 58.42
C LYS V 4 -14.23 -3.01 58.86
N GLY V 5 -15.39 -3.46 58.40
CA GLY V 5 -16.65 -2.83 58.71
C GLY V 5 -17.08 -3.18 60.10
N LYS V 6 -17.86 -2.31 60.73
CA LYS V 6 -18.30 -2.54 62.09
C LYS V 6 -19.23 -3.74 62.27
N ARG V 7 -19.98 -4.08 61.23
CA ARG V 7 -20.91 -5.20 61.36
C ARG V 7 -20.75 -6.29 60.30
N ARG V 8 -19.52 -6.66 60.00
CA ARG V 8 -19.29 -7.72 59.03
C ARG V 8 -19.34 -9.05 59.78
N GLY V 9 -20.09 -10.00 59.27
CA GLY V 9 -20.25 -11.28 59.90
C GLY V 9 -21.25 -11.29 61.04
N THR V 10 -22.06 -10.24 61.17
CA THR V 10 -23.10 -10.15 62.18
C THR V 10 -24.47 -10.37 61.56
N ARG V 11 -24.55 -11.28 60.60
CA ARG V 11 -25.80 -11.58 59.95
C ARG V 11 -26.73 -12.36 60.85
N TYR V 12 -26.19 -13.19 61.73
CA TYR V 12 -27.01 -14.00 62.60
C TYR V 12 -26.90 -13.64 64.07
N MET V 13 -25.78 -13.06 64.53
CA MET V 13 -25.67 -12.76 65.95
C MET V 13 -26.50 -11.56 66.34
N PHE V 14 -26.66 -10.62 65.41
CA PHE V 14 -27.42 -9.41 65.68
C PHE V 14 -28.85 -9.48 65.16
N SER V 15 -29.24 -10.62 64.62
CA SER V 15 -30.60 -10.82 64.16
C SER V 15 -31.45 -11.35 65.30
N ARG V 16 -32.72 -10.99 65.32
CA ARG V 16 -33.63 -11.44 66.35
C ARG V 16 -33.97 -12.89 66.15
N PRO V 17 -34.34 -13.57 67.23
CA PRO V 17 -34.71 -14.98 67.12
C PRO V 17 -36.10 -15.15 66.53
N PHE V 18 -36.41 -16.39 66.17
CA PHE V 18 -37.60 -16.70 65.41
C PHE V 18 -38.87 -16.56 66.24
N ARG V 19 -39.84 -15.81 65.70
CA ARG V 19 -41.10 -15.42 66.37
C ARG V 19 -40.85 -14.69 67.69
N LYS V 20 -39.74 -13.98 67.75
CA LYS V 20 -39.37 -13.20 68.92
C LYS V 20 -38.89 -11.83 68.44
N HIS V 21 -39.54 -11.32 67.39
CA HIS V 21 -39.21 -10.05 66.79
C HIS V 21 -39.99 -8.93 67.43
N GLY V 22 -40.15 -7.83 66.69
CA GLY V 22 -40.91 -6.69 67.15
C GLY V 22 -40.44 -6.02 68.41
N VAL V 23 -41.41 -5.50 69.15
CA VAL V 23 -41.21 -4.77 70.41
C VAL V 23 -40.38 -5.53 71.42
N VAL V 24 -39.44 -4.81 72.04
CA VAL V 24 -38.61 -5.38 73.10
C VAL V 24 -39.44 -5.48 74.38
N PRO V 25 -39.41 -6.63 75.08
CA PRO V 25 -40.16 -6.74 76.34
C PRO V 25 -39.65 -5.75 77.38
N LEU V 26 -40.59 -5.14 78.10
CA LEU V 26 -40.33 -3.89 78.77
C LEU V 26 -39.78 -4.07 80.17
N ALA V 27 -39.70 -5.31 80.67
CA ALA V 27 -39.01 -5.57 81.93
C ALA V 27 -37.50 -5.60 81.78
N THR V 28 -36.99 -5.70 80.56
CA THR V 28 -35.55 -5.57 80.35
C THR V 28 -35.07 -4.15 80.57
N TYR V 29 -35.96 -3.17 80.41
CA TYR V 29 -35.62 -1.78 80.64
C TYR V 29 -35.63 -1.38 82.10
N MET V 30 -36.13 -2.24 83.00
CA MET V 30 -36.24 -1.88 84.41
C MET V 30 -35.49 -2.87 85.31
N ARG V 31 -34.52 -3.58 84.75
CA ARG V 31 -33.57 -4.31 85.57
C ARG V 31 -32.52 -3.32 86.05
N ILE V 32 -32.29 -3.28 87.35
CA ILE V 32 -31.44 -2.26 87.93
C ILE V 32 -30.00 -2.75 87.96
N TYR V 33 -29.07 -1.88 87.62
CA TYR V 33 -27.66 -2.22 87.52
C TYR V 33 -26.88 -1.29 88.45
N LYS V 34 -26.44 -1.82 89.58
CA LYS V 34 -25.58 -1.10 90.49
C LYS V 34 -24.13 -1.45 90.15
N LYS V 35 -23.22 -0.52 90.42
CA LYS V 35 -21.88 -0.63 89.86
C LYS V 35 -21.08 -1.71 90.59
N GLY V 36 -20.41 -2.55 89.81
CA GLY V 36 -19.64 -3.65 90.34
C GLY V 36 -20.29 -5.01 90.25
N ASP V 37 -21.33 -5.18 89.43
CA ASP V 37 -21.96 -6.49 89.27
C ASP V 37 -21.67 -7.06 87.88
N ILE V 38 -21.81 -8.37 87.78
CA ILE V 38 -21.36 -9.11 86.61
C ILE V 38 -22.52 -9.19 85.63
N VAL V 39 -22.30 -8.70 84.40
CA VAL V 39 -23.32 -8.68 83.37
C VAL V 39 -22.82 -9.40 82.12
N ASP V 40 -23.74 -9.96 81.36
CA ASP V 40 -23.39 -10.66 80.14
C ASP V 40 -23.81 -9.81 78.95
N ILE V 41 -22.90 -9.58 78.02
CA ILE V 41 -23.22 -8.77 76.86
C ILE V 41 -23.63 -9.60 75.65
N LYS V 42 -24.89 -9.48 75.26
CA LYS V 42 -25.40 -10.20 74.12
C LYS V 42 -25.47 -9.18 73.01
N GLY V 43 -26.51 -8.37 73.01
CA GLY V 43 -26.65 -7.37 71.99
C GLY V 43 -27.64 -7.73 70.92
N MET V 44 -28.81 -7.11 70.99
CA MET V 44 -29.85 -7.36 70.01
C MET V 44 -29.78 -6.32 68.92
N GLY V 45 -30.38 -6.64 67.78
CA GLY V 45 -30.38 -5.76 66.63
C GLY V 45 -31.56 -4.84 66.48
N THR V 46 -32.56 -4.96 67.36
CA THR V 46 -33.71 -4.06 67.30
C THR V 46 -33.32 -2.65 67.70
N VAL V 47 -32.58 -2.51 68.80
CA VAL V 47 -32.07 -1.23 69.24
C VAL V 47 -30.71 -1.02 68.58
N GLN V 48 -30.62 -0.02 67.72
CA GLN V 48 -29.37 0.24 67.00
C GLN V 48 -28.44 1.13 67.77
N LYS V 49 -28.98 1.96 68.65
CA LYS V 49 -28.14 2.83 69.45
C LYS V 49 -27.41 2.04 70.51
N GLY V 50 -26.17 2.41 70.77
CA GLY V 50 -25.40 1.90 71.89
C GLY V 50 -25.04 0.44 71.86
N MET V 51 -25.19 -0.24 70.72
CA MET V 51 -24.88 -1.65 70.67
C MET V 51 -23.37 -1.88 70.73
N PRO V 52 -22.94 -2.98 71.34
CA PRO V 52 -21.50 -3.26 71.40
C PRO V 52 -20.93 -3.73 70.07
N HIS V 53 -19.65 -4.04 70.06
CA HIS V 53 -19.00 -4.55 68.86
C HIS V 53 -19.08 -6.08 68.87
N LYS V 54 -18.85 -6.67 67.70
CA LYS V 54 -18.98 -8.11 67.51
C LYS V 54 -17.93 -8.92 68.25
N CYS V 55 -16.86 -8.30 68.74
CA CYS V 55 -15.92 -8.98 69.62
C CYS V 55 -16.36 -8.98 71.07
N TYR V 56 -17.49 -8.36 71.40
CA TYR V 56 -18.02 -8.36 72.75
C TYR V 56 -19.32 -9.14 72.88
N HIS V 57 -19.86 -9.64 71.79
CA HIS V 57 -21.08 -10.40 71.89
C HIS V 57 -20.73 -11.73 72.55
N GLY V 58 -21.39 -12.05 73.64
CA GLY V 58 -21.14 -13.31 74.31
C GLY V 58 -20.09 -13.23 75.40
N LYS V 59 -19.45 -12.08 75.53
CA LYS V 59 -18.44 -11.90 76.55
C LYS V 59 -19.08 -11.37 77.83
N THR V 60 -18.28 -11.21 78.87
CA THR V 60 -18.79 -10.96 80.21
C THR V 60 -17.84 -10.02 80.94
N GLY V 61 -18.41 -8.99 81.59
CA GLY V 61 -17.62 -8.06 82.36
C GLY V 61 -18.40 -7.54 83.54
N ARG V 62 -17.77 -6.64 84.30
CA ARG V 62 -18.42 -5.98 85.43
C ARG V 62 -18.63 -4.50 85.16
N VAL V 63 -19.61 -3.94 85.86
CA VAL V 63 -20.01 -2.55 85.67
C VAL V 63 -19.09 -1.63 86.46
N TYR V 64 -18.61 -0.56 85.80
CA TYR V 64 -17.91 0.50 86.51
C TYR V 64 -18.63 1.84 86.45
N ASN V 65 -19.67 1.97 85.63
CA ASN V 65 -20.26 3.28 85.36
C ASN V 65 -21.69 3.08 84.92
N VAL V 66 -22.62 3.79 85.57
CA VAL V 66 -24.03 3.73 85.23
C VAL V 66 -24.48 5.14 84.85
N THR V 67 -25.20 5.24 83.74
CA THR V 67 -25.68 6.50 83.18
C THR V 67 -27.20 6.44 83.07
N GLN V 68 -27.77 7.40 82.33
CA GLN V 68 -29.23 7.46 82.19
C GLN V 68 -29.76 6.27 81.41
N HIS V 69 -29.15 5.96 80.28
CA HIS V 69 -29.64 4.89 79.40
C HIS V 69 -28.67 3.74 79.27
N ALA V 70 -27.37 4.00 79.22
CA ALA V 70 -26.38 2.97 79.02
C ALA V 70 -25.68 2.61 80.32
N VAL V 71 -24.61 1.83 80.20
CA VAL V 71 -23.83 1.38 81.34
C VAL V 71 -22.40 1.20 80.86
N GLY V 72 -21.45 1.32 81.78
CA GLY V 72 -20.03 1.17 81.47
C GLY V 72 -19.49 -0.12 82.05
N ILE V 73 -18.92 -0.95 81.18
CA ILE V 73 -18.52 -2.32 81.53
C ILE V 73 -17.02 -2.49 81.25
N VAL V 74 -16.33 -3.16 82.15
CA VAL V 74 -14.93 -3.54 81.95
C VAL V 74 -14.91 -4.97 81.46
N VAL V 75 -14.58 -5.18 80.19
CA VAL V 75 -14.59 -6.49 79.55
C VAL V 75 -13.16 -6.87 79.22
N ASN V 76 -12.75 -8.09 79.57
CA ASN V 76 -11.47 -8.60 79.13
C ASN V 76 -11.55 -8.98 77.65
N LYS V 77 -10.64 -8.43 76.85
CA LYS V 77 -10.58 -8.72 75.43
C LYS V 77 -9.24 -9.37 75.13
N GLN V 78 -9.27 -10.56 74.56
CA GLN V 78 -8.04 -11.30 74.25
C GLN V 78 -7.64 -10.91 72.85
N VAL V 79 -6.80 -9.88 72.75
CA VAL V 79 -6.09 -9.58 71.51
C VAL V 79 -4.88 -10.49 71.52
N LYS V 80 -4.15 -10.53 70.40
CA LYS V 80 -3.19 -11.57 70.02
C LYS V 80 -2.26 -12.05 71.14
N GLY V 81 -1.47 -11.17 71.74
CA GLY V 81 -0.54 -11.65 72.75
C GLY V 81 -0.99 -11.47 74.18
N LYS V 82 -1.78 -10.45 74.45
CA LYS V 82 -2.11 -10.04 75.80
C LYS V 82 -3.61 -9.84 75.96
N ILE V 83 -4.09 -10.04 77.19
CA ILE V 83 -5.47 -9.76 77.54
C ILE V 83 -5.49 -8.40 78.22
N LEU V 84 -6.10 -7.42 77.57
CA LEU V 84 -6.25 -6.09 78.15
C LEU V 84 -7.72 -5.82 78.44
N ALA V 85 -7.96 -4.96 79.42
CA ALA V 85 -9.29 -4.70 79.93
C ALA V 85 -9.85 -3.47 79.25
N LYS V 86 -10.76 -3.67 78.31
CA LYS V 86 -11.40 -2.57 77.62
C LYS V 86 -12.54 -2.02 78.48
N ARG V 87 -12.89 -0.77 78.23
CA ARG V 87 -14.02 -0.12 78.92
C ARG V 87 -15.00 0.37 77.86
N ILE V 88 -16.16 -0.30 77.77
CA ILE V 88 -17.11 -0.05 76.69
C ILE V 88 -18.41 0.50 77.28
N ASN V 89 -19.08 1.32 76.48
CA ASN V 89 -20.39 1.87 76.83
C ASN V 89 -21.46 1.12 76.05
N VAL V 90 -22.38 0.50 76.76
CA VAL V 90 -23.37 -0.40 76.17
C VAL V 90 -24.73 -0.08 76.80
N ARG V 91 -25.73 0.16 75.95
CA ARG V 91 -27.07 0.40 76.46
C ARG V 91 -27.66 -0.88 77.04
N ILE V 92 -28.62 -0.70 77.95
CA ILE V 92 -29.07 -1.81 78.81
C ILE V 92 -29.97 -2.80 78.10
N GLU V 93 -30.32 -2.59 76.83
CA GLU V 93 -31.03 -3.62 76.09
C GLU V 93 -30.09 -4.75 75.70
N HIS V 94 -28.81 -4.42 75.58
CA HIS V 94 -27.78 -5.34 75.14
C HIS V 94 -27.06 -6.10 76.24
N ILE V 95 -27.59 -6.06 77.45
CA ILE V 95 -27.00 -6.76 78.58
C ILE V 95 -28.10 -7.44 79.39
N LYS V 96 -27.66 -8.29 80.30
CA LYS V 96 -28.53 -9.02 81.21
C LYS V 96 -27.69 -9.57 82.36
N HIS V 97 -28.28 -9.68 83.56
CA HIS V 97 -27.54 -10.17 84.70
C HIS V 97 -27.05 -11.60 84.46
N SER V 98 -25.84 -11.88 84.93
CA SER V 98 -25.27 -13.21 84.83
C SER V 98 -25.71 -14.03 86.04
N LYS V 99 -26.27 -15.20 85.79
CA LYS V 99 -26.68 -16.09 86.87
C LYS V 99 -25.53 -16.89 87.45
N SER V 100 -24.33 -16.78 86.85
CA SER V 100 -23.16 -17.47 87.39
C SER V 100 -22.69 -16.83 88.69
N ARG V 101 -22.82 -15.51 88.82
CA ARG V 101 -22.51 -14.86 90.08
C ARG V 101 -23.67 -14.97 91.07
N ASP V 102 -24.91 -15.00 90.56
CA ASP V 102 -26.08 -15.12 91.42
C ASP V 102 -26.09 -16.48 92.13
N SER V 103 -25.65 -17.54 91.47
CA SER V 103 -25.57 -18.84 92.12
C SER V 103 -24.44 -18.91 93.14
N PHE V 104 -23.50 -17.97 93.10
CA PHE V 104 -22.43 -17.89 94.08
C PHE V 104 -22.71 -16.91 95.21
N LEU V 105 -23.37 -15.79 94.93
CA LEU V 105 -23.67 -14.83 95.99
C LEU V 105 -24.72 -15.34 96.97
N LYS V 106 -25.51 -16.33 96.58
CA LYS V 106 -26.50 -16.91 97.48
C LYS V 106 -25.96 -18.10 98.25
N ARG V 107 -24.77 -18.62 97.90
CA ARG V 107 -24.16 -19.65 98.72
C ARG V 107 -23.07 -19.12 99.63
N VAL V 108 -22.57 -17.90 99.38
CA VAL V 108 -21.78 -17.20 100.37
C VAL V 108 -22.64 -16.87 101.58
N LYS V 109 -23.86 -16.38 101.34
CA LYS V 109 -24.81 -16.13 102.40
C LYS V 109 -25.31 -17.41 103.05
N GLU V 110 -25.21 -18.54 102.34
CA GLU V 110 -25.69 -19.82 102.85
C GLU V 110 -24.61 -20.63 103.54
N ASN V 111 -23.34 -20.49 103.12
CA ASN V 111 -22.25 -21.06 103.91
C ASN V 111 -22.07 -20.31 105.22
N ASP V 112 -22.22 -18.98 105.19
CA ASP V 112 -22.14 -18.18 106.40
C ASP V 112 -23.36 -18.35 107.30
N GLN V 113 -24.47 -18.87 106.75
CA GLN V 113 -25.64 -19.15 107.57
C GLN V 113 -25.44 -20.44 108.36
N LYS V 114 -25.01 -21.50 107.67
CA LYS V 114 -24.80 -22.79 108.33
C LYS V 114 -23.67 -22.74 109.35
N LYS V 115 -22.66 -21.90 109.10
CA LYS V 115 -21.50 -21.86 109.97
C LYS V 115 -21.80 -21.16 111.28
N LYS V 116 -22.65 -20.13 111.27
CA LYS V 116 -23.00 -19.48 112.52
C LYS V 116 -24.10 -20.20 113.29
N GLU V 117 -24.72 -21.22 112.71
CA GLU V 117 -25.63 -22.09 113.43
C GLU V 117 -25.05 -23.49 113.65
N ALA V 118 -23.77 -23.68 113.33
CA ALA V 118 -23.12 -24.97 113.54
C ALA V 118 -22.65 -25.17 114.97
N LYS V 119 -22.80 -24.17 115.84
CA LYS V 119 -22.25 -24.22 117.19
C LYS V 119 -23.27 -24.67 118.24
N GLU V 120 -24.51 -24.19 118.16
CA GLU V 120 -25.51 -24.61 119.12
C GLU V 120 -25.99 -26.04 118.85
N LYS V 121 -25.88 -26.51 117.61
CA LYS V 121 -26.06 -27.91 117.31
C LYS V 121 -24.78 -28.71 117.43
N GLY V 122 -23.62 -28.04 117.48
CA GLY V 122 -22.36 -28.71 117.73
C GLY V 122 -21.85 -29.56 116.59
N THR V 123 -22.21 -29.22 115.36
CA THR V 123 -21.82 -30.00 114.19
C THR V 123 -20.75 -29.28 113.39
N TRP V 124 -19.96 -30.06 112.65
CA TRP V 124 -18.99 -29.55 111.69
C TRP V 124 -19.52 -29.92 110.32
N VAL V 125 -20.38 -29.06 109.76
CA VAL V 125 -21.01 -29.36 108.50
C VAL V 125 -20.04 -29.06 107.35
N GLN V 126 -20.27 -29.69 106.22
CA GLN V 126 -19.40 -29.56 105.05
C GLN V 126 -19.77 -28.32 104.26
N LEU V 127 -18.77 -27.49 103.95
CA LEU V 127 -18.95 -26.23 103.25
C LEU V 127 -18.37 -26.24 101.85
N LYS V 128 -17.17 -26.81 101.68
CA LYS V 128 -16.59 -26.96 100.36
C LYS V 128 -17.38 -27.98 99.55
N ARG V 129 -17.38 -27.79 98.23
CA ARG V 129 -18.00 -28.75 97.32
C ARG V 129 -16.91 -29.65 96.74
N GLN V 130 -17.19 -30.96 96.72
CA GLN V 130 -16.21 -31.95 96.32
C GLN V 130 -16.59 -32.55 94.97
N PRO V 131 -15.62 -32.76 94.08
CA PRO V 131 -15.94 -33.04 92.66
C PRO V 131 -16.31 -34.49 92.40
N ALA V 132 -17.48 -34.90 92.90
CA ALA V 132 -18.15 -36.18 92.63
C ALA V 132 -17.27 -37.39 92.90
N PRO V 133 -17.08 -37.78 94.17
CA PRO V 133 -16.28 -38.98 94.48
C PRO V 133 -16.94 -40.23 93.92
N PRO V 134 -16.17 -41.30 93.68
CA PRO V 134 -16.74 -42.51 93.06
C PRO V 134 -17.75 -43.20 93.95
N ARG V 135 -18.59 -44.01 93.30
CA ARG V 135 -19.75 -44.60 93.95
C ARG V 135 -19.34 -45.66 94.96
N GLU V 136 -20.01 -45.66 96.10
CA GLU V 136 -19.78 -46.67 97.12
C GLU V 136 -20.42 -47.99 96.69
N ALA V 137 -20.13 -49.03 97.48
CA ALA V 137 -20.65 -50.35 97.19
C ALA V 137 -22.15 -50.43 97.46
N HIS V 138 -22.84 -51.27 96.69
CA HIS V 138 -24.26 -51.50 96.87
C HIS V 138 -24.58 -52.87 96.30
N PHE V 139 -25.77 -53.38 96.64
CA PHE V 139 -26.21 -54.69 96.16
C PHE V 139 -27.26 -54.47 95.09
N VAL V 140 -27.12 -55.18 93.98
CA VAL V 140 -28.07 -55.11 92.88
C VAL V 140 -28.98 -56.32 93.01
N ARG V 141 -30.24 -56.07 93.34
CA ARG V 141 -31.21 -57.16 93.45
C ARG V 141 -31.59 -57.66 92.06
N THR V 142 -31.62 -58.98 91.90
CA THR V 142 -32.20 -59.56 90.69
C THR V 142 -33.71 -59.66 90.78
N ASN V 143 -34.25 -59.61 92.01
CA ASN V 143 -35.67 -59.57 92.34
C ASN V 143 -36.44 -60.82 91.89
N GLY V 144 -35.74 -61.89 91.48
CA GLY V 144 -36.39 -63.11 91.10
C GLY V 144 -36.12 -63.52 89.66
N LYS V 145 -36.06 -62.54 88.77
CA LYS V 145 -36.06 -62.78 87.34
C LYS V 145 -34.65 -62.63 86.76
N GLU V 146 -34.31 -63.53 85.84
CA GLU V 146 -32.97 -63.60 85.27
C GLU V 146 -32.67 -62.38 84.42
N PRO V 147 -31.42 -61.89 84.42
CA PRO V 147 -31.02 -60.87 83.45
C PRO V 147 -31.18 -61.35 82.01
N GLU V 148 -31.83 -60.52 81.20
CA GLU V 148 -32.17 -60.90 79.84
C GLU V 148 -30.93 -60.93 78.96
N LEU V 149 -30.75 -62.03 78.24
CA LEU V 149 -29.60 -62.20 77.37
C LEU V 149 -29.74 -61.33 76.13
N LEU V 150 -28.93 -60.29 76.03
CA LEU V 150 -28.84 -59.53 74.79
C LEU V 150 -27.93 -60.25 73.81
N GLU V 151 -28.01 -59.80 72.55
CA GLU V 151 -27.39 -60.52 71.46
C GLU V 151 -27.28 -59.59 70.27
N PRO V 152 -26.14 -59.59 69.55
CA PRO V 152 -26.08 -58.82 68.30
C PRO V 152 -27.03 -59.38 67.26
N ILE V 153 -27.51 -58.50 66.39
CA ILE V 153 -28.55 -58.87 65.44
C ILE V 153 -27.92 -59.03 64.07
N PRO V 154 -28.52 -59.80 63.16
CA PRO V 154 -27.98 -59.88 61.79
C PRO V 154 -28.14 -58.58 61.04
N TYR V 155 -27.49 -58.52 59.88
CA TYR V 155 -27.49 -57.33 59.04
C TYR V 155 -28.57 -57.42 57.99
N GLU V 156 -29.47 -56.43 57.98
CA GLU V 156 -30.40 -56.21 56.90
C GLU V 156 -30.00 -54.96 56.14
N PHE V 157 -30.37 -54.91 54.86
CA PHE V 157 -30.19 -53.70 54.05
C PHE V 157 -31.59 -53.16 53.77
N MET V 158 -31.90 -52.00 54.36
CA MET V 158 -33.23 -51.44 54.26
C MET V 158 -33.21 -50.01 53.72
N ALA V 159 -32.12 -49.29 53.98
CA ALA V 159 -31.99 -47.91 53.54
C ALA V 159 -30.74 -47.72 52.68
N GLN W 1 99.58 -7.70 -47.23
CA GLN W 1 100.57 -7.32 -46.24
C GLN W 1 100.07 -7.57 -44.82
N VAL W 2 99.32 -8.67 -44.66
CA VAL W 2 98.85 -9.12 -43.36
C VAL W 2 99.55 -10.47 -43.19
N LEU W 3 100.78 -10.53 -43.67
CA LEU W 3 101.54 -11.76 -43.79
C LEU W 3 102.53 -11.93 -42.65
N LYS W 4 103.23 -13.07 -42.67
CA LYS W 4 104.40 -13.39 -41.84
C LYS W 4 104.07 -13.33 -40.35
N PHE W 5 103.24 -14.28 -39.92
CA PHE W 5 103.02 -14.50 -38.50
C PHE W 5 104.01 -15.57 -38.03
N THR W 6 105.13 -15.12 -37.48
CA THR W 6 106.25 -16.01 -37.16
C THR W 6 105.97 -16.76 -35.86
N LEU W 7 105.19 -17.84 -35.98
CA LEU W 7 105.12 -18.84 -34.93
C LEU W 7 106.47 -19.50 -34.74
N ASP W 8 106.89 -19.65 -33.49
CA ASP W 8 108.16 -20.32 -33.17
C ASP W 8 107.92 -21.44 -32.17
N CYS W 9 108.55 -22.59 -32.42
CA CYS W 9 108.50 -23.75 -31.52
C CYS W 9 109.94 -24.12 -31.16
N THR W 10 110.47 -23.45 -30.14
CA THR W 10 111.85 -23.67 -29.70
C THR W 10 111.92 -24.51 -28.43
N HIS W 11 111.27 -24.05 -27.36
CA HIS W 11 111.45 -24.69 -26.05
C HIS W 11 110.85 -26.09 -25.90
N PRO W 12 109.72 -26.47 -26.50
CA PRO W 12 109.36 -27.89 -26.47
C PRO W 12 109.97 -28.74 -27.59
N VAL W 13 110.76 -28.15 -28.48
CA VAL W 13 111.34 -28.91 -29.58
C VAL W 13 112.86 -29.04 -29.47
N GLU W 14 113.55 -28.04 -28.91
CA GLU W 14 115.00 -28.15 -28.72
C GLU W 14 115.36 -29.20 -27.66
N ASP W 15 114.49 -29.40 -26.67
CA ASP W 15 114.72 -30.50 -25.74
C ASP W 15 114.13 -31.81 -26.24
N GLY W 16 113.05 -31.74 -27.00
CA GLY W 16 112.49 -32.93 -27.62
C GLY W 16 111.41 -33.64 -26.82
N ILE W 17 110.37 -32.90 -26.42
CA ILE W 17 109.18 -33.51 -25.85
C ILE W 17 108.03 -33.56 -26.85
N MET W 18 108.11 -32.78 -27.93
CA MET W 18 107.22 -32.87 -29.08
C MET W 18 108.07 -32.86 -30.34
N ASP W 19 107.39 -32.82 -31.49
CA ASP W 19 108.06 -32.74 -32.79
C ASP W 19 107.40 -31.67 -33.64
N ALA W 20 108.22 -30.99 -34.44
CA ALA W 20 107.73 -30.00 -35.39
C ALA W 20 107.47 -30.58 -36.77
N ALA W 21 107.94 -31.80 -37.03
CA ALA W 21 107.70 -32.43 -38.33
C ALA W 21 106.25 -32.86 -38.47
N ASN W 22 105.68 -33.47 -37.43
CA ASN W 22 104.26 -33.80 -37.44
C ASN W 22 103.37 -32.63 -37.00
N PHE W 23 103.97 -31.50 -36.63
CA PHE W 23 103.23 -30.26 -36.45
C PHE W 23 103.18 -29.45 -37.73
N GLU W 24 104.20 -29.58 -38.59
CA GLU W 24 104.19 -28.91 -39.87
C GLU W 24 103.13 -29.48 -40.80
N GLN W 25 102.85 -30.79 -40.69
CA GLN W 25 101.77 -31.38 -41.45
C GLN W 25 100.40 -31.07 -40.85
N PHE W 26 100.36 -30.64 -39.59
CA PHE W 26 99.08 -30.39 -38.93
C PHE W 26 98.44 -29.10 -39.46
N LEU W 27 99.22 -28.01 -39.49
CA LEU W 27 98.76 -26.76 -40.08
C LEU W 27 98.66 -26.85 -41.59
N GLN W 28 99.40 -27.79 -42.20
CA GLN W 28 99.36 -28.00 -43.64
C GLN W 28 97.97 -28.44 -44.10
N GLU W 29 97.45 -29.50 -43.50
CA GLU W 29 96.15 -30.02 -43.88
C GLU W 29 95.02 -29.25 -43.23
N ARG W 30 95.05 -29.13 -41.90
CA ARG W 30 93.91 -28.59 -41.15
C ARG W 30 93.99 -27.07 -41.05
N ILE W 31 93.92 -26.44 -42.22
CA ILE W 31 93.82 -25.00 -42.36
C ILE W 31 92.47 -24.73 -43.03
N LYS W 32 92.02 -23.47 -42.99
CA LYS W 32 90.79 -23.09 -43.68
C LYS W 32 91.00 -21.76 -44.39
N VAL W 33 90.98 -21.79 -45.72
CA VAL W 33 90.94 -20.60 -46.54
C VAL W 33 89.59 -20.57 -47.24
N ASN W 34 88.78 -19.55 -46.90
CA ASN W 34 87.41 -19.38 -47.39
C ASN W 34 86.53 -20.60 -47.09
N GLY W 35 86.71 -21.17 -45.90
CA GLY W 35 85.85 -22.25 -45.45
C GLY W 35 86.14 -23.61 -46.05
N LYS W 36 87.21 -23.77 -46.81
CA LYS W 36 87.54 -25.02 -47.46
C LYS W 36 88.84 -25.56 -46.87
N ALA W 37 88.77 -26.75 -46.28
CA ALA W 37 89.93 -27.35 -45.65
C ALA W 37 90.85 -27.99 -46.68
N GLY W 38 92.12 -28.11 -46.30
CA GLY W 38 93.13 -28.64 -47.19
C GLY W 38 93.58 -27.64 -48.24
N ASN W 39 94.67 -28.00 -48.91
CA ASN W 39 95.25 -27.38 -50.11
C ASN W 39 95.84 -25.99 -49.84
N LEU W 40 95.73 -25.45 -48.61
CA LEU W 40 96.07 -24.07 -48.24
C LEU W 40 95.41 -23.04 -49.16
N GLY W 41 94.19 -23.34 -49.62
CA GLY W 41 93.52 -22.50 -50.60
C GLY W 41 93.94 -22.75 -52.04
N GLY W 42 95.24 -22.93 -52.25
CA GLY W 42 95.83 -23.15 -53.55
C GLY W 42 96.68 -21.96 -53.95
N GLY W 43 98.00 -22.07 -53.69
CA GLY W 43 98.95 -21.02 -54.01
C GLY W 43 98.71 -19.67 -53.37
N VAL W 44 97.95 -19.60 -52.28
CA VAL W 44 97.54 -18.33 -51.71
C VAL W 44 98.08 -18.12 -50.29
N VAL W 45 98.42 -19.18 -49.57
CA VAL W 45 99.12 -19.10 -48.29
C VAL W 45 100.10 -20.27 -48.25
N THR W 46 101.28 -20.03 -47.66
CA THR W 46 102.31 -21.05 -47.58
C THR W 46 102.70 -21.28 -46.13
N ILE W 47 103.37 -22.42 -45.89
CA ILE W 47 103.87 -22.81 -44.57
C ILE W 47 105.27 -23.36 -44.76
N GLU W 48 106.25 -22.75 -44.09
CA GLU W 48 107.63 -23.22 -44.13
C GLU W 48 108.18 -23.38 -42.72
N ARG W 49 109.47 -23.64 -42.60
CA ARG W 49 110.12 -23.62 -41.30
C ARG W 49 111.55 -23.11 -41.44
N SER W 50 111.93 -22.20 -40.55
CA SER W 50 113.32 -21.75 -40.43
C SER W 50 114.06 -22.53 -39.36
N LYS W 51 113.93 -23.86 -39.43
CA LYS W 51 114.55 -24.92 -38.64
C LYS W 51 114.00 -24.99 -37.21
N SER W 52 113.30 -23.95 -36.76
CA SER W 52 112.47 -24.06 -35.56
C SER W 52 111.18 -23.26 -35.62
N LYS W 53 111.03 -22.31 -36.53
CA LYS W 53 109.93 -21.35 -36.48
C LYS W 53 109.21 -21.32 -37.83
N ILE W 54 107.88 -21.14 -37.77
CA ILE W 54 107.01 -21.29 -38.93
C ILE W 54 106.57 -19.90 -39.38
N THR W 55 106.69 -19.63 -40.69
CA THR W 55 106.20 -18.40 -41.29
C THR W 55 105.01 -18.71 -42.18
N VAL W 56 103.90 -18.02 -41.94
CA VAL W 56 102.59 -18.35 -42.48
C VAL W 56 102.15 -17.19 -43.38
N THR W 57 103.12 -16.67 -44.15
CA THR W 57 102.90 -15.53 -45.04
C THR W 57 101.77 -15.77 -46.04
N SER W 58 101.05 -14.70 -46.36
CA SER W 58 99.84 -14.76 -47.18
C SER W 58 99.57 -13.35 -47.74
N GLU W 59 98.35 -13.16 -48.25
CA GLU W 59 97.83 -11.81 -48.48
C GLU W 59 96.36 -11.70 -48.12
N VAL W 60 95.77 -12.75 -47.58
CA VAL W 60 94.32 -12.88 -47.36
C VAL W 60 93.95 -12.32 -46.00
N PRO W 61 92.65 -12.26 -45.61
CA PRO W 61 92.32 -11.89 -44.22
C PRO W 61 92.50 -12.99 -43.17
N PHE W 62 93.35 -13.98 -43.43
CA PHE W 62 93.81 -14.96 -42.44
C PHE W 62 94.26 -14.30 -41.15
N SER W 63 93.63 -14.70 -40.05
CA SER W 63 93.90 -14.14 -38.73
C SER W 63 94.95 -14.96 -38.00
N LYS W 64 95.75 -14.26 -37.18
CA LYS W 64 96.71 -14.96 -36.33
C LYS W 64 96.06 -15.56 -35.10
N ARG W 65 94.83 -15.16 -34.78
CA ARG W 65 94.15 -15.77 -33.65
C ARG W 65 93.62 -17.16 -34.01
N TYR W 66 93.41 -17.41 -35.30
CA TYR W 66 93.16 -18.76 -35.78
C TYR W 66 94.43 -19.61 -35.79
N LEU W 67 95.60 -18.97 -35.80
CA LEU W 67 96.84 -19.73 -35.66
C LEU W 67 96.99 -20.22 -34.22
N LYS W 68 96.60 -19.39 -33.24
CA LYS W 68 96.60 -19.82 -31.85
C LYS W 68 95.53 -20.86 -31.60
N TYR W 69 94.42 -20.78 -32.34
CA TYR W 69 93.35 -21.77 -32.22
C TYR W 69 93.81 -23.15 -32.63
N LEU W 70 94.49 -23.24 -33.77
CA LEU W 70 94.91 -24.55 -34.29
C LEU W 70 96.07 -25.14 -33.52
N THR W 71 96.99 -24.31 -33.01
CA THR W 71 98.09 -24.87 -32.25
C THR W 71 97.67 -25.34 -30.87
N LYS W 72 96.54 -24.87 -30.34
CA LYS W 72 96.00 -25.45 -29.12
C LYS W 72 95.39 -26.82 -29.39
N LYS W 73 94.96 -27.08 -30.63
CA LYS W 73 94.35 -28.35 -30.97
C LYS W 73 95.41 -29.43 -31.17
N TYR W 74 96.60 -29.05 -31.63
CA TYR W 74 97.73 -29.97 -31.65
C TYR W 74 98.13 -30.37 -30.24
N LEU W 75 98.13 -29.40 -29.32
CA LEU W 75 98.47 -29.67 -27.92
C LEU W 75 97.44 -30.54 -27.23
N LYS W 76 96.16 -30.41 -27.58
CA LYS W 76 95.15 -31.23 -26.93
C LYS W 76 95.15 -32.65 -27.47
N LYS W 77 95.32 -32.79 -28.79
CA LYS W 77 95.34 -34.12 -29.41
C LYS W 77 96.56 -34.91 -28.96
N ASN W 78 97.74 -34.30 -28.99
CA ASN W 78 98.96 -34.97 -28.60
C ASN W 78 99.30 -34.81 -27.11
N ASN W 79 98.31 -34.42 -26.30
CA ASN W 79 98.36 -34.43 -24.84
C ASN W 79 99.46 -33.52 -24.29
N LEU W 80 99.46 -32.26 -24.73
CA LEU W 80 100.55 -31.35 -24.44
C LEU W 80 100.16 -30.07 -23.71
N ARG W 81 98.88 -29.68 -23.69
CA ARG W 81 98.52 -28.43 -23.02
C ARG W 81 98.20 -28.64 -21.53
N ASP W 82 99.09 -29.37 -20.87
CA ASP W 82 99.29 -29.28 -19.44
C ASP W 82 100.76 -29.05 -19.17
N TRP W 83 101.57 -28.97 -20.22
CA TRP W 83 102.97 -28.65 -20.15
C TRP W 83 103.33 -27.38 -20.91
N LEU W 84 102.46 -26.92 -21.82
CA LEU W 84 102.76 -25.82 -22.71
C LEU W 84 101.69 -24.75 -22.59
N ARG W 85 102.01 -23.56 -23.11
CA ARG W 85 101.12 -22.40 -22.98
C ARG W 85 101.44 -21.45 -24.12
N VAL W 86 100.54 -21.35 -25.09
CA VAL W 86 100.76 -20.50 -26.25
C VAL W 86 100.56 -19.05 -25.85
N VAL W 87 101.59 -18.23 -26.04
CA VAL W 87 101.55 -16.82 -25.67
C VAL W 87 102.46 -16.04 -26.61
N ALA W 88 102.14 -14.78 -26.82
CA ALA W 88 102.89 -13.98 -27.76
C ALA W 88 103.99 -13.17 -27.13
N ASN W 89 105.11 -13.11 -27.83
CA ASN W 89 106.25 -12.32 -27.38
C ASN W 89 106.22 -10.94 -28.03
N SER W 90 105.58 -10.84 -29.19
CA SER W 90 105.48 -9.56 -29.90
C SER W 90 104.38 -9.61 -30.93
N LYS W 91 104.34 -8.61 -31.79
CA LYS W 91 103.38 -8.57 -32.88
C LYS W 91 103.80 -9.67 -33.83
N GLU W 92 102.84 -10.43 -34.35
CA GLU W 92 103.19 -11.57 -35.23
C GLU W 92 104.20 -12.54 -34.61
N SER W 93 103.82 -13.13 -33.48
CA SER W 93 104.54 -14.27 -32.91
C SER W 93 103.62 -15.03 -31.96
N TYR W 94 104.03 -16.24 -31.61
CA TYR W 94 103.44 -17.03 -30.53
C TYR W 94 104.53 -17.93 -29.95
N GLU W 95 105.17 -17.48 -28.88
CA GLU W 95 106.10 -18.35 -28.16
C GLU W 95 105.36 -19.46 -27.43
N LEU W 96 106.11 -20.51 -27.09
CA LEU W 96 105.59 -21.62 -26.31
C LEU W 96 106.24 -21.62 -24.94
N ARG W 97 105.49 -22.08 -23.95
CA ARG W 97 105.92 -21.92 -22.57
C ARG W 97 105.88 -23.20 -21.77
N TYR W 98 106.07 -23.06 -20.46
CA TYR W 98 105.99 -24.15 -19.50
C TYR W 98 105.31 -23.64 -18.24
N PHE W 99 104.62 -24.53 -17.55
CA PHE W 99 104.07 -24.16 -16.26
C PHE W 99 105.11 -24.41 -15.16
N GLN W 100 104.96 -23.68 -14.06
CA GLN W 100 106.08 -23.46 -13.16
C GLN W 100 106.16 -24.57 -12.10
N ILE W 101 107.28 -24.59 -11.40
CA ILE W 101 107.55 -25.58 -10.36
C ILE W 101 107.81 -24.88 -9.04
N SER X 1 17.43 -74.11 -19.69
CA SER X 1 17.04 -72.86 -19.04
C SER X 1 18.27 -72.06 -18.62
N GLY X 2 18.11 -71.22 -17.61
CA GLY X 2 19.21 -70.42 -17.13
C GLY X 2 18.70 -69.28 -16.27
N ALA X 3 19.63 -68.38 -15.95
CA ALA X 3 19.33 -67.21 -15.15
C ALA X 3 20.39 -66.14 -15.40
N LYS X 4 19.99 -64.89 -15.27
CA LYS X 4 20.89 -63.77 -15.46
C LYS X 4 21.90 -63.68 -14.33
N PHE X 5 23.18 -63.62 -14.67
CA PHE X 5 24.24 -63.38 -13.70
C PHE X 5 24.43 -61.89 -13.49
N ARG X 6 25.10 -61.53 -12.41
CA ARG X 6 25.34 -60.14 -12.11
C ARG X 6 26.54 -59.64 -12.89
N ILE X 7 26.42 -58.45 -13.45
CA ILE X 7 27.46 -57.83 -14.26
C ILE X 7 27.82 -56.50 -13.62
N SER X 8 28.79 -55.81 -14.19
CA SER X 8 29.17 -54.51 -13.66
C SER X 8 28.09 -53.54 -14.09
N LEU X 9 27.54 -52.79 -13.14
CA LEU X 9 26.47 -51.86 -13.44
C LEU X 9 26.95 -50.65 -14.21
N GLY X 10 27.47 -49.64 -13.51
CA GLY X 10 27.97 -48.45 -14.16
C GLY X 10 27.05 -47.78 -15.18
N LEU X 11 25.93 -47.26 -14.69
CA LEU X 11 24.90 -46.53 -15.41
C LEU X 11 23.91 -46.22 -14.33
N PRO X 12 24.15 -45.13 -13.59
CA PRO X 12 23.29 -44.74 -12.47
C PRO X 12 21.93 -44.13 -12.85
N VAL X 13 21.22 -43.61 -11.85
CA VAL X 13 19.91 -43.06 -12.15
C VAL X 13 20.02 -41.83 -13.04
N GLY X 14 20.69 -40.78 -12.60
CA GLY X 14 20.80 -39.57 -13.41
C GLY X 14 21.33 -39.63 -14.85
N ALA X 15 21.55 -40.82 -15.40
CA ALA X 15 22.09 -41.01 -16.75
C ALA X 15 21.14 -40.80 -17.93
N VAL X 16 21.67 -40.21 -19.00
CA VAL X 16 20.92 -39.95 -20.22
C VAL X 16 21.57 -40.69 -21.37
N ILE X 17 20.97 -41.81 -21.74
CA ILE X 17 21.44 -42.70 -22.78
C ILE X 17 20.64 -42.43 -24.04
N ASN X 18 21.14 -42.91 -25.17
CA ASN X 18 20.45 -42.66 -26.43
C ASN X 18 19.51 -43.82 -26.78
N CYS X 19 18.46 -43.49 -27.53
CA CYS X 19 17.44 -44.46 -27.89
C CYS X 19 17.76 -44.99 -29.29
N ALA X 20 17.69 -46.32 -29.44
CA ALA X 20 18.30 -47.00 -30.57
C ALA X 20 17.28 -47.69 -31.48
N ASP X 21 16.08 -47.13 -31.60
CA ASP X 21 15.14 -47.64 -32.60
C ASP X 21 14.41 -46.51 -33.31
N ASN X 22 13.40 -46.86 -34.10
CA ASN X 22 12.69 -45.91 -34.95
C ASN X 22 11.43 -45.35 -34.30
N THR X 23 11.36 -45.33 -32.96
CA THR X 23 10.17 -44.85 -32.28
C THR X 23 10.10 -43.32 -32.22
N GLY X 24 11.13 -42.62 -32.67
CA GLY X 24 11.12 -41.17 -32.70
C GLY X 24 11.80 -40.49 -31.54
N ALA X 25 12.45 -41.24 -30.66
CA ALA X 25 13.21 -40.68 -29.56
C ALA X 25 14.70 -40.67 -29.90
N LYS X 26 15.44 -39.83 -29.20
CA LYS X 26 16.90 -39.79 -29.34
C LYS X 26 17.64 -39.82 -28.02
N ASN X 27 17.03 -39.44 -26.92
CA ASN X 27 17.59 -39.61 -25.60
C ASN X 27 16.65 -40.45 -24.75
N LEU X 28 17.23 -41.22 -23.84
CA LEU X 28 16.48 -41.86 -22.78
C LEU X 28 17.12 -41.43 -21.47
N TYR X 29 16.39 -40.67 -20.67
CA TYR X 29 16.87 -40.18 -19.38
C TYR X 29 16.37 -41.14 -18.32
N ILE X 30 17.28 -41.89 -17.72
CA ILE X 30 16.95 -42.87 -16.70
C ILE X 30 16.45 -42.15 -15.46
N ILE X 31 15.35 -42.62 -14.89
CA ILE X 31 14.87 -42.10 -13.63
C ILE X 31 14.78 -43.15 -12.54
N SER X 32 14.78 -44.44 -12.89
CA SER X 32 14.73 -45.54 -11.93
C SER X 32 15.04 -46.84 -12.63
N VAL X 33 15.36 -47.85 -11.82
CA VAL X 33 15.71 -49.19 -12.29
C VAL X 33 14.78 -50.18 -11.60
N LYS X 34 14.20 -51.10 -12.38
CA LYS X 34 13.34 -52.13 -11.82
C LYS X 34 14.13 -53.10 -10.96
N GLY X 35 13.59 -53.43 -9.79
CA GLY X 35 14.15 -54.46 -8.95
C GLY X 35 15.22 -54.00 -7.99
N ILE X 36 15.26 -52.72 -7.63
CA ILE X 36 16.28 -52.16 -6.76
C ILE X 36 15.64 -51.88 -5.41
N LYS X 37 15.98 -52.70 -4.42
CA LYS X 37 15.62 -52.36 -3.04
C LYS X 37 16.47 -51.19 -2.56
N GLY X 38 17.78 -51.34 -2.63
CA GLY X 38 18.69 -50.23 -2.45
C GLY X 38 19.27 -50.16 -1.07
N ARG X 39 19.95 -49.04 -0.84
CA ARG X 39 20.59 -48.73 0.42
C ARG X 39 20.39 -47.24 0.68
N LEU X 40 20.62 -46.81 1.91
CA LEU X 40 20.81 -45.40 2.22
C LEU X 40 21.95 -44.84 1.36
N ASN X 41 21.65 -43.74 0.68
CA ASN X 41 22.54 -42.91 -0.15
C ASN X 41 22.93 -43.54 -1.47
N ARG X 42 22.62 -44.82 -1.67
CA ARG X 42 23.09 -45.52 -2.87
C ARG X 42 22.16 -45.24 -4.04
N LEU X 43 22.73 -44.72 -5.12
CA LEU X 43 21.97 -44.56 -6.35
C LEU X 43 21.66 -45.93 -6.94
N PRO X 44 20.43 -46.15 -7.41
CA PRO X 44 20.16 -47.32 -8.23
C PRO X 44 20.92 -47.23 -9.56
N ALA X 45 21.21 -48.39 -10.13
CA ALA X 45 21.96 -48.43 -11.38
C ALA X 45 21.50 -49.62 -12.20
N ALA X 46 21.83 -49.59 -13.49
CA ALA X 46 21.42 -50.66 -14.37
C ALA X 46 22.55 -51.12 -15.26
N GLY X 47 22.54 -52.38 -15.61
CA GLY X 47 23.51 -52.94 -16.52
C GLY X 47 22.89 -53.06 -17.90
N VAL X 48 23.00 -54.24 -18.52
CA VAL X 48 22.26 -54.52 -19.73
C VAL X 48 21.28 -55.66 -19.42
N GLY X 49 20.13 -55.62 -20.08
CA GLY X 49 19.08 -56.57 -19.80
C GLY X 49 18.17 -56.22 -18.65
N ASP X 50 18.29 -55.01 -18.10
CA ASP X 50 17.50 -54.58 -16.96
C ASP X 50 16.47 -53.56 -17.43
N MET X 51 15.25 -53.69 -16.95
CA MET X 51 14.20 -52.74 -17.29
C MET X 51 14.52 -51.44 -16.58
N VAL X 52 14.16 -50.31 -17.19
CA VAL X 52 14.46 -49.02 -16.59
C VAL X 52 13.34 -48.03 -16.86
N MET X 53 12.87 -47.35 -15.82
CA MET X 53 11.85 -46.32 -16.01
C MET X 53 12.60 -45.17 -16.63
N ALA X 54 12.08 -44.59 -17.71
CA ALA X 54 12.86 -43.55 -18.35
C ALA X 54 11.94 -42.51 -18.97
N THR X 55 12.50 -41.32 -19.19
CA THR X 55 11.86 -40.23 -19.91
C THR X 55 12.77 -39.84 -21.07
N VAL X 56 12.18 -39.36 -22.15
CA VAL X 56 13.01 -38.85 -23.23
C VAL X 56 13.20 -37.36 -22.99
N LYS X 57 14.33 -36.82 -23.45
CA LYS X 57 14.61 -35.41 -23.33
C LYS X 57 14.51 -34.65 -24.64
N LYS X 58 14.85 -35.28 -25.76
CA LYS X 58 14.60 -34.69 -27.06
C LYS X 58 14.12 -35.78 -28.01
N GLY X 59 13.14 -35.44 -28.84
CA GLY X 59 12.51 -36.42 -29.69
C GLY X 59 11.14 -35.91 -30.14
N LYS X 60 10.36 -36.84 -30.66
CA LYS X 60 9.04 -36.53 -31.17
C LYS X 60 8.10 -36.18 -30.01
N PRO X 61 7.36 -35.08 -30.09
CA PRO X 61 6.73 -34.51 -28.88
C PRO X 61 5.50 -35.25 -28.35
N GLU X 62 5.19 -36.45 -28.81
CA GLU X 62 4.24 -37.30 -28.09
C GLU X 62 4.95 -38.35 -27.26
N LEU X 63 6.24 -38.13 -26.97
CA LEU X 63 7.02 -39.01 -26.12
C LEU X 63 7.66 -38.29 -24.96
N ARG X 64 7.53 -36.97 -24.87
CA ARG X 64 8.47 -36.19 -24.07
C ARG X 64 8.13 -36.22 -22.58
N LYS X 65 6.97 -35.69 -22.20
CA LYS X 65 6.64 -35.60 -20.78
C LYS X 65 5.83 -36.78 -20.30
N LYS X 66 6.32 -37.98 -20.60
CA LYS X 66 5.75 -39.24 -20.13
C LYS X 66 6.86 -40.03 -19.43
N VAL X 67 6.50 -41.19 -18.90
CA VAL X 67 7.45 -42.09 -18.26
C VAL X 67 7.32 -43.46 -18.93
N HIS X 68 8.38 -43.90 -19.59
CA HIS X 68 8.31 -45.13 -20.37
C HIS X 68 9.20 -46.22 -19.77
N PRO X 69 8.78 -47.47 -19.94
CA PRO X 69 9.58 -48.59 -19.45
C PRO X 69 10.56 -48.96 -20.56
N ALA X 70 11.85 -48.76 -20.33
CA ALA X 70 12.85 -49.05 -21.35
C ALA X 70 13.85 -50.09 -20.89
N VAL X 71 14.51 -50.72 -21.85
CA VAL X 71 15.52 -51.73 -21.55
C VAL X 71 16.87 -51.23 -22.06
N VAL X 72 17.94 -51.63 -21.40
CA VAL X 72 19.27 -51.23 -21.84
C VAL X 72 19.90 -52.36 -22.64
N ILE X 73 20.41 -52.05 -23.82
CA ILE X 73 20.95 -53.05 -24.72
C ILE X 73 22.45 -52.92 -24.93
N ARG X 74 23.05 -51.76 -24.70
CA ARG X 74 24.48 -51.56 -24.83
C ARG X 74 24.95 -50.67 -23.68
N GLN X 75 26.07 -51.03 -23.07
CA GLN X 75 26.68 -50.17 -22.06
C GLN X 75 28.16 -50.02 -22.36
N ARG X 76 28.73 -48.94 -21.81
CA ARG X 76 30.13 -48.62 -22.01
C ARG X 76 31.01 -49.15 -20.89
N LYS X 77 30.42 -49.46 -19.74
CA LYS X 77 31.19 -50.02 -18.65
C LYS X 77 31.44 -51.48 -19.00
N SER X 78 32.67 -51.95 -18.79
CA SER X 78 33.04 -53.32 -19.14
C SER X 78 32.46 -54.31 -18.14
N TYR X 79 32.01 -55.45 -18.64
CA TYR X 79 31.40 -56.47 -17.81
C TYR X 79 31.95 -57.83 -18.20
N ARG X 80 32.15 -58.68 -17.20
CA ARG X 80 32.67 -60.02 -17.41
C ARG X 80 31.55 -60.96 -17.82
N ARG X 81 31.75 -61.66 -18.95
CA ARG X 81 30.71 -62.48 -19.53
C ARG X 81 30.86 -63.95 -19.14
N LYS X 82 31.69 -64.21 -18.10
CA LYS X 82 31.89 -65.48 -17.40
C LYS X 82 32.68 -66.50 -18.23
N ASP X 83 32.92 -66.18 -19.50
CA ASP X 83 33.91 -66.90 -20.29
C ASP X 83 35.31 -66.30 -20.13
N GLY X 84 35.48 -65.38 -19.19
CA GLY X 84 36.73 -64.72 -18.92
C GLY X 84 36.92 -63.41 -19.63
N VAL X 85 36.36 -63.27 -20.83
CA VAL X 85 36.57 -62.08 -21.65
C VAL X 85 35.64 -60.97 -21.17
N PHE X 86 36.17 -59.76 -21.03
CA PHE X 86 35.27 -58.65 -20.75
C PHE X 86 34.77 -58.08 -22.08
N LEU X 87 33.74 -57.26 -21.99
CA LEU X 87 33.17 -56.67 -23.19
C LEU X 87 32.56 -55.33 -22.83
N TYR X 88 32.71 -54.36 -23.73
CA TYR X 88 32.09 -53.05 -23.56
C TYR X 88 31.84 -52.45 -24.94
N PHE X 89 30.86 -51.55 -25.01
CA PHE X 89 30.40 -50.99 -26.27
C PHE X 89 30.88 -49.54 -26.39
N GLU X 90 30.57 -48.93 -27.54
CA GLU X 90 30.98 -47.56 -27.78
C GLU X 90 30.08 -46.56 -27.06
N ASP X 91 28.77 -46.82 -27.04
CA ASP X 91 27.82 -45.91 -26.41
C ASP X 91 26.89 -46.69 -25.49
N ASN X 92 26.23 -45.94 -24.60
CA ASN X 92 25.19 -46.48 -23.73
C ASN X 92 23.86 -46.34 -24.45
N ALA X 93 23.21 -47.47 -24.77
CA ALA X 93 22.02 -47.44 -25.60
C ALA X 93 20.87 -48.18 -24.92
N GLY X 94 19.65 -47.89 -25.40
CA GLY X 94 18.45 -48.52 -24.88
C GLY X 94 17.32 -48.43 -25.87
N VAL X 95 16.28 -49.24 -25.63
CA VAL X 95 15.07 -49.24 -26.45
C VAL X 95 13.85 -49.16 -25.54
N ILE X 96 12.79 -48.54 -26.06
CA ILE X 96 11.56 -48.34 -25.28
C ILE X 96 10.70 -49.58 -25.38
N VAL X 97 10.28 -50.12 -24.23
CA VAL X 97 9.41 -51.28 -24.16
C VAL X 97 8.16 -50.93 -23.37
N ASN X 98 7.29 -51.91 -23.17
CA ASN X 98 6.17 -51.81 -22.23
C ASN X 98 6.35 -52.85 -21.12
N ASN X 99 5.33 -53.00 -20.28
CA ASN X 99 5.41 -53.90 -19.14
C ASN X 99 5.38 -55.38 -19.52
N LYS X 100 5.14 -55.71 -20.78
CA LYS X 100 5.21 -57.10 -21.23
C LYS X 100 6.39 -57.37 -22.16
N GLY X 101 7.26 -56.38 -22.38
CA GLY X 101 8.50 -56.60 -23.09
C GLY X 101 8.51 -56.20 -24.55
N GLU X 102 7.34 -55.95 -25.16
CA GLU X 102 7.31 -55.61 -26.58
C GLU X 102 7.82 -54.19 -26.80
N MET X 103 8.66 -54.04 -27.82
CA MET X 103 9.18 -52.72 -28.15
C MET X 103 8.09 -51.86 -28.79
N LYS X 104 8.21 -50.55 -28.61
CA LYS X 104 7.38 -49.64 -29.37
C LYS X 104 7.89 -49.49 -30.79
N GLY X 105 9.22 -49.49 -30.97
CA GLY X 105 9.81 -49.50 -32.29
C GLY X 105 9.79 -50.89 -32.91
N SER X 106 10.35 -50.98 -34.12
CA SER X 106 10.37 -52.22 -34.87
C SER X 106 11.75 -52.74 -35.21
N ALA X 107 12.75 -51.88 -35.32
CA ALA X 107 14.08 -52.29 -35.73
C ALA X 107 15.13 -51.53 -34.92
N ILE X 108 16.18 -52.24 -34.53
CA ILE X 108 17.19 -51.72 -33.61
C ILE X 108 18.45 -51.39 -34.39
N THR X 109 19.00 -50.19 -34.13
CA THR X 109 20.21 -49.74 -34.80
C THR X 109 21.44 -50.21 -34.03
N GLY X 110 22.34 -50.89 -34.72
CA GLY X 110 23.57 -51.34 -34.12
C GLY X 110 23.46 -52.67 -33.42
N PRO X 111 24.52 -53.09 -32.74
CA PRO X 111 24.52 -54.41 -32.10
C PRO X 111 23.76 -54.40 -30.78
N VAL X 112 23.53 -55.60 -30.27
CA VAL X 112 22.78 -55.85 -29.04
C VAL X 112 23.59 -56.83 -28.21
N ALA X 113 23.72 -56.56 -26.91
CA ALA X 113 24.43 -57.44 -26.01
C ALA X 113 23.68 -58.76 -25.83
N LYS X 114 24.44 -59.79 -25.44
CA LYS X 114 23.88 -61.12 -25.28
C LYS X 114 22.97 -61.23 -24.06
N GLU X 115 23.17 -60.37 -23.06
CA GLU X 115 22.43 -60.45 -21.80
C GLU X 115 21.04 -59.85 -21.87
N CYS X 116 20.64 -59.30 -23.00
CA CYS X 116 19.25 -58.93 -23.24
C CYS X 116 18.68 -59.62 -24.47
N ALA X 117 19.43 -60.56 -25.05
CA ALA X 117 18.88 -61.43 -26.09
C ALA X 117 18.31 -62.72 -25.52
N ASP X 118 18.78 -63.15 -24.35
CA ASP X 118 18.25 -64.32 -23.68
C ASP X 118 17.35 -63.99 -22.50
N LEU X 119 17.26 -62.73 -22.10
CA LEU X 119 16.24 -62.27 -21.17
C LEU X 119 15.02 -61.69 -21.87
N TRP X 120 15.22 -61.06 -23.03
CA TRP X 120 14.15 -60.41 -23.78
C TRP X 120 14.14 -61.04 -25.17
N PRO X 121 13.33 -62.10 -25.36
CA PRO X 121 13.41 -62.85 -26.62
C PRO X 121 12.85 -62.11 -27.81
N ARG X 122 11.89 -61.21 -27.60
CA ARG X 122 11.29 -60.50 -28.72
C ARG X 122 12.14 -59.33 -29.17
N ILE X 123 12.94 -58.75 -28.27
CA ILE X 123 13.96 -57.80 -28.67
C ILE X 123 15.04 -58.49 -29.50
N ALA X 124 15.37 -59.74 -29.17
CA ALA X 124 16.38 -60.50 -29.89
C ALA X 124 15.92 -60.88 -31.29
N SER X 125 14.62 -61.10 -31.49
CA SER X 125 14.13 -61.49 -32.80
C SER X 125 14.17 -60.33 -33.78
N ASN X 126 14.14 -59.08 -33.29
CA ASN X 126 14.20 -57.90 -34.13
C ASN X 126 15.52 -57.17 -33.98
N ALA X 127 16.62 -57.90 -33.85
CA ALA X 127 17.96 -57.34 -33.83
C ALA X 127 18.82 -58.08 -34.83
N GLY X 128 19.85 -57.40 -35.32
CA GLY X 128 20.65 -57.92 -36.41
C GLY X 128 21.90 -58.69 -36.01
N SER X 129 22.62 -58.18 -35.01
CA SER X 129 23.89 -58.76 -34.61
C SER X 129 23.96 -58.79 -33.09
N ILE X 130 24.08 -60.00 -32.54
CA ILE X 130 24.19 -60.18 -31.09
C ILE X 130 25.69 -60.21 -30.79
N ALA X 131 26.24 -59.03 -30.53
CA ALA X 131 27.67 -58.90 -30.26
C ALA X 131 27.92 -58.31 -28.88
N MET Y 1 36.97 -73.15 -25.89
CA MET Y 1 38.26 -72.49 -25.74
C MET Y 1 38.90 -72.32 -27.11
N LYS Y 2 38.69 -71.14 -27.70
CA LYS Y 2 39.34 -70.75 -28.93
C LYS Y 2 40.40 -69.69 -28.61
N VAL Y 3 41.53 -69.77 -29.29
CA VAL Y 3 42.59 -68.78 -29.13
C VAL Y 3 42.36 -67.70 -30.20
N GLU Y 4 42.02 -66.49 -29.75
CA GLU Y 4 41.69 -65.42 -30.67
C GLU Y 4 42.94 -64.60 -31.01
N LEU Y 5 42.79 -63.74 -32.01
CA LEU Y 5 43.87 -62.90 -32.50
C LEU Y 5 43.60 -61.46 -32.10
N CYS Y 6 44.64 -60.76 -31.66
CA CYS Y 6 44.50 -59.36 -31.28
C CYS Y 6 44.26 -58.50 -32.52
N SER Y 7 43.27 -57.61 -32.44
CA SER Y 7 42.87 -56.82 -33.60
C SER Y 7 43.82 -55.69 -33.92
N PHE Y 8 44.80 -55.42 -33.06
CA PHE Y 8 45.78 -54.38 -33.31
C PHE Y 8 47.19 -54.94 -33.52
N SER Y 9 47.67 -55.73 -32.57
CA SER Y 9 49.03 -56.25 -32.61
C SER Y 9 49.15 -57.62 -33.25
N GLY Y 10 48.04 -58.26 -33.59
CA GLY Y 10 48.08 -59.59 -34.18
C GLY Y 10 48.60 -60.67 -33.27
N TYR Y 11 48.40 -60.48 -31.97
CA TYR Y 11 48.89 -61.42 -30.99
C TYR Y 11 48.16 -62.73 -30.81
N LYS Y 12 48.28 -63.28 -29.62
CA LYS Y 12 47.77 -64.63 -29.46
C LYS Y 12 47.03 -64.70 -28.11
N ILE Y 13 46.01 -63.84 -27.97
CA ILE Y 13 45.18 -63.76 -26.76
C ILE Y 13 44.61 -65.12 -26.39
N TYR Y 14 44.77 -65.50 -25.10
CA TYR Y 14 44.37 -66.65 -24.30
C TYR Y 14 43.10 -66.34 -23.53
N PRO Y 15 42.23 -67.34 -23.22
CA PRO Y 15 40.85 -67.04 -22.82
C PRO Y 15 40.62 -66.33 -21.49
N GLY Y 16 41.67 -65.92 -20.79
CA GLY Y 16 41.46 -65.17 -19.57
C GLY Y 16 41.92 -63.73 -19.65
N HIS Y 17 42.60 -63.34 -20.73
CA HIS Y 17 43.12 -61.98 -20.84
C HIS Y 17 42.47 -61.05 -21.86
N GLY Y 18 42.62 -59.76 -21.63
CA GLY Y 18 42.11 -58.73 -22.52
C GLY Y 18 40.64 -58.40 -22.42
N ARG Y 19 40.16 -57.54 -23.32
CA ARG Y 19 38.76 -57.16 -23.34
C ARG Y 19 38.27 -56.87 -24.75
N ARG Y 20 37.03 -57.24 -25.05
CA ARG Y 20 36.45 -57.01 -26.37
C ARG Y 20 35.84 -55.62 -26.46
N TYR Y 21 35.74 -55.11 -27.68
CA TYR Y 21 35.20 -53.78 -27.94
C TYR Y 21 34.28 -53.87 -29.16
N ALA Y 22 32.98 -54.01 -28.91
CA ALA Y 22 31.98 -54.05 -29.96
C ALA Y 22 31.61 -52.62 -30.33
N ARG Y 23 32.30 -52.08 -31.32
CA ARG Y 23 31.94 -50.78 -31.88
C ARG Y 23 30.60 -50.90 -32.60
N THR Y 24 29.85 -49.80 -32.65
CA THR Y 24 28.45 -49.85 -33.08
C THR Y 24 28.29 -49.92 -34.59
N ASP Y 25 28.96 -50.90 -35.22
CA ASP Y 25 28.83 -51.20 -36.63
C ASP Y 25 28.70 -52.69 -36.90
N GLY Y 26 28.80 -53.53 -35.88
CA GLY Y 26 28.85 -54.96 -36.05
C GLY Y 26 30.23 -55.56 -35.93
N LYS Y 27 31.27 -54.72 -35.90
CA LYS Y 27 32.65 -55.18 -35.84
C LYS Y 27 33.13 -55.19 -34.39
N VAL Y 28 33.50 -56.36 -33.90
CA VAL Y 28 34.12 -56.48 -32.59
C VAL Y 28 35.63 -56.48 -32.77
N PHE Y 29 36.34 -56.19 -31.68
CA PHE Y 29 37.80 -56.11 -31.70
C PHE Y 29 38.33 -56.68 -30.41
N GLN Y 30 39.05 -57.80 -30.48
CA GLN Y 30 39.78 -58.28 -29.32
C GLN Y 30 41.02 -57.42 -29.10
N PHE Y 31 41.39 -57.27 -27.83
CA PHE Y 31 42.60 -56.54 -27.48
C PHE Y 31 43.35 -57.30 -26.40
N LEU Y 32 44.67 -57.36 -26.54
CA LEU Y 32 45.50 -58.07 -25.58
C LEU Y 32 45.55 -57.33 -24.26
N ASN Y 33 45.95 -56.06 -24.30
CA ASN Y 33 46.12 -55.25 -23.10
C ASN Y 33 45.78 -53.81 -23.43
N ALA Y 34 45.93 -52.93 -22.44
CA ALA Y 34 45.54 -51.54 -22.61
C ALA Y 34 46.55 -50.73 -23.41
N LYS Y 35 47.74 -51.27 -23.69
CA LYS Y 35 48.64 -50.62 -24.63
C LYS Y 35 48.11 -50.75 -26.06
N CYS Y 36 47.42 -51.85 -26.36
CA CYS Y 36 46.86 -52.04 -27.69
C CYS Y 36 45.59 -51.22 -27.88
N GLU Y 37 44.66 -51.29 -26.94
CA GLU Y 37 43.36 -50.64 -27.11
C GLU Y 37 43.40 -49.14 -26.85
N SER Y 38 44.51 -48.59 -26.39
CA SER Y 38 44.65 -47.15 -26.37
C SER Y 38 45.28 -46.61 -27.64
N ALA Y 39 45.96 -47.47 -28.40
CA ALA Y 39 46.44 -47.14 -29.72
C ALA Y 39 45.42 -47.47 -30.81
N PHE Y 40 44.29 -48.07 -30.43
CA PHE Y 40 43.16 -48.24 -31.34
C PHE Y 40 42.14 -47.14 -31.18
N LEU Y 41 41.99 -46.60 -29.97
CA LEU Y 41 41.10 -45.46 -29.76
C LEU Y 41 41.75 -44.14 -30.11
N SER Y 42 43.07 -44.11 -30.18
CA SER Y 42 43.81 -43.00 -30.79
C SER Y 42 44.01 -43.21 -32.28
N LYS Y 43 43.24 -44.13 -32.89
CA LYS Y 43 43.00 -44.34 -34.31
C LYS Y 43 44.28 -44.43 -35.16
N ARG Y 44 45.42 -44.79 -34.56
CA ARG Y 44 46.65 -44.84 -35.32
C ARG Y 44 46.85 -46.23 -35.93
N ASN Y 45 47.63 -46.25 -37.01
CA ASN Y 45 47.78 -47.42 -37.86
C ASN Y 45 48.84 -48.35 -37.28
N PRO Y 46 48.55 -49.65 -37.14
CA PRO Y 46 49.59 -50.59 -36.68
C PRO Y 46 50.66 -50.92 -37.72
N ARG Y 47 50.63 -50.33 -38.91
CA ARG Y 47 51.72 -50.47 -39.86
C ARG Y 47 52.86 -49.51 -39.60
N GLN Y 48 52.68 -48.53 -38.72
CA GLN Y 48 53.75 -47.64 -38.31
C GLN Y 48 54.21 -47.91 -36.88
N ILE Y 49 53.58 -48.84 -36.18
CA ILE Y 49 53.92 -49.15 -34.80
C ILE Y 49 54.91 -50.31 -34.81
N ASN Y 50 56.09 -50.08 -34.25
CA ASN Y 50 57.28 -50.84 -34.59
C ASN Y 50 57.29 -52.25 -33.99
N TRP Y 51 56.49 -52.50 -32.96
CA TRP Y 51 56.51 -53.78 -32.25
C TRP Y 51 55.38 -54.71 -32.64
N THR Y 52 54.50 -54.31 -33.56
CA THR Y 52 53.38 -55.16 -33.93
C THR Y 52 53.80 -56.23 -34.92
N VAL Y 53 52.92 -57.20 -35.10
CA VAL Y 53 53.12 -58.29 -36.05
C VAL Y 53 52.77 -57.80 -37.45
N LEU Y 54 51.93 -56.78 -37.54
CA LEU Y 54 51.54 -56.23 -38.82
C LEU Y 54 52.58 -55.26 -39.37
N TYR Y 55 53.44 -54.71 -38.51
CA TYR Y 55 54.64 -54.01 -38.98
C TYR Y 55 55.64 -54.99 -39.56
N ARG Y 56 55.94 -56.06 -38.81
CA ARG Y 56 57.02 -56.99 -39.13
C ARG Y 56 56.73 -57.88 -40.33
N ARG Y 57 55.54 -57.78 -40.93
CA ARG Y 57 55.29 -58.39 -42.22
C ARG Y 57 55.24 -57.35 -43.35
N LYS Y 58 55.12 -56.07 -43.01
CA LYS Y 58 55.24 -55.02 -44.01
C LYS Y 58 56.68 -54.87 -44.47
N HIS Y 59 57.61 -54.89 -43.53
CA HIS Y 59 59.04 -54.78 -43.83
C HIS Y 59 59.75 -56.13 -43.79
N LYS Y 60 59.01 -57.20 -43.44
CA LYS Y 60 59.47 -58.59 -43.51
C LYS Y 60 60.68 -58.83 -42.60
N LYS Y 61 60.51 -58.48 -41.33
CA LYS Y 61 61.53 -58.74 -40.31
C LYS Y 61 61.51 -60.16 -39.78
N GLY Y 62 60.57 -61.00 -40.24
CA GLY Y 62 60.43 -62.35 -39.73
C GLY Y 62 61.47 -63.32 -40.26
N GLN Y 63 61.08 -64.58 -40.35
CA GLN Y 63 61.99 -65.64 -40.77
C GLN Y 63 61.49 -66.43 -41.96
N SER Y 64 60.33 -66.07 -42.53
CA SER Y 64 59.86 -66.67 -43.78
C SER Y 64 60.57 -65.97 -44.93
N GLU Y 65 61.84 -66.32 -45.10
CA GLU Y 65 62.75 -65.63 -46.01
C GLU Y 65 63.53 -66.66 -46.81
N GLU Y 66 63.44 -66.56 -48.15
CA GLU Y 66 64.16 -67.39 -49.12
C GLU Y 66 63.81 -68.87 -48.93
N ILE Y 67 62.51 -69.16 -49.03
CA ILE Y 67 61.98 -70.51 -48.87
C ILE Y 67 61.12 -70.93 -50.06
N GLN Y 68 60.10 -70.12 -50.37
CA GLN Y 68 59.02 -70.57 -51.25
C GLN Y 68 59.37 -70.46 -52.73
N LYS Y 69 59.66 -69.25 -53.20
CA LYS Y 69 59.71 -68.95 -54.64
C LYS Y 69 61.03 -69.33 -55.31
N LYS Y 70 61.82 -70.22 -54.70
CA LYS Y 70 63.07 -70.66 -55.32
C LYS Y 70 62.86 -71.64 -56.46
N ARG Y 71 61.67 -72.23 -56.58
CA ARG Y 71 61.40 -73.28 -57.56
C ARG Y 71 60.14 -72.97 -58.34
N THR Y 72 60.23 -72.99 -59.67
CA THR Y 72 59.11 -72.79 -60.58
C THR Y 72 59.12 -73.92 -61.60
N ARG Y 73 58.02 -74.66 -61.70
CA ARG Y 73 57.93 -75.83 -62.56
C ARG Y 73 56.82 -75.66 -63.60
N ARG Y 74 56.94 -76.45 -64.67
CA ARG Y 74 55.97 -76.41 -65.76
C ARG Y 74 56.07 -77.72 -66.53
N ALA Y 75 54.91 -78.35 -66.80
CA ALA Y 75 54.84 -79.61 -67.51
C ALA Y 75 53.69 -79.56 -68.51
N VAL Y 76 53.80 -80.36 -69.57
CA VAL Y 76 52.92 -80.25 -70.73
C VAL Y 76 53.02 -81.54 -71.54
N LYS Y 77 52.03 -81.75 -72.43
CA LYS Y 77 52.09 -82.68 -73.56
C LYS Y 77 52.23 -84.14 -73.09
N PHE Y 78 51.15 -84.63 -72.48
CA PHE Y 78 51.12 -86.00 -71.99
C PHE Y 78 50.92 -87.04 -73.09
N GLN Y 79 50.45 -86.63 -74.27
CA GLN Y 79 50.24 -87.49 -75.45
C GLN Y 79 49.28 -88.65 -75.14
N ARG Y 80 48.03 -88.26 -74.91
CA ARG Y 80 46.97 -89.18 -74.53
C ARG Y 80 46.14 -89.59 -75.76
N ALA Y 81 45.08 -90.36 -75.51
CA ALA Y 81 44.29 -90.98 -76.55
C ALA Y 81 43.41 -89.95 -77.26
N ILE Y 82 42.67 -90.41 -78.27
CA ILE Y 82 41.78 -89.55 -79.06
C ILE Y 82 40.68 -90.37 -79.72
N THR Y 83 39.44 -89.88 -79.68
CA THR Y 83 38.27 -90.61 -80.17
C THR Y 83 38.39 -90.82 -81.68
N GLY Y 84 38.55 -92.07 -82.10
CA GLY Y 84 38.75 -92.38 -83.49
C GLY Y 84 39.99 -93.23 -83.69
N ALA Y 85 41.02 -92.98 -82.89
CA ALA Y 85 42.24 -93.76 -82.89
C ALA Y 85 42.44 -94.38 -81.50
N SER Y 86 43.61 -94.95 -81.28
CA SER Y 86 44.00 -95.48 -79.98
C SER Y 86 45.21 -94.71 -79.47
N LEU Y 87 45.74 -95.16 -78.33
CA LEU Y 87 46.92 -94.52 -77.77
C LEU Y 87 48.15 -94.78 -78.62
N ALA Y 88 48.18 -95.90 -79.33
CA ALA Y 88 49.31 -96.29 -80.17
C ALA Y 88 48.93 -96.43 -81.64
N ASP Y 89 47.85 -95.78 -82.07
CA ASP Y 89 47.49 -95.73 -83.48
C ASP Y 89 48.12 -94.53 -84.16
N ILE Y 90 48.08 -93.37 -83.51
CA ILE Y 90 48.73 -92.18 -84.05
C ILE Y 90 50.24 -92.29 -83.91
N MET Y 91 50.73 -93.10 -82.96
CA MET Y 91 52.16 -93.35 -82.84
C MET Y 91 52.67 -94.12 -84.04
N ALA Y 92 51.90 -95.08 -84.54
CA ALA Y 92 52.17 -95.68 -85.85
C ALA Y 92 51.40 -94.96 -86.95
N LYS Y 93 51.47 -93.63 -86.94
CA LYS Y 93 50.98 -92.79 -88.01
C LYS Y 93 51.92 -91.62 -88.27
N ARG Y 94 52.82 -91.32 -87.35
CA ARG Y 94 53.77 -90.23 -87.49
C ARG Y 94 55.22 -90.72 -87.49
N ASN Y 95 55.45 -92.02 -87.56
CA ASN Y 95 56.78 -92.59 -87.44
C ASN Y 95 57.37 -93.05 -88.77
N GLN Y 96 56.64 -92.91 -89.87
CA GLN Y 96 57.06 -93.45 -91.17
C GLN Y 96 57.92 -92.45 -91.97
N LYS Y 97 58.92 -91.88 -91.31
CA LYS Y 97 59.69 -90.82 -91.96
C LYS Y 97 60.74 -91.35 -92.95
N PRO Y 98 61.69 -92.28 -92.61
CA PRO Y 98 62.68 -92.65 -93.64
C PRO Y 98 62.15 -93.62 -94.69
N GLU Y 99 61.79 -93.07 -95.85
CA GLU Y 99 61.44 -93.83 -97.07
C GLU Y 99 60.29 -94.82 -96.87
N VAL Y 100 59.39 -94.55 -95.94
CA VAL Y 100 58.21 -95.38 -95.73
C VAL Y 100 56.95 -94.68 -96.22
N ARG Y 101 56.81 -93.38 -95.94
CA ARG Y 101 55.70 -92.59 -96.46
C ARG Y 101 55.87 -92.20 -97.92
N LYS Y 102 56.92 -92.68 -98.59
CA LYS Y 102 57.14 -92.34 -100.00
C LYS Y 102 56.18 -93.06 -100.95
N ALA Y 103 55.51 -94.11 -100.48
CA ALA Y 103 54.55 -94.82 -101.32
C ALA Y 103 53.32 -93.96 -101.57
N GLN Y 104 52.68 -93.48 -100.50
CA GLN Y 104 51.55 -92.58 -100.60
C GLN Y 104 51.97 -91.11 -100.78
N ARG Y 105 53.25 -90.85 -101.06
CA ARG Y 105 53.72 -89.48 -101.25
C ARG Y 105 53.30 -88.94 -102.61
N GLU Y 106 53.78 -89.57 -103.69
CA GLU Y 106 53.48 -89.12 -105.04
C GLU Y 106 52.42 -89.98 -105.72
N GLN Y 107 51.71 -90.81 -104.94
CA GLN Y 107 50.62 -91.59 -105.51
C GLN Y 107 49.37 -90.74 -105.73
N ALA Y 108 49.17 -89.74 -104.88
CA ALA Y 108 48.02 -88.85 -105.04
C ALA Y 108 48.27 -87.71 -106.02
N ILE Y 109 49.54 -87.38 -106.28
CA ILE Y 109 49.82 -86.33 -107.25
C ILE Y 109 49.73 -86.87 -108.68
N ARG Y 110 49.84 -88.20 -108.85
CA ARG Y 110 49.56 -88.79 -110.15
C ARG Y 110 48.07 -88.71 -110.48
N ALA Y 111 47.21 -88.97 -109.49
CA ALA Y 111 45.78 -88.81 -109.69
C ALA Y 111 45.38 -87.34 -109.78
N ALA Y 112 46.19 -86.45 -109.21
CA ALA Y 112 45.90 -85.02 -109.28
C ALA Y 112 46.12 -84.48 -110.69
N LYS Y 113 47.17 -84.94 -111.38
CA LYS Y 113 47.35 -84.57 -112.77
C LYS Y 113 46.33 -85.29 -113.66
N GLU Y 114 45.98 -86.53 -113.31
CA GLU Y 114 44.95 -87.27 -114.04
C GLU Y 114 43.54 -86.83 -113.67
N ALA Y 115 43.38 -85.96 -112.67
CA ALA Y 115 42.10 -85.29 -112.46
C ALA Y 115 41.84 -84.20 -113.48
N LYS Y 116 42.90 -83.69 -114.11
CA LYS Y 116 42.77 -82.75 -115.23
C LYS Y 116 42.77 -83.44 -116.58
N LYS Y 117 42.80 -84.77 -116.62
CA LYS Y 117 42.70 -85.49 -117.88
C LYS Y 117 41.31 -85.34 -118.49
N ALA Y 118 40.28 -85.32 -117.65
CA ALA Y 118 38.94 -84.97 -118.12
C ALA Y 118 38.85 -83.51 -118.51
N LYS Y 119 39.68 -82.66 -117.91
CA LYS Y 119 39.76 -81.25 -118.25
C LYS Y 119 40.67 -80.97 -119.44
N GLN Y 120 41.10 -82.01 -120.16
CA GLN Y 120 41.85 -81.87 -121.40
C GLN Y 120 41.13 -82.65 -122.49
N ALA Y 121 39.82 -82.89 -122.29
CA ALA Y 121 38.97 -83.51 -123.29
C ALA Y 121 37.58 -82.90 -123.35
N SER Y 122 37.31 -81.82 -122.62
CA SER Y 122 35.97 -81.27 -122.57
C SER Y 122 35.61 -80.53 -123.85
N LYS Y 123 36.59 -79.86 -124.47
CA LYS Y 123 36.40 -79.24 -125.77
C LYS Y 123 36.86 -80.12 -126.92
N LYS Y 124 37.87 -80.95 -126.71
CA LYS Y 124 38.39 -81.82 -127.75
C LYS Y 124 37.92 -83.27 -127.54
N LYS Z 1 53.39 77.75 4.46
CA LYS Z 1 54.28 78.72 3.83
C LYS Z 1 55.27 79.28 4.85
N LYS Z 2 56.58 79.19 4.57
CA LYS Z 2 57.13 78.60 3.35
C LYS Z 2 57.36 77.10 3.51
N LYS Z 3 56.95 76.58 4.67
CA LYS Z 3 56.87 75.14 4.86
C LYS Z 3 55.73 74.58 4.01
N ILE Z 4 55.93 73.38 3.48
CA ILE Z 4 55.00 72.81 2.51
C ILE Z 4 54.98 71.29 2.69
N ARG Z 5 53.78 70.73 2.71
CA ARG Z 5 53.58 69.30 2.89
C ARG Z 5 53.33 68.69 1.52
N THR Z 6 54.39 68.26 0.85
CA THR Z 6 54.27 67.63 -0.46
C THR Z 6 54.19 66.11 -0.35
N SER Z 7 53.32 65.64 0.55
CA SER Z 7 53.02 64.22 0.77
C SER Z 7 51.78 64.15 1.64
N PRO Z 8 50.90 63.17 1.44
CA PRO Z 8 49.71 63.05 2.29
C PRO Z 8 49.97 62.39 3.64
N THR Z 9 51.21 62.06 3.96
CA THR Z 9 51.52 61.26 5.14
C THR Z 9 52.33 62.09 6.12
N PHE Z 10 51.94 62.05 7.39
CA PHE Z 10 52.76 62.58 8.47
C PHE Z 10 53.71 61.48 8.91
N ARG Z 11 54.99 61.67 8.66
CA ARG Z 11 56.02 60.77 9.16
C ARG Z 11 56.60 61.34 10.44
N ARG Z 12 57.04 60.46 11.33
CA ARG Z 12 57.67 60.90 12.56
C ARG Z 12 59.03 61.50 12.24
N PRO Z 13 59.30 62.74 12.65
CA PRO Z 13 60.59 63.35 12.34
C PRO Z 13 61.71 62.73 13.18
N LYS Z 14 62.91 62.74 12.61
CA LYS Z 14 64.03 62.14 13.31
C LYS Z 14 64.61 63.12 14.31
N THR Z 15 65.00 62.61 15.47
CA THR Z 15 65.47 63.43 16.56
C THR Z 15 66.93 63.10 16.84
N LEU Z 16 67.48 63.71 17.89
CA LEU Z 16 68.89 63.57 18.20
C LEU Z 16 69.08 62.35 19.09
N ARG Z 17 69.57 61.26 18.51
CA ARG Z 17 69.97 60.09 19.25
C ARG Z 17 71.47 60.18 19.52
N LEU Z 18 71.84 60.16 20.79
CA LEU Z 18 73.23 60.34 21.19
C LEU Z 18 73.72 59.09 21.90
N ARG Z 19 75.03 58.85 21.81
CA ARG Z 19 75.64 57.66 22.35
C ARG Z 19 75.66 57.71 23.87
N ARG Z 20 75.80 56.54 24.49
CA ARG Z 20 75.89 56.46 25.93
C ARG Z 20 77.20 57.01 26.44
N GLN Z 21 77.16 57.54 27.65
CA GLN Z 21 78.36 57.88 28.41
C GLN Z 21 78.08 57.68 29.89
N PRO Z 22 78.20 56.45 30.38
CA PRO Z 22 77.73 56.12 31.73
C PRO Z 22 78.66 56.68 32.80
N LYS Z 23 78.07 56.87 33.98
CA LYS Z 23 78.82 57.34 35.14
C LYS Z 23 79.71 56.26 35.73
N TYR Z 24 79.52 55.00 35.37
CA TYR Z 24 80.29 53.90 35.92
C TYR Z 24 80.18 52.71 34.97
N PRO Z 25 81.23 51.91 34.84
CA PRO Z 25 81.09 50.66 34.08
C PRO Z 25 80.23 49.66 34.84
N ARG Z 26 79.41 48.92 34.09
CA ARG Z 26 78.52 47.94 34.71
C ARG Z 26 79.28 46.75 35.23
N LYS Z 27 80.37 46.38 34.57
CA LYS Z 27 81.27 45.34 35.06
C LYS Z 27 82.62 45.98 35.34
N SER Z 28 83.27 45.54 36.42
CA SER Z 28 84.45 46.24 36.93
C SER Z 28 85.65 46.05 36.00
N ALA Z 29 85.84 44.84 35.50
CA ALA Z 29 86.94 44.54 34.61
C ALA Z 29 86.43 43.77 33.41
N PRO Z 30 87.11 43.86 32.26
CA PRO Z 30 86.80 42.95 31.16
C PRO Z 30 87.12 41.52 31.55
N ARG Z 31 86.23 40.60 31.17
CA ARG Z 31 86.38 39.21 31.57
C ARG Z 31 87.56 38.57 30.85
N ARG Z 32 88.25 37.69 31.55
CA ARG Z 32 89.50 37.12 31.07
C ARG Z 32 89.24 36.18 29.91
N ASN Z 33 90.13 36.18 28.93
CA ASN Z 33 90.03 35.28 27.79
C ASN Z 33 90.31 33.87 28.27
N LYS Z 34 89.26 33.17 28.66
CA LYS Z 34 89.40 31.85 29.28
C LYS Z 34 89.61 30.75 28.26
N LEU Z 35 89.31 31.02 26.99
CA LEU Z 35 89.70 30.13 25.89
C LEU Z 35 90.92 30.75 25.22
N ASP Z 36 92.07 30.55 25.85
CA ASP Z 36 93.34 31.05 25.35
C ASP Z 36 94.04 29.95 24.54
N HIS Z 37 95.31 30.19 24.19
CA HIS Z 37 96.06 29.26 23.36
C HIS Z 37 96.28 27.91 24.01
N TYR Z 38 96.42 27.87 25.34
CA TYR Z 38 96.61 26.61 26.02
C TYR Z 38 95.30 25.88 26.27
N ALA Z 39 94.16 26.57 26.13
CA ALA Z 39 92.87 25.92 26.24
C ALA Z 39 92.33 25.45 24.91
N ILE Z 40 92.92 25.88 23.79
CA ILE Z 40 92.56 25.31 22.50
C ILE Z 40 93.03 23.87 22.41
N ILE Z 41 94.34 23.66 22.47
CA ILE Z 41 94.93 22.35 22.29
C ILE Z 41 94.98 21.63 23.63
N LYS Z 42 94.29 20.49 23.72
CA LYS Z 42 94.27 19.73 24.96
C LYS Z 42 95.35 18.66 24.97
N PHE Z 43 95.31 17.73 24.02
CA PHE Z 43 96.31 16.68 23.92
C PHE Z 43 96.33 16.15 22.50
N PRO Z 44 97.48 15.71 22.00
CA PRO Z 44 97.53 15.13 20.66
C PRO Z 44 96.97 13.71 20.65
N LEU Z 45 96.85 13.17 19.45
CA LEU Z 45 96.47 11.78 19.25
C LEU Z 45 97.69 10.97 18.83
N THR Z 46 97.88 9.82 19.49
CA THR Z 46 99.00 8.92 19.21
C THR Z 46 98.50 7.56 18.76
N THR Z 47 97.38 7.53 18.05
CA THR Z 47 96.81 6.26 17.63
C THR Z 47 97.55 5.72 16.41
N GLU Z 48 97.22 4.49 16.03
CA GLU Z 48 97.89 3.84 14.93
C GLU Z 48 97.51 4.45 13.58
N SER Z 49 96.37 5.13 13.49
CA SER Z 49 95.98 5.86 12.28
C SER Z 49 96.36 7.33 12.35
N ALA Z 50 96.82 7.79 13.50
CA ALA Z 50 97.35 9.15 13.62
C ALA Z 50 98.82 9.21 13.27
N MET Z 51 99.59 8.20 13.68
CA MET Z 51 101.00 8.12 13.28
C MET Z 51 101.15 7.77 11.81
N LYS Z 52 100.10 7.19 11.23
CA LYS Z 52 100.10 6.82 9.82
C LYS Z 52 99.83 8.03 8.95
N LYS Z 53 99.28 9.07 9.55
CA LYS Z 53 99.01 10.31 8.85
C LYS Z 53 100.10 11.35 9.09
N ILE Z 54 100.89 11.22 10.15
CA ILE Z 54 102.05 12.07 10.35
C ILE Z 54 103.12 11.76 9.32
N GLU Z 55 103.28 10.48 8.97
CA GLU Z 55 104.32 10.07 8.04
C GLU Z 55 103.96 10.47 6.61
N ASP Z 56 102.87 9.91 6.09
CA ASP Z 56 102.57 9.99 4.67
C ASP Z 56 101.93 11.31 4.26
N ASN Z 57 101.28 12.02 5.18
CA ASN Z 57 100.42 13.11 4.80
C ASN Z 57 100.89 14.47 5.30
N ASN Z 58 101.96 14.51 6.11
CA ASN Z 58 102.62 15.74 6.58
C ASN Z 58 101.65 16.64 7.33
N THR Z 59 101.16 16.12 8.46
CA THR Z 59 100.12 16.79 9.23
C THR Z 59 100.14 16.29 10.66
N LEU Z 60 99.87 17.20 11.59
CA LEU Z 60 99.65 16.86 12.99
C LEU Z 60 98.16 16.70 13.25
N VAL Z 61 97.85 16.08 14.38
CA VAL Z 61 96.46 15.84 14.77
C VAL Z 61 96.35 16.00 16.28
N PHE Z 62 95.47 16.91 16.70
CA PHE Z 62 95.27 17.25 18.10
C PHE Z 62 93.81 17.03 18.46
N ILE Z 63 93.55 17.07 19.76
CA ILE Z 63 92.19 17.12 20.29
C ILE Z 63 91.98 18.53 20.79
N VAL Z 64 91.10 19.28 20.15
CA VAL Z 64 90.88 20.66 20.48
C VAL Z 64 89.56 20.81 21.23
N ASP Z 65 89.33 22.00 21.77
CA ASP Z 65 88.08 22.29 22.45
C ASP Z 65 86.95 22.38 21.42
N VAL Z 66 85.73 22.13 21.90
CA VAL Z 66 84.56 22.11 21.02
C VAL Z 66 84.17 23.53 20.59
N LYS Z 67 84.61 24.54 21.34
CA LYS Z 67 84.23 25.92 21.10
C LYS Z 67 85.09 26.60 20.04
N ALA Z 68 86.23 26.01 19.69
CA ALA Z 68 87.21 26.64 18.81
C ALA Z 68 86.87 26.41 17.34
N ASN Z 69 87.23 27.38 16.51
CA ASN Z 69 87.07 27.29 15.06
C ASN Z 69 88.44 27.08 14.39
N LYS Z 70 88.41 26.93 13.07
CA LYS Z 70 89.61 26.63 12.28
C LYS Z 70 90.61 27.78 12.24
N HIS Z 71 90.22 28.98 12.66
CA HIS Z 71 91.12 30.11 12.71
C HIS Z 71 91.89 30.19 14.02
N GLN Z 72 91.23 29.85 15.14
CA GLN Z 72 91.90 29.82 16.42
C GLN Z 72 92.87 28.64 16.53
N ILE Z 73 92.55 27.53 15.88
CA ILE Z 73 93.43 26.37 15.88
C ILE Z 73 94.68 26.65 15.06
N LYS Z 74 94.52 27.35 13.93
CA LYS Z 74 95.65 27.71 13.09
C LYS Z 74 96.57 28.73 13.76
N GLN Z 75 96.05 29.52 14.69
CA GLN Z 75 96.87 30.48 15.42
C GLN Z 75 97.50 29.90 16.67
N ALA Z 76 96.84 28.93 17.32
CA ALA Z 76 97.40 28.34 18.54
C ALA Z 76 98.51 27.35 18.24
N VAL Z 77 98.45 26.63 17.12
CA VAL Z 77 99.56 25.81 16.70
C VAL Z 77 100.73 26.70 16.26
N LYS Z 78 100.42 27.83 15.63
CA LYS Z 78 101.44 28.77 15.18
C LYS Z 78 102.17 29.43 16.33
N LYS Z 79 101.55 29.52 17.51
CA LYS Z 79 102.16 30.22 18.63
C LYS Z 79 102.97 29.28 19.52
N LEU Z 80 102.34 28.25 20.08
CA LEU Z 80 102.98 27.41 21.06
C LEU Z 80 103.60 26.14 20.47
N TYR Z 81 103.83 26.12 19.15
CA TYR Z 81 104.73 25.13 18.57
C TYR Z 81 105.70 25.72 17.55
N ASP Z 82 105.63 27.02 17.27
CA ASP Z 82 106.56 27.75 16.39
C ASP Z 82 106.61 27.17 14.97
N ILE Z 83 105.48 26.65 14.49
CA ILE Z 83 105.40 26.01 13.18
C ILE Z 83 104.26 26.65 12.39
N ASP Z 84 104.41 26.66 11.07
CA ASP Z 84 103.45 27.29 10.19
C ASP Z 84 102.45 26.25 9.66
N VAL Z 85 101.23 26.72 9.40
CA VAL Z 85 100.09 25.85 9.12
C VAL Z 85 99.56 26.17 7.74
N ALA Z 86 99.37 25.13 6.92
CA ALA Z 86 98.75 25.30 5.61
C ALA Z 86 97.23 25.39 5.73
N LYS Z 87 96.60 24.33 6.21
CA LYS Z 87 95.15 24.31 6.42
C LYS Z 87 94.82 23.40 7.59
N VAL Z 88 93.61 23.56 8.13
CA VAL Z 88 93.14 22.78 9.27
C VAL Z 88 91.79 22.17 8.90
N ASN Z 89 91.66 20.86 9.09
CA ASN Z 89 90.38 20.17 8.98
C ASN Z 89 89.94 19.72 10.36
N THR Z 90 88.66 19.90 10.66
CA THR Z 90 88.13 19.60 11.98
C THR Z 90 86.94 18.66 11.88
N LEU Z 91 86.80 17.81 12.88
CA LEU Z 91 85.58 17.02 13.06
C LEU Z 91 85.31 16.91 14.55
N ILE Z 92 84.04 16.71 14.88
CA ILE Z 92 83.62 16.44 16.25
C ILE Z 92 83.34 14.95 16.36
N ARG Z 93 84.02 14.29 17.28
CA ARG Z 93 83.97 12.84 17.42
C ARG Z 93 82.66 12.41 18.06
N PRO Z 94 82.30 11.12 17.97
CA PRO Z 94 81.17 10.64 18.78
C PRO Z 94 81.45 10.58 20.26
N ASP Z 95 82.73 10.63 20.66
CA ASP Z 95 83.09 10.81 22.07
C ASP Z 95 82.55 12.14 22.58
N GLY Z 96 82.59 13.18 21.75
CA GLY Z 96 82.00 14.45 22.11
C GLY Z 96 82.89 15.64 21.81
N GLU Z 97 84.20 15.44 21.91
CA GLU Z 97 85.14 16.52 21.69
C GLU Z 97 85.58 16.56 20.23
N LYS Z 98 86.24 17.65 19.88
CA LYS Z 98 86.61 17.92 18.50
C LYS Z 98 88.02 17.62 18.09
N LYS Z 99 88.13 16.80 17.05
CA LYS Z 99 89.42 16.42 16.49
C LYS Z 99 89.81 17.40 15.39
N ALA Z 100 91.08 17.79 15.38
CA ALA Z 100 91.60 18.74 14.40
C ALA Z 100 92.78 18.13 13.65
N TYR Z 101 92.66 18.04 12.34
CA TYR Z 101 93.75 17.61 11.47
C TYR Z 101 94.46 18.85 10.95
N VAL Z 102 95.45 19.33 11.68
CA VAL Z 102 96.22 20.49 11.27
C VAL Z 102 97.33 20.07 10.32
N ARG Z 103 97.33 20.63 9.11
CA ARG Z 103 98.32 20.30 8.11
C ARG Z 103 99.40 21.37 8.10
N LEU Z 104 100.66 20.93 8.12
CA LEU Z 104 101.77 21.87 8.16
C LEU Z 104 102.11 22.36 6.75
N ALA Z 105 103.00 23.35 6.70
CA ALA Z 105 103.51 23.83 5.44
C ALA Z 105 104.46 22.79 4.84
N PRO Z 106 104.70 22.84 3.52
CA PRO Z 106 105.72 21.96 2.94
C PRO Z 106 107.16 22.30 3.35
N ASP Z 107 107.38 23.46 3.99
CA ASP Z 107 108.67 23.75 4.61
C ASP Z 107 108.96 22.74 5.72
N TYR Z 108 108.09 22.70 6.73
CA TYR Z 108 108.26 21.78 7.83
C TYR Z 108 107.79 20.38 7.43
N ASP Z 109 108.06 19.42 8.30
CA ASP Z 109 107.39 18.13 8.26
C ASP Z 109 107.11 17.68 9.67
N ALA Z 110 106.01 16.95 9.83
CA ALA Z 110 105.52 16.60 11.16
C ALA Z 110 106.34 15.51 11.84
N LEU Z 111 107.27 14.88 11.14
CA LEU Z 111 108.06 13.83 11.77
C LEU Z 111 109.12 14.39 12.70
N ASP Z 112 109.66 15.58 12.42
CA ASP Z 112 110.60 16.19 13.35
C ASP Z 112 109.97 17.30 14.17
N VAL Z 113 108.65 17.43 14.12
CA VAL Z 113 107.90 18.25 15.06
C VAL Z 113 107.36 17.40 16.20
N ALA Z 114 106.88 16.19 15.87
CA ALA Z 114 106.42 15.24 16.87
C ALA Z 114 107.56 14.72 17.75
N ASN Z 115 108.81 14.82 17.27
CA ASN Z 115 109.96 14.54 18.13
C ASN Z 115 110.10 15.57 19.24
N LYS Z 116 109.90 16.85 18.92
CA LYS Z 116 110.01 17.91 19.92
C LYS Z 116 108.84 17.87 20.89
N ILE Z 117 107.63 17.62 20.40
CA ILE Z 117 106.46 17.51 21.27
C ILE Z 117 106.58 16.28 22.17
N GLY Z 118 107.11 15.18 21.62
CA GLY Z 118 107.34 13.98 22.40
C GLY Z 118 106.27 12.93 22.27
N ILE Z 119 105.35 13.06 21.31
CA ILE Z 119 104.30 12.06 21.14
C ILE Z 119 104.81 10.82 20.42
N ILE Z 120 105.98 10.89 19.79
CA ILE Z 120 106.52 9.79 19.01
C ILE Z 120 107.01 8.68 19.94
N MET AA 1 72.58 12.37 84.63
CA MET AA 1 71.95 12.12 83.34
C MET AA 1 72.24 13.34 82.46
N LYS AA 2 71.85 13.28 81.19
CA LYS AA 2 72.01 14.39 80.27
C LYS AA 2 70.92 15.42 80.53
N PHE AA 3 71.30 16.65 80.84
CA PHE AA 3 70.34 17.70 81.10
C PHE AA 3 70.26 18.74 79.99
N ASN AA 4 71.31 18.83 79.17
CA ASN AA 4 71.36 19.82 78.10
C ASN AA 4 70.33 19.49 77.02
N PRO AA 5 69.31 20.32 76.79
CA PRO AA 5 68.29 19.99 75.79
C PRO AA 5 68.75 20.11 74.34
N PHE AA 6 70.01 20.46 74.09
CA PHE AA 6 70.51 20.66 72.73
C PHE AA 6 71.50 19.58 72.31
N VAL AA 7 71.68 18.53 73.10
CA VAL AA 7 72.51 17.41 72.70
C VAL AA 7 71.66 16.14 72.72
N THR AA 8 72.00 15.22 71.83
CA THR AA 8 71.15 14.08 71.53
C THR AA 8 71.43 12.93 72.49
N SER AA 9 70.38 12.21 72.86
CA SER AA 9 70.50 10.95 73.58
C SER AA 9 69.97 9.78 72.77
N ASP AA 10 69.69 9.96 71.49
CA ASP AA 10 69.16 8.88 70.67
C ASP AA 10 70.27 7.91 70.29
N ARG AA 11 69.88 6.65 70.08
CA ARG AA 11 70.82 5.64 69.64
C ARG AA 11 71.20 5.84 68.18
N SER AA 12 70.21 5.95 67.30
CA SER AA 12 70.43 6.02 65.87
C SER AA 12 71.01 7.36 65.41
N LYS AA 13 71.07 8.32 66.32
CA LYS AA 13 71.62 9.64 66.01
C LYS AA 13 73.08 9.68 66.40
N ASN AA 14 73.39 9.14 67.57
CA ASN AA 14 74.76 9.07 68.05
C ASN AA 14 75.56 8.03 67.26
N ARG AA 15 74.90 6.99 66.77
CA ARG AA 15 75.55 6.06 65.85
C ARG AA 15 75.82 6.71 64.49
N LYS AA 16 74.96 7.62 64.06
CA LYS AA 16 75.16 8.25 62.76
C LYS AA 16 76.31 9.24 62.82
N ARG AA 17 76.32 10.12 63.82
CA ARG AA 17 77.40 11.10 63.99
C ARG AA 17 78.74 10.45 64.28
N HIS AA 18 78.76 9.20 64.73
CA HIS AA 18 79.99 8.44 64.86
C HIS AA 18 80.44 7.86 63.53
N PHE AA 19 79.50 7.34 62.73
CA PHE AA 19 79.89 6.54 61.57
C PHE AA 19 80.31 7.40 60.39
N ASN AA 20 79.51 8.39 59.99
CA ASN AA 20 79.98 9.34 58.98
C ASN AA 20 80.43 10.65 59.63
N ALA AA 21 81.58 10.55 60.29
CA ALA AA 21 82.24 11.68 60.94
C ALA AA 21 83.42 12.15 60.12
N PRO AA 22 83.71 13.45 60.08
CA PRO AA 22 84.91 13.93 59.40
C PRO AA 22 86.15 13.56 60.17
N SER AA 23 87.30 13.66 59.50
CA SER AA 23 88.54 13.12 60.03
C SER AA 23 89.29 14.10 60.91
N HIS AA 24 88.62 15.11 61.46
CA HIS AA 24 89.14 15.83 62.61
C HIS AA 24 88.30 15.59 63.84
N ILE AA 25 87.13 14.97 63.69
CA ILE AA 25 86.40 14.41 64.82
C ILE AA 25 86.75 12.94 65.00
N ARG AA 26 87.02 12.22 63.91
CA ARG AA 26 87.54 10.86 63.97
C ARG AA 26 88.90 10.78 64.66
N ARG AA 27 89.61 11.90 64.68
CA ARG AA 27 90.91 11.98 65.31
C ARG AA 27 90.78 11.94 66.83
N LYS AA 28 89.85 12.71 67.38
CA LYS AA 28 89.64 12.73 68.82
C LYS AA 28 88.75 11.59 69.30
N ILE AA 29 87.96 10.98 68.41
CA ILE AA 29 87.32 9.72 68.76
C ILE AA 29 88.36 8.63 68.94
N MET AA 30 89.39 8.63 68.09
CA MET AA 30 90.48 7.65 68.17
C MET AA 30 91.56 8.14 69.13
N SER AA 31 91.18 8.25 70.40
CA SER AA 31 92.11 8.55 71.47
C SER AA 31 92.52 7.25 72.14
N SER AA 32 93.39 7.36 73.14
CA SER AA 32 93.96 6.19 73.80
C SER AA 32 94.50 6.61 75.15
N PRO AA 33 94.42 5.75 76.16
CA PRO AA 33 94.94 6.11 77.48
C PRO AA 33 96.44 6.08 77.54
N LEU AA 34 96.99 6.80 78.51
CA LEU AA 34 98.42 6.80 78.75
C LEU AA 34 98.75 5.78 79.82
N SER AA 35 100.04 5.51 79.99
CA SER AA 35 100.45 4.54 81.00
C SER AA 35 100.39 5.16 82.39
N LYS AA 36 100.61 4.31 83.41
CA LYS AA 36 100.58 4.78 84.79
C LYS AA 36 101.79 5.65 85.14
N GLU AA 37 102.85 5.59 84.34
CA GLU AA 37 103.99 6.45 84.55
C GLU AA 37 103.96 7.71 83.69
N LEU AA 38 103.06 7.78 82.71
CA LEU AA 38 102.89 9.00 81.92
C LEU AA 38 101.71 9.85 82.35
N ARG AA 39 100.72 9.29 83.03
CA ARG AA 39 99.69 10.12 83.63
C ARG AA 39 100.14 10.79 84.91
N GLN AA 40 101.30 10.39 85.45
CA GLN AA 40 101.88 11.03 86.62
C GLN AA 40 103.06 11.93 86.27
N LYS AA 41 103.77 11.61 85.18
CA LYS AA 41 104.79 12.53 84.68
C LYS AA 41 104.16 13.79 84.11
N TYR AA 42 103.16 13.62 83.26
CA TYR AA 42 102.27 14.71 82.89
C TYR AA 42 101.07 14.65 83.83
N ASN AA 43 100.01 15.40 83.50
CA ASN AA 43 98.78 15.30 84.25
C ASN AA 43 97.63 14.80 83.38
N VAL AA 44 97.91 14.38 82.16
CA VAL AA 44 96.89 14.15 81.15
C VAL AA 44 96.60 12.65 81.07
N ARG AA 45 95.31 12.31 81.02
CA ARG AA 45 94.85 10.93 81.10
C ARG AA 45 94.84 10.22 79.75
N SER AA 46 94.32 10.86 78.71
CA SER AA 46 94.16 10.25 77.42
C SER AA 46 94.71 11.19 76.34
N MET AA 47 94.88 10.64 75.13
CA MET AA 47 95.56 11.40 74.10
C MET AA 47 95.21 10.82 72.74
N PRO AA 48 95.03 11.65 71.70
CA PRO AA 48 94.79 11.11 70.36
C PRO AA 48 96.03 10.42 69.80
N ILE AA 49 95.80 9.34 69.05
CA ILE AA 49 96.89 8.50 68.58
C ILE AA 49 97.63 9.20 67.44
N ARG AA 50 98.92 8.88 67.30
CA ARG AA 50 99.87 9.58 66.45
C ARG AA 50 100.45 8.57 65.46
N LYS AA 51 101.09 9.08 64.41
CA LYS AA 51 101.63 8.22 63.36
C LYS AA 51 102.77 7.33 63.85
N ASP AA 52 103.63 7.87 64.73
CA ASP AA 52 104.86 7.17 65.13
C ASP AA 52 105.07 7.23 66.63
N ASP AA 53 104.05 6.85 67.41
CA ASP AA 53 104.20 6.70 68.85
C ASP AA 53 104.12 5.23 69.24
N GLU AA 54 105.03 4.81 70.12
CA GLU AA 54 105.08 3.43 70.56
C GLU AA 54 103.94 3.13 71.53
N VAL AA 55 103.49 1.87 71.52
CA VAL AA 55 102.23 1.51 72.15
C VAL AA 55 102.26 0.01 72.45
N GLN AA 56 101.43 -0.43 73.38
CA GLN AA 56 101.27 -1.85 73.67
C GLN AA 56 99.78 -2.19 73.78
N VAL AA 57 99.48 -3.46 73.57
CA VAL AA 57 98.12 -3.93 73.36
C VAL AA 57 97.66 -4.68 74.60
N VAL AA 58 96.49 -4.30 75.12
CA VAL AA 58 96.00 -4.83 76.38
C VAL AA 58 94.74 -5.68 76.26
N ARG AA 59 94.19 -5.83 75.05
CA ARG AA 59 93.03 -6.69 74.83
C ARG AA 59 93.20 -7.45 73.53
N GLY AA 60 92.56 -8.62 73.47
CA GLY AA 60 92.51 -9.38 72.23
C GLY AA 60 93.51 -10.51 72.18
N HIS AA 61 93.75 -10.97 70.95
CA HIS AA 61 94.66 -12.09 70.74
C HIS AA 61 96.12 -11.63 70.72
N TYR AA 62 96.36 -10.38 70.34
CA TYR AA 62 97.69 -9.82 70.32
C TYR AA 62 98.00 -9.04 71.60
N LYS AA 63 97.29 -9.38 72.67
CA LYS AA 63 97.50 -8.83 74.00
C LYS AA 63 98.86 -9.25 74.54
N GLY AA 64 99.55 -8.32 75.20
CA GLY AA 64 100.84 -8.61 75.76
C GLY AA 64 101.53 -7.36 76.24
N GLN AA 65 102.77 -7.52 76.65
CA GLN AA 65 103.59 -6.42 77.15
C GLN AA 65 104.68 -6.01 76.16
N GLN AA 66 104.61 -6.45 74.91
CA GLN AA 66 105.61 -6.06 73.93
C GLN AA 66 105.28 -4.70 73.34
N ILE AA 67 106.25 -3.79 73.39
CA ILE AA 67 106.07 -2.44 72.88
C ILE AA 67 106.28 -2.45 71.37
N GLY AA 68 105.33 -1.88 70.64
CA GLY AA 68 105.46 -1.73 69.21
C GLY AA 68 104.98 -0.37 68.77
N LYS AA 69 105.67 0.21 67.79
CA LYS AA 69 105.30 1.51 67.27
C LYS AA 69 104.06 1.39 66.40
N VAL AA 70 103.17 2.39 66.49
CA VAL AA 70 102.12 2.53 65.50
C VAL AA 70 102.77 2.83 64.16
N VAL AA 71 102.27 2.20 63.10
CA VAL AA 71 102.85 2.36 61.78
C VAL AA 71 101.86 2.96 60.79
N GLN AA 72 100.57 2.97 61.12
CA GLN AA 72 99.54 3.59 60.27
C GLN AA 72 98.32 3.85 61.12
N VAL AA 73 97.76 5.06 61.00
CA VAL AA 73 96.55 5.46 61.70
C VAL AA 73 95.45 5.52 60.66
N TYR AA 74 94.60 4.51 60.62
CA TYR AA 74 93.66 4.31 59.53
C TYR AA 74 92.28 4.73 60.02
N ARG AA 75 92.00 6.03 59.90
CA ARG AA 75 90.77 6.63 60.42
C ARG AA 75 89.54 6.25 59.63
N LYS AA 76 89.71 5.69 58.44
CA LYS AA 76 88.56 5.32 57.60
C LYS AA 76 87.77 4.17 58.23
N LYS AA 77 88.46 3.22 58.86
CA LYS AA 77 87.81 2.11 59.53
C LYS AA 77 87.98 2.14 61.04
N TYR AA 78 88.39 3.29 61.60
CA TYR AA 78 88.58 3.50 63.05
C TYR AA 78 89.56 2.50 63.64
N VAL AA 79 90.78 2.45 63.09
CA VAL AA 79 91.67 1.35 63.40
C VAL AA 79 93.10 1.79 63.19
N ILE AA 80 94.03 1.18 63.93
CA ILE AA 80 95.45 1.50 63.84
C ILE AA 80 96.23 0.23 63.55
N TYR AA 81 97.44 0.41 63.01
CA TYR AA 81 98.34 -0.69 62.69
C TYR AA 81 99.62 -0.53 63.52
N ILE AA 82 100.07 -1.63 64.12
CA ILE AA 82 101.23 -1.65 65.00
C ILE AA 82 102.22 -2.64 64.40
N GLU AA 83 103.52 -2.38 64.61
CA GLU AA 83 104.66 -3.10 64.02
C GLU AA 83 104.57 -4.62 64.05
N ARG AA 84 104.47 -5.21 65.23
CA ARG AA 84 104.49 -6.66 65.36
C ARG AA 84 103.11 -7.26 65.60
N VAL AA 85 102.05 -6.46 65.49
CA VAL AA 85 100.69 -6.99 65.49
C VAL AA 85 100.38 -7.31 64.04
N GLN AA 86 100.64 -8.54 63.64
CA GLN AA 86 100.58 -8.96 62.25
C GLN AA 86 100.06 -10.39 62.18
N ARG AA 87 99.86 -10.86 60.95
CA ARG AA 87 99.40 -12.21 60.69
C ARG AA 87 99.73 -12.61 59.25
N GLU AA 88 99.98 -13.90 59.04
CA GLU AA 88 100.34 -14.43 57.74
C GLU AA 88 99.07 -14.83 56.99
N LYS AA 89 98.71 -14.07 55.97
CA LYS AA 89 97.66 -14.52 55.08
C LYS AA 89 98.23 -15.57 54.13
N ALA AA 90 97.32 -16.30 53.47
CA ALA AA 90 97.63 -17.60 52.87
C ALA AA 90 98.69 -17.55 51.77
N ASN AA 91 98.89 -16.40 51.12
CA ASN AA 91 99.86 -16.30 50.04
C ASN AA 91 101.29 -16.41 50.54
N GLY AA 92 101.54 -16.05 51.80
CA GLY AA 92 102.87 -16.02 52.37
C GLY AA 92 103.31 -14.64 52.82
N THR AA 93 102.71 -13.58 52.28
CA THR AA 93 102.99 -12.24 52.71
C THR AA 93 102.37 -11.97 54.08
N THR AA 94 102.68 -10.80 54.64
CA THR AA 94 102.30 -10.47 56.00
C THR AA 94 101.51 -9.18 56.02
N VAL AA 95 100.32 -9.22 56.60
CA VAL AA 95 99.47 -8.05 56.71
C VAL AA 95 99.38 -7.65 58.18
N HIS AA 96 99.07 -6.37 58.40
CA HIS AA 96 98.86 -5.88 59.75
C HIS AA 96 97.43 -6.14 60.19
N VAL AA 97 97.29 -6.62 61.41
CA VAL AA 97 95.97 -6.83 62.01
C VAL AA 97 95.50 -5.52 62.61
N GLY AA 98 94.33 -5.06 62.20
CA GLY AA 98 93.79 -3.83 62.73
C GLY AA 98 93.15 -4.04 64.08
N ILE AA 99 93.47 -3.15 65.02
CA ILE AA 99 92.82 -3.13 66.33
C ILE AA 99 92.46 -1.69 66.70
N HIS AA 100 91.41 -1.55 67.50
CA HIS AA 100 90.88 -0.24 67.83
C HIS AA 100 91.81 0.47 68.83
N PRO AA 101 92.00 1.78 68.70
CA PRO AA 101 92.95 2.46 69.59
C PRO AA 101 92.49 2.64 71.02
N SER AA 102 91.26 2.30 71.37
CA SER AA 102 90.83 2.30 72.76
C SER AA 102 91.16 0.99 73.47
N LYS AA 103 91.89 0.09 72.80
CA LYS AA 103 92.35 -1.16 73.40
C LYS AA 103 93.86 -1.22 73.45
N VAL AA 104 94.54 -0.09 73.28
CA VAL AA 104 95.98 0.02 73.40
C VAL AA 104 96.29 1.19 74.32
N VAL AA 105 97.49 1.18 74.88
CA VAL AA 105 97.91 2.19 75.85
C VAL AA 105 99.29 2.72 75.49
N ILE AA 106 99.42 4.04 75.39
CA ILE AA 106 100.66 4.66 74.95
C ILE AA 106 101.68 4.58 76.08
N THR AA 107 102.89 4.10 75.75
CA THR AA 107 104.02 4.15 76.67
C THR AA 107 105.04 5.20 76.27
N ARG AA 108 104.91 5.81 75.10
CA ARG AA 108 105.82 6.87 74.66
C ARG AA 108 105.11 7.71 73.61
N LEU AA 109 104.82 8.97 73.94
CA LEU AA 109 104.28 9.89 72.95
C LEU AA 109 105.38 10.29 71.98
N LYS AA 110 104.98 10.59 70.75
CA LYS AA 110 105.89 11.19 69.78
C LYS AA 110 105.86 12.69 70.00
N LEU AA 111 106.82 13.21 70.75
CA LEU AA 111 106.80 14.61 71.16
C LEU AA 111 107.35 15.50 70.04
N ASP AA 112 106.55 16.47 69.63
CA ASP AA 112 107.02 17.55 68.77
C ASP AA 112 106.37 18.83 69.28
N LYS AA 113 106.33 19.86 68.43
CA LYS AA 113 105.86 21.18 68.85
C LYS AA 113 104.39 21.18 69.24
N ASP AA 114 103.52 20.58 68.41
CA ASP AA 114 102.09 20.71 68.63
C ASP AA 114 101.49 19.58 69.45
N ARG AA 115 102.26 18.57 69.86
CA ARG AA 115 101.73 17.69 70.90
C ARG AA 115 101.79 18.38 72.25
N LYS AA 116 102.92 19.04 72.56
CA LYS AA 116 103.08 19.73 73.83
C LYS AA 116 102.17 20.95 73.94
N LYS AA 117 101.79 21.55 72.82
CA LYS AA 117 100.91 22.71 72.87
C LYS AA 117 99.49 22.29 73.23
N ILE AA 118 99.09 21.07 72.88
CA ILE AA 118 97.76 20.58 73.21
C ILE AA 118 97.79 19.61 74.39
N LEU AA 119 98.98 19.17 74.82
CA LEU AA 119 99.11 18.45 76.07
C LEU AA 119 99.12 19.38 77.26
N GLU AA 120 99.50 20.64 77.06
CA GLU AA 120 99.46 21.63 78.14
C GLU AA 120 98.06 22.14 78.39
N ARG AA 121 97.24 22.24 77.33
CA ARG AA 121 95.84 22.63 77.47
C ARG AA 121 95.05 21.64 78.32
N LYS AA 122 95.42 20.37 78.25
CA LYS AA 122 94.70 19.33 78.99
C LYS AA 122 95.18 19.20 80.43
N ALA AA 123 96.31 19.82 80.77
CA ALA AA 123 96.78 19.87 82.15
C ALA AA 123 96.48 21.18 82.84
N LYS AA 124 96.36 22.28 82.09
CA LYS AA 124 95.91 23.54 82.69
C LYS AA 124 94.44 23.49 83.06
N SER AA 125 93.65 22.73 82.31
CA SER AA 125 92.22 22.64 82.57
C SER AA 125 91.89 21.68 83.70
N ARG AA 126 92.85 20.90 84.18
CA ARG AA 126 92.65 20.09 85.37
C ARG AA 126 93.02 20.83 86.64
N GLN AA 127 94.01 21.73 86.57
CA GLN AA 127 94.37 22.54 87.72
C GLN AA 127 93.33 23.61 88.02
N VAL AA 128 92.49 23.94 87.05
CA VAL AA 128 91.32 24.77 87.32
C VAL AA 128 90.19 23.91 87.88
N GLY AA 129 90.09 22.66 87.42
CA GLY AA 129 89.07 21.75 87.92
C GLY AA 129 89.31 21.27 89.34
N LYS AA 130 90.55 21.26 89.80
CA LYS AA 130 90.84 20.95 91.19
C LYS AA 130 90.67 22.16 92.10
N GLU AA 131 90.52 23.35 91.53
CA GLU AA 131 90.10 24.51 92.32
C GLU AA 131 88.61 24.47 92.63
N LYS AA 132 87.84 23.67 91.90
CA LYS AA 132 86.42 23.52 92.21
C LYS AA 132 86.21 22.68 93.46
N GLY AA 133 87.03 21.66 93.65
CA GLY AA 133 86.95 20.81 94.82
C GLY AA 133 87.61 21.36 96.06
N LYS AA 134 87.23 22.58 96.44
CA LYS AA 134 87.75 23.20 97.65
C LYS AA 134 86.68 23.28 98.73
N GLY BA 1 55.84 63.19 -57.25
CA GLY BA 1 55.89 61.75 -57.43
C GLY BA 1 56.88 61.08 -56.50
N LYS BA 2 58.12 61.55 -56.53
CA LYS BA 2 59.20 61.04 -55.69
C LYS BA 2 59.34 61.92 -54.46
N PHE BA 3 59.35 61.31 -53.29
CA PHE BA 3 59.64 62.03 -52.05
C PHE BA 3 60.90 61.56 -51.34
N MET BA 4 61.50 60.44 -51.76
CA MET BA 4 62.82 60.04 -51.29
C MET BA 4 63.86 60.91 -52.00
N LYS BA 5 64.01 62.13 -51.51
CA LYS BA 5 64.90 63.12 -52.08
C LYS BA 5 66.08 63.37 -51.16
N PRO BA 6 67.17 63.95 -51.68
CA PRO BA 6 68.18 64.52 -50.79
C PRO BA 6 67.61 65.69 -49.99
N GLY BA 7 68.03 65.79 -48.74
CA GLY BA 7 67.56 66.80 -47.84
C GLY BA 7 66.47 66.34 -46.89
N LYS BA 8 65.77 65.26 -47.22
CA LYS BA 8 64.64 64.80 -46.43
C LYS BA 8 65.10 64.16 -45.13
N VAL BA 9 64.61 64.68 -44.01
CA VAL BA 9 64.86 64.08 -42.71
C VAL BA 9 64.18 62.72 -42.62
N VAL BA 10 64.95 61.69 -42.29
CA VAL BA 10 64.43 60.33 -42.25
C VAL BA 10 64.65 59.78 -40.85
N LEU BA 11 63.83 58.80 -40.48
CA LEU BA 11 63.99 58.04 -39.25
C LEU BA 11 64.55 56.65 -39.55
N VAL BA 12 65.47 56.21 -38.72
CA VAL BA 12 66.09 54.89 -38.89
C VAL BA 12 65.31 53.87 -38.06
N LEU BA 13 64.88 52.79 -38.70
CA LEU BA 13 64.06 51.77 -38.05
C LEU BA 13 64.85 50.63 -37.44
N ALA BA 14 65.96 50.24 -38.06
CA ALA BA 14 66.68 49.06 -37.61
C ALA BA 14 68.18 49.35 -37.62
N GLY BA 15 68.93 48.51 -36.94
CA GLY BA 15 70.36 48.66 -36.85
C GLY BA 15 70.80 49.19 -35.50
N ARG BA 16 72.09 49.51 -35.42
CA ARG BA 16 72.64 50.05 -34.20
C ARG BA 16 72.24 51.50 -33.98
N TYR BA 17 71.91 52.22 -35.06
CA TYR BA 17 71.42 53.58 -34.97
C TYR BA 17 69.91 53.66 -35.09
N SER BA 18 69.20 52.64 -34.58
CA SER BA 18 67.76 52.57 -34.73
C SER BA 18 67.07 53.59 -33.85
N GLY BA 19 66.23 54.42 -34.45
CA GLY BA 19 65.50 55.44 -33.72
C GLY BA 19 66.13 56.79 -33.72
N ARG BA 20 67.07 57.06 -34.62
CA ARG BA 20 67.77 58.33 -34.68
C ARG BA 20 67.37 59.09 -35.93
N LYS BA 21 67.62 60.39 -35.93
CA LYS BA 21 67.22 61.26 -37.02
C LYS BA 21 68.37 61.43 -37.99
N ALA BA 22 68.06 61.33 -39.28
CA ALA BA 22 69.06 61.31 -40.34
C ALA BA 22 68.55 62.05 -41.56
N VAL BA 23 69.44 62.80 -42.21
CA VAL BA 23 69.12 63.53 -43.43
C VAL BA 23 69.73 62.79 -44.61
N ILE BA 24 68.97 62.66 -45.68
CA ILE BA 24 69.40 61.91 -46.85
C ILE BA 24 70.41 62.72 -47.65
N VAL BA 25 71.56 62.14 -47.93
CA VAL BA 25 72.59 62.80 -48.73
C VAL BA 25 72.46 62.44 -50.20
N LYS BA 26 72.32 61.15 -50.52
CA LYS BA 26 72.21 60.71 -51.90
C LYS BA 26 71.32 59.49 -51.98
N ASN BA 27 70.33 59.52 -52.87
CA ASN BA 27 69.48 58.38 -53.15
C ASN BA 27 69.91 57.69 -54.45
N ILE BA 28 69.48 56.44 -54.60
CA ILE BA 28 69.84 55.62 -55.75
C ILE BA 28 68.61 55.18 -56.54
N ASP BA 29 67.58 54.67 -55.84
CA ASP BA 29 66.22 54.39 -56.30
C ASP BA 29 66.13 53.16 -57.20
N ASP BA 30 67.27 52.57 -57.58
CA ASP BA 30 67.23 51.30 -58.33
C ASP BA 30 68.29 50.28 -57.93
N GLY BA 31 69.41 50.68 -57.36
CA GLY BA 31 70.51 49.79 -57.07
C GLY BA 31 71.75 50.15 -57.88
N THR BA 32 72.86 49.50 -57.51
CA THR BA 32 74.13 49.73 -58.18
C THR BA 32 74.79 48.40 -58.56
N SER BA 33 73.98 47.42 -58.95
CA SER BA 33 74.34 46.14 -59.57
C SER BA 33 75.13 45.20 -58.66
N ASP BA 34 75.47 45.62 -57.44
CA ASP BA 34 76.11 44.75 -56.46
C ASP BA 34 75.23 44.48 -55.26
N ARG BA 35 74.49 45.48 -54.79
CA ARG BA 35 73.35 45.27 -53.92
C ARG BA 35 72.07 45.43 -54.72
N PRO BA 36 71.24 44.38 -54.81
CA PRO BA 36 70.11 44.42 -55.75
C PRO BA 36 68.92 45.23 -55.28
N TYR BA 37 68.90 45.64 -54.02
CA TYR BA 37 67.78 46.42 -53.48
C TYR BA 37 67.98 47.90 -53.81
N SER BA 38 67.12 48.74 -53.24
CA SER BA 38 67.15 50.18 -53.43
C SER BA 38 67.50 50.84 -52.11
N HIS BA 39 68.50 51.71 -52.12
CA HIS BA 39 69.06 52.22 -50.88
C HIS BA 39 69.29 53.72 -50.99
N ALA BA 40 69.65 54.30 -49.85
CA ALA BA 40 69.96 55.72 -49.77
C ALA BA 40 71.35 55.91 -49.16
N LEU BA 41 71.69 57.13 -48.81
CA LEU BA 41 72.91 57.41 -48.06
C LEU BA 41 72.57 58.53 -47.10
N VAL BA 42 72.51 58.23 -45.81
CA VAL BA 42 72.05 59.19 -44.83
C VAL BA 42 73.25 59.65 -44.00
N ALA BA 43 73.08 60.81 -43.38
CA ALA BA 43 74.05 61.35 -42.43
C ALA BA 43 73.25 61.76 -41.19
N GLY BA 44 73.32 60.94 -40.14
CA GLY BA 44 72.50 61.12 -38.98
C GLY BA 44 73.28 61.64 -37.78
N ILE BA 45 72.58 61.69 -36.64
CA ILE BA 45 73.16 62.16 -35.39
C ILE BA 45 73.00 61.05 -34.34
N ASP BA 46 74.12 60.70 -33.71
CA ASP BA 46 74.13 59.61 -32.73
C ASP BA 46 73.87 60.12 -31.32
N ARG BA 47 74.75 61.00 -30.83
CA ARG BA 47 74.50 61.69 -29.57
C ARG BA 47 73.74 62.98 -29.88
N TYR BA 48 72.48 63.02 -29.48
CA TYR BA 48 71.73 64.25 -29.49
C TYR BA 48 72.37 65.22 -28.49
N PRO BA 49 72.39 66.52 -28.79
CA PRO BA 49 72.86 67.48 -27.80
C PRO BA 49 71.90 67.57 -26.64
N ARG BA 50 72.46 67.61 -25.43
CA ARG BA 50 71.64 67.75 -24.24
C ARG BA 50 71.06 69.16 -24.20
N LYS BA 51 69.92 69.30 -23.52
CA LYS BA 51 69.22 70.57 -23.52
C LYS BA 51 69.98 71.59 -22.69
N VAL BA 52 69.90 72.85 -23.12
CA VAL BA 52 70.63 73.94 -22.49
C VAL BA 52 69.62 74.96 -21.99
N THR BA 53 69.91 75.53 -20.83
CA THR BA 53 69.07 76.54 -20.20
C THR BA 53 69.88 77.81 -19.99
N ALA BA 54 69.21 78.85 -19.52
CA ALA BA 54 69.88 80.13 -19.34
C ALA BA 54 70.80 80.14 -18.14
N ALA BA 55 70.57 79.28 -17.15
CA ALA BA 55 71.41 79.21 -15.96
C ALA BA 55 72.41 78.05 -16.06
N MET BA 56 73.30 78.14 -17.05
CA MET BA 56 74.35 77.12 -17.16
C MET BA 56 75.75 77.71 -17.33
N GLY BA 57 75.85 78.86 -17.98
CA GLY BA 57 77.16 79.38 -18.35
C GLY BA 57 77.62 78.82 -19.68
N LYS BA 58 78.14 79.71 -20.52
CA LYS BA 58 78.57 79.40 -21.88
C LYS BA 58 79.45 78.17 -22.04
N LYS BA 59 80.45 78.03 -21.18
CA LYS BA 59 81.36 76.92 -21.31
C LYS BA 59 80.70 75.60 -20.90
N LYS BA 60 79.69 75.66 -20.03
CA LYS BA 60 78.91 74.48 -19.71
C LYS BA 60 77.81 74.24 -20.74
N ILE BA 61 77.37 75.29 -21.43
CA ILE BA 61 76.44 75.13 -22.55
C ILE BA 61 77.13 74.45 -23.73
N ALA BA 62 78.34 74.92 -24.08
CA ALA BA 62 79.01 74.49 -25.30
C ALA BA 62 79.46 73.03 -25.23
N LYS BA 63 79.74 72.53 -24.03
CA LYS BA 63 80.06 71.10 -23.88
C LYS BA 63 78.81 70.25 -24.02
N ARG BA 64 77.68 70.74 -23.52
CA ARG BA 64 76.43 70.00 -23.68
C ARG BA 64 75.92 70.07 -25.11
N SER BA 65 76.27 71.11 -25.85
CA SER BA 65 75.74 71.33 -27.19
C SER BA 65 76.71 70.85 -28.26
N LYS BA 66 76.96 69.54 -28.27
CA LYS BA 66 77.82 68.95 -29.29
C LYS BA 66 77.27 67.58 -29.69
N ILE BA 67 77.58 67.20 -30.93
CA ILE BA 67 76.89 66.12 -31.63
C ILE BA 67 77.93 65.13 -32.14
N LYS BA 68 77.68 63.84 -31.91
CA LYS BA 68 78.40 62.78 -32.60
C LYS BA 68 77.52 62.24 -33.73
N SER BA 69 78.10 62.04 -34.89
CA SER BA 69 77.36 61.77 -36.12
C SER BA 69 77.81 60.45 -36.75
N PHE BA 70 77.15 60.08 -37.85
CA PHE BA 70 77.48 58.88 -38.60
C PHE BA 70 77.04 59.05 -40.05
N VAL BA 71 77.43 58.09 -40.88
CA VAL BA 71 76.99 57.97 -42.28
C VAL BA 71 76.79 56.49 -42.61
N LYS BA 72 75.61 56.13 -43.12
CA LYS BA 72 75.31 54.76 -43.52
C LYS BA 72 74.47 54.76 -44.79
N VAL BA 73 74.22 53.55 -45.29
CA VAL BA 73 73.64 53.31 -46.62
C VAL BA 73 72.37 52.46 -46.57
N TYR BA 74 71.50 52.73 -45.58
CA TYR BA 74 70.32 51.93 -45.27
C TYR BA 74 69.42 51.64 -46.47
N ASN BA 75 68.80 50.46 -46.43
CA ASN BA 75 67.71 50.11 -47.32
C ASN BA 75 66.51 51.03 -47.06
N TYR BA 76 65.66 51.20 -48.08
CA TYR BA 76 64.47 52.03 -47.94
C TYR BA 76 63.46 51.43 -46.98
N ASN BA 77 63.41 50.10 -46.85
CA ASN BA 77 62.49 49.46 -45.92
C ASN BA 77 62.87 49.70 -44.47
N HIS BA 78 64.10 50.15 -44.20
CA HIS BA 78 64.58 50.44 -42.86
C HIS BA 78 64.59 51.94 -42.59
N LEU BA 79 63.68 52.67 -43.22
CA LEU BA 79 63.65 54.12 -43.17
C LEU BA 79 62.21 54.60 -43.01
N MET BA 80 62.07 55.79 -42.46
CA MET BA 80 60.76 56.43 -42.27
C MET BA 80 60.89 57.90 -42.65
N PRO BA 81 60.50 58.28 -43.87
CA PRO BA 81 60.64 59.68 -44.29
C PRO BA 81 59.63 60.57 -43.59
N THR BA 82 60.09 61.76 -43.21
CA THR BA 82 59.22 62.76 -42.62
C THR BA 82 58.68 63.67 -43.72
N ARG BA 83 57.92 64.69 -43.32
CA ARG BA 83 57.58 65.80 -44.19
C ARG BA 83 58.56 66.95 -44.04
N TYR BA 84 59.62 66.78 -43.26
CA TYR BA 84 60.59 67.83 -43.00
C TYR BA 84 61.75 67.75 -43.98
N SER BA 85 62.60 68.77 -43.93
CA SER BA 85 63.74 68.88 -44.83
C SER BA 85 64.77 69.81 -44.21
N VAL BA 86 66.04 69.46 -44.35
CA VAL BA 86 67.16 70.27 -43.89
C VAL BA 86 68.02 70.60 -45.10
N ASP BA 87 68.01 71.87 -45.50
CA ASP BA 87 68.82 72.33 -46.63
C ASP BA 87 70.17 72.80 -46.06
N ILE BA 88 71.00 71.82 -45.72
CA ILE BA 88 72.28 72.07 -45.07
C ILE BA 88 73.36 72.17 -46.13
N PRO BA 89 74.31 73.12 -46.01
CA PRO BA 89 75.43 73.15 -46.97
C PRO BA 89 76.40 72.03 -46.73
N LEU BA 90 76.07 70.84 -47.22
CA LEU BA 90 76.86 69.65 -46.98
C LEU BA 90 77.72 69.35 -48.21
N ASP BA 91 78.96 68.90 -47.98
CA ASP BA 91 79.93 68.68 -49.05
C ASP BA 91 79.89 67.21 -49.45
N LYS BA 92 79.89 66.97 -50.77
CA LYS BA 92 79.76 65.63 -51.33
C LYS BA 92 81.03 65.12 -51.99
N THR BA 93 82.11 65.89 -51.94
CA THR BA 93 83.42 65.31 -52.26
C THR BA 93 84.01 64.57 -51.07
N VAL BA 94 83.44 64.75 -49.88
CA VAL BA 94 83.90 64.10 -48.66
C VAL BA 94 83.12 62.81 -48.46
N VAL BA 95 81.80 62.93 -48.34
CA VAL BA 95 80.94 61.76 -48.23
C VAL BA 95 80.57 61.28 -49.63
N ASN BA 96 80.48 59.96 -49.78
CA ASN BA 96 80.12 59.28 -51.02
C ASN BA 96 79.82 57.83 -50.66
N LYS BA 97 79.53 57.02 -51.68
CA LYS BA 97 79.14 55.64 -51.39
C LYS BA 97 80.32 54.75 -51.05
N ASP BA 98 81.47 54.96 -51.69
CA ASP BA 98 82.65 54.13 -51.47
C ASP BA 98 83.50 54.62 -50.30
N VAL BA 99 82.91 55.32 -49.33
CA VAL BA 99 83.60 55.66 -48.10
C VAL BA 99 83.65 54.48 -47.14
N PHE BA 100 82.92 53.40 -47.45
CA PHE BA 100 82.88 52.22 -46.60
C PHE BA 100 83.93 51.19 -47.01
N ARG BA 101 85.15 51.69 -47.16
CA ARG BA 101 86.31 50.88 -47.55
C ARG BA 101 87.46 51.18 -46.61
N ASP BA 102 87.49 52.42 -46.11
CA ASP BA 102 88.68 52.98 -45.48
C ASP BA 102 88.29 53.57 -44.13
N PRO BA 103 88.83 53.07 -43.02
CA PRO BA 103 88.52 53.69 -41.72
C PRO BA 103 89.07 55.10 -41.57
N ALA BA 104 90.26 55.37 -42.11
CA ALA BA 104 90.86 56.70 -41.98
C ALA BA 104 90.15 57.75 -42.83
N LEU BA 105 89.42 57.32 -43.86
CA LEU BA 105 88.68 58.27 -44.70
C LEU BA 105 87.25 58.43 -44.23
N LYS BA 106 86.67 57.38 -43.61
CA LYS BA 106 85.32 57.47 -43.08
C LYS BA 106 85.26 58.35 -41.84
N ARG BA 107 86.34 58.40 -41.06
CA ARG BA 107 86.42 59.33 -39.95
C ARG BA 107 86.45 60.78 -40.42
N LYS BA 108 86.98 61.03 -41.61
CA LYS BA 108 86.89 62.35 -42.21
C LYS BA 108 85.49 62.63 -42.73
N ALA BA 109 84.77 61.58 -43.13
CA ALA BA 109 83.38 61.75 -43.56
C ALA BA 109 82.46 62.05 -42.37
N ARG BA 110 82.77 61.50 -41.20
CA ARG BA 110 81.97 61.79 -40.02
C ARG BA 110 82.23 63.21 -39.51
N ARG BA 111 83.47 63.68 -39.62
CA ARG BA 111 83.80 65.00 -39.09
C ARG BA 111 83.18 66.11 -39.92
N GLU BA 112 83.19 65.97 -41.25
CA GLU BA 112 82.61 66.99 -42.11
C GLU BA 112 81.09 67.01 -41.98
N ALA BA 113 80.48 65.87 -41.65
CA ALA BA 113 79.08 65.79 -41.30
C ALA BA 113 78.85 65.94 -39.80
N LYS BA 114 79.74 66.64 -39.10
CA LYS BA 114 79.62 66.95 -37.68
C LYS BA 114 79.75 68.44 -37.40
N VAL BA 115 80.63 69.12 -38.11
CA VAL BA 115 80.79 70.57 -37.93
C VAL BA 115 79.60 71.29 -38.56
N LYS BA 116 79.06 70.74 -39.65
CA LYS BA 116 77.87 71.32 -40.27
C LYS BA 116 76.64 71.15 -39.39
N PHE BA 117 76.57 70.05 -38.63
CA PHE BA 117 75.47 69.87 -37.68
C PHE BA 117 75.63 70.76 -36.46
N GLU BA 118 76.86 71.08 -36.05
CA GLU BA 118 77.10 71.90 -34.88
C GLU BA 118 77.09 73.39 -35.19
N GLU BA 119 76.57 73.77 -36.35
CA GLU BA 119 76.22 75.16 -36.63
C GLU BA 119 74.80 75.33 -37.15
N ARG BA 120 74.13 74.25 -37.57
CA ARG BA 120 72.70 74.30 -37.84
C ARG BA 120 71.90 74.08 -36.56
N TYR BA 121 72.42 73.27 -35.63
CA TYR BA 121 71.85 73.22 -34.30
C TYR BA 121 71.98 74.55 -33.59
N LYS BA 122 73.12 75.22 -33.76
CA LYS BA 122 73.25 76.60 -33.28
C LYS BA 122 72.52 77.53 -34.24
N THR BA 123 72.45 78.81 -33.87
CA THR BA 123 71.80 79.92 -34.56
C THR BA 123 70.28 79.76 -34.71
N GLY BA 124 69.69 78.72 -34.13
CA GLY BA 124 68.25 78.66 -33.95
C GLY BA 124 67.47 77.65 -34.76
N LYS BA 125 67.80 77.47 -36.03
CA LYS BA 125 66.89 76.79 -36.94
C LYS BA 125 67.01 75.27 -36.80
N ASN BA 126 66.02 74.58 -37.40
CA ASN BA 126 65.84 73.12 -37.33
C ASN BA 126 65.83 72.62 -35.88
N LYS BA 127 64.83 73.09 -35.13
CA LYS BA 127 64.69 72.67 -33.74
C LYS BA 127 64.21 71.25 -33.60
N TRP BA 128 63.56 70.69 -34.63
CA TRP BA 128 63.02 69.34 -34.53
C TRP BA 128 64.03 68.27 -34.90
N PHE BA 129 64.92 68.54 -35.86
CA PHE BA 129 65.87 67.53 -36.31
C PHE BA 129 66.93 67.24 -35.27
N PHE BA 130 67.29 68.23 -34.45
CA PHE BA 130 68.32 68.08 -33.45
C PHE BA 130 67.76 67.80 -32.07
N GLN BA 131 66.49 67.42 -31.98
CA GLN BA 131 65.84 67.03 -30.73
C GLN BA 131 65.59 65.53 -30.77
N LYS BA 132 65.68 64.89 -29.60
CA LYS BA 132 65.59 63.43 -29.55
C LYS BA 132 64.14 62.97 -29.67
N LEU BA 133 63.94 61.90 -30.42
CA LEU BA 133 62.62 61.29 -30.58
C LEU BA 133 62.26 60.50 -29.32
N ARG BA 134 61.15 60.87 -28.69
CA ARG BA 134 60.72 60.24 -27.45
C ARG BA 134 59.91 59.00 -27.79
N PHE BA 135 60.60 57.87 -27.93
CA PHE BA 135 59.91 56.61 -28.21
C PHE BA 135 60.19 55.59 -27.11
N PRO CA 1 40.39 0.70 76.32
CA PRO CA 1 40.80 -0.71 76.40
C PRO CA 1 40.06 -1.58 75.40
N SER CA 2 40.73 -1.87 74.27
CA SER CA 2 40.11 -2.67 73.22
C SER CA 2 40.02 -4.14 73.58
N ARG CA 3 40.77 -4.58 74.58
CA ARG CA 3 40.75 -5.97 75.04
C ARG CA 3 39.50 -6.32 75.84
N LEU CA 4 38.62 -5.37 76.12
CA LEU CA 4 37.43 -5.60 76.92
C LEU CA 4 36.15 -5.59 76.10
N ARG CA 5 36.24 -5.71 74.78
CA ARG CA 5 35.13 -5.43 73.92
C ARG CA 5 34.65 -6.69 73.20
N LYS CA 6 33.53 -6.56 72.49
CA LYS CA 6 32.95 -7.68 71.76
C LYS CA 6 33.75 -8.09 70.54
N THR CA 7 34.59 -7.19 70.01
CA THR CA 7 35.37 -7.51 68.82
C THR CA 7 36.40 -8.58 69.14
N ARG CA 8 36.87 -8.65 70.37
CA ARG CA 8 37.81 -9.68 70.77
C ARG CA 8 37.16 -11.01 71.05
N LYS CA 9 35.84 -11.05 71.21
CA LYS CA 9 35.11 -12.29 71.40
C LYS CA 9 34.40 -12.76 70.15
N LEU CA 10 34.13 -11.86 69.21
CA LEU CA 10 33.51 -12.19 67.93
C LEU CA 10 34.56 -12.52 66.87
N ARG CA 11 35.74 -12.94 67.27
CA ARG CA 11 36.87 -13.17 66.38
C ARG CA 11 36.98 -14.67 66.03
N GLY CA 12 35.85 -15.35 65.91
CA GLY CA 12 35.85 -16.67 65.30
C GLY CA 12 34.61 -16.90 64.47
N HIS CA 13 33.63 -16.03 64.65
CA HIS CA 13 32.32 -16.14 64.01
C HIS CA 13 32.38 -15.33 62.74
N VAL CA 14 31.67 -15.78 61.70
CA VAL CA 14 31.91 -15.17 60.40
C VAL CA 14 31.09 -13.89 60.21
N SER CA 15 29.87 -13.84 60.73
CA SER CA 15 29.03 -12.68 60.47
C SER CA 15 29.36 -11.50 61.37
N HIS CA 16 30.20 -11.72 62.39
CA HIS CA 16 30.66 -10.72 63.36
C HIS CA 16 29.49 -10.02 64.03
N GLY CA 17 28.56 -10.84 64.54
CA GLY CA 17 27.38 -10.37 65.24
C GLY CA 17 26.35 -9.60 64.45
N HIS CA 18 26.23 -9.86 63.15
CA HIS CA 18 25.30 -9.12 62.32
C HIS CA 18 24.41 -9.98 61.43
N GLY CA 19 24.60 -11.28 61.40
CA GLY CA 19 23.59 -12.12 60.76
C GLY CA 19 24.01 -12.66 59.41
N ARG CA 20 23.72 -13.95 59.19
CA ARG CA 20 24.00 -14.57 57.90
C ARG CA 20 22.98 -14.13 56.86
N ILE CA 21 21.69 -14.20 57.19
CA ILE CA 21 20.65 -13.62 56.33
C ILE CA 21 20.88 -12.13 56.16
N GLY CA 22 20.95 -11.42 57.30
CA GLY CA 22 21.75 -10.21 57.39
C GLY CA 22 21.25 -9.05 56.58
N LYS CA 23 22.17 -8.19 56.15
CA LYS CA 23 23.59 -8.30 56.46
C LYS CA 23 23.99 -6.99 57.10
N HIS CA 24 25.28 -6.78 57.38
CA HIS CA 24 25.69 -5.45 57.77
C HIS CA 24 25.99 -4.68 56.50
N ARG CA 25 25.03 -3.89 56.03
CA ARG CA 25 25.21 -3.12 54.83
C ARG CA 25 25.73 -1.75 55.15
N LYS CA 26 25.63 -0.85 54.19
CA LYS CA 26 26.08 0.49 54.41
C LYS CA 26 24.98 1.19 55.16
N HIS CA 27 23.99 1.68 54.44
CA HIS CA 27 22.89 2.40 55.05
C HIS CA 27 21.53 1.92 54.57
N PRO CA 28 21.02 0.86 55.17
CA PRO CA 28 19.71 0.34 54.80
C PRO CA 28 18.63 1.04 55.61
N GLY CA 29 18.19 2.19 55.12
CA GLY CA 29 17.18 2.99 55.78
C GLY CA 29 17.37 4.48 55.59
N GLY CA 30 18.54 4.88 55.10
CA GLY CA 30 18.85 6.27 54.89
C GLY CA 30 19.83 6.80 55.92
N ARG CA 31 20.46 7.91 55.59
CA ARG CA 31 21.48 8.49 56.45
C ARG CA 31 20.87 9.53 57.37
N GLY CA 32 21.15 9.40 58.66
CA GLY CA 32 20.68 10.40 59.61
C GLY CA 32 19.22 10.22 59.92
N ASN CA 33 18.45 11.30 59.76
CA ASN CA 33 17.03 11.33 60.10
C ASN CA 33 16.16 11.15 58.87
N ALA CA 34 16.60 10.31 57.95
CA ALA CA 34 15.92 10.15 56.67
C ALA CA 34 14.60 9.40 56.81
N GLY CA 35 13.58 9.90 56.13
CA GLY CA 35 12.31 9.21 56.09
C GLY CA 35 11.46 9.37 57.31
N GLY CA 36 11.54 10.53 57.97
CA GLY CA 36 10.79 10.74 59.19
C GLY CA 36 9.29 10.84 59.00
N LEU CA 37 8.85 11.17 57.80
CA LEU CA 37 7.43 11.16 57.49
C LEU CA 37 7.01 9.97 56.63
N HIS CA 38 7.95 9.16 56.14
CA HIS CA 38 7.61 8.13 55.16
C HIS CA 38 7.82 6.72 55.69
N HIS CA 39 9.05 6.31 56.03
CA HIS CA 39 9.27 4.94 56.43
C HIS CA 39 9.85 4.80 57.82
N HIS CA 40 10.22 5.90 58.46
CA HIS CA 40 10.51 5.94 59.88
C HIS CA 40 9.43 6.73 60.61
N ARG CA 41 8.22 6.73 60.04
CA ARG CA 41 7.14 7.58 60.51
C ARG CA 41 6.65 7.16 61.90
N ILE CA 42 6.56 5.85 62.12
CA ILE CA 42 6.10 5.33 63.40
C ILE CA 42 7.09 5.66 64.51
N ASN CA 43 8.38 5.72 64.20
CA ASN CA 43 9.37 6.02 65.22
C ASN CA 43 9.35 7.50 65.61
N PHE CA 44 9.09 8.40 64.67
CA PHE CA 44 9.08 9.83 64.96
C PHE CA 44 7.72 10.36 65.43
N ASP CA 45 6.77 9.51 65.76
CA ASP CA 45 5.57 9.99 66.44
C ASP CA 45 5.14 9.12 67.62
N LYS CA 46 5.66 7.89 67.73
CA LYS CA 46 5.51 7.15 68.97
C LYS CA 46 6.42 7.73 70.04
N TYR CA 47 7.62 8.15 69.65
CA TYR CA 47 8.66 8.57 70.59
C TYR CA 47 8.96 10.05 70.55
N HIS CA 48 8.76 10.71 69.42
CA HIS CA 48 9.02 12.15 69.29
C HIS CA 48 7.78 12.89 68.80
N PRO CA 49 6.73 13.01 69.62
CA PRO CA 49 5.55 13.74 69.16
C PRO CA 49 5.81 15.25 69.16
N GLY CA 50 5.32 15.91 68.11
CA GLY CA 50 5.54 17.33 67.96
C GLY CA 50 6.68 17.71 67.03
N TYR CA 51 7.28 16.76 66.33
CA TYR CA 51 8.56 17.03 65.67
C TYR CA 51 8.38 17.89 64.42
N PHE CA 52 7.34 17.64 63.64
CA PHE CA 52 7.17 18.31 62.35
C PHE CA 52 6.13 19.42 62.48
N GLY CA 53 6.52 20.65 62.20
CA GLY CA 53 5.58 21.74 62.08
C GLY CA 53 6.15 23.03 62.59
N LYS CA 54 5.28 24.04 62.67
CA LYS CA 54 5.63 25.36 63.18
C LYS CA 54 4.58 25.79 64.18
N VAL CA 55 5.04 26.32 65.32
CA VAL CA 55 4.13 26.81 66.34
C VAL CA 55 4.76 28.00 67.06
N GLY CA 56 4.03 29.11 67.09
CA GLY CA 56 4.48 30.30 67.78
C GLY CA 56 5.05 31.34 66.83
N MET CA 57 5.36 32.50 67.41
CA MET CA 57 5.88 33.63 66.65
C MET CA 57 7.40 33.66 66.74
N LYS CA 58 8.04 34.00 65.63
CA LYS CA 58 9.49 34.05 65.57
C LYS CA 58 10.01 35.45 65.90
N HIS CA 59 11.17 35.48 66.53
CA HIS CA 59 11.68 36.67 67.22
C HIS CA 59 13.15 36.84 66.88
N TYR CA 60 13.45 37.80 66.02
CA TYR CA 60 14.79 37.94 65.49
C TYR CA 60 15.66 38.73 66.46
N HIS CA 61 16.95 38.37 66.49
CA HIS CA 61 17.97 38.89 67.40
C HIS CA 61 17.48 38.83 68.84
N LEU CA 62 17.28 37.62 69.33
CA LEU CA 62 16.96 37.42 70.74
C LEU CA 62 18.25 37.45 71.53
N LYS CA 63 18.19 38.06 72.71
CA LYS CA 63 19.33 38.16 73.60
C LYS CA 63 18.92 37.61 74.96
N ARG CA 64 19.62 36.59 75.44
CA ARG CA 64 19.32 35.97 76.72
C ARG CA 64 20.00 36.67 77.88
N ASN CA 65 20.38 37.93 77.70
CA ASN CA 65 20.94 38.74 78.76
C ASN CA 65 19.93 39.73 79.33
N GLN CA 66 18.80 39.93 78.67
CA GLN CA 66 17.76 40.83 79.16
C GLN CA 66 16.51 40.11 79.64
N SER CA 67 16.33 38.84 79.31
CA SER CA 67 15.32 38.00 79.94
C SER CA 67 15.84 37.31 81.18
N PHE CA 68 16.97 37.77 81.72
CA PHE CA 68 17.65 37.13 82.82
C PHE CA 68 16.91 37.44 84.12
N CYS CA 69 16.22 36.45 84.67
CA CYS CA 69 15.53 36.58 85.94
C CYS CA 69 15.71 35.29 86.73
N PRO CA 70 16.85 35.13 87.40
CA PRO CA 70 17.08 33.92 88.20
C PRO CA 70 16.27 33.98 89.49
N THR CA 71 15.63 32.87 89.81
CA THR CA 71 14.67 32.83 90.90
C THR CA 71 15.19 31.97 92.04
N VAL CA 72 14.66 32.25 93.24
CA VAL CA 72 14.99 31.50 94.44
C VAL CA 72 13.70 31.29 95.22
N ASN CA 73 13.46 30.05 95.66
CA ASN CA 73 12.28 29.76 96.42
C ASN CA 73 12.41 30.30 97.84
N LEU CA 74 11.29 30.29 98.55
CA LEU CA 74 11.21 30.96 99.84
C LEU CA 74 11.78 30.10 100.97
N ASP CA 75 11.87 28.79 100.78
CA ASP CA 75 12.47 27.93 101.79
C ASP CA 75 13.99 28.06 101.81
N LYS CA 76 14.62 28.21 100.66
CA LYS CA 76 16.06 28.43 100.56
C LYS CA 76 16.40 29.91 100.60
N LEU CA 77 15.88 30.61 101.62
CA LEU CA 77 16.10 32.04 101.77
C LEU CA 77 17.09 32.37 102.87
N TRP CA 78 17.05 31.63 103.98
CA TRP CA 78 18.03 31.81 105.04
C TRP CA 78 19.36 31.14 104.73
N THR CA 79 19.45 30.38 103.63
CA THR CA 79 20.74 29.91 103.14
C THR CA 79 21.53 31.01 102.45
N LEU CA 80 20.89 32.15 102.16
CA LEU CA 80 21.58 33.26 101.54
C LEU CA 80 22.33 34.12 102.55
N VAL CA 81 22.17 33.85 103.84
CA VAL CA 81 22.97 34.50 104.87
C VAL CA 81 23.69 33.44 105.69
N SER CA 82 24.46 33.87 106.68
CA SER CA 82 25.23 32.96 107.51
C SER CA 82 24.37 32.46 108.67
N GLU CA 83 24.98 31.72 109.59
CA GLU CA 83 24.23 31.17 110.72
C GLU CA 83 24.09 32.20 111.84
N GLN CA 84 25.03 33.14 111.93
CA GLN CA 84 24.95 34.20 112.94
C GLN CA 84 23.81 35.16 112.68
N THR CA 85 23.36 35.27 111.43
CA THR CA 85 22.29 36.21 111.11
C THR CA 85 20.95 35.69 111.62
N ARG CA 86 20.67 34.41 111.42
CA ARG CA 86 19.36 33.86 111.71
C ARG CA 86 19.16 33.58 113.20
N VAL CA 87 20.22 33.12 113.87
CA VAL CA 87 20.10 32.76 115.28
C VAL CA 87 20.04 34.00 116.16
N ASN CA 88 20.93 34.97 115.90
CA ASN CA 88 20.98 36.17 116.72
C ASN CA 88 19.82 37.14 116.44
N ALA CA 89 19.00 36.87 115.44
CA ALA CA 89 17.77 37.62 115.23
C ALA CA 89 16.58 37.00 115.94
N ALA CA 90 16.71 35.76 116.44
CA ALA CA 90 15.62 35.14 117.18
C ALA CA 90 15.61 35.63 118.63
N LYS CA 91 16.78 35.78 119.24
CA LYS CA 91 16.91 36.24 120.61
C LYS CA 91 17.00 37.76 120.74
N ASN CA 92 16.64 38.48 119.68
CA ASN CA 92 16.75 39.94 119.68
C ASN CA 92 15.65 40.53 120.55
N LYS CA 93 16.04 41.43 121.44
CA LYS CA 93 15.09 42.08 122.35
C LYS CA 93 14.30 43.16 121.60
N THR CA 94 15.00 44.14 121.05
CA THR CA 94 14.38 45.09 120.14
C THR CA 94 14.06 44.36 118.84
N GLY CA 95 12.82 44.50 118.37
CA GLY CA 95 12.35 43.72 117.25
C GLY CA 95 12.93 44.11 115.91
N ALA CA 96 14.22 43.87 115.72
CA ALA CA 96 14.93 44.24 114.51
C ALA CA 96 15.01 43.04 113.58
N ALA CA 97 14.56 43.22 112.35
CA ALA CA 97 14.56 42.16 111.35
C ALA CA 97 15.83 42.22 110.52
N PRO CA 98 16.48 41.09 110.25
CA PRO CA 98 17.70 41.11 109.43
C PRO CA 98 17.39 41.37 107.97
N ILE CA 99 18.43 41.79 107.25
CA ILE CA 99 18.32 42.15 105.85
C ILE CA 99 18.85 40.99 105.02
N ILE CA 100 18.00 40.38 104.22
CA ILE CA 100 18.45 39.44 103.20
C ILE CA 100 18.24 40.14 101.85
N ASP CA 101 19.31 40.72 101.33
CA ASP CA 101 19.32 41.24 99.97
C ASP CA 101 19.65 40.10 99.02
N VAL CA 102 18.65 39.62 98.29
CA VAL CA 102 18.87 38.45 97.44
C VAL CA 102 19.52 38.81 96.11
N VAL CA 103 19.68 40.10 95.83
CA VAL CA 103 20.22 40.51 94.53
C VAL CA 103 21.73 40.34 94.51
N ARG CA 104 22.42 40.64 95.61
CA ARG CA 104 23.85 40.42 95.70
C ARG CA 104 24.20 38.94 95.78
N SER CA 105 23.25 38.09 96.17
CA SER CA 105 23.50 36.65 96.17
C SER CA 105 23.41 36.06 94.78
N GLY CA 106 22.81 36.76 93.83
CA GLY CA 106 22.76 36.32 92.45
C GLY CA 106 21.35 36.08 91.91
N TYR CA 107 20.30 36.32 92.68
CA TYR CA 107 18.94 36.03 92.27
C TYR CA 107 18.15 37.33 92.10
N TYR CA 108 17.08 37.28 91.33
CA TYR CA 108 16.24 38.45 91.09
C TYR CA 108 14.83 38.31 91.62
N LYS CA 109 14.14 37.21 91.36
CA LYS CA 109 12.77 37.03 91.83
C LYS CA 109 12.75 36.08 93.01
N VAL CA 110 11.98 36.45 94.05
CA VAL CA 110 11.71 35.56 95.16
C VAL CA 110 10.42 34.81 94.87
N LEU CA 111 10.51 33.49 94.85
CA LEU CA 111 9.33 32.64 94.68
C LEU CA 111 8.87 32.16 96.05
N GLY CA 112 7.74 31.45 96.07
CA GLY CA 112 7.10 31.14 97.33
C GLY CA 112 6.92 29.69 97.70
N LYS CA 113 7.93 28.86 97.48
CA LYS CA 113 7.87 27.44 97.83
C LYS CA 113 8.53 27.20 99.17
N GLY CA 114 7.82 26.54 100.07
CA GLY CA 114 8.36 26.17 101.37
C GLY CA 114 7.90 27.12 102.47
N LYS CA 115 7.98 26.64 103.71
CA LYS CA 115 7.55 27.42 104.85
C LYS CA 115 8.71 28.22 105.43
N LEU CA 116 8.40 29.39 105.92
CA LEU CA 116 9.38 30.21 106.60
C LEU CA 116 9.37 29.94 108.10
N PRO CA 117 10.51 30.08 108.77
CA PRO CA 117 10.49 30.03 110.23
C PRO CA 117 9.87 31.30 110.81
N LYS CA 118 9.21 31.14 111.96
CA LYS CA 118 8.40 32.20 112.53
C LYS CA 118 9.25 33.31 113.16
N GLN CA 119 9.90 34.12 112.32
CA GLN CA 119 10.66 35.28 112.73
C GLN CA 119 10.78 36.23 111.55
N PRO CA 120 10.62 37.53 111.74
CA PRO CA 120 10.53 38.45 110.60
C PRO CA 120 11.85 38.64 109.88
N VAL CA 121 11.74 39.07 108.62
CA VAL CA 121 12.89 39.29 107.76
C VAL CA 121 12.51 40.34 106.71
N ILE CA 122 13.44 41.23 106.40
CA ILE CA 122 13.28 42.20 105.33
C ILE CA 122 13.94 41.62 104.09
N VAL CA 123 13.12 41.23 103.12
CA VAL CA 123 13.61 40.66 101.86
C VAL CA 123 13.70 41.77 100.84
N LYS CA 124 14.87 41.91 100.21
CA LYS CA 124 15.11 42.94 99.20
C LYS CA 124 15.33 42.25 97.86
N ALA CA 125 14.30 42.25 97.02
CA ALA CA 125 14.35 41.62 95.70
C ALA CA 125 13.84 42.58 94.65
N LYS CA 126 14.18 42.29 93.39
CA LYS CA 126 13.62 43.07 92.30
C LYS CA 126 12.17 42.68 92.02
N PHE CA 127 11.86 41.40 92.11
CA PHE CA 127 10.51 40.91 91.84
C PHE CA 127 10.07 39.99 92.97
N PHE CA 128 8.76 39.79 93.07
CA PHE CA 128 8.16 38.88 94.02
C PHE CA 128 7.01 38.15 93.34
N SER CA 129 6.53 37.10 93.99
CA SER CA 129 5.26 36.48 93.61
C SER CA 129 4.14 37.02 94.51
N ARG CA 130 2.92 36.62 94.20
CA ARG CA 130 1.79 37.03 95.03
C ARG CA 130 1.79 36.28 96.35
N ARG CA 131 1.87 34.95 96.28
CA ARG CA 131 1.88 34.11 97.47
C ARG CA 131 3.28 33.91 98.04
N ALA CA 132 4.27 34.65 97.54
CA ALA CA 132 5.57 34.77 98.19
C ALA CA 132 5.66 36.04 99.03
N GLU CA 133 5.03 37.11 98.57
CA GLU CA 133 5.03 38.36 99.31
C GLU CA 133 4.13 38.28 100.54
N GLU CA 134 3.12 37.41 100.54
CA GLU CA 134 2.19 37.32 101.66
C GLU CA 134 2.51 36.20 102.63
N LYS CA 135 3.42 35.29 102.28
CA LYS CA 135 3.99 34.39 103.29
C LYS CA 135 5.09 35.07 104.08
N ILE CA 136 5.58 36.23 103.62
CA ILE CA 136 6.44 37.07 104.43
C ILE CA 136 5.63 38.04 105.29
N LYS CA 137 4.41 38.37 104.87
CA LYS CA 137 3.51 39.15 105.72
C LYS CA 137 3.03 38.34 106.91
N SER CA 138 2.73 37.06 106.71
CA SER CA 138 2.13 36.25 107.77
C SER CA 138 3.15 35.92 108.85
N VAL CA 139 4.42 35.77 108.48
CA VAL CA 139 5.47 35.55 109.46
C VAL CA 139 5.70 36.83 110.27
N GLY CA 140 5.65 37.98 109.61
CA GLY CA 140 5.87 39.25 110.25
C GLY CA 140 6.91 40.12 109.60
N GLY CA 141 7.50 39.69 108.49
CA GLY CA 141 8.54 40.45 107.82
C GLY CA 141 8.00 41.51 106.88
N ALA CA 142 8.79 41.85 105.88
CA ALA CA 142 8.43 42.89 104.92
C ALA CA 142 9.12 42.59 103.60
N CYS CA 143 8.69 43.28 102.56
CA CYS CA 143 9.25 43.13 101.22
C CYS CA 143 9.62 44.49 100.67
N VAL CA 144 10.84 44.61 100.14
CA VAL CA 144 11.36 45.85 99.61
C VAL CA 144 11.78 45.61 98.16
N LEU CA 145 11.34 46.50 97.27
CA LEU CA 145 11.68 46.38 95.86
C LEU CA 145 13.03 47.03 95.60
N VAL CA 146 13.80 46.42 94.71
CA VAL CA 146 15.19 46.79 94.44
C VAL CA 146 15.30 47.15 92.97
N ALA CA 147 16.10 48.18 92.68
CA ALA CA 147 16.46 48.54 91.31
C ALA CA 147 17.22 47.44 90.59
N ALA DA 1 9.42 -12.43 43.12
CA ALA DA 1 8.05 -12.37 42.61
C ALA DA 1 7.06 -12.39 43.76
N LYS DA 2 6.08 -13.30 43.69
CA LYS DA 2 5.08 -13.40 44.73
C LYS DA 2 5.66 -14.07 45.97
N SER DA 3 4.94 -13.97 47.07
CA SER DA 3 5.43 -14.45 48.36
C SER DA 3 4.22 -14.77 49.24
N LYS DA 4 4.50 -15.11 50.50
CA LYS DA 4 3.46 -15.47 51.44
C LYS DA 4 2.69 -14.22 51.87
N ASN DA 5 1.36 -14.27 51.76
CA ASN DA 5 0.54 -13.10 52.04
C ASN DA 5 0.26 -12.96 53.53
N HIS DA 6 -0.46 -13.92 54.09
CA HIS DA 6 -0.85 -13.91 55.50
C HIS DA 6 -0.58 -15.27 56.11
N THR DA 7 -0.26 -15.28 57.40
CA THR DA 7 0.05 -16.51 58.13
C THR DA 7 -0.11 -16.27 59.62
N THR DA 8 -0.91 -17.10 60.26
CA THR DA 8 -1.06 -17.11 61.71
C THR DA 8 -0.29 -18.27 62.34
N HIS DA 9 0.33 -19.11 61.51
CA HIS DA 9 1.16 -20.21 61.98
C HIS DA 9 2.37 -19.65 62.74
N ASN DA 10 2.75 -20.35 63.80
CA ASN DA 10 3.77 -20.10 64.82
C ASN DA 10 3.35 -19.02 65.81
N GLN DA 11 2.20 -18.36 65.61
CA GLN DA 11 1.91 -17.19 66.44
C GLN DA 11 1.38 -17.58 67.81
N SER DA 12 0.66 -18.69 67.92
CA SER DA 12 0.19 -19.13 69.23
C SER DA 12 1.32 -19.70 70.08
N ARG DA 13 2.36 -20.22 69.44
CA ARG DA 13 3.54 -20.67 70.18
C ARG DA 13 4.36 -19.49 70.68
N LYS DA 14 4.33 -18.37 69.95
CA LYS DA 14 5.08 -17.20 70.37
C LYS DA 14 4.51 -16.57 71.64
N TRP DA 15 3.21 -16.34 71.69
CA TRP DA 15 2.63 -15.64 72.83
C TRP DA 15 2.21 -16.58 73.96
N HIS DA 16 2.82 -17.75 74.07
CA HIS DA 16 2.71 -18.57 75.27
C HIS DA 16 4.05 -18.85 75.90
N ARG DA 17 5.15 -18.33 75.35
CA ARG DA 17 6.46 -18.49 75.97
C ARG DA 17 6.56 -17.66 77.23
N ASN DA 18 6.09 -16.42 77.18
CA ASN DA 18 5.99 -15.59 78.37
C ASN DA 18 4.61 -15.65 78.98
N GLY DA 19 3.71 -16.47 78.43
CA GLY DA 19 2.39 -16.69 78.97
C GLY DA 19 1.41 -15.58 78.64
N ILE DA 20 0.17 -15.94 78.31
CA ILE DA 20 -0.89 -14.93 78.20
C ILE DA 20 -1.30 -14.59 79.62
N LYS DA 21 -0.77 -13.50 80.14
CA LYS DA 21 -1.02 -13.11 81.52
C LYS DA 21 -2.23 -12.19 81.59
N LYS DA 22 -3.01 -12.35 82.65
CA LYS DA 22 -4.25 -11.62 82.83
C LYS DA 22 -3.95 -10.15 83.13
N PRO DA 23 -4.91 -9.25 82.90
CA PRO DA 23 -4.71 -7.86 83.33
C PRO DA 23 -4.74 -7.76 84.85
N ARG DA 24 -3.70 -7.14 85.40
CA ARG DA 24 -3.53 -7.10 86.85
C ARG DA 24 -4.55 -6.15 87.47
N SER DA 25 -5.68 -6.69 87.91
CA SER DA 25 -6.73 -5.91 88.53
C SER DA 25 -6.45 -5.81 90.03
N GLN DA 26 -6.53 -4.59 90.55
CA GLN DA 26 -6.21 -4.30 91.92
C GLN DA 26 -7.41 -3.71 92.64
N ARG DA 27 -7.32 -3.70 93.96
CA ARG DA 27 -8.23 -2.89 94.77
C ARG DA 27 -7.99 -1.42 94.43
N TYR DA 28 -9.06 -0.63 94.52
CA TYR DA 28 -9.08 0.81 94.20
C TYR DA 28 -8.70 1.03 92.72
N GLU DA 29 -9.61 0.61 91.86
CA GLU DA 29 -9.48 0.96 90.45
C GLU DA 29 -9.68 2.46 90.26
N SER DA 30 -9.19 2.96 89.13
CA SER DA 30 -9.31 4.38 88.84
C SER DA 30 -10.73 4.74 88.44
N LEU DA 31 -11.04 6.02 88.53
CA LEU DA 31 -12.37 6.54 88.26
C LEU DA 31 -12.44 7.31 86.95
N LYS DA 32 -11.50 7.06 86.05
CA LYS DA 32 -11.50 7.69 84.74
C LYS DA 32 -12.59 7.05 83.88
N GLY DA 33 -13.63 7.82 83.57
CA GLY DA 33 -14.69 7.32 82.72
C GLY DA 33 -16.09 7.43 83.30
N VAL DA 34 -16.18 7.71 84.59
CA VAL DA 34 -17.48 7.76 85.27
C VAL DA 34 -18.18 9.07 84.94
N ASP DA 35 -19.46 9.16 85.30
CA ASP DA 35 -20.30 10.31 85.01
C ASP DA 35 -19.78 11.56 85.73
N PRO DA 36 -19.49 12.65 85.02
CA PRO DA 36 -18.98 13.85 85.69
C PRO DA 36 -19.97 14.52 86.62
N LYS DA 37 -21.28 14.33 86.42
CA LYS DA 37 -22.24 14.81 87.42
C LYS DA 37 -22.17 13.95 88.68
N PHE DA 38 -21.97 12.65 88.51
CA PHE DA 38 -21.79 11.75 89.65
C PHE DA 38 -20.42 11.94 90.29
N LEU DA 39 -19.40 12.32 89.52
CA LEU DA 39 -18.05 12.35 90.06
C LEU DA 39 -17.80 13.59 90.91
N ARG DA 40 -18.40 14.73 90.56
CA ARG DA 40 -18.26 15.92 91.40
C ARG DA 40 -19.14 15.87 92.64
N ASN DA 41 -20.15 14.99 92.65
CA ASN DA 41 -20.90 14.75 93.88
C ASN DA 41 -20.02 14.10 94.93
N MET DA 42 -19.31 13.05 94.54
CA MET DA 42 -18.52 12.27 95.50
C MET DA 42 -17.30 13.07 95.97
N ARG DA 43 -16.81 13.99 95.14
CA ARG DA 43 -15.76 14.91 95.58
C ARG DA 43 -16.30 15.96 96.53
N PHE DA 44 -17.61 16.18 96.56
CA PHE DA 44 -18.25 17.00 97.57
C PHE DA 44 -18.67 16.20 98.80
N ALA DA 45 -18.74 14.89 98.69
CA ALA DA 45 -18.96 14.01 99.84
C ALA DA 45 -17.66 13.57 100.48
N LYS DA 46 -16.54 14.18 100.09
CA LYS DA 46 -15.24 13.94 100.70
C LYS DA 46 -14.66 15.27 101.14
N LYS DA 47 -15.09 16.34 100.47
CA LYS DA 47 -14.72 17.69 100.86
C LYS DA 47 -15.27 18.04 102.23
N HIS DA 48 -16.46 17.54 102.58
CA HIS DA 48 -17.10 17.87 103.83
C HIS DA 48 -17.23 16.66 104.75
N ASN DA 49 -16.33 15.70 104.59
CA ASN DA 49 -16.19 14.65 105.59
C ASN DA 49 -15.40 15.14 106.79
N LYS DA 50 -14.64 16.23 106.62
CA LYS DA 50 -14.04 16.93 107.76
C LYS DA 50 -15.11 17.53 108.66
N LYS DA 51 -16.22 17.96 108.09
CA LYS DA 51 -17.40 18.31 108.87
C LYS DA 51 -18.02 17.04 109.42
N GLY DA 52 -17.88 16.82 110.72
CA GLY DA 52 -18.50 15.65 111.31
C GLY DA 52 -17.56 14.69 112.02
N LEU DA 53 -16.45 15.21 112.55
CA LEU DA 53 -15.60 14.40 113.40
C LEU DA 53 -16.28 14.09 114.73
N LYS DA 54 -16.77 15.14 115.41
CA LYS DA 54 -17.24 15.03 116.80
C LYS DA 54 -18.47 14.14 116.92
N LYS DA 55 -19.38 14.22 115.96
CA LYS DA 55 -20.55 13.36 115.97
C LYS DA 55 -20.21 11.93 115.57
N MET DA 56 -19.07 11.73 114.92
CA MET DA 56 -18.55 10.41 114.62
C MET DA 56 -17.61 9.89 115.70
N GLN DA 57 -16.71 10.75 116.20
CA GLN DA 57 -15.75 10.32 117.21
C GLN DA 57 -16.44 10.02 118.54
N ALA DA 58 -17.43 10.81 118.92
CA ALA DA 58 -18.24 10.46 120.09
C ALA DA 58 -19.48 9.65 119.67
N ASN DA 59 -19.23 8.65 118.84
CA ASN DA 59 -20.19 7.60 118.54
C ASN DA 59 -19.52 6.25 118.41
N ASN DA 60 -18.19 6.20 118.28
CA ASN DA 60 -17.42 4.96 118.21
C ASN DA 60 -16.94 4.53 119.59
N ALA DA 61 -16.31 5.46 120.33
CA ALA DA 61 -15.90 5.18 121.70
C ALA DA 61 -17.09 5.01 122.64
N LYS DA 62 -18.23 5.61 122.29
CA LYS DA 62 -19.49 5.23 122.93
C LYS DA 62 -19.83 3.79 122.61
N ALA DA 63 -19.74 3.41 121.32
CA ALA DA 63 -20.05 2.06 120.90
C ALA DA 63 -18.97 1.05 121.25
N MET DA 64 -17.79 1.50 121.67
CA MET DA 64 -16.85 0.59 122.30
C MET DA 64 -17.21 0.35 123.76
N SER DA 65 -17.72 1.39 124.43
CA SER DA 65 -18.08 1.34 125.84
C SER DA 65 -19.55 1.01 126.06
N ALA DA 66 -20.23 0.44 125.07
CA ALA DA 66 -21.62 0.02 125.22
C ALA DA 66 -21.82 -1.48 124.97
N ARG DA 67 -21.19 -2.03 123.94
CA ARG DA 67 -21.29 -3.47 123.70
C ARG DA 67 -20.31 -4.27 124.55
N ALA DA 68 -19.34 -3.61 125.20
CA ALA DA 68 -18.48 -4.31 126.15
C ALA DA 68 -19.22 -4.65 127.43
N GLU DA 69 -20.32 -3.97 127.72
CA GLU DA 69 -21.17 -4.33 128.86
C GLU DA 69 -21.78 -5.70 128.67
N ALA DA 70 -22.08 -6.09 127.43
CA ALA DA 70 -22.57 -7.43 127.15
C ALA DA 70 -21.44 -8.46 127.15
N ILE DA 71 -20.20 -8.03 126.97
CA ILE DA 71 -19.06 -8.93 127.02
C ILE DA 71 -18.55 -9.08 128.46
N LYS DA 72 -18.85 -8.12 129.32
CA LYS DA 72 -18.54 -8.23 130.74
C LYS DA 72 -19.47 -9.20 131.45
N ALA DA 73 -20.58 -9.60 130.81
CA ALA DA 73 -21.51 -10.59 131.37
C ALA DA 73 -20.88 -11.96 131.27
N LEU DA 74 -19.97 -12.25 132.21
CA LEU DA 74 -19.26 -13.52 132.32
C LEU DA 74 -19.45 -14.01 133.76
N VAL DA 75 -20.54 -14.74 133.98
CA VAL DA 75 -20.96 -15.28 135.28
C VAL DA 75 -21.05 -14.21 136.36
N ALA DA 76 -11.88 -46.84 128.19
CA ALA DA 76 -11.03 -47.36 129.25
C ALA DA 76 -9.63 -46.76 129.14
N SER DA 77 -8.73 -47.45 128.45
CA SER DA 77 -7.37 -46.97 128.26
C SER DA 77 -6.98 -46.74 126.81
N ARG DA 78 -7.65 -47.38 125.84
CA ARG DA 78 -7.52 -47.13 124.39
C ARG DA 78 -6.07 -47.33 123.93
N LYS DA 79 -5.68 -48.61 123.83
CA LYS DA 79 -4.28 -49.06 123.81
C LYS DA 79 -3.41 -48.39 122.74
N LEU DA 80 -3.98 -47.90 121.65
CA LEU DA 80 -3.16 -47.22 120.67
C LEU DA 80 -3.06 -45.72 120.90
N ASP DA 81 -4.10 -45.08 121.44
CA ASP DA 81 -4.00 -43.68 121.80
C ASP DA 81 -3.20 -43.46 123.07
N ARG DA 82 -2.98 -44.52 123.86
CA ARG DA 82 -2.14 -44.42 125.04
C ARG DA 82 -0.67 -44.28 124.65
N LEU DA 83 -0.23 -45.05 123.65
CA LEU DA 83 1.16 -44.98 123.19
C LEU DA 83 1.48 -43.67 122.51
N ALA DA 84 0.50 -43.03 121.89
CA ALA DA 84 0.74 -41.74 121.26
C ALA DA 84 0.93 -40.63 122.29
N TYR DA 85 0.33 -40.79 123.47
CA TYR DA 85 0.51 -39.81 124.53
C TYR DA 85 1.90 -39.90 125.15
N ILE DA 86 2.46 -41.11 125.23
CA ILE DA 86 3.77 -41.29 125.84
C ILE DA 86 4.87 -40.76 124.93
N ALA DA 87 4.70 -40.95 123.62
CA ALA DA 87 5.71 -40.51 122.65
C ALA DA 87 5.66 -39.01 122.35
N HIS DA 88 4.78 -38.27 123.00
CA HIS DA 88 4.79 -36.83 122.88
C HIS DA 88 5.99 -36.27 123.65
N PRO DA 89 6.69 -35.27 123.11
CA PRO DA 89 7.89 -34.76 123.79
C PRO DA 89 7.60 -33.95 125.04
N LYS DA 90 6.39 -33.45 125.23
CA LYS DA 90 6.04 -32.71 126.43
C LYS DA 90 4.91 -33.35 127.22
N LEU DA 91 3.84 -33.77 126.55
CA LEU DA 91 2.68 -34.35 127.22
C LEU DA 91 2.99 -35.70 127.85
N GLY DA 92 4.00 -36.41 127.36
CA GLY DA 92 4.37 -37.69 127.95
C GLY DA 92 5.76 -37.67 128.55
N LYS DA 93 6.14 -36.53 129.13
CA LYS DA 93 7.43 -36.42 129.81
C LYS DA 93 7.46 -37.28 131.07
N ARG DA 94 6.45 -37.14 131.91
CA ARG DA 94 6.38 -37.92 133.14
C ARG DA 94 5.98 -39.36 132.90
N ALA DA 95 5.34 -39.65 131.77
CA ALA DA 95 4.86 -41.01 131.51
C ALA DA 95 6.03 -41.95 131.22
N ARG DA 96 6.89 -41.59 130.28
CA ARG DA 96 8.08 -42.39 130.01
C ARG DA 96 9.15 -42.25 131.08
N ALA DA 97 9.03 -41.26 131.97
CA ALA DA 97 9.94 -41.15 133.11
C ALA DA 97 9.70 -42.23 134.14
N ARG DA 98 8.49 -42.78 134.22
CA ARG DA 98 8.20 -43.89 135.13
C ARG DA 98 8.12 -45.22 134.41
N ILE DA 99 8.37 -45.26 133.11
CA ILE DA 99 8.54 -46.53 132.42
C ILE DA 99 9.91 -47.12 132.73
N ALA DA 100 10.95 -46.29 132.71
CA ALA DA 100 12.31 -46.73 133.00
C ALA DA 100 12.55 -46.96 134.48
N LYS DA 101 11.65 -46.54 135.36
CA LYS DA 101 11.70 -46.91 136.76
C LYS DA 101 10.96 -48.22 137.02
N GLY DA 102 10.52 -48.91 135.97
CA GLY DA 102 10.11 -50.30 136.06
C GLY DA 102 11.19 -51.18 135.44
N LEU DA 103 12.03 -50.56 134.61
CA LEU DA 103 13.13 -51.30 133.99
C LEU DA 103 14.23 -51.60 134.99
N ARG DA 104 14.79 -50.56 135.60
CA ARG DA 104 15.87 -50.75 136.57
C ARG DA 104 15.41 -50.20 137.92
N LEU DA 105 14.53 -50.95 138.60
CA LEU DA 105 14.11 -50.75 139.98
C LEU DA 105 13.25 -51.95 140.37
N CYS DA 106 13.54 -52.59 141.50
CA CYS DA 106 12.85 -53.82 141.88
C CYS DA 106 12.54 -53.80 143.37
N ARG DA 107 11.25 -53.82 143.70
CA ARG DA 107 10.79 -53.83 145.08
C ARG DA 107 9.79 -54.95 145.30
N PRO DA 108 9.78 -55.58 146.48
CA PRO DA 108 8.87 -56.70 146.72
C PRO DA 108 7.44 -56.21 147.01
N LYS DA 109 6.59 -57.17 147.34
CA LYS DA 109 5.15 -56.98 147.59
C LYS DA 109 4.43 -56.29 146.44
N LYS EA 1 24.78 51.05 -52.92
CA LYS EA 1 25.29 51.64 -54.16
C LYS EA 1 26.62 52.34 -53.92
N SER EA 2 26.94 52.58 -52.65
CA SER EA 2 28.21 53.22 -52.32
C SER EA 2 29.37 52.25 -52.47
N LEU EA 3 29.34 51.15 -51.70
CA LEU EA 3 30.35 50.12 -51.85
C LEU EA 3 30.01 49.14 -52.96
N GLU EA 4 28.76 49.09 -53.39
CA GLU EA 4 28.30 48.11 -54.37
C GLU EA 4 28.64 48.51 -55.81
N SER EA 5 29.21 49.69 -56.01
CA SER EA 5 29.72 50.09 -57.31
C SER EA 5 31.24 50.18 -57.36
N ILE EA 6 31.90 50.28 -56.20
CA ILE EA 6 33.36 50.36 -56.16
C ILE EA 6 33.98 49.02 -56.55
N ASN EA 7 33.53 47.94 -55.91
CA ASN EA 7 34.08 46.62 -56.20
C ASN EA 7 33.57 46.01 -57.51
N SER EA 8 32.77 46.73 -58.28
CA SER EA 8 32.48 46.37 -59.66
C SER EA 8 33.34 47.12 -60.65
N ARG EA 9 33.74 48.35 -60.35
CA ARG EA 9 34.78 49.03 -61.11
C ARG EA 9 36.17 48.73 -60.59
N LEU EA 10 36.26 47.91 -59.54
CA LEU EA 10 37.57 47.47 -59.01
C LEU EA 10 37.96 46.15 -59.65
N GLN EA 11 36.99 45.41 -60.18
CA GLN EA 11 37.26 44.17 -60.90
C GLN EA 11 37.67 44.49 -62.34
N LEU EA 12 37.39 45.70 -62.81
CA LEU EA 12 37.76 46.16 -64.14
C LEU EA 12 39.24 46.52 -64.20
N VAL EA 13 39.82 46.83 -63.05
CA VAL EA 13 41.23 47.16 -62.95
C VAL EA 13 41.98 45.89 -63.31
N MET EA 14 41.55 44.76 -62.75
CA MET EA 14 42.14 43.46 -63.06
C MET EA 14 41.72 43.13 -64.49
N LYS EA 15 42.64 42.53 -65.24
CA LYS EA 15 42.50 42.13 -66.66
C LYS EA 15 42.41 43.31 -67.64
N SER EA 16 42.84 44.49 -67.21
CA SER EA 16 42.80 45.67 -68.04
C SER EA 16 43.72 46.72 -67.46
N GLY EA 17 44.54 46.33 -66.50
CA GLY EA 17 45.46 47.28 -65.91
C GLY EA 17 46.40 46.62 -64.94
N LYS EA 18 47.34 47.43 -64.45
CA LYS EA 18 48.39 46.99 -63.54
C LYS EA 18 48.01 47.32 -62.10
N TYR EA 19 47.96 46.28 -61.28
CA TYR EA 19 47.68 46.43 -59.86
C TYR EA 19 48.74 45.64 -59.08
N VAL EA 20 48.88 45.96 -57.81
CA VAL EA 20 49.86 45.29 -56.96
C VAL EA 20 49.26 45.15 -55.57
N LEU EA 21 49.55 44.02 -54.92
CA LEU EA 21 48.83 43.64 -53.71
C LEU EA 21 49.77 43.56 -52.51
N GLY EA 22 49.17 43.55 -51.33
CA GLY EA 22 49.90 43.35 -50.10
C GLY EA 22 50.60 44.60 -49.60
N TYR EA 23 50.95 44.57 -48.31
CA TYR EA 23 51.54 45.74 -47.66
C TYR EA 23 52.96 46.01 -48.14
N LYS EA 24 53.81 44.98 -48.15
CA LYS EA 24 55.22 45.16 -48.46
C LYS EA 24 55.47 45.52 -49.91
N GLN EA 25 54.50 45.32 -50.80
CA GLN EA 25 54.69 45.52 -52.21
C GLN EA 25 53.93 46.74 -52.72
N THR EA 26 53.25 47.47 -51.84
CA THR EA 26 52.75 48.81 -52.15
C THR EA 26 53.74 49.89 -51.77
N LEU EA 27 54.43 49.73 -50.63
CA LEU EA 27 55.53 50.62 -50.26
C LEU EA 27 56.64 50.57 -51.29
N LYS EA 28 56.84 49.43 -51.95
CA LYS EA 28 57.75 49.34 -53.07
C LYS EA 28 57.21 50.00 -54.34
N MET EA 29 55.99 50.53 -54.31
CA MET EA 29 55.43 51.28 -55.43
C MET EA 29 54.99 52.69 -55.06
N ILE EA 30 54.67 52.95 -53.79
CA ILE EA 30 54.33 54.30 -53.35
C ILE EA 30 55.57 55.21 -53.42
N ARG EA 31 56.68 54.78 -52.81
CA ARG EA 31 57.82 55.68 -52.70
C ARG EA 31 58.58 55.84 -54.00
N GLN EA 32 58.32 55.03 -55.02
CA GLN EA 32 58.87 55.25 -56.35
C GLN EA 32 57.80 55.78 -57.32
N GLY EA 33 56.75 56.40 -56.79
CA GLY EA 33 55.88 57.26 -57.57
C GLY EA 33 54.88 56.58 -58.48
N LYS EA 34 54.81 55.26 -58.48
CA LYS EA 34 53.89 54.57 -59.38
C LYS EA 34 52.48 54.45 -58.84
N ALA EA 35 52.28 54.63 -57.54
CA ALA EA 35 50.97 54.44 -56.93
C ALA EA 35 50.09 55.65 -57.23
N LYS EA 36 48.93 55.39 -57.82
CA LYS EA 36 47.92 56.43 -58.07
C LYS EA 36 46.80 56.40 -57.05
N LEU EA 37 46.41 55.22 -56.58
CA LEU EA 37 45.33 55.07 -55.62
C LEU EA 37 45.65 53.87 -54.73
N VAL EA 38 45.43 54.05 -53.43
CA VAL EA 38 45.66 52.99 -52.45
C VAL EA 38 44.34 52.68 -51.77
N ILE EA 39 44.01 51.40 -51.66
CA ILE EA 39 42.79 50.94 -51.01
C ILE EA 39 43.18 50.15 -49.77
N LEU EA 40 42.73 50.62 -48.60
CA LEU EA 40 42.94 49.93 -47.33
C LEU EA 40 41.71 49.14 -46.95
N ALA EA 41 41.93 48.02 -46.25
CA ALA EA 41 40.82 47.20 -45.77
C ALA EA 41 40.24 47.82 -44.50
N ASN EA 42 39.30 47.11 -43.89
CA ASN EA 42 38.57 47.62 -42.75
C ASN EA 42 39.23 47.24 -41.43
N ASN EA 43 39.85 46.06 -41.35
CA ASN EA 43 40.45 45.58 -40.11
C ASN EA 43 41.97 45.73 -40.11
N CYS EA 44 42.48 46.77 -40.78
CA CYS EA 44 43.91 47.04 -40.76
C CYS EA 44 44.34 47.50 -39.37
N PRO EA 45 45.56 47.16 -38.95
CA PRO EA 45 46.15 47.81 -37.78
C PRO EA 45 46.35 49.30 -38.07
N ALA EA 46 45.93 50.14 -37.12
CA ALA EA 46 45.96 51.57 -37.35
C ALA EA 46 47.37 52.13 -37.37
N LEU EA 47 48.35 51.41 -36.81
CA LEU EA 47 49.75 51.74 -37.04
C LEU EA 47 50.12 51.54 -38.51
N ARG EA 48 49.68 50.43 -39.10
CA ARG EA 48 49.86 50.24 -40.53
C ARG EA 48 49.01 51.23 -41.33
N LYS EA 49 47.82 51.54 -40.85
CA LYS EA 49 46.92 52.45 -41.55
C LYS EA 49 47.43 53.89 -41.51
N SER EA 50 48.07 54.30 -40.41
CA SER EA 50 48.62 55.65 -40.35
C SER EA 50 49.89 55.81 -41.17
N GLU EA 51 50.60 54.71 -41.44
CA GLU EA 51 51.82 54.80 -42.20
C GLU EA 51 51.55 54.91 -43.70
N ILE EA 52 50.43 54.34 -44.17
CA ILE EA 52 50.05 54.50 -45.55
C ILE EA 52 49.56 55.92 -45.80
N GLU EA 53 48.76 56.45 -44.89
CA GLU EA 53 48.26 57.82 -45.02
C GLU EA 53 49.37 58.86 -44.91
N TYR EA 54 50.47 58.53 -44.25
CA TYR EA 54 51.59 59.46 -44.20
C TYR EA 54 52.49 59.32 -45.42
N TYR EA 55 52.62 58.11 -45.97
CA TYR EA 55 53.39 57.93 -47.19
C TYR EA 55 52.67 58.49 -48.41
N ALA EA 56 51.37 58.26 -48.52
CA ALA EA 56 50.61 58.79 -49.64
C ALA EA 56 50.45 60.30 -49.58
N MET EA 57 50.56 60.90 -48.40
CA MET EA 57 50.58 62.34 -48.31
C MET EA 57 51.89 62.93 -48.83
N LEU EA 58 53.01 62.25 -48.60
CA LEU EA 58 54.27 62.71 -49.16
C LEU EA 58 54.36 62.43 -50.66
N ALA EA 59 53.76 61.33 -51.12
CA ALA EA 59 53.70 61.03 -52.54
C ALA EA 59 52.60 61.80 -53.26
N LYS EA 60 51.75 62.52 -52.51
CA LYS EA 60 50.57 63.23 -53.01
C LYS EA 60 49.63 62.27 -53.76
N THR EA 61 49.13 61.29 -53.01
CA THR EA 61 48.33 60.20 -53.53
C THR EA 61 47.08 60.04 -52.67
N GLY EA 62 45.95 59.76 -53.32
CA GLY EA 62 44.70 59.58 -52.61
C GLY EA 62 44.53 58.17 -52.06
N VAL EA 63 43.87 58.08 -50.91
CA VAL EA 63 43.65 56.83 -50.20
C VAL EA 63 42.16 56.61 -50.06
N HIS EA 64 41.70 55.45 -50.50
CA HIS EA 64 40.32 55.03 -50.27
C HIS EA 64 40.26 54.00 -49.14
N HIS EA 65 39.20 54.07 -48.35
CA HIS EA 65 38.97 53.16 -47.22
C HIS EA 65 37.85 52.20 -47.61
N TYR EA 66 38.21 50.98 -47.95
CA TYR EA 66 37.22 49.96 -48.30
C TYR EA 66 36.44 49.55 -47.06
N SER EA 67 35.21 49.08 -47.26
CA SER EA 67 34.24 48.95 -46.19
C SER EA 67 33.88 47.50 -45.86
N GLY EA 68 34.69 46.55 -46.32
CA GLY EA 68 34.44 45.16 -46.01
C GLY EA 68 35.31 44.63 -44.90
N ASN EA 69 36.36 43.90 -45.25
CA ASN EA 69 37.50 43.52 -44.42
C ASN EA 69 38.58 43.02 -45.38
N ASN EA 70 39.62 42.39 -44.84
CA ASN EA 70 40.63 41.79 -45.71
C ASN EA 70 40.10 40.56 -46.44
N ILE EA 71 39.06 39.91 -45.92
CA ILE EA 71 38.44 38.80 -46.62
C ILE EA 71 37.58 39.32 -47.76
N GLU EA 72 36.78 40.35 -47.51
CA GLU EA 72 35.91 40.90 -48.54
C GLU EA 72 36.63 41.88 -49.47
N LEU EA 73 37.93 42.02 -49.31
CA LEU EA 73 38.73 42.83 -50.21
C LEU EA 73 39.38 41.84 -51.16
N GLY EA 74 39.95 40.79 -50.60
CA GLY EA 74 40.57 39.73 -51.38
C GLY EA 74 39.58 39.19 -52.37
N THR EA 75 38.41 38.80 -51.89
CA THR EA 75 37.36 38.29 -52.76
C THR EA 75 36.91 39.36 -53.75
N ALA EA 76 36.83 40.61 -53.32
CA ALA EA 76 36.45 41.71 -54.17
C ALA EA 76 37.34 41.81 -55.39
N CYS EA 77 38.66 41.65 -55.23
CA CYS EA 77 39.53 41.73 -56.41
C CYS EA 77 39.64 40.46 -57.23
N GLY EA 78 38.94 39.40 -56.82
CA GLY EA 78 38.92 38.19 -57.61
C GLY EA 78 39.84 37.09 -57.15
N LYS EA 79 40.50 37.25 -56.02
CA LYS EA 79 41.48 36.28 -55.54
C LYS EA 79 40.84 35.36 -54.51
N TYR EA 80 41.65 34.51 -53.90
CA TYR EA 80 41.18 33.54 -52.91
C TYR EA 80 41.91 33.69 -51.59
N TYR EA 81 42.52 34.84 -51.35
CA TYR EA 81 43.30 35.08 -50.14
C TYR EA 81 43.04 36.50 -49.66
N ARG EA 82 43.39 36.76 -48.41
CA ARG EA 82 43.16 38.07 -47.83
C ARG EA 82 44.18 39.11 -48.26
N VAL EA 83 43.71 40.34 -48.40
CA VAL EA 83 44.56 41.47 -48.74
C VAL EA 83 44.06 42.70 -48.00
N CYS EA 84 44.99 43.41 -47.34
CA CYS EA 84 44.66 44.65 -46.68
C CYS EA 84 45.06 45.88 -47.48
N THR EA 85 46.09 45.79 -48.31
CA THR EA 85 46.65 46.97 -48.96
C THR EA 85 46.90 46.66 -50.43
N LEU EA 86 46.37 47.50 -51.31
CA LEU EA 86 46.63 47.38 -52.74
C LEU EA 86 46.89 48.77 -53.31
N ALA EA 87 47.76 48.83 -54.31
CA ALA EA 87 48.04 50.07 -55.02
C ALA EA 87 47.83 49.84 -56.50
N ILE EA 88 47.00 50.66 -57.12
CA ILE EA 88 46.76 50.57 -58.55
C ILE EA 88 47.82 51.40 -59.25
N ILE EA 89 48.49 50.79 -60.24
CA ILE EA 89 49.57 51.46 -60.94
C ILE EA 89 49.04 52.23 -62.15
N ASP EA 90 48.18 51.58 -62.96
CA ASP EA 90 47.56 52.23 -64.11
C ASP EA 90 46.27 51.49 -64.46
N PRO EA 91 45.12 52.16 -64.45
CA PRO EA 91 43.86 51.50 -64.80
C PRO EA 91 43.55 51.62 -66.29
N GLY EA 92 42.50 50.90 -66.69
CA GLY EA 92 42.02 50.92 -68.06
C GLY EA 92 40.51 50.98 -68.14
N ASP EA 93 39.89 51.65 -67.16
CA ASP EA 93 38.44 51.68 -67.06
C ASP EA 93 37.86 53.04 -66.68
N SER EA 94 38.70 54.09 -66.60
CA SER EA 94 38.34 55.41 -66.08
C SER EA 94 37.77 55.31 -64.67
N ASP EA 95 38.61 54.84 -63.76
CA ASP EA 95 38.24 54.56 -62.37
C ASP EA 95 38.40 55.76 -61.45
N ILE EA 96 39.44 56.58 -61.65
CA ILE EA 96 39.86 57.53 -60.65
C ILE EA 96 38.90 58.72 -60.56
N ILE EA 97 38.74 59.23 -59.34
CA ILE EA 97 37.82 60.32 -59.01
C ILE EA 97 38.54 61.31 -58.12
N ARG EA 98 37.81 62.31 -57.66
CA ARG EA 98 38.32 63.29 -56.69
C ARG EA 98 37.39 63.36 -55.50
N ASN FA 1 95.72 -59.02 4.29
CA ASN FA 1 95.92 -58.61 5.66
C ASN FA 1 95.36 -57.20 5.94
N GLU FA 2 96.18 -56.32 6.54
CA GLU FA 2 95.69 -55.03 6.98
C GLU FA 2 95.45 -54.07 5.82
N VAL FA 3 96.24 -54.17 4.76
CA VAL FA 3 96.09 -53.30 3.60
C VAL FA 3 95.69 -54.14 2.39
N VAL FA 4 94.74 -53.60 1.62
CA VAL FA 4 94.22 -54.25 0.42
C VAL FA 4 93.52 -53.17 -0.38
N THR FA 5 93.47 -53.35 -1.70
CA THR FA 5 92.69 -52.48 -2.57
C THR FA 5 91.90 -53.32 -3.56
N ARG FA 6 90.59 -53.07 -3.62
CA ARG FA 6 89.68 -53.83 -4.46
C ARG FA 6 88.75 -52.88 -5.19
N GLU FA 7 88.43 -53.21 -6.44
CA GLU FA 7 87.45 -52.44 -7.21
C GLU FA 7 86.11 -53.14 -7.12
N TYR FA 8 85.18 -52.53 -6.39
CA TYR FA 8 83.79 -52.95 -6.34
C TYR FA 8 82.98 -52.11 -7.31
N THR FA 9 81.75 -52.56 -7.54
CA THR FA 9 80.74 -51.71 -8.19
C THR FA 9 79.49 -51.74 -7.34
N ILE FA 10 78.93 -50.56 -7.09
CA ILE FA 10 77.87 -50.37 -6.12
C ILE FA 10 76.59 -50.09 -6.88
N ASN FA 11 75.62 -51.00 -6.75
CA ASN FA 11 74.31 -50.81 -7.36
C ASN FA 11 73.58 -49.73 -6.57
N ILE FA 12 73.66 -48.48 -7.05
CA ILE FA 12 73.00 -47.38 -6.38
C ILE FA 12 71.49 -47.47 -6.52
N HIS FA 13 71.03 -47.91 -7.69
CA HIS FA 13 69.59 -48.02 -7.95
C HIS FA 13 68.98 -49.31 -7.39
N LYS FA 14 69.35 -49.68 -6.16
CA LYS FA 14 68.50 -50.42 -5.26
C LYS FA 14 68.65 -49.95 -3.83
N ARG FA 15 69.71 -49.18 -3.52
CA ARG FA 15 69.91 -48.60 -2.22
C ARG FA 15 69.29 -47.20 -2.11
N ILE FA 16 68.65 -46.76 -3.18
CA ILE FA 16 68.09 -45.41 -3.29
C ILE FA 16 66.62 -45.45 -3.63
N HIS FA 17 66.05 -46.63 -3.84
CA HIS FA 17 64.67 -46.77 -4.29
C HIS FA 17 63.70 -46.38 -3.19
N GLY FA 18 62.87 -45.38 -3.46
CA GLY FA 18 61.80 -45.01 -2.56
C GLY FA 18 62.01 -43.72 -1.80
N VAL FA 19 63.14 -43.07 -1.93
CA VAL FA 19 63.38 -41.82 -1.19
C VAL FA 19 62.97 -40.65 -2.07
N GLY FA 20 62.62 -39.54 -1.43
CA GLY FA 20 62.18 -38.36 -2.14
C GLY FA 20 63.29 -37.67 -2.87
N PHE FA 21 62.90 -36.71 -3.73
CA PHE FA 21 63.81 -36.13 -4.71
C PHE FA 21 64.92 -35.31 -4.07
N LYS FA 22 64.61 -34.55 -3.02
CA LYS FA 22 65.59 -33.65 -2.42
C LYS FA 22 66.58 -34.36 -1.52
N LYS FA 23 66.57 -35.68 -1.46
CA LYS FA 23 67.51 -36.41 -0.62
C LYS FA 23 68.03 -37.68 -1.26
N ARG FA 24 67.97 -37.81 -2.59
CA ARG FA 24 68.48 -39.02 -3.24
C ARG FA 24 70.01 -39.03 -3.23
N ALA FA 25 70.62 -38.01 -3.82
CA ALA FA 25 72.08 -37.91 -3.78
C ALA FA 25 72.68 -37.72 -2.38
N PRO FA 26 72.03 -37.08 -1.39
CA PRO FA 26 72.53 -37.26 -0.02
C PRO FA 26 72.44 -38.68 0.52
N ARG FA 27 71.37 -39.42 0.20
CA ARG FA 27 71.24 -40.79 0.69
C ARG FA 27 72.21 -41.73 -0.02
N ALA FA 28 72.60 -41.41 -1.24
CA ALA FA 28 73.53 -42.26 -1.98
C ALA FA 28 74.91 -42.25 -1.37
N LEU FA 29 75.34 -41.11 -0.82
CA LEU FA 29 76.66 -41.01 -0.23
C LEU FA 29 76.76 -41.64 1.14
N LYS FA 30 75.65 -41.81 1.84
CA LYS FA 30 75.64 -42.65 3.03
C LYS FA 30 75.27 -44.08 2.72
N GLU FA 31 75.12 -44.42 1.44
CA GLU FA 31 75.13 -45.80 0.99
C GLU FA 31 76.44 -46.19 0.33
N ILE FA 32 77.19 -45.21 -0.21
CA ILE FA 32 78.61 -45.40 -0.47
C ILE FA 32 79.33 -45.69 0.83
N ARG FA 33 78.99 -44.94 1.88
CA ARG FA 33 79.70 -45.01 3.15
C ARG FA 33 79.37 -46.29 3.91
N LYS FA 34 78.10 -46.70 3.88
CA LYS FA 34 77.71 -47.93 4.57
C LYS FA 34 78.20 -49.16 3.83
N PHE FA 35 78.43 -49.05 2.52
CA PHE FA 35 79.03 -50.14 1.76
C PHE FA 35 80.48 -50.37 2.17
N ALA FA 36 81.25 -49.29 2.26
CA ALA FA 36 82.67 -49.41 2.56
C ALA FA 36 82.95 -49.76 4.01
N MET FA 37 81.99 -49.53 4.91
CA MET FA 37 82.12 -49.97 6.29
C MET FA 37 81.72 -51.43 6.49
N LYS FA 38 81.33 -52.13 5.43
CA LYS FA 38 80.92 -53.52 5.52
C LYS FA 38 81.83 -54.44 4.75
N GLU FA 39 82.16 -54.12 3.50
CA GLU FA 39 83.07 -54.97 2.73
C GLU FA 39 84.49 -54.84 3.24
N MET FA 40 84.89 -53.63 3.60
CA MET FA 40 86.04 -53.46 4.48
C MET FA 40 85.56 -53.39 5.91
N GLY FA 41 86.42 -53.77 6.84
CA GLY FA 41 86.01 -53.85 8.23
C GLY FA 41 86.34 -52.60 9.01
N THR FA 42 86.41 -51.47 8.32
CA THR FA 42 86.90 -50.24 8.92
C THR FA 42 85.79 -49.21 9.03
N PRO FA 43 85.49 -48.70 10.22
CA PRO FA 43 84.79 -47.42 10.31
C PRO FA 43 85.71 -46.28 9.89
N ASP FA 44 85.11 -45.09 9.80
CA ASP FA 44 85.76 -43.85 9.36
C ASP FA 44 86.35 -44.01 7.96
N VAL FA 45 85.45 -44.18 7.01
CA VAL FA 45 85.84 -44.14 5.61
C VAL FA 45 85.88 -42.68 5.17
N ARG FA 46 86.68 -42.39 4.15
CA ARG FA 46 86.79 -41.02 3.63
C ARG FA 46 86.52 -41.06 2.13
N ILE FA 47 85.32 -40.63 1.75
CA ILE FA 47 84.93 -40.51 0.36
C ILE FA 47 85.70 -39.38 -0.30
N ASP FA 48 86.31 -39.66 -1.45
CA ASP FA 48 87.09 -38.66 -2.16
C ASP FA 48 86.17 -37.56 -2.71
N THR FA 49 86.75 -36.37 -2.90
CA THR FA 49 85.99 -35.27 -3.47
C THR FA 49 85.68 -35.50 -4.94
N ARG FA 50 86.46 -36.33 -5.62
CA ARG FA 50 86.15 -36.72 -6.99
C ARG FA 50 85.04 -37.77 -7.04
N LEU FA 51 84.75 -38.43 -5.92
CA LEU FA 51 83.73 -39.47 -5.93
C LEU FA 51 82.33 -38.87 -5.95
N ASN FA 52 82.05 -37.89 -5.09
CA ASN FA 52 80.69 -37.37 -5.05
C ASN FA 52 80.39 -36.41 -6.19
N LYS FA 53 81.42 -35.90 -6.87
CA LYS FA 53 81.20 -35.19 -8.11
C LYS FA 53 80.62 -36.12 -9.18
N ALA FA 54 80.91 -37.41 -9.08
CA ALA FA 54 80.33 -38.41 -9.96
C ALA FA 54 79.00 -38.98 -9.46
N VAL FA 55 78.50 -38.54 -8.30
CA VAL FA 55 77.14 -38.88 -7.91
C VAL FA 55 76.23 -37.65 -7.91
N TRP FA 56 76.79 -36.45 -7.79
CA TRP FA 56 76.06 -35.21 -7.96
C TRP FA 56 76.14 -34.69 -9.38
N ALA FA 57 76.54 -35.56 -10.33
CA ALA FA 57 76.78 -35.12 -11.70
C ALA FA 57 75.50 -34.74 -12.41
N LYS FA 58 74.42 -35.48 -12.17
CA LYS FA 58 73.13 -35.19 -12.78
C LYS FA 58 72.14 -34.60 -11.79
N GLY FA 59 72.64 -33.94 -10.75
CA GLY FA 59 71.76 -33.28 -9.81
C GLY FA 59 71.47 -34.11 -8.58
N ILE FA 60 70.55 -33.58 -7.76
CA ILE FA 60 70.25 -34.19 -6.47
C ILE FA 60 69.31 -35.39 -6.60
N ARG FA 61 68.50 -35.46 -7.64
CA ARG FA 61 67.49 -36.50 -7.75
C ARG FA 61 67.71 -37.47 -8.90
N ASN FA 62 68.64 -37.19 -9.79
CA ASN FA 62 69.05 -38.13 -10.83
C ASN FA 62 70.46 -38.58 -10.48
N VAL FA 63 70.55 -39.74 -9.83
CA VAL FA 63 71.82 -40.27 -9.35
C VAL FA 63 72.19 -41.36 -10.34
N PRO FA 64 73.47 -41.59 -10.66
CA PRO FA 64 73.84 -42.69 -11.54
C PRO FA 64 73.47 -44.03 -10.93
N TYR FA 65 72.91 -44.91 -11.79
CA TYR FA 65 72.31 -46.15 -11.31
C TYR FA 65 73.35 -47.13 -10.82
N ARG FA 66 74.56 -47.07 -11.39
CA ARG FA 66 75.70 -47.86 -10.93
C ARG FA 66 76.92 -46.96 -10.90
N ILE FA 67 77.88 -47.32 -10.06
CA ILE FA 67 79.13 -46.59 -9.95
C ILE FA 67 80.26 -47.59 -9.74
N ARG FA 68 81.39 -47.37 -10.42
CA ARG FA 68 82.57 -48.21 -10.30
C ARG FA 68 83.53 -47.53 -9.34
N VAL FA 69 83.75 -48.16 -8.19
CA VAL FA 69 84.45 -47.54 -7.09
C VAL FA 69 85.70 -48.37 -6.80
N ARG FA 70 86.64 -47.78 -6.06
CA ARG FA 70 87.86 -48.47 -5.63
C ARG FA 70 88.01 -48.29 -4.12
N LEU FA 71 87.72 -49.35 -3.37
CA LEU FA 71 87.99 -49.34 -1.95
C LEU FA 71 89.45 -49.68 -1.68
N SER FA 72 89.99 -49.12 -0.60
CA SER FA 72 91.41 -49.24 -0.29
C SER FA 72 91.59 -48.99 1.19
N ARG FA 73 91.99 -50.03 1.94
CA ARG FA 73 92.34 -49.85 3.34
C ARG FA 73 93.77 -49.33 3.49
N LYS FA 74 93.95 -48.43 4.45
CA LYS FA 74 95.26 -47.85 4.73
C LYS FA 74 95.46 -47.77 6.24
N ARG FA 75 96.66 -48.17 6.68
CA ARG FA 75 97.03 -48.05 8.09
C ARG FA 75 97.14 -46.59 8.48
N ASN FA 76 96.33 -46.17 9.45
CA ASN FA 76 96.24 -44.77 9.84
C ASN FA 76 97.47 -44.36 10.65
N GLU FA 77 98.62 -44.22 9.98
CA GLU FA 77 99.82 -43.70 10.62
C GLU FA 77 99.71 -42.21 10.92
N ASP FA 78 98.88 -41.48 10.17
CA ASP FA 78 98.89 -40.03 10.20
C ASP FA 78 98.29 -39.44 11.47
N GLU FA 79 97.59 -40.23 12.29
CA GLU FA 79 96.99 -39.68 13.49
C GLU FA 79 96.89 -40.77 14.55
N ASP FA 80 97.01 -40.36 15.82
CA ASP FA 80 96.90 -41.25 16.97
C ASP FA 80 95.42 -41.55 17.17
N SER FA 81 94.97 -42.63 16.56
CA SER FA 81 93.55 -42.82 16.32
C SER FA 81 92.98 -43.97 17.14
N PRO FA 82 91.72 -43.85 17.59
CA PRO FA 82 91.03 -45.02 18.14
C PRO FA 82 90.68 -46.05 17.09
N ASN FA 83 90.58 -45.64 15.82
CA ASN FA 83 90.40 -46.55 14.69
C ASN FA 83 91.68 -46.49 13.88
N LYS FA 84 92.54 -47.50 14.03
CA LYS FA 84 93.87 -47.49 13.43
C LYS FA 84 93.87 -47.79 11.93
N LEU FA 85 92.71 -47.99 11.32
CA LEU FA 85 92.61 -48.18 9.88
C LEU FA 85 91.58 -47.21 9.32
N TYR FA 86 91.64 -46.98 8.01
CA TYR FA 86 90.59 -46.26 7.30
C TYR FA 86 90.49 -46.79 5.89
N THR FA 87 89.38 -46.48 5.22
CA THR FA 87 89.12 -46.92 3.86
C THR FA 87 88.99 -45.70 2.96
N LEU FA 88 89.75 -45.69 1.86
CA LEU FA 88 89.72 -44.60 0.89
C LEU FA 88 88.90 -45.02 -0.31
N VAL FA 89 87.96 -44.17 -0.73
CA VAL FA 89 86.82 -44.57 -1.55
C VAL FA 89 86.92 -43.85 -2.89
N THR FA 90 88.14 -43.76 -3.45
CA THR FA 90 88.38 -43.08 -4.71
C THR FA 90 87.58 -43.68 -5.87
N TYR FA 91 87.42 -42.87 -6.92
CA TYR FA 91 86.52 -43.15 -8.03
C TYR FA 91 87.24 -43.80 -9.20
N VAL FA 92 86.52 -44.67 -9.90
CA VAL FA 92 87.02 -45.30 -11.13
C VAL FA 92 86.09 -44.95 -12.27
N PRO FA 93 86.54 -44.18 -13.26
CA PRO FA 93 85.70 -43.93 -14.44
C PRO FA 93 85.65 -45.14 -15.35
N VAL FA 94 84.45 -45.43 -15.85
CA VAL FA 94 84.24 -46.54 -16.78
C VAL FA 94 83.07 -46.17 -17.68
N THR FA 95 82.98 -46.83 -18.83
CA THR FA 95 81.87 -46.62 -19.75
C THR FA 95 80.79 -47.69 -19.62
N THR FA 96 81.17 -48.95 -19.68
CA THR FA 96 80.25 -50.06 -19.58
C THR FA 96 80.27 -50.65 -18.17
N PHE FA 97 79.21 -51.39 -17.85
CA PHE FA 97 79.13 -52.14 -16.60
C PHE FA 97 78.91 -53.63 -16.82
N LYS FA 98 78.82 -54.09 -18.06
CA LYS FA 98 78.60 -55.50 -18.32
C LYS FA 98 79.86 -56.31 -18.04
N ASN FA 99 79.69 -57.41 -17.30
CA ASN FA 99 80.73 -58.37 -16.95
C ASN FA 99 81.86 -57.73 -16.16
N LEU FA 100 81.49 -56.96 -15.14
CA LEU FA 100 82.46 -56.42 -14.18
C LEU FA 100 82.28 -57.14 -12.85
N GLN FA 101 83.31 -57.87 -12.45
CA GLN FA 101 83.33 -58.58 -11.18
C GLN FA 101 83.97 -57.69 -10.11
N THR FA 102 84.30 -58.28 -8.97
CA THR FA 102 85.14 -57.61 -7.98
C THR FA 102 86.60 -57.97 -8.27
N VAL FA 103 87.44 -56.95 -8.43
CA VAL FA 103 88.79 -57.11 -8.97
C VAL FA 103 89.80 -56.75 -7.88
N ASN FA 104 90.75 -57.65 -7.64
CA ASN FA 104 91.89 -57.34 -6.78
C ASN FA 104 92.91 -56.50 -7.56
N VAL FA 105 93.42 -55.47 -6.90
CA VAL FA 105 94.29 -54.48 -7.52
C VAL FA 105 95.69 -54.64 -6.93
N ASP FA 106 96.71 -54.45 -7.77
CA ASP FA 106 98.10 -54.58 -7.34
C ASP FA 106 98.56 -53.34 -6.59
N GLU FA 107 99.86 -53.24 -6.37
CA GLU FA 107 100.49 -52.11 -5.70
C GLU FA 107 100.38 -50.83 -6.53
N ALA GA 1 65.29 -45.21 95.77
CA ALA GA 1 65.92 -44.46 94.68
C ALA GA 1 65.04 -43.30 94.24
N ALA GA 2 63.79 -43.61 93.89
CA ALA GA 2 62.84 -42.60 93.44
C ALA GA 2 62.11 -42.02 94.63
N LEU GA 3 61.98 -40.69 94.65
CA LEU GA 3 61.17 -40.02 95.67
C LEU GA 3 59.70 -40.20 95.33
N ARG GA 4 58.91 -40.50 96.34
CA ARG GA 4 57.60 -41.07 96.11
C ARG GA 4 56.50 -40.19 96.68
N PRO GA 5 55.34 -40.12 96.01
CA PRO GA 5 54.30 -39.17 96.42
C PRO GA 5 53.57 -39.64 97.67
N LEU GA 6 52.67 -38.77 98.14
CA LEU GA 6 51.96 -39.02 99.39
C LEU GA 6 50.77 -39.96 99.17
N VAL GA 7 49.97 -39.71 98.14
CA VAL GA 7 48.89 -40.60 97.73
C VAL GA 7 49.00 -40.80 96.23
N LYS GA 8 49.01 -42.07 95.79
CA LYS GA 8 48.99 -42.41 94.37
C LYS GA 8 47.69 -43.11 94.03
N PRO GA 9 46.66 -42.38 93.61
CA PRO GA 9 45.43 -43.02 93.13
C PRO GA 9 45.63 -43.44 91.67
N LYS GA 10 44.57 -44.05 91.13
CA LYS GA 10 44.57 -44.36 89.71
C LYS GA 10 44.14 -43.13 88.93
N ILE GA 11 44.97 -42.72 87.97
CA ILE GA 11 44.67 -41.56 87.14
C ILE GA 11 43.88 -42.10 85.95
N VAL GA 12 42.55 -42.05 86.06
CA VAL GA 12 41.67 -42.50 84.99
C VAL GA 12 41.45 -41.36 84.00
N LYS GA 13 41.61 -41.65 82.72
CA LYS GA 13 41.44 -40.62 81.70
C LYS GA 13 40.28 -40.96 80.81
N LYS GA 14 39.37 -40.02 80.62
CA LYS GA 14 38.20 -40.22 79.80
C LYS GA 14 38.56 -40.32 78.33
N ARG GA 15 39.65 -39.69 77.92
CA ARG GA 15 40.16 -39.75 76.56
C ARG GA 15 41.65 -39.50 76.61
N THR GA 16 42.40 -40.22 75.78
CA THR GA 16 43.84 -40.05 75.70
C THR GA 16 44.29 -39.42 74.40
N LYS GA 17 43.54 -39.62 73.32
CA LYS GA 17 43.87 -39.05 72.02
C LYS GA 17 43.69 -37.53 72.02
N LYS GA 18 44.24 -36.88 71.01
CA LYS GA 18 44.10 -35.45 70.92
C LYS GA 18 42.92 -35.11 70.03
N PHE GA 19 42.35 -33.95 70.28
CA PHE GA 19 41.25 -33.43 69.47
C PHE GA 19 41.87 -32.69 68.29
N ILE GA 20 41.93 -33.35 67.14
CA ILE GA 20 42.48 -32.73 65.95
C ILE GA 20 41.42 -31.87 65.29
N ARG GA 21 41.87 -30.82 64.60
CA ARG GA 21 40.97 -29.94 63.88
C ARG GA 21 40.40 -30.68 62.67
N HIS GA 22 39.15 -30.36 62.33
CA HIS GA 22 38.50 -30.91 61.16
C HIS GA 22 39.24 -30.53 59.89
N GLN GA 23 39.53 -31.54 59.06
CA GLN GA 23 40.28 -31.43 57.80
C GLN GA 23 41.70 -30.88 58.02
N SER GA 24 42.34 -31.33 59.09
CA SER GA 24 43.75 -31.00 59.31
C SER GA 24 44.68 -31.99 58.64
N ASP GA 25 44.17 -33.13 58.15
CA ASP GA 25 44.98 -34.05 57.38
C ASP GA 25 45.07 -33.64 55.91
N ARG GA 26 44.01 -33.04 55.38
CA ARG GA 26 43.92 -32.77 53.95
C ARG GA 26 44.80 -31.60 53.53
N TYR GA 27 45.15 -30.72 54.46
CA TYR GA 27 45.88 -29.51 54.15
C TYR GA 27 47.06 -29.38 55.09
N VAL GA 28 48.03 -28.59 54.67
CA VAL GA 28 49.19 -28.30 55.50
C VAL GA 28 48.93 -26.96 56.16
N LYS GA 29 48.16 -26.10 55.49
CA LYS GA 29 47.80 -24.82 56.06
C LYS GA 29 46.87 -24.94 57.26
N ILE GA 30 46.24 -26.09 57.46
CA ILE GA 30 45.32 -26.32 58.56
C ILE GA 30 46.09 -27.08 59.63
N LYS GA 31 46.41 -26.40 60.73
CA LYS GA 31 47.15 -27.04 61.80
C LYS GA 31 46.25 -28.02 62.55
N ARG GA 32 46.90 -28.86 63.38
CA ARG GA 32 46.16 -29.90 64.09
C ARG GA 32 45.30 -29.32 65.21
N ASN GA 33 45.71 -28.19 65.78
CA ASN GA 33 45.11 -27.70 67.02
C ASN GA 33 43.70 -27.17 66.79
N TRP GA 34 42.88 -27.29 67.82
CA TRP GA 34 41.42 -27.32 67.66
C TRP GA 34 40.84 -25.94 67.37
N ARG GA 35 39.99 -25.87 66.36
CA ARG GA 35 39.10 -24.76 66.12
C ARG GA 35 37.69 -25.31 66.05
N LYS GA 36 36.76 -24.65 66.73
CA LYS GA 36 35.37 -25.08 66.71
C LYS GA 36 34.80 -24.90 65.31
N PRO GA 37 34.15 -25.91 64.74
CA PRO GA 37 33.71 -25.80 63.35
C PRO GA 37 32.50 -24.91 63.22
N ARG GA 38 32.70 -23.67 62.78
CA ARG GA 38 31.60 -22.79 62.45
C ARG GA 38 31.31 -22.96 60.97
N GLY GA 39 30.04 -22.97 60.62
CA GLY GA 39 29.70 -23.38 59.28
C GLY GA 39 28.34 -24.04 59.25
N ILE GA 40 27.55 -23.70 58.24
CA ILE GA 40 26.14 -24.04 58.26
C ILE GA 40 25.93 -25.52 57.93
N ASP GA 41 26.73 -26.07 57.02
CA ASP GA 41 26.53 -27.43 56.52
C ASP GA 41 27.59 -28.39 57.02
N ASN GA 42 28.30 -28.05 58.09
CA ASN GA 42 29.39 -28.88 58.56
C ASN GA 42 28.83 -30.09 59.31
N ARG GA 43 29.39 -31.26 59.03
CA ARG GA 43 28.92 -32.49 59.63
C ARG GA 43 29.62 -32.83 60.93
N VAL GA 44 30.79 -32.25 61.19
CA VAL GA 44 31.40 -32.39 62.51
C VAL GA 44 30.72 -31.46 63.52
N ARG GA 45 30.27 -30.31 63.08
CA ARG GA 45 29.54 -29.42 63.96
C ARG GA 45 28.14 -29.99 64.20
N ARG GA 46 27.61 -30.73 63.23
CA ARG GA 46 26.29 -31.32 63.34
C ARG GA 46 26.31 -32.67 64.02
N ARG GA 47 27.51 -33.11 64.40
CA ARG GA 47 27.75 -34.32 65.21
C ARG GA 47 27.30 -35.59 64.51
N PHE GA 48 27.51 -35.67 63.20
CA PHE GA 48 27.16 -36.85 62.45
C PHE GA 48 28.02 -38.05 62.87
N LYS GA 49 27.46 -39.23 62.68
CA LYS GA 49 28.10 -40.46 63.14
C LYS GA 49 29.29 -40.80 62.26
N GLY GA 50 30.43 -41.09 62.89
CA GLY GA 50 31.63 -41.45 62.18
C GLY GA 50 32.58 -40.31 61.89
N GLN GA 51 32.40 -39.15 62.52
CA GLN GA 51 33.20 -37.97 62.28
C GLN GA 51 34.04 -37.61 63.50
N ILE GA 52 34.82 -36.54 63.36
CA ILE GA 52 35.75 -36.10 64.38
C ILE GA 52 34.99 -35.61 65.60
N LEU GA 53 35.43 -36.04 66.79
CA LEU GA 53 34.75 -35.68 68.02
C LEU GA 53 35.10 -34.26 68.42
N MET GA 54 34.17 -33.61 69.11
CA MET GA 54 34.36 -32.25 69.54
C MET GA 54 34.64 -32.18 71.03
N PRO GA 55 35.61 -31.38 71.46
CA PRO GA 55 35.85 -31.19 72.90
C PRO GA 55 34.71 -30.45 73.56
N ASN GA 56 34.24 -30.98 74.67
CA ASN GA 56 33.29 -30.29 75.53
C ASN GA 56 33.64 -30.64 76.96
N ILE GA 57 32.83 -30.12 77.90
CA ILE GA 57 33.22 -30.17 79.31
C ILE GA 57 32.99 -31.54 79.93
N GLY GA 58 32.32 -32.46 79.21
CA GLY GA 58 32.12 -33.79 79.74
C GLY GA 58 33.36 -34.64 79.74
N TYR GA 59 34.31 -34.34 78.85
CA TYR GA 59 35.59 -35.04 78.81
C TYR GA 59 36.55 -34.60 79.90
N GLY GA 60 36.15 -33.66 80.75
CA GLY GA 60 37.05 -33.12 81.75
C GLY GA 60 37.45 -34.16 82.78
N SER GA 61 38.73 -34.18 83.10
CA SER GA 61 39.27 -35.15 84.05
C SER GA 61 38.97 -34.83 85.49
N ASN GA 62 39.03 -35.85 86.32
CA ASN GA 62 38.76 -35.73 87.75
C ASN GA 62 39.70 -34.71 88.37
N LYS GA 63 39.14 -33.79 89.16
CA LYS GA 63 39.90 -32.69 89.71
C LYS GA 63 40.66 -33.06 90.97
N LYS GA 64 40.71 -34.34 91.31
CA LYS GA 64 41.63 -34.86 92.30
C LYS GA 64 42.81 -35.60 91.68
N THR GA 65 42.75 -35.78 90.37
CA THR GA 65 43.84 -36.36 89.59
C THR GA 65 44.22 -35.41 88.43
N LYS GA 66 43.52 -34.30 88.29
CA LYS GA 66 43.78 -33.31 87.25
C LYS GA 66 45.11 -32.65 87.53
N HIS GA 67 45.87 -32.39 86.46
CA HIS GA 67 47.20 -31.76 86.43
C HIS GA 67 48.35 -32.56 87.00
N MET GA 68 48.09 -33.83 87.26
CA MET GA 68 49.04 -34.73 87.86
C MET GA 68 49.88 -35.42 86.83
N LEU GA 69 51.12 -35.68 87.20
CA LEU GA 69 52.07 -36.43 86.37
C LEU GA 69 51.72 -37.91 86.40
N PRO GA 70 52.18 -38.71 85.43
CA PRO GA 70 51.86 -40.15 85.46
C PRO GA 70 52.50 -40.94 86.61
N SER GA 71 53.28 -40.30 87.50
CA SER GA 71 53.62 -40.90 88.79
C SER GA 71 53.34 -39.87 89.89
N GLY GA 72 52.07 -39.76 90.27
CA GLY GA 72 51.62 -39.13 91.50
C GLY GA 72 52.02 -37.71 91.89
N PHE GA 73 52.73 -37.00 91.03
CA PHE GA 73 53.17 -35.64 91.35
C PHE GA 73 52.49 -34.61 90.45
N ARG GA 74 52.55 -33.36 90.88
CA ARG GA 74 52.12 -32.23 90.07
C ARG GA 74 53.29 -31.29 89.84
N LYS GA 75 53.43 -30.84 88.61
CA LYS GA 75 54.62 -30.13 88.15
C LYS GA 75 54.67 -28.71 88.72
N PHE GA 76 55.88 -28.27 89.05
CA PHE GA 76 56.14 -26.86 89.35
C PHE GA 76 57.42 -26.44 88.66
N LEU GA 77 57.37 -25.32 87.95
CA LEU GA 77 58.50 -24.85 87.15
C LEU GA 77 59.39 -23.95 87.98
N VAL GA 78 60.67 -24.28 88.08
CA VAL GA 78 61.60 -23.55 88.94
C VAL GA 78 62.68 -22.95 88.05
N HIS GA 79 63.29 -21.86 88.55
CA HIS GA 79 64.36 -21.19 87.83
C HIS GA 79 65.65 -21.04 88.62
N ASN GA 80 65.59 -20.97 89.94
CA ASN GA 80 66.79 -20.86 90.76
C ASN GA 80 66.53 -21.52 92.11
N VAL GA 81 67.38 -21.22 93.09
CA VAL GA 81 67.32 -21.91 94.37
C VAL GA 81 66.33 -21.24 95.33
N LYS GA 82 66.20 -19.91 95.28
CA LYS GA 82 65.24 -19.23 96.14
C LYS GA 82 63.79 -19.55 95.75
N GLU GA 83 63.54 -19.81 94.47
CA GLU GA 83 62.22 -20.28 94.06
C GLU GA 83 62.02 -21.75 94.36
N LEU GA 84 63.09 -22.50 94.64
CA LEU GA 84 62.96 -23.92 94.94
C LEU GA 84 62.45 -24.15 96.36
N GLU GA 85 62.76 -23.24 97.28
CA GLU GA 85 62.46 -23.43 98.69
C GLU GA 85 60.98 -23.26 99.02
N VAL GA 86 60.13 -22.88 98.07
CA VAL GA 86 58.68 -22.87 98.32
C VAL GA 86 58.08 -24.26 98.23
N LEU GA 87 58.84 -25.21 97.72
CA LEU GA 87 58.37 -26.58 97.59
C LEU GA 87 58.77 -27.45 98.77
N LEU GA 88 59.38 -26.85 99.79
CA LEU GA 88 59.79 -27.59 100.96
C LEU GA 88 58.61 -28.27 101.61
N MET GA 89 57.55 -27.51 101.89
CA MET GA 89 56.36 -28.07 102.52
C MET GA 89 55.48 -28.86 101.55
N CYS GA 90 55.68 -28.68 100.26
CA CYS GA 90 54.93 -29.42 99.27
C CYS GA 90 55.54 -30.79 99.15
N ASN GA 91 56.88 -30.76 99.12
CA ASN GA 91 57.77 -31.90 99.01
C ASN GA 91 57.27 -33.20 98.44
N LYS GA 92 56.31 -33.83 99.10
CA LYS GA 92 55.81 -35.12 98.64
C LYS GA 92 54.43 -35.10 98.02
N SER GA 93 54.20 -34.15 97.14
CA SER GA 93 52.94 -34.00 96.40
C SER GA 93 53.15 -33.08 95.21
N TYR GA 94 54.29 -32.40 95.18
CA TYR GA 94 54.59 -31.48 94.09
C TYR GA 94 56.04 -31.61 93.72
N CYS GA 95 56.31 -31.92 92.47
CA CYS GA 95 57.70 -32.08 92.03
C CYS GA 95 58.16 -30.81 91.33
N ALA GA 96 59.47 -30.58 91.36
CA ALA GA 96 60.06 -29.42 90.73
C ALA GA 96 60.53 -29.77 89.32
N GLU GA 97 60.66 -28.74 88.49
CA GLU GA 97 61.19 -28.94 87.15
C GLU GA 97 62.00 -27.72 86.78
N ILE GA 98 63.24 -27.94 86.39
CA ILE GA 98 64.13 -26.84 86.02
C ILE GA 98 63.76 -26.39 84.61
N ALA GA 99 63.69 -25.08 84.40
CA ALA GA 99 63.29 -24.53 83.12
C ALA GA 99 64.36 -24.76 82.06
N HIS GA 100 63.98 -24.58 80.79
CA HIS GA 100 64.90 -24.84 79.70
C HIS GA 100 65.96 -23.76 79.56
N ASN GA 101 65.75 -22.60 80.17
CA ASN GA 101 66.66 -21.47 80.02
C ASN GA 101 67.74 -21.44 81.08
N VAL GA 102 67.68 -22.28 82.10
CA VAL GA 102 68.68 -22.33 83.15
C VAL GA 102 69.92 -23.03 82.62
N SER GA 103 71.09 -22.43 82.85
CA SER GA 103 72.33 -22.90 82.25
C SER GA 103 72.88 -24.13 82.98
N SER GA 104 74.03 -24.60 82.50
CA SER GA 104 74.62 -25.82 83.04
C SER GA 104 75.20 -25.61 84.42
N LYS GA 105 75.74 -24.42 84.68
CA LYS GA 105 76.38 -24.16 85.97
C LYS GA 105 75.35 -23.97 87.07
N ASN GA 106 74.22 -23.33 86.75
CA ASN GA 106 73.21 -23.05 87.77
C ASN GA 106 72.38 -24.28 88.11
N ARG GA 107 72.11 -25.15 87.14
CA ARG GA 107 71.26 -26.31 87.44
C ARG GA 107 72.00 -27.43 88.13
N LYS GA 108 73.32 -27.34 88.28
CA LYS GA 108 74.03 -28.25 89.17
C LYS GA 108 73.93 -27.80 90.63
N ALA GA 109 73.46 -26.58 90.87
CA ALA GA 109 73.15 -26.10 92.20
C ALA GA 109 71.67 -26.24 92.53
N ILE GA 110 70.90 -26.86 91.65
CA ILE GA 110 69.50 -27.16 91.91
C ILE GA 110 69.30 -28.65 92.16
N VAL GA 111 69.91 -29.51 91.33
CA VAL GA 111 69.79 -30.94 91.53
C VAL GA 111 70.65 -31.41 92.69
N GLU GA 112 71.59 -30.60 93.15
CA GLU GA 112 72.28 -30.86 94.40
C GLU GA 112 71.52 -30.30 95.60
N ARG GA 113 70.82 -29.18 95.40
CA ARG GA 113 70.02 -28.61 96.48
C ARG GA 113 68.73 -29.38 96.71
N ALA GA 114 68.05 -29.78 95.63
CA ALA GA 114 66.80 -30.52 95.78
C ALA GA 114 67.01 -31.98 96.15
N ALA GA 115 68.22 -32.51 95.99
CA ALA GA 115 68.51 -33.86 96.44
C ALA GA 115 68.53 -33.93 97.96
N GLN GA 116 69.17 -32.96 98.61
CA GLN GA 116 69.22 -32.90 100.06
C GLN GA 116 67.99 -32.26 100.68
N LEU GA 117 66.94 -32.01 99.90
CA LEU GA 117 65.75 -31.33 100.39
C LEU GA 117 64.49 -32.13 100.07
N ALA GA 118 64.65 -33.39 99.64
CA ALA GA 118 63.62 -34.40 99.37
C ALA GA 118 62.68 -34.02 98.23
N ILE GA 119 62.96 -32.97 97.48
CA ILE GA 119 62.10 -32.57 96.37
C ILE GA 119 62.51 -33.36 95.15
N ARG GA 120 61.53 -33.97 94.48
CA ARG GA 120 61.81 -34.72 93.27
C ARG GA 120 61.91 -33.77 92.08
N VAL GA 121 62.94 -33.95 91.27
CA VAL GA 121 63.14 -33.15 90.07
C VAL GA 121 62.68 -33.96 88.88
N THR GA 122 61.85 -33.35 88.03
CA THR GA 122 61.29 -34.06 86.89
C THR GA 122 62.35 -34.31 85.82
N ASN GA 123 63.27 -33.37 85.64
CA ASN GA 123 64.33 -33.48 84.64
C ASN GA 123 65.72 -33.25 85.24
N PRO GA 124 66.22 -34.17 86.09
CA PRO GA 124 67.55 -33.93 86.68
C PRO GA 124 68.69 -34.43 85.80
N ASN GA 125 68.57 -34.23 84.49
CA ASN GA 125 69.55 -34.66 83.48
C ASN GA 125 69.38 -33.71 82.28
N ALA GA 126 70.19 -32.66 82.25
CA ALA GA 126 70.06 -31.71 81.14
C ALA GA 126 71.36 -31.25 80.52
N ARG GA 127 72.50 -31.30 81.21
CA ARG GA 127 73.75 -30.93 80.57
C ARG GA 127 74.90 -31.85 80.97
N LEU GA 128 74.62 -33.07 81.41
CA LEU GA 128 75.68 -33.99 81.79
C LEU GA 128 75.56 -35.29 81.00
N SER HA 1 48.90 -83.92 78.35
CA SER HA 1 47.94 -84.82 77.72
C SER HA 1 46.52 -84.27 77.85
N GLY HA 2 45.73 -84.44 76.79
CA GLY HA 2 44.34 -84.02 76.81
C GLY HA 2 44.14 -82.58 76.41
N ARG HA 3 43.03 -82.29 75.72
CA ARG HA 3 42.76 -80.93 75.28
C ARG HA 3 42.40 -80.05 76.47
N LEU HA 4 41.44 -80.49 77.30
CA LEU HA 4 41.09 -79.95 78.61
C LEU HA 4 40.41 -78.56 78.55
N TRP HA 5 40.31 -77.96 77.37
CA TRP HA 5 39.49 -76.78 77.14
C TRP HA 5 38.54 -77.05 75.99
N SER HA 6 37.33 -76.49 76.08
CA SER HA 6 36.37 -76.62 75.01
C SER HA 6 36.56 -75.49 74.01
N LYS HA 7 36.29 -75.77 72.74
CA LYS HA 7 36.69 -74.90 71.66
C LYS HA 7 35.52 -74.03 71.20
N ALA HA 8 35.79 -72.74 71.03
CA ALA HA 8 34.79 -71.78 70.59
C ALA HA 8 35.33 -70.97 69.42
N ILE HA 9 34.44 -70.20 68.81
CA ILE HA 9 34.72 -69.40 67.63
C ILE HA 9 34.34 -67.96 67.93
N PHE HA 10 35.18 -67.01 67.54
CA PHE HA 10 34.85 -65.60 67.66
C PHE HA 10 34.05 -65.18 66.43
N ALA HA 11 32.77 -64.89 66.63
CA ALA HA 11 31.85 -64.64 65.54
C ALA HA 11 31.72 -63.15 65.21
N GLY HA 12 31.72 -62.31 66.23
CA GLY HA 12 31.66 -60.89 66.01
C GLY HA 12 31.56 -60.16 67.33
N TYR HA 13 31.48 -58.84 67.24
CA TYR HA 13 31.29 -58.01 68.42
C TYR HA 13 29.80 -57.87 68.69
N LYS HA 14 29.47 -57.26 69.83
CA LYS HA 14 28.08 -56.92 70.08
C LYS HA 14 27.70 -55.75 69.19
N ARG HA 15 26.68 -55.93 68.37
CA ARG HA 15 26.39 -54.94 67.34
C ARG HA 15 24.89 -54.85 67.13
N GLY HA 16 24.47 -53.71 66.59
CA GLY HA 16 23.15 -53.61 66.00
C GLY HA 16 23.25 -53.99 64.54
N LEU HA 17 22.82 -53.12 63.65
CA LEU HA 17 23.13 -53.28 62.24
C LEU HA 17 24.15 -52.27 61.74
N ARG HA 18 24.01 -51.00 62.14
CA ARG HA 18 24.86 -49.93 61.67
C ARG HA 18 25.72 -49.36 62.79
N ASN HA 19 25.86 -50.11 63.88
CA ASN HA 19 26.71 -49.74 65.01
C ASN HA 19 27.20 -51.03 65.64
N GLN HA 20 28.39 -50.97 66.22
CA GLN HA 20 28.91 -52.11 66.96
C GLN HA 20 29.56 -51.61 68.25
N ARG HA 21 29.59 -52.50 69.24
CA ARG HA 21 30.16 -52.22 70.55
C ARG HA 21 31.30 -53.21 70.73
N GLU HA 22 32.54 -52.76 70.55
CA GLU HA 22 33.67 -53.68 70.54
C GLU HA 22 34.05 -54.19 71.92
N HIS HA 23 33.43 -53.71 73.00
CA HIS HA 23 33.78 -54.19 74.32
C HIS HA 23 33.20 -55.55 74.64
N THR HA 24 32.19 -56.01 73.90
CA THR HA 24 31.58 -57.30 74.13
C THR HA 24 31.76 -58.17 72.89
N ALA HA 25 32.24 -59.38 73.08
CA ALA HA 25 32.40 -60.37 72.02
C ALA HA 25 31.17 -61.25 71.94
N LEU HA 26 31.06 -61.99 70.82
CA LEU HA 26 30.03 -63.00 70.64
C LEU HA 26 30.70 -64.30 70.24
N LEU HA 27 30.48 -65.36 71.01
CA LEU HA 27 31.17 -66.61 70.82
C LEU HA 27 30.19 -67.70 70.39
N LYS HA 28 30.62 -68.54 69.47
CA LYS HA 28 29.90 -69.77 69.14
C LYS HA 28 30.71 -70.95 69.67
N ILE HA 29 30.13 -71.67 70.64
CA ILE HA 29 30.77 -72.82 71.25
C ILE HA 29 30.20 -74.07 70.60
N GLU HA 30 31.06 -75.03 70.27
CA GLU HA 30 30.63 -76.27 69.64
C GLU HA 30 29.81 -77.13 70.61
N GLY HA 31 28.80 -77.79 70.08
CA GLY HA 31 27.98 -78.72 70.84
C GLY HA 31 26.75 -78.10 71.47
N VAL HA 32 26.88 -76.91 72.03
CA VAL HA 32 25.75 -76.20 72.59
C VAL HA 32 25.12 -75.33 71.53
N TYR HA 33 23.84 -75.58 71.24
CA TYR HA 33 23.12 -74.82 70.22
C TYR HA 33 21.74 -74.42 70.71
N ALA HA 34 21.54 -74.31 72.02
CA ALA HA 34 20.28 -73.85 72.58
C ALA HA 34 20.57 -72.96 73.77
N ARG HA 35 19.61 -72.10 74.11
CA ARG HA 35 19.76 -71.20 75.24
C ARG HA 35 19.59 -71.93 76.56
N ASP HA 36 18.81 -73.00 76.57
CA ASP HA 36 18.64 -73.82 77.77
C ASP HA 36 19.72 -74.88 77.89
N GLU HA 37 20.79 -74.76 77.12
CA GLU HA 37 21.90 -75.70 77.08
C GLU HA 37 23.22 -75.02 77.45
N THR HA 38 23.19 -73.71 77.69
CA THR HA 38 24.41 -72.92 77.79
C THR HA 38 24.65 -72.34 79.17
N GLU HA 39 23.86 -72.74 80.18
CA GLU HA 39 24.10 -72.26 81.53
C GLU HA 39 25.32 -72.90 82.16
N PHE HA 40 25.88 -73.96 81.56
CA PHE HA 40 27.15 -74.50 82.04
C PHE HA 40 28.29 -73.52 81.81
N TYR HA 41 28.32 -72.89 80.65
CA TYR HA 41 29.40 -71.99 80.26
C TYR HA 41 29.23 -70.59 80.80
N LEU HA 42 28.25 -70.36 81.67
CA LEU HA 42 27.74 -69.03 81.96
C LEU HA 42 28.73 -68.16 82.74
N GLY HA 43 29.75 -68.75 83.34
CA GLY HA 43 30.73 -67.97 84.07
C GLY HA 43 32.15 -68.43 83.85
N LYS HA 44 32.33 -69.37 82.92
CA LYS HA 44 33.62 -69.98 82.66
C LYS HA 44 34.60 -68.96 82.06
N ARG HA 45 35.88 -69.24 82.24
CA ARG HA 45 36.94 -68.38 81.76
C ARG HA 45 37.32 -68.76 80.33
N CYS HA 46 37.68 -67.76 79.54
CA CYS HA 46 37.97 -67.99 78.13
C CYS HA 46 39.14 -67.11 77.71
N ALA HA 47 39.78 -67.51 76.61
CA ALA HA 47 41.07 -66.93 76.22
C ALA HA 47 41.23 -66.96 74.71
N TYR HA 48 41.98 -66.00 74.18
CA TYR HA 48 42.38 -65.97 72.77
C TYR HA 48 43.90 -66.04 72.71
N VAL HA 49 44.40 -67.20 72.33
CA VAL HA 49 45.84 -67.45 72.26
C VAL HA 49 46.29 -67.18 70.83
N TYR HA 50 47.33 -66.36 70.69
CA TYR HA 50 47.85 -66.04 69.37
C TYR HA 50 49.37 -65.98 69.43
N LYS HA 51 49.99 -66.14 68.28
CA LYS HA 51 51.44 -66.09 68.16
C LYS HA 51 51.86 -64.83 67.40
N ALA HA 52 53.00 -64.27 67.79
CA ALA HA 52 53.52 -63.06 67.20
C ALA HA 52 55.02 -63.25 66.94
N LYS HA 53 55.72 -62.16 66.61
CA LYS HA 53 57.13 -62.27 66.25
C LYS HA 53 58.01 -62.33 67.48
N ASN HA 54 57.86 -61.36 68.38
CA ASN HA 54 58.80 -61.21 69.49
C ASN HA 54 58.52 -62.22 70.59
N ASN HA 55 59.58 -62.65 71.26
CA ASN HA 55 59.44 -63.49 72.44
C ASN HA 55 58.89 -62.67 73.59
N THR HA 56 57.98 -63.26 74.36
CA THR HA 56 57.46 -62.66 75.56
C THR HA 56 57.50 -63.65 76.70
N VAL HA 57 57.39 -63.12 77.92
CA VAL HA 57 57.58 -63.93 79.12
C VAL HA 57 56.40 -64.87 79.31
N THR HA 58 56.68 -66.07 79.81
CA THR HA 58 55.70 -67.12 79.95
C THR HA 58 55.61 -67.56 81.40
N PRO HA 59 54.42 -67.62 81.99
CA PRO HA 59 54.31 -68.12 83.36
C PRO HA 59 54.52 -69.62 83.47
N GLY HA 60 55.64 -70.03 84.06
CA GLY HA 60 55.97 -71.43 84.22
C GLY HA 60 56.98 -71.96 83.23
N GLY HA 61 57.48 -71.15 82.31
CA GLY HA 61 58.44 -71.61 81.34
C GLY HA 61 59.30 -70.48 80.82
N LYS HA 62 60.21 -70.84 79.93
CA LYS HA 62 61.09 -69.89 79.25
C LYS HA 62 60.30 -69.16 78.17
N PRO HA 63 60.76 -67.97 77.74
CA PRO HA 63 59.96 -67.17 76.79
C PRO HA 63 59.76 -67.83 75.43
N ASN HA 64 58.50 -67.86 75.01
CA ASN HA 64 58.04 -68.34 73.72
C ASN HA 64 57.38 -67.18 72.97
N LYS HA 65 56.72 -67.49 71.86
CA LYS HA 65 56.14 -66.47 71.00
C LYS HA 65 54.61 -66.42 71.09
N THR HA 66 54.01 -66.98 72.13
CA THR HA 66 52.56 -67.04 72.27
C THR HA 66 52.09 -65.97 73.24
N ARG HA 67 51.12 -65.15 72.82
CA ARG HA 67 50.50 -64.15 73.68
C ARG HA 67 49.01 -64.42 73.78
N VAL HA 68 48.42 -64.06 74.93
CA VAL HA 68 47.05 -64.42 75.27
C VAL HA 68 46.31 -63.18 75.76
N ILE HA 69 45.11 -62.96 75.24
CA ILE HA 69 44.14 -62.05 75.84
C ILE HA 69 43.15 -62.89 76.65
N TRP HA 70 42.94 -62.53 77.91
CA TRP HA 70 42.08 -63.29 78.80
C TRP HA 70 40.72 -62.61 78.96
N GLY HA 71 39.70 -63.42 79.19
CA GLY HA 71 38.38 -62.90 79.43
C GLY HA 71 37.51 -63.89 80.17
N LYS HA 72 36.22 -63.58 80.23
CA LYS HA 72 35.24 -64.47 80.83
C LYS HA 72 33.94 -64.39 80.06
N VAL HA 73 33.05 -65.32 80.34
CA VAL HA 73 31.72 -65.35 79.73
C VAL HA 73 30.74 -64.67 80.67
N THR HA 74 29.99 -63.70 80.15
CA THR HA 74 29.02 -63.00 80.98
C THR HA 74 27.65 -63.64 80.93
N ARG HA 75 27.05 -63.71 79.73
CA ARG HA 75 25.70 -64.24 79.60
C ARG HA 75 25.49 -64.73 78.17
N ALA HA 76 24.27 -65.14 77.88
CA ALA HA 76 23.92 -65.70 76.58
C ALA HA 76 23.33 -64.63 75.67
N HIS HA 77 23.53 -64.82 74.36
CA HIS HA 77 23.12 -63.88 73.33
C HIS HA 77 22.26 -64.63 72.31
N GLY HA 78 20.96 -64.62 72.50
CA GLY HA 78 20.06 -65.28 71.59
C GLY HA 78 19.59 -66.63 72.11
N ASN HA 79 18.93 -67.36 71.22
CA ASN HA 79 18.32 -68.63 71.60
C ASN HA 79 19.14 -69.85 71.19
N SER HA 80 20.00 -69.74 70.19
CA SER HA 80 20.75 -70.87 69.67
C SER HA 80 22.17 -70.91 70.24
N GLY HA 81 22.26 -71.11 71.54
CA GLY HA 81 23.57 -71.11 72.19
C GLY HA 81 24.09 -69.70 72.27
N MET HA 82 25.29 -69.48 71.72
CA MET HA 82 25.85 -68.16 71.41
C MET HA 82 26.00 -67.27 72.66
N VAL HA 83 26.96 -67.64 73.50
CA VAL HA 83 27.29 -66.78 74.63
C VAL HA 83 27.90 -65.47 74.14
N ARG HA 84 27.84 -64.47 75.01
CA ARG HA 84 28.61 -63.24 74.82
C ARG HA 84 29.68 -63.16 75.88
N ALA HA 85 30.86 -62.67 75.49
CA ALA HA 85 32.03 -62.66 76.34
C ALA HA 85 32.51 -61.24 76.57
N LYS HA 86 33.43 -61.09 77.51
CA LYS HA 86 33.98 -59.81 77.90
C LYS HA 86 35.46 -60.02 78.17
N PHE HA 87 36.33 -59.45 77.35
CA PHE HA 87 37.75 -59.64 77.58
C PHE HA 87 38.33 -58.41 78.26
N ARG HA 88 39.62 -58.50 78.61
CA ARG HA 88 40.27 -57.39 79.31
C ARG HA 88 40.56 -56.24 78.36
N SER HA 89 41.40 -56.47 77.36
CA SER HA 89 41.49 -55.60 76.21
C SER HA 89 40.60 -56.16 75.11
N ASN HA 90 39.98 -55.26 74.35
CA ASN HA 90 39.00 -55.67 73.35
C ASN HA 90 39.66 -56.47 72.25
N LEU HA 91 38.90 -57.42 71.68
CA LEU HA 91 39.47 -58.37 70.74
C LEU HA 91 39.86 -57.69 69.43
N PRO HA 92 41.01 -58.05 68.86
CA PRO HA 92 41.34 -57.59 67.52
C PRO HA 92 40.41 -58.19 66.49
N ALA HA 93 40.20 -57.42 65.42
CA ALA HA 93 39.26 -57.81 64.39
C ALA HA 93 39.79 -58.90 63.47
N LYS HA 94 41.09 -59.17 63.51
CA LYS HA 94 41.67 -60.28 62.76
C LYS HA 94 41.26 -61.64 63.31
N ALA HA 95 40.72 -61.68 64.53
CA ALA HA 95 40.39 -62.92 65.21
C ALA HA 95 39.00 -63.45 64.89
N ILE HA 96 38.30 -62.86 63.93
CA ILE HA 96 36.95 -63.30 63.60
C ILE HA 96 37.03 -64.61 62.83
N GLY HA 97 36.42 -65.66 63.38
CA GLY HA 97 36.51 -66.97 62.80
C GLY HA 97 37.69 -67.78 63.26
N HIS HA 98 38.32 -67.41 64.37
CA HIS HA 98 39.46 -68.11 64.91
C HIS HA 98 39.11 -68.75 66.25
N ARG HA 99 40.07 -69.47 66.80
CA ARG HA 99 39.81 -70.30 67.97
C ARG HA 99 39.87 -69.47 69.24
N ILE HA 100 38.84 -69.62 70.08
CA ILE HA 100 38.86 -69.13 71.44
C ILE HA 100 38.65 -70.30 72.38
N ARG HA 101 39.53 -70.45 73.35
CA ARG HA 101 39.56 -71.59 74.25
C ARG HA 101 38.69 -71.29 75.47
N VAL HA 102 37.61 -72.05 75.66
CA VAL HA 102 36.81 -71.97 76.87
C VAL HA 102 37.35 -73.00 77.84
N MET HA 103 37.70 -72.55 79.05
CA MET HA 103 38.82 -73.15 79.78
C MET HA 103 38.39 -73.96 81.00
N LEU HA 104 37.09 -74.05 81.27
CA LEU HA 104 36.47 -74.76 82.40
C LEU HA 104 36.86 -74.19 83.77
N TYR HA 105 37.47 -73.02 83.82
CA TYR HA 105 37.78 -72.33 85.07
C TYR HA 105 36.48 -71.69 85.56
N PRO HA 106 36.49 -70.94 86.66
CA PRO HA 106 35.75 -71.38 87.86
C PRO HA 106 34.56 -72.32 87.64
N SER HA 107 34.62 -73.45 88.34
CA SER HA 107 33.70 -74.56 88.16
C SER HA 107 32.53 -74.48 89.12
N ARG HA 108 31.40 -75.05 88.69
CA ARG HA 108 30.20 -75.19 89.51
C ARG HA 108 29.72 -76.64 89.46
N ILE HA 109 30.66 -77.58 89.45
CA ILE HA 109 30.31 -79.00 89.38
C ILE HA 109 31.39 -79.79 90.11
N VAL IA 1 77.54 -4.53 -18.25
CA VAL IA 1 76.58 -3.55 -17.76
C VAL IA 1 76.57 -3.48 -16.23
N GLN IA 2 76.92 -2.30 -15.73
CA GLN IA 2 76.85 -2.04 -14.30
C GLN IA 2 75.66 -1.14 -13.99
N ARG IA 3 75.29 -1.12 -12.73
CA ARG IA 3 74.18 -0.30 -12.26
C ARG IA 3 74.72 0.85 -11.40
N LEU IA 4 73.84 1.80 -11.11
CA LEU IA 4 74.26 3.13 -10.71
C LEU IA 4 73.63 3.52 -9.38
N THR IA 5 74.29 4.46 -8.71
CA THR IA 5 73.82 5.03 -7.45
C THR IA 5 73.93 6.54 -7.53
N TYR IA 6 73.16 7.23 -6.69
CA TYR IA 6 73.38 8.66 -6.54
C TYR IA 6 74.69 8.92 -5.81
N ARG IA 7 75.22 10.12 -6.02
CA ARG IA 7 76.47 10.53 -5.39
C ARG IA 7 76.26 11.55 -4.28
N ARG IA 8 75.02 11.91 -4.00
CA ARG IA 8 74.67 12.84 -2.93
C ARG IA 8 73.66 12.17 -2.02
N ARG IA 9 73.11 12.87 -1.03
CA ARG IA 9 72.19 12.24 -0.09
C ARG IA 9 70.74 12.39 -0.47
N LEU IA 10 70.41 13.19 -1.47
CA LEU IA 10 69.04 13.24 -1.98
C LEU IA 10 68.83 12.07 -2.92
N SER IA 11 67.82 11.25 -2.63
CA SER IA 11 67.54 10.03 -3.38
C SER IA 11 66.19 10.07 -4.08
N TYR IA 12 65.69 11.26 -4.40
CA TYR IA 12 64.39 11.41 -5.04
C TYR IA 12 64.57 12.14 -6.36
N ASN IA 13 63.71 11.82 -7.32
CA ASN IA 13 63.86 12.32 -8.68
C ASN IA 13 63.21 13.70 -8.83
N THR IA 14 63.75 14.67 -8.11
CA THR IA 14 63.24 16.03 -8.14
C THR IA 14 63.93 16.82 -9.25
N ALA IA 15 63.58 18.10 -9.36
CA ALA IA 15 64.18 18.97 -10.36
C ALA IA 15 65.60 19.37 -10.03
N SER IA 16 66.01 19.25 -8.76
CA SER IA 16 67.37 19.56 -8.35
C SER IA 16 68.26 18.34 -8.29
N ASN IA 17 67.75 17.17 -8.68
CA ASN IA 17 68.44 15.90 -8.56
C ASN IA 17 68.36 15.14 -9.88
N LYS IA 18 68.71 15.82 -10.98
CA LYS IA 18 68.69 15.20 -12.29
C LYS IA 18 70.09 15.16 -12.86
N THR IA 19 70.43 14.02 -13.44
CA THR IA 19 71.79 13.63 -13.78
C THR IA 19 71.94 13.44 -15.27
N ARG IA 20 73.17 13.15 -15.68
CA ARG IA 20 73.48 12.64 -17.01
C ARG IA 20 74.59 11.62 -16.87
N LEU IA 21 74.82 10.87 -17.93
CA LEU IA 21 75.82 9.81 -17.91
C LEU IA 21 77.12 10.27 -18.56
N SER IA 22 78.22 9.80 -18.00
CA SER IA 22 79.55 10.09 -18.53
C SER IA 22 80.48 9.00 -18.06
N ARG IA 23 81.28 8.47 -18.98
CA ARG IA 23 82.29 7.49 -18.60
C ARG IA 23 83.58 8.20 -18.22
N THR IA 24 84.23 7.68 -17.21
CA THR IA 24 85.43 8.28 -16.63
C THR IA 24 86.66 7.79 -17.38
N PRO IA 25 87.81 8.46 -17.19
CA PRO IA 25 89.07 7.88 -17.67
C PRO IA 25 89.45 6.56 -17.03
N GLY IA 26 88.91 6.23 -15.86
CA GLY IA 26 89.22 4.98 -15.21
C GLY IA 26 88.18 3.91 -15.43
N ASN IA 27 87.59 3.89 -16.64
CA ASN IA 27 86.70 2.86 -17.17
C ASN IA 27 85.39 2.71 -16.41
N ARG IA 28 85.07 3.60 -15.47
CA ARG IA 28 83.79 3.55 -14.80
C ARG IA 28 82.80 4.50 -15.49
N ILE IA 29 81.53 4.36 -15.13
CA ILE IA 29 80.47 5.25 -15.59
C ILE IA 29 79.76 5.79 -14.35
N VAL IA 30 79.71 7.11 -14.23
CA VAL IA 30 79.18 7.76 -13.04
C VAL IA 30 78.06 8.71 -13.41
N TYR IA 31 77.49 9.36 -12.40
CA TYR IA 31 76.54 10.44 -12.61
C TYR IA 31 77.23 11.79 -12.59
N LEU IA 32 76.76 12.69 -13.46
CA LEU IA 32 77.10 14.10 -13.38
C LEU IA 32 75.79 14.86 -13.24
N TYR IA 33 75.66 15.58 -12.12
CA TYR IA 33 74.45 16.33 -11.83
C TYR IA 33 74.39 17.55 -12.72
N THR IA 34 73.43 17.56 -13.65
CA THR IA 34 73.29 18.66 -14.59
C THR IA 34 72.73 19.90 -13.91
N LYS IA 35 72.95 21.03 -14.55
CA LYS IA 35 72.31 22.27 -14.15
C LYS IA 35 71.02 22.45 -14.93
N LYS IA 36 70.14 23.29 -14.40
CA LYS IA 36 68.85 23.51 -15.06
C LYS IA 36 69.03 24.30 -16.34
N VAL IA 37 68.08 24.14 -17.25
CA VAL IA 37 68.17 24.79 -18.55
C VAL IA 37 67.80 26.27 -18.40
N GLY IA 38 68.69 27.13 -18.87
CA GLY IA 38 68.38 28.55 -18.89
C GLY IA 38 67.37 28.88 -19.96
N LYS IA 39 66.74 30.04 -19.79
CA LYS IA 39 65.76 30.49 -20.73
C LYS IA 39 66.10 31.92 -21.13
N ALA IA 40 65.87 32.23 -22.41
CA ALA IA 40 66.13 33.56 -22.92
C ALA IA 40 65.04 34.54 -22.46
N PRO IA 41 65.31 35.84 -22.48
CA PRO IA 41 64.27 36.80 -22.13
C PRO IA 41 63.15 36.88 -23.16
N LYS IA 42 61.94 37.11 -22.64
CA LYS IA 42 60.83 37.51 -23.48
C LYS IA 42 60.92 39.01 -23.78
N SER IA 43 60.04 39.46 -24.64
CA SER IA 43 59.98 40.86 -25.01
C SER IA 43 59.13 41.65 -24.02
N ALA IA 44 59.47 42.92 -23.85
CA ALA IA 44 58.70 43.78 -22.97
C ALA IA 44 57.38 44.23 -23.58
N CYS IA 45 57.20 44.04 -24.89
CA CYS IA 45 55.93 44.38 -25.53
C CYS IA 45 54.83 43.42 -25.10
N GLY IA 46 55.15 42.13 -24.99
CA GLY IA 46 54.20 41.14 -24.54
C GLY IA 46 53.39 40.48 -25.63
N VAL IA 47 53.50 40.94 -26.87
CA VAL IA 47 52.69 40.42 -27.96
C VAL IA 47 53.45 39.38 -28.77
N CYS IA 48 54.55 38.85 -28.24
CA CYS IA 48 55.35 37.92 -29.00
C CYS IA 48 55.47 36.59 -28.25
N PRO IA 49 55.30 35.46 -28.95
CA PRO IA 49 55.48 34.16 -28.28
C PRO IA 49 56.94 33.79 -28.07
N GLY IA 50 57.81 34.17 -29.00
CA GLY IA 50 59.17 33.70 -29.01
C GLY IA 50 60.06 34.37 -27.99
N ARG IA 51 61.36 34.12 -28.13
CA ARG IA 51 62.39 34.63 -27.25
C ARG IA 51 63.25 35.65 -27.99
N LEU IA 52 64.20 36.25 -27.28
CA LEU IA 52 65.06 37.28 -27.84
C LEU IA 52 66.38 36.69 -28.31
N ARG IA 53 66.80 37.11 -29.49
CA ARG IA 53 67.99 36.61 -30.15
C ARG IA 53 69.20 37.41 -29.70
N GLY IA 54 70.38 36.79 -29.82
CA GLY IA 54 71.61 37.44 -29.44
C GLY IA 54 71.89 37.48 -27.96
N VAL IA 55 71.04 36.84 -27.15
CA VAL IA 55 71.20 36.79 -25.70
C VAL IA 55 71.27 35.32 -25.30
N ARG IA 56 72.27 34.97 -24.50
CA ARG IA 56 72.43 33.59 -24.04
C ARG IA 56 71.32 33.22 -23.06
N ALA IA 57 70.93 31.96 -23.09
CA ALA IA 57 69.86 31.44 -22.25
C ALA IA 57 70.50 30.69 -21.09
N VAL IA 58 70.76 31.42 -20.00
CA VAL IA 58 71.42 30.88 -18.82
C VAL IA 58 70.59 31.20 -17.59
N ARG IA 59 71.00 30.63 -16.47
CA ARG IA 59 70.34 30.85 -15.19
C ARG IA 59 70.58 32.29 -14.72
N PRO IA 60 69.68 32.86 -13.91
CA PRO IA 60 69.82 34.30 -13.60
C PRO IA 60 70.97 34.64 -12.68
N LYS IA 61 71.41 33.72 -11.81
CA LYS IA 61 72.51 34.04 -10.92
C LYS IA 61 73.86 33.86 -11.58
N VAL IA 62 73.94 33.13 -12.70
CA VAL IA 62 75.19 33.04 -13.45
C VAL IA 62 75.26 34.11 -14.52
N LEU IA 63 74.23 34.94 -14.63
CA LEU IA 63 74.18 36.02 -15.60
C LEU IA 63 74.99 37.22 -15.17
N MET IA 64 75.51 37.23 -13.94
CA MET IA 64 76.32 38.32 -13.43
C MET IA 64 77.82 38.09 -13.59
N ARG IA 65 78.25 36.87 -13.92
CA ARG IA 65 79.63 36.61 -14.25
C ARG IA 65 79.88 36.59 -15.75
N LEU IA 66 78.93 37.10 -16.53
CA LEU IA 66 79.11 37.27 -17.96
C LEU IA 66 79.53 38.70 -18.24
N SER IA 67 80.03 38.92 -19.45
CA SER IA 67 80.38 40.27 -19.87
C SER IA 67 79.14 40.95 -20.43
N LYS IA 68 79.31 42.21 -20.83
CA LYS IA 68 78.17 43.06 -21.15
C LYS IA 68 77.55 42.70 -22.50
N THR IA 69 78.37 42.32 -23.47
CA THR IA 69 77.87 42.08 -24.82
C THR IA 69 77.13 40.77 -24.97
N LYS IA 70 77.21 39.87 -23.99
CA LYS IA 70 76.50 38.60 -24.05
C LYS IA 70 75.13 38.66 -23.41
N LYS IA 71 74.67 39.85 -23.02
CA LYS IA 71 73.38 40.03 -22.36
C LYS IA 71 72.46 41.01 -23.07
N HIS IA 72 72.94 41.66 -24.13
CA HIS IA 72 72.11 42.62 -24.84
C HIS IA 72 72.50 42.62 -26.31
N VAL IA 73 71.78 43.41 -27.10
CA VAL IA 73 72.05 43.64 -28.51
C VAL IA 73 72.37 45.12 -28.67
N SER IA 74 73.32 45.44 -29.54
CA SER IA 74 73.75 46.83 -29.76
C SER IA 74 72.66 47.58 -30.55
N ARG IA 75 71.64 48.01 -29.82
CA ARG IA 75 70.47 48.70 -30.35
C ARG IA 75 69.74 49.33 -29.17
N ALA IA 76 69.05 50.44 -29.44
CA ALA IA 76 68.10 50.99 -28.46
C ALA IA 76 67.02 49.98 -28.16
N TYR IA 77 66.72 49.81 -26.86
CA TYR IA 77 65.86 48.76 -26.31
C TYR IA 77 66.38 47.37 -26.67
N GLY IA 78 67.70 47.21 -26.79
CA GLY IA 78 68.29 45.95 -27.18
C GLY IA 78 68.56 45.07 -25.97
N GLY IA 79 68.03 43.85 -26.01
CA GLY IA 79 68.07 42.96 -24.87
C GLY IA 79 66.81 42.94 -24.05
N SER IA 80 65.91 43.90 -24.27
CA SER IA 80 64.60 43.93 -23.61
C SER IA 80 63.46 43.67 -24.55
N MET IA 81 63.48 44.22 -25.76
CA MET IA 81 62.45 43.95 -26.76
C MET IA 81 63.06 43.41 -28.04
N CYS IA 82 62.25 42.64 -28.77
CA CYS IA 82 62.63 42.19 -30.10
C CYS IA 82 62.56 43.34 -31.08
N ALA IA 83 63.24 43.17 -32.22
CA ALA IA 83 63.38 44.25 -33.19
C ALA IA 83 62.07 44.56 -33.92
N LYS IA 84 61.12 43.64 -33.92
CA LYS IA 84 59.86 43.85 -34.64
C LYS IA 84 59.00 44.90 -33.95
N CYS IA 85 59.00 44.93 -32.62
CA CYS IA 85 58.23 45.92 -31.90
C CYS IA 85 59.02 47.18 -31.58
N VAL IA 86 60.35 47.14 -31.68
CA VAL IA 86 61.12 48.38 -31.67
C VAL IA 86 60.85 49.18 -32.95
N ARG IA 87 60.67 48.47 -34.08
CA ARG IA 87 60.30 49.13 -35.32
C ARG IA 87 58.90 49.72 -35.27
N ASP IA 88 58.02 49.18 -34.42
CA ASP IA 88 56.68 49.73 -34.34
C ASP IA 88 56.61 50.93 -33.41
N ARG IA 89 57.30 50.87 -32.26
CA ARG IA 89 57.24 51.95 -31.30
C ARG IA 89 58.01 53.19 -31.75
N ILE IA 90 58.88 53.06 -32.75
CA ILE IA 90 59.47 54.25 -33.35
C ILE IA 90 58.45 54.97 -34.22
N LYS IA 91 57.74 54.21 -35.06
CA LYS IA 91 56.75 54.84 -35.93
C LYS IA 91 55.38 54.97 -35.27
N ARG IA 92 55.23 54.57 -34.01
CA ARG IA 92 54.08 55.03 -33.23
C ARG IA 92 54.35 56.42 -32.67
N ALA IA 93 55.51 56.61 -32.03
CA ALA IA 93 55.86 57.89 -31.44
C ALA IA 93 56.06 58.98 -32.48
N PHE IA 94 56.40 58.62 -33.71
CA PHE IA 94 56.46 59.62 -34.76
C PHE IA 94 55.06 59.99 -35.24
N LEU IA 95 54.25 59.00 -35.60
CA LEU IA 95 53.00 59.28 -36.29
C LEU IA 95 51.92 59.83 -35.37
N ILE IA 96 51.98 59.50 -34.08
CA ILE IA 96 51.00 60.07 -33.15
C ILE IA 96 51.32 61.54 -32.86
N GLU IA 97 52.59 61.86 -32.66
CA GLU IA 97 52.98 63.25 -32.43
C GLU IA 97 52.85 64.08 -33.70
N GLU IA 98 53.02 63.45 -34.87
CA GLU IA 98 52.77 64.16 -36.11
C GLU IA 98 51.27 64.37 -36.33
N GLN IA 99 50.44 63.47 -35.82
CA GLN IA 99 48.99 63.67 -35.87
C GLN IA 99 48.58 64.79 -34.91
N LYS IA 100 49.27 64.94 -33.78
CA LYS IA 100 48.96 66.02 -32.86
C LYS IA 100 49.46 67.38 -33.35
N ILE IA 101 50.12 67.45 -34.50
CA ILE IA 101 50.38 68.73 -35.14
C ILE IA 101 49.15 69.17 -35.93
N VAL IA 102 48.57 68.28 -36.74
CA VAL IA 102 47.42 68.63 -37.55
C VAL IA 102 46.15 68.75 -36.69
N VAL IA 103 46.12 68.13 -35.52
CA VAL IA 103 45.04 68.41 -34.57
C VAL IA 103 45.21 69.80 -33.97
N LYS IA 104 46.45 70.19 -33.69
CA LYS IA 104 46.71 71.49 -33.06
C LYS IA 104 46.49 72.64 -34.03
N VAL IA 105 46.86 72.45 -35.30
CA VAL IA 105 46.75 73.54 -36.28
C VAL IA 105 45.31 73.75 -36.73
N LEU IA 106 44.56 72.66 -36.91
CA LEU IA 106 43.20 72.75 -37.46
C LEU IA 106 42.24 73.44 -36.49
N LYS IA 107 42.42 73.25 -35.19
CA LYS IA 107 41.59 73.99 -34.24
C LYS IA 107 42.11 75.39 -33.97
N ALA IA 108 43.41 75.64 -34.19
CA ALA IA 108 43.93 76.99 -34.06
C ALA IA 108 43.55 77.84 -35.27
N GLN IA 109 43.55 77.24 -36.46
CA GLN IA 109 43.12 77.94 -37.66
C GLN IA 109 41.60 78.01 -37.80
N ALA IA 110 40.86 77.32 -36.93
CA ALA IA 110 39.41 77.50 -36.82
C ALA IA 110 39.07 78.63 -35.87
N GLN IA 111 39.66 79.80 -36.11
CA GLN IA 111 39.41 80.99 -35.29
C GLN IA 111 38.84 82.06 -36.22
N SER IA 112 37.87 81.65 -37.04
CA SER IA 112 37.21 82.55 -37.97
C SER IA 112 35.77 82.84 -37.60
N GLN IA 113 35.19 82.10 -36.66
CA GLN IA 113 33.81 82.25 -36.25
C GLN IA 113 33.74 83.03 -34.94
N LYS IA 114 32.53 83.19 -34.41
CA LYS IA 114 32.31 83.95 -33.20
C LYS IA 114 32.46 83.07 -31.96
N ALA JA 1 109.12 21.93 46.12
CA ALA JA 1 109.03 23.01 45.15
C ALA JA 1 107.58 23.46 44.98
N LYS JA 2 106.87 23.57 46.10
CA LYS JA 2 105.46 23.94 46.08
C LYS JA 2 105.32 25.45 46.16
N ILE JA 3 104.61 26.02 45.19
CA ILE JA 3 104.30 27.45 45.23
C ILE JA 3 103.07 27.65 46.10
N LYS JA 4 103.13 28.67 46.95
CA LYS JA 4 102.09 28.96 47.92
C LYS JA 4 101.62 30.38 47.71
N ALA JA 5 100.33 30.61 47.98
CA ALA JA 5 99.69 31.84 47.55
C ALA JA 5 100.15 33.07 48.33
N ARG JA 6 100.66 32.89 49.55
CA ARG JA 6 101.18 34.02 50.30
C ARG JA 6 102.63 34.34 49.94
N ASP JA 7 103.32 33.43 49.26
CA ASP JA 7 104.61 33.75 48.68
C ASP JA 7 104.48 34.56 47.39
N LEU JA 8 103.26 34.68 46.86
CA LEU JA 8 103.04 35.30 45.57
C LEU JA 8 102.49 36.73 45.66
N ARG JA 9 101.92 37.13 46.79
CA ARG JA 9 101.15 38.36 46.87
C ARG JA 9 102.01 39.62 46.94
N GLY JA 10 103.32 39.52 46.87
CA GLY JA 10 104.16 40.69 46.82
C GLY JA 10 104.71 40.91 45.42
N LYS JA 11 104.65 39.87 44.59
CA LYS JA 11 105.22 39.92 43.25
C LYS JA 11 104.17 40.39 42.26
N LYS JA 12 104.59 41.29 41.38
CA LYS JA 12 103.67 42.01 40.50
C LYS JA 12 103.27 41.15 39.30
N LYS JA 13 102.34 41.69 38.50
CA LYS JA 13 101.75 40.94 37.40
C LYS JA 13 102.69 40.78 36.20
N GLU JA 14 103.77 41.53 36.14
CA GLU JA 14 104.76 41.32 35.08
C GLU JA 14 105.59 40.07 35.33
N GLU JA 15 105.61 39.56 36.56
CA GLU JA 15 106.30 38.34 36.90
C GLU JA 15 105.39 37.26 37.49
N LEU JA 16 104.11 37.56 37.68
CA LEU JA 16 103.16 36.49 37.97
C LEU JA 16 102.74 35.77 36.69
N LEU JA 17 102.46 36.52 35.62
CA LEU JA 17 102.05 35.90 34.37
C LEU JA 17 103.20 35.17 33.68
N LYS JA 18 104.44 35.62 33.92
CA LYS JA 18 105.59 34.84 33.48
C LYS JA 18 105.70 33.55 34.29
N GLN JA 19 105.37 33.61 35.57
CA GLN JA 19 105.35 32.43 36.42
C GLN JA 19 104.11 31.59 36.19
N LEU JA 20 103.07 32.17 35.58
CA LEU JA 20 101.84 31.44 35.30
C LEU JA 20 101.92 30.63 34.02
N ASP JA 21 102.34 31.25 32.91
CA ASP JA 21 102.18 30.61 31.61
C ASP JA 21 103.16 29.49 31.36
N ASP JA 22 104.24 29.38 32.14
CA ASP JA 22 105.11 28.23 32.02
C ASP JA 22 104.67 27.05 32.87
N LEU JA 23 103.76 27.28 33.82
CA LEU JA 23 103.04 26.18 34.43
C LEU JA 23 102.05 25.56 33.45
N LYS JA 24 101.47 26.39 32.58
CA LYS JA 24 100.55 25.87 31.57
C LYS JA 24 101.30 25.14 30.47
N VAL JA 25 102.53 25.56 30.17
CA VAL JA 25 103.41 24.75 29.32
C VAL JA 25 103.72 23.42 29.99
N GLU JA 26 103.99 23.45 31.29
CA GLU JA 26 104.27 22.24 32.06
C GLU JA 26 103.07 21.31 32.12
N LEU JA 27 101.87 21.88 32.15
CA LEU JA 27 100.67 21.04 32.17
C LEU JA 27 100.41 20.40 30.82
N SER JA 28 100.70 21.13 29.73
CA SER JA 28 100.50 20.59 28.39
C SER JA 28 101.48 19.48 28.07
N GLN JA 29 102.70 19.56 28.61
CA GLN JA 29 103.68 18.50 28.40
C GLN JA 29 103.30 17.23 29.15
N LEU JA 30 102.60 17.36 30.27
CA LEU JA 30 102.20 16.18 31.03
C LEU JA 30 101.06 15.43 30.36
N ARG JA 31 100.13 16.17 29.75
CA ARG JA 31 99.04 15.53 29.03
C ARG JA 31 99.50 14.91 27.72
N VAL JA 32 100.65 15.33 27.18
CA VAL JA 32 101.30 14.60 26.10
C VAL JA 32 101.70 13.20 26.58
N ALA JA 33 102.30 13.11 27.77
CA ALA JA 33 102.73 11.82 28.30
C ALA JA 33 101.57 10.98 28.79
N LYS JA 34 100.39 11.58 29.00
CA LYS JA 34 99.24 10.83 29.47
C LYS JA 34 98.68 9.91 28.39
N VAL JA 35 98.84 10.27 27.13
CA VAL JA 35 98.33 9.47 26.02
C VAL JA 35 99.40 8.65 25.35
N THR JA 36 100.66 8.81 25.74
CA THR JA 36 101.74 7.94 25.28
C THR JA 36 102.14 6.93 26.34
N GLY JA 37 101.23 6.58 27.24
CA GLY JA 37 101.56 5.78 28.39
C GLY JA 37 102.28 6.58 29.46
N GLY JA 38 103.52 6.97 29.18
CA GLY JA 38 104.25 7.87 30.04
C GLY JA 38 104.83 7.20 31.27
N ALA JA 39 104.50 7.75 32.44
CA ALA JA 39 105.02 7.25 33.71
C ALA JA 39 104.07 7.67 34.81
N ALA JA 40 103.89 6.79 35.80
CA ALA JA 40 103.00 7.08 36.92
C ALA JA 40 103.50 8.22 37.79
N SER JA 41 104.81 8.49 37.80
CA SER JA 41 105.33 9.64 38.52
C SER JA 41 104.95 10.94 37.82
N LYS JA 42 104.74 10.89 36.50
CA LYS JA 42 104.37 12.07 35.73
C LYS JA 42 102.86 12.17 35.51
N LEU JA 43 102.09 11.22 36.02
CA LEU JA 43 100.63 11.31 35.99
C LEU JA 43 100.04 11.83 37.28
N SER JA 44 100.70 11.56 38.41
CA SER JA 44 100.27 12.14 39.68
C SER JA 44 100.59 13.62 39.77
N LYS JA 45 101.56 14.10 38.99
CA LYS JA 45 101.93 15.51 39.00
C LYS JA 45 101.05 16.37 38.10
N ILE JA 46 99.99 15.80 37.51
CA ILE JA 46 99.03 16.62 36.78
C ILE JA 46 98.23 17.47 37.75
N ARG JA 47 97.77 16.86 38.84
CA ARG JA 47 96.98 17.57 39.85
C ARG JA 47 97.80 18.62 40.57
N VAL JA 48 99.11 18.39 40.72
CA VAL JA 48 99.98 19.37 41.36
C VAL JA 48 100.14 20.62 40.49
N VAL JA 49 100.06 20.46 39.17
CA VAL JA 49 100.16 21.59 38.27
C VAL JA 49 98.79 22.25 38.01
N ARG JA 50 97.71 21.45 38.01
CA ARG JA 50 96.37 22.01 37.86
C ARG JA 50 95.99 22.91 39.04
N LYS JA 51 96.42 22.56 40.25
CA LYS JA 51 96.18 23.43 41.38
C LYS JA 51 97.19 24.55 41.48
N SER JA 52 98.35 24.41 40.83
CA SER JA 52 99.31 25.51 40.78
C SER JA 52 98.84 26.61 39.84
N ILE JA 53 98.13 26.25 38.77
CA ILE JA 53 97.52 27.27 37.92
C ILE JA 53 96.34 27.91 38.62
N ALA JA 54 95.59 27.13 39.40
CA ALA JA 54 94.46 27.68 40.15
C ALA JA 54 94.89 28.57 41.29
N ARG JA 55 96.11 28.40 41.79
CA ARG JA 55 96.58 29.21 42.91
C ARG JA 55 97.16 30.54 42.43
N VAL JA 56 97.84 30.54 41.28
CA VAL JA 56 98.39 31.78 40.74
C VAL JA 56 97.27 32.69 40.25
N LEU JA 57 96.29 32.13 39.55
CA LEU JA 57 95.15 32.91 39.08
C LEU JA 57 94.27 33.44 40.21
N THR JA 58 94.28 32.78 41.36
CA THR JA 58 93.56 33.31 42.51
C THR JA 58 94.21 34.57 43.04
N VAL JA 59 95.55 34.59 43.10
CA VAL JA 59 96.27 35.76 43.58
C VAL JA 59 96.14 36.92 42.60
N ILE JA 60 96.10 36.61 41.30
CA ILE JA 60 95.93 37.64 40.28
C ILE JA 60 94.52 38.24 40.37
N ASN JA 61 93.50 37.39 40.46
CA ASN JA 61 92.12 37.87 40.55
C ASN JA 61 91.81 38.55 41.87
N GLN JA 62 92.63 38.35 42.91
CA GLN JA 62 92.45 39.04 44.17
C GLN JA 62 93.29 40.30 44.29
N THR JA 63 94.46 40.34 43.66
CA THR JA 63 95.21 41.60 43.60
C THR JA 63 94.49 42.61 42.70
N GLN JA 64 93.88 42.12 41.62
CA GLN JA 64 93.14 42.99 40.71
C GLN JA 64 91.88 43.52 41.35
N LYS JA 65 91.17 42.69 42.11
CA LYS JA 65 89.87 43.09 42.64
C LYS JA 65 90.00 44.10 43.76
N GLU JA 66 91.01 43.95 44.62
CA GLU JA 66 91.19 44.92 45.71
C GLU JA 66 91.75 46.24 45.22
N ASN JA 67 92.41 46.24 44.05
CA ASN JA 67 92.84 47.50 43.45
C ASN JA 67 91.68 48.23 42.78
N LEU JA 68 90.56 47.55 42.53
CA LEU JA 68 89.35 48.19 42.08
C LEU JA 68 88.40 48.52 43.23
N ARG JA 69 88.52 47.82 44.36
CA ARG JA 69 87.81 48.26 45.57
C ARG JA 69 88.37 49.57 46.09
N LYS JA 70 89.65 49.86 45.81
CA LYS JA 70 90.28 51.08 46.29
C LYS JA 70 90.34 52.18 45.25
N PHE JA 71 90.25 51.85 43.96
CA PHE JA 71 90.07 52.88 42.96
C PHE JA 71 88.72 53.56 43.10
N TYR JA 72 87.69 52.79 43.44
CA TYR JA 72 86.35 53.30 43.69
C TYR JA 72 86.09 53.55 45.16
N LYS JA 73 87.15 53.73 45.96
CA LYS JA 73 87.00 54.01 47.39
C LYS JA 73 86.55 55.45 47.55
N GLY JA 74 85.25 55.63 47.74
CA GLY JA 74 84.70 56.96 47.95
C GLY JA 74 84.23 57.63 46.67
N LYS JA 75 83.47 56.91 45.86
CA LYS JA 75 82.86 57.48 44.67
C LYS JA 75 81.35 57.30 44.73
N LYS JA 76 80.66 58.13 43.93
CA LYS JA 76 79.21 58.14 43.96
C LYS JA 76 78.61 56.88 43.34
N TYR JA 77 79.21 56.39 42.26
CA TYR JA 77 78.70 55.20 41.59
C TYR JA 77 79.83 54.20 41.41
N LYS JA 78 79.62 53.00 41.89
CA LYS JA 78 80.52 51.87 41.74
C LYS JA 78 79.92 50.84 40.80
N PRO JA 79 80.75 50.00 40.18
CA PRO JA 79 80.22 48.87 39.41
C PRO JA 79 79.44 47.90 40.28
N LEU JA 80 78.63 47.08 39.60
CA LEU JA 80 77.65 46.24 40.29
C LEU JA 80 78.30 45.10 41.07
N ASP JA 81 79.50 44.67 40.69
CA ASP JA 81 80.21 43.65 41.43
C ASP JA 81 81.07 44.21 42.56
N LEU JA 82 81.15 45.53 42.69
CA LEU JA 82 81.91 46.15 43.77
C LEU JA 82 81.02 46.70 44.87
N ARG JA 83 79.78 47.02 44.56
CA ARG JA 83 78.77 47.35 45.56
C ARG JA 83 78.27 46.05 46.20
N PRO JA 84 77.78 46.11 47.46
CA PRO JA 84 77.52 44.87 48.20
C PRO JA 84 76.40 44.01 47.62
N LYS JA 85 76.46 42.73 47.97
CA LYS JA 85 75.74 41.65 47.31
C LYS JA 85 74.47 41.21 48.05
N LYS JA 86 74.38 41.48 49.35
CA LYS JA 86 73.78 40.62 50.38
C LYS JA 86 72.56 39.80 50.00
N THR JA 87 71.47 40.47 49.63
CA THR JA 87 70.20 39.84 49.31
C THR JA 87 69.39 40.90 48.58
N ARG JA 88 68.66 40.48 47.53
CA ARG JA 88 67.85 41.40 46.74
C ARG JA 88 66.83 42.13 47.60
N ALA JA 89 66.20 41.43 48.53
CA ALA JA 89 65.26 42.07 49.44
C ALA JA 89 65.97 43.01 50.41
N MET JA 90 67.20 42.70 50.80
CA MET JA 90 67.96 43.57 51.68
C MET JA 90 68.52 44.78 50.96
N ARG JA 91 68.64 44.74 49.64
CA ARG JA 91 69.10 45.90 48.89
C ARG JA 91 67.98 46.87 48.57
N ARG JA 92 66.71 46.47 48.74
CA ARG JA 92 65.59 47.34 48.44
C ARG JA 92 65.09 48.10 49.66
N ARG JA 93 65.37 47.61 50.87
CA ARG JA 93 64.86 48.22 52.07
C ARG JA 93 65.56 49.56 52.34
N LEU JA 94 64.95 50.35 53.22
CA LEU JA 94 65.47 51.66 53.57
C LEU JA 94 66.76 51.51 54.37
N ASN JA 95 67.58 52.56 54.33
CA ASN JA 95 68.93 52.44 54.86
C ASN JA 95 68.97 52.80 56.35
N LYS JA 96 70.18 52.94 56.88
CA LYS JA 96 70.36 53.31 58.28
C LYS JA 96 69.92 54.74 58.54
N HIS JA 97 69.98 55.60 57.53
CA HIS JA 97 69.76 57.02 57.72
C HIS JA 97 68.29 57.44 57.57
N GLU JA 98 67.50 56.73 56.76
CA GLU JA 98 66.13 57.17 56.52
C GLU JA 98 65.08 56.25 57.14
N GLU JA 99 65.50 55.26 57.93
CA GLU JA 99 64.54 54.57 58.78
C GLU JA 99 64.26 55.34 60.06
N ASN JA 100 65.23 56.13 60.54
CA ASN JA 100 65.05 56.92 61.75
C ASN JA 100 64.81 58.39 61.45
N LEU JA 101 64.33 58.72 60.24
CA LEU JA 101 63.81 60.05 59.97
C LEU JA 101 62.40 60.16 60.50
N LYS JA 102 62.12 61.26 61.20
CA LYS JA 102 60.80 61.51 61.77
C LYS JA 102 60.36 62.90 61.37
N THR JA 103 59.05 63.09 61.24
CA THR JA 103 58.52 64.41 60.97
C THR JA 103 58.70 65.32 62.19
N LYS JA 104 58.64 66.62 61.95
CA LYS JA 104 58.78 67.59 63.02
C LYS JA 104 57.63 67.51 64.01
N LYS JA 105 56.46 67.08 63.56
CA LYS JA 105 55.36 66.80 64.48
C LYS JA 105 55.61 65.53 65.27
N GLN JA 106 56.33 64.56 64.70
CA GLN JA 106 56.62 63.34 65.42
C GLN JA 106 57.67 63.57 66.51
N GLN JA 107 58.67 64.39 66.22
CA GLN JA 107 59.74 64.65 67.17
C GLN JA 107 59.45 65.85 68.08
N ARG JA 108 58.19 66.25 68.19
CA ARG JA 108 57.76 67.21 69.19
C ARG JA 108 57.00 66.55 70.34
N LYS JA 109 56.22 65.50 70.06
CA LYS JA 109 55.68 64.67 71.12
C LYS JA 109 56.76 63.85 71.80
N GLU JA 110 57.89 63.61 71.14
CA GLU JA 110 58.99 62.90 71.77
C GLU JA 110 59.69 63.76 72.82
N ARG JA 111 59.64 65.08 72.68
CA ARG JA 111 60.35 65.97 73.58
C ARG JA 111 59.44 66.64 74.60
N LEU JA 112 58.15 66.73 74.34
CA LEU JA 112 57.23 67.28 75.32
C LEU JA 112 56.71 66.21 76.27
N TYR JA 113 56.42 65.01 75.75
CA TYR JA 113 55.89 63.91 76.55
C TYR JA 113 56.80 62.70 76.38
N PRO JA 114 57.95 62.67 77.05
CA PRO JA 114 58.79 61.48 76.98
C PRO JA 114 58.24 60.40 77.90
N LEU JA 115 58.55 59.16 77.55
CA LEU JA 115 58.15 58.02 78.39
C LEU JA 115 58.92 58.06 79.70
N ARG JA 116 58.19 58.23 80.80
CA ARG JA 116 58.83 58.39 82.09
C ARG JA 116 59.17 57.04 82.69
N LYS JA 117 59.78 57.08 83.87
CA LYS JA 117 60.14 55.90 84.63
C LYS JA 117 59.50 56.03 85.99
N TYR JA 118 58.82 54.98 86.44
CA TYR JA 118 57.98 55.13 87.62
C TYR JA 118 57.78 53.78 88.29
N ALA JA 119 57.92 53.77 89.61
CA ALA JA 119 57.53 52.64 90.43
C ALA JA 119 56.26 53.00 91.20
N VAL JA 120 55.49 51.97 91.53
CA VAL JA 120 54.25 52.13 92.28
C VAL JA 120 54.37 51.33 93.57
N LYS JA 121 54.30 52.03 94.70
CA LYS JA 121 54.37 51.38 95.99
C LYS JA 121 53.05 50.65 96.29
N ALA JA 122 53.09 49.77 97.27
CA ALA JA 122 51.89 49.03 97.67
C ALA JA 122 51.29 49.62 98.94
N ALA KA 1 9.36 52.24 102.94
CA ALA KA 1 8.27 53.20 102.78
C ALA KA 1 7.55 52.98 101.45
N LEU KA 2 6.95 54.04 100.94
CA LEU KA 2 6.39 54.02 99.59
C LEU KA 2 7.45 54.47 98.59
N ARG KA 3 7.10 54.34 97.30
CA ARG KA 3 7.86 54.85 96.17
C ARG KA 3 9.26 54.23 96.09
N TYR KA 4 9.28 52.91 95.94
CA TYR KA 4 10.52 52.17 95.82
C TYR KA 4 11.14 52.38 94.44
N PRO KA 5 12.47 52.23 94.33
CA PRO KA 5 13.10 52.24 93.00
C PRO KA 5 12.83 50.95 92.25
N MET KA 6 11.68 50.90 91.60
CA MET KA 6 11.18 49.68 90.98
C MET KA 6 11.92 49.41 89.67
N ALA KA 7 11.95 48.13 89.27
CA ALA KA 7 12.64 47.71 88.06
C ALA KA 7 11.76 47.75 86.82
N VAL KA 8 10.47 48.04 86.96
CA VAL KA 8 9.55 48.14 85.84
C VAL KA 8 8.70 49.40 86.00
N GLY KA 9 8.04 49.79 84.93
CA GLY KA 9 7.09 50.88 84.95
C GLY KA 9 7.59 52.11 84.20
N LEU KA 10 6.93 53.24 84.49
CA LEU KA 10 7.23 54.49 83.81
C LEU KA 10 8.47 55.19 84.35
N ASN KA 11 9.04 54.70 85.46
CA ASN KA 11 10.28 55.28 85.97
C ASN KA 11 11.03 54.14 86.66
N LYS KA 12 11.93 53.51 85.92
CA LYS KA 12 12.69 52.37 86.40
C LYS KA 12 14.17 52.74 86.43
N GLY KA 13 15.01 51.76 86.73
CA GLY KA 13 16.42 52.02 86.87
C GLY KA 13 16.80 52.26 88.31
N HIS KA 14 18.02 52.77 88.48
CA HIS KA 14 18.65 52.86 89.79
C HIS KA 14 18.69 54.28 90.33
N LYS KA 15 18.21 55.26 89.56
CA LYS KA 15 17.99 56.64 90.00
C LYS KA 15 19.29 57.30 90.47
N VAL KA 16 20.22 57.43 89.53
CA VAL KA 16 21.54 57.96 89.80
C VAL KA 16 21.54 59.44 89.42
N THR KA 17 22.45 60.21 90.02
CA THR KA 17 22.55 61.63 89.74
C THR KA 17 23.18 61.84 88.36
N LYS KA 18 22.38 62.36 87.42
CA LYS KA 18 22.81 62.48 86.04
C LYS KA 18 23.86 63.56 85.89
N ASN KA 19 24.97 63.22 85.23
CA ASN KA 19 26.01 64.19 84.93
C ASN KA 19 25.53 65.06 83.77
N VAL KA 20 25.43 66.37 84.01
CA VAL KA 20 25.04 67.33 83.00
C VAL KA 20 26.33 67.85 82.38
N SER KA 21 26.67 67.31 81.21
CA SER KA 21 27.95 67.58 80.56
C SER KA 21 27.72 68.24 79.21
N LYS KA 22 28.70 69.00 78.75
CA LYS KA 22 28.68 69.54 77.41
C LYS KA 22 28.92 68.42 76.41
N PRO KA 23 28.14 68.32 75.33
CA PRO KA 23 28.27 67.17 74.42
C PRO KA 23 29.56 67.21 73.61
N ARG KA 24 29.77 66.13 72.87
CA ARG KA 24 31.00 65.97 72.11
C ARG KA 24 31.04 66.94 70.93
N HIS KA 25 32.22 67.08 70.35
CA HIS KA 25 32.39 67.90 69.17
C HIS KA 25 32.07 67.13 67.89
N SER KA 26 31.96 65.81 67.94
CA SER KA 26 31.51 65.08 66.78
C SER KA 26 30.01 65.22 66.54
N ARG KA 27 29.25 65.68 67.55
CA ARG KA 27 27.81 65.79 67.42
C ARG KA 27 27.38 66.94 66.52
N ARG KA 28 28.22 67.96 66.34
CA ARG KA 28 27.89 69.08 65.47
C ARG KA 28 28.31 68.84 64.02
N ARG KA 29 28.54 67.59 63.64
CA ARG KA 29 28.86 67.24 62.27
C ARG KA 29 27.66 67.51 61.38
N GLY KA 30 27.92 68.07 60.20
CA GLY KA 30 26.84 68.40 59.28
C GLY KA 30 25.99 69.57 59.71
N ARG KA 31 26.56 70.51 60.45
CA ARG KA 31 25.86 71.74 60.82
C ARG KA 31 26.30 72.86 59.88
N LEU KA 32 25.34 73.67 59.44
CA LEU KA 32 25.62 74.73 58.49
C LEU KA 32 26.37 75.86 59.17
N THR KA 33 27.21 76.55 58.39
CA THR KA 33 28.14 77.51 58.93
C THR KA 33 27.94 78.83 58.18
N LYS KA 34 28.50 79.92 58.71
CA LYS KA 34 28.41 81.23 58.08
C LYS KA 34 29.12 81.24 56.73
N HIS KA 35 30.35 80.74 56.68
CA HIS KA 35 31.11 80.74 55.44
C HIS KA 35 30.72 79.59 54.51
N THR KA 36 30.22 78.48 55.04
CA THR KA 36 29.91 77.33 54.20
C THR KA 36 28.65 77.57 53.37
N LYS KA 37 27.65 78.26 53.92
CA LYS KA 37 26.46 78.54 53.15
C LYS KA 37 26.67 79.65 52.14
N PHE KA 38 27.72 80.46 52.29
CA PHE KA 38 28.11 81.36 51.23
C PHE KA 38 28.63 80.59 50.02
N VAL KA 39 29.51 79.63 50.26
CA VAL KA 39 30.08 78.79 49.20
C VAL KA 39 28.99 77.99 48.50
N ARG KA 40 28.04 77.47 49.26
CA ARG KA 40 27.00 76.63 48.71
C ARG KA 40 25.93 77.44 47.96
N ASP KA 41 25.89 78.75 48.16
CA ASP KA 41 24.96 79.60 47.42
C ASP KA 41 25.59 80.29 46.23
N MET KA 42 26.92 80.36 46.16
CA MET KA 42 27.56 80.84 44.94
C MET KA 42 27.48 79.78 43.85
N ILE KA 43 27.57 78.52 44.25
CA ILE KA 43 27.48 77.42 43.28
C ILE KA 43 26.07 77.28 42.75
N ARG KA 44 25.07 77.44 43.62
CA ARG KA 44 23.68 77.39 43.19
C ARG KA 44 23.33 78.56 42.28
N GLU KA 45 24.03 79.68 42.43
CA GLU KA 45 23.81 80.84 41.58
C GLU KA 45 24.57 80.77 40.27
N VAL KA 46 25.71 80.08 40.23
CA VAL KA 46 26.51 80.09 39.02
C VAL KA 46 26.14 78.97 38.05
N CYS KA 47 25.58 77.84 38.54
CA CYS KA 47 25.26 76.73 37.66
C CYS KA 47 23.81 76.28 37.77
N GLY KA 48 22.96 77.03 38.46
CA GLY KA 48 21.52 76.78 38.43
C GLY KA 48 21.06 75.53 39.13
N PHE KA 49 20.06 74.87 38.56
CA PHE KA 49 19.41 73.72 39.16
C PHE KA 49 19.55 72.48 38.28
N ALA KA 50 19.17 71.35 38.86
CA ALA KA 50 19.14 70.07 38.17
C ALA KA 50 17.86 69.95 37.35
N PRO KA 51 17.85 69.11 36.30
CA PRO KA 51 16.63 68.99 35.49
C PRO KA 51 15.45 68.35 36.20
N TYR KA 52 15.67 67.51 37.22
CA TYR KA 52 14.53 67.00 37.96
C TYR KA 52 14.00 68.02 38.94
N GLU KA 53 14.83 68.99 39.34
CA GLU KA 53 14.38 70.03 40.24
C GLU KA 53 13.62 71.12 39.49
N ARG KA 54 14.03 71.41 38.25
CA ARG KA 54 13.32 72.37 37.42
C ARG KA 54 11.95 71.86 37.03
N ARG KA 55 11.80 70.55 36.85
CA ARG KA 55 10.49 69.99 36.57
C ARG KA 55 9.62 70.00 37.82
N ALA KA 56 10.22 69.74 38.98
CA ALA KA 56 9.49 69.73 40.24
C ALA KA 56 9.04 71.12 40.67
N MET KA 57 9.71 72.18 40.20
CA MET KA 57 9.25 73.52 40.50
C MET KA 57 8.04 73.92 39.67
N GLU KA 58 7.83 73.30 38.51
CA GLU KA 58 6.62 73.58 37.75
C GLU KA 58 5.41 72.94 38.40
N LEU KA 59 5.61 71.82 39.09
CA LEU KA 59 4.52 71.18 39.83
C LEU KA 59 4.15 71.94 41.09
N LEU KA 60 4.98 72.88 41.53
CA LEU KA 60 4.67 73.71 42.69
C LEU KA 60 4.11 75.07 42.31
N LYS KA 61 4.45 75.59 41.13
CA LYS KA 61 3.91 76.87 40.70
C LYS KA 61 2.42 76.76 40.37
N VAL KA 62 1.96 75.58 39.96
CA VAL KA 62 0.54 75.36 39.72
C VAL KA 62 -0.18 74.84 40.95
N SER KA 63 0.50 74.79 42.11
CA SER KA 63 -0.02 74.30 43.38
C SER KA 63 -0.54 72.87 43.29
N LYS KA 64 0.19 72.03 42.55
CA LYS KA 64 -0.08 70.60 42.50
C LYS KA 64 0.93 69.94 43.44
N ASP KA 65 0.66 70.08 44.73
CA ASP KA 65 1.67 69.80 45.75
C ASP KA 65 1.80 68.31 46.06
N LYS KA 66 0.69 67.56 45.96
CA LYS KA 66 0.73 66.14 46.28
C LYS KA 66 1.49 65.35 45.23
N ARG KA 67 1.34 65.72 43.96
CA ARG KA 67 2.08 65.07 42.89
C ARG KA 67 3.53 65.52 42.85
N ALA KA 68 3.80 66.74 43.33
CA ALA KA 68 5.17 67.24 43.39
C ALA KA 68 6.01 66.46 44.40
N LEU KA 69 5.40 65.92 45.45
CA LEU KA 69 6.14 65.10 46.39
C LEU KA 69 6.39 63.71 45.84
N LYS KA 70 5.38 63.11 45.20
CA LYS KA 70 5.53 61.77 44.65
C LYS KA 70 6.49 61.72 43.47
N PHE KA 71 6.72 62.85 42.80
CA PHE KA 71 7.80 62.91 41.82
C PHE KA 71 9.16 62.85 42.52
N ILE KA 72 9.38 63.75 43.47
CA ILE KA 72 10.66 63.86 44.17
C ILE KA 72 10.95 62.61 45.00
N LYS KA 73 9.92 61.97 45.56
CA LYS KA 73 10.11 60.73 46.30
C LYS KA 73 10.59 59.59 45.39
N LYS KA 74 10.33 59.67 44.10
CA LYS KA 74 10.85 58.69 43.17
C LYS KA 74 12.23 59.06 42.66
N ARG KA 75 12.56 60.35 42.60
CA ARG KA 75 13.84 60.75 42.02
C ARG KA 75 14.98 60.62 43.03
N VAL KA 76 14.74 60.81 44.32
CA VAL KA 76 15.78 60.63 45.32
C VAL KA 76 15.56 59.41 46.20
N GLY KA 77 14.33 58.94 46.37
CA GLY KA 77 14.11 57.65 46.96
C GLY KA 77 13.36 57.59 48.27
N THR KA 78 13.61 58.53 49.17
CA THR KA 78 13.12 58.46 50.53
C THR KA 78 12.05 59.53 50.75
N HIS KA 79 11.04 59.20 51.55
CA HIS KA 79 10.01 60.17 51.92
C HIS KA 79 10.57 61.29 52.79
N ILE KA 80 11.59 60.98 53.60
CA ILE KA 80 12.19 61.98 54.47
C ILE KA 80 13.01 62.98 53.66
N ARG KA 81 13.78 62.50 52.69
CA ARG KA 81 14.58 63.39 51.87
C ARG KA 81 13.72 64.19 50.88
N ALA KA 82 12.58 63.65 50.47
CA ALA KA 82 11.73 64.33 49.51
C ALA KA 82 10.94 65.48 50.12
N LYS KA 83 10.66 65.44 51.42
CA LYS KA 83 9.91 66.53 52.04
C LYS KA 83 10.79 67.76 52.28
N ARG KA 84 12.05 67.54 52.66
CA ARG KA 84 12.95 68.68 52.79
C ARG KA 84 13.57 69.09 51.46
N LYS KA 85 13.31 68.35 50.38
CA LYS KA 85 13.64 68.82 49.05
C LYS KA 85 12.50 69.66 48.47
N ARG KA 86 11.25 69.28 48.74
CA ARG KA 86 10.11 70.06 48.29
C ARG KA 86 10.02 71.38 49.04
N GLU KA 87 10.24 71.36 50.35
CA GLU KA 87 10.09 72.55 51.17
C GLU KA 87 11.33 73.44 51.16
N GLU KA 88 12.32 73.15 50.33
CA GLU KA 88 13.34 74.10 49.97
C GLU KA 88 13.18 74.66 48.57
N LEU KA 89 12.67 73.86 47.63
CA LEU KA 89 12.28 74.40 46.33
C LEU KA 89 11.07 75.33 46.44
N SER KA 90 10.24 75.13 47.46
CA SER KA 90 9.19 76.10 47.75
C SER KA 90 9.80 77.41 48.27
N ASN KA 91 10.88 77.32 49.04
CA ASN KA 91 11.59 78.52 49.49
C ASN KA 91 12.28 79.22 48.32
N VAL KA 92 12.68 78.46 47.31
CA VAL KA 92 13.19 79.06 46.06
C VAL KA 92 12.06 79.80 45.35
N LEU KA 93 10.89 79.18 45.26
CA LEU KA 93 9.71 79.80 44.66
C LEU KA 93 9.00 80.78 45.59
N ALA KA 94 9.48 80.96 46.82
CA ALA KA 94 8.97 82.02 47.67
C ALA KA 94 9.73 83.31 47.52
N ALA KA 95 11.03 83.23 47.23
CA ALA KA 95 11.85 84.42 47.02
C ALA KA 95 11.86 84.87 45.57
N MET KA 96 11.85 83.93 44.63
CA MET KA 96 11.83 84.29 43.22
C MET KA 96 10.46 84.82 42.79
N ARG KA 97 9.39 84.41 43.49
CA ARG KA 97 8.08 85.01 43.26
C ARG KA 97 8.06 86.48 43.65
N LYS KA 98 8.54 86.79 44.85
CA LYS KA 98 8.56 88.17 45.32
C LYS KA 98 9.73 88.96 44.75
N ALA KA 99 10.61 88.35 43.96
CA ALA KA 99 11.58 89.07 43.16
C ALA KA 99 11.01 89.47 41.80
N ALA KA 100 9.78 89.08 41.49
CA ALA KA 100 9.10 89.47 40.27
C ALA KA 100 8.07 90.57 40.47
N ALA KA 101 7.58 90.74 41.70
CA ALA KA 101 6.70 91.87 41.99
C ALA KA 101 7.46 93.18 42.06
N LYS KA 102 8.77 93.13 42.29
CA LYS KA 102 9.62 94.32 42.28
C LYS KA 102 10.38 94.40 40.96
N THR LA 1 45.02 -1.30 8.92
CA THR LA 1 44.50 -2.13 10.00
C THR LA 1 45.04 -1.63 11.34
N LYS LA 2 44.16 -1.49 12.33
CA LYS LA 2 44.44 -0.75 13.56
C LYS LA 2 45.47 -1.40 14.46
N GLY LA 3 45.85 -2.65 14.21
CA GLY LA 3 46.76 -3.33 15.12
C GLY LA 3 48.22 -3.21 14.77
N THR LA 4 48.85 -4.35 14.49
CA THR LA 4 50.30 -4.42 14.31
C THR LA 4 50.77 -3.64 13.07
N SER LA 5 50.01 -3.72 11.98
CA SER LA 5 50.44 -3.15 10.72
C SER LA 5 50.36 -1.63 10.68
N SER LA 6 49.80 -0.99 11.70
CA SER LA 6 49.78 0.46 11.77
C SER LA 6 50.85 1.03 12.69
N PHE LA 7 51.50 0.19 13.49
CA PHE LA 7 52.65 0.66 14.25
C PHE LA 7 53.88 0.85 13.36
N GLY LA 8 53.91 0.21 12.20
CA GLY LA 8 55.04 0.35 11.30
C GLY LA 8 55.13 1.68 10.58
N LYS LA 9 54.07 2.47 10.60
CA LYS LA 9 54.04 3.76 9.96
C LYS LA 9 54.49 4.89 10.88
N ARG LA 10 55.03 4.56 12.05
CA ARG LA 10 55.41 5.55 13.05
CA ARG LA 10 55.41 5.55 13.05
C ARG LA 10 56.88 5.91 12.86
N ARG LA 11 57.15 7.03 12.18
CA ARG LA 11 58.52 7.47 12.00
C ARG LA 11 58.65 9.00 12.04
N ASN LA 12 57.77 9.68 12.76
CA ASN LA 12 57.74 11.15 12.75
C ASN LA 12 57.62 11.65 14.18
N LYS LA 13 58.65 12.34 14.66
CA LYS LA 13 58.65 12.85 16.03
C LYS LA 13 57.59 13.93 16.23
N THR LA 14 56.82 13.79 17.30
CA THR LA 14 55.91 14.84 17.74
C THR LA 14 56.57 15.78 18.72
N HIS LA 15 57.34 15.24 19.67
CA HIS LA 15 57.99 16.03 20.70
C HIS LA 15 59.50 15.92 20.56
N THR LA 16 60.20 16.88 21.17
CA THR LA 16 61.65 16.87 21.22
C THR LA 16 62.09 17.46 22.56
N LEU LA 17 63.40 17.54 22.76
CA LEU LA 17 63.93 18.05 24.01
C LEU LA 17 63.76 19.57 24.09
N CYS LA 18 63.38 20.04 25.26
CA CYS LA 18 63.07 21.45 25.46
C CYS LA 18 64.27 22.17 26.06
N ARG LA 19 64.39 23.46 25.76
CA ARG LA 19 65.48 24.23 26.34
C ARG LA 19 65.28 24.44 27.83
N ARG LA 20 64.05 24.71 28.24
CA ARG LA 20 63.70 24.86 29.65
C ARG LA 20 63.08 23.55 30.13
N CYS LA 21 63.65 22.99 31.19
CA CYS LA 21 63.38 21.77 31.97
C CYS LA 21 63.80 20.50 31.24
N GLY LA 22 64.23 20.57 29.98
CA GLY LA 22 64.88 19.46 29.31
C GLY LA 22 64.11 18.18 29.05
N SER LA 23 62.84 18.12 29.43
CA SER LA 23 62.05 16.93 29.15
C SER LA 23 61.67 16.88 27.68
N LYS LA 24 61.40 15.67 27.19
CA LYS LA 24 61.13 15.48 25.77
C LYS LA 24 59.63 15.64 25.53
N ALA LA 25 59.17 16.88 25.73
CA ALA LA 25 57.75 17.19 25.63
C ALA LA 25 57.50 18.47 24.84
N TYR LA 26 58.52 19.01 24.19
CA TYR LA 26 58.36 20.23 23.42
C TYR LA 26 57.70 19.90 22.09
N HIS LA 27 56.44 20.29 21.95
CA HIS LA 27 55.65 19.93 20.77
C HIS LA 27 56.13 20.77 19.58
N LEU LA 28 56.34 20.11 18.44
CA LEU LA 28 57.01 20.77 17.33
C LEU LA 28 56.09 21.66 16.51
N GLN LA 29 54.82 21.28 16.34
CA GLN LA 29 53.92 22.10 15.56
C GLN LA 29 53.18 23.12 16.40
N LYS LA 30 52.86 22.78 17.65
CA LYS LA 30 52.22 23.72 18.56
C LYS LA 30 53.20 24.73 19.13
N SER LA 31 54.50 24.46 19.01
CA SER LA 31 55.59 25.33 19.49
C SER LA 31 55.48 25.58 21.00
N THR LA 32 55.18 24.53 21.75
CA THR LA 32 54.98 24.63 23.18
C THR LA 32 55.46 23.34 23.82
N CYS LA 33 55.79 23.44 25.11
CA CYS LA 33 56.16 22.26 25.88
C CYS LA 33 54.94 21.74 26.63
N GLY LA 34 54.73 20.44 26.58
CA GLY LA 34 53.65 19.87 27.35
C GLY LA 34 53.95 19.65 28.81
N LYS LA 35 55.17 19.94 29.25
CA LYS LA 35 55.60 19.69 30.62
C LYS LA 35 55.80 20.96 31.41
N CYS LA 36 56.48 21.96 30.84
CA CYS LA 36 56.69 23.24 31.50
C CYS LA 36 55.99 24.40 30.81
N GLY LA 37 55.39 24.18 29.64
CA GLY LA 37 54.64 25.23 28.98
C GLY LA 37 55.49 26.31 28.34
N TYR LA 38 56.62 25.93 27.75
CA TYR LA 38 57.54 26.95 27.27
C TYR LA 38 57.37 27.30 25.80
N PRO LA 39 56.51 28.25 25.47
CA PRO LA 39 56.98 29.47 24.83
C PRO LA 39 56.97 30.58 25.87
N ALA LA 40 56.38 30.26 27.02
CA ALA LA 40 55.79 31.22 27.95
C ALA LA 40 56.69 31.51 29.15
N LYS LA 41 56.38 32.61 29.83
CA LYS LA 41 57.20 33.10 30.93
C LYS LA 41 56.95 32.32 32.20
N ARG LA 42 55.69 32.10 32.54
CA ARG LA 42 55.34 31.43 33.78
C ARG LA 42 55.41 29.92 33.63
N LYS LA 43 55.89 29.26 34.68
CA LYS LA 43 56.12 27.83 34.64
C LYS LA 43 54.82 27.07 34.88
N ARG LA 44 54.62 26.02 34.10
CA ARG LA 44 53.43 25.18 34.22
C ARG LA 44 53.48 24.36 35.50
N LYS LA 45 52.46 24.51 36.33
CA LYS LA 45 52.38 23.84 37.60
C LYS LA 45 50.91 23.74 37.97
N TYR LA 46 50.45 22.54 38.32
CA TYR LA 46 49.05 22.34 38.68
C TYR LA 46 48.94 21.64 40.01
N ASN LA 47 47.85 21.93 40.72
CA ASN LA 47 47.62 21.35 42.03
C ASN LA 47 46.86 20.03 41.98
N TRP LA 48 46.30 19.67 40.84
CA TRP LA 48 45.72 18.33 40.68
C TRP LA 48 46.75 17.25 40.46
N SER LA 49 48.05 17.54 40.54
CA SER LA 49 49.09 16.53 40.48
C SER LA 49 50.08 16.81 41.61
N ALA LA 50 49.96 16.07 42.70
CA ALA LA 50 50.87 16.25 43.82
C ALA LA 50 52.19 15.54 43.57
N LYS LA 51 52.18 14.42 42.86
CA LYS LA 51 53.41 13.71 42.55
C LYS LA 51 54.24 14.47 41.53
N ALA LA 52 53.59 15.09 40.54
CA ALA LA 52 54.29 15.84 39.52
C ALA LA 52 54.84 17.17 40.01
N LYS LA 53 54.49 17.59 41.23
CA LYS LA 53 55.10 18.78 41.82
C LYS LA 53 56.32 18.46 42.65
N ARG LA 54 56.44 17.25 43.21
CA ARG LA 54 57.65 16.88 43.93
C ARG LA 54 58.71 16.26 43.01
N ARG LA 55 58.58 16.45 41.69
CA ARG LA 55 59.58 16.00 40.75
C ARG LA 55 60.39 17.13 40.14
N ASN LA 56 59.92 18.37 40.23
CA ASN LA 56 60.64 19.52 39.71
C ASN LA 56 60.55 20.74 40.62
N THR LA 57 60.42 20.51 41.93
CA THR LA 57 60.34 21.61 42.88
C THR LA 57 61.75 22.06 43.27
N THR LA 58 61.82 23.11 44.08
CA THR LA 58 63.08 23.57 44.63
C THR LA 58 63.62 22.54 45.61
N GLY LA 59 64.84 22.05 45.35
CA GLY LA 59 65.46 21.02 46.16
C GLY LA 59 65.79 19.76 45.37
N THR LA 60 65.00 19.47 44.35
CA THR LA 60 65.25 18.31 43.50
C THR LA 60 66.39 18.52 42.52
N GLY LA 61 66.89 19.74 42.39
CA GLY LA 61 68.03 20.04 41.55
C GLY LA 61 69.30 20.19 42.33
N ARG LA 62 70.16 21.10 41.88
CA ARG LA 62 71.40 21.35 42.60
C ARG LA 62 71.22 22.35 43.73
N MET LA 63 70.38 23.36 43.51
CA MET LA 63 70.31 24.58 44.32
C MET LA 63 71.69 25.19 44.48
N ARG LA 64 72.25 25.64 43.34
CA ARG LA 64 73.62 26.13 43.33
C ARG LA 64 73.76 27.44 44.09
N HIS LA 65 72.68 28.23 44.15
CA HIS LA 65 72.67 29.52 44.81
C HIS LA 65 72.03 29.47 46.19
N LEU LA 66 70.97 28.69 46.38
CA LEU LA 66 70.29 28.67 47.67
C LEU LA 66 71.04 27.91 48.75
N LYS LA 67 71.96 27.00 48.41
CA LYS LA 67 72.73 26.36 49.47
C LYS LA 67 73.79 27.30 50.02
N ILE LA 68 74.13 28.36 49.29
CA ILE LA 68 75.06 29.36 49.79
C ILE LA 68 74.33 30.39 50.65
N VAL LA 69 73.10 30.74 50.26
CA VAL LA 69 72.28 31.68 51.02
C VAL LA 69 71.90 31.08 52.37
N TYR LA 70 71.60 29.78 52.40
CA TYR LA 70 71.30 29.10 53.66
C TYR LA 70 72.51 29.02 54.57
N ARG LA 71 73.72 29.06 54.00
CA ARG LA 71 74.93 29.18 54.79
C ARG LA 71 75.20 30.62 55.21
N ARG LA 72 75.01 31.57 54.28
CA ARG LA 72 75.24 32.98 54.58
C ARG LA 72 74.18 33.58 55.48
N PHE LA 73 73.03 32.92 55.64
CA PHE LA 73 72.03 33.40 56.57
C PHE LA 73 72.49 33.28 58.01
N ARG LA 74 73.32 32.29 58.32
CA ARG LA 74 73.71 32.00 59.69
C ARG LA 74 74.73 32.98 60.25
N HIS LA 75 75.18 33.95 59.45
CA HIS LA 75 76.12 34.96 59.93
C HIS LA 75 75.65 36.35 59.53
N GLY LA 76 74.35 36.52 59.35
CA GLY LA 76 73.77 37.83 59.10
C GLY LA 76 74.04 38.40 57.73
N PHE LA 77 74.35 37.55 56.75
CA PHE LA 77 74.71 37.95 55.37
C PHE LA 77 75.86 38.95 55.34
N ARG LA 78 76.95 38.59 56.02
CA ARG LA 78 78.11 39.45 56.11
C ARG LA 78 78.91 39.45 54.81
N GLU LA 79 79.57 40.58 54.55
CA GLU LA 79 80.14 40.83 53.23
C GLU LA 79 81.32 41.77 53.38
N GLY LA 80 82.40 41.47 52.65
CA GLY LA 80 83.55 42.35 52.64
C GLY LA 80 84.45 42.26 53.84
N THR LA 81 84.41 41.14 54.57
CA THR LA 81 85.19 40.97 55.78
C THR LA 81 86.21 39.84 55.61
N THR LA 82 87.29 39.92 56.39
CA THR LA 82 88.40 38.97 56.33
C THR LA 82 88.63 38.38 57.71
N PRO LA 83 88.68 37.03 57.85
CA PRO LA 83 88.58 36.37 59.16
C PRO LA 83 89.79 36.50 60.09
N LYS LA 84 90.19 37.75 60.37
CA LYS LA 84 91.21 38.14 61.36
C LYS LA 84 92.53 37.41 61.14
N PRO LA 85 93.34 37.83 60.17
CA PRO LA 85 94.53 37.05 59.78
C PRO LA 85 95.58 36.99 60.87
N LYS LA 86 96.55 36.09 60.65
CA LYS LA 86 97.58 35.79 61.63
C LYS LA 86 98.59 36.95 61.78
N PRO MA 1 92.71 24.17 -18.55
CA PRO MA 1 93.89 24.18 -19.41
C PRO MA 1 93.73 25.09 -20.61
N ARG MA 2 94.84 25.62 -21.10
CA ARG MA 2 94.85 26.44 -22.31
C ARG MA 2 95.77 25.79 -23.34
N LYS MA 3 95.91 26.47 -24.48
CA LYS MA 3 96.78 26.01 -25.55
C LYS MA 3 97.18 27.22 -26.39
N ILE MA 4 98.45 27.30 -26.73
CA ILE MA 4 98.96 28.39 -27.57
C ILE MA 4 99.48 27.78 -28.86
N GLU MA 5 99.03 28.32 -29.99
CA GLU MA 5 99.49 27.82 -31.27
C GLU MA 5 100.80 28.49 -31.71
N GLU MA 6 101.08 29.69 -31.22
CA GLU MA 6 102.31 30.40 -31.57
C GLU MA 6 103.42 30.10 -30.55
N ILE MA 7 104.64 29.98 -31.05
CA ILE MA 7 105.80 29.77 -30.18
C ILE MA 7 106.24 31.10 -29.56
N LYS MA 8 105.93 32.22 -30.21
CA LYS MA 8 106.54 33.51 -29.90
C LYS MA 8 106.14 34.03 -28.53
N ASP MA 9 104.84 34.07 -28.24
CA ASP MA 9 104.39 34.57 -26.94
C ASP MA 9 104.58 33.57 -25.80
N PHE MA 10 104.87 32.30 -26.12
CA PHE MA 10 105.16 31.31 -25.10
C PHE MA 10 106.44 31.63 -24.34
N LEU MA 11 107.40 32.27 -25.01
CA LEU MA 11 108.63 32.67 -24.32
C LEU MA 11 108.39 33.83 -23.37
N LEU MA 12 107.41 34.69 -23.66
CA LEU MA 12 107.01 35.69 -22.68
C LEU MA 12 105.88 35.20 -21.77
N THR MA 13 105.41 33.96 -21.97
CA THR MA 13 104.47 33.35 -21.03
C THR MA 13 105.21 32.58 -19.95
N ALA MA 14 106.23 31.81 -20.33
CA ALA MA 14 106.95 31.00 -19.36
C ALA MA 14 107.90 31.81 -18.48
N ARG MA 15 108.19 33.06 -18.83
CA ARG MA 15 109.06 33.91 -18.03
C ARG MA 15 108.27 34.80 -17.08
N ARG MA 16 106.97 34.57 -16.94
CA ARG MA 16 106.12 35.38 -16.08
C ARG MA 16 106.41 35.13 -14.61
N LYS MA 17 105.76 35.94 -13.76
CA LYS MA 17 106.08 35.95 -12.34
C LYS MA 17 105.56 34.70 -11.64
N ASP MA 18 104.36 34.24 -11.99
CA ASP MA 18 103.77 33.08 -11.34
C ASP MA 18 104.14 31.76 -12.01
N ALA MA 19 105.00 31.79 -13.02
CA ALA MA 19 105.40 30.55 -13.69
C ALA MA 19 106.27 29.72 -12.76
N LYS MA 20 105.86 28.47 -12.54
CA LYS MA 20 106.45 27.65 -11.49
C LYS MA 20 107.20 26.44 -12.00
N SER MA 21 106.76 25.83 -13.10
CA SER MA 21 107.41 24.65 -13.63
C SER MA 21 107.10 24.53 -15.11
N VAL MA 22 108.05 23.94 -15.84
CA VAL MA 22 107.89 23.62 -17.26
C VAL MA 22 108.13 22.13 -17.42
N LYS MA 23 107.17 21.45 -18.05
CA LYS MA 23 107.31 20.04 -18.37
C LYS MA 23 107.56 19.90 -19.87
N ILE MA 24 108.43 18.97 -20.23
CA ILE MA 24 108.74 18.67 -21.62
C ILE MA 24 108.48 17.19 -21.82
N LYS MA 25 107.53 16.86 -22.68
CA LYS MA 25 107.22 15.47 -22.97
C LYS MA 25 107.37 15.20 -24.46
N LYS MA 26 108.10 14.13 -24.78
CA LYS MA 26 108.32 13.69 -26.15
C LYS MA 26 107.36 12.54 -26.42
N ASN MA 27 106.19 12.87 -26.97
CA ASN MA 27 105.24 11.84 -27.38
C ASN MA 27 105.72 11.16 -28.66
N LYS MA 28 105.02 10.10 -29.03
CA LYS MA 28 105.41 9.28 -30.18
C LYS MA 28 105.13 9.94 -31.51
N ASP MA 29 104.43 11.08 -31.54
CA ASP MA 29 104.20 11.81 -32.77
C ASP MA 29 104.40 13.32 -32.67
N ASN MA 30 104.46 13.90 -31.46
CA ASN MA 30 104.68 15.32 -31.28
C ASN MA 30 105.38 15.55 -29.94
N VAL MA 31 105.60 16.83 -29.62
CA VAL MA 31 106.24 17.24 -28.38
C VAL MA 31 105.41 18.36 -27.76
N LYS MA 32 104.94 18.15 -26.53
CA LYS MA 32 104.10 19.12 -25.84
C LYS MA 32 104.91 19.83 -24.76
N PHE MA 33 104.95 21.17 -24.83
CA PHE MA 33 105.58 21.99 -23.81
C PHE MA 33 104.50 22.50 -22.87
N LYS MA 34 104.49 22.00 -21.64
CA LYS MA 34 103.56 22.44 -20.62
C LYS MA 34 104.25 23.46 -19.72
N VAL MA 35 103.49 24.43 -19.24
CA VAL MA 35 103.98 25.39 -18.24
C VAL MA 35 102.87 25.63 -17.24
N ARG MA 36 103.25 25.66 -15.96
CA ARG MA 36 102.32 25.75 -14.84
C ARG MA 36 102.31 27.19 -14.32
N CYS MA 37 101.14 27.81 -14.30
CA CYS MA 37 100.93 29.12 -13.73
C CYS MA 37 99.94 29.00 -12.57
N SER MA 38 99.52 30.14 -12.04
CA SER MA 38 98.64 30.13 -10.88
C SER MA 38 97.18 29.98 -11.26
N ARG MA 39 96.82 30.02 -12.53
CA ARG MA 39 95.45 29.75 -12.94
C ARG MA 39 95.35 28.60 -13.93
N TYR MA 40 96.17 28.60 -14.98
CA TYR MA 40 96.03 27.61 -16.04
C TYR MA 40 97.33 26.83 -16.24
N LEU MA 41 97.27 25.88 -17.18
CA LEU MA 41 98.35 24.96 -17.52
C LEU MA 41 98.61 25.08 -19.02
N TYR MA 42 98.97 26.30 -19.43
CA TYR MA 42 99.29 26.68 -20.81
C TYR MA 42 100.20 25.66 -21.49
N THR MA 43 99.85 25.32 -22.73
CA THR MA 43 100.48 24.22 -23.45
C THR MA 43 100.86 24.66 -24.85
N LEU MA 44 102.10 24.38 -25.24
CA LEU MA 44 102.59 24.58 -26.59
C LEU MA 44 102.83 23.23 -27.23
N VAL MA 45 102.07 22.91 -28.27
CA VAL MA 45 102.18 21.64 -28.96
C VAL MA 45 102.88 21.90 -30.29
N ILE MA 46 104.11 21.42 -30.41
CA ILE MA 46 104.89 21.56 -31.62
C ILE MA 46 105.16 20.16 -32.19
N THR MA 47 104.92 20.01 -33.50
CA THR MA 47 105.17 18.75 -34.19
C THR MA 47 106.57 18.66 -34.77
N ASP MA 48 107.28 19.78 -34.85
CA ASP MA 48 108.63 19.79 -35.39
C ASP MA 48 109.59 19.18 -34.38
N LYS MA 49 110.22 18.06 -34.76
CA LYS MA 49 111.14 17.38 -33.85
C LYS MA 49 112.43 18.18 -33.68
N GLU MA 50 112.87 18.87 -34.74
CA GLU MA 50 114.11 19.62 -34.65
C GLU MA 50 113.94 20.98 -33.96
N LYS MA 51 112.71 21.50 -33.88
CA LYS MA 51 112.46 22.74 -33.16
C LYS MA 51 112.12 22.52 -31.70
N ALA MA 52 112.10 21.26 -31.25
CA ALA MA 52 111.95 20.99 -29.83
C ALA MA 52 113.25 21.29 -29.08
N GLU MA 53 114.39 20.83 -29.62
CA GLU MA 53 115.67 21.13 -29.01
C GLU MA 53 116.07 22.60 -29.16
N LYS MA 54 115.50 23.30 -30.15
CA LYS MA 54 115.78 24.71 -30.31
C LYS MA 54 115.21 25.53 -29.17
N LEU MA 55 113.99 25.22 -28.75
CA LEU MA 55 113.35 26.01 -27.71
C LEU MA 55 113.81 25.57 -26.32
N LYS MA 56 114.23 24.31 -26.16
CA LYS MA 56 114.77 23.83 -24.89
C LYS MA 56 116.12 24.47 -24.57
N GLN MA 57 116.85 24.89 -25.60
CA GLN MA 57 118.14 25.54 -25.39
C GLN MA 57 117.99 26.91 -24.73
N SER MA 58 116.92 27.63 -25.06
CA SER MA 58 116.72 29.00 -24.61
C SER MA 58 115.47 29.05 -23.73
N LEU MA 59 115.68 29.10 -22.42
CA LEU MA 59 114.64 29.27 -21.42
C LEU MA 59 115.11 30.28 -20.39
N PRO MA 60 114.21 30.96 -19.70
CA PRO MA 60 114.62 31.79 -18.56
C PRO MA 60 115.13 30.93 -17.43
N PRO MA 61 116.20 31.34 -16.75
CA PRO MA 61 116.85 30.48 -15.76
C PRO MA 61 116.03 30.34 -14.49
N GLY MA 62 116.50 29.47 -13.60
CA GLY MA 62 115.92 29.27 -12.29
C GLY MA 62 114.55 28.65 -12.27
N LEU MA 63 114.07 28.12 -13.40
CA LEU MA 63 112.73 27.56 -13.51
C LEU MA 63 112.82 26.05 -13.68
N ALA MA 64 111.81 25.35 -13.18
CA ALA MA 64 111.79 23.89 -13.19
C ALA MA 64 111.65 23.38 -14.62
N VAL MA 65 112.62 22.58 -15.05
CA VAL MA 65 112.71 22.09 -16.43
C VAL MA 65 112.54 20.59 -16.45
N LYS MA 66 111.67 20.09 -15.56
CA LYS MA 66 111.45 18.66 -15.35
C LYS MA 66 110.96 17.95 -16.61
N GLU MA 67 111.60 16.83 -16.92
CA GLU MA 67 111.16 15.92 -17.97
C GLU MA 67 110.32 14.79 -17.37
N LEU MA 68 109.51 14.17 -18.22
CA LEU MA 68 108.44 13.29 -17.75
C LEU MA 68 108.73 11.81 -17.95
N LYS MA 69 110.00 11.45 -18.13
CA LYS MA 69 110.37 10.04 -18.12
C LYS MA 69 111.37 9.75 -17.01
N SER NA 1 70.16 8.84 12.16
CA SER NA 1 70.27 9.40 10.81
C SER NA 1 71.57 10.15 10.68
N SER NA 2 72.10 10.21 9.47
CA SER NA 2 73.34 10.92 9.24
C SER NA 2 73.14 12.42 9.36
N HIS NA 3 71.95 12.91 9.05
CA HIS NA 3 71.61 14.32 9.26
C HIS NA 3 71.20 14.52 10.71
N LYS NA 4 72.05 15.14 11.51
CA LYS NA 4 71.69 15.39 12.89
C LYS NA 4 72.11 16.75 13.36
N THR NA 5 71.37 17.28 14.31
CA THR NA 5 71.66 18.58 14.89
C THR NA 5 72.73 18.41 15.96
N PHE NA 6 73.41 19.52 16.26
CA PHE NA 6 74.58 19.44 17.15
C PHE NA 6 74.20 19.10 18.58
N ARG NA 7 73.05 19.55 19.05
CA ARG NA 7 72.69 19.29 20.44
C ARG NA 7 71.99 17.95 20.64
N ILE NA 8 71.83 17.17 19.58
CA ILE NA 8 71.32 15.81 19.77
C ILE NA 8 72.55 14.91 19.62
N LYS NA 9 73.50 15.33 18.79
CA LYS NA 9 74.76 14.62 18.69
C LYS NA 9 75.53 14.70 20.00
N ARG NA 10 75.44 15.85 20.68
CA ARG NA 10 76.05 15.99 22.00
C ARG NA 10 75.26 15.22 23.04
N PHE NA 11 73.96 15.03 22.81
CA PHE NA 11 73.14 14.18 23.67
C PHE NA 11 73.56 12.71 23.56
N LEU NA 12 73.81 12.26 22.34
CA LEU NA 12 74.21 10.89 22.10
C LEU NA 12 75.63 10.61 22.54
N ALA NA 13 76.44 11.64 22.64
CA ALA NA 13 77.83 11.47 23.05
C ALA NA 13 77.92 11.19 24.55
N LYS NA 14 77.04 11.82 25.34
CA LYS NA 14 77.03 11.57 26.78
C LYS NA 14 76.59 10.16 27.11
N LYS NA 15 75.55 9.68 26.44
CA LYS NA 15 74.93 8.41 26.79
C LYS NA 15 75.61 7.20 26.15
N GLN NA 16 76.80 7.36 25.59
CA GLN NA 16 77.68 6.24 25.34
C GLN NA 16 78.97 6.31 26.13
N LYS NA 17 79.28 7.46 26.74
CA LYS NA 17 80.35 7.50 27.72
C LYS NA 17 79.95 6.91 29.05
N GLN NA 18 78.65 6.91 29.37
CA GLN NA 18 78.15 6.28 30.58
C GLN NA 18 77.55 4.91 30.31
N ASN NA 19 77.64 4.43 29.07
CA ASN NA 19 77.35 3.03 28.74
C ASN NA 19 78.65 2.25 28.84
N ARG NA 20 79.11 2.10 30.08
CA ARG NA 20 80.46 1.66 30.39
C ARG NA 20 80.39 0.72 31.59
N PRO NA 21 81.26 -0.29 31.64
CA PRO NA 21 81.33 -1.13 32.83
C PRO NA 21 81.92 -0.39 34.03
N ILE NA 22 81.76 -1.00 35.19
CA ILE NA 22 82.28 -0.47 36.45
C ILE NA 22 83.78 -0.75 36.44
N PRO NA 23 84.62 0.12 37.01
CA PRO NA 23 86.05 -0.19 37.11
C PRO NA 23 86.32 -1.35 38.05
N GLN NA 24 87.48 -1.97 37.85
CA GLN NA 24 87.85 -3.16 38.62
C GLN NA 24 88.23 -2.80 40.06
N TRP NA 25 88.68 -1.58 40.30
CA TRP NA 25 89.15 -1.15 41.60
C TRP NA 25 88.07 -0.47 42.44
N ILE NA 26 86.86 -0.30 41.91
CA ILE NA 26 85.74 0.19 42.70
C ILE NA 26 85.34 -0.86 43.73
N ARG NA 27 85.40 -2.13 43.34
CA ARG NA 27 84.86 -3.21 44.15
C ARG NA 27 85.80 -3.66 45.28
N MET NA 28 86.81 -2.86 45.62
CA MET NA 28 87.65 -3.12 46.79
C MET NA 28 87.69 -1.95 47.76
N LYS NA 29 86.77 -0.99 47.65
CA LYS NA 29 86.74 0.12 48.58
C LYS NA 29 86.04 -0.25 49.87
N THR NA 30 86.25 0.58 50.89
CA THR NA 30 85.60 0.39 52.19
C THR NA 30 84.16 0.86 52.10
N GLY NA 31 83.22 -0.01 52.44
CA GLY NA 31 81.81 0.29 52.27
C GLY NA 31 81.42 0.28 50.81
N ASN NA 32 81.44 -0.90 50.20
CA ASN NA 32 81.32 -1.01 48.74
C ASN NA 32 79.87 -0.92 48.29
N LYS NA 33 79.07 -1.94 48.64
CA LYS NA 33 77.68 -2.21 48.25
C LYS NA 33 77.34 -1.89 46.79
N ILE NA 34 78.26 -2.15 45.87
CA ILE NA 34 78.03 -2.00 44.44
C ILE NA 34 78.91 -3.00 43.69
N ARG NA 35 78.29 -3.83 42.84
CA ARG NA 35 79.01 -4.91 42.17
C ARG NA 35 78.96 -4.88 40.66
N TYR NA 36 77.96 -4.24 40.06
CA TYR NA 36 77.91 -4.08 38.61
C TYR NA 36 77.24 -2.74 38.31
N ASN NA 37 76.91 -2.52 37.04
CA ASN NA 37 76.27 -1.27 36.62
C ASN NA 37 74.78 -1.54 36.44
N SER NA 38 73.97 -1.03 37.37
CA SER NA 38 72.55 -1.32 37.41
C SER NA 38 71.73 -0.53 36.38
N LYS NA 39 72.35 0.38 35.65
CA LYS NA 39 71.65 1.25 34.70
C LYS NA 39 72.38 1.27 33.37
N ARG NA 40 72.76 0.10 32.88
CA ARG NA 40 73.53 -0.01 31.65
C ARG NA 40 72.60 -0.39 30.50
N ARG NA 41 72.73 0.31 29.39
CA ARG NA 41 71.80 0.14 28.28
C ARG NA 41 72.34 -0.33 26.94
N HIS NA 42 71.62 -1.27 26.35
CA HIS NA 42 71.94 -1.83 25.05
C HIS NA 42 71.09 -1.15 23.99
N TRP NA 43 71.64 -0.97 22.80
CA TRP NA 43 70.94 -0.30 21.71
C TRP NA 43 69.77 -1.07 21.14
N ARG NA 44 69.81 -2.40 21.22
CA ARG NA 44 68.75 -3.21 20.65
C ARG NA 44 67.56 -3.35 21.58
N ARG NA 45 67.79 -3.64 22.87
CA ARG NA 45 66.68 -3.95 23.77
C ARG NA 45 65.94 -2.69 24.21
N THR NA 46 66.62 -1.79 24.90
CA THR NA 46 65.99 -0.61 25.47
C THR NA 46 66.47 0.63 24.73
N LYS NA 47 65.55 1.31 24.06
CA LYS NA 47 65.90 2.50 23.29
C LYS NA 47 65.99 3.74 24.14
N LEU NA 48 66.43 4.83 23.53
CA LEU NA 48 66.55 6.10 24.21
C LEU NA 48 65.30 6.91 23.97
N GLY NA 49 65.02 7.82 24.87
CA GLY NA 49 63.82 8.64 24.74
C GLY NA 49 63.83 9.43 23.46
N LEU NA 50 64.94 10.13 23.24
CA LEU NA 50 65.15 10.97 22.08
C LEU NA 50 64.75 10.22 20.83
N ILE OA 1 -16.43 -84.50 -6.59
CA ILE OA 1 -17.38 -85.16 -5.70
C ILE OA 1 -16.66 -85.73 -4.49
N ILE OA 2 -17.41 -85.93 -3.40
CA ILE OA 2 -16.89 -86.53 -2.18
C ILE OA 2 -18.02 -87.32 -1.55
N GLU OA 3 -17.66 -88.29 -0.71
CA GLU OA 3 -18.68 -89.09 -0.03
C GLU OA 3 -19.36 -88.28 1.06
N PRO OA 4 -20.67 -88.45 1.27
CA PRO OA 4 -21.32 -87.77 2.38
C PRO OA 4 -20.95 -88.34 3.74
N SER OA 5 -20.54 -89.61 3.79
CA SER OA 5 -20.09 -90.20 5.05
C SER OA 5 -18.67 -89.78 5.40
N LEU OA 6 -17.87 -89.36 4.42
CA LEU OA 6 -16.50 -88.95 4.69
C LEU OA 6 -16.39 -87.47 5.03
N ARG OA 7 -17.24 -86.63 4.46
CA ARG OA 7 -17.14 -85.21 4.73
C ARG OA 7 -17.68 -84.85 6.11
N GLN OA 8 -18.58 -85.66 6.67
CA GLN OA 8 -18.97 -85.47 8.06
C GLN OA 8 -17.92 -85.95 9.05
N LEU OA 9 -16.92 -86.70 8.58
CA LEU OA 9 -15.76 -87.03 9.40
C LEU OA 9 -14.78 -85.87 9.44
N ALA OA 10 -14.55 -85.21 8.31
CA ALA OA 10 -13.60 -84.11 8.25
C ALA OA 10 -14.15 -82.84 8.90
N GLN OA 11 -15.47 -82.68 8.92
CA GLN OA 11 -16.07 -81.54 9.61
C GLN OA 11 -15.95 -81.67 11.12
N LYS OA 12 -15.82 -82.90 11.63
CA LYS OA 12 -15.65 -83.12 13.06
C LYS OA 12 -14.31 -82.57 13.55
N TYR OA 13 -13.32 -82.49 12.67
CA TYR OA 13 -11.99 -82.01 13.03
C TYR OA 13 -11.70 -80.63 12.48
N ASN OA 14 -12.50 -80.10 11.57
CA ASN OA 14 -12.24 -78.82 10.96
C ASN OA 14 -13.39 -77.81 11.10
N CYS OA 15 -14.63 -78.26 11.24
CA CYS OA 15 -15.78 -77.37 11.13
C CYS OA 15 -16.58 -77.26 12.43
N ASP OA 16 -17.02 -78.38 13.00
CA ASP OA 16 -17.94 -78.34 14.13
C ASP OA 16 -17.16 -78.10 15.42
N LYS OA 17 -16.81 -76.84 15.63
CA LYS OA 17 -16.01 -76.42 16.77
C LYS OA 17 -16.50 -75.06 17.26
N MET OA 18 -16.06 -74.67 18.46
CA MET OA 18 -16.36 -73.38 19.03
C MET OA 18 -15.13 -72.47 18.91
N ILE OA 19 -15.39 -71.17 18.75
CA ILE OA 19 -14.34 -70.17 18.63
C ILE OA 19 -14.53 -69.17 19.76
N CYS OA 20 -13.44 -68.86 20.47
CA CYS OA 20 -13.48 -67.80 21.46
C CYS OA 20 -13.52 -66.44 20.77
N ARG OA 21 -14.30 -65.53 21.33
CA ARG OA 21 -14.40 -64.19 20.74
C ARG OA 21 -13.18 -63.35 21.09
N MLZ OA 22 -12.63 -63.56 22.28
CA MLZ OA 22 -11.50 -62.75 22.74
CB MLZ OA 22 -11.44 -62.74 24.27
CG MLZ OA 22 -12.48 -61.80 24.86
CD MLZ OA 22 -12.14 -61.47 26.29
CE MLZ OA 22 -13.36 -60.90 27.02
NZ MLZ OA 22 -13.17 -60.76 28.46
CM MLZ OA 22 -13.99 -59.73 29.04
C MLZ OA 22 -10.09 -63.16 22.23
O MLZ OA 22 -9.38 -62.31 21.63
N CYS OA 23 -9.69 -64.41 22.45
CA CYS OA 23 -8.34 -64.86 22.09
C CYS OA 23 -8.32 -65.70 20.82
N TYR OA 24 -9.49 -65.85 20.20
CA TYR OA 24 -9.66 -66.60 18.96
C TYR OA 24 -9.43 -68.10 18.98
N ALA OA 25 -9.11 -68.67 20.13
CA ALA OA 25 -8.82 -70.10 20.23
C ALA OA 25 -9.89 -71.04 19.65
N ARG OA 26 -9.44 -72.16 19.09
CA ARG OA 26 -10.33 -73.17 18.54
C ARG OA 26 -10.68 -74.12 19.68
N LEU OA 27 -11.97 -74.29 19.94
CA LEU OA 27 -12.44 -75.05 21.08
C LEU OA 27 -13.40 -76.15 20.64
N HIS OA 28 -13.48 -77.19 21.45
CA HIS OA 28 -14.40 -78.30 21.21
C HIS OA 28 -15.85 -77.82 21.32
N PRO OA 29 -16.79 -78.45 20.60
CA PRO OA 29 -18.14 -77.86 20.48
C PRO OA 29 -18.96 -77.85 21.76
N ARG OA 30 -18.65 -78.67 22.75
CA ARG OA 30 -19.42 -78.72 23.98
C ARG OA 30 -18.83 -77.76 25.04
N ALA OA 31 -17.97 -76.83 24.63
CA ALA OA 31 -17.28 -75.97 25.58
C ALA OA 31 -18.16 -74.83 26.04
N VAL OA 32 -17.90 -74.38 27.27
CA VAL OA 32 -18.52 -73.19 27.84
C VAL OA 32 -17.49 -72.11 28.10
N ASN OA 33 -16.33 -72.46 28.65
CA ASN OA 33 -15.23 -71.56 28.88
C ASN OA 33 -14.07 -71.91 27.95
N CYS OA 34 -13.21 -70.91 27.71
CA CYS OA 34 -12.02 -71.16 26.93
C CYS OA 34 -10.97 -71.87 27.79
N ARG OA 35 -9.96 -72.40 27.11
CA ARG OA 35 -8.88 -73.13 27.77
C ARG OA 35 -7.64 -72.27 28.00
N LYS OA 36 -7.55 -71.10 27.37
CA LYS OA 36 -6.33 -70.32 27.36
C LYS OA 36 -6.26 -69.40 28.56
N LYS OA 37 -5.04 -69.12 29.01
CA LYS OA 37 -4.80 -68.13 30.05
C LYS OA 37 -4.73 -66.73 29.47
N LYS OA 38 -4.43 -66.64 28.16
CA LYS OA 38 -4.36 -65.37 27.44
C LYS OA 38 -5.63 -64.55 27.57
N CYS OA 39 -6.79 -65.20 27.46
CA CYS OA 39 -8.06 -64.51 27.67
C CYS OA 39 -8.56 -64.62 29.10
N GLY OA 40 -8.04 -65.55 29.87
CA GLY OA 40 -8.52 -65.75 31.23
C GLY OA 40 -9.80 -66.55 31.33
N HIS OA 41 -9.94 -67.58 30.49
CA HIS OA 41 -11.01 -68.58 30.57
C HIS OA 41 -12.40 -67.97 30.40
N THR OA 42 -12.57 -67.18 29.34
CA THR OA 42 -13.82 -66.45 29.17
C THR OA 42 -14.95 -67.36 28.70
N ASN OA 43 -16.15 -67.07 29.18
CA ASN OA 43 -17.35 -67.79 28.76
C ASN OA 43 -18.00 -67.18 27.54
N ASN OA 44 -17.37 -66.19 26.92
CA ASN OA 44 -17.92 -65.48 25.77
C ASN OA 44 -17.44 -66.20 24.52
N LEU OA 45 -18.18 -67.23 24.12
CA LEU OA 45 -17.80 -68.04 22.98
C LEU OA 45 -18.85 -67.92 21.89
N ARG OA 46 -18.46 -68.28 20.67
CA ARG OA 46 -19.32 -68.26 19.51
C ARG OA 46 -19.10 -69.54 18.72
N PRO OA 47 -20.11 -70.02 18.01
CA PRO OA 47 -19.89 -71.16 17.12
C PRO OA 47 -19.10 -70.75 15.89
N LYS OA 48 -18.41 -71.70 15.29
CA LYS OA 48 -17.62 -71.43 14.11
C LYS OA 48 -18.56 -71.29 12.93
N LYS OA 49 -18.30 -70.31 12.07
CA LYS OA 49 -19.15 -70.05 10.91
C LYS OA 49 -18.89 -71.09 9.83
N LYS OA 50 -19.83 -71.20 8.90
CA LYS OA 50 -19.80 -72.23 7.89
C LYS OA 50 -19.68 -71.64 6.50
N VAL OA 51 -19.39 -72.50 5.53
CA VAL OA 51 -19.55 -72.17 4.11
C VAL OA 51 -20.98 -72.47 3.68
N LYS OA 52 -21.71 -73.26 4.45
CA LYS OA 52 -23.09 -73.69 4.21
C LYS OA 52 -24.07 -72.55 3.95
N MET PA 1 -21.49 7.39 -34.81
CA MET PA 1 -20.46 7.97 -33.98
C MET PA 1 -19.69 8.97 -34.83
N ARG PA 2 -19.23 10.06 -34.22
CA ARG PA 2 -18.47 11.05 -34.95
C ARG PA 2 -17.12 10.48 -35.36
N ALA PA 3 -16.74 10.70 -36.62
CA ALA PA 3 -15.53 10.11 -37.16
C ALA PA 3 -14.27 10.71 -36.57
N LYS PA 4 -14.38 11.91 -36.00
CA LYS PA 4 -13.24 12.50 -35.30
C LYS PA 4 -12.95 11.78 -34.00
N TRP PA 5 -14.00 11.41 -33.25
CA TRP PA 5 -13.75 10.76 -31.99
C TRP PA 5 -13.50 9.27 -32.13
N ARG PA 6 -13.94 8.67 -33.25
CA ARG PA 6 -13.62 7.27 -33.50
C ARG PA 6 -12.16 7.12 -33.88
N LYS PA 7 -11.58 8.11 -34.55
CA LYS PA 7 -10.14 8.18 -34.74
C LYS PA 7 -9.42 8.34 -33.40
N LYS PA 8 -9.97 9.17 -32.52
CA LYS PA 8 -9.38 9.37 -31.20
C LYS PA 8 -9.51 8.14 -30.33
N ARG PA 9 -10.60 7.37 -30.49
CA ARG PA 9 -10.72 6.13 -29.74
C ARG PA 9 -9.78 5.06 -30.31
N MET PA 10 -9.50 5.16 -31.61
CA MET PA 10 -8.62 4.22 -32.27
C MET PA 10 -7.15 4.48 -31.93
N ARG PA 11 -6.85 5.67 -31.44
CA ARG PA 11 -5.49 6.02 -31.07
C ARG PA 11 -5.22 5.62 -29.66
N ARG PA 12 -6.23 5.70 -28.81
CA ARG PA 12 -6.08 5.31 -27.43
C ARG PA 12 -5.91 3.80 -27.37
N LEU PA 13 -6.51 3.09 -28.32
CA LEU PA 13 -6.38 1.63 -28.35
C LEU PA 13 -5.05 1.21 -28.95
N LYS PA 14 -4.65 1.85 -30.04
CA LYS PA 14 -3.40 1.51 -30.71
C LYS PA 14 -2.19 1.96 -29.89
N ARG PA 15 -2.33 2.97 -29.05
CA ARG PA 15 -1.30 3.29 -28.07
C ARG PA 15 -1.31 2.29 -26.92
N LYS PA 16 -2.42 1.60 -26.70
CA LYS PA 16 -2.49 0.56 -25.68
C LYS PA 16 -1.97 -0.77 -26.19
N ARG PA 17 -2.02 -1.02 -27.50
CA ARG PA 17 -1.41 -2.22 -28.06
C ARG PA 17 0.11 -2.16 -28.03
N ARG PA 18 0.70 -0.95 -28.04
CA ARG PA 18 2.15 -0.86 -28.06
C ARG PA 18 2.76 -1.21 -26.71
N LYS PA 19 2.09 -0.83 -25.62
CA LYS PA 19 2.60 -1.16 -24.29
C LYS PA 19 2.45 -2.64 -23.96
N MET PA 20 1.59 -3.37 -24.68
CA MET PA 20 1.46 -4.80 -24.44
C MET PA 20 2.58 -5.57 -25.12
N ARG PA 21 2.99 -5.16 -26.32
CA ARG PA 21 4.09 -5.84 -27.00
C ARG PA 21 5.45 -5.39 -26.49
N GLN PA 22 5.53 -4.28 -25.76
CA GLN PA 22 6.82 -3.81 -25.27
C GLN PA 22 7.30 -4.66 -24.10
N ARG PA 23 6.43 -4.90 -23.12
CA ARG PA 23 6.80 -5.71 -21.98
C ARG PA 23 6.86 -7.20 -22.32
N SER PA 24 6.23 -7.62 -23.40
CA SER PA 24 6.22 -9.02 -23.79
C SER PA 24 7.33 -9.30 -24.79
N VAL QA 1 -27.42 20.50 47.39
CA VAL QA 1 -28.57 20.54 48.29
C VAL QA 1 -29.32 21.86 48.17
N ASN QA 2 -30.06 22.19 49.22
CA ASN QA 2 -30.86 23.41 49.24
C ASN QA 2 -30.99 23.97 50.64
N VAL QA 3 -30.09 24.87 51.01
CA VAL QA 3 -30.14 25.48 52.34
C VAL QA 3 -31.02 26.73 52.25
N PRO QA 4 -31.72 27.10 53.31
CA PRO QA 4 -32.48 28.36 53.30
C PRO QA 4 -31.54 29.54 53.50
N LYS QA 5 -32.10 30.73 53.41
CA LYS QA 5 -31.34 31.96 53.53
C LYS QA 5 -31.29 32.50 54.95
N THR QA 6 -31.87 31.78 55.91
CA THR QA 6 -31.86 32.17 57.30
C THR QA 6 -32.03 30.94 58.17
N ARG QA 7 -31.50 31.02 59.39
CA ARG QA 7 -31.64 29.95 60.37
C ARG QA 7 -31.39 30.53 61.75
N ARG QA 8 -32.04 29.93 62.75
CA ARG QA 8 -31.89 30.35 64.14
CA ARG QA 8 -31.89 30.35 64.14
C ARG QA 8 -30.96 29.37 64.83
N THR QA 9 -29.67 29.68 64.82
CA THR QA 9 -28.65 28.87 65.48
C THR QA 9 -27.99 29.68 66.59
N PHE QA 10 -27.16 29.01 67.37
CA PHE QA 10 -26.50 29.61 68.51
C PHE QA 10 -25.43 30.65 68.19
N CYS QA 11 -25.68 31.89 68.61
CA CYS QA 11 -24.74 32.98 68.41
C CYS QA 11 -23.77 33.01 69.58
N LYS QA 12 -22.47 32.84 69.29
CA LYS QA 12 -21.48 32.67 70.35
C LYS QA 12 -21.20 33.94 71.13
N LYS QA 13 -21.51 35.11 70.57
CA LYS QA 13 -21.18 36.35 71.25
C LYS QA 13 -22.18 36.63 72.37
N CYS QA 14 -23.46 36.74 72.03
CA CYS QA 14 -24.50 36.95 73.03
C CYS QA 14 -24.88 35.69 73.78
N GLY QA 15 -24.53 34.52 73.27
CA GLY QA 15 -24.80 33.29 73.99
C GLY QA 15 -26.23 32.81 73.94
N LYS QA 16 -26.92 33.03 72.81
CA LYS QA 16 -28.27 32.52 72.63
C LYS QA 16 -28.43 32.05 71.19
N HIS QA 17 -29.58 31.42 70.92
CA HIS QA 17 -30.06 31.32 69.56
C HIS QA 17 -30.59 32.66 69.10
N GLN QA 18 -30.04 33.17 68.02
CA GLN QA 18 -30.50 34.37 67.35
C GLN QA 18 -30.70 34.04 65.88
N PRO QA 19 -31.56 34.78 65.18
CA PRO QA 19 -31.66 34.59 63.74
C PRO QA 19 -30.39 35.03 63.03
N HIS QA 20 -29.93 34.20 62.10
CA HIS QA 20 -28.78 34.48 61.26
C HIS QA 20 -29.23 34.62 59.82
N LYS QA 21 -28.36 35.17 58.99
CA LYS QA 21 -28.53 35.14 57.55
C LYS QA 21 -27.41 34.30 56.96
N VAL QA 22 -27.70 33.64 55.84
CA VAL QA 22 -26.86 32.57 55.31
C VAL QA 22 -26.20 33.06 54.03
N THR QA 23 -24.88 32.88 53.95
CA THR QA 23 -24.10 33.30 52.80
C THR QA 23 -23.04 32.25 52.53
N GLN QA 24 -22.88 31.88 51.27
CA GLN QA 24 -21.85 30.91 50.89
C GLN QA 24 -20.48 31.56 50.93
N TYR QA 25 -19.53 30.89 51.57
CA TYR QA 25 -18.16 31.36 51.64
C TYR QA 25 -17.47 31.25 50.28
N LYS QA 26 -16.54 32.18 50.05
CA LYS QA 26 -15.69 32.14 48.87
C LYS QA 26 -14.27 32.45 49.29
N LYS QA 27 -13.31 31.74 48.69
CA LYS QA 27 -11.89 31.93 48.93
C LYS QA 27 -11.46 33.35 48.60
N GLY QA 28 -10.95 34.07 49.61
CA GLY QA 28 -10.40 35.38 49.36
C GLY QA 28 -9.12 35.32 48.55
N LYS QA 29 -8.73 36.46 48.00
CA LYS QA 29 -7.57 36.49 47.13
C LYS QA 29 -6.30 36.60 47.95
N ASP QA 30 -5.19 36.16 47.36
CA ASP QA 30 -3.91 36.11 48.05
C ASP QA 30 -3.36 37.52 48.26
N SER QA 31 -2.57 37.69 49.32
CA SER QA 31 -2.23 39.03 49.78
C SER QA 31 -1.05 39.61 49.01
N LEU QA 32 -0.08 38.77 48.62
CA LEU QA 32 1.27 39.00 48.07
C LEU QA 32 2.22 39.47 49.16
N TYR QA 33 1.74 39.75 50.37
CA TYR QA 33 2.61 40.07 51.50
C TYR QA 33 2.41 39.16 52.69
N ALA QA 34 1.85 37.96 52.51
CA ALA QA 34 1.81 36.96 53.55
C ALA QA 34 3.21 36.37 53.71
N GLN QA 35 3.50 35.77 54.87
CA GLN QA 35 4.86 35.32 55.16
C GLN QA 35 5.29 34.16 54.26
N GLY QA 36 4.32 33.42 53.76
CA GLY QA 36 4.59 32.30 52.89
C GLY QA 36 4.75 32.77 51.46
N LYS QA 37 4.10 33.88 51.11
CA LYS QA 37 4.20 34.42 49.78
C LYS QA 37 5.54 35.12 49.67
N ARG QA 38 5.89 35.88 50.70
CA ARG QA 38 7.20 36.53 50.79
C ARG QA 38 8.33 35.51 50.76
N ARG QA 39 8.15 34.37 51.42
CA ARG QA 39 9.17 33.33 51.41
C ARG QA 39 9.27 32.66 50.05
N TYR QA 40 8.13 32.45 49.41
CA TYR QA 40 8.07 31.83 48.11
C TYR QA 40 8.77 32.63 47.03
N ASP QA 41 8.50 33.93 46.98
CA ASP QA 41 9.10 34.80 45.97
C ASP QA 41 10.56 35.12 46.26
N ARG QA 42 10.97 35.08 47.52
CA ARG QA 42 12.39 35.17 47.85
C ARG QA 42 13.14 33.93 47.41
N LYS QA 43 12.48 32.78 47.41
CA LYS QA 43 13.09 31.52 47.01
C LYS QA 43 12.99 31.30 45.50
N GLN QA 44 11.91 31.77 44.89
CA GLN QA 44 11.68 31.55 43.46
C GLN QA 44 12.61 32.40 42.60
N SER QA 45 12.99 33.57 43.10
CA SER QA 45 13.73 34.54 42.29
C SER QA 45 15.18 34.11 42.10
N GLY QA 46 15.73 34.48 40.94
CA GLY QA 46 17.09 34.13 40.60
C GLY QA 46 17.14 32.99 39.62
N TYR QA 47 18.03 32.03 39.85
CA TYR QA 47 18.10 30.81 39.08
C TYR QA 47 17.74 29.62 39.97
N GLY QA 48 17.56 28.47 39.33
CA GLY QA 48 17.11 27.27 40.00
C GLY QA 48 15.83 26.70 39.44
N GLY QA 49 15.10 27.48 38.65
CA GLY QA 49 13.82 27.03 38.17
C GLY QA 49 12.79 27.01 39.28
N GLN QA 50 11.82 26.11 39.14
CA GLN QA 50 10.77 25.96 40.14
C GLN QA 50 11.34 25.25 41.36
N THR QA 51 11.04 25.79 42.54
CA THR QA 51 11.62 25.31 43.80
C THR QA 51 10.63 24.52 44.64
N LYS QA 52 9.39 24.95 44.71
CA LYS QA 52 8.41 24.20 45.45
C LYS QA 52 7.60 23.35 44.47
N PRO QA 53 6.93 22.32 44.97
CA PRO QA 53 6.14 21.46 44.08
C PRO QA 53 4.86 22.12 43.62
N ILE QA 54 4.24 21.61 42.56
CA ILE QA 54 2.95 22.12 42.08
C ILE QA 54 1.92 21.09 42.57
N PHE QA 55 0.90 20.74 41.77
CA PHE QA 55 0.08 19.63 42.22
C PHE QA 55 -0.32 18.67 41.09
N ARG QA 56 -1.05 19.15 40.08
CA ARG QA 56 -1.33 18.44 38.82
C ARG QA 56 -1.97 17.05 38.97
N LYS QA 57 -2.79 16.79 40.00
CA LYS QA 57 -3.57 15.55 40.00
C LYS QA 57 -5.07 15.81 39.99
N LYS QA 58 -5.59 16.53 40.98
CA LYS QA 58 -6.99 16.95 41.11
C LYS QA 58 -7.94 15.75 41.09
N ALA QA 59 -7.82 14.96 42.16
CA ALA QA 59 -8.67 13.78 42.28
C ALA QA 59 -10.10 14.14 42.63
N LYS QA 60 -10.29 15.11 43.52
CA LYS QA 60 -11.63 15.50 43.93
C LYS QA 60 -12.36 16.24 42.82
N THR QA 61 -13.67 16.07 42.78
CA THR QA 61 -14.53 16.81 41.87
C THR QA 61 -15.39 17.85 42.57
N THR QA 62 -15.58 17.72 43.88
CA THR QA 62 -16.40 18.62 44.67
C THR QA 62 -15.55 19.28 45.75
N LYS QA 63 -16.14 20.29 46.38
CA LYS QA 63 -15.54 20.94 47.54
C LYS QA 63 -16.55 20.90 48.67
N LYS QA 64 -16.07 21.07 49.89
CA LYS QA 64 -17.00 21.26 51.00
C LYS QA 64 -17.59 22.66 50.93
N ILE QA 65 -18.85 22.78 51.35
CA ILE QA 65 -19.62 24.00 51.19
C ILE QA 65 -19.75 24.66 52.55
N VAL QA 66 -19.31 25.91 52.62
CA VAL QA 66 -19.16 26.61 53.88
C VAL QA 66 -20.17 27.75 53.92
N LEU QA 67 -20.76 28.00 55.08
CA LEU QA 67 -21.82 28.96 55.24
C LEU QA 67 -21.36 30.07 56.19
N ARG QA 68 -21.32 31.30 55.69
CA ARG QA 68 -21.04 32.46 56.52
C ARG QA 68 -22.32 32.89 57.21
N LEU QA 69 -22.39 32.70 58.52
CA LEU QA 69 -23.61 32.95 59.30
C LEU QA 69 -23.45 34.28 60.02
N GLU QA 70 -24.05 35.32 59.48
CA GLU QA 70 -24.09 36.64 60.11
C GLU QA 70 -25.42 36.80 60.82
N CYS QA 71 -25.37 37.10 62.13
CA CYS QA 71 -26.60 37.25 62.89
C CYS QA 71 -27.21 38.62 62.67
N VAL QA 72 -28.54 38.67 62.62
CA VAL QA 72 -29.25 39.90 62.29
C VAL QA 72 -29.44 40.83 63.48
N GLU QA 73 -28.88 40.51 64.63
CA GLU QA 73 -28.95 41.40 65.78
C GLU QA 73 -28.13 42.65 65.49
N PRO QA 74 -28.71 43.85 65.66
CA PRO QA 74 -28.02 45.05 65.14
C PRO QA 74 -26.82 45.49 65.96
N ASN QA 75 -26.85 45.33 67.28
CA ASN QA 75 -25.73 45.80 68.08
C ASN QA 75 -24.55 44.83 68.00
N CYS QA 76 -24.83 43.54 68.07
CA CYS QA 76 -23.80 42.50 67.94
C CYS QA 76 -24.13 41.70 66.69
N ARG QA 77 -23.34 41.88 65.63
CA ARG QA 77 -23.60 41.30 64.32
C ARG QA 77 -22.38 40.50 63.84
N SER QA 78 -21.86 39.68 64.74
CA SER QA 78 -20.68 38.86 64.46
C SER QA 78 -21.01 37.73 63.50
N LYS QA 79 -19.96 37.04 63.06
CA LYS QA 79 -20.06 36.02 62.02
C LYS QA 79 -19.41 34.73 62.49
N ARG QA 80 -19.85 33.62 61.91
CA ARG QA 80 -19.33 32.31 62.23
C ARG QA 80 -19.36 31.41 61.00
N MET QA 81 -18.35 30.57 60.87
CA MET QA 81 -18.25 29.65 59.75
C MET QA 81 -19.00 28.36 60.09
N LEU QA 82 -19.45 27.66 59.05
CA LEU QA 82 -20.18 26.41 59.25
C LEU QA 82 -20.08 25.58 57.99
N ALA QA 83 -19.60 24.35 58.12
CA ALA QA 83 -19.35 23.48 56.97
C ALA QA 83 -20.38 22.37 56.89
N ILE QA 84 -20.83 22.08 55.67
CA ILE QA 84 -21.67 20.94 55.38
C ILE QA 84 -20.91 20.03 54.40
N LYS QA 85 -21.51 18.88 54.11
CA LYS QA 85 -20.82 17.85 53.33
C LYS QA 85 -20.66 18.25 51.88
N ARG QA 86 -19.89 17.45 51.15
CA ARG QA 86 -19.57 17.73 49.75
C ARG QA 86 -20.79 17.51 48.87
N CYS QA 87 -21.01 18.43 47.93
CA CYS QA 87 -22.17 18.36 47.06
C CYS QA 87 -21.83 18.93 45.69
N LYS QA 88 -22.39 18.32 44.64
CA LYS QA 88 -22.13 18.78 43.29
C LYS QA 88 -22.99 19.99 42.92
N HIS QA 89 -24.23 19.98 43.40
CA HIS QA 89 -25.16 21.03 43.09
C HIS QA 89 -25.60 21.63 44.39
N PHE QA 90 -25.22 22.88 44.63
CA PHE QA 90 -25.58 23.54 45.86
C PHE QA 90 -26.33 24.84 45.62
N GLU QA 91 -27.56 24.90 46.11
CA GLU QA 91 -28.40 26.08 45.98
C GLU QA 91 -28.57 26.73 47.35
N LEU QA 92 -28.94 28.00 47.38
CA LEU QA 92 -29.10 28.67 48.66
C LEU QA 92 -30.37 29.50 48.60
N GLY QA 93 -31.47 28.95 49.12
CA GLY QA 93 -32.73 29.65 49.15
C GLY QA 93 -33.61 29.39 47.95
N GLY QA 94 -33.64 28.14 47.49
CA GLY QA 94 -34.42 27.77 46.33
C GLY QA 94 -35.88 27.51 46.67
N ASP QA 95 -36.57 26.92 45.70
CA ASP QA 95 -37.98 26.61 45.87
C ASP QA 95 -38.15 25.34 46.68
N LYS QA 96 -39.11 25.36 47.60
CA LYS QA 96 -39.41 24.18 48.39
C LYS QA 96 -40.18 23.15 47.57
N LYS QA 97 -39.80 21.89 47.72
CA LYS QA 97 -40.49 20.81 47.04
C LYS QA 97 -41.66 20.33 47.90
N ARG QA 98 -42.71 19.88 47.22
CA ARG QA 98 -43.96 19.50 47.87
C ARG QA 98 -44.41 18.13 47.37
N LYS QA 99 -44.94 17.34 48.30
CA LYS QA 99 -45.33 15.96 48.02
C LYS QA 99 -46.67 15.82 47.32
N GLY QA 100 -47.39 16.92 47.09
CA GLY QA 100 -48.76 16.84 46.63
C GLY QA 100 -49.02 17.13 45.17
N GLN QA 101 -48.25 18.06 44.58
CA GLN QA 101 -48.50 18.49 43.21
C GLN QA 101 -48.09 17.40 42.22
N VAL QA 102 -48.49 17.61 40.97
CA VAL QA 102 -48.31 16.59 39.94
C VAL QA 102 -46.84 16.52 39.50
N ILE QA 103 -46.27 15.32 39.53
CA ILE QA 103 -44.90 15.06 39.15
C ILE QA 103 -44.90 13.83 38.24
N GLN QA 104 -44.59 14.01 36.96
CA GLN QA 104 -44.38 15.30 36.29
C GLN QA 104 -45.02 15.18 34.91
N PHE QA 105 -45.63 16.26 34.44
CA PHE QA 105 -46.21 16.29 33.10
C PHE QA 105 -45.11 16.27 32.03
N ALA RA 1 35.59 7.59 -43.70
CA ALA RA 1 34.18 7.40 -43.91
C ALA RA 1 33.38 7.80 -42.68
N LYS RA 2 32.06 7.72 -42.78
CA LYS RA 2 31.20 8.03 -41.66
C LYS RA 2 31.57 7.03 -40.59
N ARG RA 3 31.94 7.51 -39.40
CA ARG RA 3 32.33 6.61 -38.33
C ARG RA 3 31.24 6.43 -37.29
N THR RA 4 30.22 7.26 -37.35
CA THR RA 4 29.07 7.13 -36.46
C THR RA 4 27.80 7.34 -37.27
N LYS RA 5 26.66 7.51 -36.60
CA LYS RA 5 25.45 7.93 -37.29
C LYS RA 5 24.90 9.23 -36.74
N LYS RA 6 24.77 9.35 -35.41
CA LYS RA 6 24.19 10.56 -34.85
C LYS RA 6 24.90 11.12 -33.63
N VAL RA 7 25.86 10.42 -33.01
CA VAL RA 7 26.43 10.95 -31.77
C VAL RA 7 27.50 11.99 -32.04
N GLY RA 8 28.33 11.79 -33.06
CA GLY RA 8 29.34 12.77 -33.41
C GLY RA 8 30.42 13.01 -32.38
N ILE RA 9 30.43 14.23 -31.83
CA ILE RA 9 31.50 14.64 -30.93
C ILE RA 9 31.39 13.95 -29.56
N VAL RA 10 30.17 13.55 -29.16
CA VAL RA 10 29.97 13.01 -27.82
C VAL RA 10 29.99 11.49 -27.87
N GLY RA 11 30.56 10.93 -28.95
CA GLY RA 11 30.83 9.51 -28.98
C GLY RA 11 31.93 9.06 -28.04
N LYS RA 12 32.70 9.99 -27.50
CA LYS RA 12 33.72 9.65 -26.51
C LYS RA 12 33.11 9.31 -25.15
N TYR RA 13 31.85 9.65 -24.93
CA TYR RA 13 31.18 9.38 -23.67
C TYR RA 13 30.55 8.00 -23.61
N GLY RA 14 30.59 7.25 -24.70
CA GLY RA 14 30.17 5.85 -24.67
C GLY RA 14 28.67 5.70 -24.49
N THR RA 15 28.29 4.68 -23.71
CA THR RA 15 26.91 4.43 -23.34
C THR RA 15 26.52 5.11 -22.05
N ARG RA 16 27.16 6.21 -21.69
CA ARG RA 16 27.02 6.81 -20.39
C ARG RA 16 26.26 8.13 -20.48
N TYR RA 17 25.77 8.56 -19.31
CA TYR RA 17 25.30 9.90 -18.99
C TYR RA 17 23.99 10.28 -19.66
N GLY RA 18 23.23 9.31 -20.16
CA GLY RA 18 21.93 9.61 -20.73
C GLY RA 18 21.99 10.11 -22.15
N ALA RA 19 20.96 9.79 -22.94
CA ALA RA 19 20.94 10.19 -24.35
C ALA RA 19 20.72 11.69 -24.49
N SER RA 20 19.75 12.24 -23.74
CA SER RA 20 19.37 13.63 -23.95
C SER RA 20 20.40 14.59 -23.36
N LEU RA 21 21.13 14.14 -22.35
CA LEU RA 21 22.19 14.93 -21.75
C LEU RA 21 23.33 15.03 -22.74
N ARG RA 22 23.63 13.92 -23.41
CA ARG RA 22 24.67 13.91 -24.44
C ARG RA 22 24.26 14.70 -25.68
N LYS RA 23 22.97 14.89 -25.92
CA LYS RA 23 22.56 15.75 -27.02
C LYS RA 23 22.69 17.22 -26.65
N MET RA 24 22.53 17.53 -25.38
CA MET RA 24 22.66 18.89 -24.88
C MET RA 24 24.09 19.35 -24.93
N VAL RA 25 25.02 18.41 -24.77
CA VAL RA 25 26.45 18.73 -24.80
C VAL RA 25 26.95 18.86 -26.23
N LYS RA 26 26.38 18.05 -27.15
CA LYS RA 26 26.87 17.96 -28.54
C LYS RA 26 26.86 19.31 -29.26
N LYS RA 27 25.88 20.16 -28.97
CA LYS RA 27 25.91 21.52 -29.47
C LYS RA 27 27.03 22.32 -28.80
N ILE RA 28 27.14 22.21 -27.48
CA ILE RA 28 28.10 23.00 -26.72
C ILE RA 28 29.52 22.50 -26.94
N GLU RA 29 29.70 21.18 -27.07
CA GLU RA 29 31.04 20.60 -27.19
C GLU RA 29 31.68 20.90 -28.54
N ILE RA 30 30.87 21.10 -29.59
CA ILE RA 30 31.39 21.56 -30.86
C ILE RA 30 31.76 23.04 -30.79
N SER RA 31 30.94 23.82 -30.11
CA SER RA 31 31.05 25.27 -30.16
C SER RA 31 32.29 25.81 -29.43
N GLN RA 32 32.86 25.06 -28.50
CA GLN RA 32 34.10 25.50 -27.88
C GLN RA 32 35.34 24.98 -28.59
N HIS RA 33 35.25 23.90 -29.36
CA HIS RA 33 36.41 23.37 -30.05
C HIS RA 33 36.48 23.78 -31.51
N ALA RA 34 35.50 24.56 -31.98
CA ALA RA 34 35.67 25.17 -33.29
C ALA RA 34 36.69 26.30 -33.21
N LYS RA 35 37.17 26.72 -34.37
CA LYS RA 35 38.13 27.82 -34.45
C LYS RA 35 37.48 28.94 -35.24
N TYR RA 36 37.04 29.96 -34.52
CA TYR RA 36 36.28 31.06 -35.10
C TYR RA 36 37.22 32.00 -35.85
N THR RA 37 36.63 32.81 -36.72
CA THR RA 37 37.43 33.79 -37.43
C THR RA 37 37.77 34.96 -36.53
N CYS RA 38 38.95 35.54 -36.76
CA CYS RA 38 39.38 36.69 -35.98
C CYS RA 38 38.94 37.96 -36.69
N SER RA 39 38.30 38.85 -35.93
CA SER RA 39 37.88 40.15 -36.45
C SER RA 39 39.01 41.17 -36.48
N PHE RA 40 40.25 40.75 -36.23
CA PHE RA 40 41.41 41.62 -36.28
C PHE RA 40 42.40 41.24 -37.36
N CYS RA 41 42.53 39.96 -37.69
CA CYS RA 41 43.47 39.53 -38.72
C CYS RA 41 42.83 38.66 -39.80
N GLY RA 42 41.57 38.26 -39.65
CA GLY RA 42 40.87 37.49 -40.65
C GLY RA 42 41.07 35.99 -40.57
N LYS RA 43 42.17 35.53 -39.98
CA LYS RA 43 42.49 34.11 -39.96
C LYS RA 43 41.64 33.37 -38.93
N THR RA 44 41.05 32.25 -39.36
CA THR RA 44 40.15 31.46 -38.51
C THR RA 44 40.98 30.68 -37.50
N LYS RA 45 41.41 31.38 -36.45
CA LYS RA 45 42.22 30.76 -35.41
C LYS RA 45 41.80 31.18 -34.01
N MET RA 46 40.67 31.87 -33.87
CA MET RA 46 40.22 32.36 -32.56
C MET RA 46 39.69 31.18 -31.77
N LYS RA 47 40.51 30.65 -30.86
CA LYS RA 47 40.18 29.46 -30.13
C LYS RA 47 40.25 29.74 -28.63
N ARG RA 48 39.70 28.81 -27.86
CA ARG RA 48 39.37 29.03 -26.47
C ARG RA 48 40.52 28.55 -25.58
N ARG RA 49 41.08 29.48 -24.80
CA ARG RA 49 42.04 29.09 -23.76
C ARG RA 49 41.32 28.46 -22.57
N ALA RA 50 40.50 29.25 -21.90
CA ALA RA 50 39.71 28.85 -20.74
C ALA RA 50 38.31 29.38 -20.91
N VAL RA 51 37.49 29.22 -19.88
CA VAL RA 51 36.11 29.69 -19.95
C VAL RA 51 36.08 31.22 -19.94
N GLY RA 52 35.49 31.80 -20.99
CA GLY RA 52 35.44 33.24 -21.14
C GLY RA 52 36.58 33.85 -21.91
N ILE RA 53 37.65 33.11 -22.18
CA ILE RA 53 38.84 33.64 -22.82
C ILE RA 53 38.97 33.01 -24.20
N TRP RA 54 39.06 33.86 -25.22
CA TRP RA 54 39.19 33.43 -26.61
C TRP RA 54 40.41 34.12 -27.20
N HIS RA 55 41.41 33.33 -27.59
CA HIS RA 55 42.71 33.83 -27.99
C HIS RA 55 43.07 33.34 -29.38
N CYS RA 56 43.42 34.28 -30.26
CA CYS RA 56 43.90 33.93 -31.59
C CYS RA 56 45.41 33.73 -31.53
N GLY RA 57 45.86 32.54 -31.92
CA GLY RA 57 47.26 32.19 -31.88
C GLY RA 57 48.13 32.74 -32.98
N SER RA 58 47.61 33.63 -33.82
CA SER RA 58 48.39 34.23 -34.89
C SER RA 58 48.71 35.70 -34.61
N CYS RA 59 47.70 36.52 -34.39
CA CYS RA 59 47.90 37.94 -34.17
C CYS RA 59 48.09 38.30 -32.71
N MET RA 60 47.95 37.32 -31.80
CA MET RA 60 48.09 37.47 -30.35
C MET RA 60 47.12 38.53 -29.81
N LYS RA 61 45.84 38.23 -29.95
CA LYS RA 61 44.76 39.13 -29.59
C LYS RA 61 43.70 38.31 -28.87
N THR RA 62 43.77 38.27 -27.55
CA THR RA 62 42.80 37.52 -26.76
C THR RA 62 41.61 38.40 -26.39
N VAL RA 63 40.42 37.85 -26.59
CA VAL RA 63 39.16 38.57 -26.44
C VAL RA 63 38.37 37.92 -25.33
N ALA RA 64 37.81 38.73 -24.44
CA ALA RA 64 36.91 38.21 -23.43
C ALA RA 64 35.56 37.91 -24.06
N GLY RA 65 35.14 36.64 -24.02
CA GLY RA 65 33.89 36.26 -24.65
C GLY RA 65 33.02 35.38 -23.78
N GLY RA 66 32.20 34.54 -24.41
CA GLY RA 66 31.33 33.66 -23.67
C GLY RA 66 32.03 32.42 -23.20
N ALA RA 67 31.27 31.56 -22.52
CA ALA RA 67 31.84 30.31 -22.04
C ALA RA 67 32.09 29.34 -23.18
N TRP RA 68 31.16 29.27 -24.13
CA TRP RA 68 31.17 28.24 -25.15
C TRP RA 68 31.07 28.82 -26.55
N THR RA 69 30.96 30.14 -26.68
CA THR RA 69 30.77 30.80 -27.95
C THR RA 69 31.54 32.12 -27.88
N TYR RA 70 32.20 32.49 -28.98
CA TYR RA 70 32.97 33.73 -29.03
C TYR RA 70 32.07 34.95 -28.87
N ASN RA 71 30.86 34.90 -29.42
CA ASN RA 71 29.89 35.98 -29.31
C ASN RA 71 28.57 35.40 -28.82
N THR RA 72 28.22 35.68 -27.58
CA THR RA 72 26.90 35.29 -27.09
C THR RA 72 25.84 36.22 -27.66
N THR RA 73 24.57 35.80 -27.53
CA THR RA 73 23.47 36.59 -28.06
C THR RA 73 23.27 37.86 -27.25
N SER RA 74 23.44 37.78 -25.92
CA SER RA 74 23.27 38.96 -25.07
C SER RA 74 24.37 39.98 -25.29
N ALA RA 75 25.58 39.54 -25.65
CA ALA RA 75 26.65 40.48 -25.91
C ALA RA 75 26.44 41.25 -27.21
N VAL RA 76 25.76 40.64 -28.18
CA VAL RA 76 25.45 41.32 -29.43
C VAL RA 76 24.30 42.30 -29.23
N THR RA 77 23.28 41.90 -28.47
CA THR RA 77 22.11 42.73 -28.24
C THR RA 77 22.45 43.97 -27.42
N VAL RA 78 23.31 43.80 -26.40
CA VAL RA 78 23.75 44.93 -25.60
C VAL RA 78 24.60 45.89 -26.41
N LYS RA 79 25.54 45.36 -27.20
CA LYS RA 79 26.44 46.20 -27.99
C LYS RA 79 25.69 47.00 -29.04
N SER RA 80 24.59 46.46 -29.58
CA SER RA 80 23.76 47.24 -30.48
C SER RA 80 22.96 48.29 -29.73
N ALA RA 81 22.59 48.03 -28.47
CA ALA RA 81 21.83 49.02 -27.72
C ALA RA 81 22.72 50.11 -27.13
N ILE RA 82 23.99 49.81 -26.86
CA ILE RA 82 24.88 50.81 -26.26
C ILE RA 82 25.30 51.84 -27.30
N ARG RA 83 25.54 51.42 -28.54
CA ARG RA 83 25.91 52.37 -29.60
C ARG RA 83 24.75 53.29 -29.96
N ARG RA 84 23.52 52.82 -29.77
CA ARG RA 84 22.37 53.69 -29.99
C ARG RA 84 22.21 54.69 -28.85
N LEU RA 85 22.37 54.24 -27.60
CA LEU RA 85 22.20 55.13 -26.46
C LEU RA 85 23.30 56.17 -26.38
N LYS RA 86 24.50 55.83 -26.85
CA LYS RA 86 25.55 56.83 -27.01
C LYS RA 86 25.20 57.83 -28.11
N GLU RA 87 24.47 57.38 -29.12
CA GLU RA 87 24.15 58.23 -30.27
C GLU RA 87 23.12 59.29 -29.92
N LEU RA 88 21.92 58.86 -29.50
CA LEU RA 88 20.83 59.81 -29.32
C LEU RA 88 20.93 60.63 -28.04
N LYS RA 89 22.05 60.47 -27.34
CA LYS RA 89 22.31 61.28 -26.17
C LYS RA 89 22.58 62.65 -26.78
N ASP RA 90 23.37 62.67 -27.85
CA ASP RA 90 23.66 63.90 -28.57
C ASP RA 90 22.50 64.21 -29.52
N GLN RA 91 22.68 65.17 -30.41
CA GLN RA 91 21.61 65.60 -31.29
C GLN RA 91 21.89 65.23 -32.74
N SER SA 1 46.22 -3.00 110.27
CA SER SA 1 45.35 -4.10 110.64
C SER SA 1 45.62 -5.33 109.77
N ALA SA 2 45.26 -6.51 110.27
CA ALA SA 2 45.55 -7.74 109.56
C ALA SA 2 44.62 -7.93 108.37
N HIS SA 3 43.33 -7.67 108.56
CA HIS SA 3 42.37 -7.84 107.48
C HIS SA 3 42.42 -6.69 106.48
N LEU SA 4 42.85 -5.51 106.91
CA LEU SA 4 43.00 -4.39 105.98
C LEU SA 4 44.19 -4.61 105.06
N GLN SA 5 45.34 -4.97 105.63
CA GLN SA 5 46.53 -5.19 104.82
C GLN SA 5 46.45 -6.44 103.96
N TRP SA 6 45.60 -7.41 104.34
CA TRP SA 6 45.46 -8.60 103.52
C TRP SA 6 44.74 -8.33 102.22
N MET SA 7 43.78 -7.40 102.21
CA MET SA 7 43.04 -7.09 101.01
C MET SA 7 43.88 -6.37 99.95
N VAL SA 8 45.05 -5.87 100.32
CA VAL SA 8 45.97 -5.28 99.34
C VAL SA 8 46.93 -6.32 98.79
N VAL SA 9 47.48 -7.17 99.65
CA VAL SA 9 48.52 -8.11 99.25
C VAL SA 9 47.93 -9.47 98.88
N ARG SA 10 46.61 -9.53 98.76
CA ARG SA 10 45.92 -10.77 98.41
C ARG SA 10 46.30 -11.24 97.01
N ASN SA 11 46.43 -10.31 96.07
CA ASN SA 11 46.66 -10.63 94.67
C ASN SA 11 47.85 -9.86 94.11
N CYS SA 12 48.38 -8.88 94.83
CA CYS SA 12 49.43 -8.00 94.34
C CYS SA 12 50.53 -7.91 95.39
N SER SA 13 51.60 -8.69 95.20
CA SER SA 13 52.72 -8.64 96.11
C SER SA 13 53.97 -9.11 95.38
N SER SA 14 55.12 -8.56 95.77
CA SER SA 14 56.38 -8.99 95.16
C SER SA 14 56.77 -10.39 95.60
N PHE SA 15 56.29 -10.84 96.76
CA PHE SA 15 56.57 -12.19 97.21
C PHE SA 15 55.62 -13.23 96.63
N LEU SA 16 54.77 -12.86 95.67
CA LEU SA 16 53.74 -13.73 95.16
C LEU SA 16 54.23 -14.43 93.90
N ILE SA 17 54.00 -15.74 93.83
CA ILE SA 17 54.41 -16.56 92.70
C ILE SA 17 53.16 -17.27 92.19
N LYS SA 18 52.72 -16.90 91.00
CA LYS SA 18 51.64 -17.58 90.31
C LYS SA 18 52.24 -18.33 89.12
N ARG SA 19 52.39 -19.63 89.27
CA ARG SA 19 52.76 -20.50 88.17
C ARG SA 19 51.69 -21.57 88.09
N ASN SA 20 51.96 -22.68 87.41
CA ASN SA 20 50.94 -23.48 86.76
C ASN SA 20 49.93 -24.14 87.70
N LYS SA 21 48.80 -23.42 87.86
CA LYS SA 21 47.61 -23.82 88.61
C LYS SA 21 47.88 -23.94 90.11
N GLN SA 22 48.88 -23.22 90.60
CA GLN SA 22 49.21 -23.17 92.02
C GLN SA 22 49.89 -21.86 92.34
N THR SA 23 49.55 -21.31 93.50
CA THR SA 23 50.13 -20.06 93.98
C THR SA 23 50.99 -20.33 95.20
N TYR SA 24 52.01 -19.50 95.38
CA TYR SA 24 52.92 -19.60 96.50
C TYR SA 24 53.24 -18.23 97.07
N SER SA 25 54.10 -18.21 98.06
CA SER SA 25 54.44 -16.97 98.73
C SER SA 25 55.84 -17.10 99.31
N THR SA 26 56.56 -15.98 99.36
CA THR SA 26 57.99 -16.01 99.69
C THR SA 26 58.34 -15.04 100.82
N GLU SA 27 57.49 -14.90 101.83
CA GLU SA 27 57.86 -14.08 102.98
C GLU SA 27 58.97 -14.73 103.78
N PRO SA 28 59.75 -13.93 104.56
CA PRO SA 28 60.79 -14.52 105.42
C PRO SA 28 60.27 -15.52 106.44
N ASN SA 29 59.37 -15.10 107.32
CA ASN SA 29 58.77 -16.02 108.29
C ASN SA 29 57.38 -16.45 107.83
N ASN SA 30 57.37 -17.32 106.81
CA ASN SA 30 56.14 -17.88 106.29
C ASN SA 30 56.22 -19.39 106.39
N LEU SA 31 55.30 -19.98 107.15
CA LEU SA 31 55.15 -21.43 107.21
C LEU SA 31 54.22 -21.86 106.09
N LYS SA 32 54.51 -23.05 105.52
CA LYS SA 32 53.82 -23.73 104.41
C LYS SA 32 54.04 -23.05 103.06
N ALA SA 33 54.65 -21.87 103.06
CA ALA SA 33 54.98 -21.07 101.87
C ALA SA 33 53.80 -20.86 100.93
N ARG SA 34 52.59 -20.77 101.48
CA ARG SA 34 51.39 -20.59 100.68
C ARG SA 34 50.86 -19.17 100.80
N ASN SA 35 50.09 -18.77 99.79
CA ASN SA 35 49.40 -17.50 99.80
C ASN SA 35 48.11 -17.68 100.58
N SER SA 36 48.08 -17.21 101.82
CA SER SA 36 46.88 -17.30 102.64
C SER SA 36 46.94 -16.24 103.73
N PHE SA 37 45.79 -16.00 104.34
CA PHE SA 37 45.72 -15.05 105.44
C PHE SA 37 46.34 -15.60 106.71
N ARG SA 38 46.16 -16.91 106.95
CA ARG SA 38 46.68 -17.51 108.18
C ARG SA 38 48.19 -17.67 108.11
N TYR SA 39 48.70 -18.14 106.97
CA TYR SA 39 50.13 -18.36 106.78
C TYR SA 39 50.72 -17.16 106.05
N ASN SA 40 50.86 -16.06 106.77
CA ASN SA 40 51.43 -14.83 106.22
C ASN SA 40 52.35 -14.24 107.27
N GLY SA 41 53.55 -13.83 106.85
CA GLY SA 41 54.53 -13.34 107.81
C GLY SA 41 54.76 -11.84 107.81
N LEU SA 42 53.81 -11.07 107.30
CA LEU SA 42 53.99 -9.62 107.32
C LEU SA 42 52.81 -8.91 107.96
N ILE SA 43 51.60 -9.42 107.73
CA ILE SA 43 50.39 -8.67 108.05
C ILE SA 43 49.85 -8.96 109.43
N HIS SA 44 50.50 -9.81 110.21
CA HIS SA 44 50.00 -10.17 111.52
C HIS SA 44 50.79 -9.47 112.61
N ARG SA 45 50.13 -9.27 113.75
CA ARG SA 45 50.81 -8.69 114.91
C ARG SA 45 51.81 -9.67 115.49
N LYS SA 46 51.57 -10.96 115.34
CA LYS SA 46 52.49 -11.96 115.85
C LYS SA 46 52.54 -13.19 114.97
N THR SA 47 53.72 -13.49 114.43
CA THR SA 47 53.88 -14.66 113.58
C THR SA 47 55.23 -15.32 113.80
N VAL SA 48 55.30 -16.63 113.57
CA VAL SA 48 56.53 -17.38 113.76
C VAL SA 48 57.03 -17.87 112.41
N GLY SA 49 58.33 -18.15 112.36
CA GLY SA 49 58.93 -18.78 111.21
C GLY SA 49 60.24 -19.44 111.60
N VAL SA 50 60.56 -20.58 111.03
CA VAL SA 50 61.82 -21.25 111.33
C VAL SA 50 62.77 -20.99 110.17
N GLU SA 51 64.06 -20.99 110.48
CA GLU SA 51 65.11 -20.63 109.56
C GLU SA 51 66.28 -21.59 109.74
N PRO SA 52 67.07 -21.82 108.70
CA PRO SA 52 68.33 -22.54 108.88
C PRO SA 52 69.38 -21.64 109.54
N ALA SA 53 70.39 -22.29 110.10
CA ALA SA 53 71.38 -21.60 110.92
C ALA SA 53 72.42 -20.91 110.05
N ALA SA 54 73.51 -20.46 110.68
CA ALA SA 54 74.63 -19.87 109.94
C ALA SA 54 75.28 -20.91 109.04
N ASP SA 55 75.75 -22.00 109.64
CA ASP SA 55 76.09 -23.20 108.89
C ASP SA 55 74.85 -24.08 108.78
N GLY SA 56 75.01 -25.31 108.33
CA GLY SA 56 73.88 -26.23 108.27
C GLY SA 56 73.74 -27.04 109.55
N LYS SA 57 73.74 -26.37 110.69
CA LYS SA 57 73.72 -27.03 112.00
C LYS SA 57 72.66 -26.36 112.87
N GLY SA 58 71.46 -26.92 112.87
CA GLY SA 58 70.40 -26.45 113.75
C GLY SA 58 69.37 -25.62 113.02
N VAL SA 59 68.42 -25.11 113.81
CA VAL SA 59 67.30 -24.35 113.29
C VAL SA 59 67.23 -23.02 114.05
N VAL SA 60 66.81 -21.97 113.34
CA VAL SA 60 66.66 -20.64 113.91
C VAL SA 60 65.17 -20.29 113.89
N VAL SA 61 64.61 -20.02 115.06
CA VAL SA 61 63.18 -19.72 115.19
C VAL SA 61 63.03 -18.26 115.55
N VAL SA 62 62.26 -17.54 114.75
CA VAL SA 62 62.10 -16.09 114.92
C VAL SA 62 60.63 -15.79 115.24
N ILE SA 63 60.42 -15.05 116.32
CA ILE SA 63 59.10 -14.61 116.74
C ILE SA 63 59.09 -13.09 116.72
N LYS SA 64 57.88 -12.52 116.70
CA LYS SA 64 57.70 -11.10 116.46
C LYS SA 64 57.39 -10.40 117.77
N ARG SA 65 58.22 -9.42 118.12
CA ARG SA 65 58.05 -8.64 119.34
C ARG SA 65 56.74 -7.89 119.23
N ARG SA 66 56.03 -7.74 120.36
CA ARG SA 66 54.75 -7.05 120.38
C ARG SA 66 54.92 -5.54 120.35
N SER SA 67 55.99 -5.03 120.96
CA SER SA 67 56.17 -3.58 121.08
C SER SA 67 56.52 -2.95 119.74
N GLY SA 68 57.58 -3.43 119.11
CA GLY SA 68 58.01 -2.83 117.85
C GLY SA 68 57.17 -3.29 116.68
N GLN SA 69 55.95 -2.77 116.58
CA GLN SA 69 55.05 -3.18 115.51
C GLN SA 69 55.36 -2.49 114.20
N ARG SA 70 56.02 -1.35 114.24
CA ARG SA 70 56.36 -0.57 113.06
C ARG SA 70 57.83 -0.21 113.01
N LYS SA 71 58.66 -0.93 113.78
CA LYS SA 71 60.11 -0.78 113.79
C LYS SA 71 60.69 -2.08 113.27
N PRO SA 72 60.87 -2.26 111.95
CA PRO SA 72 61.36 -3.55 111.46
C PRO SA 72 62.82 -3.84 111.76
N ALA SA 73 63.56 -2.89 112.32
CA ALA SA 73 64.94 -3.17 112.74
C ALA SA 73 64.97 -3.93 114.06
N THR SA 74 63.95 -3.78 114.89
CA THR SA 74 63.91 -4.43 116.20
C THR SA 74 62.57 -5.14 116.42
N SER SA 75 61.92 -5.57 115.35
CA SER SA 75 60.64 -6.25 115.48
C SER SA 75 60.78 -7.76 115.60
N TYR SA 76 61.99 -8.30 115.46
CA TYR SA 76 62.19 -9.73 115.36
C TYR SA 76 63.29 -10.16 116.30
N VAL SA 77 62.93 -10.95 117.31
CA VAL SA 77 63.90 -11.67 118.13
C VAL SA 77 63.96 -13.11 117.63
N ARG SA 78 65.16 -13.60 117.38
CA ARG SA 78 65.36 -14.92 116.81
C ARG SA 78 66.27 -15.75 117.72
N THR SA 79 66.05 -17.05 117.69
CA THR SA 79 66.68 -17.99 118.61
C THR SA 79 67.21 -19.17 117.84
N THR SA 80 68.51 -19.44 117.99
CA THR SA 80 69.16 -20.55 117.30
C THR SA 80 69.20 -21.76 118.23
N ILE SA 81 68.66 -22.88 117.77
CA ILE SA 81 68.62 -24.10 118.56
C ILE SA 81 69.40 -25.17 117.80
N ASN SA 82 70.46 -25.67 118.42
CA ASN SA 82 71.27 -26.72 117.81
C ASN SA 82 71.22 -27.96 118.71
N LYS SA 83 70.03 -28.30 119.17
CA LYS SA 83 69.80 -29.40 120.10
C LYS SA 83 69.63 -30.71 119.34
N ASN SA 84 69.15 -31.75 120.02
CA ASN SA 84 68.82 -33.03 119.42
C ASN SA 84 67.59 -32.89 118.52
N ALA SA 85 67.18 -34.01 117.92
CA ALA SA 85 66.03 -34.01 117.02
C ALA SA 85 64.72 -33.86 117.78
N ARG SA 86 64.51 -34.71 118.80
CA ARG SA 86 63.30 -34.62 119.61
C ARG SA 86 63.33 -33.41 120.54
N ALA SA 87 64.52 -32.93 120.89
CA ALA SA 87 64.63 -31.81 121.82
C ALA SA 87 64.12 -30.52 121.23
N THR SA 88 64.56 -30.18 120.01
CA THR SA 88 64.17 -28.92 119.41
C THR SA 88 62.74 -28.93 118.87
N LEU SA 89 62.14 -30.11 118.67
CA LEU SA 89 60.73 -30.12 118.32
C LEU SA 89 59.85 -29.89 119.54
N SER SA 90 60.25 -30.39 120.70
CA SER SA 90 59.55 -30.05 121.93
C SER SA 90 59.88 -28.65 122.42
N SER SA 91 61.03 -28.09 121.99
CA SER SA 91 61.41 -26.75 122.44
C SER SA 91 60.59 -25.67 121.76
N ILE SA 92 60.35 -25.80 120.45
CA ILE SA 92 59.58 -24.80 119.74
C ILE SA 92 58.09 -25.08 119.82
N ARG SA 93 57.70 -26.23 120.35
CA ARG SA 93 56.32 -26.51 120.71
C ARG SA 93 55.94 -25.82 122.01
N HIS SA 94 56.91 -25.69 122.92
CA HIS SA 94 56.66 -24.99 124.17
C HIS SA 94 56.63 -23.48 123.98
N MET SA 95 57.30 -22.96 122.95
CA MET SA 95 57.25 -21.52 122.72
C MET SA 95 55.92 -21.07 122.12
N ILE SA 96 55.16 -21.99 121.54
CA ILE SA 96 53.89 -21.66 120.90
C ILE SA 96 52.71 -22.03 121.79
N ARG SA 97 52.76 -23.23 122.40
CA ARG SA 97 51.63 -23.68 123.20
C ARG SA 97 51.57 -23.03 124.57
N LYS SA 98 52.70 -22.97 125.28
CA LYS SA 98 52.68 -22.45 126.65
C LYS SA 98 52.48 -20.94 126.68
N ASN SA 99 53.10 -20.22 125.75
CA ASN SA 99 52.86 -18.79 125.64
C ASN SA 99 51.50 -18.45 125.05
N LYS SA 100 50.84 -19.44 124.42
CA LYS SA 100 49.68 -19.24 123.55
C LYS SA 100 49.97 -18.19 122.49
N TYR SA 101 51.18 -18.24 121.95
CA TYR SA 101 51.68 -17.26 120.98
C TYR SA 101 51.36 -17.79 119.60
N ARG SA 102 50.23 -17.35 119.03
CA ARG SA 102 49.72 -17.69 117.71
C ARG SA 102 49.55 -19.21 117.63
N PRO SA 103 48.59 -19.81 118.36
CA PRO SA 103 48.57 -21.28 118.47
C PRO SA 103 47.83 -21.96 117.34
N ASP SA 104 48.04 -21.49 116.11
CA ASP SA 104 47.57 -22.18 114.92
C ASP SA 104 48.72 -22.50 113.97
N LEU SA 105 49.86 -21.84 114.14
CA LEU SA 105 51.11 -22.18 113.51
C LEU SA 105 51.91 -23.17 114.35
N ARG SA 106 51.26 -23.84 115.30
CA ARG SA 106 51.95 -24.67 116.27
C ARG SA 106 52.48 -25.95 115.64
N MET SA 107 51.60 -26.70 114.98
CA MET SA 107 52.00 -27.93 114.32
C MET SA 107 52.62 -27.67 112.95
N ALA SA 108 52.23 -26.59 112.29
CA ALA SA 108 52.83 -26.20 111.02
C ALA SA 108 54.30 -25.82 111.15
N ALA SA 109 54.73 -25.39 112.34
CA ALA SA 109 56.14 -25.14 112.60
C ALA SA 109 56.89 -26.40 113.00
N ILE SA 110 56.21 -27.39 113.58
CA ILE SA 110 56.85 -28.67 113.84
C ILE SA 110 57.13 -29.39 112.53
N ARG SA 111 56.23 -29.25 111.54
CA ARG SA 111 56.43 -29.89 110.25
C ARG SA 111 57.60 -29.27 109.49
N ARG SA 112 57.77 -27.95 109.57
CA ARG SA 112 58.83 -27.31 108.82
C ARG SA 112 60.18 -27.45 109.51
N ALA SA 113 60.20 -27.48 110.84
CA ALA SA 113 61.46 -27.69 111.55
C ALA SA 113 61.94 -29.12 111.44
N SER SA 114 61.01 -30.07 111.33
CA SER SA 114 61.43 -31.45 111.10
C SER SA 114 61.93 -31.65 109.67
N ALA SA 115 61.40 -30.89 108.73
CA ALA SA 115 61.84 -30.96 107.34
C ALA SA 115 63.09 -30.14 107.07
N ILE SA 116 63.61 -29.43 108.07
CA ILE SA 116 64.86 -28.70 107.92
C ILE SA 116 65.99 -29.36 108.70
N LEU SA 117 65.69 -30.21 109.67
CA LEU SA 117 66.74 -30.99 110.33
C LEU SA 117 67.14 -32.20 109.50
N ARG SA 118 66.16 -32.84 108.87
CA ARG SA 118 66.42 -33.99 108.02
C ARG SA 118 67.17 -33.59 106.74
N SER SA 119 67.05 -32.33 106.33
CA SER SA 119 67.81 -31.86 105.18
C SER SA 119 69.28 -31.69 105.52
N GLN SA 120 69.59 -31.26 106.74
CA GLN SA 120 70.95 -30.90 107.09
C GLN SA 120 71.84 -32.11 107.32
N LYS SA 121 71.29 -33.23 107.80
CA LYS SA 121 72.08 -34.42 108.02
C LYS SA 121 72.48 -35.03 106.67
N PRO SA 122 73.70 -35.59 106.57
CA PRO SA 122 74.29 -35.83 105.24
C PRO SA 122 73.62 -36.96 104.47
N VAL SA 123 73.46 -36.72 103.16
CA VAL SA 123 72.78 -37.63 102.27
C VAL SA 123 73.65 -38.87 102.04
N MET SA 124 73.09 -40.04 102.30
CA MET SA 124 73.76 -41.29 101.96
C MET SA 124 73.66 -41.52 100.46
N VAL SA 125 74.73 -42.05 99.87
CA VAL SA 125 74.79 -42.29 98.43
C VAL SA 125 73.87 -43.43 98.01
N MET TA 1 -22.46 80.41 37.25
CA MET TA 1 -21.09 80.66 37.67
C MET TA 1 -21.07 81.33 39.05
N SER TA 2 -20.84 82.63 39.06
CA SER TA 2 -20.82 83.41 40.30
C SER TA 2 -21.29 84.82 39.98
N SER TA 3 -21.05 85.75 40.91
CA SER TA 3 -21.41 87.15 40.70
C SER TA 3 -20.33 87.85 39.87
N LYS TA 4 -20.38 89.19 39.84
CA LYS TA 4 -19.49 89.95 38.98
C LYS TA 4 -18.05 89.94 39.46
N VAL TA 5 -17.83 89.90 40.78
CA VAL TA 5 -16.47 89.93 41.31
C VAL TA 5 -15.82 88.56 41.19
N SER TA 6 -16.37 87.58 41.93
CA SER TA 6 -15.93 86.17 41.93
C SER TA 6 -14.44 86.02 42.26
N ARG TA 7 -13.95 86.83 43.20
CA ARG TA 7 -12.54 86.86 43.54
C ARG TA 7 -12.35 86.55 45.02
N ASP TA 8 -11.37 85.69 45.31
CA ASP TA 8 -11.03 85.35 46.69
C ASP TA 8 -9.53 85.09 46.78
N THR TA 9 -9.00 85.21 48.00
CA THR TA 9 -7.57 84.98 48.23
C THR TA 9 -7.29 84.17 49.47
N LEU TA 10 -8.30 83.73 50.21
CA LEU TA 10 -8.12 83.01 51.46
C LEU TA 10 -8.57 81.55 51.30
N TYR TA 11 -8.54 80.81 52.41
CA TYR TA 11 -8.85 79.39 52.41
C TYR TA 11 -10.18 79.06 53.06
N GLU TA 12 -10.73 79.97 53.89
CA GLU TA 12 -11.95 79.85 54.70
C GLU TA 12 -12.05 78.50 55.43
N ALA TA 13 -11.13 78.27 56.36
CA ALA TA 13 -10.89 76.96 56.95
C ALA TA 13 -11.96 76.60 57.98
N VAL TA 14 -11.70 75.52 58.72
CA VAL TA 14 -12.62 75.03 59.74
C VAL TA 14 -12.68 75.94 60.96
N ARG TA 15 -11.72 76.85 61.12
CA ARG TA 15 -11.72 77.80 62.23
C ARG TA 15 -12.79 78.87 62.06
N GLU TA 16 -13.17 79.18 60.82
CA GLU TA 16 -13.99 80.35 60.54
C GLU TA 16 -15.47 80.12 60.87
N VAL TA 17 -16.02 81.05 61.64
CA VAL TA 17 -17.46 81.33 61.63
C VAL TA 17 -17.74 82.72 61.04
N LEU TA 18 -17.25 83.79 61.70
CA LEU TA 18 -16.70 85.04 61.15
C LEU TA 18 -17.35 85.61 59.89
N HIS TA 19 -18.68 85.61 59.79
CA HIS TA 19 -19.29 86.01 58.54
C HIS TA 19 -20.70 86.53 58.77
N GLY TA 20 -21.00 87.69 58.20
CA GLY TA 20 -22.35 88.17 58.02
C GLY TA 20 -22.75 89.37 58.84
N ASN TA 21 -22.64 90.56 58.23
CA ASN TA 21 -23.34 91.75 58.70
C ASN TA 21 -23.91 92.57 57.56
N GLN TA 22 -23.66 92.19 56.31
CA GLN TA 22 -24.19 92.88 55.14
C GLN TA 22 -24.99 91.90 54.30
N ARG TA 23 -25.85 91.11 54.96
CA ARG TA 23 -26.52 90.00 54.32
C ARG TA 23 -27.69 90.46 53.45
N LYS TA 24 -28.53 91.35 53.98
CA LYS TA 24 -29.75 91.78 53.30
C LYS TA 24 -29.37 92.72 52.15
N ARG TA 25 -29.31 92.16 50.95
CA ARG TA 25 -28.92 92.93 49.77
C ARG TA 25 -30.08 93.75 49.23
N ARG TA 26 -31.15 93.10 48.81
CA ARG TA 26 -32.30 93.76 48.24
C ARG TA 26 -33.37 93.98 49.31
N LYS TA 27 -34.56 94.38 48.87
CA LYS TA 27 -35.62 94.78 49.80
C LYS TA 27 -36.33 93.59 50.44
N PHE TA 28 -36.19 92.38 49.88
CA PHE TA 28 -36.87 91.21 50.40
C PHE TA 28 -36.12 90.63 51.59
N LEU TA 29 -36.60 89.50 52.10
CA LEU TA 29 -35.94 88.79 53.19
C LEU TA 29 -35.33 87.50 52.65
N GLU TA 30 -34.04 87.33 52.89
CA GLU TA 30 -33.27 86.27 52.25
C GLU TA 30 -33.55 84.92 52.91
N THR TA 31 -33.71 83.90 52.08
CA THR TA 31 -34.00 82.53 52.52
C THR TA 31 -32.76 81.69 52.23
N VAL TA 32 -31.97 81.44 53.26
CA VAL TA 32 -30.68 80.75 53.10
C VAL TA 32 -30.91 79.24 53.11
N GLU TA 33 -30.15 78.53 52.26
CA GLU TA 33 -30.24 77.09 52.11
C GLU TA 33 -28.99 76.43 52.68
N LEU TA 34 -29.14 75.15 53.02
CA LEU TA 34 -28.04 74.34 53.51
C LEU TA 34 -27.72 73.24 52.50
N GLN TA 35 -26.43 72.94 52.33
CA GLN TA 35 -25.99 72.04 51.29
C GLN TA 35 -24.74 71.32 51.78
N ILE TA 36 -24.63 70.03 51.48
CA ILE TA 36 -23.47 69.22 51.88
C ILE TA 36 -22.87 68.56 50.65
N SER TA 37 -21.54 68.46 50.63
CA SER TA 37 -20.82 68.10 49.42
C SER TA 37 -20.07 66.78 49.57
N LEU TA 38 -20.77 65.75 50.05
CA LEU TA 38 -20.26 64.38 50.10
C LEU TA 38 -19.90 63.90 48.71
N LYS TA 39 -18.60 63.70 48.46
CA LYS TA 39 -18.08 63.28 47.17
C LYS TA 39 -17.68 61.82 47.25
N ASN TA 40 -17.05 61.34 46.17
CA ASN TA 40 -16.45 60.01 46.06
C ASN TA 40 -17.47 58.89 46.26
N TYR TA 41 -18.74 59.15 45.92
CA TYR TA 41 -19.75 58.13 46.03
C TYR TA 41 -19.62 57.13 44.88
N ASP TA 42 -19.88 55.87 45.17
CA ASP TA 42 -19.85 54.82 44.19
C ASP TA 42 -21.26 54.26 44.00
N PRO TA 43 -21.74 54.14 42.76
CA PRO TA 43 -23.16 53.81 42.56
C PRO TA 43 -23.51 52.37 42.88
N GLN TA 44 -22.58 51.43 42.72
CA GLN TA 44 -22.86 50.02 42.96
C GLN TA 44 -22.50 49.60 44.40
N LYS TA 45 -22.95 50.41 45.35
CA LYS TA 45 -22.83 50.16 46.78
C LYS TA 45 -23.78 51.10 47.50
N ASP TA 46 -24.16 50.74 48.72
CA ASP TA 46 -25.17 51.47 49.47
C ASP TA 46 -24.63 51.90 50.83
N LYS TA 47 -25.51 52.52 51.62
CA LYS TA 47 -25.18 53.06 52.93
C LYS TA 47 -26.48 53.19 53.73
N ARG TA 48 -26.41 53.89 54.85
CA ARG TA 48 -27.55 54.02 55.76
C ARG TA 48 -27.42 55.33 56.53
N PHE TA 49 -28.21 55.45 57.61
CA PHE TA 49 -28.15 56.54 58.60
C PHE TA 49 -28.48 57.91 57.95
N SER TA 50 -29.74 58.02 57.56
CA SER TA 50 -30.30 59.34 57.30
C SER TA 50 -30.51 60.06 58.63
N GLY TA 51 -30.06 61.31 58.69
CA GLY TA 51 -30.05 62.04 59.94
C GLY TA 51 -30.97 63.25 60.00
N THR TA 52 -31.82 63.31 61.03
CA THR TA 52 -32.73 64.43 61.25
C THR TA 52 -32.50 64.96 62.66
N VAL TA 53 -32.00 66.20 62.75
CA VAL TA 53 -31.78 66.87 64.03
C VAL TA 53 -32.54 68.19 64.02
N ARG TA 54 -32.74 68.75 65.21
CA ARG TA 54 -33.44 70.00 65.37
C ARG TA 54 -32.44 71.14 65.55
N LEU TA 55 -32.59 72.19 64.76
CA LEU TA 55 -31.70 73.34 64.76
C LEU TA 55 -32.52 74.58 65.08
N LYS TA 56 -32.10 75.34 66.09
CA LYS TA 56 -32.85 76.50 66.56
C LYS TA 56 -32.69 77.62 65.54
N SER TA 57 -33.70 77.80 64.70
CA SER TA 57 -33.75 78.94 63.79
C SER TA 57 -34.99 79.79 63.99
N THR TA 58 -36.13 79.18 64.33
CA THR TA 58 -37.47 79.73 64.42
C THR TA 58 -37.80 80.50 63.14
N PRO TA 59 -38.08 79.81 62.02
CA PRO TA 59 -38.27 80.52 60.76
C PRO TA 59 -39.67 81.11 60.66
N ARG TA 60 -39.83 82.01 59.69
CA ARG TA 60 -41.16 82.46 59.29
C ARG TA 60 -41.83 81.46 58.34
N PRO TA 61 -41.12 80.85 57.32
CA PRO TA 61 -41.71 79.65 56.70
C PRO TA 61 -41.52 78.45 57.59
N LYS TA 62 -42.61 78.00 58.22
CA LYS TA 62 -42.54 76.97 59.24
C LYS TA 62 -43.61 75.92 58.98
N PHE TA 63 -43.21 74.66 58.99
CA PHE TA 63 -44.14 73.54 58.84
C PHE TA 63 -44.78 73.21 60.20
N SER TA 64 -45.47 72.08 60.25
CA SER TA 64 -45.87 71.47 61.53
C SER TA 64 -46.05 69.98 61.29
N VAL TA 65 -45.99 69.20 62.37
CA VAL TA 65 -46.16 67.75 62.32
C VAL TA 65 -47.26 67.44 63.34
N CYS TA 66 -48.50 67.38 62.86
CA CYS TA 66 -49.59 67.37 63.84
C CYS TA 66 -50.63 66.27 63.63
N VAL TA 67 -50.99 65.96 62.39
CA VAL TA 67 -52.22 65.22 62.11
C VAL TA 67 -51.92 63.78 61.73
N LEU TA 68 -52.70 62.84 62.29
CA LEU TA 68 -53.64 63.11 63.38
C LEU TA 68 -53.10 62.70 64.74
N GLY TA 69 -52.82 61.40 64.91
CA GLY TA 69 -52.52 60.82 66.19
C GLY TA 69 -53.60 61.12 67.22
N ASP TA 70 -54.81 60.65 66.96
CA ASP TA 70 -56.00 61.25 67.56
C ASP TA 70 -56.17 60.83 69.01
N GLN TA 71 -56.66 61.79 69.80
CA GLN TA 71 -57.23 61.65 71.16
C GLN TA 71 -56.34 60.86 72.14
N GLN TA 72 -55.02 60.90 71.96
CA GLN TA 72 -54.13 60.35 72.97
C GLN TA 72 -53.29 61.42 73.64
N HIS TA 73 -52.43 62.11 72.90
CA HIS TA 73 -51.78 63.33 73.39
C HIS TA 73 -52.43 64.56 72.77
N CYS TA 74 -53.75 64.67 72.96
CA CYS TA 74 -54.47 65.82 72.44
C CYS TA 74 -54.20 67.07 73.26
N ASP TA 75 -53.91 66.92 74.55
CA ASP TA 75 -53.51 68.04 75.39
C ASP TA 75 -52.07 68.45 75.16
N GLU TA 76 -51.25 67.60 74.55
CA GLU TA 76 -49.87 67.95 74.21
C GLU TA 76 -49.77 68.80 72.95
N ALA TA 77 -50.90 69.02 72.25
CA ALA TA 77 -50.97 70.00 71.17
C ALA TA 77 -52.11 70.97 71.41
N LYS TA 78 -52.54 71.12 72.67
CA LYS TA 78 -53.63 72.02 73.02
C LYS TA 78 -53.23 73.49 72.84
N ALA TA 79 -51.96 73.80 73.12
CA ALA TA 79 -51.50 75.19 72.99
C ALA TA 79 -51.36 75.63 71.54
N VAL TA 80 -51.34 74.68 70.60
CA VAL TA 80 -51.39 75.02 69.18
C VAL TA 80 -52.83 74.99 68.66
N ASP TA 81 -53.61 74.00 69.14
CA ASP TA 81 -55.04 73.84 68.87
C ASP TA 81 -55.31 73.70 67.37
N ILE TA 82 -54.77 72.62 66.81
CA ILE TA 82 -54.81 72.28 65.39
C ILE TA 82 -56.24 71.94 64.96
N PRO TA 83 -56.56 71.95 63.66
CA PRO TA 83 -57.79 71.27 63.22
C PRO TA 83 -57.67 69.77 63.40
N HIS TA 84 -58.38 69.24 64.39
CA HIS TA 84 -58.20 67.88 64.87
C HIS TA 84 -59.53 67.16 64.76
N MET TA 85 -59.56 66.06 64.01
CA MET TA 85 -60.83 65.48 63.57
C MET TA 85 -60.69 63.97 63.45
N ASP TA 86 -61.71 63.35 62.85
CA ASP TA 86 -61.77 61.91 62.62
C ASP TA 86 -61.40 61.63 61.15
N ILE TA 87 -61.38 60.36 60.78
CA ILE TA 87 -60.95 59.95 59.44
C ILE TA 87 -61.96 60.30 58.35
N GLU TA 88 -63.17 60.73 58.71
CA GLU TA 88 -64.13 61.17 57.69
C GLU TA 88 -63.72 62.50 57.09
N ALA TA 89 -63.08 63.37 57.87
CA ALA TA 89 -62.53 64.62 57.35
C ALA TA 89 -61.05 64.52 57.00
N LEU TA 90 -60.37 63.48 57.51
CA LEU TA 90 -59.05 63.14 56.98
C LEU TA 90 -59.17 62.59 55.56
N LYS TA 91 -60.31 61.97 55.25
CA LYS TA 91 -60.68 61.64 53.87
C LYS TA 91 -60.71 62.89 53.01
N LYS TA 92 -61.20 64.00 53.55
CA LYS TA 92 -61.31 65.25 52.81
C LYS TA 92 -59.95 65.92 52.62
N LEU TA 93 -58.95 65.55 53.41
CA LEU TA 93 -57.62 66.15 53.29
C LEU TA 93 -56.92 65.73 51.99
N ASN TA 94 -57.26 64.56 51.45
CA ASN TA 94 -56.63 64.09 50.23
C ASN TA 94 -57.19 64.82 49.01
N LYS TA 95 -56.59 64.52 47.85
CA LYS TA 95 -56.90 65.17 46.58
C LYS TA 95 -58.06 64.53 45.84
N ASN TA 96 -58.92 63.77 46.53
CA ASN TA 96 -60.08 63.15 45.91
C ASN TA 96 -61.31 64.06 45.91
N LYS TA 97 -61.18 65.29 46.41
CA LYS TA 97 -62.29 66.23 46.47
C LYS TA 97 -61.97 67.47 45.63
N LYS TA 98 -63.02 68.23 45.32
CA LYS TA 98 -62.89 69.46 44.54
C LYS TA 98 -63.72 70.56 45.20
N LEU TA 99 -63.53 70.73 46.52
CA LEU TA 99 -64.27 71.77 47.23
C LEU TA 99 -63.62 73.13 47.05
N VAL TA 100 -62.37 73.28 47.51
CA VAL TA 100 -61.62 74.52 47.38
C VAL TA 100 -60.26 74.18 46.75
N LYS TA 101 -59.45 75.22 46.56
CA LYS TA 101 -58.09 75.04 46.04
C LYS TA 101 -57.09 74.97 47.18
N LYS TA 102 -57.33 74.01 48.06
CA LYS TA 102 -56.45 73.73 49.19
C LYS TA 102 -55.22 72.96 48.70
N LEU TA 103 -54.12 73.14 49.42
CA LEU TA 103 -52.85 72.47 49.08
C LEU TA 103 -52.97 70.97 49.36
N ALA TA 104 -53.12 70.19 48.30
CA ALA TA 104 -53.22 68.74 48.42
C ALA TA 104 -51.86 68.08 48.71
N LYS TA 105 -50.77 68.81 48.54
CA LYS TA 105 -49.41 68.36 48.84
C LYS TA 105 -48.92 68.98 50.14
N LYS TA 106 -49.79 69.01 51.16
CA LYS TA 106 -49.71 69.95 52.26
C LYS TA 106 -48.46 69.72 53.13
N TYR TA 107 -48.36 68.55 53.76
CA TYR TA 107 -47.17 68.19 54.52
C TYR TA 107 -46.52 66.96 53.89
N ASP TA 108 -45.35 66.59 54.42
CA ASP TA 108 -44.69 65.34 54.09
C ASP TA 108 -44.56 64.41 55.29
N ALA TA 109 -44.03 64.90 56.41
CA ALA TA 109 -43.96 64.11 57.63
C ALA TA 109 -45.17 64.48 58.48
N PHE TA 110 -46.21 63.65 58.42
CA PHE TA 110 -47.34 63.80 59.32
C PHE TA 110 -46.99 63.21 60.69
N LEU TA 111 -47.93 63.27 61.62
CA LEU TA 111 -47.71 62.71 62.94
C LEU TA 111 -47.71 61.18 62.87
N ALA TA 112 -46.60 60.57 63.24
CA ALA TA 112 -46.41 59.13 63.09
C ALA TA 112 -47.22 58.40 64.15
N SER TA 113 -48.36 57.87 63.74
CA SER TA 113 -49.16 57.00 64.58
C SER TA 113 -48.79 55.54 64.32
N GLU TA 114 -49.10 54.69 65.29
CA GLU TA 114 -48.74 53.27 65.21
C GLU TA 114 -49.91 52.37 64.91
N SER TA 115 -51.12 52.71 65.36
CA SER TA 115 -52.30 51.88 65.14
C SER TA 115 -53.22 52.41 64.06
N LEU TA 116 -52.94 53.60 63.52
CA LEU TA 116 -53.72 54.17 62.43
C LEU TA 116 -52.94 54.24 61.12
N ILE TA 117 -51.70 53.76 61.11
CA ILE TA 117 -50.86 53.84 59.91
C ILE TA 117 -51.15 52.70 58.93
N LYS TA 118 -51.78 51.62 59.39
CA LYS TA 118 -51.92 50.40 58.60
C LYS TA 118 -53.29 50.31 57.92
N GLN TA 119 -53.96 51.43 57.68
CA GLN TA 119 -55.25 51.40 56.98
C GLN TA 119 -55.39 52.51 55.93
N ILE TA 120 -54.35 53.31 55.68
CA ILE TA 120 -54.49 54.49 54.83
C ILE TA 120 -54.53 54.16 53.33
N PRO TA 121 -53.51 53.49 52.69
CA PRO TA 121 -53.49 53.51 51.22
C PRO TA 121 -54.35 52.46 50.54
N ARG TA 122 -55.56 52.25 51.03
CA ARG TA 122 -56.47 51.30 50.38
C ARG TA 122 -57.84 51.90 50.10
N ILE TA 123 -58.35 52.73 51.01
CA ILE TA 123 -59.65 53.36 50.85
C ILE TA 123 -59.52 54.88 50.70
N LEU TA 124 -58.59 55.49 51.41
CA LEU TA 124 -58.35 56.92 51.35
C LEU TA 124 -57.49 57.28 50.14
N GLY TA 125 -57.17 58.56 50.01
CA GLY TA 125 -56.51 59.09 48.83
C GLY TA 125 -55.08 58.62 48.66
N PRO TA 126 -54.73 58.21 47.43
CA PRO TA 126 -53.36 57.81 47.13
C PRO TA 126 -52.43 58.96 46.75
N GLY TA 127 -52.85 60.21 46.94
CA GLY TA 127 -52.03 61.34 46.61
C GLY TA 127 -50.92 61.65 47.58
N LEU TA 128 -50.85 60.92 48.69
CA LEU TA 128 -49.76 61.07 49.64
C LEU TA 128 -48.49 60.41 49.11
N ASN TA 129 -48.58 59.14 48.70
CA ASN TA 129 -47.43 58.36 48.28
C ASN TA 129 -46.85 58.85 46.95
N LYS TA 130 -47.63 59.55 46.13
CA LYS TA 130 -47.12 60.04 44.86
C LYS TA 130 -46.11 61.18 45.07
N ALA TA 131 -46.28 61.97 46.13
CA ALA TA 131 -45.31 63.01 46.47
C ALA TA 131 -44.11 62.46 47.21
N GLY TA 132 -44.11 61.18 47.57
CA GLY TA 132 -42.97 60.57 48.25
C GLY TA 132 -42.86 60.99 49.70
N LYS TA 133 -43.83 60.60 50.52
CA LYS TA 133 -43.85 60.99 51.92
C LYS TA 133 -44.22 59.79 52.78
N PHE TA 134 -43.68 59.79 54.01
CA PHE TA 134 -43.95 58.75 55.01
C PHE TA 134 -43.54 59.25 56.39
N PRO TA 135 -44.42 59.18 57.40
CA PRO TA 135 -44.01 59.51 58.77
C PRO TA 135 -43.17 58.39 59.38
N SER TA 136 -41.87 58.38 59.07
CA SER TA 136 -41.00 57.30 59.50
C SER TA 136 -40.53 57.54 60.93
N LEU TA 137 -39.68 56.62 61.42
CA LEU TA 137 -39.06 56.75 62.73
C LEU TA 137 -37.75 57.53 62.68
N LEU TA 138 -37.23 57.82 61.49
CA LEU TA 138 -36.00 58.57 61.37
C LEU TA 138 -36.20 60.07 61.57
N THR TA 139 -37.42 60.58 61.35
CA THR TA 139 -37.67 62.01 61.52
C THR TA 139 -37.91 62.39 62.97
N HIS TA 140 -38.22 61.42 63.84
CA HIS TA 140 -38.31 61.56 65.30
C HIS TA 140 -39.34 62.63 65.72
N ASN TA 141 -40.60 62.33 65.42
CA ASN TA 141 -41.72 63.22 65.74
C ASN TA 141 -42.72 62.53 66.64
N GLU TA 142 -42.23 61.94 67.74
CA GLU TA 142 -43.08 61.21 68.68
C GLU TA 142 -44.12 62.13 69.32
N ASN TA 143 -43.66 63.16 70.05
CA ASN TA 143 -44.49 64.22 70.63
C ASN TA 143 -45.55 63.70 71.60
N MET TA 144 -45.10 63.00 72.63
CA MET TA 144 -46.04 62.48 73.62
C MET TA 144 -45.64 62.65 75.07
N VAL TA 145 -44.37 62.87 75.41
CA VAL TA 145 -44.01 62.76 76.83
C VAL TA 145 -44.06 64.12 77.52
N ALA TA 146 -43.12 65.02 77.19
CA ALA TA 146 -43.26 66.38 77.70
C ALA TA 146 -43.24 67.43 76.60
N LYS TA 147 -42.09 67.57 75.94
CA LYS TA 147 -41.84 68.56 74.89
C LYS TA 147 -40.63 68.07 74.10
N VAL TA 148 -40.82 67.65 72.87
CA VAL TA 148 -39.66 67.21 72.10
C VAL TA 148 -39.51 67.92 70.75
N ASP TA 149 -40.46 67.74 69.82
CA ASP TA 149 -40.23 68.15 68.44
C ASP TA 149 -41.49 68.75 67.83
N GLU TA 150 -42.16 69.64 68.57
CA GLU TA 150 -43.45 70.14 68.14
C GLU TA 150 -43.45 71.64 67.84
N VAL TA 151 -43.02 72.48 68.78
CA VAL TA 151 -43.29 73.91 68.67
C VAL TA 151 -42.32 74.59 67.71
N LYS TA 152 -41.06 74.14 67.63
CA LYS TA 152 -40.10 74.79 66.76
C LYS TA 152 -40.31 74.41 65.30
N SER TA 153 -40.52 73.11 65.05
CA SER TA 153 -40.80 72.53 63.73
C SER TA 153 -39.66 72.82 62.75
N THR TA 154 -38.51 72.21 63.06
CA THR TA 154 -37.31 72.34 62.24
C THR TA 154 -37.52 71.73 60.85
N ILE TA 155 -36.62 72.08 59.94
CA ILE TA 155 -36.67 71.61 58.56
C ILE TA 155 -35.62 70.52 58.43
N LYS TA 156 -36.07 69.29 58.25
CA LYS TA 156 -35.22 68.10 58.21
C LYS TA 156 -34.87 67.74 56.76
N PHE TA 157 -33.84 66.91 56.63
CA PHE TA 157 -33.38 66.43 55.33
C PHE TA 157 -33.32 64.91 55.35
N GLN TA 158 -32.97 64.34 54.20
CA GLN TA 158 -32.79 62.91 54.05
C GLN TA 158 -31.47 62.64 53.34
N MET TA 159 -30.61 61.84 53.97
CA MET TA 159 -29.33 61.48 53.36
C MET TA 159 -29.57 60.47 52.25
N LYS TA 160 -29.75 60.96 51.02
CA LYS TA 160 -30.21 60.13 49.92
C LYS TA 160 -29.02 59.54 49.16
N LYS TA 161 -29.31 58.97 47.99
CA LYS TA 161 -28.32 58.27 47.18
C LYS TA 161 -27.66 59.15 46.14
N VAL TA 162 -27.93 60.45 46.17
CA VAL TA 162 -27.40 61.38 45.19
C VAL TA 162 -26.18 62.07 45.81
N LEU TA 163 -25.38 62.73 44.96
CA LEU TA 163 -24.16 63.38 45.42
C LEU TA 163 -24.46 64.57 46.33
N CYS TA 164 -25.16 65.56 45.79
CA CYS TA 164 -25.47 66.76 46.57
C CYS TA 164 -26.97 66.93 46.81
N LEU TA 165 -27.33 67.13 48.08
CA LEU TA 165 -28.73 67.32 48.46
C LEU TA 165 -29.05 68.79 48.66
N ALA TA 166 -30.22 69.07 49.25
CA ALA TA 166 -30.64 70.43 49.50
C ALA TA 166 -31.69 70.51 50.61
N VAL TA 167 -31.48 71.42 51.56
CA VAL TA 167 -32.40 71.61 52.67
C VAL TA 167 -32.29 73.07 53.11
N ALA TA 168 -33.39 73.60 53.64
CA ALA TA 168 -33.46 74.99 54.08
C ALA TA 168 -33.49 75.08 55.60
N VAL TA 169 -33.32 76.30 56.10
CA VAL TA 169 -33.52 76.59 57.52
C VAL TA 169 -34.47 77.79 57.63
N GLY TA 170 -35.11 78.14 56.53
CA GLY TA 170 -36.13 79.18 56.52
C GLY TA 170 -35.58 80.59 56.53
N HIS TA 171 -35.93 81.36 57.56
CA HIS TA 171 -35.53 82.75 57.70
C HIS TA 171 -34.78 82.94 59.02
N VAL TA 172 -34.09 84.08 59.12
CA VAL TA 172 -33.38 84.42 60.35
C VAL TA 172 -33.76 85.81 60.86
N LYS TA 173 -33.64 86.84 60.00
CA LYS TA 173 -33.77 88.27 60.27
C LYS TA 173 -33.18 88.72 61.62
N MET TA 174 -32.02 88.17 61.98
CA MET TA 174 -31.41 88.41 63.28
C MET TA 174 -29.90 88.31 63.09
N THR TA 175 -29.15 88.25 64.19
CA THR TA 175 -27.70 88.06 64.12
C THR TA 175 -27.38 86.57 64.21
N ASP TA 176 -26.09 86.24 64.30
CA ASP TA 176 -25.65 84.86 64.37
C ASP TA 176 -25.50 84.35 65.81
N ASP TA 177 -25.88 85.16 66.80
CA ASP TA 177 -25.65 84.79 68.20
C ASP TA 177 -26.53 83.61 68.64
N GLU TA 178 -27.73 83.49 68.06
CA GLU TA 178 -28.55 82.30 68.25
C GLU TA 178 -28.17 81.18 67.29
N LEU TA 179 -27.21 81.41 66.38
CA LEU TA 179 -26.85 80.46 65.35
C LEU TA 179 -25.40 80.01 65.38
N VAL TA 180 -24.54 80.65 66.19
CA VAL TA 180 -23.12 80.30 66.15
C VAL TA 180 -22.84 79.01 66.92
N TYR TA 181 -23.39 78.87 68.12
CA TYR TA 181 -23.30 77.61 68.87
C TYR TA 181 -24.55 76.76 68.64
N ASN TA 182 -24.96 76.61 67.37
CA ASN TA 182 -26.21 75.92 67.09
C ASN TA 182 -26.05 74.80 66.07
N ILE TA 183 -25.33 75.06 64.97
CA ILE TA 183 -25.40 74.22 63.78
C ILE TA 183 -23.96 73.83 63.42
N HIS TA 184 -23.49 72.71 63.98
CA HIS TA 184 -22.45 71.85 63.42
C HIS TA 184 -22.80 70.43 63.88
N LEU TA 185 -23.61 69.74 63.08
CA LEU TA 185 -24.07 68.41 63.45
C LEU TA 185 -24.02 67.40 62.32
N ALA TA 186 -23.97 67.82 61.05
CA ALA TA 186 -23.95 66.86 59.95
C ALA TA 186 -22.60 66.16 59.83
N VAL TA 187 -21.52 66.83 60.24
CA VAL TA 187 -20.19 66.23 60.15
C VAL TA 187 -19.83 65.43 61.40
N ASN TA 188 -20.47 65.71 62.54
CA ASN TA 188 -20.22 64.94 63.75
C ASN TA 188 -21.01 63.63 63.78
N PHE TA 189 -21.94 63.44 62.84
CA PHE TA 189 -22.68 62.20 62.71
C PHE TA 189 -22.29 61.42 61.45
N LEU TA 190 -21.54 62.04 60.54
CA LEU TA 190 -21.16 61.37 59.30
C LEU TA 190 -19.99 60.41 59.49
N VAL TA 191 -19.08 60.71 60.42
CA VAL TA 191 -17.85 59.93 60.57
C VAL TA 191 -18.01 58.78 61.55
N SER TA 192 -19.12 58.71 62.29
CA SER TA 192 -19.27 57.75 63.37
C SER TA 192 -19.55 56.32 62.91
N LEU TA 193 -19.68 56.08 61.59
CA LEU TA 193 -19.98 54.75 61.09
C LEU TA 193 -19.45 54.62 59.67
N LEU TA 194 -19.09 53.39 59.30
CA LEU TA 194 -18.64 53.01 57.95
C LEU TA 194 -17.40 53.82 57.53
N LYS TA 195 -16.29 53.50 58.20
CA LYS TA 195 -15.02 54.20 57.99
C LYS TA 195 -14.52 54.08 56.55
N LYS TA 196 -14.77 52.95 55.89
CA LYS TA 196 -14.37 52.77 54.49
C LYS TA 196 -15.38 53.52 53.60
N ASN TA 197 -15.21 54.84 53.56
CA ASN TA 197 -16.13 55.71 52.83
C ASN TA 197 -15.36 56.96 52.43
N TRP TA 198 -16.09 58.02 52.07
CA TRP TA 198 -15.55 59.32 51.75
C TRP TA 198 -14.85 59.95 52.96
N GLN TA 199 -13.99 60.94 52.68
CA GLN TA 199 -13.16 61.60 53.68
C GLN TA 199 -14.01 62.56 54.54
N ASN TA 200 -13.35 63.37 55.36
CA ASN TA 200 -14.06 64.12 56.39
C ASN TA 200 -14.47 65.51 55.93
N VAL TA 201 -13.51 66.36 55.58
CA VAL TA 201 -13.76 67.81 55.46
C VAL TA 201 -13.41 68.23 54.03
N ARG TA 202 -14.44 68.39 53.21
CA ARG TA 202 -14.42 69.09 51.93
C ARG TA 202 -15.38 70.28 52.09
N ALA TA 203 -15.56 71.06 51.02
CA ALA TA 203 -16.30 72.32 51.09
C ALA TA 203 -17.81 72.06 51.15
N LEU TA 204 -18.59 73.14 51.08
CA LEU TA 204 -20.04 73.08 51.01
C LEU TA 204 -20.53 74.36 50.34
N TYR TA 205 -21.84 74.48 50.19
CA TYR TA 205 -22.45 75.60 49.47
C TYR TA 205 -23.66 76.10 50.25
N ILE TA 206 -24.12 77.30 49.89
CA ILE TA 206 -25.04 78.04 50.73
C ILE TA 206 -26.20 78.64 49.92
N LYS TA 207 -26.15 78.51 48.60
CA LYS TA 207 -26.80 79.44 47.67
C LYS TA 207 -28.33 79.35 47.75
N SER TA 208 -28.97 80.37 47.19
CA SER TA 208 -30.33 80.75 47.57
C SER TA 208 -31.03 81.33 46.34
N THR TA 209 -32.09 82.12 46.60
CA THR TA 209 -32.82 82.83 45.54
C THR TA 209 -31.88 83.71 44.71
N MET TA 210 -31.26 84.69 45.34
CA MET TA 210 -30.05 85.30 44.80
C MET TA 210 -28.89 84.87 45.71
N GLY TA 211 -28.02 84.03 45.17
CA GLY TA 211 -26.93 83.48 45.97
C GLY TA 211 -25.59 84.10 45.65
N LYS TA 212 -25.14 84.97 46.54
CA LYS TA 212 -23.81 85.55 46.40
C LYS TA 212 -22.76 84.48 46.69
N PRO TA 213 -21.59 84.52 45.99
CA PRO TA 213 -20.60 83.45 46.14
C PRO TA 213 -19.96 83.41 47.51
N GLN TA 214 -20.35 82.40 48.29
CA GLN TA 214 -19.93 82.17 49.66
C GLN TA 214 -19.45 80.74 49.81
N ARG TA 215 -18.52 80.34 48.94
CA ARG TA 215 -18.07 78.96 48.80
C ARG TA 215 -17.23 78.54 50.00
N LEU TA 216 -17.88 78.33 51.14
CA LEU TA 216 -17.18 78.04 52.39
C LEU TA 216 -16.61 76.62 52.36
N TYR TA 217 -15.36 76.49 52.79
CA TYR TA 217 -14.74 75.18 52.91
C TYR TA 217 -15.28 74.47 54.14
P A2M UA 27 -14.22 -35.51 -65.87
OP1 A2M UA 27 -13.58 -36.87 -65.92
O5' A2M UA 27 -15.06 -35.34 -64.52
C5' A2M UA 27 -14.41 -35.56 -63.27
C4' A2M UA 27 -15.25 -34.96 -62.15
O4' A2M UA 27 -15.45 -33.56 -62.33
C3' A2M UA 27 -16.64 -35.56 -62.06
O3' A2M UA 27 -16.68 -36.76 -61.30
C2' A2M UA 27 -17.37 -34.47 -61.34
O2' A2M UA 27 -17.08 -34.59 -59.95
C1' A2M UA 27 -16.77 -33.20 -61.90
CM' A2M UA 27 -17.82 -33.64 -59.17
N9 A2M UA 27 -17.62 -32.78 -63.03
C8 A2M UA 27 -17.37 -32.96 -64.34
N7 A2M UA 27 -18.38 -32.47 -65.10
C5 A2M UA 27 -19.31 -31.97 -64.27
C6 A2M UA 27 -20.62 -31.30 -64.41
N6 A2M UA 27 -21.16 -31.06 -65.63
N1 A2M UA 27 -21.26 -30.93 -63.28
C2 A2M UA 27 -20.74 -31.15 -62.07
N3 A2M UA 27 -19.56 -31.75 -61.87
C4 A2M UA 27 -18.80 -32.18 -62.91
OP2 A2M UA 27 -15.12 -35.29 -67.06
N1 OMU UA 116 32.56 -33.53 -84.03
C2 OMU UA 116 31.19 -33.51 -84.36
N3 OMU UA 116 30.77 -32.77 -85.39
C4 OMU UA 116 31.60 -32.03 -86.12
C5 OMU UA 116 32.95 -32.02 -85.81
C6 OMU UA 116 33.39 -32.77 -84.76
O2 OMU UA 116 30.35 -34.17 -83.72
O4 OMU UA 116 31.19 -31.35 -87.08
C1' OMU UA 116 33.10 -34.31 -82.88
C2' OMU UA 116 33.11 -35.83 -83.12
O2' OMU UA 116 32.99 -36.47 -81.87
CM2 OMU UA 116 31.92 -37.42 -81.84
C3' OMU UA 116 34.52 -36.02 -83.67
C4' OMU UA 116 35.33 -35.04 -82.83
O3' OMU UA 116 34.99 -37.34 -83.59
O4' OMU UA 116 34.44 -33.91 -82.65
C5' OMU UA 116 36.61 -34.56 -83.44
O5' OMU UA 116 36.78 -33.17 -83.27
P OMU UA 116 37.41 -32.27 -84.42
OP1 OMU UA 116 38.83 -32.73 -84.63
OP2 OMU UA 116 36.46 -32.26 -85.59
N1 PSU UA 119 28.69 -42.73 -90.30
C2 PSU UA 119 27.88 -41.68 -90.64
N3 PSU UA 119 26.55 -41.89 -90.95
C4 PSU UA 119 26.04 -43.16 -90.89
C5 PSU UA 119 26.86 -44.23 -90.55
C6 PSU UA 119 28.19 -43.99 -90.25
O2 PSU UA 119 28.35 -40.55 -90.69
O4 PSU UA 119 24.84 -43.33 -91.16
C1' PSU UA 119 26.34 -45.65 -90.47
C2' PSU UA 119 26.08 -46.30 -91.83
O2' PSU UA 119 24.93 -47.12 -91.72
C3' PSU UA 119 27.33 -47.15 -92.00
C4' PSU UA 119 27.63 -47.59 -90.59
O3' PSU UA 119 27.14 -48.25 -92.87
O4' PSU UA 119 27.28 -46.44 -89.78
C5' PSU UA 119 29.06 -47.99 -90.32
O5' PSU UA 119 29.92 -46.84 -90.27
P PSU UA 119 31.40 -46.95 -89.70
OP1 PSU UA 119 31.90 -48.31 -89.98
OP2 PSU UA 119 32.15 -45.76 -90.17
N1 OMU UA 121 28.00 -42.88 -99.27
C2 OMU UA 121 28.70 -41.72 -98.89
N3 OMU UA 121 29.65 -41.77 -97.95
C4 OMU UA 121 29.96 -42.92 -97.34
C5 OMU UA 121 29.29 -44.08 -97.68
C6 OMU UA 121 28.31 -44.03 -98.66
O2 OMU UA 121 28.44 -40.64 -99.44
O4 OMU UA 121 30.84 -42.95 -96.46
C1' OMU UA 121 26.97 -42.77 -100.32
C2' OMU UA 121 27.55 -42.96 -101.73
O2' OMU UA 121 26.80 -42.15 -102.64
CM2 OMU UA 121 27.21 -40.79 -102.62
C3' OMU UA 121 27.24 -44.43 -101.98
C4' OMU UA 121 25.86 -44.55 -101.34
O3' OMU UA 121 27.26 -44.80 -103.34
O4' OMU UA 121 25.99 -43.77 -100.14
C5' OMU UA 121 25.44 -45.96 -101.00
O5' OMU UA 121 26.49 -46.66 -100.37
P OMU UA 121 26.18 -47.73 -99.23
OP1 OMU UA 121 25.47 -48.90 -99.87
OP2 OMU UA 121 27.46 -47.95 -98.47
P A2M UA 159 19.36 -75.06 -52.68
OP1 A2M UA 159 19.16 -76.31 -53.51
O5' A2M UA 159 18.35 -73.92 -53.16
C5' A2M UA 159 18.75 -72.97 -54.15
C4' A2M UA 159 18.04 -71.65 -53.88
O4' A2M UA 159 18.31 -71.19 -52.57
C3' A2M UA 159 18.52 -70.60 -54.84
O3' A2M UA 159 17.53 -70.40 -55.84
C2' A2M UA 159 18.70 -69.35 -54.01
O2' A2M UA 159 17.53 -68.54 -54.09
C1' A2M UA 159 18.86 -69.87 -52.59
CM' A2M UA 159 17.68 -67.28 -53.45
N9 A2M UA 159 20.30 -69.91 -52.24
C8 A2M UA 159 21.03 -71.03 -52.12
N7 A2M UA 159 22.31 -70.74 -51.79
C5 A2M UA 159 22.41 -69.40 -51.67
C6 A2M UA 159 23.49 -68.45 -51.35
N6 A2M UA 159 24.73 -68.86 -51.06
N1 A2M UA 159 23.17 -67.13 -51.35
C2 A2M UA 159 21.93 -66.71 -51.64
N3 A2M UA 159 20.91 -67.53 -51.94
C4 A2M UA 159 21.07 -68.86 -51.97
OP2 A2M UA 159 20.77 -74.56 -52.74
P A2M UA 166 42.27 -76.16 -63.54
OP1 A2M UA 166 43.65 -75.57 -63.60
O5' A2M UA 166 42.37 -77.76 -63.69
C5' A2M UA 166 42.44 -78.35 -64.97
C4' A2M UA 166 42.02 -79.81 -64.89
O4' A2M UA 166 40.75 -79.97 -64.28
C3' A2M UA 166 41.88 -80.36 -66.29
O3' A2M UA 166 43.12 -80.87 -66.76
C2' A2M UA 166 40.82 -81.43 -66.13
O2' A2M UA 166 41.39 -82.67 -65.75
C1' A2M UA 166 39.93 -80.87 -65.03
CM' A2M UA 166 40.44 -83.73 -65.79
N9 A2M UA 166 38.83 -80.11 -65.68
C8 A2M UA 166 38.63 -78.79 -65.51
N7 A2M UA 166 37.56 -78.37 -66.22
C5 A2M UA 166 37.06 -79.43 -66.86
C6 A2M UA 166 35.93 -79.68 -67.78
N6 A2M UA 166 35.10 -78.67 -68.16
N1 A2M UA 166 35.74 -80.93 -68.23
C2 A2M UA 166 36.55 -81.94 -67.87
N3 A2M UA 166 37.59 -81.79 -67.03
C4 A2M UA 166 37.90 -80.57 -66.50
OP2 A2M UA 166 41.38 -75.59 -64.61
N1 OMC UA 174 43.15 -62.85 -81.10
C2 OMC UA 174 44.04 -63.89 -81.45
N3 OMC UA 174 44.12 -64.34 -82.71
C4 OMC UA 174 43.35 -63.80 -83.67
C5 OMC UA 174 42.46 -62.78 -83.37
C6 OMC UA 174 42.38 -62.32 -82.06
O2 OMC UA 174 44.76 -64.41 -80.57
N4 OMC UA 174 43.44 -64.25 -84.95
C1' OMC UA 174 43.05 -62.37 -79.70
C2' OMC UA 174 44.15 -61.36 -79.35
O2' OMC UA 174 44.52 -61.55 -78.00
CM2 OMC UA 174 45.36 -62.68 -77.80
C3' OMC UA 174 43.40 -60.04 -79.52
C4' OMC UA 174 42.01 -60.39 -79.03
O4' OMC UA 174 41.80 -61.73 -79.54
O3' OMC UA 174 43.99 -58.95 -78.82
C5' OMC UA 174 40.91 -59.49 -79.50
O5' OMC UA 174 40.94 -59.33 -80.91
P OMC UA 174 39.71 -58.71 -81.70
OP1 OMC UA 174 39.40 -57.36 -81.11
OP2 OMC UA 174 40.02 -58.81 -83.17
P A2M UA 423 -13.87 -38.93 -56.19
OP1 A2M UA 423 -14.59 -40.23 -55.99
O5' A2M UA 423 -13.34 -38.85 -57.71
C5' A2M UA 423 -14.22 -39.14 -58.78
C4' A2M UA 423 -13.62 -38.58 -60.07
O4' A2M UA 423 -13.27 -37.22 -59.85
C3' A2M UA 423 -12.36 -39.29 -60.50
O3' A2M UA 423 -12.64 -40.29 -61.48
C2' A2M UA 423 -11.51 -38.19 -61.08
O2' A2M UA 423 -11.71 -38.10 -62.49
C1' A2M UA 423 -12.01 -36.91 -60.44
CM' A2M UA 423 -10.86 -37.14 -63.12
N9 A2M UA 423 -11.07 -36.43 -59.40
C8 A2M UA 423 -10.93 -36.92 -58.16
N7 A2M UA 423 -9.99 -36.25 -57.47
C5 A2M UA 423 -9.50 -35.29 -58.25
C6 A2M UA 423 -8.48 -34.24 -58.13
N6 A2M UA 423 -7.78 -34.07 -56.99
N1 A2M UA 423 -8.26 -33.44 -59.20
C2 A2M UA 423 -8.96 -33.60 -60.34
N3 A2M UA 423 -9.89 -34.54 -60.53
C4 A2M UA 423 -10.21 -35.41 -59.54
OP2 A2M UA 423 -12.73 -38.76 -55.22
P OMG UA 448 2.80 -46.10 -79.31
OP1 OMG UA 448 2.67 -44.80 -78.59
OP2 OMG UA 448 1.77 -47.08 -78.90
O5' OMG UA 448 2.81 -45.91 -80.89
C5' OMG UA 448 1.58 -46.08 -81.58
C4' OMG UA 448 1.76 -46.95 -82.81
O4' OMG UA 448 2.69 -48.00 -82.59
C3' OMG UA 448 0.48 -47.68 -83.07
O3' OMG UA 448 -0.42 -46.87 -83.81
C2' OMG UA 448 0.91 -48.94 -83.77
O2' OMG UA 448 1.20 -48.71 -85.13
CM2 OMG UA 448 1.22 -49.92 -85.87
C1' OMG UA 448 2.19 -49.24 -83.08
N9 OMG UA 448 1.91 -50.14 -81.95
C8 OMG UA 448 2.00 -49.83 -80.66
N7 OMG UA 448 1.67 -50.88 -79.89
C5 OMG UA 448 1.36 -51.89 -80.70
C6 OMG UA 448 0.92 -53.28 -80.55
O6 OMG UA 448 0.76 -53.80 -79.43
N1 OMG UA 448 0.71 -53.99 -81.65
C2 OMG UA 448 0.87 -53.47 -82.86
N2 OMG UA 448 0.62 -54.26 -83.91
N3 OMG UA 448 1.26 -52.21 -83.08
C4 OMG UA 448 1.52 -51.39 -82.05
N1 OMC UA 456 -15.11 -36.84 -73.59
C2 OMC UA 456 -14.24 -36.37 -74.58
N3 OMC UA 456 -14.12 -37.05 -75.75
C4 OMC UA 456 -14.81 -38.18 -75.97
C5 OMC UA 456 -15.67 -38.66 -74.99
C6 OMC UA 456 -15.80 -37.96 -73.81
O2 OMC UA 456 -13.57 -35.32 -74.44
N4 OMC UA 456 -14.67 -38.85 -77.14
C1' OMC UA 456 -15.26 -36.11 -72.29
C2' OMC UA 456 -16.12 -34.85 -72.42
O2' OMC UA 456 -15.63 -33.90 -71.49
CM2 OMC UA 456 -15.52 -32.60 -72.07
C3' OMC UA 456 -17.47 -35.37 -71.98
C4' OMC UA 456 -17.11 -36.35 -70.87
O4' OMC UA 456 -15.88 -36.96 -71.35
O3' OMC UA 456 -18.38 -34.38 -71.57
C5' OMC UA 456 -18.11 -37.42 -70.59
O5' OMC UA 456 -18.25 -38.28 -71.70
P OMC UA 456 -18.90 -39.73 -71.54
OP1 OMC UA 456 -18.47 -40.55 -72.74
OP2 OMC UA 456 -18.60 -40.22 -70.16
N1 PSU UA 551 -52.97 -25.12 -46.83
C2 PSU UA 551 -52.38 -24.06 -47.50
N3 PSU UA 551 -51.02 -23.85 -47.38
C4 PSU UA 551 -50.26 -24.71 -46.62
C5 PSU UA 551 -50.87 -25.76 -45.96
C6 PSU UA 551 -52.24 -25.95 -46.09
O2 PSU UA 551 -53.05 -23.30 -48.18
O4 PSU UA 551 -49.05 -24.52 -46.52
C1' PSU UA 551 -50.04 -26.70 -45.13
C2' PSU UA 551 -49.81 -26.18 -43.71
O2' PSU UA 551 -48.48 -26.49 -43.34
C3' PSU UA 551 -50.79 -27.00 -42.89
C4' PSU UA 551 -50.86 -28.32 -43.64
O3' PSU UA 551 -50.38 -27.17 -41.55
O4' PSU UA 551 -50.70 -27.95 -45.03
C5' PSU UA 551 -52.14 -29.10 -43.47
O5' PSU UA 551 -53.26 -28.38 -43.94
P PSU UA 551 -54.68 -29.06 -44.07
OP1 PSU UA 551 -54.97 -29.77 -42.81
OP2 PSU UA 551 -55.62 -28.03 -44.58
P OMG UA 583 -28.20 -35.78 -78.14
OP1 OMG UA 583 -28.04 -36.06 -79.61
OP2 OMG UA 583 -26.97 -35.76 -77.26
O5' OMG UA 583 -28.96 -34.40 -77.96
C5' OMG UA 583 -28.86 -33.66 -76.76
C4' OMG UA 583 -30.10 -33.77 -75.92
O4' OMG UA 583 -30.21 -35.11 -75.37
C3' OMG UA 583 -30.16 -32.85 -74.71
O3' OMG UA 583 -30.61 -31.54 -75.02
C2' OMG UA 583 -31.09 -33.61 -73.76
O2' OMG UA 583 -32.45 -33.45 -74.14
CM2 OMG UA 583 -33.31 -33.92 -73.10
C1' OMG UA 583 -30.67 -35.05 -74.03
N9 OMG UA 583 -29.58 -35.47 -73.13
C8 OMG UA 583 -28.27 -35.54 -73.43
N7 OMG UA 583 -27.55 -35.96 -72.37
C5 OMG UA 583 -28.40 -36.17 -71.36
C6 OMG UA 583 -28.31 -36.62 -69.96
O6 OMG UA 583 -27.21 -36.91 -69.44
N1 OMG UA 583 -29.43 -36.70 -69.25
C2 OMG UA 583 -30.63 -36.39 -69.77
N2 OMG UA 583 -31.72 -36.49 -68.99
N3 OMG UA 583 -30.79 -35.97 -71.03
C4 OMG UA 583 -29.74 -35.84 -71.87
P A2M UA 607 -19.21 13.83 -51.98
OP1 A2M UA 607 -19.39 13.39 -50.55
O5' A2M UA 607 -20.19 12.98 -52.91
C5' A2M UA 607 -19.71 12.35 -54.08
C4' A2M UA 607 -20.47 11.04 -54.19
O4' A2M UA 607 -21.28 11.07 -55.35
C3' A2M UA 607 -19.54 9.86 -54.31
O3' A2M UA 607 -19.43 9.24 -53.02
C2' A2M UA 607 -20.21 8.95 -55.33
O2' A2M UA 607 -20.76 7.79 -54.71
C1' A2M UA 607 -21.33 9.78 -55.95
CM' A2M UA 607 -21.14 6.83 -55.70
N9 A2M UA 607 -21.11 9.95 -57.39
C8 A2M UA 607 -19.91 10.01 -58.01
N7 A2M UA 607 -20.07 10.17 -59.35
C5 A2M UA 607 -21.39 10.22 -59.59
C6 A2M UA 607 -22.24 10.39 -60.79
N6 A2M UA 607 -21.70 10.53 -62.01
N1 A2M UA 607 -23.58 10.39 -60.60
C2 A2M UA 607 -24.12 10.25 -59.38
N3 A2M UA 607 -23.41 10.10 -58.27
C4 A2M UA 607 -22.06 10.08 -58.30
OP2 A2M UA 607 -17.78 13.67 -52.44
P OMG UA 622 6.49 14.67 -79.38
OP1 OMG UA 622 5.52 15.03 -80.48
OP2 OMG UA 622 7.33 13.43 -79.49
O5' OMG UA 622 7.48 15.90 -79.18
C5' OMG UA 622 7.35 17.08 -79.95
C4' OMG UA 622 7.55 18.32 -79.13
O4' OMG UA 622 8.14 17.99 -77.85
C3' OMG UA 622 8.51 19.34 -79.72
O3' OMG UA 622 7.92 20.11 -80.75
C2' OMG UA 622 8.92 20.15 -78.50
O2' OMG UA 622 7.93 21.11 -78.17
CM2 OMG UA 622 8.42 22.08 -77.25
C1' OMG UA 622 8.93 19.07 -77.41
N9 OMG UA 622 10.29 18.57 -77.14
C8 OMG UA 622 10.67 17.29 -77.20
N7 OMG UA 622 11.97 17.14 -76.88
C5 OMG UA 622 12.46 18.36 -76.61
C6 OMG UA 622 13.77 18.92 -76.21
O6 OMG UA 622 14.76 18.17 -76.05
N1 OMG UA 622 13.86 20.23 -76.02
C2 OMG UA 622 12.81 21.06 -76.18
N2 OMG UA 622 12.97 22.38 -75.98
N3 OMG UA 622 11.59 20.61 -76.54
C4 OMG UA 622 11.35 19.29 -76.77
N1 5MU UA 685 -3.62 -26.04 -87.58
C2 5MU UA 685 -3.17 -24.72 -87.33
N3 5MU UA 685 -2.45 -24.03 -88.21
C4 5MU UA 685 -2.12 -24.58 -89.39
C5 5MU UA 685 -2.56 -25.96 -89.68
C5M 5MU UA 685 -2.23 -26.62 -90.99
C6 5MU UA 685 -3.31 -26.63 -88.73
O2 5MU UA 685 -3.45 -24.17 -86.25
O4 5MU UA 685 -1.44 -23.94 -90.22
C1' 5MU UA 685 -4.42 -26.77 -86.56
C2' 5MU UA 685 -5.89 -26.35 -86.57
O2' 5MU UA 685 -6.37 -26.37 -85.24
C3' 5MU UA 685 -6.52 -27.47 -87.38
C4' 5MU UA 685 -5.70 -28.68 -86.95
O3' 5MU UA 685 -7.91 -27.63 -87.15
O4' 5MU UA 685 -4.36 -28.15 -86.85
C5' 5MU UA 685 -5.72 -29.83 -87.91
O5' 5MU UA 685 -5.20 -29.46 -89.18
P 5MU UA 685 -4.91 -30.53 -90.31
OP1 5MU UA 685 -6.13 -31.40 -90.44
OP2 5MU UA 685 -4.40 -29.78 -91.52
N1 PSU UA 693 -18.80 -36.19 -96.92
C2 PSU UA 693 -18.69 -35.91 -95.58
N3 PSU UA 693 -18.22 -36.87 -94.70
C4 PSU UA 693 -17.86 -38.11 -95.18
C5 PSU UA 693 -18.00 -38.39 -96.54
C6 PSU UA 693 -18.45 -37.40 -97.39
O2 PSU UA 693 -19.00 -34.80 -95.15
O4 PSU UA 693 -17.44 -38.94 -94.38
C1' PSU UA 693 -17.59 -39.71 -97.14
C2' PSU UA 693 -18.37 -40.98 -96.79
O2' PSU UA 693 -17.44 -41.99 -96.43
C3' PSU UA 693 -19.06 -41.33 -98.11
C4' PSU UA 693 -18.16 -40.72 -99.17
O3' PSU UA 693 -19.22 -42.73 -98.29
O4' PSU UA 693 -17.59 -39.55 -98.54
C5' PSU UA 693 -18.85 -40.32 -100.45
O5' PSU UA 693 -18.06 -39.44 -101.22
P PSU UA 693 -18.30 -39.29 -102.79
OP1 PSU UA 693 -17.15 -38.57 -103.36
OP2 PSU UA 693 -18.67 -40.63 -103.31
N1 PSU UA 694 -24.69 -43.07 -95.90
C2 PSU UA 694 -25.90 -42.87 -95.29
N3 PSU UA 694 -26.95 -42.33 -95.99
C4 PSU UA 694 -26.78 -41.99 -97.31
C5 PSU UA 694 -25.56 -42.19 -97.94
C6 PSU UA 694 -24.52 -42.75 -97.20
O2 PSU UA 694 -26.04 -43.16 -94.11
O4 PSU UA 694 -27.71 -41.50 -97.94
C1' PSU UA 694 -25.40 -41.82 -99.38
C2' PSU UA 694 -25.05 -40.34 -99.58
O2' PSU UA 694 -25.64 -39.90 -100.79
C3' PSU UA 694 -23.54 -40.40 -99.71
C4' PSU UA 694 -23.31 -41.71 -100.45
O3' PSU UA 694 -22.98 -39.28 -100.36
O4' PSU UA 694 -24.36 -42.59 -99.96
C5' PSU UA 694 -21.97 -42.36 -100.21
O5' PSU UA 694 -21.65 -42.32 -98.84
P PSU UA 694 -20.67 -43.40 -98.19
OP1 PSU UA 694 -21.02 -43.52 -96.75
OP2 PSU UA 694 -20.70 -44.60 -99.06
P A2M UA 902 15.47 19.26 -46.79
OP1 A2M UA 902 16.38 19.28 -45.59
O5' A2M UA 902 14.86 20.72 -47.06
C5' A2M UA 902 15.76 21.80 -47.30
C4' A2M UA 902 14.99 22.97 -47.88
O4' A2M UA 902 14.46 22.66 -49.17
C3' A2M UA 902 13.78 23.36 -47.07
O3' A2M UA 902 14.10 24.20 -45.97
C2' A2M UA 902 12.98 24.12 -48.10
O2' A2M UA 902 13.52 25.43 -48.25
C1' A2M UA 902 13.20 23.32 -49.35
CM' A2M UA 902 12.73 26.25 -49.12
N9 A2M UA 902 12.09 22.35 -49.47
C8 A2M UA 902 12.14 21.04 -49.18
N7 A2M UA 902 10.92 20.46 -49.38
C5 A2M UA 902 10.09 21.41 -49.80
C6 A2M UA 902 8.66 21.50 -50.19
N6 A2M UA 902 7.88 20.39 -50.18
N1 A2M UA 902 8.19 22.70 -50.56
C2 A2M UA 902 8.95 23.80 -50.57
N3 A2M UA 902 10.25 23.80 -50.23
C4 A2M UA 902 10.86 22.66 -49.84
OP2 A2M UA 902 14.36 18.24 -46.66
N1 PSU UA 952 1.80 19.86 -41.62
C2 PSU UA 952 1.20 21.04 -41.27
N3 PSU UA 952 0.03 21.03 -40.55
C4 PSU UA 952 -0.54 19.83 -40.18
C5 PSU UA 952 0.06 18.62 -40.56
C6 PSU UA 952 1.25 18.69 -41.27
O2 PSU UA 952 1.70 22.11 -41.59
O4 PSU UA 952 -1.58 19.92 -39.54
C1' PSU UA 952 -0.44 17.24 -40.20
C2' PSU UA 952 -1.91 16.90 -40.49
O2' PSU UA 952 -2.48 16.38 -39.29
C3' PSU UA 952 -1.81 15.81 -41.55
C4' PSU UA 952 -0.49 15.13 -41.20
O3' PSU UA 952 -2.89 14.90 -41.51
O4' PSU UA 952 0.36 16.22 -40.77
C5' PSU UA 952 0.17 14.37 -42.32
O5' PSU UA 952 0.67 15.21 -43.34
P PSU UA 952 2.22 15.23 -43.68
OP1 PSU UA 952 2.68 13.83 -43.72
OP2 PSU UA 952 2.52 16.10 -44.83
N1 JMH UA 1090 -58.08 36.89 -23.18
C2 JMH UA 1090 -58.97 37.78 -23.83
C5 JMH UA 1090 -59.60 35.09 -23.57
C1' JMH UA 1090 -56.79 37.36 -22.63
C2' JMH UA 1090 -56.94 38.14 -21.33
C3' JMH UA 1090 -56.54 37.10 -20.28
C4 JMH UA 1090 -60.50 35.93 -24.21
C4' JMH UA 1090 -55.49 36.28 -21.01
C5' JMH UA 1090 -55.27 34.89 -20.49
C6 JMH UA 1090 -58.41 35.59 -23.07
C31 JMH UA 1090 -61.11 38.19 -25.02
N3 JMH UA 1090 -60.19 37.29 -24.34
N4 JMH UA 1090 -61.66 35.45 -24.69
O2 JMH UA 1090 -58.70 38.99 -23.96
O2' JMH UA 1090 -56.02 39.21 -21.34
O3' JMH UA 1090 -56.05 37.66 -19.08
O4' JMH UA 1090 -55.98 36.23 -22.37
O5' JMH UA 1090 -56.46 34.14 -20.47
OP1 JMH UA 1090 -55.63 32.40 -18.89
OP2 JMH UA 1090 -57.88 32.08 -20.16
P JMH UA 1090 -56.45 32.58 -20.13
N1 PSU UA 1114 -75.00 -8.47 -21.47
C2 PSU UA 1114 -75.00 -7.85 -22.64
N3 PSU UA 1114 -74.48 -8.40 -23.73
C4 PSU UA 1114 -73.93 -9.61 -23.67
C5 PSU UA 1114 -73.93 -10.31 -22.39
C6 PSU UA 1114 -74.48 -9.67 -21.30
O2 PSU UA 1114 -75.51 -6.72 -22.71
O4 PSU UA 1114 -73.44 -10.15 -24.67
C1' PSU UA 1114 -73.32 -11.64 -22.29
C2' PSU UA 1114 -71.87 -11.45 -22.64
O2' PSU UA 1114 -71.39 -12.66 -23.21
C3' PSU UA 1114 -71.24 -11.18 -21.30
C4' PSU UA 1114 -72.03 -12.09 -20.39
O3' PSU UA 1114 -69.89 -11.59 -21.25
O4' PSU UA 1114 -73.34 -12.09 -20.94
C5' PSU UA 1114 -71.93 -11.59 -18.95
O5' PSU UA 1114 -73.16 -11.12 -18.44
P PSU UA 1114 -73.20 -9.75 -17.63
OP1 PSU UA 1114 -72.10 -8.85 -18.08
OP2 PSU UA 1114 -74.62 -9.28 -17.70
O5' B8N UA 1119 -57.28 7.12 -26.24
C5' B8N UA 1119 -58.43 7.78 -25.72
C4' B8N UA 1119 -58.16 9.25 -25.50
O4' B8N UA 1119 -56.75 9.52 -25.68
C3' B8N UA 1119 -58.85 10.19 -26.48
O3' B8N UA 1119 -60.20 10.45 -26.11
C2' B8N UA 1119 -57.96 11.42 -26.44
O2' B8N UA 1119 -58.27 12.23 -25.32
C1' B8N UA 1119 -56.57 10.81 -26.22
C5 B8N UA 1119 -55.78 10.71 -27.47
C6 B8N UA 1119 -55.65 9.50 -28.13
N1 B8N UA 1119 -54.95 9.39 -29.26
C2 B8N UA 1119 -54.29 10.51 -29.83
N3 B8N UA 1119 -54.37 11.76 -29.22
C4 B8N UA 1119 -55.11 11.91 -28.04
C34 B8N UA 1119 -52.55 15.31 -28.04
CN1 B8N UA 1119 -54.83 8.08 -29.92
N34 B8N UA 1119 -52.48 15.22 -30.50
O2 B8N UA 1119 -53.64 10.36 -30.88
O4 B8N UA 1119 -55.21 13.02 -27.47
OP1 B8N UA 1119 -58.13 6.07 -28.34
OP2 B8N UA 1119 -56.06 5.11 -27.09
P B8N UA 1119 -57.42 5.77 -27.05
C31 B8N UA 1119 -53.71 12.92 -29.82
C32 B8N UA 1119 -52.34 13.15 -29.18
C33 B8N UA 1119 -51.98 14.62 -29.24
O36 B8N UA 1119 -53.81 15.74 -28.05
O35 B8N UA 1119 -51.88 15.49 -27.04
P 4AC UA 1208 -74.85 8.93 -43.99
OP1 4AC UA 1208 -75.82 10.08 -43.91
OP2 4AC UA 1208 -73.91 8.81 -45.16
O5' 4AC UA 1208 -73.97 8.93 -42.66
C5' 4AC UA 1208 -74.59 9.07 -41.39
C4' 4AC UA 1208 -73.68 8.67 -40.26
O4' 4AC UA 1208 -73.04 7.40 -40.53
C3' 4AC UA 1208 -72.50 9.58 -39.98
O3' 4AC UA 1208 -72.85 10.77 -39.28
C2' 4AC UA 1208 -71.56 8.68 -39.19
O2' 4AC UA 1208 -71.97 8.59 -37.84
C1' 4AC UA 1208 -71.80 7.32 -39.87
N1 4AC UA 1208 -70.74 6.99 -40.84
C2 4AC UA 1208 -69.49 6.51 -40.36
O2 4AC UA 1208 -69.29 6.35 -39.15
N3 4AC UA 1208 -68.51 6.21 -41.23
C4 4AC UA 1208 -68.68 6.37 -42.55
N4 4AC UA 1208 -67.64 6.05 -43.37
C5 4AC UA 1208 -69.89 6.84 -43.04
C6 4AC UA 1208 -70.91 7.16 -42.15
C7 4AC UA 1208 -67.66 6.30 -44.67
O7 4AC UA 1208 -68.20 5.56 -45.47
CM7 4AC UA 1208 -66.93 7.54 -45.13
P 5MC UA 1245 -62.59 40.67 -59.78
OP1 5MC UA 1245 -63.57 41.02 -60.86
OP2 5MC UA 1245 -61.70 39.45 -59.93
O5' 5MC UA 1245 -61.66 41.93 -59.53
C5' 5MC UA 1245 -62.23 43.18 -59.18
C4' 5MC UA 1245 -61.19 44.16 -58.71
O4' 5MC UA 1245 -60.56 43.66 -57.51
C3' 5MC UA 1245 -60.02 44.39 -59.65
O3' 5MC UA 1245 -60.33 45.26 -60.72
C2' 5MC UA 1245 -58.95 44.93 -58.71
O2' 5MC UA 1245 -59.15 46.30 -58.45
C1' 5MC UA 1245 -59.23 44.14 -57.43
N1 5MC UA 1245 -58.31 42.99 -57.26
C2 5MC UA 1245 -57.02 43.22 -56.73
O2 5MC UA 1245 -56.67 44.36 -56.39
N3 5MC UA 1245 -56.14 42.20 -56.56
C4 5MC UA 1245 -56.48 40.95 -56.91
N4 5MC UA 1245 -55.60 39.93 -56.74
C5 5MC UA 1245 -57.83 40.70 -57.47
C6 5MC UA 1245 -58.69 41.76 -57.62
CM5 5MC UA 1245 -58.24 39.31 -57.88
P A2M UA 1549 -64.28 44.80 -20.56
OP1 A2M UA 1549 -63.06 45.58 -20.16
O5' A2M UA 1549 -64.07 44.15 -22.02
C5' A2M UA 1549 -62.86 43.48 -22.34
C4' A2M UA 1549 -63.03 42.62 -23.58
O4' A2M UA 1549 -64.06 41.66 -23.40
C3' A2M UA 1549 -63.40 43.39 -24.83
O3' A2M UA 1549 -62.24 43.92 -25.50
C2' A2M UA 1549 -64.06 42.33 -25.67
O2' A2M UA 1549 -63.07 41.60 -26.41
C1' A2M UA 1549 -64.68 41.39 -24.66
CM' A2M UA 1549 -63.65 40.68 -27.33
N9 A2M UA 1549 -66.13 41.67 -24.59
C8 A2M UA 1549 -66.76 42.38 -23.63
N7 A2M UA 1549 -68.09 42.43 -23.86
C5 A2M UA 1549 -68.34 41.76 -24.99
C6 A2M UA 1549 -69.52 41.43 -25.79
N6 A2M UA 1549 -70.76 41.85 -25.42
N1 A2M UA 1549 -69.35 40.70 -26.91
C2 A2M UA 1549 -68.14 40.27 -27.30
N3 A2M UA 1549 -67.01 40.53 -26.61
C4 A2M UA 1549 -67.05 41.26 -25.47
OP2 A2M UA 1549 -65.53 45.65 -20.55
N1 OMC UA 1574 -34.93 8.15 -36.27
C2 OMC UA 1574 -34.07 9.10 -35.67
N3 OMC UA 1574 -34.08 9.26 -34.34
C4 OMC UA 1574 -34.89 8.54 -33.55
C5 OMC UA 1574 -35.73 7.60 -34.11
C6 OMC UA 1574 -35.73 7.43 -35.50
O2 OMC UA 1574 -33.31 9.81 -36.35
N4 OMC UA 1574 -34.87 8.72 -32.21
C1' OMC UA 1574 -34.95 7.96 -37.74
C2' OMC UA 1574 -33.72 7.18 -38.25
O2' OMC UA 1574 -33.35 7.69 -39.51
CM2 OMC UA 1574 -32.36 8.71 -39.37
C3' OMC UA 1574 -34.30 5.77 -38.39
C4' OMC UA 1574 -35.72 6.06 -38.86
O4' OMC UA 1574 -36.09 7.22 -38.09
O3' OMC UA 1574 -33.57 4.96 -39.27
C5' OMC UA 1574 -36.72 4.96 -38.65
O5' OMC UA 1574 -37.23 4.96 -37.32
P OMC UA 1574 -38.77 4.65 -37.03
OP1 OMC UA 1574 -39.10 3.35 -37.70
OP2 OMC UA 1574 -39.00 4.82 -35.55
N1 OMC UA 1581 -24.97 -11.68 -23.97
C2 OMC UA 1581 -25.70 -11.51 -25.16
N3 OMC UA 1581 -25.24 -10.71 -26.13
C4 OMC UA 1581 -24.07 -10.04 -25.98
C5 OMC UA 1581 -23.35 -10.19 -24.81
C6 OMC UA 1581 -23.81 -11.02 -23.81
O2 OMC UA 1581 -26.78 -12.11 -25.33
N4 OMC UA 1581 -23.62 -9.24 -26.97
C1' OMC UA 1581 -25.50 -12.56 -22.90
C2' OMC UA 1581 -25.15 -14.04 -23.14
O2' OMC UA 1581 -26.24 -14.84 -22.71
CM2 OMC UA 1581 -27.25 -14.98 -23.71
C3' OMC UA 1581 -23.95 -14.23 -22.22
C4' OMC UA 1581 -24.32 -13.35 -21.05
O4' OMC UA 1581 -24.92 -12.18 -21.67
O3' OMC UA 1581 -23.73 -15.57 -21.83
C5' OMC UA 1581 -23.18 -12.92 -20.16
O5' OMC UA 1581 -22.20 -12.21 -20.89
P OMC UA 1581 -21.11 -11.33 -20.14
OP1 OMC UA 1581 -20.35 -12.23 -19.20
OP2 OMC UA 1581 -20.37 -10.51 -21.16
C1' M7A UA 1677 23.00 -20.47 -39.02
C2 M7A UA 1677 21.46 -22.27 -42.81
C2' M7A UA 1677 22.13 -19.23 -39.08
C3' M7A UA 1677 21.68 -19.12 -37.63
C4 M7A UA 1677 21.85 -22.08 -40.51
C4' M7A UA 1677 22.96 -19.48 -36.89
C5 M7A UA 1677 21.12 -23.33 -40.31
C5' M7A UA 1677 22.79 -19.95 -35.47
C6 M7A UA 1677 20.55 -24.02 -41.50
C8 M7A UA 1677 21.79 -22.59 -38.40
C71 M7A UA 1677 20.51 -24.74 -38.26
N1 M7A UA 1677 20.78 -23.43 -42.70
N3 M7A UA 1677 21.99 -21.61 -41.77
N6 M7A UA 1677 19.85 -25.19 -41.46
N7 M7A UA 1677 21.11 -23.60 -38.99
N9 M7A UA 1677 22.24 -21.69 -39.30
O2' M7A UA 1677 22.93 -18.11 -39.43
O3' M7A UA 1677 21.15 -17.86 -37.28
O4' M7A UA 1677 23.53 -20.54 -37.71
O5' M7A UA 1677 21.97 -21.10 -35.39
OP1 M7A UA 1677 21.76 -21.07 -32.89
OP2 M7A UA 1677 21.03 -23.15 -34.29
P M7A UA 1677 21.97 -21.99 -34.07
P UR3 UA 1701 -31.14 11.70 -21.52
OP1 UR3 UA 1701 -31.14 13.11 -20.96
OP2 UR3 UA 1701 -32.39 10.87 -21.51
O5' UR3 UA 1701 -30.63 11.79 -23.02
C5' UR3 UA 1701 -29.36 12.36 -23.33
C4' UR3 UA 1701 -28.96 12.12 -24.75
O4' UR3 UA 1701 -29.19 10.73 -25.11
C1' UR3 UA 1701 -29.88 10.68 -26.33
N1 UR3 UA 1701 -30.64 9.42 -26.46
C6 UR3 UA 1701 -30.48 8.74 -27.60
C2 UR3 UA 1701 -31.51 8.90 -25.46
O2 UR3 UA 1701 -31.70 9.48 -24.37
N3 UR3 UA 1701 -32.17 7.69 -25.69
C3U UR3 UA 1701 -33.07 7.13 -24.68
C4 UR3 UA 1701 -31.99 7.01 -26.91
O4 UR3 UA 1701 -32.58 5.93 -27.12
C5 UR3 UA 1701 -31.14 7.54 -27.86
C2' UR3 UA 1701 -30.72 11.95 -26.36
O2' UR3 UA 1701 -31.18 12.25 -27.66
C3' UR3 UA 1701 -29.72 12.95 -25.79
O3' UR3 UA 1701 -28.83 13.37 -26.81
C2 6MZ UA 1703 -29.98 10.60 -35.64
C4 6MZ UA 1703 -28.52 12.02 -34.49
C5 6MZ UA 1703 -29.46 12.05 -33.36
O1P 6MZ UA 1703 -25.73 18.03 -31.13
O2P 6MZ UA 1703 -27.48 16.23 -30.46
N9 6MZ UA 1703 -27.49 12.80 -34.13
N3 6MZ UA 1703 -28.83 11.30 -35.58
N1 6MZ UA 1703 -30.89 10.57 -34.66
C6 6MZ UA 1703 -30.71 11.26 -33.50
N6 6MZ UA 1703 -31.64 11.22 -32.53
C9 6MZ UA 1703 -31.34 10.85 -31.17
N7 6MZ UA 1703 -28.93 12.84 -32.42
C8 6MZ UA 1703 -27.74 13.27 -32.90
O5' 6MZ UA 1703 -26.07 15.88 -32.42
C5' 6MZ UA 1703 -24.89 15.90 -33.21
C4' 6MZ UA 1703 -25.08 15.05 -34.45
O4' 6MZ UA 1703 -25.32 13.67 -34.06
C1' 6MZ UA 1703 -26.29 13.10 -34.92
C2' 6MZ UA 1703 -26.56 14.10 -36.02
O2' 6MZ UA 1703 -25.61 13.89 -37.07
C3' 6MZ UA 1703 -26.28 15.41 -35.30
O3' 6MZ UA 1703 -26.04 16.52 -36.15
P 6MZ UA 1703 -26.13 16.58 -31.00
P 4AC UA 1713 -15.15 15.31 -38.14
OP1 4AC UA 1713 -14.95 13.84 -38.34
OP2 4AC UA 1713 -15.44 15.90 -36.78
O5' 4AC UA 1713 -13.91 16.12 -38.73
C5' 4AC UA 1713 -13.53 15.96 -40.09
C4' 4AC UA 1713 -12.41 16.91 -40.44
O4' 4AC UA 1713 -12.82 18.27 -40.20
C3' 4AC UA 1713 -11.16 16.76 -39.59
O3' 4AC UA 1713 -10.35 15.67 -40.00
C2' 4AC UA 1713 -10.49 18.12 -39.76
O2' 4AC UA 1713 -9.83 18.21 -41.01
C1' 4AC UA 1713 -11.70 19.04 -39.78
N1 4AC UA 1713 -12.00 19.64 -38.45
C2 4AC UA 1713 -11.25 20.71 -37.94
O2 4AC UA 1713 -10.30 21.19 -38.58
N3 4AC UA 1713 -11.55 21.23 -36.74
C4 4AC UA 1713 -12.58 20.77 -35.99
N4 4AC UA 1713 -12.78 21.38 -34.79
C5 4AC UA 1713 -13.32 19.72 -36.50
C6 4AC UA 1713 -13.02 19.18 -37.72
C7 4AC UA 1713 -13.77 21.26 -33.90
O7 4AC UA 1713 -14.87 20.76 -34.09
CM7 4AC UA 1713 -13.46 21.80 -32.55
C2 MA6 UA 1721 -24.76 8.01 -22.01
C4 MA6 UA 1721 -22.51 7.48 -21.73
C5 MA6 UA 1721 -22.35 8.62 -20.83
P MA6 UA 1721 -16.40 6.94 -20.77
OP1 MA6 UA 1721 -15.01 6.60 -21.22
OP2 MA6 UA 1721 -16.71 8.31 -20.25
O5' MA6 UA 1721 -17.40 6.63 -21.98
C5' MA6 UA 1721 -17.49 5.34 -22.55
C4' MA6 UA 1721 -18.84 5.12 -23.17
O4' MA6 UA 1721 -19.86 5.09 -22.14
C1' MA6 UA 1721 -21.04 5.68 -22.62
N9 MA6 UA 1721 -21.33 6.88 -21.83
N3 MA6 UA 1721 -23.72 7.22 -22.28
N1 MA6 UA 1721 -24.70 9.06 -21.19
C6 MA6 UA 1721 -23.56 9.45 -20.58
N6 MA6 UA 1721 -23.65 10.57 -19.74
C9 MA6 UA 1721 -22.59 11.00 -18.84
C10 MA6 UA 1721 -24.88 11.34 -19.73
N7 MA6 UA 1721 -21.05 8.60 -20.47
C8 MA6 UA 1721 -20.45 7.55 -21.07
C2' MA6 UA 1721 -20.82 6.00 -24.10
O2' MA6 UA 1721 -21.21 4.87 -24.86
C3' MA6 UA 1721 -19.32 6.18 -24.14
O3' MA6 UA 1721 -18.76 6.04 -25.43
C2 MA6 UA 1722 -25.58 10.43 -24.86
C4 MA6 UA 1722 -23.37 9.82 -25.37
C5 MA6 UA 1722 -22.89 10.85 -24.44
P MA6 UA 1722 -17.73 7.15 -25.97
OP1 MA6 UA 1722 -16.77 6.49 -26.93
OP2 MA6 UA 1722 -17.19 7.88 -24.78
O5' MA6 UA 1722 -18.65 8.18 -26.78
C5' MA6 UA 1722 -19.01 7.95 -28.13
C4' MA6 UA 1722 -20.50 7.79 -28.27
O4' MA6 UA 1722 -21.10 7.54 -26.98
C1' MA6 UA 1722 -22.36 8.16 -26.90
N9 MA6 UA 1722 -22.31 9.23 -25.89
N3 MA6 UA 1722 -24.71 9.67 -25.53
N1 MA6 UA 1722 -25.21 11.37 -23.99
C6 MA6 UA 1722 -23.91 11.66 -23.72
N6 MA6 UA 1722 -23.65 12.69 -22.81
C9 MA6 UA 1722 -22.41 12.84 -22.08
C10 MA6 UA 1722 -24.70 13.68 -22.62
N7 MA6 UA 1722 -21.55 10.78 -24.50
C8 MA6 UA 1722 -21.21 9.79 -25.38
C2' MA6 UA 1722 -22.67 8.73 -28.29
O2' MA6 UA 1722 -23.29 7.73 -29.06
C3' MA6 UA 1722 -21.26 9.00 -28.80
O3' MA6 UA 1722 -21.17 9.17 -30.20
N GLY WA 1 -32.62 50.73 -101.06
CA GLY WA 1 -32.25 50.16 -102.34
C GLY WA 1 -31.12 50.90 -103.02
N ALA WA 2 -30.47 50.23 -103.97
CA ALA WA 2 -29.33 50.79 -104.70
C ALA WA 2 -29.76 51.65 -105.88
N LEU WA 3 -31.05 51.93 -106.02
CA LEU WA 3 -31.58 52.64 -107.17
C LEU WA 3 -31.51 54.14 -106.92
N ASP WA 4 -32.17 54.92 -107.78
CA ASP WA 4 -32.17 56.37 -107.67
C ASP WA 4 -33.52 56.93 -107.23
N VAL WA 5 -34.60 56.20 -107.50
CA VAL WA 5 -35.94 56.71 -107.22
C VAL WA 5 -36.20 56.73 -105.71
N LEU WA 6 -35.99 55.60 -105.06
CA LEU WA 6 -36.24 55.47 -103.61
C LEU WA 6 -34.98 55.73 -102.78
N GLN WA 7 -34.35 56.88 -103.03
CA GLN WA 7 -33.19 57.32 -102.28
C GLN WA 7 -33.62 58.09 -101.03
N MET WA 8 -32.68 58.85 -100.44
CA MET WA 8 -32.89 59.44 -99.13
C MET WA 8 -33.95 60.54 -99.16
N LYS WA 9 -33.99 61.32 -100.25
CA LYS WA 9 -34.98 62.38 -100.48
C LYS WA 9 -34.96 63.42 -99.37
N GLU WA 10 -33.94 64.30 -99.41
CA GLU WA 10 -33.47 65.23 -98.38
C GLU WA 10 -34.54 65.92 -97.54
N GLU WA 11 -35.71 66.17 -98.11
CA GLU WA 11 -36.77 66.89 -97.41
C GLU WA 11 -37.30 66.16 -96.17
N ASP WA 12 -37.13 64.84 -96.08
CA ASP WA 12 -37.56 64.12 -94.88
C ASP WA 12 -36.41 63.83 -93.90
N VAL WA 13 -35.19 64.21 -94.26
CA VAL WA 13 -34.09 64.19 -93.30
C VAL WA 13 -34.32 65.26 -92.24
N LEU WA 14 -35.03 66.33 -92.60
CA LEU WA 14 -35.43 67.34 -91.64
C LEU WA 14 -36.43 66.80 -90.63
N LYS WA 15 -37.20 65.77 -91.00
CA LYS WA 15 -38.13 65.18 -90.05
C LYS WA 15 -37.48 64.10 -89.19
N PHE WA 16 -36.45 63.46 -89.72
CA PHE WA 16 -35.73 62.44 -88.98
C PHE WA 16 -34.94 63.10 -87.88
N LEU WA 17 -34.43 64.29 -88.14
CA LEU WA 17 -33.64 65.03 -87.16
C LEU WA 17 -34.49 65.91 -86.25
N ALA WA 18 -35.80 65.88 -86.44
CA ALA WA 18 -36.67 66.71 -85.63
C ALA WA 18 -37.29 65.92 -84.48
N ALA WA 19 -37.49 64.63 -84.70
CA ALA WA 19 -38.09 63.77 -83.69
C ALA WA 19 -37.05 62.92 -82.97
N GLY WA 20 -35.80 63.37 -82.97
CA GLY WA 20 -34.75 62.61 -82.33
C GLY WA 20 -34.17 61.66 -83.36
N THR WA 21 -34.52 60.39 -83.27
CA THR WA 21 -34.08 59.33 -84.22
C THR WA 21 -32.61 58.97 -84.49
N HIS WA 22 -31.70 59.92 -84.46
CA HIS WA 22 -30.29 59.61 -84.66
C HIS WA 22 -29.55 59.40 -83.34
N LEU WA 23 -30.29 59.37 -82.23
CA LEU WA 23 -29.68 59.19 -80.92
C LEU WA 23 -30.17 57.93 -80.20
N GLY WA 24 -29.26 57.27 -79.50
CA GLY WA 24 -29.52 56.06 -78.76
C GLY WA 24 -29.09 56.35 -77.34
N GLY WA 25 -27.84 56.06 -77.03
CA GLY WA 25 -27.28 56.32 -75.71
C GLY WA 25 -27.62 55.32 -74.62
N THR WA 26 -26.79 55.27 -73.60
CA THR WA 26 -25.41 55.70 -73.72
C THR WA 26 -24.60 54.46 -73.96
N ASN WA 27 -25.23 53.31 -73.79
CA ASN WA 27 -24.54 52.04 -73.97
C ASN WA 27 -24.92 51.41 -75.30
N LEU WA 28 -24.04 50.55 -75.80
CA LEU WA 28 -24.10 50.04 -77.16
C LEU WA 28 -24.01 48.52 -77.16
N ASP WA 29 -24.89 47.88 -77.91
CA ASP WA 29 -24.87 46.43 -78.08
C ASP WA 29 -23.75 46.03 -79.04
N PHE WA 30 -23.30 44.78 -78.93
CA PHE WA 30 -22.21 44.33 -79.77
C PHE WA 30 -22.67 43.98 -81.18
N GLN WA 31 -23.96 43.80 -81.38
CA GLN WA 31 -24.54 43.57 -82.69
C GLN WA 31 -25.20 44.83 -83.26
N MET WA 32 -25.20 45.92 -82.51
CA MET WA 32 -25.74 47.20 -82.92
C MET WA 32 -24.65 48.22 -83.22
N GLU WA 33 -23.38 47.82 -83.18
CA GLU WA 33 -22.30 48.69 -83.57
C GLU WA 33 -22.00 48.59 -85.06
N GLN WA 34 -22.92 47.97 -85.78
CA GLN WA 34 -22.84 47.88 -87.23
C GLN WA 34 -23.48 49.14 -87.82
N TYR WA 35 -24.54 49.62 -87.17
CA TYR WA 35 -25.27 50.80 -87.61
C TYR WA 35 -24.90 52.01 -86.77
N ILE WA 36 -23.66 52.08 -86.33
CA ILE WA 36 -23.25 53.19 -85.50
C ILE WA 36 -22.45 54.17 -86.36
N TYR WA 37 -22.33 55.41 -85.89
CA TYR WA 37 -21.42 56.36 -86.49
C TYR WA 37 -20.30 56.78 -85.56
N LYS WA 38 -20.63 57.33 -84.39
CA LYS WA 38 -19.65 57.71 -83.39
C LYS WA 38 -20.37 57.87 -82.06
N ARG WA 39 -19.60 58.14 -81.01
CA ARG WA 39 -20.12 58.48 -79.70
C ARG WA 39 -19.87 59.95 -79.43
N LYS WA 40 -20.85 60.62 -78.84
CA LYS WA 40 -20.73 62.04 -78.52
C LYS WA 40 -19.80 62.25 -77.32
N SER WA 41 -19.53 63.52 -77.04
CA SER WA 41 -18.94 63.90 -75.77
C SER WA 41 -19.95 63.78 -74.64
N ASP WA 42 -21.25 63.84 -74.96
CA ASP WA 42 -22.31 63.61 -74.00
C ASP WA 42 -22.47 62.13 -73.66
N GLY WA 43 -21.86 61.24 -74.43
CA GLY WA 43 -22.03 59.83 -74.24
C GLY WA 43 -23.11 59.20 -75.09
N ILE WA 44 -23.89 60.01 -75.80
CA ILE WA 44 -24.97 59.51 -76.63
C ILE WA 44 -24.40 59.03 -77.96
N TYR WA 45 -24.79 57.84 -78.38
CA TYR WA 45 -24.35 57.30 -79.65
C TYR WA 45 -25.18 57.89 -80.79
N ILE WA 46 -24.53 58.51 -81.75
CA ILE WA 46 -25.21 59.04 -82.93
C ILE WA 46 -25.35 57.93 -83.95
N ILE WA 47 -26.58 57.63 -84.34
CA ILE WA 47 -26.88 56.58 -85.29
C ILE WA 47 -26.82 57.16 -86.70
N ASN WA 48 -26.18 56.42 -87.58
CA ASN WA 48 -26.02 56.78 -88.99
C ASN WA 48 -27.36 56.76 -89.69
N LEU WA 49 -27.85 57.93 -90.07
CA LEU WA 49 -29.14 58.07 -90.74
C LEU WA 49 -29.29 57.34 -92.07
N LYS WA 50 -28.18 57.17 -92.79
CA LYS WA 50 -28.22 56.47 -94.06
C LYS WA 50 -28.41 54.98 -93.81
N ARG WA 51 -27.87 54.48 -92.71
CA ARG WA 51 -27.98 53.06 -92.38
C ARG WA 51 -29.39 52.70 -91.92
N THR WA 52 -29.98 53.52 -91.07
CA THR WA 52 -31.33 53.24 -90.60
C THR WA 52 -32.29 53.27 -91.78
N TRP WA 53 -32.13 54.26 -92.66
CA TRP WA 53 -32.97 54.38 -93.84
C TRP WA 53 -32.75 53.18 -94.77
N GLU WA 54 -31.51 52.75 -94.89
CA GLU WA 54 -31.18 51.59 -95.70
C GLU WA 54 -31.92 50.36 -95.17
N LYS WA 55 -31.88 50.19 -93.86
CA LYS WA 55 -32.56 49.07 -93.22
C LYS WA 55 -34.06 49.23 -93.22
N LEU WA 56 -34.56 50.47 -93.23
CA LEU WA 56 -36.01 50.66 -93.20
C LEU WA 56 -36.64 50.22 -94.52
N LEU WA 57 -35.96 50.49 -95.65
CA LEU WA 57 -36.47 50.06 -96.94
C LEU WA 57 -36.34 48.56 -97.13
N LEU WA 58 -35.46 47.90 -96.38
CA LEU WA 58 -35.35 46.45 -96.46
C LEU WA 58 -36.50 45.77 -95.73
N ALA WA 59 -36.90 46.31 -94.59
CA ALA WA 59 -38.09 45.81 -93.91
C ALA WA 59 -39.36 46.13 -94.67
N ALA WA 60 -39.34 47.23 -95.44
CA ALA WA 60 -40.48 47.57 -96.28
C ALA WA 60 -40.68 46.55 -97.40
N ARG WA 61 -39.58 45.96 -97.85
CA ARG WA 61 -39.62 44.97 -98.92
C ARG WA 61 -40.10 43.60 -98.45
N ALA WA 62 -40.12 43.37 -97.14
CA ALA WA 62 -40.58 42.10 -96.61
C ALA WA 62 -42.05 42.13 -96.21
N ILE WA 63 -42.59 43.31 -95.93
CA ILE WA 63 -44.02 43.42 -95.65
C ILE WA 63 -44.81 43.28 -96.95
N VAL WA 64 -44.26 43.76 -98.05
CA VAL WA 64 -44.93 43.70 -99.35
C VAL WA 64 -44.94 42.29 -99.91
N ALA WA 65 -43.86 41.53 -99.70
CA ALA WA 65 -43.80 40.15 -100.16
C ALA WA 65 -44.81 39.24 -99.45
N ILE WA 66 -45.27 39.63 -98.25
CA ILE WA 66 -46.41 38.99 -97.64
C ILE WA 66 -47.63 39.50 -98.39
N GLU WA 67 -48.19 38.66 -99.28
CA GLU WA 67 -49.22 39.12 -100.21
C GLU WA 67 -50.56 39.35 -99.53
N ASN WA 68 -50.89 38.59 -98.49
CA ASN WA 68 -52.08 38.88 -97.70
C ASN WA 68 -51.80 40.06 -96.79
N PRO WA 69 -52.54 41.17 -96.92
CA PRO WA 69 -52.23 42.34 -96.09
C PRO WA 69 -52.63 42.20 -94.64
N ALA WA 70 -53.72 41.51 -94.33
CA ALA WA 70 -54.12 41.26 -92.95
C ALA WA 70 -53.49 39.97 -92.43
N ASP WA 71 -52.17 39.86 -92.62
CA ASP WA 71 -51.42 38.67 -92.24
C ASP WA 71 -50.10 38.99 -91.57
N VAL WA 72 -49.57 40.19 -91.71
CA VAL WA 72 -48.49 40.67 -90.86
C VAL WA 72 -49.13 41.21 -89.60
N SER WA 73 -48.43 41.11 -88.48
CA SER WA 73 -49.01 41.43 -87.17
C SER WA 73 -48.06 42.37 -86.44
N VAL WA 74 -48.57 43.55 -86.10
CA VAL WA 74 -47.79 44.59 -85.44
C VAL WA 74 -48.16 44.63 -83.97
N ILE WA 75 -47.14 44.70 -83.11
CA ILE WA 75 -47.32 44.58 -81.67
C ILE WA 75 -46.57 45.72 -80.98
N SER WA 76 -47.22 46.38 -80.04
CA SER WA 76 -46.58 47.31 -79.12
C SER WA 76 -47.19 47.14 -77.74
N SER WA 77 -46.38 46.72 -76.78
CA SER WA 77 -46.86 46.63 -75.40
C SER WA 77 -46.70 47.93 -74.64
N ARG WA 78 -45.61 48.64 -74.91
CA ARG WA 78 -45.39 49.94 -74.30
C ARG WA 78 -46.46 50.91 -74.78
N ASN WA 79 -46.73 51.96 -74.01
CA ASN WA 79 -47.78 52.88 -74.40
C ASN WA 79 -47.35 53.83 -75.50
N THR WA 80 -46.10 54.29 -75.47
CA THR WA 80 -45.57 55.06 -76.59
C THR WA 80 -45.33 54.12 -77.77
N GLY WA 81 -46.29 54.11 -78.70
CA GLY WA 81 -46.24 53.20 -79.81
C GLY WA 81 -47.54 52.42 -80.01
N GLN WA 82 -48.45 52.49 -79.04
CA GLN WA 82 -49.73 51.81 -79.19
C GLN WA 82 -50.61 52.53 -80.21
N ARG WA 83 -50.56 53.86 -80.23
CA ARG WA 83 -51.30 54.62 -81.23
C ARG WA 83 -50.68 54.43 -82.61
N ALA WA 84 -49.36 54.38 -82.70
CA ALA WA 84 -48.67 54.23 -83.97
C ALA WA 84 -48.92 52.85 -84.58
N VAL WA 85 -49.19 51.85 -83.76
CA VAL WA 85 -49.48 50.50 -84.24
C VAL WA 85 -50.91 50.41 -84.77
N LEU WA 86 -51.88 50.99 -84.04
CA LEU WA 86 -53.27 50.91 -84.45
C LEU WA 86 -53.53 51.72 -85.73
N LYS WA 87 -52.77 52.78 -85.96
CA LYS WA 87 -52.88 53.55 -87.19
C LYS WA 87 -52.05 52.97 -88.33
N PHE WA 88 -51.01 52.20 -88.03
CA PHE WA 88 -50.26 51.49 -89.06
C PHE WA 88 -51.14 50.46 -89.75
N ALA WA 89 -51.90 49.70 -88.98
CA ALA WA 89 -52.78 48.68 -89.54
C ALA WA 89 -54.03 49.28 -90.18
N ALA WA 90 -54.35 50.54 -89.90
CA ALA WA 90 -55.42 51.20 -90.62
C ALA WA 90 -54.98 51.63 -92.02
N ALA WA 91 -53.67 51.82 -92.22
CA ALA WA 91 -53.16 52.27 -93.51
C ALA WA 91 -52.76 51.10 -94.40
N THR WA 92 -51.83 50.27 -93.94
CA THR WA 92 -51.37 49.14 -94.75
C THR WA 92 -52.29 47.93 -94.66
N GLY WA 93 -53.32 47.98 -93.82
CA GLY WA 93 -54.28 46.89 -93.73
C GLY WA 93 -53.81 45.67 -92.97
N ALA WA 94 -53.01 45.87 -91.92
CA ALA WA 94 -52.48 44.77 -91.13
C ALA WA 94 -53.42 44.45 -89.97
N THR WA 95 -52.99 43.59 -89.06
CA THR WA 95 -53.76 43.32 -87.84
C THR WA 95 -52.95 43.74 -86.61
N PRO WA 96 -53.49 44.61 -85.76
CA PRO WA 96 -52.72 45.09 -84.61
C PRO WA 96 -52.98 44.29 -83.34
N ILE WA 97 -51.95 44.12 -82.52
CA ILE WA 97 -52.10 43.59 -81.16
C ILE WA 97 -51.42 44.59 -80.25
N ALA WA 98 -52.19 45.57 -79.75
CA ALA WA 98 -51.68 46.58 -78.85
C ALA WA 98 -52.22 46.35 -77.44
N GLY WA 99 -51.54 46.93 -76.48
CA GLY WA 99 -51.91 46.73 -75.09
C GLY WA 99 -51.10 45.60 -74.46
N ARG WA 100 -51.77 44.51 -74.14
CA ARG WA 100 -51.12 43.34 -73.56
C ARG WA 100 -51.13 42.17 -74.53
N PHE WA 101 -49.97 41.56 -74.73
CA PHE WA 101 -49.84 40.33 -75.51
C PHE WA 101 -50.02 39.14 -74.58
N THR WA 102 -51.14 38.43 -74.71
CA THR WA 102 -51.37 37.26 -73.86
C THR WA 102 -50.60 36.07 -74.37
N PRO WA 103 -49.55 35.69 -73.66
CA PRO WA 103 -48.69 34.58 -74.02
C PRO WA 103 -49.46 33.33 -74.37
N GLY WA 104 -49.14 32.70 -75.48
CA GLY WA 104 -49.84 31.50 -75.91
C GLY WA 104 -50.60 31.83 -77.16
N THR WA 105 -50.63 33.11 -77.49
CA THR WA 105 -51.35 33.62 -78.66
C THR WA 105 -50.91 32.90 -79.92
N PHE WA 106 -49.61 32.74 -80.12
CA PHE WA 106 -49.08 32.12 -81.32
C PHE WA 106 -49.01 30.60 -81.23
N THR WA 107 -48.95 30.03 -80.04
CA THR WA 107 -48.65 28.61 -79.87
C THR WA 107 -49.83 27.79 -79.36
N ASN WA 108 -50.60 28.30 -78.40
CA ASN WA 108 -51.77 27.58 -77.90
C ASN WA 108 -52.91 27.79 -78.88
N GLN WA 109 -53.34 26.71 -79.54
CA GLN WA 109 -54.30 26.80 -80.63
C GLN WA 109 -55.74 26.66 -80.19
N ILE WA 110 -55.99 26.61 -78.89
CA ILE WA 110 -57.37 26.46 -78.44
C ILE WA 110 -57.99 27.78 -78.05
N GLN WA 111 -57.20 28.69 -77.51
CA GLN WA 111 -57.78 29.98 -77.13
C GLN WA 111 -58.28 30.73 -78.35
N ALA WA 112 -59.40 31.41 -78.20
CA ALA WA 112 -60.01 32.14 -79.31
C ALA WA 112 -59.04 33.13 -79.93
N ALA WA 113 -58.26 33.79 -79.10
CA ALA WA 113 -57.27 34.77 -79.55
C ALA WA 113 -56.03 34.06 -80.12
N PHE WA 114 -56.25 33.14 -81.04
CA PHE WA 114 -55.18 32.38 -81.68
C PHE WA 114 -54.97 32.93 -83.08
N ARG WA 115 -53.98 33.79 -83.23
CA ARG WA 115 -53.57 34.27 -84.53
C ARG WA 115 -52.48 33.38 -85.10
N GLU WA 116 -52.31 33.43 -86.42
CA GLU WA 116 -51.23 32.70 -87.08
C GLU WA 116 -50.69 33.59 -88.20
N PRO WA 117 -49.75 34.48 -87.86
CA PRO WA 117 -49.20 35.36 -88.90
C PRO WA 117 -48.06 34.73 -89.67
N ARG WA 118 -47.47 35.49 -90.59
CA ARG WA 118 -46.27 35.08 -91.30
C ARG WA 118 -45.15 36.09 -91.17
N LEU WA 119 -45.40 37.22 -90.53
CA LEU WA 119 -44.39 38.24 -90.29
C LEU WA 119 -44.81 39.03 -89.05
N LEU WA 120 -43.87 39.24 -88.15
CA LEU WA 120 -44.11 39.99 -86.93
C LEU WA 120 -43.32 41.30 -87.01
N VAL WA 121 -43.95 42.41 -86.65
CA VAL WA 121 -43.27 43.70 -86.59
C VAL WA 121 -43.39 44.22 -85.17
N VAL WA 122 -42.26 44.59 -84.58
CA VAL WA 122 -42.13 44.80 -83.15
C VAL WA 122 -41.58 46.20 -82.89
N THR WA 123 -42.18 46.90 -81.92
CA THR WA 123 -41.75 48.26 -81.58
C THR WA 123 -40.45 48.26 -80.79
N ASP WA 124 -40.27 47.31 -79.88
CA ASP WA 124 -39.13 47.31 -78.98
C ASP WA 124 -38.75 45.87 -78.67
N PRO WA 125 -37.50 45.44 -78.92
CA PRO WA 125 -37.16 44.04 -78.67
C PRO WA 125 -37.13 43.64 -77.21
N ARG WA 126 -36.79 44.55 -76.30
CA ARG WA 126 -36.78 44.19 -74.88
C ARG WA 126 -38.16 44.30 -74.26
N ALA WA 127 -38.91 45.36 -74.61
CA ALA WA 127 -40.26 45.51 -74.10
C ALA WA 127 -41.23 44.48 -74.68
N ASP WA 128 -40.92 43.92 -75.84
CA ASP WA 128 -41.74 42.88 -76.43
C ASP WA 128 -40.96 41.58 -76.51
N HIS WA 129 -40.28 41.21 -75.42
CA HIS WA 129 -39.53 39.96 -75.39
C HIS WA 129 -40.44 38.75 -75.45
N GLN WA 130 -41.69 38.88 -74.99
CA GLN WA 130 -42.60 37.74 -74.99
C GLN WA 130 -43.09 37.35 -76.40
N PRO WA 131 -43.55 38.26 -77.28
CA PRO WA 131 -43.93 37.79 -78.63
C PRO WA 131 -42.76 37.41 -79.51
N LEU WA 132 -41.54 37.84 -79.19
CA LEU WA 132 -40.39 37.41 -79.97
C LEU WA 132 -40.04 35.96 -79.67
N THR WA 133 -40.01 35.58 -78.39
CA THR WA 133 -39.62 34.22 -78.04
C THR WA 133 -40.71 33.22 -78.38
N GLU WA 134 -41.97 33.66 -78.41
CA GLU WA 134 -43.04 32.78 -78.87
C GLU WA 134 -43.04 32.65 -80.39
N ALA WA 135 -42.46 33.61 -81.11
CA ALA WA 135 -42.30 33.47 -82.55
C ALA WA 135 -41.23 32.45 -82.95
N SER WA 136 -40.46 31.94 -81.99
CA SER WA 136 -39.48 30.90 -82.24
C SER WA 136 -40.05 29.51 -82.01
N TYR WA 137 -41.36 29.40 -81.80
CA TYR WA 137 -42.02 28.10 -81.75
C TYR WA 137 -42.82 27.80 -83.00
N VAL WA 138 -43.20 28.83 -83.75
CA VAL WA 138 -44.02 28.69 -84.95
C VAL WA 138 -43.35 29.35 -86.14
N ASN WA 139 -42.03 29.29 -86.11
CA ASN WA 139 -41.11 29.82 -87.11
C ASN WA 139 -41.62 30.86 -88.06
N LEU WA 140 -41.78 32.07 -87.54
CA LEU WA 140 -42.14 33.23 -88.34
C LEU WA 140 -41.13 34.35 -88.14
N PRO WA 141 -40.68 35.00 -89.20
CA PRO WA 141 -39.65 36.02 -89.06
C PRO WA 141 -40.18 37.33 -88.48
N THR WA 142 -39.31 38.03 -87.76
CA THR WA 142 -39.68 39.24 -87.03
C THR WA 142 -38.90 40.44 -87.53
N ILE WA 143 -39.50 41.61 -87.36
CA ILE WA 143 -38.90 42.90 -87.66
C ILE WA 143 -39.01 43.75 -86.41
N ALA WA 144 -37.92 44.40 -86.01
CA ALA WA 144 -37.93 45.18 -84.78
C ALA WA 144 -37.43 46.59 -85.03
N LEU WA 145 -38.02 47.55 -84.31
CA LEU WA 145 -37.49 48.92 -84.25
C LEU WA 145 -36.51 48.97 -83.08
N CYS WA 146 -35.31 48.46 -83.34
CA CYS WA 146 -34.32 48.27 -82.30
C CYS WA 146 -33.60 49.57 -81.97
N ASN WA 147 -32.91 49.56 -80.84
CA ASN WA 147 -32.11 50.68 -80.36
C ASN WA 147 -30.70 50.17 -80.12
N THR WA 148 -29.80 51.06 -79.69
CA THR WA 148 -28.39 50.72 -79.53
C THR WA 148 -28.14 49.75 -78.38
N ASP WA 149 -29.06 49.66 -77.42
CA ASP WA 149 -28.87 48.77 -76.28
C ASP WA 149 -29.76 47.53 -76.33
N SER WA 150 -30.67 47.45 -77.29
CA SER WA 150 -31.62 46.34 -77.32
C SER WA 150 -30.94 45.07 -77.81
N PRO WA 151 -31.25 43.92 -77.22
CA PRO WA 151 -30.67 42.66 -77.71
C PRO WA 151 -31.31 42.23 -79.01
N LEU WA 152 -30.49 41.73 -79.92
CA LEU WA 152 -30.93 41.39 -81.27
C LEU WA 152 -31.04 39.88 -81.47
N ARG WA 153 -31.57 39.17 -80.45
CA ARG WA 153 -31.62 37.72 -80.51
C ARG WA 153 -32.51 37.21 -81.63
N TYR WA 154 -33.83 37.38 -81.50
CA TYR WA 154 -34.77 36.74 -82.40
C TYR WA 154 -35.24 37.64 -83.52
N VAL WA 155 -34.51 38.72 -83.80
CA VAL WA 155 -34.93 39.69 -84.79
C VAL WA 155 -34.16 39.48 -86.08
N ASP WA 156 -34.71 39.99 -87.17
CA ASP WA 156 -34.15 39.72 -88.48
C ASP WA 156 -33.85 40.97 -89.30
N ILE WA 157 -34.74 41.96 -89.31
CA ILE WA 157 -34.55 43.18 -90.10
C ILE WA 157 -34.59 44.35 -89.13
N ALA WA 158 -33.94 44.16 -87.98
CA ALA WA 158 -33.89 45.15 -86.90
C ALA WA 158 -33.51 46.55 -87.37
N ILE WA 159 -34.43 47.49 -87.19
CA ILE WA 159 -34.33 48.84 -87.74
C ILE WA 159 -33.73 49.73 -86.66
N PRO WA 160 -32.50 50.19 -86.84
CA PRO WA 160 -31.86 50.98 -85.80
C PRO WA 160 -32.26 52.45 -85.75
N CYS WA 161 -33.36 52.77 -85.07
CA CYS WA 161 -33.72 54.18 -85.01
C CYS WA 161 -33.76 54.76 -83.60
N ASN WA 162 -34.77 54.37 -82.82
CA ASN WA 162 -35.01 54.85 -81.46
C ASN WA 162 -36.24 54.14 -80.92
N ASN WA 163 -36.29 53.92 -79.61
CA ASN WA 163 -37.51 53.41 -79.01
C ASN WA 163 -37.83 54.07 -77.66
N LYS WA 164 -37.15 55.17 -77.32
CA LYS WA 164 -37.40 55.91 -76.10
C LYS WA 164 -38.26 57.14 -76.34
N GLY WA 165 -38.02 57.88 -77.42
CA GLY WA 165 -38.76 59.09 -77.68
C GLY WA 165 -40.16 58.80 -78.20
N ALA WA 166 -41.13 59.59 -77.73
CA ALA WA 166 -42.49 59.45 -78.20
C ALA WA 166 -42.63 59.91 -79.65
N HIS WA 167 -41.81 60.86 -80.09
CA HIS WA 167 -41.87 61.34 -81.46
C HIS WA 167 -41.15 60.40 -82.42
N SER WA 168 -40.06 59.80 -81.98
CA SER WA 168 -39.31 58.92 -82.86
C SER WA 168 -40.04 57.64 -83.20
N VAL WA 169 -40.76 57.10 -82.24
CA VAL WA 169 -41.47 55.85 -82.49
C VAL WA 169 -42.61 56.06 -83.47
N GLY WA 170 -43.42 57.10 -83.26
CA GLY WA 170 -44.52 57.38 -84.16
C GLY WA 170 -44.09 57.83 -85.54
N LEU WA 171 -42.89 58.40 -85.65
CA LEU WA 171 -42.35 58.74 -86.96
C LEU WA 171 -41.91 57.50 -87.72
N MET WA 172 -41.19 56.59 -87.05
CA MET WA 172 -40.69 55.40 -87.72
C MET WA 172 -41.78 54.37 -88.00
N TRP WA 173 -42.95 54.50 -87.38
CA TRP WA 173 -44.13 53.80 -87.86
C TRP WA 173 -44.85 54.55 -88.96
N TRP WA 174 -44.68 55.88 -89.04
CA TRP WA 174 -45.22 56.62 -90.16
C TRP WA 174 -44.35 56.45 -91.40
N MET WA 175 -43.03 56.53 -91.22
CA MET WA 175 -42.11 56.43 -92.33
C MET WA 175 -42.09 55.02 -92.90
N LEU WA 176 -42.37 54.01 -92.06
CA LEU WA 176 -42.49 52.64 -92.56
C LEU WA 176 -43.81 52.44 -93.28
N ALA WA 177 -44.88 53.08 -92.81
CA ALA WA 177 -46.18 52.96 -93.46
C ALA WA 177 -46.19 53.65 -94.82
N ARG WA 178 -45.45 54.75 -94.95
CA ARG WA 178 -45.39 55.46 -96.23
C ARG WA 178 -44.65 54.64 -97.28
N GLU WA 179 -43.59 53.94 -96.89
CA GLU WA 179 -42.79 53.22 -97.87
C GLU WA 179 -43.43 51.92 -98.31
N VAL WA 180 -44.20 51.25 -97.42
CA VAL WA 180 -44.85 50.01 -97.83
C VAL WA 180 -46.06 50.27 -98.70
N LEU WA 181 -46.63 51.48 -98.65
CA LEU WA 181 -47.71 51.82 -99.57
C LEU WA 181 -47.20 52.28 -100.92
N ARG WA 182 -45.96 52.75 -100.98
CA ARG WA 182 -45.37 53.15 -102.26
C ARG WA 182 -44.88 51.95 -103.05
N MET WA 183 -44.53 50.85 -102.39
CA MET WA 183 -44.14 49.64 -103.11
C MET WA 183 -45.33 49.03 -103.83
N ARG WA 184 -46.50 49.07 -103.19
CA ARG WA 184 -47.76 48.77 -103.86
C ARG WA 184 -48.19 50.01 -104.63
N GLY WA 185 -49.28 49.89 -105.39
CA GLY WA 185 -49.81 51.09 -106.01
C GLY WA 185 -50.84 51.76 -105.13
N THR WA 186 -50.40 52.69 -104.31
CA THR WA 186 -51.26 53.56 -103.54
C THR WA 186 -50.85 55.02 -103.61
N ILE WA 187 -49.54 55.29 -103.58
CA ILE WA 187 -49.00 56.64 -103.56
C ILE WA 187 -48.08 56.79 -104.75
N SER WA 188 -48.13 57.96 -105.40
CA SER WA 188 -47.41 58.18 -106.64
C SER WA 188 -45.94 58.53 -106.44
N ARG WA 189 -45.52 58.85 -105.21
CA ARG WA 189 -44.16 59.17 -104.75
C ARG WA 189 -43.68 60.54 -105.23
N GLU WA 190 -44.42 61.20 -106.12
CA GLU WA 190 -44.22 62.63 -106.32
C GLU WA 190 -45.29 63.46 -105.63
N HIS WA 191 -46.43 62.86 -105.32
CA HIS WA 191 -47.40 63.49 -104.45
C HIS WA 191 -47.01 63.21 -103.00
N PRO WA 192 -46.78 64.22 -102.17
CA PRO WA 192 -46.49 63.97 -100.75
C PRO WA 192 -47.72 63.42 -100.04
N TRP WA 193 -47.49 62.40 -99.22
CA TRP WA 193 -48.58 61.63 -98.64
C TRP WA 193 -49.28 62.44 -97.56
N GLU WA 194 -50.61 62.54 -97.67
CA GLU WA 194 -51.40 63.52 -96.94
C GLU WA 194 -51.52 63.21 -95.45
N VAL WA 195 -51.12 62.02 -95.01
CA VAL WA 195 -51.14 61.69 -93.60
C VAL WA 195 -50.00 62.42 -92.91
N MET WA 196 -50.33 63.41 -92.08
CA MET WA 196 -49.33 64.08 -91.26
C MET WA 196 -48.79 63.11 -90.21
N PRO WA 197 -47.47 63.08 -89.99
CA PRO WA 197 -46.90 62.14 -89.01
C PRO WA 197 -47.24 62.44 -87.56
N ASP WA 198 -47.90 63.56 -87.27
CA ASP WA 198 -48.42 63.80 -85.92
C ASP WA 198 -49.57 62.87 -85.56
N LEU WA 199 -50.18 62.22 -86.55
CA LEU WA 199 -51.29 61.31 -86.29
C LEU WA 199 -50.83 60.07 -85.55
N TYR WA 200 -49.59 59.64 -85.72
CA TYR WA 200 -49.15 58.39 -85.12
C TYR WA 200 -48.42 58.62 -83.80
N PHE WA 201 -48.22 59.88 -83.40
CA PHE WA 201 -47.45 60.16 -82.21
C PHE WA 201 -48.28 59.87 -80.96
N TYR WA 202 -47.68 59.16 -80.01
CA TYR WA 202 -48.29 59.03 -78.70
C TYR WA 202 -48.32 60.38 -77.99
N ARG WA 203 -49.37 60.59 -77.19
CA ARG WA 203 -49.54 61.82 -76.45
C ARG WA 203 -49.96 61.47 -75.02
N ASP WA 204 -49.32 62.14 -74.05
CA ASP WA 204 -49.61 61.83 -72.66
C ASP WA 204 -50.95 62.41 -72.24
N PRO WA 205 -51.67 61.73 -71.32
CA PRO WA 205 -52.97 62.23 -70.88
C PRO WA 205 -52.94 63.54 -70.10
N GLU WA 206 -51.76 64.02 -69.70
CA GLU WA 206 -51.64 65.33 -69.08
C GLU WA 206 -51.77 66.46 -70.09
N GLU WA 207 -51.66 66.16 -71.39
CA GLU WA 207 -51.91 67.12 -72.44
C GLU WA 207 -53.20 66.87 -73.19
N ILE WA 208 -53.82 65.70 -73.03
CA ILE WA 208 -55.09 65.42 -73.69
C ILE WA 208 -56.22 66.14 -72.96
N GLU WA 209 -56.05 66.23 -71.64
CA GLU WA 209 -57.01 66.81 -70.71
C GLU WA 209 -57.43 68.26 -70.93
N LYS WA 210 -56.60 69.18 -70.46
CA LYS WA 210 -56.89 70.60 -70.55
C LYS WA 210 -56.52 71.23 -71.90
N GLU WA 211 -55.85 70.45 -72.75
CA GLU WA 211 -55.43 70.95 -74.05
C GLU WA 211 -56.53 70.92 -75.11
N GLU WA 212 -57.43 69.95 -75.03
CA GLU WA 212 -58.51 69.86 -76.01
C GLU WA 212 -59.42 71.08 -75.91
N GLN WA 213 -59.68 71.51 -74.68
CA GLN WA 213 -60.52 72.68 -74.44
C GLN WA 213 -59.77 73.96 -74.79
N ALA WA 214 -58.44 73.92 -74.69
CA ALA WA 214 -57.61 75.07 -75.02
C ALA WA 214 -57.86 75.49 -76.46
N ALA WA 215 -57.88 74.52 -77.36
CA ALA WA 215 -58.14 74.78 -78.77
C ALA WA 215 -59.64 74.94 -79.03
N ALA WA 216 -60.47 74.47 -78.11
CA ALA WA 216 -61.91 74.58 -78.24
C ALA WA 216 -62.42 75.90 -77.67
N GLU WA 217 -61.65 76.49 -76.77
CA GLU WA 217 -62.05 77.77 -76.18
C GLU WA 217 -61.87 78.92 -77.16
N LYS WA 218 -61.04 78.69 -78.18
CA LYS WA 218 -60.80 79.71 -79.20
C LYS WA 218 -62.11 80.21 -79.80
N ALA WA 219 -63.08 79.32 -79.96
CA ALA WA 219 -64.34 79.64 -80.62
C ALA WA 219 -65.49 79.83 -79.62
N VAL WA 220 -65.15 80.09 -78.36
CA VAL WA 220 -66.14 80.40 -77.35
C VAL WA 220 -66.17 81.89 -77.02
N THR WA 221 -65.00 82.49 -76.79
CA THR WA 221 -64.90 83.91 -76.49
C THR WA 221 -64.02 84.61 -77.51
N VAL XA 1 -20.51 60.05 10.27
CA VAL XA 1 -20.89 60.78 11.47
C VAL XA 1 -21.21 62.23 11.12
N VAL XA 2 -20.18 62.95 10.69
CA VAL XA 2 -20.31 64.37 10.36
C VAL XA 2 -20.25 64.50 8.83
N ASP XA 3 -20.87 65.57 8.33
CA ASP XA 3 -20.86 65.84 6.90
C ASP XA 3 -19.45 66.21 6.42
N PRO XA 4 -19.03 65.73 5.25
CA PRO XA 4 -17.70 66.07 4.76
C PRO XA 4 -17.69 67.33 3.94
N PHE XA 5 -18.87 67.79 3.52
CA PHE XA 5 -18.98 68.96 2.65
C PHE XA 5 -19.08 70.26 3.42
N SER XA 6 -19.07 70.22 4.75
CA SER XA 6 -19.01 71.45 5.52
C SER XA 6 -17.60 71.99 5.65
N LYS XA 7 -16.60 71.15 5.46
CA LYS XA 7 -15.21 71.55 5.54
C LYS XA 7 -14.60 71.88 4.18
N LYS XA 8 -15.36 71.74 3.11
CA LYS XA 8 -14.88 72.01 1.76
C LYS XA 8 -15.33 73.40 1.32
N ASP XA 9 -14.40 74.17 0.75
CA ASP XA 9 -14.68 75.52 0.27
C ASP XA 9 -14.32 75.64 -1.21
N TRP XA 10 -15.09 76.47 -1.91
CA TRP XA 10 -15.05 76.56 -3.36
C TRP XA 10 -14.08 77.64 -3.81
N TYR XA 11 -13.18 77.27 -4.73
CA TYR XA 11 -12.33 78.23 -5.42
C TYR XA 11 -12.93 78.50 -6.79
N ASP XA 12 -12.23 79.30 -7.59
CA ASP XA 12 -12.58 79.46 -8.99
C ASP XA 12 -11.33 79.31 -9.85
N VAL XA 13 -11.53 78.78 -11.05
CA VAL XA 13 -10.45 78.34 -11.92
C VAL XA 13 -10.30 79.33 -13.06
N LYS XA 14 -9.08 79.84 -13.25
CA LYS XA 14 -8.80 80.82 -14.28
C LYS XA 14 -8.12 80.16 -15.47
N ALA XA 15 -8.50 80.61 -16.67
CA ALA XA 15 -7.87 80.19 -17.90
C ALA XA 15 -6.62 81.01 -18.15
N PRO XA 16 -5.72 80.55 -19.01
CA PRO XA 16 -4.60 81.41 -19.44
C PRO XA 16 -5.07 82.63 -20.22
N ALA XA 17 -4.15 83.60 -20.32
CA ALA XA 17 -4.48 84.95 -20.80
C ALA XA 17 -4.81 85.01 -22.29
N MET XA 18 -4.49 83.97 -23.05
CA MET XA 18 -4.76 83.96 -24.48
C MET XA 18 -6.20 83.68 -24.83
N PHE XA 19 -7.03 83.33 -23.85
CA PHE XA 19 -8.43 83.01 -24.08
C PHE XA 19 -9.31 84.22 -23.80
N ASN XA 20 -10.47 84.25 -24.45
CA ASN XA 20 -11.41 85.35 -24.22
C ASN XA 20 -12.11 85.23 -22.88
N ILE XA 21 -12.70 84.06 -22.61
CA ILE XA 21 -13.38 83.81 -21.34
C ILE XA 21 -12.36 83.23 -20.37
N ARG XA 22 -12.13 83.96 -19.28
CA ARG XA 22 -11.05 83.62 -18.35
C ARG XA 22 -11.51 82.73 -17.21
N ASN XA 23 -12.71 82.97 -16.67
CA ASN XA 23 -13.21 82.17 -15.57
C ASN XA 23 -13.80 80.89 -16.14
N ILE XA 24 -13.16 79.76 -15.85
CA ILE XA 24 -13.61 78.47 -16.36
C ILE XA 24 -14.76 77.93 -15.52
N GLY XA 25 -14.50 77.70 -14.24
CA GLY XA 25 -15.52 77.15 -13.37
C GLY XA 25 -15.06 77.20 -11.93
N LYS XA 26 -15.74 76.41 -11.10
CA LYS XA 26 -15.49 76.40 -9.66
C LYS XA 26 -15.31 74.98 -9.19
N THR XA 27 -14.20 74.72 -8.51
CA THR XA 27 -13.93 73.44 -7.89
C THR XA 27 -13.80 73.63 -6.38
N LEU XA 28 -13.83 72.51 -5.65
CA LEU XA 28 -13.86 72.54 -4.19
C LEU XA 28 -12.81 71.60 -3.65
N VAL XA 29 -12.33 71.91 -2.43
CA VAL XA 29 -11.36 71.09 -1.73
C VAL XA 29 -11.52 71.38 -0.24
N THR XA 30 -11.15 70.41 0.60
CA THR XA 30 -11.24 70.62 2.04
C THR XA 30 -10.14 71.59 2.50
N ARG XA 31 -10.33 72.12 3.70
CA ARG XA 31 -9.44 73.15 4.23
C ARG XA 31 -8.13 72.55 4.72
N THR XA 32 -7.22 73.41 5.14
CA THR XA 32 -5.91 73.00 5.62
C THR XA 32 -6.05 72.33 6.98
N GLN XA 33 -5.70 71.04 7.03
CA GLN XA 33 -5.85 70.24 8.24
C GLN XA 33 -4.54 69.50 8.50
N GLY XA 34 -3.71 70.05 9.38
CA GLY XA 34 -2.44 69.44 9.73
C GLY XA 34 -1.45 69.48 8.58
N THR XA 35 -1.07 68.30 8.09
CA THR XA 35 -0.18 68.24 6.95
C THR XA 35 -0.93 68.46 5.64
N LYS XA 36 -2.20 68.06 5.58
CA LYS XA 36 -3.00 68.21 4.39
C LYS XA 36 -3.40 69.66 4.17
N ILE XA 37 -2.51 70.44 3.57
CA ILE XA 37 -2.83 71.79 3.14
C ILE XA 37 -3.73 71.68 1.93
N ALA XA 38 -4.64 72.65 1.76
CA ALA XA 38 -5.49 72.67 0.57
C ALA XA 38 -4.67 72.95 -0.67
N SER XA 39 -3.69 73.86 -0.58
CA SER XA 39 -3.03 74.42 -1.76
C SER XA 39 -2.12 73.41 -2.47
N ASP XA 40 -1.52 72.47 -1.74
CA ASP XA 40 -0.80 71.38 -2.37
C ASP XA 40 -1.66 70.14 -2.57
N GLY XA 41 -2.98 70.30 -2.47
CA GLY XA 41 -3.90 69.18 -2.62
C GLY XA 41 -4.78 69.30 -3.85
N LEU XA 42 -4.82 70.48 -4.46
CA LEU XA 42 -5.55 70.65 -5.70
C LEU XA 42 -4.65 70.95 -6.89
N LYS XA 43 -3.35 71.00 -6.69
CA LYS XA 43 -2.42 71.10 -7.82
C LYS XA 43 -2.34 69.75 -8.53
N GLY XA 44 -2.20 69.80 -9.85
CA GLY XA 44 -2.19 68.59 -10.64
C GLY XA 44 -3.54 68.15 -11.15
N ARG XA 45 -4.57 68.97 -10.99
CA ARG XA 45 -5.91 68.63 -11.44
C ARG XA 45 -6.14 69.19 -12.84
N VAL XA 46 -6.87 68.43 -13.65
CA VAL XA 46 -7.00 68.70 -15.08
C VAL XA 46 -8.45 69.10 -15.36
N PHE XA 47 -8.66 70.36 -15.72
CA PHE XA 47 -9.97 70.91 -16.00
C PHE XA 47 -10.18 70.94 -17.51
N GLU XA 48 -10.53 69.79 -18.07
CA GLU XA 48 -10.65 69.70 -19.52
C GLU XA 48 -11.94 70.37 -19.98
N VAL XA 49 -11.84 71.21 -21.00
CA VAL XA 49 -12.94 72.06 -21.42
C VAL XA 49 -12.78 72.36 -22.91
N SER XA 50 -13.92 72.43 -23.61
CA SER XA 50 -13.91 72.69 -25.05
C SER XA 50 -13.65 74.17 -25.32
N LEU XA 51 -13.38 74.48 -26.59
CA LEU XA 51 -13.08 75.86 -26.96
C LEU XA 51 -14.33 76.74 -26.97
N ALA XA 52 -15.48 76.18 -27.33
CA ALA XA 52 -16.70 77.00 -27.45
C ALA XA 52 -17.21 77.49 -26.11
N ASP XA 53 -16.82 76.84 -25.01
CA ASP XA 53 -17.07 77.35 -23.67
C ASP XA 53 -15.86 78.09 -23.11
N LEU XA 54 -14.85 78.36 -23.95
CA LEU XA 54 -13.64 79.00 -23.48
C LEU XA 54 -13.28 80.17 -24.40
N GLN XA 55 -13.66 80.05 -25.67
CA GLN XA 55 -13.72 81.16 -26.61
C GLN XA 55 -15.15 81.66 -26.69
N ASN XA 56 -15.43 82.51 -27.67
CA ASN XA 56 -16.78 82.99 -27.93
C ASN XA 56 -17.42 82.39 -29.16
N ASP XA 57 -16.72 82.35 -30.30
CA ASP XA 57 -17.32 81.90 -31.55
C ASP XA 57 -16.59 80.72 -32.19
N GLU XA 58 -15.66 80.09 -31.47
CA GLU XA 58 -14.85 79.02 -32.06
C GLU XA 58 -15.62 77.70 -32.04
N VAL XA 59 -14.91 76.62 -32.35
CA VAL XA 59 -15.52 75.33 -32.56
C VAL XA 59 -15.85 74.68 -31.22
N ALA XA 60 -16.66 73.62 -31.27
CA ALA XA 60 -17.12 72.92 -30.07
C ALA XA 60 -16.67 71.47 -30.02
N PHE XA 61 -15.84 71.03 -30.98
CA PHE XA 61 -15.39 69.65 -31.04
C PHE XA 61 -13.92 69.51 -30.69
N ARG XA 62 -13.31 70.54 -30.11
CA ARG XA 62 -11.90 70.52 -29.74
C ARG XA 62 -11.80 70.87 -28.27
N LYS XA 63 -11.19 69.98 -27.49
CA LYS XA 63 -11.06 70.16 -26.06
C LYS XA 63 -9.61 70.43 -25.71
N PHE XA 64 -9.40 71.20 -24.64
CA PHE XA 64 -8.09 71.37 -24.04
C PHE XA 64 -8.05 70.64 -22.71
N LYS XA 65 -6.94 70.75 -21.99
CA LYS XA 65 -6.83 70.05 -20.70
C LYS XA 65 -6.58 70.97 -19.52
N LEU XA 66 -5.60 71.87 -19.60
CA LEU XA 66 -5.42 72.99 -18.65
C LEU XA 66 -5.21 72.52 -17.20
N ILE XA 67 -4.05 71.91 -16.97
CA ILE XA 67 -3.67 71.47 -15.63
C ILE XA 67 -3.47 72.67 -14.70
N THR XA 68 -3.67 72.43 -13.40
CA THR XA 68 -3.50 73.44 -12.37
C THR XA 68 -2.04 73.58 -11.96
N GLU XA 69 -1.55 74.82 -11.88
CA GLU XA 69 -0.16 75.04 -11.48
C GLU XA 69 0.02 75.87 -10.22
N ASP XA 70 -0.88 76.81 -9.92
CA ASP XA 70 -0.64 77.72 -8.81
C ASP XA 70 -1.97 78.11 -8.17
N VAL XA 71 -1.88 78.65 -6.96
CA VAL XA 71 -3.03 79.15 -6.21
C VAL XA 71 -2.71 80.57 -5.74
N GLN XA 72 -3.60 81.51 -6.05
CA GLN XA 72 -3.45 82.90 -5.65
C GLN XA 72 -4.37 83.26 -4.48
N GLY XA 73 -4.60 82.31 -3.58
CA GLY XA 73 -5.55 82.53 -2.51
C GLY XA 73 -6.92 82.02 -2.87
N LYS XA 74 -7.80 82.91 -3.34
CA LYS XA 74 -9.14 82.52 -3.73
C LYS XA 74 -9.22 82.07 -5.19
N ASN XA 75 -8.22 82.40 -6.01
CA ASN XA 75 -8.18 82.02 -7.40
C ASN XA 75 -7.34 80.76 -7.57
N CYS XA 76 -7.33 80.21 -8.78
CA CYS XA 76 -6.65 78.94 -9.05
C CYS XA 76 -6.13 78.98 -10.49
N LEU XA 77 -4.84 79.27 -10.63
CA LEU XA 77 -4.24 79.46 -11.95
C LEU XA 77 -4.05 78.13 -12.67
N THR XA 78 -3.97 78.21 -14.00
CA THR XA 78 -3.81 77.03 -14.86
C THR XA 78 -2.72 77.27 -15.90
N ASN XA 79 -2.44 76.22 -16.67
CA ASN XA 79 -1.45 76.24 -17.73
C ASN XA 79 -1.79 75.11 -18.69
N PHE XA 80 -1.39 75.26 -19.95
CA PHE XA 80 -1.71 74.30 -21.00
C PHE XA 80 -1.12 72.93 -20.72
N HIS XA 81 -1.97 71.91 -20.77
CA HIS XA 81 -1.59 70.53 -20.52
C HIS XA 81 -1.79 69.62 -21.72
N GLY XA 82 -2.75 69.91 -22.58
CA GLY XA 82 -2.94 69.08 -23.75
C GLY XA 82 -4.15 69.53 -24.54
N MET XA 83 -4.38 68.83 -25.64
CA MET XA 83 -5.50 69.08 -26.53
C MET XA 83 -6.03 67.74 -26.99
N ASP XA 84 -7.34 67.66 -27.22
CA ASP XA 84 -7.93 66.49 -27.83
C ASP XA 84 -9.20 66.90 -28.56
N LEU XA 85 -9.48 66.21 -29.65
CA LEU XA 85 -10.78 66.29 -30.30
C LEU XA 85 -11.75 65.34 -29.62
N THR XA 86 -13.03 65.72 -29.61
CA THR XA 86 -14.08 64.90 -29.06
C THR XA 86 -14.24 63.62 -29.88
N ARG XA 87 -14.82 62.60 -29.24
CA ARG XA 87 -15.16 61.39 -29.99
C ARG XA 87 -16.31 61.63 -30.96
N ASP XA 88 -17.11 62.67 -30.74
CA ASP XA 88 -18.24 62.96 -31.61
C ASP XA 88 -17.78 63.37 -33.00
N LYS XA 89 -16.65 64.06 -33.08
CA LYS XA 89 -16.08 64.50 -34.35
C LYS XA 89 -15.14 63.48 -34.96
N MET XA 90 -14.31 62.84 -34.12
CA MET XA 90 -13.21 62.03 -34.63
C MET XA 90 -13.70 60.77 -35.33
N CYS XA 91 -14.62 60.02 -34.70
CA CYS XA 91 -15.16 58.84 -35.37
C CYS XA 91 -16.39 59.16 -36.19
N SER XA 92 -16.61 60.43 -36.53
CA SER XA 92 -17.50 60.81 -37.61
C SER XA 92 -16.75 61.11 -38.90
N MET XA 93 -15.45 61.37 -38.81
CA MET XA 93 -14.64 61.65 -39.98
C MET XA 93 -14.12 60.38 -40.64
N VAL XA 94 -13.79 59.36 -39.86
CA VAL XA 94 -13.33 58.09 -40.41
C VAL XA 94 -14.52 57.33 -40.99
N LYS XA 95 -14.50 57.15 -42.31
CA LYS XA 95 -15.56 56.48 -43.02
C LYS XA 95 -14.94 55.72 -44.19
N LYS XA 96 -15.72 54.80 -44.74
CA LYS XA 96 -15.18 53.87 -45.72
C LYS XA 96 -14.90 54.58 -47.06
N TRP XA 97 -14.14 53.87 -47.89
CA TRP XA 97 -13.84 54.22 -49.28
C TRP XA 97 -13.04 55.53 -49.37
N GLN XA 98 -12.13 55.70 -48.41
CA GLN XA 98 -11.14 56.76 -48.44
C GLN XA 98 -9.96 56.29 -47.58
N THR XA 99 -8.84 57.00 -47.71
CA THR XA 99 -7.62 56.65 -46.98
C THR XA 99 -7.40 57.65 -45.85
N MET XA 100 -7.07 57.13 -44.68
CA MET XA 100 -6.77 57.92 -43.49
C MET XA 100 -5.27 57.90 -43.22
N ILE XA 101 -4.69 59.07 -42.96
CA ILE XA 101 -3.25 59.24 -42.80
C ILE XA 101 -2.98 59.83 -41.42
N GLU XA 102 -2.25 59.10 -40.58
CA GLU XA 102 -1.82 59.60 -39.29
C GLU XA 102 -0.33 59.93 -39.31
N ALA XA 103 0.03 61.01 -38.61
CA ALA XA 103 1.42 61.35 -38.37
C ALA XA 103 1.61 61.66 -36.89
N HIS XA 104 2.85 61.53 -36.42
CA HIS XA 104 3.20 61.89 -35.06
C HIS XA 104 4.67 62.28 -35.02
N VAL XA 105 5.00 63.21 -34.12
CA VAL XA 105 6.34 63.77 -34.06
C VAL XA 105 6.56 64.33 -32.66
N ASP XA 106 7.79 64.17 -32.15
CA ASP XA 106 8.18 64.67 -30.84
C ASP XA 106 8.93 65.98 -31.05
N VAL XA 107 8.26 67.10 -30.83
CA VAL XA 107 8.84 68.42 -31.05
C VAL XA 107 8.99 69.10 -29.70
N LYS XA 108 10.12 69.80 -29.52
CA LYS XA 108 10.38 70.56 -28.30
C LYS XA 108 10.42 72.03 -28.63
N THR XA 109 9.67 72.84 -27.89
CA THR XA 109 9.59 74.27 -28.13
C THR XA 109 10.83 74.99 -27.60
N THR XA 110 10.83 76.31 -27.72
CA THR XA 110 11.97 77.12 -27.30
C THR XA 110 11.92 77.52 -25.84
N ASP XA 111 11.12 76.84 -25.02
CA ASP XA 111 11.09 77.06 -23.59
C ASP XA 111 11.33 75.81 -22.77
N GLY XA 112 11.25 74.62 -23.37
CA GLY XA 112 11.49 73.39 -22.65
C GLY XA 112 10.25 72.55 -22.50
N TYR XA 113 9.36 72.62 -23.49
CA TYR XA 113 8.01 72.07 -23.39
C TYR XA 113 7.79 71.03 -24.47
N LEU XA 114 8.65 70.01 -24.51
CA LEU XA 114 8.57 68.87 -25.43
C LEU XA 114 7.18 68.26 -25.52
N LEU XA 115 6.58 68.38 -26.70
CA LEU XA 115 5.21 67.97 -26.95
C LEU XA 115 5.19 66.69 -27.78
N ARG XA 116 3.99 66.25 -28.14
CA ARG XA 116 3.84 65.15 -29.09
C ARG XA 116 2.53 65.40 -29.84
N LEU XA 117 2.64 66.03 -31.01
CA LEU XA 117 1.47 66.37 -31.80
C LEU XA 117 1.08 65.21 -32.70
N PHE XA 118 -0.22 64.95 -32.80
CA PHE XA 118 -0.75 63.95 -33.72
C PHE XA 118 -1.54 64.68 -34.79
N CYS XA 119 -1.60 64.07 -35.97
CA CYS XA 119 -2.32 64.68 -37.08
C CYS XA 119 -3.13 63.61 -37.80
N VAL XA 120 -4.25 64.03 -38.37
CA VAL XA 120 -5.04 63.18 -39.24
C VAL XA 120 -5.24 63.89 -40.57
N GLY XA 121 -5.59 63.11 -41.58
CA GLY XA 121 -5.87 63.62 -42.89
C GLY XA 121 -6.61 62.56 -43.68
N PHE XA 122 -7.66 62.96 -44.37
CA PHE XA 122 -8.52 62.04 -45.11
C PHE XA 122 -8.53 62.43 -46.57
N THR XA 123 -8.40 61.42 -47.43
CA THR XA 123 -8.44 61.65 -48.86
C THR XA 123 -9.84 62.08 -49.31
N LYS XA 124 -9.87 63.03 -50.23
CA LYS XA 124 -11.10 63.70 -50.62
C LYS XA 124 -11.62 63.15 -51.95
N LYS XA 125 -12.94 62.98 -52.02
CA LYS XA 125 -13.59 62.61 -53.26
C LYS XA 125 -13.89 63.87 -54.05
N ARG XA 126 -13.54 63.87 -55.34
CA ARG XA 126 -13.55 65.08 -56.14
C ARG XA 126 -14.98 65.49 -56.50
N ASN XA 127 -15.10 66.65 -57.15
CA ASN XA 127 -16.39 67.22 -57.47
C ASN XA 127 -17.09 66.43 -58.57
N ASN XA 128 -16.34 65.97 -59.57
CA ASN XA 128 -16.88 65.19 -60.66
C ASN XA 128 -16.46 63.72 -60.62
N GLN XA 129 -15.89 63.28 -59.50
CA GLN XA 129 -15.42 61.90 -59.39
C GLN XA 129 -16.62 60.95 -59.31
N ILE XA 130 -16.71 60.06 -60.30
CA ILE XA 130 -17.84 59.13 -60.37
C ILE XA 130 -17.51 57.75 -59.83
N ARG XA 131 -16.24 57.48 -59.52
CA ARG XA 131 -15.86 56.18 -58.99
C ARG XA 131 -16.06 56.15 -57.48
N LYS XA 132 -16.31 54.94 -56.96
CA LYS XA 132 -16.71 54.78 -55.56
C LYS XA 132 -15.57 55.11 -54.60
N THR XA 133 -14.35 54.84 -55.01
CA THR XA 133 -13.21 54.88 -54.10
C THR XA 133 -12.38 56.13 -54.33
N SER XA 134 -11.68 56.54 -53.27
CA SER XA 134 -10.63 57.56 -53.36
C SER XA 134 -9.50 57.11 -52.44
N TYR XA 135 -8.61 56.27 -52.97
CA TYR XA 135 -7.47 55.77 -52.22
C TYR XA 135 -6.20 56.39 -52.77
N ALA XA 136 -5.38 56.95 -51.87
CA ALA XA 136 -4.03 57.32 -52.23
C ALA XA 136 -3.17 56.07 -52.21
N GLN XA 137 -2.21 56.00 -53.13
CA GLN XA 137 -1.26 54.89 -53.13
C GLN XA 137 -0.29 55.04 -51.96
N HIS XA 138 0.48 53.98 -51.72
CA HIS XA 138 1.29 53.89 -50.51
C HIS XA 138 2.42 54.89 -50.51
N GLN XA 139 3.04 55.12 -51.67
CA GLN XA 139 4.06 56.16 -51.75
C GLN XA 139 3.48 57.55 -51.74
N GLN XA 140 2.21 57.71 -52.11
CA GLN XA 140 1.55 58.99 -51.95
C GLN XA 140 1.24 59.27 -50.48
N VAL XA 141 0.91 58.23 -49.72
CA VAL XA 141 0.68 58.37 -48.29
C VAL XA 141 1.99 58.70 -47.57
N ARG XA 142 3.09 58.07 -47.98
CA ARG XA 142 4.36 58.25 -47.29
C ARG XA 142 4.97 59.63 -47.49
N GLN XA 143 4.52 60.39 -48.48
CA GLN XA 143 5.01 61.75 -48.65
C GLN XA 143 3.95 62.81 -48.34
N ILE XA 144 2.74 62.39 -47.99
CA ILE XA 144 1.84 63.25 -47.24
C ILE XA 144 2.16 63.21 -45.76
N ARG XA 145 2.45 62.01 -45.25
CA ARG XA 145 2.88 61.85 -43.86
C ARG XA 145 4.22 62.54 -43.62
N LYS XA 146 5.11 62.49 -44.61
CA LYS XA 146 6.39 63.20 -44.49
C LYS XA 146 6.18 64.71 -44.55
N LYS XA 147 5.13 65.17 -45.22
CA LYS XA 147 4.84 66.59 -45.26
C LYS XA 147 4.13 67.05 -43.98
N MET XA 148 3.39 66.15 -43.33
CA MET XA 148 2.80 66.46 -42.04
C MET XA 148 3.86 66.67 -40.97
N MET XA 149 4.87 65.79 -40.94
CA MET XA 149 5.89 65.85 -39.90
C MET XA 149 6.83 67.03 -40.10
N GLU XA 150 6.97 67.51 -41.33
CA GLU XA 150 7.81 68.67 -41.59
C GLU XA 150 7.15 69.94 -41.07
N ILE XA 151 5.86 70.10 -41.32
CA ILE XA 151 5.14 71.31 -40.94
C ILE XA 151 4.97 71.40 -39.43
N MET XA 152 4.75 70.25 -38.78
CA MET XA 152 4.63 70.24 -37.33
C MET XA 152 5.98 70.47 -36.64
N THR XA 153 7.09 70.19 -37.32
CA THR XA 153 8.42 70.52 -36.82
C THR XA 153 8.91 71.83 -37.45
N ARG XA 154 7.98 72.71 -37.82
CA ARG XA 154 8.32 73.98 -38.43
C ARG XA 154 7.57 75.08 -37.70
N GLU XA 155 6.43 74.71 -37.11
CA GLU XA 155 5.58 75.66 -36.40
C GLU XA 155 5.72 75.54 -34.89
N VAL XA 156 5.98 74.34 -34.39
CA VAL XA 156 6.09 74.13 -32.95
C VAL XA 156 7.51 74.37 -32.46
N GLN XA 157 8.51 74.03 -33.27
CA GLN XA 157 9.90 74.13 -32.82
C GLN XA 157 10.38 75.58 -32.79
N THR XA 158 9.91 76.41 -33.72
CA THR XA 158 10.46 77.76 -33.84
C THR XA 158 9.86 78.74 -32.84
N ASN XA 159 8.82 78.36 -32.13
CA ASN XA 159 8.07 79.28 -31.28
C ASN XA 159 8.26 78.95 -29.81
N ASP XA 160 7.64 79.78 -28.96
CA ASP XA 160 7.58 79.53 -27.53
C ASP XA 160 6.42 78.60 -27.23
N LEU XA 161 6.07 78.44 -25.96
CA LEU XA 161 4.89 77.65 -25.63
C LEU XA 161 3.61 78.42 -25.95
N LYS XA 162 3.53 79.68 -25.51
CA LYS XA 162 2.32 80.48 -25.66
C LYS XA 162 2.06 80.96 -27.08
N GLU XA 163 2.88 80.58 -28.06
CA GLU XA 163 2.60 80.83 -29.46
C GLU XA 163 2.18 79.59 -30.22
N VAL XA 164 2.46 78.40 -29.70
CA VAL XA 164 2.00 77.17 -30.33
C VAL XA 164 0.54 76.89 -29.97
N VAL XA 165 0.21 77.05 -28.68
CA VAL XA 165 -1.18 76.90 -28.24
C VAL XA 165 -2.03 78.05 -28.77
N ASN XA 166 -1.42 79.22 -28.99
CA ASN XA 166 -2.12 80.31 -29.65
C ASN XA 166 -2.24 80.09 -31.15
N LYS XA 167 -1.56 79.08 -31.69
CA LYS XA 167 -1.66 78.78 -33.11
C LYS XA 167 -2.74 77.73 -33.38
N LEU XA 168 -2.92 76.80 -32.44
CA LEU XA 168 -3.92 75.75 -32.59
C LEU XA 168 -5.28 76.10 -32.01
N ILE XA 169 -5.54 77.37 -31.70
CA ILE XA 169 -6.90 77.80 -31.40
C ILE XA 169 -7.71 78.04 -32.68
N PRO XA 170 -7.22 78.71 -33.72
CA PRO XA 170 -7.91 78.59 -35.02
C PRO XA 170 -7.48 77.38 -35.85
N ASP XA 171 -6.60 76.54 -35.31
CA ASP XA 171 -5.93 75.43 -35.99
C ASP XA 171 -5.25 75.91 -37.27
N SER XA 172 -4.26 76.78 -37.08
CA SER XA 172 -3.48 77.29 -38.21
C SER XA 172 -2.50 76.26 -38.75
N ILE XA 173 -2.28 75.16 -38.04
CA ILE XA 173 -1.35 74.13 -38.50
C ILE XA 173 -2.03 73.21 -39.50
N GLY XA 174 -3.22 72.73 -39.16
CA GLY XA 174 -3.92 71.78 -40.03
C GLY XA 174 -4.46 72.39 -41.31
N LYS XA 175 -4.59 73.71 -41.37
CA LYS XA 175 -4.97 74.36 -42.61
C LYS XA 175 -3.77 74.66 -43.50
N ASP XA 176 -2.55 74.56 -42.97
CA ASP XA 176 -1.35 74.62 -43.79
C ASP XA 176 -0.95 73.26 -44.32
N ILE XA 177 -1.31 72.19 -43.61
CA ILE XA 177 -1.03 70.84 -44.10
C ILE XA 177 -1.94 70.50 -45.26
N GLU XA 178 -3.22 70.87 -45.15
CA GLU XA 178 -4.17 70.61 -46.23
C GLU XA 178 -3.86 71.46 -47.47
N LYS XA 179 -3.36 72.68 -47.25
CA LYS XA 179 -3.01 73.55 -48.37
C LYS XA 179 -1.78 73.04 -49.11
N ALA XA 180 -0.77 72.56 -48.38
CA ALA XA 180 0.49 72.17 -48.97
C ALA XA 180 0.53 70.72 -49.42
N CYS XA 181 -0.58 70.00 -49.35
CA CYS XA 181 -0.63 68.63 -49.83
C CYS XA 181 -1.62 68.43 -50.96
N GLN XA 182 -2.16 69.50 -51.53
CA GLN XA 182 -3.07 69.38 -52.67
C GLN XA 182 -2.37 68.87 -53.91
N SER XA 183 -1.08 69.16 -54.05
CA SER XA 183 -0.29 68.74 -55.21
C SER XA 183 0.16 67.28 -55.13
N ILE XA 184 -0.11 66.61 -54.02
CA ILE XA 184 0.18 65.17 -53.88
C ILE XA 184 -1.11 64.35 -53.96
N TYR XA 185 -2.03 64.59 -53.03
CA TYR XA 185 -3.38 64.05 -53.08
C TYR XA 185 -4.28 64.98 -52.28
N PRO XA 186 -5.44 65.39 -52.82
CA PRO XA 186 -6.27 66.37 -52.11
C PRO XA 186 -6.91 65.80 -50.85
N LEU XA 187 -6.76 66.54 -49.76
CA LEU XA 187 -7.27 66.15 -48.45
C LEU XA 187 -8.37 67.12 -48.03
N HIS XA 188 -9.31 66.66 -47.22
CA HIS XA 188 -10.36 67.56 -46.75
C HIS XA 188 -10.38 67.73 -45.24
N ASP XA 189 -10.40 66.66 -44.46
CA ASP XA 189 -10.46 66.75 -43.00
C ASP XA 189 -9.05 66.57 -42.46
N VAL XA 190 -8.32 67.68 -42.32
CA VAL XA 190 -6.99 67.67 -41.73
C VAL XA 190 -7.06 68.47 -40.44
N PHE XA 191 -6.87 67.78 -39.32
CA PHE XA 191 -6.83 68.42 -38.01
C PHE XA 191 -5.65 67.87 -37.23
N VAL XA 192 -5.08 68.72 -36.40
CA VAL XA 192 -4.17 68.24 -35.35
C VAL XA 192 -5.06 67.50 -34.35
N ARG XA 193 -4.91 66.17 -34.27
CA ARG XA 193 -5.90 65.36 -33.57
C ARG XA 193 -5.78 65.50 -32.06
N LYS XA 194 -4.57 65.37 -31.52
CA LYS XA 194 -4.37 65.63 -30.11
C LYS XA 194 -2.94 66.08 -29.88
N VAL XA 195 -2.74 66.80 -28.78
CA VAL XA 195 -1.43 67.26 -28.34
C VAL XA 195 -1.19 66.68 -26.96
N LYS XA 196 -0.04 66.03 -26.79
CA LYS XA 196 0.27 65.33 -25.55
C LYS XA 196 1.53 65.92 -24.94
N MET XA 197 1.48 66.15 -23.63
CA MET XA 197 2.60 66.75 -22.91
C MET XA 197 3.54 65.67 -22.41
N LEU XA 198 4.85 65.94 -22.53
CA LEU XA 198 5.86 64.99 -22.10
C LEU XA 198 6.75 65.55 -21.01
N LYS XA 199 7.29 66.77 -21.18
CA LYS XA 199 8.19 67.37 -20.21
C LYS XA 199 7.77 68.81 -19.95
N LYS XA 200 8.01 69.27 -18.70
CA LYS XA 200 7.68 70.62 -18.28
C LYS XA 200 8.88 71.17 -17.49
N PRO XA 201 9.37 72.36 -17.84
CA PRO XA 201 10.61 72.86 -17.21
C PRO XA 201 10.42 73.50 -15.83
N LYS XA 202 10.77 72.77 -14.77
CA LYS XA 202 11.18 73.30 -13.47
C LYS XA 202 10.08 74.04 -12.68
N PHE XA 203 8.94 74.30 -13.30
CA PHE XA 203 7.91 75.24 -12.81
C PHE XA 203 8.55 76.57 -12.39
N GLU XA 204 9.05 77.29 -13.39
CA GLU XA 204 9.39 78.68 -13.20
C GLU XA 204 8.11 79.48 -12.94
N LEU XA 205 8.14 80.31 -11.90
CA LEU XA 205 6.93 81.00 -11.46
C LEU XA 205 6.68 82.28 -12.25
N GLY XA 206 7.73 82.97 -12.67
CA GLY XA 206 7.57 84.22 -13.37
C GLY XA 206 6.99 84.08 -14.76
N LYS XA 207 7.13 82.90 -15.37
CA LYS XA 207 6.55 82.68 -16.69
C LYS XA 207 5.04 82.50 -16.63
N LEU XA 208 4.51 82.01 -15.51
CA LEU XA 208 3.08 81.84 -15.37
C LEU XA 208 2.37 83.16 -15.15
N MET XA 209 3.07 84.18 -14.65
CA MET XA 209 2.46 85.50 -14.52
C MET XA 209 2.25 86.16 -15.88
N GLU XA 210 3.07 85.81 -16.87
CA GLU XA 210 2.85 86.28 -18.22
C GLU XA 210 1.63 85.60 -18.85
N LEU XA 211 1.30 84.40 -18.40
CA LEU XA 211 0.16 83.66 -18.92
C LEU XA 211 -1.14 83.98 -18.19
N HIS XA 212 -1.12 84.89 -17.22
CA HIS XA 212 -2.35 85.28 -16.52
C HIS XA 212 -2.46 86.79 -16.36
N GLY XA 213 -1.74 87.55 -17.19
CA GLY XA 213 -1.81 88.99 -17.13
C GLY XA 213 -1.83 89.63 -18.51
N GLU XA 214 -0.97 90.63 -18.71
CA GLU XA 214 -0.88 91.32 -19.99
C GLU XA 214 0.43 90.99 -20.71
N MET YA 1 -115.59 4.62 -43.31
CA MET YA 1 -116.83 4.39 -42.59
C MET YA 1 -116.61 3.45 -41.40
N ALA YA 2 -115.55 2.64 -41.50
CA ALA YA 2 -115.26 1.67 -40.45
C ALA YA 2 -114.65 2.34 -39.22
N VAL YA 3 -113.53 3.02 -39.39
CA VAL YA 3 -112.87 3.72 -38.30
C VAL YA 3 -112.14 4.93 -38.88
N GLN YA 4 -112.22 6.04 -38.15
CA GLN YA 4 -111.52 7.26 -38.53
C GLN YA 4 -110.09 7.23 -37.99
N ILE YA 5 -109.19 7.90 -38.72
CA ILE YA 5 -107.77 7.92 -38.36
C ILE YA 5 -107.28 9.36 -38.48
N SER YA 6 -106.25 9.68 -37.70
CA SER YA 6 -105.79 11.06 -37.59
C SER YA 6 -105.01 11.47 -38.82
N LYS YA 7 -105.02 12.78 -39.10
CA LYS YA 7 -104.31 13.32 -40.26
C LYS YA 7 -102.80 13.18 -40.12
N LYS YA 8 -102.28 13.27 -38.89
CA LYS YA 8 -100.87 13.04 -38.66
C LYS YA 8 -100.51 11.57 -38.82
N ARG YA 9 -101.48 10.68 -38.65
CA ARG YA 9 -101.26 9.24 -38.83
C ARG YA 9 -101.67 8.76 -40.22
N LYS YA 10 -102.51 9.52 -40.93
CA LYS YA 10 -102.96 9.11 -42.25
C LYS YA 10 -101.88 9.33 -43.31
N PHE YA 11 -101.20 10.47 -43.27
CA PHE YA 11 -100.16 10.75 -44.25
C PHE YA 11 -98.92 9.89 -44.06
N VAL YA 12 -98.66 9.43 -42.84
CA VAL YA 12 -97.51 8.56 -42.62
C VAL YA 12 -97.81 7.16 -43.11
N ALA YA 13 -99.03 6.67 -42.86
CA ALA YA 13 -99.40 5.34 -43.32
C ALA YA 13 -99.61 5.27 -44.82
N ASP YA 14 -99.80 6.42 -45.49
CA ASP YA 14 -99.89 6.48 -46.93
C ASP YA 14 -98.52 6.58 -47.57
N GLY YA 15 -97.61 7.34 -46.94
CA GLY YA 15 -96.25 7.43 -47.44
C GLY YA 15 -95.42 6.19 -47.18
N ILE YA 16 -95.78 5.40 -46.15
CA ILE YA 16 -95.08 4.15 -45.91
C ILE YA 16 -95.74 3.01 -46.67
N PHE YA 17 -96.94 3.24 -47.23
CA PHE YA 17 -97.50 2.30 -48.18
C PHE YA 17 -96.66 2.23 -49.45
N LYS YA 18 -96.35 3.38 -50.04
CA LYS YA 18 -95.58 3.39 -51.27
C LYS YA 18 -94.10 3.15 -51.05
N ALA YA 19 -93.61 3.27 -49.81
CA ALA YA 19 -92.21 2.92 -49.55
C ALA YA 19 -92.00 1.41 -49.54
N GLU YA 20 -93.03 0.65 -49.17
CA GLU YA 20 -92.93 -0.81 -49.25
C GLU YA 20 -93.15 -1.29 -50.67
N LEU YA 21 -94.07 -0.65 -51.39
CA LEU YA 21 -94.36 -1.03 -52.77
C LEU YA 21 -93.18 -0.76 -53.68
N ASN YA 22 -92.48 0.36 -53.45
CA ASN YA 22 -91.28 0.67 -54.21
C ASN YA 22 -90.17 -0.35 -53.93
N GLU YA 23 -90.10 -0.86 -52.70
CA GLU YA 23 -89.05 -1.82 -52.36
C GLU YA 23 -89.38 -3.21 -52.88
N PHE YA 24 -90.66 -3.58 -52.86
CA PHE YA 24 -91.07 -4.88 -53.39
C PHE YA 24 -90.86 -4.97 -54.89
N LEU YA 25 -91.32 -3.97 -55.63
CA LEU YA 25 -91.20 -3.99 -57.07
C LEU YA 25 -89.79 -3.65 -57.55
N THR YA 26 -88.92 -3.22 -56.65
CA THR YA 26 -87.49 -3.23 -56.96
C THR YA 26 -86.98 -4.66 -57.05
N ARG YA 27 -87.57 -5.54 -56.26
CA ARG YA 27 -87.18 -6.95 -56.26
C ARG YA 27 -87.72 -7.67 -57.48
N GLU YA 28 -88.98 -7.42 -57.81
CA GLU YA 28 -89.61 -8.08 -58.95
C GLU YA 28 -89.06 -7.57 -60.26
N LEU YA 29 -89.33 -6.31 -60.55
CA LEU YA 29 -88.87 -5.71 -61.79
C LEU YA 29 -87.47 -5.17 -61.61
N ALA YA 30 -86.62 -6.01 -61.06
CA ALA YA 30 -85.24 -5.65 -60.81
C ALA YA 30 -84.52 -5.43 -62.12
N GLU YA 31 -84.63 -6.41 -63.02
CA GLU YA 31 -83.96 -6.36 -64.31
C GLU YA 31 -84.65 -5.54 -65.39
N ASP YA 32 -85.78 -4.92 -65.08
CA ASP YA 32 -86.50 -4.13 -66.07
C ASP YA 32 -86.28 -2.62 -65.95
N GLY YA 33 -85.09 -2.20 -65.53
CA GLY YA 33 -84.82 -0.78 -65.41
C GLY YA 33 -85.97 -0.06 -64.73
N TYR YA 34 -86.12 -0.26 -63.42
CA TYR YA 34 -87.42 -0.08 -62.77
C TYR YA 34 -87.83 1.39 -62.66
N SER YA 35 -87.07 2.18 -61.91
CA SER YA 35 -87.26 3.64 -61.77
C SER YA 35 -88.62 4.04 -61.20
N GLY YA 36 -88.96 3.50 -60.03
CA GLY YA 36 -89.96 4.12 -59.18
C GLY YA 36 -91.42 3.86 -59.54
N VAL YA 37 -92.29 4.55 -58.79
CA VAL YA 37 -93.74 4.47 -58.93
C VAL YA 37 -94.31 5.87 -59.10
N GLU YA 38 -95.62 5.93 -59.26
CA GLU YA 38 -96.42 7.13 -59.04
C GLU YA 38 -97.82 6.64 -58.72
N VAL YA 39 -98.21 6.75 -57.45
CA VAL YA 39 -99.44 6.14 -56.95
C VAL YA 39 -100.51 7.21 -56.89
N ARG YA 40 -101.59 7.00 -57.66
CA ARG YA 40 -102.71 7.91 -57.72
C ARG YA 40 -103.85 7.37 -56.88
N VAL YA 41 -103.95 7.84 -55.65
CA VAL YA 41 -104.99 7.36 -54.73
C VAL YA 41 -106.21 8.26 -54.83
N THR YA 42 -107.35 7.65 -55.17
CA THR YA 42 -108.66 8.28 -55.16
C THR YA 42 -109.54 7.47 -54.22
N PRO YA 43 -110.78 7.91 -53.89
CA PRO YA 43 -111.72 6.99 -53.22
C PRO YA 43 -112.48 6.09 -54.20
N THR YA 44 -111.76 5.56 -55.17
CA THR YA 44 -112.22 4.69 -56.26
C THR YA 44 -111.07 3.75 -56.58
N ARG YA 45 -111.10 3.20 -57.80
CA ARG YA 45 -109.94 2.52 -58.39
C ARG YA 45 -108.69 3.39 -58.30
N THR YA 46 -107.70 2.91 -57.56
CA THR YA 46 -106.44 3.63 -57.36
C THR YA 46 -105.40 3.02 -58.29
N GLU YA 47 -105.09 3.72 -59.37
CA GLU YA 47 -104.13 3.23 -60.34
C GLU YA 47 -102.71 3.51 -59.86
N ILE YA 48 -101.82 2.56 -60.15
CA ILE YA 48 -100.40 2.66 -59.79
C ILE YA 48 -99.62 2.36 -61.05
N ILE YA 49 -98.98 3.36 -61.60
CA ILE YA 49 -98.23 3.19 -62.84
C ILE YA 49 -96.83 2.69 -62.51
N ILE YA 50 -96.24 1.97 -63.46
CA ILE YA 50 -94.87 1.48 -63.34
C ILE YA 50 -94.04 2.16 -64.42
N LEU YA 51 -92.87 2.65 -64.05
CA LEU YA 51 -92.00 3.40 -64.96
C LEU YA 51 -90.84 2.56 -65.47
N ALA YA 52 -91.04 1.28 -65.70
CA ALA YA 52 -89.94 0.42 -66.13
C ALA YA 52 -89.57 0.69 -67.58
N THR YA 53 -88.32 0.37 -67.93
CA THR YA 53 -87.83 0.60 -69.28
C THR YA 53 -88.35 -0.46 -70.24
N ARG YA 54 -88.04 -1.72 -69.97
CA ARG YA 54 -88.48 -2.82 -70.81
C ARG YA 54 -89.88 -3.30 -70.46
N THR YA 55 -90.89 -2.61 -70.99
CA THR YA 55 -92.28 -2.95 -70.71
C THR YA 55 -92.70 -4.28 -71.30
N GLN YA 56 -91.84 -4.93 -72.08
CA GLN YA 56 -92.11 -6.25 -72.64
C GLN YA 56 -92.09 -7.34 -71.57
N ASN YA 57 -91.48 -7.08 -70.42
CA ASN YA 57 -91.36 -8.07 -69.36
C ASN YA 57 -92.33 -7.87 -68.20
N VAL YA 58 -92.65 -6.62 -67.84
CA VAL YA 58 -93.63 -6.40 -66.79
C VAL YA 58 -95.02 -6.82 -67.26
N LEU YA 59 -95.37 -6.51 -68.51
CA LEU YA 59 -96.48 -7.18 -69.17
C LEU YA 59 -96.00 -8.57 -69.53
N GLY YA 60 -96.54 -9.59 -68.88
CA GLY YA 60 -96.03 -10.93 -69.06
C GLY YA 60 -96.44 -11.61 -70.35
N GLU YA 61 -96.58 -12.94 -70.31
CA GLU YA 61 -97.05 -13.68 -71.47
C GLU YA 61 -98.53 -13.37 -71.64
N LYS YA 62 -98.83 -12.45 -72.57
CA LYS YA 62 -100.15 -11.87 -72.79
C LYS YA 62 -100.71 -11.26 -71.50
N GLY YA 63 -99.87 -10.49 -70.83
CA GLY YA 63 -100.28 -9.83 -69.60
C GLY YA 63 -100.30 -10.70 -68.36
N ARG YA 64 -99.40 -11.68 -68.28
CA ARG YA 64 -99.39 -12.58 -67.12
C ARG YA 64 -98.81 -11.89 -65.89
N ARG YA 65 -97.66 -11.24 -66.04
CA ARG YA 65 -96.90 -10.69 -64.93
C ARG YA 65 -97.39 -9.28 -64.51
N ILE YA 66 -98.60 -8.89 -64.91
CA ILE YA 66 -99.16 -7.63 -64.41
C ILE YA 66 -100.56 -7.92 -63.90
N ARG YA 67 -101.06 -9.12 -64.18
CA ARG YA 67 -102.31 -9.58 -63.57
C ARG YA 67 -102.08 -10.49 -62.39
N GLU YA 68 -100.82 -10.85 -62.11
CA GLU YA 68 -100.46 -11.50 -60.86
C GLU YA 68 -99.58 -10.61 -59.99
N LEU YA 69 -99.38 -9.36 -60.37
CA LEU YA 69 -98.79 -8.36 -59.50
C LEU YA 69 -99.82 -7.35 -59.01
N THR YA 70 -101.04 -7.36 -59.56
CA THR YA 70 -102.17 -6.70 -58.92
C THR YA 70 -102.85 -7.59 -57.91
N ALA YA 71 -102.80 -8.90 -58.12
CA ALA YA 71 -103.43 -9.82 -57.20
C ALA YA 71 -102.62 -10.01 -55.92
N VAL YA 72 -101.34 -9.64 -55.91
CA VAL YA 72 -100.59 -9.66 -54.66
C VAL YA 72 -100.75 -8.37 -53.87
N VAL YA 73 -101.14 -7.27 -54.52
CA VAL YA 73 -101.32 -6.01 -53.81
C VAL YA 73 -102.62 -6.01 -53.02
N GLN YA 74 -103.72 -6.39 -53.68
CA GLN YA 74 -105.01 -6.37 -53.01
C GLN YA 74 -105.18 -7.52 -52.03
N LYS YA 75 -104.30 -8.52 -52.05
CA LYS YA 75 -104.32 -9.56 -51.03
C LYS YA 75 -103.40 -9.27 -49.87
N ARG YA 76 -102.44 -8.36 -50.02
CA ARG YA 76 -101.56 -8.00 -48.91
C ARG YA 76 -102.01 -6.73 -48.21
N PHE YA 77 -102.13 -5.63 -48.95
CA PHE YA 77 -102.34 -4.33 -48.32
C PHE YA 77 -103.77 -4.09 -47.85
N GLY YA 78 -104.70 -4.97 -48.18
CA GLY YA 78 -106.06 -4.85 -47.71
C GLY YA 78 -107.03 -4.22 -48.67
N PHE YA 79 -106.68 -4.09 -49.95
CA PHE YA 79 -107.60 -3.53 -50.93
C PHE YA 79 -108.69 -4.54 -51.27
N PRO YA 80 -109.90 -4.07 -51.57
CA PRO YA 80 -110.98 -5.00 -51.97
C PRO YA 80 -110.73 -5.58 -53.35
N GLU YA 81 -111.53 -6.58 -53.68
CA GLU YA 81 -111.36 -7.32 -54.92
C GLU YA 81 -111.76 -6.46 -56.12
N GLY YA 82 -110.94 -6.51 -57.17
CA GLY YA 82 -111.23 -5.78 -58.39
C GLY YA 82 -111.19 -4.27 -58.25
N SER YA 83 -110.34 -3.75 -57.38
CA SER YA 83 -110.27 -2.32 -57.14
C SER YA 83 -108.97 -1.71 -57.66
N VAL YA 84 -107.83 -2.22 -57.23
CA VAL YA 84 -106.54 -1.67 -57.63
C VAL YA 84 -106.14 -2.26 -58.98
N GLU YA 85 -105.47 -1.46 -59.80
CA GLU YA 85 -104.86 -1.96 -61.02
C GLU YA 85 -103.51 -1.30 -61.24
N LEU YA 86 -102.57 -2.06 -61.76
CA LEU YA 86 -101.25 -1.59 -62.14
C LEU YA 86 -101.20 -1.31 -63.63
N TYR YA 87 -100.38 -0.36 -64.01
CA TYR YA 87 -100.13 -0.04 -65.40
C TYR YA 87 -98.67 -0.34 -65.73
N ALA YA 88 -98.27 0.00 -66.95
CA ALA YA 88 -96.88 -0.16 -67.36
C ALA YA 88 -96.57 0.95 -68.35
N GLU YA 89 -95.76 1.92 -67.92
CA GLU YA 89 -95.37 3.03 -68.76
C GLU YA 89 -93.95 2.78 -69.30
N LYS YA 90 -93.41 3.78 -69.99
CA LYS YA 90 -92.04 3.72 -70.48
C LYS YA 90 -91.40 5.08 -70.27
N VAL YA 91 -90.29 5.11 -69.53
CA VAL YA 91 -89.56 6.36 -69.34
C VAL YA 91 -88.83 6.73 -70.63
N ALA YA 92 -88.82 8.02 -70.94
CA ALA YA 92 -88.01 8.54 -72.03
C ALA YA 92 -86.61 8.83 -71.50
N THR YA 93 -85.61 8.62 -72.36
CA THR YA 93 -84.18 8.80 -72.07
C THR YA 93 -83.76 7.93 -70.87
N ARG YA 94 -83.73 6.62 -71.14
CA ARG YA 94 -83.40 5.60 -70.14
C ARG YA 94 -82.06 5.84 -69.44
N GLY YA 95 -81.13 6.53 -70.08
CA GLY YA 95 -79.86 6.85 -69.47
C GLY YA 95 -79.86 8.23 -68.85
N LEU YA 96 -80.96 8.59 -68.18
CA LEU YA 96 -81.01 9.87 -67.51
C LEU YA 96 -81.64 9.75 -66.12
N CYS YA 97 -82.14 8.59 -65.74
CA CYS YA 97 -82.56 8.32 -64.38
C CYS YA 97 -81.66 7.26 -63.78
N ALA YA 98 -81.24 7.47 -62.53
CA ALA YA 98 -80.25 6.60 -61.90
C ALA YA 98 -80.83 5.29 -61.42
N ILE YA 99 -82.14 5.23 -61.19
CA ILE YA 99 -82.77 4.02 -60.66
C ILE YA 99 -82.97 2.99 -61.76
N ALA YA 100 -82.66 3.33 -63.02
CA ALA YA 100 -82.60 2.34 -64.09
C ALA YA 100 -81.20 1.93 -64.45
N GLN YA 101 -80.21 2.80 -64.25
CA GLN YA 101 -78.86 2.56 -64.71
C GLN YA 101 -77.96 1.88 -63.68
N ALA YA 102 -78.32 1.94 -62.40
CA ALA YA 102 -77.55 1.18 -61.41
C ALA YA 102 -77.86 -0.30 -61.52
N GLU YA 103 -79.11 -0.65 -61.81
CA GLU YA 103 -79.45 -2.03 -62.14
C GLU YA 103 -78.90 -2.42 -63.50
N SER YA 104 -78.78 -1.47 -64.43
CA SER YA 104 -78.20 -1.77 -65.73
C SER YA 104 -76.72 -2.09 -65.60
N LEU YA 105 -76.00 -1.37 -64.74
CA LEU YA 105 -74.61 -1.72 -64.46
C LEU YA 105 -74.51 -2.98 -63.61
N ARG YA 106 -75.55 -3.29 -62.86
CA ARG YA 106 -75.56 -4.47 -62.01
C ARG YA 106 -75.54 -5.77 -62.83
N TYR YA 107 -76.36 -5.84 -63.87
CA TYR YA 107 -76.40 -7.04 -64.71
C TYR YA 107 -75.26 -7.10 -65.72
N LYS YA 108 -74.47 -6.03 -65.85
CA LYS YA 108 -73.20 -6.15 -66.55
C LYS YA 108 -72.17 -6.85 -65.67
N LEU YA 109 -72.22 -6.58 -64.36
CA LEU YA 109 -71.29 -7.19 -63.43
C LEU YA 109 -71.71 -8.60 -63.04
N LEU YA 110 -73.02 -8.88 -63.01
CA LEU YA 110 -73.49 -10.23 -62.73
C LEU YA 110 -73.33 -11.15 -63.94
N GLY YA 111 -73.28 -10.60 -65.14
CA GLY YA 111 -73.08 -11.43 -66.32
C GLY YA 111 -71.67 -11.96 -66.45
N GLY YA 112 -70.71 -11.33 -65.80
CA GLY YA 112 -69.32 -11.76 -65.85
C GLY YA 112 -68.38 -10.76 -66.50
N LEU YA 113 -68.86 -9.60 -66.93
CA LEU YA 113 -68.01 -8.61 -67.59
C LEU YA 113 -67.16 -7.89 -66.54
N ALA YA 114 -66.01 -7.38 -66.99
CA ALA YA 114 -65.08 -6.67 -66.13
C ALA YA 114 -65.69 -5.38 -65.61
N VAL YA 115 -65.12 -4.87 -64.52
CA VAL YA 115 -65.69 -3.71 -63.84
C VAL YA 115 -65.40 -2.44 -64.62
N ARG YA 116 -64.15 -2.28 -65.02
CA ARG YA 116 -63.72 -1.09 -65.74
C ARG YA 116 -64.33 -0.95 -67.12
N ARG YA 117 -64.37 -2.04 -67.85
CA ARG YA 117 -64.90 -2.01 -69.22
C ARG YA 117 -66.39 -1.74 -69.23
N ALA YA 118 -67.13 -2.26 -68.25
CA ALA YA 118 -68.57 -2.05 -68.22
C ALA YA 118 -68.92 -0.63 -67.79
N CYS YA 119 -68.22 -0.12 -66.77
CA CYS YA 119 -68.59 1.16 -66.18
C CYS YA 119 -68.22 2.33 -67.08
N TYR YA 120 -67.33 2.13 -68.05
CA TYR YA 120 -67.15 3.12 -69.11
C TYR YA 120 -68.39 3.21 -69.98
N GLY YA 121 -68.95 2.05 -70.37
CA GLY YA 121 -70.08 2.03 -71.28
C GLY YA 121 -71.34 2.61 -70.69
N VAL YA 122 -71.50 2.51 -69.36
CA VAL YA 122 -72.60 3.19 -68.71
C VAL YA 122 -72.34 4.69 -68.66
N LEU YA 123 -71.09 5.08 -68.41
CA LEU YA 123 -70.75 6.49 -68.21
C LEU YA 123 -70.91 7.31 -69.48
N ARG YA 124 -70.48 6.77 -70.62
CA ARG YA 124 -70.69 7.43 -71.90
C ARG YA 124 -72.01 7.04 -72.55
N PHE YA 125 -72.90 6.38 -71.81
CA PHE YA 125 -74.30 6.30 -72.17
C PHE YA 125 -75.14 7.36 -71.48
N ILE YA 126 -74.75 7.73 -70.25
CA ILE YA 126 -75.40 8.83 -69.54
C ILE YA 126 -75.13 10.15 -70.25
N MET YA 127 -73.85 10.40 -70.57
CA MET YA 127 -73.46 11.69 -71.12
C MET YA 127 -73.94 11.89 -72.55
N GLU YA 128 -74.02 10.83 -73.34
CA GLU YA 128 -74.53 10.96 -74.70
C GLU YA 128 -76.05 11.03 -74.75
N SER YA 129 -76.74 10.71 -73.66
CA SER YA 129 -78.19 10.79 -73.61
C SER YA 129 -78.69 12.16 -73.15
N GLY YA 130 -77.83 13.17 -73.17
CA GLY YA 130 -78.23 14.52 -72.89
C GLY YA 130 -78.03 14.98 -71.46
N ALA YA 131 -77.29 14.22 -70.65
CA ALA YA 131 -77.05 14.63 -69.27
C ALA YA 131 -76.06 15.79 -69.23
N LYS YA 132 -76.07 16.49 -68.09
CA LYS YA 132 -75.15 17.60 -67.88
C LYS YA 132 -73.88 17.15 -67.17
N GLY YA 133 -73.94 16.02 -66.46
CA GLY YA 133 -72.76 15.48 -65.82
C GLY YA 133 -73.14 14.22 -65.06
N CYS YA 134 -72.13 13.39 -64.83
CA CYS YA 134 -72.35 12.09 -64.22
C CYS YA 134 -71.15 11.71 -63.39
N GLU YA 135 -71.38 10.85 -62.40
CA GLU YA 135 -70.31 10.33 -61.55
C GLU YA 135 -70.78 8.98 -60.98
N VAL YA 136 -70.20 7.89 -61.47
CA VAL YA 136 -70.56 6.55 -61.04
C VAL YA 136 -69.42 6.00 -60.20
N VAL YA 137 -69.75 5.56 -58.98
CA VAL YA 137 -68.77 5.07 -58.02
C VAL YA 137 -69.02 3.59 -57.80
N VAL YA 138 -68.02 2.76 -58.07
CA VAL YA 138 -68.09 1.33 -57.81
C VAL YA 138 -67.07 1.01 -56.74
N SER YA 139 -67.53 0.45 -55.63
CA SER YA 139 -66.68 0.17 -54.48
C SER YA 139 -66.95 -1.24 -54.00
N GLY YA 140 -65.93 -1.85 -53.41
CA GLY YA 140 -66.03 -3.20 -52.92
C GLY YA 140 -64.74 -3.94 -53.18
N LYS YA 141 -64.83 -5.28 -53.18
CA LYS YA 141 -63.66 -6.14 -53.33
C LYS YA 141 -63.23 -6.20 -54.79
N LEU YA 142 -62.70 -5.08 -55.26
CA LEU YA 142 -61.97 -5.07 -56.52
C LEU YA 142 -60.66 -5.82 -56.31
N ARG YA 143 -60.13 -6.37 -57.39
CA ARG YA 143 -59.45 -7.66 -57.38
C ARG YA 143 -58.22 -7.68 -56.47
N GLY YA 144 -58.06 -8.80 -55.77
CA GLY YA 144 -57.30 -8.86 -54.54
C GLY YA 144 -58.25 -9.11 -53.40
N GLN YA 145 -57.84 -8.81 -52.17
CA GLN YA 145 -58.73 -8.92 -51.02
C GLN YA 145 -59.09 -7.59 -50.41
N ARG YA 146 -58.17 -6.64 -50.37
CA ARG YA 146 -58.47 -5.33 -49.81
C ARG YA 146 -59.39 -4.57 -50.75
N ALA YA 147 -60.42 -3.95 -50.20
CA ALA YA 147 -61.38 -3.20 -51.01
C ALA YA 147 -60.80 -1.85 -51.40
N LYS YA 148 -61.11 -1.44 -52.64
CA LYS YA 148 -60.80 -0.09 -53.09
C LYS YA 148 -62.03 0.50 -53.76
N SER YA 149 -61.90 1.67 -54.37
CA SER YA 149 -63.05 2.34 -54.96
C SER YA 149 -62.62 3.05 -56.23
N MET YA 150 -63.31 2.75 -57.33
CA MET YA 150 -63.06 3.39 -58.62
C MET YA 150 -64.25 4.30 -58.93
N LYS YA 151 -64.00 5.60 -58.99
CA LYS YA 151 -65.06 6.51 -59.40
C LYS YA 151 -64.67 7.16 -60.74
N PHE YA 152 -65.69 7.62 -61.45
CA PHE YA 152 -65.60 7.92 -62.87
C PHE YA 152 -66.26 9.26 -63.17
N VAL YA 153 -65.87 10.31 -62.44
CA VAL YA 153 -66.48 11.62 -62.63
C VAL YA 153 -66.07 12.21 -63.97
N ASP YA 154 -67.02 12.90 -64.62
CA ASP YA 154 -66.77 13.64 -65.83
C ASP YA 154 -67.82 14.74 -65.99
N GLY YA 155 -67.39 15.90 -66.45
CA GLY YA 155 -68.32 16.97 -66.76
C GLY YA 155 -68.58 17.97 -65.65
N LEU YA 156 -69.68 17.77 -64.93
CA LEU YA 156 -70.22 18.80 -64.05
C LEU YA 156 -71.10 18.15 -63.00
N MET YA 157 -70.79 18.38 -61.72
CA MET YA 157 -71.54 17.74 -60.65
C MET YA 157 -71.58 18.67 -59.44
N ILE YA 158 -72.73 19.27 -59.19
CA ILE YA 158 -72.94 20.06 -57.99
C ILE YA 158 -73.08 19.12 -56.79
N HIS YA 159 -72.63 19.58 -55.62
CA HIS YA 159 -72.59 18.75 -54.42
C HIS YA 159 -73.35 19.30 -53.22
N SER YA 160 -73.46 20.63 -53.07
CA SER YA 160 -74.02 21.22 -51.87
C SER YA 160 -75.16 22.16 -52.21
N GLY YA 161 -76.06 22.34 -51.27
CA GLY YA 161 -77.16 23.28 -51.40
C GLY YA 161 -78.49 22.57 -51.55
N ASP YA 162 -79.53 23.37 -51.78
CA ASP YA 162 -80.79 22.85 -52.27
C ASP YA 162 -80.76 22.28 -53.70
N PRO YA 163 -79.98 22.80 -54.67
CA PRO YA 163 -79.96 22.14 -55.99
C PRO YA 163 -79.49 20.69 -56.03
N VAL YA 164 -78.89 20.13 -54.98
CA VAL YA 164 -78.85 18.68 -54.93
C VAL YA 164 -80.08 18.18 -54.18
N ASN YA 165 -81.24 18.37 -54.79
CA ASN YA 165 -82.48 17.65 -54.53
C ASN YA 165 -83.26 17.36 -55.81
N TYR YA 166 -83.06 18.15 -56.86
CA TYR YA 166 -83.80 18.04 -58.11
C TYR YA 166 -82.93 18.18 -59.35
N TYR YA 167 -81.65 18.51 -59.21
CA TYR YA 167 -80.72 18.36 -60.33
C TYR YA 167 -80.00 17.03 -60.33
N VAL YA 168 -79.84 16.40 -59.17
CA VAL YA 168 -79.12 15.14 -59.14
C VAL YA 168 -79.94 14.03 -58.52
N ASP YA 169 -80.12 12.96 -59.29
CA ASP YA 169 -80.84 11.80 -58.81
C ASP YA 169 -79.79 10.75 -58.55
N THR YA 170 -79.91 10.07 -57.42
CA THR YA 170 -78.95 9.05 -57.06
C THR YA 170 -79.55 7.67 -56.97
N ALA YA 171 -78.68 6.69 -56.87
CA ALA YA 171 -79.08 5.30 -56.70
C ALA YA 171 -77.95 4.53 -56.01
N VAL YA 172 -78.33 3.60 -55.14
CA VAL YA 172 -77.39 2.73 -54.45
C VAL YA 172 -77.90 1.31 -54.58
N ARG YA 173 -77.08 0.42 -55.14
CA ARG YA 173 -77.45 -0.98 -55.31
C ARG YA 173 -76.30 -1.88 -54.85
N HIS YA 174 -76.65 -3.12 -54.54
CA HIS YA 174 -75.70 -4.11 -54.07
C HIS YA 174 -75.58 -5.22 -55.12
N VAL YA 175 -74.35 -5.68 -55.36
CA VAL YA 175 -74.06 -6.66 -56.40
C VAL YA 175 -73.40 -7.86 -55.72
N LEU YA 176 -74.17 -8.93 -55.54
CA LEU YA 176 -73.61 -10.13 -54.93
C LEU YA 176 -72.75 -10.88 -55.94
N LEU YA 177 -71.45 -10.97 -55.65
CA LEU YA 177 -70.51 -11.69 -56.49
C LEU YA 177 -70.05 -12.96 -55.79
N ARG YA 178 -69.08 -13.63 -56.41
CA ARG YA 178 -68.58 -14.89 -55.89
C ARG YA 178 -67.68 -14.68 -54.68
N GLN YA 179 -66.94 -13.57 -54.64
CA GLN YA 179 -66.03 -13.26 -53.53
C GLN YA 179 -66.35 -11.83 -53.09
N GLY YA 180 -67.34 -11.70 -52.21
CA GLY YA 180 -67.72 -10.41 -51.67
C GLY YA 180 -69.00 -9.85 -52.28
N VAL YA 181 -69.17 -8.54 -52.09
CA VAL YA 181 -70.33 -7.82 -52.61
C VAL YA 181 -69.88 -6.40 -52.98
N LEU YA 182 -70.37 -5.90 -54.10
CA LEU YA 182 -70.03 -4.58 -54.58
C LEU YA 182 -71.15 -3.58 -54.30
N GLY YA 183 -70.81 -2.30 -54.38
CA GLY YA 183 -71.78 -1.25 -54.21
C GLY YA 183 -71.67 -0.19 -55.28
N ILE YA 184 -72.75 -0.01 -56.04
CA ILE YA 184 -72.81 0.96 -57.12
C ILE YA 184 -73.47 2.22 -56.59
N LYS YA 185 -72.87 3.38 -56.88
CA LYS YA 185 -73.45 4.67 -56.54
C LYS YA 185 -73.45 5.51 -57.80
N VAL YA 186 -74.64 5.79 -58.34
CA VAL YA 186 -74.79 6.53 -59.58
C VAL YA 186 -75.37 7.90 -59.26
N LYS YA 187 -74.64 8.96 -59.61
CA LYS YA 187 -75.16 10.31 -59.57
C LYS YA 187 -75.18 10.86 -60.98
N ILE YA 188 -76.31 11.45 -61.36
CA ILE YA 188 -76.51 12.00 -62.69
C ILE YA 188 -77.04 13.41 -62.53
N MET YA 189 -76.32 14.39 -63.06
CA MET YA 189 -76.75 15.78 -62.97
C MET YA 189 -77.63 16.10 -64.17
N LEU YA 190 -78.86 16.53 -63.88
CA LEU YA 190 -79.87 16.69 -64.92
C LEU YA 190 -79.64 17.97 -65.72
N PRO YA 191 -79.99 17.97 -67.00
CA PRO YA 191 -79.99 19.23 -67.77
C PRO YA 191 -81.20 20.07 -67.39
N TRP YA 192 -81.17 21.35 -67.78
CA TRP YA 192 -82.26 22.23 -67.38
C TRP YA 192 -83.48 22.06 -68.27
N ASP YA 193 -83.40 22.56 -69.52
CA ASP YA 193 -84.39 22.46 -70.60
C ASP YA 193 -85.81 22.72 -70.09
N PRO YA 194 -86.18 23.99 -69.84
CA PRO YA 194 -87.31 24.28 -68.96
C PRO YA 194 -88.66 23.83 -69.49
N THR YA 195 -89.57 23.56 -68.54
CA THR YA 195 -90.93 23.06 -68.77
C THR YA 195 -90.90 21.76 -69.57
N GLY YA 196 -90.37 20.73 -68.91
CA GLY YA 196 -90.25 19.43 -69.54
C GLY YA 196 -90.16 18.32 -68.53
N LYS YA 197 -90.35 17.10 -69.02
CA LYS YA 197 -90.15 15.89 -68.26
C LYS YA 197 -88.74 15.33 -68.42
N ILE YA 198 -87.87 16.07 -69.13
CA ILE YA 198 -86.47 15.70 -69.27
C ILE YA 198 -85.69 15.97 -67.98
N GLY YA 199 -86.23 16.79 -67.09
CA GLY YA 199 -85.54 17.18 -65.89
C GLY YA 199 -86.32 18.24 -65.14
N PRO YA 200 -85.62 19.12 -64.43
CA PRO YA 200 -86.30 20.15 -63.65
C PRO YA 200 -86.48 21.45 -64.43
N LYS YA 201 -87.40 22.27 -63.94
CA LYS YA 201 -87.48 23.69 -64.28
C LYS YA 201 -86.55 24.44 -63.34
N LYS YA 202 -86.71 25.78 -63.23
CA LYS YA 202 -86.13 26.61 -62.19
C LYS YA 202 -84.61 26.59 -62.22
N PRO YA 203 -83.99 27.38 -63.11
CA PRO YA 203 -82.53 27.29 -63.35
C PRO YA 203 -81.70 27.51 -62.10
N LEU YA 204 -80.49 26.95 -62.11
CA LEU YA 204 -79.66 26.86 -60.91
C LEU YA 204 -79.23 28.25 -60.45
N PRO YA 205 -79.31 28.56 -59.16
CA PRO YA 205 -79.46 29.94 -58.72
C PRO YA 205 -78.20 30.80 -58.79
N ASP YA 206 -77.12 30.34 -59.42
CA ASP YA 206 -75.98 31.20 -59.72
C ASP YA 206 -75.79 31.39 -61.22
N HIS YA 207 -76.87 31.26 -61.99
CA HIS YA 207 -76.83 31.41 -63.45
C HIS YA 207 -77.73 32.58 -63.83
N VAL YA 208 -77.11 33.74 -64.07
CA VAL YA 208 -77.82 34.94 -64.49
C VAL YA 208 -77.89 34.91 -66.01
N SER YA 209 -79.06 34.60 -66.55
CA SER YA 209 -79.27 34.60 -67.99
C SER YA 209 -79.84 35.95 -68.39
N ILE YA 210 -79.22 36.58 -69.40
CA ILE YA 210 -79.49 37.96 -69.77
C ILE YA 210 -79.93 37.99 -71.23
N VAL YA 211 -81.06 38.64 -71.50
CA VAL YA 211 -81.57 38.73 -72.86
C VAL YA 211 -80.77 39.77 -73.65
N GLU YA 212 -80.84 39.66 -74.97
CA GLU YA 212 -80.17 40.53 -75.92
C GLU YA 212 -81.08 41.69 -76.31
N PRO YA 213 -80.54 42.89 -76.48
CA PRO YA 213 -81.39 44.06 -76.79
C PRO YA 213 -81.86 44.05 -78.23
N LYS YA 214 -82.70 45.03 -78.55
CA LYS YA 214 -83.38 45.13 -79.83
C LYS YA 214 -82.43 45.81 -80.83
N ASP YA 215 -82.95 46.21 -82.00
CA ASP YA 215 -82.13 46.73 -83.09
C ASP YA 215 -81.46 48.05 -82.72
N GLU YA 216 -82.10 48.86 -81.88
CA GLU YA 216 -81.63 50.11 -81.25
C GLU YA 216 -81.49 51.25 -82.27
N ILE YA 217 -81.73 50.99 -83.55
CA ILE YA 217 -81.37 51.91 -84.64
C ILE YA 217 -82.43 52.99 -84.75
N LEU YA 218 -82.13 54.06 -85.50
CA LEU YA 218 -82.96 55.23 -85.80
C LEU YA 218 -83.43 56.02 -84.59
N PRO YA 219 -82.56 56.76 -83.89
CA PRO YA 219 -83.04 57.76 -82.92
C PRO YA 219 -83.16 59.18 -83.47
N THR YA 220 -83.06 59.35 -84.78
CA THR YA 220 -82.85 60.65 -85.43
C THR YA 220 -84.13 61.50 -85.52
N THR YA 221 -84.08 62.53 -86.40
CA THR YA 221 -85.02 63.61 -86.68
C THR YA 221 -86.49 63.20 -86.62
N PRO YA 222 -87.38 64.05 -86.11
CA PRO YA 222 -88.73 63.61 -85.73
C PRO YA 222 -89.60 63.18 -86.90
N ILE YA 223 -90.26 62.04 -86.74
CA ILE YA 223 -91.15 61.46 -87.74
C ILE YA 223 -92.48 61.24 -87.04
N SER YA 224 -93.44 62.12 -87.26
CA SER YA 224 -94.75 62.05 -86.63
C SER YA 224 -95.76 61.48 -87.61
N GLU YA 225 -96.36 60.34 -87.25
CA GLU YA 225 -97.37 59.70 -88.07
C GLU YA 225 -98.74 59.80 -87.40
N GLN YA 226 -99.79 59.94 -88.20
CA GLN YA 226 -101.16 59.96 -87.69
C GLN YA 226 -101.93 58.79 -88.30
N LYS YA 227 -101.94 57.67 -87.58
CA LYS YA 227 -102.64 56.47 -88.02
C LYS YA 227 -103.61 55.99 -86.94
N ALA ZA 1 18.52 -35.64 -76.74
CA ALA ZA 1 18.44 -37.10 -76.62
C ALA ZA 1 19.74 -37.66 -76.09
N ARG ZA 2 20.13 -38.82 -76.60
CA ARG ZA 2 21.42 -39.41 -76.28
C ARG ZA 2 22.17 -39.92 -77.50
N GLY ZA 3 21.59 -39.80 -78.70
CA GLY ZA 3 22.24 -40.24 -79.91
C GLY ZA 3 21.45 -39.80 -81.13
N PRO ZA 4 21.72 -40.42 -82.27
CA PRO ZA 4 20.95 -40.07 -83.48
C PRO ZA 4 19.57 -40.70 -83.45
N LYS ZA 5 18.61 -39.98 -84.02
CA LYS ZA 5 17.24 -40.47 -84.10
C LYS ZA 5 17.14 -41.52 -85.19
N LYS ZA 6 16.15 -42.38 -85.07
CA LYS ZA 6 15.94 -43.47 -86.02
C LYS ZA 6 14.53 -43.49 -86.61
N HIS ZA 7 13.60 -42.71 -86.08
CA HIS ZA 7 12.22 -42.70 -86.53
C HIS ZA 7 11.88 -41.33 -87.10
N LEU ZA 8 10.71 -41.27 -87.75
CA LEU ZA 8 10.19 -40.04 -88.30
C LEU ZA 8 8.68 -40.12 -88.21
N LYS ZA 9 8.06 -39.19 -87.49
CA LYS ZA 9 6.61 -39.16 -87.42
C LYS ZA 9 6.04 -38.69 -88.75
N ARG ZA 10 4.79 -39.06 -89.01
CA ARG ZA 10 4.20 -38.83 -90.32
C ARG ZA 10 3.75 -37.38 -90.51
N VAL ZA 11 3.43 -36.66 -89.44
CA VAL ZA 11 3.19 -35.23 -89.53
C VAL ZA 11 4.46 -34.42 -89.28
N ALA ZA 12 5.60 -35.09 -89.16
CA ALA ZA 12 6.90 -34.43 -89.14
C ALA ZA 12 7.67 -34.67 -90.43
N ALA ZA 13 7.09 -35.43 -91.37
CA ALA ZA 13 7.70 -35.71 -92.65
C ALA ZA 13 7.70 -34.45 -93.52
N PRO ZA 14 8.54 -34.42 -94.57
CA PRO ZA 14 8.42 -33.34 -95.56
C PRO ZA 14 7.08 -33.38 -96.28
N LYS ZA 15 6.50 -32.19 -96.46
CA LYS ZA 15 5.14 -32.08 -96.96
C LYS ZA 15 5.06 -32.37 -98.45
N HIS ZA 16 6.18 -32.31 -99.17
CA HIS ZA 16 6.19 -32.66 -100.58
C HIS ZA 16 6.19 -34.15 -100.83
N TRP ZA 17 6.21 -34.98 -99.78
CA TRP ZA 17 6.02 -36.42 -99.96
C TRP ZA 17 4.56 -36.77 -100.12
N MET ZA 18 3.65 -35.91 -99.62
CA MET ZA 18 2.21 -36.07 -99.68
C MET ZA 18 1.76 -37.35 -98.98
N LEU ZA 19 2.30 -37.56 -97.78
CA LEU ZA 19 1.81 -38.62 -96.92
C LEU ZA 19 0.59 -38.13 -96.17
N ASP ZA 20 -0.42 -39.00 -96.07
CA ASP ZA 20 -1.68 -38.67 -95.44
C ASP ZA 20 -1.59 -38.75 -93.92
N LYS ZA 21 -2.72 -38.79 -93.22
CA LYS ZA 21 -2.71 -38.80 -91.77
C LYS ZA 21 -3.22 -40.10 -91.15
N LEU ZA 22 -4.11 -40.83 -91.82
CA LEU ZA 22 -4.75 -41.99 -91.24
C LEU ZA 22 -4.21 -43.31 -91.76
N THR ZA 23 -2.98 -43.31 -92.29
CA THR ZA 23 -2.37 -44.58 -92.68
C THR ZA 23 -1.53 -45.16 -91.56
N GLY ZA 24 -0.74 -44.33 -90.89
CA GLY ZA 24 0.06 -44.84 -89.80
C GLY ZA 24 0.61 -43.69 -88.98
N VAL ZA 25 1.35 -44.06 -87.94
CA VAL ZA 25 1.99 -43.08 -87.08
C VAL ZA 25 3.29 -42.59 -87.69
N PHE ZA 26 4.10 -43.52 -88.19
CA PHE ZA 26 5.40 -43.20 -88.69
C PHE ZA 26 5.57 -42.96 -90.17
N ALA ZA 27 6.59 -42.17 -90.46
CA ALA ZA 27 7.02 -41.84 -91.81
C ALA ZA 27 8.27 -42.63 -92.13
N PRO ZA 28 8.61 -42.85 -93.41
CA PRO ZA 28 9.63 -43.86 -93.75
C PRO ZA 28 11.06 -43.57 -93.31
N ARG ZA 29 11.40 -42.33 -92.89
CA ARG ZA 29 12.71 -41.95 -92.35
C ARG ZA 29 13.85 -42.34 -93.31
N PRO ZA 30 14.08 -41.54 -94.35
CA PRO ZA 30 15.06 -41.93 -95.37
C PRO ZA 30 16.46 -42.02 -94.80
N SER ZA 31 17.23 -42.96 -95.32
CA SER ZA 31 18.52 -43.31 -94.75
C SER ZA 31 19.52 -42.18 -94.95
N THR ZA 32 20.66 -42.32 -94.29
CA THR ZA 32 21.78 -41.46 -94.58
C THR ZA 32 22.27 -41.78 -95.99
N GLY ZA 33 22.55 -40.74 -96.77
CA GLY ZA 33 22.92 -40.95 -98.14
C GLY ZA 33 23.45 -39.69 -98.80
N PRO ZA 34 23.36 -39.63 -100.13
CA PRO ZA 34 23.89 -38.46 -100.85
C PRO ZA 34 23.04 -37.22 -100.70
N HIS ZA 35 21.75 -37.38 -100.43
CA HIS ZA 35 20.82 -36.26 -100.37
C HIS ZA 35 20.30 -36.08 -98.96
N LYS ZA 36 19.99 -34.83 -98.63
CA LYS ZA 36 19.53 -34.47 -97.29
C LYS ZA 36 18.13 -35.03 -97.04
N LEU ZA 37 17.80 -35.18 -95.75
CA LEU ZA 37 16.56 -35.84 -95.35
C LEU ZA 37 15.33 -35.04 -95.71
N ARG ZA 38 15.45 -33.72 -95.82
CA ARG ZA 38 14.34 -32.89 -96.26
C ARG ZA 38 14.24 -32.86 -97.77
N GLU ZA 39 15.38 -32.70 -98.45
CA GLU ZA 39 15.43 -32.53 -99.91
C GLU ZA 39 15.60 -33.85 -100.63
N CYS ZA 40 14.75 -34.84 -100.35
CA CYS ZA 40 14.88 -36.14 -101.00
C CYS ZA 40 13.53 -36.83 -101.08
N LEU ZA 41 13.50 -37.92 -101.81
CA LEU ZA 41 12.33 -38.79 -101.91
C LEU ZA 41 12.83 -40.22 -101.73
N PRO ZA 42 12.46 -40.90 -100.65
CA PRO ZA 42 12.96 -42.26 -100.43
C PRO ZA 42 12.32 -43.25 -101.38
N LEU ZA 43 12.95 -44.42 -101.48
CA LEU ZA 43 12.61 -45.38 -102.52
C LEU ZA 43 11.31 -46.11 -102.24
N ILE ZA 44 10.81 -46.09 -101.00
CA ILE ZA 44 9.59 -46.82 -100.71
C ILE ZA 44 8.34 -46.03 -101.11
N ILE ZA 45 8.38 -44.70 -101.04
CA ILE ZA 45 7.21 -43.89 -101.37
C ILE ZA 45 7.30 -43.31 -102.78
N PHE ZA 46 8.25 -43.78 -103.58
CA PHE ZA 46 8.24 -43.59 -105.02
C PHE ZA 46 7.64 -44.79 -105.74
N LEU ZA 47 7.86 -45.97 -105.20
CA LEU ZA 47 7.39 -47.23 -105.77
C LEU ZA 47 6.02 -47.63 -105.23
N ARG ZA 48 5.52 -46.98 -104.20
CA ARG ZA 48 4.21 -47.29 -103.63
C ARG ZA 48 3.25 -46.11 -103.71
N ASN ZA 49 3.65 -44.93 -103.26
CA ASN ZA 49 2.74 -43.80 -103.21
C ASN ZA 49 2.67 -43.02 -104.51
N ARG ZA 50 3.63 -43.21 -105.40
CA ARG ZA 50 3.65 -42.52 -106.69
C ARG ZA 50 3.27 -43.45 -107.84
N LEU ZA 51 3.97 -44.58 -107.95
CA LEU ZA 51 3.79 -45.48 -109.09
C LEU ZA 51 2.78 -46.58 -108.83
N LYS ZA 52 2.53 -46.89 -107.55
CA LYS ZA 52 1.57 -47.91 -107.10
C LYS ZA 52 1.85 -49.29 -107.69
N TYR ZA 53 3.13 -49.63 -107.87
CA TYR ZA 53 3.48 -51.02 -108.16
C TYR ZA 53 3.21 -51.91 -106.96
N ALA ZA 54 3.50 -51.40 -105.76
CA ALA ZA 54 3.30 -52.13 -104.52
C ALA ZA 54 2.21 -51.44 -103.71
N LEU ZA 55 1.48 -52.23 -102.92
CA LEU ZA 55 0.43 -51.71 -102.07
C LEU ZA 55 0.87 -51.50 -100.63
N THR ZA 56 1.77 -52.34 -100.13
CA THR ZA 56 2.29 -52.21 -98.78
C THR ZA 56 3.80 -51.96 -98.85
N GLY ZA 57 4.38 -51.60 -97.71
CA GLY ZA 57 5.81 -51.44 -97.63
C GLY ZA 57 6.57 -52.75 -97.53
N ASP ZA 58 5.88 -53.83 -97.18
CA ASP ZA 58 6.53 -55.14 -97.13
C ASP ZA 58 6.80 -55.70 -98.52
N GLU ZA 59 6.04 -55.28 -99.52
CA GLU ZA 59 6.26 -55.74 -100.88
C GLU ZA 59 6.96 -54.70 -101.75
N VAL ZA 60 7.35 -53.55 -101.18
CA VAL ZA 60 8.43 -52.77 -101.75
C VAL ZA 60 9.75 -53.48 -101.50
N LYS ZA 61 9.82 -54.22 -100.38
CA LYS ZA 61 11.02 -54.96 -100.02
C LYS ZA 61 11.30 -56.11 -100.98
N LYS ZA 62 10.25 -56.77 -101.50
CA LYS ZA 62 10.47 -57.92 -102.37
C LYS ZA 62 10.44 -57.54 -103.85
N ILE ZA 63 10.52 -56.25 -104.17
CA ILE ZA 63 10.94 -55.78 -105.47
C ILE ZA 63 12.25 -55.02 -105.40
N CYS ZA 64 12.92 -55.07 -104.25
CA CYS ZA 64 14.30 -54.63 -104.10
C CYS ZA 64 15.24 -55.78 -103.82
N MET ZA 65 14.78 -56.84 -103.16
CA MET ZA 65 15.60 -58.03 -102.97
C MET ZA 65 15.73 -58.85 -104.24
N GLN ZA 66 14.83 -58.66 -105.20
CA GLN ZA 66 14.92 -59.31 -106.49
C GLN ZA 66 15.85 -58.56 -107.44
N ARG ZA 67 16.35 -57.39 -107.02
CA ARG ZA 67 17.50 -56.70 -107.62
C ARG ZA 67 17.22 -56.20 -109.04
N PHE ZA 68 16.14 -55.46 -109.21
CA PHE ZA 68 15.97 -54.67 -110.42
C PHE ZA 68 15.46 -53.27 -110.08
N ILE ZA 69 16.08 -52.65 -109.09
CA ILE ZA 69 15.95 -51.22 -108.84
C ILE ZA 69 17.36 -50.64 -108.94
N LYS ZA 70 17.59 -49.83 -109.97
CA LYS ZA 70 18.90 -49.25 -110.24
C LYS ZA 70 18.80 -47.75 -110.12
N ILE ZA 71 19.56 -47.17 -109.21
CA ILE ZA 71 19.67 -45.72 -109.06
C ILE ZA 71 21.10 -45.35 -109.40
N ASP ZA 72 21.26 -44.42 -110.36
CA ASP ZA 72 22.55 -43.97 -110.89
C ASP ZA 72 23.39 -45.12 -111.44
N GLY ZA 73 22.72 -46.10 -112.03
CA GLY ZA 73 23.39 -47.26 -112.59
C GLY ZA 73 23.76 -48.34 -111.60
N LYS ZA 74 23.62 -48.09 -110.30
CA LYS ZA 74 23.99 -49.05 -109.26
C LYS ZA 74 22.74 -49.64 -108.65
N VAL ZA 75 22.77 -50.95 -108.40
CA VAL ZA 75 21.60 -51.66 -107.88
C VAL ZA 75 21.43 -51.32 -106.41
N ARG ZA 76 20.40 -50.55 -106.09
CA ARG ZA 76 20.08 -50.19 -104.73
C ARG ZA 76 19.11 -51.22 -104.15
N THR ZA 77 19.31 -51.55 -102.88
CA THR ZA 77 18.52 -52.59 -102.25
C THR ZA 77 17.98 -52.16 -100.88
N ASP ZA 78 18.22 -50.93 -100.46
CA ASP ZA 78 17.64 -50.38 -99.24
C ASP ZA 78 16.35 -49.64 -99.63
N ILE ZA 79 15.24 -50.02 -99.00
CA ILE ZA 79 13.94 -49.48 -99.38
C ILE ZA 79 13.76 -48.03 -98.97
N THR ZA 80 14.58 -47.51 -98.06
CA THR ZA 80 14.52 -46.13 -97.64
C THR ZA 80 15.78 -45.37 -98.07
N TYR ZA 81 16.32 -45.73 -99.23
CA TYR ZA 81 17.46 -45.01 -99.78
C TYR ZA 81 17.03 -43.65 -100.27
N PRO ZA 82 17.70 -42.57 -99.86
CA PRO ZA 82 17.31 -41.24 -100.33
C PRO ZA 82 17.67 -41.02 -101.79
N ALA ZA 83 16.67 -41.05 -102.66
CA ALA ZA 83 16.94 -40.97 -104.09
C ALA ZA 83 17.19 -39.54 -104.53
N GLY ZA 84 16.46 -38.58 -103.96
CA GLY ZA 84 16.84 -37.19 -104.12
C GLY ZA 84 16.60 -36.60 -105.51
N PHE ZA 85 17.33 -35.52 -105.76
CA PHE ZA 85 17.21 -34.76 -107.01
C PHE ZA 85 18.23 -35.25 -108.04
N MET ZA 86 17.80 -35.26 -109.30
CA MET ZA 86 18.53 -35.63 -110.52
C MET ZA 86 18.92 -37.11 -110.65
N ASP ZA 87 18.66 -37.95 -109.66
CA ASP ZA 87 19.07 -39.34 -109.81
C ASP ZA 87 18.14 -40.10 -110.73
N VAL ZA 88 18.72 -41.03 -111.49
CA VAL ZA 88 18.01 -41.76 -112.53
C VAL ZA 88 17.64 -43.13 -111.97
N ILE ZA 89 16.36 -43.36 -111.79
CA ILE ZA 89 15.85 -44.66 -111.36
C ILE ZA 89 15.52 -45.48 -112.59
N SER ZA 90 15.95 -46.74 -112.61
CA SER ZA 90 15.72 -47.64 -113.74
C SER ZA 90 15.13 -48.93 -113.22
N ILE ZA 91 13.92 -49.25 -113.66
CA ILE ZA 91 13.27 -50.50 -113.27
C ILE ZA 91 13.79 -51.65 -114.12
N ASP ZA 92 13.85 -51.44 -115.43
CA ASP ZA 92 14.62 -52.19 -116.42
C ASP ZA 92 14.04 -53.59 -116.71
N LYS ZA 93 13.03 -54.03 -115.96
CA LYS ZA 93 12.33 -55.22 -116.36
C LYS ZA 93 11.15 -54.86 -117.25
N THR ZA 94 10.46 -53.78 -116.92
CA THR ZA 94 9.47 -53.16 -117.80
C THR ZA 94 10.00 -51.91 -118.49
N GLY ZA 95 11.29 -51.60 -118.30
CA GLY ZA 95 11.96 -50.56 -119.06
C GLY ZA 95 11.49 -49.14 -118.82
N GLU ZA 96 11.44 -48.72 -117.56
CA GLU ZA 96 10.80 -47.45 -117.23
C GLU ZA 96 11.72 -46.24 -117.41
N ASN ZA 97 12.85 -46.24 -116.69
CA ASN ZA 97 13.88 -45.19 -116.74
C ASN ZA 97 13.31 -43.81 -116.39
N PHE ZA 98 13.02 -43.64 -115.09
CA PHE ZA 98 12.55 -42.35 -114.61
C PHE ZA 98 13.70 -41.39 -114.37
N ARG ZA 99 13.35 -40.16 -114.01
CA ARG ZA 99 14.31 -39.17 -113.51
C ARG ZA 99 13.58 -38.29 -112.52
N LEU ZA 100 14.19 -38.07 -111.35
CA LEU ZA 100 13.57 -37.29 -110.30
C LEU ZA 100 13.99 -35.83 -110.40
N ILE ZA 101 13.10 -35.00 -110.96
CA ILE ZA 101 13.22 -33.56 -110.90
C ILE ZA 101 11.86 -32.99 -110.49
N TYR ZA 102 11.88 -31.78 -109.95
CA TYR ZA 102 10.68 -31.19 -109.38
C TYR ZA 102 9.73 -30.70 -110.46
N ASP ZA 103 8.45 -30.57 -110.11
CA ASP ZA 103 7.54 -29.78 -110.90
C ASP ZA 103 7.35 -28.44 -110.20
N THR ZA 104 6.55 -27.57 -110.80
CA THR ZA 104 6.51 -26.18 -110.34
C THR ZA 104 5.68 -25.99 -109.07
N LYS ZA 105 4.99 -27.01 -108.59
CA LYS ZA 105 4.33 -26.94 -107.29
C LYS ZA 105 5.19 -27.47 -106.16
N GLY ZA 106 6.50 -27.56 -106.38
CA GLY ZA 106 7.42 -27.87 -105.30
C GLY ZA 106 7.54 -29.33 -104.94
N ARG ZA 107 7.12 -30.24 -105.83
CA ARG ZA 107 7.04 -31.65 -105.50
C ARG ZA 107 7.77 -32.45 -106.58
N PHE ZA 108 8.24 -33.64 -106.22
CA PHE ZA 108 8.85 -34.50 -107.23
C PHE ZA 108 7.78 -35.06 -108.15
N ALA ZA 109 8.05 -35.00 -109.45
CA ALA ZA 109 7.13 -35.47 -110.46
C ALA ZA 109 7.54 -36.85 -110.96
N VAL ZA 110 6.55 -37.61 -111.43
CA VAL ZA 110 6.81 -38.89 -112.08
C VAL ZA 110 7.13 -38.57 -113.54
N HIS ZA 111 8.41 -38.53 -113.88
CA HIS ZA 111 8.88 -38.06 -115.17
C HIS ZA 111 9.70 -39.16 -115.84
N ARG ZA 112 9.26 -39.59 -117.01
CA ARG ZA 112 9.94 -40.64 -117.75
C ARG ZA 112 10.92 -40.04 -118.76
N ILE ZA 113 12.10 -40.63 -118.84
CA ILE ZA 113 13.10 -40.25 -119.83
C ILE ZA 113 13.40 -41.47 -120.69
N THR ZA 114 14.05 -41.22 -121.82
CA THR ZA 114 14.34 -42.27 -122.79
C THR ZA 114 15.46 -43.17 -122.26
N PRO ZA 115 15.59 -44.40 -122.79
CA PRO ZA 115 16.72 -45.26 -122.37
C PRO ZA 115 18.10 -44.76 -122.77
N GLU ZA 116 18.21 -43.73 -123.62
CA GLU ZA 116 19.48 -43.09 -123.89
C GLU ZA 116 19.67 -41.80 -123.09
N GLU ZA 117 18.62 -41.29 -122.46
CA GLU ZA 117 18.73 -40.17 -121.53
C GLU ZA 117 19.06 -40.64 -120.13
N ALA ZA 118 18.91 -41.93 -119.85
CA ALA ZA 118 19.29 -42.54 -118.58
C ALA ZA 118 20.78 -42.85 -118.50
N LYS ZA 119 21.59 -42.30 -119.40
CA LYS ZA 119 23.03 -42.56 -119.44
C LYS ZA 119 23.84 -41.47 -118.76
N TYR ZA 120 23.19 -40.46 -118.18
CA TYR ZA 120 23.89 -39.31 -117.62
C TYR ZA 120 22.98 -38.62 -116.63
N LYS ZA 121 23.56 -37.64 -115.92
CA LYS ZA 121 22.83 -36.75 -115.03
C LYS ZA 121 23.68 -35.50 -114.83
N LEU ZA 122 23.08 -34.48 -114.24
CA LEU ZA 122 23.74 -33.21 -114.03
C LEU ZA 122 23.96 -32.98 -112.54
N CYS ZA 123 25.03 -32.26 -112.21
CA CYS ZA 123 25.49 -32.16 -110.83
C CYS ZA 123 26.02 -30.77 -110.54
N LYS ZA 124 25.44 -30.10 -109.56
CA LYS ZA 124 25.92 -28.80 -109.11
C LYS ZA 124 27.18 -28.97 -108.28
N VAL ZA 125 28.26 -28.30 -108.67
CA VAL ZA 125 29.52 -28.39 -107.94
C VAL ZA 125 29.42 -27.56 -106.67
N ARG ZA 126 29.54 -28.23 -105.52
CA ARG ZA 126 29.45 -27.56 -104.23
C ARG ZA 126 30.79 -27.05 -103.70
N LYS ZA 127 31.86 -27.81 -103.91
CA LYS ZA 127 33.13 -27.45 -103.29
C LYS ZA 127 34.29 -27.86 -104.17
N ILE ZA 128 35.21 -26.93 -104.39
CA ILE ZA 128 36.45 -27.16 -105.12
C ILE ZA 128 37.59 -27.14 -104.11
N PHE ZA 129 38.26 -28.26 -103.93
CA PHE ZA 129 39.45 -28.31 -103.09
C PHE ZA 129 40.53 -29.14 -103.77
N VAL ZA 130 41.78 -28.85 -103.43
CA VAL ZA 130 42.92 -29.60 -103.93
C VAL ZA 130 43.32 -30.63 -102.87
N GLY ZA 131 43.47 -31.88 -103.29
CA GLY ZA 131 43.84 -32.96 -102.40
C GLY ZA 131 45.33 -33.11 -102.26
N THR ZA 132 45.71 -34.23 -101.64
CA THR ZA 132 47.11 -34.54 -101.37
C THR ZA 132 47.85 -34.78 -102.69
N LYS ZA 133 49.15 -34.43 -102.69
CA LYS ZA 133 50.07 -34.43 -103.84
C LYS ZA 133 49.65 -33.41 -104.90
N GLY ZA 134 48.88 -32.40 -104.53
CA GLY ZA 134 48.59 -31.30 -105.43
C GLY ZA 134 47.61 -31.61 -106.54
N ILE ZA 135 46.67 -32.52 -106.30
CA ILE ZA 135 45.70 -32.89 -107.34
C ILE ZA 135 44.33 -32.39 -106.92
N PRO ZA 136 43.51 -31.90 -107.84
CA PRO ZA 136 42.24 -31.28 -107.46
C PRO ZA 136 41.11 -32.28 -107.29
N HIS ZA 137 40.06 -31.82 -106.60
CA HIS ZA 137 38.85 -32.58 -106.39
C HIS ZA 137 37.65 -31.65 -106.49
N LEU ZA 138 36.48 -32.23 -106.77
CA LEU ZA 138 35.23 -31.50 -106.63
C LEU ZA 138 34.20 -32.37 -105.94
N VAL ZA 139 33.27 -31.72 -105.25
CA VAL ZA 139 32.15 -32.39 -104.59
C VAL ZA 139 30.87 -31.84 -105.18
N THR ZA 140 29.98 -32.73 -105.60
CA THR ZA 140 28.74 -32.34 -106.25
C THR ZA 140 27.65 -32.13 -105.19
N HIS ZA 141 26.40 -32.00 -105.63
CA HIS ZA 141 25.28 -31.98 -104.70
C HIS ZA 141 24.96 -33.37 -104.16
N ASP ZA 142 25.54 -34.40 -104.78
CA ASP ZA 142 25.69 -35.72 -104.19
C ASP ZA 142 26.93 -35.70 -103.31
N ALA ZA 143 27.44 -36.87 -102.91
CA ALA ZA 143 28.74 -36.91 -102.26
C ALA ZA 143 29.83 -37.34 -103.24
N ARG ZA 144 29.61 -37.10 -104.53
CA ARG ZA 144 30.54 -37.56 -105.56
C ARG ZA 144 31.81 -36.74 -105.52
N THR ZA 145 32.88 -37.34 -104.99
CA THR ZA 145 34.21 -36.78 -105.08
C THR ZA 145 34.84 -37.26 -106.37
N ILE ZA 146 35.26 -36.33 -107.21
CA ILE ZA 146 35.78 -36.63 -108.54
C ILE ZA 146 37.19 -36.09 -108.64
N ARG ZA 147 38.14 -36.97 -108.92
CA ARG ZA 147 39.53 -36.57 -109.09
C ARG ZA 147 39.75 -36.00 -110.48
N TYR ZA 148 40.65 -35.03 -110.56
CA TYR ZA 148 41.12 -34.33 -111.76
C TYR ZA 148 40.01 -33.76 -112.62
N PRO ZA 149 39.33 -32.68 -112.22
CA PRO ZA 149 38.36 -32.04 -113.10
C PRO ZA 149 39.02 -31.01 -114.01
N ASP ZA 150 38.22 -30.46 -114.91
CA ASP ZA 150 38.69 -29.42 -115.79
C ASP ZA 150 38.95 -28.23 -114.87
N PRO ZA 151 40.05 -27.48 -115.05
CA PRO ZA 151 40.32 -26.31 -114.21
C PRO ZA 151 39.40 -25.12 -114.40
N LEU ZA 152 38.56 -25.09 -115.44
CA LEU ZA 152 37.61 -24.00 -115.60
C LEU ZA 152 36.38 -24.25 -114.72
N ILE ZA 153 36.18 -25.48 -114.22
CA ILE ZA 153 35.03 -25.80 -113.40
C ILE ZA 153 35.22 -25.21 -112.01
N LYS ZA 154 34.26 -24.39 -111.57
CA LYS ZA 154 34.36 -23.75 -110.26
C LYS ZA 154 33.11 -24.03 -109.41
N VAL ZA 155 32.98 -23.33 -108.29
CA VAL ZA 155 31.84 -23.48 -107.41
C VAL ZA 155 30.59 -22.93 -108.11
N ASN ZA 156 29.43 -23.52 -107.79
CA ASN ZA 156 28.09 -23.18 -108.30
C ASN ZA 156 27.95 -23.45 -109.79
N ASP ZA 157 28.81 -24.28 -110.36
CA ASP ZA 157 28.71 -24.70 -111.74
C ASP ZA 157 28.09 -26.08 -111.81
N THR ZA 158 27.56 -26.41 -112.99
CA THR ZA 158 26.94 -27.71 -113.20
C THR ZA 158 27.82 -28.53 -114.14
N ILE ZA 159 28.07 -29.78 -113.79
CA ILE ZA 159 28.79 -30.70 -114.64
C ILE ZA 159 27.81 -31.74 -115.15
N GLN ZA 160 28.27 -32.57 -116.08
CA GLN ZA 160 27.47 -33.64 -116.68
C GLN ZA 160 28.30 -34.91 -116.60
N ILE ZA 161 28.14 -35.64 -115.51
CA ILE ZA 161 28.81 -36.93 -115.37
C ILE ZA 161 27.89 -38.02 -115.88
N ASP ZA 162 28.47 -38.96 -116.62
CA ASP ZA 162 27.71 -40.10 -117.10
C ASP ZA 162 27.61 -41.16 -116.01
N LEU ZA 163 26.50 -41.90 -116.04
CA LEU ZA 163 26.35 -43.01 -115.12
C LEU ZA 163 27.22 -44.16 -115.58
N GLU ZA 164 27.55 -45.06 -114.62
CA GLU ZA 164 28.29 -46.32 -114.79
C GLU ZA 164 29.78 -46.09 -115.07
N THR ZA 165 30.18 -44.84 -115.28
CA THR ZA 165 31.56 -44.45 -115.50
C THR ZA 165 32.03 -43.39 -114.52
N GLY ZA 166 31.20 -42.40 -114.23
CA GLY ZA 166 31.55 -41.39 -113.25
C GLY ZA 166 32.54 -40.36 -113.73
N LYS ZA 167 32.67 -40.18 -115.05
CA LYS ZA 167 33.61 -39.22 -115.61
C LYS ZA 167 32.85 -37.98 -116.08
N ILE ZA 168 33.48 -36.82 -115.90
CA ILE ZA 168 32.90 -35.57 -116.38
C ILE ZA 168 32.95 -35.55 -117.90
N THR ZA 169 31.79 -35.46 -118.53
CA THR ZA 169 31.70 -35.38 -119.98
C THR ZA 169 31.66 -33.94 -120.46
N ASP ZA 170 30.81 -33.13 -119.87
CA ASP ZA 170 30.68 -31.73 -120.23
C ASP ZA 170 30.36 -30.96 -118.97
N PHE ZA 171 30.48 -29.63 -119.05
CA PHE ZA 171 30.12 -28.79 -117.92
C PHE ZA 171 29.53 -27.50 -118.45
N ILE ZA 172 29.06 -26.68 -117.53
CA ILE ZA 172 28.44 -25.39 -117.85
C ILE ZA 172 28.66 -24.45 -116.68
N LYS ZA 173 29.16 -23.26 -116.97
CA LYS ZA 173 29.52 -22.29 -115.96
C LYS ZA 173 28.27 -21.62 -115.39
N PHE ZA 174 28.49 -20.76 -114.39
CA PHE ZA 174 27.43 -19.98 -113.76
C PHE ZA 174 27.60 -18.54 -114.23
N ASP ZA 175 26.88 -18.18 -115.29
CA ASP ZA 175 26.88 -16.84 -115.82
C ASP ZA 175 25.44 -16.44 -116.09
N THR ZA 176 25.21 -15.14 -116.20
CA THR ZA 176 23.87 -14.63 -116.47
C THR ZA 176 23.38 -15.06 -117.85
N GLY ZA 177 22.06 -15.16 -117.98
CA GLY ZA 177 21.48 -15.66 -119.20
C GLY ZA 177 21.66 -17.15 -119.40
N ASN ZA 178 21.81 -17.91 -118.33
CA ASN ZA 178 21.81 -19.37 -118.38
C ASN ZA 178 20.52 -19.91 -117.78
N LEU ZA 179 19.96 -20.92 -118.42
CA LEU ZA 179 18.67 -21.48 -118.02
C LEU ZA 179 18.88 -22.37 -116.81
N CYS ZA 180 18.17 -22.09 -115.72
CA CYS ZA 180 18.38 -22.77 -114.45
C CYS ZA 180 17.07 -23.19 -113.83
N MET ZA 181 17.14 -24.17 -112.94
CA MET ZA 181 16.02 -24.62 -112.13
C MET ZA 181 16.27 -24.23 -110.68
N VAL ZA 182 15.19 -23.87 -109.96
CA VAL ZA 182 15.30 -23.55 -108.54
C VAL ZA 182 15.01 -24.79 -107.72
N THR ZA 183 15.96 -25.18 -106.88
CA THR ZA 183 15.86 -26.33 -105.99
C THR ZA 183 15.94 -25.83 -104.55
N GLY ZA 184 14.80 -25.42 -104.01
CA GLY ZA 184 14.70 -24.98 -102.63
C GLY ZA 184 14.03 -23.64 -102.48
N GLY ZA 185 13.16 -23.51 -101.48
CA GLY ZA 185 12.55 -22.24 -101.15
C GLY ZA 185 11.10 -22.16 -101.56
N ALA ZA 186 10.61 -20.93 -101.69
CA ALA ZA 186 9.23 -20.71 -102.11
C ALA ZA 186 9.06 -20.94 -103.61
N ASN ZA 187 10.11 -20.76 -104.39
CA ASN ZA 187 10.07 -20.86 -105.84
C ASN ZA 187 10.56 -22.22 -106.33
N LEU ZA 188 10.35 -23.26 -105.53
CA LEU ZA 188 10.84 -24.60 -105.86
C LEU ZA 188 10.14 -25.16 -107.09
N GLY ZA 189 10.95 -25.56 -108.07
CA GLY ZA 189 10.46 -26.12 -109.31
C GLY ZA 189 10.35 -25.15 -110.46
N ARG ZA 190 10.53 -23.86 -110.21
CA ARG ZA 190 10.40 -22.87 -111.27
C ARG ZA 190 11.68 -22.77 -112.07
N ILE ZA 191 11.55 -22.62 -113.39
CA ILE ZA 191 12.65 -22.68 -114.33
C ILE ZA 191 12.72 -21.36 -115.08
N GLY ZA 192 13.87 -20.71 -115.05
CA GLY ZA 192 14.04 -19.48 -115.81
C GLY ZA 192 15.51 -19.22 -116.06
N VAL ZA 193 15.77 -18.19 -116.83
CA VAL ZA 193 17.15 -17.78 -117.12
C VAL ZA 193 17.62 -16.79 -116.08
N ILE ZA 194 18.91 -16.82 -115.79
CA ILE ZA 194 19.50 -15.98 -114.76
C ILE ZA 194 19.63 -14.56 -115.30
N THR ZA 195 19.26 -13.58 -114.49
CA THR ZA 195 19.35 -12.18 -114.86
C THR ZA 195 20.43 -11.43 -114.10
N ASN ZA 196 20.44 -11.53 -112.77
CA ASN ZA 196 21.44 -10.87 -111.95
C ASN ZA 196 22.07 -11.88 -110.99
N ARG ZA 197 23.22 -11.48 -110.46
CA ARG ZA 197 23.93 -12.22 -109.43
C ARG ZA 197 24.34 -11.23 -108.35
N GLU ZA 198 23.32 -10.55 -107.82
CA GLU ZA 198 23.45 -9.60 -106.72
C GLU ZA 198 24.21 -10.19 -105.53
N ARG ZA 199 25.41 -9.66 -105.28
CA ARG ZA 199 26.33 -10.23 -104.31
C ARG ZA 199 26.19 -9.54 -102.95
N HIS ZA 200 26.28 -10.33 -101.89
CA HIS ZA 200 26.34 -9.81 -100.53
C HIS ZA 200 27.50 -10.47 -99.83
N PRO ZA 201 28.53 -9.72 -99.45
CA PRO ZA 201 29.67 -10.32 -98.72
C PRO ZA 201 29.25 -10.74 -97.33
N GLY ZA 202 29.65 -11.94 -96.94
CA GLY ZA 202 29.27 -12.49 -95.64
C GLY ZA 202 27.91 -13.17 -95.61
N SER ZA 203 26.89 -12.49 -96.12
CA SER ZA 203 25.54 -13.04 -96.15
C SER ZA 203 25.38 -13.92 -97.39
N PHE ZA 204 24.14 -14.32 -97.67
CA PHE ZA 204 23.85 -15.18 -98.80
C PHE ZA 204 23.61 -14.35 -100.05
N ASP ZA 205 23.97 -14.92 -101.20
CA ASP ZA 205 23.90 -14.22 -102.47
C ASP ZA 205 22.56 -14.49 -103.14
N VAL ZA 206 21.76 -13.44 -103.31
CA VAL ZA 206 20.45 -13.56 -103.92
C VAL ZA 206 20.58 -13.29 -105.41
N VAL ZA 207 20.09 -14.22 -106.23
CA VAL ZA 207 20.10 -14.04 -107.68
C VAL ZA 207 18.68 -13.74 -108.15
N HIS ZA 208 18.57 -13.07 -109.29
CA HIS ZA 208 17.30 -12.72 -109.89
C HIS ZA 208 17.10 -13.54 -111.15
N VAL ZA 209 15.93 -14.16 -111.28
CA VAL ZA 209 15.64 -15.10 -112.34
C VAL ZA 209 14.36 -14.66 -113.05
N LYS ZA 210 14.38 -14.64 -114.37
CA LYS ZA 210 13.22 -14.35 -115.20
C LYS ZA 210 12.88 -15.58 -116.04
N ASP ZA 211 11.61 -15.98 -116.02
CA ASP ZA 211 11.21 -17.21 -116.69
C ASP ZA 211 10.77 -16.92 -118.13
N ALA ZA 212 10.14 -17.91 -118.77
CA ALA ZA 212 9.75 -17.81 -120.16
C ALA ZA 212 8.47 -17.02 -120.40
N ASN ZA 213 7.87 -16.45 -119.35
CA ASN ZA 213 6.69 -15.61 -119.51
C ASN ZA 213 6.85 -14.27 -118.79
N GLY ZA 214 8.09 -13.79 -118.69
CA GLY ZA 214 8.35 -12.45 -118.20
C GLY ZA 214 8.30 -12.28 -116.70
N ASN ZA 215 7.90 -13.29 -115.94
CA ASN ZA 215 7.80 -13.15 -114.50
C ASN ZA 215 9.19 -13.18 -113.86
N SER ZA 216 9.42 -12.29 -112.91
CA SER ZA 216 10.70 -12.15 -112.25
C SER ZA 216 10.58 -12.58 -110.80
N PHE ZA 217 11.43 -13.52 -110.39
CA PHE ZA 217 11.46 -13.99 -109.01
C PHE ZA 217 12.92 -14.14 -108.58
N ALA ZA 218 13.13 -14.15 -107.27
CA ALA ZA 218 14.47 -14.12 -106.71
C ALA ZA 218 14.60 -15.14 -105.61
N THR ZA 219 15.64 -15.96 -105.69
CA THR ZA 219 16.04 -16.89 -104.65
C THR ZA 219 17.50 -16.66 -104.31
N ARG ZA 220 18.00 -17.36 -103.30
CA ARG ZA 220 19.40 -17.26 -102.96
C ARG ZA 220 20.20 -18.28 -103.77
N LEU ZA 221 21.53 -18.24 -103.61
CA LEU ZA 221 22.42 -18.94 -104.54
C LEU ZA 221 22.43 -20.45 -104.31
N SER ZA 222 22.24 -20.89 -103.07
CA SER ZA 222 22.26 -22.31 -102.75
C SER ZA 222 21.00 -23.05 -103.20
N ASN ZA 223 20.02 -22.36 -103.78
CA ASN ZA 223 18.82 -22.98 -104.29
C ASN ZA 223 18.80 -23.07 -105.80
N ILE ZA 224 19.88 -22.70 -106.47
CA ILE ZA 224 19.94 -22.59 -107.92
C ILE ZA 224 20.65 -23.80 -108.50
N PHE ZA 225 20.01 -24.45 -109.47
CA PHE ZA 225 20.60 -25.55 -110.20
C PHE ZA 225 20.53 -25.21 -111.68
N VAL ZA 226 21.69 -25.09 -112.33
CA VAL ZA 226 21.73 -24.68 -113.73
C VAL ZA 226 21.55 -25.91 -114.61
N ILE ZA 227 20.57 -25.88 -115.50
CA ILE ZA 227 20.19 -27.05 -116.29
C ILE ZA 227 20.29 -26.81 -117.79
N GLY ZA 228 20.93 -25.72 -118.22
CA GLY ZA 228 20.96 -25.43 -119.64
C GLY ZA 228 21.68 -24.16 -120.04
N LYS ZA 229 22.25 -24.15 -121.24
CA LYS ZA 229 23.12 -23.07 -121.69
C LYS ZA 229 22.35 -22.12 -122.60
N GLY ZA 230 22.25 -20.87 -122.18
CA GLY ZA 230 21.61 -19.83 -122.94
C GLY ZA 230 20.10 -19.83 -122.80
N ASN ZA 231 19.45 -20.73 -123.52
CA ASN ZA 231 18.01 -20.93 -123.35
C ASN ZA 231 17.61 -22.39 -123.42
N LYS ZA 232 18.47 -23.27 -123.93
CA LYS ZA 232 18.10 -24.65 -124.22
C LYS ZA 232 18.56 -25.55 -123.10
N PRO ZA 233 17.69 -26.36 -122.50
CA PRO ZA 233 18.13 -27.25 -121.42
C PRO ZA 233 18.82 -28.49 -121.97
N TRP ZA 234 19.60 -29.12 -121.08
CA TRP ZA 234 20.26 -30.38 -121.41
C TRP ZA 234 19.48 -31.59 -120.94
N ILE ZA 235 18.43 -31.38 -120.15
CA ILE ZA 235 17.53 -32.44 -119.74
C ILE ZA 235 16.17 -32.19 -120.38
N SER ZA 236 15.31 -33.21 -120.34
CA SER ZA 236 13.93 -33.05 -120.76
C SER ZA 236 13.09 -32.61 -119.56
N LEU ZA 237 12.34 -31.54 -119.75
CA LEU ZA 237 11.54 -30.94 -118.69
C LEU ZA 237 10.18 -31.62 -118.60
N PRO ZA 238 9.52 -31.58 -117.45
CA PRO ZA 238 8.17 -32.14 -117.34
C PRO ZA 238 7.14 -31.20 -117.96
N ARG ZA 239 5.89 -31.65 -117.95
CA ARG ZA 239 4.79 -30.84 -118.45
C ARG ZA 239 4.58 -29.63 -117.55
N GLY ZA 240 4.16 -28.53 -118.16
CA GLY ZA 240 4.20 -27.22 -117.55
C GLY ZA 240 5.46 -26.45 -117.86
N LYS ZA 241 6.57 -27.18 -118.07
CA LYS ZA 241 7.88 -26.63 -118.48
C LYS ZA 241 8.43 -25.63 -117.47
N GLY ZA 242 8.16 -25.85 -116.19
CA GLY ZA 242 8.73 -25.03 -115.15
C GLY ZA 242 8.13 -23.66 -115.00
N ILE ZA 243 6.93 -23.44 -115.51
CA ILE ZA 243 6.26 -22.16 -115.41
C ILE ZA 243 5.20 -22.26 -114.33
N ARG ZA 244 5.35 -21.47 -113.28
CA ARG ZA 244 4.35 -21.43 -112.22
C ARG ZA 244 3.16 -20.60 -112.67
N LEU ZA 245 1.98 -21.19 -112.59
CA LEU ZA 245 0.75 -20.50 -112.89
C LEU ZA 245 0.12 -20.00 -111.60
N THR ZA 246 -0.55 -18.86 -111.68
CA THR ZA 246 -1.36 -18.42 -110.55
C THR ZA 246 -2.59 -19.32 -110.42
N ILE ZA 247 -3.20 -19.30 -109.24
CA ILE ZA 247 -4.34 -20.17 -108.99
C ILE ZA 247 -5.58 -19.71 -109.73
N ALA ZA 248 -5.61 -18.46 -110.19
CA ALA ZA 248 -6.74 -18.00 -111.00
C ALA ZA 248 -6.70 -18.59 -112.40
N GLU ZA 249 -5.50 -18.89 -112.92
CA GLU ZA 249 -5.35 -19.43 -114.26
C GLU ZA 249 -5.05 -20.93 -114.27
N GLU ZA 250 -5.07 -21.58 -113.11
CA GLU ZA 250 -5.16 -23.03 -113.06
C GLU ZA 250 -6.61 -23.49 -113.05
N ARG ZA 251 -7.51 -22.63 -112.58
CA ARG ZA 251 -8.93 -22.84 -112.77
C ARG ZA 251 -9.30 -22.76 -114.25
N ASP ZA 252 -8.56 -21.96 -115.02
CA ASP ZA 252 -8.75 -21.94 -116.47
C ASP ZA 252 -8.36 -23.27 -117.10
N LYS ZA 253 -7.26 -23.88 -116.63
CA LYS ZA 253 -6.84 -25.18 -117.12
C LYS ZA 253 -7.80 -26.29 -116.72
N ARG ZA 254 -8.57 -26.09 -115.65
CA ARG ZA 254 -9.45 -27.14 -115.13
C ARG ZA 254 -10.88 -27.02 -115.68
N LEU ZA 255 -11.37 -25.80 -115.88
CA LEU ZA 255 -12.72 -25.64 -116.41
C LEU ZA 255 -12.79 -25.76 -117.92
N ALA ZA 256 -11.65 -25.75 -118.61
CA ALA ZA 256 -11.63 -25.84 -120.07
C ALA ZA 256 -11.21 -27.21 -120.57
N ALA ZA 257 -10.28 -27.87 -119.90
CA ALA ZA 257 -9.89 -29.22 -120.31
C ALA ZA 257 -10.96 -30.24 -119.94
N LYS ZA 258 -11.74 -29.98 -118.90
CA LYS ZA 258 -12.89 -30.79 -118.55
C LYS ZA 258 -14.17 -30.28 -119.21
N GLN ZA 259 -14.06 -29.31 -120.12
CA GLN ZA 259 -15.18 -28.93 -120.97
C GLN ZA 259 -15.25 -29.83 -122.19
N SER ZA 260 -14.10 -30.27 -122.69
CA SER ZA 260 -14.02 -31.20 -123.81
C SER ZA 260 -14.05 -32.65 -123.37
N SER ZA 261 -14.25 -32.92 -122.08
CA SER ZA 261 -14.38 -34.27 -121.56
C SER ZA 261 -15.64 -34.49 -120.72
N GLY ZA 262 -16.36 -33.44 -120.37
CA GLY ZA 262 -17.59 -33.57 -119.62
C GLY ZA 262 -18.78 -32.95 -120.32
N ASP AB 1 -85.92 66.69 -11.99
CA ASP AB 1 -86.89 66.68 -13.07
C ASP AB 1 -87.53 65.30 -13.19
N ILE AB 2 -86.73 64.25 -13.02
CA ILE AB 2 -87.18 62.90 -13.33
C ILE AB 2 -87.38 62.04 -12.09
N LYS AB 3 -86.63 62.26 -11.01
CA LYS AB 3 -86.80 61.61 -9.70
C LYS AB 3 -86.72 60.09 -9.80
N LEU AB 4 -85.49 59.61 -10.01
CA LEU AB 4 -85.19 58.18 -10.02
C LEU AB 4 -85.69 57.49 -8.74
N PHE AB 5 -86.26 56.29 -8.92
CA PHE AB 5 -87.09 55.56 -7.94
C PHE AB 5 -88.28 56.36 -7.42
N GLY AB 6 -88.75 57.35 -8.17
CA GLY AB 6 -89.86 58.17 -7.73
C GLY AB 6 -89.49 59.31 -6.79
N LYS AB 7 -88.33 59.25 -6.14
CA LYS AB 7 -88.03 60.18 -5.06
C LYS AB 7 -86.60 60.70 -5.01
N TRP AB 8 -85.75 60.42 -5.99
CA TRP AB 8 -84.36 60.86 -5.95
C TRP AB 8 -84.03 61.70 -7.17
N SER AB 9 -83.89 63.00 -6.98
CA SER AB 9 -83.53 63.90 -8.05
C SER AB 9 -82.07 63.71 -8.45
N THR AB 10 -81.73 64.21 -9.64
CA THR AB 10 -80.43 63.97 -10.22
C THR AB 10 -79.72 65.21 -10.73
N ASP AB 11 -80.39 66.36 -10.80
CA ASP AB 11 -79.74 67.57 -11.30
C ASP AB 11 -79.11 68.39 -10.19
N ASP AB 12 -78.35 67.72 -9.33
CA ASP AB 12 -77.51 68.38 -8.34
C ASP AB 12 -76.17 67.69 -8.14
N VAL AB 13 -75.99 66.47 -8.63
CA VAL AB 13 -74.80 65.68 -8.34
C VAL AB 13 -73.63 66.17 -9.18
N GLN AB 14 -72.43 66.05 -8.62
CA GLN AB 14 -71.21 66.54 -9.25
C GLN AB 14 -70.20 65.40 -9.35
N ILE AB 15 -69.49 65.35 -10.46
CA ILE AB 15 -68.44 64.35 -10.66
C ILE AB 15 -67.11 64.98 -10.24
N ASN AB 16 -66.34 64.27 -9.43
CA ASN AB 16 -65.07 64.80 -8.95
C ASN AB 16 -64.02 64.80 -10.06
N ASP AB 17 -63.73 63.63 -10.62
CA ASP AB 17 -62.61 63.47 -11.54
C ASP AB 17 -63.06 63.79 -12.96
N ILE AB 18 -62.23 64.55 -13.68
CA ILE AB 18 -62.53 64.96 -15.05
C ILE AB 18 -62.50 63.78 -16.01
N SER AB 19 -61.77 62.72 -15.64
CA SER AB 19 -61.60 61.57 -16.52
C SER AB 19 -62.91 60.80 -16.70
N LEU AB 20 -63.63 60.57 -15.61
CA LEU AB 20 -64.76 59.64 -15.59
C LEU AB 20 -66.09 60.32 -15.86
N GLN AB 21 -66.08 61.56 -16.36
CA GLN AB 21 -67.33 62.29 -16.55
C GLN AB 21 -68.14 61.78 -17.74
N ASP AB 22 -67.53 61.02 -18.63
CA ASP AB 22 -68.23 60.47 -19.79
C ASP AB 22 -68.49 58.98 -19.64
N TYR AB 23 -68.30 58.43 -18.44
CA TYR AB 23 -68.50 57.00 -18.21
C TYR AB 23 -69.36 56.79 -16.98
N ILE AB 24 -69.35 57.76 -16.07
CA ILE AB 24 -70.33 57.82 -14.98
C ILE AB 24 -71.54 58.56 -15.51
N ALA AB 25 -72.73 58.01 -15.27
CA ALA AB 25 -73.86 58.16 -16.18
C ALA AB 25 -75.14 58.51 -15.43
N VAL AB 26 -75.11 59.54 -14.60
CA VAL AB 26 -76.26 59.90 -13.79
C VAL AB 26 -77.02 61.12 -14.30
N LYS AB 27 -76.39 62.00 -15.07
CA LYS AB 27 -76.89 63.36 -15.23
C LYS AB 27 -77.98 63.49 -16.29
N GLU AB 28 -78.22 64.74 -16.71
CA GLU AB 28 -79.49 65.26 -17.23
C GLU AB 28 -80.27 64.38 -18.20
N LYS AB 29 -79.64 63.96 -19.30
CA LYS AB 29 -80.37 63.35 -20.41
C LYS AB 29 -80.91 61.96 -20.07
N TYR AB 30 -80.02 61.02 -19.76
CA TYR AB 30 -80.40 59.63 -19.54
C TYR AB 30 -80.36 59.33 -18.05
N ALA AB 31 -81.37 59.84 -17.35
CA ALA AB 31 -81.66 59.51 -15.95
C ALA AB 31 -83.09 59.02 -15.90
N LYS AB 32 -83.28 57.74 -15.58
CA LYS AB 32 -84.58 57.11 -15.70
C LYS AB 32 -85.26 56.99 -14.34
N TYR AB 33 -86.50 56.50 -14.36
CA TYR AB 33 -87.23 56.25 -13.12
C TYR AB 33 -86.67 55.03 -12.40
N LEU AB 34 -86.50 53.92 -13.13
CA LEU AB 34 -86.08 52.67 -12.55
C LEU AB 34 -84.78 52.19 -13.17
N PRO AB 35 -83.99 51.41 -12.44
CA PRO AB 35 -82.84 50.72 -13.03
C PRO AB 35 -83.22 49.37 -13.63
N HIS AB 36 -84.22 49.38 -14.50
CA HIS AB 36 -84.58 48.19 -15.26
C HIS AB 36 -84.97 48.67 -16.66
N SER AB 37 -84.24 48.21 -17.66
CA SER AB 37 -84.52 48.54 -19.05
C SER AB 37 -84.07 47.40 -19.95
N ALA AB 38 -84.80 47.18 -21.03
CA ALA AB 38 -84.35 46.27 -22.08
C ALA AB 38 -83.16 46.92 -22.76
N GLY AB 39 -81.96 46.52 -22.34
CA GLY AB 39 -80.78 47.33 -22.52
C GLY AB 39 -80.23 47.52 -23.92
N ARG AB 40 -79.95 46.40 -24.60
CA ARG AB 40 -79.25 46.37 -25.90
C ARG AB 40 -77.90 47.08 -25.85
N TYR AB 41 -77.22 47.05 -24.71
CA TYR AB 41 -75.94 47.72 -24.56
C TYR AB 41 -74.76 46.80 -24.79
N ALA AB 42 -75.00 45.54 -25.14
CA ALA AB 42 -73.93 44.59 -25.41
C ALA AB 42 -73.68 44.38 -26.90
N ALA AB 43 -74.42 45.07 -27.76
CA ALA AB 43 -74.28 44.88 -29.19
C ALA AB 43 -73.16 45.70 -29.80
N LYS AB 44 -72.61 46.67 -29.08
CA LYS AB 44 -71.55 47.51 -29.62
C LYS AB 44 -70.60 47.88 -28.51
N ARG AB 45 -69.31 47.96 -28.85
CA ARG AB 45 -68.30 48.47 -27.93
C ARG AB 45 -68.61 49.93 -27.57
N PHE AB 46 -68.43 50.26 -26.29
CA PHE AB 46 -68.68 51.55 -25.65
C PHE AB 46 -70.14 51.97 -25.67
N ARG AB 47 -71.06 51.08 -26.06
CA ARG AB 47 -72.47 51.40 -25.90
C ARG AB 47 -72.90 51.26 -24.45
N LYS AB 48 -72.16 50.47 -23.67
CA LYS AB 48 -72.41 50.31 -22.25
C LYS AB 48 -71.96 51.52 -21.42
N ALA AB 49 -71.31 52.50 -22.05
CA ALA AB 49 -70.86 53.68 -21.30
C ALA AB 49 -71.97 54.70 -21.13
N GLN AB 50 -72.89 54.82 -22.09
CA GLN AB 50 -74.06 55.65 -21.92
C GLN AB 50 -75.22 54.90 -21.28
N CYS AB 51 -74.96 53.72 -20.74
CA CYS AB 51 -75.91 53.03 -19.88
C CYS AB 51 -75.83 53.64 -18.49
N PRO AB 52 -76.98 53.96 -17.87
CA PRO AB 52 -76.96 54.64 -16.56
C PRO AB 52 -76.37 53.77 -15.46
N ILE AB 53 -75.69 54.42 -14.52
CA ILE AB 53 -74.83 53.70 -13.59
C ILE AB 53 -75.66 52.95 -12.55
N VAL AB 54 -76.94 53.29 -12.39
CA VAL AB 54 -77.79 52.56 -11.47
C VAL AB 54 -78.30 51.28 -12.15
N GLU AB 55 -78.47 51.30 -13.47
CA GLU AB 55 -78.75 50.08 -14.22
C GLU AB 55 -77.57 49.12 -14.14
N ARG AB 56 -76.36 49.65 -14.23
CA ARG AB 56 -75.18 48.82 -14.17
C ARG AB 56 -74.97 48.21 -12.80
N LEU AB 57 -75.38 48.92 -11.75
CA LEU AB 57 -75.22 48.39 -10.40
C LEU AB 57 -76.16 47.22 -10.15
N THR AB 58 -77.38 47.30 -10.67
CA THR AB 58 -78.32 46.19 -10.51
C THR AB 58 -77.93 45.00 -11.36
N ASN AB 59 -77.28 45.23 -12.50
CA ASN AB 59 -76.91 44.12 -13.38
C ASN AB 59 -75.73 43.32 -12.84
N SER AB 60 -74.92 43.90 -11.98
CA SER AB 60 -73.76 43.19 -11.45
C SER AB 60 -74.01 42.61 -10.06
N MET AB 61 -75.20 42.81 -9.51
CA MET AB 61 -75.54 42.31 -8.18
C MET AB 61 -76.17 40.92 -8.23
N MET AB 62 -76.76 40.54 -9.36
CA MET AB 62 -77.38 39.22 -9.53
C MET AB 62 -76.36 38.20 -10.03
N MET AB 63 -75.38 37.92 -9.18
CA MET AB 63 -74.28 37.08 -9.67
C MET AB 63 -73.71 36.23 -8.53
N HIS AB 64 -74.29 35.04 -8.34
CA HIS AB 64 -73.51 33.82 -8.08
C HIS AB 64 -74.19 32.54 -8.54
N GLY AB 65 -75.02 32.61 -9.58
CA GLY AB 65 -75.62 31.40 -10.10
C GLY AB 65 -76.86 30.91 -9.38
N ARG AB 66 -76.86 31.02 -8.05
CA ARG AB 66 -78.09 30.91 -7.26
C ARG AB 66 -79.15 31.86 -7.78
N ASN AB 67 -78.76 33.11 -7.99
CA ASN AB 67 -79.66 34.19 -8.37
C ASN AB 67 -79.08 34.90 -9.59
N ASN AB 68 -79.34 34.34 -10.76
CA ASN AB 68 -78.60 34.73 -11.94
C ASN AB 68 -79.43 35.51 -12.95
N GLY AB 69 -80.71 35.18 -13.11
CA GLY AB 69 -81.61 36.00 -13.88
C GLY AB 69 -82.54 36.85 -13.04
N LYS AB 70 -82.40 36.83 -11.73
CA LYS AB 70 -83.33 37.47 -10.82
C LYS AB 70 -82.98 38.95 -10.73
N LYS AB 71 -83.50 39.72 -11.67
CA LYS AB 71 -83.26 41.16 -11.71
C LYS AB 71 -84.24 41.94 -10.87
N LEU AB 72 -85.52 41.56 -10.91
CA LEU AB 72 -86.52 42.22 -10.08
C LEU AB 72 -86.30 41.98 -8.59
N MET AB 73 -85.49 40.99 -8.24
CA MET AB 73 -85.03 40.88 -6.85
C MET AB 73 -83.97 41.92 -6.55
N THR AB 74 -83.06 42.21 -7.48
CA THR AB 74 -82.05 43.22 -7.25
C THR AB 74 -82.42 44.59 -7.79
N VAL AB 75 -83.70 44.81 -8.13
CA VAL AB 75 -84.20 46.17 -8.27
C VAL AB 75 -84.49 46.76 -6.90
N ARG AB 76 -85.18 46.00 -6.04
CA ARG AB 76 -85.50 46.49 -4.71
C ARG AB 76 -84.29 46.52 -3.79
N ILE AB 77 -83.27 45.69 -4.05
CA ILE AB 77 -82.07 45.68 -3.21
C ILE AB 77 -81.34 47.01 -3.30
N VAL AB 78 -81.20 47.55 -4.52
CA VAL AB 78 -80.64 48.88 -4.68
C VAL AB 78 -81.63 49.95 -4.22
N LYS AB 79 -82.93 49.63 -4.28
CA LYS AB 79 -83.95 50.57 -3.80
C LYS AB 79 -83.91 50.69 -2.29
N HIS AB 80 -83.78 49.57 -1.61
CA HIS AB 80 -83.72 49.60 -0.16
C HIS AB 80 -82.39 50.19 0.27
N ALA AB 81 -81.33 49.86 -0.44
CA ALA AB 81 -80.01 50.33 -0.05
C ALA AB 81 -79.89 51.84 -0.19
N PHE AB 82 -80.67 52.48 -1.06
CA PHE AB 82 -80.61 53.93 -1.14
C PHE AB 82 -81.32 54.58 0.03
N GLU AB 83 -82.35 53.94 0.58
CA GLU AB 83 -83.01 54.51 1.75
C GLU AB 83 -82.17 54.34 3.01
N ILE AB 84 -81.26 53.36 3.02
CA ILE AB 84 -80.35 53.22 4.15
C ILE AB 84 -79.26 54.28 4.09
N ILE AB 85 -78.81 54.61 2.87
CA ILE AB 85 -77.82 55.68 2.66
C ILE AB 85 -78.39 57.02 3.09
N HIS AB 86 -79.68 57.21 2.83
CA HIS AB 86 -80.32 58.44 3.22
C HIS AB 86 -80.42 58.59 4.73
N LEU AB 87 -80.62 57.48 5.43
CA LEU AB 87 -80.76 57.53 6.88
C LEU AB 87 -79.39 57.55 7.56
N LEU AB 88 -78.41 56.82 7.03
CA LEU AB 88 -77.09 56.81 7.63
C LEU AB 88 -76.36 58.14 7.43
N THR AB 89 -76.58 58.81 6.31
CA THR AB 89 -75.86 60.03 5.98
C THR AB 89 -76.73 61.28 5.97
N GLY AB 90 -77.82 61.26 5.23
CA GLY AB 90 -78.62 62.46 5.05
C GLY AB 90 -78.25 63.18 3.77
N GLU AB 91 -78.19 62.42 2.68
CA GLU AB 91 -77.69 62.92 1.41
C GLU AB 91 -78.25 62.05 0.31
N ASN AB 92 -78.41 62.64 -0.87
CA ASN AB 92 -78.79 61.96 -2.11
C ASN AB 92 -77.85 60.78 -2.37
N PRO AB 93 -78.36 59.56 -2.47
CA PRO AB 93 -77.49 58.41 -2.73
C PRO AB 93 -76.89 58.39 -4.13
N LEU AB 94 -77.47 59.14 -5.08
CA LEU AB 94 -76.81 59.30 -6.37
C LEU AB 94 -75.50 60.04 -6.23
N GLN AB 95 -75.40 60.98 -5.28
CA GLN AB 95 -74.13 61.58 -4.96
C GLN AB 95 -73.19 60.58 -4.29
N VAL AB 96 -73.70 59.80 -3.35
CA VAL AB 96 -72.88 58.85 -2.59
C VAL AB 96 -72.38 57.73 -3.49
N LEU AB 97 -73.17 57.33 -4.49
CA LEU AB 97 -72.75 56.28 -5.39
C LEU AB 97 -71.64 56.76 -6.33
N VAL AB 98 -71.75 57.99 -6.85
CA VAL AB 98 -70.73 58.47 -7.76
C VAL AB 98 -69.47 58.95 -7.03
N ASN AB 99 -69.54 59.17 -5.71
CA ASN AB 99 -68.32 59.32 -4.95
C ASN AB 99 -67.68 57.97 -4.62
N ALA AB 100 -68.42 56.88 -4.79
CA ALA AB 100 -67.88 55.55 -4.57
C ALA AB 100 -67.25 54.95 -5.81
N ILE AB 101 -67.73 55.34 -7.00
CA ILE AB 101 -67.11 54.86 -8.23
C ILE AB 101 -65.74 55.52 -8.42
N ILE AB 102 -65.61 56.78 -8.00
CA ILE AB 102 -64.32 57.48 -8.05
C ILE AB 102 -63.31 56.82 -7.13
N ASN AB 103 -63.69 56.64 -5.86
CA ASN AB 103 -62.77 56.20 -4.82
C ASN AB 103 -62.55 54.69 -4.79
N SER AB 104 -63.00 53.95 -5.80
CA SER AB 104 -62.79 52.50 -5.83
C SER AB 104 -62.24 51.97 -7.14
N GLY AB 105 -62.21 52.76 -8.20
CA GLY AB 105 -61.59 52.33 -9.44
C GLY AB 105 -60.10 52.59 -9.39
N PRO AB 106 -59.33 51.55 -9.66
CA PRO AB 106 -57.87 51.65 -9.62
C PRO AB 106 -57.36 52.56 -10.72
N ARG AB 107 -56.18 53.11 -10.53
CA ARG AB 107 -55.59 53.99 -11.53
C ARG AB 107 -54.38 53.34 -12.21
N GLU AB 108 -53.97 52.19 -11.69
CA GLU AB 108 -52.81 51.46 -12.21
C GLU AB 108 -53.03 49.96 -12.06
N ASP AB 109 -52.60 49.19 -13.04
CA ASP AB 109 -52.74 47.74 -12.98
C ASP AB 109 -51.50 47.14 -13.61
N SER AB 110 -51.38 45.81 -13.57
CA SER AB 110 -50.19 45.15 -14.06
C SER AB 110 -50.55 43.92 -14.88
N THR AB 111 -49.88 43.78 -16.03
CA THR AB 111 -49.80 42.61 -16.91
C THR AB 111 -48.75 42.87 -17.99
N ARG AB 112 -47.99 41.81 -18.32
CA ARG AB 112 -47.38 41.48 -19.63
C ARG AB 112 -46.77 40.08 -19.62
N ILE AB 113 -45.91 39.81 -20.62
CA ILE AB 113 -45.70 38.48 -21.19
C ILE AB 113 -45.16 37.48 -20.17
N GLY AB 114 -43.97 37.75 -19.63
CA GLY AB 114 -43.18 36.72 -18.99
C GLY AB 114 -43.54 36.32 -17.58
N ARG AB 115 -42.51 36.02 -16.77
CA ARG AB 115 -42.64 35.30 -15.51
C ARG AB 115 -43.47 36.07 -14.49
N ALA AB 116 -44.14 35.33 -13.61
CA ALA AB 116 -45.03 35.91 -12.61
C ALA AB 116 -44.93 35.08 -11.34
N GLY AB 117 -44.09 35.54 -10.40
CA GLY AB 117 -43.99 34.86 -9.13
C GLY AB 117 -45.16 35.15 -8.22
N THR AB 118 -45.63 36.41 -8.22
CA THR AB 118 -46.76 36.79 -7.40
C THR AB 118 -47.95 37.24 -8.24
N VAL AB 119 -47.81 38.29 -9.06
CA VAL AB 119 -48.96 38.70 -9.87
C VAL AB 119 -48.63 38.72 -11.35
N ARG AB 120 -47.81 39.68 -11.79
CA ARG AB 120 -47.58 40.01 -13.21
C ARG AB 120 -46.23 40.74 -13.30
N ARG AB 121 -45.99 41.41 -14.43
CA ARG AB 121 -44.71 42.09 -14.66
C ARG AB 121 -44.79 43.61 -14.76
N GLN AB 122 -45.52 44.15 -15.73
CA GLN AB 122 -45.30 45.53 -16.17
C GLN AB 122 -46.41 46.44 -15.67
N ALA AB 123 -46.02 47.63 -15.21
CA ALA AB 123 -46.99 48.63 -14.80
C ALA AB 123 -47.72 49.16 -16.01
N VAL AB 124 -49.05 49.01 -16.02
CA VAL AB 124 -49.89 49.37 -17.15
C VAL AB 124 -50.93 50.37 -16.66
N ASP AB 125 -51.18 51.40 -17.46
CA ASP AB 125 -52.21 52.38 -17.16
C ASP AB 125 -53.59 51.75 -17.32
N VAL AB 126 -54.61 52.40 -16.75
CA VAL AB 126 -55.97 51.90 -16.75
C VAL AB 126 -56.85 52.91 -17.47
N SER AB 127 -57.57 52.45 -18.49
CA SER AB 127 -58.48 53.31 -19.23
C SER AB 127 -59.70 53.63 -18.37
N PRO AB 128 -60.33 54.81 -18.56
CA PRO AB 128 -61.42 55.19 -17.65
C PRO AB 128 -62.77 54.59 -18.00
N LEU AB 129 -62.79 53.33 -18.36
CA LEU AB 129 -63.98 52.51 -18.42
C LEU AB 129 -63.81 51.23 -17.63
N ARG AB 130 -62.61 50.62 -17.68
CA ARG AB 130 -62.33 49.47 -16.85
C ARG AB 130 -62.38 49.82 -15.37
N ARG AB 131 -61.95 51.03 -15.01
CA ARG AB 131 -62.11 51.51 -13.64
C ARG AB 131 -63.53 51.96 -13.33
N VAL AB 132 -64.48 51.79 -14.25
CA VAL AB 132 -65.90 51.92 -13.95
C VAL AB 132 -66.47 50.51 -14.01
N ASN AB 133 -65.92 49.68 -14.90
CA ASN AB 133 -66.26 48.26 -14.91
C ASN AB 133 -65.88 47.58 -13.60
N GLN AB 134 -64.69 47.88 -13.08
CA GLN AB 134 -64.17 47.17 -11.92
C GLN AB 134 -64.61 47.80 -10.61
N ALA AB 135 -64.87 49.10 -10.59
CA ALA AB 135 -65.35 49.76 -9.38
C ALA AB 135 -66.75 49.29 -9.02
N ILE AB 136 -67.60 49.06 -10.01
CA ILE AB 136 -68.89 48.42 -9.76
C ILE AB 136 -68.68 46.98 -9.33
N TRP AB 137 -67.68 46.31 -9.89
CA TRP AB 137 -67.42 44.91 -9.58
C TRP AB 137 -66.91 44.73 -8.15
N LEU AB 138 -66.16 45.69 -7.63
CA LEU AB 138 -65.66 45.58 -6.27
C LEU AB 138 -66.74 45.89 -5.24
N LEU AB 139 -67.62 46.85 -5.54
CA LEU AB 139 -68.71 47.16 -4.62
C LEU AB 139 -69.76 46.08 -4.59
N CYS AB 140 -69.91 45.32 -5.68
CA CYS AB 140 -70.87 44.22 -5.68
C CYS AB 140 -70.29 42.95 -5.06
N THR AB 141 -68.97 42.88 -4.90
CA THR AB 141 -68.35 41.74 -4.24
C THR AB 141 -68.22 41.97 -2.74
N GLY AB 142 -67.96 43.21 -2.32
CA GLY AB 142 -67.95 43.52 -0.90
C GLY AB 142 -69.32 43.47 -0.28
N ALA AB 143 -70.36 43.75 -1.06
CA ALA AB 143 -71.72 43.59 -0.58
C ALA AB 143 -72.09 42.12 -0.46
N ARG AB 144 -71.58 41.29 -1.37
CA ARG AB 144 -72.02 39.91 -1.44
C ARG AB 144 -71.31 39.04 -0.42
N GLU AB 145 -70.04 39.33 -0.15
CA GLU AB 145 -69.25 38.50 0.76
C GLU AB 145 -69.50 38.86 2.22
N ALA AB 146 -69.90 40.11 2.50
CA ALA AB 146 -70.19 40.51 3.86
C ALA AB 146 -71.46 39.87 4.39
N ALA AB 147 -72.43 39.61 3.52
CA ALA AB 147 -73.72 39.05 3.91
C ALA AB 147 -73.86 37.59 3.53
N PHE AB 148 -72.76 36.83 3.49
CA PHE AB 148 -72.85 35.47 3.00
C PHE AB 148 -73.41 34.51 4.04
N ARG AB 149 -73.04 34.68 5.31
CA ARG AB 149 -73.77 33.98 6.37
C ARG AB 149 -73.91 34.86 7.60
N ASN AB 150 -73.94 36.17 7.40
CA ASN AB 150 -74.15 37.13 8.47
C ASN AB 150 -75.64 37.38 8.67
N ILE AB 151 -75.98 37.92 9.84
CA ILE AB 151 -77.35 38.33 10.13
C ILE AB 151 -77.76 39.53 9.28
N LYS AB 152 -76.78 40.33 8.83
CA LYS AB 152 -77.05 41.54 8.05
C LYS AB 152 -77.66 41.21 6.69
N THR AB 153 -78.65 41.99 6.29
CA THR AB 153 -79.29 41.81 5.01
C THR AB 153 -78.41 42.38 3.89
N ILE AB 154 -78.80 42.09 2.66
CA ILE AB 154 -77.95 42.43 1.51
C ILE AB 154 -78.00 43.93 1.21
N ALA AB 155 -79.11 44.60 1.49
CA ALA AB 155 -79.16 46.04 1.30
C ALA AB 155 -78.41 46.80 2.37
N GLU AB 156 -78.20 46.18 3.55
CA GLU AB 156 -77.32 46.78 4.55
C GLU AB 156 -75.86 46.69 4.10
N CYS AB 157 -75.44 45.51 3.67
CA CYS AB 157 -74.06 45.32 3.25
C CYS AB 157 -73.75 46.00 1.93
N LEU AB 158 -74.77 46.31 1.13
CA LEU AB 158 -74.55 47.16 -0.03
C LEU AB 158 -74.40 48.62 0.38
N ALA AB 159 -75.19 49.08 1.35
CA ALA AB 159 -75.05 50.45 1.82
C ALA AB 159 -73.75 50.63 2.59
N ASP AB 160 -73.48 49.74 3.55
CA ASP AB 160 -72.28 49.83 4.37
C ASP AB 160 -70.99 49.54 3.59
N GLU AB 161 -71.09 48.98 2.38
CA GLU AB 161 -69.92 48.91 1.52
C GLU AB 161 -69.57 50.28 0.97
N LEU AB 162 -70.56 51.00 0.44
CA LEU AB 162 -70.28 52.22 -0.30
C LEU AB 162 -70.57 53.50 0.47
N ILE AB 163 -71.17 53.42 1.66
CA ILE AB 163 -71.01 54.51 2.62
C ILE AB 163 -69.56 54.59 3.06
N ASN AB 164 -68.95 53.43 3.29
CA ASN AB 164 -67.57 53.38 3.75
C ASN AB 164 -66.57 53.49 2.59
N ALA AB 165 -67.02 53.27 1.36
CA ALA AB 165 -66.15 53.43 0.19
C ALA AB 165 -66.11 54.87 -0.32
N ALA AB 166 -67.26 55.55 -0.29
CA ALA AB 166 -67.29 56.95 -0.73
C ALA AB 166 -66.60 57.87 0.26
N LYS AB 167 -66.47 57.45 1.52
CA LYS AB 167 -65.71 58.24 2.48
C LYS AB 167 -64.22 58.13 2.24
N GLY AB 168 -63.72 56.90 2.18
CA GLY AB 168 -62.30 56.63 2.01
C GLY AB 168 -61.69 56.26 3.34
N SER AB 169 -61.55 54.96 3.60
CA SER AB 169 -61.15 54.50 4.92
C SER AB 169 -60.18 53.34 4.93
N SER AB 170 -60.07 52.57 3.84
CA SER AB 170 -59.48 51.21 3.81
C SER AB 170 -60.13 50.30 4.86
N ASN AB 171 -61.42 50.49 5.10
CA ASN AB 171 -62.20 49.63 5.98
C ASN AB 171 -63.35 48.97 5.23
N SER AB 172 -63.44 49.21 3.92
CA SER AB 172 -64.37 48.51 3.05
C SER AB 172 -63.60 47.50 2.22
N TYR AB 173 -64.34 46.60 1.59
CA TYR AB 173 -63.71 45.57 0.74
C TYR AB 173 -63.18 46.17 -0.55
N ALA AB 174 -63.73 47.30 -0.98
CA ALA AB 174 -63.37 47.86 -2.28
C ALA AB 174 -62.03 48.59 -2.23
N ILE AB 175 -61.84 49.46 -1.23
CA ILE AB 175 -60.60 50.22 -1.14
C ILE AB 175 -59.47 49.32 -0.65
N LYS AB 176 -59.80 48.25 0.07
CA LYS AB 176 -58.79 47.28 0.48
C LYS AB 176 -58.22 46.53 -0.72
N LYS AB 177 -59.05 46.29 -1.74
CA LYS AB 177 -58.60 45.70 -2.99
C LYS AB 177 -58.59 46.70 -4.14
N LYS AB 178 -58.57 47.99 -3.84
CA LYS AB 178 -58.18 49.01 -4.82
C LYS AB 178 -56.72 49.40 -4.60
N ASP AB 179 -56.35 49.64 -3.34
CA ASP AB 179 -54.97 49.93 -3.02
C ASP AB 179 -54.11 48.68 -3.02
N GLU AB 180 -54.71 47.49 -3.02
CA GLU AB 180 -53.92 46.28 -3.20
C GLU AB 180 -53.40 46.16 -4.63
N LEU AB 181 -54.16 46.67 -5.59
CA LEU AB 181 -53.73 46.61 -6.99
C LEU AB 181 -52.67 47.65 -7.31
N GLU AB 182 -52.77 48.86 -6.77
CA GLU AB 182 -51.80 49.89 -7.11
C GLU AB 182 -50.54 49.80 -6.27
N ARG AB 183 -50.58 49.11 -5.13
CA ARG AB 183 -49.36 48.86 -4.36
C ARG AB 183 -48.47 47.86 -5.07
N VAL AB 184 -49.06 46.76 -5.54
CA VAL AB 184 -48.28 45.73 -6.23
C VAL AB 184 -47.88 46.22 -7.62
N ALA AB 185 -48.61 47.16 -8.20
CA ALA AB 185 -48.18 47.76 -9.46
C ALA AB 185 -47.07 48.77 -9.25
N LYS AB 186 -47.05 49.44 -8.10
CA LYS AB 186 -45.91 50.29 -7.75
C LYS AB 186 -44.68 49.47 -7.44
N SER AB 187 -44.85 48.20 -7.04
CA SER AB 187 -43.71 47.33 -6.76
C SER AB 187 -42.96 47.01 -8.05
N ASN AB 188 -43.64 46.38 -8.99
CA ASN AB 188 -43.00 46.06 -10.25
C ASN AB 188 -43.50 47.07 -11.27
N ARG AB 189 -43.18 48.33 -11.01
CA ARG AB 189 -43.58 49.43 -11.86
C ARG AB 189 -43.19 49.15 -13.30
N SER BB 1 33.45 44.12 -132.00
CA SER BB 1 32.46 44.03 -130.94
C SER BB 1 33.13 44.11 -129.58
N ALA BB 2 32.86 45.18 -128.84
CA ALA BB 2 33.54 45.46 -127.59
C ALA BB 2 32.75 44.88 -126.43
N LYS BB 3 33.38 44.01 -125.65
CA LYS BB 3 32.76 43.31 -124.53
C LYS BB 3 33.70 43.32 -123.32
N ILE BB 4 34.22 44.51 -122.97
CA ILE BB 4 35.29 44.61 -121.99
C ILE BB 4 34.79 44.32 -120.58
N VAL BB 5 33.83 45.10 -120.09
CA VAL BB 5 33.33 44.92 -118.72
C VAL BB 5 32.15 43.95 -118.80
N LYS BB 6 32.51 42.66 -118.96
CA LYS BB 6 31.55 41.56 -118.95
C LYS BB 6 32.28 40.25 -118.70
N PRO BB 7 32.37 39.76 -117.47
CA PRO BB 7 32.70 38.35 -117.25
C PRO BB 7 31.49 37.48 -117.55
N ASN BB 8 31.70 36.17 -117.46
CA ASN BB 8 30.72 35.22 -117.98
C ASN BB 8 30.87 33.91 -117.19
N GLY BB 9 30.24 32.84 -117.67
CA GLY BB 9 30.55 31.55 -117.12
C GLY BB 9 31.94 31.14 -117.57
N GLU BB 10 32.10 30.72 -118.83
CA GLU BB 10 33.38 30.92 -119.51
C GLU BB 10 33.24 31.61 -120.86
N LYS BB 11 32.64 30.90 -121.83
CA LYS BB 11 32.62 31.32 -123.23
C LYS BB 11 31.48 32.25 -123.67
N PRO BB 12 30.20 31.86 -123.60
CA PRO BB 12 29.24 32.34 -124.60
C PRO BB 12 28.78 33.78 -124.39
N ASP BB 13 28.87 34.58 -125.45
CA ASP BB 13 28.51 35.99 -125.43
C ASP BB 13 27.51 36.28 -126.54
N GLU BB 14 26.48 35.44 -126.60
CA GLU BB 14 25.58 35.38 -127.76
C GLU BB 14 24.72 36.63 -127.88
N PHE BB 15 24.67 37.17 -129.11
CA PHE BB 15 24.00 38.40 -129.56
C PHE BB 15 24.11 39.58 -128.60
N GLU BB 16 25.26 39.71 -127.95
CA GLU BB 16 25.52 40.77 -126.97
C GLU BB 16 26.40 41.85 -127.57
N SER BB 17 26.19 42.11 -128.87
CA SER BB 17 26.98 43.12 -129.57
C SER BB 17 26.58 44.54 -129.16
N GLY BB 18 25.35 44.71 -128.69
CA GLY BB 18 24.89 46.02 -128.26
C GLY BB 18 24.31 46.01 -126.87
N ILE BB 19 24.18 44.82 -126.28
CA ILE BB 19 23.62 44.70 -124.93
C ILE BB 19 24.64 45.15 -123.90
N SER BB 20 25.79 44.48 -123.86
CA SER BB 20 26.88 44.89 -122.98
C SER BB 20 27.64 46.10 -123.50
N GLN BB 21 27.42 46.48 -124.76
CA GLN BB 21 28.06 47.67 -125.31
C GLN BB 21 27.40 48.95 -124.80
N ALA BB 22 26.19 48.85 -124.24
CA ALA BB 22 25.43 50.04 -123.86
C ALA BB 22 26.06 50.77 -122.68
N LEU BB 23 26.33 50.07 -121.59
CA LEU BB 23 27.06 50.68 -120.49
C LEU BB 23 28.54 50.82 -120.80
N LEU BB 24 29.05 50.08 -121.79
CA LEU BB 24 30.38 50.32 -122.32
C LEU BB 24 30.43 51.63 -123.08
N GLU BB 25 29.35 52.02 -123.75
CA GLU BB 25 29.22 53.30 -124.42
C GLU BB 25 29.11 54.46 -123.44
N LEU BB 26 28.75 54.18 -122.18
CA LEU BB 26 28.35 55.16 -121.19
C LEU BB 26 29.53 55.92 -120.59
N GLU BB 27 30.72 55.83 -121.19
CA GLU BB 27 31.89 56.58 -120.73
C GLU BB 27 31.68 58.08 -120.88
N MET BB 28 32.46 58.84 -120.09
CA MET BB 28 32.29 60.29 -119.89
C MET BB 28 30.87 60.60 -119.39
N ASN BB 29 30.48 59.92 -118.31
CA ASN BB 29 29.27 60.26 -117.58
C ASN BB 29 29.68 61.08 -116.36
N SER BB 30 28.98 62.19 -116.13
CA SER BB 30 29.37 63.16 -115.11
C SER BB 30 29.12 62.61 -113.72
N ASP BB 31 30.18 62.63 -112.90
CA ASP BB 31 30.18 62.21 -111.48
C ASP BB 31 29.76 60.74 -111.36
N LEU BB 32 30.14 59.94 -112.34
CA LEU BB 32 29.74 58.53 -112.36
C LEU BB 32 30.87 57.58 -112.73
N LYS BB 33 31.91 58.03 -113.42
CA LYS BB 33 32.97 57.14 -113.86
C LYS BB 33 33.93 56.78 -112.74
N ALA BB 34 33.95 57.54 -111.65
CA ALA BB 34 34.77 57.18 -110.50
C ALA BB 34 34.24 55.95 -109.78
N GLN BB 35 32.96 55.66 -109.92
CA GLN BB 35 32.33 54.56 -109.19
C GLN BB 35 31.93 53.40 -110.11
N LEU BB 36 31.72 53.65 -111.40
CA LEU BB 36 31.28 52.60 -112.31
C LEU BB 36 32.43 51.71 -112.77
N ARG BB 37 33.68 52.09 -112.51
CA ARG BB 37 34.81 51.39 -113.09
C ARG BB 37 35.11 50.08 -112.38
N GLU BB 38 34.97 50.04 -111.06
CA GLU BB 38 35.34 48.85 -110.29
C GLU BB 38 34.28 47.76 -110.39
N LEU BB 39 33.00 48.13 -110.24
CA LEU BB 39 31.90 47.20 -110.34
C LEU BB 39 31.71 46.73 -111.78
N ASN BB 40 31.02 45.61 -111.94
CA ASN BB 40 30.93 44.96 -113.24
C ASN BB 40 29.71 44.05 -113.29
N ILE BB 41 29.25 43.76 -114.50
CA ILE BB 41 28.03 42.99 -114.73
C ILE BB 41 28.41 41.58 -115.19
N THR BB 42 27.41 40.71 -115.28
CA THR BB 42 27.64 39.35 -115.76
C THR BB 42 26.94 39.04 -117.07
N ALA BB 43 25.61 39.14 -117.14
CA ALA BB 43 24.87 38.66 -118.31
C ALA BB 43 23.52 39.36 -118.36
N ALA BB 44 22.83 39.19 -119.49
CA ALA BB 44 21.56 39.84 -119.70
C ALA BB 44 20.72 39.05 -120.70
N LYS BB 45 19.40 39.18 -120.56
CA LYS BB 45 18.40 38.61 -121.46
C LYS BB 45 17.51 39.72 -121.97
N GLU BB 46 16.68 39.42 -122.98
CA GLU BB 46 15.64 40.35 -123.45
C GLU BB 46 14.31 39.61 -123.69
N ILE BB 47 13.84 38.88 -122.67
CA ILE BB 47 12.53 38.23 -122.78
C ILE BB 47 11.41 39.27 -122.77
N GLU BB 48 10.22 38.82 -123.21
CA GLU BB 48 9.11 39.71 -123.51
C GLU BB 48 7.98 39.46 -122.51
N VAL BB 49 7.39 40.54 -122.00
CA VAL BB 49 6.39 40.45 -120.95
C VAL BB 49 5.09 41.07 -121.44
N GLY BB 50 3.98 40.60 -120.87
CA GLY BB 50 2.66 41.18 -121.07
C GLY BB 50 2.11 41.15 -122.49
N GLY BB 51 2.04 42.34 -123.10
CA GLY BB 51 1.48 42.52 -124.43
C GLY BB 51 2.55 42.61 -125.50
N GLY BB 52 2.91 43.84 -125.86
CA GLY BB 52 4.05 44.08 -126.73
C GLY BB 52 5.17 44.78 -126.01
N ARG BB 53 5.37 44.44 -124.74
CA ARG BB 53 6.29 45.14 -123.85
C ARG BB 53 7.57 44.31 -123.68
N LYS BB 54 8.72 44.95 -123.83
CA LYS BB 54 10.01 44.29 -123.80
C LYS BB 54 10.82 44.84 -122.63
N ALA BB 55 11.57 43.96 -121.96
CA ALA BB 55 12.36 44.33 -120.80
C ALA BB 55 13.62 43.48 -120.74
N ILE BB 56 14.68 44.05 -120.18
CA ILE BB 56 15.97 43.35 -120.10
C ILE BB 56 16.35 43.15 -118.63
N ILE BB 57 17.06 42.06 -118.38
CA ILE BB 57 17.28 41.54 -117.02
C ILE BB 57 18.79 41.36 -116.85
N ILE BB 58 19.42 42.25 -116.09
CA ILE BB 58 20.88 42.28 -115.98
C ILE BB 58 21.32 41.47 -114.77
N PHE BB 59 22.10 40.42 -115.02
CA PHE BB 59 22.64 39.58 -113.95
C PHE BB 59 23.87 40.23 -113.33
N VAL BB 60 23.93 40.21 -112.00
CA VAL BB 60 24.93 40.95 -111.23
C VAL BB 60 25.71 39.97 -110.37
N PRO BB 61 27.02 40.16 -110.18
CA PRO BB 61 27.71 39.44 -109.10
C PRO BB 61 27.25 39.94 -107.74
N VAL BB 62 27.07 39.00 -106.81
CA VAL BB 62 26.54 39.28 -105.47
C VAL BB 62 27.41 40.22 -104.63
N PRO BB 63 28.75 40.13 -104.57
CA PRO BB 63 29.49 41.14 -103.78
C PRO BB 63 29.55 42.52 -104.42
N GLN BB 64 28.95 42.71 -105.59
CA GLN BB 64 28.82 44.04 -106.21
C GLN BB 64 27.36 44.46 -106.31
N LEU BB 65 26.47 43.77 -105.59
CA LEU BB 65 25.04 44.10 -105.66
C LEU BB 65 24.73 45.39 -104.93
N LYS BB 66 25.31 45.59 -103.74
CA LYS BB 66 25.18 46.86 -103.04
C LYS BB 66 25.86 47.99 -103.78
N SER BB 67 26.86 47.69 -104.62
CA SER BB 67 27.52 48.73 -105.38
C SER BB 67 26.67 49.23 -106.54
N PHE BB 68 25.86 48.36 -107.15
CA PHE BB 68 24.96 48.84 -108.20
C PHE BB 68 23.81 49.63 -107.60
N GLN BB 69 23.33 49.21 -106.43
CA GLN BB 69 22.13 49.78 -105.83
C GLN BB 69 22.31 51.21 -105.33
N LYS BB 70 23.53 51.72 -105.28
CA LYS BB 70 23.71 53.14 -104.99
C LYS BB 70 23.86 53.96 -106.27
N ILE BB 71 23.94 53.31 -107.43
CA ILE BB 71 23.99 53.99 -108.71
C ILE BB 71 22.90 53.46 -109.62
N GLN BB 72 21.96 52.70 -109.05
CA GLN BB 72 20.90 52.10 -109.87
C GLN BB 72 19.91 53.15 -110.35
N VAL BB 73 19.61 54.16 -109.54
CA VAL BB 73 18.77 55.25 -110.01
C VAL BB 73 19.50 56.16 -110.98
N ARG BB 74 20.83 56.13 -111.00
CA ARG BB 74 21.62 56.84 -112.00
C ARG BB 74 21.97 55.97 -113.20
N LEU BB 75 21.43 54.76 -113.28
CA LEU BB 75 21.70 53.93 -114.45
C LEU BB 75 20.43 53.42 -115.12
N VAL BB 76 19.38 53.13 -114.34
CA VAL BB 76 18.09 52.75 -114.91
C VAL BB 76 17.49 53.91 -115.69
N ARG BB 77 17.55 55.11 -115.12
CA ARG BB 77 17.05 56.32 -115.76
C ARG BB 77 17.89 56.73 -116.96
N GLU BB 78 19.13 56.23 -117.08
CA GLU BB 78 19.99 56.49 -118.23
C GLU BB 78 20.21 55.24 -119.09
N LEU BB 79 19.31 54.27 -119.01
CA LEU BB 79 19.34 53.15 -119.95
C LEU BB 79 17.95 52.99 -120.56
N GLU BB 80 16.93 53.45 -119.82
CA GLU BB 80 15.63 53.72 -120.44
C GLU BB 80 15.75 54.84 -121.47
N LYS BB 81 16.64 55.80 -121.24
CA LYS BB 81 16.85 56.90 -122.18
C LYS BB 81 17.50 56.41 -123.48
N LYS BB 82 18.44 55.48 -123.37
CA LYS BB 82 19.04 54.92 -124.58
C LYS BB 82 18.12 53.90 -125.24
N PHE BB 83 17.54 53.01 -124.45
CA PHE BB 83 16.63 51.98 -124.97
C PHE BB 83 15.23 52.37 -124.52
N SER BB 84 14.51 53.10 -125.38
CA SER BB 84 13.17 53.54 -125.05
C SER BB 84 12.20 52.37 -125.07
N GLY BB 85 11.30 52.34 -124.09
CA GLY BB 85 10.37 51.23 -123.97
C GLY BB 85 11.01 49.93 -123.55
N LYS BB 86 12.05 50.00 -122.72
CA LYS BB 86 12.85 48.83 -122.36
C LYS BB 86 13.15 48.94 -120.86
N HIS BB 87 12.33 48.29 -120.05
CA HIS BB 87 12.50 48.34 -118.60
C HIS BB 87 13.73 47.54 -118.18
N VAL BB 88 14.59 48.18 -117.39
CA VAL BB 88 15.85 47.59 -116.95
C VAL BB 88 15.78 47.33 -115.45
N VAL BB 89 16.08 46.10 -115.05
CA VAL BB 89 16.12 45.68 -113.66
C VAL BB 89 17.42 44.95 -113.39
N PHE BB 90 17.86 44.99 -112.14
CA PHE BB 90 19.08 44.34 -111.71
C PHE BB 90 18.77 43.21 -110.75
N ILE BB 91 19.60 42.16 -110.83
CA ILE BB 91 19.38 40.95 -110.05
C ILE BB 91 20.71 40.22 -109.92
N ALA BB 92 20.99 39.75 -108.70
CA ALA BB 92 22.22 39.03 -108.46
C ALA BB 92 22.18 37.63 -109.08
N GLN BB 93 23.37 37.05 -109.23
CA GLN BB 93 23.53 35.72 -109.77
C GLN BB 93 23.57 34.77 -108.59
N ARG BB 94 22.54 34.91 -107.75
CA ARG BB 94 22.33 34.17 -106.52
C ARG BB 94 22.96 32.79 -106.35
N ARG BB 95 22.66 31.89 -107.29
CA ARG BB 95 23.11 30.48 -107.33
C ARG BB 95 22.46 29.58 -106.27
N ILE BB 96 21.63 28.66 -106.74
CA ILE BB 96 20.88 27.71 -105.94
C ILE BB 96 21.63 26.39 -105.88
N LEU BB 97 21.77 25.83 -104.65
CA LEU BB 97 22.30 24.49 -104.53
C LEU BB 97 21.17 23.48 -104.35
N PRO BB 98 21.29 22.28 -104.90
CA PRO BB 98 20.22 21.29 -104.75
C PRO BB 98 20.17 20.72 -103.34
N LYS BB 99 18.97 20.43 -102.89
CA LYS BB 99 18.74 19.82 -101.58
C LYS BB 99 19.34 18.42 -101.56
N PRO BB 100 20.35 18.22 -100.71
CA PRO BB 100 21.03 16.93 -100.62
C PRO BB 100 20.11 15.77 -100.27
N THR BB 101 20.08 14.78 -101.14
CA THR BB 101 19.25 13.59 -100.95
C THR BB 101 20.00 12.49 -100.21
N ARG BB 102 19.55 11.25 -100.39
CA ARG BB 102 20.16 10.11 -99.72
C ARG BB 102 21.03 9.31 -100.65
N LYS BB 103 20.79 9.42 -101.96
CA LYS BB 103 21.59 8.68 -102.90
C LYS BB 103 23.00 9.24 -102.98
N LYS BB 104 32.58 12.78 -104.28
CA LYS BB 104 33.15 12.12 -103.12
C LYS BB 104 32.70 12.81 -101.83
N ASN BB 105 33.40 13.87 -101.46
CA ASN BB 105 33.12 14.61 -100.23
C ASN BB 105 32.44 15.93 -100.59
N LYS BB 106 31.51 16.35 -99.72
CA LYS BB 106 30.79 17.59 -99.93
C LYS BB 106 30.34 18.11 -98.58
N GLN BB 107 30.43 19.43 -98.40
CA GLN BB 107 30.24 20.06 -97.11
C GLN BB 107 28.81 20.62 -97.00
N LYS BB 108 28.57 21.37 -95.93
CA LYS BB 108 27.21 21.73 -95.53
C LYS BB 108 26.64 22.79 -96.44
N ARG BB 109 25.39 22.59 -96.87
CA ARG BB 109 24.72 23.52 -97.76
C ARG BB 109 24.30 24.76 -97.01
N PRO BB 110 24.77 25.93 -97.41
CA PRO BB 110 24.39 27.15 -96.67
C PRO BB 110 22.93 27.52 -96.93
N ARG BB 111 22.36 28.26 -95.98
CA ARG BB 111 20.94 28.55 -96.07
C ARG BB 111 20.64 29.58 -97.14
N SER BB 112 21.60 30.48 -97.42
CA SER BB 112 21.44 31.43 -98.51
C SER BB 112 21.51 30.76 -99.89
N ARG BB 113 22.01 29.54 -99.97
CA ARG BB 113 22.08 28.79 -101.22
C ARG BB 113 20.86 27.91 -101.45
N THR BB 114 19.84 28.02 -100.61
CA THR BB 114 18.62 27.24 -100.78
C THR BB 114 17.70 27.91 -101.79
N LEU BB 115 16.76 27.12 -102.32
CA LEU BB 115 15.80 27.64 -103.29
C LEU BB 115 14.82 28.62 -102.64
N THR BB 116 14.51 28.42 -101.36
CA THR BB 116 13.62 29.33 -100.66
C THR BB 116 14.27 30.69 -100.45
N ALA BB 117 15.50 30.71 -99.91
CA ALA BB 117 16.18 31.96 -99.62
C ALA BB 117 16.72 32.66 -100.85
N VAL BB 118 16.69 31.99 -101.99
CA VAL BB 118 17.19 32.57 -103.23
C VAL BB 118 16.08 33.18 -104.07
N HIS BB 119 14.84 32.83 -103.76
CA HIS BB 119 13.69 33.38 -104.47
C HIS BB 119 13.09 34.54 -103.70
N ASP BB 120 13.28 34.55 -102.39
CA ASP BB 120 12.77 35.61 -101.55
C ASP BB 120 13.73 36.77 -101.63
N ALA BB 121 14.93 36.48 -102.12
CA ALA BB 121 15.96 37.49 -102.28
C ALA BB 121 15.97 38.06 -103.68
N ILE BB 122 15.35 37.38 -104.63
CA ILE BB 122 15.11 37.96 -105.95
C ILE BB 122 14.05 39.06 -105.86
N LEU BB 123 13.05 38.90 -104.99
CA LEU BB 123 12.04 39.95 -104.79
C LEU BB 123 12.64 41.23 -104.25
N GLU BB 124 13.64 41.12 -103.36
CA GLU BB 124 14.09 42.26 -102.59
C GLU BB 124 14.87 43.25 -103.45
N ASP BB 125 15.53 42.79 -104.50
CA ASP BB 125 16.29 43.66 -105.38
C ASP BB 125 15.70 43.79 -106.77
N LEU BB 126 14.62 43.06 -107.08
CA LEU BB 126 13.89 43.30 -108.32
C LEU BB 126 13.20 44.65 -108.32
N VAL BB 127 12.72 45.09 -107.15
CA VAL BB 127 11.85 46.24 -107.03
C VAL BB 127 12.55 47.36 -106.28
N PHE BB 128 13.90 47.37 -106.37
CA PHE BB 128 14.78 47.93 -105.33
C PHE BB 128 14.42 49.29 -104.74
N PRO BB 129 14.09 50.36 -105.51
CA PRO BB 129 13.87 51.67 -104.84
C PRO BB 129 12.67 51.71 -103.91
N SER BB 130 11.73 50.78 -104.05
CA SER BB 130 10.71 50.54 -103.03
C SER BB 130 11.05 49.26 -102.27
N GLU BB 131 10.59 49.20 -101.02
CA GLU BB 131 10.87 48.06 -100.17
C GLU BB 131 9.65 47.14 -100.13
N ILE BB 132 9.76 46.03 -99.39
CA ILE BB 132 8.70 45.04 -99.26
C ILE BB 132 8.16 45.11 -97.84
N VAL BB 133 6.86 45.35 -97.70
CA VAL BB 133 6.24 45.50 -96.39
C VAL BB 133 5.16 44.44 -96.17
N GLY BB 134 5.32 43.29 -96.79
CA GLY BB 134 4.45 42.17 -96.52
C GLY BB 134 4.28 41.26 -97.73
N LYS BB 135 4.08 39.97 -97.44
CA LYS BB 135 3.77 38.99 -98.47
C LYS BB 135 2.50 38.26 -98.09
N ARG BB 136 1.69 37.96 -99.11
CA ARG BB 136 0.34 37.43 -98.94
C ARG BB 136 0.10 36.26 -99.86
N ILE BB 137 1.00 35.26 -99.80
CA ILE BB 137 0.89 34.02 -100.56
C ILE BB 137 -0.46 33.32 -100.32
N ARG BB 138 -1.19 33.11 -101.41
CA ARG BB 138 -2.58 32.66 -101.40
C ARG BB 138 -2.72 31.43 -102.26
N VAL BB 139 -3.42 30.41 -101.76
CA VAL BB 139 -3.55 29.14 -102.44
C VAL BB 139 -4.95 29.09 -103.06
N LYS BB 140 -5.01 29.13 -104.38
CA LYS BB 140 -6.25 29.45 -105.10
C LYS BB 140 -6.97 28.19 -105.58
N LEU BB 141 -7.43 27.39 -104.60
CA LEU BB 141 -8.51 26.41 -104.74
C LEU BB 141 -8.14 25.18 -105.58
N ASP BB 142 -6.99 25.21 -106.24
CA ASP BB 142 -6.55 24.12 -107.09
C ASP BB 142 -5.17 23.61 -106.73
N GLY BB 143 -4.54 24.19 -105.71
CA GLY BB 143 -3.13 24.01 -105.48
C GLY BB 143 -2.26 25.04 -106.18
N SER BB 144 -2.81 25.76 -107.16
CA SER BB 144 -2.10 26.83 -107.85
C SER BB 144 -2.01 28.02 -106.92
N ARG BB 145 -0.83 28.23 -106.35
CA ARG BB 145 -0.61 29.27 -105.36
C ARG BB 145 -0.49 30.62 -106.07
N LEU BB 146 -0.55 31.69 -105.28
CA LEU BB 146 -0.42 33.04 -105.78
C LEU BB 146 0.09 33.92 -104.66
N ILE BB 147 1.16 34.66 -104.91
CA ILE BB 147 1.83 35.46 -103.89
C ILE BB 147 1.65 36.94 -104.19
N LYS BB 148 1.25 37.71 -103.19
CA LYS BB 148 1.01 39.14 -103.33
C LYS BB 148 1.98 39.90 -102.44
N VAL BB 149 2.78 40.77 -103.05
CA VAL BB 149 3.82 41.52 -102.35
C VAL BB 149 3.36 42.96 -102.20
N HIS BB 150 3.43 43.48 -100.98
CA HIS BB 150 3.08 44.86 -100.69
C HIS BB 150 4.32 45.73 -100.75
N LEU BB 151 4.21 46.88 -101.41
CA LEU BB 151 5.32 47.82 -101.50
C LEU BB 151 4.97 49.07 -100.70
N ASP BB 152 6.01 49.80 -100.27
CA ASP BB 152 5.91 50.70 -99.14
C ASP BB 152 5.43 52.12 -99.47
N LYS BB 153 5.14 52.41 -100.75
CA LYS BB 153 4.68 53.71 -101.27
C LYS BB 153 5.68 54.85 -101.11
N ALA BB 154 6.87 54.59 -100.55
CA ALA BB 154 7.83 55.66 -100.35
C ALA BB 154 8.56 56.01 -101.63
N GLN BB 155 8.54 55.12 -102.61
CA GLN BB 155 9.04 55.39 -103.95
C GLN BB 155 8.00 54.86 -104.94
N GLN BB 156 6.75 55.26 -104.72
CA GLN BB 156 5.63 54.80 -105.55
C GLN BB 156 5.73 55.32 -106.98
N ASN BB 157 6.36 56.47 -107.18
CA ASN BB 157 6.47 57.06 -108.50
C ASN BB 157 7.43 56.29 -109.39
N ASN BB 158 8.54 55.81 -108.82
CA ASN BB 158 9.57 55.20 -109.66
C ASN BB 158 9.26 53.74 -109.97
N VAL BB 159 8.37 53.10 -109.20
CA VAL BB 159 7.80 51.81 -109.58
C VAL BB 159 6.28 51.92 -109.46
N GLU BB 160 5.66 52.40 -110.52
CA GLU BB 160 4.22 52.38 -110.74
C GLU BB 160 3.86 51.75 -112.08
N HIS BB 161 4.57 52.12 -113.14
CA HIS BB 161 4.33 51.65 -114.49
C HIS BB 161 5.07 50.37 -114.80
N LYS BB 162 6.20 50.14 -114.13
CA LYS BB 162 7.02 48.95 -114.35
C LYS BB 162 6.66 47.82 -113.38
N VAL BB 163 5.40 47.76 -112.96
CA VAL BB 163 4.95 46.66 -112.11
C VAL BB 163 4.53 45.46 -112.96
N GLU BB 164 4.09 45.69 -114.21
CA GLU BB 164 3.64 44.58 -115.03
C GLU BB 164 4.79 43.79 -115.63
N THR BB 165 5.96 44.40 -115.74
CA THR BB 165 7.14 43.62 -116.10
C THR BB 165 7.72 42.88 -114.90
N PHE BB 166 7.43 43.33 -113.67
CA PHE BB 166 7.88 42.60 -112.49
C PHE BB 166 7.20 41.25 -112.38
N SER BB 167 5.90 41.18 -112.68
CA SER BB 167 5.20 39.91 -112.69
C SER BB 167 5.56 39.07 -113.91
N GLY BB 168 6.20 39.65 -114.91
CA GLY BB 168 6.62 38.91 -116.08
C GLY BB 168 8.06 38.44 -115.99
N VAL BB 169 8.93 39.27 -115.40
CA VAL BB 169 10.31 38.86 -115.14
C VAL BB 169 10.34 37.72 -114.14
N TYR BB 170 9.69 37.93 -113.01
CA TYR BB 170 9.64 36.95 -111.93
C TYR BB 170 9.18 35.57 -112.37
N LYS BB 171 8.15 35.51 -113.20
CA LYS BB 171 7.67 34.22 -113.65
C LYS BB 171 8.67 33.54 -114.60
N LYS BB 172 9.55 34.32 -115.24
CA LYS BB 172 10.53 33.73 -116.14
C LYS BB 172 11.67 33.05 -115.36
N LEU BB 173 12.32 33.78 -114.46
CA LEU BB 173 13.53 33.24 -113.84
C LEU BB 173 13.25 32.43 -112.58
N THR BB 174 12.02 32.40 -112.11
CA THR BB 174 11.64 31.56 -110.98
C THR BB 174 10.61 30.51 -111.35
N GLY BB 175 9.49 30.92 -111.95
CA GLY BB 175 8.39 30.03 -112.24
C GLY BB 175 7.15 30.33 -111.42
N LYS BB 176 7.29 31.17 -110.41
CA LYS BB 176 6.17 31.55 -109.56
C LYS BB 176 5.58 32.85 -110.08
N ASP BB 177 4.30 33.07 -109.82
CA ASP BB 177 3.64 34.28 -110.29
C ASP BB 177 3.20 35.19 -109.15
N VAL BB 178 3.63 36.45 -109.21
CA VAL BB 178 3.29 37.43 -108.19
C VAL BB 178 2.27 38.44 -108.70
N ASN BB 179 1.81 39.32 -107.81
CA ASN BB 179 0.79 40.31 -108.13
C ASN BB 179 0.90 41.39 -107.05
N PHE BB 180 1.37 42.57 -107.43
CA PHE BB 180 1.79 43.55 -106.43
C PHE BB 180 0.65 44.49 -106.06
N GLU BB 181 0.71 45.01 -104.85
CA GLU BB 181 -0.29 45.93 -104.33
C GLU BB 181 0.38 47.01 -103.49
N PHE BB 182 -0.30 48.14 -103.34
CA PHE BB 182 0.15 49.26 -102.52
C PHE BB 182 -0.85 49.45 -101.39
N PRO BB 183 -0.53 49.01 -100.18
CA PRO BB 183 -1.49 49.17 -99.07
C PRO BB 183 -1.53 50.61 -98.59
N GLU BB 184 -2.67 50.98 -98.01
CA GLU BB 184 -2.83 52.26 -97.35
C GLU BB 184 -2.24 52.13 -95.93
N PHE BB 185 -2.29 53.24 -95.18
CA PHE BB 185 -1.48 53.58 -93.99
C PHE BB 185 -1.22 52.42 -93.04
N GLN BB 186 0.05 52.21 -92.73
CA GLN BB 186 0.49 51.04 -91.97
C GLN BB 186 1.64 51.41 -91.04
N GLY CB 1 31.42 -36.34 -63.67
CA GLY CB 1 32.15 -36.16 -62.43
C GLY CB 1 32.83 -34.82 -62.34
N ILE CB 2 34.16 -34.81 -62.52
CA ILE CB 2 34.90 -33.56 -62.63
C ILE CB 2 34.55 -32.91 -63.97
N SER CB 3 33.79 -31.82 -63.92
CA SER CB 3 33.26 -31.20 -65.13
C SER CB 3 33.86 -29.82 -65.34
N ARG CB 4 33.82 -29.38 -66.59
CA ARG CB 4 34.34 -28.10 -67.02
C ARG CB 4 33.26 -27.31 -67.75
N ASP CB 5 32.04 -27.49 -67.28
CA ASP CB 5 30.83 -26.85 -67.81
C ASP CB 5 30.77 -25.37 -67.43
N ASN CB 6 29.83 -24.66 -68.06
CA ASN CB 6 29.66 -23.23 -67.84
C ASN CB 6 28.50 -22.90 -66.92
N TRP CB 7 27.53 -23.81 -66.76
CA TRP CB 7 26.30 -23.51 -66.06
C TRP CB 7 26.42 -23.54 -64.54
N HIS CB 8 27.60 -23.80 -63.99
CA HIS CB 8 27.82 -23.63 -62.56
C HIS CB 8 28.38 -22.27 -62.21
N LYS CB 9 28.89 -21.55 -63.21
CA LYS CB 9 29.41 -20.21 -63.00
C LYS CB 9 28.27 -19.24 -62.73
N ARG CB 10 28.52 -18.29 -61.84
CA ARG CB 10 27.63 -17.15 -61.66
C ARG CB 10 27.64 -16.30 -62.92
N ARG CB 11 26.47 -15.77 -63.29
CA ARG CB 11 26.33 -15.14 -64.60
C ARG CB 11 26.91 -13.71 -64.57
N LYS CB 12 26.67 -12.98 -65.68
CA LYS CB 12 27.31 -11.70 -65.90
C LYS CB 12 26.88 -10.64 -64.90
N THR CB 13 25.59 -10.57 -64.59
CA THR CB 13 25.08 -9.57 -63.65
C THR CB 13 25.51 -9.87 -62.22
N GLY CB 14 25.76 -11.14 -61.91
CA GLY CB 14 26.07 -11.54 -60.55
C GLY CB 14 25.00 -12.37 -59.90
N GLY CB 15 23.94 -12.73 -60.62
CA GLY CB 15 22.95 -13.63 -60.08
C GLY CB 15 23.41 -15.08 -60.21
N LYS CB 16 23.13 -15.85 -59.18
CA LYS CB 16 23.40 -17.28 -59.23
C LYS CB 16 22.39 -17.96 -60.13
N ARG CB 17 22.86 -18.52 -61.25
CA ARG CB 17 21.96 -19.32 -62.07
C ARG CB 17 21.75 -20.68 -61.42
N LYS CB 18 20.76 -21.41 -61.92
CA LYS CB 18 20.27 -22.56 -61.20
C LYS CB 18 20.23 -23.76 -62.15
N PRO CB 19 20.73 -24.91 -61.74
CA PRO CB 19 20.86 -26.05 -62.67
C PRO CB 19 19.51 -26.64 -63.05
N TYR CB 20 19.30 -26.83 -64.35
CA TYR CB 20 18.13 -27.50 -64.87
C TYR CB 20 18.39 -28.94 -65.28
N HIS CB 21 19.64 -29.41 -65.22
CA HIS CB 21 19.95 -30.76 -65.63
C HIS CB 21 21.17 -31.26 -64.87
N LYS CB 22 21.33 -32.59 -64.88
CA LYS CB 22 22.53 -33.22 -64.36
C LYS CB 22 23.73 -32.88 -65.24
N LYS CB 23 24.92 -33.11 -64.70
CA LYS CB 23 26.13 -32.88 -65.48
C LYS CB 23 26.29 -34.00 -66.51
N ARG CB 24 26.73 -33.62 -67.70
CA ARG CB 24 26.78 -34.48 -68.86
C ARG CB 24 28.18 -35.03 -69.05
N LYS CB 25 28.30 -35.95 -70.01
CA LYS CB 25 29.61 -36.53 -70.29
C LYS CB 25 30.43 -35.65 -71.23
N TYR CB 26 29.78 -34.94 -72.17
CA TYR CB 26 30.51 -34.09 -73.10
C TYR CB 26 31.15 -32.87 -72.46
N GLU CB 27 30.94 -32.63 -71.18
CA GLU CB 27 31.53 -31.51 -70.47
C GLU CB 27 32.45 -31.98 -69.34
N LEU CB 28 32.99 -33.20 -69.46
CA LEU CB 28 33.83 -33.75 -68.42
C LEU CB 28 35.21 -33.11 -68.44
N GLY CB 29 35.95 -33.34 -67.36
CA GLY CB 29 37.37 -33.05 -67.33
C GLY CB 29 38.14 -34.27 -66.85
N ARG CB 30 39.46 -34.16 -66.94
CA ARG CB 30 40.36 -35.21 -66.48
C ARG CB 30 41.49 -34.53 -65.71
N PRO CB 31 42.14 -35.26 -64.80
CA PRO CB 31 43.27 -34.67 -64.06
C PRO CB 31 44.45 -34.38 -64.96
N ALA CB 32 45.26 -33.43 -64.53
CA ALA CB 32 46.39 -32.96 -65.32
C ALA CB 32 47.48 -34.03 -65.41
N ALA CB 33 48.33 -33.88 -66.42
CA ALA CB 33 49.37 -34.88 -66.64
C ALA CB 33 50.52 -34.72 -65.66
N ASN CB 34 50.98 -33.49 -65.47
CA ASN CB 34 52.17 -33.13 -64.69
C ASN CB 34 53.40 -33.91 -65.20
N THR CB 35 53.74 -33.61 -66.44
CA THR CB 35 54.81 -34.33 -67.14
C THR CB 35 56.16 -33.96 -66.54
N LYS CB 36 56.88 -34.97 -66.05
CA LYS CB 36 58.12 -34.77 -65.34
C LYS CB 36 59.31 -35.24 -66.19
N ILE CB 37 60.50 -35.05 -65.66
CA ILE CB 37 61.73 -35.39 -66.36
C ILE CB 37 62.23 -36.72 -65.81
N GLY CB 38 62.05 -37.78 -66.58
CA GLY CB 38 62.48 -39.11 -66.20
C GLY CB 38 62.36 -40.06 -67.37
N PRO CB 39 62.46 -41.37 -67.10
CA PRO CB 39 62.26 -42.36 -68.16
C PRO CB 39 60.84 -42.33 -68.69
N ARG CB 40 60.70 -42.64 -69.97
CA ARG CB 40 59.47 -42.35 -70.71
C ARG CB 40 58.37 -43.33 -70.33
N ARG CB 41 57.35 -42.83 -69.63
CA ARG CB 41 56.09 -43.52 -69.47
C ARG CB 41 54.98 -42.65 -70.03
N ILE CB 42 54.19 -43.20 -70.94
CA ILE CB 42 53.11 -42.49 -71.60
C ILE CB 42 51.85 -43.33 -71.48
N HIS CB 43 50.78 -42.72 -70.97
CA HIS CB 43 49.51 -43.41 -70.75
C HIS CB 43 48.50 -42.86 -71.74
N THR CB 44 47.99 -43.70 -72.62
CA THR CB 44 46.97 -43.25 -73.54
C THR CB 44 45.60 -43.27 -72.86
N VAL CB 45 44.72 -42.37 -73.30
CA VAL CB 45 43.35 -42.34 -72.81
C VAL CB 45 42.40 -42.34 -74.00
N ARG CB 46 41.24 -42.93 -73.80
CA ARG CB 46 40.21 -42.98 -74.82
C ARG CB 46 39.34 -41.75 -74.66
N VAL CB 47 39.16 -41.00 -75.75
CA VAL CB 47 38.50 -39.71 -75.68
C VAL CB 47 37.27 -39.68 -76.57
N ARG CB 48 36.63 -38.53 -76.63
CA ARG CB 48 35.41 -38.36 -77.40
C ARG CB 48 35.60 -38.68 -78.87
N GLY CB 49 34.80 -39.63 -79.34
CA GLY CB 49 34.85 -40.04 -80.73
C GLY CB 49 35.56 -41.35 -80.95
N GLY CB 50 36.06 -41.98 -79.90
CA GLY CB 50 36.88 -43.17 -80.06
C GLY CB 50 38.31 -42.87 -80.44
N ASN CB 51 38.75 -41.62 -80.32
CA ASN CB 51 40.10 -41.23 -80.68
C ASN CB 51 41.02 -41.51 -79.51
N LYS CB 52 42.28 -41.13 -79.65
CA LYS CB 52 43.28 -41.30 -78.61
C LYS CB 52 44.09 -40.02 -78.48
N LYS CB 53 44.32 -39.59 -77.25
CA LYS CB 53 45.37 -38.63 -76.97
C LYS CB 53 46.33 -39.26 -75.98
N TYR CB 54 47.61 -39.08 -76.23
CA TYR CB 54 48.68 -39.72 -75.46
C TYR CB 54 49.18 -38.70 -74.45
N ARG CB 55 48.90 -38.92 -73.17
CA ARG CB 55 49.39 -37.99 -72.16
C ARG CB 55 50.63 -38.54 -71.48
N ALA CB 56 51.74 -37.84 -71.69
CA ALA CB 56 53.03 -38.25 -71.17
C ALA CB 56 53.09 -37.93 -69.69
N LEU CB 57 53.31 -38.95 -68.88
CA LEU CB 57 53.51 -38.71 -67.46
C LEU CB 57 54.95 -38.35 -67.16
N ARG CB 58 55.89 -38.88 -67.93
CA ARG CB 58 57.32 -38.58 -67.82
C ARG CB 58 57.97 -38.67 -69.18
N LEU CB 59 58.75 -37.65 -69.53
CA LEU CB 59 59.57 -37.63 -70.73
C LEU CB 59 60.99 -37.27 -70.35
N ASP CB 60 61.93 -37.58 -71.23
CA ASP CB 60 63.26 -36.97 -71.11
C ASP CB 60 63.82 -36.45 -72.42
N VAL CB 61 63.39 -36.94 -73.58
CA VAL CB 61 63.94 -36.54 -74.86
C VAL CB 61 62.94 -35.65 -75.58
N GLY CB 62 63.45 -34.82 -76.47
CA GLY CB 62 62.60 -33.92 -77.23
C GLY CB 62 63.12 -33.73 -78.62
N ASN CB 63 62.29 -33.17 -79.48
CA ASN CB 63 62.66 -32.92 -80.86
C ASN CB 63 62.74 -31.43 -81.10
N PHE CB 64 63.66 -30.78 -80.42
CA PHE CB 64 63.85 -29.34 -80.53
C PHE CB 64 64.48 -28.89 -81.84
N SER CB 65 63.97 -27.79 -82.36
CA SER CB 65 64.41 -27.22 -83.62
C SER CB 65 65.22 -25.97 -83.41
N TRP CB 66 66.22 -25.76 -84.25
CA TRP CB 66 67.05 -24.57 -84.14
C TRP CB 66 66.24 -23.39 -84.66
N GLY CB 67 66.18 -23.25 -85.98
CA GLY CB 67 65.38 -22.19 -86.56
C GLY CB 67 66.14 -21.25 -87.47
N SER CB 68 67.32 -20.82 -87.05
CA SER CB 68 68.12 -19.94 -87.89
C SER CB 68 68.96 -20.72 -88.89
N GLU CB 69 69.45 -21.89 -88.48
CA GLU CB 69 70.15 -22.81 -89.36
C GLU CB 69 69.23 -23.88 -89.93
N CYS CB 70 68.00 -23.96 -89.43
CA CYS CB 70 66.99 -24.98 -89.76
C CYS CB 70 67.56 -26.39 -89.54
N CYS CB 71 67.84 -26.68 -88.28
CA CYS CB 71 68.39 -27.95 -87.89
C CYS CB 71 67.66 -28.43 -86.66
N THR CB 72 66.74 -29.38 -86.86
CA THR CB 72 65.98 -29.93 -85.76
C THR CB 72 66.51 -31.31 -85.47
N ARG CB 73 66.95 -31.54 -84.24
CA ARG CB 73 67.49 -32.83 -83.87
C ARG CB 73 66.85 -33.35 -82.61
N LYS CB 74 66.83 -34.67 -82.45
CA LYS CB 74 66.25 -35.31 -81.27
C LYS CB 74 67.26 -35.18 -80.12
N THR CB 75 67.01 -34.26 -79.21
CA THR CB 75 67.95 -34.07 -78.11
C THR CB 75 67.45 -34.65 -76.80
N ARG CB 76 67.97 -34.11 -75.70
CA ARG CB 76 67.63 -34.60 -74.37
C ARG CB 76 67.37 -33.41 -73.45
N ILE CB 77 66.24 -33.41 -72.76
CA ILE CB 77 65.94 -32.34 -71.82
C ILE CB 77 66.64 -32.65 -70.51
N ILE CB 78 67.23 -31.62 -69.91
CA ILE CB 78 67.98 -31.82 -68.67
C ILE CB 78 67.17 -31.33 -67.48
N ASP CB 79 66.77 -30.06 -67.48
CA ASP CB 79 65.95 -29.53 -66.40
C ASP CB 79 65.14 -28.33 -66.89
N VAL CB 80 64.06 -28.04 -66.18
CA VAL CB 80 63.23 -26.88 -66.42
C VAL CB 80 63.82 -25.71 -65.65
N VAL CB 81 63.91 -24.55 -66.30
CA VAL CB 81 64.60 -23.40 -65.74
C VAL CB 81 63.64 -22.26 -65.42
N TYR CB 82 62.71 -21.96 -66.32
CA TYR CB 82 61.80 -20.84 -66.13
C TYR CB 82 60.41 -21.22 -66.63
N ASN CB 83 59.40 -20.72 -65.93
CA ASN CB 83 58.01 -20.90 -66.35
C ASN CB 83 57.28 -19.59 -66.12
N ALA CB 84 56.59 -19.11 -67.16
CA ALA CB 84 55.87 -17.85 -67.06
C ALA CB 84 54.55 -18.01 -66.33
N SER CB 85 53.95 -19.20 -66.37
CA SER CB 85 52.65 -19.40 -65.74
C SER CB 85 52.77 -19.45 -64.23
N ASN CB 86 53.54 -20.41 -63.70
CA ASN CB 86 53.58 -20.66 -62.28
C ASN CB 86 55.02 -20.93 -61.86
N ASN CB 87 55.35 -20.48 -60.65
CA ASN CB 87 56.73 -20.59 -60.17
C ASN CB 87 57.01 -21.97 -59.59
N GLU CB 88 56.02 -22.59 -58.94
CA GLU CB 88 56.24 -23.89 -58.32
C GLU CB 88 56.39 -25.00 -59.35
N LEU CB 89 55.96 -24.77 -60.60
CA LEU CB 89 56.19 -25.76 -61.66
C LEU CB 89 57.63 -25.80 -62.13
N VAL CB 90 58.44 -24.81 -61.76
CA VAL CB 90 59.86 -24.85 -62.09
C VAL CB 90 60.56 -25.90 -61.22
N ARG CB 91 60.47 -25.75 -59.89
CA ARG CB 91 61.18 -26.64 -58.99
C ARG CB 91 60.54 -28.01 -58.85
N THR CB 92 59.30 -28.17 -59.32
CA THR CB 92 58.70 -29.49 -59.47
C THR CB 92 59.17 -30.17 -60.74
N LYS CB 93 59.76 -29.39 -61.66
CA LYS CB 93 60.23 -29.82 -62.98
C LYS CB 93 59.11 -30.45 -63.79
N THR CB 94 58.07 -29.63 -64.02
CA THR CB 94 56.89 -30.03 -64.77
C THR CB 94 56.99 -29.49 -66.19
N LEU CB 95 56.89 -30.39 -67.17
CA LEU CB 95 56.93 -30.00 -68.57
C LEU CB 95 55.55 -29.56 -69.01
N VAL CB 96 55.39 -28.25 -69.25
CA VAL CB 96 54.14 -27.72 -69.78
C VAL CB 96 54.45 -27.12 -71.15
N LYS CB 97 53.45 -26.52 -71.78
CA LYS CB 97 53.56 -26.14 -73.18
C LYS CB 97 54.53 -24.99 -73.41
N ASN CB 98 54.81 -24.16 -72.40
CA ASN CB 98 55.61 -22.97 -72.65
C ASN CB 98 56.72 -22.79 -71.62
N CYS CB 99 57.11 -23.85 -70.91
CA CYS CB 99 58.18 -23.72 -69.93
C CYS CB 99 59.53 -23.72 -70.62
N ILE CB 100 60.38 -22.79 -70.22
CA ILE CB 100 61.73 -22.67 -70.77
C ILE CB 100 62.60 -23.75 -70.13
N VAL CB 101 63.03 -24.71 -70.94
CA VAL CB 101 63.85 -25.81 -70.45
C VAL CB 101 65.31 -25.62 -70.78
N LEU CB 102 66.10 -26.66 -70.55
CA LEU CB 102 67.53 -26.62 -70.83
C LEU CB 102 67.93 -27.96 -71.42
N ILE CB 103 68.40 -27.97 -72.65
CA ILE CB 103 68.80 -29.21 -73.30
C ILE CB 103 70.30 -29.19 -73.60
N ASP CB 104 70.81 -30.33 -74.02
CA ASP CB 104 72.21 -30.46 -74.37
C ASP CB 104 72.48 -29.86 -75.74
N SER CB 105 73.77 -29.69 -76.05
CA SER CB 105 74.17 -29.05 -77.29
C SER CB 105 74.87 -29.99 -78.27
N THR CB 106 75.31 -31.16 -77.82
CA THR CB 106 76.04 -32.09 -78.67
C THR CB 106 75.33 -32.66 -79.91
N PRO CB 107 74.01 -32.56 -79.98
CA PRO CB 107 73.30 -32.98 -81.19
C PRO CB 107 73.48 -31.90 -82.26
N TYR CB 108 73.71 -30.67 -81.82
CA TYR CB 108 73.89 -29.50 -82.69
C TYR CB 108 75.36 -29.25 -82.99
N ARG CB 109 76.21 -29.30 -81.97
CA ARG CB 109 77.65 -29.16 -82.20
C ARG CB 109 78.11 -30.14 -83.27
N GLN CB 110 77.54 -31.35 -83.27
CA GLN CB 110 77.93 -32.35 -84.26
C GLN CB 110 77.43 -31.99 -85.65
N TRP CB 111 76.28 -31.32 -85.75
CA TRP CB 111 75.78 -30.91 -87.06
C TRP CB 111 76.55 -29.71 -87.59
N TYR CB 112 76.82 -28.73 -86.72
CA TYR CB 112 77.46 -27.49 -87.14
C TYR CB 112 78.88 -27.71 -87.65
N GLU CB 113 79.60 -28.62 -87.01
CA GLU CB 113 80.96 -28.93 -87.44
C GLU CB 113 80.98 -29.75 -88.72
N SER CB 114 79.89 -30.44 -89.03
CA SER CB 114 79.78 -31.22 -90.26
C SER CB 114 79.01 -30.48 -91.35
N HIS CB 115 78.74 -29.20 -91.15
CA HIS CB 115 78.07 -28.37 -92.15
C HIS CB 115 78.83 -27.09 -92.46
N TYR CB 116 79.64 -26.58 -91.55
CA TYR CB 116 80.45 -25.40 -91.78
C TYR CB 116 81.94 -25.64 -91.63
N ALA CB 117 82.35 -26.79 -91.07
CA ALA CB 117 83.74 -27.19 -90.84
C ALA CB 117 84.49 -26.13 -90.01
N LEU CB 118 84.01 -25.95 -88.77
CA LEU CB 118 84.49 -24.87 -87.92
C LEU CB 118 84.18 -25.25 -86.48
N PRO CB 119 85.11 -25.05 -85.54
CA PRO CB 119 84.86 -25.47 -84.15
C PRO CB 119 83.81 -24.60 -83.47
N LEU CB 120 83.02 -25.22 -82.61
CA LEU CB 120 81.92 -24.56 -81.92
C LEU CB 120 81.88 -24.99 -80.47
N GLY CB 121 81.87 -24.02 -79.57
CA GLY CB 121 81.71 -24.30 -78.15
C GLY CB 121 82.92 -24.94 -77.50
N ARG CB 122 84.10 -24.79 -78.08
CA ARG CB 122 85.33 -25.37 -77.56
C ARG CB 122 86.29 -24.24 -77.22
N LYS CB 123 86.79 -24.26 -75.98
CA LYS CB 123 87.46 -23.10 -75.39
C LYS CB 123 88.93 -23.00 -75.77
N LYS CB 124 89.59 -24.10 -76.08
CA LYS CB 124 90.97 -24.01 -76.55
C LYS CB 124 91.19 -24.74 -77.87
N GLY CB 125 90.58 -25.91 -78.06
CA GLY CB 125 90.80 -26.70 -79.25
C GLY CB 125 92.10 -27.47 -79.19
N ALA CB 126 92.38 -28.17 -80.31
CA ALA CB 126 93.59 -28.96 -80.56
C ALA CB 126 93.83 -30.05 -79.53
N LYS CB 127 92.78 -30.50 -78.84
CA LYS CB 127 92.87 -31.60 -77.90
C LYS CB 127 91.72 -32.59 -78.01
N LEU CB 128 90.63 -32.24 -78.69
CA LEU CB 128 89.51 -33.17 -78.91
C LEU CB 128 89.86 -34.01 -80.13
N THR CB 129 90.63 -35.06 -79.89
CA THR CB 129 91.22 -35.84 -80.97
C THR CB 129 90.24 -36.66 -81.82
N PRO CB 130 89.54 -37.68 -81.30
CA PRO CB 130 89.33 -38.93 -82.08
C PRO CB 130 88.51 -38.78 -83.36
N GLU CB 131 87.74 -37.71 -83.49
CA GLU CB 131 87.04 -37.40 -84.74
C GLU CB 131 87.48 -36.08 -85.36
N GLU CB 132 87.65 -35.03 -84.55
CA GLU CB 132 88.02 -33.70 -85.03
C GLU CB 132 89.51 -33.63 -85.42
N GLU CB 133 90.29 -34.69 -85.19
CA GLU CB 133 91.63 -34.75 -85.78
C GLU CB 133 91.57 -34.83 -87.30
N GLU CB 134 90.49 -35.39 -87.85
CA GLU CB 134 90.34 -35.57 -89.28
C GLU CB 134 89.20 -34.75 -89.88
N ILE CB 135 88.22 -34.33 -89.07
CA ILE CB 135 87.09 -33.55 -89.59
C ILE CB 135 87.54 -32.16 -90.05
N LEU CB 136 88.52 -31.56 -89.37
CA LEU CB 136 88.99 -30.25 -89.83
C LEU CB 136 89.81 -30.35 -91.10
N ASN CB 137 90.42 -31.52 -91.37
CA ASN CB 137 91.17 -31.66 -92.62
C ASN CB 137 90.33 -32.32 -93.71
N LYS CB 138 89.95 -33.60 -93.50
CA LYS CB 138 89.10 -34.41 -94.39
C LYS CB 138 89.59 -34.61 -95.82
N LYS CB 139 90.75 -34.04 -96.18
CA LYS CB 139 91.32 -34.03 -97.53
C LYS CB 139 90.27 -33.59 -98.56
N ARG CB 140 89.88 -32.32 -98.44
CA ARG CB 140 88.92 -31.75 -99.37
C ARG CB 140 89.58 -31.48 -100.72
N SER CB 141 88.92 -31.89 -101.80
CA SER CB 141 89.26 -31.38 -103.11
C SER CB 141 88.82 -29.93 -103.22
N LYS CB 142 89.50 -29.18 -104.10
CA LYS CB 142 89.18 -27.76 -104.24
C LYS CB 142 87.83 -27.51 -104.92
N LYS CB 143 87.21 -28.52 -105.50
CA LYS CB 143 85.83 -28.38 -105.95
C LYS CB 143 84.85 -28.58 -104.80
N ILE CB 144 85.20 -29.40 -103.81
CA ILE CB 144 84.33 -29.61 -102.65
C ILE CB 144 84.70 -28.70 -101.48
N GLN CB 145 85.91 -28.12 -101.47
CA GLN CB 145 86.25 -27.06 -100.53
C GLN CB 145 85.61 -25.75 -100.94
N LYS CB 146 85.19 -25.64 -102.20
CA LYS CB 146 84.57 -24.41 -102.71
C LYS CB 146 83.26 -24.10 -102.01
N LYS CB 147 82.47 -25.12 -101.66
CA LYS CB 147 81.21 -24.86 -101.00
C LYS CB 147 81.38 -24.50 -99.53
N TYR CB 148 82.39 -25.04 -98.85
CA TYR CB 148 82.57 -24.75 -97.44
C TYR CB 148 83.11 -23.35 -97.24
N ASP CB 149 83.98 -22.88 -98.14
CA ASP CB 149 84.49 -21.52 -98.05
C ASP CB 149 83.43 -20.49 -98.38
N GLU CB 150 82.40 -20.87 -99.14
CA GLU CB 150 81.24 -20.02 -99.34
C GLU CB 150 80.28 -20.08 -98.16
N ARG CB 151 80.32 -21.16 -97.38
CA ARG CB 151 79.55 -21.25 -96.15
C ARG CB 151 80.22 -20.56 -94.98
N LYS CB 152 81.51 -20.26 -95.07
CA LYS CB 152 82.21 -19.55 -93.99
C LYS CB 152 82.12 -18.04 -94.15
N LYS CB 153 80.91 -17.55 -94.38
CA LYS CB 153 80.60 -16.12 -94.34
C LYS CB 153 79.32 -15.83 -93.58
N ASN CB 154 78.41 -16.79 -93.46
CA ASN CB 154 77.21 -16.66 -92.64
C ASN CB 154 77.22 -17.68 -91.52
N ALA CB 155 78.41 -17.99 -91.01
CA ALA CB 155 78.61 -19.02 -90.00
C ALA CB 155 78.75 -18.43 -88.60
N LYS CB 156 78.45 -17.16 -88.43
CA LYS CB 156 78.61 -16.51 -87.13
C LYS CB 156 77.37 -16.74 -86.29
N ILE CB 157 77.57 -17.33 -85.12
CA ILE CB 157 76.52 -17.50 -84.12
C ILE CB 157 76.53 -16.25 -83.26
N SER CB 158 75.36 -15.84 -82.78
CA SER CB 158 75.28 -14.69 -81.89
C SER CB 158 75.99 -14.98 -80.57
N SER CB 159 76.58 -13.93 -79.99
CA SER CB 159 77.57 -14.11 -78.92
C SER CB 159 76.97 -14.64 -77.64
N LEU CB 160 75.69 -14.33 -77.38
CA LEU CB 160 75.03 -14.89 -76.21
C LEU CB 160 74.59 -16.33 -76.42
N LEU CB 161 74.53 -16.78 -77.67
CA LEU CB 161 74.15 -18.14 -78.00
C LEU CB 161 75.35 -19.07 -78.10
N GLU CB 162 76.54 -18.54 -78.36
CA GLU CB 162 77.75 -19.35 -78.41
C GLU CB 162 78.30 -19.63 -77.02
N GLU CB 163 77.98 -18.78 -76.04
CA GLU CB 163 78.46 -18.99 -74.67
C GLU CB 163 77.84 -20.23 -74.03
N GLN CB 164 76.66 -20.64 -74.47
CA GLN CB 164 75.99 -21.80 -73.91
C GLN CB 164 76.16 -23.05 -74.77
N PHE CB 165 76.99 -22.98 -75.82
CA PHE CB 165 77.60 -24.19 -76.34
C PHE CB 165 78.79 -24.62 -75.51
N GLN CB 166 79.49 -23.65 -74.91
CA GLN CB 166 80.64 -23.96 -74.07
C GLN CB 166 80.20 -24.63 -72.78
N GLN CB 167 79.02 -24.26 -72.26
CA GLN CB 167 78.46 -24.95 -71.11
C GLN CB 167 77.95 -26.34 -71.47
N GLY CB 168 77.73 -26.61 -72.76
CA GLY CB 168 77.13 -27.85 -73.17
C GLY CB 168 75.64 -27.93 -72.94
N LYS CB 169 75.00 -26.80 -72.62
CA LYS CB 169 73.59 -26.78 -72.26
C LYS CB 169 72.92 -25.60 -72.97
N LEU CB 170 72.00 -25.89 -73.87
CA LEU CB 170 71.22 -24.87 -74.57
C LEU CB 170 69.88 -24.71 -73.87
N LEU CB 171 69.51 -23.47 -73.59
CA LEU CB 171 68.19 -23.18 -73.04
C LEU CB 171 67.22 -22.94 -74.20
N ALA CB 172 66.19 -23.77 -74.26
CA ALA CB 172 65.24 -23.69 -75.34
C ALA CB 172 63.83 -23.64 -74.83
N CYS CB 173 62.91 -23.27 -75.71
CA CYS CB 173 61.51 -23.19 -75.34
C CYS CB 173 60.76 -24.44 -75.79
N ILE CB 174 59.47 -24.46 -75.52
CA ILE CB 174 58.62 -25.59 -75.88
C ILE CB 174 57.45 -25.06 -76.71
N ALA CB 175 56.94 -25.87 -77.64
CA ALA CB 175 55.75 -25.46 -78.37
C ALA CB 175 54.70 -26.55 -78.49
N SER CB 176 55.02 -27.81 -78.20
CA SER CB 176 54.01 -28.85 -78.18
C SER CB 176 53.36 -28.91 -76.79
N ARG CB 177 52.29 -29.69 -76.70
CA ARG CB 177 51.54 -29.84 -75.46
C ARG CB 177 51.78 -31.23 -74.88
N PRO CB 178 52.66 -31.39 -73.90
CA PRO CB 178 52.72 -32.67 -73.19
C PRO CB 178 51.47 -32.85 -72.35
N GLY CB 179 50.98 -34.08 -72.30
CA GLY CB 179 49.67 -34.34 -71.75
C GLY CB 179 48.58 -34.41 -72.77
N GLN CB 180 48.85 -34.01 -74.00
CA GLN CB 180 47.93 -34.11 -75.12
C GLN CB 180 48.47 -34.95 -76.25
N CYS CB 181 49.76 -34.80 -76.57
CA CYS CB 181 50.38 -35.56 -77.64
C CYS CB 181 51.51 -36.45 -77.18
N GLY CB 182 51.95 -36.32 -75.91
CA GLY CB 182 53.02 -37.14 -75.41
C GLY CB 182 54.40 -36.78 -75.92
N ARG CB 183 54.55 -35.58 -76.49
CA ARG CB 183 55.82 -35.17 -77.08
C ARG CB 183 56.16 -33.79 -76.56
N ALA CB 184 57.44 -33.58 -76.28
CA ALA CB 184 57.92 -32.31 -75.84
C ALA CB 184 58.76 -31.73 -76.96
N ASP CB 185 58.12 -31.03 -77.88
CA ASP CB 185 58.79 -30.40 -79.01
C ASP CB 185 58.82 -28.90 -78.79
N GLY CB 186 59.69 -28.22 -79.54
CA GLY CB 186 59.83 -26.79 -79.41
C GLY CB 186 61.02 -26.27 -80.18
N TYR CB 187 61.30 -24.99 -80.01
CA TYR CB 187 62.40 -24.35 -80.73
C TYR CB 187 63.45 -23.82 -79.77
N VAL CB 188 64.69 -23.72 -80.24
CA VAL CB 188 65.77 -23.22 -79.43
C VAL CB 188 65.74 -21.71 -79.38
N LEU CB 189 65.69 -21.15 -78.18
CA LEU CB 189 65.68 -19.69 -78.02
C LEU CB 189 66.96 -19.09 -78.58
N GLU CB 190 66.80 -17.93 -79.21
CA GLU CB 190 67.86 -17.15 -79.83
C GLU CB 190 67.27 -15.80 -80.20
N GLY CB 191 68.13 -14.77 -80.24
CA GLY CB 191 67.66 -13.45 -80.59
C GLY CB 191 66.97 -12.75 -79.43
N LYS CB 192 66.04 -11.85 -79.78
CA LYS CB 192 65.47 -10.91 -78.82
C LYS CB 192 64.60 -11.55 -77.75
N GLU CB 193 64.14 -12.79 -77.96
CA GLU CB 193 63.48 -13.48 -76.86
C GLU CB 193 64.49 -14.15 -75.93
N LEU CB 194 65.73 -14.36 -76.38
CA LEU CB 194 66.74 -14.92 -75.49
C LEU CB 194 67.31 -13.87 -74.55
N GLU CB 195 67.39 -12.59 -74.96
CA GLU CB 195 67.71 -11.56 -73.99
C GLU CB 195 66.55 -11.28 -73.04
N PHE CB 196 65.34 -11.69 -73.40
CA PHE CB 196 64.22 -11.56 -72.48
C PHE CB 196 64.30 -12.60 -71.37
N TYR CB 197 64.52 -13.86 -71.73
CA TYR CB 197 64.44 -14.92 -70.73
C TYR CB 197 65.72 -15.05 -69.90
N LEU CB 198 66.88 -14.66 -70.44
CA LEU CB 198 68.09 -14.63 -69.62
C LEU CB 198 67.99 -13.62 -68.49
N ARG CB 199 67.29 -12.51 -68.72
CA ARG CB 199 67.12 -11.52 -67.68
C ARG CB 199 66.12 -12.00 -66.62
N LYS CB 200 65.11 -12.75 -67.03
CA LYS CB 200 64.14 -13.29 -66.08
C LYS CB 200 64.74 -14.41 -65.24
N ILE CB 201 65.63 -15.21 -65.83
CA ILE CB 201 66.32 -16.25 -65.07
C ILE CB 201 67.32 -15.63 -64.09
N LYS CB 202 67.98 -14.55 -64.51
CA LYS CB 202 69.00 -13.93 -63.66
C LYS CB 202 68.36 -13.19 -62.49
N ALA CB 203 67.21 -12.56 -62.71
CA ALA CB 203 66.59 -11.72 -61.69
C ALA CB 203 65.96 -12.51 -60.55
N ARG CB 204 65.77 -13.82 -60.70
CA ARG CB 204 65.13 -14.61 -59.65
C ARG CB 204 66.03 -14.75 -58.43
N LYS CB 205 67.34 -14.75 -58.64
CA LYS CB 205 68.30 -14.87 -57.56
C LYS CB 205 69.16 -13.61 -57.50
N GLY CB 206 69.34 -13.10 -56.29
CA GLY CB 206 70.07 -11.85 -56.09
C GLY CB 206 69.17 -10.64 -56.10
N MET DB 1 -93.11 -32.04 -42.47
CA MET DB 1 -94.23 -31.24 -41.99
C MET DB 1 -95.46 -32.11 -41.74
N LEU DB 2 -96.01 -32.04 -40.53
CA LEU DB 2 -97.10 -32.90 -40.09
C LEU DB 2 -98.37 -32.68 -40.90
N MET DB 3 -98.99 -31.48 -40.78
CA MET DB 3 -99.87 -30.82 -41.74
C MET DB 3 -100.97 -31.71 -42.31
N PRO DB 4 -102.08 -31.91 -41.59
CA PRO DB 4 -103.14 -32.84 -42.05
C PRO DB 4 -103.71 -32.51 -43.43
N LYS DB 5 -104.36 -33.53 -44.01
CA LYS DB 5 -104.70 -33.49 -45.43
C LYS DB 5 -105.79 -32.48 -45.73
N LYS DB 6 -106.75 -32.32 -44.82
CA LYS DB 6 -107.76 -31.27 -44.96
C LYS DB 6 -107.13 -29.89 -44.83
N ASN DB 7 -106.07 -29.78 -44.05
CA ASN DB 7 -105.35 -28.52 -43.88
C ASN DB 7 -104.41 -28.22 -45.04
N ARG DB 8 -104.19 -29.18 -45.93
CA ARG DB 8 -103.29 -29.01 -47.08
C ARG DB 8 -104.03 -28.66 -48.36
N ILE DB 9 -105.14 -29.37 -48.65
CA ILE DB 9 -105.91 -29.14 -49.87
C ILE DB 9 -106.54 -27.76 -49.86
N ALA DB 10 -106.97 -27.28 -48.69
CA ALA DB 10 -107.57 -25.95 -48.58
C ALA DB 10 -106.57 -24.82 -48.82
N ILE DB 11 -105.27 -25.10 -48.72
CA ILE DB 11 -104.28 -24.11 -49.10
C ILE DB 11 -104.03 -24.15 -50.60
N TYR DB 12 -103.93 -25.35 -51.18
CA TYR DB 12 -103.62 -25.48 -52.61
C TYR DB 12 -104.78 -25.02 -53.49
N GLU DB 13 -106.03 -25.23 -53.07
CA GLU DB 13 -107.15 -24.84 -53.91
C GLU DB 13 -107.38 -23.33 -53.90
N LEU DB 14 -106.83 -22.62 -52.92
CA LEU DB 14 -106.80 -21.17 -53.00
C LEU DB 14 -105.49 -20.71 -53.66
N LEU DB 15 -104.47 -21.56 -53.62
CA LEU DB 15 -103.26 -21.30 -54.38
C LEU DB 15 -103.45 -21.68 -55.85
N PHE DB 16 -104.57 -22.33 -56.18
CA PHE DB 16 -104.87 -22.60 -57.58
C PHE DB 16 -105.87 -21.61 -58.15
N LYS DB 17 -106.89 -21.23 -57.38
CA LYS DB 17 -107.95 -20.40 -57.94
C LYS DB 17 -107.49 -18.97 -58.15
N GLU DB 18 -106.56 -18.49 -57.34
CA GLU DB 18 -105.70 -17.39 -57.72
C GLU DB 18 -104.30 -17.95 -57.91
N GLY DB 19 -103.56 -17.40 -58.87
CA GLY DB 19 -102.22 -17.90 -59.10
C GLY DB 19 -101.20 -17.49 -58.07
N VAL DB 20 -101.58 -16.60 -57.15
CA VAL DB 20 -100.70 -16.08 -56.13
C VAL DB 20 -101.35 -16.29 -54.77
N MET DB 21 -100.54 -16.22 -53.72
CA MET DB 21 -101.04 -16.03 -52.36
C MET DB 21 -99.92 -15.46 -51.50
N VAL DB 22 -100.30 -14.64 -50.53
CA VAL DB 22 -99.37 -13.83 -49.75
C VAL DB 22 -99.49 -14.21 -48.28
N ALA DB 23 -98.37 -14.53 -47.65
CA ALA DB 23 -98.31 -14.85 -46.23
C ALA DB 23 -97.25 -14.01 -45.55
N LYS DB 24 -97.48 -13.70 -44.27
CA LYS DB 24 -96.56 -12.93 -43.46
C LYS DB 24 -95.54 -13.86 -42.81
N LYS DB 25 -94.31 -13.38 -42.68
CA LYS DB 25 -93.27 -14.16 -42.01
C LYS DB 25 -93.39 -13.94 -40.50
N ASP DB 26 -94.29 -14.72 -39.90
CA ASP DB 26 -94.23 -15.03 -38.48
C ASP DB 26 -94.87 -16.39 -38.27
N VAL DB 27 -94.18 -17.25 -37.52
CA VAL DB 27 -94.70 -18.59 -37.31
C VAL DB 27 -95.70 -18.63 -36.17
N HIS DB 28 -95.77 -17.58 -35.37
CA HIS DB 28 -96.69 -17.51 -34.23
C HIS DB 28 -97.89 -16.65 -34.60
N MET DB 29 -98.80 -17.23 -35.37
CA MET DB 29 -100.06 -16.56 -35.72
C MET DB 29 -101.15 -17.62 -35.69
N PRO DB 30 -102.30 -17.33 -35.06
CA PRO DB 30 -103.32 -18.38 -34.89
C PRO DB 30 -104.01 -18.78 -36.19
N LYS DB 31 -104.32 -17.83 -37.06
CA LYS DB 31 -104.94 -18.14 -38.34
C LYS DB 31 -104.26 -17.34 -39.45
N HIS DB 32 -104.31 -17.88 -40.65
CA HIS DB 32 -103.94 -17.09 -41.82
C HIS DB 32 -104.99 -16.02 -42.03
N PRO DB 33 -104.58 -14.77 -42.31
CA PRO DB 33 -105.56 -13.67 -42.34
C PRO DB 33 -106.54 -13.75 -43.49
N GLU DB 34 -106.11 -14.22 -44.66
CA GLU DB 34 -107.01 -14.29 -45.80
C GLU DB 34 -107.87 -15.53 -45.74
N LEU DB 35 -107.27 -16.69 -45.45
CA LEU DB 35 -108.00 -17.95 -45.35
C LEU DB 35 -109.01 -17.95 -44.21
N ALA DB 36 -108.52 -17.99 -42.95
CA ALA DB 36 -109.24 -17.69 -41.72
C ALA DB 36 -110.51 -18.52 -41.49
N ASP DB 37 -110.74 -19.57 -42.26
CA ASP DB 37 -112.01 -20.29 -42.23
C ASP DB 37 -111.85 -21.76 -41.90
N LYS DB 38 -110.84 -22.42 -42.46
CA LYS DB 38 -110.57 -23.82 -42.18
C LYS DB 38 -109.62 -24.01 -41.00
N ASN DB 39 -109.48 -22.98 -40.15
CA ASN DB 39 -108.64 -22.97 -38.95
C ASN DB 39 -107.17 -23.28 -39.28
N VAL DB 40 -106.70 -22.72 -40.39
CA VAL DB 40 -105.33 -22.92 -40.84
C VAL DB 40 -104.46 -21.79 -40.30
N PRO DB 41 -103.40 -22.09 -39.55
CA PRO DB 41 -102.50 -21.03 -39.09
C PRO DB 41 -101.45 -20.67 -40.13
N ASN DB 42 -100.68 -19.63 -39.80
CA ASN DB 42 -99.66 -19.10 -40.70
C ASN DB 42 -98.45 -20.02 -40.80
N LEU DB 43 -98.28 -20.99 -39.90
CA LEU DB 43 -97.11 -21.84 -39.96
C LEU DB 43 -97.25 -22.94 -41.01
N HIS DB 44 -98.46 -23.42 -41.26
CA HIS DB 44 -98.65 -24.45 -42.29
C HIS DB 44 -98.52 -23.85 -43.69
N VAL DB 45 -98.97 -22.62 -43.88
CA VAL DB 45 -98.92 -22.02 -45.21
C VAL DB 45 -97.49 -21.59 -45.56
N MET DB 46 -96.67 -21.28 -44.55
CA MET DB 46 -95.26 -20.99 -44.81
C MET DB 46 -94.48 -22.24 -45.17
N LYS DB 47 -94.94 -23.41 -44.72
CA LYS DB 47 -94.26 -24.66 -44.98
C LYS DB 47 -94.94 -25.48 -46.06
N ALA DB 48 -96.07 -25.00 -46.59
CA ALA DB 48 -96.60 -25.57 -47.82
C ALA DB 48 -95.76 -25.16 -49.02
N MET DB 49 -95.60 -23.85 -49.23
CA MET DB 49 -94.87 -23.33 -50.37
C MET DB 49 -93.36 -23.25 -50.14
N GLN DB 50 -92.84 -23.82 -49.08
CA GLN DB 50 -91.42 -24.15 -49.07
C GLN DB 50 -91.18 -25.51 -49.73
N SER DB 51 -92.19 -26.40 -49.66
CA SER DB 51 -92.11 -27.64 -50.42
C SER DB 51 -92.30 -27.39 -51.91
N LEU DB 52 -93.13 -26.42 -52.28
CA LEU DB 52 -93.37 -26.13 -53.69
C LEU DB 52 -92.20 -25.39 -54.33
N LYS DB 53 -91.46 -24.60 -53.56
CA LYS DB 53 -90.30 -23.92 -54.13
C LYS DB 53 -89.16 -24.89 -54.40
N SER DB 54 -88.96 -25.86 -53.50
CA SER DB 54 -87.92 -26.85 -53.70
C SER DB 54 -88.23 -27.79 -54.85
N ARG DB 55 -89.50 -27.96 -55.20
CA ARG DB 55 -89.89 -28.74 -56.37
C ARG DB 55 -90.10 -27.89 -57.61
N GLY DB 56 -89.81 -26.58 -57.53
CA GLY DB 56 -89.89 -25.71 -58.68
C GLY DB 56 -91.29 -25.36 -59.13
N TYR DB 57 -92.31 -25.75 -58.38
CA TYR DB 57 -93.70 -25.48 -58.74
C TYR DB 57 -94.15 -24.05 -58.44
N VAL DB 58 -93.30 -23.25 -57.81
CA VAL DB 58 -93.69 -21.90 -57.39
C VAL DB 58 -92.43 -21.04 -57.36
N LYS DB 59 -92.62 -19.72 -57.35
CA LYS DB 59 -91.52 -18.76 -57.29
C LYS DB 59 -91.84 -17.74 -56.22
N GLU DB 60 -90.89 -17.46 -55.33
CA GLU DB 60 -91.15 -16.59 -54.21
C GLU DB 60 -90.39 -15.28 -54.33
N GLN DB 61 -90.78 -14.33 -53.47
CA GLN DB 61 -90.14 -13.05 -53.33
C GLN DB 61 -90.54 -12.50 -51.96
N PHE DB 62 -89.64 -11.78 -51.31
CA PHE DB 62 -89.79 -11.41 -49.91
C PHE DB 62 -89.46 -9.94 -49.73
N ALA DB 63 -90.47 -9.10 -49.52
CA ALA DB 63 -90.23 -7.66 -49.56
C ALA DB 63 -89.70 -7.12 -48.23
N TRP DB 64 -90.55 -7.10 -47.20
CA TRP DB 64 -90.14 -6.69 -45.86
C TRP DB 64 -90.33 -7.79 -44.84
N ARG DB 65 -91.56 -8.27 -44.63
CA ARG DB 65 -91.79 -9.40 -43.77
C ARG DB 65 -92.87 -10.31 -44.36
N HIS DB 66 -93.09 -10.23 -45.67
CA HIS DB 66 -94.15 -10.96 -46.33
C HIS DB 66 -93.57 -11.78 -47.47
N PHE DB 67 -93.81 -13.09 -47.43
CA PHE DB 67 -93.57 -13.94 -48.60
C PHE DB 67 -94.69 -13.73 -49.60
N TYR DB 68 -94.33 -13.60 -50.87
CA TYR DB 68 -95.32 -13.65 -51.94
C TYR DB 68 -94.96 -14.83 -52.84
N TRP DB 69 -95.94 -15.41 -53.50
CA TRP DB 69 -95.67 -16.57 -54.35
C TRP DB 69 -96.37 -16.44 -55.70
N TYR DB 70 -95.86 -17.20 -56.68
CA TYR DB 70 -96.32 -17.10 -58.06
C TYR DB 70 -96.28 -18.49 -58.67
N LEU DB 71 -97.40 -18.94 -59.22
CA LEU DB 71 -97.42 -20.23 -59.91
C LEU DB 71 -96.62 -20.18 -61.20
N THR DB 72 -95.74 -21.16 -61.37
CA THR DB 72 -95.09 -21.40 -62.64
C THR DB 72 -95.98 -22.28 -63.51
N ASN DB 73 -95.56 -22.52 -64.75
CA ASN DB 73 -96.32 -23.42 -65.61
C ASN DB 73 -96.21 -24.87 -65.18
N GLU DB 74 -95.16 -25.24 -64.45
CA GLU DB 74 -95.08 -26.58 -63.89
C GLU DB 74 -96.04 -26.76 -62.73
N GLY DB 75 -96.25 -25.70 -61.95
CA GLY DB 75 -97.15 -25.80 -60.80
C GLY DB 75 -98.61 -25.85 -61.18
N ILE DB 76 -98.97 -25.28 -62.33
CA ILE DB 76 -100.36 -25.31 -62.77
C ILE DB 76 -100.76 -26.73 -63.17
N GLN DB 77 -99.87 -27.43 -63.88
CA GLN DB 77 -100.18 -28.80 -64.30
C GLN DB 77 -100.16 -29.78 -63.13
N TYR DB 78 -99.36 -29.49 -62.10
CA TYR DB 78 -99.33 -30.37 -60.94
C TYR DB 78 -100.58 -30.22 -60.09
N LEU DB 79 -101.07 -28.98 -59.93
CA LEU DB 79 -102.29 -28.77 -59.15
C LEU DB 79 -103.53 -29.29 -59.86
N ARG DB 80 -103.51 -29.38 -61.19
CA ARG DB 80 -104.58 -30.06 -61.90
C ARG DB 80 -104.49 -31.58 -61.81
N ASP DB 81 -103.42 -32.11 -61.19
CA ASP DB 81 -103.32 -33.53 -60.94
C ASP DB 81 -103.40 -33.89 -59.47
N TYR DB 82 -103.10 -32.96 -58.56
CA TYR DB 82 -103.23 -33.24 -57.13
C TYR DB 82 -104.60 -32.85 -56.59
N LEU DB 83 -105.14 -31.72 -57.04
CA LEU DB 83 -106.48 -31.33 -56.62
C LEU DB 83 -107.56 -32.02 -57.42
N HIS DB 84 -107.18 -32.70 -58.51
CA HIS DB 84 -108.06 -33.52 -59.35
C HIS DB 84 -109.21 -32.71 -59.94
N LEU DB 85 -108.85 -31.77 -60.73
CA LEU DB 85 -109.61 -30.80 -61.50
C LEU DB 85 -109.58 -31.15 -62.98
N PRO DB 86 -110.63 -30.82 -63.74
CA PRO DB 86 -110.64 -31.16 -65.17
C PRO DB 86 -109.66 -30.29 -65.94
N PRO DB 87 -109.06 -30.82 -67.05
CA PRO DB 87 -107.95 -30.14 -67.72
C PRO DB 87 -108.34 -28.95 -68.60
N GLU DB 88 -109.20 -28.09 -68.06
CA GLU DB 88 -109.51 -26.80 -68.65
C GLU DB 88 -109.60 -25.69 -67.61
N ILE DB 89 -109.67 -26.01 -66.32
CA ILE DB 89 -109.76 -25.00 -65.28
C ILE DB 89 -108.42 -24.34 -65.10
N VAL DB 90 -108.40 -23.01 -65.13
CA VAL DB 90 -107.17 -22.23 -65.10
C VAL DB 90 -107.18 -21.41 -63.83
N PRO DB 91 -106.02 -20.95 -63.39
CA PRO DB 91 -105.98 -19.89 -62.36
C PRO DB 91 -106.51 -18.57 -62.91
N ALA DB 92 -106.77 -17.65 -61.98
CA ALA DB 92 -107.29 -16.34 -62.36
C ALA DB 92 -106.25 -15.49 -63.06
N THR DB 93 -104.97 -15.79 -62.91
CA THR DB 93 -103.93 -14.99 -63.54
C THR DB 93 -103.80 -15.27 -65.03
N LEU DB 94 -104.27 -16.41 -65.51
CA LEU DB 94 -104.22 -16.70 -66.95
C LEU DB 94 -105.24 -15.87 -67.72
N ARG DB 95 -106.52 -15.96 -67.35
CA ARG DB 95 -107.50 -15.05 -67.93
C ARG DB 95 -108.60 -14.73 -66.91
N ARG DB 96 -108.72 -13.45 -66.58
CA ARG DB 96 -109.95 -12.86 -66.11
C ARG DB 96 -110.40 -11.72 -67.01
N SER DB 97 -109.50 -10.77 -67.28
CA SER DB 97 -109.76 -9.67 -68.19
C SER DB 97 -109.28 -10.07 -69.59
N ARG DB 98 -109.17 -9.09 -70.48
CA ARG DB 98 -108.76 -9.32 -71.86
C ARG DB 98 -107.28 -9.74 -71.93
N ALA EB 1 56.71 -0.37 -68.70
CA ALA EB 1 57.66 0.45 -69.45
C ALA EB 1 57.46 0.24 -70.95
N ASP EB 2 58.22 -0.71 -71.51
CA ASP EB 2 58.20 -1.01 -72.93
C ASP EB 2 57.02 -1.92 -73.23
N ILE EB 3 56.99 -2.58 -74.39
CA ILE EB 3 55.90 -3.49 -74.71
C ILE EB 3 55.95 -4.74 -73.82
N GLN EB 4 57.13 -5.33 -73.64
CA GLN EB 4 57.24 -6.59 -72.93
C GLN EB 4 57.03 -6.39 -71.43
N THR EB 5 55.79 -6.55 -70.97
CA THR EB 5 55.45 -6.32 -69.57
C THR EB 5 54.76 -7.50 -68.91
N GLU EB 6 54.61 -8.63 -69.60
CA GLU EB 6 54.06 -9.83 -68.99
C GLU EB 6 55.22 -10.72 -68.51
N ARG EB 7 54.87 -11.88 -67.98
CA ARG EB 7 55.89 -12.82 -67.56
C ARG EB 7 56.40 -13.70 -68.71
N ALA EB 8 55.76 -13.65 -69.86
CA ALA EB 8 56.22 -14.35 -71.05
C ALA EB 8 56.66 -13.34 -72.09
N TYR EB 9 57.26 -13.84 -73.16
CA TYR EB 9 57.69 -12.99 -74.25
C TYR EB 9 56.52 -12.74 -75.18
N GLN EB 10 56.15 -11.47 -75.37
CA GLN EB 10 55.02 -11.10 -76.20
C GLN EB 10 55.48 -10.96 -77.64
N LYS EB 11 54.96 -11.81 -78.52
CA LYS EB 11 55.32 -11.78 -79.93
C LYS EB 11 54.18 -12.33 -80.75
N GLN EB 12 54.23 -12.06 -82.03
CA GLN EB 12 53.29 -12.60 -83.00
C GLN EB 12 53.75 -13.98 -83.43
N PRO EB 13 52.87 -15.00 -83.38
CA PRO EB 13 53.34 -16.38 -83.55
C PRO EB 13 53.74 -16.74 -84.97
N THR EB 14 53.24 -16.02 -85.97
CA THR EB 14 53.54 -16.39 -87.35
C THR EB 14 54.93 -15.96 -87.77
N ILE EB 15 55.26 -14.67 -87.58
CA ILE EB 15 56.49 -14.13 -88.11
C ILE EB 15 57.69 -14.61 -87.30
N PHE EB 16 58.74 -15.01 -88.01
CA PHE EB 16 60.00 -15.38 -87.40
C PHE EB 16 60.93 -14.19 -87.38
N GLN EB 17 61.68 -14.04 -86.30
CA GLN EB 17 62.45 -12.82 -86.04
C GLN EB 17 63.94 -12.99 -86.27
N ASN EB 18 64.48 -14.16 -85.97
CA ASN EB 18 65.92 -14.34 -85.84
C ASN EB 18 66.57 -14.82 -87.13
N LYS EB 19 66.33 -14.12 -88.23
CA LYS EB 19 66.81 -14.55 -89.54
C LYS EB 19 68.17 -13.90 -89.80
N LYS EB 20 69.20 -14.49 -89.17
CA LYS EB 20 70.61 -14.49 -89.58
C LYS EB 20 71.14 -13.09 -89.94
N ARG EB 21 71.26 -12.26 -88.90
CA ARG EB 21 71.76 -10.91 -89.09
C ARG EB 21 73.21 -10.93 -89.57
N VAL EB 22 73.51 -10.07 -90.54
CA VAL EB 22 74.76 -10.10 -91.28
C VAL EB 22 75.42 -8.73 -91.26
N LEU EB 23 76.49 -8.58 -92.03
CA LEU EB 23 77.14 -7.27 -92.20
C LEU EB 23 76.58 -6.47 -93.37
N LEU EB 24 75.93 -7.15 -94.33
CA LEU EB 24 75.29 -6.43 -95.44
C LEU EB 24 74.06 -5.68 -94.95
N GLY EB 25 73.17 -6.37 -94.25
CA GLY EB 25 72.14 -5.71 -93.48
C GLY EB 25 72.69 -5.39 -92.11
N GLU EB 26 73.11 -4.14 -91.92
CA GLU EB 26 74.03 -3.76 -90.85
C GLU EB 26 73.26 -3.57 -89.54
N THR EB 27 73.86 -2.90 -88.56
CA THR EB 27 73.42 -2.85 -87.17
C THR EB 27 73.13 -1.43 -86.69
N GLY EB 28 72.18 -0.72 -87.33
CA GLY EB 28 71.03 -1.35 -87.96
C GLY EB 28 70.57 -0.86 -89.31
N LYS EB 29 69.27 -0.55 -89.45
CA LYS EB 29 68.33 -0.57 -88.32
C LYS EB 29 67.59 -1.89 -88.15
N GLU EB 30 67.70 -2.47 -86.95
CA GLU EB 30 67.00 -3.70 -86.61
C GLU EB 30 65.51 -3.41 -86.44
N LYS EB 31 64.72 -3.74 -87.46
CA LYS EB 31 63.27 -3.77 -87.34
C LYS EB 31 62.76 -5.04 -87.99
N LEU EB 32 61.93 -5.75 -87.29
CA LEU EB 32 61.29 -7.01 -87.56
C LEU EB 32 60.00 -6.79 -88.34
N PRO EB 33 59.59 -7.73 -89.19
CA PRO EB 33 58.36 -7.54 -89.96
C PRO EB 33 57.12 -7.63 -89.09
N ARG EB 34 56.01 -7.17 -89.64
CA ARG EB 34 54.76 -6.94 -88.92
C ARG EB 34 53.65 -7.76 -89.58
N TYR EB 35 53.13 -8.75 -88.87
CA TYR EB 35 51.98 -9.48 -89.38
C TYR EB 35 50.73 -8.65 -89.24
N TYR EB 36 49.98 -8.54 -90.34
CA TYR EB 36 48.67 -7.91 -90.32
C TYR EB 36 47.86 -8.55 -91.43
N LYS EB 37 46.54 -8.55 -91.25
CA LYS EB 37 45.65 -9.03 -92.27
C LYS EB 37 44.53 -8.02 -92.46
N ASN EB 38 43.85 -8.11 -93.59
CA ASN EB 38 42.68 -7.31 -93.87
C ASN EB 38 41.43 -8.15 -93.62
N ILE EB 39 40.61 -7.73 -92.67
CA ILE EB 39 39.31 -8.34 -92.52
C ILE EB 39 38.42 -7.94 -93.69
N GLY EB 40 37.38 -8.73 -93.91
CA GLY EB 40 36.52 -8.50 -95.05
C GLY EB 40 35.51 -7.39 -94.81
N LEU EB 41 34.43 -7.45 -95.59
CA LEU EB 41 33.24 -6.61 -95.45
C LEU EB 41 33.56 -5.12 -95.64
N GLY EB 42 34.61 -4.81 -96.39
CA GLY EB 42 34.92 -3.44 -96.74
C GLY EB 42 35.55 -2.60 -95.65
N PHE EB 43 36.15 -3.22 -94.64
CA PHE EB 43 36.77 -2.48 -93.55
C PHE EB 43 38.24 -2.22 -93.83
N LYS EB 44 38.63 -0.96 -93.72
CA LYS EB 44 40.02 -0.58 -93.89
C LYS EB 44 40.83 -0.97 -92.65
N THR EB 45 42.03 -1.48 -92.88
CA THR EB 45 42.95 -1.71 -91.77
C THR EB 45 43.59 -0.38 -91.39
N PRO EB 46 43.49 0.05 -90.13
CA PRO EB 46 44.13 1.30 -89.73
C PRO EB 46 45.65 1.17 -89.74
N LYS EB 47 46.32 2.31 -89.87
CA LYS EB 47 47.77 2.29 -90.05
C LYS EB 47 48.52 1.94 -88.77
N GLU EB 48 47.92 2.16 -87.60
CA GLU EB 48 48.56 1.76 -86.36
C GLU EB 48 48.54 0.24 -86.17
N ALA EB 49 47.67 -0.46 -86.89
CA ALA EB 49 47.76 -1.92 -86.95
C ALA EB 49 48.90 -2.39 -87.83
N ILE EB 50 49.55 -1.50 -88.58
CA ILE EB 50 50.68 -1.84 -89.43
C ILE EB 50 51.96 -1.15 -88.97
N GLU EB 51 51.91 0.16 -88.72
CA GLU EB 51 53.10 0.86 -88.28
C GLU EB 51 53.31 0.77 -86.78
N GLY EB 52 52.29 0.36 -86.03
CA GLY EB 52 52.44 0.19 -84.60
C GLY EB 52 53.22 -1.06 -84.26
N THR EB 53 53.61 -1.15 -82.99
CA THR EB 53 54.52 -2.20 -82.55
C THR EB 53 53.92 -3.10 -81.47
N TYR EB 54 52.62 -2.98 -81.20
CA TYR EB 54 52.01 -3.75 -80.12
C TYR EB 54 51.86 -5.22 -80.52
N ILE EB 55 51.50 -6.05 -79.54
CA ILE EB 55 51.08 -7.43 -79.76
C ILE EB 55 49.77 -7.66 -79.02
N ASP EB 56 48.76 -8.14 -79.75
CA ASP EB 56 47.44 -8.42 -79.20
C ASP EB 56 46.85 -9.55 -80.02
N LYS EB 57 46.78 -10.76 -79.44
CA LYS EB 57 46.27 -11.91 -80.16
C LYS EB 57 44.76 -11.90 -80.34
N LYS EB 58 44.06 -10.94 -79.72
CA LYS EB 58 42.63 -10.78 -79.87
C LYS EB 58 42.26 -9.61 -80.76
N CYS EB 59 43.24 -8.86 -81.25
CA CYS EB 59 43.00 -7.79 -82.21
C CYS EB 59 42.54 -8.39 -83.54
N PRO EB 60 41.52 -7.82 -84.19
CA PRO EB 60 41.01 -8.41 -85.43
C PRO EB 60 41.92 -8.22 -86.62
N PHE EB 61 42.89 -7.29 -86.56
CA PHE EB 61 43.74 -6.99 -87.68
C PHE EB 61 45.11 -7.66 -87.60
N THR EB 62 45.61 -7.90 -86.39
CA THR EB 62 46.93 -8.52 -86.24
C THR EB 62 46.94 -9.65 -85.22
N GLY EB 63 45.78 -10.26 -84.94
CA GLY EB 63 45.73 -11.36 -84.01
C GLY EB 63 45.15 -12.62 -84.61
N ASN EB 64 44.76 -13.57 -83.75
CA ASN EB 64 44.29 -14.87 -84.19
C ASN EB 64 42.80 -14.88 -84.53
N VAL EB 65 42.06 -13.82 -84.21
CA VAL EB 65 40.62 -13.86 -84.32
C VAL EB 65 40.19 -13.52 -85.74
N SER EB 66 39.00 -13.99 -86.11
CA SER EB 66 38.43 -13.75 -87.42
C SER EB 66 36.97 -13.33 -87.25
N ILE EB 67 36.60 -12.22 -87.89
CA ILE EB 67 35.28 -11.62 -87.73
C ILE EB 67 34.31 -12.30 -88.68
N ARG EB 68 33.26 -12.92 -88.12
CA ARG EB 68 32.22 -13.55 -88.92
C ARG EB 68 30.95 -13.61 -88.10
N GLY EB 69 29.82 -13.50 -88.79
CA GLY EB 69 28.53 -13.54 -88.14
C GLY EB 69 27.74 -12.24 -88.24
N ARG EB 70 27.44 -11.64 -87.11
CA ARG EB 70 26.67 -10.40 -87.07
C ARG EB 70 27.60 -9.20 -86.94
N ILE EB 71 27.03 -8.02 -87.18
CA ILE EB 71 27.79 -6.78 -87.12
C ILE EB 71 26.91 -5.65 -86.60
N LEU EB 72 27.22 -5.16 -85.39
CA LEU EB 72 26.34 -4.28 -84.67
C LEU EB 72 27.05 -2.95 -84.37
N SER EB 73 26.42 -2.11 -83.57
CA SER EB 73 26.95 -0.79 -83.24
C SER EB 73 26.69 -0.51 -81.77
N GLY EB 74 26.98 0.71 -81.33
CA GLY EB 74 26.78 1.12 -79.96
C GLY EB 74 27.74 2.20 -79.54
N VAL EB 75 27.38 2.91 -78.47
CA VAL EB 75 28.19 3.99 -77.91
C VAL EB 75 28.99 3.48 -76.73
N VAL EB 76 30.17 4.05 -76.53
CA VAL EB 76 31.06 3.65 -75.45
C VAL EB 76 30.68 4.39 -74.18
N THR EB 77 30.41 3.65 -73.12
CA THR EB 77 30.08 4.21 -71.82
C THR EB 77 31.14 3.95 -70.76
N LYS EB 78 31.70 2.74 -70.73
CA LYS EB 78 32.75 2.38 -69.79
C LYS EB 78 33.96 1.90 -70.58
N MET EB 79 35.11 2.50 -70.32
CA MET EB 79 36.34 2.06 -70.99
C MET EB 79 37.47 1.92 -69.96
N LYS EB 80 37.14 1.30 -68.83
CA LYS EB 80 38.09 0.66 -67.92
C LYS EB 80 38.39 -0.74 -68.45
N MET EB 81 38.93 -1.62 -67.58
CA MET EB 81 38.93 -3.07 -67.82
C MET EB 81 39.75 -3.47 -69.06
N GLN EB 82 41.08 -3.49 -68.90
CA GLN EB 82 42.13 -3.45 -69.92
C GLN EB 82 41.87 -4.15 -71.24
N ARG EB 83 41.97 -3.39 -72.34
CA ARG EB 83 41.71 -3.84 -73.71
C ARG EB 83 40.33 -4.47 -73.88
N THR EB 84 39.35 -3.95 -73.16
CA THR EB 84 37.96 -4.33 -73.35
C THR EB 84 37.11 -3.14 -72.97
N ILE EB 85 36.11 -2.82 -73.80
CA ILE EB 85 35.21 -1.72 -73.53
C ILE EB 85 33.79 -2.27 -73.43
N VAL EB 86 32.95 -1.52 -72.72
CA VAL EB 86 31.53 -1.83 -72.61
C VAL EB 86 30.80 -0.86 -73.51
N ILE EB 87 30.33 -1.33 -74.66
CA ILE EB 87 29.46 -0.51 -75.47
C ILE EB 87 28.03 -0.64 -74.97
N ARG EB 88 27.21 0.35 -75.32
CA ARG EB 88 25.81 0.39 -74.94
C ARG EB 88 24.99 0.52 -76.21
N ARG EB 89 24.38 -0.56 -76.66
CA ARG EB 89 23.52 -0.52 -77.83
C ARG EB 89 22.07 -0.57 -77.35
N ASP EB 90 21.33 0.47 -77.68
CA ASP EB 90 19.96 0.63 -77.23
C ASP EB 90 19.00 0.59 -78.41
N TYR EB 91 17.77 0.19 -78.12
CA TYR EB 91 16.77 -0.11 -79.14
C TYR EB 91 15.41 0.28 -78.61
N LEU EB 92 14.36 -0.16 -79.30
CA LEU EB 92 13.03 0.40 -79.05
C LEU EB 92 12.02 -0.72 -79.30
N HIS EB 93 11.61 -1.39 -78.22
CA HIS EB 93 10.80 -2.60 -78.30
C HIS EB 93 9.32 -2.27 -78.39
N TYR EB 94 8.60 -3.05 -79.19
CA TYR EB 94 7.21 -2.79 -79.53
C TYR EB 94 6.29 -3.69 -78.71
N ILE EB 95 5.23 -3.10 -78.15
CA ILE EB 95 4.19 -3.83 -77.42
C ILE EB 95 2.91 -3.75 -78.23
N ARG EB 96 2.35 -4.92 -78.58
CA ARG EB 96 1.28 -4.99 -79.55
C ARG EB 96 -0.04 -4.45 -79.00
N LYS EB 97 -0.29 -4.65 -77.71
CA LYS EB 97 -1.58 -4.27 -77.10
C LYS EB 97 -1.78 -2.77 -77.14
N TYR EB 98 -0.82 -2.02 -76.64
CA TYR EB 98 -0.90 -0.57 -76.56
C TYR EB 98 -0.48 0.11 -77.85
N ASN EB 99 -0.09 -0.68 -78.87
CA ASN EB 99 0.54 -0.35 -80.15
C ASN EB 99 1.51 0.83 -80.05
N ARG EB 100 2.41 0.73 -79.07
CA ARG EB 100 3.38 1.74 -78.73
C ARG EB 100 4.72 1.07 -78.47
N PHE EB 101 5.74 1.87 -78.20
CA PHE EB 101 7.10 1.40 -78.00
C PHE EB 101 7.52 1.65 -76.56
N GLU EB 102 8.64 1.03 -76.17
CA GLU EB 102 9.33 1.45 -74.97
C GLU EB 102 10.83 1.36 -75.19
N LYS EB 103 11.54 2.25 -74.52
CA LYS EB 103 12.99 2.36 -74.67
C LYS EB 103 13.67 1.27 -73.85
N ARG EB 104 14.48 0.45 -74.50
CA ARG EB 104 15.31 -0.54 -73.84
C ARG EB 104 16.77 -0.37 -74.24
N HIS EB 105 17.64 -1.10 -73.57
CA HIS EB 105 19.05 -1.11 -73.89
C HIS EB 105 19.63 -2.44 -73.44
N LYS EB 106 20.84 -2.73 -73.94
CA LYS EB 106 21.54 -3.96 -73.56
C LYS EB 106 23.03 -3.70 -73.77
N ASN EB 107 23.76 -3.46 -72.70
CA ASN EB 107 25.18 -3.14 -72.81
C ASN EB 107 26.05 -4.38 -72.71
N MET EB 108 27.03 -4.47 -73.61
CA MET EB 108 27.85 -5.66 -73.77
C MET EB 108 29.32 -5.32 -73.83
N SER EB 109 30.15 -6.26 -73.39
CA SER EB 109 31.60 -6.08 -73.34
C SER EB 109 32.20 -6.42 -74.69
N VAL EB 110 33.03 -5.51 -75.20
CA VAL EB 110 33.63 -5.65 -76.52
C VAL EB 110 35.13 -5.42 -76.37
N HIS EB 111 35.93 -6.29 -76.97
CA HIS EB 111 37.39 -6.14 -76.95
C HIS EB 111 37.81 -4.93 -77.78
N LEU EB 112 38.50 -4.00 -77.15
CA LEU EB 112 39.07 -2.84 -77.85
C LEU EB 112 40.54 -3.12 -78.14
N SER EB 113 40.92 -2.99 -79.39
CA SER EB 113 42.31 -3.13 -79.81
C SER EB 113 43.05 -1.82 -79.54
N PRO EB 114 44.35 -1.89 -79.22
CA PRO EB 114 45.13 -0.66 -79.01
C PRO EB 114 45.55 0.07 -80.28
N CYS EB 115 45.05 -0.32 -81.44
CA CYS EB 115 45.21 0.46 -82.65
C CYS EB 115 44.17 1.57 -82.77
N PHE EB 116 43.29 1.72 -81.78
CA PHE EB 116 42.32 2.80 -81.70
C PHE EB 116 42.67 3.61 -80.46
N ARG EB 117 43.45 4.68 -80.65
CA ARG EB 117 43.99 5.42 -79.51
C ARG EB 117 42.95 6.32 -78.87
N ASP EB 118 42.41 7.26 -79.63
CA ASP EB 118 41.58 8.33 -79.06
C ASP EB 118 40.11 7.96 -79.01
N VAL EB 119 39.82 6.83 -78.38
CA VAL EB 119 38.44 6.43 -78.09
C VAL EB 119 38.07 7.06 -76.75
N GLN EB 120 36.98 7.81 -76.74
CA GLN EB 120 36.46 8.39 -75.52
C GLN EB 120 35.09 7.80 -75.20
N ILE EB 121 34.48 8.29 -74.14
CA ILE EB 121 33.16 7.85 -73.73
C ILE EB 121 32.12 8.59 -74.55
N GLY EB 122 31.21 7.85 -75.17
CA GLY EB 122 30.15 8.46 -75.94
C GLY EB 122 30.48 8.70 -77.40
N ASP EB 123 30.82 7.64 -78.13
CA ASP EB 123 31.03 7.74 -79.57
C ASP EB 123 30.68 6.40 -80.22
N ILE EB 124 30.28 6.47 -81.48
CA ILE EB 124 29.78 5.31 -82.19
C ILE EB 124 30.95 4.37 -82.51
N VAL EB 125 30.77 3.09 -82.20
CA VAL EB 125 31.73 2.04 -82.51
C VAL EB 125 31.00 0.93 -83.24
N THR EB 126 31.52 0.53 -84.39
CA THR EB 126 30.97 -0.60 -85.14
C THR EB 126 31.70 -1.87 -84.72
N VAL EB 127 30.95 -2.85 -84.24
CA VAL EB 127 31.53 -4.07 -83.69
C VAL EB 127 31.16 -5.24 -84.58
N GLY EB 128 31.95 -6.29 -84.49
CA GLY EB 128 31.75 -7.47 -85.32
C GLY EB 128 31.84 -8.75 -84.52
N GLU EB 129 31.01 -9.71 -84.89
CA GLU EB 129 30.94 -10.98 -84.17
C GLU EB 129 32.16 -11.83 -84.49
N CYS EB 130 32.65 -12.55 -83.48
CA CYS EB 130 33.70 -13.53 -83.64
C CYS EB 130 33.47 -14.63 -82.60
N ARG EB 131 34.51 -15.42 -82.34
CA ARG EB 131 34.43 -16.52 -81.39
C ARG EB 131 34.31 -15.98 -79.96
N PRO EB 132 33.97 -16.81 -78.98
CA PRO EB 132 34.08 -16.37 -77.58
C PRO EB 132 35.51 -16.09 -77.17
N LEU EB 133 35.78 -14.84 -76.80
CA LEU EB 133 37.08 -14.40 -76.31
C LEU EB 133 37.21 -14.49 -74.81
N SER EB 134 36.13 -14.24 -74.08
CA SER EB 134 36.13 -14.29 -72.62
C SER EB 134 34.83 -14.95 -72.19
N LYS EB 135 34.49 -14.80 -70.92
CA LYS EB 135 33.24 -15.35 -70.43
C LYS EB 135 32.05 -14.56 -70.97
N THR EB 136 32.21 -13.24 -71.12
CA THR EB 136 31.15 -12.37 -71.61
C THR EB 136 31.51 -11.63 -72.88
N VAL EB 137 32.73 -11.78 -73.40
CA VAL EB 137 33.18 -11.03 -74.57
C VAL EB 137 33.04 -11.90 -75.80
N ARG EB 138 32.24 -11.44 -76.76
CA ARG EB 138 32.09 -12.11 -78.04
C ARG EB 138 32.31 -11.21 -79.23
N PHE EB 139 32.30 -9.90 -79.05
CA PHE EB 139 32.42 -8.96 -80.17
C PHE EB 139 33.77 -8.26 -80.09
N ASN EB 140 34.11 -7.57 -81.17
CA ASN EB 140 35.42 -6.99 -81.32
C ASN EB 140 35.28 -5.69 -82.09
N VAL EB 141 36.10 -4.70 -81.76
CA VAL EB 141 35.99 -3.37 -82.35
C VAL EB 141 36.56 -3.40 -83.76
N LEU EB 142 35.74 -3.00 -84.74
CA LEU EB 142 36.14 -2.92 -86.13
C LEU EB 142 36.36 -1.49 -86.61
N LYS EB 143 35.65 -0.51 -86.06
CA LYS EB 143 35.73 0.86 -86.55
C LYS EB 143 35.22 1.79 -85.47
N VAL EB 144 35.98 2.85 -85.19
CA VAL EB 144 35.60 3.86 -84.21
C VAL EB 144 35.44 5.19 -84.94
N THR EB 145 34.26 5.80 -84.79
CA THR EB 145 34.03 7.15 -85.27
C THR EB 145 33.61 8.05 -84.12
N LYS EB 146 33.99 9.32 -84.21
CA LYS EB 146 33.75 10.27 -83.14
C LYS EB 146 32.28 10.67 -83.07
N ALA EB 147 31.97 11.52 -82.09
CA ALA EB 147 30.62 12.05 -81.90
C ALA EB 147 30.75 13.54 -81.59
N ALA EB 148 30.76 14.37 -82.65
CA ALA EB 148 30.80 15.84 -82.58
C ALA EB 148 32.02 16.35 -81.81
N GLY EB 149 33.15 15.64 -81.92
CA GLY EB 149 34.33 16.00 -81.16
C GLY EB 149 35.52 16.44 -81.99
N THR EB 150 36.55 15.59 -82.04
CA THR EB 150 37.85 15.71 -82.72
C THR EB 150 38.75 16.79 -82.13
N LYS EB 151 38.29 17.55 -81.14
CA LYS EB 151 39.01 18.65 -80.51
C LYS EB 151 38.25 19.06 -79.26
N LYS EB 152 38.98 19.59 -78.29
CA LYS EB 152 38.37 20.12 -77.08
C LYS EB 152 39.30 21.16 -76.48
N GLN EB 153 38.73 22.21 -75.91
CA GLN EB 153 39.47 23.26 -75.22
C GLN EB 153 40.23 22.73 -74.00
N ARG FB 1 -87.45 -19.93 23.08
CA ARG FB 1 -87.65 -21.04 24.00
C ARG FB 1 -87.92 -20.54 25.41
N THR FB 2 -88.21 -19.23 25.52
CA THR FB 2 -88.51 -18.60 26.80
C THR FB 2 -90.01 -18.34 26.95
N PHE FB 3 -90.61 -17.66 25.99
CA PHE FB 3 -92.04 -17.36 26.00
C PHE FB 3 -92.78 -18.27 25.04
N ARG FB 4 -94.09 -18.30 25.18
CA ARG FB 4 -94.96 -19.20 24.43
C ARG FB 4 -95.96 -18.42 23.58
N LYS FB 5 -95.50 -17.37 22.90
CA LYS FB 5 -96.36 -16.55 22.07
C LYS FB 5 -95.91 -16.65 20.62
N PHE FB 6 -96.87 -16.46 19.71
CA PHE FB 6 -96.56 -16.11 18.33
C PHE FB 6 -97.14 -14.75 17.96
N THR FB 7 -98.47 -14.57 18.16
CA THR FB 7 -99.26 -13.32 18.10
C THR FB 7 -98.91 -12.41 16.92
N TYR FB 8 -99.21 -12.88 15.70
CA TYR FB 8 -98.78 -12.25 14.46
C TYR FB 8 -99.21 -10.80 14.26
N ARG FB 9 -100.50 -10.53 14.08
CA ARG FB 9 -101.02 -9.16 14.09
C ARG FB 9 -102.29 -9.09 14.93
N GLY FB 10 -102.19 -9.62 16.15
CA GLY FB 10 -103.33 -9.87 16.99
C GLY FB 10 -103.91 -11.24 16.85
N VAL FB 11 -103.51 -11.99 15.83
CA VAL FB 11 -104.01 -13.33 15.56
C VAL FB 11 -102.90 -14.32 15.87
N ASP FB 12 -103.24 -15.39 16.58
CA ASP FB 12 -102.29 -16.45 16.85
C ASP FB 12 -102.14 -17.37 15.63
N LEU FB 13 -101.36 -18.44 15.80
CA LEU FB 13 -101.11 -19.34 14.69
C LEU FB 13 -102.32 -20.20 14.37
N ASP FB 14 -103.14 -20.49 15.37
CA ASP FB 14 -104.21 -21.47 15.20
C ASP FB 14 -105.49 -20.87 14.64
N GLN FB 15 -105.60 -19.55 14.60
CA GLN FB 15 -106.74 -18.92 13.94
C GLN FB 15 -106.44 -18.47 12.51
N LEU FB 16 -105.16 -18.46 12.12
CA LEU FB 16 -104.82 -18.08 10.75
C LEU FB 16 -105.21 -19.15 9.74
N LEU FB 17 -105.12 -20.42 10.11
CA LEU FB 17 -105.46 -21.50 9.18
C LEU FB 17 -106.92 -21.94 9.30
N ASP FB 18 -107.64 -21.48 10.32
CA ASP FB 18 -109.09 -21.63 10.36
C ASP FB 18 -109.74 -20.35 9.83
N MET FB 19 -109.41 -20.03 8.58
CA MET FB 19 -109.72 -18.74 8.00
C MET FB 19 -109.68 -18.85 6.49
N SER FB 20 -110.55 -18.09 5.83
CA SER FB 20 -110.61 -18.02 4.37
C SER FB 20 -109.86 -16.79 3.90
N TYR FB 21 -109.72 -16.67 2.57
CA TYR FB 21 -108.90 -15.62 1.98
C TYR FB 21 -109.54 -14.25 2.11
N GLU FB 22 -110.88 -14.18 2.16
CA GLU FB 22 -111.58 -12.90 2.10
C GLU FB 22 -111.39 -12.07 3.36
N GLN FB 23 -111.05 -12.68 4.49
CA GLN FB 23 -110.71 -11.96 5.71
C GLN FB 23 -109.26 -12.18 6.12
N LEU FB 24 -108.48 -12.84 5.28
CA LEU FB 24 -107.03 -12.93 5.46
C LEU FB 24 -106.30 -11.89 4.63
N MET FB 25 -106.95 -11.34 3.61
CA MET FB 25 -106.42 -10.19 2.90
C MET FB 25 -106.36 -8.95 3.78
N GLN FB 26 -107.25 -8.84 4.75
CA GLN FB 26 -107.29 -7.65 5.60
C GLN FB 26 -106.17 -7.64 6.62
N LEU FB 27 -105.50 -8.77 6.84
CA LEU FB 27 -104.35 -8.78 7.72
C LEU FB 27 -103.09 -8.33 6.99
N TYR FB 28 -102.86 -8.87 5.79
CA TYR FB 28 -101.64 -8.68 5.04
C TYR FB 28 -101.43 -7.22 4.61
N SER FB 29 -100.25 -6.96 4.08
CA SER FB 29 -99.89 -5.62 3.64
C SER FB 29 -100.50 -5.33 2.26
N ALA FB 30 -100.12 -4.19 1.69
CA ALA FB 30 -100.74 -3.75 0.44
C ALA FB 30 -100.29 -4.58 -0.75
N ARG FB 31 -99.04 -5.04 -0.69
CA ARG FB 31 -98.48 -5.84 -1.78
C ARG FB 31 -99.00 -7.27 -1.79
N GLN FB 32 -99.26 -7.83 -0.61
CA GLN FB 32 -99.80 -9.18 -0.50
C GLN FB 32 -101.32 -9.21 -0.68
N ARG FB 33 -101.96 -8.10 -0.37
CA ARG FB 33 -103.40 -7.99 -0.51
C ARG FB 33 -103.79 -7.89 -1.98
N ARG FB 34 -102.91 -7.33 -2.80
CA ARG FB 34 -103.15 -7.17 -4.23
C ARG FB 34 -102.88 -8.48 -4.95
N ARG FB 35 -101.90 -9.25 -4.48
CA ARG FB 35 -101.63 -10.57 -5.03
C ARG FB 35 -102.77 -11.54 -4.75
N LEU FB 36 -103.51 -11.33 -3.66
CA LEU FB 36 -104.64 -12.19 -3.33
C LEU FB 36 -105.94 -11.70 -3.94
N ASN FB 37 -106.08 -10.40 -4.18
CA ASN FB 37 -107.26 -9.91 -4.90
C ASN FB 37 -107.20 -10.31 -6.36
N ARG FB 38 -106.04 -10.11 -6.99
CA ARG FB 38 -105.80 -10.59 -8.34
C ARG FB 38 -105.40 -12.06 -8.20
N GLY FB 39 -106.41 -12.93 -8.19
CA GLY FB 39 -106.32 -14.32 -7.77
C GLY FB 39 -105.19 -15.19 -8.29
N LEU FB 40 -104.79 -16.17 -7.49
CA LEU FB 40 -103.66 -17.03 -7.80
C LEU FB 40 -103.95 -17.93 -8.99
N ARG FB 41 -102.92 -18.19 -9.78
CA ARG FB 41 -103.08 -18.84 -11.07
C ARG FB 41 -103.03 -20.35 -10.90
N ARG FB 42 -102.94 -21.08 -12.02
CA ARG FB 42 -103.09 -22.53 -11.98
C ARG FB 42 -101.85 -23.21 -11.41
N LYS FB 43 -100.66 -22.72 -11.77
CA LYS FB 43 -99.44 -23.29 -11.23
C LYS FB 43 -99.20 -22.87 -9.78
N GLN FB 44 -99.89 -21.82 -9.32
CA GLN FB 44 -99.86 -21.47 -7.90
C GLN FB 44 -100.58 -22.53 -7.07
N HIS FB 45 -101.79 -22.89 -7.47
CA HIS FB 45 -102.59 -23.87 -6.76
C HIS FB 45 -102.16 -25.31 -7.01
N SER FB 46 -101.29 -25.54 -8.00
CA SER FB 46 -100.74 -26.87 -8.22
C SER FB 46 -99.51 -27.14 -7.37
N LEU FB 47 -99.08 -26.16 -6.57
CA LEU FB 47 -98.05 -26.34 -5.57
C LEU FB 47 -98.64 -26.69 -4.21
N LEU FB 48 -99.75 -26.03 -3.85
CA LEU FB 48 -100.39 -26.27 -2.56
C LEU FB 48 -101.05 -27.64 -2.50
N LYS FB 49 -101.33 -28.25 -3.64
CA LYS FB 49 -101.72 -29.66 -3.66
C LYS FB 49 -100.56 -30.55 -3.21
N ARG FB 50 -99.35 -30.23 -3.62
CA ARG FB 50 -98.15 -30.97 -3.21
C ARG FB 50 -97.58 -30.48 -1.89
N LEU FB 51 -98.28 -29.61 -1.17
CA LEU FB 51 -97.92 -29.23 0.18
C LEU FB 51 -98.83 -29.86 1.21
N ARG FB 52 -100.13 -29.96 0.92
CA ARG FB 52 -101.03 -30.76 1.73
C ARG FB 52 -100.73 -32.25 1.59
N LYS FB 53 -100.18 -32.66 0.44
CA LYS FB 53 -99.77 -34.04 0.25
C LYS FB 53 -98.61 -34.41 1.18
N ALA FB 54 -97.70 -33.47 1.42
CA ALA FB 54 -96.55 -33.73 2.27
C ALA FB 54 -96.90 -33.72 3.75
N LYS FB 55 -98.02 -33.11 4.13
CA LYS FB 55 -98.40 -33.08 5.54
C LYS FB 55 -99.07 -34.37 5.97
N LYS FB 56 -99.91 -34.96 5.11
CA LYS FB 56 -100.66 -36.15 5.45
C LYS FB 56 -99.91 -37.44 5.12
N GLU FB 57 -98.60 -37.35 4.87
CA GLU FB 57 -97.76 -38.53 4.69
C GLU FB 57 -96.57 -38.59 5.65
N ALA FB 58 -96.17 -37.48 6.25
CA ALA FB 58 -95.10 -37.50 7.22
C ALA FB 58 -95.59 -38.10 8.54
N PRO FB 59 -94.71 -38.73 9.31
CA PRO FB 59 -95.08 -39.18 10.66
C PRO FB 59 -95.34 -38.00 11.56
N PRO FB 60 -96.11 -38.18 12.65
CA PRO FB 60 -96.27 -37.10 13.63
C PRO FB 60 -94.95 -36.84 14.36
N MET FB 61 -94.81 -35.59 14.80
CA MET FB 61 -93.56 -34.95 15.27
C MET FB 61 -92.35 -35.36 14.42
N GLU FB 62 -92.50 -35.13 13.11
CA GLU FB 62 -91.48 -35.49 12.13
C GLU FB 62 -91.64 -34.57 10.93
N LYS FB 63 -90.50 -34.16 10.35
CA LYS FB 63 -90.54 -33.22 9.24
C LYS FB 63 -90.92 -33.93 7.94
N PRO FB 64 -91.71 -33.29 7.08
CA PRO FB 64 -92.01 -33.85 5.75
C PRO FB 64 -90.78 -33.78 4.85
N GLU FB 65 -90.89 -34.44 3.70
CA GLU FB 65 -89.82 -34.35 2.73
C GLU FB 65 -89.88 -33.01 2.00
N VAL FB 66 -88.80 -32.68 1.31
CA VAL FB 66 -88.73 -31.40 0.60
C VAL FB 66 -89.54 -31.50 -0.68
N VAL FB 67 -90.19 -30.39 -1.03
CA VAL FB 67 -90.79 -30.21 -2.34
C VAL FB 67 -89.96 -29.13 -3.05
N LYS FB 68 -89.91 -29.20 -4.37
CA LYS FB 68 -89.04 -28.33 -5.15
C LYS FB 68 -89.89 -27.41 -6.01
N THR FB 69 -89.53 -26.11 -6.02
CA THR FB 69 -90.27 -25.08 -6.74
C THR FB 69 -89.33 -24.26 -7.59
N HIS FB 70 -89.84 -23.79 -8.73
CA HIS FB 70 -89.27 -22.62 -9.39
C HIS FB 70 -89.98 -21.34 -8.99
N LEU FB 71 -91.27 -21.43 -8.69
CA LEU FB 71 -92.13 -20.26 -8.52
C LEU FB 71 -91.79 -19.55 -7.21
N ARG FB 72 -90.74 -18.74 -7.29
CA ARG FB 72 -90.30 -17.94 -6.15
C ARG FB 72 -90.93 -16.54 -6.15
N ASP FB 73 -92.25 -16.53 -6.35
CA ASP FB 73 -93.09 -15.37 -6.09
C ASP FB 73 -94.31 -15.77 -5.27
N MET FB 74 -94.34 -17.02 -4.79
CA MET FB 74 -95.44 -17.52 -3.99
C MET FB 74 -95.37 -16.92 -2.59
N ILE FB 75 -96.36 -16.11 -2.24
CA ILE FB 75 -96.45 -15.58 -0.89
C ILE FB 75 -96.75 -16.70 0.09
N ILE FB 76 -96.27 -16.56 1.31
CA ILE FB 76 -96.36 -17.62 2.31
C ILE FB 76 -97.68 -17.48 3.06
N LEU FB 77 -98.42 -18.57 3.13
CA LEU FB 77 -99.76 -18.63 3.70
C LEU FB 77 -99.75 -19.48 4.97
N PRO FB 78 -100.77 -19.37 5.83
CA PRO FB 78 -100.88 -20.31 6.96
C PRO FB 78 -101.18 -21.75 6.56
N GLU FB 79 -101.60 -22.00 5.32
CA GLU FB 79 -101.74 -23.36 4.84
C GLU FB 79 -100.40 -24.04 4.63
N MET FB 80 -99.33 -23.27 4.44
CA MET FB 80 -98.01 -23.79 4.12
C MET FB 80 -96.97 -23.40 5.17
N VAL FB 81 -97.33 -23.51 6.44
CA VAL FB 81 -96.42 -23.23 7.55
C VAL FB 81 -95.92 -24.56 8.11
N GLY FB 82 -94.60 -24.68 8.26
CA GLY FB 82 -93.99 -25.89 8.74
C GLY FB 82 -93.59 -26.87 7.67
N SER FB 83 -93.96 -26.62 6.42
CA SER FB 83 -93.64 -27.50 5.33
C SER FB 83 -92.18 -27.33 4.91
N MET FB 84 -91.73 -28.21 4.02
CA MET FB 84 -90.36 -28.21 3.51
C MET FB 84 -90.41 -27.89 2.03
N VAL FB 85 -89.88 -26.73 1.65
CA VAL FB 85 -89.82 -26.33 0.25
C VAL FB 85 -88.37 -26.16 -0.16
N GLY FB 86 -88.12 -26.37 -1.44
CA GLY FB 86 -86.83 -26.07 -2.02
C GLY FB 86 -87.01 -25.09 -3.16
N VAL FB 87 -86.58 -23.86 -2.96
CA VAL FB 87 -86.77 -22.80 -3.94
C VAL FB 87 -85.52 -22.69 -4.80
N TYR FB 88 -85.73 -22.45 -6.09
CA TYR FB 88 -84.68 -22.50 -7.10
C TYR FB 88 -84.05 -21.12 -7.25
N ASN FB 89 -82.73 -21.04 -7.05
CA ASN FB 89 -82.01 -19.79 -7.17
C ASN FB 89 -81.34 -19.63 -8.53
N GLY FB 90 -81.89 -20.27 -9.56
CA GLY FB 90 -81.26 -20.27 -10.87
C GLY FB 90 -80.34 -21.45 -11.12
N LYS FB 91 -79.59 -21.86 -10.09
CA LYS FB 91 -78.65 -22.95 -10.21
C LYS FB 91 -79.13 -24.21 -9.49
N THR FB 92 -79.39 -24.12 -8.18
CA THR FB 92 -79.79 -25.29 -7.40
C THR FB 92 -81.08 -25.04 -6.65
N PHE FB 93 -81.41 -25.94 -5.74
CA PHE FB 93 -82.60 -25.79 -4.90
C PHE FB 93 -82.14 -25.59 -3.47
N ASN FB 94 -82.60 -24.52 -2.83
CA ASN FB 94 -82.19 -24.22 -1.46
C ASN FB 94 -83.17 -24.71 -0.41
N GLN FB 95 -82.77 -25.73 0.35
CA GLN FB 95 -83.63 -26.27 1.40
C GLN FB 95 -84.05 -25.18 2.38
N VAL FB 96 -85.34 -24.92 2.44
CA VAL FB 96 -85.90 -23.91 3.33
C VAL FB 96 -87.01 -24.53 4.14
N GLU FB 97 -86.88 -24.48 5.47
CA GLU FB 97 -87.94 -24.89 6.37
C GLU FB 97 -88.80 -23.67 6.68
N ILE FB 98 -90.06 -23.71 6.28
CA ILE FB 98 -90.93 -22.55 6.43
C ILE FB 98 -91.32 -22.38 7.90
N LYS FB 99 -90.67 -21.44 8.56
CA LYS FB 99 -90.97 -21.08 9.93
C LYS FB 99 -92.30 -20.31 9.97
N PRO FB 100 -92.96 -20.21 11.13
CA PRO FB 100 -94.22 -19.46 11.16
C PRO FB 100 -94.06 -17.96 11.02
N GLU FB 101 -92.90 -17.40 11.36
CA GLU FB 101 -92.75 -15.95 11.46
C GLU FB 101 -92.60 -15.29 10.08
N MET FB 102 -92.47 -16.07 9.01
CA MET FB 102 -92.35 -15.54 7.66
C MET FB 102 -93.67 -15.60 6.89
N ILE FB 103 -94.81 -15.47 7.58
CA ILE FB 103 -96.11 -15.70 6.96
C ILE FB 103 -96.60 -14.48 6.15
N GLY FB 104 -95.79 -13.45 6.01
CA GLY FB 104 -96.15 -12.36 5.13
C GLY FB 104 -95.09 -12.05 4.10
N HIS FB 105 -94.44 -13.08 3.57
CA HIS FB 105 -93.24 -12.92 2.74
C HIS FB 105 -93.31 -13.80 1.51
N TYR FB 106 -92.44 -13.51 0.56
CA TYR FB 106 -92.26 -14.33 -0.64
C TYR FB 106 -91.30 -15.48 -0.36
N LEU FB 107 -91.45 -16.56 -1.13
CA LEU FB 107 -90.48 -17.65 -1.05
C LEU FB 107 -89.13 -17.28 -1.66
N GLY FB 108 -89.07 -16.23 -2.49
CA GLY FB 108 -87.86 -15.94 -3.21
C GLY FB 108 -86.76 -15.29 -2.40
N GLU FB 109 -87.12 -14.59 -1.34
CA GLU FB 109 -86.12 -13.89 -0.53
C GLU FB 109 -85.51 -14.77 0.54
N PHE FB 110 -85.73 -16.08 0.49
CA PHE FB 110 -85.06 -17.03 1.36
C PHE FB 110 -84.06 -17.88 0.59
N SER FB 111 -83.59 -17.36 -0.54
CA SER FB 111 -82.66 -18.08 -1.39
C SER FB 111 -81.89 -17.02 -2.18
N ILE FB 112 -80.65 -16.77 -1.79
CA ILE FB 112 -79.84 -15.78 -2.50
C ILE FB 112 -79.46 -16.34 -3.87
N THR FB 113 -79.52 -15.47 -4.87
CA THR FB 113 -79.16 -15.84 -6.23
C THR FB 113 -77.75 -15.43 -6.58
N TYR FB 114 -76.97 -15.04 -5.57
CA TYR FB 114 -75.60 -14.58 -5.83
C TYR FB 114 -74.67 -14.76 -4.64
N LYS FB 115 -73.59 -15.51 -4.81
CA LYS FB 115 -72.66 -15.72 -3.72
C LYS FB 115 -72.15 -14.36 -3.27
N PRO FB 116 -72.17 -14.07 -1.96
CA PRO FB 116 -71.67 -12.77 -1.49
C PRO FB 116 -70.19 -12.63 -1.75
N VAL FB 117 -69.80 -11.46 -2.25
CA VAL FB 117 -68.41 -11.22 -2.63
C VAL FB 117 -67.56 -11.09 -1.36
N LYS FB 118 -66.32 -11.57 -1.43
CA LYS FB 118 -65.45 -11.24 -0.30
C LYS FB 118 -64.59 -10.04 -0.67
N HIS FB 119 -63.53 -10.28 -1.46
CA HIS FB 119 -62.95 -9.52 -2.58
C HIS FB 119 -61.60 -10.14 -2.91
N GLY FB 120 -61.06 -9.81 -4.07
CA GLY FB 120 -59.69 -10.14 -4.38
C GLY FB 120 -58.76 -8.98 -4.08
N ARG FB 121 -57.85 -8.72 -5.01
CA ARG FB 121 -57.01 -7.54 -4.98
C ARG FB 121 -57.09 -6.88 -6.34
N PRO FB 122 -56.91 -5.55 -6.42
CA PRO FB 122 -57.04 -4.86 -7.71
C PRO FB 122 -55.94 -5.26 -8.68
N GLY FB 123 -56.36 -5.59 -9.90
CA GLY FB 123 -55.46 -6.14 -10.91
C GLY FB 123 -54.64 -5.11 -11.66
N ILE FB 124 -54.57 -5.27 -12.99
CA ILE FB 124 -53.73 -4.39 -13.80
C ILE FB 124 -54.37 -3.01 -13.92
N GLY FB 125 -55.70 -2.94 -13.86
CA GLY FB 125 -56.41 -1.67 -13.85
C GLY FB 125 -56.35 -0.97 -12.50
N ALA FB 126 -57.43 -0.25 -12.19
CA ALA FB 126 -57.62 0.47 -10.93
C ALA FB 126 -56.50 1.48 -10.67
N THR FB 127 -56.48 2.49 -11.56
CA THR FB 127 -55.49 3.57 -11.50
C THR FB 127 -55.62 4.41 -10.23
N PRO GB 1 -118.62 58.77 -33.43
CA PRO GB 1 -118.33 57.81 -32.36
C PRO GB 1 -117.22 56.85 -32.77
N LEU GB 2 -116.68 57.05 -33.97
CA LEU GB 2 -115.74 56.12 -34.57
C LEU GB 2 -114.29 56.54 -34.36
N GLN GB 3 -114.03 57.50 -33.49
CA GLN GB 3 -112.65 57.95 -33.23
C GLN GB 3 -112.01 56.93 -32.30
N SER GB 4 -111.51 55.84 -32.89
CA SER GB 4 -110.95 54.75 -32.10
C SER GB 4 -109.98 53.96 -32.97
N VAL GB 5 -108.68 54.10 -32.70
CA VAL GB 5 -107.67 53.24 -33.30
C VAL GB 5 -107.29 52.18 -32.29
N GLN GB 6 -106.76 51.07 -32.79
CA GLN GB 6 -106.26 50.00 -31.92
C GLN GB 6 -104.93 49.49 -32.49
N VAL GB 7 -103.86 49.71 -31.74
CA VAL GB 7 -102.53 49.28 -32.13
C VAL GB 7 -102.03 48.28 -31.10
N PHE GB 8 -100.93 47.61 -31.41
CA PHE GB 8 -100.39 46.64 -30.50
C PHE GB 8 -98.92 46.87 -30.26
N GLY GB 9 -98.41 46.19 -29.25
CA GLY GB 9 -96.98 46.23 -28.95
C GLY GB 9 -96.53 44.86 -28.49
N ARG GB 10 -95.30 44.48 -28.81
CA ARG GB 10 -94.81 43.18 -28.39
C ARG GB 10 -93.45 43.21 -27.76
N LYS GB 11 -93.19 42.17 -27.00
CA LYS GB 11 -91.91 41.98 -26.31
C LYS GB 11 -91.71 40.48 -26.08
N LYS GB 12 -90.87 39.88 -26.93
CA LYS GB 12 -90.34 38.52 -26.98
C LYS GB 12 -91.34 37.44 -27.37
N THR GB 13 -92.61 37.59 -26.99
CA THR GB 13 -93.70 36.86 -27.61
C THR GB 13 -94.97 37.70 -27.50
N ALA GB 14 -95.04 38.48 -26.44
CA ALA GB 14 -96.31 38.89 -25.87
C ALA GB 14 -96.85 40.11 -26.59
N THR GB 15 -97.89 39.91 -27.38
CA THR GB 15 -98.59 41.04 -27.97
C THR GB 15 -99.56 41.63 -26.96
N ALA GB 16 -99.62 42.95 -26.94
CA ALA GB 16 -100.56 43.69 -26.09
C ALA GB 16 -101.18 44.76 -26.97
N VAL GB 17 -102.43 44.58 -27.31
CA VAL GB 17 -103.11 45.46 -28.25
C VAL GB 17 -104.01 46.42 -27.49
N ALA GB 18 -103.72 47.71 -27.60
CA ALA GB 18 -104.49 48.73 -26.91
C ALA GB 18 -105.73 49.08 -27.72
N HIS GB 19 -106.50 50.01 -27.18
CA HIS GB 19 -107.69 50.54 -27.84
C HIS GB 19 -108.01 51.86 -27.17
N CYS GB 20 -108.00 52.96 -27.93
CA CYS GB 20 -108.30 54.28 -27.38
C CYS GB 20 -109.52 54.86 -28.07
N LYS GB 21 -110.62 54.97 -27.32
CA LYS GB 21 -111.82 55.63 -27.82
C LYS GB 21 -111.68 57.14 -27.62
N ARG GB 22 -112.78 57.87 -27.84
CA ARG GB 22 -112.89 59.27 -27.47
C ARG GB 22 -113.64 59.33 -26.14
N GLY GB 23 -112.93 59.69 -25.08
CA GLY GB 23 -113.55 59.70 -23.76
C GLY GB 23 -112.89 60.65 -22.78
N ASN GB 24 -112.82 60.24 -21.51
CA ASN GB 24 -112.30 61.11 -20.45
C ASN GB 24 -111.33 60.35 -19.54
N GLY GB 25 -110.07 60.33 -19.94
CA GLY GB 25 -108.96 60.02 -19.05
C GLY GB 25 -108.83 58.58 -18.57
N LEU GB 26 -109.64 57.66 -19.07
CA LEU GB 26 -109.61 56.29 -18.59
C LEU GB 26 -108.43 55.54 -19.18
N ILE GB 27 -107.72 54.79 -18.34
CA ILE GB 27 -106.61 53.95 -18.78
C ILE GB 27 -106.48 52.74 -17.87
N LYS GB 28 -106.56 51.54 -18.45
CA LYS GB 28 -106.56 50.31 -17.67
C LYS GB 28 -106.18 49.12 -18.54
N VAL GB 29 -105.71 48.06 -17.88
CA VAL GB 29 -105.22 46.85 -18.54
C VAL GB 29 -106.04 45.67 -18.06
N ASN GB 30 -106.72 45.00 -18.98
CA ASN GB 30 -107.55 43.81 -18.75
C ASN GB 30 -108.65 44.03 -17.71
N GLY GB 31 -109.10 45.27 -17.53
CA GLY GB 31 -110.02 45.59 -16.48
C GLY GB 31 -109.32 46.15 -15.25
N ARG GB 32 -108.14 45.62 -14.94
CA ARG GB 32 -107.37 46.12 -13.82
C ARG GB 32 -106.82 47.52 -14.16
N PRO GB 33 -106.76 48.44 -13.20
CA PRO GB 33 -106.26 49.78 -13.49
C PRO GB 33 -104.77 49.83 -13.76
N LEU GB 34 -104.25 51.02 -14.05
CA LEU GB 34 -102.87 51.16 -14.45
C LEU GB 34 -101.92 50.97 -13.27
N GLU GB 35 -102.39 51.18 -12.04
CA GLU GB 35 -101.57 51.04 -10.85
C GLU GB 35 -101.73 49.70 -10.14
N MET GB 36 -102.88 49.04 -10.31
CA MET GB 36 -103.15 47.74 -9.71
C MET GB 36 -102.65 46.58 -10.56
N ILE GB 37 -101.67 46.85 -11.44
CA ILE GB 37 -101.10 45.84 -12.33
C ILE GB 37 -99.95 45.20 -11.57
N GLU GB 38 -99.40 44.11 -12.12
CA GLU GB 38 -98.46 43.18 -11.50
C GLU GB 38 -97.05 43.75 -11.37
N PRO GB 39 -95.98 42.93 -11.14
CA PRO GB 39 -95.26 42.93 -9.86
C PRO GB 39 -94.85 44.21 -9.14
N ARG GB 40 -95.08 45.40 -9.72
CA ARG GB 40 -95.13 46.69 -9.02
C ARG GB 40 -93.76 47.22 -8.60
N THR GB 41 -92.71 46.43 -8.78
CA THR GB 41 -91.38 47.01 -8.82
C THR GB 41 -91.09 47.61 -10.17
N LEU GB 42 -91.82 47.16 -11.19
CA LEU GB 42 -91.78 47.73 -12.54
C LEU GB 42 -92.96 48.66 -12.79
N GLN GB 43 -93.48 49.31 -11.75
CA GLN GB 43 -94.66 50.15 -11.93
C GLN GB 43 -94.32 51.45 -12.63
N TYR GB 44 -93.15 52.02 -12.37
CA TYR GB 44 -92.72 53.23 -13.07
C TYR GB 44 -92.28 52.97 -14.49
N LYS GB 45 -92.44 51.74 -14.97
CA LYS GB 45 -92.11 51.38 -16.33
C LYS GB 45 -93.38 51.21 -17.14
N LEU GB 46 -94.53 51.17 -16.47
CA LEU GB 46 -95.80 50.98 -17.16
C LEU GB 46 -96.69 52.21 -17.15
N LEU GB 47 -96.64 53.02 -16.10
CA LEU GB 47 -97.21 54.36 -16.14
C LEU GB 47 -96.17 55.41 -16.54
N GLU GB 48 -95.09 54.96 -17.16
CA GLU GB 48 -94.04 55.86 -17.65
C GLU GB 48 -94.49 56.82 -18.74
N PRO GB 49 -95.22 56.43 -19.81
CA PRO GB 49 -95.66 57.45 -20.78
C PRO GB 49 -96.68 58.43 -20.24
N VAL GB 50 -97.42 58.07 -19.18
CA VAL GB 50 -98.38 59.00 -18.61
C VAL GB 50 -97.67 60.11 -17.85
N LEU GB 51 -96.48 59.84 -17.33
CA LEU GB 51 -95.78 60.83 -16.51
C LEU GB 51 -95.14 61.93 -17.35
N LEU GB 52 -94.24 61.58 -18.26
CA LEU GB 52 -93.43 62.60 -18.91
C LEU GB 52 -94.13 63.25 -20.10
N LEU GB 53 -95.20 62.65 -20.61
CA LEU GB 53 -96.06 63.37 -21.55
C LEU GB 53 -97.03 64.26 -20.79
N GLY GB 54 -97.81 63.68 -19.89
CA GLY GB 54 -98.73 64.43 -19.07
C GLY GB 54 -100.07 63.75 -18.95
N LYS GB 55 -101.00 64.39 -18.25
CA LYS GB 55 -102.36 63.86 -18.13
C LYS GB 55 -103.29 64.48 -19.18
N GLU GB 56 -102.98 65.68 -19.65
CA GLU GB 56 -103.82 66.36 -20.63
C GLU GB 56 -103.74 65.72 -22.01
N ARG GB 57 -102.63 65.03 -22.33
CA ARG GB 57 -102.59 64.26 -23.57
C ARG GB 57 -103.50 63.04 -23.50
N PHE GB 58 -103.56 62.40 -22.35
CA PHE GB 58 -104.42 61.24 -22.13
C PHE GB 58 -105.81 61.62 -21.66
N ALA GB 59 -106.13 62.91 -21.59
CA ALA GB 59 -107.40 63.35 -21.02
C ALA GB 59 -108.58 63.07 -21.93
N GLY GB 60 -108.37 62.92 -23.23
CA GLY GB 60 -109.45 62.71 -24.17
C GLY GB 60 -109.67 61.30 -24.64
N VAL GB 61 -108.83 60.36 -24.22
CA VAL GB 61 -108.87 58.99 -24.73
C VAL GB 61 -109.27 58.04 -23.61
N ASP GB 62 -109.70 56.84 -24.01
CA ASP GB 62 -110.04 55.75 -23.10
C ASP GB 62 -109.18 54.55 -23.46
N ILE GB 63 -107.99 54.48 -22.87
CA ILE GB 63 -107.04 53.40 -23.14
C ILE GB 63 -107.54 52.11 -22.49
N ARG GB 64 -107.68 51.05 -23.30
CA ARG GB 64 -108.01 49.73 -22.78
C ARG GB 64 -107.16 48.70 -23.50
N VAL GB 65 -106.37 47.96 -22.72
CA VAL GB 65 -105.35 47.05 -23.25
C VAL GB 65 -105.73 45.62 -22.88
N ARG GB 66 -105.53 44.70 -23.82
CA ARG GB 66 -105.65 43.27 -23.55
C ARG GB 66 -104.32 42.61 -23.91
N VAL GB 67 -103.84 41.73 -23.03
CA VAL GB 67 -102.47 41.21 -23.09
C VAL GB 67 -102.52 39.69 -23.04
N LYS GB 68 -101.83 39.04 -23.97
CA LYS GB 68 -101.66 37.60 -23.96
C LYS GB 68 -100.21 37.23 -24.22
N GLY GB 69 -99.83 36.03 -23.78
CA GLY GB 69 -98.51 35.50 -24.03
C GLY GB 69 -97.44 36.09 -23.14
N GLY GB 70 -96.24 35.53 -23.25
CA GLY GB 70 -95.08 36.08 -22.58
C GLY GB 70 -94.98 35.69 -21.11
N GLY GB 71 -94.24 36.52 -20.37
CA GLY GB 71 -94.03 36.31 -18.96
C GLY GB 71 -94.45 37.50 -18.14
N HIS GB 72 -93.95 37.66 -16.92
CA HIS GB 72 -94.37 38.79 -16.11
C HIS GB 72 -93.67 40.09 -16.51
N VAL GB 73 -92.40 40.01 -16.85
CA VAL GB 73 -91.64 41.21 -17.17
C VAL GB 73 -91.82 41.62 -18.62
N ALA GB 74 -91.89 40.66 -19.54
CA ALA GB 74 -92.20 40.98 -20.94
C ALA GB 74 -93.69 41.03 -21.18
N GLN GB 75 -94.35 41.84 -20.36
CA GLN GB 75 -95.77 42.16 -20.41
C GLN GB 75 -95.87 43.63 -19.97
N ILE GB 76 -95.05 44.03 -19.00
CA ILE GB 76 -94.93 45.43 -18.63
C ILE GB 76 -94.40 46.23 -19.81
N TYR GB 77 -93.44 45.66 -20.54
CA TYR GB 77 -92.87 46.33 -21.71
C TYR GB 77 -93.80 46.27 -22.92
N ALA GB 78 -94.64 45.24 -22.99
CA ALA GB 78 -95.60 45.16 -24.09
C ALA GB 78 -96.66 46.25 -23.95
N ILE GB 79 -97.19 46.44 -22.74
CA ILE GB 79 -98.13 47.52 -22.46
C ILE GB 79 -97.46 48.88 -22.63
N ARG GB 80 -96.18 48.95 -22.30
CA ARG GB 80 -95.41 50.19 -22.30
C ARG GB 80 -95.35 50.84 -23.68
N GLN GB 81 -95.21 50.03 -24.72
CA GLN GB 81 -95.33 50.53 -26.09
C GLN GB 81 -96.71 50.29 -26.68
N SER GB 82 -97.65 49.74 -25.91
CA SER GB 82 -99.03 49.62 -26.37
C SER GB 82 -99.82 50.89 -26.05
N ILE GB 83 -99.68 51.40 -24.83
CA ILE GB 83 -100.39 52.64 -24.46
C ILE GB 83 -99.70 53.87 -24.99
N SER GB 84 -98.50 53.74 -25.56
CA SER GB 84 -97.77 54.88 -26.09
C SER GB 84 -97.69 54.91 -27.60
N LYS GB 85 -97.92 53.79 -28.28
CA LYS GB 85 -98.21 53.86 -29.71
C LYS GB 85 -99.68 54.13 -29.98
N ALA GB 86 -100.56 53.86 -29.02
CA ALA GB 86 -101.97 54.18 -29.20
C ALA GB 86 -102.22 55.67 -29.10
N LEU GB 87 -101.35 56.41 -28.39
CA LEU GB 87 -101.50 57.85 -28.35
C LEU GB 87 -100.88 58.50 -29.58
N VAL GB 88 -99.81 57.92 -30.11
CA VAL GB 88 -99.17 58.44 -31.32
C VAL GB 88 -100.08 58.21 -32.53
N ALA GB 89 -100.64 57.00 -32.65
CA ALA GB 89 -101.49 56.70 -33.80
C ALA GB 89 -102.83 57.41 -33.71
N TYR GB 90 -103.28 57.75 -32.50
CA TYR GB 90 -104.51 58.53 -32.37
C TYR GB 90 -104.30 59.98 -32.78
N TYR GB 91 -103.09 60.49 -32.60
CA TYR GB 91 -102.84 61.89 -32.91
C TYR GB 91 -102.42 62.14 -34.35
N GLN GB 92 -102.24 61.10 -35.15
CA GLN GB 92 -102.00 61.33 -36.57
C GLN GB 92 -103.26 61.32 -37.40
N LYS GB 93 -104.33 60.73 -36.88
CA LYS GB 93 -105.59 60.66 -37.62
C LYS GB 93 -106.61 61.71 -37.20
N TYR GB 94 -106.56 62.20 -35.97
CA TYR GB 94 -107.64 63.03 -35.45
C TYR GB 94 -107.21 64.41 -34.97
N VAL GB 95 -105.93 64.62 -34.65
CA VAL GB 95 -105.42 65.97 -34.51
C VAL GB 95 -104.23 66.12 -35.46
N ASP GB 96 -103.59 67.28 -35.44
CA ASP GB 96 -102.58 67.60 -36.45
C ASP GB 96 -101.25 66.88 -36.19
N GLU GB 97 -100.47 66.74 -37.25
CA GLU GB 97 -99.18 66.07 -37.21
C GLU GB 97 -98.16 66.82 -36.38
N ALA GB 98 -98.30 68.14 -36.24
CA ALA GB 98 -97.35 68.92 -35.46
C ALA GB 98 -97.42 68.60 -33.98
N SER GB 99 -98.60 68.19 -33.49
CA SER GB 99 -98.73 67.78 -32.11
C SER GB 99 -98.28 66.35 -31.90
N LYS GB 100 -98.38 65.50 -32.92
CA LYS GB 100 -97.78 64.16 -32.83
C LYS GB 100 -96.25 64.24 -32.83
N LYS GB 101 -95.70 65.11 -33.68
CA LYS GB 101 -94.26 65.21 -33.84
C LYS GB 101 -93.59 65.75 -32.58
N GLU GB 102 -94.31 66.53 -31.79
CA GLU GB 102 -93.75 67.05 -30.54
C GLU GB 102 -93.98 66.12 -29.37
N ILE GB 103 -94.71 65.01 -29.54
CA ILE GB 103 -94.74 63.96 -28.53
C ILE GB 103 -94.05 62.69 -28.98
N LYS GB 104 -93.85 62.49 -30.29
CA LYS GB 104 -92.95 61.43 -30.73
C LYS GB 104 -91.51 61.77 -30.37
N ASP GB 105 -91.15 63.04 -30.43
CA ASP GB 105 -89.82 63.49 -30.02
C ASP GB 105 -89.66 63.58 -28.51
N ILE GB 106 -90.67 63.17 -27.76
CA ILE GB 106 -90.52 62.90 -26.33
C ILE GB 106 -90.31 61.41 -26.07
N LEU GB 107 -91.10 60.57 -26.73
CA LEU GB 107 -91.05 59.13 -26.53
C LEU GB 107 -89.90 58.45 -27.23
N ILE GB 108 -89.21 59.12 -28.15
CA ILE GB 108 -88.06 58.53 -28.85
C ILE GB 108 -86.75 58.98 -28.22
N GLN GB 109 -86.63 60.28 -27.91
CA GLN GB 109 -85.41 60.82 -27.32
C GLN GB 109 -85.17 60.26 -25.92
N TYR GB 110 -86.23 59.84 -25.25
CA TYR GB 110 -86.16 59.14 -23.98
C TYR GB 110 -86.75 57.76 -24.21
N ASP GB 111 -85.87 56.73 -24.25
CA ASP GB 111 -86.23 55.34 -24.45
C ASP GB 111 -86.97 55.06 -25.76
N ARG GB 112 -86.23 55.04 -26.87
CA ARG GB 112 -86.68 54.65 -28.21
C ARG GB 112 -87.58 53.42 -28.28
N THR GB 113 -87.39 52.46 -27.35
CA THR GB 113 -88.17 51.23 -27.25
C THR GB 113 -89.65 51.47 -26.97
N LEU GB 114 -90.02 52.68 -26.52
CA LEU GB 114 -91.42 53.06 -26.32
C LEU GB 114 -92.25 53.06 -27.60
N LEU GB 115 -91.64 53.08 -28.78
CA LEU GB 115 -92.38 53.08 -30.04
C LEU GB 115 -91.92 52.04 -31.04
N VAL GB 116 -90.72 51.46 -30.89
CA VAL GB 116 -90.26 50.38 -31.75
C VAL GB 116 -89.90 49.18 -30.89
N ALA GB 117 -90.18 47.99 -31.42
CA ALA GB 117 -90.00 46.76 -30.66
C ALA GB 117 -88.60 46.21 -30.85
N ASP GB 118 -88.20 45.33 -29.94
CA ASP GB 118 -86.92 44.64 -30.06
C ASP GB 118 -87.09 43.38 -30.91
N PRO GB 119 -86.24 43.16 -31.91
CA PRO GB 119 -86.38 41.99 -32.78
C PRO GB 119 -85.83 40.68 -32.20
N ARG GB 120 -85.53 40.63 -30.91
CA ARG GB 120 -84.91 39.47 -30.30
C ARG GB 120 -86.00 38.54 -29.76
N ARG GB 121 -86.13 37.35 -30.34
CA ARG GB 121 -87.12 36.44 -29.76
C ARG GB 121 -86.49 35.46 -28.79
N CYS GB 122 -85.80 34.45 -29.35
CA CYS GB 122 -85.15 33.36 -28.63
C CYS GB 122 -84.38 32.52 -29.65
N GLU GB 123 -83.12 32.20 -29.39
CA GLU GB 123 -82.44 31.33 -30.34
C GLU GB 123 -82.79 29.88 -30.06
N SER GB 124 -82.62 29.05 -31.09
CA SER GB 124 -82.96 27.64 -30.99
C SER GB 124 -81.90 26.89 -30.18
N LYS GB 125 -82.30 25.76 -29.66
CA LYS GB 125 -81.42 24.89 -28.88
C LYS GB 125 -80.86 23.81 -29.80
N LYS GB 126 -79.59 23.47 -29.62
CA LYS GB 126 -78.88 22.57 -30.51
C LYS GB 126 -78.61 21.25 -29.82
N PHE GB 127 -78.17 20.27 -30.61
CA PHE GB 127 -77.85 18.94 -30.08
C PHE GB 127 -76.43 18.84 -29.55
N GLY GB 128 -75.78 19.97 -29.29
CA GLY GB 128 -74.46 19.92 -28.70
C GLY GB 128 -74.51 19.94 -27.19
N GLY GB 129 -75.23 20.92 -26.64
CA GLY GB 129 -75.28 21.09 -25.21
C GLY GB 129 -76.68 21.32 -24.67
N PRO GB 130 -76.78 22.04 -23.56
CA PRO GB 130 -78.08 22.21 -22.91
C PRO GB 130 -78.88 23.39 -23.47
N GLY GB 131 -78.20 24.29 -24.17
CA GLY GB 131 -78.84 25.48 -24.69
C GLY GB 131 -78.40 25.82 -26.09
N ALA GB 132 -78.46 27.12 -26.43
CA ALA GB 132 -78.19 27.54 -27.80
C ALA GB 132 -76.70 27.46 -28.12
N ARG GB 133 -75.88 28.18 -27.37
CA ARG GB 133 -74.44 28.19 -27.59
C ARG GB 133 -73.69 27.21 -26.73
N ALA GB 134 -74.11 27.01 -25.48
CA ALA GB 134 -73.39 26.21 -24.50
C ALA GB 134 -73.34 24.75 -24.90
N ARG GB 135 -72.24 24.10 -24.52
CA ARG GB 135 -71.98 22.72 -24.89
C ARG GB 135 -71.74 21.86 -23.65
N TYR GB 136 -71.94 20.56 -23.80
CA TYR GB 136 -71.74 19.62 -22.72
C TYR GB 136 -70.27 19.47 -22.44
N GLN GB 137 -69.93 19.15 -21.20
CA GLN GB 137 -68.54 18.99 -20.82
C GLN GB 137 -67.88 17.88 -21.60
N LYS GB 138 -66.64 18.09 -21.99
CA LYS GB 138 -65.87 17.10 -22.73
C LYS GB 138 -64.74 16.58 -21.85
N SER GB 139 -64.61 15.27 -21.80
CA SER GB 139 -63.54 14.60 -21.06
C SER GB 139 -62.53 14.06 -22.06
N TYR GB 140 -61.29 14.55 -21.98
CA TYR GB 140 -60.26 14.07 -22.87
C TYR GB 140 -59.78 12.68 -22.49
N ARG GB 141 -59.57 12.44 -21.19
CA ARG GB 141 -59.12 11.14 -20.73
C ARG GB 141 -59.52 10.92 -19.28
N MET HB 1 -68.94 44.46 -42.91
CA MET HB 1 -67.69 43.74 -43.15
C MET HB 1 -68.00 42.30 -43.57
N GLY HB 2 -67.23 41.79 -44.52
CA GLY HB 2 -67.50 40.48 -45.08
C GLY HB 2 -68.45 40.46 -46.24
N ARG HB 3 -68.69 41.61 -46.88
CA ARG HB 3 -69.66 41.75 -47.95
C ARG HB 3 -68.97 42.08 -49.28
N VAL HB 4 -67.86 41.41 -49.52
CA VAL HB 4 -67.16 41.54 -50.80
C VAL HB 4 -67.98 40.68 -51.75
N ARG HB 5 -68.33 41.21 -52.92
CA ARG HB 5 -69.14 40.45 -53.87
C ARG HB 5 -68.36 39.36 -54.60
N THR HB 6 -69.06 38.32 -55.03
CA THR HB 6 -68.41 37.22 -55.76
C THR HB 6 -68.44 37.47 -57.26
N LYS HB 7 -68.05 36.48 -58.07
CA LYS HB 7 -68.08 36.69 -59.51
C LYS HB 7 -69.29 36.04 -60.17
N THR HB 8 -70.35 35.78 -59.42
CA THR HB 8 -71.66 35.64 -60.03
C THR HB 8 -72.43 36.95 -59.96
N VAL HB 9 -71.93 37.91 -59.20
CA VAL HB 9 -72.50 39.24 -59.12
C VAL HB 9 -71.73 40.23 -60.00
N LYS HB 10 -70.40 40.13 -60.01
CA LYS HB 10 -69.57 41.12 -60.68
C LYS HB 10 -69.59 40.95 -62.18
N LYS HB 11 -69.34 39.73 -62.68
CA LYS HB 11 -69.29 39.56 -64.12
C LYS HB 11 -70.67 39.46 -64.74
N ALA HB 12 -71.72 39.28 -63.94
CA ALA HB 12 -73.08 39.36 -64.42
C ALA HB 12 -73.63 40.77 -64.35
N ALA HB 13 -72.88 41.72 -63.80
CA ALA HB 13 -73.22 43.12 -63.84
C ALA HB 13 -72.47 43.87 -64.93
N ARG HB 14 -71.28 43.42 -65.28
CA ARG HB 14 -70.53 44.03 -66.38
C ARG HB 14 -71.14 43.69 -67.73
N VAL HB 15 -71.94 42.63 -67.81
CA VAL HB 15 -72.73 42.38 -69.02
C VAL HB 15 -73.91 43.36 -69.07
N ILE HB 16 -74.46 43.72 -67.90
CA ILE HB 16 -75.58 44.65 -67.85
C ILE HB 16 -75.14 46.06 -68.20
N ILE HB 17 -73.97 46.48 -67.71
CA ILE HB 17 -73.45 47.81 -67.97
C ILE HB 17 -73.09 47.97 -69.45
N GLU HB 18 -72.43 46.97 -70.03
CA GLU HB 18 -71.95 47.08 -71.39
C GLU HB 18 -73.07 46.96 -72.42
N LYS HB 19 -74.22 46.40 -72.03
CA LYS HB 19 -75.31 46.20 -72.98
C LYS HB 19 -76.52 47.09 -72.74
N TYR HB 20 -76.68 47.67 -71.55
CA TYR HB 20 -77.90 48.40 -71.21
C TYR HB 20 -77.61 49.70 -70.48
N TYR HB 21 -76.51 50.37 -70.82
CA TYR HB 21 -76.11 51.59 -70.13
C TYR HB 21 -77.09 52.74 -70.34
N THR HB 22 -77.80 52.75 -71.48
CA THR HB 22 -78.75 53.82 -71.73
C THR HB 22 -80.01 53.70 -70.89
N ARG HB 23 -80.36 52.48 -70.48
CA ARG HB 23 -81.59 52.21 -69.74
C ARG HB 23 -81.39 52.19 -68.23
N LEU HB 24 -80.28 52.76 -67.74
CA LEU HB 24 -79.99 52.68 -66.32
C LEU HB 24 -79.69 54.06 -65.73
N GLY HB 25 -79.22 54.11 -64.50
CA GLY HB 25 -78.95 55.37 -63.84
C GLY HB 25 -78.21 55.16 -62.54
N ASN HB 26 -78.09 56.25 -61.76
CA ASN HB 26 -77.55 56.17 -60.42
C ASN HB 26 -78.66 56.20 -59.36
N ASP HB 27 -79.49 55.17 -59.39
CA ASP HB 27 -80.63 55.06 -58.49
C ASP HB 27 -80.91 53.57 -58.29
N PHE HB 28 -80.73 53.08 -57.06
CA PHE HB 28 -80.80 51.65 -56.79
C PHE HB 28 -82.17 51.07 -57.08
N HIS HB 29 -83.23 51.74 -56.64
CA HIS HB 29 -84.56 51.16 -56.72
C HIS HB 29 -85.11 51.15 -58.14
N THR HB 30 -84.54 51.97 -59.03
CA THR HB 30 -84.91 51.86 -60.44
C THR HB 30 -84.13 50.75 -61.13
N ASN HB 31 -82.82 50.68 -60.88
CA ASN HB 31 -82.00 49.66 -61.54
C ASN HB 31 -82.25 48.27 -60.96
N LYS HB 32 -82.83 48.20 -59.76
CA LYS HB 32 -83.37 46.94 -59.27
C LYS HB 32 -84.53 46.47 -60.13
N ARG HB 33 -85.32 47.40 -60.67
CA ARG HB 33 -86.43 47.07 -61.54
C ARG HB 33 -86.04 46.91 -62.99
N VAL HB 34 -84.99 47.60 -63.45
CA VAL HB 34 -84.51 47.39 -64.81
C VAL HB 34 -83.87 46.02 -64.94
N CYS HB 35 -83.19 45.56 -63.89
CA CYS HB 35 -82.39 44.34 -63.97
C CYS HB 35 -83.26 43.09 -64.02
N GLU HB 36 -84.42 43.09 -63.36
CA GLU HB 36 -85.33 41.96 -63.49
C GLU HB 36 -86.18 42.05 -64.74
N GLU HB 37 -86.12 43.15 -65.47
CA GLU HB 37 -86.78 43.25 -66.77
C GLU HB 37 -85.94 42.61 -67.87
N ILE HB 38 -84.61 42.68 -67.75
CA ILE HB 38 -83.69 42.31 -68.81
C ILE HB 38 -82.89 41.06 -68.46
N ALA HB 39 -83.21 40.39 -67.36
CA ALA HB 39 -82.46 39.21 -66.95
C ALA HB 39 -83.36 38.28 -66.17
N ILE HB 40 -83.13 36.98 -66.33
CA ILE HB 40 -83.83 35.96 -65.56
C ILE HB 40 -82.93 35.60 -64.39
N ILE HB 41 -83.12 36.31 -63.29
CA ILE HB 41 -82.38 36.03 -62.05
C ILE HB 41 -83.27 35.14 -61.18
N PRO HB 42 -82.79 33.96 -60.78
CA PRO HB 42 -83.70 32.99 -60.12
C PRO HB 42 -84.07 33.35 -58.69
N SER HB 43 -83.39 34.30 -58.05
CA SER HB 43 -83.65 34.59 -56.65
C SER HB 43 -83.62 36.09 -56.40
N LYS HB 44 -84.36 36.53 -55.39
CA LYS HB 44 -84.49 37.94 -55.11
C LYS HB 44 -83.26 38.52 -54.43
N LYS HB 45 -82.58 37.73 -53.59
CA LYS HB 45 -81.39 38.23 -52.91
C LYS HB 45 -80.22 38.40 -53.87
N LEU HB 46 -80.11 37.54 -54.88
CA LEU HB 46 -79.09 37.74 -55.90
C LEU HB 46 -79.48 38.88 -56.85
N ARG HB 47 -80.78 39.14 -56.99
CA ARG HB 47 -81.29 40.16 -57.91
C ARG HB 47 -80.80 41.54 -57.51
N ASN HB 48 -81.15 41.99 -56.32
CA ASN HB 48 -80.81 43.34 -55.88
C ASN HB 48 -79.41 43.43 -55.29
N LYS HB 49 -78.65 42.35 -55.30
CA LYS HB 49 -77.22 42.42 -54.99
C LYS HB 49 -76.40 42.67 -56.24
N ILE HB 50 -76.87 42.21 -57.39
CA ILE HB 50 -76.30 42.64 -58.67
C ILE HB 50 -76.56 44.12 -58.88
N ALA HB 51 -77.83 44.53 -58.73
CA ALA HB 51 -78.24 45.92 -58.94
C ALA HB 51 -77.61 46.88 -57.94
N GLY HB 52 -77.22 46.41 -56.77
CA GLY HB 52 -76.41 47.23 -55.88
C GLY HB 52 -75.00 47.44 -56.38
N TYR HB 53 -74.50 46.52 -57.20
CA TYR HB 53 -73.20 46.68 -57.82
C TYR HB 53 -73.29 47.38 -59.17
N VAL HB 54 -74.46 47.35 -59.80
CA VAL HB 54 -74.68 48.10 -61.03
C VAL HB 54 -74.67 49.60 -60.75
N THR HB 55 -75.23 50.02 -59.62
CA THR HB 55 -75.23 51.43 -59.27
C THR HB 55 -73.88 51.90 -58.74
N HIS HB 56 -73.04 50.99 -58.25
CA HIS HB 56 -71.70 51.38 -57.84
C HIS HB 56 -70.82 51.68 -59.05
N LEU HB 57 -71.07 51.01 -60.17
CA LEU HB 57 -70.32 51.23 -61.40
C LEU HB 57 -70.76 52.47 -62.15
N MET HB 58 -71.97 52.97 -61.92
CA MET HB 58 -72.46 54.10 -62.69
C MET HB 58 -72.31 55.43 -61.98
N LYS HB 59 -71.91 55.42 -60.72
CA LYS HB 59 -71.29 56.59 -60.11
C LYS HB 59 -69.78 56.55 -60.35
N ARG HB 60 -69.30 55.52 -61.03
CA ARG HB 60 -67.90 55.24 -61.29
C ARG HB 60 -67.50 55.44 -62.75
N ILE HB 61 -68.35 55.08 -63.71
CA ILE HB 61 -67.98 55.26 -65.11
C ILE HB 61 -68.53 56.59 -65.62
N GLN HB 62 -69.11 57.39 -64.74
CA GLN HB 62 -69.38 58.78 -65.07
C GLN HB 62 -68.26 59.71 -64.63
N ARG HB 63 -67.14 59.14 -64.17
CA ARG HB 63 -65.92 59.89 -63.90
C ARG HB 63 -64.79 59.48 -64.85
N GLY HB 64 -64.47 58.20 -64.92
CA GLY HB 64 -63.44 57.71 -65.80
C GLY HB 64 -63.90 56.53 -66.62
N PRO HB 65 -63.07 56.08 -67.57
CA PRO HB 65 -63.45 54.94 -68.43
C PRO HB 65 -63.11 53.58 -67.83
N VAL HB 66 -63.88 53.18 -66.82
CA VAL HB 66 -63.73 51.87 -66.20
C VAL HB 66 -64.37 50.82 -67.10
N ARG HB 67 -63.76 49.64 -67.15
CA ARG HB 67 -64.22 48.56 -68.04
C ARG HB 67 -65.63 48.08 -67.69
N GLY HB 68 -66.52 48.09 -68.68
CA GLY HB 68 -66.22 48.48 -70.05
C GLY HB 68 -66.38 47.34 -71.04
N ILE HB 69 -66.54 47.67 -72.34
CA ILE HB 69 -66.52 49.04 -72.82
C ILE HB 69 -67.88 49.49 -73.35
N SER HB 70 -68.29 50.68 -72.94
CA SER HB 70 -69.60 51.22 -73.30
C SER HB 70 -69.54 51.80 -74.71
N ILE HB 71 -70.57 52.57 -75.08
CA ILE HB 71 -70.60 53.20 -76.39
C ILE HB 71 -70.01 54.59 -76.36
N LYS HB 72 -70.52 55.46 -75.47
CA LYS HB 72 -70.10 56.85 -75.47
C LYS HB 72 -68.65 57.01 -75.00
N LEU HB 73 -68.19 56.13 -74.11
CA LEU HB 73 -66.78 56.14 -73.75
C LEU HB 73 -65.89 55.55 -74.84
N GLN HB 74 -66.46 54.84 -75.81
CA GLN HB 74 -65.69 54.24 -76.89
C GLN HB 74 -65.54 55.17 -78.09
N GLU HB 75 -66.62 55.82 -78.52
CA GLU HB 75 -66.49 56.81 -79.59
C GLU HB 75 -66.06 58.18 -79.09
N GLU HB 76 -65.67 58.30 -77.82
CA GLU HB 76 -65.00 59.52 -77.38
C GLU HB 76 -63.50 59.43 -77.64
N GLU HB 77 -62.91 58.24 -77.50
CA GLU HB 77 -61.48 58.12 -77.78
C GLU HB 77 -61.20 58.07 -79.28
N ARG HB 78 -62.19 57.75 -80.12
CA ARG HB 78 -62.00 57.81 -81.55
C ARG HB 78 -61.84 59.23 -82.07
N GLU HB 79 -62.38 60.22 -81.35
CA GLU HB 79 -62.03 61.61 -81.58
C GLU HB 79 -60.97 62.10 -80.59
N ARG HB 80 -60.21 61.18 -80.03
CA ARG HB 80 -59.00 61.49 -79.26
C ARG HB 80 -57.75 60.88 -79.87
N ARG HB 81 -57.83 59.64 -80.36
CA ARG HB 81 -56.68 59.07 -81.07
C ARG HB 81 -56.55 59.65 -82.47
N ASP HB 82 -57.64 60.18 -83.04
CA ASP HB 82 -57.56 60.79 -84.36
C ASP HB 82 -57.22 62.27 -84.28
N ASN HB 83 -58.02 63.05 -83.58
CA ASN HB 83 -58.03 64.49 -83.71
C ASN HB 83 -56.85 65.14 -82.99
N TYR HB 84 -56.84 66.47 -83.00
CA TYR HB 84 -55.69 67.33 -82.72
C TYR HB 84 -54.46 66.86 -83.50
N VAL HB 85 -54.63 66.94 -84.81
CA VAL HB 85 -53.50 66.95 -85.74
C VAL HB 85 -53.38 68.38 -86.26
N PRO HB 86 -52.50 69.19 -85.67
CA PRO HB 86 -52.54 70.64 -85.90
C PRO HB 86 -52.09 71.07 -87.30
N GLU HB 87 -52.15 72.38 -87.57
CA GLU HB 87 -51.85 72.88 -88.90
C GLU HB 87 -50.35 72.84 -89.17
N VAL HB 88 -49.56 73.35 -88.24
CA VAL HB 88 -48.12 73.13 -88.27
C VAL HB 88 -47.86 71.77 -87.64
N SER HB 89 -46.68 71.23 -87.85
CA SER HB 89 -46.29 69.97 -87.20
C SER HB 89 -45.33 70.26 -86.06
N ALA HB 90 -45.01 69.20 -85.32
CA ALA HB 90 -43.94 69.27 -84.33
C ALA HB 90 -42.60 68.91 -84.94
N LEU HB 91 -42.56 68.63 -86.25
CA LEU HB 91 -41.36 68.24 -86.96
C LEU HB 91 -40.98 69.28 -88.03
N ASP HB 92 -41.39 70.54 -87.81
CA ASP HB 92 -40.91 71.66 -88.61
C ASP HB 92 -40.89 72.90 -87.71
N GLN HB 93 -39.73 73.14 -87.10
CA GLN HB 93 -39.51 74.35 -86.32
C GLN HB 93 -38.77 75.42 -87.09
N GLU HB 94 -38.29 75.09 -88.30
CA GLU HB 94 -37.63 75.95 -89.28
C GLU HB 94 -36.26 76.48 -88.82
N ILE HB 95 -35.88 76.24 -87.59
CA ILE HB 95 -34.51 76.37 -87.12
C ILE HB 95 -34.24 75.27 -86.10
N ILE HB 96 -33.57 74.20 -86.52
CA ILE HB 96 -33.34 73.05 -85.65
C ILE HB 96 -31.88 73.03 -85.24
N GLU HB 97 -31.63 72.54 -84.03
CA GLU HB 97 -30.32 72.59 -83.40
C GLU HB 97 -29.77 71.19 -83.25
N VAL HB 98 -28.53 70.99 -83.71
CA VAL HB 98 -27.83 69.71 -83.60
C VAL HB 98 -26.40 69.98 -83.14
N ASP HB 99 -25.80 68.97 -82.52
CA ASP HB 99 -24.39 69.03 -82.18
C ASP HB 99 -23.54 68.97 -83.44
N PRO HB 100 -22.32 69.52 -83.43
CA PRO HB 100 -21.46 69.44 -84.63
C PRO HB 100 -20.91 68.05 -84.91
N ASP HB 101 -21.15 67.06 -84.06
CA ASP HB 101 -20.73 65.69 -84.38
C ASP HB 101 -21.59 65.10 -85.49
N THR HB 102 -22.90 65.31 -85.45
CA THR HB 102 -23.75 64.82 -86.52
C THR HB 102 -23.77 65.75 -87.73
N LYS HB 103 -23.29 66.99 -87.57
CA LYS HB 103 -23.09 67.86 -88.72
C LYS HB 103 -21.97 67.33 -89.61
N GLU HB 104 -20.98 66.69 -88.98
CA GLU HB 104 -19.96 65.94 -89.73
C GLU HB 104 -20.58 64.74 -90.44
N MET HB 105 -21.61 64.14 -89.85
CA MET HB 105 -22.19 62.92 -90.41
C MET HB 105 -23.12 63.23 -91.57
N LEU HB 106 -23.90 64.31 -91.46
CA LEU HB 106 -24.77 64.73 -92.55
C LEU HB 106 -24.01 65.17 -93.78
N LYS HB 107 -22.76 65.60 -93.61
CA LYS HB 107 -21.87 65.84 -94.75
C LYS HB 107 -21.53 64.53 -95.45
N LEU HB 108 -21.50 63.41 -94.73
CA LEU HB 108 -21.26 62.12 -95.33
C LEU HB 108 -22.50 61.51 -95.98
N LEU HB 109 -23.66 62.14 -95.82
CA LEU HB 109 -24.83 61.88 -96.65
C LEU HB 109 -25.04 63.03 -97.63
N ASP HB 110 -24.07 63.95 -97.69
CA ASP HB 110 -24.04 65.13 -98.56
C ASP HB 110 -25.21 66.07 -98.33
N PHE HB 111 -25.74 66.09 -97.09
CA PHE HB 111 -26.88 66.93 -96.73
C PHE HB 111 -26.50 67.97 -95.68
N GLY HB 112 -25.21 68.33 -95.65
CA GLY HB 112 -24.76 69.37 -94.75
C GLY HB 112 -24.55 70.67 -95.50
N SER HB 113 -24.48 70.58 -96.83
CA SER HB 113 -24.35 71.73 -97.69
C SER HB 113 -25.69 72.24 -98.20
N LEU HB 114 -26.80 71.67 -97.73
CA LEU HB 114 -28.12 72.09 -98.17
C LEU HB 114 -28.97 72.66 -97.05
N SER HB 115 -29.10 71.94 -95.94
CA SER HB 115 -30.06 72.30 -94.91
C SER HB 115 -29.55 73.46 -94.07
N ASN HB 116 -30.49 74.12 -93.38
CA ASN HB 116 -30.18 75.26 -92.52
C ASN HB 116 -29.27 74.88 -91.34
N LEU HB 117 -29.78 74.08 -90.40
CA LEU HB 117 -29.01 73.37 -89.36
C LEU HB 117 -28.15 74.33 -88.51
N GLN HB 118 -28.84 75.17 -87.75
CA GLN HB 118 -28.15 76.08 -86.83
C GLN HB 118 -27.56 75.23 -85.71
N VAL HB 119 -26.28 74.91 -85.82
CA VAL HB 119 -25.64 74.02 -84.86
C VAL HB 119 -25.30 74.77 -83.59
N THR HB 120 -25.19 74.02 -82.49
CA THR HB 120 -24.86 74.57 -81.19
C THR HB 120 -23.37 74.44 -80.92
N GLN HB 121 -22.91 75.17 -79.92
CA GLN HB 121 -21.52 75.07 -79.49
C GLN HB 121 -21.34 73.80 -78.67
N PRO HB 122 -20.31 73.00 -78.96
CA PRO HB 122 -20.11 71.77 -78.18
C PRO HB 122 -19.66 72.07 -76.77
N THR HB 123 -20.11 71.24 -75.84
CA THR HB 123 -19.95 71.49 -74.42
C THR HB 123 -18.73 70.77 -73.89
N VAL HB 124 -17.87 71.51 -73.18
CA VAL HB 124 -16.92 70.87 -72.28
C VAL HB 124 -17.70 70.18 -71.19
N GLY HB 125 -17.21 69.03 -70.74
CA GLY HB 125 -18.12 68.13 -70.09
C GLY HB 125 -17.58 66.74 -69.81
N MET HB 126 -18.30 65.75 -70.35
CA MET HB 126 -18.22 64.34 -69.98
C MET HB 126 -18.63 64.16 -68.51
N ASN HB 127 -19.61 64.95 -68.09
CA ASN HB 127 -20.23 64.85 -66.77
C ASN HB 127 -21.48 63.98 -66.79
N PHE HB 128 -21.35 62.79 -67.37
CA PHE HB 128 -22.38 61.76 -67.36
C PHE HB 128 -21.86 60.60 -66.52
N LYS HB 129 -22.58 59.48 -66.53
CA LYS HB 129 -22.26 58.27 -65.75
C LYS HB 129 -22.24 58.57 -64.25
N THR HB 130 -23.46 58.78 -63.71
CA THR HB 130 -23.81 59.00 -62.30
C THR HB 130 -23.00 58.11 -61.34
N PRO HB 131 -22.60 58.63 -60.18
CA PRO HB 131 -21.55 57.96 -59.38
C PRO HB 131 -21.95 56.59 -58.87
N ARG HB 132 -20.94 55.77 -58.60
CA ARG HB 132 -21.11 54.33 -58.49
C ARG HB 132 -21.39 53.92 -57.06
N GLY HB 133 -22.16 52.85 -56.92
CA GLY HB 133 -22.61 52.37 -55.64
C GLY HB 133 -23.64 53.29 -55.02
N PRO HB 134 -24.00 53.03 -53.76
CA PRO HB 134 -24.80 54.02 -53.02
C PRO HB 134 -23.89 55.13 -52.49
N VAL HB 135 -24.26 56.37 -52.80
CA VAL HB 135 -23.52 57.60 -52.43
C VAL HB 135 -22.06 57.56 -52.88
N MET IB 1 -91.11 40.45 22.60
CA MET IB 1 -92.29 41.30 22.70
C MET IB 1 -93.09 40.99 23.96
N SER IB 2 -92.44 40.37 24.94
CA SER IB 2 -93.08 40.05 26.21
C SER IB 2 -93.11 41.29 27.10
N LEU IB 3 -93.49 41.11 28.37
CA LEU IB 3 -93.40 42.22 29.32
C LEU IB 3 -91.94 42.60 29.52
N VAL IB 4 -91.17 41.73 30.17
CA VAL IB 4 -89.72 41.75 30.10
C VAL IB 4 -89.25 40.35 29.71
N ILE IB 5 -89.55 39.40 30.59
CA ILE IB 5 -89.11 38.01 30.50
C ILE IB 5 -90.00 37.23 31.46
N PRO IB 6 -90.35 35.99 31.18
CA PRO IB 6 -91.05 35.18 32.18
C PRO IB 6 -90.14 34.89 33.37
N GLU IB 7 -90.73 34.97 34.57
CA GLU IB 7 -89.95 34.76 35.78
C GLU IB 7 -89.57 33.30 35.96
N LYS IB 8 -90.47 32.39 35.65
CA LYS IB 8 -90.13 30.96 35.56
C LYS IB 8 -89.87 30.54 34.11
N PHE IB 9 -88.98 31.25 33.44
CA PHE IB 9 -88.54 30.85 32.10
C PHE IB 9 -87.56 29.72 32.26
N GLN IB 10 -88.02 28.49 32.02
CA GLN IB 10 -87.19 27.32 32.22
C GLN IB 10 -86.28 27.14 31.02
N HIS IB 11 -84.99 26.93 31.27
CA HIS IB 11 -83.99 27.16 30.22
C HIS IB 11 -83.91 26.00 29.23
N ILE IB 12 -83.98 24.75 29.71
CA ILE IB 12 -84.30 23.61 28.87
C ILE IB 12 -85.43 22.84 29.54
N LEU IB 13 -85.89 21.79 28.88
CA LEU IB 13 -86.85 20.89 29.48
C LEU IB 13 -86.28 19.47 29.50
N ARG IB 14 -87.12 18.53 29.92
CA ARG IB 14 -86.72 17.13 30.07
C ARG IB 14 -87.98 16.31 30.01
N VAL IB 15 -88.24 15.63 28.89
CA VAL IB 15 -89.61 15.26 28.57
C VAL IB 15 -89.85 13.75 28.65
N LEU IB 16 -89.28 12.98 27.73
CA LEU IB 16 -89.36 11.51 27.82
C LEU IB 16 -88.04 10.89 28.19
N ASN IB 17 -87.03 11.02 27.33
CA ASN IB 17 -85.66 10.63 27.65
C ASN IB 17 -84.69 11.60 27.00
N THR IB 18 -85.19 12.69 26.43
CA THR IB 18 -84.39 13.68 25.74
C THR IB 18 -84.61 15.03 26.38
N ASN IB 19 -83.61 15.89 26.29
CA ASN IB 19 -83.67 17.23 26.86
C ASN IB 19 -83.90 18.23 25.72
N ILE IB 20 -85.18 18.55 25.50
CA ILE IB 20 -85.53 19.46 24.41
C ILE IB 20 -85.10 20.88 24.77
N ASP IB 21 -84.83 21.68 23.75
CA ASP IB 21 -84.29 23.01 23.96
C ASP IB 21 -85.41 23.98 24.29
N GLY IB 22 -85.22 24.75 25.36
CA GLY IB 22 -86.25 25.68 25.79
C GLY IB 22 -86.37 26.92 24.95
N ARG IB 23 -85.32 27.28 24.21
CA ARG IB 23 -85.30 28.51 23.43
C ARG IB 23 -85.94 28.36 22.07
N ARG IB 24 -86.14 27.14 21.60
CA ARG IB 24 -86.84 26.88 20.35
C ARG IB 24 -88.32 27.21 20.49
N LYS IB 25 -88.98 27.37 19.36
CA LYS IB 25 -90.44 27.40 19.39
C LYS IB 25 -90.97 25.99 19.65
N ILE IB 26 -92.17 25.93 20.22
CA ILE IB 26 -92.66 24.68 20.80
C ILE IB 26 -92.98 23.64 19.74
N ALA IB 27 -93.32 24.07 18.52
CA ALA IB 27 -93.55 23.13 17.44
C ALA IB 27 -92.27 22.54 16.89
N PHE IB 28 -91.12 23.16 17.16
CA PHE IB 28 -89.85 22.65 16.69
C PHE IB 28 -88.92 22.22 17.82
N ALA IB 29 -89.25 22.57 19.06
CA ALA IB 29 -88.46 22.09 20.20
C ALA IB 29 -88.64 20.59 20.39
N ILE IB 30 -89.89 20.12 20.35
CA ILE IB 30 -90.19 18.72 20.62
C ILE IB 30 -89.93 17.80 19.44
N THR IB 31 -89.38 18.31 18.34
CA THR IB 31 -88.88 17.46 17.28
C THR IB 31 -87.51 16.85 17.61
N ALA IB 32 -86.87 17.31 18.69
CA ALA IB 32 -85.68 16.65 19.20
C ALA IB 32 -86.01 15.29 19.79
N ILE IB 33 -87.25 15.10 20.22
CA ILE IB 33 -87.76 13.78 20.56
C ILE IB 33 -87.81 12.93 19.30
N LYS IB 34 -87.17 11.77 19.32
CA LYS IB 34 -87.27 10.84 18.20
C LYS IB 34 -88.69 10.29 18.11
N GLY IB 35 -89.13 10.04 16.88
CA GLY IB 35 -90.50 9.64 16.63
C GLY IB 35 -91.45 10.79 16.44
N VAL IB 36 -91.06 12.01 16.81
CA VAL IB 36 -91.86 13.20 16.65
C VAL IB 36 -91.12 14.11 15.68
N GLY IB 37 -91.74 14.38 14.52
CA GLY IB 37 -91.15 15.20 13.51
C GLY IB 37 -91.85 16.53 13.37
N ARG IB 38 -91.53 17.22 12.28
CA ARG IB 38 -92.09 18.55 12.06
C ARG IB 38 -93.57 18.48 11.71
N ARG IB 39 -94.01 17.36 11.15
CA ARG IB 39 -95.41 17.19 10.77
C ARG IB 39 -96.27 16.65 11.90
N TYR IB 40 -95.67 15.87 12.80
CA TYR IB 40 -96.40 15.32 13.96
C TYR IB 40 -96.44 16.29 15.13
N ALA IB 41 -95.42 17.16 15.27
CA ALA IB 41 -95.45 18.12 16.35
C ALA IB 41 -96.46 19.23 16.11
N HIS IB 42 -96.69 19.59 14.84
CA HIS IB 42 -97.64 20.67 14.56
C HIS IB 42 -99.09 20.24 14.69
N VAL IB 43 -99.38 18.94 14.76
CA VAL IB 43 -100.76 18.50 14.94
C VAL IB 43 -101.07 18.15 16.39
N VAL IB 44 -100.06 17.79 17.20
CA VAL IB 44 -100.28 17.53 18.60
C VAL IB 44 -100.29 18.80 19.42
N LEU IB 45 -99.95 19.94 18.81
CA LEU IB 45 -100.15 21.23 19.44
C LEU IB 45 -101.39 21.93 18.91
N ARG IB 46 -102.16 21.27 18.04
CA ARG IB 46 -103.50 21.73 17.71
C ARG IB 46 -104.56 20.93 18.46
N LYS IB 47 -104.23 19.69 18.85
CA LYS IB 47 -105.11 18.95 19.75
C LYS IB 47 -105.10 19.57 21.13
N ALA IB 48 -103.92 20.02 21.59
CA ALA IB 48 -103.83 20.93 22.71
C ALA IB 48 -104.18 22.33 22.23
N ASP IB 49 -104.79 23.12 23.12
CA ASP IB 49 -105.28 24.44 22.70
C ASP IB 49 -104.22 25.54 22.79
N ILE IB 50 -102.93 25.19 22.88
CA ILE IB 50 -101.92 26.21 23.07
C ILE IB 50 -101.59 26.90 21.75
N ASP IB 51 -101.23 28.17 21.84
CA ASP IB 51 -100.74 28.89 20.68
C ASP IB 51 -99.30 28.49 20.38
N LEU IB 52 -98.88 28.69 19.14
CA LEU IB 52 -97.55 28.25 18.72
C LEU IB 52 -96.51 29.36 18.72
N THR IB 53 -96.91 30.61 18.97
CA THR IB 53 -95.94 31.69 19.04
C THR IB 53 -95.13 31.65 20.33
N LYS IB 54 -95.61 30.93 21.34
CA LYS IB 54 -94.84 30.72 22.56
C LYS IB 54 -93.64 29.82 22.26
N ARG IB 55 -92.55 30.07 22.96
CA ARG IB 55 -91.38 29.20 22.87
C ARG IB 55 -91.55 28.05 23.87
N ALA IB 56 -90.51 27.23 24.02
CA ALA IB 56 -90.61 26.08 24.91
C ALA IB 56 -90.29 26.41 26.36
N GLY IB 57 -90.13 27.68 26.71
CA GLY IB 57 -89.88 28.05 28.09
C GLY IB 57 -91.02 28.82 28.73
N GLU IB 58 -92.21 28.73 28.12
CA GLU IB 58 -93.37 29.44 28.62
C GLU IB 58 -94.58 28.54 28.83
N LEU IB 59 -94.48 27.27 28.49
CA LEU IB 59 -95.55 26.33 28.74
C LEU IB 59 -95.52 25.90 30.19
N THR IB 60 -96.60 26.18 30.92
CA THR IB 60 -96.75 25.69 32.28
C THR IB 60 -96.92 24.18 32.26
N GLU IB 61 -96.60 23.54 33.39
CA GLU IB 61 -96.61 22.08 33.47
C GLU IB 61 -98.01 21.49 33.46
N ASP IB 62 -99.05 22.30 33.63
CA ASP IB 62 -100.40 21.83 33.34
C ASP IB 62 -100.64 21.72 31.84
N GLU IB 63 -99.82 22.38 31.03
CA GLU IB 63 -99.89 22.27 29.58
C GLU IB 63 -98.82 21.34 29.02
N VAL IB 64 -97.64 21.29 29.66
CA VAL IB 64 -96.57 20.39 29.24
C VAL IB 64 -97.00 18.93 29.40
N GLU IB 65 -97.73 18.63 30.46
CA GLU IB 65 -98.15 17.26 30.73
C GLU IB 65 -99.18 16.78 29.71
N ARG IB 66 -100.02 17.69 29.20
CA ARG IB 66 -100.98 17.28 28.19
C ARG IB 66 -100.32 17.08 26.82
N VAL IB 67 -99.25 17.81 26.54
CA VAL IB 67 -98.47 17.60 25.32
C VAL IB 67 -97.84 16.22 25.32
N ILE IB 68 -97.34 15.78 26.48
CA ILE IB 68 -96.85 14.41 26.62
C ILE IB 68 -98.02 13.43 26.54
N THR IB 69 -99.19 13.83 27.04
CA THR IB 69 -100.34 12.93 27.08
C THR IB 69 -100.93 12.73 25.68
N ILE IB 70 -100.83 13.72 24.81
CA ILE IB 70 -101.31 13.55 23.43
C ILE IB 70 -100.36 12.66 22.65
N MET IB 71 -99.05 12.95 22.73
CA MET IB 71 -98.08 12.25 21.90
C MET IB 71 -97.85 10.81 22.32
N GLN IB 72 -98.14 10.46 23.58
CA GLN IB 72 -97.85 9.11 24.05
C GLN IB 72 -98.88 8.12 23.50
N ASN IB 73 -100.14 8.51 23.43
CA ASN IB 73 -101.17 7.72 22.76
C ASN IB 73 -102.07 8.64 21.93
N PRO IB 74 -101.75 8.81 20.65
CA PRO IB 74 -102.46 9.81 19.84
C PRO IB 74 -103.79 9.35 19.29
N ARG IB 75 -104.03 8.05 19.19
CA ARG IB 75 -105.19 7.54 18.47
C ARG IB 75 -106.50 7.79 19.22
N GLN IB 76 -106.44 7.97 20.55
CA GLN IB 76 -107.66 8.22 21.30
C GLN IB 76 -108.03 9.71 21.34
N TYR IB 77 -107.21 10.58 20.78
CA TYR IB 77 -107.50 12.01 20.70
C TYR IB 77 -107.79 12.46 19.28
N LYS IB 78 -108.35 11.56 18.47
CA LYS IB 78 -108.85 11.80 17.12
C LYS IB 78 -107.76 12.21 16.13
N ILE IB 79 -106.50 11.94 16.44
CA ILE IB 79 -105.43 12.02 15.45
C ILE IB 79 -105.62 10.83 14.51
N PRO IB 80 -105.73 11.04 13.20
CA PRO IB 80 -106.17 9.97 12.31
C PRO IB 80 -105.13 8.87 12.16
N ASP IB 81 -105.62 7.73 11.67
CA ASP IB 81 -104.85 6.49 11.73
C ASP IB 81 -103.75 6.43 10.69
N TRP IB 82 -103.86 7.18 9.60
CA TRP IB 82 -102.83 7.22 8.55
C TRP IB 82 -101.59 8.02 8.95
N PHE IB 83 -101.52 8.53 10.17
CA PHE IB 83 -100.53 9.52 10.53
C PHE IB 83 -99.41 8.93 11.39
N LEU IB 84 -99.64 7.74 11.92
CA LEU IB 84 -98.70 7.10 12.85
C LEU IB 84 -97.42 6.55 12.25
N ASN IB 85 -96.56 6.04 13.12
CA ASN IB 85 -95.30 5.45 12.72
C ASN IB 85 -95.49 3.97 12.52
N ARG IB 86 -95.73 3.28 13.62
CA ARG IB 86 -95.93 1.86 13.59
C ARG IB 86 -97.38 1.50 13.47
N GLN IB 87 -97.87 1.42 12.25
CA GLN IB 87 -99.24 1.02 12.00
C GLN IB 87 -99.22 -0.48 11.75
N LYS IB 88 -100.21 -1.19 12.27
CA LYS IB 88 -100.29 -2.65 12.15
C LYS IB 88 -98.99 -3.31 12.56
N ASP IB 89 -98.60 -3.15 13.82
CA ASP IB 89 -97.37 -3.72 14.36
C ASP IB 89 -97.22 -5.20 14.04
N VAL IB 90 -96.08 -5.58 13.48
CA VAL IB 90 -95.84 -6.96 13.11
C VAL IB 90 -95.82 -7.97 14.27
N LYS IB 91 -96.19 -7.52 15.47
CA LYS IB 91 -96.31 -8.42 16.62
C LYS IB 91 -97.52 -8.11 17.49
N ASP IB 92 -98.27 -7.07 17.20
CA ASP IB 92 -99.43 -6.71 18.00
C ASP IB 92 -100.70 -6.55 17.17
N GLY IB 93 -100.61 -5.97 15.98
CA GLY IB 93 -101.78 -5.50 15.29
C GLY IB 93 -102.27 -4.16 15.79
N LYS IB 94 -101.43 -3.39 16.46
CA LYS IB 94 -101.89 -2.12 17.01
C LYS IB 94 -101.24 -0.86 16.43
N TYR IB 95 -102.05 0.00 15.83
CA TYR IB 95 -101.54 1.25 15.30
C TYR IB 95 -100.96 1.99 16.46
N SER IB 96 -99.68 2.33 16.39
CA SER IB 96 -99.06 3.03 17.49
C SER IB 96 -98.01 4.01 17.02
N GLN IB 97 -97.86 5.07 17.78
CA GLN IB 97 -96.87 6.10 17.52
C GLN IB 97 -95.74 5.90 18.53
N VAL IB 98 -94.67 5.25 18.10
CA VAL IB 98 -93.50 5.07 18.95
C VAL IB 98 -92.83 6.43 19.01
N LEU IB 99 -92.34 6.84 20.17
CA LEU IB 99 -91.76 8.17 20.29
C LEU IB 99 -90.61 8.23 21.30
N ALA IB 100 -89.93 7.13 21.53
CA ALA IB 100 -88.98 7.04 22.63
C ALA IB 100 -87.88 6.08 22.21
N ASN IB 101 -87.18 5.50 23.20
CA ASN IB 101 -86.32 4.36 22.93
C ASN IB 101 -87.08 3.13 22.45
N GLY IB 102 -88.41 3.10 22.62
CA GLY IB 102 -89.22 2.10 21.95
C GLY IB 102 -89.19 2.21 20.44
N LEU IB 103 -88.97 3.42 19.91
CA LEU IB 103 -88.65 3.55 18.49
C LEU IB 103 -87.29 2.94 18.18
N ASP IB 104 -86.32 3.11 19.07
CA ASP IB 104 -85.04 2.47 18.90
C ASP IB 104 -85.14 0.96 19.15
N ASN IB 105 -86.12 0.52 19.93
CA ASN IB 105 -86.34 -0.91 20.10
C ASN IB 105 -86.99 -1.52 18.86
N LYS IB 106 -88.09 -0.91 18.44
CA LYS IB 106 -88.81 -1.37 17.27
C LYS IB 106 -87.87 -1.44 16.08
N LEU IB 107 -87.02 -0.43 15.90
CA LEU IB 107 -86.04 -0.49 14.83
C LEU IB 107 -85.19 -1.75 14.97
N ARG IB 108 -84.68 -1.98 16.17
CA ARG IB 108 -83.77 -3.09 16.44
C ARG IB 108 -84.50 -4.43 16.50
N GLU IB 109 -85.74 -4.44 16.98
CA GLU IB 109 -86.50 -5.68 17.05
C GLU IB 109 -86.91 -6.20 15.69
N ASP IB 110 -86.99 -5.35 14.68
CA ASP IB 110 -87.36 -5.80 13.35
C ASP IB 110 -86.13 -6.16 12.50
N LEU IB 111 -84.97 -5.61 12.81
CA LEU IB 111 -83.75 -6.04 12.13
C LEU IB 111 -83.40 -7.47 12.53
N GLU IB 112 -83.43 -7.77 13.83
CA GLU IB 112 -83.17 -9.13 14.29
C GLU IB 112 -84.37 -10.05 14.09
N ARG IB 113 -85.55 -9.51 13.79
CA ARG IB 113 -86.64 -10.33 13.29
C ARG IB 113 -86.29 -10.93 11.94
N LEU IB 114 -85.78 -10.11 11.02
CA LEU IB 114 -85.48 -10.57 9.67
C LEU IB 114 -84.25 -11.46 9.64
N LYS IB 115 -83.37 -11.35 10.64
CA LYS IB 115 -82.20 -12.21 10.71
C LYS IB 115 -82.54 -13.57 11.31
N LYS IB 116 -83.45 -13.60 12.28
CA LYS IB 116 -83.89 -14.85 12.88
C LYS IB 116 -84.70 -15.67 11.87
N ILE IB 117 -85.54 -14.99 11.09
CA ILE IB 117 -86.20 -15.62 9.95
C ILE IB 117 -85.18 -15.95 8.86
N ARG IB 118 -84.10 -15.16 8.79
CA ARG IB 118 -83.06 -15.21 7.75
C ARG IB 118 -83.67 -15.04 6.36
N ALA IB 119 -84.17 -13.84 6.13
CA ALA IB 119 -84.62 -13.39 4.83
C ALA IB 119 -83.52 -12.61 4.13
N HIS IB 120 -83.77 -12.22 2.89
CA HIS IB 120 -82.75 -11.52 2.10
C HIS IB 120 -82.52 -10.10 2.60
N ARG IB 121 -83.57 -9.43 3.06
CA ARG IB 121 -83.39 -8.07 3.58
C ARG IB 121 -82.66 -8.06 4.90
N GLY IB 122 -82.78 -9.14 5.69
CA GLY IB 122 -82.09 -9.18 6.97
C GLY IB 122 -80.62 -9.48 6.85
N LEU IB 123 -80.22 -10.18 5.79
CA LEU IB 123 -78.81 -10.46 5.57
C LEU IB 123 -78.04 -9.20 5.17
N ARG IB 124 -78.70 -8.26 4.50
CA ARG IB 124 -78.06 -7.02 4.10
C ARG IB 124 -78.10 -5.96 5.19
N HIS IB 125 -78.64 -6.27 6.36
CA HIS IB 125 -78.40 -5.47 7.56
C HIS IB 125 -77.31 -6.06 8.44
N PHE IB 126 -77.22 -7.39 8.48
CA PHE IB 126 -76.10 -8.06 9.15
C PHE IB 126 -74.78 -7.76 8.43
N TRP IB 127 -74.84 -7.55 7.13
CA TRP IB 127 -73.73 -7.10 6.31
C TRP IB 127 -73.90 -5.61 6.09
N GLY IB 128 -72.80 -4.87 6.12
CA GLY IB 128 -72.90 -3.43 6.01
C GLY IB 128 -73.15 -2.93 4.60
N LEU IB 129 -74.32 -3.21 4.06
CA LEU IB 129 -74.63 -2.97 2.65
C LEU IB 129 -75.91 -2.15 2.52
N ARG IB 130 -76.33 -1.95 1.28
CA ARG IB 130 -77.58 -1.26 0.98
C ARG IB 130 -78.71 -2.26 0.82
N VAL IB 131 -79.90 -1.87 1.28
CA VAL IB 131 -81.03 -2.76 1.37
C VAL IB 131 -82.06 -2.48 0.29
N ARG IB 132 -82.34 -1.21 0.00
CA ARG IB 132 -83.45 -0.84 -0.87
C ARG IB 132 -83.04 -0.85 -2.34
N GLY IB 133 -82.48 -1.97 -2.80
CA GLY IB 133 -82.21 -2.17 -4.22
C GLY IB 133 -81.18 -1.26 -4.85
N GLN IB 134 -80.36 -0.58 -4.05
CA GLN IB 134 -79.37 0.33 -4.60
C GLN IB 134 -78.24 -0.43 -5.29
N HIS IB 135 -77.46 0.31 -6.06
CA HIS IB 135 -76.27 -0.22 -6.70
C HIS IB 135 -75.07 0.03 -5.82
N THR IB 136 -74.28 -1.01 -5.58
CA THR IB 136 -73.16 -0.93 -4.67
C THR IB 136 -71.81 -0.82 -5.37
N LYS IB 137 -71.80 -0.73 -6.70
CA LYS IB 137 -70.55 -0.72 -7.45
C LYS IB 137 -69.75 0.56 -7.23
N THR IB 138 -70.44 1.69 -7.10
CA THR IB 138 -69.77 2.99 -7.08
C THR IB 138 -70.40 3.93 -6.06
N THR IB 139 -70.99 3.39 -4.99
CA THR IB 139 -71.71 4.18 -4.00
C THR IB 139 -71.63 3.49 -2.65
N GLY IB 140 -71.21 4.24 -1.63
CA GLY IB 140 -71.15 3.71 -0.28
C GLY IB 140 -69.71 3.56 0.18
N ARG IB 141 -68.84 4.41 -0.33
CA ARG IB 141 -67.42 4.34 -0.04
C ARG IB 141 -67.02 5.21 1.15
N ARG IB 142 -67.99 5.78 1.87
CA ARG IB 142 -67.71 6.57 3.07
C ARG IB 142 -67.83 5.75 4.35
N GLY IB 143 -68.85 4.90 4.44
CA GLY IB 143 -69.01 4.01 5.57
C GLY IB 143 -68.09 2.79 5.58
N ARG IB 144 -67.17 2.69 4.63
CA ARG IB 144 -66.22 1.60 4.54
C ARG IB 144 -64.97 2.12 3.86
N THR IB 145 -63.83 1.52 4.19
CA THR IB 145 -62.51 1.94 3.71
C THR IB 145 -62.37 1.89 2.19
N PRO JB 1 -117.06 56.34 -9.34
CA PRO JB 1 -117.64 55.80 -8.12
C PRO JB 1 -118.33 54.45 -8.32
N GLY JB 2 -117.54 53.37 -8.28
CA GLY JB 2 -118.09 52.03 -8.35
C GLY JB 2 -118.35 51.49 -6.97
N VAL JB 3 -117.62 50.45 -6.54
CA VAL JB 3 -116.60 49.78 -7.34
C VAL JB 3 -116.92 48.28 -7.38
N THR JB 4 -116.12 47.55 -8.14
CA THR JB 4 -116.19 46.10 -8.20
C THR JB 4 -114.87 45.52 -7.68
N VAL JB 5 -114.70 44.20 -7.82
CA VAL JB 5 -113.50 43.57 -7.28
C VAL JB 5 -112.32 43.70 -8.22
N LYS JB 6 -112.53 44.19 -9.43
CA LYS JB 6 -111.45 44.23 -10.42
C LYS JB 6 -110.48 45.38 -10.14
N ASP JB 7 -111.00 46.53 -9.70
CA ASP JB 7 -110.19 47.73 -9.53
C ASP JB 7 -109.77 47.97 -8.08
N VAL JB 8 -109.62 46.90 -7.30
CA VAL JB 8 -109.08 46.98 -5.95
C VAL JB 8 -107.85 46.07 -5.89
N ASN JB 9 -107.13 46.17 -4.77
CA ASN JB 9 -105.97 45.32 -4.53
C ASN JB 9 -106.45 43.89 -4.30
N GLN JB 10 -106.10 43.00 -5.22
CA GLN JB 10 -106.54 41.61 -5.16
C GLN JB 10 -106.02 40.81 -3.98
N GLN JB 11 -104.87 41.18 -3.45
CA GLN JB 11 -104.30 40.45 -2.33
C GLN JB 11 -104.94 40.87 -1.01
N GLU JB 12 -105.22 42.17 -0.86
CA GLU JB 12 -105.92 42.64 0.33
C GLU JB 12 -107.39 42.25 0.29
N PHE JB 13 -107.93 42.13 -0.91
CA PHE JB 13 -109.32 41.76 -1.08
C PHE JB 13 -109.61 40.40 -0.48
N VAL JB 14 -108.65 39.49 -0.56
CA VAL JB 14 -108.84 38.16 -0.01
C VAL JB 14 -108.89 38.22 1.51
N ARG JB 15 -107.96 38.96 2.10
CA ARG JB 15 -107.93 39.08 3.56
C ARG JB 15 -109.24 39.63 4.11
N ALA JB 16 -110.01 40.35 3.31
CA ALA JB 16 -111.30 40.89 3.74
C ALA JB 16 -112.45 39.91 3.52
N LEU JB 17 -112.43 39.19 2.40
CA LEU JB 17 -113.44 38.17 2.16
C LEU JB 17 -113.27 36.98 3.11
N ALA JB 18 -112.04 36.69 3.54
CA ALA JB 18 -111.85 35.65 4.54
C ALA JB 18 -112.39 36.08 5.89
N ALA JB 19 -112.27 37.37 6.22
CA ALA JB 19 -112.86 37.87 7.46
C ALA JB 19 -114.37 37.97 7.36
N PHE JB 20 -114.90 38.24 6.16
CA PHE JB 20 -116.34 38.31 5.97
C PHE JB 20 -116.99 36.95 6.12
N LEU JB 21 -116.32 35.90 5.65
CA LEU JB 21 -116.84 34.55 5.83
C LEU JB 21 -116.60 34.02 7.25
N LYS JB 22 -115.75 34.70 8.03
CA LYS JB 22 -115.45 34.26 9.39
C LYS JB 22 -116.61 34.59 10.33
N LYS JB 23 -117.00 35.87 10.39
CA LYS JB 23 -118.02 36.28 11.35
C LYS JB 23 -119.41 35.79 10.96
N SER JB 24 -119.63 35.54 9.67
CA SER JB 24 -120.89 34.95 9.20
C SER JB 24 -120.71 33.43 9.25
N GLY JB 25 -120.81 32.89 10.46
CA GLY JB 25 -120.48 31.50 10.71
C GLY JB 25 -121.47 30.49 10.17
N LYS JB 26 -121.67 30.50 8.85
CA LYS JB 26 -122.50 29.53 8.16
C LYS JB 26 -121.70 28.70 7.17
N LEU JB 27 -120.40 28.96 7.04
CA LEU JB 27 -119.55 28.20 6.13
C LEU JB 27 -119.16 26.89 6.79
N LYS JB 28 -119.58 25.77 6.19
CA LYS JB 28 -119.36 24.46 6.77
C LYS JB 28 -117.89 24.09 6.65
N VAL JB 29 -117.16 24.17 7.76
CA VAL JB 29 -115.77 23.76 7.84
C VAL JB 29 -115.70 22.28 8.16
N PRO JB 30 -114.98 21.48 7.38
CA PRO JB 30 -114.90 20.04 7.68
C PRO JB 30 -114.00 19.78 8.87
N GLU JB 31 -114.06 18.53 9.36
CA GLU JB 31 -113.50 18.18 10.66
C GLU JB 31 -112.04 17.75 10.62
N TRP JB 32 -111.36 17.97 9.50
CA TRP JB 32 -109.95 17.59 9.44
C TRP JB 32 -109.11 18.71 8.88
N VAL JB 33 -109.53 19.95 9.11
CA VAL JB 33 -108.79 21.12 8.61
C VAL JB 33 -107.52 21.43 9.37
N ASP JB 34 -107.21 20.64 10.40
CA ASP JB 34 -106.02 20.88 11.20
C ASP JB 34 -105.06 19.69 11.15
N THR JB 35 -105.22 18.84 10.14
CA THR JB 35 -104.39 17.67 9.97
C THR JB 35 -104.57 17.15 8.55
N VAL JB 36 -104.06 17.86 7.55
CA VAL JB 36 -104.25 17.41 6.18
C VAL JB 36 -103.14 17.69 5.19
N LYS JB 37 -102.21 18.58 5.53
CA LYS JB 37 -101.04 19.00 4.72
C LYS JB 37 -101.26 19.92 3.50
N LEU JB 38 -102.47 19.90 2.92
CA LEU JB 38 -102.88 20.75 1.79
C LEU JB 38 -102.19 20.67 0.41
N ALA JB 39 -102.14 19.47 -0.17
CA ALA JB 39 -101.58 19.27 -1.52
C ALA JB 39 -100.10 18.90 -1.54
N LYS JB 40 -99.82 17.60 -1.48
CA LYS JB 40 -98.57 16.93 -1.14
C LYS JB 40 -97.25 17.43 -1.72
N HIS JB 41 -97.26 18.44 -2.60
CA HIS JB 41 -96.02 19.08 -3.02
C HIS JB 41 -95.44 20.04 -1.98
N LYS JB 42 -95.92 20.00 -0.75
CA LYS JB 42 -95.46 20.85 0.33
C LYS JB 42 -95.72 20.12 1.64
N GLU JB 43 -94.81 20.29 2.61
CA GLU JB 43 -95.00 19.74 3.94
C GLU JB 43 -95.68 20.78 4.83
N LEU JB 44 -95.82 20.44 6.12
CA LEU JB 44 -96.15 21.41 7.17
C LEU JB 44 -97.46 22.18 6.98
N ALA JB 45 -98.61 21.52 7.22
CA ALA JB 45 -99.97 22.07 7.23
C ALA JB 45 -100.00 23.46 7.85
N PRO JB 46 -100.70 24.42 7.24
CA PRO JB 46 -100.23 25.81 7.21
C PRO JB 46 -100.20 26.53 8.54
N TYR JB 47 -99.45 27.63 8.56
CA TYR JB 47 -99.30 28.50 9.72
C TYR JB 47 -100.51 29.43 9.84
N ASP JB 48 -101.67 28.82 10.07
CA ASP JB 48 -102.92 29.54 10.26
C ASP JB 48 -103.91 28.55 10.87
N GLU JB 49 -104.56 28.97 11.96
CA GLU JB 49 -105.57 28.10 12.57
C GLU JB 49 -106.83 28.01 11.73
N ASN JB 50 -107.08 28.98 10.86
CA ASN JB 50 -108.28 29.05 10.05
C ASN JB 50 -107.93 29.37 8.59
N TRP JB 51 -107.01 28.58 8.04
CA TRP JB 51 -106.63 28.68 6.63
C TRP JB 51 -107.79 28.35 5.69
N PHE JB 52 -108.81 27.63 6.16
CA PHE JB 52 -109.94 27.23 5.32
C PHE JB 52 -110.75 28.42 4.85
N TYR JB 53 -110.72 29.53 5.58
CA TYR JB 53 -111.47 30.71 5.17
C TYR JB 53 -110.72 31.48 4.08
N THR JB 54 -109.39 31.54 4.15
CA THR JB 54 -108.62 32.18 3.09
C THR JB 54 -108.63 31.36 1.81
N ARG JB 55 -108.72 30.03 1.93
CA ARG JB 55 -108.85 29.21 0.73
C ARG JB 55 -110.25 29.29 0.15
N ALA JB 56 -111.27 29.37 1.01
CA ALA JB 56 -112.63 29.56 0.51
C ALA JB 56 -112.86 30.96 -0.02
N ALA JB 57 -112.03 31.91 0.39
CA ALA JB 57 -112.18 33.28 -0.07
C ALA JB 57 -111.63 33.37 -1.47
N SER JB 58 -110.36 32.99 -1.64
CA SER JB 58 -109.72 33.05 -2.94
C SER JB 58 -110.39 32.15 -3.97
N THR JB 59 -110.90 30.99 -3.55
CA THR JB 59 -111.60 30.12 -4.48
C THR JB 59 -112.83 30.83 -4.99
N ALA JB 60 -113.56 31.50 -4.10
CA ALA JB 60 -114.76 32.23 -4.50
C ALA JB 60 -114.37 33.36 -5.42
N ARG JB 61 -113.27 34.05 -5.11
CA ARG JB 61 -112.79 35.16 -5.92
C ARG JB 61 -112.23 34.70 -7.25
N HIS JB 62 -111.74 33.47 -7.32
CA HIS JB 62 -111.22 32.92 -8.56
C HIS JB 62 -112.37 32.50 -9.47
N LEU JB 63 -113.53 32.20 -8.87
CA LEU JB 63 -114.73 31.84 -9.62
C LEU JB 63 -115.44 33.06 -10.18
N TYR JB 64 -115.12 34.22 -9.64
CA TYR JB 64 -115.69 35.47 -10.10
C TYR JB 64 -115.05 35.90 -11.40
N LEU JB 65 -113.80 35.52 -11.60
CA LEU JB 65 -113.08 35.84 -12.83
C LEU JB 65 -113.39 34.79 -13.90
N ARG JB 66 -112.78 33.62 -13.81
CA ARG JB 66 -113.04 32.55 -14.77
C ARG JB 66 -114.07 31.61 -14.18
N GLY JB 67 -115.28 31.64 -14.72
CA GLY JB 67 -116.31 30.73 -14.29
C GLY JB 67 -116.13 29.35 -14.89
N GLY JB 68 -116.99 28.43 -14.45
CA GLY JB 68 -116.99 27.09 -15.02
C GLY JB 68 -115.83 26.21 -14.58
N ALA JB 69 -115.15 26.55 -13.50
CA ALA JB 69 -114.02 25.78 -13.01
C ALA JB 69 -114.49 24.72 -12.02
N GLY JB 70 -114.13 23.48 -12.27
CA GLY JB 70 -114.51 22.38 -11.42
C GLY JB 70 -113.49 22.11 -10.32
N VAL JB 71 -113.38 20.84 -9.93
CA VAL JB 71 -112.44 20.48 -8.87
C VAL JB 71 -111.05 20.20 -9.45
N GLY JB 72 -110.95 19.80 -10.72
CA GLY JB 72 -109.66 19.60 -11.32
C GLY JB 72 -108.97 20.88 -11.70
N SER JB 73 -109.74 21.92 -12.04
CA SER JB 73 -109.15 23.21 -12.35
C SER JB 73 -108.65 23.92 -11.10
N MET JB 74 -109.33 23.73 -9.97
CA MET JB 74 -108.89 24.32 -8.71
C MET JB 74 -107.66 23.61 -8.15
N THR JB 75 -107.44 22.35 -8.52
CA THR JB 75 -106.17 21.73 -8.17
C THR JB 75 -105.03 22.29 -9.00
N LYS JB 76 -105.31 22.72 -10.24
CA LYS JB 76 -104.27 23.29 -11.08
C LYS JB 76 -103.84 24.67 -10.60
N ILE JB 77 -104.76 25.43 -10.01
CA ILE JB 77 -104.43 26.79 -9.60
C ILE JB 77 -103.55 26.77 -8.36
N TYR JB 78 -103.81 25.85 -7.43
CA TYR JB 78 -103.10 25.80 -6.15
C TYR JB 78 -102.02 24.73 -6.13
N GLY JB 79 -101.31 24.56 -7.25
CA GLY JB 79 -100.18 23.67 -7.32
C GLY JB 79 -98.88 24.43 -7.44
N GLY JB 80 -97.79 23.72 -7.23
CA GLY JB 80 -96.49 24.34 -7.24
C GLY JB 80 -95.38 23.34 -7.39
N ARG JB 81 -94.18 23.73 -6.97
CA ARG JB 81 -93.03 22.84 -7.04
C ARG JB 81 -93.11 21.75 -6.00
N GLN JB 82 -92.97 20.51 -6.44
CA GLN JB 82 -92.66 19.40 -5.55
C GLN JB 82 -91.16 19.19 -5.61
N ARG JB 83 -90.46 19.60 -4.56
CA ARG JB 83 -89.04 19.32 -4.45
C ARG JB 83 -88.86 17.84 -4.14
N ASN JB 84 -88.26 17.11 -5.07
CA ASN JB 84 -88.22 15.64 -5.02
C ASN JB 84 -87.02 15.12 -4.25
N GLY JB 85 -86.50 15.89 -3.30
CA GLY JB 85 -85.34 15.45 -2.57
C GLY JB 85 -84.08 15.71 -3.37
N VAL JB 86 -83.56 14.66 -3.99
CA VAL JB 86 -82.34 14.77 -4.77
C VAL JB 86 -82.63 14.86 -6.27
N MET JB 87 -83.84 14.53 -6.70
CA MET JB 87 -84.24 14.64 -8.09
C MET JB 87 -84.69 16.07 -8.37
N PRO JB 88 -84.76 16.48 -9.64
CA PRO JB 88 -85.26 17.83 -9.95
C PRO JB 88 -86.76 17.98 -9.64
N SER JB 89 -87.15 19.24 -9.46
CA SER JB 89 -88.50 19.59 -9.08
C SER JB 89 -89.45 19.46 -10.26
N HIS JB 90 -90.75 19.43 -9.96
CA HIS JB 90 -91.78 19.37 -10.98
C HIS JB 90 -93.01 20.10 -10.47
N PHE JB 91 -93.78 20.67 -11.39
CA PHE JB 91 -95.14 21.04 -11.10
C PHE JB 91 -95.95 19.79 -10.83
N SER JB 92 -96.46 19.65 -9.61
CA SER JB 92 -97.41 18.60 -9.30
C SER JB 92 -98.68 19.25 -8.78
N ARG JB 93 -99.81 18.73 -9.21
CA ARG JB 93 -101.09 19.39 -9.08
C ARG JB 93 -101.58 19.27 -7.65
N GLY JB 94 -102.50 20.16 -7.26
CA GLY JB 94 -102.98 20.27 -5.90
C GLY JB 94 -103.83 19.13 -5.36
N SER JB 95 -104.52 19.38 -4.26
CA SER JB 95 -105.26 18.33 -3.56
C SER JB 95 -106.72 18.38 -3.96
N LYS JB 96 -107.30 17.19 -4.20
CA LYS JB 96 -108.61 17.11 -4.81
C LYS JB 96 -109.72 17.35 -3.79
N SER JB 97 -109.72 16.62 -2.68
CA SER JB 97 -110.82 16.70 -1.73
C SER JB 97 -110.63 17.76 -0.67
N VAL JB 98 -109.74 18.72 -0.89
CA VAL JB 98 -109.79 19.97 -0.14
C VAL JB 98 -110.32 21.11 -1.01
N ALA JB 99 -110.24 21.00 -2.33
CA ALA JB 99 -110.89 21.96 -3.20
C ALA JB 99 -112.34 21.60 -3.42
N ARG JB 100 -112.69 20.31 -3.32
CA ARG JB 100 -114.08 19.89 -3.43
C ARG JB 100 -114.85 20.29 -2.18
N ARG JB 101 -114.25 20.13 -1.01
CA ARG JB 101 -114.90 20.53 0.23
C ARG JB 101 -114.97 22.04 0.38
N VAL JB 102 -114.19 22.80 -0.36
CA VAL JB 102 -114.39 24.25 -0.44
C VAL JB 102 -115.57 24.57 -1.35
N LEU JB 103 -115.59 23.98 -2.54
CA LEU JB 103 -116.67 24.24 -3.49
C LEU JB 103 -118.01 23.69 -3.01
N GLN JB 104 -118.00 22.63 -2.20
CA GLN JB 104 -119.23 22.19 -1.56
C GLN JB 104 -119.61 23.04 -0.35
N ALA JB 105 -118.64 23.73 0.25
CA ALA JB 105 -118.96 24.60 1.39
C ALA JB 105 -119.66 25.86 0.95
N LEU JB 106 -119.51 26.27 -0.30
CA LEU JB 106 -120.20 27.44 -0.82
C LEU JB 106 -121.50 27.10 -1.54
N GLU JB 107 -121.75 25.82 -1.82
CA GLU JB 107 -123.07 25.41 -2.32
C GLU JB 107 -124.15 25.55 -1.27
N GLY JB 108 -123.80 25.51 0.01
CA GLY JB 108 -124.77 25.67 1.08
C GLY JB 108 -124.89 27.11 1.52
N LEU JB 109 -123.85 27.89 1.23
CA LEU JB 109 -123.83 29.31 1.55
C LEU JB 109 -124.50 30.15 0.46
N LYS JB 110 -124.96 29.50 -0.62
CA LYS JB 110 -125.59 30.12 -1.78
C LYS JB 110 -124.68 31.17 -2.43
N MET JB 111 -123.46 30.75 -2.75
CA MET JB 111 -122.53 31.57 -3.52
C MET JB 111 -122.08 30.93 -4.82
N VAL JB 112 -122.04 29.59 -4.90
CA VAL JB 112 -121.66 28.93 -6.15
C VAL JB 112 -122.84 28.11 -6.67
N GLU JB 113 -122.67 27.55 -7.86
CA GLU JB 113 -123.79 26.94 -8.57
C GLU JB 113 -123.28 26.02 -9.69
N LYS JB 114 -123.85 24.83 -9.81
CA LYS JB 114 -123.53 23.97 -10.94
C LYS JB 114 -124.11 24.53 -12.23
N ASP JB 115 -123.52 24.16 -13.34
CA ASP JB 115 -123.76 24.83 -14.61
C ASP JB 115 -124.34 23.86 -15.64
N GLN JB 116 -124.63 24.39 -16.83
CA GLN JB 116 -125.03 23.54 -17.94
C GLN JB 116 -123.85 22.71 -18.43
N ASP JB 117 -122.70 23.35 -18.61
CA ASP JB 117 -121.44 22.65 -18.75
C ASP JB 117 -120.92 22.27 -17.36
N GLY JB 118 -119.69 21.78 -17.29
CA GLY JB 118 -119.12 21.40 -16.02
C GLY JB 118 -118.69 22.59 -15.19
N GLY JB 119 -118.21 22.29 -13.99
CA GLY JB 119 -117.66 23.31 -13.13
C GLY JB 119 -118.72 24.07 -12.36
N ARG JB 120 -118.30 25.21 -11.81
CA ARG JB 120 -119.13 26.05 -10.97
C ARG JB 120 -118.91 27.51 -11.32
N LYS JB 121 -119.97 28.29 -11.27
CA LYS JB 121 -119.93 29.74 -11.45
C LYS JB 121 -120.40 30.41 -10.18
N LEU JB 122 -120.39 31.74 -10.17
CA LEU JB 122 -121.01 32.50 -9.09
C LEU JB 122 -122.47 32.77 -9.43
N THR JB 123 -123.35 32.44 -8.48
CA THR JB 123 -124.74 32.85 -8.57
C THR JB 123 -124.84 34.36 -8.38
N PRO JB 124 -125.90 34.99 -8.89
CA PRO JB 124 -126.08 36.44 -8.64
C PRO JB 124 -126.22 36.82 -7.18
N GLN JB 125 -126.61 35.88 -6.31
CA GLN JB 125 -126.47 36.06 -4.87
C GLN JB 125 -125.00 36.20 -4.48
N GLY JB 126 -124.10 35.50 -5.18
CA GLY JB 126 -122.71 35.42 -4.78
C GLY JB 126 -121.87 36.65 -5.08
N GLN JB 127 -121.92 37.14 -6.32
CA GLN JB 127 -121.15 38.33 -6.67
C GLN JB 127 -121.74 39.63 -6.12
N ARG JB 128 -122.94 39.57 -5.54
CA ARG JB 128 -123.42 40.67 -4.73
C ARG JB 128 -122.56 40.85 -3.48
N ASP JB 129 -122.04 39.74 -2.94
CA ASP JB 129 -121.28 39.79 -1.72
C ASP JB 129 -119.83 40.19 -1.96
N LEU JB 130 -119.28 39.75 -3.09
CA LEU JB 130 -117.90 40.07 -3.43
C LEU JB 130 -117.72 41.53 -3.84
N ASP JB 131 -118.67 42.05 -4.62
CA ASP JB 131 -118.59 43.43 -5.10
C ASP JB 131 -118.89 44.44 -4.00
N ARG JB 132 -119.65 44.04 -2.97
CA ARG JB 132 -119.98 44.95 -1.90
C ARG JB 132 -118.78 45.19 -0.99
N ILE JB 133 -118.09 44.13 -0.59
CA ILE JB 133 -116.91 44.28 0.25
C ILE JB 133 -115.71 44.78 -0.53
N ALA JB 134 -115.77 44.77 -1.86
CA ALA JB 134 -114.74 45.43 -2.66
C ALA JB 134 -114.78 46.94 -2.48
N GLY JB 135 -115.96 47.50 -2.23
CA GLY JB 135 -116.05 48.89 -1.83
C GLY JB 135 -115.53 49.12 -0.43
N GLN JB 136 -115.58 48.09 0.43
CA GLN JB 136 -115.06 48.22 1.78
C GLN JB 136 -113.53 48.23 1.80
N VAL JB 137 -112.91 47.51 0.85
CA VAL JB 137 -111.45 47.53 0.77
C VAL JB 137 -110.96 48.86 0.21
N ALA JB 138 -111.62 49.36 -0.84
CA ALA JB 138 -111.23 50.62 -1.44
C ALA JB 138 -111.52 51.82 -0.56
N ALA JB 139 -112.49 51.70 0.35
CA ALA JB 139 -112.75 52.79 1.31
C ALA JB 139 -111.62 52.89 2.33
N ALA JB 140 -110.96 51.78 2.63
CA ALA JB 140 -109.86 51.79 3.59
C ALA JB 140 -108.52 52.14 2.94
N ASN JB 141 -108.40 51.97 1.63
CA ASN JB 141 -107.13 52.26 0.95
C ASN JB 141 -106.93 53.75 0.70
N LYS JB 142 -107.96 54.57 0.87
CA LYS JB 142 -107.80 56.01 0.82
C LYS JB 142 -107.34 56.55 2.17
N LYS JB 143 -107.70 55.88 3.26
CA LYS JB 143 -107.34 56.31 4.60
C LYS JB 143 -105.86 56.06 4.88
N ILE KB 1 -130.16 22.76 -51.95
CA ILE KB 1 -129.16 23.71 -51.49
C ILE KB 1 -128.70 23.34 -50.09
N HIS KB 2 -127.40 23.12 -49.95
CA HIS KB 2 -126.80 22.68 -48.70
C HIS KB 2 -125.73 23.68 -48.25
N ARG KB 3 -125.09 23.37 -47.13
CA ARG KB 3 -123.98 24.15 -46.59
C ARG KB 3 -122.83 23.16 -46.35
N ILE KB 4 -122.07 22.89 -47.39
CA ILE KB 4 -121.10 21.81 -47.38
C ILE KB 4 -119.70 22.36 -47.17
N ARG KB 5 -118.82 21.51 -46.65
CA ARG KB 5 -117.45 21.89 -46.30
C ARG KB 5 -116.49 20.91 -46.96
N ILE KB 6 -115.69 21.41 -47.90
CA ILE KB 6 -114.62 20.64 -48.51
C ILE KB 6 -113.35 20.89 -47.72
N THR KB 7 -112.58 19.83 -47.48
CA THR KB 7 -111.31 19.93 -46.76
C THR KB 7 -110.19 19.44 -47.66
N LEU KB 8 -109.11 20.21 -47.76
CA LEU KB 8 -108.00 19.92 -48.66
C LEU KB 8 -106.74 19.80 -47.83
N THR KB 9 -106.14 18.61 -47.85
CA THR KB 9 -104.90 18.34 -47.12
C THR KB 9 -103.82 17.96 -48.10
N SER KB 10 -102.59 18.44 -47.85
CA SER KB 10 -101.47 18.17 -48.74
C SER KB 10 -100.18 18.32 -47.95
N ARG KB 11 -99.08 17.93 -48.59
CA ARG KB 11 -97.75 18.07 -48.00
C ARG KB 11 -96.90 19.16 -48.64
N ASN KB 12 -97.29 19.63 -49.83
CA ASN KB 12 -96.63 20.74 -50.48
C ASN KB 12 -97.64 21.84 -50.81
N VAL KB 13 -97.25 23.08 -50.55
CA VAL KB 13 -98.21 24.18 -50.66
C VAL KB 13 -98.41 24.60 -52.12
N LYS KB 14 -97.37 24.54 -52.96
CA LYS KB 14 -97.49 24.99 -54.34
C LYS KB 14 -98.34 24.04 -55.19
N SER KB 15 -98.49 22.79 -54.76
CA SER KB 15 -99.42 21.87 -55.38
C SER KB 15 -100.82 21.95 -54.81
N LEU KB 16 -100.98 22.59 -53.65
CA LEU KB 16 -102.28 22.78 -53.02
C LEU KB 16 -102.88 24.13 -53.34
N GLU KB 17 -102.06 25.17 -53.52
CA GLU KB 17 -102.56 26.48 -53.90
C GLU KB 17 -103.13 26.50 -55.32
N LYS KB 18 -102.75 25.54 -56.17
CA LYS KB 18 -103.35 25.44 -57.48
C LYS KB 18 -104.69 24.72 -57.43
N VAL KB 19 -104.78 23.68 -56.60
CA VAL KB 19 -106.02 22.91 -56.48
C VAL KB 19 -107.06 23.73 -55.73
N CYS KB 20 -106.64 24.46 -54.69
CA CYS KB 20 -107.58 25.24 -53.90
C CYS KB 20 -108.09 26.45 -54.68
N ALA KB 21 -107.25 27.04 -55.53
CA ALA KB 21 -107.73 28.12 -56.39
C ALA KB 21 -108.59 27.61 -57.53
N ASP KB 22 -108.47 26.33 -57.88
CA ASP KB 22 -109.34 25.75 -58.91
C ASP KB 22 -110.76 25.63 -58.39
N LEU KB 23 -110.93 25.31 -57.11
CA LEU KB 23 -112.26 25.13 -56.55
C LEU KB 23 -112.96 26.46 -56.29
N ILE KB 24 -112.21 27.54 -56.10
CA ILE KB 24 -112.82 28.85 -55.86
C ILE KB 24 -113.40 29.42 -57.14
N ARG KB 25 -112.56 29.62 -58.16
CA ARG KB 25 -113.05 30.16 -59.43
C ARG KB 25 -113.90 29.14 -60.19
N GLY KB 26 -113.75 27.85 -59.88
CA GLY KB 26 -114.65 26.84 -60.42
C GLY KB 26 -116.07 26.96 -59.90
N ALA KB 27 -116.27 27.58 -58.74
CA ALA KB 27 -117.60 27.84 -58.22
C ALA KB 27 -117.98 29.31 -58.25
N LYS KB 28 -117.05 30.22 -58.54
CA LYS KB 28 -117.42 31.58 -58.87
C LYS KB 28 -117.89 31.69 -60.31
N GLU KB 29 -117.41 30.82 -61.19
CA GLU KB 29 -117.92 30.76 -62.55
C GLU KB 29 -119.31 30.14 -62.57
N LYS KB 30 -119.59 29.19 -61.69
CA LYS KB 30 -120.90 28.60 -61.53
C LYS KB 30 -121.70 29.25 -60.41
N ASN KB 31 -121.51 30.56 -60.23
CA ASN KB 31 -122.30 31.54 -59.43
C ASN KB 31 -122.85 30.99 -58.11
N LEU KB 32 -121.92 30.53 -57.28
CA LEU KB 32 -122.22 30.09 -55.91
C LEU KB 32 -121.65 31.09 -54.91
N LYS KB 33 -122.20 31.09 -53.71
CA LYS KB 33 -121.69 31.93 -52.62
C LYS KB 33 -120.64 31.14 -51.87
N VAL KB 34 -119.38 31.47 -52.08
CA VAL KB 34 -118.25 30.68 -51.61
C VAL KB 34 -117.52 31.46 -50.53
N LYS KB 35 -117.52 30.92 -49.32
CA LYS KB 35 -116.62 31.44 -48.30
C LYS KB 35 -115.20 31.02 -48.66
N GLY KB 36 -114.25 31.94 -48.44
CA GLY KB 36 -112.94 31.82 -49.02
C GLY KB 36 -112.12 30.70 -48.39
N PRO KB 37 -110.93 30.47 -48.95
CA PRO KB 37 -110.02 29.45 -48.40
C PRO KB 37 -109.52 29.81 -47.01
N VAL KB 38 -109.95 29.04 -46.02
CA VAL KB 38 -109.52 29.24 -44.65
C VAL KB 38 -108.33 28.32 -44.39
N ARG KB 39 -107.24 28.89 -43.88
CA ARG KB 39 -105.98 28.18 -43.75
C ARG KB 39 -105.75 27.81 -42.30
N MET KB 40 -105.83 26.52 -42.00
CA MET KB 40 -105.51 25.99 -40.68
C MET KB 40 -104.01 26.14 -40.42
N PRO KB 41 -103.60 26.16 -39.15
CA PRO KB 41 -102.16 26.11 -38.87
C PRO KB 41 -101.58 24.77 -39.27
N THR KB 42 -100.33 24.81 -39.72
CA THR KB 42 -99.71 23.63 -40.28
C THR KB 42 -99.26 22.68 -39.17
N LYS KB 43 -98.98 21.45 -39.56
CA LYS KB 43 -98.62 20.37 -38.63
C LYS KB 43 -97.27 19.82 -39.03
N THR KB 44 -96.22 20.24 -38.32
CA THR KB 44 -94.88 19.73 -38.56
C THR KB 44 -94.67 18.49 -37.70
N LEU KB 45 -94.04 17.47 -38.28
CA LEU KB 45 -93.88 16.18 -37.63
C LEU KB 45 -92.38 15.88 -37.55
N ARG KB 46 -91.82 15.85 -36.34
CA ARG KB 46 -90.40 16.11 -36.17
C ARG KB 46 -89.64 14.96 -35.52
N ILE KB 47 -89.73 13.77 -36.13
CA ILE KB 47 -88.85 12.66 -35.79
C ILE KB 47 -87.39 13.08 -35.86
N THR KB 48 -86.65 12.84 -34.78
CA THR KB 48 -85.22 13.14 -34.67
C THR KB 48 -84.49 11.85 -34.35
N THR KB 49 -83.43 11.56 -35.11
CA THR KB 49 -82.77 10.26 -35.05
C THR KB 49 -81.28 10.48 -34.79
N ARG KB 50 -80.64 9.48 -34.20
CA ARG KB 50 -79.24 9.53 -33.76
C ARG KB 50 -78.25 9.55 -34.92
N LYS KB 51 -78.69 9.19 -36.14
CA LYS KB 51 -77.98 9.22 -37.44
C LYS KB 51 -76.92 8.13 -37.56
N THR KB 52 -76.61 7.43 -36.48
CA THR KB 52 -75.56 6.43 -36.59
C THR KB 52 -76.14 5.03 -36.54
N PRO KB 53 -75.68 4.11 -37.38
CA PRO KB 53 -76.13 2.72 -37.25
C PRO KB 53 -75.59 2.03 -36.01
N CYS KB 54 -74.33 2.29 -35.66
CA CYS KB 54 -73.74 1.85 -34.41
C CYS KB 54 -73.94 2.94 -33.35
N GLY KB 55 -73.23 2.83 -32.23
CA GLY KB 55 -73.21 3.86 -31.24
C GLY KB 55 -71.99 4.76 -31.26
N GLU KB 56 -71.03 4.49 -32.14
CA GLU KB 56 -69.81 5.26 -32.18
C GLU KB 56 -70.00 6.52 -33.02
N GLY KB 57 -69.43 7.63 -32.56
CA GLY KB 57 -69.50 8.87 -33.31
C GLY KB 57 -69.25 10.05 -32.39
N SER KB 58 -69.62 11.23 -32.88
CA SER KB 58 -69.54 12.46 -32.11
C SER KB 58 -70.92 12.99 -31.74
N LYS KB 59 -71.93 12.12 -31.70
CA LYS KB 59 -73.29 12.42 -31.25
C LYS KB 59 -73.93 13.51 -32.10
N THR KB 60 -74.09 13.20 -33.38
CA THR KB 60 -74.70 14.12 -34.35
C THR KB 60 -76.11 13.63 -34.65
N TRP KB 61 -77.10 14.38 -34.21
CA TRP KB 61 -78.49 14.02 -34.40
C TRP KB 61 -78.95 14.39 -35.82
N ASP KB 62 -80.18 14.03 -36.15
CA ASP KB 62 -80.64 14.04 -37.54
C ASP KB 62 -82.10 14.47 -37.53
N ARG KB 63 -82.35 15.74 -37.82
CA ARG KB 63 -83.67 16.35 -37.63
C ARG KB 63 -84.47 16.25 -38.93
N PHE KB 64 -85.36 15.27 -39.01
CA PHE KB 64 -86.31 15.15 -40.10
C PHE KB 64 -87.61 15.85 -39.70
N GLN KB 65 -88.28 16.46 -40.68
CA GLN KB 65 -89.58 17.06 -40.41
C GLN KB 65 -90.42 17.07 -41.67
N MET KB 66 -91.74 17.11 -41.48
CA MET KB 66 -92.71 17.04 -42.57
C MET KB 66 -93.90 17.92 -42.21
N ARG KB 67 -94.05 19.04 -42.91
CA ARG KB 67 -95.20 19.91 -42.67
C ARG KB 67 -96.43 19.40 -43.42
N ILE KB 68 -97.59 19.56 -42.80
CA ILE KB 68 -98.87 19.18 -43.37
C ILE KB 68 -99.74 20.42 -43.43
N HIS KB 69 -100.14 20.79 -44.64
CA HIS KB 69 -100.95 21.97 -44.87
C HIS KB 69 -102.40 21.55 -45.05
N LYS KB 70 -103.32 22.29 -44.43
CA LYS KB 70 -104.72 21.92 -44.46
C LYS KB 70 -105.55 23.18 -44.68
N ARG KB 71 -106.31 23.20 -45.77
CA ARG KB 71 -107.16 24.32 -46.14
C ARG KB 71 -108.57 23.80 -46.41
N LEU KB 72 -109.56 24.61 -46.06
CA LEU KB 72 -110.95 24.20 -46.16
C LEU KB 72 -111.78 25.27 -46.84
N ILE KB 73 -112.74 24.82 -47.65
CA ILE KB 73 -113.62 25.69 -48.43
C ILE KB 73 -115.06 25.35 -48.06
N ASP KB 74 -115.84 26.36 -47.74
CA ASP KB 74 -117.25 26.19 -47.36
C ASP KB 74 -118.13 26.75 -48.47
N LEU KB 75 -119.09 25.94 -48.93
CA LEU KB 75 -119.89 26.28 -50.10
C LEU KB 75 -121.35 26.51 -49.71
N HIS KB 76 -122.16 26.81 -50.73
CA HIS KB 76 -123.58 27.09 -50.58
C HIS KB 76 -124.35 26.36 -51.70
N SER KB 77 -124.02 25.10 -51.90
CA SER KB 77 -124.38 24.42 -53.13
C SER KB 77 -125.20 23.16 -52.86
N PRO KB 78 -126.04 22.74 -53.81
CA PRO KB 78 -126.68 21.43 -53.71
C PRO KB 78 -125.70 20.29 -53.94
N SER KB 79 -126.17 19.06 -53.74
CA SER KB 79 -125.31 17.89 -53.73
C SER KB 79 -124.86 17.43 -55.12
N GLU KB 80 -125.42 18.00 -56.19
CA GLU KB 80 -125.18 17.47 -57.53
C GLU KB 80 -124.10 18.22 -58.29
N ILE KB 81 -124.20 19.55 -58.37
CA ILE KB 81 -123.27 20.33 -59.18
C ILE KB 81 -121.89 20.49 -58.56
N VAL KB 82 -121.69 20.02 -57.33
CA VAL KB 82 -120.36 20.05 -56.74
C VAL KB 82 -119.52 18.87 -57.22
N LYS KB 83 -120.15 17.83 -57.78
CA LYS KB 83 -119.42 16.61 -58.11
C LYS KB 83 -118.53 16.81 -59.34
N GLN KB 84 -118.99 17.60 -60.31
CA GLN KB 84 -118.11 17.95 -61.41
C GLN KB 84 -117.15 19.08 -61.05
N ILE KB 85 -117.37 19.76 -59.93
CA ILE KB 85 -116.36 20.68 -59.40
C ILE KB 85 -115.29 19.90 -58.63
N THR KB 86 -115.70 18.83 -57.94
CA THR KB 86 -114.76 18.05 -57.15
C THR KB 86 -113.86 17.17 -58.01
N SER KB 87 -114.42 16.54 -59.05
CA SER KB 87 -113.74 15.48 -59.78
C SER KB 87 -113.00 15.97 -61.01
N ILE KB 88 -112.50 17.21 -61.01
CA ILE KB 88 -111.74 17.74 -62.13
C ILE KB 88 -110.31 18.13 -61.76
N SER KB 89 -109.91 17.95 -60.50
CA SER KB 89 -108.55 18.30 -60.08
C SER KB 89 -108.14 17.34 -58.97
N ILE KB 90 -107.43 16.28 -59.34
CA ILE KB 90 -106.97 15.31 -58.35
C ILE KB 90 -105.63 15.78 -57.80
N GLU KB 91 -104.60 15.83 -58.68
CA GLU KB 91 -103.23 16.29 -58.41
C GLU KB 91 -102.66 15.57 -57.19
N PRO KB 92 -102.17 14.31 -57.37
CA PRO KB 92 -102.15 13.29 -56.30
C PRO KB 92 -101.60 13.63 -54.92
N GLY KB 93 -100.89 14.75 -54.78
CA GLY KB 93 -100.46 15.18 -53.46
C GLY KB 93 -101.56 15.75 -52.60
N VAL KB 94 -102.71 16.08 -53.19
CA VAL KB 94 -103.83 16.69 -52.49
C VAL KB 94 -104.90 15.63 -52.26
N GLU KB 95 -105.36 15.52 -51.02
CA GLU KB 95 -106.43 14.61 -50.64
C GLU KB 95 -107.69 15.42 -50.37
N VAL KB 96 -108.50 15.61 -51.41
CA VAL KB 96 -109.75 16.34 -51.29
C VAL KB 96 -110.78 15.46 -50.60
N GLU KB 97 -111.26 15.93 -49.44
CA GLU KB 97 -112.26 15.22 -48.66
C GLU KB 97 -113.44 16.15 -48.44
N VAL KB 98 -114.60 15.77 -48.97
CA VAL KB 98 -115.81 16.58 -48.89
C VAL KB 98 -116.68 16.02 -47.77
N THR KB 99 -116.99 16.85 -46.78
CA THR KB 99 -117.83 16.46 -45.67
C THR KB 99 -119.30 16.66 -46.03
N ILE KB 100 -120.18 16.47 -45.05
CA ILE KB 100 -121.62 16.58 -45.27
C ILE KB 100 -122.12 17.84 -44.57
N ALA KB 101 -123.30 18.30 -44.98
CA ALA KB 101 -123.74 19.64 -44.63
C ALA KB 101 -124.39 19.71 -43.25
N ASP KB 102 -125.28 18.76 -42.94
CA ASP KB 102 -126.12 18.89 -41.76
C ASP KB 102 -125.33 18.68 -40.47
N ALA KB 103 -124.76 17.49 -40.30
CA ALA KB 103 -123.90 17.10 -39.19
C ALA KB 103 -124.50 17.31 -37.79
N MET LB 1 -29.21 9.29 -101.65
CA MET LB 1 -29.61 9.53 -103.04
C MET LB 1 -28.57 8.98 -104.01
N GLN LB 2 -29.00 8.83 -105.27
CA GLN LB 2 -28.14 8.58 -106.43
C GLN LB 2 -27.33 7.29 -106.27
N ASN LB 3 -28.03 6.20 -106.53
CA ASN LB 3 -27.42 4.90 -106.50
C ASN LB 3 -26.87 4.58 -107.88
N ASP LB 4 -26.53 3.32 -108.09
CA ASP LB 4 -25.93 2.94 -109.36
C ASP LB 4 -26.92 3.11 -110.52
N ALA LB 5 -28.18 2.74 -110.30
CA ALA LB 5 -29.18 2.84 -111.36
C ALA LB 5 -29.51 4.28 -111.69
N GLY LB 6 -29.49 5.18 -110.70
CA GLY LB 6 -29.58 6.59 -111.00
C GLY LB 6 -30.66 7.37 -110.27
N GLU LB 7 -31.64 6.66 -109.72
CA GLU LB 7 -32.74 7.34 -109.04
C GLU LB 7 -32.29 7.95 -107.72
N PHE LB 8 -33.06 8.93 -107.27
CA PHE LB 8 -32.79 9.61 -106.01
C PHE LB 8 -33.44 8.80 -104.90
N VAL LB 9 -32.65 7.99 -104.21
CA VAL LB 9 -33.17 7.17 -103.14
C VAL LB 9 -33.12 8.01 -101.87
N ASP LB 10 -34.15 8.83 -101.71
CA ASP LB 10 -34.29 9.73 -100.57
C ASP LB 10 -35.75 10.17 -100.53
N LEU LB 11 -36.24 10.47 -99.33
CA LEU LB 11 -37.60 10.96 -99.19
C LEU LB 11 -37.71 12.39 -99.72
N TYR LB 12 -36.88 13.29 -99.19
CA TYR LB 12 -36.84 14.65 -99.69
C TYR LB 12 -35.43 15.19 -99.50
N VAL LB 13 -35.20 16.36 -100.09
CA VAL LB 13 -33.93 17.07 -99.97
C VAL LB 13 -34.17 18.26 -99.04
N PRO LB 14 -33.63 18.25 -97.83
CA PRO LB 14 -33.93 19.32 -96.87
C PRO LB 14 -33.24 20.63 -97.25
N ARG LB 15 -33.65 21.68 -96.57
CA ARG LB 15 -33.12 23.01 -96.85
C ARG LB 15 -31.83 23.23 -96.07
N LYS LB 16 -30.96 24.05 -96.63
CA LYS LB 16 -29.70 24.41 -96.00
C LYS LB 16 -29.68 25.89 -95.71
N CYS LB 17 -29.28 26.25 -94.49
CA CYS LB 17 -29.26 27.65 -94.07
C CYS LB 17 -28.44 28.47 -95.05
N SER LB 18 -29.03 29.56 -95.53
CA SER LB 18 -28.35 30.41 -96.48
C SER LB 18 -27.30 31.31 -95.81
N ALA LB 19 -27.19 31.26 -94.49
CA ALA LB 19 -26.16 32.01 -93.77
C ALA LB 19 -25.01 31.14 -93.29
N SER LB 20 -25.25 29.86 -93.01
CA SER LB 20 -24.20 29.03 -92.43
C SER LB 20 -24.11 27.64 -93.03
N ASN LB 21 -24.78 27.38 -94.16
CA ASN LB 21 -24.67 26.17 -95.00
C ASN LB 21 -25.09 24.89 -94.27
N ARG LB 22 -25.79 24.98 -93.14
CA ARG LB 22 -26.15 23.81 -92.38
C ARG LB 22 -27.63 23.48 -92.54
N ILE LB 23 -27.97 22.22 -92.29
CA ILE LB 23 -29.30 21.68 -92.60
C ILE LB 23 -30.34 22.28 -91.66
N ILE LB 24 -31.43 22.77 -92.25
CA ILE LB 24 -32.64 23.11 -91.49
C ILE LB 24 -33.43 21.81 -91.30
N GLY LB 25 -33.55 21.37 -90.06
CA GLY LB 25 -34.19 20.11 -89.77
C GLY LB 25 -35.70 20.18 -89.85
N ALA LB 26 -36.32 19.00 -89.74
CA ALA LB 26 -37.78 18.90 -89.81
C ALA LB 26 -38.46 19.44 -88.56
N LYS LB 27 -37.75 19.52 -87.44
CA LYS LB 27 -38.32 20.00 -86.19
C LYS LB 27 -37.64 21.27 -85.70
N ASP LB 28 -36.95 21.98 -86.57
CA ASP LB 28 -36.33 23.26 -86.22
C ASP LB 28 -37.41 24.32 -86.41
N HIS LB 29 -38.19 24.56 -85.37
CA HIS LB 29 -39.33 25.47 -85.43
C HIS LB 29 -38.94 26.91 -85.09
N ALA LB 30 -37.67 27.25 -85.20
CA ALA LB 30 -37.21 28.63 -85.12
C ALA LB 30 -36.54 29.06 -86.41
N SER LB 31 -36.77 28.33 -87.50
CA SER LB 31 -36.10 28.57 -88.77
C SER LB 31 -37.02 29.35 -89.70
N ILE LB 32 -36.55 30.48 -90.17
CA ILE LB 32 -37.34 31.36 -91.01
C ILE LB 32 -37.03 31.08 -92.47
N GLN LB 33 -37.93 31.55 -93.34
CA GLN LB 33 -37.69 31.60 -94.79
C GLN LB 33 -38.31 32.93 -95.23
N MET LB 34 -37.48 33.96 -95.30
CA MET LB 34 -37.94 35.32 -95.51
C MET LB 34 -37.99 35.63 -97.00
N ASN LB 35 -39.14 36.08 -97.48
CA ASN LB 35 -39.27 36.60 -98.83
C ASN LB 35 -38.99 38.10 -98.80
N VAL LB 36 -38.01 38.54 -99.56
CA VAL LB 36 -37.71 39.96 -99.72
C VAL LB 36 -38.02 40.33 -101.16
N ALA LB 37 -38.91 41.31 -101.35
CA ALA LB 37 -39.44 41.63 -102.66
C ALA LB 37 -38.40 42.33 -103.53
N GLU LB 38 -38.58 42.20 -104.84
CA GLU LB 38 -37.83 42.96 -105.81
C GLU LB 38 -38.69 44.10 -106.33
N VAL LB 39 -38.03 45.19 -106.75
CA VAL LB 39 -38.71 46.31 -107.35
C VAL LB 39 -38.16 46.53 -108.75
N ASP LB 40 -38.90 47.28 -109.56
CA ASP LB 40 -38.43 47.67 -110.88
C ASP LB 40 -37.62 48.95 -110.80
N LYS LB 41 -36.65 49.08 -111.72
CA LYS LB 41 -35.67 50.14 -111.62
C LYS LB 41 -36.21 51.50 -112.00
N VAL LB 42 -37.33 51.56 -112.73
CA VAL LB 42 -37.81 52.85 -113.21
C VAL LB 42 -38.64 53.57 -112.14
N THR LB 43 -39.39 52.86 -111.31
CA THR LB 43 -40.27 53.50 -110.34
C THR LB 43 -40.20 52.92 -108.92
N GLY LB 44 -39.71 51.70 -108.74
CA GLY LB 44 -39.59 51.14 -107.42
C GLY LB 44 -40.83 50.46 -106.88
N ARG LB 45 -41.82 50.19 -107.71
CA ARG LB 45 -42.98 49.43 -107.26
C ARG LB 45 -42.71 47.93 -107.33
N PHE LB 46 -43.55 47.18 -106.62
CA PHE LB 46 -43.43 45.72 -106.58
C PHE LB 46 -43.83 45.13 -107.92
N ASN LB 47 -42.83 44.64 -108.67
CA ASN LB 47 -43.09 44.06 -109.98
C ASN LB 47 -43.74 42.69 -109.88
N GLY LB 48 -43.27 41.86 -108.95
CA GLY LB 48 -43.84 40.53 -108.79
C GLY LB 48 -42.83 39.47 -108.42
N GLN LB 49 -41.54 39.77 -108.55
CA GLN LB 49 -40.49 38.86 -108.16
C GLN LB 49 -39.99 39.18 -106.76
N PHE LB 50 -39.36 38.18 -106.14
CA PHE LB 50 -38.81 38.35 -104.80
C PHE LB 50 -37.59 37.45 -104.62
N LYS LB 51 -36.84 37.73 -103.56
CA LYS LB 51 -35.66 36.96 -103.19
C LYS LB 51 -35.91 36.29 -101.85
N THR LB 52 -35.58 35.00 -101.77
CA THR LB 52 -35.87 34.18 -100.62
C THR LB 52 -34.60 33.92 -99.84
N TYR LB 53 -34.69 33.99 -98.51
CA TYR LB 53 -33.56 33.75 -97.63
C TYR LB 53 -33.99 32.86 -96.48
N ALA LB 54 -33.36 31.70 -96.35
CA ALA LB 54 -33.63 30.77 -95.27
C ALA LB 54 -32.52 30.83 -94.24
N ILE LB 55 -32.91 30.89 -92.97
CA ILE LB 55 -31.97 30.93 -91.86
C ILE LB 55 -32.40 29.91 -90.83
N CYS LB 56 -31.47 29.02 -90.45
CA CYS LB 56 -31.78 28.00 -89.46
C CYS LB 56 -31.92 28.61 -88.07
N GLY LB 57 -32.59 27.87 -87.20
CA GLY LB 57 -32.92 28.33 -85.87
C GLY LB 57 -31.79 28.39 -84.87
N ALA LB 58 -30.56 28.09 -85.28
CA ALA LB 58 -29.39 28.22 -84.44
C ALA LB 58 -28.63 29.53 -84.69
N ILE LB 59 -28.53 29.93 -85.97
CA ILE LB 59 -28.00 31.25 -86.29
C ILE LB 59 -28.96 32.33 -85.83
N ARG LB 60 -30.27 32.06 -85.92
CA ARG LB 60 -31.26 33.01 -85.43
C ARG LB 60 -31.27 33.09 -83.91
N ARG LB 61 -30.93 31.99 -83.23
CA ARG LB 61 -30.97 32.03 -81.76
C ARG LB 61 -29.74 32.72 -81.20
N MET LB 62 -28.62 32.68 -81.93
CA MET LB 62 -27.40 33.34 -81.49
C MET LB 62 -27.51 34.86 -81.59
N GLY LB 63 -28.30 35.35 -82.54
CA GLY LB 63 -28.49 36.77 -82.72
C GLY LB 63 -27.95 37.32 -84.01
N GLU LB 64 -27.27 36.51 -84.82
CA GLU LB 64 -26.64 36.96 -86.05
C GLU LB 64 -27.53 36.72 -87.26
N SER LB 65 -28.84 36.79 -87.09
CA SER LB 65 -29.77 36.76 -88.21
C SER LB 65 -30.02 38.16 -88.77
N ASP LB 66 -29.84 39.19 -87.96
CA ASP LB 66 -29.86 40.56 -88.45
C ASP LB 66 -28.73 40.80 -89.43
N ASP LB 67 -27.50 40.43 -89.04
CA ASP LB 67 -26.34 40.68 -89.89
C ASP LB 67 -26.32 39.78 -91.11
N SER LB 68 -26.92 38.60 -91.01
CA SER LB 68 -26.85 37.63 -92.11
C SER LB 68 -27.73 38.04 -93.28
N ILE LB 69 -28.93 38.57 -93.01
CA ILE LB 69 -29.80 39.04 -94.07
C ILE LB 69 -29.20 40.26 -94.75
N LEU LB 70 -28.66 41.15 -93.95
CA LEU LB 70 -28.04 42.34 -94.48
C LEU LB 70 -26.92 41.89 -95.41
N ARG LB 71 -26.02 41.07 -94.90
CA ARG LB 71 -24.90 40.57 -95.69
C ARG LB 71 -25.34 39.84 -96.94
N LEU LB 72 -26.39 39.03 -96.85
CA LEU LB 72 -26.89 38.33 -98.02
C LEU LB 72 -27.29 39.34 -99.06
N ALA LB 73 -28.18 40.25 -98.66
CA ALA LB 73 -28.68 41.30 -99.52
C ALA LB 73 -27.58 42.09 -100.22
N LYS LB 74 -26.40 42.22 -99.61
CA LYS LB 74 -25.24 42.80 -100.26
C LYS LB 74 -24.73 41.93 -101.40
N ALA LB 75 -25.06 40.65 -101.43
CA ALA LB 75 -24.67 39.77 -102.51
C ALA LB 75 -25.73 39.69 -103.61
N ASP LB 76 -26.85 40.38 -103.46
CA ASP LB 76 -27.95 40.28 -104.41
C ASP LB 76 -28.35 41.65 -104.91
N GLY LB 77 -27.58 42.68 -104.57
CA GLY LB 77 -27.80 43.98 -105.17
C GLY LB 77 -28.93 44.75 -104.52
N ILE LB 78 -29.49 44.19 -103.45
CA ILE LB 78 -30.70 44.73 -102.84
C ILE LB 78 -30.40 46.02 -102.08
N VAL LB 79 -29.30 46.07 -101.33
CA VAL LB 79 -29.25 47.15 -100.36
C VAL LB 79 -28.50 48.40 -100.82
N SER LB 80 -27.18 48.33 -100.83
CA SER LB 80 -26.37 49.47 -101.26
C SER LB 80 -24.93 49.07 -101.52
N LYS LB 81 -24.38 48.29 -100.58
CA LYS LB 81 -22.99 47.79 -100.58
C LYS LB 81 -21.95 48.91 -100.45
N ASN LB 82 -22.37 49.96 -99.74
CA ASN LB 82 -21.63 51.18 -99.45
C ASN LB 82 -22.55 51.98 -98.55
N PHE LB 83 -23.11 51.31 -97.55
CA PHE LB 83 -24.05 51.92 -96.62
C PHE LB 83 -23.48 52.04 -95.21
N GLY MB 1 -4.93 13.75 -67.52
CA GLY MB 1 -5.26 12.57 -68.30
C GLY MB 1 -4.12 11.59 -68.41
N LYS MB 2 -4.24 10.65 -69.34
CA LYS MB 2 -3.24 9.61 -69.51
C LYS MB 2 -2.16 10.04 -70.50
N CYS MB 3 -1.02 9.36 -70.43
CA CYS MB 3 0.10 9.65 -71.31
C CYS MB 3 -0.12 8.97 -72.66
N ARG MB 4 -0.43 9.76 -73.67
CA ARG MB 4 -0.72 9.23 -74.98
C ARG MB 4 0.51 9.05 -75.85
N GLY MB 5 1.70 9.43 -75.37
CA GLY MB 5 2.90 9.49 -76.19
C GLY MB 5 3.32 8.16 -76.77
N LEU MB 6 4.20 8.23 -77.78
CA LEU MB 6 4.38 7.11 -78.68
C LEU MB 6 5.30 6.03 -78.12
N ARG MB 7 6.41 6.42 -77.49
CA ARG MB 7 7.24 5.45 -76.78
C ARG MB 7 6.95 5.47 -75.28
N THR MB 8 5.69 5.22 -74.94
CA THR MB 8 5.21 5.20 -73.56
C THR MB 8 4.55 3.87 -73.18
N ALA MB 9 4.90 2.76 -73.85
CA ALA MB 9 4.23 1.51 -73.56
C ALA MB 9 4.67 0.88 -72.25
N ARG MB 10 5.81 1.29 -71.70
CA ARG MB 10 6.22 0.79 -70.39
C ARG MB 10 5.40 1.42 -69.28
N LYS MB 11 5.13 2.73 -69.40
CA LYS MB 11 4.34 3.42 -68.38
C LYS MB 11 2.88 2.97 -68.40
N LEU MB 12 2.34 2.70 -69.59
CA LEU MB 12 0.96 2.22 -69.66
C LEU MB 12 0.81 0.79 -69.19
N ARG MB 13 1.88 -0.01 -69.23
CA ARG MB 13 1.79 -1.39 -68.80
C ARG MB 13 2.14 -1.56 -67.33
N SER MB 14 3.09 -0.78 -66.82
CA SER MB 14 3.38 -0.80 -65.40
C SER MB 14 2.31 -0.11 -64.58
N HIS MB 15 1.44 0.67 -65.20
CA HIS MB 15 0.29 1.22 -64.51
C HIS MB 15 -0.89 0.26 -64.52
N ARG MB 16 -1.04 -0.54 -65.57
CA ARG MB 16 -2.17 -1.45 -65.60
C ARG MB 16 -1.94 -2.66 -64.71
N ARG MB 17 -0.71 -3.15 -64.61
CA ARG MB 17 -0.44 -4.21 -63.63
C ARG MB 17 -0.51 -3.70 -62.20
N ASP MB 18 -0.36 -2.39 -62.00
CA ASP MB 18 -0.46 -1.78 -60.69
C ASP MB 18 -1.91 -1.56 -60.27
N GLN MB 19 -2.78 -1.26 -61.23
CA GLN MB 19 -4.16 -0.90 -60.95
C GLN MB 19 -5.13 -2.05 -61.09
N LYS MB 20 -4.68 -3.23 -61.52
CA LYS MB 20 -5.55 -4.38 -61.45
C LYS MB 20 -5.59 -5.00 -60.05
N TRP MB 21 -4.75 -4.55 -59.13
CA TRP MB 21 -4.83 -5.04 -57.76
C TRP MB 21 -5.83 -4.29 -56.91
N HIS MB 22 -6.77 -3.58 -57.52
CA HIS MB 22 -7.71 -2.74 -56.79
C HIS MB 22 -9.16 -3.16 -56.96
N ASP MB 23 -9.44 -4.18 -57.75
CA ASP MB 23 -10.78 -4.74 -57.82
C ASP MB 23 -10.83 -6.09 -57.13
N LYS MB 24 -12.04 -6.55 -56.86
CA LYS MB 24 -12.22 -7.78 -56.09
C LYS MB 24 -11.86 -9.01 -56.92
N GLN MB 25 -12.48 -9.15 -58.09
CA GLN MB 25 -12.46 -10.42 -58.82
C GLN MB 25 -11.09 -10.76 -59.42
N TYR MB 26 -10.19 -9.78 -59.57
CA TYR MB 26 -8.85 -10.11 -59.99
C TYR MB 26 -7.99 -10.51 -58.80
N LYS MB 27 -8.01 -9.69 -57.75
CA LYS MB 27 -7.10 -9.89 -56.61
C LYS MB 27 -7.48 -11.13 -55.82
N LYS MB 28 -8.76 -11.47 -55.75
CA LYS MB 28 -9.22 -12.64 -55.01
C LYS MB 28 -8.71 -13.94 -55.65
N ALA MB 29 -8.43 -13.93 -56.94
CA ALA MB 29 -7.94 -15.09 -57.65
C ALA MB 29 -6.44 -15.04 -57.94
N HIS MB 30 -5.71 -14.06 -57.42
CA HIS MB 30 -4.32 -13.89 -57.82
C HIS MB 30 -3.30 -13.66 -56.72
N LEU MB 31 -3.70 -13.31 -55.48
CA LEU MB 31 -2.68 -13.16 -54.45
C LEU MB 31 -2.54 -14.43 -53.60
N GLY MB 32 -3.51 -15.32 -53.66
CA GLY MB 32 -3.37 -16.64 -53.08
C GLY MB 32 -3.84 -16.82 -51.65
N THR MB 33 -4.53 -15.83 -51.08
CA THR MB 33 -5.07 -16.00 -49.74
C THR MB 33 -6.51 -16.52 -49.75
N ALA MB 34 -7.25 -16.30 -50.83
CA ALA MB 34 -8.61 -16.81 -50.94
C ALA MB 34 -8.66 -18.21 -51.53
N LEU MB 35 -7.51 -18.77 -51.89
CA LEU MB 35 -7.42 -20.19 -52.24
C LEU MB 35 -7.00 -21.03 -51.04
N LYS MB 36 -6.31 -20.41 -50.08
CA LYS MB 36 -6.07 -21.04 -48.79
C LYS MB 36 -7.27 -20.91 -47.87
N ALA MB 37 -8.18 -19.99 -48.16
CA ALA MB 37 -9.32 -19.72 -47.30
C ALA MB 37 -10.52 -20.62 -47.57
N ASN MB 38 -10.75 -20.98 -48.85
CA ASN MB 38 -11.92 -21.81 -49.07
C ASN MB 38 -11.61 -23.28 -48.74
N PRO MB 39 -12.52 -23.93 -48.04
CA PRO MB 39 -12.33 -25.31 -47.58
C PRO MB 39 -12.19 -26.36 -48.66
N PHE MB 40 -12.68 -26.11 -49.87
CA PHE MB 40 -12.57 -27.10 -50.93
C PHE MB 40 -11.16 -27.18 -51.49
N GLY MB 41 -10.40 -26.09 -51.42
CA GLY MB 41 -9.08 -26.09 -52.02
C GLY MB 41 -9.09 -25.86 -53.51
N GLY MB 42 -10.02 -25.04 -54.01
CA GLY MB 42 -10.15 -24.81 -55.43
C GLY MB 42 -10.90 -25.88 -56.18
N ALA MB 43 -11.42 -26.90 -55.50
CA ALA MB 43 -12.25 -27.91 -56.13
C ALA MB 43 -13.70 -27.43 -56.21
N SER MB 44 -14.52 -28.24 -56.86
CA SER MB 44 -15.94 -27.96 -56.98
C SER MB 44 -16.79 -28.78 -56.03
N HIS MB 45 -16.27 -29.89 -55.53
CA HIS MB 45 -16.97 -30.80 -54.65
C HIS MB 45 -15.99 -31.33 -53.62
N ALA MB 46 -16.53 -31.96 -52.58
CA ALA MB 46 -15.71 -32.55 -51.54
C ALA MB 46 -16.56 -33.56 -50.77
N LYS MB 47 -15.94 -34.67 -50.39
CA LYS MB 47 -16.57 -35.62 -49.49
C LYS MB 47 -16.24 -35.24 -48.05
N GLY MB 48 -17.10 -35.67 -47.15
CA GLY MB 48 -16.89 -35.43 -45.74
C GLY MB 48 -17.86 -36.22 -44.90
N ILE MB 49 -17.53 -36.35 -43.62
CA ILE MB 49 -18.34 -37.11 -42.68
C ILE MB 49 -19.14 -36.15 -41.81
N VAL MB 50 -20.37 -36.55 -41.49
CA VAL MB 50 -21.32 -35.68 -40.81
C VAL MB 50 -21.08 -35.75 -39.31
N LEU MB 51 -20.91 -34.59 -38.67
CA LEU MB 51 -20.64 -34.52 -37.24
C LEU MB 51 -21.87 -34.17 -36.41
N GLU MB 52 -22.76 -33.31 -36.91
CA GLU MB 52 -23.92 -32.88 -36.15
C GLU MB 52 -25.09 -32.72 -37.09
N LYS MB 53 -26.18 -32.15 -36.56
CA LYS MB 53 -27.29 -31.63 -37.36
C LYS MB 53 -27.62 -30.28 -36.73
N VAL MB 54 -27.02 -29.24 -37.25
CA VAL MB 54 -27.33 -27.89 -36.79
C VAL MB 54 -28.53 -27.39 -37.58
N GLY MB 55 -29.39 -26.62 -36.92
CA GLY MB 55 -30.49 -25.99 -37.60
C GLY MB 55 -30.45 -24.49 -37.37
N VAL MB 56 -30.19 -23.72 -38.41
CA VAL MB 56 -29.99 -22.29 -38.27
C VAL MB 56 -31.28 -21.56 -38.62
N GLU MB 57 -31.47 -20.41 -37.99
CA GLU MB 57 -32.64 -19.59 -38.26
C GLU MB 57 -32.39 -18.76 -39.51
N ALA MB 58 -33.46 -18.50 -40.26
CA ALA MB 58 -33.38 -17.58 -41.37
C ALA MB 58 -33.17 -16.16 -40.86
N LYS MB 59 -32.80 -15.26 -41.78
CA LYS MB 59 -32.45 -13.90 -41.39
C LYS MB 59 -33.71 -13.07 -41.15
N GLN MB 60 -33.54 -11.75 -41.11
CA GLN MB 60 -34.49 -10.86 -40.44
C GLN MB 60 -35.90 -10.82 -41.00
N PRO MB 61 -36.16 -10.71 -42.33
CA PRO MB 61 -37.57 -10.70 -42.76
C PRO MB 61 -38.22 -12.08 -42.74
N ASN MB 62 -37.45 -13.15 -42.86
CA ASN MB 62 -38.01 -14.49 -42.85
C ASN MB 62 -38.06 -15.05 -41.42
N SER MB 63 -38.67 -16.23 -41.29
CA SER MB 63 -38.73 -16.92 -40.00
C SER MB 63 -38.92 -18.40 -40.28
N ALA MB 64 -37.82 -19.17 -40.20
CA ALA MB 64 -37.85 -20.62 -40.39
C ALA MB 64 -36.54 -21.19 -39.87
N ILE MB 65 -36.53 -22.50 -39.65
CA ILE MB 65 -35.32 -23.22 -39.24
C ILE MB 65 -34.76 -23.93 -40.46
N ARG MB 66 -33.66 -23.40 -40.98
CA ARG MB 66 -32.99 -23.99 -42.12
C ARG MB 66 -32.22 -25.23 -41.68
N LYS MB 67 -32.53 -26.37 -42.29
CA LYS MB 67 -31.94 -27.64 -41.88
C LYS MB 67 -30.55 -27.77 -42.49
N CYS MB 68 -29.54 -27.95 -41.65
CA CYS MB 68 -28.16 -28.04 -42.09
C CYS MB 68 -27.49 -29.22 -41.40
N VAL MB 69 -26.24 -29.47 -41.79
CA VAL MB 69 -25.37 -30.43 -41.13
C VAL MB 69 -24.04 -29.76 -40.84
N ARG MB 70 -23.17 -30.48 -40.14
CA ARG MB 70 -21.87 -29.96 -39.74
C ARG MB 70 -20.80 -30.92 -40.25
N VAL MB 71 -20.84 -31.17 -41.56
CA VAL MB 71 -19.89 -32.05 -42.23
C VAL MB 71 -18.45 -31.59 -42.04
N GLN MB 72 -17.57 -32.54 -41.74
CA GLN MB 72 -16.14 -32.32 -41.61
C GLN MB 72 -15.43 -33.05 -42.74
N LEU MB 73 -14.67 -32.28 -43.51
CA LEU MB 73 -13.97 -32.73 -44.71
C LEU MB 73 -12.88 -33.77 -44.56
N ILE MB 74 -12.80 -34.64 -45.56
CA ILE MB 74 -11.84 -35.72 -45.57
C ILE MB 74 -10.49 -35.32 -46.12
N LYS MB 75 -10.49 -34.40 -47.08
CA LYS MB 75 -9.24 -33.98 -47.70
C LYS MB 75 -8.36 -33.09 -46.82
N ASN MB 76 -8.91 -32.02 -46.28
CA ASN MB 76 -8.10 -31.13 -45.45
C ASN MB 76 -8.49 -31.07 -43.98
N GLY MB 77 -9.64 -31.63 -43.64
CA GLY MB 77 -10.06 -31.67 -42.26
C GLY MB 77 -10.76 -30.47 -41.66
N LYS MB 78 -10.87 -29.38 -42.41
CA LYS MB 78 -11.52 -28.18 -41.88
C LYS MB 78 -13.00 -28.45 -41.65
N LYS MB 79 -13.60 -27.87 -40.61
CA LYS MB 79 -15.01 -28.10 -40.38
C LYS MB 79 -15.85 -27.02 -41.03
N ILE MB 80 -16.88 -27.42 -41.77
CA ILE MB 80 -17.81 -26.51 -42.42
C ILE MB 80 -19.23 -26.86 -41.99
N THR MB 81 -20.16 -26.00 -42.38
CA THR MB 81 -21.58 -26.26 -42.24
C THR MB 81 -22.24 -26.16 -43.60
N ALA MB 82 -23.08 -27.13 -43.93
CA ALA MB 82 -23.63 -27.25 -45.27
C ALA MB 82 -25.14 -27.45 -45.19
N PHE MB 83 -25.86 -26.79 -46.09
CA PHE MB 83 -27.31 -26.85 -46.15
C PHE MB 83 -27.73 -28.17 -46.80
N VAL MB 84 -28.88 -28.67 -46.39
CA VAL MB 84 -29.41 -29.92 -46.95
C VAL MB 84 -30.67 -29.55 -47.74
N PRO MB 85 -30.55 -29.29 -49.03
CA PRO MB 85 -31.71 -28.78 -49.77
C PRO MB 85 -32.70 -29.84 -50.22
N ASN MB 86 -33.81 -29.99 -49.48
CA ASN MB 86 -35.18 -30.16 -49.96
C ASN MB 86 -36.08 -30.32 -48.74
N ASP MB 87 -37.36 -30.63 -48.95
CA ASP MB 87 -38.36 -30.71 -47.87
C ASP MB 87 -37.99 -31.79 -46.85
N GLY MB 88 -37.97 -33.06 -47.28
CA GLY MB 88 -37.77 -34.15 -46.35
C GLY MB 88 -36.36 -34.71 -46.26
N CYS MB 89 -35.37 -34.07 -46.87
CA CYS MB 89 -34.08 -34.71 -47.08
C CYS MB 89 -33.12 -34.60 -45.91
N LEU MB 90 -33.52 -34.02 -44.78
CA LEU MB 90 -32.65 -34.05 -43.61
C LEU MB 90 -32.64 -35.44 -42.99
N ASN MB 91 -33.78 -36.12 -43.00
CA ASN MB 91 -33.92 -37.40 -42.31
C ASN MB 91 -33.21 -38.55 -43.02
N PHE MB 92 -32.77 -38.36 -44.27
CA PHE MB 92 -31.98 -39.37 -44.95
C PHE MB 92 -30.52 -39.36 -44.54
N ILE MB 93 -30.10 -38.42 -43.70
CA ILE MB 93 -28.71 -38.28 -43.29
C ILE MB 93 -28.58 -38.78 -41.86
N GLU MB 94 -27.67 -39.73 -41.65
CA GLU MB 94 -27.35 -40.21 -40.32
C GLU MB 94 -26.07 -39.55 -39.81
N GLU MB 95 -25.89 -39.64 -38.49
CA GLU MB 95 -24.63 -39.27 -37.87
C GLU MB 95 -23.50 -40.16 -38.39
N ASN MB 96 -22.34 -39.55 -38.63
CA ASN MB 96 -21.12 -40.21 -39.12
C ASN MB 96 -21.35 -40.89 -40.47
N ASP MB 97 -22.14 -40.25 -41.32
CA ASP MB 97 -22.38 -40.70 -42.68
C ASP MB 97 -21.60 -39.81 -43.63
N GLU MB 98 -21.34 -40.33 -44.83
CA GLU MB 98 -20.49 -39.65 -45.80
C GLU MB 98 -21.37 -38.94 -46.84
N VAL MB 99 -21.15 -37.64 -47.00
CA VAL MB 99 -21.89 -36.83 -47.96
C VAL MB 99 -20.90 -36.25 -48.96
N LEU MB 100 -21.43 -35.59 -49.98
CA LEU MB 100 -20.63 -34.93 -51.03
C LEU MB 100 -21.08 -33.47 -51.14
N VAL MB 101 -20.45 -32.59 -50.38
CA VAL MB 101 -20.88 -31.20 -50.38
C VAL MB 101 -20.36 -30.49 -51.62
N ALA MB 102 -21.18 -29.59 -52.15
CA ALA MB 102 -20.84 -28.73 -53.27
C ALA MB 102 -21.02 -27.28 -52.86
N GLY MB 103 -20.71 -26.36 -53.77
CA GLY MB 103 -21.04 -24.97 -53.55
C GLY MB 103 -22.54 -24.74 -53.63
N PHE MB 104 -22.96 -23.54 -53.23
CA PHE MB 104 -24.39 -23.29 -53.30
C PHE MB 104 -24.78 -22.60 -54.60
N GLY MB 105 -23.91 -21.78 -55.17
CA GLY MB 105 -24.21 -21.19 -56.45
C GLY MB 105 -23.69 -19.79 -56.71
N ARG MB 106 -23.16 -19.11 -55.70
CA ARG MB 106 -22.58 -17.79 -55.92
C ARG MB 106 -21.21 -17.66 -55.25
N LYS MB 107 -20.42 -18.72 -55.36
CA LYS MB 107 -18.95 -18.69 -55.24
C LYS MB 107 -18.45 -18.27 -53.87
N GLY MB 108 -18.78 -19.05 -52.84
CA GLY MB 108 -18.27 -18.76 -51.52
C GLY MB 108 -18.96 -17.63 -50.82
N HIS MB 109 -20.14 -17.25 -51.27
CA HIS MB 109 -20.94 -16.21 -50.64
C HIS MB 109 -22.16 -16.87 -50.00
N ALA MB 110 -22.65 -16.25 -48.93
CA ALA MB 110 -23.90 -16.71 -48.34
C ALA MB 110 -25.06 -16.44 -49.29
N VAL MB 111 -26.05 -17.34 -49.27
CA VAL MB 111 -27.11 -17.38 -50.27
C VAL MB 111 -28.45 -17.22 -49.57
N GLY MB 112 -29.18 -16.17 -49.93
CA GLY MB 112 -30.54 -16.03 -49.44
C GLY MB 112 -30.54 -15.62 -47.98
N ASP MB 113 -31.41 -16.28 -47.21
CA ASP MB 113 -31.59 -15.99 -45.80
C ASP MB 113 -30.85 -16.94 -44.88
N ILE MB 114 -30.05 -17.87 -45.40
CA ILE MB 114 -29.27 -18.74 -44.53
C ILE MB 114 -28.01 -17.97 -44.15
N PRO MB 115 -27.77 -17.72 -42.87
CA PRO MB 115 -26.66 -16.84 -42.47
C PRO MB 115 -25.32 -17.56 -42.50
N GLY MB 116 -24.49 -17.19 -43.47
CA GLY MB 116 -23.12 -17.68 -43.54
C GLY MB 116 -22.98 -19.15 -43.85
N VAL MB 117 -23.81 -19.68 -44.74
CA VAL MB 117 -23.70 -21.06 -45.20
C VAL MB 117 -23.52 -21.03 -46.71
N ARG MB 118 -22.39 -21.57 -47.16
CA ARG MB 118 -21.94 -21.49 -48.54
C ARG MB 118 -22.13 -22.78 -49.31
N PHE MB 119 -22.53 -23.85 -48.64
CA PHE MB 119 -22.42 -25.17 -49.21
C PHE MB 119 -23.76 -25.87 -49.15
N LYS MB 120 -23.98 -26.77 -50.10
CA LYS MB 120 -25.17 -27.60 -50.09
C LYS MB 120 -24.76 -29.04 -50.37
N VAL MB 121 -25.61 -29.96 -49.92
CA VAL MB 121 -25.29 -31.38 -49.87
C VAL MB 121 -25.99 -32.09 -51.00
N VAL MB 122 -25.22 -32.75 -51.85
CA VAL MB 122 -25.73 -33.81 -52.72
C VAL MB 122 -25.05 -35.10 -52.31
N LYS MB 123 -25.72 -36.22 -52.56
CA LYS MB 123 -25.17 -37.57 -52.40
C LYS MB 123 -24.74 -37.88 -50.97
N VAL MB 124 -25.71 -37.89 -50.05
CA VAL MB 124 -25.53 -38.72 -48.86
C VAL MB 124 -25.53 -40.18 -49.31
N ALA MB 125 -24.92 -41.06 -48.50
CA ALA MB 125 -24.12 -42.24 -48.85
C ALA MB 125 -24.43 -42.89 -50.19
N ASN MB 126 -23.40 -43.22 -50.97
CA ASN MB 126 -23.15 -42.76 -52.33
C ASN MB 126 -24.26 -42.79 -53.39
N VAL MB 127 -25.51 -43.13 -53.04
CA VAL MB 127 -26.64 -42.81 -53.90
C VAL MB 127 -26.86 -41.30 -53.91
N SER MB 128 -27.70 -40.80 -54.80
CA SER MB 128 -27.93 -39.36 -54.87
C SER MB 128 -28.85 -38.90 -53.74
N LEU MB 129 -29.19 -37.62 -53.75
CA LEU MB 129 -30.17 -37.07 -52.82
C LEU MB 129 -31.46 -36.65 -53.50
N LEU MB 130 -31.39 -36.27 -54.77
CA LEU MB 130 -32.59 -36.11 -55.58
C LEU MB 130 -33.18 -37.46 -55.96
N ALA MB 131 -32.39 -38.53 -55.92
CA ALA MB 131 -32.95 -39.86 -56.07
C ALA MB 131 -33.67 -40.30 -54.81
N LEU MB 132 -33.22 -39.84 -53.64
CA LEU MB 132 -33.88 -40.21 -52.39
C LEU MB 132 -35.09 -39.34 -52.11
N TYR MB 133 -35.10 -38.11 -52.61
CA TYR MB 133 -36.30 -37.29 -52.50
C TYR MB 133 -37.43 -37.84 -53.36
N LYS MB 134 -37.12 -38.16 -54.62
CA LYS MB 134 -38.12 -38.58 -55.59
C LYS MB 134 -38.33 -40.10 -55.58
N GLY MB 135 -37.73 -40.81 -54.63
CA GLY MB 135 -37.97 -42.23 -54.50
C GLY MB 135 -37.37 -43.08 -55.60
N LYS MB 136 -36.32 -42.61 -56.25
CA LYS MB 136 -35.65 -43.42 -57.27
C LYS MB 136 -34.90 -44.58 -56.63
N LYS MB 137 -34.19 -44.32 -55.53
CA LYS MB 137 -33.38 -45.32 -54.85
C LYS MB 137 -33.69 -45.29 -53.35
N GLU MB 138 -32.99 -46.15 -52.62
CA GLU MB 138 -33.06 -46.16 -51.16
C GLU MB 138 -31.63 -46.31 -50.64
N ARG MB 139 -31.44 -45.92 -49.38
CA ARG MB 139 -30.14 -45.90 -48.74
C ARG MB 139 -29.52 -47.30 -48.69
N PRO MB 140 -28.18 -47.40 -48.75
CA PRO MB 140 -27.55 -48.73 -48.82
C PRO MB 140 -27.60 -49.48 -47.50
N ARG MB 141 -28.70 -50.20 -47.30
CA ARG MB 141 -28.92 -51.07 -46.14
C ARG MB 141 -27.81 -52.08 -45.89
N THR NB 1 -24.60 19.58 -51.61
CA THR NB 1 -24.15 20.40 -52.71
C THR NB 1 -23.84 21.81 -52.25
N LYS NB 2 -23.16 22.57 -53.11
CA LYS NB 2 -22.79 23.94 -52.78
C LYS NB 2 -24.01 24.85 -52.80
N LYS NB 3 -24.17 25.63 -51.74
CA LYS NB 3 -25.35 26.45 -51.56
C LYS NB 3 -25.18 27.86 -52.09
N ARG NB 4 -23.97 28.42 -52.03
CA ARG NB 4 -23.72 29.79 -52.43
C ARG NB 4 -22.43 29.81 -53.24
N ARG NB 5 -22.33 30.74 -54.20
CA ARG NB 5 -21.20 30.75 -55.13
C ARG NB 5 -19.90 31.10 -54.41
N ASN NB 6 -19.82 32.30 -53.82
CA ASN NB 6 -18.86 32.48 -52.75
C ASN NB 6 -19.31 31.67 -51.55
N ASN NB 7 -18.38 31.23 -50.72
CA ASN NB 7 -18.72 30.23 -49.72
C ASN NB 7 -19.30 30.83 -48.45
N GLY NB 8 -19.93 31.99 -48.54
CA GLY NB 8 -20.38 32.73 -47.39
C GLY NB 8 -19.45 33.88 -47.01
N ARG NB 9 -18.36 34.04 -47.75
CA ARG NB 9 -17.27 34.91 -47.38
C ARG NB 9 -16.92 35.83 -48.54
N ALA NB 10 -16.32 36.97 -48.20
CA ALA NB 10 -15.72 37.85 -49.21
C ALA NB 10 -14.24 37.56 -49.38
N LYS NB 11 -13.89 36.29 -49.63
CA LYS NB 11 -12.49 35.87 -49.77
C LYS NB 11 -12.29 35.33 -51.17
N LYS NB 12 -11.57 36.08 -52.01
CA LYS NB 12 -11.29 35.62 -53.36
C LYS NB 12 -9.81 35.45 -53.65
N GLY NB 13 -9.00 36.48 -53.42
CA GLY NB 13 -7.61 36.41 -53.84
C GLY NB 13 -6.61 36.28 -52.72
N ARG NB 14 -6.92 35.46 -51.73
CA ARG NB 14 -6.11 35.39 -50.52
C ARG NB 14 -6.43 34.09 -49.81
N GLY NB 15 -5.52 33.71 -48.91
CA GLY NB 15 -5.68 32.47 -48.17
C GLY NB 15 -6.32 32.64 -46.82
N HIS NB 16 -5.82 33.61 -46.04
CA HIS NB 16 -6.23 33.77 -44.65
C HIS NB 16 -6.51 35.24 -44.37
N VAL NB 17 -7.74 35.54 -43.97
CA VAL NB 17 -8.10 36.84 -43.41
C VAL NB 17 -8.30 36.65 -41.92
N GLN NB 18 -7.87 37.64 -41.13
CA GLN NB 18 -7.78 37.45 -39.69
C GLN NB 18 -9.16 37.42 -39.05
N PRO NB 19 -9.34 36.60 -38.02
CA PRO NB 19 -10.66 36.49 -37.39
C PRO NB 19 -10.94 37.64 -36.44
N ILE NB 20 -12.22 37.99 -36.34
CA ILE NB 20 -12.68 39.03 -35.44
C ILE NB 20 -13.51 38.41 -34.31
N ARG NB 21 -14.08 39.24 -33.44
CA ARG NB 21 -14.89 38.74 -32.35
C ARG NB 21 -16.31 39.25 -32.49
N CYS NB 22 -17.28 38.42 -32.19
CA CYS NB 22 -18.67 38.81 -32.27
C CYS NB 22 -18.98 39.78 -31.13
N THR NB 23 -19.94 40.68 -31.34
CA THR NB 23 -20.24 41.69 -30.32
C THR NB 23 -21.11 41.28 -29.14
N ASN NB 24 -21.92 40.24 -29.29
CA ASN NB 24 -22.80 39.80 -28.22
C ASN NB 24 -22.60 38.36 -27.80
N CYS NB 25 -21.68 37.61 -28.41
CA CYS NB 25 -21.35 36.30 -27.88
C CYS NB 25 -19.88 35.95 -27.96
N ALA NB 26 -19.03 36.87 -28.40
CA ALA NB 26 -17.58 36.69 -28.52
C ALA NB 26 -17.09 35.55 -29.39
N ARG NB 27 -17.97 35.02 -30.24
CA ARG NB 27 -17.59 33.95 -31.13
C ARG NB 27 -16.56 34.47 -32.11
N CYS NB 28 -15.65 33.60 -32.53
CA CYS NB 28 -14.60 33.97 -33.47
C CYS NB 28 -14.96 33.69 -34.92
N VAL NB 29 -15.28 34.74 -35.69
CA VAL NB 29 -15.60 34.57 -37.10
C VAL NB 29 -14.58 35.35 -37.91
N PRO NB 30 -14.32 34.97 -39.18
CA PRO NB 30 -13.48 35.81 -40.03
C PRO NB 30 -14.15 37.14 -40.33
N LYS NB 31 -13.32 38.12 -40.69
CA LYS NB 31 -13.81 39.49 -40.88
C LYS NB 31 -14.71 39.60 -42.11
N ASP NB 32 -14.43 38.81 -43.14
CA ASP NB 32 -15.24 38.88 -44.36
C ASP NB 32 -16.59 38.17 -44.22
N LYS NB 33 -16.65 37.11 -43.41
CA LYS NB 33 -17.92 36.40 -43.24
C LYS NB 33 -18.90 37.17 -42.37
N ALA NB 34 -18.37 37.98 -41.43
CA ALA NB 34 -19.18 38.55 -40.36
C ALA NB 34 -20.22 39.54 -40.86
N ILE NB 35 -21.36 39.55 -40.19
CA ILE NB 35 -22.49 40.40 -40.58
C ILE NB 35 -22.23 41.76 -39.95
N LYS NB 36 -21.57 42.63 -40.70
CA LYS NB 36 -21.15 43.93 -40.20
C LYS NB 36 -22.26 44.96 -40.39
N LYS NB 37 -22.54 45.72 -39.35
CA LYS NB 37 -23.52 46.79 -39.40
C LYS NB 37 -22.98 47.98 -38.65
N PHE NB 38 -23.07 49.16 -39.25
CA PHE NB 38 -22.55 50.40 -38.67
C PHE NB 38 -23.72 51.19 -38.10
N VAL NB 39 -23.87 51.16 -36.78
CA VAL NB 39 -24.99 51.82 -36.12
C VAL NB 39 -24.62 53.26 -35.82
N ILE NB 40 -25.47 54.20 -36.23
CA ILE NB 40 -25.13 55.61 -36.23
C ILE NB 40 -26.24 56.37 -35.51
N ARG NB 41 -26.93 55.70 -34.60
CA ARG NB 41 -28.11 56.28 -33.98
C ARG NB 41 -27.74 57.35 -32.96
N ASN NB 42 -28.67 58.26 -32.74
CA ASN NB 42 -28.45 59.39 -31.85
C ASN NB 42 -28.49 58.92 -30.39
N ILE NB 43 -27.71 59.61 -29.55
CA ILE NB 43 -27.52 59.18 -28.17
C ILE NB 43 -28.61 59.73 -27.26
N VAL NB 44 -29.58 60.48 -27.82
CA VAL NB 44 -30.49 61.30 -27.04
C VAL NB 44 -31.88 60.66 -26.93
N GLU NB 45 -32.13 59.67 -27.77
CA GLU NB 45 -33.42 59.01 -27.82
C GLU NB 45 -34.33 59.97 -28.56
N ALA NB 46 -34.79 59.56 -29.74
CA ALA NB 46 -35.66 60.40 -30.57
C ALA NB 46 -36.83 61.03 -29.83
N ALA NB 47 -37.53 60.23 -29.02
CA ALA NB 47 -38.66 60.72 -28.24
C ALA NB 47 -38.26 61.72 -27.18
N ALA NB 48 -37.24 61.38 -26.39
CA ALA NB 48 -36.80 62.24 -25.30
C ALA NB 48 -35.84 63.38 -25.67
N VAL NB 49 -36.04 64.04 -26.80
CA VAL NB 49 -35.17 65.17 -27.14
C VAL NB 49 -35.70 66.46 -26.55
N ARG NB 50 -37.02 66.64 -26.55
CA ARG NB 50 -37.62 67.83 -25.97
C ARG NB 50 -37.82 67.72 -24.46
N ASP NB 51 -37.10 66.82 -23.80
CA ASP NB 51 -36.88 66.87 -22.37
C ASP NB 51 -35.55 67.49 -22.01
N ILE NB 52 -34.57 67.44 -22.92
CA ILE NB 52 -33.20 67.85 -22.64
C ILE NB 52 -32.88 69.21 -23.25
N SER NB 53 -33.40 69.48 -24.45
CA SER NB 53 -33.03 70.70 -25.18
C SER NB 53 -33.56 71.96 -24.53
N GLU NB 54 -34.68 71.87 -23.81
CA GLU NB 54 -35.14 73.00 -23.00
C GLU NB 54 -34.35 73.15 -21.72
N ALA NB 55 -33.69 72.08 -21.26
CA ALA NB 55 -32.85 72.10 -20.07
C ALA NB 55 -31.38 72.22 -20.44
N SER NB 56 -31.05 72.98 -21.47
CA SER NB 56 -29.69 73.21 -21.89
C SER NB 56 -29.25 74.63 -21.52
N VAL NB 57 -27.97 74.90 -21.72
CA VAL NB 57 -27.39 76.22 -21.52
C VAL NB 57 -26.99 76.87 -22.84
N PHE NB 58 -27.58 76.42 -23.95
CA PHE NB 58 -27.24 76.95 -25.26
C PHE NB 58 -28.50 77.24 -26.06
N ASP NB 59 -28.34 77.58 -27.34
CA ASP NB 59 -29.46 77.62 -28.26
C ASP NB 59 -29.27 76.65 -29.42
N ALA NB 60 -28.15 76.75 -30.14
CA ALA NB 60 -27.87 75.86 -31.27
C ALA NB 60 -26.89 74.77 -30.85
N TYR NB 61 -27.32 73.91 -29.94
CA TYR NB 61 -26.52 72.77 -29.52
C TYR NB 61 -26.91 71.56 -30.38
N VAL NB 62 -25.98 71.10 -31.20
CA VAL NB 62 -26.23 69.94 -32.06
C VAL NB 62 -25.99 68.68 -31.25
N LEU NB 63 -26.94 67.75 -31.30
CA LEU NB 63 -26.85 66.54 -30.49
C LEU NB 63 -25.83 65.57 -31.06
N PRO NB 64 -24.98 64.99 -30.21
CA PRO NB 64 -23.94 64.08 -30.70
C PRO NB 64 -24.49 62.71 -31.08
N LYS NB 65 -23.98 62.17 -32.19
CA LYS NB 65 -24.35 60.83 -32.59
C LYS NB 65 -23.52 59.79 -31.84
N LEU NB 66 -23.86 58.53 -32.04
CA LEU NB 66 -23.17 57.40 -31.45
C LEU NB 66 -22.71 56.48 -32.56
N TYR NB 67 -21.40 56.33 -32.70
CA TYR NB 67 -20.80 55.64 -33.84
C TYR NB 67 -20.22 54.31 -33.35
N VAL NB 68 -21.02 53.26 -33.43
CA VAL NB 68 -20.61 51.92 -33.02
C VAL NB 68 -20.75 51.00 -34.22
N LYS NB 69 -19.63 50.45 -34.68
CA LYS NB 69 -19.66 49.42 -35.72
C LYS NB 69 -19.78 48.06 -35.05
N LEU NB 70 -20.84 47.33 -35.39
CA LEU NB 70 -21.08 46.02 -34.81
C LEU NB 70 -20.55 44.92 -35.72
N HIS NB 71 -20.44 43.72 -35.16
CA HIS NB 71 -20.00 42.54 -35.87
C HIS NB 71 -20.84 41.41 -35.32
N TYR NB 72 -21.34 40.55 -36.19
CA TYR NB 72 -22.16 39.43 -35.76
C TYR NB 72 -21.65 38.15 -36.40
N CYS NB 73 -21.73 37.06 -35.64
CA CYS NB 73 -21.63 35.75 -36.24
C CYS NB 73 -22.95 35.43 -36.96
N VAL NB 74 -22.94 34.34 -37.72
CA VAL NB 74 -24.12 33.99 -38.51
C VAL NB 74 -25.25 33.53 -37.61
N SER NB 75 -24.92 32.88 -36.48
CA SER NB 75 -25.95 32.38 -35.59
C SER NB 75 -26.62 33.49 -34.79
N CYS NB 76 -25.88 34.52 -34.39
CA CYS NB 76 -26.46 35.63 -33.66
C CYS NB 76 -26.90 36.77 -34.54
N ALA NB 77 -26.91 36.59 -35.86
CA ALA NB 77 -27.54 37.52 -36.77
C ALA NB 77 -28.88 37.03 -37.29
N ILE NB 78 -29.07 35.71 -37.32
CA ILE NB 78 -30.38 35.14 -37.66
C ILE NB 78 -31.28 35.08 -36.43
N HIS NB 79 -30.70 34.86 -35.25
CA HIS NB 79 -31.49 34.87 -34.03
C HIS NB 79 -31.88 36.27 -33.60
N SER NB 80 -31.03 37.26 -33.86
CA SER NB 80 -31.34 38.65 -33.58
C SER NB 80 -32.07 39.32 -34.73
N LYS NB 81 -32.44 38.56 -35.77
CA LYS NB 81 -33.26 39.00 -36.90
C LYS NB 81 -32.63 40.14 -37.68
N VAL NB 82 -31.29 40.20 -37.69
CA VAL NB 82 -30.60 41.17 -38.53
C VAL NB 82 -30.69 40.76 -39.99
N VAL NB 83 -30.18 39.58 -40.31
CA VAL NB 83 -30.39 38.97 -41.62
C VAL NB 83 -31.49 37.95 -41.51
N ARG NB 84 -32.27 37.82 -42.57
CA ARG NB 84 -33.41 36.94 -42.64
CA ARG NB 84 -33.40 36.91 -42.61
C ARG NB 84 -33.05 35.67 -43.42
N ASN NB 85 -33.87 34.65 -43.26
CA ASN NB 85 -33.83 33.51 -44.15
C ASN NB 85 -34.45 33.94 -45.47
N ARG NB 86 -33.89 33.46 -46.58
CA ARG NB 86 -34.27 34.07 -47.85
C ARG NB 86 -34.39 33.00 -48.93
N SER NB 87 -35.28 33.25 -49.89
CA SER NB 87 -35.59 32.33 -50.97
C SER NB 87 -34.38 32.11 -51.87
N ARG NB 88 -34.37 30.95 -52.53
CA ARG NB 88 -33.20 30.48 -53.26
C ARG NB 88 -32.88 31.37 -54.46
N GLU NB 89 -33.90 31.79 -55.20
CA GLU NB 89 -33.69 32.75 -56.28
C GLU NB 89 -33.47 34.16 -55.77
N ALA NB 90 -33.86 34.45 -54.53
CA ALA NB 90 -33.69 35.76 -53.93
C ALA NB 90 -32.38 35.90 -53.15
N ARG NB 91 -31.66 34.79 -52.93
CA ARG NB 91 -30.34 34.86 -52.32
C ARG NB 91 -29.35 35.61 -53.20
N LYS NB 92 -29.52 35.53 -54.52
CA LYS NB 92 -28.64 36.17 -55.48
C LYS NB 92 -29.03 37.63 -55.69
N ASP NB 93 -28.95 38.41 -54.61
CA ASP NB 93 -29.36 39.80 -54.63
C ASP NB 93 -28.53 40.53 -53.57
N ARG NB 94 -27.45 41.17 -53.99
CA ARG NB 94 -26.52 41.81 -53.07
C ARG NB 94 -26.89 43.25 -52.74
N THR NB 95 -28.09 43.69 -53.05
CA THR NB 95 -28.41 45.07 -52.70
C THR NB 95 -28.75 45.17 -51.21
N PRO NB 96 -28.41 46.29 -50.57
CA PRO NB 96 -28.86 46.50 -49.20
C PRO NB 96 -30.35 46.79 -49.15
N PRO NB 97 -31.00 46.55 -48.02
CA PRO NB 97 -32.45 46.84 -47.89
C PRO NB 97 -32.74 48.33 -48.02
N PRO NB 98 -33.97 48.71 -48.40
CA PRO NB 98 -34.24 50.12 -48.69
C PRO NB 98 -34.27 50.99 -47.43
N ARG NB 99 -33.94 52.26 -47.63
CA ARG NB 99 -33.74 53.20 -46.54
C ARG NB 99 -35.04 53.68 -45.92
N PHE NB 100 -36.18 53.40 -46.58
CA PHE NB 100 -37.53 53.86 -46.19
C PHE NB 100 -37.58 55.39 -46.11
N ARG NB 101 -37.42 55.99 -47.28
CA ARG NB 101 -37.66 57.42 -47.42
C ARG NB 101 -39.15 57.76 -47.49
N PRO NB 102 -40.00 56.97 -48.19
CA PRO NB 102 -41.42 57.28 -47.89
C PRO NB 102 -41.87 56.69 -46.56
N ARG OB 1 -44.10 63.48 -1.03
CA ARG OB 1 -43.12 62.50 -1.50
C ARG OB 1 -43.47 62.03 -2.91
N VAL OB 2 -44.76 61.84 -3.17
CA VAL OB 2 -45.22 61.29 -4.43
C VAL OB 2 -45.42 62.42 -5.43
N GLN OB 3 -45.44 62.08 -6.72
CA GLN OB 3 -45.69 63.09 -7.73
C GLN OB 3 -47.19 63.26 -7.79
N PRO OB 4 -47.67 64.48 -7.98
CA PRO OB 4 -49.11 64.74 -8.10
C PRO OB 4 -49.71 64.04 -9.31
N ILE OB 5 -50.96 63.63 -9.16
CA ILE OB 5 -51.67 62.87 -10.20
C ILE OB 5 -51.98 63.82 -11.35
N LYS OB 6 -51.32 63.61 -12.49
CA LYS OB 6 -51.46 64.47 -13.65
C LYS OB 6 -52.35 63.78 -14.68
N LEU OB 7 -53.34 64.50 -15.17
CA LEU OB 7 -54.30 63.92 -16.11
C LEU OB 7 -53.75 63.99 -17.53
N ALA OB 8 -54.37 63.29 -18.46
CA ALA OB 8 -53.85 63.32 -19.81
C ALA OB 8 -54.82 62.83 -20.87
N ARG OB 9 -55.07 63.66 -21.88
CA ARG OB 9 -55.95 63.31 -22.99
C ARG OB 9 -55.22 62.36 -23.93
N VAL OB 10 -55.95 61.66 -24.79
CA VAL OB 10 -55.29 60.70 -25.67
C VAL OB 10 -55.42 60.91 -27.18
N THR OB 11 -54.27 61.03 -27.85
CA THR OB 11 -54.28 61.09 -29.30
C THR OB 11 -54.52 59.65 -29.81
N LYS OB 12 -54.19 59.39 -31.08
CA LYS OB 12 -54.37 58.14 -31.82
C LYS OB 12 -54.09 56.87 -31.02
N VAL OB 13 -54.94 55.87 -31.22
CA VAL OB 13 -54.68 54.52 -30.72
C VAL OB 13 -53.78 53.80 -31.71
N LEU OB 14 -52.69 53.22 -31.22
CA LEU OB 14 -51.60 52.77 -32.08
C LEU OB 14 -51.48 51.25 -32.17
N GLY OB 15 -52.54 50.52 -31.88
CA GLY OB 15 -52.52 49.07 -32.00
C GLY OB 15 -52.54 48.39 -30.64
N ARG OB 16 -52.47 47.06 -30.69
CA ARG OB 16 -52.51 46.23 -29.50
C ARG OB 16 -51.20 45.50 -29.25
N THR OB 17 -50.70 45.66 -28.03
CA THR OB 17 -49.44 45.10 -27.56
C THR OB 17 -49.79 44.10 -26.46
N GLY OB 18 -48.79 43.58 -25.78
CA GLY OB 18 -49.02 42.62 -24.72
C GLY OB 18 -49.20 41.23 -25.30
N SER OB 19 -48.62 40.24 -24.63
CA SER OB 19 -48.69 38.86 -25.09
C SER OB 19 -50.06 38.36 -25.50
N GLN OB 20 -51.08 38.67 -24.71
CA GLN OB 20 -52.44 38.20 -25.02
C GLN OB 20 -53.30 39.23 -25.74
N GLY OB 21 -52.74 40.41 -26.00
CA GLY OB 21 -53.49 41.44 -26.68
C GLY OB 21 -54.50 42.16 -25.80
N GLN OB 22 -54.08 42.48 -24.59
CA GLN OB 22 -54.92 43.18 -23.63
C GLN OB 22 -54.68 44.68 -23.58
N CYS OB 23 -53.52 45.18 -24.00
CA CYS OB 23 -53.15 46.57 -23.79
C CYS OB 23 -52.94 47.27 -25.12
N THR OB 24 -53.34 48.55 -25.18
CA THR OB 24 -53.21 49.37 -26.37
C THR OB 24 -52.04 50.33 -26.19
N GLN OB 25 -51.91 51.28 -27.12
CA GLN OB 25 -51.00 52.41 -26.98
C GLN OB 25 -51.70 53.67 -27.45
N VAL OB 26 -51.54 54.77 -26.72
CA VAL OB 26 -52.49 55.87 -26.80
C VAL OB 26 -51.89 57.24 -27.12
N ARG OB 27 -50.57 57.45 -26.93
CA ARG OB 27 -49.80 58.68 -27.23
C ARG OB 27 -50.49 59.96 -26.70
N VAL OB 28 -50.52 60.05 -25.38
CA VAL OB 28 -51.32 61.07 -24.70
C VAL OB 28 -50.70 62.46 -24.83
N GLU OB 29 -51.52 63.48 -24.55
CA GLU OB 29 -51.05 64.79 -24.16
C GLU OB 29 -51.11 64.90 -22.64
N PHE OB 30 -50.89 66.09 -22.09
CA PHE OB 30 -51.00 66.31 -20.65
C PHE OB 30 -52.05 67.31 -20.22
N MET OB 31 -52.61 68.12 -21.14
CA MET OB 31 -53.55 69.22 -20.90
C MET OB 31 -52.97 70.35 -20.05
N ASP OB 32 -51.67 70.33 -19.76
CA ASP OB 32 -50.97 71.45 -19.15
C ASP OB 32 -49.88 71.98 -20.08
N ASP OB 33 -49.01 71.10 -20.56
CA ASP OB 33 -48.10 71.40 -21.66
C ASP OB 33 -48.61 70.55 -22.83
N THR OB 34 -49.54 71.11 -23.61
CA THR OB 34 -50.13 70.39 -24.72
C THR OB 34 -49.17 70.24 -25.89
N SER OB 35 -48.10 71.02 -25.92
CA SER OB 35 -47.03 70.76 -26.89
C SER OB 35 -46.27 69.50 -26.51
N ARG OB 36 -46.26 69.15 -25.23
CA ARG OB 36 -45.53 68.00 -24.75
C ARG OB 36 -46.43 66.77 -24.81
N SER OB 37 -45.86 65.63 -25.19
CA SER OB 37 -46.63 64.42 -25.41
C SER OB 37 -45.75 63.19 -25.18
N ILE OB 38 -46.33 62.17 -24.56
CA ILE OB 38 -45.63 60.93 -24.23
C ILE OB 38 -46.53 59.76 -24.64
N ILE OB 39 -45.97 58.84 -25.41
CA ILE OB 39 -46.64 57.58 -25.72
C ILE OB 39 -46.64 56.70 -24.47
N ARG OB 40 -47.79 56.08 -24.21
CA ARG OB 40 -47.97 55.19 -23.06
C ARG OB 40 -48.85 54.01 -23.44
N ASN OB 41 -49.02 53.07 -22.53
CA ASN OB 41 -49.79 51.86 -22.81
C ASN OB 41 -50.84 51.59 -21.72
N VAL OB 42 -52.10 51.87 -22.04
CA VAL OB 42 -53.20 51.62 -21.13
C VAL OB 42 -53.72 50.20 -21.33
N LYS OB 43 -54.54 49.72 -20.40
CA LYS OB 43 -55.31 48.50 -20.61
C LYS OB 43 -56.79 48.83 -20.50
N GLY OB 44 -57.61 47.98 -21.13
CA GLY OB 44 -59.02 48.20 -21.18
C GLY OB 44 -59.43 48.91 -22.46
N PRO OB 45 -60.74 49.02 -22.70
CA PRO OB 45 -61.21 49.71 -23.89
C PRO OB 45 -61.01 51.21 -23.79
N VAL OB 46 -60.58 51.82 -24.90
CA VAL OB 46 -59.98 53.14 -24.85
C VAL OB 46 -60.94 54.26 -25.26
N ARG OB 47 -61.40 54.26 -26.52
CA ARG OB 47 -62.12 55.37 -27.15
C ARG OB 47 -61.27 56.63 -27.13
N GLU OB 48 -60.35 56.72 -28.09
CA GLU OB 48 -59.58 57.92 -28.42
C GLU OB 48 -60.39 59.20 -28.28
N GLY OB 49 -59.83 60.15 -27.51
CA GLY OB 49 -60.49 61.39 -27.17
C GLY OB 49 -60.86 61.54 -25.71
N ASP OB 50 -60.65 60.52 -24.89
CA ASP OB 50 -61.04 60.57 -23.49
C ASP OB 50 -59.92 61.19 -22.65
N VAL OB 51 -60.06 61.12 -21.33
CA VAL OB 51 -59.10 61.68 -20.39
C VAL OB 51 -58.62 60.56 -19.49
N LEU OB 52 -57.30 60.42 -19.36
CA LEU OB 52 -56.73 59.42 -18.47
C LEU OB 52 -56.42 60.02 -17.10
N THR OB 53 -55.80 59.20 -16.24
CA THR OB 53 -55.47 59.58 -14.87
C THR OB 53 -54.12 58.96 -14.57
N LEU OB 54 -53.04 59.71 -14.77
CA LEU OB 54 -51.70 59.17 -14.56
C LEU OB 54 -51.13 59.58 -13.22
N LEU OB 55 -50.48 58.61 -12.57
CA LEU OB 55 -49.80 58.84 -11.32
C LEU OB 55 -48.29 58.77 -11.56
N GLU OB 56 -47.57 59.78 -11.05
CA GLU OB 56 -46.11 59.95 -11.16
C GLU OB 56 -45.49 60.30 -12.53
N SER OB 57 -45.89 59.58 -13.59
CA SER OB 57 -45.39 59.79 -14.97
C SER OB 57 -43.89 59.53 -15.21
N GLU OB 58 -43.38 59.97 -16.37
CA GLU OB 58 -41.98 59.75 -16.82
C GLU OB 58 -41.77 58.27 -16.66
N ARG OB 59 -42.60 57.52 -17.36
CA ARG OB 59 -42.66 56.08 -17.22
C ARG OB 59 -41.85 55.43 -18.33
N GLU OB 60 -42.54 54.93 -19.34
CA GLU OB 60 -41.91 54.26 -20.48
C GLU OB 60 -42.91 54.14 -21.64
N ALA OB 61 -42.44 53.73 -22.81
CA ALA OB 61 -43.21 53.00 -23.82
C ALA OB 61 -42.23 52.36 -24.79
N ARG OB 62 -42.64 51.24 -25.39
CA ARG OB 62 -41.93 50.66 -26.51
C ARG OB 62 -42.85 50.74 -27.72
N ARG OB 63 -42.41 51.45 -28.75
CA ARG OB 63 -43.25 51.65 -29.93
C ARG OB 63 -43.45 50.34 -30.69
N LEU OB 64 -44.71 50.01 -30.96
CA LEU OB 64 -45.06 48.74 -31.57
C LEU OB 64 -44.67 48.70 -33.05
N GLY PB 1 -93.76 -27.50 -30.23
CA GLY PB 1 -94.92 -27.79 -29.41
C GLY PB 1 -94.58 -28.10 -27.97
N HIS PB 2 -95.57 -28.42 -27.14
CA HIS PB 2 -96.97 -28.51 -27.55
C HIS PB 2 -97.70 -27.18 -27.37
N GLN PB 3 -99.01 -27.19 -27.63
CA GLN PB 3 -99.74 -25.93 -27.84
C GLN PB 3 -99.88 -25.11 -26.57
N GLN PB 4 -99.85 -25.75 -25.39
CA GLN PB 4 -100.11 -25.02 -24.17
C GLN PB 4 -98.90 -24.23 -23.69
N LEU PB 5 -97.68 -24.60 -24.10
CA LEU PB 5 -96.49 -23.87 -23.65
C LEU PB 5 -95.50 -23.56 -24.77
N TYR PB 6 -95.94 -23.57 -26.03
CA TYR PB 6 -94.97 -23.24 -27.09
C TYR PB 6 -94.73 -21.74 -27.19
N TRP PB 7 -95.79 -20.95 -27.09
CA TRP PB 7 -95.72 -19.49 -27.15
C TRP PB 7 -96.61 -18.91 -26.07
N SER PB 8 -96.54 -19.51 -24.87
CA SER PB 8 -97.48 -19.23 -23.80
C SER PB 8 -97.18 -17.95 -23.05
N HIS PB 9 -95.93 -17.52 -23.03
CA HIS PB 9 -95.58 -16.29 -22.35
C HIS PB 9 -96.19 -15.11 -23.08
N PRO PB 10 -96.93 -14.23 -22.38
CA PRO PB 10 -97.78 -13.26 -23.08
C PRO PB 10 -97.02 -12.13 -23.77
N ARG PB 11 -97.07 -12.13 -25.10
CA ARG PB 11 -96.50 -11.04 -25.90
C ARG PB 11 -97.50 -9.90 -26.08
N LYS PB 12 -97.92 -9.38 -24.93
CA LYS PB 12 -98.52 -8.08 -24.73
C LYS PB 12 -97.41 -7.04 -24.64
N PHE PB 13 -97.67 -5.96 -23.91
CA PHE PB 13 -96.78 -4.85 -23.57
C PHE PB 13 -95.29 -5.17 -23.42
N GLY PB 14 -94.44 -4.28 -23.87
CA GLY PB 14 -93.02 -4.54 -23.76
C GLY PB 14 -92.38 -4.71 -25.12
N GLN PB 15 -91.08 -4.48 -25.19
CA GLN PB 15 -90.35 -4.50 -26.45
C GLN PB 15 -90.06 -5.91 -26.97
N GLY PB 16 -90.59 -6.95 -26.33
CA GLY PB 16 -90.55 -8.28 -26.90
C GLY PB 16 -91.69 -8.58 -27.84
N SER PB 17 -92.65 -7.67 -27.95
CA SER PB 17 -93.78 -7.81 -28.85
C SER PB 17 -93.95 -6.55 -29.69
N ARG PB 18 -92.84 -5.92 -30.04
CA ARG PB 18 -92.84 -4.82 -30.98
C ARG PB 18 -91.64 -5.02 -31.88
N SER PB 19 -91.87 -5.14 -33.17
CA SER PB 19 -90.82 -5.39 -34.12
C SER PB 19 -90.85 -4.33 -35.22
N CYS PB 20 -89.69 -4.10 -35.82
CA CYS PB 20 -89.61 -3.21 -36.98
C CYS PB 20 -90.39 -3.78 -38.14
N ARG PB 21 -91.16 -2.96 -38.84
CA ARG PB 21 -91.93 -3.49 -39.95
C ARG PB 21 -91.05 -3.87 -41.13
N VAL PB 22 -89.85 -3.28 -41.23
CA VAL PB 22 -88.96 -3.61 -42.33
C VAL PB 22 -88.06 -4.79 -42.00
N CYS PB 23 -87.35 -4.74 -40.88
CA CYS PB 23 -86.28 -5.69 -40.61
C CYS PB 23 -86.54 -6.60 -39.43
N SER PB 24 -87.74 -6.54 -38.82
CA SER PB 24 -88.18 -7.44 -37.74
C SER PB 24 -87.28 -7.40 -36.51
N ASN PB 25 -86.65 -6.26 -36.26
CA ASN PB 25 -85.79 -6.09 -35.10
C ASN PB 25 -86.57 -5.43 -33.97
N ARG PB 26 -86.12 -5.65 -32.74
CA ARG PB 26 -86.84 -5.20 -31.57
C ARG PB 26 -86.11 -4.13 -30.77
N HIS PB 27 -84.97 -3.65 -31.25
CA HIS PB 27 -84.24 -2.56 -30.60
C HIS PB 27 -84.29 -1.30 -31.45
N GLY PB 28 -84.21 -0.16 -30.78
CA GLY PB 28 -84.11 1.14 -31.43
C GLY PB 28 -85.29 1.49 -32.29
N LEU PB 29 -86.49 1.27 -31.79
CA LEU PB 29 -87.69 1.35 -32.61
C LEU PB 29 -88.36 2.70 -32.43
N ILE PB 30 -88.96 3.19 -33.52
CA ILE PB 30 -89.67 4.46 -33.53
C ILE PB 30 -91.15 4.13 -33.69
N ARG PB 31 -91.93 4.29 -32.64
CA ARG PB 31 -93.35 4.01 -32.72
C ARG PB 31 -94.19 5.26 -32.82
N LYS PB 32 -93.55 6.41 -32.80
CA LYS PB 32 -94.28 7.67 -32.90
C LYS PB 32 -94.96 7.77 -34.25
N TYR PB 33 -96.19 8.30 -34.25
CA TYR PB 33 -97.06 8.48 -35.42
C TYR PB 33 -97.41 7.18 -36.14
N GLY PB 34 -97.21 6.02 -35.50
CA GLY PB 34 -97.46 4.77 -36.15
C GLY PB 34 -96.46 4.39 -37.22
N LEU PB 35 -95.21 4.83 -37.08
CA LEU PB 35 -94.14 4.33 -37.95
C LEU PB 35 -93.90 2.85 -37.72
N ASN PB 36 -93.56 2.49 -36.47
CA ASN PB 36 -93.21 1.13 -36.05
C ASN PB 36 -92.06 0.55 -36.87
N MET PB 37 -91.04 1.39 -37.09
CA MET PB 37 -89.82 0.95 -37.71
C MET PB 37 -88.64 1.18 -36.78
N CYS PB 38 -87.51 0.58 -37.12
CA CYS PB 38 -86.27 0.78 -36.39
C CYS PB 38 -85.69 2.14 -36.72
N ARG PB 39 -84.70 2.56 -35.94
CA ARG PB 39 -84.14 3.90 -36.15
C ARG PB 39 -83.18 3.96 -37.33
N GLN PB 40 -82.66 2.81 -37.78
CA GLN PB 40 -81.84 2.78 -38.97
C GLN PB 40 -82.65 2.56 -40.24
N CYS PB 41 -83.66 1.69 -40.18
CA CYS PB 41 -84.52 1.48 -41.34
C CYS PB 41 -85.42 2.66 -41.60
N PHE PB 42 -85.59 3.55 -40.63
CA PHE PB 42 -86.26 4.81 -40.91
C PHE PB 42 -85.42 5.70 -41.82
N ARG PB 43 -84.11 5.70 -41.63
CA ARG PB 43 -83.26 6.61 -42.40
C ARG PB 43 -83.08 6.16 -43.85
N GLN PB 44 -83.39 4.91 -44.17
CA GLN PB 44 -83.44 4.52 -45.57
C GLN PB 44 -84.69 5.09 -46.24
N TYR PB 45 -85.84 4.93 -45.59
CA TYR PB 45 -87.12 5.34 -46.14
C TYR PB 45 -87.58 6.70 -45.60
N ALA PB 46 -86.65 7.56 -45.20
CA ALA PB 46 -87.02 8.85 -44.63
C ALA PB 46 -87.61 9.77 -45.69
N LYS PB 47 -87.06 9.74 -46.90
CA LYS PB 47 -87.57 10.56 -47.99
C LYS PB 47 -88.72 9.87 -48.73
N ASP PB 48 -88.71 8.54 -48.79
CA ASP PB 48 -89.77 7.82 -49.48
C ASP PB 48 -91.09 7.88 -48.73
N ILE PB 49 -91.06 7.98 -47.40
CA ILE PB 49 -92.26 8.31 -46.66
C ILE PB 49 -92.63 9.77 -46.90
N GLY PB 50 -91.63 10.65 -46.89
CA GLY PB 50 -91.89 12.04 -47.21
C GLY PB 50 -91.39 13.01 -46.18
N PHE PB 51 -90.44 12.61 -45.34
CA PHE PB 51 -89.85 13.53 -44.38
C PHE PB 51 -88.67 14.22 -45.05
N ILE PB 52 -88.53 15.51 -44.78
CA ILE PB 52 -87.51 16.35 -45.41
C ILE PB 52 -86.62 16.91 -44.31
N LYS PB 53 -85.32 16.77 -44.47
CA LYS PB 53 -84.40 17.39 -43.52
C LYS PB 53 -84.22 18.85 -43.94
N LEU PB 54 -85.05 19.72 -43.36
CA LEU PB 54 -85.03 21.15 -43.68
C LEU PB 54 -84.01 21.89 -42.82
N ASP PB 55 -84.00 21.63 -41.52
CA ASP PB 55 -82.98 22.20 -40.65
C ASP PB 55 -82.42 21.15 -39.69
N THR QB 1 -84.53 91.07 -65.47
CA THR QB 1 -84.96 91.94 -64.38
C THR QB 1 -85.76 91.14 -63.34
N GLU QB 2 -86.05 89.88 -63.65
CA GLU QB 2 -86.85 89.03 -62.80
C GLU QB 2 -86.02 87.86 -62.30
N GLN QB 3 -86.22 87.47 -61.04
CA GLN QB 3 -85.57 86.32 -60.45
C GLN QB 3 -86.39 85.88 -59.25
N MET QB 4 -86.09 84.68 -58.76
CA MET QB 4 -86.76 84.11 -57.61
C MET QB 4 -85.77 83.93 -56.46
N THR QB 5 -86.29 83.95 -55.24
CA THR QB 5 -85.50 83.79 -54.04
C THR QB 5 -85.93 82.54 -53.29
N LEU QB 6 -85.01 82.02 -52.48
CA LEU QB 6 -85.26 80.80 -51.71
C LEU QB 6 -86.10 81.15 -50.50
N ARG QB 7 -87.38 80.79 -50.55
CA ARG QB 7 -88.33 81.15 -49.49
C ARG QB 7 -88.48 80.06 -48.44
N GLY QB 8 -87.35 79.54 -47.95
CA GLY QB 8 -87.40 78.45 -46.99
C GLY QB 8 -87.77 77.13 -47.62
N THR QB 9 -87.83 76.10 -46.77
CA THR QB 9 -88.05 74.72 -47.19
C THR QB 9 -89.33 74.18 -46.54
N LEU QB 10 -89.56 72.88 -46.71
CA LEU QB 10 -90.68 72.18 -46.10
C LEU QB 10 -90.15 70.85 -45.55
N LYS QB 11 -89.87 70.81 -44.25
CA LYS QB 11 -89.37 69.59 -43.63
C LYS QB 11 -90.59 68.79 -43.25
N GLY QB 12 -90.74 67.62 -43.87
CA GLY QB 12 -91.90 66.80 -43.59
C GLY QB 12 -91.66 65.31 -43.51
N HIS QB 13 -91.03 64.75 -44.54
CA HIS QB 13 -90.78 63.32 -44.54
C HIS QB 13 -89.38 62.96 -45.00
N ASN QB 14 -88.87 61.86 -44.47
CA ASN QB 14 -87.56 61.35 -44.82
C ASN QB 14 -87.72 60.55 -46.10
N GLY QB 15 -87.18 61.06 -47.19
CA GLY QB 15 -87.28 60.38 -48.47
C GLY QB 15 -87.39 61.39 -49.59
N TRP QB 16 -87.34 60.89 -50.81
CA TRP QB 16 -87.45 61.76 -51.96
C TRP QB 16 -88.91 62.20 -52.13
N VAL QB 17 -89.11 63.23 -52.93
CA VAL QB 17 -90.43 63.82 -53.14
C VAL QB 17 -90.80 63.60 -54.60
N THR QB 18 -91.74 62.70 -54.86
CA THR QB 18 -91.91 62.22 -56.23
C THR QB 18 -92.76 63.16 -57.07
N GLN QB 19 -93.91 63.61 -56.55
CA GLN QB 19 -94.72 64.57 -57.30
C GLN QB 19 -95.55 65.46 -56.39
N ILE QB 20 -95.28 66.76 -56.45
CA ILE QB 20 -96.13 67.77 -55.83
C ILE QB 20 -97.46 67.84 -56.58
N ALA QB 21 -98.56 67.93 -55.86
CA ALA QB 21 -99.86 68.18 -56.45
C ALA QB 21 -100.55 69.30 -55.69
N THR QB 22 -101.24 70.18 -56.42
CA THR QB 22 -101.87 71.35 -55.82
C THR QB 22 -103.07 71.77 -56.66
N THR QB 23 -103.91 72.62 -56.09
CA THR QB 23 -105.14 73.13 -56.69
C THR QB 23 -105.33 74.59 -56.32
N PRO QB 24 -106.01 75.38 -57.18
CA PRO QB 24 -106.33 76.76 -56.79
C PRO QB 24 -107.42 76.87 -55.76
N GLN QB 25 -108.19 75.80 -55.54
CA GLN QB 25 -109.41 75.90 -54.75
C GLN QB 25 -109.10 76.05 -53.27
N PHE QB 26 -108.07 75.36 -52.79
CA PHE QB 26 -107.57 75.50 -51.43
C PHE QB 26 -106.09 75.83 -51.53
N PRO QB 27 -105.75 77.11 -51.72
CA PRO QB 27 -104.35 77.48 -51.95
C PRO QB 27 -103.47 77.45 -50.71
N ASP QB 28 -104.02 77.13 -49.54
CA ASP QB 28 -103.23 77.03 -48.32
C ASP QB 28 -102.78 75.62 -48.02
N MET QB 29 -103.20 74.63 -48.81
CA MET QB 29 -102.78 73.25 -48.61
C MET QB 29 -102.28 72.67 -49.92
N ILE QB 30 -101.17 71.94 -49.85
CA ILE QB 30 -100.69 71.12 -50.94
C ILE QB 30 -100.42 69.73 -50.38
N LEU QB 31 -100.10 68.80 -51.28
CA LEU QB 31 -99.77 67.45 -50.85
C LEU QB 31 -98.69 66.88 -51.74
N SER QB 32 -97.78 66.12 -51.14
CA SER QB 32 -96.56 65.65 -51.80
C SER QB 32 -96.42 64.15 -51.57
N ALA QB 33 -96.47 63.38 -52.64
CA ALA QB 33 -96.15 61.97 -52.55
C ALA QB 33 -94.66 61.78 -52.30
N SER QB 34 -94.29 60.62 -51.78
CA SER QB 34 -92.91 60.40 -51.39
C SER QB 34 -92.56 58.93 -51.42
N ARG QB 35 -91.27 58.65 -51.23
CA ARG QB 35 -90.72 57.30 -51.22
C ARG QB 35 -90.58 56.74 -49.81
N ASP QB 36 -91.33 57.27 -48.85
CA ASP QB 36 -91.50 56.64 -47.55
C ASP QB 36 -92.94 56.24 -47.31
N LYS QB 37 -93.66 55.97 -48.40
CA LYS QB 37 -95.02 55.41 -48.44
C LYS QB 37 -96.07 56.34 -47.84
N THR QB 38 -95.76 57.63 -47.70
CA THR QB 38 -96.69 58.60 -47.13
C THR QB 38 -97.01 59.68 -48.14
N ILE QB 39 -98.16 60.32 -47.94
CA ILE QB 39 -98.57 61.50 -48.69
C ILE QB 39 -98.89 62.58 -47.66
N ILE QB 40 -98.15 63.68 -47.72
CA ILE QB 40 -98.13 64.67 -46.64
C ILE QB 40 -98.98 65.86 -47.06
N MET QB 41 -100.16 66.00 -46.46
CA MET QB 41 -100.96 67.22 -46.58
C MET QB 41 -100.23 68.36 -45.88
N TRP QB 42 -99.79 69.34 -46.64
CA TRP QB 42 -99.20 70.51 -46.02
C TRP QB 42 -100.30 71.51 -45.66
N LYS QB 43 -99.92 72.48 -44.84
CA LYS QB 43 -100.79 73.62 -44.55
C LYS QB 43 -99.92 74.86 -44.56
N LEU QB 44 -100.09 75.68 -45.60
CA LEU QB 44 -99.21 76.81 -45.82
C LEU QB 44 -99.54 77.93 -44.84
N THR QB 45 -98.58 78.25 -43.98
CA THR QB 45 -98.63 79.43 -43.11
C THR QB 45 -97.40 80.26 -43.45
N ARG QB 46 -97.61 81.39 -44.12
CA ARG QB 46 -96.50 82.18 -44.62
C ARG QB 46 -95.79 82.89 -43.46
N ASP QB 47 -94.86 82.17 -42.83
CA ASP QB 47 -94.20 82.59 -41.60
C ASP QB 47 -92.72 82.26 -41.74
N GLU QB 48 -91.89 82.89 -40.91
CA GLU QB 48 -90.47 82.60 -40.93
C GLU QB 48 -90.19 81.23 -40.31
N THR QB 49 -89.39 80.42 -41.01
CA THR QB 49 -88.95 79.06 -40.68
C THR QB 49 -90.07 78.03 -40.53
N ASN QB 50 -91.31 78.43 -40.77
CA ASN QB 50 -92.46 77.57 -40.61
C ASN QB 50 -93.43 77.78 -41.76
N TYR QB 51 -92.90 77.74 -43.00
CA TYR QB 51 -93.70 78.03 -44.19
C TYR QB 51 -94.82 77.04 -44.42
N GLY QB 52 -94.70 75.82 -43.89
CA GLY QB 52 -95.80 74.87 -43.92
C GLY QB 52 -95.58 73.72 -42.96
N ILE QB 53 -96.61 73.37 -42.20
CA ILE QB 53 -96.55 72.21 -41.32
C ILE QB 53 -97.19 71.03 -42.05
N PRO QB 54 -96.86 69.79 -41.70
CA PRO QB 54 -97.69 68.66 -42.15
C PRO QB 54 -99.03 68.72 -41.44
N GLN QB 55 -100.11 68.83 -42.22
CA GLN QB 55 -101.44 68.74 -41.62
C GLN QB 55 -101.82 67.29 -41.37
N ARG QB 56 -101.50 66.39 -42.31
CA ARG QB 56 -101.91 65.01 -42.22
C ARG QB 56 -101.06 64.16 -43.16
N ALA QB 57 -100.66 62.99 -42.69
CA ALA QB 57 -100.04 61.98 -43.53
C ALA QB 57 -101.11 60.99 -43.98
N LEU QB 58 -100.94 60.48 -45.19
CA LEU QB 58 -101.91 59.58 -45.81
C LEU QB 58 -101.20 58.26 -46.06
N ARG QB 59 -101.19 57.40 -45.04
CA ARG QB 59 -100.48 56.13 -45.10
C ARG QB 59 -101.38 55.02 -45.62
N GLY QB 60 -100.76 53.97 -46.14
CA GLY QB 60 -101.51 52.84 -46.62
C GLY QB 60 -100.98 52.14 -47.85
N HIS QB 61 -99.87 52.62 -48.41
CA HIS QB 61 -99.27 51.95 -49.55
C HIS QB 61 -98.19 50.98 -49.09
N SER QB 62 -97.96 49.95 -49.89
CA SER QB 62 -96.98 48.93 -49.55
C SER QB 62 -95.56 49.32 -49.94
N HIS QB 63 -95.38 50.15 -50.96
CA HIS QB 63 -94.06 50.53 -51.42
C HIS QB 63 -94.13 52.00 -51.87
N PHE QB 64 -93.11 52.46 -52.60
CA PHE QB 64 -92.89 53.87 -52.91
C PHE QB 64 -94.05 54.45 -53.70
N VAL QB 65 -94.51 55.63 -53.30
CA VAL QB 65 -95.66 56.26 -53.94
C VAL QB 65 -95.17 57.03 -55.15
N SER QB 66 -95.66 56.63 -56.33
CA SER QB 66 -95.15 57.16 -57.59
C SER QB 66 -95.65 58.57 -57.86
N ASP QB 67 -96.97 58.77 -57.86
CA ASP QB 67 -97.49 60.11 -58.06
C ASP QB 67 -98.79 60.30 -57.27
N VAL QB 68 -99.31 61.52 -57.33
CA VAL QB 68 -100.57 61.87 -56.70
C VAL QB 68 -101.18 63.04 -57.45
N VAL QB 69 -102.50 63.03 -57.61
CA VAL QB 69 -103.24 64.11 -58.23
C VAL QB 69 -104.39 64.50 -57.30
N ILE QB 70 -104.98 65.66 -57.56
CA ILE QB 70 -106.11 66.16 -56.77
C ILE QB 70 -107.26 66.43 -57.72
N SER QB 71 -108.48 66.22 -57.24
CA SER QB 71 -109.67 66.43 -58.05
C SER QB 71 -109.97 67.92 -58.21
N SER QB 72 -111.10 68.23 -58.83
CA SER QB 72 -111.44 69.60 -59.21
C SER QB 72 -112.15 70.37 -58.11
N ASP QB 73 -112.31 69.78 -56.92
CA ASP QB 73 -112.89 70.48 -55.79
C ASP QB 73 -112.06 70.39 -54.52
N GLY QB 74 -110.96 69.64 -54.53
CA GLY QB 74 -110.14 69.45 -53.35
C GLY QB 74 -110.69 68.44 -52.37
N GLN QB 75 -111.74 67.72 -52.71
CA GLN QB 75 -112.38 66.77 -51.82
C GLN QB 75 -111.91 65.34 -52.05
N PHE QB 76 -111.10 65.11 -53.09
CA PHE QB 76 -110.60 63.78 -53.40
C PHE QB 76 -109.18 63.88 -53.91
N ALA QB 77 -108.45 62.77 -53.80
CA ALA QB 77 -107.09 62.70 -54.30
C ALA QB 77 -106.80 61.27 -54.73
N LEU QB 78 -106.27 61.12 -55.95
CA LEU QB 78 -105.92 59.83 -56.50
C LEU QB 78 -104.41 59.71 -56.49
N SER QB 79 -103.89 58.53 -56.17
CA SER QB 79 -102.46 58.33 -56.05
C SER QB 79 -102.09 56.93 -56.51
N GLY QB 80 -100.89 56.81 -57.05
CA GLY QB 80 -100.34 55.53 -57.47
C GLY QB 80 -99.03 55.28 -56.78
N SER QB 81 -98.79 54.03 -56.41
CA SER QB 81 -97.58 53.64 -55.71
C SER QB 81 -96.88 52.52 -56.46
N TRP QB 82 -95.73 52.10 -55.94
CA TRP QB 82 -94.99 51.02 -56.57
C TRP QB 82 -95.39 49.64 -56.07
N ASP QB 83 -96.60 49.48 -55.54
CA ASP QB 83 -97.16 48.17 -55.28
C ASP QB 83 -98.26 47.81 -56.28
N GLY QB 84 -98.47 48.62 -57.31
CA GLY QB 84 -99.51 48.36 -58.28
C GLY QB 84 -100.91 48.69 -57.82
N THR QB 85 -101.04 49.48 -56.77
CA THR QB 85 -102.34 49.83 -56.20
C THR QB 85 -102.59 51.30 -56.40
N LEU QB 86 -103.80 51.64 -56.82
CA LEU QB 86 -104.25 53.03 -56.91
C LEU QB 86 -105.23 53.29 -55.77
N ARG QB 87 -104.93 54.30 -54.96
CA ARG QB 87 -105.79 54.65 -53.83
C ARG QB 87 -106.47 55.99 -54.04
N LEU QB 88 -107.77 56.03 -53.79
CA LEU QB 88 -108.58 57.23 -53.94
C LEU QB 88 -108.93 57.71 -52.53
N TRP QB 89 -108.45 58.91 -52.20
CA TRP QB 89 -108.45 59.38 -50.82
C TRP QB 89 -109.59 60.35 -50.57
N ASP QB 90 -110.08 60.36 -49.33
CA ASP QB 90 -111.00 61.39 -48.85
C ASP QB 90 -110.21 62.46 -48.12
N LEU QB 91 -110.30 63.69 -48.59
CA LEU QB 91 -109.71 64.79 -47.86
C LEU QB 91 -110.61 65.15 -46.68
N THR QB 92 -110.00 65.82 -45.68
CA THR QB 92 -110.58 66.24 -44.40
C THR QB 92 -111.03 65.08 -43.51
N THR QB 93 -110.79 63.84 -43.92
CA THR QB 93 -110.87 62.67 -43.05
C THR QB 93 -109.67 61.74 -43.16
N GLY QB 94 -108.87 61.85 -44.22
CA GLY QB 94 -107.72 60.97 -44.41
C GLY QB 94 -108.08 59.53 -44.70
N THR QB 95 -109.20 59.31 -45.38
CA THR QB 95 -109.79 57.99 -45.54
C THR QB 95 -109.63 57.51 -46.98
N THR QB 96 -109.13 56.29 -47.14
CA THR QB 96 -109.15 55.63 -48.44
C THR QB 96 -110.58 55.27 -48.80
N THR QB 97 -111.07 55.76 -49.95
CA THR QB 97 -112.42 55.47 -50.38
C THR QB 97 -112.49 54.10 -51.07
N ARG QB 98 -111.79 53.97 -52.20
CA ARG QB 98 -111.74 52.73 -52.95
C ARG QB 98 -110.34 52.53 -53.48
N ARG QB 99 -109.95 51.27 -53.62
CA ARG QB 99 -108.67 50.91 -54.21
C ARG QB 99 -108.89 50.09 -55.46
N PHE QB 100 -107.95 50.21 -56.40
CA PHE QB 100 -108.11 49.71 -57.75
C PHE QB 100 -107.19 48.50 -57.93
N VAL QB 101 -107.79 47.33 -58.15
CA VAL QB 101 -107.03 46.08 -58.26
C VAL QB 101 -106.73 45.91 -59.74
N GLY QB 102 -105.59 46.43 -60.16
CA GLY QB 102 -105.26 46.50 -61.57
C GLY QB 102 -104.03 45.75 -62.03
N HIS QB 103 -102.98 46.53 -62.28
CA HIS QB 103 -101.78 46.09 -62.99
C HIS QB 103 -101.04 45.01 -62.20
N THR QB 104 -100.44 44.08 -62.94
CA THR QB 104 -99.60 43.04 -62.33
C THR QB 104 -98.36 43.66 -61.71
N LYS QB 105 -97.63 44.44 -62.48
CA LYS QB 105 -96.50 45.20 -61.94
C LYS QB 105 -97.02 46.53 -61.42
N ASP QB 106 -96.11 47.47 -61.19
CA ASP QB 106 -96.39 48.66 -60.41
C ASP QB 106 -96.69 49.88 -61.28
N VAL QB 107 -97.72 50.64 -60.88
CA VAL QB 107 -98.16 51.81 -61.62
C VAL QB 107 -97.17 52.96 -61.43
N LEU QB 108 -96.87 53.65 -62.52
CA LEU QB 108 -95.97 54.79 -62.52
C LEU QB 108 -96.67 56.14 -62.53
N SER QB 109 -97.81 56.27 -63.19
CA SER QB 109 -98.43 57.58 -63.29
C SER QB 109 -99.95 57.45 -63.45
N VAL QB 110 -100.66 58.46 -62.94
CA VAL QB 110 -102.10 58.58 -63.04
C VAL QB 110 -102.45 60.02 -63.39
N ALA QB 111 -103.70 60.23 -63.79
CA ALA QB 111 -104.18 61.58 -64.11
C ALA QB 111 -105.70 61.64 -63.98
N PHE QB 112 -106.19 62.84 -63.71
CA PHE QB 112 -107.60 63.19 -63.69
C PHE QB 112 -107.98 64.00 -64.92
N SER QB 113 -109.29 64.02 -65.19
CA SER QB 113 -109.87 64.91 -66.18
C SER QB 113 -110.47 66.13 -65.50
N SER QB 114 -111.01 67.04 -66.31
CA SER QB 114 -111.69 68.20 -65.75
C SER QB 114 -113.10 67.86 -65.28
N ASP QB 115 -113.63 66.70 -65.67
CA ASP QB 115 -114.93 66.26 -65.21
C ASP QB 115 -114.82 65.23 -64.09
N ASN QB 116 -113.64 64.61 -63.94
CA ASN QB 116 -113.35 63.58 -62.93
C ASN QB 116 -114.28 62.37 -63.07
N ARG QB 117 -114.64 62.03 -64.29
CA ARG QB 117 -115.48 60.86 -64.54
C ARG QB 117 -114.65 59.60 -64.75
N GLN QB 118 -113.45 59.73 -65.30
CA GLN QB 118 -112.61 58.58 -65.63
C GLN QB 118 -111.19 58.82 -65.15
N ILE QB 119 -110.49 57.72 -64.86
CA ILE QB 119 -109.15 57.74 -64.27
C ILE QB 119 -108.24 56.88 -65.14
N VAL QB 120 -107.05 57.38 -65.43
CA VAL QB 120 -106.08 56.67 -66.25
C VAL QB 120 -104.92 56.24 -65.35
N SER QB 121 -104.23 55.17 -65.73
CA SER QB 121 -103.11 54.65 -64.94
C SER QB 121 -102.09 54.03 -65.90
N GLY QB 122 -100.99 54.74 -66.13
CA GLY QB 122 -99.87 54.19 -66.86
C GLY QB 122 -98.93 53.47 -65.90
N SER QB 123 -98.50 52.27 -66.31
CA SER QB 123 -97.81 51.37 -65.41
C SER QB 123 -96.59 50.75 -66.07
N ARG QB 124 -95.79 50.09 -65.25
CA ARG QB 124 -94.52 49.51 -65.65
C ARG QB 124 -94.69 48.13 -66.29
N ASP QB 125 -95.89 47.55 -66.29
CA ASP QB 125 -96.12 46.31 -66.99
C ASP QB 125 -96.57 46.50 -68.44
N LYS QB 126 -96.11 47.58 -69.07
CA LYS QB 126 -96.31 47.91 -70.49
C LYS QB 126 -97.77 48.12 -70.86
N THR QB 127 -98.63 48.38 -69.88
CA THR QB 127 -100.05 48.59 -70.10
C THR QB 127 -100.45 49.99 -69.69
N ILE QB 128 -101.72 50.29 -69.92
CA ILE QB 128 -102.37 51.53 -69.50
C ILE QB 128 -103.87 51.26 -69.49
N LYS QB 129 -104.54 51.69 -68.43
CA LYS QB 129 -105.94 51.35 -68.22
C LYS QB 129 -106.79 52.60 -68.10
N LEU QB 130 -108.09 52.43 -68.28
CA LEU QB 130 -109.07 53.51 -68.19
C LEU QB 130 -110.09 53.10 -67.14
N TRP QB 131 -110.02 53.74 -65.97
CA TRP QB 131 -110.78 53.33 -64.80
C TRP QB 131 -112.07 54.13 -64.69
N ASN QB 132 -113.14 53.45 -64.25
CA ASN QB 132 -114.29 54.17 -63.73
C ASN QB 132 -114.01 54.62 -62.30
N THR QB 133 -114.82 55.57 -61.81
CA THR QB 133 -114.61 56.10 -60.49
C THR QB 133 -114.94 55.07 -59.41
N LEU QB 134 -115.99 54.27 -59.63
CA LEU QB 134 -116.40 53.23 -58.69
C LEU QB 134 -115.70 51.90 -58.93
N GLY QB 135 -114.39 51.93 -59.06
CA GLY QB 135 -113.57 50.72 -59.06
C GLY QB 135 -113.14 50.02 -60.34
N VAL QB 136 -114.06 49.85 -61.29
CA VAL QB 136 -113.79 48.99 -62.44
C VAL QB 136 -113.04 49.75 -63.53
N CYS QB 137 -112.41 48.99 -64.42
CA CYS QB 137 -111.68 49.53 -65.56
C CYS QB 137 -112.48 49.31 -66.84
N LYS QB 138 -112.18 50.11 -67.86
CA LYS QB 138 -112.87 49.93 -69.14
C LYS QB 138 -112.30 48.71 -69.85
N TYR QB 139 -111.02 48.80 -70.26
CA TYR QB 139 -110.21 47.71 -70.79
C TYR QB 139 -108.78 48.19 -70.91
N THR QB 140 -107.83 47.32 -70.56
CA THR QB 140 -106.43 47.61 -70.84
C THR QB 140 -106.14 47.44 -72.32
N VAL QB 141 -105.12 48.15 -72.79
CA VAL QB 141 -104.83 48.22 -74.23
C VAL QB 141 -103.58 47.40 -74.51
N GLN QB 142 -103.78 46.26 -75.18
CA GLN QB 142 -102.70 45.38 -75.59
C GLN QB 142 -102.35 45.68 -77.04
N ASP QB 143 -101.18 45.20 -77.48
CA ASP QB 143 -100.54 45.15 -78.82
C ASP QB 143 -100.68 46.43 -79.64
N GLU QB 144 -100.85 47.59 -79.00
CA GLU QB 144 -100.89 48.88 -79.67
C GLU QB 144 -100.08 49.92 -78.89
N SER QB 145 -99.87 49.70 -77.60
CA SER QB 145 -99.19 50.58 -76.69
C SER QB 145 -97.67 50.36 -76.77
N HIS QB 146 -96.95 50.88 -75.78
CA HIS QB 146 -95.49 50.78 -75.75
C HIS QB 146 -95.03 49.33 -75.61
N SER QB 147 -93.82 49.07 -76.12
CA SER QB 147 -93.14 47.80 -75.90
C SER QB 147 -92.14 47.90 -74.75
N GLU QB 148 -92.35 48.83 -73.84
CA GLU QB 148 -91.44 49.12 -72.73
C GLU QB 148 -92.30 49.79 -71.65
N TRP QB 149 -91.68 50.27 -70.58
CA TRP QB 149 -92.39 50.80 -69.44
C TRP QB 149 -93.13 52.09 -69.80
N VAL QB 150 -94.38 52.19 -69.36
CA VAL QB 150 -95.20 53.35 -69.67
C VAL QB 150 -95.00 54.38 -68.56
N SER QB 151 -94.32 55.47 -68.90
CA SER QB 151 -94.08 56.59 -68.01
C SER QB 151 -95.29 57.51 -67.95
N CYS QB 152 -95.06 58.76 -67.52
CA CYS QB 152 -96.05 59.81 -67.26
C CYS QB 152 -97.19 59.88 -68.27
N VAL QB 153 -98.42 59.93 -67.75
CA VAL QB 153 -99.64 59.95 -68.55
C VAL QB 153 -100.47 61.14 -68.10
N ARG QB 154 -100.93 61.95 -69.05
CA ARG QB 154 -101.73 63.15 -68.75
C ARG QB 154 -102.95 63.20 -69.65
N PHE QB 155 -103.89 64.07 -69.28
CA PHE QB 155 -105.08 64.37 -70.06
C PHE QB 155 -105.00 65.79 -70.61
N SER QB 156 -105.82 66.04 -71.63
CA SER QB 156 -105.96 67.40 -72.15
C SER QB 156 -106.97 68.16 -71.31
N PRO QB 157 -106.67 69.39 -70.90
CA PRO QB 157 -107.50 70.10 -69.92
C PRO QB 157 -108.72 70.80 -70.50
N ASN QB 158 -109.05 70.62 -71.77
CA ASN QB 158 -110.14 71.34 -72.40
C ASN QB 158 -111.34 70.43 -72.66
N SER QB 159 -112.50 71.06 -72.86
CA SER QB 159 -113.74 70.32 -73.06
C SER QB 159 -113.82 69.71 -74.45
N SER QB 160 -113.78 70.54 -75.49
CA SER QB 160 -113.69 70.03 -76.84
C SER QB 160 -112.24 69.65 -77.13
N ASN QB 161 -112.08 68.75 -78.11
CA ASN QB 161 -110.89 67.91 -78.31
C ASN QB 161 -110.39 67.31 -76.99
N PRO QB 162 -111.09 66.36 -76.36
CA PRO QB 162 -110.46 65.65 -75.23
C PRO QB 162 -109.62 64.49 -75.75
N ILE QB 163 -108.40 64.39 -75.23
CA ILE QB 163 -107.40 63.48 -75.79
C ILE QB 163 -106.37 63.21 -74.70
N ILE QB 164 -105.75 62.02 -74.75
CA ILE QB 164 -104.82 61.61 -73.71
C ILE QB 164 -103.44 61.44 -74.32
N VAL QB 165 -102.40 61.64 -73.51
CA VAL QB 165 -101.02 61.46 -73.95
C VAL QB 165 -100.35 60.46 -73.01
N SER QB 166 -99.29 59.82 -73.50
CA SER QB 166 -98.56 58.84 -72.71
C SER QB 166 -97.15 58.69 -73.26
N CYS QB 167 -96.16 59.15 -72.52
CA CYS QB 167 -94.77 58.90 -72.86
C CYS QB 167 -94.36 57.52 -72.31
N GLY QB 168 -93.07 57.21 -72.34
CA GLY QB 168 -92.63 55.93 -71.85
C GLY QB 168 -91.19 55.68 -72.24
N TRP QB 169 -90.63 54.59 -71.71
CA TRP QB 169 -89.24 54.26 -72.00
C TRP QB 169 -89.06 53.56 -73.34
N ASP QB 170 -90.10 53.51 -74.17
CA ASP QB 170 -89.99 53.09 -75.56
C ASP QB 170 -89.52 54.23 -76.46
N LYS QB 171 -89.29 55.42 -75.88
CA LYS QB 171 -88.84 56.64 -76.54
C LYS QB 171 -89.87 57.17 -77.54
N LEU QB 172 -91.15 56.90 -77.27
CA LEU QB 172 -92.26 57.30 -78.13
C LEU QB 172 -93.31 58.02 -77.28
N VAL QB 173 -94.01 58.97 -77.91
CA VAL QB 173 -94.83 59.96 -77.21
C VAL QB 173 -96.27 59.79 -77.71
N LYS QB 174 -96.72 58.54 -77.81
CA LYS QB 174 -98.06 58.14 -78.25
C LYS QB 174 -99.17 59.00 -77.65
N VAL QB 175 -100.08 59.46 -78.52
CA VAL QB 175 -101.18 60.35 -78.14
C VAL QB 175 -102.48 59.67 -78.57
N TRP QB 176 -103.38 59.41 -77.61
CA TRP QB 176 -104.56 58.57 -77.84
C TRP QB 176 -105.82 59.36 -77.56
N ASN QB 177 -106.84 59.18 -78.41
CA ASN QB 177 -108.15 59.74 -78.12
C ASN QB 177 -108.88 58.91 -77.07
N LEU QB 178 -109.83 59.56 -76.39
CA LEU QB 178 -110.44 58.96 -75.20
C LEU QB 178 -111.61 58.04 -75.53
N ALA QB 179 -112.24 58.19 -76.69
CA ALA QB 179 -113.54 57.56 -76.91
C ALA QB 179 -113.39 56.09 -77.28
N ASN QB 180 -112.77 55.81 -78.41
CA ASN QB 180 -112.52 54.44 -78.83
C ASN QB 180 -111.18 53.90 -78.35
N CYS QB 181 -110.32 54.78 -77.82
CA CYS QB 181 -109.00 54.45 -77.26
C CYS QB 181 -108.11 53.73 -78.28
N LYS QB 182 -107.81 54.43 -79.37
CA LYS QB 182 -106.86 53.97 -80.36
C LYS QB 182 -105.71 54.96 -80.48
N LEU QB 183 -104.57 54.44 -80.93
CA LEU QB 183 -103.39 55.28 -81.16
C LEU QB 183 -103.63 56.20 -82.35
N LYS QB 184 -103.77 57.50 -82.08
CA LYS QB 184 -103.85 58.48 -83.16
C LYS QB 184 -102.46 58.84 -83.69
N THR QB 185 -101.65 59.48 -82.85
CA THR QB 185 -100.40 60.08 -83.28
C THR QB 185 -99.26 59.41 -82.52
N ASN QB 186 -98.21 59.03 -83.24
CA ASN QB 186 -97.08 58.30 -82.67
C ASN QB 186 -95.82 59.13 -82.92
N HIS QB 187 -95.47 59.97 -81.94
CA HIS QB 187 -94.32 60.84 -82.08
C HIS QB 187 -93.02 60.07 -81.87
N ILE QB 188 -92.14 60.10 -82.87
CA ILE QB 188 -90.80 59.54 -82.79
C ILE QB 188 -89.83 60.71 -82.84
N GLY QB 189 -88.66 60.56 -82.24
CA GLY QB 189 -87.67 61.61 -82.30
C GLY QB 189 -86.82 61.79 -81.06
N HIS QB 190 -87.06 60.98 -80.03
CA HIS QB 190 -86.23 60.99 -78.84
C HIS QB 190 -85.13 59.94 -78.93
N THR QB 191 -84.02 60.21 -78.26
CA THR QB 191 -82.89 59.30 -78.24
C THR QB 191 -82.74 58.56 -76.91
N GLY QB 192 -83.20 59.17 -75.82
CA GLY QB 192 -83.20 58.52 -74.52
C GLY QB 192 -84.62 58.28 -74.04
N TYR QB 193 -84.72 57.53 -72.94
CA TYR QB 193 -86.02 57.18 -72.37
C TYR QB 193 -86.73 58.41 -71.83
N LEU QB 194 -88.05 58.34 -71.77
CA LEU QB 194 -88.89 59.47 -71.42
C LEU QB 194 -89.42 59.32 -70.00
N ASN QB 195 -89.38 60.43 -69.25
CA ASN QB 195 -89.88 60.43 -67.88
C ASN QB 195 -91.13 61.27 -67.67
N THR QB 196 -91.29 62.36 -68.42
CA THR QB 196 -92.37 63.29 -68.15
C THR QB 196 -92.98 63.79 -69.45
N VAL QB 197 -94.31 63.78 -69.52
CA VAL QB 197 -95.05 64.50 -70.55
C VAL QB 197 -95.93 65.52 -69.84
N THR QB 198 -96.14 66.67 -70.49
CA THR QB 198 -96.89 67.76 -69.87
C THR QB 198 -97.60 68.55 -70.95
N VAL QB 199 -98.91 68.72 -70.79
CA VAL QB 199 -99.70 69.50 -71.72
C VAL QB 199 -99.81 70.93 -71.20
N SER QB 200 -100.17 71.84 -72.10
CA SER QB 200 -100.31 73.26 -71.78
C SER QB 200 -101.62 73.51 -71.05
N PRO QB 201 -101.71 74.60 -70.27
CA PRO QB 201 -103.01 74.96 -69.67
C PRO QB 201 -104.07 75.30 -70.70
N ASP QB 202 -103.77 76.20 -71.62
CA ASP QB 202 -104.55 76.32 -72.85
C ASP QB 202 -104.19 75.12 -73.72
N GLY QB 203 -105.04 74.10 -73.72
CA GLY QB 203 -104.64 72.77 -74.14
C GLY QB 203 -104.40 72.55 -75.62
N SER QB 204 -103.48 73.33 -76.20
CA SER QB 204 -103.07 73.16 -77.59
C SER QB 204 -101.81 72.32 -77.73
N LEU QB 205 -100.72 72.76 -77.13
CA LEU QB 205 -99.42 72.12 -77.28
C LEU QB 205 -99.07 71.29 -76.06
N CYS QB 206 -98.08 70.43 -76.21
CA CYS QB 206 -97.65 69.52 -75.14
C CYS QB 206 -96.15 69.30 -75.25
N ALA QB 207 -95.53 69.16 -74.08
CA ALA QB 207 -94.08 69.05 -73.97
C ALA QB 207 -93.66 67.59 -73.84
N SER QB 208 -92.35 67.38 -73.70
CA SER QB 208 -91.77 66.06 -73.51
C SER QB 208 -90.36 66.23 -72.98
N GLY QB 209 -89.83 65.19 -72.34
CA GLY QB 209 -88.50 65.25 -71.78
C GLY QB 209 -88.05 63.89 -71.30
N GLY QB 210 -86.74 63.79 -71.06
CA GLY QB 210 -86.16 62.54 -70.63
C GLY QB 210 -84.66 62.56 -70.41
N LYS QB 211 -83.97 61.48 -70.77
CA LYS QB 211 -82.54 61.37 -70.50
C LYS QB 211 -81.72 62.28 -71.41
N ASP QB 212 -82.20 62.51 -72.64
CA ASP QB 212 -81.45 63.27 -73.64
C ASP QB 212 -81.29 64.74 -73.25
N GLY QB 213 -82.16 65.26 -72.39
CA GLY QB 213 -82.03 66.63 -71.94
C GLY QB 213 -82.70 67.64 -72.83
N GLN QB 214 -83.39 67.22 -73.88
CA GLN QB 214 -84.05 68.13 -74.80
C GLN QB 214 -85.56 68.12 -74.55
N ALA QB 215 -86.16 69.29 -74.64
CA ALA QB 215 -87.60 69.45 -74.46
C ALA QB 215 -88.21 69.53 -75.85
N MET QB 216 -88.82 68.43 -76.28
CA MET QB 216 -89.40 68.35 -77.63
C MET QB 216 -90.88 68.64 -77.54
N LEU QB 217 -91.27 69.87 -77.88
CA LEU QB 217 -92.66 70.26 -77.88
C LEU QB 217 -93.41 69.58 -79.02
N TRP QB 218 -94.72 69.43 -78.85
CA TRP QB 218 -95.58 68.84 -79.86
C TRP QB 218 -96.90 69.60 -79.87
N ASP QB 219 -97.82 69.19 -80.74
CA ASP QB 219 -99.13 69.81 -80.84
C ASP QB 219 -100.21 68.74 -80.73
N LEU QB 220 -101.32 69.10 -80.10
CA LEU QB 220 -102.48 68.22 -80.06
C LEU QB 220 -103.54 68.60 -81.09
N ASN QB 221 -103.34 69.71 -81.81
CA ASN QB 221 -104.23 70.10 -82.89
C ASN QB 221 -103.63 69.76 -84.26
N GLU QB 222 -102.46 70.31 -84.57
CA GLU QB 222 -101.77 69.95 -85.80
C GLU QB 222 -101.08 68.61 -85.66
N GLY QB 223 -100.11 68.52 -84.75
CA GLY QB 223 -99.45 67.27 -84.44
C GLY QB 223 -98.38 66.85 -85.42
N LYS QB 224 -97.46 67.76 -85.76
CA LYS QB 224 -96.33 67.39 -86.60
C LYS QB 224 -95.00 67.55 -85.86
N HIS QB 225 -94.68 68.75 -85.34
CA HIS QB 225 -93.50 69.08 -84.54
C HIS QB 225 -93.65 70.54 -84.15
N LEU QB 226 -93.05 70.93 -83.03
CA LEU QB 226 -92.90 72.34 -82.66
C LEU QB 226 -91.44 72.65 -82.37
N TYR QB 227 -91.20 73.80 -81.77
CA TYR QB 227 -89.88 74.22 -81.32
C TYR QB 227 -89.26 73.18 -80.38
N THR QB 228 -87.94 73.03 -80.48
CA THR QB 228 -87.20 72.01 -79.76
C THR QB 228 -85.91 72.60 -79.23
N LEU QB 229 -85.64 72.39 -77.94
CA LEU QB 229 -84.51 73.05 -77.28
C LEU QB 229 -83.88 72.12 -76.26
N ASP QB 230 -82.58 72.30 -76.06
CA ASP QB 230 -81.77 71.42 -75.23
C ASP QB 230 -81.52 72.09 -73.88
N GLY QB 231 -81.95 71.43 -72.80
CA GLY QB 231 -81.66 71.93 -71.48
C GLY QB 231 -80.85 70.99 -70.60
N GLY QB 232 -79.58 71.35 -70.38
CA GLY QB 232 -78.68 70.76 -69.40
C GLY QB 232 -78.60 69.25 -69.26
N ASP QB 233 -78.93 68.76 -68.06
CA ASP QB 233 -78.82 67.36 -67.70
C ASP QB 233 -80.14 66.64 -67.98
N ILE QB 234 -80.32 65.45 -67.41
CA ILE QB 234 -81.57 64.70 -67.57
C ILE QB 234 -82.75 65.45 -66.96
N ILE QB 235 -83.80 65.60 -67.75
CA ILE QB 235 -85.02 66.25 -67.29
C ILE QB 235 -85.86 65.22 -66.53
N ASN QB 236 -86.02 65.45 -65.22
CA ASN QB 236 -86.83 64.55 -64.41
C ASN QB 236 -88.31 64.89 -64.52
N ALA QB 237 -88.68 66.11 -64.15
CA ALA QB 237 -90.06 66.58 -64.21
C ALA QB 237 -90.13 67.80 -65.11
N LEU QB 238 -91.35 68.16 -65.48
CA LEU QB 238 -91.57 69.16 -66.52
C LEU QB 238 -93.00 69.68 -66.39
N CYS QB 239 -93.16 70.99 -66.24
CA CYS QB 239 -94.48 71.56 -65.99
C CYS QB 239 -94.54 72.98 -66.52
N PHE QB 240 -95.69 73.34 -67.09
CA PHE QB 240 -95.95 74.70 -67.54
C PHE QB 240 -96.42 75.56 -66.37
N SER QB 241 -96.86 76.79 -66.67
CA SER QB 241 -97.37 77.74 -65.70
C SER QB 241 -98.80 78.13 -66.06
N PRO QB 242 -99.69 78.31 -65.08
CA PRO QB 242 -101.10 78.54 -65.41
C PRO QB 242 -101.39 79.93 -65.97
N ASN QB 243 -100.80 80.98 -65.40
CA ASN QB 243 -101.12 82.33 -65.83
C ASN QB 243 -100.14 82.90 -66.87
N ARG QB 244 -99.08 82.17 -67.20
CA ARG QB 244 -98.02 82.73 -68.04
C ARG QB 244 -97.54 81.67 -69.02
N TYR QB 245 -96.38 82.00 -69.60
CA TYR QB 245 -95.50 81.17 -70.41
C TYR QB 245 -94.65 80.30 -69.50
N TRP QB 246 -93.41 80.04 -69.91
CA TRP QB 246 -92.35 79.48 -69.06
C TRP QB 246 -92.54 78.03 -68.67
N LEU QB 247 -92.43 77.14 -69.66
CA LEU QB 247 -92.08 75.74 -69.42
C LEU QB 247 -90.90 75.63 -68.45
N CYS QB 248 -91.09 74.87 -67.38
CA CYS QB 248 -90.08 74.67 -66.35
C CYS QB 248 -89.58 73.23 -66.37
N ALA QB 249 -88.27 73.05 -66.30
CA ALA QB 249 -87.66 71.74 -66.44
C ALA QB 249 -86.77 71.42 -65.26
N ALA QB 250 -86.82 70.17 -64.81
CA ALA QB 250 -86.02 69.67 -63.69
C ALA QB 250 -84.75 69.03 -64.26
N THR QB 251 -83.79 69.87 -64.64
CA THR QB 251 -82.56 69.40 -65.29
C THR QB 251 -81.49 69.15 -64.23
N GLY QB 252 -81.72 68.10 -63.46
CA GLY QB 252 -80.80 67.74 -62.40
C GLY QB 252 -80.94 68.69 -61.23
N PRO QB 253 -79.81 69.11 -60.63
CA PRO QB 253 -79.84 70.01 -59.47
C PRO QB 253 -80.03 71.47 -59.82
N SER QB 254 -80.97 71.76 -60.73
CA SER QB 254 -81.34 73.12 -61.09
C SER QB 254 -82.73 73.06 -61.71
N ILE QB 255 -83.32 74.25 -61.87
CA ILE QB 255 -84.62 74.40 -62.51
C ILE QB 255 -84.44 75.43 -63.62
N LYS QB 256 -84.47 74.98 -64.87
CA LYS QB 256 -84.26 75.87 -66.01
C LYS QB 256 -85.61 76.30 -66.56
N ILE QB 257 -85.73 77.60 -66.85
CA ILE QB 257 -86.99 78.21 -67.24
C ILE QB 257 -86.79 78.96 -68.55
N TRP QB 258 -87.60 78.64 -69.55
CA TRP QB 258 -87.50 79.25 -70.87
C TRP QB 258 -88.79 79.95 -71.22
N ASP QB 259 -88.70 81.23 -71.55
CA ASP QB 259 -89.81 81.92 -72.20
C ASP QB 259 -90.02 81.33 -73.59
N LEU QB 260 -91.28 81.03 -73.90
CA LEU QB 260 -91.62 80.38 -75.17
C LEU QB 260 -91.83 81.38 -76.31
N GLU QB 261 -91.57 82.67 -76.08
CA GLU QB 261 -91.56 83.69 -77.13
C GLU QB 261 -90.28 84.50 -76.91
N GLY QB 262 -89.19 84.06 -77.52
CA GLY QB 262 -87.87 84.56 -77.18
C GLY QB 262 -87.29 83.63 -76.14
N LYS QB 263 -86.26 82.86 -76.50
CA LYS QB 263 -85.95 81.62 -75.79
C LYS QB 263 -84.64 81.71 -75.03
N ILE QB 264 -84.42 82.83 -74.34
CA ILE QB 264 -83.30 82.97 -73.44
C ILE QB 264 -83.66 82.28 -72.12
N ILE QB 265 -82.64 81.87 -71.37
CA ILE QB 265 -82.81 81.46 -69.97
C ILE QB 265 -83.43 82.62 -69.19
N VAL QB 266 -84.65 82.43 -68.71
CA VAL QB 266 -85.28 83.43 -67.85
C VAL QB 266 -84.66 83.40 -66.48
N ASP QB 267 -84.79 82.26 -65.79
CA ASP QB 267 -84.18 82.02 -64.49
C ASP QB 267 -83.70 80.58 -64.45
N GLU QB 268 -82.54 80.37 -63.82
CA GLU QB 268 -82.06 79.04 -63.49
C GLU QB 268 -81.84 78.99 -61.99
N LEU QB 269 -82.44 77.99 -61.35
CA LEU QB 269 -82.64 77.98 -59.90
C LEU QB 269 -81.74 76.92 -59.29
N LYS QB 270 -80.57 77.33 -58.82
CA LYS QB 270 -79.63 76.45 -58.13
C LYS QB 270 -79.69 76.74 -56.64
N GLN QB 271 -79.81 75.69 -55.83
CA GLN QB 271 -79.78 75.86 -54.39
C GLN QB 271 -78.36 76.22 -53.93
N GLU QB 272 -78.29 76.88 -52.78
CA GLU QB 272 -77.04 77.48 -52.31
C GLU QB 272 -76.09 76.38 -51.85
N VAL QB 273 -74.97 76.24 -52.57
CA VAL QB 273 -74.00 75.18 -52.28
C VAL QB 273 -73.05 75.69 -51.19
N ILE QB 274 -73.32 75.28 -49.95
CA ILE QB 274 -72.36 75.45 -48.87
C ILE QB 274 -71.37 74.29 -48.94
N SER QB 275 -70.25 74.42 -48.24
CA SER QB 275 -69.12 73.49 -48.26
C SER QB 275 -68.61 73.28 -49.70
N THR QB 276 -68.08 74.37 -50.26
CA THR QB 276 -67.61 74.37 -51.64
C THR QB 276 -66.31 73.57 -51.76
N SER QB 277 -66.45 72.27 -51.96
CA SER QB 277 -65.31 71.36 -51.97
C SER QB 277 -65.30 70.39 -53.15
N SER QB 278 -66.45 70.18 -53.81
CA SER QB 278 -66.62 69.27 -54.96
C SER QB 278 -66.25 67.82 -54.60
N LYS QB 279 -66.66 67.39 -53.41
CA LYS QB 279 -66.45 66.01 -53.00
C LYS QB 279 -67.60 65.08 -53.40
N ALA QB 280 -68.78 65.63 -53.69
CA ALA QB 280 -69.93 64.83 -54.06
C ALA QB 280 -70.85 65.65 -54.96
N GLU QB 281 -71.82 64.96 -55.55
CA GLU QB 281 -72.83 65.45 -56.49
C GLU QB 281 -74.01 66.06 -55.74
N PRO QB 282 -74.58 67.14 -56.27
CA PRO QB 282 -75.66 67.86 -55.55
C PRO QB 282 -76.95 67.06 -55.61
N PRO QB 283 -77.88 67.31 -54.67
CA PRO QB 283 -79.15 66.58 -54.70
C PRO QB 283 -80.03 66.99 -55.87
N GLN QB 284 -80.58 65.98 -56.56
CA GLN QB 284 -81.30 66.18 -57.80
C GLN QB 284 -82.66 66.84 -57.54
N CYS QB 285 -83.34 67.17 -58.63
CA CYS QB 285 -84.73 67.58 -58.57
C CYS QB 285 -85.60 66.47 -59.12
N THR QB 286 -86.76 66.28 -58.51
CA THR QB 286 -87.62 65.15 -58.84
C THR QB 286 -89.01 65.59 -59.29
N SER QB 287 -89.54 66.69 -58.76
CA SER QB 287 -90.89 67.12 -59.09
C SER QB 287 -90.93 68.62 -59.29
N LEU QB 288 -91.94 69.06 -60.03
CA LEU QB 288 -92.16 70.48 -60.32
C LEU QB 288 -93.65 70.75 -60.38
N ALA QB 289 -94.08 71.77 -59.67
CA ALA QB 289 -95.45 72.24 -59.77
C ALA QB 289 -95.50 73.71 -59.36
N TRP QB 290 -96.11 74.54 -60.20
CA TRP QB 290 -96.44 75.90 -59.79
C TRP QB 290 -97.63 75.86 -58.84
N SER QB 291 -97.90 76.99 -58.20
CA SER QB 291 -98.94 77.07 -57.19
C SER QB 291 -100.36 77.11 -57.76
N ALA QB 292 -100.52 76.92 -59.07
CA ALA QB 292 -101.76 76.97 -59.84
C ALA QB 292 -102.45 78.33 -59.78
N ASP QB 293 -101.77 79.36 -59.27
CA ASP QB 293 -102.19 80.75 -59.34
C ASP QB 293 -101.09 81.67 -59.85
N GLY QB 294 -99.82 81.25 -59.77
CA GLY QB 294 -98.72 81.96 -60.40
C GLY QB 294 -97.93 82.87 -59.50
N GLN QB 295 -97.55 82.39 -58.31
CA GLN QB 295 -96.69 83.18 -57.44
C GLN QB 295 -95.51 82.40 -56.89
N THR QB 296 -95.67 81.09 -56.71
CA THR QB 296 -94.62 80.27 -56.10
C THR QB 296 -94.44 78.98 -56.88
N LEU QB 297 -93.20 78.50 -56.91
CA LEU QB 297 -92.82 77.28 -57.62
C LEU QB 297 -92.45 76.22 -56.59
N PHE QB 298 -93.23 75.15 -56.54
CA PHE QB 298 -93.02 74.05 -55.60
C PHE QB 298 -92.20 72.97 -56.29
N ALA QB 299 -91.05 72.63 -55.72
CA ALA QB 299 -90.13 71.65 -56.30
C ALA QB 299 -89.66 70.70 -55.22
N GLY QB 300 -89.86 69.41 -55.45
CA GLY QB 300 -89.40 68.39 -54.52
C GLY QB 300 -88.10 67.77 -55.01
N TYR QB 301 -87.16 67.63 -54.09
CA TYR QB 301 -85.79 67.21 -54.41
C TYR QB 301 -85.51 65.82 -53.87
N THR QB 302 -84.25 65.40 -53.97
CA THR QB 302 -83.83 64.10 -53.44
C THR QB 302 -83.28 64.20 -52.02
N ASP QB 303 -82.67 65.32 -51.63
CA ASP QB 303 -82.66 65.58 -50.21
C ASP QB 303 -84.09 65.93 -49.79
N ASN QB 304 -84.43 65.63 -48.54
CA ASN QB 304 -85.82 65.46 -48.11
C ASN QB 304 -86.64 66.75 -48.14
N LEU QB 305 -86.03 67.89 -48.41
CA LEU QB 305 -86.71 69.17 -48.38
C LEU QB 305 -87.66 69.32 -49.57
N VAL QB 306 -88.56 70.29 -49.46
CA VAL QB 306 -89.39 70.76 -50.56
C VAL QB 306 -89.24 72.27 -50.59
N ARG QB 307 -88.56 72.79 -51.60
CA ARG QB 307 -88.26 74.21 -51.64
C ARG QB 307 -89.32 74.97 -52.42
N VAL QB 308 -89.33 76.29 -52.24
CA VAL QB 308 -90.36 77.16 -52.80
C VAL QB 308 -89.70 78.44 -53.31
N TRP QB 309 -90.07 78.86 -54.52
CA TRP QB 309 -89.44 79.99 -55.20
C TRP QB 309 -90.51 81.02 -55.52
N GLN QB 310 -90.49 82.15 -54.82
CA GLN QB 310 -91.47 83.21 -55.04
C GLN QB 310 -90.98 84.17 -56.11
N VAL QB 311 -91.86 84.45 -57.08
CA VAL QB 311 -91.52 85.36 -58.17
C VAL QB 311 -91.66 86.79 -57.69
N THR QB 312 -90.63 87.60 -57.92
CA THR QB 312 -90.66 89.01 -57.58
C THR QB 312 -90.30 89.84 -58.81
N ILE QB 313 -90.67 91.12 -58.76
CA ILE QB 313 -90.56 92.09 -59.87
C ILE QB 313 -91.19 91.57 -61.16
N GLU RB 1 -65.75 14.52 -89.68
CA GLU RB 1 -66.22 15.33 -88.55
C GLU RB 1 -65.08 16.14 -87.95
N TRP RB 2 -63.89 16.02 -88.56
CA TRP RB 2 -62.71 16.74 -88.12
C TRP RB 2 -62.68 18.12 -88.75
N MET RB 3 -62.97 19.16 -87.95
CA MET RB 3 -62.73 20.49 -88.47
C MET RB 3 -61.42 21.03 -87.92
N PRO RB 4 -60.54 21.58 -88.75
CA PRO RB 4 -59.25 22.05 -88.27
C PRO RB 4 -59.25 23.53 -87.91
N VAL RB 5 -58.42 23.87 -86.92
CA VAL RB 5 -58.18 25.27 -86.54
C VAL RB 5 -56.67 25.51 -86.50
N THR RB 6 -56.11 25.84 -87.66
CA THR RB 6 -54.81 26.45 -87.96
C THR RB 6 -54.74 26.55 -89.48
N LYS RB 7 -53.78 27.34 -89.97
CA LYS RB 7 -53.62 27.49 -91.41
C LYS RB 7 -52.77 26.40 -92.05
N LEU RB 8 -52.46 25.32 -91.34
CA LEU RB 8 -51.79 24.18 -91.95
C LEU RB 8 -52.70 22.98 -92.06
N GLY RB 9 -53.56 22.76 -91.08
CA GLY RB 9 -54.56 21.70 -91.17
C GLY RB 9 -55.78 22.08 -91.97
N ARG RB 10 -56.00 23.38 -92.19
CA ARG RB 10 -57.06 23.82 -93.09
C ARG RB 10 -56.75 23.46 -94.53
N LEU RB 11 -55.45 23.38 -94.87
CA LEU RB 11 -55.02 23.05 -96.22
C LEU RB 11 -54.94 21.55 -96.47
N VAL RB 12 -54.84 20.74 -95.43
CA VAL RB 12 -54.72 19.29 -95.60
C VAL RB 12 -56.09 18.65 -95.82
N LYS RB 13 -57.09 19.16 -95.12
CA LYS RB 13 -58.44 18.65 -95.24
C LYS RB 13 -58.98 18.93 -96.64
N ASP RB 14 -58.52 20.01 -97.24
CA ASP RB 14 -58.93 20.40 -98.58
C ASP RB 14 -57.98 19.86 -99.66
N MET RB 15 -57.07 18.99 -99.26
CA MET RB 15 -56.10 18.35 -100.15
C MET RB 15 -55.30 19.36 -100.96
N LYS RB 16 -54.86 20.43 -100.32
CA LYS RB 16 -54.07 21.44 -100.99
C LYS RB 16 -52.61 21.14 -100.73
N ILE RB 17 -52.35 20.16 -99.87
CA ILE RB 17 -50.98 19.75 -99.56
C ILE RB 17 -50.93 18.22 -99.62
N LYS RB 18 -49.99 17.70 -100.39
CA LYS RB 18 -49.70 16.27 -100.43
C LYS RB 18 -48.47 15.99 -99.58
N SER RB 19 -48.17 14.69 -99.39
CA SER RB 19 -46.81 14.18 -99.21
C SER RB 19 -45.97 14.81 -98.10
N LEU RB 20 -46.18 14.43 -96.83
CA LEU RB 20 -45.65 15.05 -95.60
C LEU RB 20 -44.23 15.62 -95.62
N GLU RB 21 -43.36 15.12 -96.50
CA GLU RB 21 -42.12 15.81 -96.80
C GLU RB 21 -42.32 17.16 -97.49
N GLU RB 22 -43.54 17.48 -97.95
CA GLU RB 22 -43.88 18.86 -98.25
C GLU RB 22 -43.94 19.71 -96.99
N ILE RB 23 -44.47 19.13 -95.90
CA ILE RB 23 -44.53 19.83 -94.62
C ILE RB 23 -43.17 19.81 -93.93
N TYR RB 24 -42.48 18.66 -94.01
CA TYR RB 24 -41.18 18.50 -93.37
C TYR RB 24 -40.11 19.40 -93.97
N LEU RB 25 -40.28 19.82 -95.22
CA LEU RB 25 -39.27 20.64 -95.88
C LEU RB 25 -39.27 22.06 -95.33
N PHE RB 26 -40.43 22.56 -94.90
CA PHE RB 26 -40.54 23.93 -94.41
C PHE RB 26 -40.55 24.02 -92.89
N SER RB 27 -40.35 22.87 -92.21
CA SER RB 27 -40.22 22.78 -90.75
C SER RB 27 -41.44 23.34 -90.02
N LEU RB 28 -42.62 23.02 -90.54
CA LEU RB 28 -43.81 23.63 -89.94
C LEU RB 28 -44.30 22.79 -88.75
N PRO RB 29 -44.74 23.43 -87.68
CA PRO RB 29 -45.21 22.68 -86.50
C PRO RB 29 -46.58 22.06 -86.73
N ILE RB 30 -46.63 20.73 -86.65
CA ILE RB 30 -47.87 19.99 -86.78
C ILE RB 30 -48.53 19.92 -85.41
N LYS RB 31 -49.77 20.40 -85.31
CA LYS RB 31 -50.45 20.48 -84.03
C LYS RB 31 -51.81 19.80 -84.00
N GLU RB 32 -52.38 19.42 -85.14
CA GLU RB 32 -53.54 18.53 -85.16
C GLU RB 32 -53.06 17.13 -85.50
N SER RB 33 -53.45 16.16 -84.67
CA SER RB 33 -52.99 14.80 -84.88
C SER RB 33 -53.69 14.09 -86.02
N GLU RB 34 -54.67 14.73 -86.66
CA GLU RB 34 -55.37 14.17 -87.80
C GLU RB 34 -54.69 14.50 -89.12
N ILE RB 35 -53.72 15.42 -89.12
CA ILE RB 35 -52.91 15.65 -90.31
C ILE RB 35 -52.06 14.42 -90.60
N ILE RB 36 -51.48 13.82 -89.56
CA ILE RB 36 -50.68 12.62 -89.73
C ILE RB 36 -51.57 11.42 -90.01
N ASP RB 37 -52.76 11.39 -89.41
CA ASP RB 37 -53.74 10.34 -89.67
C ASP RB 37 -54.34 10.46 -91.07
N PHE RB 38 -54.21 11.63 -91.69
CA PHE RB 38 -54.62 11.78 -93.09
C PHE RB 38 -53.65 11.05 -94.01
N PHE RB 39 -52.37 11.42 -93.97
CA PHE RB 39 -51.40 10.87 -94.90
C PHE RB 39 -51.01 9.45 -94.54
N LEU RB 40 -50.48 9.27 -93.33
CA LEU RB 40 -49.98 7.98 -92.87
C LEU RB 40 -51.07 7.11 -92.24
N GLY RB 41 -52.34 7.44 -92.46
CA GLY RB 41 -53.42 6.60 -91.96
C GLY RB 41 -53.46 5.28 -92.69
N ALA RB 42 -53.79 4.22 -91.93
CA ALA RB 42 -53.74 2.82 -92.36
C ALA RB 42 -52.35 2.41 -92.84
N SER RB 43 -51.31 3.07 -92.30
CA SER RB 43 -49.93 2.71 -92.56
C SER RB 43 -49.18 2.65 -91.24
N LEU RB 44 -49.63 3.46 -90.27
CA LEU RB 44 -49.00 3.50 -88.97
C LEU RB 44 -49.41 2.30 -88.13
N LYS RB 45 -48.47 1.76 -87.36
CA LYS RB 45 -48.74 0.69 -86.42
C LYS RB 45 -48.21 1.12 -85.05
N ASP RB 46 -49.11 1.21 -84.08
CA ASP RB 46 -48.75 1.69 -82.75
C ASP RB 46 -48.31 0.55 -81.84
N GLU RB 47 -47.58 0.91 -80.78
CA GLU RB 47 -47.10 -0.07 -79.81
C GLU RB 47 -46.85 0.62 -78.48
N VAL RB 48 -47.43 0.07 -77.41
CA VAL RB 48 -47.13 0.54 -76.06
C VAL RB 48 -45.85 -0.13 -75.59
N LEU RB 49 -44.87 0.67 -75.18
CA LEU RB 49 -43.59 0.12 -74.75
C LEU RB 49 -43.52 -0.10 -73.25
N LYS RB 50 -44.20 0.72 -72.45
CA LYS RB 50 -44.06 0.68 -71.01
C LYS RB 50 -45.25 1.38 -70.38
N ILE RB 51 -45.74 0.83 -69.27
CA ILE RB 51 -46.69 1.48 -68.40
C ILE RB 51 -46.05 1.55 -67.01
N MET RB 52 -45.58 2.73 -66.64
CA MET RB 52 -44.92 2.83 -65.33
C MET RB 52 -45.73 3.68 -64.37
N PRO RB 53 -45.97 3.19 -63.15
CA PRO RB 53 -46.77 3.95 -62.19
C PRO RB 53 -46.00 4.98 -61.37
N VAL RB 54 -45.80 6.18 -61.89
CA VAL RB 54 -45.24 7.25 -61.07
C VAL RB 54 -46.29 7.74 -60.09
N GLN RB 55 -45.84 8.23 -58.94
CA GLN RB 55 -46.76 8.59 -57.87
C GLN RB 55 -46.13 9.63 -56.97
N LYS RB 56 -46.90 10.64 -56.59
CA LYS RB 56 -46.43 11.64 -55.65
C LYS RB 56 -47.00 11.37 -54.26
N GLN RB 57 -46.47 12.11 -53.29
CA GLN RB 57 -46.80 11.91 -51.89
C GLN RB 57 -47.70 13.05 -51.43
N THR RB 58 -48.76 12.70 -50.70
CA THR RB 58 -49.76 13.62 -50.20
C THR RB 58 -49.96 13.25 -48.73
N ARG RB 59 -50.59 14.13 -47.94
CA ARG RB 59 -50.78 13.77 -46.54
C ARG RB 59 -51.83 12.69 -46.36
N ALA RB 60 -52.79 12.60 -47.29
CA ALA RB 60 -53.76 11.51 -47.27
C ALA RB 60 -53.30 10.36 -48.17
N GLY RB 61 -52.07 9.90 -47.96
CA GLY RB 61 -51.56 8.79 -48.72
C GLY RB 61 -50.90 9.20 -50.03
N GLN RB 62 -50.87 8.24 -50.95
CA GLN RB 62 -50.10 8.33 -52.18
C GLN RB 62 -51.04 8.13 -53.35
N ARG RB 63 -51.13 9.13 -54.23
CA ARG RB 63 -51.96 8.99 -55.41
C ARG RB 63 -51.09 8.68 -56.62
N THR RB 64 -51.57 7.78 -57.47
CA THR RB 64 -50.77 7.21 -58.55
C THR RB 64 -51.19 7.81 -59.88
N ARG RB 65 -50.20 8.12 -60.71
CA ARG RB 65 -50.41 8.43 -62.10
C ARG RB 65 -49.81 7.31 -62.95
N PHE RB 66 -50.18 7.28 -64.22
CA PHE RB 66 -49.65 6.26 -65.11
C PHE RB 66 -49.06 6.92 -66.34
N LYS RB 67 -47.88 6.44 -66.74
CA LYS RB 67 -47.05 7.12 -67.72
C LYS RB 67 -46.79 6.16 -68.86
N ALA RB 68 -47.44 6.39 -70.00
CA ALA RB 68 -47.42 5.47 -71.13
C ALA RB 68 -46.38 5.92 -72.15
N PHE RB 69 -45.56 4.99 -72.59
CA PHE RB 69 -44.56 5.22 -73.63
C PHE RB 69 -45.02 4.49 -74.88
N VAL RB 70 -45.52 5.23 -75.85
CA VAL RB 70 -46.06 4.66 -77.08
C VAL RB 70 -45.19 5.10 -78.24
N ALA RB 71 -44.63 4.14 -78.95
CA ALA RB 71 -43.90 4.38 -80.18
C ALA RB 71 -44.76 3.97 -81.36
N ILE RB 72 -45.07 4.93 -82.23
CA ILE RB 72 -45.88 4.67 -83.41
C ILE RB 72 -44.97 4.81 -84.62
N GLY RB 73 -45.34 4.15 -85.70
CA GLY RB 73 -44.59 4.29 -86.93
C GLY RB 73 -45.15 3.40 -88.01
N ASP RB 74 -44.85 3.79 -89.25
CA ASP RB 74 -45.00 2.95 -90.42
C ASP RB 74 -43.81 2.01 -90.55
N TYR RB 75 -43.57 1.48 -91.73
CA TYR RB 75 -42.33 0.74 -91.94
C TYR RB 75 -41.59 1.29 -93.14
N ASN RB 76 -41.73 2.60 -93.38
CA ASN RB 76 -41.18 3.23 -94.58
C ASN RB 76 -40.62 4.61 -94.25
N GLY RB 77 -40.09 4.80 -93.05
CA GLY RB 77 -39.32 5.97 -92.73
C GLY RB 77 -39.96 7.04 -91.88
N HIS RB 78 -40.86 6.68 -90.97
CA HIS RB 78 -41.44 7.65 -90.04
C HIS RB 78 -41.54 7.01 -88.67
N VAL RB 79 -40.96 7.66 -87.66
CA VAL RB 79 -41.09 7.22 -86.27
C VAL RB 79 -41.66 8.35 -85.43
N GLY RB 80 -42.46 7.96 -84.45
CA GLY RB 80 -42.97 8.90 -83.47
C GLY RB 80 -42.95 8.31 -82.09
N LEU RB 81 -42.52 9.08 -81.10
CA LEU RB 81 -42.45 8.62 -79.72
C LEU RB 81 -43.26 9.58 -78.86
N GLY RB 82 -44.30 9.06 -78.23
CA GLY RB 82 -45.18 9.86 -77.39
C GLY RB 82 -45.08 9.45 -75.94
N VAL RB 83 -44.98 10.44 -75.07
CA VAL RB 83 -44.89 10.24 -73.62
C VAL RB 83 -46.01 11.05 -72.99
N LYS RB 84 -46.95 10.37 -72.34
CA LYS RB 84 -48.02 11.05 -71.62
C LYS RB 84 -48.19 10.42 -70.25
N CYS RB 85 -48.36 11.27 -69.24
CA CYS RB 85 -48.61 10.85 -67.87
C CYS RB 85 -50.01 11.30 -67.50
N SER RB 86 -50.86 10.35 -67.10
CA SER RB 86 -52.27 10.63 -66.85
C SER RB 86 -52.73 9.85 -65.63
N LYS RB 87 -54.01 10.03 -65.29
CA LYS RB 87 -54.57 9.45 -64.08
C LYS RB 87 -54.93 7.98 -64.28
N GLU RB 88 -55.41 7.62 -65.46
CA GLU RB 88 -55.90 6.29 -65.75
C GLU RB 88 -55.04 5.69 -66.86
N VAL RB 89 -54.94 4.36 -66.87
CA VAL RB 89 -54.00 3.67 -67.77
C VAL RB 89 -54.46 3.79 -69.22
N ALA RB 90 -55.71 3.41 -69.50
CA ALA RB 90 -56.21 3.43 -70.88
C ALA RB 90 -56.44 4.84 -71.40
N THR RB 91 -56.55 5.83 -70.53
CA THR RB 91 -56.52 7.21 -70.98
C THR RB 91 -55.09 7.64 -71.30
N ALA RB 92 -54.13 7.20 -70.50
CA ALA RB 92 -52.73 7.50 -70.77
C ALA RB 92 -52.22 6.77 -72.01
N ILE RB 93 -52.71 5.56 -72.26
CA ILE RB 93 -52.38 4.86 -73.50
C ILE RB 93 -52.95 5.61 -74.70
N ARG RB 94 -54.24 5.96 -74.63
CA ARG RB 94 -54.93 6.59 -75.77
C ARG RB 94 -54.34 7.96 -76.08
N GLY RB 95 -54.10 8.78 -75.06
CA GLY RB 95 -53.58 10.11 -75.28
C GLY RB 95 -52.12 10.17 -75.70
N ALA RB 96 -51.41 9.05 -75.67
CA ALA RB 96 -50.01 9.03 -76.07
C ALA RB 96 -49.81 8.75 -77.55
N ILE RB 97 -50.78 8.10 -78.21
CA ILE RB 97 -50.75 8.00 -79.68
C ILE RB 97 -50.88 9.39 -80.30
N ILE RB 98 -51.73 10.25 -79.73
CA ILE RB 98 -51.83 11.63 -80.19
C ILE RB 98 -50.52 12.37 -79.98
N LEU RB 99 -49.87 12.17 -78.84
CA LEU RB 99 -48.56 12.78 -78.63
C LEU RB 99 -47.47 12.12 -79.46
N ALA RB 100 -47.64 10.87 -79.89
CA ALA RB 100 -46.66 10.24 -80.75
C ALA RB 100 -46.80 10.67 -82.20
N LYS RB 101 -48.03 10.92 -82.65
CA LYS RB 101 -48.21 11.36 -84.03
C LYS RB 101 -47.89 12.84 -84.20
N LEU RB 102 -48.00 13.65 -83.15
CA LEU RB 102 -47.63 15.05 -83.28
C LEU RB 102 -46.13 15.27 -83.32
N SER RB 103 -45.35 14.35 -82.76
CA SER RB 103 -43.90 14.41 -82.87
C SER RB 103 -43.48 13.19 -83.68
N ILE RB 104 -43.53 13.32 -85.00
CA ILE RB 104 -43.13 12.27 -85.92
C ILE RB 104 -42.13 12.86 -86.90
N VAL RB 105 -41.05 12.13 -87.14
CA VAL RB 105 -39.93 12.67 -87.90
C VAL RB 105 -39.65 11.77 -89.11
N PRO RB 106 -39.09 12.31 -90.19
CA PRO RB 106 -38.62 11.45 -91.27
C PRO RB 106 -37.25 10.88 -90.94
N VAL RB 107 -37.02 9.65 -91.34
CA VAL RB 107 -35.77 8.95 -91.09
C VAL RB 107 -35.05 8.75 -92.41
N ARG RB 108 -33.82 9.22 -92.48
CA ARG RB 108 -33.01 9.04 -93.67
C ARG RB 108 -32.39 7.65 -93.64
N ARG RB 109 -32.42 6.97 -94.78
CA ARG RB 109 -31.83 5.65 -94.89
C ARG RB 109 -30.70 5.69 -95.91
N GLY RB 110 -29.61 5.03 -95.58
CA GLY RB 110 -28.44 5.05 -96.43
C GLY RB 110 -27.96 3.66 -96.82
N TYR RB 111 -26.72 3.58 -97.28
CA TYR RB 111 -26.17 2.30 -97.68
C TYR RB 111 -24.86 2.05 -96.97
N TRP RB 112 -24.61 0.79 -96.63
CA TRP RB 112 -23.34 0.42 -96.04
C TRP RB 112 -22.21 0.58 -97.05
N GLY RB 113 -22.50 0.27 -98.30
CA GLY RB 113 -21.58 0.42 -99.40
C GLY RB 113 -22.15 -0.30 -100.61
N ASN RB 114 -21.68 0.05 -101.81
CA ASN RB 114 -22.04 -0.60 -103.08
C ASN RB 114 -23.56 -0.51 -103.30
N LYS RB 115 -23.98 0.74 -103.45
CA LYS RB 115 -25.37 1.16 -103.58
C LYS RB 115 -26.23 0.55 -104.66
N ILE RB 116 -26.67 -0.69 -104.45
CA ILE RB 116 -27.50 -1.37 -105.43
C ILE RB 116 -28.81 -1.86 -104.84
N GLY RB 117 -29.83 -1.01 -104.85
CA GLY RB 117 -31.13 -1.36 -104.32
C GLY RB 117 -31.76 -0.19 -103.61
N LYS RB 118 -32.59 -0.49 -102.61
CA LYS RB 118 -33.25 0.55 -101.82
C LYS RB 118 -32.49 0.68 -100.52
N PRO RB 119 -32.32 1.91 -100.05
CA PRO RB 119 -31.61 2.18 -98.78
C PRO RB 119 -32.15 1.31 -97.64
N HIS RB 120 -31.25 0.77 -96.83
CA HIS RB 120 -31.65 -0.19 -95.81
C HIS RB 120 -31.12 0.16 -94.43
N THR RB 121 -29.96 0.80 -94.37
CA THR RB 121 -29.30 1.11 -93.12
C THR RB 121 -29.28 2.61 -92.90
N VAL RB 122 -28.73 3.02 -91.76
CA VAL RB 122 -28.55 4.44 -91.44
C VAL RB 122 -27.47 5.00 -92.36
N PRO RB 123 -27.53 6.29 -92.75
CA PRO RB 123 -26.56 6.81 -93.72
C PRO RB 123 -25.13 6.89 -93.21
N CYS RB 124 -24.94 7.47 -92.03
CA CYS RB 124 -23.65 7.50 -91.36
C CYS RB 124 -23.83 6.95 -89.97
N LYS RB 125 -22.81 7.06 -89.12
CA LYS RB 125 -22.99 6.73 -87.71
C LYS RB 125 -23.32 8.00 -86.94
N VAL RB 126 -24.32 7.90 -86.06
CA VAL RB 126 -24.93 9.06 -85.43
C VAL RB 126 -25.44 8.62 -84.06
N THR RB 127 -25.45 9.55 -83.10
CA THR RB 127 -25.86 9.23 -81.75
C THR RB 127 -26.93 10.21 -81.27
N GLY RB 128 -27.64 9.78 -80.22
CA GLY RB 128 -28.61 10.64 -79.58
C GLY RB 128 -28.36 10.65 -78.08
N ARG RB 129 -28.90 11.67 -77.43
CA ARG RB 129 -28.64 11.91 -76.01
C ARG RB 129 -29.95 12.16 -75.26
N CYS RB 130 -30.08 11.50 -74.12
CA CYS RB 130 -31.17 11.78 -73.19
C CYS RB 130 -30.75 11.28 -71.82
N GLY RB 131 -30.52 12.20 -70.88
CA GLY RB 131 -30.01 11.82 -69.59
C GLY RB 131 -28.56 11.42 -69.68
N SER RB 132 -28.22 10.24 -69.19
CA SER RB 132 -26.88 9.70 -69.35
C SER RB 132 -26.77 8.74 -70.52
N VAL RB 133 -27.88 8.46 -71.20
CA VAL RB 133 -27.92 7.42 -72.21
C VAL RB 133 -27.51 8.01 -73.56
N LEU RB 134 -26.47 7.45 -74.16
CA LEU RB 134 -26.13 7.74 -75.54
C LEU RB 134 -26.28 6.45 -76.34
N VAL RB 135 -26.98 6.54 -77.48
CA VAL RB 135 -27.23 5.39 -78.33
C VAL RB 135 -26.62 5.66 -79.69
N ARG RB 136 -25.52 4.98 -79.99
CA ARG RB 136 -24.81 5.13 -81.25
C ARG RB 136 -25.39 4.14 -82.25
N LEU RB 137 -25.52 4.57 -83.51
CA LEU RB 137 -26.14 3.74 -84.54
C LEU RB 137 -25.20 3.64 -85.74
N ILE RB 138 -24.55 2.50 -85.89
CA ILE RB 138 -23.48 2.30 -86.86
C ILE RB 138 -24.08 1.63 -88.09
N PRO RB 139 -23.73 2.04 -89.31
CA PRO RB 139 -24.26 1.38 -90.51
C PRO RB 139 -23.75 -0.05 -90.64
N ALA RB 140 -24.68 -0.97 -90.82
CA ALA RB 140 -24.46 -2.40 -90.92
C ALA RB 140 -24.70 -2.87 -92.36
N PRO RB 141 -24.03 -3.95 -92.81
CA PRO RB 141 -24.26 -4.43 -94.18
C PRO RB 141 -25.62 -5.08 -94.38
N ARG RB 142 -25.94 -5.37 -95.64
CA ARG RB 142 -27.20 -5.99 -96.03
CA ARG RB 142 -27.23 -5.98 -95.98
C ARG RB 142 -27.58 -7.49 -95.58
N GLY RB 143 -28.71 -7.57 -94.89
CA GLY RB 143 -29.13 -8.82 -94.30
C GLY RB 143 -28.64 -9.06 -92.88
N THR RB 144 -27.98 -8.09 -92.27
CA THR RB 144 -27.49 -8.26 -90.91
C THR RB 144 -28.62 -8.33 -89.91
N GLY RB 145 -29.63 -7.49 -90.08
CA GLY RB 145 -30.63 -7.30 -89.06
C GLY RB 145 -30.17 -6.21 -88.11
N ILE RB 146 -30.94 -6.05 -87.04
CA ILE RB 146 -30.67 -5.03 -86.05
C ILE RB 146 -30.00 -5.68 -84.86
N VAL RB 147 -28.77 -5.27 -84.57
CA VAL RB 147 -28.01 -5.78 -83.44
C VAL RB 147 -28.13 -4.72 -82.35
N SER RB 148 -29.14 -4.87 -81.50
CA SER RB 148 -29.39 -3.90 -80.44
C SER RB 148 -30.14 -4.57 -79.30
N ALA RB 149 -30.44 -3.78 -78.29
CA ALA RB 149 -31.28 -4.20 -77.19
C ALA RB 149 -32.72 -4.35 -77.68
N PRO RB 150 -33.56 -5.09 -76.95
CA PRO RB 150 -34.96 -5.23 -77.39
C PRO RB 150 -35.80 -3.98 -77.24
N VAL RB 151 -35.35 -2.94 -76.54
CA VAL RB 151 -36.09 -1.69 -76.45
C VAL RB 151 -35.90 -0.79 -77.67
N PRO RB 152 -34.69 -0.48 -78.17
CA PRO RB 152 -34.63 0.39 -79.35
C PRO RB 152 -35.10 -0.26 -80.64
N LYS RB 153 -34.92 -1.58 -80.79
CA LYS RB 153 -35.25 -2.21 -82.06
C LYS RB 153 -36.74 -2.37 -82.28
N LYS RB 154 -37.59 -2.09 -81.29
CA LYS RB 154 -39.02 -2.05 -81.56
C LYS RB 154 -39.37 -0.79 -82.34
N LEU RB 155 -38.77 0.35 -81.97
CA LEU RB 155 -39.01 1.59 -82.68
C LEU RB 155 -38.02 1.84 -83.80
N LEU RB 156 -36.89 1.12 -83.83
CA LEU RB 156 -35.98 1.25 -84.95
C LEU RB 156 -36.46 0.46 -86.16
N MET RB 157 -37.30 -0.55 -85.96
CA MET RB 157 -38.02 -1.17 -87.07
C MET RB 157 -39.16 -0.31 -87.56
N MET RB 158 -39.67 0.59 -86.70
CA MET RB 158 -40.69 1.55 -87.12
C MET RB 158 -40.16 2.57 -88.12
N ALA RB 159 -38.85 2.70 -88.26
CA ALA RB 159 -38.27 3.55 -89.28
C ALA RB 159 -38.00 2.79 -90.57
N GLY RB 160 -38.20 1.48 -90.59
CA GLY RB 160 -37.80 0.71 -91.73
C GLY RB 160 -36.31 0.49 -91.84
N ILE RB 161 -35.58 0.74 -90.76
CA ILE RB 161 -34.14 0.46 -90.72
C ILE RB 161 -33.99 -1.05 -90.68
N ASP RB 162 -33.57 -1.64 -91.80
CA ASP RB 162 -33.53 -3.08 -91.90
C ASP RB 162 -32.30 -3.66 -91.21
N ASP RB 163 -31.20 -2.91 -91.19
CA ASP RB 163 -29.89 -3.41 -90.78
C ASP RB 163 -29.17 -2.32 -90.01
N CYS RB 164 -28.77 -2.60 -88.77
CA CYS RB 164 -28.14 -1.56 -87.96
C CYS RB 164 -27.28 -2.19 -86.87
N TYR RB 165 -26.17 -1.52 -86.57
CA TYR RB 165 -25.33 -1.80 -85.42
C TYR RB 165 -25.57 -0.73 -84.37
N THR RB 166 -25.48 -1.12 -83.10
CA THR RB 166 -25.86 -0.24 -82.00
C THR RB 166 -24.90 -0.45 -80.84
N SER RB 167 -24.58 0.63 -80.14
CA SER RB 167 -23.94 0.57 -78.83
C SER RB 167 -24.60 1.62 -77.95
N ALA RB 168 -24.86 1.26 -76.68
CA ALA RB 168 -25.63 2.12 -75.79
C ALA RB 168 -24.94 2.22 -74.43
N ARG RB 169 -24.06 3.21 -74.30
CA ARG RB 169 -23.55 3.58 -72.99
C ARG RB 169 -24.62 4.33 -72.20
N GLY RB 170 -24.66 4.09 -70.89
CA GLY RB 170 -25.54 4.80 -70.00
C GLY RB 170 -26.39 3.84 -69.20
N CYS RB 171 -27.23 4.41 -68.35
CA CYS RB 171 -28.19 3.62 -67.57
C CYS RB 171 -29.37 3.32 -68.47
N THR RB 172 -29.27 2.23 -69.23
CA THR RB 172 -30.29 1.82 -70.19
C THR RB 172 -31.53 1.22 -69.53
N ALA RB 173 -31.54 1.08 -68.20
CA ALA RB 173 -32.70 0.61 -67.45
C ALA RB 173 -33.67 1.74 -67.10
N THR RB 174 -33.62 2.84 -67.83
CA THR RB 174 -34.47 4.00 -67.62
C THR RB 174 -35.19 4.32 -68.91
N LEU RB 175 -35.94 3.32 -69.42
CA LEU RB 175 -36.54 3.21 -70.75
C LEU RB 175 -37.17 4.47 -71.31
N GLY RB 176 -37.65 5.37 -70.44
CA GLY RB 176 -38.00 6.70 -70.88
C GLY RB 176 -36.84 7.44 -71.53
N ASN RB 177 -35.67 7.39 -70.90
CA ASN RB 177 -34.51 8.05 -71.49
C ASN RB 177 -33.83 7.19 -72.54
N PHE RB 178 -34.10 5.89 -72.57
CA PHE RB 178 -33.47 4.99 -73.51
C PHE RB 178 -34.28 4.81 -74.79
N ALA RB 179 -35.55 5.21 -74.77
CA ALA RB 179 -36.31 5.36 -76.00
C ALA RB 179 -36.18 6.76 -76.60
N LYS RB 180 -36.07 7.79 -75.75
CA LYS RB 180 -35.86 9.14 -76.27
C LYS RB 180 -34.44 9.40 -76.72
N ALA RB 181 -33.49 8.51 -76.41
CA ALA RB 181 -32.16 8.63 -76.96
C ALA RB 181 -32.01 7.91 -78.28
N THR RB 182 -32.72 6.79 -78.45
CA THR RB 182 -32.77 6.15 -79.76
C THR RB 182 -33.54 7.00 -80.74
N PHE RB 183 -34.66 7.58 -80.31
CA PHE RB 183 -35.46 8.46 -81.15
C PHE RB 183 -34.69 9.72 -81.53
N ASP RB 184 -33.82 10.21 -80.64
CA ASP RB 184 -33.04 11.40 -80.94
C ASP RB 184 -31.91 11.11 -81.93
N ALA RB 185 -31.49 9.85 -82.07
CA ALA RB 185 -30.43 9.53 -83.02
C ALA RB 185 -30.99 9.36 -84.43
N ILE RB 186 -32.21 8.86 -84.57
CA ILE RB 186 -32.85 8.74 -85.88
C ILE RB 186 -33.68 9.96 -86.26
N SER RB 187 -33.78 10.95 -85.38
CA SER RB 187 -34.37 12.24 -85.75
C SER RB 187 -33.32 13.26 -86.12
N LYS RB 188 -32.08 12.84 -86.32
CA LYS RB 188 -31.04 13.72 -86.85
C LYS RB 188 -30.25 13.03 -87.94
N THR RB 189 -30.85 12.05 -88.60
CA THR RB 189 -30.26 11.49 -89.81
C THR RB 189 -30.40 12.42 -91.00
N TYR RB 190 -31.36 13.33 -90.98
CA TYR RB 190 -31.40 14.41 -91.96
C TYR RB 190 -30.64 15.65 -91.50
N SER RB 191 -30.54 15.89 -90.19
CA SER RB 191 -29.83 17.06 -89.70
C SER RB 191 -28.31 16.92 -89.81
N TYR RB 192 -27.82 15.75 -90.21
CA TYR RB 192 -26.41 15.57 -90.51
C TYR RB 192 -26.15 15.91 -91.96
N LEU RB 193 -25.00 16.52 -92.24
CA LEU RB 193 -24.69 17.00 -93.58
C LEU RB 193 -23.68 16.06 -94.23
N THR RB 194 -24.14 15.34 -95.25
CA THR RB 194 -23.37 14.45 -96.10
C THR RB 194 -23.00 15.16 -97.40
N PRO RB 195 -21.93 14.73 -98.08
CA PRO RB 195 -21.50 15.45 -99.30
C PRO RB 195 -22.42 15.33 -100.50
N ASP RB 196 -23.48 14.53 -100.45
CA ASP RB 196 -24.46 14.58 -101.52
C ASP RB 196 -25.45 15.72 -101.35
N LEU RB 197 -25.55 16.29 -100.14
CA LEU RB 197 -26.42 17.42 -99.87
C LEU RB 197 -25.70 18.76 -100.05
N TRP RB 198 -24.63 18.80 -100.84
CA TRP RB 198 -23.86 20.01 -101.04
C TRP RB 198 -24.43 20.95 -102.09
N LYS RB 199 -25.42 20.52 -102.87
CA LYS RB 199 -25.97 21.36 -103.91
C LYS RB 199 -26.72 22.53 -103.31
N GLU RB 200 -26.59 23.70 -103.95
CA GLU RB 200 -27.27 24.90 -103.46
C GLU RB 200 -28.76 24.73 -103.59
N THR RB 201 -29.49 25.04 -102.52
CA THR RB 201 -30.91 24.72 -102.46
C THR RB 201 -31.71 25.68 -103.33
N VAL RB 202 -32.64 25.12 -104.10
CA VAL RB 202 -33.60 25.91 -104.84
C VAL RB 202 -34.88 26.01 -104.01
N PHE RB 203 -35.35 27.23 -103.81
CA PHE RB 203 -36.34 27.50 -102.79
C PHE RB 203 -37.74 27.38 -103.38
N THR RB 204 -38.52 26.46 -102.83
CA THR RB 204 -39.93 26.33 -103.18
C THR RB 204 -40.73 27.34 -102.37
N LYS RB 205 -41.76 27.91 -102.99
CA LYS RB 205 -42.72 28.71 -102.27
C LYS RB 205 -43.42 27.86 -101.20
N SER RB 206 -43.53 28.42 -100.00
CA SER RB 206 -44.12 27.70 -98.88
C SER RB 206 -45.61 27.52 -99.09
N PRO RB 207 -46.22 26.53 -98.42
CA PRO RB 207 -47.70 26.42 -98.47
C PRO RB 207 -48.43 27.56 -97.79
N TYR RB 208 -47.74 28.37 -96.99
CA TYR RB 208 -48.36 29.54 -96.41
C TYR RB 208 -48.39 30.75 -97.35
N GLN RB 209 -47.71 30.69 -98.50
CA GLN RB 209 -47.89 31.71 -99.52
C GLN RB 209 -48.35 31.15 -100.85
N GLU RB 210 -48.29 29.84 -101.05
CA GLU RB 210 -48.78 29.27 -102.29
C GLU RB 210 -50.30 29.27 -102.33
N PHE RB 211 -50.96 29.31 -101.17
CA PHE RB 211 -52.40 29.16 -101.08
C PHE RB 211 -53.02 30.23 -100.18
N THR RB 212 -52.61 31.49 -100.35
CA THR RB 212 -53.19 32.56 -99.56
C THR RB 212 -54.60 32.92 -100.02
N ASP RB 213 -54.87 32.80 -101.32
CA ASP RB 213 -56.21 33.06 -101.83
C ASP RB 213 -57.20 32.00 -101.40
N HIS RB 214 -56.72 30.79 -101.10
CA HIS RB 214 -57.59 29.74 -100.62
C HIS RB 214 -57.83 29.82 -99.12
N LEU RB 215 -56.92 30.47 -98.37
CA LEU RB 215 -57.08 30.66 -96.94
C LEU RB 215 -57.75 31.97 -96.57
N VAL RB 216 -58.06 32.82 -97.55
CA VAL RB 216 -58.87 34.01 -97.26
C VAL RB 216 -60.35 33.72 -97.54
N LYS RB 217 -60.66 32.69 -98.32
CA LYS RB 217 -62.03 32.37 -98.65
C LYS RB 217 -62.58 31.15 -97.93
N THR RB 218 -61.71 30.28 -97.40
CA THR RB 218 -62.15 29.07 -96.72
C THR RB 218 -61.68 28.97 -95.28
N HIS RB 219 -60.62 29.69 -94.91
CA HIS RB 219 -60.19 29.68 -93.51
C HIS RB 219 -60.79 30.84 -92.73
N THR RB 220 -61.17 31.92 -93.42
CA THR RB 220 -61.99 32.94 -92.78
C THR RB 220 -63.41 32.41 -92.58
N ARG RB 221 -64.19 33.16 -91.80
CA ARG RB 221 -65.42 32.62 -91.24
C ARG RB 221 -66.52 32.48 -92.28
N VAL RB 222 -66.50 33.35 -93.31
CA VAL RB 222 -67.44 33.45 -94.46
C VAL RB 222 -68.90 33.00 -94.25
N MET SB 1 34.02 -82.73 -45.37
CA MET SB 1 34.83 -82.10 -46.40
C MET SB 1 35.01 -83.01 -47.60
N LYS SB 2 34.49 -82.58 -48.74
CA LYS SB 2 34.68 -83.29 -49.99
C LYS SB 2 35.92 -82.76 -50.71
N LEU SB 3 36.53 -83.62 -51.51
CA LEU SB 3 37.71 -83.25 -52.29
C LEU SB 3 37.52 -83.75 -53.71
N ASN SB 4 37.65 -82.84 -54.67
CA ASN SB 4 37.45 -83.16 -56.09
C ASN SB 4 38.83 -83.23 -56.73
N ILE SB 5 39.30 -84.44 -57.01
CA ILE SB 5 40.63 -84.68 -57.51
C ILE SB 5 40.56 -84.95 -59.01
N SER SB 6 41.36 -84.21 -59.78
CA SER SB 6 41.45 -84.37 -61.23
C SER SB 6 42.84 -84.84 -61.60
N PHE SB 7 42.92 -85.81 -62.51
CA PHE SB 7 44.19 -86.33 -62.99
C PHE SB 7 44.31 -86.04 -64.49
N PRO SB 8 45.10 -85.03 -64.88
CA PRO SB 8 45.06 -84.58 -66.29
C PRO SB 8 45.73 -85.53 -67.27
N ALA SB 9 46.63 -86.40 -66.83
CA ALA SB 9 47.37 -87.23 -67.76
C ALA SB 9 46.51 -88.32 -68.41
N THR SB 10 45.41 -88.72 -67.75
CA THR SB 10 44.47 -89.66 -68.33
C THR SB 10 43.06 -89.11 -68.43
N GLY SB 11 42.69 -88.14 -67.60
CA GLY SB 11 41.30 -87.80 -67.40
C GLY SB 11 40.78 -88.55 -66.20
N CYS SB 12 39.48 -88.85 -66.17
CA CYS SB 12 38.81 -89.69 -65.17
C CYS SB 12 39.00 -89.12 -63.76
N GLN SB 13 38.41 -87.94 -63.57
CA GLN SB 13 38.44 -87.26 -62.29
C GLN SB 13 37.44 -87.89 -61.32
N LYS SB 14 37.58 -87.53 -60.05
CA LYS SB 14 36.82 -88.19 -59.00
C LYS SB 14 36.64 -87.23 -57.83
N LEU SB 15 35.51 -87.34 -57.15
CA LEU SB 15 35.26 -86.63 -55.89
C LEU SB 15 35.20 -87.65 -54.76
N ILE SB 16 36.27 -87.77 -54.00
CA ILE SB 16 36.26 -88.57 -52.78
C ILE SB 16 35.79 -87.66 -51.65
N GLU SB 17 35.46 -88.23 -50.50
CA GLU SB 17 35.04 -87.46 -49.34
C GLU SB 17 35.81 -87.95 -48.13
N VAL SB 18 36.75 -87.13 -47.66
CA VAL SB 18 37.49 -87.46 -46.45
C VAL SB 18 36.55 -87.28 -45.25
N ASP SB 19 36.74 -88.12 -44.22
CA ASP SB 19 35.78 -88.23 -43.14
C ASP SB 19 36.25 -87.62 -41.83
N ASP SB 20 37.52 -87.20 -41.73
CA ASP SB 20 38.06 -86.65 -40.50
C ASP SB 20 38.74 -85.32 -40.79
N GLU SB 21 39.25 -84.70 -39.74
CA GLU SB 21 40.01 -83.46 -39.82
C GLU SB 21 41.51 -83.70 -39.75
N ARG SB 22 41.94 -84.94 -39.54
CA ARG SB 22 43.36 -85.22 -39.31
C ARG SB 22 44.16 -85.21 -40.61
N LYS SB 23 43.56 -85.68 -41.70
CA LYS SB 23 44.26 -85.68 -42.99
C LYS SB 23 44.36 -84.29 -43.59
N LEU SB 24 43.42 -83.40 -43.25
CA LEU SB 24 43.33 -82.10 -43.87
C LEU SB 24 44.25 -81.06 -43.26
N ARG SB 25 44.89 -81.36 -42.12
CA ARG SB 25 45.74 -80.39 -41.46
C ARG SB 25 47.05 -80.14 -42.21
N THR SB 26 47.41 -80.99 -43.16
CA THR SB 26 48.57 -80.74 -44.00
C THR SB 26 48.27 -79.78 -45.15
N PHE SB 27 47.04 -79.28 -45.25
CA PHE SB 27 46.69 -78.30 -46.26
C PHE SB 27 46.47 -76.90 -45.70
N TYR SB 28 46.24 -76.78 -44.41
CA TYR SB 28 45.75 -75.53 -43.83
C TYR SB 28 46.85 -74.47 -43.84
N GLU SB 29 46.43 -73.22 -44.07
CA GLU SB 29 47.30 -72.06 -44.34
C GLU SB 29 48.25 -72.36 -45.50
N LYS SB 30 47.64 -72.56 -46.67
CA LYS SB 30 48.36 -72.71 -47.94
C LYS SB 30 47.55 -72.00 -49.02
N ARG SB 31 48.27 -71.49 -50.02
CA ARG SB 31 47.62 -70.74 -51.09
C ARG SB 31 47.04 -71.69 -52.14
N MET SB 32 46.18 -71.11 -52.98
CA MET SB 32 45.76 -71.73 -54.23
C MET SB 32 46.96 -71.84 -55.16
N ALA SB 33 46.94 -72.87 -56.02
CA ALA SB 33 47.98 -73.17 -57.02
C ALA SB 33 49.35 -73.39 -56.36
N THR SB 34 49.42 -74.44 -55.55
CA THR SB 34 50.63 -74.81 -54.83
C THR SB 34 50.73 -76.32 -54.82
N GLU SB 35 51.84 -76.86 -55.34
CA GLU SB 35 52.02 -78.31 -55.36
C GLU SB 35 52.41 -78.81 -53.97
N VAL SB 36 51.64 -79.79 -53.48
CA VAL SB 36 51.73 -80.28 -52.10
C VAL SB 36 51.63 -81.80 -52.15
N ALA SB 37 52.52 -82.49 -51.43
CA ALA SB 37 52.45 -83.93 -51.32
C ALA SB 37 51.22 -84.36 -50.53
N ALA SB 38 50.57 -85.41 -51.02
CA ALA SB 38 49.32 -85.91 -50.43
C ALA SB 38 49.51 -87.32 -49.88
N ASP SB 39 50.64 -87.55 -49.19
CA ASP SB 39 50.88 -88.86 -48.62
C ASP SB 39 50.06 -89.10 -47.36
N ALA SB 40 49.71 -88.04 -46.64
CA ALA SB 40 48.96 -88.20 -45.39
C ALA SB 40 47.53 -88.65 -45.65
N LEU SB 41 46.97 -88.32 -46.81
CA LEU SB 41 45.61 -88.73 -47.15
C LEU SB 41 45.66 -90.14 -47.75
N GLY SB 42 45.39 -91.13 -46.90
CA GLY SB 42 45.16 -92.48 -47.36
C GLY SB 42 46.43 -93.32 -47.46
N GLU SB 43 46.23 -94.63 -47.32
CA GLU SB 43 47.28 -95.61 -47.56
C GLU SB 43 47.55 -95.78 -49.05
N GLU SB 44 46.61 -95.36 -49.90
CA GLU SB 44 46.70 -95.60 -51.33
C GLU SB 44 47.57 -94.59 -52.07
N TRP SB 45 48.03 -93.52 -51.41
CA TRP SB 45 48.61 -92.42 -52.15
C TRP SB 45 50.08 -92.15 -51.82
N LYS SB 46 50.92 -93.18 -51.81
CA LYS SB 46 52.35 -92.97 -51.64
C LYS SB 46 52.94 -92.49 -52.95
N GLY SB 47 53.45 -91.26 -52.95
CA GLY SB 47 54.13 -90.70 -54.11
C GLY SB 47 53.33 -89.70 -54.93
N TYR SB 48 52.16 -89.30 -54.45
CA TYR SB 48 51.31 -88.37 -55.17
C TYR SB 48 51.48 -86.96 -54.61
N VAL SB 49 51.72 -85.99 -55.49
CA VAL SB 49 51.69 -84.58 -55.13
C VAL SB 49 50.53 -83.93 -55.88
N VAL SB 50 49.86 -83.00 -55.21
CA VAL SB 50 48.64 -82.39 -55.73
C VAL SB 50 48.75 -80.88 -55.64
N ARG SB 51 48.00 -80.21 -56.50
CA ARG SB 51 47.95 -78.76 -56.56
C ARG SB 51 46.58 -78.28 -56.11
N ILE SB 52 46.55 -77.33 -55.19
CA ILE SB 52 45.29 -76.79 -54.68
C ILE SB 52 44.75 -75.81 -55.72
N SER SB 53 43.70 -76.21 -56.42
CA SER SB 53 43.13 -75.41 -57.49
C SER SB 53 41.91 -74.61 -57.04
N GLY SB 54 41.70 -74.45 -55.74
CA GLY SB 54 40.58 -73.68 -55.27
C GLY SB 54 39.39 -74.55 -54.92
N GLY SB 55 38.30 -73.88 -54.57
CA GLY SB 55 37.10 -74.59 -54.17
C GLY SB 55 35.94 -73.68 -53.84
N ASN SB 56 35.24 -73.97 -52.75
CA ASN SB 56 34.05 -73.23 -52.37
C ASN SB 56 33.98 -73.06 -50.86
N ASP SB 57 33.20 -72.08 -50.43
CA ASP SB 57 32.86 -71.92 -49.01
C ASP SB 57 31.82 -72.94 -48.57
N LYS SB 58 31.49 -72.87 -47.29
CA LYS SB 58 30.31 -73.57 -46.77
C LYS SB 58 29.03 -73.04 -47.41
N GLN SB 59 29.01 -71.75 -47.75
CA GLN SB 59 27.86 -71.13 -48.40
C GLN SB 59 27.93 -71.22 -49.92
N GLY SB 60 29.02 -71.76 -50.47
CA GLY SB 60 29.14 -72.00 -51.89
C GLY SB 60 29.87 -70.95 -52.69
N PHE SB 61 30.44 -69.95 -52.04
CA PHE SB 61 31.13 -68.89 -52.78
C PHE SB 61 32.48 -69.40 -53.25
N PRO SB 62 32.86 -69.14 -54.51
CA PRO SB 62 34.07 -69.75 -55.06
C PRO SB 62 35.34 -69.12 -54.49
N MET SB 63 36.47 -69.71 -54.88
CA MET SB 63 37.78 -69.24 -54.45
C MET SB 63 38.47 -68.53 -55.59
N LYS SB 64 39.03 -67.36 -55.30
CA LYS SB 64 39.69 -66.54 -56.31
C LYS SB 64 41.18 -66.32 -56.03
N GLN SB 65 42.02 -66.67 -56.99
CA GLN SB 65 43.46 -66.53 -56.85
C GLN SB 65 43.84 -65.07 -56.67
N GLY SB 66 44.68 -64.80 -55.67
CA GLY SB 66 45.25 -63.49 -55.48
C GLY SB 66 44.64 -62.67 -54.36
N VAL SB 67 43.58 -63.17 -53.71
CA VAL SB 67 42.95 -62.44 -52.62
C VAL SB 67 43.86 -62.45 -51.39
N LEU SB 68 44.45 -63.60 -51.09
CA LEU SB 68 45.42 -63.89 -50.03
C LEU SB 68 44.97 -63.48 -48.63
N THR SB 69 43.67 -63.32 -48.41
CA THR SB 69 43.11 -63.11 -47.07
C THR SB 69 41.95 -64.07 -46.90
N HIS SB 70 42.09 -65.02 -45.96
CA HIS SB 70 41.06 -66.02 -45.75
C HIS SB 70 39.85 -65.41 -45.08
N GLY SB 71 38.68 -65.81 -45.55
CA GLY SB 71 37.42 -65.19 -45.22
C GLY SB 71 36.67 -64.87 -46.49
N ARG SB 72 35.80 -63.87 -46.42
CA ARG SB 72 35.01 -63.47 -47.57
C ARG SB 72 35.18 -61.97 -47.81
N VAL SB 73 35.63 -61.62 -49.01
CA VAL SB 73 35.76 -60.24 -49.43
C VAL SB 73 34.83 -60.03 -50.62
N ARG SB 74 34.63 -58.77 -50.98
CA ARG SB 74 33.81 -58.41 -52.12
C ARG SB 74 34.67 -57.64 -53.12
N LEU SB 75 34.69 -58.10 -54.36
CA LEU SB 75 35.48 -57.48 -55.42
C LEU SB 75 34.57 -57.05 -56.56
N LEU SB 76 34.99 -56.01 -57.27
CA LEU SB 76 34.23 -55.46 -58.38
C LEU SB 76 34.80 -56.06 -59.67
N LEU SB 77 34.14 -57.11 -60.17
CA LEU SB 77 34.70 -57.97 -61.21
C LEU SB 77 34.26 -57.47 -62.59
N SER SB 78 35.22 -57.23 -63.47
CA SER SB 78 34.94 -56.90 -64.85
C SER SB 78 35.06 -58.16 -65.71
N LYS SB 79 35.06 -57.98 -67.03
CA LYS SB 79 35.16 -59.11 -67.96
C LYS SB 79 36.58 -59.66 -67.95
N GLY SB 80 36.73 -60.89 -67.45
CA GLY SB 80 37.98 -61.61 -67.59
C GLY SB 80 38.79 -61.85 -66.33
N HIS SB 81 38.23 -61.63 -65.14
CA HIS SB 81 39.01 -61.98 -63.96
C HIS SB 81 38.91 -63.46 -63.65
N SER SB 82 37.75 -63.83 -63.09
CA SER SB 82 37.33 -65.16 -62.65
C SER SB 82 35.96 -64.94 -62.01
N CYS SB 83 35.28 -66.04 -61.71
CA CYS SB 83 34.14 -66.11 -60.79
C CYS SB 83 32.94 -65.28 -61.23
N TYR SB 84 32.91 -64.84 -62.49
CA TYR SB 84 31.91 -63.90 -62.99
C TYR SB 84 31.90 -63.90 -64.51
N ARG SB 85 30.71 -63.96 -65.10
CA ARG SB 85 30.56 -63.74 -66.52
C ARG SB 85 29.69 -62.50 -66.74
N PRO SB 86 30.10 -61.58 -67.61
CA PRO SB 86 29.29 -60.39 -67.83
C PRO SB 86 28.18 -60.67 -68.83
N ARG SB 87 27.02 -60.09 -68.54
CA ARG SB 87 25.82 -60.39 -69.33
C ARG SB 87 25.53 -59.32 -70.37
N ARG SB 88 26.16 -58.15 -70.26
CA ARG SB 88 26.32 -57.23 -71.35
C ARG SB 88 27.75 -56.72 -71.31
N THR SB 89 28.19 -56.08 -72.40
CA THR SB 89 29.59 -55.69 -72.50
C THR SB 89 29.88 -54.51 -71.59
N GLY SB 90 31.06 -54.52 -70.99
CA GLY SB 90 31.47 -53.49 -70.07
C GLY SB 90 30.82 -53.53 -68.70
N GLU SB 91 30.06 -54.59 -68.40
CA GLU SB 91 29.34 -54.67 -67.14
C GLU SB 91 30.27 -55.12 -66.02
N ARG SB 92 30.33 -54.33 -64.95
CA ARG SB 92 31.11 -54.66 -63.77
C ARG SB 92 30.14 -54.82 -62.61
N LYS SB 93 30.19 -55.98 -61.96
CA LYS SB 93 29.26 -56.30 -60.88
C LYS SB 93 30.06 -56.73 -59.66
N ARG SB 94 29.79 -56.10 -58.52
CA ARG SB 94 30.49 -56.42 -57.29
C ARG SB 94 29.93 -57.72 -56.71
N LYS SB 95 30.78 -58.72 -56.55
CA LYS SB 95 30.38 -60.01 -56.02
C LYS SB 95 31.30 -60.42 -54.90
N SER SB 96 30.81 -61.30 -54.04
CA SER SB 96 31.57 -61.77 -52.89
C SER SB 96 32.25 -63.09 -53.23
N VAL SB 97 33.49 -63.23 -52.80
CA VAL SB 97 34.34 -64.34 -53.22
C VAL SB 97 35.32 -64.65 -52.09
N ARG SB 98 35.79 -65.89 -52.06
CA ARG SB 98 36.57 -66.39 -50.94
C ARG SB 98 38.06 -66.40 -51.29
N GLY SB 99 38.90 -66.13 -50.29
CA GLY SB 99 40.32 -66.00 -50.50
C GLY SB 99 41.00 -67.31 -50.81
N CYS SB 100 42.26 -67.21 -51.22
CA CYS SB 100 43.01 -68.37 -51.67
C CYS SB 100 43.69 -69.13 -50.54
N ILE SB 101 43.59 -68.65 -49.30
CA ILE SB 101 44.13 -69.37 -48.15
C ILE SB 101 43.11 -70.40 -47.71
N VAL SB 102 43.41 -71.67 -47.92
CA VAL SB 102 42.45 -72.73 -47.59
C VAL SB 102 42.42 -72.95 -46.07
N ASP SB 103 41.23 -73.22 -45.56
CA ASP SB 103 40.99 -73.46 -44.14
C ASP SB 103 40.10 -74.67 -43.96
N ALA SB 104 39.60 -74.87 -42.74
CA ALA SB 104 38.56 -75.86 -42.49
C ALA SB 104 37.17 -75.29 -42.75
N ASN SB 105 37.07 -74.02 -43.12
CA ASN SB 105 35.79 -73.40 -43.48
C ASN SB 105 35.58 -73.43 -45.00
N LEU SB 106 35.63 -74.65 -45.54
CA LEU SB 106 35.32 -74.90 -46.94
C LEU SB 106 34.36 -76.08 -47.01
N SER SB 107 33.76 -76.27 -48.19
CA SER SB 107 32.90 -77.42 -48.44
C SER SB 107 33.44 -78.36 -49.50
N VAL SB 108 34.27 -77.87 -50.42
CA VAL SB 108 34.91 -78.72 -51.42
C VAL SB 108 36.21 -78.04 -51.82
N LEU SB 109 37.17 -78.83 -52.28
CA LEU SB 109 38.48 -78.32 -52.66
C LEU SB 109 38.95 -79.10 -53.87
N ASN SB 110 39.43 -78.38 -54.88
CA ASN SB 110 39.78 -78.97 -56.16
C ASN SB 110 41.28 -79.25 -56.19
N LEU SB 111 41.64 -80.50 -56.46
CA LEU SB 111 43.02 -80.95 -56.40
C LEU SB 111 43.43 -81.50 -57.77
N VAL SB 112 44.65 -81.15 -58.20
CA VAL SB 112 45.17 -81.57 -59.49
C VAL SB 112 46.50 -82.28 -59.25
N ILE SB 113 46.55 -83.56 -59.60
CA ILE SB 113 47.76 -84.36 -59.45
C ILE SB 113 48.74 -83.98 -60.55
N VAL SB 114 49.98 -83.67 -60.17
CA VAL SB 114 51.02 -83.30 -61.13
C VAL SB 114 52.20 -84.26 -61.15
N LYS SB 115 52.17 -85.31 -60.33
CA LYS SB 115 53.17 -86.37 -60.40
C LYS SB 115 52.58 -87.65 -59.82
N LYS SB 116 52.77 -88.76 -60.53
CA LYS SB 116 52.23 -90.05 -60.15
C LYS SB 116 53.31 -90.89 -59.47
N GLY SB 117 52.97 -91.47 -58.32
CA GLY SB 117 53.89 -92.26 -57.53
C GLY SB 117 53.90 -93.75 -57.87
N GLU SB 118 53.70 -94.59 -56.85
CA GLU SB 118 53.94 -96.02 -56.99
C GLU SB 118 52.81 -96.72 -57.73
N LYS SB 119 51.60 -96.74 -57.17
CA LYS SB 119 50.56 -97.61 -57.69
C LYS SB 119 49.28 -96.85 -58.01
N ASP SB 120 48.23 -97.59 -58.38
CA ASP SB 120 47.05 -97.03 -59.02
C ASP SB 120 45.91 -96.82 -58.02
N ILE SB 121 45.16 -95.74 -58.21
CA ILE SB 121 43.90 -95.51 -57.52
C ILE SB 121 42.82 -96.21 -58.31
N PRO SB 122 41.92 -96.96 -57.68
CA PRO SB 122 40.75 -97.46 -58.41
C PRO SB 122 39.80 -96.33 -58.76
N GLY SB 123 39.34 -96.32 -60.01
CA GLY SB 123 38.39 -95.34 -60.46
C GLY SB 123 38.96 -93.98 -60.81
N LEU SB 124 40.29 -93.84 -60.86
CA LEU SB 124 40.88 -92.55 -61.19
C LEU SB 124 42.04 -92.62 -62.19
N THR SB 125 42.69 -93.77 -62.38
CA THR SB 125 43.83 -93.82 -63.30
C THR SB 125 43.85 -95.10 -64.14
N ASP SB 126 42.68 -95.66 -64.43
CA ASP SB 126 42.56 -96.81 -65.32
C ASP SB 126 41.52 -96.53 -66.39
N THR SB 127 41.72 -97.14 -67.57
CA THR SB 127 40.87 -96.98 -68.76
C THR SB 127 40.80 -95.51 -69.17
N THR SB 128 41.96 -95.05 -69.67
CA THR SB 128 42.20 -93.65 -70.01
C THR SB 128 41.15 -93.07 -70.94
N VAL SB 129 40.56 -91.95 -70.52
CA VAL SB 129 39.54 -91.26 -71.32
C VAL SB 129 40.22 -90.54 -72.48
N PRO SB 130 39.79 -90.77 -73.73
CA PRO SB 130 40.36 -90.03 -74.85
C PRO SB 130 39.91 -88.58 -74.82
N ARG SB 131 40.79 -87.69 -75.30
CA ARG SB 131 40.36 -86.33 -75.55
C ARG SB 131 39.34 -86.32 -76.68
N ARG SB 132 38.36 -85.42 -76.59
CA ARG SB 132 37.13 -85.60 -77.33
C ARG SB 132 37.29 -85.30 -78.82
N LEU SB 133 38.01 -84.23 -79.14
CA LEU SB 133 38.18 -83.86 -80.53
C LEU SB 133 39.63 -83.73 -80.97
N GLY SB 134 39.87 -83.97 -82.25
CA GLY SB 134 41.19 -83.83 -82.82
C GLY SB 134 41.43 -82.40 -83.28
N PRO SB 135 42.62 -82.12 -83.80
CA PRO SB 135 42.92 -80.76 -84.25
C PRO SB 135 42.11 -80.35 -85.47
N LYS SB 136 41.75 -79.07 -85.55
CA LYS SB 136 40.98 -78.55 -86.67
C LYS SB 136 41.88 -77.72 -87.59
N ARG SB 137 42.66 -76.83 -87.02
CA ARG SB 137 43.59 -76.03 -87.80
C ARG SB 137 44.61 -76.91 -88.51
N ALA SB 138 44.96 -76.53 -89.74
CA ALA SB 138 45.91 -77.28 -90.53
C ALA SB 138 47.32 -77.26 -89.94
N SER SB 139 47.66 -76.21 -89.18
CA SER SB 139 49.01 -76.12 -88.62
C SER SB 139 49.18 -77.03 -87.41
N ARG SB 140 48.13 -77.17 -86.60
CA ARG SB 140 48.22 -78.00 -85.40
C ARG SB 140 48.02 -79.48 -85.69
N ILE SB 141 47.65 -79.84 -86.92
CA ILE SB 141 47.50 -81.24 -87.29
C ILE SB 141 48.65 -81.72 -88.18
N ARG SB 142 49.37 -80.81 -88.84
CA ARG SB 142 50.68 -81.17 -89.38
C ARG SB 142 51.74 -81.18 -88.30
N LYS SB 143 51.43 -80.61 -87.12
CA LYS SB 143 52.31 -80.67 -85.97
C LYS SB 143 52.07 -81.94 -85.16
N LEU SB 144 50.84 -82.45 -85.17
CA LEU SB 144 50.52 -83.65 -84.41
C LEU SB 144 51.08 -84.89 -85.07
N PHE SB 145 50.93 -85.02 -86.40
CA PHE SB 145 51.33 -86.21 -87.12
C PHE SB 145 52.70 -86.06 -87.77
N ASN SB 146 53.53 -85.14 -87.27
CA ASN SB 146 54.93 -84.97 -87.68
C ASN SB 146 55.06 -84.70 -89.18
N LEU SB 147 54.41 -83.64 -89.64
CA LEU SB 147 54.45 -83.27 -91.04
C LEU SB 147 55.24 -81.98 -91.21
N SER SB 148 55.82 -81.81 -92.40
CA SER SB 148 56.71 -80.68 -92.64
C SER SB 148 56.15 -79.72 -93.70
N LYS SB 149 55.87 -80.21 -94.90
CA LYS SB 149 55.57 -79.36 -96.04
C LYS SB 149 54.98 -80.23 -97.14
N GLU SB 150 53.98 -79.70 -97.85
CA GLU SB 150 53.17 -80.33 -98.91
C GLU SB 150 52.79 -81.78 -98.61
N ASP SB 151 52.39 -82.04 -97.37
CA ASP SB 151 52.20 -83.40 -96.88
C ASP SB 151 50.76 -83.88 -96.93
N ASP SB 152 49.87 -83.11 -97.58
CA ASP SB 152 48.47 -83.48 -97.82
C ASP SB 152 47.72 -83.72 -96.51
N VAL SB 153 47.54 -82.61 -95.78
CA VAL SB 153 46.80 -82.53 -94.52
C VAL SB 153 45.43 -83.22 -94.58
N ARG SB 154 44.77 -83.12 -95.71
CA ARG SB 154 43.46 -83.73 -95.86
C ARG SB 154 43.39 -85.25 -95.69
N GLN SB 155 44.53 -85.95 -95.73
CA GLN SB 155 44.51 -87.40 -95.58
C GLN SB 155 44.71 -87.84 -94.14
N TYR SB 156 45.53 -87.13 -93.37
CA TYR SB 156 45.86 -87.54 -92.00
C TYR SB 156 44.92 -86.95 -90.97
N VAL SB 157 43.83 -86.32 -91.40
CA VAL SB 157 42.87 -85.75 -90.45
C VAL SB 157 42.01 -86.89 -89.91
N VAL SB 158 41.81 -86.91 -88.59
CA VAL SB 158 41.05 -87.97 -87.92
C VAL SB 158 39.58 -87.86 -88.27
N ARG SB 159 38.89 -88.99 -88.21
CA ARG SB 159 37.46 -89.05 -88.48
C ARG SB 159 36.81 -89.77 -87.32
N LYS SB 160 35.85 -89.12 -86.69
CA LYS SB 160 35.19 -89.69 -85.52
C LYS SB 160 34.10 -90.68 -85.94
N PRO SB 161 34.13 -91.91 -85.45
CA PRO SB 161 33.09 -92.87 -85.83
C PRO SB 161 31.82 -92.70 -85.01
N LEU SB 162 30.70 -93.10 -85.62
CA LEU SB 162 29.40 -93.04 -84.98
C LEU SB 162 28.76 -94.42 -85.00
N ASN SB 163 28.02 -94.73 -83.93
CA ASN SB 163 27.47 -96.06 -83.77
C ASN SB 163 26.05 -96.07 -83.20
N LYS SB 164 25.28 -95.00 -83.41
CA LYS SB 164 23.91 -94.98 -82.92
C LYS SB 164 23.03 -95.91 -83.75
N GLU SB 165 22.12 -96.61 -83.07
CA GLU SB 165 21.41 -97.74 -83.66
C GLU SB 165 20.40 -97.31 -84.71
N GLY SB 166 19.79 -96.13 -84.56
CA GLY SB 166 18.78 -95.68 -85.49
C GLY SB 166 19.28 -95.26 -86.85
N LYS SB 167 20.59 -95.19 -87.05
CA LYS SB 167 21.18 -94.83 -88.33
C LYS SB 167 22.28 -95.82 -88.65
N LYS SB 168 22.71 -95.83 -89.91
CA LYS SB 168 23.85 -96.63 -90.30
C LYS SB 168 25.13 -96.02 -89.73
N PRO SB 169 26.11 -96.85 -89.37
CA PRO SB 169 27.35 -96.32 -88.76
C PRO SB 169 28.16 -95.52 -89.77
N ARG SB 170 28.35 -94.24 -89.46
CA ARG SB 170 29.09 -93.33 -90.31
C ARG SB 170 30.43 -92.99 -89.67
N THR SB 171 31.15 -92.08 -90.31
CA THR SB 171 32.28 -91.41 -89.71
C THR SB 171 32.34 -90.00 -90.27
N LYS SB 172 32.75 -89.05 -89.44
CA LYS SB 172 32.61 -87.64 -89.74
C LYS SB 172 33.88 -86.89 -89.37
N ALA SB 173 34.33 -86.01 -90.26
CA ALA SB 173 35.53 -85.22 -90.02
C ALA SB 173 35.21 -83.74 -89.82
N PRO SB 174 36.21 -82.95 -89.51
CA PRO SB 174 36.03 -81.50 -89.27
C PRO SB 174 36.59 -80.64 -90.39
N LYS SB 175 35.82 -79.68 -90.85
CA LYS SB 175 36.27 -78.79 -91.90
C LYS SB 175 37.54 -78.08 -91.49
N ILE SB 176 38.66 -78.46 -92.11
CA ILE SB 176 39.96 -77.89 -91.80
C ILE SB 176 40.06 -76.39 -92.10
N GLN SB 177 40.63 -75.65 -91.15
CA GLN SB 177 40.82 -74.22 -91.28
C GLN SB 177 42.28 -73.89 -91.54
N ARG SB 178 42.50 -72.74 -92.19
CA ARG SB 178 43.82 -72.25 -92.61
C ARG SB 178 44.56 -73.28 -93.47
N LEU SB 179 43.82 -73.81 -94.44
CA LEU SB 179 44.33 -74.76 -95.41
C LEU SB 179 44.53 -74.00 -96.72
N VAL SB 180 45.52 -74.39 -97.50
CA VAL SB 180 45.82 -73.69 -98.76
C VAL SB 180 44.92 -74.31 -99.82
N THR SB 181 43.67 -73.86 -99.85
CA THR SB 181 42.73 -74.36 -100.84
C THR SB 181 42.80 -73.50 -102.09
N PRO SB 182 42.69 -74.09 -103.28
CA PRO SB 182 42.71 -73.28 -104.51
C PRO SB 182 41.72 -72.14 -104.52
N ARG SB 183 40.67 -72.18 -103.69
CA ARG SB 183 39.83 -71.00 -103.47
C ARG SB 183 40.60 -69.88 -102.79
N VAL SB 184 41.49 -70.23 -101.87
CA VAL SB 184 42.27 -69.24 -101.14
C VAL SB 184 43.25 -68.54 -102.07
N LEU SB 185 43.83 -69.28 -103.02
CA LEU SB 185 44.81 -68.68 -103.93
C LEU SB 185 44.16 -67.77 -104.96
N GLN SB 186 42.90 -68.03 -105.33
CA GLN SB 186 42.21 -67.12 -106.24
C GLN SB 186 41.86 -65.81 -105.55
N HIS SB 187 41.50 -65.88 -104.26
CA HIS SB 187 41.28 -64.66 -103.48
C HIS SB 187 42.56 -63.87 -103.31
N LYS SB 188 43.71 -64.54 -103.28
CA LYS SB 188 44.98 -63.81 -103.22
C LYS SB 188 45.30 -63.18 -104.57
N ARG SB 189 44.95 -63.85 -105.68
CA ARG SB 189 45.16 -63.27 -107.00
C ARG SB 189 44.23 -62.09 -107.24
N ARG SB 190 42.95 -62.24 -106.84
CA ARG SB 190 41.95 -61.19 -107.01
C ARG SB 190 42.30 -59.94 -106.21
N ARG SB 191 42.89 -60.11 -105.03
CA ARG SB 191 43.28 -58.98 -104.20
C ARG SB 191 44.52 -58.27 -104.74
N ILE SB 192 45.31 -58.94 -105.58
CA ILE SB 192 46.46 -58.33 -106.24
C ILE SB 192 46.09 -57.86 -107.65
N ALA SB 193 45.11 -58.49 -108.29
CA ALA SB 193 44.62 -57.99 -109.58
C ALA SB 193 43.91 -56.65 -109.42
N LEU SB 194 43.14 -56.50 -108.33
CA LEU SB 194 42.59 -55.19 -107.99
C LEU SB 194 43.68 -54.21 -107.58
N LYS SB 195 44.79 -54.71 -107.04
CA LYS SB 195 45.87 -53.84 -106.59
C LYS SB 195 46.59 -53.20 -107.77
N LYS SB 196 46.67 -53.89 -108.91
CA LYS SB 196 47.37 -53.33 -110.06
C LYS SB 196 46.46 -52.61 -111.03
N GLN SB 197 45.15 -52.89 -111.02
CA GLN SB 197 44.26 -52.18 -111.94
C GLN SB 197 43.70 -50.90 -111.33
N ARG SB 198 44.12 -50.53 -110.13
CA ARG SB 198 43.90 -49.17 -109.64
C ARG SB 198 45.19 -48.38 -109.55
N THR SB 199 46.33 -48.98 -109.94
CA THR SB 199 47.53 -48.22 -110.26
C THR SB 199 47.61 -47.91 -111.74
N LYS SB 200 47.04 -48.80 -112.58
CA LYS SB 200 46.81 -48.45 -113.97
C LYS SB 200 45.83 -47.29 -114.08
N LYS SB 201 44.84 -47.25 -113.20
CA LYS SB 201 43.89 -46.14 -113.14
C LYS SB 201 44.59 -44.84 -112.73
N ASN SB 202 45.58 -44.93 -111.85
CA ASN SB 202 46.32 -43.74 -111.44
C ASN SB 202 47.19 -43.20 -112.57
N LYS SB 203 47.77 -44.10 -113.37
CA LYS SB 203 48.64 -43.67 -114.45
C LYS SB 203 47.85 -43.05 -115.61
N GLU SB 204 46.61 -43.50 -115.80
CA GLU SB 204 45.77 -42.95 -116.86
C GLU SB 204 45.35 -41.52 -116.55
N GLU SB 205 44.65 -41.32 -115.43
CA GLU SB 205 44.05 -40.03 -115.15
C GLU SB 205 45.05 -38.98 -114.69
N ALA SB 206 46.28 -39.38 -114.34
CA ALA SB 206 47.32 -38.37 -114.12
C ALA SB 206 47.92 -37.90 -115.43
N ALA SB 207 48.04 -38.79 -116.41
CA ALA SB 207 48.56 -38.40 -117.72
C ALA SB 207 47.48 -37.78 -118.59
N GLU SB 208 46.22 -38.17 -118.39
CA GLU SB 208 45.13 -37.56 -119.15
C GLU SB 208 44.88 -36.13 -118.69
N TYR SB 209 44.97 -35.89 -117.38
CA TYR SB 209 44.87 -34.53 -116.88
C TYR SB 209 46.08 -33.69 -117.25
N ALA SB 210 47.24 -34.33 -117.45
CA ALA SB 210 48.45 -33.59 -117.80
C ALA SB 210 48.39 -33.03 -119.21
N LYS SB 211 47.52 -33.55 -120.06
CA LYS SB 211 47.26 -32.95 -121.36
C LYS SB 211 46.17 -31.89 -121.30
N LEU SB 212 45.17 -32.13 -120.46
CA LEU SB 212 44.06 -31.22 -120.25
C LEU SB 212 44.54 -29.99 -119.49
N LEU SB 213 45.61 -30.15 -118.70
CA LEU SB 213 46.20 -29.04 -117.97
C LEU SB 213 47.39 -28.45 -118.74
N ALA SB 214 47.58 -28.96 -119.95
CA ALA SB 214 48.56 -28.49 -120.90
C ALA SB 214 47.73 -27.67 -121.89
N LYS SB 215 46.57 -28.21 -122.25
CA LYS SB 215 45.63 -27.54 -123.13
C LYS SB 215 45.24 -26.28 -122.39
N ARG SB 216 44.72 -26.46 -121.18
CA ARG SB 216 44.35 -25.34 -120.31
C ARG SB 216 45.62 -24.79 -119.64
N MET SB 217 45.51 -23.60 -119.04
CA MET SB 217 46.65 -22.91 -118.42
C MET SB 217 47.79 -22.82 -119.44
N LYS SB 218 47.41 -22.28 -120.59
CA LYS SB 218 48.20 -22.08 -121.78
C LYS SB 218 47.33 -21.22 -122.70
N GLU SB 219 46.02 -21.46 -122.71
CA GLU SB 219 45.10 -20.65 -123.46
C GLU SB 219 45.10 -19.35 -122.69
N ALA SB 220 45.28 -19.44 -121.37
CA ALA SB 220 45.37 -18.27 -120.51
C ALA SB 220 46.65 -17.53 -120.86
N LYS SB 221 47.71 -18.29 -121.10
CA LYS SB 221 49.02 -17.75 -121.50
C LYS SB 221 48.92 -17.22 -122.92
N GLU SB 222 48.08 -17.84 -123.74
CA GLU SB 222 47.82 -17.41 -125.10
C GLU SB 222 46.93 -16.15 -125.08
N LYS SB 223 46.12 -16.01 -124.03
CA LYS SB 223 45.26 -14.85 -123.86
C LYS SB 223 45.96 -13.76 -123.04
N ARG SB 224 47.02 -14.12 -122.32
CA ARG SB 224 47.77 -13.14 -121.55
C ARG SB 224 48.61 -12.37 -122.55
N GLN SB 225 49.22 -13.11 -123.48
CA GLN SB 225 50.00 -12.46 -124.53
C GLN SB 225 49.13 -11.62 -125.45
N GLU SB 226 47.82 -11.58 -125.23
CA GLU SB 226 46.93 -10.66 -125.91
C GLU SB 226 46.88 -9.29 -125.24
N GLN SB 227 47.74 -9.06 -124.25
CA GLN SB 227 48.06 -7.73 -123.77
C GLN SB 227 49.42 -7.27 -124.27
N ILE SB 228 49.99 -7.98 -125.23
CA ILE SB 228 51.20 -7.58 -125.93
C ILE SB 228 50.87 -6.97 -127.28
N ALA SB 229 50.02 -7.64 -128.06
CA ALA SB 229 49.62 -7.15 -129.37
C ALA SB 229 48.67 -5.95 -129.31
N LYS SB 230 48.16 -5.60 -128.13
CA LYS SB 230 47.42 -4.37 -127.98
C LYS SB 230 48.33 -3.14 -128.01
N ARG SB 231 49.62 -3.33 -127.72
CA ARG SB 231 50.62 -2.28 -127.82
C ARG SB 231 51.39 -2.33 -129.14
N ARG SB 232 51.69 -3.54 -129.63
CA ARG SB 232 52.49 -3.67 -130.85
C ARG SB 232 51.69 -3.31 -132.10
N ARG SB 233 50.36 -3.37 -132.04
CA ARG SB 233 49.53 -2.90 -133.14
C ARG SB 233 49.17 -1.43 -132.99
N LEU SB 234 48.95 -0.98 -131.76
CA LEU SB 234 48.61 0.40 -131.46
C LEU SB 234 49.74 0.99 -130.62
N SER SB 235 50.74 1.55 -131.28
CA SER SB 235 51.84 2.24 -130.62
C SER SB 235 52.02 3.67 -131.11
N SER SB 236 51.85 3.91 -132.41
CA SER SB 236 51.96 5.24 -132.98
C SER SB 236 50.62 5.86 -133.35
N LEU SB 237 49.60 5.05 -133.58
CA LEU SB 237 48.25 5.56 -133.80
C LEU SB 237 47.39 5.24 -132.59
N PRO TB 1 2.61 -41.23 -80.87
CA PRO TB 1 1.47 -42.10 -80.62
C PRO TB 1 0.37 -42.04 -81.66
N VAL TB 2 -0.87 -42.28 -81.21
CA VAL TB 2 -1.89 -42.94 -82.02
C VAL TB 2 -2.27 -42.12 -83.28
N ALA TB 3 -2.81 -42.83 -84.28
CA ALA TB 3 -2.91 -42.35 -85.66
C ALA TB 3 -4.27 -41.74 -85.99
N ARG TB 4 -4.85 -41.01 -85.06
CA ARG TB 4 -6.17 -40.41 -85.23
C ARG TB 4 -6.03 -38.98 -85.77
N SER TB 5 -7.16 -38.32 -85.97
CA SER TB 5 -7.21 -37.00 -86.59
C SER TB 5 -7.66 -35.91 -85.64
N TRP TB 6 -8.76 -36.16 -84.90
CA TRP TB 6 -9.34 -35.28 -83.88
C TRP TB 6 -9.81 -33.94 -84.44
N VAL TB 7 -10.15 -33.89 -85.72
CA VAL TB 7 -10.63 -32.66 -86.33
C VAL TB 7 -12.14 -32.72 -86.35
N CYS TB 8 -12.78 -31.78 -85.65
CA CYS TB 8 -14.23 -31.73 -85.55
C CYS TB 8 -14.64 -30.30 -85.21
N ARG TB 9 -15.90 -29.98 -85.49
CA ARG TB 9 -16.42 -28.66 -85.19
C ARG TB 9 -17.92 -28.76 -84.97
N LYS TB 10 -18.47 -27.79 -84.24
CA LYS TB 10 -19.90 -27.67 -84.09
C LYS TB 10 -20.51 -27.04 -85.34
N THR TB 11 -21.74 -27.43 -85.65
CA THR TB 11 -22.42 -27.00 -86.85
C THR TB 11 -23.54 -26.01 -86.52
N TYR TB 12 -23.65 -25.60 -85.26
CA TYR TB 12 -24.72 -24.71 -84.84
C TYR TB 12 -24.21 -23.83 -83.71
N VAL TB 13 -24.95 -22.77 -83.43
CA VAL TB 13 -24.67 -21.86 -82.31
C VAL TB 13 -25.98 -21.58 -81.59
N THR TB 14 -25.99 -21.75 -80.28
CA THR TB 14 -27.15 -21.43 -79.47
C THR TB 14 -27.35 -19.92 -79.44
N PRO TB 15 -28.59 -19.44 -79.55
CA PRO TB 15 -28.84 -18.00 -79.51
C PRO TB 15 -28.46 -17.36 -78.17
N ARG TB 16 -28.11 -16.08 -78.24
CA ARG TB 16 -27.48 -15.39 -77.11
C ARG TB 16 -28.48 -15.17 -75.98
N ARG TB 17 -29.65 -14.61 -76.31
CA ARG TB 17 -30.70 -14.49 -75.31
C ARG TB 17 -31.77 -15.53 -75.59
N PRO TB 18 -32.08 -16.38 -74.62
CA PRO TB 18 -33.18 -17.32 -74.78
C PRO TB 18 -34.51 -16.61 -74.50
N PHE TB 19 -35.59 -17.33 -74.80
CA PHE TB 19 -36.94 -17.06 -74.31
C PHE TB 19 -37.55 -15.78 -74.87
N GLU TB 20 -36.92 -15.17 -75.87
CA GLU TB 20 -37.49 -14.02 -76.56
C GLU TB 20 -38.61 -14.49 -77.46
N LYS TB 21 -39.82 -14.00 -77.23
CA LYS TB 21 -41.01 -14.53 -77.89
C LYS TB 21 -41.03 -14.20 -79.38
N SER TB 22 -40.42 -13.07 -79.77
CA SER TB 22 -40.37 -12.69 -81.17
C SER TB 22 -39.48 -13.63 -81.99
N ARG TB 23 -38.51 -14.28 -81.33
CA ARG TB 23 -37.67 -15.28 -81.98
C ARG TB 23 -38.29 -16.67 -81.91
N LEU TB 24 -38.90 -17.03 -80.77
CA LEU TB 24 -39.44 -18.37 -80.57
C LEU TB 24 -40.62 -18.67 -81.47
N ASP TB 25 -41.33 -17.64 -81.95
CA ASP TB 25 -42.39 -17.84 -82.92
C ASP TB 25 -41.93 -17.63 -84.36
N GLN TB 26 -40.82 -16.91 -84.57
CA GLN TB 26 -40.32 -16.72 -85.92
C GLN TB 26 -39.68 -17.99 -86.45
N GLU TB 27 -38.89 -18.67 -85.64
CA GLU TB 27 -38.25 -19.91 -86.06
C GLU TB 27 -39.09 -21.14 -85.74
N LEU TB 28 -40.31 -20.95 -85.25
CA LEU TB 28 -41.26 -22.05 -85.17
C LEU TB 28 -42.03 -22.23 -86.48
N LYS TB 29 -42.24 -21.15 -87.23
CA LYS TB 29 -42.84 -21.28 -88.55
C LYS TB 29 -41.90 -21.98 -89.52
N LEU TB 30 -40.59 -21.83 -89.34
CA LEU TB 30 -39.64 -22.52 -90.20
C LEU TB 30 -39.62 -24.02 -89.94
N ILE TB 31 -40.00 -24.45 -88.74
CA ILE TB 31 -40.15 -25.88 -88.50
C ILE TB 31 -41.44 -26.40 -89.12
N GLY TB 32 -42.54 -25.66 -88.97
CA GLY TB 32 -43.81 -26.13 -89.48
C GLY TB 32 -43.90 -26.07 -91.00
N GLU TB 33 -43.34 -25.04 -91.62
CA GLU TB 33 -43.41 -24.90 -93.06
C GLU TB 33 -42.38 -25.76 -93.79
N TYR TB 34 -41.39 -26.29 -93.08
CA TYR TB 34 -40.38 -27.14 -93.71
C TYR TB 34 -40.28 -28.52 -93.07
N GLY TB 35 -41.09 -28.81 -92.06
CA GLY TB 35 -41.16 -30.16 -91.52
C GLY TB 35 -39.97 -30.60 -90.71
N LEU TB 36 -39.27 -29.67 -90.08
CA LEU TB 36 -38.05 -29.97 -89.35
C LEU TB 36 -38.36 -30.67 -88.03
N ARG TB 37 -37.31 -31.17 -87.39
CA ARG TB 37 -37.46 -31.95 -86.16
C ARG TB 37 -37.29 -31.10 -84.90
N ASN TB 38 -36.16 -30.40 -84.78
CA ASN TB 38 -35.92 -29.54 -83.63
C ASN TB 38 -35.53 -28.14 -84.08
N LYS TB 39 -35.11 -27.30 -83.15
CA LYS TB 39 -34.55 -26.00 -83.53
C LYS TB 39 -33.06 -26.05 -83.78
N ARG TB 40 -32.40 -27.17 -83.48
CA ARG TB 40 -31.00 -27.31 -83.84
C ARG TB 40 -30.84 -27.52 -85.35
N GLU TB 41 -31.88 -28.00 -86.04
CA GLU TB 41 -31.87 -28.00 -87.50
C GLU TB 41 -32.13 -26.61 -88.07
N VAL TB 42 -32.70 -25.70 -87.29
CA VAL TB 42 -32.85 -24.31 -87.69
C VAL TB 42 -31.57 -23.52 -87.39
N TRP TB 43 -30.96 -23.78 -86.23
CA TRP TB 43 -29.75 -23.09 -85.82
C TRP TB 43 -28.54 -23.52 -86.63
N ARG TB 44 -28.65 -24.64 -87.34
CA ARG TB 44 -27.58 -25.14 -88.20
C ARG TB 44 -27.49 -24.36 -89.51
N VAL TB 45 -28.64 -24.17 -90.17
CA VAL TB 45 -28.62 -23.52 -91.48
C VAL TB 45 -28.46 -22.01 -91.37
N LYS TB 46 -28.72 -21.42 -90.21
CA LYS TB 46 -28.41 -20.02 -90.01
C LYS TB 46 -27.02 -19.82 -89.43
N PHE TB 47 -26.33 -20.92 -89.12
CA PHE TB 47 -24.89 -20.90 -88.91
C PHE TB 47 -24.14 -21.21 -90.20
N THR TB 48 -24.76 -21.99 -91.08
CA THR TB 48 -24.23 -22.18 -92.43
C THR TB 48 -24.25 -20.88 -93.22
N LEU TB 49 -25.36 -20.15 -93.14
CA LEU TB 49 -25.47 -18.86 -93.81
C LEU TB 49 -24.54 -17.82 -93.19
N ALA TB 50 -24.34 -17.88 -91.87
CA ALA TB 50 -23.54 -16.86 -91.21
C ALA TB 50 -22.04 -17.03 -91.52
N LYS TB 51 -21.63 -18.23 -91.90
CA LYS TB 51 -20.25 -18.41 -92.33
C LYS TB 51 -20.06 -18.01 -93.78
N ILE TB 52 -21.11 -18.11 -94.59
CA ILE TB 52 -21.05 -17.62 -95.96
C ILE TB 52 -21.01 -16.11 -95.98
N ARG TB 53 -21.74 -15.47 -95.06
CA ARG TB 53 -21.73 -14.00 -94.98
C ARG TB 53 -20.40 -13.48 -94.47
N LYS TB 54 -19.85 -14.08 -93.41
CA LYS TB 54 -18.58 -13.61 -92.86
C LYS TB 54 -17.40 -13.92 -93.77
N ALA TB 55 -17.53 -14.91 -94.65
CA ALA TB 55 -16.54 -15.05 -95.71
C ALA TB 55 -16.74 -14.01 -96.79
N ALA TB 56 -17.99 -13.59 -97.03
CA ALA TB 56 -18.25 -12.59 -98.06
C ALA TB 56 -17.90 -11.19 -97.58
N ARG TB 57 -18.22 -10.87 -96.31
CA ARG TB 57 -18.05 -9.51 -95.80
C ARG TB 57 -16.58 -9.10 -95.71
N GLU TB 58 -15.66 -10.06 -95.57
CA GLU TB 58 -14.26 -9.68 -95.66
C GLU TB 58 -13.85 -9.42 -97.11
N LEU TB 59 -14.48 -10.10 -98.06
CA LEU TB 59 -14.14 -9.91 -99.47
C LEU TB 59 -14.66 -8.58 -100.00
N LEU TB 60 -15.75 -8.06 -99.42
CA LEU TB 60 -16.20 -6.71 -99.77
C LEU TB 60 -15.24 -5.63 -99.29
N THR TB 61 -14.39 -5.93 -98.31
CA THR TB 61 -13.42 -4.96 -97.85
C THR TB 61 -12.13 -5.00 -98.65
N LEU TB 62 -11.80 -6.15 -99.24
CA LEU TB 62 -10.76 -6.19 -100.25
C LEU TB 62 -11.16 -5.39 -101.47
N ASP TB 63 -10.21 -4.69 -102.05
CA ASP TB 63 -10.46 -3.84 -103.22
C ASP TB 63 -10.10 -4.63 -104.46
N GLU TB 64 -11.08 -4.83 -105.34
CA GLU TB 64 -10.93 -5.63 -106.56
C GLU TB 64 -9.86 -5.04 -107.47
N LYS TB 65 -9.38 -5.90 -108.38
CA LYS TB 65 -8.06 -6.08 -108.99
C LYS TB 65 -7.17 -6.91 -108.02
N ASP TB 66 -7.64 -7.22 -106.81
CA ASP TB 66 -6.89 -8.07 -105.90
C ASP TB 66 -7.02 -9.53 -106.32
N PRO TB 67 -5.93 -10.32 -106.24
CA PRO TB 67 -6.02 -11.72 -106.67
C PRO TB 67 -6.87 -12.59 -105.76
N ARG TB 68 -7.01 -12.24 -104.48
CA ARG TB 68 -7.75 -13.10 -103.56
C ARG TB 68 -9.25 -12.81 -103.59
N ARG TB 69 -9.64 -11.56 -103.88
CA ARG TB 69 -11.06 -11.26 -104.01
C ARG TB 69 -11.64 -11.89 -105.28
N LEU TB 70 -10.91 -11.85 -106.38
CA LEU TB 70 -11.43 -12.40 -107.63
C LEU TB 70 -11.31 -13.92 -107.71
N PHE TB 71 -10.57 -14.55 -106.80
CA PHE TB 71 -10.50 -16.01 -106.80
C PHE TB 71 -11.48 -16.62 -105.82
N GLU TB 72 -11.38 -16.26 -104.54
CA GLU TB 72 -12.29 -16.81 -103.55
C GLU TB 72 -13.68 -16.23 -103.67
N GLY TB 73 -13.81 -15.03 -104.26
CA GLY TB 73 -15.14 -14.50 -104.53
C GLY TB 73 -15.83 -15.21 -105.67
N ASN TB 74 -15.08 -15.56 -106.71
CA ASN TB 74 -15.68 -16.38 -107.77
C ASN TB 74 -15.99 -17.78 -107.28
N ALA TB 75 -15.19 -18.33 -106.38
CA ALA TB 75 -15.41 -19.69 -105.90
C ALA TB 75 -16.59 -19.75 -104.93
N LEU TB 76 -16.76 -18.72 -104.11
CA LEU TB 76 -17.91 -18.64 -103.21
C LEU TB 76 -19.21 -18.55 -103.97
N LEU TB 77 -19.22 -17.84 -105.10
CA LEU TB 77 -20.43 -17.63 -105.86
C LEU TB 77 -20.81 -18.83 -106.71
N ARG TB 78 -19.84 -19.51 -107.34
CA ARG TB 78 -20.21 -20.71 -108.10
C ARG TB 78 -20.52 -21.89 -107.20
N ARG TB 79 -20.18 -21.82 -105.91
CA ARG TB 79 -20.62 -22.84 -104.98
C ARG TB 79 -22.06 -22.58 -104.51
N LEU TB 80 -22.52 -21.34 -104.57
CA LEU TB 80 -23.90 -21.03 -104.27
C LEU TB 80 -24.81 -21.09 -105.48
N VAL TB 81 -24.27 -21.08 -106.70
CA VAL TB 81 -25.11 -21.25 -107.87
C VAL TB 81 -25.43 -22.73 -108.09
N ARG TB 82 -24.43 -23.60 -107.96
CA ARG TB 82 -24.69 -25.03 -108.17
C ARG TB 82 -25.48 -25.64 -107.03
N ILE TB 83 -25.49 -25.01 -105.85
CA ILE TB 83 -26.29 -25.53 -104.75
C ILE TB 83 -27.75 -25.14 -104.91
N GLY TB 84 -28.04 -24.15 -105.77
CA GLY TB 84 -29.40 -23.83 -106.14
C GLY TB 84 -30.02 -22.65 -105.44
N VAL TB 85 -29.28 -21.96 -104.57
CA VAL TB 85 -29.86 -20.86 -103.81
C VAL TB 85 -29.77 -19.52 -104.55
N LEU TB 86 -28.91 -19.41 -105.57
CA LEU TB 86 -28.61 -18.13 -106.18
C LEU TB 86 -28.78 -18.24 -107.69
N ASP TB 87 -29.15 -17.13 -108.32
CA ASP TB 87 -29.30 -17.08 -109.77
C ASP TB 87 -27.93 -17.09 -110.44
N GLU TB 88 -27.90 -17.64 -111.66
CA GLU TB 88 -26.69 -17.67 -112.47
C GLU TB 88 -26.39 -16.35 -113.17
N GLY TB 89 -27.25 -15.35 -113.03
CA GLY TB 89 -26.98 -14.05 -113.60
C GLY TB 89 -26.78 -13.04 -112.48
N LYS TB 90 -27.30 -13.38 -111.31
CA LYS TB 90 -27.16 -12.53 -110.13
C LYS TB 90 -25.95 -13.00 -109.32
N MET TB 91 -24.78 -12.86 -109.94
CA MET TB 91 -23.52 -13.22 -109.30
C MET TB 91 -22.56 -12.05 -109.18
N LYS TB 92 -23.05 -10.92 -108.68
CA LYS TB 92 -22.16 -9.97 -108.05
C LYS TB 92 -22.01 -10.38 -106.59
N LEU TB 93 -20.86 -10.02 -106.00
CA LEU TB 93 -20.52 -10.45 -104.64
C LEU TB 93 -21.44 -9.84 -103.59
N ASP TB 94 -22.11 -8.73 -103.89
CA ASP TB 94 -22.95 -8.05 -102.92
C ASP TB 94 -24.30 -8.74 -102.74
N TYR TB 95 -24.76 -9.52 -103.73
CA TYR TB 95 -26.02 -10.22 -103.62
C TYR TB 95 -25.97 -11.44 -102.70
N ILE TB 96 -24.79 -11.78 -102.18
CA ILE TB 96 -24.68 -12.83 -101.18
C ILE TB 96 -25.31 -12.38 -99.87
N LEU TB 97 -25.23 -11.07 -99.60
CA LEU TB 97 -25.77 -10.50 -98.37
C LEU TB 97 -27.29 -10.47 -98.33
N GLY TB 98 -27.96 -10.70 -99.46
CA GLY TB 98 -29.39 -10.75 -99.53
C GLY TB 98 -30.00 -12.13 -99.47
N LEU TB 99 -29.17 -13.17 -99.36
CA LEU TB 99 -29.70 -14.52 -99.20
C LEU TB 99 -30.27 -14.70 -97.80
N LYS TB 100 -31.24 -15.61 -97.68
CA LYS TB 100 -31.96 -15.79 -96.43
C LYS TB 100 -32.02 -17.27 -96.08
N ILE TB 101 -32.52 -17.54 -94.87
CA ILE TB 101 -32.56 -18.89 -94.32
C ILE TB 101 -33.56 -19.77 -95.06
N GLU TB 102 -34.62 -19.17 -95.61
CA GLU TB 102 -35.59 -19.92 -96.38
C GLU TB 102 -35.17 -20.18 -97.82
N ASP TB 103 -33.91 -19.89 -98.16
CA ASP TB 103 -33.32 -20.33 -99.42
C ASP TB 103 -32.48 -21.59 -99.28
N PHE TB 104 -31.89 -21.81 -98.11
CA PHE TB 104 -31.16 -23.03 -97.81
C PHE TB 104 -32.07 -24.15 -97.30
N LEU TB 105 -33.13 -23.80 -96.58
CA LEU TB 105 -34.14 -24.79 -96.24
C LEU TB 105 -35.00 -25.15 -97.44
N GLU TB 106 -34.96 -24.33 -98.50
CA GLU TB 106 -35.65 -24.64 -99.73
C GLU TB 106 -34.96 -25.75 -100.51
N ARG TB 107 -33.63 -25.85 -100.41
CA ARG TB 107 -32.86 -26.79 -101.20
C ARG TB 107 -32.66 -28.13 -100.52
N ARG TB 108 -33.33 -28.38 -99.40
CA ARG TB 108 -33.20 -29.67 -98.73
C ARG TB 108 -33.94 -30.74 -99.51
N LEU TB 109 -33.49 -31.98 -99.35
CA LEU TB 109 -34.13 -33.10 -100.04
C LEU TB 109 -35.55 -33.35 -99.53
N GLN TB 110 -35.86 -32.93 -98.30
CA GLN TB 110 -37.22 -33.03 -97.78
C GLN TB 110 -38.19 -32.17 -98.59
N THR TB 111 -37.80 -30.94 -98.90
CA THR TB 111 -38.66 -30.07 -99.68
C THR TB 111 -38.69 -30.45 -101.15
N GLN TB 112 -37.59 -31.01 -101.67
CA GLN TB 112 -37.54 -31.41 -103.06
C GLN TB 112 -38.22 -32.76 -103.30
N VAL TB 113 -38.57 -33.48 -102.24
CA VAL TB 113 -39.53 -34.57 -102.39
C VAL TB 113 -40.94 -34.04 -102.32
N PHE TB 114 -41.15 -33.00 -101.51
CA PHE TB 114 -42.48 -32.40 -101.37
C PHE TB 114 -42.90 -31.66 -102.64
N LYS TB 115 -42.07 -30.76 -103.14
CA LYS TB 115 -42.46 -29.99 -104.32
C LYS TB 115 -41.96 -30.60 -105.63
N LEU TB 116 -42.15 -31.90 -105.78
CA LEU TB 116 -42.14 -32.58 -107.08
C LEU TB 116 -43.29 -33.57 -107.21
N GLY TB 117 -44.22 -33.61 -106.25
CA GLY TB 117 -45.27 -34.59 -106.29
C GLY TB 117 -44.86 -35.98 -105.85
N LEU TB 118 -43.62 -36.16 -105.40
CA LEU TB 118 -43.21 -37.43 -104.83
C LEU TB 118 -43.91 -37.67 -103.49
N ALA TB 119 -44.20 -36.61 -102.76
CA ALA TB 119 -44.90 -36.72 -101.48
C ALA TB 119 -45.73 -35.47 -101.25
N LYS TB 120 -47.02 -35.66 -101.01
CA LYS TB 120 -47.83 -34.57 -100.45
C LYS TB 120 -47.46 -34.39 -98.98
N SER TB 121 -47.81 -33.22 -98.44
CA SER TB 121 -47.81 -32.96 -97.00
C SER TB 121 -46.48 -33.18 -96.30
N ILE TB 122 -45.54 -32.23 -96.44
CA ILE TB 122 -44.08 -32.32 -96.26
C ILE TB 122 -43.60 -33.14 -95.05
N HIS TB 123 -44.43 -33.27 -94.01
CA HIS TB 123 -44.15 -34.21 -92.94
C HIS TB 123 -44.18 -35.66 -93.40
N HIS TB 124 -44.87 -35.96 -94.51
CA HIS TB 124 -44.77 -37.26 -95.15
C HIS TB 124 -43.45 -37.45 -95.89
N ALA TB 125 -42.73 -36.37 -96.20
CA ALA TB 125 -41.53 -36.50 -97.02
C ALA TB 125 -40.33 -36.99 -96.23
N ARG TB 126 -40.27 -36.75 -94.91
CA ARG TB 126 -39.20 -37.36 -94.13
C ARG TB 126 -39.46 -38.85 -93.92
N VAL TB 127 -40.72 -39.26 -93.96
CA VAL TB 127 -41.04 -40.68 -93.82
C VAL TB 127 -40.59 -41.44 -95.05
N LEU TB 128 -40.76 -40.85 -96.25
CA LEU TB 128 -40.30 -41.55 -97.45
C LEU TB 128 -38.79 -41.53 -97.60
N ILE TB 129 -38.13 -40.45 -97.16
CA ILE TB 129 -36.68 -40.40 -97.24
C ILE TB 129 -36.05 -41.39 -96.28
N ARG TB 130 -36.47 -41.37 -95.01
CA ARG TB 130 -35.80 -42.17 -93.99
C ARG TB 130 -36.15 -43.65 -94.09
N GLN TB 131 -37.24 -44.01 -94.76
CA GLN TB 131 -37.58 -45.41 -94.96
C GLN TB 131 -37.08 -45.95 -96.30
N ARG TB 132 -36.05 -45.31 -96.87
CA ARG TB 132 -35.26 -45.83 -97.99
C ARG TB 132 -36.10 -45.98 -99.26
N HIS TB 133 -36.84 -44.92 -99.60
CA HIS TB 133 -37.65 -44.91 -100.81
C HIS TB 133 -37.15 -43.93 -101.87
N ILE TB 134 -36.54 -42.83 -101.45
CA ILE TB 134 -36.13 -41.75 -102.35
C ILE TB 134 -34.69 -41.96 -102.75
N ARG TB 135 -34.40 -41.91 -104.05
CA ARG TB 135 -33.04 -41.95 -104.54
C ARG TB 135 -32.69 -40.67 -105.27
N VAL TB 136 -31.40 -40.42 -105.37
CA VAL TB 136 -30.79 -39.47 -106.30
C VAL TB 136 -30.24 -40.46 -107.33
N ARG TB 137 -29.64 -39.96 -108.43
CA ARG TB 137 -29.44 -40.63 -109.72
CA ARG TB 137 -29.44 -40.63 -109.72
C ARG TB 137 -29.21 -42.13 -109.68
N LYS TB 138 -28.26 -42.59 -108.87
CA LYS TB 138 -28.08 -44.01 -108.64
C LYS TB 138 -28.08 -44.40 -107.17
N GLN TB 139 -27.89 -43.45 -106.27
CA GLN TB 139 -27.74 -43.73 -104.85
C GLN TB 139 -29.03 -43.41 -104.11
N VAL TB 140 -29.62 -44.42 -103.48
CA VAL TB 140 -30.71 -44.18 -102.55
C VAL TB 140 -30.17 -43.43 -101.33
N VAL TB 141 -30.92 -42.44 -100.87
CA VAL TB 141 -30.48 -41.52 -99.81
C VAL TB 141 -31.53 -41.51 -98.72
N ASN TB 142 -31.11 -41.73 -97.48
CA ASN TB 142 -31.97 -41.48 -96.33
C ASN TB 142 -31.32 -40.40 -95.44
N ILE TB 143 -31.39 -39.17 -95.92
CA ILE TB 143 -30.88 -37.97 -95.25
C ILE TB 143 -31.86 -36.83 -95.57
N PRO TB 144 -32.65 -36.36 -94.62
CA PRO TB 144 -33.56 -35.26 -94.93
C PRO TB 144 -32.87 -33.92 -95.11
N SER TB 145 -31.65 -33.76 -94.60
CA SER TB 145 -30.87 -32.55 -94.79
C SER TB 145 -29.91 -32.66 -95.96
N PHE TB 146 -30.17 -33.58 -96.88
CA PHE TB 146 -29.37 -33.73 -98.09
C PHE TB 146 -29.59 -32.50 -98.96
N ILE TB 147 -28.64 -31.57 -98.94
CA ILE TB 147 -28.77 -30.34 -99.70
C ILE TB 147 -28.48 -30.68 -101.15
N VAL TB 148 -29.54 -30.82 -101.96
CA VAL TB 148 -29.39 -31.28 -103.34
C VAL TB 148 -28.80 -30.16 -104.19
N ARG TB 149 -27.95 -30.54 -105.14
CA ARG TB 149 -27.39 -29.52 -106.01
C ARG TB 149 -28.35 -29.22 -107.16
N LEU TB 150 -28.16 -28.06 -107.78
CA LEU TB 150 -29.03 -27.62 -108.86
C LEU TB 150 -28.84 -28.48 -110.11
N ASP TB 151 -27.66 -29.08 -110.28
CA ASP TB 151 -27.42 -30.01 -111.37
C ASP TB 151 -28.30 -31.25 -111.24
N SER TB 152 -28.11 -32.01 -110.16
CA SER TB 152 -28.85 -33.26 -109.98
C SER TB 152 -30.15 -33.06 -109.21
N GLN TB 153 -30.94 -32.08 -109.63
CA GLN TB 153 -32.26 -31.85 -109.06
C GLN TB 153 -33.35 -32.47 -109.92
N LYS TB 154 -33.05 -32.78 -111.17
CA LYS TB 154 -33.96 -33.44 -112.09
C LYS TB 154 -33.98 -34.95 -111.92
N HIS TB 155 -33.21 -35.50 -110.98
CA HIS TB 155 -33.00 -36.94 -110.87
C HIS TB 155 -33.50 -37.50 -109.55
N ILE TB 156 -34.44 -36.84 -108.89
CA ILE TB 156 -35.01 -37.32 -107.64
C ILE TB 156 -36.20 -38.19 -108.01
N ASP TB 157 -36.01 -39.51 -107.95
CA ASP TB 157 -37.01 -40.50 -108.33
C ASP TB 157 -37.17 -41.46 -107.15
N PHE TB 158 -38.17 -42.33 -107.21
CA PHE TB 158 -38.25 -43.41 -106.25
C PHE TB 158 -37.10 -44.39 -106.46
N SER TB 159 -36.80 -45.15 -105.41
CA SER TB 159 -35.76 -46.17 -105.51
C SER TB 159 -36.25 -47.35 -106.31
N LEU TB 160 -35.30 -48.18 -106.76
CA LEU TB 160 -35.66 -49.33 -107.59
C LEU TB 160 -36.33 -50.43 -106.78
N ARG TB 161 -36.10 -50.49 -105.47
CA ARG TB 161 -36.67 -51.52 -104.62
C ARG TB 161 -37.66 -50.96 -103.62
N SER TB 162 -38.26 -49.89 -103.93
CA SER TB 162 -39.34 -49.39 -103.12
C SER TB 162 -40.67 -49.92 -103.63
N PRO TB 163 -41.69 -50.03 -102.76
CA PRO TB 163 -43.05 -50.32 -103.27
C PRO TB 163 -43.79 -49.07 -103.73
N TYR TB 164 -43.06 -48.18 -104.41
CA TYR TB 164 -43.61 -47.10 -105.22
C TYR TB 164 -42.88 -46.94 -106.52
N GLY TB 165 -41.70 -47.56 -106.66
CA GLY TB 165 -40.88 -47.61 -107.85
C GLY TB 165 -41.05 -48.95 -108.53
N GLY TB 166 -40.19 -49.91 -108.21
CA GLY TB 166 -40.29 -51.23 -108.79
C GLY TB 166 -41.31 -52.08 -108.04
N GLY TB 167 -40.87 -53.21 -107.48
CA GLY TB 167 -41.84 -54.10 -106.86
C GLY TB 167 -41.44 -54.65 -105.51
N ARG TB 168 -41.89 -55.88 -105.23
CA ARG TB 168 -41.75 -56.63 -103.97
C ARG TB 168 -42.29 -55.79 -102.83
N PRO TB 169 -43.62 -55.72 -102.66
CA PRO TB 169 -44.21 -54.86 -101.62
C PRO TB 169 -43.84 -55.30 -100.22
N GLY TB 170 -44.06 -54.39 -99.27
CA GLY TB 170 -43.61 -54.56 -97.91
C GLY TB 170 -44.35 -55.65 -97.15
N ARG TB 171 -43.93 -55.84 -95.90
CA ARG TB 171 -44.40 -56.98 -95.12
C ARG TB 171 -45.84 -56.84 -94.67
N VAL TB 172 -46.38 -55.62 -94.64
CA VAL TB 172 -47.78 -55.43 -94.26
C VAL TB 172 -48.70 -55.97 -95.36
N LYS TB 173 -48.35 -55.73 -96.61
CA LYS TB 173 -49.14 -56.27 -97.71
C LYS TB 173 -48.91 -57.77 -97.89
N ARG TB 174 -47.69 -58.25 -97.64
CA ARG TB 174 -47.41 -59.67 -97.80
C ARG TB 174 -48.05 -60.49 -96.69
N LYS TB 175 -48.21 -59.92 -95.49
CA LYS TB 175 -48.93 -60.63 -94.44
C LYS TB 175 -50.42 -60.66 -94.73
N ASN TB 176 -50.98 -59.54 -95.19
CA ASN TB 176 -52.40 -59.47 -95.48
C ASN TB 176 -52.78 -60.23 -96.74
N ALA TB 177 -51.82 -60.48 -97.64
CA ALA TB 177 -52.09 -61.34 -98.79
C ALA TB 177 -52.17 -62.79 -98.35
N LYS TB 178 -51.33 -63.20 -97.40
CA LYS TB 178 -51.34 -64.56 -96.91
C LYS TB 178 -52.46 -64.83 -95.91
N LYS TB 179 -53.19 -63.81 -95.48
CA LYS TB 179 -54.37 -64.06 -94.65
C LYS TB 179 -55.52 -64.63 -95.47
N GLY TB 180 -55.60 -64.28 -96.75
CA GLY TB 180 -56.61 -64.84 -97.62
C GLY TB 180 -56.28 -66.18 -98.23
N GLN TB 181 -55.03 -66.62 -98.13
CA GLN TB 181 -54.63 -67.91 -98.68
C GLN TB 181 -55.06 -69.07 -97.80
N GLY TB 182 -55.24 -68.84 -96.50
CA GLY TB 182 -55.65 -69.87 -95.58
C GLY TB 182 -57.12 -69.93 -95.25
N GLY TB 183 -57.93 -69.07 -95.88
CA GLY TB 183 -59.36 -69.06 -95.62
C GLY TB 183 -60.16 -69.73 -96.71
N ALA TB 184 -59.64 -69.72 -97.93
CA ALA TB 184 -60.33 -70.31 -99.07
C ALA TB 184 -59.29 -71.04 -99.93
N GLY TB 185 -59.70 -71.41 -101.14
CA GLY TB 185 -58.81 -72.10 -102.06
C GLY TB 185 -58.91 -71.58 -103.48
N VAL UB 1 -118.21 -60.70 -67.81
CA VAL UB 1 -117.16 -60.76 -66.79
C VAL UB 1 -116.07 -59.76 -67.11
N MET UB 2 -116.17 -59.11 -68.27
CA MET UB 2 -115.25 -58.05 -68.66
C MET UB 2 -115.65 -56.69 -68.09
N ASP UB 3 -116.69 -56.64 -67.24
CA ASP UB 3 -117.04 -55.44 -66.50
C ASP UB 3 -117.06 -55.63 -65.00
N VAL UB 4 -117.05 -56.87 -64.49
CA VAL UB 4 -117.06 -57.08 -63.04
C VAL UB 4 -115.73 -56.62 -62.43
N ASN UB 5 -114.64 -56.70 -63.19
CA ASN UB 5 -113.40 -56.06 -62.79
C ASN UB 5 -113.34 -54.61 -63.25
N THR UB 6 -113.88 -54.33 -64.43
CA THR UB 6 -113.72 -53.00 -65.04
C THR UB 6 -114.55 -51.94 -64.31
N ALA UB 7 -115.77 -52.29 -63.88
CA ALA UB 7 -116.54 -51.35 -63.07
C ALA UB 7 -115.91 -51.19 -61.70
N LEU UB 8 -115.49 -52.30 -61.08
CA LEU UB 8 -114.76 -52.26 -59.82
C LEU UB 8 -113.40 -51.57 -59.95
N GLN UB 9 -112.81 -51.58 -61.15
CA GLN UB 9 -111.67 -50.70 -61.42
C GLN UB 9 -112.07 -49.24 -61.34
N GLU UB 10 -113.09 -48.85 -62.12
CA GLU UB 10 -113.38 -47.43 -62.29
C GLU UB 10 -114.17 -46.83 -61.12
N VAL UB 11 -115.12 -47.57 -60.51
CA VAL UB 11 -115.90 -46.94 -59.45
C VAL UB 11 -115.16 -46.91 -58.13
N LEU UB 12 -114.06 -47.65 -58.02
CA LEU UB 12 -113.12 -47.43 -56.93
C LEU UB 12 -112.19 -46.27 -57.25
N LYS UB 13 -111.76 -46.17 -58.52
CA LYS UB 13 -110.86 -45.09 -58.92
C LYS UB 13 -111.57 -43.75 -58.98
N THR UB 14 -112.72 -43.69 -59.65
CA THR UB 14 -113.44 -42.43 -59.80
C THR UB 14 -114.29 -42.06 -58.59
N ALA UB 15 -114.14 -42.76 -57.46
CA ALA UB 15 -114.68 -42.28 -56.20
C ALA UB 15 -113.63 -41.58 -55.36
N LEU UB 16 -112.35 -41.83 -55.64
CA LEU UB 16 -111.28 -41.02 -55.06
C LEU UB 16 -111.20 -39.63 -55.68
N ILE UB 17 -111.80 -39.44 -56.86
CA ILE UB 17 -111.63 -38.20 -57.61
C ILE UB 17 -112.43 -37.04 -57.03
N HIS UB 18 -113.37 -37.32 -56.11
CA HIS UB 18 -114.19 -36.28 -55.51
C HIS UB 18 -114.04 -36.19 -54.00
N ASP UB 19 -113.66 -37.29 -53.33
CA ASP UB 19 -113.58 -37.34 -51.88
C ASP UB 19 -112.72 -38.53 -51.50
N GLY UB 20 -112.12 -38.47 -50.31
CA GLY UB 20 -111.37 -39.60 -49.82
C GLY UB 20 -112.27 -40.74 -49.39
N LEU UB 21 -111.69 -41.93 -49.33
CA LEU UB 21 -112.44 -43.10 -48.91
C LEU UB 21 -111.72 -43.83 -47.78
N ALA UB 22 -112.23 -44.99 -47.40
CA ALA UB 22 -111.56 -45.82 -46.40
C ALA UB 22 -110.63 -46.81 -47.09
N ARG UB 23 -109.75 -47.41 -46.29
CA ARG UB 23 -108.75 -48.39 -46.73
C ARG UB 23 -108.16 -49.05 -45.49
N GLY UB 24 -107.93 -50.36 -45.57
CA GLY UB 24 -107.48 -51.13 -44.42
C GLY UB 24 -108.62 -51.76 -43.66
N ILE UB 25 -108.53 -51.79 -42.32
CA ILE UB 25 -109.63 -52.21 -41.46
C ILE UB 25 -110.05 -51.10 -40.53
N ARG UB 26 -109.07 -50.36 -40.00
CA ARG UB 26 -109.28 -49.47 -38.87
C ARG UB 26 -110.24 -48.33 -39.20
N GLU UB 27 -110.12 -47.75 -40.39
CA GLU UB 27 -111.10 -46.80 -40.87
C GLU UB 27 -112.11 -47.44 -41.81
N ALA UB 28 -111.96 -48.73 -42.12
CA ALA UB 28 -112.99 -49.46 -42.86
C ALA UB 28 -114.08 -49.98 -41.93
N ALA UB 29 -113.69 -50.64 -40.84
CA ALA UB 29 -114.67 -51.11 -39.86
C ALA UB 29 -115.29 -49.95 -39.10
N LYS UB 30 -114.56 -48.84 -38.96
CA LYS UB 30 -115.16 -47.62 -38.42
C LYS UB 30 -116.22 -47.06 -39.36
N ALA UB 31 -115.98 -47.16 -40.66
CA ALA UB 31 -116.95 -46.68 -41.64
C ALA UB 31 -118.16 -47.61 -41.75
N LEU UB 32 -117.96 -48.91 -41.57
CA LEU UB 32 -119.08 -49.84 -41.53
C LEU UB 32 -119.91 -49.65 -40.27
N ASP UB 33 -119.31 -49.19 -39.18
CA ASP UB 33 -120.05 -49.00 -37.94
C ASP UB 33 -120.92 -47.76 -38.00
N LYS UB 34 -120.54 -46.76 -38.80
CA LYS UB 34 -121.25 -45.49 -38.89
C LYS UB 34 -122.51 -45.56 -39.75
N ARG UB 35 -122.84 -46.73 -40.31
CA ARG UB 35 -124.05 -47.06 -41.08
C ARG UB 35 -124.06 -46.40 -42.45
N GLN UB 36 -123.13 -45.50 -42.71
CA GLN UB 36 -123.08 -44.70 -43.93
C GLN UB 36 -122.29 -45.39 -45.05
N ALA UB 37 -121.95 -46.66 -44.87
CA ALA UB 37 -121.09 -47.36 -45.81
C ALA UB 37 -121.89 -47.95 -46.96
N HIS UB 38 -121.33 -47.84 -48.16
CA HIS UB 38 -121.75 -48.61 -49.32
C HIS UB 38 -120.90 -49.88 -49.37
N LEU UB 39 -120.84 -50.56 -50.52
CA LEU UB 39 -120.17 -51.84 -50.63
C LEU UB 39 -118.66 -51.73 -50.38
N CYS UB 40 -118.07 -52.88 -50.03
CA CYS UB 40 -116.64 -53.04 -49.84
C CYS UB 40 -116.13 -54.10 -50.82
N VAL UB 41 -114.86 -54.47 -50.68
CA VAL UB 41 -114.29 -55.57 -51.45
C VAL UB 41 -113.22 -56.23 -50.58
N LEU UB 42 -112.98 -57.52 -50.82
CA LEU UB 42 -112.10 -58.32 -49.99
C LEU UB 42 -111.09 -59.06 -50.85
N ALA UB 43 -109.81 -58.87 -50.56
CA ALA UB 43 -108.77 -59.61 -51.25
C ALA UB 43 -108.69 -61.02 -50.71
N SER UB 44 -108.94 -62.01 -51.58
CA SER UB 44 -108.85 -63.42 -51.22
C SER UB 44 -107.40 -63.89 -51.35
N ASN UB 45 -106.55 -63.32 -50.50
CA ASN UB 45 -105.12 -63.62 -50.50
C ASN UB 45 -104.57 -63.67 -49.08
N CYS UB 46 -105.40 -63.58 -48.07
CA CYS UB 46 -104.93 -63.40 -46.70
C CYS UB 46 -104.41 -64.72 -46.12
N ASP UB 47 -103.58 -64.58 -45.09
CA ASP UB 47 -102.97 -65.73 -44.41
C ASP UB 47 -103.83 -66.23 -43.26
N GLU UB 48 -104.13 -65.36 -42.30
CA GLU UB 48 -104.85 -65.80 -41.10
C GLU UB 48 -106.34 -65.90 -41.39
N PRO UB 49 -107.03 -66.89 -40.80
CA PRO UB 49 -108.46 -67.07 -41.11
C PRO UB 49 -109.37 -66.12 -40.36
N MET UB 50 -108.96 -65.62 -39.19
CA MET UB 50 -109.82 -64.74 -38.39
C MET UB 50 -109.98 -63.36 -39.03
N TYR UB 51 -109.09 -63.01 -39.97
CA TYR UB 51 -109.13 -61.71 -40.63
C TYR UB 51 -110.41 -61.52 -41.44
N VAL UB 52 -110.65 -62.40 -42.41
CA VAL UB 52 -111.79 -62.26 -43.30
C VAL UB 52 -113.10 -62.58 -42.60
N LYS UB 53 -113.08 -63.34 -41.51
CA LYS UB 53 -114.30 -63.60 -40.75
C LYS UB 53 -114.69 -62.43 -39.87
N LEU UB 54 -113.78 -61.49 -39.63
CA LEU UB 54 -114.10 -60.28 -38.87
C LEU UB 54 -115.07 -59.39 -39.63
N VAL UB 55 -114.82 -59.21 -40.93
CA VAL UB 55 -115.68 -58.35 -41.74
C VAL UB 55 -116.91 -59.13 -42.26
N GLU UB 56 -116.77 -60.45 -42.43
CA GLU UB 56 -117.90 -61.26 -42.90
C GLU UB 56 -118.98 -61.36 -41.84
N ALA UB 57 -118.60 -61.33 -40.56
CA ALA UB 57 -119.56 -61.33 -39.47
C ALA UB 57 -120.09 -59.94 -39.14
N LEU UB 58 -119.75 -58.92 -39.93
CA LEU UB 58 -120.19 -57.56 -39.63
C LEU UB 58 -121.12 -57.02 -40.72
N CYS UB 59 -120.69 -57.02 -41.98
CA CYS UB 59 -121.42 -56.28 -43.02
C CYS UB 59 -122.54 -57.08 -43.66
N ALA UB 60 -122.50 -58.41 -43.58
CA ALA UB 60 -123.58 -59.22 -44.14
C ALA UB 60 -124.87 -59.06 -43.35
N GLU UB 61 -124.76 -58.86 -42.04
CA GLU UB 61 -125.94 -58.54 -41.24
C GLU UB 61 -126.40 -57.11 -41.49
N HIS UB 62 -125.49 -56.24 -41.91
CA HIS UB 62 -125.83 -54.87 -42.28
C HIS UB 62 -126.33 -54.85 -43.73
N GLN UB 63 -126.43 -53.65 -44.29
CA GLN UB 63 -126.96 -53.45 -45.64
C GLN UB 63 -125.86 -53.29 -46.67
N ILE UB 64 -124.76 -54.03 -46.51
CA ILE UB 64 -123.58 -53.89 -47.36
C ILE UB 64 -123.21 -55.28 -47.88
N ASN UB 65 -123.16 -55.41 -49.20
CA ASN UB 65 -122.64 -56.63 -49.83
C ASN UB 65 -121.13 -56.57 -49.96
N LEU UB 66 -120.51 -57.74 -50.04
CA LEU UB 66 -119.07 -57.87 -50.15
C LEU UB 66 -118.70 -58.56 -51.45
N ILE UB 67 -117.59 -58.13 -52.05
CA ILE UB 67 -117.08 -58.65 -53.30
C ILE UB 67 -115.69 -59.22 -53.02
N LYS UB 68 -115.33 -60.30 -53.72
CA LYS UB 68 -114.03 -60.92 -53.57
C LYS UB 68 -113.22 -60.80 -54.86
N VAL UB 69 -111.90 -60.60 -54.71
CA VAL UB 69 -111.00 -60.47 -55.85
C VAL UB 69 -109.85 -61.46 -55.70
N ASP UB 70 -108.87 -61.38 -56.62
CA ASP UB 70 -107.84 -62.40 -56.70
C ASP UB 70 -106.80 -62.25 -55.59
N ASP UB 71 -106.09 -61.12 -55.57
CA ASP UB 71 -104.92 -60.96 -54.74
C ASP UB 71 -105.01 -59.65 -53.95
N ASN UB 72 -104.01 -59.44 -53.09
CA ASN UB 72 -103.94 -58.26 -52.25
C ASN UB 72 -102.94 -57.21 -52.73
N LYS UB 73 -101.78 -57.64 -53.23
CA LYS UB 73 -100.83 -56.69 -53.81
C LYS UB 73 -101.34 -56.14 -55.13
N LYS UB 74 -102.12 -56.93 -55.87
CA LYS UB 74 -102.75 -56.44 -57.09
C LYS UB 74 -103.88 -55.46 -56.75
N LEU UB 75 -104.48 -55.59 -55.58
CA LEU UB 75 -105.53 -54.66 -55.16
C LEU UB 75 -104.97 -53.30 -54.79
N GLY UB 76 -103.66 -53.21 -54.51
CA GLY UB 76 -103.07 -51.95 -54.10
C GLY UB 76 -103.02 -50.90 -55.20
N GLU UB 77 -102.90 -51.34 -56.46
CA GLU UB 77 -102.96 -50.39 -57.56
C GLU UB 77 -104.37 -49.87 -57.76
N TRP UB 78 -105.37 -50.72 -57.51
CA TRP UB 78 -106.75 -50.35 -57.79
C TRP UB 78 -107.31 -49.40 -56.75
N VAL UB 79 -106.82 -49.49 -55.51
CA VAL UB 79 -107.37 -48.69 -54.43
C VAL UB 79 -106.82 -47.26 -54.43
N GLY UB 80 -105.65 -47.04 -55.00
CA GLY UB 80 -105.09 -45.70 -55.05
C GLY UB 80 -103.68 -45.61 -54.51
N LEU UB 81 -103.17 -46.72 -53.97
CA LEU UB 81 -101.81 -46.76 -53.44
C LEU UB 81 -100.84 -46.83 -54.63
N CYS UB 82 -100.52 -45.65 -55.15
CA CYS UB 82 -99.85 -45.52 -56.43
C CYS UB 82 -98.48 -44.89 -56.27
N LYS UB 83 -97.46 -45.57 -56.81
CA LYS UB 83 -96.13 -45.03 -57.07
C LYS UB 83 -95.80 -45.25 -58.54
N ILE UB 84 -96.74 -44.83 -59.39
CA ILE UB 84 -96.76 -45.23 -60.79
C ILE UB 84 -95.65 -44.53 -61.56
N ASP UB 85 -95.11 -45.22 -62.55
CA ASP UB 85 -94.19 -44.66 -63.52
C ASP UB 85 -94.84 -44.76 -64.90
N ARG UB 86 -94.46 -43.84 -65.79
CA ARG UB 86 -95.03 -43.82 -67.13
C ARG UB 86 -94.54 -45.01 -67.95
N GLU UB 87 -93.22 -45.15 -68.08
CA GLU UB 87 -92.61 -46.18 -68.90
C GLU UB 87 -92.32 -47.47 -68.12
N GLY UB 88 -92.57 -47.49 -66.81
CA GLY UB 88 -92.22 -48.63 -66.00
C GLY UB 88 -93.33 -49.00 -65.04
N LYS UB 89 -93.17 -50.17 -64.43
CA LYS UB 89 -94.12 -50.67 -63.45
C LYS UB 89 -94.06 -49.81 -62.18
N PRO UB 90 -95.16 -49.72 -61.43
CA PRO UB 90 -95.12 -48.93 -60.18
C PRO UB 90 -94.27 -49.60 -59.12
N ARG UB 91 -93.24 -48.90 -58.69
CA ARG UB 91 -92.24 -49.46 -57.77
C ARG UB 91 -92.76 -49.47 -56.35
N LYS UB 92 -92.53 -50.59 -55.66
CA LYS UB 92 -92.87 -50.80 -54.24
C LYS UB 92 -94.37 -50.61 -53.98
N VAL UB 93 -95.17 -51.45 -54.61
CA VAL UB 93 -96.62 -51.39 -54.46
C VAL UB 93 -97.01 -52.10 -53.17
N VAL UB 94 -97.61 -51.35 -52.26
CA VAL UB 94 -98.05 -51.90 -50.98
C VAL UB 94 -99.47 -52.44 -51.14
N GLY UB 95 -99.67 -53.67 -50.67
CA GLY UB 95 -100.96 -54.31 -50.85
C GLY UB 95 -101.98 -53.87 -49.82
N CYS UB 96 -103.23 -54.23 -50.12
CA CYS UB 96 -104.35 -53.98 -49.23
C CYS UB 96 -105.32 -55.16 -49.33
N SER UB 97 -106.11 -55.36 -48.28
CA SER UB 97 -107.00 -56.50 -48.24
C SER UB 97 -108.47 -56.14 -48.01
N CYS UB 98 -108.77 -54.90 -47.65
CA CYS UB 98 -110.16 -54.48 -47.48
C CYS UB 98 -110.27 -52.98 -47.69
N VAL UB 99 -111.26 -52.58 -48.46
CA VAL UB 99 -111.55 -51.17 -48.72
C VAL UB 99 -113.05 -51.01 -48.97
N VAL UB 100 -113.67 -50.12 -48.19
CA VAL UB 100 -115.08 -49.81 -48.30
C VAL UB 100 -115.22 -48.38 -48.81
N VAL UB 101 -116.19 -48.16 -49.68
CA VAL UB 101 -116.45 -46.83 -50.21
C VAL UB 101 -117.48 -46.14 -49.34
N LYS UB 102 -117.53 -44.81 -49.43
CA LYS UB 102 -118.44 -44.00 -48.64
C LYS UB 102 -119.48 -43.27 -49.49
N ASP UB 103 -119.10 -42.84 -50.70
CA ASP UB 103 -120.03 -42.29 -51.67
C ASP UB 103 -119.42 -42.41 -53.06
N TYR UB 104 -120.27 -42.61 -54.07
CA TYR UB 104 -119.78 -42.69 -55.43
C TYR UB 104 -119.52 -41.30 -56.01
N GLY UB 105 -120.26 -40.30 -55.53
CA GLY UB 105 -120.05 -38.95 -55.99
C GLY UB 105 -120.76 -38.64 -57.30
N LYS UB 106 -120.30 -39.26 -58.39
CA LYS UB 106 -120.87 -39.05 -59.71
C LYS UB 106 -121.48 -40.36 -60.20
N GLU UB 107 -122.68 -40.27 -60.78
CA GLU UB 107 -123.41 -41.45 -61.24
C GLU UB 107 -123.08 -41.71 -62.71
N SER UB 108 -121.92 -42.34 -62.92
CA SER UB 108 -121.53 -42.80 -64.24
C SER UB 108 -121.87 -44.28 -64.45
N GLN UB 109 -121.29 -45.16 -63.64
CA GLN UB 109 -121.51 -46.60 -63.73
C GLN UB 109 -121.68 -47.22 -62.35
N ALA UB 110 -122.21 -46.46 -61.39
CA ALA UB 110 -122.51 -47.01 -60.07
C ALA UB 110 -123.67 -48.00 -60.12
N LYS UB 111 -124.54 -47.88 -61.12
CA LYS UB 111 -125.67 -48.79 -61.28
C LYS UB 111 -125.27 -50.14 -61.87
N ASP UB 112 -124.03 -50.28 -62.37
CA ASP UB 112 -123.60 -51.55 -62.91
C ASP UB 112 -123.40 -52.58 -61.82
N VAL UB 113 -122.81 -52.18 -60.69
CA VAL UB 113 -122.61 -53.09 -59.57
C VAL UB 113 -123.91 -53.30 -58.80
N ILE UB 114 -124.88 -52.39 -58.94
CA ILE UB 114 -126.21 -52.63 -58.39
C ILE UB 114 -126.90 -53.73 -59.18
N GLU UB 115 -126.65 -53.81 -60.49
CA GLU UB 115 -127.14 -54.92 -61.29
C GLU UB 115 -126.47 -56.24 -60.89
N GLU UB 116 -125.21 -56.16 -60.43
CA GLU UB 116 -124.53 -57.34 -59.91
C GLU UB 116 -125.17 -57.82 -58.60
N TYR UB 117 -125.75 -56.89 -57.83
CA TYR UB 117 -126.40 -57.26 -56.58
C TYR UB 117 -127.66 -58.10 -56.81
N PHE UB 118 -128.31 -57.94 -57.95
CA PHE UB 118 -129.49 -58.76 -58.24
C PHE UB 118 -129.09 -60.20 -58.55
N LYS UB 119 -128.04 -60.39 -59.37
CA LYS UB 119 -127.63 -61.75 -59.71
C LYS UB 119 -126.86 -62.43 -58.59
N CYS UB 120 -126.39 -61.67 -57.59
CA CYS UB 120 -125.93 -62.30 -56.37
C CYS UB 120 -127.11 -62.75 -55.51
N LYS UB 121 -128.19 -61.99 -55.50
CA LYS UB 121 -129.44 -62.44 -54.90
C LYS UB 121 -130.06 -63.57 -55.71
N LYS UB 122 -130.06 -63.43 -57.03
CA LYS UB 122 -130.59 -64.45 -57.91
C LYS UB 122 -129.45 -65.23 -58.57
N GLY VB 1 4.29 29.93 -69.50
CA GLY VB 1 4.64 31.27 -69.09
C GLY VB 1 5.91 31.30 -68.29
N ARG VB 2 5.94 32.13 -67.25
CA ARG VB 2 7.11 32.26 -66.40
C ARG VB 2 7.55 30.92 -65.86
N MET VB 3 8.86 30.70 -65.86
CA MET VB 3 9.44 29.45 -65.39
C MET VB 3 9.12 29.09 -63.95
N HIS VB 4 9.74 29.80 -63.02
CA HIS VB 4 9.60 29.54 -61.59
C HIS VB 4 8.53 30.38 -60.91
N ALA VB 5 7.94 31.34 -61.61
CA ALA VB 5 6.89 32.13 -61.01
C ALA VB 5 5.58 31.92 -61.75
N PRO VB 6 4.44 32.11 -61.08
CA PRO VB 6 3.18 32.16 -61.83
C PRO VB 6 3.02 33.51 -62.52
N GLY VB 7 3.30 33.54 -63.81
CA GLY VB 7 3.18 34.75 -64.56
C GLY VB 7 2.88 34.42 -66.00
N LYS VB 8 1.78 34.96 -66.52
CA LYS VB 8 1.37 34.71 -67.89
C LYS VB 8 1.50 35.97 -68.73
N GLY VB 9 2.48 36.79 -68.39
CA GLY VB 9 2.60 38.09 -69.01
C GLY VB 9 3.13 38.02 -70.43
N LEU VB 10 2.72 39.00 -71.23
CA LEU VB 10 3.06 39.10 -72.64
C LEU VB 10 3.66 40.49 -72.83
N SER VB 11 4.96 40.60 -72.63
CA SER VB 11 5.65 41.87 -72.88
C SER VB 11 7.07 41.54 -73.32
N GLN VB 12 7.31 41.60 -74.62
CA GLN VB 12 8.63 41.42 -75.18
C GLN VB 12 8.68 42.19 -76.49
N SER VB 13 9.90 42.47 -76.95
CA SER VB 13 10.11 43.32 -78.12
C SER VB 13 9.56 42.68 -79.38
N ALA VB 14 8.95 43.51 -80.22
CA ALA VB 14 8.34 43.07 -81.48
C ALA VB 14 9.12 43.68 -82.62
N LEU VB 15 9.99 42.88 -83.23
CA LEU VB 15 10.80 43.35 -84.35
C LEU VB 15 9.93 43.65 -85.56
N PRO VB 16 10.22 44.72 -86.31
CA PRO VB 16 9.38 45.07 -87.46
C PRO VB 16 9.59 44.15 -88.65
N TYR VB 17 8.87 44.40 -89.75
CA TYR VB 17 9.02 43.57 -90.92
C TYR VB 17 10.22 43.98 -91.76
N ARG VB 18 10.41 45.29 -91.96
CA ARG VB 18 11.51 45.79 -92.78
C ARG VB 18 12.84 45.61 -92.06
N ARG VB 19 13.67 44.69 -92.56
CA ARG VB 19 15.00 44.44 -92.02
C ARG VB 19 16.04 45.42 -92.53
N SER VB 20 15.68 46.32 -93.44
CA SER VB 20 16.65 47.17 -94.10
C SER VB 20 17.11 48.29 -93.19
N VAL VB 21 18.38 48.65 -93.32
CA VAL VB 21 18.90 49.87 -92.69
C VAL VB 21 18.19 51.08 -93.28
N PRO VB 22 17.67 52.00 -92.47
CA PRO VB 22 16.85 53.08 -93.00
C PRO VB 22 17.68 54.11 -93.77
N THR VB 23 16.96 54.98 -94.49
CA THR VB 23 17.59 55.97 -95.34
C THR VB 23 18.22 57.11 -94.54
N TRP VB 24 17.77 57.34 -93.30
CA TRP VB 24 18.33 58.43 -92.52
C TRP VB 24 19.62 58.07 -91.80
N LEU VB 25 19.92 56.79 -91.66
CA LEU VB 25 21.05 56.36 -90.84
C LEU VB 25 22.32 56.52 -91.65
N LYS VB 26 22.93 57.71 -91.56
CA LYS VB 26 24.22 57.99 -92.20
C LYS VB 26 25.32 57.40 -91.34
N LEU VB 27 25.49 56.08 -91.46
CA LEU VB 27 26.40 55.35 -90.59
C LEU VB 27 26.74 54.03 -91.25
N THR VB 28 28.04 53.74 -91.38
CA THR VB 28 28.49 52.59 -92.14
C THR VB 28 28.31 51.31 -91.34
N SER VB 29 28.63 50.18 -91.98
CA SER VB 29 28.56 48.87 -91.35
C SER VB 29 29.84 48.51 -90.60
N ASP VB 30 30.79 49.43 -90.52
CA ASP VB 30 32.05 49.19 -89.83
C ASP VB 30 32.38 50.21 -88.77
N ASP VB 31 31.73 51.38 -88.77
CA ASP VB 31 31.91 52.33 -87.68
C ASP VB 31 31.24 51.83 -86.40
N VAL VB 32 30.15 51.08 -86.54
CA VAL VB 32 29.48 50.54 -85.37
C VAL VB 32 30.24 49.34 -84.80
N LYS VB 33 30.96 48.61 -85.65
CA LYS VB 33 31.89 47.60 -85.14
C LYS VB 33 33.01 48.26 -84.34
N GLU VB 34 33.46 49.44 -84.77
CA GLU VB 34 34.49 50.19 -84.09
C GLU VB 34 33.94 51.07 -82.96
N GLN VB 35 32.64 50.96 -82.65
CA GLN VB 35 32.10 51.52 -81.42
C GLN VB 35 31.52 50.48 -80.48
N ILE VB 36 31.23 49.27 -80.97
CA ILE VB 36 31.05 48.12 -80.10
C ILE VB 36 32.37 47.81 -79.37
N TYR VB 37 33.49 47.97 -80.07
CA TYR VB 37 34.81 47.73 -79.48
C TYR VB 37 35.12 48.76 -78.41
N LYS VB 38 34.67 50.00 -78.60
CA LYS VB 38 34.94 51.06 -77.62
C LYS VB 38 34.14 50.84 -76.34
N LEU VB 39 32.85 50.52 -76.47
CA LEU VB 39 32.01 50.39 -75.29
C LEU VB 39 32.30 49.11 -74.51
N ALA VB 40 32.79 48.08 -75.19
CA ALA VB 40 33.16 46.84 -74.51
C ALA VB 40 34.46 46.97 -73.73
N LYS VB 41 35.31 47.94 -74.09
CA LYS VB 41 36.56 48.15 -73.36
C LYS VB 41 36.29 48.63 -71.94
N LYS VB 42 35.27 49.47 -71.76
CA LYS VB 42 34.88 49.93 -70.43
C LYS VB 42 33.79 49.05 -69.81
N GLY VB 43 34.00 47.74 -69.87
CA GLY VB 43 33.29 46.77 -69.04
C GLY VB 43 31.84 46.52 -69.34
N LEU VB 44 31.33 46.94 -70.49
CA LEU VB 44 29.91 46.79 -70.75
C LEU VB 44 29.58 45.41 -71.31
N THR VB 45 28.38 44.93 -70.99
CA THR VB 45 27.93 43.62 -71.41
C THR VB 45 27.23 43.73 -72.77
N PRO VB 46 27.21 42.65 -73.57
CA PRO VB 46 26.54 42.72 -74.88
C PRO VB 46 25.03 42.95 -74.83
N SER VB 47 24.38 42.79 -73.69
CA SER VB 47 22.98 43.16 -73.58
C SER VB 47 22.81 44.67 -73.49
N GLN VB 48 23.78 45.39 -72.93
CA GLN VB 48 23.72 46.84 -72.83
C GLN VB 48 24.63 47.54 -73.83
N ILE VB 49 25.28 46.80 -74.74
CA ILE VB 49 25.84 47.44 -75.92
C ILE VB 49 24.72 47.91 -76.83
N GLY VB 50 23.73 47.04 -77.07
CA GLY VB 50 22.63 47.35 -77.96
C GLY VB 50 21.67 48.39 -77.42
N VAL VB 51 21.69 48.65 -76.12
CA VAL VB 51 20.81 49.67 -75.56
C VAL VB 51 21.40 51.06 -75.82
N ILE VB 52 22.72 51.20 -75.71
CA ILE VB 52 23.35 52.49 -75.98
C ILE VB 52 23.35 52.78 -77.47
N LEU VB 53 23.52 51.74 -78.30
CA LEU VB 53 23.47 51.92 -79.75
C LEU VB 53 22.05 52.25 -80.23
N ARG VB 54 21.03 51.79 -79.51
CA ARG VB 54 19.66 52.12 -79.87
C ARG VB 54 19.30 53.54 -79.48
N ASP VB 55 19.67 53.95 -78.27
CA ASP VB 55 19.30 55.28 -77.78
C ASP VB 55 20.17 56.36 -78.40
N SER VB 56 21.47 56.33 -78.12
CA SER VB 56 22.31 57.47 -78.46
C SER VB 56 22.71 57.49 -79.93
N HIS VB 57 22.77 56.34 -80.59
CA HIS VB 57 23.33 56.27 -81.94
C HIS VB 57 22.31 55.94 -83.01
N GLY VB 58 21.11 55.51 -82.65
CA GLY VB 58 20.07 55.26 -83.62
C GLY VB 58 20.12 53.90 -84.30
N VAL VB 59 21.05 53.04 -83.91
CA VAL VB 59 21.14 51.70 -84.49
C VAL VB 59 20.03 50.85 -83.87
N ALA VB 60 18.97 50.59 -84.65
CA ALA VB 60 17.83 49.86 -84.12
C ALA VB 60 18.13 48.37 -83.95
N GLN VB 61 19.06 47.84 -84.74
CA GLN VB 61 19.36 46.41 -84.71
C GLN VB 61 20.74 46.23 -85.31
N VAL VB 62 21.69 45.74 -84.50
CA VAL VB 62 23.06 45.54 -84.96
C VAL VB 62 23.12 44.45 -86.03
N ARG VB 63 22.28 43.42 -85.89
CA ARG VB 63 22.28 42.28 -86.81
C ARG VB 63 21.79 42.66 -88.21
N PHE VB 64 21.06 43.77 -88.33
CA PHE VB 64 20.66 44.23 -89.66
C PHE VB 64 21.77 45.03 -90.33
N VAL VB 65 22.54 45.78 -89.54
CA VAL VB 65 23.56 46.66 -90.10
C VAL VB 65 24.80 45.87 -90.52
N THR VB 66 25.42 45.18 -89.56
CA THR VB 66 26.68 44.48 -89.82
C THR VB 66 26.47 43.06 -90.31
N GLY VB 67 25.26 42.53 -90.24
CA GLY VB 67 25.03 41.14 -90.58
C GLY VB 67 25.49 40.14 -89.53
N ASN VB 68 25.87 40.61 -88.35
CA ASN VB 68 26.33 39.74 -87.27
C ASN VB 68 25.67 40.17 -85.96
N LYS VB 69 25.52 39.20 -85.06
CA LYS VB 69 25.10 39.49 -83.70
C LYS VB 69 26.22 40.21 -82.95
N ILE VB 70 25.88 40.76 -81.78
CA ILE VB 70 26.86 41.56 -81.05
C ILE VB 70 27.93 40.66 -80.44
N LEU VB 71 27.54 39.53 -79.86
CA LEU VB 71 28.50 38.64 -79.22
C LEU VB 71 29.45 37.99 -80.23
N ARG VB 72 28.99 37.77 -81.46
CA ARG VB 72 29.86 37.27 -82.52
C ARG VB 72 30.79 38.34 -83.06
N ILE VB 73 30.55 39.61 -82.75
CA ILE VB 73 31.53 40.66 -83.03
C ILE VB 73 32.57 40.72 -81.91
N LEU VB 74 32.14 40.51 -80.66
CA LEU VB 74 33.06 40.50 -79.53
C LEU VB 74 34.00 39.30 -79.57
N LYS VB 75 33.47 38.12 -79.93
CA LYS VB 75 34.25 36.90 -79.85
C LYS VB 75 35.27 36.80 -80.98
N SER VB 76 35.09 37.55 -82.06
CA SER VB 76 36.00 37.47 -83.19
C SER VB 76 37.35 38.10 -82.89
N LYS VB 77 37.39 39.08 -82.00
CA LYS VB 77 38.65 39.71 -81.62
C LYS VB 77 39.00 39.48 -80.15
N GLY VB 78 38.45 38.45 -79.53
CA GLY VB 78 38.94 37.97 -78.25
C GLY VB 78 38.66 38.86 -77.05
N LEU VB 79 37.64 39.72 -77.11
CA LEU VB 79 37.29 40.57 -75.99
C LEU VB 79 35.85 40.33 -75.54
N ALA VB 80 35.40 39.08 -75.63
CA ALA VB 80 34.16 38.50 -75.14
C ALA VB 80 34.36 37.97 -73.72
N PRO VB 81 33.31 38.01 -72.90
CA PRO VB 81 33.45 37.49 -71.53
C PRO VB 81 33.62 35.98 -71.48
N ASP VB 82 34.25 35.52 -70.39
CA ASP VB 82 34.50 34.10 -70.22
C ASP VB 82 33.22 33.34 -69.90
N LEU VB 83 32.53 33.74 -68.85
CA LEU VB 83 31.21 33.20 -68.57
C LEU VB 83 30.20 33.78 -69.54
N PRO VB 84 29.17 33.00 -69.91
CA PRO VB 84 28.05 33.57 -70.66
C PRO VB 84 27.33 34.61 -69.82
N GLU VB 85 26.81 35.64 -70.50
CA GLU VB 85 26.45 36.85 -69.77
C GLU VB 85 25.12 36.72 -69.04
N ASP VB 86 24.24 35.83 -69.48
CA ASP VB 86 23.07 35.52 -68.67
C ASP VB 86 23.44 34.64 -67.48
N LEU VB 87 24.41 33.74 -67.64
CA LEU VB 87 24.89 32.93 -66.52
C LEU VB 87 25.68 33.78 -65.52
N TYR VB 88 26.26 34.89 -65.98
CA TYR VB 88 26.99 35.79 -65.08
C TYR VB 88 26.06 36.47 -64.09
N HIS VB 89 24.79 36.66 -64.46
CA HIS VB 89 23.86 37.39 -63.61
C HIS VB 89 23.02 36.48 -62.73
N LEU VB 90 22.88 35.20 -63.08
CA LEU VB 90 22.33 34.26 -62.11
C LEU VB 90 23.28 34.06 -60.94
N ILE VB 91 24.58 33.93 -61.23
CA ILE VB 91 25.59 33.74 -60.20
C ILE VB 91 25.71 35.00 -59.34
N LYS VB 92 25.64 36.18 -59.96
CA LYS VB 92 25.72 37.44 -59.23
C LYS VB 92 24.51 37.63 -58.31
N LYS VB 93 23.34 37.20 -58.76
CA LYS VB 93 22.16 37.27 -57.92
C LYS VB 93 22.23 36.27 -56.77
N ALA VB 94 22.78 35.08 -57.03
CA ALA VB 94 22.85 34.05 -56.01
C ALA VB 94 23.96 34.30 -54.98
N VAL VB 95 24.86 35.24 -55.24
CA VAL VB 95 25.84 35.61 -54.23
C VAL VB 95 25.25 36.65 -53.29
N ALA VB 96 24.53 37.62 -53.84
CA ALA VB 96 23.89 38.64 -53.00
C ALA VB 96 22.76 38.07 -52.15
N VAL VB 97 22.07 37.04 -52.66
CA VAL VB 97 21.06 36.37 -51.85
C VAL VB 97 21.72 35.57 -50.73
N ARG VB 98 22.80 34.87 -51.06
CA ARG VB 98 23.49 34.09 -50.05
C ARG VB 98 24.12 34.99 -49.01
N LYS VB 99 24.77 36.06 -49.45
CA LYS VB 99 25.39 36.99 -48.50
C LYS VB 99 24.34 37.61 -47.58
N HIS VB 100 23.15 37.86 -48.10
CA HIS VB 100 22.04 38.33 -47.26
C HIS VB 100 21.58 37.26 -46.29
N LEU VB 101 21.61 36.00 -46.69
CA LEU VB 101 21.03 34.92 -45.92
C LEU VB 101 21.92 34.43 -44.79
N GLU VB 102 23.20 34.78 -44.79
CA GLU VB 102 24.08 34.28 -43.74
C GLU VB 102 23.97 35.07 -42.44
N ARG VB 103 23.48 36.32 -42.49
CA ARG VB 103 23.22 37.07 -41.27
C ARG VB 103 21.72 37.24 -41.01
N ASN VB 104 20.87 36.77 -41.91
CA ASN VB 104 19.43 36.74 -41.70
C ASN VB 104 19.00 35.27 -41.82
N ARG VB 105 19.08 34.55 -40.71
CA ARG VB 105 18.83 33.11 -40.74
C ARG VB 105 17.35 32.79 -40.82
N LYS VB 106 16.49 33.61 -40.22
CA LYS VB 106 15.05 33.37 -40.22
C LYS VB 106 14.36 33.83 -41.49
N ASP VB 107 15.10 34.37 -42.46
CA ASP VB 107 14.50 34.81 -43.72
C ASP VB 107 14.34 33.59 -44.60
N LYS VB 108 13.16 32.98 -44.53
CA LYS VB 108 12.90 31.74 -45.25
C LYS VB 108 12.32 31.97 -46.64
N ASP VB 109 12.00 33.21 -46.99
CA ASP VB 109 11.68 33.51 -48.39
C ASP VB 109 12.95 33.61 -49.21
N ALA VB 110 14.00 34.21 -48.65
CA ALA VB 110 15.30 34.24 -49.31
C ALA VB 110 15.92 32.85 -49.38
N LYS VB 111 15.61 31.99 -48.42
CA LYS VB 111 16.02 30.60 -48.53
C LYS VB 111 15.25 29.88 -49.62
N PHE VB 112 13.99 30.28 -49.85
CA PHE VB 112 13.22 29.67 -50.93
C PHE VB 112 13.64 30.21 -52.29
N ARG VB 113 13.92 31.51 -52.37
CA ARG VB 113 14.33 32.09 -53.65
C ARG VB 113 15.72 31.63 -54.06
N LEU VB 114 16.58 31.29 -53.10
CA LEU VB 114 17.93 30.85 -53.43
C LEU VB 114 17.92 29.49 -54.12
N ILE VB 115 17.00 28.61 -53.76
CA ILE VB 115 16.87 27.33 -54.45
C ILE VB 115 16.34 27.54 -55.87
N LEU VB 116 15.49 28.55 -56.06
CA LEU VB 116 14.96 28.83 -57.39
C LEU VB 116 16.00 29.50 -58.27
N ILE VB 117 16.84 30.37 -57.69
CA ILE VB 117 17.92 30.99 -58.46
C ILE VB 117 18.98 29.96 -58.81
N GLU VB 118 19.30 29.10 -57.85
CA GLU VB 118 20.31 28.06 -58.05
C GLU VB 118 19.83 26.96 -58.98
N SER VB 119 18.53 26.78 -59.11
CA SER VB 119 18.04 25.81 -60.07
C SER VB 119 18.17 26.34 -61.49
N ARG VB 120 18.01 27.65 -61.68
CA ARG VB 120 18.27 28.25 -62.98
C ARG VB 120 19.75 28.30 -63.30
N ILE VB 121 20.63 28.24 -62.30
CA ILE VB 121 22.06 28.13 -62.58
C ILE VB 121 22.37 26.76 -63.15
N HIS VB 122 21.90 25.70 -62.50
CA HIS VB 122 22.21 24.35 -62.94
C HIS VB 122 21.38 23.91 -64.15
N ARG VB 123 20.34 24.64 -64.52
CA ARG VB 123 19.66 24.37 -65.78
C ARG VB 123 20.23 25.15 -66.95
N LEU VB 124 20.91 26.26 -66.68
CA LEU VB 124 21.62 26.99 -67.71
C LEU VB 124 23.05 26.51 -67.87
N ALA VB 125 23.64 25.94 -66.82
CA ALA VB 125 24.98 25.38 -66.94
C ALA VB 125 24.96 24.12 -67.80
N ARG VB 126 23.92 23.31 -67.70
CA ARG VB 126 23.87 22.10 -68.52
C ARG VB 126 23.49 22.39 -69.97
N TYR VB 127 23.13 23.63 -70.29
CA TYR VB 127 22.98 24.01 -71.69
C TYR VB 127 24.32 24.40 -72.31
N TYR VB 128 25.10 25.22 -71.62
CA TYR VB 128 26.40 25.60 -72.16
C TYR VB 128 27.45 24.51 -72.06
N LYS VB 129 27.15 23.40 -71.40
CA LYS VB 129 28.04 22.25 -71.40
C LYS VB 129 27.76 21.29 -72.55
N THR VB 130 26.58 21.38 -73.15
CA THR VB 130 26.30 20.64 -74.38
C THR VB 130 26.67 21.42 -75.63
N LYS VB 131 26.70 22.75 -75.53
CA LYS VB 131 27.13 23.61 -76.63
C LYS VB 131 28.64 23.79 -76.67
N ARG VB 132 29.37 23.20 -75.71
CA ARG VB 132 30.82 23.32 -75.54
C ARG VB 132 31.23 24.78 -75.38
N VAL VB 133 30.42 25.55 -74.67
CA VAL VB 133 30.78 26.91 -74.30
C VAL VB 133 31.54 26.93 -72.98
N LEU VB 134 31.00 26.24 -71.98
CA LEU VB 134 31.70 26.02 -70.73
C LEU VB 134 32.65 24.84 -70.84
N PRO VB 135 33.64 24.74 -69.96
CA PRO VB 135 34.41 23.51 -69.85
C PRO VB 135 33.51 22.36 -69.45
N PRO VB 136 33.83 21.13 -69.89
CA PRO VB 136 32.87 20.03 -69.74
C PRO VB 136 32.69 19.56 -68.31
N ASN VB 137 33.65 19.81 -67.44
CA ASN VB 137 33.54 19.50 -66.02
C ASN VB 137 33.40 20.77 -65.17
N TRP VB 138 32.69 21.76 -65.70
CA TRP VB 138 32.42 22.98 -64.95
C TRP VB 138 31.37 22.70 -63.89
N LYS VB 139 31.45 23.44 -62.78
CA LYS VB 139 30.54 23.20 -61.67
C LYS VB 139 30.36 24.50 -60.89
N TYR VB 140 29.11 24.79 -60.53
CA TYR VB 140 28.81 25.93 -59.67
C TYR VB 140 29.00 25.51 -58.21
N GLU VB 141 30.01 26.10 -57.57
CA GLU VB 141 30.31 25.83 -56.17
C GLU VB 141 29.87 27.01 -55.34
N SER VB 142 29.24 26.73 -54.19
CA SER VB 142 28.64 27.78 -53.38
C SER VB 142 29.66 28.67 -52.70
N SER VB 143 30.89 28.17 -52.49
CA SER VB 143 31.88 28.91 -51.74
C SER VB 143 32.71 29.85 -52.62
N THR VB 144 33.23 29.34 -53.73
CA THR VB 144 34.18 30.07 -54.57
C THR VB 144 33.51 30.94 -55.62
N ALA VB 145 32.17 30.97 -55.68
CA ALA VB 145 31.49 31.71 -56.72
C ALA VB 145 31.54 33.22 -56.51
N SER VB 146 31.79 33.66 -55.28
CA SER VB 146 31.89 35.10 -55.02
C SER VB 146 33.16 35.70 -55.62
N ALA VB 147 34.20 34.88 -55.78
CA ALA VB 147 35.43 35.35 -56.40
C ALA VB 147 35.29 35.51 -57.91
N LEU VB 148 34.31 34.87 -58.52
CA LEU VB 148 34.15 34.86 -59.96
C LEU VB 148 33.29 36.00 -60.48
N VAL VB 149 32.76 36.84 -59.60
CA VAL VB 149 31.64 37.70 -59.93
C VAL VB 149 31.73 38.95 -59.06
N ALA VB 150 30.90 39.95 -59.39
CA ALA VB 150 30.63 41.16 -58.60
C ALA VB 150 31.86 42.03 -58.34
N GLU WB 1 -32.79 78.84 -1.79
CA GLU WB 1 -31.91 79.74 -1.05
C GLU WB 1 -32.53 80.09 0.31
N GLN WB 2 -31.71 80.16 1.37
CA GLN WB 2 -30.28 79.86 1.34
C GLN WB 2 -30.02 78.45 1.85
N VAL WB 3 -28.74 78.08 2.02
CA VAL WB 3 -28.35 76.73 2.42
C VAL WB 3 -27.87 76.63 3.89
N ILE WB 4 -26.91 77.46 4.37
CA ILE WB 4 -26.15 78.60 3.84
C ILE WB 4 -24.66 78.34 4.07
N SER WB 5 -24.36 77.35 4.93
CA SER WB 5 -22.99 77.07 5.33
C SER WB 5 -22.18 76.41 4.23
N LEU WB 6 -22.83 75.79 3.25
CA LEU WB 6 -22.17 75.07 2.17
C LEU WB 6 -22.42 75.76 0.84
N GLY WB 7 -21.64 75.36 -0.17
CA GLY WB 7 -21.77 75.90 -1.50
C GLY WB 7 -20.97 77.18 -1.69
N PRO WB 8 -20.78 77.58 -2.95
CA PRO WB 8 -20.07 78.82 -3.24
C PRO WB 8 -21.00 80.03 -3.05
N GLN WB 9 -20.44 81.21 -3.28
CA GLN WB 9 -21.21 82.45 -3.30
C GLN WB 9 -21.30 82.92 -4.75
N VAL WB 10 -22.52 82.96 -5.27
CA VAL WB 10 -22.77 83.17 -6.69
C VAL WB 10 -23.75 84.31 -6.86
N ALA WB 11 -24.08 84.59 -8.12
CA ALA WB 11 -25.15 85.52 -8.46
C ALA WB 11 -26.43 84.71 -8.69
N GLU WB 12 -27.48 85.37 -9.19
CA GLU WB 12 -28.74 84.69 -9.47
C GLU WB 12 -28.99 84.54 -10.97
N GLY WB 13 -27.98 84.77 -11.81
CA GLY WB 13 -28.12 84.54 -13.22
C GLY WB 13 -27.30 83.37 -13.72
N GLU WB 14 -26.10 83.20 -13.13
CA GLU WB 14 -25.17 82.19 -13.59
C GLU WB 14 -25.53 80.81 -13.02
N ASN WB 15 -24.70 79.82 -13.36
CA ASN WB 15 -24.86 78.46 -12.87
C ASN WB 15 -23.51 77.76 -12.87
N VAL WB 16 -23.21 77.08 -11.76
CA VAL WB 16 -21.90 76.48 -11.56
C VAL WB 16 -21.93 75.03 -12.03
N PHE WB 17 -20.87 74.62 -12.76
CA PHE WB 17 -20.84 73.37 -13.49
C PHE WB 17 -20.06 72.29 -12.74
N GLY WB 18 -20.52 71.06 -12.92
CA GLY WB 18 -19.73 69.87 -12.60
C GLY WB 18 -20.12 68.80 -13.59
N VAL WB 19 -19.29 67.79 -13.70
CA VAL WB 19 -19.49 66.79 -14.74
C VAL WB 19 -20.13 65.54 -14.14
N CYS WB 20 -20.96 64.88 -14.94
CA CYS WB 20 -21.68 63.68 -14.54
C CYS WB 20 -21.16 62.50 -15.34
N HIS WB 21 -20.79 61.44 -14.64
CA HIS WB 21 -20.26 60.23 -15.25
C HIS WB 21 -21.36 59.17 -15.19
N ILE WB 22 -22.01 58.92 -16.32
CA ILE WB 22 -23.07 57.92 -16.38
C ILE WB 22 -22.44 56.64 -16.90
N PHE WB 23 -21.97 55.81 -15.97
CA PHE WB 23 -21.57 54.44 -16.31
C PHE WB 23 -22.85 53.64 -16.48
N ALA WB 24 -23.37 53.67 -17.69
CA ALA WB 24 -24.59 52.94 -18.03
C ALA WB 24 -24.18 51.69 -18.78
N SER WB 25 -24.07 50.59 -18.06
CA SER WB 25 -23.67 49.30 -18.61
C SER WB 25 -24.84 48.34 -18.51
N PHE WB 26 -24.60 47.11 -18.94
CA PHE WB 26 -25.50 46.05 -18.56
C PHE WB 26 -25.16 45.63 -17.14
N ASN WB 27 -26.18 45.13 -16.44
CA ASN WB 27 -26.25 44.59 -15.08
C ASN WB 27 -26.20 45.66 -13.99
N ASP WB 28 -25.94 46.94 -14.30
CA ASP WB 28 -25.99 48.04 -13.34
C ASP WB 28 -25.91 49.36 -14.09
N THR WB 29 -26.17 50.46 -13.38
CA THR WB 29 -25.97 51.80 -13.90
C THR WB 29 -25.54 52.74 -12.77
N PHE WB 30 -24.67 53.70 -13.11
CA PHE WB 30 -24.12 54.67 -12.16
C PHE WB 30 -24.49 56.08 -12.61
N VAL WB 31 -24.82 56.94 -11.65
CA VAL WB 31 -25.19 58.33 -11.96
C VAL WB 31 -24.20 59.20 -11.19
N HIS WB 32 -22.95 58.76 -11.15
CA HIS WB 32 -21.88 59.46 -10.44
C HIS WB 32 -21.65 60.86 -11.00
N VAL WB 33 -21.76 61.87 -10.12
CA VAL WB 33 -21.45 63.25 -10.46
C VAL WB 33 -20.24 63.70 -9.66
N THR WB 34 -19.37 64.50 -10.29
CA THR WB 34 -18.21 65.08 -9.64
C THR WB 34 -18.16 66.58 -9.91
N ASP WB 35 -17.07 67.24 -9.52
CA ASP WB 35 -16.89 68.65 -9.84
C ASP WB 35 -16.27 68.78 -11.23
N LEU WB 36 -15.79 69.97 -11.57
CA LEU WB 36 -15.36 70.24 -12.94
C LEU WB 36 -14.05 69.54 -13.28
N SER WB 37 -13.17 69.36 -12.30
CA SER WB 37 -11.95 68.59 -12.52
C SER WB 37 -12.26 67.10 -12.71
N GLY WB 38 -13.34 66.62 -12.11
CA GLY WB 38 -13.63 65.21 -12.07
C GLY WB 38 -13.02 64.48 -10.89
N LYS WB 39 -12.24 65.17 -10.07
CA LYS WB 39 -11.54 64.52 -8.96
C LYS WB 39 -12.40 64.41 -7.71
N GLU WB 40 -13.12 65.48 -7.36
CA GLU WB 40 -13.89 65.53 -6.12
C GLU WB 40 -15.30 65.03 -6.38
N THR WB 41 -15.63 63.87 -5.80
CA THR WB 41 -16.97 63.31 -5.91
C THR WB 41 -17.98 64.18 -5.15
N ILE WB 42 -19.08 64.51 -5.82
CA ILE WB 42 -20.18 65.22 -5.17
C ILE WB 42 -21.18 64.21 -4.62
N CYS WB 43 -21.77 63.40 -5.49
CA CYS WB 43 -22.80 62.46 -5.06
C CYS WB 43 -22.88 61.32 -6.07
N ARG WB 44 -22.30 60.18 -5.71
CA ARG WB 44 -22.44 58.97 -6.50
C ARG WB 44 -23.66 58.19 -6.02
N VAL WB 45 -24.64 58.01 -6.90
CA VAL WB 45 -25.82 57.21 -6.60
C VAL WB 45 -25.86 56.06 -7.60
N THR WB 46 -25.77 54.85 -7.10
CA THR WB 46 -25.82 53.65 -7.90
C THR WB 46 -27.27 53.27 -8.16
N GLY WB 47 -27.56 52.88 -9.41
CA GLY WB 47 -28.90 52.44 -9.76
C GLY WB 47 -29.34 51.16 -9.10
N GLY WB 48 -28.40 50.36 -8.60
CA GLY WB 48 -28.75 49.14 -7.89
C GLY WB 48 -28.82 49.34 -6.39
N MET WB 49 -29.07 50.57 -5.99
CA MET WB 49 -29.24 50.95 -4.60
C MET WB 49 -30.70 51.30 -4.34
N LYS WB 50 -31.47 51.44 -5.41
CA LYS WB 50 -32.87 51.85 -5.32
C LYS WB 50 -33.84 50.72 -5.61
N VAL WB 51 -33.36 49.49 -5.81
CA VAL WB 51 -34.22 48.34 -6.05
C VAL WB 51 -33.84 47.23 -5.06
N LYS WB 52 -34.52 46.09 -5.21
CA LYS WB 52 -34.46 45.01 -4.25
C LYS WB 52 -34.20 43.69 -4.94
N ALA WB 53 -34.58 43.59 -6.21
CA ALA WB 53 -34.74 42.32 -6.90
C ALA WB 53 -33.44 41.72 -7.41
N ASP WB 54 -32.35 42.50 -7.50
CA ASP WB 54 -31.01 42.16 -7.99
C ASP WB 54 -30.99 41.83 -9.49
N ARG WB 55 -32.12 41.88 -10.18
CA ARG WB 55 -32.18 41.83 -11.63
C ARG WB 55 -32.60 43.16 -12.23
N ASP WB 56 -33.11 44.08 -11.41
CA ASP WB 56 -33.52 45.40 -11.85
C ASP WB 56 -32.46 46.46 -11.57
N GLU WB 57 -31.21 46.04 -11.34
CA GLU WB 57 -30.12 46.99 -11.18
C GLU WB 57 -29.86 47.75 -12.47
N SER WB 58 -30.14 47.15 -13.62
CA SER WB 58 -29.98 47.77 -14.92
C SER WB 58 -31.33 47.98 -15.59
N SER WB 59 -32.29 48.39 -14.83
CA SER WB 59 -33.62 48.69 -15.34
C SER WB 59 -33.74 50.17 -15.64
N PRO WB 60 -34.58 50.56 -16.61
CA PRO WB 60 -34.81 52.00 -16.86
C PRO WB 60 -35.56 52.71 -15.76
N TYR WB 61 -36.21 51.99 -14.84
CA TYR WB 61 -36.86 52.61 -13.69
C TYR WB 61 -35.91 52.82 -12.52
N ALA WB 62 -34.95 51.92 -12.34
CA ALA WB 62 -33.93 52.12 -11.31
C ALA WB 62 -32.99 53.26 -11.65
N ALA WB 63 -32.69 53.44 -12.93
CA ALA WB 63 -31.86 54.56 -13.36
C ALA WB 63 -32.58 55.88 -13.17
N MET WB 64 -33.91 55.87 -13.27
CA MET WB 64 -34.69 57.10 -13.06
C MET WB 64 -34.71 57.49 -11.60
N LEU WB 65 -34.84 56.51 -10.69
CA LEU WB 65 -34.81 56.80 -9.26
C LEU WB 65 -33.42 57.25 -8.83
N ALA WB 66 -32.38 56.68 -9.42
CA ALA WB 66 -31.02 57.08 -9.08
C ALA WB 66 -30.68 58.45 -9.64
N ALA WB 67 -31.31 58.84 -10.75
CA ALA WB 67 -31.05 60.16 -11.33
C ALA WB 67 -31.68 61.26 -10.51
N GLN WB 68 -32.82 61.01 -9.87
CA GLN WB 68 -33.47 62.02 -9.06
C GLN WB 68 -32.75 62.23 -7.73
N ASP WB 69 -32.14 61.19 -7.18
CA ASP WB 69 -31.39 61.32 -5.94
C ASP WB 69 -30.10 62.12 -6.13
N VAL WB 70 -29.58 62.18 -7.35
CA VAL WB 70 -28.40 62.99 -7.64
C VAL WB 70 -28.78 64.47 -7.69
N ALA WB 71 -29.85 64.78 -8.42
CA ALA WB 71 -30.31 66.17 -8.52
C ALA WB 71 -30.86 66.70 -7.21
N GLN WB 72 -31.33 65.82 -6.33
CA GLN WB 72 -31.76 66.26 -5.00
C GLN WB 72 -30.57 66.67 -4.16
N ARG WB 73 -29.42 66.04 -4.35
CA ARG WB 73 -28.21 66.41 -3.63
C ARG WB 73 -27.46 67.55 -4.31
N CYS WB 74 -27.51 67.62 -5.64
CA CYS WB 74 -26.79 68.66 -6.36
C CYS WB 74 -27.41 70.03 -6.15
N LYS WB 75 -28.74 70.12 -6.21
CA LYS WB 75 -29.42 71.38 -5.94
C LYS WB 75 -29.31 71.77 -4.48
N GLU WB 76 -29.19 70.78 -3.58
CA GLU WB 76 -29.02 71.08 -2.17
C GLU WB 76 -27.62 71.61 -1.89
N LEU WB 77 -26.64 71.26 -2.72
CA LEU WB 77 -25.27 71.67 -2.47
C LEU WB 77 -24.91 72.99 -3.14
N GLY WB 78 -25.44 73.24 -4.33
CA GLY WB 78 -25.18 74.50 -5.00
C GLY WB 78 -24.95 74.35 -6.49
N ILE WB 79 -24.52 73.17 -6.91
CA ILE WB 79 -24.28 72.87 -8.32
C ILE WB 79 -25.61 72.75 -9.05
N THR WB 80 -25.81 73.56 -10.09
CA THR WB 80 -27.08 73.68 -10.78
C THR WB 80 -27.00 73.43 -12.28
N ALA WB 81 -25.84 73.09 -12.82
CA ALA WB 81 -25.72 72.78 -14.24
C ALA WB 81 -24.67 71.69 -14.41
N LEU WB 82 -24.87 70.83 -15.41
CA LEU WB 82 -24.08 69.62 -15.54
C LEU WB 82 -23.52 69.45 -16.96
N HIS WB 83 -22.40 68.73 -17.04
CA HIS WB 83 -21.90 68.14 -18.27
C HIS WB 83 -22.08 66.63 -18.18
N ILE WB 84 -22.28 65.99 -19.33
CA ILE WB 84 -22.60 64.56 -19.39
C ILE WB 84 -21.43 63.84 -20.02
N LYS WB 85 -21.07 62.69 -19.43
CA LYS WB 85 -19.97 61.83 -19.87
C LYS WB 85 -20.44 60.38 -19.92
N LEU WB 86 -21.55 60.14 -20.61
CA LEU WB 86 -22.09 58.80 -20.81
C LEU WB 86 -21.07 57.86 -21.45
N ARG WB 87 -20.96 56.66 -20.88
CA ARG WB 87 -20.07 55.61 -21.40
C ARG WB 87 -20.58 54.21 -21.08
N ALA WB 88 -20.32 53.23 -21.95
CA ALA WB 88 -20.77 51.85 -21.72
C ALA WB 88 -19.68 51.03 -21.03
N THR WB 89 -19.78 49.71 -21.10
CA THR WB 89 -18.76 48.83 -20.48
C THR WB 89 -17.44 49.21 -21.10
N GLY WB 90 -17.37 49.06 -22.42
CA GLY WB 90 -16.21 49.51 -23.16
C GLY WB 90 -15.02 48.58 -23.05
N GLY WB 91 -13.95 48.99 -23.71
CA GLY WB 91 -12.71 48.23 -23.72
C GLY WB 91 -12.81 46.90 -24.43
N ASN WB 92 -12.71 45.82 -23.65
CA ASN WB 92 -12.76 44.49 -24.24
C ASN WB 92 -14.19 44.13 -24.63
N ARG WB 93 -15.16 44.55 -23.82
CA ARG WB 93 -16.54 44.10 -23.90
C ARG WB 93 -17.33 45.03 -24.82
N THR WB 94 -18.66 44.95 -24.75
CA THR WB 94 -19.58 45.68 -25.64
C THR WB 94 -19.40 47.20 -25.52
N LYS WB 95 -19.84 47.89 -26.59
CA LYS WB 95 -19.61 49.31 -26.73
C LYS WB 95 -20.89 50.14 -26.68
N THR WB 96 -22.05 49.52 -26.82
CA THR WB 96 -23.25 50.34 -26.73
C THR WB 96 -23.67 50.51 -25.27
N PRO WB 97 -24.19 51.67 -24.88
CA PRO WB 97 -24.64 51.85 -23.50
C PRO WB 97 -25.90 51.05 -23.20
N GLY WB 98 -26.08 50.74 -21.93
CA GLY WB 98 -27.11 49.84 -21.48
C GLY WB 98 -28.51 50.43 -21.50
N PRO WB 99 -29.46 49.73 -20.87
CA PRO WB 99 -30.84 50.21 -20.89
C PRO WB 99 -31.06 51.46 -20.07
N GLY WB 100 -30.35 51.62 -18.95
CA GLY WB 100 -30.54 52.77 -18.09
C GLY WB 100 -29.68 53.96 -18.46
N ALA WB 101 -29.40 54.14 -19.75
CA ALA WB 101 -28.61 55.27 -20.22
C ALA WB 101 -29.45 56.51 -20.48
N GLN WB 102 -30.68 56.32 -20.94
CA GLN WB 102 -31.50 57.44 -21.38
C GLN WB 102 -32.42 57.94 -20.28
N SER WB 103 -33.09 57.03 -19.58
CA SER WB 103 -34.00 57.41 -18.50
C SER WB 103 -33.24 57.96 -17.29
N ALA WB 104 -31.94 57.69 -17.17
CA ALA WB 104 -31.11 58.38 -16.21
C ALA WB 104 -30.76 59.79 -16.64
N LEU WB 105 -30.99 60.12 -17.91
CA LEU WB 105 -30.65 61.43 -18.46
C LEU WB 105 -31.85 62.32 -18.69
N ARG WB 106 -32.98 61.77 -19.18
CA ARG WB 106 -34.18 62.58 -19.31
C ARG WB 106 -34.90 62.79 -17.98
N ALA WB 107 -34.53 62.04 -16.94
CA ALA WB 107 -34.96 62.37 -15.59
C ALA WB 107 -33.97 63.24 -14.85
N LEU WB 108 -32.73 63.30 -15.33
CA LEU WB 108 -31.78 64.30 -14.86
C LEU WB 108 -32.11 65.67 -15.43
N ALA WB 109 -32.92 65.73 -16.49
CA ALA WB 109 -33.26 66.96 -17.17
C ALA WB 109 -34.54 67.59 -16.63
N ARG WB 110 -35.58 66.79 -16.38
CA ARG WB 110 -36.82 67.35 -15.86
C ARG WB 110 -36.76 67.66 -14.39
N SER WB 111 -35.77 67.13 -13.66
CA SER WB 111 -35.68 67.36 -12.23
C SER WB 111 -34.80 68.57 -11.91
N GLY WB 112 -35.10 69.70 -12.55
CA GLY WB 112 -34.49 70.99 -12.26
C GLY WB 112 -32.98 71.06 -12.43
N MET WB 113 -32.48 70.89 -13.65
CA MET WB 113 -31.05 70.81 -13.86
C MET WB 113 -30.74 71.15 -15.30
N LYS WB 114 -29.84 72.12 -15.50
CA LYS WB 114 -29.39 72.47 -16.83
C LYS WB 114 -28.28 71.51 -17.27
N ILE WB 115 -28.20 71.28 -18.58
CA ILE WB 115 -27.31 70.26 -19.14
C ILE WB 115 -26.42 70.91 -20.19
N GLY WB 116 -25.11 70.81 -20.00
CA GLY WB 116 -24.15 71.32 -20.95
C GLY WB 116 -23.73 70.30 -21.99
N ARG WB 117 -22.43 70.12 -22.15
CA ARG WB 117 -21.86 69.28 -23.21
C ARG WB 117 -22.10 67.81 -22.91
N ILE WB 118 -23.01 67.20 -23.65
CA ILE WB 118 -23.19 65.75 -23.59
C ILE WB 118 -22.11 65.11 -24.47
N GLU WB 119 -21.33 64.22 -23.87
CA GLU WB 119 -20.20 63.62 -24.57
C GLU WB 119 -20.20 62.11 -24.37
N ASP WB 120 -19.30 61.45 -25.08
CA ASP WB 120 -19.10 60.01 -24.98
C ASP WB 120 -17.65 59.75 -24.66
N VAL WB 121 -17.40 59.02 -23.57
CA VAL WB 121 -16.05 58.75 -23.10
C VAL WB 121 -15.83 57.25 -22.93
N THR WB 122 -16.49 56.46 -23.77
CA THR WB 122 -16.41 55.01 -23.64
C THR WB 122 -15.02 54.50 -24.05
N PRO WB 123 -14.52 53.50 -23.33
CA PRO WB 123 -13.17 52.97 -23.57
C PRO WB 123 -13.05 52.07 -24.79
N ILE WB 124 -12.56 52.63 -25.88
CA ILE WB 124 -12.36 51.90 -27.12
C ILE WB 124 -10.89 51.62 -27.34
N PRO WB 125 -10.53 50.36 -27.45
CA PRO WB 125 -9.12 49.99 -27.64
C PRO WB 125 -8.62 49.90 -29.07
N SER WB 126 -7.31 49.74 -29.21
CA SER WB 126 -6.65 49.56 -30.51
C SER WB 126 -6.34 48.08 -30.74
N ASP WB 127 -7.41 47.27 -30.72
CA ASP WB 127 -7.38 45.82 -30.92
C ASP WB 127 -6.48 45.13 -29.89
N SER WB 128 -6.93 45.15 -28.65
CA SER WB 128 -6.17 44.57 -27.55
C SER WB 128 -7.01 43.54 -26.82
N THR WB 129 -6.32 42.72 -26.01
CA THR WB 129 -6.90 42.02 -24.85
C THR WB 129 -8.02 41.05 -25.20
N ARG WB 130 -7.67 39.80 -25.44
CA ARG WB 130 -8.61 38.73 -25.79
C ARG WB 130 -9.91 38.73 -24.99
N ARG WB 131 -11.03 38.55 -25.68
CA ARG WB 131 -12.34 38.54 -25.06
C ARG WB 131 -12.70 37.26 -24.31
N LYS WB 132 -13.29 37.41 -23.13
CA LYS WB 132 -13.72 36.28 -22.32
C LYS WB 132 -14.92 35.60 -22.97
N GLY WB 133 -14.63 34.66 -23.85
CA GLY WB 133 -15.71 33.92 -24.49
C GLY WB 133 -15.25 32.57 -24.95
N GLY WB 134 -14.05 32.54 -25.50
CA GLY WB 134 -13.50 31.32 -26.06
C GLY WB 134 -13.46 31.46 -27.57
N ARG WB 135 -13.40 30.34 -28.26
CA ARG WB 135 -13.35 30.38 -29.70
C ARG WB 135 -14.74 30.19 -30.27
N ARG WB 136 -15.55 29.40 -29.59
CA ARG WB 136 -16.93 29.19 -30.03
C ARG WB 136 -17.92 30.09 -29.31
N GLY WB 137 -17.47 30.95 -28.41
CA GLY WB 137 -18.34 31.93 -27.79
C GLY WB 137 -19.26 31.40 -26.73
N ARG WB 138 -19.94 32.28 -25.99
CA ARG WB 138 -20.87 31.82 -24.98
C ARG WB 138 -22.16 31.40 -25.67
N ARG WB 139 -22.35 30.08 -25.76
CA ARG WB 139 -23.41 29.48 -26.55
C ARG WB 139 -24.57 29.07 -25.64
N LEU WB 140 -25.23 30.08 -25.11
CA LEU WB 140 -26.42 29.92 -24.29
C LEU WB 140 -27.59 29.41 -25.11
N VAL XB 1 5.69 24.16 -74.47
CA VAL XB 1 4.35 24.57 -74.09
C VAL XB 1 3.33 24.18 -75.16
N ARG XB 2 3.83 23.90 -76.37
CA ARG XB 2 3.01 23.55 -77.51
C ARG XB 2 3.64 22.33 -78.20
N MET XB 3 3.02 21.18 -78.02
CA MET XB 3 3.64 19.92 -78.40
C MET XB 3 3.19 19.42 -79.76
N ASN XB 4 2.22 20.09 -80.38
CA ASN XB 4 1.74 19.71 -81.70
C ASN XB 4 1.09 20.95 -82.31
N VAL XB 5 1.53 21.35 -83.49
CA VAL XB 5 1.03 22.58 -84.10
C VAL XB 5 -0.12 22.29 -85.06
N LEU XB 6 -0.29 21.05 -85.50
CA LEU XB 6 -1.46 20.68 -86.28
C LEU XB 6 -2.67 20.45 -85.39
N ALA XB 7 -2.46 20.16 -84.11
CA ALA XB 7 -3.56 19.89 -83.20
C ALA XB 7 -4.39 21.14 -82.94
N ASP XB 8 -3.74 22.25 -82.55
CA ASP XB 8 -4.50 23.47 -82.29
C ASP XB 8 -4.88 24.22 -83.56
N ALA XB 9 -4.22 23.92 -84.67
CA ALA XB 9 -4.72 24.37 -85.97
C ALA XB 9 -6.05 23.71 -86.27
N LEU XB 10 -6.16 22.42 -86.00
CA LEU XB 10 -7.43 21.72 -86.20
C LEU XB 10 -8.42 21.99 -85.08
N LYS XB 11 -7.96 22.26 -83.86
CA LYS XB 11 -8.86 22.75 -82.82
C LYS XB 11 -8.85 24.27 -82.79
N SER XB 12 -8.93 24.86 -83.99
CA SER XB 12 -9.36 26.23 -84.23
C SER XB 12 -10.29 26.35 -85.42
N ILE XB 13 -10.20 25.45 -86.40
CA ILE XB 13 -11.17 25.38 -87.48
C ILE XB 13 -12.47 24.79 -86.97
N ASN XB 14 -12.38 23.74 -86.13
CA ASN XB 14 -13.56 23.07 -85.60
C ASN XB 14 -14.35 23.99 -84.68
N ASN XB 15 -13.68 24.82 -83.89
CA ASN XB 15 -14.35 25.67 -82.92
C ASN XB 15 -14.96 26.91 -83.53
N ALA XB 16 -14.73 27.18 -84.81
CA ALA XB 16 -15.42 28.27 -85.48
C ALA XB 16 -16.46 27.79 -86.48
N GLU XB 17 -16.33 26.56 -86.97
CA GLU XB 17 -17.38 25.98 -87.80
C GLU XB 17 -18.62 25.65 -86.99
N LYS XB 18 -18.46 25.36 -85.70
CA LYS XB 18 -19.63 25.18 -84.83
C LYS XB 18 -20.16 26.50 -84.31
N ARG XB 19 -19.42 27.59 -84.48
CA ARG XB 19 -19.96 28.92 -84.27
C ARG XB 19 -20.52 29.52 -85.56
N GLY XB 20 -20.24 28.91 -86.70
CA GLY XB 20 -20.75 29.42 -87.96
C GLY XB 20 -19.95 30.56 -88.54
N LYS XB 21 -18.67 30.66 -88.21
CA LYS XB 21 -17.85 31.75 -88.70
C LYS XB 21 -17.36 31.46 -90.11
N ARG XB 22 -16.99 32.51 -90.82
CA ARG XB 22 -16.51 32.38 -92.19
C ARG XB 22 -15.00 32.26 -92.28
N GLN XB 23 -14.28 32.82 -91.32
CA GLN XB 23 -12.82 32.85 -91.38
C GLN XB 23 -12.22 32.56 -90.02
N VAL XB 24 -11.10 31.85 -90.01
CA VAL XB 24 -10.34 31.59 -88.80
C VAL XB 24 -9.00 32.30 -88.91
N LEU XB 25 -8.18 32.20 -87.87
CA LEU XB 25 -6.80 32.67 -87.90
C LEU XB 25 -5.93 31.54 -87.36
N ILE XB 26 -5.44 30.69 -88.26
CA ILE XB 26 -4.53 29.62 -87.87
C ILE XB 26 -3.18 30.27 -87.57
N ARG XB 27 -2.84 30.36 -86.29
CA ARG XB 27 -1.90 31.38 -85.86
C ARG XB 27 -0.44 31.00 -86.11
N PRO XB 28 0.03 29.74 -85.89
CA PRO XB 28 1.32 29.36 -86.49
C PRO XB 28 1.15 28.66 -87.83
N CYS XB 29 1.89 29.07 -88.85
CA CYS XB 29 1.89 28.35 -90.11
C CYS XB 29 3.03 27.33 -90.11
N SER XB 30 2.71 26.10 -90.51
CA SER XB 30 3.70 25.06 -90.73
C SER XB 30 3.46 24.47 -92.11
N LYS XB 31 4.49 23.87 -92.69
CA LYS XB 31 4.33 23.27 -94.01
C LYS XB 31 3.62 21.93 -93.96
N VAL XB 32 3.46 21.34 -92.77
CA VAL XB 32 2.58 20.19 -92.63
C VAL XB 32 1.12 20.64 -92.55
N ILE XB 33 0.89 21.90 -92.18
CA ILE XB 33 -0.47 22.42 -92.11
C ILE XB 33 -0.97 22.83 -93.50
N VAL XB 34 -0.14 23.50 -94.29
CA VAL XB 34 -0.59 23.93 -95.61
C VAL XB 34 -0.68 22.76 -96.59
N ARG XB 35 0.02 21.66 -96.32
CA ARG XB 35 -0.24 20.44 -97.08
C ARG XB 35 -1.46 19.71 -96.56
N PHE XB 36 -1.79 19.90 -95.29
CA PHE XB 36 -3.03 19.35 -94.74
C PHE XB 36 -4.24 20.07 -95.32
N LEU XB 37 -4.16 21.41 -95.40
CA LEU XB 37 -5.28 22.21 -95.84
C LEU XB 37 -5.52 22.10 -97.34
N THR XB 38 -4.51 21.75 -98.12
CA THR XB 38 -4.76 21.40 -99.51
C THR XB 38 -4.98 19.90 -99.67
N VAL XB 39 -5.77 19.33 -98.77
CA VAL XB 39 -6.32 17.99 -98.91
C VAL XB 39 -7.81 18.16 -98.59
N MET XB 40 -8.12 19.16 -97.77
CA MET XB 40 -9.50 19.56 -97.57
C MET XB 40 -10.00 20.36 -98.76
N MET XB 41 -9.19 21.31 -99.23
CA MET XB 41 -9.56 22.18 -100.33
C MET XB 41 -9.67 21.41 -101.64
N LYS XB 42 -8.84 20.39 -101.84
CA LYS XB 42 -8.90 19.58 -103.05
C LYS XB 42 -10.12 18.67 -103.07
N HIS XB 43 -10.75 18.43 -101.92
CA HIS XB 43 -12.04 17.78 -101.85
C HIS XB 43 -13.18 18.74 -101.58
N GLY XB 44 -12.88 19.97 -101.20
CA GLY XB 44 -13.90 20.99 -101.09
C GLY XB 44 -14.57 21.09 -99.74
N TYR XB 45 -13.85 20.84 -98.65
CA TYR XB 45 -14.45 21.08 -97.34
C TYR XB 45 -14.09 22.45 -96.79
N ILE XB 46 -13.07 23.09 -97.35
CA ILE XB 46 -12.77 24.49 -97.07
C ILE XB 46 -12.65 25.20 -98.41
N GLY XB 47 -12.50 26.52 -98.35
CA GLY XB 47 -12.40 27.33 -99.54
C GLY XB 47 -10.99 27.81 -99.79
N GLU XB 48 -10.87 29.06 -100.23
CA GLU XB 48 -9.59 29.73 -100.34
C GLU XB 48 -8.96 29.87 -98.96
N PHE XB 49 -7.63 29.88 -98.91
CA PHE XB 49 -6.97 30.29 -97.68
C PHE XB 49 -5.76 31.14 -98.00
N GLU XB 50 -5.27 31.82 -96.98
CA GLU XB 50 -4.37 32.96 -97.11
C GLU XB 50 -3.20 32.79 -96.16
N ILE XB 51 -2.05 32.36 -96.68
CA ILE XB 51 -0.85 32.24 -95.87
C ILE XB 51 -0.25 33.64 -95.74
N ILE XB 52 -0.25 34.17 -94.53
CA ILE XB 52 0.20 35.54 -94.26
C ILE XB 52 1.63 35.48 -93.74
N ASP XB 53 2.52 36.27 -94.34
CA ASP XB 53 3.94 36.14 -94.12
C ASP XB 53 4.48 37.27 -93.24
N ASP XB 54 4.76 36.93 -91.99
CA ASP XB 54 5.74 37.63 -91.18
C ASP XB 54 7.02 36.81 -91.16
N HIS XB 55 8.10 37.42 -90.67
CA HIS XB 55 9.41 36.78 -90.81
C HIS XB 55 9.67 35.69 -89.79
N ARG XB 56 8.81 35.56 -88.79
CA ARG XB 56 8.71 34.39 -87.92
C ARG XB 56 7.65 33.46 -88.53
N ALA XB 57 7.13 32.51 -87.77
CA ALA XB 57 6.12 31.59 -88.29
C ALA XB 57 4.83 32.33 -88.67
N GLY XB 58 4.32 32.00 -89.86
CA GLY XB 58 3.25 32.77 -90.46
C GLY XB 58 1.88 32.47 -89.87
N LYS XB 59 0.89 33.19 -90.39
CA LYS XB 59 -0.50 32.99 -90.01
C LYS XB 59 -1.27 32.56 -91.25
N ILE XB 60 -2.40 31.88 -91.02
CA ILE XB 60 -3.26 31.39 -92.10
C ILE XB 60 -4.69 31.83 -91.79
N VAL XB 61 -5.36 32.41 -92.77
CA VAL XB 61 -6.78 32.73 -92.67
C VAL XB 61 -7.53 31.84 -93.67
N VAL XB 62 -8.44 31.02 -93.17
CA VAL XB 62 -9.10 30.00 -93.98
C VAL XB 62 -10.57 30.39 -94.14
N ASN XB 63 -11.01 30.46 -95.39
CA ASN XB 63 -12.43 30.67 -95.68
C ASN XB 63 -13.19 29.38 -95.40
N LEU XB 64 -14.18 29.45 -94.51
CA LEU XB 64 -14.96 28.28 -94.13
C LEU XB 64 -16.25 28.24 -94.94
N THR XB 65 -16.43 27.16 -95.69
CA THR XB 65 -17.64 27.00 -96.49
C THR XB 65 -18.84 26.69 -95.59
N GLY XB 66 -18.74 25.64 -94.79
CA GLY XB 66 -19.85 25.17 -93.99
C GLY XB 66 -20.13 23.71 -94.25
N ARG XB 67 -19.14 23.02 -94.80
CA ARG XB 67 -19.29 21.63 -95.19
C ARG XB 67 -18.55 20.65 -94.29
N LEU XB 68 -17.80 21.15 -93.31
CA LEU XB 68 -16.92 20.33 -92.50
C LEU XB 68 -17.55 20.15 -91.12
N ASN XB 69 -17.93 18.91 -90.80
CA ASN XB 69 -18.51 18.60 -89.51
C ASN XB 69 -17.46 18.48 -88.42
N LYS XB 70 -16.38 17.76 -88.70
CA LYS XB 70 -15.33 17.51 -87.73
C LYS XB 70 -14.00 17.38 -88.47
N CYS XB 71 -12.94 17.95 -87.88
CA CYS XB 71 -11.61 17.95 -88.48
C CYS XB 71 -10.56 17.55 -87.45
N GLY XB 72 -10.81 16.45 -86.74
CA GLY XB 72 -9.95 16.03 -85.65
C GLY XB 72 -8.57 15.56 -86.09
N VAL XB 73 -7.74 15.29 -85.09
CA VAL XB 73 -6.34 14.91 -85.29
C VAL XB 73 -6.07 13.65 -84.49
N ILE XB 74 -5.10 12.86 -84.95
CA ILE XB 74 -4.60 11.71 -84.22
C ILE XB 74 -3.23 12.07 -83.70
N SER XB 75 -3.10 12.20 -82.38
CA SER XB 75 -1.95 12.86 -81.81
C SER XB 75 -0.68 12.00 -81.76
N PRO XB 76 -0.70 10.70 -81.47
CA PRO XB 76 0.51 9.92 -81.80
C PRO XB 76 0.46 9.57 -83.28
N ARG XB 77 1.49 9.96 -84.02
CA ARG XB 77 1.52 9.65 -85.45
C ARG XB 77 1.88 8.18 -85.58
N PHE XB 78 0.86 7.33 -85.47
CA PHE XB 78 1.05 5.89 -85.52
C PHE XB 78 1.43 5.47 -86.94
N ASP XB 79 2.44 4.63 -87.03
CA ASP XB 79 2.86 4.10 -88.33
C ASP XB 79 1.84 3.06 -88.80
N VAL XB 80 1.12 3.40 -89.87
CA VAL XB 80 -0.01 2.61 -90.35
C VAL XB 80 0.38 1.92 -91.63
N GLN XB 81 0.19 0.60 -91.68
CA GLN XB 81 0.43 -0.18 -92.87
C GLN XB 81 -0.83 -0.20 -93.74
N LEU XB 82 -0.74 -0.85 -94.91
CA LEU XB 82 -1.92 -0.99 -95.75
C LEU XB 82 -2.88 -2.02 -95.20
N LYS XB 83 -2.37 -3.02 -94.47
CA LYS XB 83 -3.24 -4.00 -93.84
C LYS XB 83 -3.96 -3.42 -92.65
N ASP XB 84 -3.35 -2.44 -91.97
CA ASP XB 84 -3.93 -1.80 -90.81
C ASP XB 84 -4.81 -0.61 -91.16
N LEU XB 85 -4.80 -0.15 -92.41
CA LEU XB 85 -5.51 1.08 -92.75
C LEU XB 85 -7.02 0.88 -92.79
N GLU XB 86 -7.47 -0.32 -93.17
CA GLU XB 86 -8.90 -0.61 -93.16
C GLU XB 86 -9.45 -0.73 -91.75
N LYS XB 87 -8.60 -1.03 -90.77
CA LYS XB 87 -9.00 -1.01 -89.37
C LYS XB 87 -9.24 0.40 -88.87
N TRP XB 88 -8.46 1.37 -89.36
CA TRP XB 88 -8.65 2.76 -88.97
C TRP XB 88 -9.84 3.42 -89.65
N GLN XB 89 -10.33 2.85 -90.77
CA GLN XB 89 -11.43 3.46 -91.48
C GLN XB 89 -12.74 3.31 -90.73
N ASN XB 90 -13.06 2.09 -90.30
CA ASN XB 90 -14.30 1.82 -89.59
C ASN XB 90 -14.20 2.06 -88.09
N ASN XB 91 -13.16 2.75 -87.63
CA ASN XB 91 -13.05 3.17 -86.25
C ASN XB 91 -12.95 4.68 -86.10
N LEU XB 92 -12.75 5.42 -87.18
CA LEU XB 92 -12.47 6.84 -87.10
C LEU XB 92 -13.25 7.68 -88.08
N LEU XB 93 -13.91 7.08 -89.07
CA LEU XB 93 -14.70 7.74 -90.09
C LEU XB 93 -16.17 7.38 -89.95
N PRO XB 94 -17.10 8.31 -90.26
CA PRO XB 94 -18.51 8.05 -89.97
C PRO XB 94 -19.20 7.09 -90.92
N SER XB 95 -18.70 6.91 -92.14
CA SER XB 95 -19.32 5.99 -93.09
C SER XB 95 -18.24 5.45 -94.01
N ARG XB 96 -18.65 4.55 -94.90
CA ARG XB 96 -17.73 4.03 -95.90
C ARG XB 96 -17.73 4.85 -97.19
N GLN XB 97 -18.74 5.68 -97.40
CA GLN XB 97 -18.76 6.54 -98.58
C GLN XB 97 -17.85 7.76 -98.40
N PHE XB 98 -18.15 8.59 -97.42
CA PHE XB 98 -17.51 9.87 -97.26
C PHE XB 98 -16.61 9.87 -96.03
N GLY XB 99 -15.86 10.94 -95.87
CA GLY XB 99 -14.84 11.01 -94.85
C GLY XB 99 -13.49 10.53 -95.35
N PHE XB 100 -12.44 11.15 -94.84
CA PHE XB 100 -11.08 10.87 -95.31
C PHE XB 100 -10.13 10.79 -94.14
N ILE XB 101 -9.39 9.69 -94.05
CA ILE XB 101 -8.20 9.63 -93.22
C ILE XB 101 -7.05 10.17 -94.04
N VAL XB 102 -6.40 11.20 -93.52
CA VAL XB 102 -5.29 11.85 -94.19
C VAL XB 102 -4.01 11.46 -93.44
N LEU XB 103 -3.07 10.89 -94.17
CA LEU XB 103 -1.86 10.35 -93.57
C LEU XB 103 -0.66 10.69 -94.44
N THR XB 104 0.48 10.89 -93.80
CA THR XB 104 1.71 11.29 -94.49
C THR XB 104 2.51 10.05 -94.88
N THR XB 105 2.45 9.71 -96.16
CA THR XB 105 3.20 8.59 -96.69
C THR XB 105 4.53 9.11 -97.23
N SER XB 106 5.30 8.24 -97.88
CA SER XB 106 6.60 8.63 -98.40
C SER XB 106 6.49 9.62 -99.55
N ALA XB 107 5.43 9.50 -100.37
CA ALA XB 107 5.24 10.37 -101.52
C ALA XB 107 4.27 11.51 -101.23
N GLY XB 108 4.28 12.04 -100.01
CA GLY XB 108 3.53 13.22 -99.67
C GLY XB 108 2.33 12.91 -98.79
N ILE XB 109 1.70 13.99 -98.33
CA ILE XB 109 0.50 13.91 -97.49
C ILE XB 109 -0.71 13.65 -98.37
N MET XB 110 -1.42 12.55 -98.10
CA MET XB 110 -2.44 12.04 -99.01
C MET XB 110 -3.79 11.85 -98.33
N ASP XB 111 -4.71 11.20 -99.03
CA ASP XB 111 -5.91 10.63 -98.44
C ASP XB 111 -5.63 9.20 -98.00
N HIS XB 112 -6.66 8.52 -97.53
CA HIS XB 112 -6.57 7.08 -97.32
C HIS XB 112 -6.89 6.32 -98.60
N GLU XB 113 -7.50 6.98 -99.58
CA GLU XB 113 -7.77 6.40 -100.88
C GLU XB 113 -6.61 6.61 -101.84
N GLU XB 114 -5.99 7.78 -101.78
CA GLU XB 114 -4.80 8.05 -102.57
C GLU XB 114 -3.62 7.22 -102.11
N ALA XB 115 -3.57 6.86 -100.83
CA ALA XB 115 -2.45 6.10 -100.30
C ALA XB 115 -2.51 4.63 -100.69
N ARG XB 116 -3.72 4.08 -100.89
CA ARG XB 116 -3.81 2.68 -101.27
C ARG XB 116 -3.89 2.48 -102.78
N ARG XB 117 -4.20 3.53 -103.55
CA ARG XB 117 -4.01 3.46 -105.00
C ARG XB 117 -2.52 3.33 -105.33
N LYS XB 118 -1.70 4.21 -104.77
CA LYS XB 118 -0.26 4.19 -104.96
C LYS XB 118 0.45 3.24 -104.01
N HIS XB 119 -0.30 2.48 -103.22
CA HIS XB 119 0.17 1.26 -102.54
C HIS XB 119 1.24 1.58 -101.49
N THR XB 120 0.99 2.61 -100.68
CA THR XB 120 1.94 3.05 -99.66
C THR XB 120 1.23 3.17 -98.32
N GLY XB 121 1.88 2.68 -97.27
CA GLY XB 121 1.47 3.01 -95.92
C GLY XB 121 2.17 4.28 -95.47
N GLY XB 122 1.89 4.66 -94.23
CA GLY XB 122 2.51 5.85 -93.71
C GLY XB 122 2.21 6.05 -92.24
N LYS XB 123 2.29 7.30 -91.82
CA LYS XB 123 1.97 7.70 -90.46
C LYS XB 123 0.66 8.46 -90.48
N ILE XB 124 -0.30 8.03 -89.65
CA ILE XB 124 -1.60 8.68 -89.62
C ILE XB 124 -1.45 10.08 -89.02
N LEU XB 125 -2.16 11.03 -89.60
CA LEU XB 125 -1.85 12.43 -89.37
C LEU XB 125 -3.10 13.15 -88.88
N GLY XB 126 -4.27 12.73 -89.36
CA GLY XB 126 -5.50 13.37 -88.96
C GLY XB 126 -6.66 12.75 -89.70
N PHE XB 127 -7.82 13.40 -89.58
CA PHE XB 127 -9.00 12.98 -90.31
C PHE XB 127 -9.93 14.18 -90.44
N PHE XB 128 -10.84 14.10 -91.41
CA PHE XB 128 -11.83 15.16 -91.62
C PHE XB 128 -13.02 14.58 -92.35
N PHE XB 129 -14.22 14.98 -91.90
CA PHE XB 129 -15.47 14.58 -92.54
C PHE XB 129 -16.55 15.63 -92.34
N ASN YB 1 -26.31 -65.33 -110.43
CA ASN YB 1 -25.94 -65.73 -111.77
C ASN YB 1 -26.97 -65.12 -112.72
N ASP YB 2 -28.05 -64.59 -112.15
CA ASP YB 2 -29.13 -64.05 -112.97
C ASP YB 2 -28.71 -62.70 -113.57
N THR YB 3 -28.54 -61.68 -112.73
CA THR YB 3 -27.97 -60.39 -113.15
C THR YB 3 -26.87 -60.01 -112.17
N VAL YB 4 -25.68 -60.57 -112.37
CA VAL YB 4 -24.48 -60.19 -111.62
C VAL YB 4 -23.35 -60.05 -112.62
N THR YB 5 -22.81 -58.84 -112.76
CA THR YB 5 -21.75 -58.58 -113.72
C THR YB 5 -20.48 -58.16 -112.98
N ILE YB 6 -19.34 -58.34 -113.66
CA ILE YB 6 -18.03 -58.06 -113.08
C ILE YB 6 -17.37 -57.05 -114.00
N ARG YB 7 -17.42 -55.78 -113.64
CA ARG YB 7 -16.64 -54.77 -114.33
C ARG YB 7 -15.30 -54.60 -113.61
N THR YB 8 -14.31 -54.11 -114.34
CA THR YB 8 -13.01 -53.84 -113.76
C THR YB 8 -12.49 -52.53 -114.31
N ARG YB 9 -11.71 -51.84 -113.48
CA ARG YB 9 -11.16 -50.56 -113.83
C ARG YB 9 -9.80 -50.36 -113.19
N LYS YB 10 -9.19 -49.23 -113.49
CA LYS YB 10 -7.84 -48.90 -113.02
C LYS YB 10 -6.92 -50.11 -113.11
N PHE YB 11 -6.98 -50.78 -114.26
CA PHE YB 11 -6.16 -51.96 -114.50
C PHE YB 11 -4.70 -51.55 -114.66
N MET YB 12 -3.81 -52.42 -114.18
CA MET YB 12 -2.38 -52.17 -114.25
C MET YB 12 -1.68 -53.50 -114.15
N THR YB 13 -0.86 -53.84 -115.14
CA THR YB 13 -0.01 -55.00 -115.04
C THR YB 13 1.39 -54.55 -114.63
N ASN YB 14 1.95 -55.22 -113.64
CA ASN YB 14 3.37 -55.10 -113.34
C ASN YB 14 4.04 -56.46 -113.42
N ARG YB 15 5.20 -56.49 -114.04
CA ARG YB 15 6.04 -57.67 -114.06
C ARG YB 15 7.11 -57.59 -112.99
N LEU YB 16 7.07 -56.54 -112.16
CA LEU YB 16 7.90 -56.50 -110.96
C LEU YB 16 7.47 -57.56 -109.97
N LEU YB 17 6.16 -57.74 -109.81
CA LEU YB 17 5.59 -58.77 -108.96
C LEU YB 17 4.88 -59.86 -109.74
N GLN YB 18 4.99 -59.85 -111.08
CA GLN YB 18 4.45 -60.86 -111.99
C GLN YB 18 2.94 -61.03 -111.80
N ARG YB 19 2.22 -59.93 -111.61
CA ARG YB 19 0.80 -59.99 -111.34
C ARG YB 19 0.09 -58.90 -112.14
N LYS YB 20 -1.20 -59.10 -112.34
CA LYS YB 20 -2.07 -58.10 -112.95
C LYS YB 20 -3.06 -57.64 -111.89
N GLN YB 21 -2.99 -56.36 -111.53
CA GLN YB 21 -3.76 -55.80 -110.43
C GLN YB 21 -4.76 -54.78 -110.97
N MET YB 22 -5.87 -54.63 -110.26
CA MET YB 22 -7.00 -53.87 -110.77
C MET YB 22 -7.91 -53.48 -109.60
N VAL YB 23 -9.00 -52.81 -109.93
CA VAL YB 23 -10.03 -52.44 -108.96
C VAL YB 23 -11.34 -53.05 -109.45
N ILE YB 24 -11.77 -54.12 -108.78
CA ILE YB 24 -12.98 -54.83 -109.16
C ILE YB 24 -14.18 -54.11 -108.56
N ASP YB 25 -15.22 -53.88 -109.36
CA ASP YB 25 -16.49 -53.39 -108.85
C ASP YB 25 -17.64 -54.24 -109.39
N VAL YB 26 -18.35 -54.88 -108.47
CA VAL YB 26 -19.37 -55.89 -108.79
C VAL YB 26 -20.74 -55.25 -108.66
N LEU YB 27 -21.60 -55.49 -109.64
CA LEU YB 27 -22.97 -54.97 -109.64
C LEU YB 27 -23.93 -56.10 -109.35
N HIS YB 28 -24.71 -55.96 -108.28
CA HIS YB 28 -25.74 -56.90 -107.89
C HIS YB 28 -26.97 -56.15 -107.36
N PRO YB 29 -28.07 -56.13 -108.12
CA PRO YB 29 -29.23 -55.31 -107.73
C PRO YB 29 -29.94 -55.75 -106.44
N GLY YB 30 -30.38 -57.00 -106.38
CA GLY YB 30 -31.20 -57.45 -105.28
C GLY YB 30 -30.64 -58.64 -104.54
N LYS YB 31 -29.32 -58.78 -104.56
CA LYS YB 31 -28.64 -59.87 -103.89
C LYS YB 31 -27.75 -59.30 -102.78
N ALA YB 32 -27.23 -60.19 -101.96
CA ALA YB 32 -26.26 -59.81 -100.95
C ALA YB 32 -24.90 -59.61 -101.60
N THR YB 33 -23.91 -59.24 -100.78
CA THR YB 33 -22.54 -59.17 -101.26
C THR YB 33 -22.06 -60.55 -101.67
N VAL YB 34 -21.78 -60.72 -102.96
CA VAL YB 34 -21.49 -62.01 -103.56
C VAL YB 34 -20.17 -62.55 -103.01
N PRO YB 35 -20.04 -63.87 -102.83
CA PRO YB 35 -18.84 -64.41 -102.19
C PRO YB 35 -17.60 -64.24 -103.08
N LYS YB 36 -16.44 -64.26 -102.41
CA LYS YB 36 -15.18 -64.14 -103.12
C LYS YB 36 -14.88 -65.37 -103.97
N THR YB 37 -15.40 -66.54 -103.56
CA THR YB 37 -15.26 -67.74 -104.37
C THR YB 37 -16.15 -67.72 -105.60
N GLU YB 38 -17.12 -66.82 -105.67
CA GLU YB 38 -17.97 -66.65 -106.85
C GLU YB 38 -17.45 -65.57 -107.78
N ILE YB 39 -16.81 -64.53 -107.23
CA ILE YB 39 -16.23 -63.47 -108.04
C ILE YB 39 -15.05 -64.00 -108.85
N ARG YB 40 -14.16 -64.76 -108.22
CA ARG YB 40 -12.97 -65.22 -108.93
C ARG YB 40 -13.24 -66.43 -109.83
N GLU YB 41 -14.46 -66.95 -109.85
CA GLU YB 41 -14.89 -67.83 -110.93
C GLU YB 41 -15.38 -67.05 -112.13
N LYS YB 42 -15.47 -65.72 -112.04
CA LYS YB 42 -15.85 -64.88 -113.15
C LYS YB 42 -14.71 -64.06 -113.71
N LEU YB 43 -13.65 -63.81 -112.94
CA LEU YB 43 -12.42 -63.29 -113.52
C LEU YB 43 -11.64 -64.35 -114.26
N ALA YB 44 -11.94 -65.63 -114.02
CA ALA YB 44 -11.33 -66.69 -114.81
C ALA YB 44 -11.86 -66.68 -116.23
N LYS YB 45 -13.13 -66.32 -116.41
CA LYS YB 45 -13.74 -66.27 -117.73
C LYS YB 45 -13.67 -64.88 -118.36
N MET YB 46 -13.08 -63.91 -117.69
CA MET YB 46 -12.77 -62.62 -118.30
C MET YB 46 -11.32 -62.49 -118.73
N TYR YB 47 -10.42 -63.31 -118.19
CA TYR YB 47 -9.00 -63.24 -118.51
C TYR YB 47 -8.43 -64.55 -119.01
N LYS YB 48 -9.22 -65.63 -119.05
CA LYS YB 48 -8.86 -66.93 -119.61
C LYS YB 48 -7.65 -67.54 -118.91
N THR YB 49 -7.76 -67.66 -117.60
CA THR YB 49 -6.76 -68.28 -116.75
C THR YB 49 -7.39 -69.48 -116.03
N THR YB 50 -6.62 -70.08 -115.13
CA THR YB 50 -7.25 -71.04 -114.24
C THR YB 50 -7.73 -70.34 -112.98
N PRO YB 51 -8.90 -70.67 -112.43
CA PRO YB 51 -9.42 -69.95 -111.25
C PRO YB 51 -8.74 -70.37 -109.94
N ASP YB 52 -7.41 -70.22 -109.90
CA ASP YB 52 -6.64 -70.55 -108.73
C ASP YB 52 -5.61 -69.47 -108.37
N VAL YB 53 -5.17 -68.67 -109.33
CA VAL YB 53 -4.19 -67.63 -109.09
C VAL YB 53 -4.83 -66.24 -108.98
N ILE YB 54 -6.15 -66.16 -108.91
CA ILE YB 54 -6.85 -64.90 -108.73
C ILE YB 54 -7.07 -64.70 -107.25
N PHE YB 55 -6.53 -63.62 -106.69
CA PHE YB 55 -6.60 -63.34 -105.26
C PHE YB 55 -7.41 -62.06 -105.10
N VAL YB 56 -8.68 -62.19 -104.72
CA VAL YB 56 -9.54 -61.04 -104.51
C VAL YB 56 -9.62 -60.74 -103.01
N PHE YB 57 -9.72 -59.46 -102.68
CA PHE YB 57 -9.69 -59.04 -101.29
C PHE YB 57 -10.28 -57.63 -101.17
N GLY YB 58 -10.91 -57.37 -100.02
CA GLY YB 58 -11.31 -56.02 -99.67
C GLY YB 58 -12.55 -55.51 -100.37
N PHE YB 59 -13.65 -56.24 -100.30
CA PHE YB 59 -14.90 -55.84 -100.95
C PHE YB 59 -15.75 -55.05 -99.96
N ARG YB 60 -15.91 -53.76 -100.23
CA ARG YB 60 -16.67 -52.85 -99.38
C ARG YB 60 -17.91 -52.42 -100.17
N THR YB 61 -19.07 -52.86 -99.72
CA THR YB 61 -20.32 -52.57 -100.41
C THR YB 61 -20.75 -51.13 -100.15
N HIS YB 62 -21.17 -50.45 -101.22
CA HIS YB 62 -21.70 -49.10 -101.08
C HIS YB 62 -23.04 -49.11 -100.37
N PHE YB 63 -23.45 -47.92 -99.93
CA PHE YB 63 -24.70 -47.77 -99.21
C PHE YB 63 -25.88 -48.03 -100.12
N GLY YB 64 -26.91 -48.69 -99.58
CA GLY YB 64 -28.11 -48.97 -100.34
C GLY YB 64 -28.01 -50.14 -101.28
N GLY YB 65 -26.99 -50.96 -101.17
CA GLY YB 65 -26.85 -52.08 -102.06
C GLY YB 65 -26.42 -51.66 -103.44
N GLY YB 66 -26.53 -52.60 -104.37
CA GLY YB 66 -26.15 -52.31 -105.73
C GLY YB 66 -24.71 -52.69 -106.04
N LYS YB 67 -23.82 -51.71 -105.96
CA LYS YB 67 -22.44 -51.89 -106.38
C LYS YB 67 -21.54 -52.07 -105.16
N THR YB 68 -20.79 -53.17 -105.14
CA THR YB 68 -19.69 -53.36 -104.21
C THR YB 68 -18.37 -53.31 -104.97
N THR YB 69 -17.36 -52.73 -104.35
CA THR YB 69 -16.07 -52.50 -105.00
C THR YB 69 -14.95 -53.15 -104.20
N GLY YB 70 -13.91 -53.57 -104.90
CA GLY YB 70 -12.81 -54.25 -104.27
C GLY YB 70 -11.55 -54.24 -105.11
N PHE YB 71 -10.54 -54.95 -104.62
CA PHE YB 71 -9.26 -55.10 -105.30
C PHE YB 71 -9.04 -56.56 -105.66
N GLY YB 72 -8.30 -56.78 -106.74
CA GLY YB 72 -8.01 -58.14 -107.18
C GLY YB 72 -6.67 -58.20 -107.88
N MET YB 73 -6.03 -59.35 -107.74
CA MET YB 73 -4.76 -59.57 -108.38
C MET YB 73 -4.80 -60.89 -109.10
N ILE YB 74 -4.10 -60.96 -110.22
CA ILE YB 74 -4.05 -62.17 -111.04
C ILE YB 74 -2.58 -62.45 -111.31
N TYR YB 75 -2.04 -63.50 -110.69
CA TYR YB 75 -0.64 -63.86 -110.88
C TYR YB 75 -0.45 -64.66 -112.17
N ASP YB 76 0.80 -64.72 -112.61
CA ASP YB 76 1.12 -65.44 -113.84
C ASP YB 76 1.17 -66.94 -113.61
N SER YB 77 1.86 -67.37 -112.55
CA SER YB 77 1.95 -68.78 -112.21
C SER YB 77 1.62 -68.96 -110.74
N LEU YB 78 1.27 -70.19 -110.37
CA LEU YB 78 1.04 -70.52 -108.97
C LEU YB 78 2.35 -70.66 -108.20
N ASP YB 79 3.45 -70.95 -108.91
CA ASP YB 79 4.77 -70.91 -108.29
C ASP YB 79 5.14 -69.50 -107.88
N TYR YB 80 4.79 -68.51 -108.72
CA TYR YB 80 4.96 -67.11 -108.32
C TYR YB 80 3.97 -66.71 -107.24
N ALA YB 81 2.78 -67.32 -107.24
CA ALA YB 81 1.70 -66.86 -106.36
C ALA YB 81 1.97 -67.16 -104.90
N LYS YB 82 2.74 -68.21 -104.62
CA LYS YB 82 3.16 -68.46 -103.25
C LYS YB 82 4.36 -67.63 -102.85
N LYS YB 83 5.09 -67.08 -103.82
CA LYS YB 83 6.36 -66.43 -103.53
C LYS YB 83 6.17 -65.00 -103.05
N ASN YB 84 5.61 -64.14 -103.90
CA ASN YB 84 5.48 -62.71 -103.59
C ASN YB 84 4.03 -62.41 -103.18
N GLU YB 85 3.75 -62.69 -101.90
CA GLU YB 85 2.37 -62.71 -101.44
C GLU YB 85 2.31 -62.61 -99.92
N PRO YB 86 1.40 -61.83 -99.36
CA PRO YB 86 1.12 -61.95 -97.92
C PRO YB 86 0.52 -63.31 -97.59
N LYS YB 87 1.05 -63.94 -96.55
CA LYS YB 87 0.77 -65.34 -96.27
C LYS YB 87 -0.63 -65.56 -95.70
N HIS YB 88 -1.25 -64.52 -95.14
CA HIS YB 88 -2.62 -64.65 -94.67
C HIS YB 88 -3.60 -64.71 -95.83
N ARG YB 89 -3.23 -64.14 -96.97
CA ARG YB 89 -4.10 -64.10 -98.13
C ARG YB 89 -3.99 -65.40 -98.93
N LEU YB 90 -2.91 -66.15 -98.73
CA LEU YB 90 -2.88 -67.55 -99.16
C LEU YB 90 -3.72 -68.43 -98.26
N ALA YB 91 -3.89 -68.04 -97.00
CA ALA YB 91 -4.61 -68.87 -96.04
C ALA YB 91 -6.12 -68.89 -96.27
N ARG YB 92 -6.65 -67.89 -96.98
CA ARG YB 92 -8.09 -67.78 -97.15
C ARG YB 92 -8.65 -68.82 -98.12
N HIS YB 93 -7.78 -69.45 -98.92
CA HIS YB 93 -8.14 -70.66 -99.66
C HIS YB 93 -6.90 -71.53 -99.70
N GLY YB 94 -6.98 -72.70 -99.06
CA GLY YB 94 -5.85 -73.36 -98.45
C GLY YB 94 -4.59 -73.63 -99.26
N LEU YB 95 -3.56 -72.85 -98.96
CA LEU YB 95 -2.21 -73.08 -99.47
C LEU YB 95 -1.14 -72.89 -98.42
N TYR YB 96 -1.46 -72.25 -97.29
CA TYR YB 96 -0.50 -72.00 -96.21
C TYR YB 96 -1.30 -71.75 -94.95
N GLU YB 97 -1.26 -72.68 -94.00
CA GLU YB 97 -2.04 -72.57 -92.78
C GLU YB 97 -1.13 -72.74 -91.58
N LYS YB 98 -1.25 -71.81 -90.62
CA LYS YB 98 -0.47 -71.87 -89.39
C LYS YB 98 -1.22 -72.64 -88.32
N LYS YB 99 -0.49 -73.50 -87.61
CA LYS YB 99 -1.02 -74.26 -86.47
C LYS YB 99 -0.01 -74.06 -85.34
N LYS YB 100 -0.20 -72.98 -84.59
CA LYS YB 100 0.78 -72.61 -83.58
C LYS YB 100 0.08 -71.88 -82.44
N THR YB 101 0.78 -71.79 -81.32
CA THR YB 101 0.22 -71.20 -80.11
C THR YB 101 0.09 -69.70 -80.23
N SER YB 102 -0.59 -69.10 -79.26
CA SER YB 102 -0.67 -67.65 -79.17
C SER YB 102 0.69 -67.06 -78.78
N ARG YB 103 0.82 -65.75 -79.00
CA ARG YB 103 2.07 -65.06 -78.72
C ARG YB 103 2.33 -64.89 -77.24
N LYS YB 104 1.29 -65.00 -76.40
CA LYS YB 104 1.51 -64.89 -74.96
C LYS YB 104 2.11 -66.17 -74.41
N GLN YB 105 1.70 -67.31 -74.96
CA GLN YB 105 2.36 -68.59 -74.69
C GLN YB 105 3.79 -68.59 -75.22
N ARG YB 106 4.02 -67.95 -76.36
CA ARG YB 106 5.31 -68.03 -77.02
C ARG YB 106 6.34 -67.10 -76.38
N LYS YB 107 5.90 -66.02 -75.74
CA LYS YB 107 6.83 -65.11 -75.08
C LYS YB 107 7.26 -65.60 -73.70
N GLU YB 108 6.41 -66.38 -73.02
CA GLU YB 108 6.79 -66.94 -71.74
C GLU YB 108 7.84 -68.03 -71.89
N ARG YB 109 7.84 -68.71 -73.04
CA ARG YB 109 8.93 -69.63 -73.37
C ARG YB 109 10.23 -68.90 -73.61
N LYS YB 110 10.15 -67.74 -74.26
CA LYS YB 110 11.31 -66.93 -74.58
C LYS YB 110 12.02 -66.46 -73.32
N ASN YB 111 11.26 -65.93 -72.38
CA ASN YB 111 11.84 -65.42 -71.14
C ASN YB 111 12.25 -66.53 -70.18
N ARG YB 112 11.93 -67.77 -70.49
CA ARG YB 112 12.33 -68.90 -69.64
CA ARG YB 112 12.33 -68.90 -69.65
C ARG YB 112 13.59 -69.58 -70.16
N MET YB 113 13.78 -69.63 -71.48
CA MET YB 113 15.06 -70.07 -72.04
C MET YB 113 16.17 -69.10 -71.68
N LYS YB 114 15.83 -67.83 -71.49
CA LYS YB 114 16.79 -66.79 -71.14
C LYS YB 114 17.42 -67.03 -69.77
N LYS YB 115 16.73 -67.73 -68.89
CA LYS YB 115 17.23 -68.11 -67.58
C LYS YB 115 18.06 -69.39 -67.60
N VAL YB 116 18.27 -69.99 -68.77
CA VAL YB 116 18.97 -71.25 -68.90
C VAL YB 116 20.14 -71.06 -69.86
N ARG YB 117 21.34 -71.44 -69.44
CA ARG YB 117 22.55 -71.32 -70.22
C ARG YB 117 22.95 -72.67 -70.80
N GLY YB 118 23.30 -72.69 -72.08
CA GLY YB 118 23.85 -73.87 -72.70
C GLY YB 118 22.85 -74.57 -73.62
N THR YB 119 23.21 -75.82 -73.95
CA THR YB 119 22.43 -76.62 -74.88
C THR YB 119 21.09 -77.06 -74.28
N ALA YB 120 20.99 -77.11 -72.94
CA ALA YB 120 19.81 -77.55 -72.19
C ALA YB 120 18.57 -76.62 -72.34
N LYS YB 121 18.60 -75.60 -73.20
CA LYS YB 121 17.40 -74.84 -73.53
C LYS YB 121 16.33 -75.71 -74.17
N ALA YB 122 16.72 -76.74 -74.91
CA ALA YB 122 15.77 -77.63 -75.57
C ALA YB 122 15.00 -78.49 -74.57
N ASN YB 123 15.52 -78.67 -73.35
CA ASN YB 123 14.73 -79.29 -72.29
C ASN YB 123 13.62 -78.36 -71.84
N VAL YB 124 13.96 -77.11 -71.54
CA VAL YB 124 13.00 -76.17 -70.97
C VAL YB 124 12.01 -75.69 -72.01
N GLY YB 125 12.49 -75.31 -73.19
CA GLY YB 125 11.62 -74.72 -74.20
C GLY YB 125 10.68 -75.72 -74.86
N ALA YB 126 11.08 -76.98 -74.95
CA ALA YB 126 10.18 -78.04 -75.36
C ALA YB 126 9.54 -78.74 -74.16
N GLY YB 127 9.61 -78.14 -72.98
CA GLY YB 127 9.10 -78.75 -71.78
C GLY YB 127 7.76 -78.22 -71.33
N LYS YB 128 7.56 -76.90 -71.38
CA LYS YB 128 6.32 -76.29 -70.95
C LYS YB 128 5.53 -75.67 -72.10
N LYS YB 129 5.99 -75.82 -73.33
CA LYS YB 129 5.15 -75.47 -74.48
C LYS YB 129 4.09 -76.54 -74.75
N PRO YB 130 4.37 -77.87 -74.65
CA PRO YB 130 3.24 -78.81 -74.60
C PRO YB 130 2.55 -78.86 -73.24
N LYS YB 131 3.26 -78.62 -72.15
CA LYS YB 131 2.70 -78.70 -70.81
C LYS YB 131 1.76 -77.52 -70.53
N ARG ZB 1 -64.70 35.27 15.76
CA ARG ZB 1 -66.06 34.79 15.58
C ARG ZB 1 -66.14 33.28 15.86
N ASP ZB 2 -66.64 32.92 17.04
CA ASP ZB 2 -66.81 31.53 17.42
C ASP ZB 2 -68.28 31.17 17.61
N LYS ZB 3 -68.98 31.85 18.51
CA LYS ZB 3 -70.37 31.56 18.82
C LYS ZB 3 -71.10 32.86 19.13
N LEU ZB 4 -72.41 32.85 18.96
CA LEU ZB 4 -73.25 33.99 19.34
C LEU ZB 4 -74.23 33.60 20.44
N ASN ZB 5 -75.04 32.59 20.19
CA ASN ZB 5 -76.03 32.13 21.16
C ASN ZB 5 -76.39 33.13 22.25
N ASN ZB 6 -77.31 34.04 21.97
CA ASN ZB 6 -77.72 35.02 22.97
C ASN ZB 6 -79.08 35.64 22.73
N LEU ZB 7 -79.78 35.90 23.85
CA LEU ZB 7 -81.07 36.59 23.93
C LEU ZB 7 -82.39 36.06 23.33
N VAL ZB 8 -83.42 36.06 24.15
CA VAL ZB 8 -84.79 35.70 23.83
C VAL ZB 8 -85.60 36.25 25.01
N LEU ZB 9 -86.66 37.01 24.73
CA LEU ZB 9 -87.49 37.64 25.76
C LEU ZB 9 -86.60 38.43 26.72
N PHE ZB 10 -85.99 39.47 26.18
CA PHE ZB 10 -85.01 40.33 26.84
C PHE ZB 10 -84.87 40.21 28.36
N ASP ZB 11 -83.63 40.06 28.84
CA ASP ZB 11 -83.36 40.35 30.23
C ASP ZB 11 -83.48 41.86 30.47
N LYS ZB 12 -83.71 42.23 31.73
CA LYS ZB 12 -84.12 43.59 32.05
C LYS ZB 12 -82.99 44.59 31.86
N ALA ZB 13 -81.73 44.13 31.93
CA ALA ZB 13 -80.60 45.02 31.69
C ALA ZB 13 -80.46 45.42 30.24
N THR ZB 14 -81.01 44.63 29.32
CA THR ZB 14 -81.04 45.00 27.90
C THR ZB 14 -82.36 45.59 27.45
N TYR ZB 15 -83.47 45.25 28.12
CA TYR ZB 15 -84.76 45.84 27.75
C TYR ZB 15 -84.85 47.29 28.16
N ASP ZB 16 -84.31 47.64 29.34
CA ASP ZB 16 -84.16 49.04 29.69
C ASP ZB 16 -83.14 49.72 28.78
N LYS ZB 17 -82.13 48.97 28.33
CA LYS ZB 17 -81.21 49.47 27.32
C LYS ZB 17 -81.90 49.58 25.96
N LEU ZB 18 -82.87 48.70 25.68
CA LEU ZB 18 -83.60 48.75 24.42
C LEU ZB 18 -84.43 50.04 24.33
N CYS ZB 19 -85.37 50.21 25.26
CA CYS ZB 19 -86.36 51.29 25.20
C CYS ZB 19 -85.79 52.69 25.40
N LYS ZB 20 -84.48 52.85 25.61
CA LYS ZB 20 -83.88 54.16 25.72
C LYS ZB 20 -82.99 54.49 24.52
N GLU ZB 21 -81.98 53.67 24.23
CA GLU ZB 21 -80.97 54.10 23.27
C GLU ZB 21 -81.24 53.62 21.85
N VAL ZB 22 -82.08 52.61 21.65
CA VAL ZB 22 -82.37 52.20 20.28
C VAL ZB 22 -83.33 53.17 19.58
N PRO ZB 23 -84.27 53.97 20.23
CA PRO ZB 23 -84.95 54.98 19.41
C PRO ZB 23 -84.15 56.27 19.20
N ASN ZB 24 -82.85 56.25 19.49
CA ASN ZB 24 -82.03 57.44 19.44
C ASN ZB 24 -81.25 57.59 18.13
N TYR ZB 25 -80.76 56.50 17.55
CA TYR ZB 25 -79.83 56.60 16.43
C TYR ZB 25 -80.50 56.24 15.11
N LYS ZB 26 -79.72 56.36 14.02
CA LYS ZB 26 -80.25 56.61 12.70
C LYS ZB 26 -80.84 55.34 12.06
N LEU ZB 27 -79.99 54.36 11.77
CA LEU ZB 27 -80.44 53.16 11.07
C LEU ZB 27 -80.99 52.16 12.08
N ILE ZB 28 -82.29 51.90 12.00
CA ILE ZB 28 -82.94 50.92 12.86
C ILE ZB 28 -83.49 49.83 11.96
N THR ZB 29 -82.92 48.63 12.07
CA THR ZB 29 -83.29 47.50 11.26
C THR ZB 29 -83.15 46.30 12.19
N PRO ZB 30 -84.02 45.28 12.06
CA PRO ZB 30 -83.86 44.07 12.90
C PRO ZB 30 -82.58 43.28 12.67
N ALA ZB 31 -81.83 43.54 11.60
CA ALA ZB 31 -80.54 42.91 11.43
C ALA ZB 31 -79.40 43.72 12.03
N VAL ZB 32 -79.57 45.03 12.19
CA VAL ZB 32 -78.50 45.87 12.73
C VAL ZB 32 -78.62 46.03 14.25
N VAL ZB 33 -79.79 45.78 14.83
CA VAL ZB 33 -79.93 45.81 16.28
C VAL ZB 33 -79.84 44.42 16.89
N SER ZB 34 -79.86 43.40 16.06
CA SER ZB 34 -79.71 42.05 16.53
C SER ZB 34 -78.23 41.84 16.86
N GLU ZB 35 -77.36 42.27 15.95
CA GLU ZB 35 -75.92 42.17 16.16
C GLU ZB 35 -75.45 43.17 17.20
N ARG ZB 36 -76.16 44.31 17.25
CA ARG ZB 36 -75.89 45.44 18.12
C ARG ZB 36 -75.80 45.09 19.58
N LEU ZB 37 -76.95 44.81 20.19
CA LEU ZB 37 -76.99 44.43 21.60
C LEU ZB 37 -76.64 42.96 21.67
N LYS ZB 38 -77.66 42.13 21.69
CA LYS ZB 38 -77.52 40.68 21.73
C LYS ZB 38 -78.77 39.95 21.30
N ILE ZB 39 -79.86 40.70 21.09
CA ILE ZB 39 -81.16 40.18 20.65
C ILE ZB 39 -80.96 39.21 19.51
N ARG ZB 40 -81.42 37.98 19.68
CA ARG ZB 40 -81.28 36.90 18.69
C ARG ZB 40 -81.50 37.31 17.26
N GLY ZB 41 -82.75 37.52 16.94
CA GLY ZB 41 -83.09 37.90 15.59
C GLY ZB 41 -84.58 38.15 15.46
N SER ZB 42 -85.36 37.25 16.04
CA SER ZB 42 -86.81 37.39 15.98
C SER ZB 42 -87.26 38.50 16.92
N LEU ZB 43 -86.69 38.55 18.12
CA LEU ZB 43 -87.07 39.60 19.05
C LEU ZB 43 -87.09 40.95 18.35
N ALA ZB 44 -86.09 41.21 17.51
CA ALA ZB 44 -85.94 42.51 16.87
C ALA ZB 44 -87.02 42.79 15.84
N ARG ZB 45 -87.63 41.75 15.25
CA ARG ZB 45 -88.82 41.98 14.45
C ARG ZB 45 -90.04 42.19 15.33
N ALA ZB 46 -90.02 41.68 16.56
CA ALA ZB 46 -91.15 41.78 17.45
C ALA ZB 46 -91.04 42.97 18.40
N ALA ZB 47 -89.83 43.29 18.85
CA ALA ZB 47 -89.66 44.45 19.73
C ALA ZB 47 -89.84 45.76 18.97
N LEU ZB 48 -89.20 45.87 17.80
CA LEU ZB 48 -89.24 47.13 17.06
C LEU ZB 48 -90.59 47.45 16.47
N GLN ZB 49 -91.51 46.50 16.40
CA GLN ZB 49 -92.85 46.81 15.92
C GLN ZB 49 -93.81 47.21 17.03
N GLU ZB 50 -93.53 46.82 18.28
CA GLU ZB 50 -94.33 47.33 19.39
C GLU ZB 50 -93.82 48.68 19.90
N LEU ZB 51 -92.67 49.14 19.41
CA LEU ZB 51 -92.28 50.53 19.54
C LEU ZB 51 -92.97 51.43 18.52
N LEU ZB 52 -93.74 50.85 17.60
CA LEU ZB 52 -94.71 51.60 16.82
C LEU ZB 52 -96.07 51.68 17.50
N SER ZB 53 -96.25 50.95 18.59
CA SER ZB 53 -97.38 51.21 19.48
C SER ZB 53 -97.09 52.40 20.38
N LYS ZB 54 -95.85 52.47 20.90
CA LYS ZB 54 -95.42 53.61 21.69
C LYS ZB 54 -95.07 54.81 20.83
N GLY ZB 55 -94.86 54.61 19.53
CA GLY ZB 55 -94.65 55.71 18.62
C GLY ZB 55 -93.32 56.41 18.70
N LEU ZB 56 -92.30 55.77 19.29
CA LEU ZB 56 -90.97 56.36 19.31
C LEU ZB 56 -90.15 56.05 18.06
N ILE ZB 57 -90.74 55.38 17.07
CA ILE ZB 57 -90.03 54.87 15.91
C ILE ZB 57 -90.86 55.20 14.67
N LYS ZB 58 -90.22 55.80 13.67
CA LYS ZB 58 -90.87 56.15 12.41
C LYS ZB 58 -90.57 55.09 11.35
N LEU ZB 59 -91.60 54.69 10.62
CA LEU ZB 59 -91.48 53.67 9.59
C LEU ZB 59 -90.97 54.27 8.28
N VAL ZB 60 -90.17 53.48 7.55
CA VAL ZB 60 -89.62 53.95 6.28
C VAL ZB 60 -90.10 53.08 5.13
N SER ZB 61 -89.81 51.78 5.16
CA SER ZB 61 -90.00 50.94 3.98
C SER ZB 61 -91.09 49.88 4.14
N LYS ZB 62 -90.97 48.99 5.13
CA LYS ZB 62 -91.89 47.88 5.39
C LYS ZB 62 -92.03 46.97 4.17
N HIS ZB 63 -90.93 46.27 3.89
CA HIS ZB 63 -90.93 45.21 2.89
C HIS ZB 63 -90.85 43.86 3.59
N ARG ZB 64 -91.24 42.79 2.87
CA ARG ZB 64 -91.24 41.45 3.44
C ARG ZB 64 -89.85 40.91 3.70
N ALA ZB 65 -88.82 41.43 3.03
CA ALA ZB 65 -87.46 40.95 3.23
C ALA ZB 65 -86.65 41.86 4.13
N GLN ZB 66 -87.10 43.09 4.35
CA GLN ZB 66 -86.39 44.04 5.18
C GLN ZB 66 -87.37 45.11 5.64
N VAL ZB 67 -87.34 45.43 6.93
CA VAL ZB 67 -88.17 46.49 7.49
C VAL ZB 67 -87.24 47.57 8.04
N ILE ZB 68 -87.21 48.71 7.34
CA ILE ZB 68 -86.31 49.79 7.67
C ILE ZB 68 -87.04 50.77 8.57
N TYR ZB 69 -86.45 51.06 9.73
CA TYR ZB 69 -86.97 52.05 10.65
C TYR ZB 69 -85.92 53.14 10.82
N THR ZB 70 -86.27 54.17 11.58
CA THR ZB 70 -85.34 55.27 11.83
C THR ZB 70 -85.65 55.90 13.17
N ARG ZB 71 -84.84 56.89 13.55
CA ARG ZB 71 -85.13 57.68 14.74
C ARG ZB 71 -86.35 58.56 14.51
N ASN ZB 72 -87.01 58.92 15.59
CA ASN ZB 72 -88.23 59.71 15.49
C ASN ZB 72 -87.88 61.15 15.13
N THR ZB 73 -88.89 61.88 14.65
CA THR ZB 73 -88.69 63.19 14.04
C THR ZB 73 -88.23 64.21 15.08
N LYS ZB 74 -87.09 64.85 14.82
CA LYS ZB 74 -86.57 65.93 15.65
C LYS ZB 74 -86.47 67.19 14.80
N GLY ZB 75 -86.95 68.31 15.34
CA GLY ZB 75 -86.91 69.57 14.63
C GLY ZB 75 -87.58 70.71 15.37
N PRO AC 1 -19.84 38.63 -84.36
CA PRO AC 1 -20.30 38.67 -85.74
C PRO AC 1 -19.61 37.63 -86.62
N LEU AC 2 -20.34 37.09 -87.60
CA LEU AC 2 -19.85 36.08 -88.51
C LEU AC 2 -19.31 36.68 -89.80
N ALA AC 3 -18.83 37.91 -89.77
CA ALA AC 3 -18.69 38.74 -90.96
C ALA AC 3 -17.30 39.28 -91.22
N LYS AC 4 -16.39 39.20 -90.24
CA LYS AC 4 -15.14 39.95 -90.31
C LYS AC 4 -14.20 39.41 -91.37
N ASP AC 5 -13.65 40.31 -92.19
CA ASP AC 5 -12.57 39.98 -93.10
C ASP AC 5 -11.28 40.05 -92.29
N LEU AC 6 -10.77 38.88 -91.90
CA LEU AC 6 -9.62 38.83 -91.00
C LEU AC 6 -8.32 39.19 -91.67
N LEU AC 7 -8.24 39.13 -92.99
CA LEU AC 7 -7.00 39.41 -93.70
C LEU AC 7 -6.97 40.78 -94.34
N HIS AC 8 -8.06 41.55 -94.25
CA HIS AC 8 -8.05 42.98 -94.54
C HIS AC 8 -8.72 43.73 -93.40
N PRO AC 9 -7.99 44.01 -92.33
CA PRO AC 9 -8.56 44.77 -91.22
C PRO AC 9 -8.39 46.28 -91.41
N SER AC 10 -9.25 47.02 -90.71
CA SER AC 10 -9.23 48.47 -90.80
C SER AC 10 -7.97 49.03 -90.13
N PRO AC 11 -7.44 50.16 -90.60
CA PRO AC 11 -6.19 50.68 -90.02
C PRO AC 11 -6.36 51.31 -88.65
N GLU AC 12 -7.59 51.57 -88.21
CA GLU AC 12 -7.79 52.09 -86.86
C GLU AC 12 -7.95 50.99 -85.84
N GLU AC 13 -8.35 49.79 -86.27
CA GLU AC 13 -8.37 48.64 -85.37
C GLU AC 13 -6.96 48.11 -85.12
N GLU AC 14 -6.09 48.17 -86.13
CA GLU AC 14 -4.77 47.55 -86.00
C GLU AC 14 -3.80 48.38 -85.17
N LYS AC 15 -4.04 49.67 -84.99
CA LYS AC 15 -3.23 50.39 -84.02
C LYS AC 15 -3.86 50.38 -82.63
N ARG AC 16 -5.10 49.94 -82.53
CA ARG AC 16 -5.72 49.86 -81.23
C ARG AC 16 -5.23 48.63 -80.49
N LYS AC 17 -4.84 47.61 -81.24
CA LYS AC 17 -4.47 46.32 -80.65
C LYS AC 17 -3.05 46.39 -80.06
N HIS AC 18 -2.56 45.24 -79.63
CA HIS AC 18 -1.24 45.12 -79.02
C HIS AC 18 -0.17 45.29 -80.10
N LYS AC 19 1.09 45.41 -79.67
CA LYS AC 19 2.16 45.38 -80.67
C LYS AC 19 2.42 43.96 -81.17
N LYS AC 20 2.07 42.96 -80.38
CA LYS AC 20 1.85 41.60 -80.87
C LYS AC 20 0.42 41.54 -81.40
N LYS AC 21 -0.09 40.34 -81.66
CA LYS AC 21 -1.50 40.05 -81.93
C LYS AC 21 -2.07 40.72 -83.19
N ARG AC 22 -1.24 41.41 -83.95
CA ARG AC 22 -1.68 42.05 -85.18
C ARG AC 22 -1.58 41.10 -86.37
N LEU AC 23 -2.14 41.46 -87.51
CA LEU AC 23 -2.09 40.58 -88.67
C LEU AC 23 -0.64 40.34 -89.07
N VAL AC 24 0.20 41.37 -88.98
CA VAL AC 24 1.65 41.25 -88.96
C VAL AC 24 2.16 42.22 -87.90
N GLN AC 25 3.07 41.78 -87.06
CA GLN AC 25 3.38 42.53 -85.86
C GLN AC 25 4.39 43.63 -86.18
N SER AC 26 4.36 44.68 -85.37
CA SER AC 26 5.13 45.88 -85.64
C SER AC 26 5.24 46.67 -84.35
N PRO AC 27 6.37 47.31 -84.09
CA PRO AC 27 6.52 48.07 -82.86
C PRO AC 27 5.70 49.35 -82.87
N ASN AC 28 5.41 49.84 -81.68
CA ASN AC 28 4.78 51.14 -81.48
C ASN AC 28 5.81 52.24 -81.31
N SER AC 29 7.06 51.98 -81.65
CA SER AC 29 8.18 52.86 -81.36
C SER AC 29 8.55 53.67 -82.59
N TYR AC 30 9.44 54.63 -82.37
CA TYR AC 30 9.94 55.51 -83.42
C TYR AC 30 11.24 56.14 -82.94
N PHE AC 31 12.00 56.65 -83.89
CA PHE AC 31 13.18 57.45 -83.58
C PHE AC 31 12.86 58.92 -83.81
N MET AC 32 13.39 59.77 -82.95
CA MET AC 32 13.03 61.18 -82.97
C MET AC 32 14.27 62.06 -83.03
N ASP AC 33 14.18 63.11 -83.84
CA ASP AC 33 15.21 64.14 -83.90
C ASP AC 33 14.91 65.23 -82.88
N VAL AC 34 15.88 65.53 -82.04
CA VAL AC 34 15.72 66.53 -80.98
C VAL AC 34 16.69 67.66 -81.25
N LYS AC 35 16.16 68.82 -81.62
CA LYS AC 35 16.96 70.04 -81.72
C LYS AC 35 16.92 70.77 -80.38
N CYS AC 36 18.09 70.89 -79.75
CA CYS AC 36 18.20 71.64 -78.51
C CYS AC 36 18.45 73.10 -78.83
N PRO AC 37 17.64 74.03 -78.31
CA PRO AC 37 17.86 75.46 -78.60
C PRO AC 37 19.16 75.95 -77.96
N GLY AC 38 20.02 76.55 -78.78
CA GLY AC 38 21.38 76.83 -78.38
C GLY AC 38 22.36 75.74 -78.75
N CYS AC 39 21.97 74.81 -79.62
CA CYS AC 39 22.84 73.72 -80.04
C CYS AC 39 22.60 73.41 -81.51
N TYR AC 40 23.69 73.23 -82.24
CA TYR AC 40 23.63 72.93 -83.67
C TYR AC 40 23.30 71.48 -83.95
N LYS AC 41 23.52 70.58 -82.99
CA LYS AC 41 23.54 69.16 -83.23
C LYS AC 41 22.13 68.57 -83.26
N ILE AC 42 22.03 67.39 -83.88
CA ILE AC 42 20.79 66.62 -83.95
C ILE AC 42 21.07 65.21 -83.46
N THR AC 43 20.33 64.78 -82.45
CA THR AC 43 20.41 63.42 -81.92
C THR AC 43 19.26 62.62 -82.51
N THR AC 44 19.44 61.31 -82.62
CA THR AC 44 18.44 60.43 -83.21
C THR AC 44 17.94 59.47 -82.13
N VAL AC 45 17.59 60.04 -80.98
CA VAL AC 45 17.26 59.28 -79.78
C VAL AC 45 16.00 58.46 -79.96
N PHE AC 46 16.02 57.23 -79.45
CA PHE AC 46 14.88 56.33 -79.45
C PHE AC 46 13.78 56.87 -78.54
N SER AC 47 12.53 56.57 -78.88
CA SER AC 47 11.39 57.14 -78.16
C SER AC 47 11.23 56.54 -76.77
N HIS AC 48 11.24 55.21 -76.69
CA HIS AC 48 11.13 54.51 -75.41
C HIS AC 48 12.53 54.27 -74.83
N ALA AC 49 13.27 55.36 -74.67
CA ALA AC 49 14.67 55.29 -74.30
C ALA AC 49 14.83 54.92 -72.83
N GLN AC 50 15.99 54.36 -72.51
CA GLN AC 50 16.33 53.90 -71.18
C GLN AC 50 17.56 54.60 -70.61
N THR AC 51 18.52 54.95 -71.45
CA THR AC 51 19.71 55.67 -71.02
C THR AC 51 19.38 57.15 -70.88
N VAL AC 52 19.91 57.78 -69.83
CA VAL AC 52 19.84 59.22 -69.71
C VAL AC 52 20.74 59.81 -70.78
N VAL AC 53 20.14 60.30 -71.86
CA VAL AC 53 20.89 60.74 -73.03
C VAL AC 53 21.43 62.14 -72.78
N LEU AC 54 22.70 62.34 -73.10
CA LEU AC 54 23.31 63.66 -73.01
C LEU AC 54 23.71 64.07 -74.43
N CYS AC 55 23.63 65.37 -74.73
CA CYS AC 55 23.98 65.87 -76.06
C CYS AC 55 25.41 65.56 -76.52
N VAL AC 56 25.58 65.45 -77.84
CA VAL AC 56 26.87 65.16 -78.46
C VAL AC 56 28.00 66.04 -77.94
N GLY AC 57 27.98 67.32 -78.28
CA GLY AC 57 28.99 68.22 -77.76
C GLY AC 57 28.47 69.11 -76.65
N CYS AC 58 27.17 69.39 -76.68
CA CYS AC 58 26.56 70.22 -75.65
C CYS AC 58 26.42 69.41 -74.36
N SER AC 59 26.82 70.03 -73.24
CA SER AC 59 26.82 69.33 -71.96
C SER AC 59 25.50 69.61 -71.22
N THR AC 60 24.42 69.10 -71.79
CA THR AC 60 23.11 69.20 -71.15
C THR AC 60 22.39 67.86 -71.24
N VAL AC 61 21.45 67.67 -70.31
CA VAL AC 61 20.59 66.48 -70.35
C VAL AC 61 19.58 66.65 -71.48
N LEU AC 62 19.22 65.54 -72.12
CA LEU AC 62 18.40 65.62 -73.30
C LEU AC 62 17.08 64.88 -73.16
N CYS AC 63 17.07 63.70 -72.54
CA CYS AC 63 15.83 63.02 -72.22
C CYS AC 63 15.99 62.27 -70.90
N GLN AC 64 14.86 62.06 -70.23
CA GLN AC 64 14.79 61.30 -68.99
C GLN AC 64 14.03 60.01 -69.22
N PRO AC 65 14.56 58.87 -68.79
CA PRO AC 65 13.82 57.62 -68.92
C PRO AC 65 12.68 57.54 -67.92
N THR AC 66 11.59 56.92 -68.36
CA THR AC 66 10.35 56.84 -67.58
C THR AC 66 9.88 55.38 -67.69
N GLY AC 67 8.63 55.12 -67.30
CA GLY AC 67 8.15 53.75 -67.31
C GLY AC 67 7.94 53.19 -68.70
N GLY AC 68 7.32 53.97 -69.58
CA GLY AC 68 7.11 53.48 -70.93
C GLY AC 68 7.79 54.25 -72.03
N LYS AC 69 7.89 55.57 -71.87
CA LYS AC 69 8.34 56.43 -72.95
C LYS AC 69 9.16 57.56 -72.35
N ALA AC 70 10.28 57.90 -73.00
CA ALA AC 70 11.25 58.81 -72.42
C ALA AC 70 10.71 60.23 -72.37
N ARG AC 71 10.73 60.82 -71.18
CA ARG AC 71 10.35 62.22 -70.99
C ARG AC 71 11.47 63.12 -71.44
N LEU AC 72 11.22 63.92 -72.47
CA LEU AC 72 12.18 64.94 -72.88
C LEU AC 72 12.23 66.06 -71.83
N THR AC 73 13.26 66.90 -71.96
CA THR AC 73 13.47 68.01 -71.05
C THR AC 73 12.57 69.19 -71.41
N GLU AC 74 12.89 70.38 -70.89
CA GLU AC 74 12.16 71.59 -71.23
C GLU AC 74 12.33 71.94 -72.71
N GLY AC 75 11.56 72.94 -73.14
CA GLY AC 75 11.17 73.15 -74.54
C GLY AC 75 12.23 73.05 -75.63
N CYS AC 76 12.09 72.01 -76.45
CA CYS AC 76 13.02 71.70 -77.51
C CYS AC 76 12.24 71.01 -78.61
N SER AC 77 12.83 70.98 -79.82
CA SER AC 77 12.11 70.47 -80.97
C SER AC 77 11.97 68.95 -80.92
N PHE AC 78 11.20 68.42 -81.87
CA PHE AC 78 10.79 67.02 -81.84
C PHE AC 78 10.35 66.65 -83.25
N ARG AC 79 11.10 65.76 -83.91
CA ARG AC 79 10.83 65.38 -85.30
C ARG AC 79 10.85 63.86 -85.39
N ARG AC 80 9.68 63.26 -85.58
CA ARG AC 80 9.62 61.85 -85.91
C ARG AC 80 10.07 61.65 -87.34
N LYS AC 81 10.94 60.67 -87.57
CA LYS AC 81 11.66 60.56 -88.83
C LYS AC 81 11.38 59.23 -89.52
N GLN AC 82 10.65 59.32 -90.64
CA GLN AC 82 10.41 58.22 -91.60
C GLN AC 82 9.72 57.01 -90.95
N HIS AC 83 8.87 57.31 -89.96
CA HIS AC 83 7.94 56.35 -89.34
C HIS AC 83 8.56 55.10 -88.74
N VAL BC 1 -27.01 -26.46 -29.40
CA VAL BC 1 -28.06 -26.79 -30.36
C VAL BC 1 -29.43 -26.68 -29.69
N HIS BC 2 -30.30 -25.86 -30.27
CA HIS BC 2 -31.64 -25.69 -29.73
C HIS BC 2 -32.54 -26.92 -29.96
N GLY BC 3 -32.20 -27.76 -30.93
CA GLY BC 3 -32.83 -29.06 -31.06
C GLY BC 3 -34.26 -29.07 -31.55
N SER BC 4 -34.73 -27.98 -32.16
CA SER BC 4 -36.10 -27.88 -32.64
C SER BC 4 -36.25 -28.31 -34.09
N LEU BC 5 -35.40 -29.22 -34.57
CA LEU BC 5 -35.50 -29.77 -35.91
C LEU BC 5 -36.28 -31.07 -35.96
N ALA BC 6 -37.18 -31.29 -35.00
CA ALA BC 6 -37.96 -32.52 -34.97
C ALA BC 6 -39.03 -32.55 -36.05
N ARG BC 7 -39.54 -31.40 -36.46
CA ARG BC 7 -40.64 -31.34 -37.41
C ARG BC 7 -40.15 -31.26 -38.86
N ALA BC 8 -39.21 -32.12 -39.22
CA ALA BC 8 -38.69 -32.14 -40.58
C ALA BC 8 -39.59 -33.01 -41.46
N GLY BC 9 -39.93 -32.51 -42.65
CA GLY BC 9 -40.86 -33.21 -43.50
C GLY BC 9 -42.29 -33.13 -43.00
N LYS BC 10 -42.70 -31.95 -42.52
CA LYS BC 10 -44.02 -31.81 -41.93
C LYS BC 10 -45.11 -31.85 -43.00
N VAL BC 11 -44.98 -31.04 -44.04
CA VAL BC 11 -46.05 -30.94 -45.04
C VAL BC 11 -45.98 -32.00 -46.11
N ARG BC 12 -44.89 -32.75 -46.20
CA ARG BC 12 -44.81 -33.79 -47.22
C ARG BC 12 -45.46 -35.08 -46.75
N GLY BC 13 -45.61 -35.27 -45.46
CA GLY BC 13 -46.35 -36.40 -44.94
C GLY BC 13 -47.84 -36.10 -44.86
N GLN BC 14 -48.16 -34.85 -44.53
CA GLN BC 14 -49.56 -34.46 -44.36
C GLN BC 14 -50.31 -34.29 -45.66
N THR BC 15 -49.61 -34.22 -46.80
CA THR BC 15 -50.32 -34.03 -48.07
C THR BC 15 -51.03 -35.31 -48.47
N PRO BC 16 -52.23 -35.22 -49.04
CA PRO BC 16 -52.94 -36.44 -49.46
C PRO BC 16 -52.28 -37.04 -50.69
N LYS BC 17 -51.94 -38.32 -50.59
CA LYS BC 17 -51.35 -39.06 -51.70
C LYS BC 17 -52.37 -39.22 -52.82
N VAL BC 18 -52.07 -38.63 -53.97
CA VAL BC 18 -52.95 -38.66 -55.14
C VAL BC 18 -52.25 -39.46 -56.22
N ALA BC 19 -52.98 -40.42 -56.81
CA ALA BC 19 -52.43 -41.25 -57.86
C ALA BC 19 -52.19 -40.44 -59.12
N LYS BC 20 -51.00 -40.61 -59.71
CA LYS BC 20 -50.71 -40.07 -61.03
C LYS BC 20 -51.65 -40.68 -62.05
N GLN BC 21 -52.49 -39.85 -62.66
CA GLN BC 21 -53.47 -40.34 -63.61
C GLN BC 21 -52.81 -40.88 -64.86
N GLU BC 22 -53.35 -41.99 -65.36
CA GLU BC 22 -52.91 -42.54 -66.63
C GLU BC 22 -53.25 -41.58 -67.75
N LYS BC 23 -52.39 -41.52 -68.75
CA LYS BC 23 -52.51 -40.56 -69.82
C LYS BC 23 -52.35 -41.25 -71.16
N LYS BC 24 -53.02 -40.70 -72.17
CA LYS BC 24 -52.60 -40.94 -73.54
C LYS BC 24 -51.21 -40.36 -73.71
N LYS BC 25 -50.32 -41.12 -74.36
CA LYS BC 25 -48.95 -40.66 -74.50
C LYS BC 25 -48.88 -39.47 -75.45
N LYS BC 26 -47.89 -38.63 -75.22
CA LYS BC 26 -47.73 -37.41 -75.98
C LYS BC 26 -46.83 -37.66 -77.18
N LYS BC 27 -47.11 -36.94 -78.27
CA LYS BC 27 -46.28 -37.02 -79.45
C LYS BC 27 -44.90 -36.43 -79.14
N THR BC 28 -43.86 -37.08 -79.63
CA THR BC 28 -42.51 -36.63 -79.39
C THR BC 28 -41.71 -36.62 -80.68
N GLY BC 29 -40.71 -35.75 -80.71
CA GLY BC 29 -39.87 -35.61 -81.88
C GLY BC 29 -40.36 -34.52 -82.81
N ARG BC 30 -40.37 -34.83 -84.10
CA ARG BC 30 -40.90 -33.91 -85.10
C ARG BC 30 -42.39 -33.68 -84.91
N ALA BC 31 -43.16 -34.73 -84.62
CA ALA BC 31 -44.61 -34.65 -84.56
C ALA BC 31 -45.13 -33.88 -83.35
N LYS BC 32 -44.27 -33.55 -82.39
CA LYS BC 32 -44.67 -32.60 -81.36
C LYS BC 32 -44.58 -31.17 -81.89
N ARG BC 33 -43.55 -30.89 -82.69
CA ARG BC 33 -43.43 -29.59 -83.35
C ARG BC 33 -44.49 -29.39 -84.41
N ARG BC 34 -45.02 -30.47 -84.98
CA ARG BC 34 -46.11 -30.35 -85.95
C ARG BC 34 -47.41 -29.96 -85.26
N MET BC 35 -47.72 -30.59 -84.13
CA MET BC 35 -49.01 -30.35 -83.50
C MET BC 35 -49.05 -29.04 -82.71
N GLN BC 36 -47.90 -28.42 -82.44
CA GLN BC 36 -47.91 -27.10 -81.82
C GLN BC 36 -47.67 -25.99 -82.82
N TYR BC 37 -47.19 -26.31 -84.02
CA TYR BC 37 -47.27 -25.34 -85.11
C TYR BC 37 -48.71 -25.12 -85.53
N ASN BC 38 -49.51 -26.20 -85.60
CA ASN BC 38 -50.92 -26.08 -85.94
C ASN BC 38 -51.70 -25.39 -84.81
N ARG BC 39 -51.24 -25.54 -83.58
CA ARG BC 39 -51.96 -24.99 -82.43
C ARG BC 39 -51.66 -23.51 -82.21
N ARG BC 40 -50.67 -22.95 -82.92
CA ARG BC 40 -50.28 -21.57 -82.69
C ARG BC 40 -50.39 -20.68 -83.91
N PHE BC 41 -50.36 -21.23 -85.13
CA PHE BC 41 -50.39 -20.40 -86.32
C PHE BC 41 -51.57 -20.68 -87.23
N VAL BC 42 -51.95 -21.94 -87.42
CA VAL BC 42 -53.09 -22.27 -88.29
C VAL BC 42 -54.31 -22.27 -87.38
N ASN BC 43 -54.83 -21.07 -87.12
CA ASN BC 43 -55.97 -20.88 -86.22
C ASN BC 43 -56.70 -19.61 -86.59
N VAL BC 44 -58.02 -19.64 -86.37
CA VAL BC 44 -58.85 -18.45 -86.30
C VAL BC 44 -59.63 -18.53 -84.99
N VAL BC 45 -59.35 -17.62 -84.07
CA VAL BC 45 -60.04 -17.60 -82.78
C VAL BC 45 -61.44 -17.06 -82.98
N PRO BC 46 -62.49 -17.82 -82.63
CA PRO BC 46 -63.87 -17.37 -82.86
C PRO BC 46 -64.30 -16.19 -82.00
N THR BC 47 -64.09 -16.31 -80.69
CA THR BC 47 -64.59 -15.34 -79.73
C THR BC 47 -63.52 -14.29 -79.41
N PHE BC 48 -63.82 -13.43 -78.43
CA PHE BC 48 -62.93 -12.37 -77.98
C PHE BC 48 -62.37 -12.73 -76.60
N GLY BC 49 -61.63 -11.79 -76.02
CA GLY BC 49 -60.94 -12.00 -74.76
C GLY BC 49 -59.57 -11.38 -74.75
N LYS BC 50 -59.22 -10.73 -75.87
CA LYS BC 50 -57.94 -10.06 -76.11
C LYS BC 50 -56.77 -11.05 -76.00
N LYS BC 51 -57.02 -12.28 -76.47
CA LYS BC 51 -56.02 -13.32 -76.77
C LYS BC 51 -55.19 -13.69 -75.53
N LYS BC 52 -55.88 -14.26 -74.55
CA LYS BC 52 -55.20 -14.81 -73.39
C LYS BC 52 -54.44 -16.07 -73.79
N GLY BC 53 -53.36 -16.35 -73.05
CA GLY BC 53 -52.37 -17.33 -73.44
C GLY BC 53 -52.81 -18.78 -73.45
N PRO BC 54 -51.84 -19.70 -73.61
CA PRO BC 54 -52.18 -21.10 -73.92
C PRO BC 54 -52.73 -21.89 -72.73
N ASN BC 55 -52.41 -21.49 -71.51
CA ASN BC 55 -52.83 -22.21 -70.32
C ASN BC 55 -53.90 -21.41 -69.57
N ALA BC 56 -54.80 -20.77 -70.32
CA ALA BC 56 -55.81 -19.91 -69.73
C ALA BC 56 -56.83 -20.71 -68.93
N ASN BC 57 -57.43 -20.04 -67.94
CA ASN BC 57 -58.47 -20.64 -67.09
C ASN BC 57 -59.64 -19.66 -67.06
N SER BC 58 -60.53 -19.78 -68.03
CA SER BC 58 -61.69 -18.90 -68.09
C SER BC 58 -62.98 -19.67 -67.86
N TYR CC 1 -71.34 -30.42 -22.46
CA TYR CC 1 -70.24 -31.32 -22.14
C TYR CC 1 -70.29 -31.74 -20.68
N THR CC 2 -71.45 -31.54 -20.05
CA THR CC 2 -71.61 -31.89 -18.64
C THR CC 2 -71.84 -33.37 -18.46
N THR CC 3 -72.74 -33.95 -19.29
CA THR CC 3 -73.22 -35.33 -19.29
C THR CC 3 -73.72 -35.76 -17.90
N PRO CC 4 -74.91 -35.31 -17.45
CA PRO CC 4 -75.44 -35.83 -16.18
C PRO CC 4 -76.25 -37.10 -16.36
N LYS CC 5 -76.83 -37.30 -17.53
CA LYS CC 5 -77.74 -38.43 -17.78
C LYS CC 5 -77.44 -39.15 -19.09
N LYS CC 6 -76.84 -38.48 -20.07
CA LYS CC 6 -76.26 -38.97 -21.34
C LYS CC 6 -77.33 -39.35 -22.37
N ASN CC 7 -78.59 -39.46 -21.96
CA ASN CC 7 -79.65 -39.92 -22.83
C ASN CC 7 -81.00 -39.71 -22.13
N LYS CC 8 -82.00 -39.28 -22.89
CA LYS CC 8 -83.40 -39.30 -22.47
C LYS CC 8 -84.22 -39.89 -23.62
N HIS CC 9 -83.84 -41.12 -23.98
CA HIS CC 9 -84.34 -41.94 -25.10
C HIS CC 9 -85.84 -41.79 -25.36
N LYS CC 10 -86.17 -41.55 -26.63
CA LYS CC 10 -87.51 -41.17 -27.04
C LYS CC 10 -88.45 -42.38 -27.01
N ARG CC 11 -89.73 -42.10 -26.78
CA ARG CC 11 -90.77 -43.12 -26.71
C ARG CC 11 -90.93 -43.82 -28.05
N LYS CC 12 -91.06 -45.15 -28.00
CA LYS CC 12 -91.32 -45.98 -29.18
C LYS CC 12 -92.64 -46.69 -28.98
N LYS CC 13 -93.51 -46.63 -29.98
CA LYS CC 13 -94.81 -47.28 -29.91
C LYS CC 13 -94.65 -48.78 -30.08
N VAL CC 14 -95.38 -49.55 -29.25
CA VAL CC 14 -95.14 -50.99 -29.13
C VAL CC 14 -95.64 -51.79 -30.32
N LYS CC 15 -96.39 -51.17 -31.24
CA LYS CC 15 -96.65 -51.66 -32.60
C LYS CC 15 -97.38 -53.02 -32.58
N LEU CC 16 -98.61 -52.97 -32.09
CA LEU CC 16 -99.45 -54.16 -32.05
C LEU CC 16 -99.92 -54.48 -33.46
N ALA CC 17 -99.93 -55.78 -33.79
CA ALA CC 17 -100.10 -56.27 -35.16
C ALA CC 17 -101.46 -55.96 -35.78
N VAL CC 18 -102.54 -56.54 -35.24
CA VAL CC 18 -103.82 -56.53 -35.91
C VAL CC 18 -104.82 -55.71 -35.11
N LEU CC 19 -106.03 -55.58 -35.66
CA LEU CC 19 -107.06 -54.74 -35.04
C LEU CC 19 -107.76 -55.49 -33.92
N LYS CC 20 -108.58 -56.48 -34.29
CA LYS CC 20 -109.16 -57.53 -33.44
C LYS CC 20 -109.77 -57.03 -32.12
N TYR CC 21 -110.76 -56.14 -32.25
CA TYR CC 21 -111.53 -55.76 -31.07
C TYR CC 21 -112.78 -56.61 -30.90
N TYR CC 22 -113.26 -57.24 -31.96
CA TYR CC 22 -114.52 -57.95 -31.94
C TYR CC 22 -114.29 -59.44 -31.71
N LYS CC 23 -115.35 -60.23 -31.86
CA LYS CC 23 -115.29 -61.68 -31.88
C LYS CC 23 -116.12 -62.20 -33.04
N VAL CC 24 -116.14 -63.52 -33.18
CA VAL CC 24 -117.00 -64.22 -34.13
C VAL CC 24 -117.38 -65.56 -33.52
N ASP CC 25 -118.65 -65.94 -33.67
CA ASP CC 25 -119.16 -67.16 -33.06
C ASP CC 25 -120.33 -67.64 -33.89
N GLU CC 26 -120.59 -68.96 -33.80
CA GLU CC 26 -121.66 -69.73 -34.46
C GLU CC 26 -121.91 -69.36 -35.92
N ASN CC 27 -120.80 -69.15 -36.66
CA ASN CC 27 -120.78 -68.63 -38.03
C ASN CC 27 -121.55 -67.31 -38.13
N GLY CC 28 -121.04 -66.30 -37.43
CA GLY CC 28 -121.59 -64.96 -37.50
C GLY CC 28 -122.23 -64.47 -36.22
N LYS CC 29 -121.54 -63.62 -35.48
CA LYS CC 29 -122.05 -63.10 -34.21
C LYS CC 29 -121.36 -61.78 -33.91
N ILE CC 30 -122.10 -60.69 -33.98
CA ILE CC 30 -121.59 -59.37 -33.61
C ILE CC 30 -121.50 -59.29 -32.10
N SER CC 31 -120.31 -59.01 -31.57
CA SER CC 31 -120.12 -58.84 -30.13
C SER CC 31 -118.94 -57.93 -29.91
N ARG CC 32 -119.18 -56.74 -29.36
CA ARG CC 32 -118.11 -55.85 -28.98
C ARG CC 32 -117.39 -56.39 -27.74
N LEU CC 33 -116.21 -55.83 -27.49
CA LEU CC 33 -115.46 -56.10 -26.26
C LEU CC 33 -115.20 -54.84 -25.46
N ARG CC 34 -114.79 -53.76 -26.11
CA ARG CC 34 -114.51 -52.51 -25.43
C ARG CC 34 -115.71 -51.58 -25.54
N ARG CC 35 -115.77 -50.63 -24.62
CA ARG CC 35 -116.91 -49.72 -24.52
C ARG CC 35 -116.85 -48.69 -25.62
N GLU CC 36 -118.03 -48.32 -26.14
CA GLU CC 36 -118.11 -47.23 -27.10
C GLU CC 36 -118.22 -45.89 -26.36
N CYS CC 37 -117.90 -44.82 -27.08
CA CYS CC 37 -117.96 -43.52 -26.43
C CYS CC 37 -119.29 -42.84 -26.69
N PRO CC 38 -119.91 -42.23 -25.67
CA PRO CC 38 -121.20 -41.56 -25.87
C PRO CC 38 -121.11 -40.13 -26.36
N SER CC 39 -119.94 -39.68 -26.83
CA SER CC 39 -119.83 -38.32 -27.35
C SER CC 39 -120.49 -38.21 -28.73
N ASP CC 40 -120.73 -36.97 -29.14
CA ASP CC 40 -121.35 -36.73 -30.43
C ASP CC 40 -120.39 -36.91 -31.60
N GLU CC 41 -119.10 -36.65 -31.37
CA GLU CC 41 -118.10 -36.72 -32.44
C GLU CC 41 -117.84 -38.17 -32.86
N CYS CC 42 -117.98 -39.12 -31.93
CA CYS CC 42 -117.66 -40.51 -32.20
C CYS CC 42 -118.72 -41.45 -31.63
N GLY CC 43 -119.99 -41.07 -31.73
CA GLY CC 43 -121.07 -41.92 -31.25
C GLY CC 43 -121.22 -43.16 -32.10
N ALA CC 44 -121.08 -44.34 -31.47
CA ALA CC 44 -121.00 -45.66 -32.14
C ALA CC 44 -119.88 -45.69 -33.18
N GLY CC 45 -118.77 -45.04 -32.87
CA GLY CC 45 -117.61 -45.01 -33.74
C GLY CC 45 -116.40 -45.70 -33.18
N VAL CC 46 -115.49 -44.91 -32.61
CA VAL CC 46 -114.27 -45.43 -32.01
C VAL CC 46 -114.60 -46.02 -30.65
N PHE CC 47 -113.67 -46.75 -30.07
CA PHE CC 47 -113.91 -47.46 -28.82
C PHE CC 47 -113.21 -46.75 -27.68
N MET CC 48 -113.61 -47.09 -26.46
CA MET CC 48 -112.95 -46.61 -25.26
C MET CC 48 -111.93 -47.64 -24.78
N ALA CC 49 -111.07 -47.22 -23.86
CA ALA CC 49 -109.99 -48.06 -23.40
C ALA CC 49 -110.50 -49.12 -22.43
N SER CC 50 -109.59 -49.99 -22.00
CA SER CC 50 -109.87 -50.95 -20.93
C SER CC 50 -108.57 -51.08 -20.14
N HIS CC 51 -108.43 -50.25 -19.11
CA HIS CC 51 -107.27 -50.23 -18.25
C HIS CC 51 -107.47 -51.27 -17.14
N PHE CC 52 -106.67 -51.17 -16.07
CA PHE CC 52 -106.88 -52.04 -14.90
C PHE CC 52 -108.25 -51.83 -14.28
N ASP CC 53 -108.77 -50.61 -14.31
CA ASP CC 53 -110.15 -50.36 -13.89
C ASP CC 53 -111.02 -49.74 -14.99
N ARG CC 54 -110.56 -48.65 -15.61
CA ARG CC 54 -111.45 -47.67 -16.23
C ARG CC 54 -111.59 -47.86 -17.73
N HIS CC 55 -112.50 -47.06 -18.29
CA HIS CC 55 -112.68 -46.92 -19.73
C HIS CC 55 -112.34 -45.49 -20.14
N TYR CC 56 -111.77 -45.33 -21.34
CA TYR CC 56 -111.19 -44.06 -21.76
C TYR CC 56 -111.21 -43.92 -23.27
N CYS CC 57 -111.91 -42.90 -23.76
CA CYS CC 57 -111.91 -42.60 -25.19
C CYS CC 57 -110.69 -41.75 -25.53
N GLY CC 58 -109.88 -42.22 -26.47
CA GLY CC 58 -108.67 -41.52 -26.85
C GLY CC 58 -108.88 -40.29 -27.71
N LYS CC 59 -110.08 -40.08 -28.23
CA LYS CC 59 -110.35 -38.95 -29.11
C LYS CC 59 -110.77 -37.70 -28.34
N CYS CC 60 -111.79 -37.81 -27.49
CA CYS CC 60 -112.31 -36.68 -26.75
C CYS CC 60 -111.81 -36.65 -25.30
N CYS CC 61 -110.95 -37.58 -24.92
CA CYS CC 61 -110.15 -37.61 -23.68
C CYS CC 61 -110.96 -37.79 -22.41
N LEU CC 62 -112.29 -37.90 -22.46
CA LEU CC 62 -113.07 -38.08 -21.25
C LEU CC 62 -112.95 -39.53 -20.80
N THR CC 63 -112.72 -39.74 -19.50
CA THR CC 63 -112.62 -41.06 -18.93
C THR CC 63 -113.56 -41.18 -17.74
N TYR CC 64 -114.00 -42.41 -17.48
CA TYR CC 64 -114.95 -42.70 -16.42
C TYR CC 64 -114.25 -43.57 -15.38
N CYS CC 65 -114.13 -43.07 -14.16
CA CYS CC 65 -113.44 -43.78 -13.08
C CYS CC 65 -114.28 -44.96 -12.62
N PHE CC 66 -113.91 -46.16 -13.06
CA PHE CC 66 -114.63 -47.38 -12.77
C PHE CC 66 -114.27 -47.85 -11.37
N ASN CC 67 -115.03 -47.37 -10.38
CA ASN CC 67 -114.80 -47.74 -9.00
C ASN CC 67 -115.67 -48.94 -8.64
MG MG DC . 70.64 54.58 30.01
MG MG EC . 32.18 35.39 44.52
MG MG FC . 20.59 5.87 48.22
MG MG GC . 20.07 10.94 46.65
MG MG HC . 19.68 8.58 41.49
MG MG IC . 26.39 26.92 54.23
MG MG JC . 26.80 28.22 48.96
MG MG KC . 42.52 25.91 45.54
MG MG LC . 55.58 37.26 42.02
MG MG MC . 49.58 44.71 58.22
MG MG NC . 45.66 49.63 57.44
MG MG OC . 23.46 23.43 76.57
MG MG PC . 51.67 68.18 59.45
MG MG QC . 87.06 10.24 80.56
MG MG RC . 78.32 -1.36 73.92
MG MG SC . 79.17 3.04 78.59
MG MG TC . 14.94 36.47 36.75
MG MG UC . 22.12 30.69 53.11
MG MG VC . 50.25 39.79 64.00
MG MG WC . 50.98 -1.46 67.48
MG MG XC . 52.47 1.45 53.31
MG MG YC . 58.87 -0.44 51.74
MG MG ZC . 57.08 0.60 47.58
MG MG AD . 57.22 0.85 22.56
MG MG BD . 76.42 -19.39 60.39
MG MG CD . 72.49 -19.08 55.10
MG MG DD . 62.45 -37.00 52.87
MG MG ED . 20.36 -6.96 11.62
MG MG FD . 21.97 2.36 13.14
MG MG GD . 22.76 5.04 8.61
MG MG HD . 36.34 -18.59 57.69
MG MG ID . 35.21 1.30 52.09
MG MG JD . 35.11 2.92 44.39
MG MG KD . 25.96 -12.10 37.58
MG MG LD . 27.82 -23.44 36.32
MG MG MD . 29.12 -29.54 27.48
MG MG ND . 29.24 -33.13 21.94
MG MG OD . 19.10 -31.89 20.87
MG MG PD . 30.88 -24.40 29.39
MG MG QD . 31.53 -25.50 17.83
MG MG RD . 22.67 -32.77 40.80
MG MG SD . 27.67 -27.21 51.64
MG MG TD . 21.58 -26.26 56.97
MG MG UD . 17.97 -19.63 56.82
MG MG VD . 15.39 -11.02 53.33
MG MG WD . 6.64 -12.06 53.54
MG MG XD . 28.31 -8.48 33.56
MG MG YD . 20.27 -12.65 48.42
MG MG ZD . 17.02 -21.76 45.45
MG MG AE . 13.57 -21.29 40.27
MG MG BE . 13.43 -25.33 68.46
MG MG CE . 18.42 -25.02 75.89
MG MG DE . 24.34 -26.11 75.27
MG MG EE . 27.51 -18.98 67.05
MG MG FE . 24.86 -7.97 66.94
MG MG GE . 60.24 30.21 34.50
MG MG HE . 60.77 37.02 51.40
MG MG IE . 23.92 13.62 37.95
MG MG JE . 17.43 16.04 26.83
MG MG KE . 21.13 22.18 44.29
MG MG LE . 27.22 32.15 87.66
MG MG ME . 82.56 -7.26 87.90
MG MG NE . 10.74 47.92 64.39
MG MG OE . 49.31 -14.53 59.08
MG MG PE . 62.05 7.76 45.17
MG MG QE . 77.70 -21.37 64.26
MG MG RE . 69.08 -12.87 54.49
MG MG SE . 57.81 -54.10 75.07
MG MG TE . 16.29 -60.44 78.38
MG MG UE . 48.20 72.27 53.57
MG MG VE . 24.40 -49.06 77.35
MG MG WE . 18.57 -43.66 60.27
MG MG XE . 17.28 -56.22 58.69
MG MG YE . 11.52 -48.24 51.22
MG MG ZE . 23.04 -64.24 62.46
MG MG AF . 6.56 -39.10 67.44
MG MG BF . 19.44 3.34 72.68
MG MG CF . 39.42 3.29 -16.29
MG MG DF . 39.00 -2.66 -15.43
MG MG EF . 36.63 2.23 -13.26
MG MG FF . 28.70 -5.60 -6.47
MG MG GF . 29.83 -10.43 1.86
MG MG HF . 26.37 0.50 -7.45
MG MG IF . 34.43 -8.68 4.11
MG MG JF . 35.15 -5.25 8.68
MG MG KF . 4.19 8.10 9.36
MG MG LF . 15.11 11.71 -13.34
MG MG MF . 5.54 4.42 0.46
MG MG NF . 23.51 14.40 -1.39
MG MG OF . -1.00 4.37 51.56
MG MG PF . 12.32 0.00 45.70
MG MG QF . -13.94 -21.23 64.41
MG MG RF . -16.43 -17.06 62.95
MG MG SF . -21.20 -17.87 58.97
MG MG TF . 70.72 -23.65 -11.90
MG MG UF . 65.68 -19.65 -11.37
MG MG VF . 61.39 -20.09 -8.84
MG MG WF . 26.75 -16.35 43.49
MG MG XF . 37.66 -22.73 40.33
MG MG YF . 46.63 -18.25 53.87
MG MG ZF . 44.54 -5.84 61.81
MG MG AG . 78.74 7.36 3.82
MG MG BG . 82.11 3.64 3.06
MG MG CG . 80.65 -6.60 12.33
MG MG DG . 71.05 -21.45 22.42
MG MG EG . 68.85 -25.54 7.39
MG MG FG . 62.45 -26.38 3.25
MG MG GG . 78.79 -4.14 23.16
MG MG HG . 83.01 19.55 9.12
MG MG IG . 63.14 -2.60 17.96
MG MG JG . 53.42 -8.61 19.69
MG MG KG . 35.36 -40.09 -13.12
MG MG LG . 48.37 -44.35 -16.84
MG MG MG . -1.17 2.87 1.89
MG MG NG . 37.16 -44.93 98.62
MG MG OG . 1.64 4.28 103.50
MG MG PG . 34.17 -24.52 7.42
MG MG QG . 38.16 -19.26 7.90
MG MG RG . 33.93 -21.28 -7.76
MG MG SG . 41.99 3.18 17.62
MG MG TG . -25.17 -29.59 55.11
MG MG UG . -1.33 -58.60 38.82
MG MG VG . -12.52 -56.96 40.54
MG MG WG . 3.41 -57.90 21.33
MG MG XG . 57.79 -34.52 21.36
MG MG YG . 52.27 -36.59 20.78
MG MG ZG . 66.45 21.69 -2.15
MG MG AH . 65.68 23.53 1.17
MG MG BH . 64.13 30.72 7.36
MG MG CH . 65.83 27.19 10.53
MG MG DH . 79.89 -29.55 -24.59
MG MG EH . 90.05 12.80 -24.69
MG MG FH . 101.53 -2.75 -17.91
MG MG GH . 70.12 -2.37 0.24
MG MG HH . 64.88 -15.14 10.24
MG MG IH . 59.86 -9.46 8.07
MG MG JH . 36.09 -41.22 -18.53
MG MG KH . 22.71 -29.58 -7.87
MG MG LH . 18.94 -31.27 -5.66
MG MG MH . 19.24 -34.59 -1.40
MG MG NH . 16.07 -27.07 -2.08
MG MG OH . 15.33 -27.10 -9.14
MG MG PH . 24.70 -11.25 -23.54
MG MG QH . 17.58 23.03 -16.48
MG MG RH . 2.43 14.62 -6.00
MG MG SH . -2.53 24.50 6.98
MG MG TH . -3.37 20.85 5.22
MG MG UH . 0.18 44.53 20.03
MG MG VH . -6.42 1.72 -9.23
MG MG WH . -0.34 -7.67 -4.57
MG MG XH . 5.02 -13.43 -10.71
MG MG YH . 10.71 17.01 -1.33
MG MG ZH . 25.26 -43.24 36.91
MG MG AI . 40.03 -19.01 34.82
MG MG BI . 21.28 -19.44 33.30
MG MG CI . 16.79 7.98 29.51
MG MG DI . 18.67 16.62 17.49
MG MG EI . 6.27 21.05 27.37
MG MG FI . 18.83 63.33 6.55
MG MG GI . 22.08 62.75 5.85
MG MG HI . -15.23 -9.14 51.21
MG MG II . -12.30 -12.63 52.19
MG MG JI . -49.09 8.85 72.57
MG MG KI . -45.49 7.85 66.15
MG MG LI . -26.88 18.54 76.83
MG MG MI . 12.04 -23.01 33.57
MG MG NI . 13.00 -22.90 29.07
MG MG OI . -4.06 -37.73 28.77
MG MG PI . -6.94 -37.84 26.32
MG MG QI . -31.08 -54.78 11.97
MG MG RI . -5.88 -66.73 0.23
MG MG SI . 22.35 -59.73 14.58
MG MG TI . 14.09 -46.54 12.25
MG MG UI . 13.96 -49.03 -3.73
MG MG VI . 22.77 -17.43 8.18
MG MG WI . 44.51 -25.77 15.70
MG MG XI . 49.69 -38.52 28.02
MG MG YI . 29.59 -68.53 24.14
MG MG ZI . 56.99 -40.48 -17.43
MG MG AJ . 51.07 -59.26 -11.63
MG MG BJ . 13.45 -79.60 17.92
MG MG CJ . 8.90 -81.81 21.79
MG MG DJ . -0.54 -76.69 25.57
MG MG EJ . 4.33 7.67 49.75
MG MG FJ . 19.79 10.14 33.09
MG MG GJ . 18.71 -1.53 14.29
MG MG HJ . -14.08 -62.27 115.30
MG MG IJ . -12.03 -59.10 125.14
MG MG JJ . -24.80 -104.60 63.68
MG MG KJ . -25.62 -102.90 61.92
MG MG LJ . -0.64 -74.39 96.11
MG MG MJ . 5.58 -80.23 92.19
MG MG NJ . 49.12 13.14 9.70
MG MG OJ . 30.52 3.68 62.38
MG MG PJ . 43.81 -11.91 2.00
MG MG QJ . -4.83 -5.70 -17.35
MG MG RJ . 14.65 -33.82 65.25
MG MG SJ . 8.90 -13.07 -2.54
MG MG TJ . -39.11 -25.49 49.79
MG MG UJ . 57.57 -30.22 14.32
MG MG VJ . 19.08 -5.61 58.31
MG MG WJ . 33.51 -56.15 -4.66
MG MG XJ . -9.10 44.89 24.33
MG MG YJ . 5.75 -21.11 45.18
MG MG ZJ . 77.84 -20.02 26.69
MG MG AK . -27.65 7.68 64.56
MG MG BK . -5.03 27.97 5.89
MG MG CK . 49.16 41.52 80.13
MG MG DK . 1.33 -33.20 115.21
MG MG EK . 62.22 15.81 76.38
MG MG FK . 77.65 20.42 79.53
MG MG GK . 27.91 27.43 89.13
MG MG HK . -3.93 13.80 91.69
MG MG IK . 12.68 -11.49 86.42
MG MG JK . 19.55 -35.38 79.98
MG MG KK . 44.68 -39.76 132.47
MG MG LK . 67.15 -23.66 73.11
MG MG MK . 57.69 52.85 5.16
MG MG NK . 71.24 -33.42 -27.93
MG MG OK . 64.68 -28.60 -24.80
MG MG PK . 83.11 12.72 -22.89
MG MG QK . 61.07 31.36 -46.39
MG MG RK . 51.60 -27.10 -41.11
MG MG SK . 29.13 38.02 7.07
MG MG TK . 70.35 -59.22 -12.78
MG MG UK . 26.29 5.31 25.77
MG MG VK . 34.67 13.23 26.11
MG MG WK . 23.24 17.26 -4.67
MG MG XK . 50.24 -16.17 42.97
MG MG YK . 43.23 -17.59 44.61
MG MG ZK . 49.21 21.43 84.52
MG MG AL . -37.79 20.61 76.50
MG MG BL . 9.20 -71.04 140.04
MG MG CL . -12.97 -92.34 31.35
MG MG DL . 1.33 -24.62 49.27
MG MG EL . 37.24 58.88 64.64
MG MG FL . 100.90 3.85 -19.93
MG MG GL . 0.18 29.96 58.43
MG MG HL . 80.05 -19.35 22.21
MG MG IL . 95.30 -27.71 16.47
MG MG JL . -2.17 23.80 -4.09
MG MG KL . 9.09 -107.26 57.82
MG MG LL . 28.96 -24.62 54.95
MG MG ML . 17.48 4.85 -13.10
MG MG NL . 44.83 3.07 -35.88
MG MG OL . 81.83 -1.94 88.31
MG MG PL . 25.87 6.71 84.89
MG MG QL . 28.07 -13.01 55.50
MG MG RL . -17.41 -27.08 74.99
MG MG SL . 8.04 -54.51 68.77
MG MG TL . 45.78 9.30 23.05
MG MG UL . 60.24 6.63 27.30
MG MG VL . 58.87 -2.72 83.76
MG MG WL . 71.57 55.67 -22.17
MG MG XL . 68.57 6.25 6.39
MG MG YL . 31.05 -34.57 39.25
MG MG ZL . 40.90 -34.51 19.01
MG MG AM . 33.82 -35.50 25.19
MG MG BM . 15.21 23.47 24.13
MG MG CM . 6.99 -4.22 38.63
MG MG DM . 12.40 54.23 66.21
MG MG EM . -7.26 20.28 55.43
MG MG FM . -0.37 18.20 47.82
MG MG GM . 44.94 19.47 23.23
MG MG HM . -3.31 -65.84 9.09
MG MG IM . -10.20 -87.03 25.91
MG MG JM . 53.17 -73.58 67.40
MG MG KM . 18.29 -37.93 15.50
MG MG LM . 16.82 33.83 53.38
MG MG MM . 27.74 -18.12 47.54
MG MG NM . 81.97 -15.45 80.20
MG MG OM . 18.59 -54.76 16.37
MG MG PM . 57.04 -5.36 81.84
C18 HMT QM . 25.18 -22.51 27.95
O3 HMT QM . 24.44 -21.30 28.08
C2 HMT QM . 23.11 -21.48 28.34
C1 HMT QM . 22.67 -22.54 29.02
C9 HMT QM . 21.28 -22.51 29.15
C12 HMT QM . 20.87 -22.23 30.58
C11 HMT QM . 21.26 -23.52 31.24
C10 HMT QM . 21.11 -24.56 30.14
N1 HMT QM . 20.63 -23.82 28.96
C8 HMT QM . 21.03 -24.61 27.79
C7 HMT QM . 20.98 -23.96 26.40
C6 HMT QM . 20.12 -22.89 26.35
C16 HMT QM . 19.24 -23.00 25.28
C15 HMT QM . 18.32 -22.06 25.06
O2 HMT QM . 17.39 -22.01 24.08
C17 HMT QM . 16.48 -21.00 24.53
O1 HMT QM . 17.24 -20.17 25.43
C14 HMT QM . 18.23 -20.99 25.85
C13 HMT QM . 19.06 -20.83 26.88
C5 HMT QM . 20.05 -21.77 27.15
C4 HMT QM . 20.76 -21.37 28.28
C3 HMT QM . 22.06 -20.62 27.98
O4 HMT QM . 22.14 -20.26 26.60
C19 HMT QM . 22.94 -19.19 26.34
O5 HMT QM . 23.51 -18.53 27.21
C20 HMT QM . 23.07 -18.86 24.86
C21 HMT QM . 21.70 -19.01 24.22
C22 HMT QM . 21.09 -17.65 23.94
O8 HMT QM . 21.73 -16.76 23.39
O7 HMT QM . 19.79 -17.51 24.36
C23 HMT QM . 19.21 -16.30 23.86
O6 HMT QM . 23.52 -17.51 24.71
C24 HMT QM . 24.08 -19.80 24.20
C25 HMT QM . 25.48 -19.57 24.78
C26 HMT QM . 26.55 -19.93 23.75
C27 HMT QM . 27.82 -19.10 24.01
C28 HMT QM . 28.34 -19.36 25.42
C29 HMT QM . 27.50 -17.62 23.84
O9 HMT QM . 28.82 -19.48 23.06
MG MG RM . 14.06 11.05 10.62
MG MG SM . -11.57 -27.17 45.58
MG MG TM . 101.57 -0.15 -2.26
MG MG UM . -19.19 -74.01 83.16
MG MG VM . 74.60 40.34 -27.99
MG MG WM . 51.47 16.71 13.23
MG MG XM . 1.81 -40.65 65.54
MG MG YM . -55.06 -30.62 68.11
MG MG ZM . -17.93 -43.29 68.26
MG MG AN . 62.56 -10.37 57.70
MG MG BN . 66.20 -28.40 54.86
MG MG CN . 60.53 -10.89 70.78
MG MG DN . 52.29 75.45 16.79
MG MG EN . 70.55 34.91 25.81
MG MG FN . 93.48 25.59 51.04
MG MG GN . 26.76 19.06 21.70
MG MG HN . 0.16 -13.63 33.18
MG MG IN . 31.84 42.60 31.38
MG MG JN . 55.38 -17.91 19.43
MG MG KN . 25.35 -80.26 64.35
MG MG LN . 21.19 -39.23 1.35
MG MG MN . 45.07 -35.53 76.31
MG MG NN . 47.59 -30.55 58.20
MG MG ON . 54.74 -65.92 75.78
ZN ZN PN . 55.97 42.63 -30.80
ZN ZN QN . 60.07 22.05 28.61
ZN ZN RN . -10.47 -67.72 25.01
ZN ZN SN . -24.53 38.23 68.26
ZN ZN TN . 43.50 36.81 -35.09
MG MG UN . -4.83 21.27 -54.23
MG MG VN . 7.40 12.44 -54.28
MG MG WN . -7.67 17.32 -50.34
MG MG XN . -4.23 15.04 -45.99
MG MG YN . -15.78 12.78 -52.54
MG MG ZN . -19.78 12.98 -48.46
MG MG AO . -27.20 21.16 -46.16
MG MG BO . -6.64 28.26 -45.40
MG MG CO . -18.11 -4.21 -75.45
MG MG DO . -29.27 -0.88 -62.46
MG MG EO . -39.85 -0.14 -52.60
MG MG FO . -16.64 3.30 -63.78
MG MG GO . -22.50 -12.43 -62.57
MG MG HO . -14.66 -39.15 -66.24
MG MG IO . 7.39 -44.03 -58.50
MG MG JO . 28.10 -68.31 -91.67
MG MG KO . 26.32 -61.97 -78.27
MG MG LO . 26.86 -50.40 -79.85
MG MG MO . 13.28 -40.91 -76.32
MG MG NO . 8.03 -34.79 -76.31
MG MG OO . 18.23 -39.15 -68.86
MG MG PO . 21.23 -42.65 -63.77
MG MG QO . 1.09 -30.25 -62.01
MG MG RO . 5.75 -27.51 -61.67
MG MG SO . 40.20 -57.93 -85.14
MG MG TO . 50.43 -26.90 -94.99
MG MG UO . 42.19 -18.29 -59.53
MG MG VO . 42.48 -15.40 -69.16
MG MG WO . 43.88 -19.48 -73.28
MG MG XO . -10.88 -10.39 -82.10
MG MG YO . 3.04 -28.12 -73.09
MG MG ZO . 15.01 -46.18 -71.26
MG MG AP . 11.29 -49.98 -66.05
MG MG BP . 0.78 -49.36 -65.70
MG MG CP . 4.85 -55.81 -88.52
MG MG DP . 0.61 -47.44 -76.24
MG MG EP . -28.99 -51.15 -88.39
MG MG FP . -39.26 -45.18 -77.36
MG MG GP . -46.95 -26.34 -59.09
MG MG HP . -44.39 -14.03 -69.30
MG MG IP . -54.74 -22.66 -52.98
MG MG JP . -14.26 -9.99 -68.42
MG MG KP . -11.89 10.29 -73.83
MG MG LP . 14.10 15.91 -66.26
MG MG MP . 8.74 20.05 -85.53
MG MG NP . -25.27 43.72 -8.70
MG MG OP . -9.38 53.54 -10.08
MG MG PP . -3.89 50.80 -36.28
MG MG QP . 8.20 24.00 -64.20
MG MG RP . 2.99 26.04 -35.12
MG MG SP . 8.79 25.86 -22.83
MG MG TP . -8.36 44.80 -66.89
MG MG UP . -4.28 52.90 -65.18
MG MG VP . -13.39 -0.27 -52.10
MG MG WP . -44.68 23.94 -44.20
MG MG XP . -63.23 37.41 -33.00
MG MG YP . -59.32 22.74 -23.95
MG MG ZP . -59.58 32.15 -18.85
MG MG AQ . -74.08 22.90 -9.80
MG MG BQ . -67.21 21.10 -7.89
MG MG CQ . -64.38 11.32 -6.92
MG MG DQ . -68.22 15.18 -7.28
MG MG EQ . -61.34 17.38 -33.73
MG MG FQ . -70.88 11.65 -23.68
MG MG GQ . -80.35 6.79 -22.48
MG MG HQ . -86.08 -1.07 -14.87
MG MG IQ . -84.05 -11.68 -19.09
MG MG JQ . -85.84 -16.85 -20.47
MG MG KQ . -90.25 -12.48 -11.52
MG MG LQ . -78.64 -12.04 -38.69
MG MG MQ . -62.88 0.12 -40.61
MG MG NQ . -59.88 -1.38 -37.07
MG MG OQ . -66.46 0.68 -43.87
MG MG PQ . -48.57 19.36 -70.18
MG MG QQ . -51.95 37.44 -51.56
MG MG RQ . -64.97 17.99 -46.27
MG MG SQ . -49.48 24.13 -57.41
MG MG TQ . -73.36 27.08 -48.48
MG MG UQ . -71.51 25.35 -55.69
MG MG VQ . -80.41 -17.72 -30.26
MG MG WQ . -75.62 -2.30 -18.18
MG MG XQ . -100.40 29.74 -26.96
MG MG YQ . -99.45 27.82 -8.92
MG MG ZQ . -80.91 19.68 10.71
MG MG AR . -85.98 21.20 4.09
MG MG BR . -90.97 13.01 6.25
MG MG CR . -81.53 27.61 -21.20
MG MG DR . -91.31 11.06 -19.94
MG MG ER . -52.14 18.11 -38.96
MG MG FR . -26.24 20.11 -31.29
MG MG GR . -29.52 15.59 -29.51
MG MG HR . -29.48 28.29 -30.06
MG MG IR . 11.54 20.15 -42.70
MG MG JR . 2.84 26.00 -30.01
MG MG KR . -22.81 18.03 -30.16
MG MG LR . 25.07 -51.75 -88.54
MG MG MR . 2.62 -23.54 -89.70
MG MG NR . -103.80 40.77 -39.81
MG MG OR . -32.65 3.22 -30.26
MG MG PR . -50.27 30.16 -31.51
MG MG QR . -21.84 -35.31 -68.31
MG MG RR . -23.29 -34.76 -79.78
MG MG SR . 28.81 -62.00 -92.92
MG MG TR . 1.21 0.09 -40.17
MG MG UR . -70.60 -6.10 -16.49
MG MG VR . 40.05 -76.07 -69.38
MG MG WR . 32.76 -38.63 -90.78
MG MG XR . -25.40 -52.98 -84.14
MG MG YR . 9.16 42.20 -69.90
MG MG ZR . -10.71 34.57 -16.23
MG MG AS . -64.51 -6.76 -32.69
MG MG BS . -94.95 -36.60 -27.62
MG MG CS . -100.63 -37.71 -16.56
MG MG DS . -122.04 33.46 -29.71
MG MG ES . -123.69 34.84 -40.87
MG MG FS . -74.02 -3.76 -40.79
MG MG GS . -72.03 -13.30 -41.70
MG MG HS . -37.67 19.43 -49.07
MG MG IS . 39.04 -41.04 -52.86
MG MG JS . -29.17 22.02 -41.73
MG MG KS . 18.96 48.43 -30.57
MG MG LS . -5.15 16.90 -70.86
MG MG MS . -32.96 -8.22 -48.26
MG MG NS . -102.62 -31.22 -11.05
MG MG OS . -35.40 -3.84 -51.99
MG MG PS . -2.03 -39.60 -69.85
MG MG QS . 6.58 21.34 -60.20
MG MG RS . 37.44 -42.28 -86.64
MG MG SS . -29.17 14.57 -50.60
MG MG TS . 8.07 42.72 -43.40
MG MG US . 35.11 -25.58 -81.83
MG MG VS . -21.14 -70.11 -90.03
MG MG WS . -51.41 28.71 -53.14
MG MG XS . -28.47 -15.58 -86.19
MG MG YS . -39.05 -16.84 -63.79
MG MG ZS . -41.23 -18.69 -58.92
MG MG AT . 11.34 37.26 -78.47
MG MG BT . 1.29 32.44 -72.02
C1 HYG CT . -31.13 -2.09 -28.74
C2 HYG CT . -29.89 -2.95 -28.77
C3 HYG CT . -28.86 -2.45 -27.77
C4 HYG CT . -28.44 -1.03 -28.13
C5 HYG CT . -29.65 -0.13 -28.05
C6 HYG CT . -30.76 -0.59 -29.00
N7 HYG CT . -30.24 -4.35 -28.49
O8 HYG CT . -31.98 -2.63 -29.76
N9 HYG CT . -27.38 -0.55 -27.24
C10 HYG CT . -26.10 -0.52 -27.96
O11 HYG CT . -29.26 1.20 -28.39
C12 HYG CT . -33.99 1.10 -27.99
C13 HYG CT . -33.25 0.15 -28.91
O14 HYG CT . -33.72 0.39 -30.27
C15 HYG CT . -35.17 0.19 -30.45
C16 HYG CT . -35.94 1.09 -29.47
C17 HYG CT . -35.44 0.77 -28.07
O18 HYG CT . -31.83 0.40 -28.79
C19 HYG CT . -35.59 0.53 -31.88
O20 HYG CT . -34.80 -0.22 -32.80
O21 HYG CT . -35.66 2.46 -29.76
O22 HYG CT . -35.86 1.70 -27.10
C23 HYG CT . -34.97 1.33 -25.99
C24 HYG CT . -34.70 2.54 -25.10
C25 HYG CT . -36.01 2.94 -24.45
C26 HYG CT . -36.56 1.77 -23.64
C27 HYG CT . -36.77 0.58 -24.57
O28 HYG CT . -35.52 0.24 -25.22
O29 HYG CT . -33.74 0.84 -26.61
O30 HYG CT . -33.75 2.19 -24.10
O31 HYG CT . -35.79 4.07 -23.58
O32 HYG CT . -37.80 2.14 -23.04
C33 HYG CT . -37.26 -0.63 -23.78
C34 HYG CT . -37.21 -1.87 -24.67
O35 HYG CT . -37.82 -2.97 -23.98
N36 HYG CT . -38.63 -0.40 -23.28
MG MG DT . -81.56 -0.85 -34.81
MG MG ET . 39.02 -70.48 -92.93
MG MG FT . -76.79 37.41 5.29
ZN ZN GT . -22.97 36.14 -32.16
ZN ZN HT . -85.47 -1.62 -38.91
ZN ZN IT . -115.11 -39.86 -27.67
#